data_8W1O
#
_entry.id   8W1O
#
_cell.length_a   1.00
_cell.length_b   1.00
_cell.length_c   1.00
_cell.angle_alpha   90.00
_cell.angle_beta   90.00
_cell.angle_gamma   90.00
#
_symmetry.space_group_name_H-M   'P 1'
#
loop_
_entity.id
_entity.type
_entity.pdbx_description
1 polymer 'Core protein VP3'
2 polymer 'RNA-directed RNA polymerase'
3 polymer RNA-1
4 polymer RNA-2
5 polymer 'Outer capsid protein VP2'
#
loop_
_entity_poly.entity_id
_entity_poly.type
_entity_poly.pdbx_seq_one_letter_code
_entity_poly.pdbx_strand_id
1 'polypeptide(L)'
;MAAQNEQRPERIKTTPYLEGDVLSSDSGPLLSVFALQEIMQKVRQVQADYMTATREVDFTVPDVQKILDDIKALAAEQVY
KIVKVPSISFRHIVMQSRDRVLRVDTYYEEMSQVGDVITEDEPEKFYSTIIKKVRFIRGKGSFILHDIPTRDHRGMEVAE
PEVLGVEFKNVLPVLTAEHRAMIQNALDGSIIENGNVATRDVDVFIGACSEPVYRIYNRLQGYIEAVQLQELRNSIGWLE
RLGHRKRITYSQEVLTDFRRQDTIWVLALQLPVNPQVVWDVPRSSIANLIMNIATCLPTGEYIAPNPRISSITLTQRITT
TGPFAILTGSTPTAQQLNDVRKIYLALMFPGQIILDLKIDPGERMDPAVRMVAGVVGHLLFTAGGRFTNLTQNMARQLDI
ALNDYLLYMYNTRVQVNYGPTGEPLDFQIGRNQYDCNVFRADFATGTGYNGWATIDVEYREPAPYVHAQRYIRYCGIDSR
ELINPTTYGIGMTYHCYNEMLRMLVAAGKDSEAAYFRSMLPFHMVRFARINQIINEDLHSVFSLPDDMFNALLPDLIAGA
HQNADPVVLDVSWISLWFAFNRSFEPTHRNEMLEVAPLIESVYASELSVMKVDMRHLSLMQRRFPDVLIQARPSHFWKAV
LNDSPEAVKAVMNLSHSHNFINIRDMMRWVMLPSLQPSLKLALEEEAWAAANDFEDLMLTDQVYMHRDMLPEPRLDDIER
FRQEGFYYTNMLEAPPEIDRVVQYTYEIARLQANMGQFRAALRRIMDDDDWVRFGGVLRTVRVKFYDARPPDDVLQGLPF
SYDTNERGGLAYATIKYATETTIFYLIYNVEFSNTPDSLVLINPTYTMTKVFINKRIVERVRVGQILAVLNRRFVAYKGK
MRIMDITQSLKMGTKLAAPTV
;
A,B,C,D,E,F,G,H,I,J
2 'polypeptide(L)'
;MVAITVQGAQLIKRVVERFYPGIAFNINEGACYIYKFSDHIRRIRMKHGTKYRRQAEEIIRNISLRKERLYGIPVLDEVE
WKYVFDGQTFQSYAFEVYVNSILPWSELDPEEEFLRNYRVSREMTEVEKFIEFRAKNEMQIYGDIPIKVWCCFINELSAE
LKHVPLGMQVMADFVNRFDSPFHQGNRDLSNLEDFQVAYTTPLLFEMCCMESILEFNIKMRMREEEISALEFGDMKVDPV
GLLREFFILCLPHPKKINNVLRAPYSWFVKMWGVGADPIVVLQSTAGDDRNSKDVFYDKFRTEPNRYKALFRSSFYNESR
RMNEEKILEAVKYSQKLGSHDRRLPLFEKMLKTVYTTPFYPHKSSNMILASFLLSIQTITGYGRAWVKNVSTEFDKQLKP
NPSNLVQDVSDLTREFFKQAYVEAKERREEIVKPEDLYTSMLRLARNTSSGFSTEIYVKKRFGPRLRDKDLIKINSRIKA
LVIFTKGHTVFTDEELHKKYNSVELYQTKGSRDVPIKATRTIYSINLSVLVPQLIVTLPLNEYFSRVGGITSPDYKKIGG
KVIVGDLEATGSRVMDAADCFRNSADRDIFTIAIDYSEYDTHLTRHNFRTGMLQGIREAMAPYRDLRYEGYTLEQIIDFG
YGEGRVANTLWNGKRRLFKTTFDAYIRLDESERDKGSFKVPKGVLPVSSVDVANRIAVDKGFDTLIAATDGSDLALIDTH
LSGENSTLIANSMHNMAIGTLMQREVGREQPGVLTFLSEQYVGDDTLFYTKLHTTDTKVFDKVAASIFDTVAKCGHEASP
SKTMMTPYSVEKTQTHAKQGCYVPQDRMMIISSERRKDIEDVQGYVRSQVQTMITKVSRGFCHDLAQLILMLKTTFIGAW
KMKRTIKEDAMYRDRKFDSNDEDGFTLIQIRNPLALYVPIGWNGYGAHPAALNIVMTEEMYVDSIMISKLDEIMAPIRRI
VHDIPPCWNETQGDKRGLISATKMSFFSKMARPAVQAALSDPQIINLVEELPLGEFSPGRISRTMMHSALLKESSARTLL
SSGYELEYQKALNSWITQVSMRLGEESGVISTSYAKLFDVYFEGELDGAPHMFPDQNLSPQFYIQKMMIGPRVSSRVRNS
YVDRIDVILRKDVVMRGFITANTILNVIEKLGTNHSVGDLVTVFTLMNIETRVAEELAEYMTSEKIRFDALKLLKKGIAG
DEFTMSLNVATQDFIDTYLAYPYQLTKTEVDAISLYCTQMIMLRAALGLPKKKMKIVVTDDAKKRYKIRLQRFRTHVPKI
KVLKKLIDPNRMTVRNLENQFV
;
K
3 'polyribonucleotide' UAUUAAU L
4 'polyribonucleotide' UAUUAAUAA M
5 'polypeptide(L)'
;MDELGIPVYKRGFPEHLLRGYEFIIDVGTKIESVGGRHDVTKIPEMNAYDIKQESIRTALWYNPIRNDGFVLPRVLDITL
RGYDERRAVVESTRHKSFHTNDQWVQWMMKDSMDAQPLKVGLDDQSRNVAHSLHNCVVKIDSKKADTMSYHVEPIEDASK
GCLHTRTMMWNHLVRIETFHAAQEVAYTLKPTYDIVVHAERRDRSQPFRPGDQTLINFGRGQKVTMNHNSYDKMVEGLAH
LVIRGKIPEVIRDDIASLDEICNRWIQSRHDPGEIKAYELCKILSTIGRKVLDREKEPEDEASLSIRFQEAIDNKFRQHD
PERLKIFEHRNQRRDEDRFYILLMIAASDTFNTRVWWSNPYPCLRGTLIASETKLGDVYSMMRSWYDWSVRPTYTPYEKT
REQEKYIYGRVNLFDFVAEPGIKIVHWEYRLNHSTREITYAQGNPCDLYPEDDDVIVTKFDDVAYGQMINEMINGGWNQE
QFKMHKILKSEGNVLTIDFEKDAKLTTNEGVTMPEYFNKWIIAPMFNAKLRIKHEEIAQRQSDDPMVKRTLSPITADPIE
LQRLTLARFYDIRPALRGQALSRQQAQSTYDEEISKRQDYAEILKRRGIVQIPKKPCPTVTAQYTLERYALFIISILQQH
VVRDCDEEAVYEHPKADHELEIFGESIVDISQVIILAFDLIFERRRRVRDVYESRHIIARIRRMRGKERLNVIAEFFPTY
GGLLNGLNSATVVQNIMYLNFLPLYFLVGDNMIYSHRQWSIPLLLYTHEVMVVPLEVGSYNDRCGLIAYLEYMVFFPSKA
IRFSKLNEAQPKIAREMLKYYANTTVYDGGVNYNVVTTKQLLYETYLASLCGGISDGIVWYLPITHPNKCIVAIEVSDER
VPASIRAGRIRLRFPLSARHLKGVVIIQIDEEGEFTVYSEGIVSHRVCKKNLLKYMCDIILLKFSGHVFGNDEMLTKLLN
V
;
N
#
# COMPACT_ATOMS: atom_id res chain seq x y z
N LEU A 31 6.12 -64.63 -5.76
CA LEU A 31 6.18 -63.20 -6.08
C LEU A 31 7.39 -62.52 -5.48
N SER A 32 7.53 -61.24 -5.79
CA SER A 32 8.56 -60.39 -5.20
C SER A 32 7.92 -59.24 -4.44
N VAL A 33 8.72 -58.61 -3.57
CA VAL A 33 8.25 -57.42 -2.86
C VAL A 33 8.12 -56.26 -3.85
N PHE A 34 6.97 -55.60 -3.83
CA PHE A 34 6.72 -54.52 -4.77
C PHE A 34 7.25 -53.18 -4.28
N ALA A 35 7.72 -53.10 -3.03
CA ALA A 35 8.39 -51.90 -2.54
C ALA A 35 9.86 -51.97 -2.92
N LEU A 36 10.35 -50.93 -3.59
CA LEU A 36 11.73 -50.95 -4.08
C LEU A 36 12.71 -50.79 -2.92
N GLN A 37 13.96 -51.16 -3.19
CA GLN A 37 14.95 -51.26 -2.12
C GLN A 37 15.38 -49.90 -1.58
N GLU A 38 15.16 -48.82 -2.33
CA GLU A 38 15.68 -47.51 -1.92
C GLU A 38 15.05 -47.03 -0.62
N ILE A 39 13.73 -47.20 -0.48
CA ILE A 39 13.08 -46.78 0.75
C ILE A 39 13.28 -47.82 1.86
N MET A 40 13.39 -49.09 1.48
CA MET A 40 13.55 -50.15 2.47
C MET A 40 14.91 -50.06 3.16
N GLN A 41 15.95 -49.66 2.44
CA GLN A 41 17.25 -49.42 3.07
C GLN A 41 17.17 -48.30 4.10
N LYS A 42 16.43 -47.23 3.78
CA LYS A 42 16.26 -46.14 4.74
C LYS A 42 15.52 -46.61 5.99
N VAL A 43 14.48 -47.43 5.81
CA VAL A 43 13.76 -47.98 6.95
C VAL A 43 14.68 -48.85 7.80
N ARG A 44 15.50 -49.67 7.14
CA ARG A 44 16.45 -50.51 7.87
C ARG A 44 17.47 -49.66 8.63
N GLN A 45 17.93 -48.56 8.03
CA GLN A 45 18.90 -47.71 8.70
C GLN A 45 18.30 -47.04 9.92
N VAL A 46 17.07 -46.54 9.82
CA VAL A 46 16.47 -45.86 10.97
C VAL A 46 16.16 -46.88 12.07
N GLN A 47 15.79 -48.11 11.69
CA GLN A 47 15.59 -49.15 12.70
C GLN A 47 16.90 -49.53 13.39
N ALA A 48 18.01 -49.59 12.63
CA ALA A 48 19.30 -49.86 13.23
C ALA A 48 19.72 -48.74 14.17
N ASP A 49 19.42 -47.49 13.79
CA ASP A 49 19.66 -46.36 14.69
C ASP A 49 18.83 -46.47 15.96
N TYR A 50 17.60 -46.96 15.85
CA TYR A 50 16.81 -47.25 17.04
C TYR A 50 17.49 -48.31 17.90
N MET A 51 18.04 -49.33 17.27
CA MET A 51 18.69 -50.41 18.01
C MET A 51 19.96 -49.94 18.71
N THR A 52 20.69 -48.99 18.12
CA THR A 52 21.90 -48.48 18.77
C THR A 52 21.56 -47.78 20.08
N ALA A 53 20.51 -46.98 20.09
CA ALA A 53 20.00 -46.46 21.35
C ALA A 53 19.27 -47.58 22.10
N THR A 54 18.97 -47.32 23.38
CA THR A 54 18.38 -48.27 24.31
C THR A 54 19.23 -49.52 24.51
N ARG A 55 20.52 -49.46 24.16
CA ARG A 55 21.40 -50.61 24.35
C ARG A 55 21.78 -50.80 25.81
N GLU A 56 21.92 -49.72 26.56
CA GLU A 56 22.32 -49.80 27.96
C GLU A 56 21.38 -48.97 28.82
N VAL A 57 21.12 -49.45 30.03
CA VAL A 57 20.26 -48.73 30.97
C VAL A 57 20.98 -47.50 31.47
N ASP A 58 20.28 -46.37 31.47
CA ASP A 58 20.83 -45.11 31.97
C ASP A 58 20.07 -44.66 33.21
N PHE A 59 20.79 -44.00 34.11
CA PHE A 59 20.23 -43.49 35.36
C PHE A 59 20.42 -41.97 35.47
N THR A 60 20.42 -41.29 34.32
CA THR A 60 20.67 -39.85 34.30
C THR A 60 19.55 -39.06 34.97
N VAL A 61 18.31 -39.50 34.87
CA VAL A 61 17.17 -38.83 35.48
C VAL A 61 16.82 -39.57 36.77
N PRO A 62 16.97 -38.95 37.93
CA PRO A 62 16.55 -39.60 39.17
C PRO A 62 15.05 -39.47 39.40
N ASP A 63 14.54 -40.39 40.21
CA ASP A 63 13.12 -40.42 40.56
C ASP A 63 12.95 -39.71 41.91
N VAL A 64 12.37 -38.51 41.86
CA VAL A 64 12.26 -37.70 43.07
C VAL A 64 11.01 -38.07 43.86
N GLN A 65 9.95 -38.50 43.17
CA GLN A 65 8.72 -38.92 43.86
C GLN A 65 8.98 -40.13 44.75
N LYS A 66 9.81 -41.06 44.27
CA LYS A 66 10.19 -42.21 45.09
C LYS A 66 10.98 -41.79 46.32
N ILE A 67 11.87 -40.80 46.16
CA ILE A 67 12.63 -40.28 47.30
C ILE A 67 11.69 -39.69 48.34
N LEU A 68 10.71 -38.90 47.88
CA LEU A 68 9.76 -38.30 48.79
C LEU A 68 8.92 -39.35 49.51
N ASP A 69 8.50 -40.39 48.79
CA ASP A 69 7.77 -41.49 49.42
C ASP A 69 8.63 -42.19 50.47
N ASP A 70 9.92 -42.39 50.18
CA ASP A 70 10.81 -43.04 51.14
C ASP A 70 10.96 -42.20 52.40
N ILE A 71 11.13 -40.89 52.25
CA ILE A 71 11.25 -40.01 53.42
C ILE A 71 9.96 -40.02 54.22
N LYS A 72 8.81 -40.00 53.54
CA LYS A 72 7.53 -40.04 54.24
C LYS A 72 7.35 -41.35 55.01
N ALA A 73 7.78 -42.47 54.42
CA ALA A 73 7.72 -43.74 55.13
C ALA A 73 8.66 -43.77 56.32
N LEU A 74 9.83 -43.15 56.17
CA LEU A 74 10.78 -43.05 57.29
C LEU A 74 10.22 -42.20 58.42
N ALA A 75 9.35 -41.24 58.09
CA ALA A 75 8.80 -40.34 59.10
C ALA A 75 7.95 -41.06 60.15
N ALA A 76 7.49 -42.26 59.87
CA ALA A 76 6.57 -42.97 60.77
C ALA A 76 7.26 -44.00 61.66
N GLU A 77 8.60 -43.99 61.71
CA GLU A 77 9.31 -44.98 62.50
C GLU A 77 9.18 -44.69 64.00
N GLN A 78 9.11 -45.76 64.79
CA GLN A 78 9.05 -45.67 66.24
C GLN A 78 10.35 -46.21 66.82
N VAL A 79 10.98 -45.41 67.69
CA VAL A 79 12.29 -45.73 68.24
C VAL A 79 12.24 -45.90 69.76
N TYR A 80 11.08 -46.27 70.30
CA TYR A 80 10.94 -46.53 71.73
C TYR A 80 9.85 -47.58 71.90
N LYS A 81 9.68 -48.03 73.15
CA LYS A 81 8.62 -48.97 73.45
C LYS A 81 8.08 -48.69 74.85
N ILE A 82 6.85 -49.10 75.09
CA ILE A 82 6.15 -48.88 76.34
C ILE A 82 5.95 -50.22 77.03
N VAL A 83 6.45 -50.35 78.25
CA VAL A 83 6.48 -51.63 78.96
C VAL A 83 5.91 -51.45 80.36
N LYS A 84 5.50 -52.57 80.96
CA LYS A 84 5.00 -52.55 82.33
C LYS A 84 6.11 -52.77 83.34
N VAL A 85 7.12 -53.56 83.00
CA VAL A 85 8.26 -53.81 83.88
C VAL A 85 9.55 -53.55 83.10
N PRO A 86 10.63 -53.14 83.76
CA PRO A 86 11.91 -53.01 83.06
C PRO A 86 12.57 -54.37 82.86
N SER A 87 13.60 -54.37 82.04
CA SER A 87 14.36 -55.60 81.79
C SER A 87 15.25 -55.93 82.99
N ILE A 88 15.58 -57.20 83.11
CA ILE A 88 16.40 -57.68 84.23
C ILE A 88 17.84 -57.27 83.99
N SER A 89 18.46 -56.66 85.00
CA SER A 89 19.84 -56.22 84.91
C SER A 89 20.80 -57.02 85.77
N PHE A 90 20.31 -57.74 86.78
CA PHE A 90 21.14 -58.56 87.64
C PHE A 90 20.48 -59.90 87.87
N ARG A 91 21.26 -60.98 87.73
CA ARG A 91 20.80 -62.33 88.03
C ARG A 91 21.81 -62.97 88.98
N HIS A 92 21.35 -64.02 89.67
CA HIS A 92 22.15 -64.66 90.70
C HIS A 92 22.37 -66.13 90.39
N ILE A 93 23.58 -66.61 90.67
CA ILE A 93 23.94 -68.01 90.49
C ILE A 93 23.99 -68.66 91.87
N VAL A 94 23.23 -69.74 92.03
CA VAL A 94 23.12 -70.44 93.32
C VAL A 94 24.15 -71.54 93.34
N MET A 95 25.11 -71.44 94.27
CA MET A 95 26.11 -72.46 94.49
C MET A 95 25.62 -73.40 95.59
N GLN A 96 26.50 -74.24 96.13
CA GLN A 96 26.11 -75.14 97.20
C GLN A 96 25.93 -74.43 98.55
N SER A 97 26.33 -73.16 98.65
CA SER A 97 26.17 -72.41 99.88
C SER A 97 24.72 -72.00 100.09
N ARG A 98 24.37 -71.73 101.35
CA ARG A 98 23.03 -71.29 101.71
C ARG A 98 22.94 -69.80 101.96
N ASP A 99 24.07 -69.11 102.14
CA ASP A 99 24.05 -67.68 102.42
C ASP A 99 24.93 -66.84 101.51
N ARG A 100 25.71 -67.45 100.63
CA ARG A 100 26.48 -66.72 99.62
C ARG A 100 25.97 -67.09 98.23
N VAL A 101 25.95 -66.10 97.34
CA VAL A 101 25.59 -66.29 95.94
C VAL A 101 26.55 -65.46 95.09
N LEU A 102 26.42 -65.59 93.78
CA LEU A 102 27.19 -64.78 92.82
C LEU A 102 26.23 -63.82 92.13
N ARG A 103 26.56 -62.54 92.15
CA ARG A 103 25.79 -61.52 91.44
C ARG A 103 26.42 -61.27 90.08
N VAL A 104 25.62 -61.36 89.02
CA VAL A 104 26.09 -61.22 87.65
C VAL A 104 25.35 -60.06 87.01
N ASP A 105 26.11 -59.16 86.37
CA ASP A 105 25.54 -58.07 85.60
C ASP A 105 25.37 -58.53 84.15
N THR A 106 24.12 -58.72 83.73
CA THR A 106 23.85 -59.31 82.42
C THR A 106 24.22 -58.39 81.26
N TYR A 107 24.38 -57.09 81.52
CA TYR A 107 24.69 -56.16 80.44
C TYR A 107 26.02 -56.49 79.77
N TYR A 108 27.05 -56.81 80.57
CA TYR A 108 28.36 -57.09 80.00
C TYR A 108 28.36 -58.39 79.22
N GLU A 109 27.68 -59.42 79.72
CA GLU A 109 27.61 -60.69 79.01
C GLU A 109 26.71 -60.61 77.78
N GLU A 110 25.85 -59.58 77.69
CA GLU A 110 25.12 -59.36 76.45
C GLU A 110 25.94 -58.55 75.45
N MET A 111 26.68 -57.55 75.94
CA MET A 111 27.51 -56.72 75.07
C MET A 111 28.69 -57.49 74.49
N SER A 112 29.20 -58.50 75.20
CA SER A 112 30.33 -59.26 74.70
C SER A 112 30.02 -60.06 73.45
N GLN A 113 28.75 -60.20 73.08
CA GLN A 113 28.36 -60.96 71.90
C GLN A 113 27.96 -60.10 70.71
N VAL A 114 27.94 -58.78 70.86
CA VAL A 114 27.49 -57.90 69.78
C VAL A 114 28.69 -57.43 68.98
N GLY A 115 28.63 -57.65 67.66
CA GLY A 115 29.66 -57.17 66.75
C GLY A 115 30.56 -58.28 66.24
N ASP A 116 31.50 -57.87 65.41
CA ASP A 116 32.48 -58.77 64.81
C ASP A 116 33.81 -58.71 65.56
N VAL A 117 34.71 -59.61 65.21
CA VAL A 117 36.04 -59.64 65.81
C VAL A 117 36.89 -58.52 65.23
N ILE A 118 37.74 -57.94 66.08
CA ILE A 118 38.57 -56.80 65.71
C ILE A 118 39.86 -57.29 65.06
N THR A 119 40.20 -56.71 63.92
CA THR A 119 41.44 -57.02 63.22
C THR A 119 42.08 -55.70 62.77
N GLU A 120 43.41 -55.66 62.78
CA GLU A 120 44.13 -54.43 62.47
C GLU A 120 44.31 -54.21 60.97
N ASP A 121 43.95 -55.16 60.13
CA ASP A 121 44.04 -55.00 58.68
C ASP A 121 42.74 -54.51 58.06
N GLU A 122 41.70 -54.27 58.86
CA GLU A 122 40.34 -54.00 58.36
C GLU A 122 39.75 -52.83 59.12
N PRO A 123 40.10 -51.59 58.73
CA PRO A 123 39.61 -50.42 59.49
C PRO A 123 38.12 -50.20 59.40
N GLU A 124 37.54 -50.37 58.20
CA GLU A 124 36.13 -50.07 58.01
C GLU A 124 35.24 -51.00 58.83
N LYS A 125 35.63 -52.27 58.96
CA LYS A 125 34.87 -53.18 59.80
C LYS A 125 34.99 -52.83 61.27
N PHE A 126 36.15 -52.29 61.69
CA PHE A 126 36.28 -51.80 63.05
C PHE A 126 35.31 -50.65 63.31
N TYR A 127 35.23 -49.70 62.38
CA TYR A 127 34.28 -48.60 62.53
C TYR A 127 32.85 -49.09 62.56
N SER A 128 32.52 -50.05 61.69
CA SER A 128 31.17 -50.60 61.67
C SER A 128 30.83 -51.31 62.97
N THR A 129 31.80 -52.03 63.55
CA THR A 129 31.57 -52.70 64.82
C THR A 129 31.31 -51.70 65.94
N ILE A 130 32.08 -50.60 65.97
CA ILE A 130 31.86 -49.57 66.99
C ILE A 130 30.47 -48.96 66.82
N ILE A 131 30.08 -48.67 65.59
CA ILE A 131 28.75 -48.11 65.32
C ILE A 131 27.66 -49.07 65.78
N LYS A 132 27.83 -50.37 65.49
CA LYS A 132 26.83 -51.36 65.89
C LYS A 132 26.69 -51.45 67.40
N LYS A 133 27.82 -51.43 68.13
CA LYS A 133 27.76 -51.47 69.58
C LYS A 133 27.05 -50.23 70.14
N VAL A 134 27.35 -49.06 69.59
CA VAL A 134 26.71 -47.83 70.07
C VAL A 134 25.21 -47.87 69.81
N ARG A 135 24.81 -48.34 68.62
CA ARG A 135 23.38 -48.42 68.31
C ARG A 135 22.69 -49.43 69.20
N PHE A 136 23.36 -50.52 69.56
CA PHE A 136 22.79 -51.49 70.49
C PHE A 136 22.56 -50.86 71.86
N ILE A 137 23.53 -50.08 72.34
CA ILE A 137 23.38 -49.39 73.62
C ILE A 137 22.18 -48.44 73.55
N ARG A 138 22.06 -47.68 72.46
CA ARG A 138 20.94 -46.74 72.34
C ARG A 138 19.60 -47.47 72.30
N GLY A 139 19.53 -48.59 71.58
CA GLY A 139 18.27 -49.30 71.46
C GLY A 139 17.85 -49.99 72.73
N LYS A 140 18.82 -50.39 73.56
CA LYS A 140 18.50 -51.12 74.78
C LYS A 140 17.73 -50.26 75.77
N GLY A 141 18.10 -48.99 75.91
CA GLY A 141 17.59 -48.16 76.97
C GLY A 141 16.37 -47.31 76.68
N SER A 142 15.74 -47.47 75.52
CA SER A 142 14.61 -46.61 75.14
C SER A 142 13.31 -47.31 75.49
N PHE A 143 12.86 -47.10 76.74
CA PHE A 143 11.59 -47.65 77.20
C PHE A 143 10.93 -46.68 78.17
N ILE A 144 9.60 -46.78 78.24
CA ILE A 144 8.78 -45.96 79.13
C ILE A 144 7.91 -46.87 79.98
N LEU A 145 7.90 -46.65 81.28
CA LEU A 145 7.13 -47.48 82.20
C LEU A 145 5.68 -46.99 82.25
N HIS A 146 4.74 -47.93 82.26
CA HIS A 146 3.32 -47.62 82.26
C HIS A 146 2.56 -48.78 82.88
N ASP A 147 1.74 -48.48 83.89
CA ASP A 147 0.86 -49.45 84.55
C ASP A 147 1.66 -50.57 85.21
N ILE A 148 2.50 -50.19 86.16
CA ILE A 148 3.33 -51.14 86.91
C ILE A 148 2.47 -51.85 87.95
N PRO A 149 2.83 -53.08 88.34
CA PRO A 149 2.06 -53.78 89.37
C PRO A 149 2.50 -53.41 90.78
N THR A 150 1.52 -53.14 91.64
CA THR A 150 1.77 -52.75 93.02
C THR A 150 0.91 -53.58 93.95
N ARG A 151 1.19 -53.46 95.24
CA ARG A 151 0.37 -54.09 96.28
C ARG A 151 0.19 -53.10 97.42
N ASP A 152 -0.39 -53.58 98.52
CA ASP A 152 -0.82 -52.74 99.62
C ASP A 152 -0.18 -53.20 100.91
N HIS A 153 0.15 -52.23 101.78
CA HIS A 153 0.74 -52.58 103.08
C HIS A 153 0.56 -51.40 104.03
N ARG A 154 -0.26 -51.59 105.07
CA ARG A 154 -0.37 -50.67 106.19
C ARG A 154 -0.74 -49.25 105.74
N GLY A 155 -1.60 -49.17 104.74
CA GLY A 155 -2.01 -47.88 104.21
C GLY A 155 -1.06 -47.23 103.24
N MET A 156 0.03 -47.91 102.89
CA MET A 156 0.99 -47.41 101.92
C MET A 156 1.07 -48.36 100.74
N GLU A 157 1.52 -47.83 99.61
CA GLU A 157 1.65 -48.59 98.37
C GLU A 157 3.11 -48.93 98.13
N VAL A 158 3.39 -50.19 97.85
CA VAL A 158 4.75 -50.66 97.58
C VAL A 158 4.75 -51.39 96.25
N ALA A 159 5.94 -51.53 95.67
CA ALA A 159 6.10 -52.11 94.35
C ALA A 159 6.39 -53.60 94.44
N GLU A 160 5.89 -54.34 93.45
CA GLU A 160 6.13 -55.77 93.37
C GLU A 160 7.60 -56.05 93.05
N PRO A 161 8.11 -57.21 93.45
CA PRO A 161 9.49 -57.58 93.07
C PRO A 161 9.69 -57.74 91.57
N GLU A 162 8.62 -57.93 90.79
CA GLU A 162 8.77 -58.13 89.35
C GLU A 162 9.08 -56.85 88.59
N VAL A 163 9.04 -55.70 89.24
CA VAL A 163 9.33 -54.43 88.58
C VAL A 163 10.65 -53.82 89.06
N LEU A 164 11.32 -54.44 90.02
CA LEU A 164 12.51 -53.88 90.64
C LEU A 164 13.76 -54.02 89.79
N GLY A 165 13.72 -54.80 88.71
CA GLY A 165 14.87 -54.93 87.83
C GLY A 165 15.92 -55.92 88.28
N VAL A 166 15.65 -56.71 89.31
CA VAL A 166 16.59 -57.71 89.82
C VAL A 166 15.84 -59.02 90.00
N GLU A 167 16.51 -60.13 89.69
CA GLU A 167 15.90 -61.46 89.68
C GLU A 167 16.52 -62.31 90.77
N PHE A 168 15.69 -62.78 91.72
CA PHE A 168 16.21 -63.62 92.79
C PHE A 168 15.24 -64.74 93.20
N LYS A 169 14.37 -65.22 92.30
CA LYS A 169 13.43 -66.27 92.71
C LYS A 169 14.14 -67.60 92.95
N ASN A 170 15.29 -67.82 92.32
CA ASN A 170 16.01 -69.08 92.52
C ASN A 170 16.79 -69.10 93.82
N VAL A 171 16.92 -67.98 94.51
CA VAL A 171 17.67 -67.93 95.76
C VAL A 171 16.76 -68.22 96.97
N LEU A 172 15.48 -67.89 96.87
CA LEU A 172 14.55 -68.09 97.98
C LEU A 172 14.46 -69.53 98.51
N PRO A 173 14.43 -70.58 97.67
CA PRO A 173 14.26 -71.94 98.23
C PRO A 173 15.38 -72.39 99.17
N VAL A 174 16.58 -71.80 99.10
CA VAL A 174 17.70 -72.26 99.92
C VAL A 174 17.88 -71.42 101.18
N LEU A 175 17.12 -70.35 101.36
CA LEU A 175 17.32 -69.48 102.52
C LEU A 175 16.80 -70.13 103.80
N THR A 176 17.37 -69.70 104.92
CA THR A 176 16.85 -70.08 106.23
C THR A 176 15.66 -69.20 106.59
N ALA A 177 15.00 -69.55 107.70
CA ALA A 177 13.77 -68.85 108.09
C ALA A 177 14.05 -67.39 108.42
N GLU A 178 15.12 -67.13 109.17
CA GLU A 178 15.46 -65.74 109.50
C GLU A 178 15.82 -64.95 108.25
N HIS A 179 16.51 -65.58 107.30
CA HIS A 179 16.88 -64.88 106.08
C HIS A 179 15.65 -64.59 105.21
N ARG A 180 14.71 -65.54 105.14
CA ARG A 180 13.45 -65.27 104.42
C ARG A 180 12.68 -64.14 105.08
N ALA A 181 12.62 -64.12 106.40
CA ALA A 181 11.95 -63.03 107.10
C ALA A 181 12.63 -61.70 106.83
N MET A 182 13.97 -61.68 106.85
CA MET A 182 14.71 -60.45 106.60
C MET A 182 14.48 -59.94 105.18
N ILE A 183 14.48 -60.83 104.20
CA ILE A 183 14.24 -60.43 102.82
C ILE A 183 12.82 -59.91 102.66
N GLN A 184 11.84 -60.56 103.31
CA GLN A 184 10.46 -60.10 103.21
C GLN A 184 10.29 -58.71 103.81
N ASN A 185 10.88 -58.47 104.98
CA ASN A 185 10.77 -57.14 105.58
C ASN A 185 11.52 -56.08 104.77
N ALA A 186 12.64 -56.46 104.14
CA ALA A 186 13.33 -55.52 103.27
C ALA A 186 12.48 -55.18 102.06
N LEU A 187 11.79 -56.17 101.50
CA LEU A 187 10.89 -55.90 100.37
C LEU A 187 9.71 -55.05 100.78
N ASP A 188 9.24 -55.19 102.02
CA ASP A 188 8.10 -54.41 102.49
C ASP A 188 8.38 -52.91 102.58
N GLY A 189 9.64 -52.49 102.54
CA GLY A 189 10.01 -51.10 102.69
C GLY A 189 10.20 -50.30 101.43
N SER A 190 9.99 -50.89 100.25
CA SER A 190 10.18 -50.18 98.99
C SER A 190 8.85 -49.52 98.59
N ILE A 191 8.59 -48.37 99.19
CA ILE A 191 7.31 -47.68 99.03
C ILE A 191 7.37 -46.77 97.83
N ILE A 192 6.19 -46.41 97.34
CA ILE A 192 6.04 -45.54 96.17
C ILE A 192 5.51 -44.20 96.64
N GLU A 193 6.13 -43.11 96.17
CA GLU A 193 5.70 -41.77 96.52
C GLU A 193 5.24 -41.05 95.26
N ASN A 194 4.23 -40.19 95.44
CA ASN A 194 3.56 -39.54 94.31
C ASN A 194 4.40 -38.37 93.81
N GLY A 195 4.61 -38.34 92.50
CA GLY A 195 5.32 -37.25 91.85
C GLY A 195 4.40 -36.45 90.95
N ASN A 196 5.01 -35.49 90.25
CA ASN A 196 4.27 -34.58 89.38
C ASN A 196 5.16 -34.14 88.23
N VAL A 197 4.67 -34.35 87.01
CA VAL A 197 5.30 -33.83 85.79
C VAL A 197 4.23 -33.13 84.96
N ALA A 198 4.44 -31.85 84.68
CA ALA A 198 3.55 -31.05 83.83
C ALA A 198 2.10 -31.11 84.31
N THR A 199 1.90 -31.01 85.62
CA THR A 199 0.59 -31.14 86.27
C THR A 199 -0.06 -32.48 85.89
N ARG A 200 0.71 -33.55 86.03
CA ARG A 200 0.22 -34.92 85.87
C ARG A 200 0.87 -35.77 86.96
N ASP A 201 0.06 -36.58 87.63
CA ASP A 201 0.59 -37.44 88.68
C ASP A 201 1.31 -38.66 88.10
N VAL A 202 2.33 -39.14 88.81
CA VAL A 202 3.14 -40.27 88.39
C VAL A 202 3.50 -41.10 89.61
N ASP A 203 4.04 -42.29 89.37
CA ASP A 203 4.63 -43.08 90.44
C ASP A 203 6.15 -42.99 90.37
N VAL A 204 6.78 -42.85 91.53
CA VAL A 204 8.24 -42.79 91.64
C VAL A 204 8.68 -43.86 92.63
N PHE A 205 9.58 -44.74 92.19
CA PHE A 205 10.09 -45.81 93.02
C PHE A 205 11.57 -46.03 92.73
N ILE A 206 12.20 -46.88 93.54
CA ILE A 206 13.63 -47.14 93.49
C ILE A 206 13.86 -48.50 92.85
N GLY A 207 14.68 -48.53 91.80
CA GLY A 207 14.96 -49.77 91.10
C GLY A 207 16.43 -49.99 90.81
N ALA A 208 16.74 -51.01 90.00
CA ALA A 208 18.11 -51.37 89.66
C ALA A 208 18.29 -51.37 88.15
N CYS A 209 19.38 -50.77 87.69
CA CYS A 209 19.68 -50.72 86.26
C CYS A 209 21.16 -50.48 86.06
N SER A 210 21.68 -50.96 84.94
CA SER A 210 23.06 -50.70 84.58
C SER A 210 23.24 -49.26 84.13
N GLU A 211 24.45 -48.74 84.31
CA GLU A 211 24.72 -47.32 84.04
C GLU A 211 24.48 -46.91 82.59
N PRO A 212 25.03 -47.59 81.57
CA PRO A 212 24.78 -47.13 80.18
C PRO A 212 23.31 -47.13 79.80
N VAL A 213 22.55 -48.13 80.27
CA VAL A 213 21.12 -48.16 79.99
C VAL A 213 20.39 -47.07 80.75
N TYR A 214 20.79 -46.84 82.01
CA TYR A 214 20.11 -45.85 82.83
C TYR A 214 20.30 -44.44 82.29
N ARG A 215 21.47 -44.16 81.70
CA ARG A 215 21.68 -42.83 81.12
C ARG A 215 20.70 -42.56 79.98
N ILE A 216 20.52 -43.54 79.10
CA ILE A 216 19.57 -43.41 78.00
C ILE A 216 18.15 -43.25 78.54
N TYR A 217 17.80 -44.04 79.55
CA TYR A 217 16.45 -43.96 80.13
C TYR A 217 16.18 -42.56 80.70
N ASN A 218 17.16 -42.03 81.44
CA ASN A 218 16.99 -40.72 82.06
C ASN A 218 16.89 -39.62 81.00
N ARG A 219 17.69 -39.72 79.94
CA ARG A 219 17.60 -38.76 78.86
C ARG A 219 16.23 -38.80 78.18
N LEU A 220 15.69 -39.99 77.96
CA LEU A 220 14.36 -40.12 77.36
C LEU A 220 13.29 -39.51 78.27
N GLN A 221 13.40 -39.75 79.57
CA GLN A 221 12.43 -39.16 80.51
C GLN A 221 12.48 -37.63 80.47
N GLY A 222 13.69 -37.07 80.44
CA GLY A 222 13.82 -35.62 80.33
C GLY A 222 13.22 -35.08 79.05
N TYR A 223 13.42 -35.78 77.93
CA TYR A 223 12.84 -35.36 76.67
C TYR A 223 11.32 -35.38 76.72
N ILE A 224 10.73 -36.42 77.32
CA ILE A 224 9.27 -36.48 77.43
C ILE A 224 8.73 -35.33 78.27
N GLU A 225 9.42 -35.03 79.38
CA GLU A 225 9.00 -33.89 80.20
C GLU A 225 9.08 -32.57 79.41
N ALA A 226 10.15 -32.39 78.63
CA ALA A 226 10.28 -31.19 77.82
C ALA A 226 9.18 -31.09 76.77
N VAL A 227 8.78 -32.22 76.19
CA VAL A 227 7.66 -32.21 75.26
C VAL A 227 6.37 -31.79 75.96
N GLN A 228 6.16 -32.31 77.17
CA GLN A 228 4.96 -31.91 77.93
C GLN A 228 5.00 -30.44 78.31
N LEU A 229 6.18 -29.84 78.37
CA LEU A 229 6.26 -28.45 78.81
C LEU A 229 6.22 -27.43 77.67
N GLN A 230 7.08 -27.58 76.65
CA GLN A 230 7.26 -26.52 75.65
C GLN A 230 6.96 -26.93 74.23
N GLU A 231 7.47 -28.10 73.79
CA GLU A 231 7.64 -28.35 72.35
C GLU A 231 6.32 -28.47 71.62
N LEU A 232 5.31 -29.09 72.23
CA LEU A 232 4.03 -29.29 71.54
C LEU A 232 3.38 -27.96 71.19
N ARG A 233 3.34 -27.04 72.15
CA ARG A 233 2.74 -25.73 71.92
C ARG A 233 3.50 -24.96 70.84
N ASN A 234 4.82 -25.02 70.86
CA ASN A 234 5.63 -24.35 69.85
C ASN A 234 5.35 -24.92 68.46
N SER A 235 5.24 -26.24 68.36
CA SER A 235 4.95 -26.87 67.07
C SER A 235 3.59 -26.44 66.54
N ILE A 236 2.57 -26.44 67.40
CA ILE A 236 1.22 -26.04 66.97
C ILE A 236 1.21 -24.57 66.53
N GLY A 237 1.87 -23.69 67.30
CA GLY A 237 1.89 -22.29 66.94
C GLY A 237 2.61 -22.03 65.62
N TRP A 238 3.76 -22.68 65.41
CA TRP A 238 4.45 -22.52 64.15
C TRP A 238 3.62 -23.05 62.99
N LEU A 239 2.91 -24.17 63.20
CA LEU A 239 2.05 -24.70 62.14
C LEU A 239 0.93 -23.73 61.79
N GLU A 240 0.32 -23.08 62.79
CA GLU A 240 -0.77 -22.18 62.46
C GLU A 240 -0.26 -20.91 61.77
N ARG A 241 0.93 -20.43 62.15
CA ARG A 241 1.53 -19.31 61.42
C ARG A 241 1.84 -19.69 59.97
N LEU A 242 2.39 -20.88 59.76
CA LEU A 242 2.68 -21.35 58.41
C LEU A 242 1.41 -21.48 57.58
N GLY A 243 0.35 -22.02 58.18
CA GLY A 243 -0.91 -22.14 57.45
C GLY A 243 -1.52 -20.79 57.14
N HIS A 244 -1.33 -19.82 58.03
CA HIS A 244 -1.77 -18.46 57.75
C HIS A 244 -1.05 -17.92 56.52
N ARG A 245 0.28 -18.09 56.46
CA ARG A 245 1.02 -17.53 55.32
C ARG A 245 0.70 -18.26 54.02
N LYS A 246 0.67 -19.59 54.04
CA LYS A 246 0.54 -20.37 52.82
C LYS A 246 -0.88 -20.76 52.48
N ARG A 247 -1.87 -20.20 53.19
CA ARG A 247 -3.30 -20.45 52.94
C ARG A 247 -3.66 -21.93 53.11
N ILE A 248 -3.33 -22.46 54.28
CA ILE A 248 -3.63 -23.84 54.65
C ILE A 248 -4.30 -23.83 56.01
N THR A 249 -5.32 -24.68 56.17
CA THR A 249 -5.97 -24.88 57.46
C THR A 249 -5.51 -26.21 58.03
N TYR A 250 -4.91 -26.18 59.22
CA TYR A 250 -4.36 -27.36 59.85
C TYR A 250 -5.28 -27.88 60.94
N SER A 251 -5.36 -29.21 61.05
CA SER A 251 -6.27 -29.89 61.95
C SER A 251 -5.78 -29.80 63.40
N GLN A 252 -6.74 -29.75 64.33
CA GLN A 252 -6.45 -29.76 65.76
C GLN A 252 -7.42 -30.63 66.55
N GLU A 253 -8.14 -31.54 65.89
CA GLU A 253 -9.13 -32.36 66.59
C GLU A 253 -8.46 -33.36 67.53
N VAL A 254 -7.19 -33.67 67.30
CA VAL A 254 -6.53 -34.70 68.10
C VAL A 254 -6.37 -34.26 69.54
N LEU A 255 -6.41 -32.96 69.81
CA LEU A 255 -6.21 -32.42 71.14
C LEU A 255 -7.51 -32.03 71.85
N THR A 256 -8.67 -32.26 71.24
CA THR A 256 -9.92 -31.72 71.76
C THR A 256 -10.97 -32.79 72.01
N ASP A 257 -10.56 -33.96 72.50
CA ASP A 257 -11.53 -34.95 72.94
C ASP A 257 -11.66 -34.89 74.46
N PHE A 258 -12.70 -35.55 74.99
CA PHE A 258 -13.07 -35.35 76.39
C PHE A 258 -12.11 -36.03 77.37
N ARG A 259 -11.17 -36.82 76.87
CA ARG A 259 -10.15 -37.44 77.71
C ARG A 259 -8.82 -36.70 77.67
N ARG A 260 -8.81 -35.43 77.27
CA ARG A 260 -7.55 -34.75 76.97
C ARG A 260 -6.77 -34.39 78.22
N GLN A 261 -7.46 -34.17 79.34
CA GLN A 261 -6.77 -33.75 80.55
C GLN A 261 -6.00 -34.88 81.22
N ASP A 262 -6.19 -36.13 80.77
CA ASP A 262 -5.48 -37.28 81.31
C ASP A 262 -4.58 -37.92 80.25
N THR A 263 -3.90 -37.11 79.45
CA THR A 263 -3.13 -37.60 78.32
C THR A 263 -1.69 -37.10 78.42
N ILE A 264 -0.74 -37.99 78.14
CA ILE A 264 0.67 -37.64 77.99
C ILE A 264 0.98 -37.74 76.50
N TRP A 265 1.44 -36.63 75.92
CA TRP A 265 1.72 -36.57 74.49
C TRP A 265 3.18 -36.94 74.22
N VAL A 266 3.42 -37.71 73.17
CA VAL A 266 4.76 -38.06 72.72
C VAL A 266 4.94 -37.50 71.32
N LEU A 267 6.04 -36.76 71.12
CA LEU A 267 6.31 -36.07 69.87
C LEU A 267 7.77 -36.34 69.49
N ALA A 268 7.98 -37.14 68.45
CA ALA A 268 9.33 -37.54 68.06
C ALA A 268 10.00 -36.57 67.09
N LEU A 269 9.28 -35.57 66.60
CA LEU A 269 9.84 -34.57 65.69
C LEU A 269 9.34 -33.20 66.10
N GLN A 270 10.13 -32.16 65.78
CA GLN A 270 9.85 -30.81 66.22
C GLN A 270 9.74 -29.85 65.04
N LEU A 271 9.00 -28.78 65.26
CA LEU A 271 8.92 -27.63 64.37
C LEU A 271 9.07 -26.36 65.19
N PRO A 272 9.68 -25.31 64.63
CA PRO A 272 10.22 -25.17 63.27
C PRO A 272 11.59 -25.83 63.07
N VAL A 273 11.93 -26.08 61.82
CA VAL A 273 13.22 -26.67 61.45
C VAL A 273 14.23 -25.56 61.23
N ASN A 274 15.48 -25.80 61.65
CA ASN A 274 16.55 -24.85 61.45
C ASN A 274 17.01 -24.91 60.00
N PRO A 275 16.89 -23.82 59.23
CA PRO A 275 17.28 -23.88 57.81
C PRO A 275 18.78 -23.98 57.59
N GLN A 276 19.58 -23.55 58.56
CA GLN A 276 21.03 -23.63 58.43
C GLN A 276 21.49 -25.08 58.32
N VAL A 277 20.79 -26.01 58.97
CA VAL A 277 21.12 -27.43 58.85
C VAL A 277 20.97 -27.89 57.41
N VAL A 278 19.89 -27.46 56.75
CA VAL A 278 19.67 -27.84 55.35
C VAL A 278 20.70 -27.17 54.44
N TRP A 279 21.01 -25.90 54.70
CA TRP A 279 21.90 -25.17 53.79
C TRP A 279 23.37 -25.30 54.12
N ASP A 280 23.73 -26.10 55.13
CA ASP A 280 25.14 -26.37 55.40
C ASP A 280 25.69 -27.54 54.60
N VAL A 281 24.83 -28.28 53.90
CA VAL A 281 25.30 -29.39 53.07
C VAL A 281 26.15 -28.83 51.93
N PRO A 282 27.34 -29.37 51.68
CA PRO A 282 28.27 -28.75 50.72
C PRO A 282 27.73 -28.78 49.28
N ARG A 283 27.66 -27.60 48.67
CA ARG A 283 27.29 -27.43 47.26
C ARG A 283 25.90 -27.98 46.98
N SER A 284 24.91 -27.51 47.74
CA SER A 284 23.58 -28.08 47.73
C SER A 284 22.52 -27.18 47.10
N SER A 285 22.93 -26.14 46.36
CA SER A 285 21.96 -25.23 45.78
C SER A 285 21.04 -25.92 44.77
N ILE A 286 21.61 -26.75 43.90
CA ILE A 286 20.81 -27.39 42.85
C ILE A 286 19.87 -28.43 43.45
N ALA A 287 20.34 -29.18 44.46
CA ALA A 287 19.48 -30.16 45.11
C ALA A 287 18.32 -29.48 45.84
N ASN A 288 18.61 -28.37 46.53
CA ASN A 288 17.56 -27.62 47.20
C ASN A 288 16.54 -27.06 46.20
N LEU A 289 17.03 -26.57 45.05
CA LEU A 289 16.12 -26.07 44.02
C LEU A 289 15.22 -27.17 43.49
N ILE A 290 15.79 -28.36 43.24
CA ILE A 290 15.01 -29.48 42.74
C ILE A 290 13.96 -29.91 43.76
N MET A 291 14.34 -29.95 45.05
CA MET A 291 13.37 -30.33 46.09
C MET A 291 12.26 -29.28 46.21
N ASN A 292 12.62 -28.00 46.08
CA ASN A 292 11.61 -26.94 46.13
C ASN A 292 10.61 -27.11 44.99
N ILE A 293 11.10 -27.36 43.78
CA ILE A 293 10.20 -27.56 42.64
C ILE A 293 9.33 -28.80 42.86
N ALA A 294 9.93 -29.88 43.36
CA ALA A 294 9.19 -31.13 43.51
C ALA A 294 8.16 -31.07 44.62
N THR A 295 8.34 -30.21 45.60
CA THR A 295 7.41 -30.16 46.73
C THR A 295 6.44 -28.99 46.69
N CYS A 296 6.64 -27.99 45.83
CA CYS A 296 5.80 -26.80 45.90
C CYS A 296 5.21 -26.31 44.57
N LEU A 297 5.64 -26.83 43.43
CA LEU A 297 5.18 -26.26 42.16
C LEU A 297 3.77 -26.73 41.83
N PRO A 298 2.85 -25.81 41.53
CA PRO A 298 1.49 -26.22 41.14
C PRO A 298 1.34 -26.51 39.66
N THR A 299 0.15 -26.93 39.24
CA THR A 299 -0.15 -27.21 37.85
C THR A 299 -1.37 -26.40 37.41
N GLY A 300 -1.43 -26.08 36.13
CA GLY A 300 -2.51 -25.26 35.64
C GLY A 300 -2.59 -25.22 34.14
N GLU A 301 -3.32 -24.23 33.64
CA GLU A 301 -3.60 -24.07 32.23
C GLU A 301 -3.12 -22.71 31.74
N TYR A 302 -2.91 -22.59 30.43
CA TYR A 302 -2.48 -21.35 29.80
C TYR A 302 -3.66 -20.72 29.07
N ILE A 303 -4.04 -19.52 29.49
CA ILE A 303 -5.23 -18.83 28.98
C ILE A 303 -4.82 -17.80 27.93
N ALA A 304 -5.65 -17.65 26.91
CA ALA A 304 -5.48 -16.67 25.85
C ALA A 304 -6.50 -15.55 25.99
N PRO A 305 -6.17 -14.35 25.54
CA PRO A 305 -7.09 -13.22 25.70
C PRO A 305 -8.17 -13.19 24.63
N ASN A 306 -9.07 -12.22 24.79
CA ASN A 306 -10.21 -12.09 23.88
C ASN A 306 -9.74 -11.69 22.49
N PRO A 307 -10.23 -12.35 21.43
CA PRO A 307 -9.77 -12.00 20.07
C PRO A 307 -10.18 -10.61 19.60
N ARG A 308 -11.17 -9.98 20.23
CA ARG A 308 -11.60 -8.65 19.82
C ARG A 308 -10.47 -7.64 19.92
N ILE A 309 -9.56 -7.80 20.89
CA ILE A 309 -8.48 -6.85 21.07
C ILE A 309 -7.60 -6.79 19.82
N SER A 310 -7.16 -7.97 19.35
CA SER A 310 -6.34 -8.02 18.15
C SER A 310 -7.14 -7.67 16.90
N SER A 311 -8.44 -8.02 16.88
CA SER A 311 -9.25 -7.74 15.70
C SER A 311 -9.47 -6.24 15.51
N ILE A 312 -9.53 -5.47 16.60
CA ILE A 312 -9.75 -4.03 16.48
C ILE A 312 -8.50 -3.20 16.70
N THR A 313 -7.35 -3.83 16.99
CA THR A 313 -6.11 -3.08 17.09
C THR A 313 -5.09 -3.48 16.04
N LEU A 314 -4.71 -4.75 15.95
CA LEU A 314 -3.59 -5.14 15.09
C LEU A 314 -4.03 -5.32 13.64
N THR A 315 -5.24 -5.83 13.40
CA THR A 315 -5.79 -5.98 12.06
C THR A 315 -6.91 -4.98 11.82
N GLN A 316 -6.72 -3.75 12.32
CA GLN A 316 -7.73 -2.72 12.21
C GLN A 316 -7.85 -2.19 10.79
N ARG A 317 -6.76 -2.18 10.03
CA ARG A 317 -6.79 -1.85 8.60
C ARG A 317 -6.57 -3.13 7.80
N ILE A 318 -7.44 -3.34 6.81
CA ILE A 318 -7.39 -4.56 6.01
C ILE A 318 -6.32 -4.53 4.92
N THR A 319 -6.03 -3.36 4.36
CA THR A 319 -5.20 -3.24 3.17
C THR A 319 -3.71 -3.19 3.49
N THR A 320 -3.31 -3.29 4.75
CA THR A 320 -1.91 -3.23 5.14
C THR A 320 -1.56 -4.43 6.01
N THR A 321 -0.43 -5.06 5.71
CA THR A 321 0.08 -6.19 6.48
C THR A 321 1.49 -5.87 6.96
N GLY A 322 1.68 -5.88 8.27
CA GLY A 322 2.98 -5.62 8.85
C GLY A 322 3.51 -6.81 9.63
N PRO A 323 4.49 -6.58 10.50
CA PRO A 323 5.01 -7.69 11.32
C PRO A 323 4.01 -8.22 12.33
N PHE A 324 3.37 -7.34 13.10
CA PHE A 324 2.41 -7.77 14.11
C PHE A 324 1.19 -8.42 13.46
N ALA A 325 0.76 -7.91 12.30
CA ALA A 325 -0.36 -8.51 11.58
C ALA A 325 -0.04 -9.92 11.12
N ILE A 326 1.21 -10.17 10.72
CA ILE A 326 1.62 -11.53 10.34
C ILE A 326 1.68 -12.43 11.56
N LEU A 327 2.22 -11.92 12.67
CA LEU A 327 2.39 -12.76 13.85
C LEU A 327 1.05 -13.10 14.50
N THR A 328 0.07 -12.20 14.44
CA THR A 328 -1.20 -12.42 15.12
C THR A 328 -2.05 -13.49 14.45
N GLY A 329 -1.69 -13.95 13.25
CA GLY A 329 -2.40 -15.00 12.57
C GLY A 329 -1.73 -16.36 12.61
N SER A 330 -0.81 -16.60 13.54
CA SER A 330 -0.06 -17.84 13.60
C SER A 330 -0.54 -18.70 14.77
N THR A 331 -0.14 -19.98 14.73
CA THR A 331 -0.53 -20.99 15.70
C THR A 331 0.70 -21.72 16.22
N PRO A 332 0.83 -21.87 17.53
CA PRO A 332 2.02 -22.53 18.08
C PRO A 332 1.99 -24.04 17.94
N THR A 333 3.19 -24.62 17.90
CA THR A 333 3.36 -26.06 17.92
C THR A 333 3.64 -26.53 19.34
N ALA A 334 3.98 -27.80 19.50
CA ALA A 334 4.20 -28.37 20.83
C ALA A 334 5.52 -27.89 21.42
N GLN A 335 6.58 -27.83 20.60
CA GLN A 335 7.88 -27.40 21.11
C GLN A 335 7.86 -25.95 21.56
N GLN A 336 7.12 -25.09 20.86
CA GLN A 336 7.00 -23.71 21.28
C GLN A 336 6.22 -23.58 22.58
N LEU A 337 5.23 -24.45 22.79
CA LEU A 337 4.55 -24.50 24.09
C LEU A 337 5.50 -24.95 25.19
N ASN A 338 6.39 -25.89 24.90
CA ASN A 338 7.41 -26.28 25.87
C ASN A 338 8.33 -25.11 26.20
N ASP A 339 8.68 -24.31 25.19
CA ASP A 339 9.49 -23.12 25.43
C ASP A 339 8.75 -22.11 26.29
N VAL A 340 7.44 -21.95 26.08
CA VAL A 340 6.64 -21.07 26.94
C VAL A 340 6.66 -21.56 28.38
N ARG A 341 6.56 -22.88 28.57
CA ARG A 341 6.63 -23.44 29.92
C ARG A 341 7.99 -23.18 30.57
N LYS A 342 9.06 -23.28 29.78
CA LYS A 342 10.38 -22.93 30.28
C LYS A 342 10.45 -21.45 30.70
N ILE A 343 9.85 -20.57 29.91
CA ILE A 343 9.85 -19.15 30.22
C ILE A 343 9.15 -18.88 31.54
N TYR A 344 8.00 -19.51 31.76
CA TYR A 344 7.27 -19.29 33.01
C TYR A 344 8.01 -19.90 34.19
N LEU A 345 8.66 -21.05 34.00
CA LEU A 345 9.47 -21.61 35.08
C LEU A 345 10.61 -20.67 35.44
N ALA A 346 11.23 -20.03 34.45
CA ALA A 346 12.27 -19.05 34.74
C ALA A 346 11.70 -17.83 35.47
N LEU A 347 10.48 -17.42 35.11
CA LEU A 347 9.86 -16.28 35.79
C LEU A 347 9.59 -16.59 37.26
N MET A 348 9.16 -17.81 37.56
CA MET A 348 8.78 -18.15 38.93
C MET A 348 9.96 -18.26 39.89
N PHE A 349 11.19 -18.34 39.39
CA PHE A 349 12.38 -18.48 40.23
C PHE A 349 13.38 -17.39 39.85
N PRO A 350 13.17 -16.16 40.34
CA PRO A 350 14.03 -15.04 39.93
C PRO A 350 15.47 -15.24 40.37
N GLY A 351 16.39 -15.05 39.43
CA GLY A 351 17.81 -15.11 39.72
C GLY A 351 18.39 -16.50 39.67
N GLN A 352 17.61 -17.51 40.05
CA GLN A 352 18.11 -18.88 40.09
C GLN A 352 18.06 -19.54 38.72
N ILE A 353 17.08 -19.20 37.90
CA ILE A 353 16.96 -19.70 36.54
C ILE A 353 16.88 -18.49 35.61
N ILE A 354 17.73 -18.48 34.58
CA ILE A 354 17.78 -17.38 33.63
C ILE A 354 17.71 -17.93 32.21
N LEU A 355 17.34 -17.05 31.27
CA LEU A 355 17.00 -17.45 29.91
C LEU A 355 18.09 -17.06 28.93
N ASP A 356 18.04 -17.70 27.77
CA ASP A 356 18.94 -17.42 26.66
C ASP A 356 18.23 -17.78 25.36
N LEU A 357 18.76 -17.32 24.25
CA LEU A 357 18.18 -17.56 22.94
C LEU A 357 18.99 -18.58 22.16
N LYS A 358 18.29 -19.37 21.34
CA LYS A 358 18.92 -20.41 20.55
C LYS A 358 18.38 -20.38 19.14
N ILE A 359 19.20 -20.83 18.19
CA ILE A 359 18.80 -21.02 16.80
C ILE A 359 19.32 -22.38 16.34
N ASP A 360 18.43 -23.21 15.82
CA ASP A 360 18.84 -24.49 15.28
C ASP A 360 19.66 -24.29 14.01
N PRO A 361 20.67 -25.14 13.77
CA PRO A 361 21.47 -25.00 12.55
C PRO A 361 20.68 -25.14 11.26
N GLY A 362 19.50 -25.75 11.30
CA GLY A 362 18.62 -25.76 10.15
C GLY A 362 17.69 -24.58 10.03
N GLU A 363 17.56 -23.78 11.09
CA GLU A 363 16.68 -22.63 11.10
C GLU A 363 17.35 -21.40 10.50
N ARG A 364 16.54 -20.43 10.10
CA ARG A 364 17.00 -19.16 9.59
C ARG A 364 16.20 -18.05 10.23
N MET A 365 16.76 -16.84 10.20
CA MET A 365 16.21 -15.72 10.96
C MET A 365 15.05 -15.09 10.20
N ASP A 366 14.09 -14.54 10.96
CA ASP A 366 12.88 -13.94 10.42
C ASP A 366 12.79 -12.49 10.90
N PRO A 367 12.58 -11.52 10.01
CA PRO A 367 12.58 -10.12 10.47
C PRO A 367 11.38 -9.76 11.33
N ALA A 368 10.18 -10.16 10.92
CA ALA A 368 8.98 -9.82 11.68
C ALA A 368 9.02 -10.43 13.08
N VAL A 369 9.45 -11.68 13.17
CA VAL A 369 9.58 -12.34 14.47
C VAL A 369 10.59 -11.60 15.34
N ARG A 370 11.70 -11.16 14.75
CA ARG A 370 12.71 -10.43 15.51
C ARG A 370 12.17 -9.12 16.06
N MET A 371 11.46 -8.34 15.22
CA MET A 371 10.91 -7.07 15.70
C MET A 371 9.87 -7.28 16.80
N VAL A 372 8.98 -8.26 16.62
CA VAL A 372 7.96 -8.53 17.62
C VAL A 372 8.60 -8.95 18.94
N ALA A 373 9.59 -9.85 18.88
CA ALA A 373 10.27 -10.29 20.09
C ALA A 373 11.02 -9.14 20.75
N GLY A 374 11.63 -8.26 19.95
CA GLY A 374 12.31 -7.12 20.52
C GLY A 374 11.39 -6.19 21.27
N VAL A 375 10.17 -5.99 20.76
CA VAL A 375 9.20 -5.17 21.49
C VAL A 375 8.74 -5.88 22.76
N VAL A 376 8.40 -7.17 22.66
CA VAL A 376 7.77 -7.90 23.76
C VAL A 376 8.73 -8.14 24.92
N GLY A 377 10.00 -8.43 24.63
CA GLY A 377 10.93 -8.82 25.67
C GLY A 377 11.14 -7.76 26.73
N HIS A 378 11.08 -6.49 26.34
CA HIS A 378 11.25 -5.40 27.30
C HIS A 378 10.08 -5.31 28.28
N LEU A 379 8.92 -5.87 27.93
CA LEU A 379 7.79 -5.88 28.84
C LEU A 379 7.66 -7.18 29.63
N LEU A 380 8.15 -8.30 29.09
CA LEU A 380 8.05 -9.54 29.86
C LEU A 380 9.08 -9.64 30.99
N PHE A 381 10.30 -9.15 30.77
CA PHE A 381 11.43 -9.57 31.60
C PHE A 381 12.02 -8.41 32.39
N THR A 382 12.64 -8.77 33.51
CA THR A 382 13.43 -7.87 34.34
C THR A 382 14.90 -8.12 34.05
N ALA A 383 15.66 -7.03 33.86
CA ALA A 383 17.06 -7.16 33.45
C ALA A 383 17.98 -6.23 34.22
N GLY A 384 17.84 -6.16 35.53
CA GLY A 384 18.76 -5.37 36.32
C GLY A 384 18.08 -4.82 37.56
N GLY A 385 18.85 -4.07 38.34
CA GLY A 385 18.38 -3.56 39.60
C GLY A 385 18.70 -4.49 40.75
N ARG A 386 17.74 -5.35 41.11
CA ARG A 386 17.89 -6.28 42.21
C ARG A 386 18.12 -7.71 41.76
N PHE A 387 17.53 -8.12 40.64
CA PHE A 387 17.76 -9.45 40.09
C PHE A 387 17.59 -9.37 38.58
N THR A 388 17.82 -10.51 37.91
CA THR A 388 17.68 -10.58 36.46
C THR A 388 16.96 -11.87 36.09
N ASN A 389 16.29 -11.84 34.93
CA ASN A 389 15.62 -12.99 34.37
C ASN A 389 16.35 -13.58 33.19
N LEU A 390 17.47 -12.99 32.77
CA LEU A 390 18.06 -13.33 31.49
C LEU A 390 19.52 -12.91 31.45
N THR A 391 20.26 -13.50 30.51
CA THR A 391 21.68 -13.26 30.32
C THR A 391 21.90 -11.97 29.53
N GLN A 392 23.14 -11.46 29.61
CA GLN A 392 23.44 -10.18 28.98
C GLN A 392 23.39 -10.26 27.45
N ASN A 393 23.75 -11.41 26.89
CA ASN A 393 23.68 -11.60 25.44
C ASN A 393 22.25 -11.49 24.94
N MET A 394 21.29 -12.07 25.68
CA MET A 394 19.90 -11.99 25.29
C MET A 394 19.38 -10.56 25.34
N ALA A 395 19.77 -9.80 26.36
CA ALA A 395 19.38 -8.40 26.45
C ALA A 395 19.96 -7.59 25.29
N ARG A 396 21.21 -7.86 24.93
CA ARG A 396 21.84 -7.16 23.80
C ARG A 396 21.07 -7.45 22.51
N GLN A 397 20.72 -8.72 22.28
CA GLN A 397 19.98 -9.08 21.08
C GLN A 397 18.59 -8.45 21.04
N LEU A 398 17.91 -8.41 22.19
CA LEU A 398 16.60 -7.76 22.24
C LEU A 398 16.71 -6.26 21.99
N ASP A 399 17.78 -5.62 22.48
CA ASP A 399 17.99 -4.20 22.20
C ASP A 399 18.19 -3.95 20.71
N ILE A 400 18.98 -4.80 20.06
CA ILE A 400 19.20 -4.65 18.62
C ILE A 400 17.88 -4.85 17.86
N ALA A 401 17.08 -5.82 18.27
CA ALA A 401 15.79 -6.06 17.62
C ALA A 401 14.84 -4.87 17.80
N LEU A 402 14.80 -4.28 19.00
CA LEU A 402 13.97 -3.11 19.22
C LEU A 402 14.43 -1.93 18.35
N ASN A 403 15.75 -1.77 18.22
CA ASN A 403 16.29 -0.73 17.35
C ASN A 403 15.85 -0.96 15.90
N ASP A 404 15.90 -2.21 15.44
CA ASP A 404 15.48 -2.50 14.08
C ASP A 404 13.99 -2.26 13.87
N TYR A 405 13.17 -2.51 14.89
CA TYR A 405 11.75 -2.25 14.77
C TYR A 405 11.44 -0.76 14.72
N LEU A 406 12.15 0.04 15.53
CA LEU A 406 11.79 1.46 15.63
C LEU A 406 12.13 2.24 14.35
N LEU A 407 13.07 1.74 13.54
CA LEU A 407 13.43 2.38 12.28
C LEU A 407 12.87 1.66 11.07
N TYR A 408 11.74 0.97 11.22
CA TYR A 408 11.26 0.07 10.17
C TYR A 408 10.67 0.85 9.00
N MET A 409 9.63 1.64 9.25
CA MET A 409 8.97 2.42 8.20
C MET A 409 9.13 3.92 8.45
N TYR A 410 10.35 4.33 8.78
CA TYR A 410 10.66 5.72 9.09
C TYR A 410 10.43 6.62 7.87
N ASN A 411 9.80 7.77 8.11
CA ASN A 411 9.55 8.75 7.06
C ASN A 411 9.92 10.13 7.57
N THR A 412 9.87 11.12 6.67
CA THR A 412 10.41 12.45 6.94
C THR A 412 9.67 13.14 8.08
N ARG A 413 8.34 13.02 8.12
CA ARG A 413 7.56 13.76 9.11
C ARG A 413 7.88 13.30 10.54
N VAL A 414 8.30 12.05 10.70
CA VAL A 414 8.92 11.63 11.95
C VAL A 414 10.38 12.03 11.93
N GLN A 415 10.84 12.70 12.99
CA GLN A 415 12.18 13.24 13.03
C GLN A 415 13.09 12.30 13.82
N VAL A 416 14.24 11.98 13.23
CA VAL A 416 15.25 11.14 13.88
C VAL A 416 16.57 11.91 13.91
N ASN A 417 17.18 11.97 15.09
CA ASN A 417 18.41 12.73 15.29
C ASN A 417 19.41 11.82 15.99
N TYR A 418 20.41 11.35 15.25
CA TYR A 418 21.35 10.35 15.75
C TYR A 418 22.38 10.98 16.67
N GLY A 419 22.89 10.17 17.60
CA GLY A 419 23.89 10.60 18.55
C GLY A 419 25.29 10.37 18.06
N PRO A 420 26.29 10.64 18.91
CA PRO A 420 27.69 10.48 18.50
C PRO A 420 28.09 9.03 18.28
N THR A 421 27.80 8.17 19.25
CA THR A 421 28.23 6.78 19.18
C THR A 421 27.38 6.00 18.19
N GLY A 422 27.86 4.81 17.85
CA GLY A 422 27.16 3.93 16.93
C GLY A 422 26.38 2.84 17.63
N GLU A 423 26.08 3.05 18.91
CA GLU A 423 25.33 2.09 19.68
C GLU A 423 23.89 2.00 19.17
N PRO A 424 23.23 0.86 19.33
CA PRO A 424 21.80 0.78 19.02
C PRO A 424 20.98 1.65 19.95
N LEU A 425 19.86 2.16 19.41
CA LEU A 425 18.90 2.99 20.13
C LEU A 425 19.49 4.31 20.63
N ASP A 426 20.57 4.79 20.00
CA ASP A 426 21.18 6.06 20.38
C ASP A 426 20.72 7.15 19.42
N PHE A 427 19.48 7.59 19.61
CA PHE A 427 18.92 8.68 18.81
C PHE A 427 17.69 9.23 19.52
N GLN A 428 17.26 10.40 19.08
CA GLN A 428 16.00 10.99 19.50
C GLN A 428 14.98 10.86 18.37
N ILE A 429 13.74 10.58 18.73
CA ILE A 429 12.69 10.36 17.75
C ILE A 429 11.46 11.18 18.13
N GLY A 430 10.69 11.55 17.12
CA GLY A 430 9.41 12.20 17.31
C GLY A 430 9.50 13.71 17.21
N ARG A 431 8.32 14.33 17.24
CA ARG A 431 8.23 15.79 17.21
C ARG A 431 8.82 16.40 18.48
N ASN A 432 8.58 15.77 19.62
CA ASN A 432 9.09 16.25 20.90
C ASN A 432 10.46 15.69 21.24
N GLN A 433 11.03 14.86 20.38
CA GLN A 433 12.39 14.32 20.52
C GLN A 433 12.52 13.48 21.79
N TYR A 434 11.72 12.41 21.84
CA TYR A 434 11.86 11.42 22.89
C TYR A 434 13.22 10.73 22.78
N ASP A 435 13.90 10.59 23.91
CA ASP A 435 15.22 9.98 23.95
C ASP A 435 15.07 8.47 24.13
N CYS A 436 15.64 7.70 23.21
CA CYS A 436 15.52 6.25 23.22
C CYS A 436 16.71 5.55 23.86
N ASN A 437 17.67 6.29 24.40
CA ASN A 437 18.82 5.68 25.05
C ASN A 437 18.45 4.97 26.34
N VAL A 438 17.33 5.32 26.95
CA VAL A 438 16.95 4.73 28.23
C VAL A 438 16.58 3.26 28.11
N PHE A 439 16.29 2.78 26.90
CA PHE A 439 15.83 1.42 26.71
C PHE A 439 16.96 0.43 26.43
N ARG A 440 18.21 0.87 26.38
CA ARG A 440 19.32 -0.04 26.26
C ARG A 440 19.66 -0.63 27.62
N ALA A 441 19.99 -1.92 27.64
CA ALA A 441 20.11 -2.66 28.89
C ALA A 441 21.33 -2.23 29.68
N ASP A 442 21.11 -1.98 30.98
CA ASP A 442 22.18 -1.71 31.94
C ASP A 442 21.85 -2.49 33.20
N PHE A 443 22.59 -3.58 33.44
CA PHE A 443 22.23 -4.50 34.51
C PHE A 443 22.42 -3.89 35.89
N ALA A 444 23.24 -2.85 36.01
CA ALA A 444 23.47 -2.24 37.32
C ALA A 444 22.29 -1.36 37.74
N THR A 445 21.61 -0.73 36.79
CA THR A 445 20.49 0.15 37.11
C THR A 445 19.13 -0.41 36.73
N GLY A 446 19.07 -1.31 35.74
CA GLY A 446 17.83 -1.94 35.36
C GLY A 446 16.92 -1.12 34.47
N THR A 447 17.41 -0.05 33.87
CA THR A 447 16.58 0.80 33.03
C THR A 447 16.16 0.07 31.76
N GLY A 448 14.96 0.39 31.27
CA GLY A 448 14.46 -0.19 30.06
C GLY A 448 13.78 -1.54 30.20
N TYR A 449 13.60 -2.04 31.43
CA TYR A 449 12.94 -3.31 31.66
C TYR A 449 11.99 -3.15 32.85
N ASN A 450 11.48 -4.28 33.33
CA ASN A 450 10.40 -4.24 34.32
C ASN A 450 10.83 -3.65 35.65
N GLY A 451 12.10 -3.78 36.00
CA GLY A 451 12.59 -3.24 37.25
C GLY A 451 12.93 -1.76 37.24
N TRP A 452 12.72 -1.10 36.11
CA TRP A 452 13.05 0.30 35.95
C TRP A 452 12.19 1.16 36.86
N ALA A 453 12.83 1.83 37.83
CA ALA A 453 12.18 2.76 38.76
C ALA A 453 11.01 2.10 39.51
N THR A 454 11.21 0.86 39.92
CA THR A 454 10.17 0.09 40.59
C THR A 454 10.78 -0.69 41.75
N ILE A 455 10.05 -0.76 42.85
CA ILE A 455 10.46 -1.49 44.05
C ILE A 455 10.04 -2.94 43.86
N ASP A 456 11.02 -3.80 43.57
CA ASP A 456 10.73 -5.20 43.27
C ASP A 456 10.74 -6.08 44.52
N VAL A 457 11.62 -5.79 45.48
CA VAL A 457 11.80 -6.63 46.66
C VAL A 457 11.47 -5.81 47.90
N GLU A 458 10.64 -6.35 48.78
CA GLU A 458 10.20 -5.67 49.98
C GLU A 458 10.28 -6.61 51.18
N TYR A 459 10.65 -6.06 52.33
CA TYR A 459 10.66 -6.78 53.59
C TYR A 459 9.60 -6.16 54.50
N ARG A 460 8.68 -7.00 54.99
CA ARG A 460 7.51 -6.49 55.70
C ARG A 460 7.46 -6.93 57.16
N GLU A 461 7.47 -8.22 57.44
CA GLU A 461 7.16 -8.74 58.76
C GLU A 461 7.67 -10.18 58.84
N PRO A 462 7.92 -10.70 60.05
CA PRO A 462 8.61 -12.00 60.17
C PRO A 462 7.87 -13.13 59.46
N ALA A 463 8.65 -14.01 58.85
CA ALA A 463 8.18 -15.11 58.03
C ALA A 463 8.34 -16.43 58.77
N PRO A 464 7.55 -17.46 58.42
CA PRO A 464 7.71 -18.77 59.08
C PRO A 464 9.10 -19.36 58.94
N TYR A 465 9.76 -19.15 57.80
CA TYR A 465 11.14 -19.57 57.62
C TYR A 465 12.02 -18.32 57.71
N VAL A 466 12.87 -18.28 58.74
CA VAL A 466 13.57 -17.05 59.11
C VAL A 466 14.65 -16.66 58.10
N HIS A 467 15.09 -17.58 57.25
CA HIS A 467 16.17 -17.27 56.33
C HIS A 467 15.70 -16.60 55.04
N ALA A 468 14.39 -16.54 54.78
CA ALA A 468 13.85 -15.95 53.56
C ALA A 468 12.74 -14.97 53.93
N GLN A 469 13.11 -13.71 54.20
CA GLN A 469 12.16 -12.69 54.59
C GLN A 469 11.63 -11.86 53.43
N ARG A 470 12.16 -12.06 52.22
CA ARG A 470 11.86 -11.17 51.11
C ARG A 470 10.46 -11.43 50.54
N TYR A 471 9.91 -10.39 49.92
CA TYR A 471 8.67 -10.47 49.15
C TYR A 471 8.94 -9.95 47.74
N ILE A 472 8.54 -10.71 46.74
CA ILE A 472 8.73 -10.30 45.34
C ILE A 472 7.48 -9.58 44.86
N ARG A 473 7.67 -8.41 44.25
CA ARG A 473 6.58 -7.58 43.73
C ARG A 473 6.88 -7.22 42.27
N TYR A 474 6.49 -8.11 41.36
CA TYR A 474 6.56 -7.79 39.94
C TYR A 474 5.56 -6.69 39.62
N CYS A 475 6.03 -5.65 38.92
CA CYS A 475 5.25 -4.50 38.51
C CYS A 475 4.63 -3.76 39.69
N GLY A 476 5.15 -3.96 40.91
CA GLY A 476 4.63 -3.27 42.08
C GLY A 476 3.32 -3.78 42.62
N ILE A 477 2.95 -5.01 42.30
CA ILE A 477 1.66 -5.56 42.73
C ILE A 477 1.80 -6.25 44.07
N ASP A 478 0.86 -5.97 44.97
CA ASP A 478 0.80 -6.60 46.28
C ASP A 478 -0.09 -7.84 46.19
N SER A 479 0.44 -8.98 46.63
CA SER A 479 -0.25 -10.26 46.52
C SER A 479 -1.02 -10.64 47.78
N ARG A 480 -1.47 -9.65 48.56
CA ARG A 480 -2.23 -9.95 49.76
C ARG A 480 -3.73 -10.04 49.51
N GLU A 481 -4.19 -9.69 48.32
CA GLU A 481 -5.60 -9.76 47.99
C GLU A 481 -5.87 -10.96 47.08
N LEU A 482 -7.11 -11.45 47.14
CA LEU A 482 -7.61 -12.37 46.13
C LEU A 482 -8.24 -11.58 45.00
N ILE A 483 -8.00 -12.03 43.77
CA ILE A 483 -8.40 -11.25 42.60
C ILE A 483 -9.47 -11.99 41.82
N ASN A 484 -10.32 -11.19 41.17
CA ASN A 484 -11.32 -11.70 40.24
C ASN A 484 -10.81 -11.47 38.83
N PRO A 485 -10.50 -12.52 38.07
CA PRO A 485 -9.84 -12.31 36.77
C PRO A 485 -10.64 -11.49 35.77
N THR A 486 -11.97 -11.50 35.88
CA THR A 486 -12.79 -10.78 34.90
C THR A 486 -12.65 -9.27 35.02
N THR A 487 -12.53 -8.74 36.25
CA THR A 487 -12.58 -7.31 36.47
C THR A 487 -11.30 -6.71 37.05
N TYR A 488 -10.21 -7.47 37.13
CA TYR A 488 -9.00 -6.99 37.78
C TYR A 488 -8.04 -6.38 36.76
N GLY A 489 -7.48 -5.23 37.10
CA GLY A 489 -6.46 -4.60 36.30
C GLY A 489 -6.93 -3.51 35.35
N ILE A 490 -8.16 -3.02 35.50
CA ILE A 490 -8.71 -2.05 34.55
C ILE A 490 -7.93 -0.73 34.60
N GLY A 491 -7.62 -0.25 35.80
CA GLY A 491 -6.98 1.05 35.92
C GLY A 491 -5.60 1.05 36.55
N MET A 492 -4.79 0.06 36.20
CA MET A 492 -3.47 -0.10 36.78
C MET A 492 -2.38 0.07 35.72
N THR A 493 -1.21 0.49 36.16
CA THR A 493 -0.07 0.71 35.26
C THR A 493 1.20 0.76 36.09
N TYR A 494 2.34 0.78 35.39
CA TYR A 494 3.64 0.98 36.02
C TYR A 494 4.55 1.72 35.03
N HIS A 495 5.77 2.00 35.49
CA HIS A 495 6.61 3.00 34.83
C HIS A 495 7.08 2.54 33.46
N CYS A 496 7.60 1.31 33.36
CA CYS A 496 8.20 0.84 32.11
C CYS A 496 7.16 0.73 31.01
N TYR A 497 5.96 0.23 31.35
CA TYR A 497 4.90 0.08 30.35
C TYR A 497 4.46 1.44 29.82
N ASN A 498 4.35 2.43 30.70
CA ASN A 498 3.97 3.78 30.30
C ASN A 498 5.04 4.41 29.41
N GLU A 499 6.32 4.24 29.77
CA GLU A 499 7.39 4.77 28.93
C GLU A 499 7.40 4.11 27.56
N MET A 500 7.17 2.80 27.51
CA MET A 500 7.11 2.11 26.22
C MET A 500 5.95 2.62 25.37
N LEU A 501 4.79 2.87 25.98
CA LEU A 501 3.67 3.42 25.23
C LEU A 501 3.99 4.81 24.69
N ARG A 502 4.65 5.65 25.50
CA ARG A 502 5.05 6.97 25.04
C ARG A 502 6.00 6.89 23.85
N MET A 503 6.98 5.99 23.93
CA MET A 503 7.94 5.85 22.83
C MET A 503 7.27 5.33 21.57
N LEU A 504 6.36 4.35 21.71
CA LEU A 504 5.67 3.81 20.54
C LEU A 504 4.81 4.88 19.87
N VAL A 505 4.14 5.71 20.67
CA VAL A 505 3.35 6.80 20.09
C VAL A 505 4.26 7.80 19.40
N ALA A 506 5.40 8.14 20.02
CA ALA A 506 6.29 9.14 19.46
C ALA A 506 6.96 8.69 18.16
N ALA A 507 7.01 7.39 17.89
CA ALA A 507 7.64 6.88 16.68
C ALA A 507 6.66 6.65 15.54
N GLY A 508 5.36 6.84 15.77
CA GLY A 508 4.36 6.63 14.74
C GLY A 508 3.71 5.27 14.71
N LYS A 509 3.86 4.47 15.77
CA LYS A 509 3.26 3.13 15.83
C LYS A 509 1.95 3.19 16.60
N ASP A 510 0.92 3.71 15.94
CA ASP A 510 -0.36 3.95 16.61
C ASP A 510 -1.12 2.67 16.91
N SER A 511 -1.19 1.76 15.93
CA SER A 511 -1.96 0.53 16.12
C SER A 511 -1.32 -0.37 17.17
N GLU A 512 0.01 -0.46 17.15
CA GLU A 512 0.71 -1.26 18.16
C GLU A 512 0.54 -0.66 19.54
N ALA A 513 0.59 0.66 19.66
CA ALA A 513 0.35 1.31 20.94
C ALA A 513 -1.06 1.05 21.44
N ALA A 514 -2.04 1.07 20.52
CA ALA A 514 -3.41 0.74 20.90
C ALA A 514 -3.52 -0.70 21.40
N TYR A 515 -2.87 -1.63 20.71
CA TYR A 515 -2.90 -3.03 21.13
C TYR A 515 -2.29 -3.20 22.52
N PHE A 516 -1.15 -2.56 22.75
CA PHE A 516 -0.50 -2.69 24.06
C PHE A 516 -1.27 -1.97 25.15
N ARG A 517 -1.99 -0.91 24.81
CA ARG A 517 -2.84 -0.25 25.80
C ARG A 517 -4.03 -1.12 26.17
N SER A 518 -4.63 -1.80 25.19
CA SER A 518 -5.77 -2.66 25.49
C SER A 518 -5.36 -3.99 26.12
N MET A 519 -4.10 -4.39 26.02
CA MET A 519 -3.66 -5.67 26.58
C MET A 519 -3.18 -5.57 28.03
N LEU A 520 -3.22 -4.39 28.63
CA LEU A 520 -2.64 -4.15 29.96
C LEU A 520 -3.30 -4.92 31.11
N PRO A 521 -4.64 -4.99 31.21
CA PRO A 521 -5.22 -5.79 32.32
C PRO A 521 -4.84 -7.25 32.30
N PHE A 522 -4.71 -7.84 31.10
CA PHE A 522 -4.23 -9.21 30.96
C PHE A 522 -2.83 -9.36 31.54
N HIS A 523 -1.96 -8.39 31.24
CA HIS A 523 -0.59 -8.37 31.76
C HIS A 523 -0.60 -8.29 33.29
N MET A 524 -1.44 -7.41 33.84
CA MET A 524 -1.50 -7.23 35.29
C MET A 524 -2.00 -8.49 35.99
N VAL A 525 -3.01 -9.15 35.41
CA VAL A 525 -3.52 -10.39 36.00
C VAL A 525 -2.45 -11.48 35.98
N ARG A 526 -1.72 -11.59 34.86
CA ARG A 526 -0.62 -12.55 34.77
C ARG A 526 0.40 -12.34 35.89
N PHE A 527 0.84 -11.10 36.07
CA PHE A 527 1.90 -10.89 37.04
C PHE A 527 1.39 -10.97 38.48
N ALA A 528 0.11 -10.68 38.71
CA ALA A 528 -0.47 -10.93 40.03
C ALA A 528 -0.47 -12.41 40.36
N ARG A 529 -0.85 -13.25 39.39
CA ARG A 529 -0.81 -14.70 39.60
C ARG A 529 0.62 -15.16 39.89
N ILE A 530 1.60 -14.65 39.15
CA ILE A 530 2.98 -15.05 39.37
C ILE A 530 3.45 -14.64 40.76
N ASN A 531 3.11 -13.41 41.18
CA ASN A 531 3.50 -12.95 42.51
C ASN A 531 2.89 -13.81 43.61
N GLN A 532 1.62 -14.19 43.47
CA GLN A 532 0.99 -15.04 44.47
C GLN A 532 1.65 -16.41 44.52
N ILE A 533 1.97 -16.98 43.35
CA ILE A 533 2.63 -18.29 43.32
C ILE A 533 3.98 -18.22 44.02
N ILE A 534 4.75 -17.16 43.75
CA ILE A 534 6.07 -17.03 44.36
C ILE A 534 5.95 -16.86 45.87
N ASN A 535 5.07 -15.97 46.32
CA ASN A 535 5.06 -15.58 47.72
C ASN A 535 4.29 -16.54 48.61
N GLU A 536 3.44 -17.41 48.07
CA GLU A 536 2.64 -18.28 48.91
C GLU A 536 2.90 -19.77 48.71
N ASP A 537 3.27 -20.20 47.51
CA ASP A 537 3.46 -21.63 47.27
C ASP A 537 4.90 -22.08 47.45
N LEU A 538 5.86 -21.28 47.02
CA LEU A 538 7.26 -21.70 46.98
C LEU A 538 8.01 -21.40 48.28
N HIS A 539 7.34 -20.85 49.29
CA HIS A 539 8.00 -20.54 50.56
C HIS A 539 8.30 -21.84 51.31
N SER A 540 9.59 -22.15 51.49
CA SER A 540 10.02 -23.43 52.05
C SER A 540 11.42 -23.27 52.61
N VAL A 541 11.91 -24.33 53.28
CA VAL A 541 13.31 -24.35 53.69
C VAL A 541 14.24 -24.44 52.50
N PHE A 542 13.73 -24.92 51.36
CA PHE A 542 14.57 -25.08 50.18
C PHE A 542 14.72 -23.80 49.38
N SER A 543 14.03 -22.73 49.76
CA SER A 543 14.21 -21.45 49.09
C SER A 543 15.55 -20.83 49.47
N LEU A 544 16.12 -20.09 48.52
CA LEU A 544 17.45 -19.53 48.71
C LEU A 544 17.43 -18.48 49.81
N PRO A 545 18.48 -18.42 50.64
CA PRO A 545 18.55 -17.37 51.67
C PRO A 545 18.72 -15.99 51.06
N ASP A 546 18.30 -14.98 51.82
CA ASP A 546 18.38 -13.60 51.36
C ASP A 546 19.84 -13.18 51.15
N ASP A 547 20.74 -13.68 51.99
CA ASP A 547 22.16 -13.36 51.86
C ASP A 547 22.71 -13.84 50.53
N MET A 548 22.34 -15.05 50.11
CA MET A 548 22.75 -15.56 48.81
C MET A 548 21.97 -14.92 47.67
N PHE A 549 20.70 -14.59 47.91
CA PHE A 549 19.88 -13.98 46.87
C PHE A 549 20.40 -12.61 46.47
N ASN A 550 20.86 -11.82 47.45
CA ASN A 550 21.32 -10.46 47.17
C ASN A 550 22.63 -10.42 46.39
N ALA A 551 23.33 -11.54 46.24
CA ALA A 551 24.61 -11.56 45.55
C ALA A 551 24.57 -12.26 44.19
N LEU A 552 23.38 -12.69 43.73
CA LEU A 552 23.31 -13.37 42.44
C LEU A 552 23.66 -12.44 41.29
N LEU A 553 23.15 -11.22 41.31
CA LEU A 553 23.35 -10.27 40.22
C LEU A 553 24.75 -9.63 40.24
N PRO A 554 25.29 -9.19 41.39
CA PRO A 554 26.69 -8.72 41.37
C PRO A 554 27.69 -9.78 40.91
N ASP A 555 27.47 -11.04 41.27
CA ASP A 555 28.39 -12.09 40.83
C ASP A 555 28.26 -12.33 39.32
N LEU A 556 27.04 -12.25 38.79
CA LEU A 556 26.86 -12.37 37.35
C LEU A 556 27.52 -11.22 36.61
N ILE A 557 27.40 -10.00 37.14
CA ILE A 557 27.99 -8.83 36.50
C ILE A 557 29.51 -8.91 36.52
N ALA A 558 30.08 -9.23 37.69
CA ALA A 558 31.52 -9.25 37.85
C ALA A 558 32.17 -10.53 37.37
N GLY A 559 31.38 -11.56 37.02
CA GLY A 559 31.95 -12.80 36.56
C GLY A 559 32.58 -13.67 37.62
N ALA A 560 32.18 -13.51 38.88
CA ALA A 560 32.69 -14.34 39.96
C ALA A 560 32.01 -15.71 39.94
N HIS A 561 32.73 -16.71 40.46
CA HIS A 561 32.24 -18.09 40.47
C HIS A 561 32.44 -18.77 41.82
N GLN A 562 32.55 -18.00 42.90
CA GLN A 562 32.70 -18.62 44.22
C GLN A 562 31.44 -19.37 44.64
N ASN A 563 30.28 -18.78 44.38
CA ASN A 563 28.99 -19.46 44.72
C ASN A 563 28.53 -20.24 43.49
N ALA A 564 27.50 -21.09 43.66
CA ALA A 564 26.95 -21.84 42.50
C ALA A 564 26.43 -20.85 41.45
N ASP A 565 26.35 -21.29 40.20
CA ASP A 565 25.95 -20.40 39.09
C ASP A 565 24.47 -20.63 38.76
N PRO A 566 23.77 -19.63 38.19
CA PRO A 566 22.37 -19.82 37.82
C PRO A 566 22.23 -20.85 36.68
N VAL A 567 21.15 -21.62 36.69
CA VAL A 567 20.86 -22.57 35.58
C VAL A 567 20.40 -21.75 34.37
N VAL A 568 20.81 -22.15 33.15
CA VAL A 568 20.52 -21.42 31.93
C VAL A 568 19.70 -22.33 31.01
N LEU A 569 18.55 -21.80 30.54
CA LEU A 569 17.72 -22.48 29.56
C LEU A 569 17.60 -21.62 28.32
N ASP A 570 17.47 -22.28 27.16
CA ASP A 570 17.42 -21.59 25.88
C ASP A 570 16.07 -21.80 25.20
N VAL A 571 15.56 -20.73 24.59
CA VAL A 571 14.25 -20.73 23.94
C VAL A 571 14.39 -20.08 22.56
N SER A 572 13.33 -20.22 21.77
CA SER A 572 13.29 -19.67 20.43
C SER A 572 12.71 -18.26 20.45
N TRP A 573 12.74 -17.59 19.29
CA TRP A 573 12.29 -16.20 19.20
C TRP A 573 10.77 -16.08 19.25
N ILE A 574 10.05 -16.95 18.54
CA ILE A 574 8.59 -16.85 18.48
C ILE A 574 7.94 -17.26 19.80
N SER A 575 8.65 -18.00 20.65
CA SER A 575 8.11 -18.38 21.95
C SER A 575 7.86 -17.17 22.82
N LEU A 576 8.60 -16.08 22.62
CA LEU A 576 8.34 -14.84 23.37
C LEU A 576 6.98 -14.25 23.01
N TRP A 577 6.68 -14.20 21.70
CA TRP A 577 5.37 -13.73 21.27
C TRP A 577 4.26 -14.62 21.79
N PHE A 578 4.48 -15.94 21.77
CA PHE A 578 3.45 -16.83 22.29
C PHE A 578 3.31 -16.73 23.80
N ALA A 579 4.38 -16.41 24.51
CA ALA A 579 4.32 -16.30 25.97
C ALA A 579 3.63 -15.00 26.39
N PHE A 580 3.80 -13.93 25.61
CA PHE A 580 3.09 -12.70 25.93
C PHE A 580 1.58 -12.86 25.80
N ASN A 581 1.13 -13.73 24.89
CA ASN A 581 -0.28 -13.92 24.64
C ASN A 581 -0.88 -15.10 25.38
N ARG A 582 -0.13 -15.68 26.32
CA ARG A 582 -0.65 -16.73 27.19
C ARG A 582 -0.41 -16.34 28.64
N SER A 583 -1.33 -16.76 29.50
CA SER A 583 -1.25 -16.49 30.93
C SER A 583 -1.45 -17.79 31.70
N PHE A 584 -0.56 -18.06 32.64
CA PHE A 584 -0.64 -19.29 33.42
C PHE A 584 -1.70 -19.15 34.51
N GLU A 585 -2.62 -20.11 34.55
CA GLU A 585 -3.71 -20.12 35.52
C GLU A 585 -3.66 -21.43 36.28
N PRO A 586 -3.19 -21.44 37.53
CA PRO A 586 -3.09 -22.70 38.28
C PRO A 586 -4.46 -23.26 38.62
N THR A 587 -4.64 -24.56 38.35
CA THR A 587 -5.89 -25.24 38.64
C THR A 587 -5.75 -26.32 39.71
N HIS A 588 -4.54 -26.67 40.12
CA HIS A 588 -4.33 -27.77 41.04
C HIS A 588 -3.04 -27.52 41.82
N ARG A 589 -3.16 -27.28 43.12
CA ARG A 589 -1.98 -27.09 43.95
C ARG A 589 -1.28 -28.43 44.19
N ASN A 590 0.01 -28.35 44.50
CA ASN A 590 0.82 -29.56 44.68
C ASN A 590 0.31 -30.39 45.85
N GLU A 591 0.25 -31.71 45.65
CA GLU A 591 -0.30 -32.60 46.65
C GLU A 591 0.63 -32.85 47.83
N MET A 592 1.89 -32.41 47.75
CA MET A 592 2.83 -32.51 48.86
C MET A 592 2.92 -31.23 49.68
N LEU A 593 2.04 -30.26 49.44
CA LEU A 593 2.19 -28.94 50.04
C LEU A 593 2.01 -28.98 51.56
N GLU A 594 1.06 -29.76 52.05
CA GLU A 594 0.77 -29.80 53.47
C GLU A 594 1.59 -30.85 54.23
N VAL A 595 2.36 -31.68 53.54
CA VAL A 595 3.20 -32.68 54.18
C VAL A 595 4.68 -32.31 54.13
N ALA A 596 5.03 -31.21 53.49
CA ALA A 596 6.42 -30.82 53.35
C ALA A 596 7.15 -30.54 54.68
N PRO A 597 6.58 -29.81 55.65
CA PRO A 597 7.36 -29.54 56.89
C PRO A 597 7.82 -30.78 57.62
N LEU A 598 7.00 -31.82 57.70
CA LEU A 598 7.41 -33.05 58.36
C LEU A 598 8.55 -33.73 57.61
N ILE A 599 8.49 -33.72 56.28
CA ILE A 599 9.56 -34.26 55.46
C ILE A 599 10.87 -33.52 55.72
N GLU A 600 10.80 -32.19 55.77
CA GLU A 600 11.99 -31.39 56.03
C GLU A 600 12.55 -31.67 57.42
N SER A 601 11.68 -31.85 58.41
CA SER A 601 12.13 -32.17 59.77
C SER A 601 12.85 -33.51 59.81
N VAL A 602 12.30 -34.52 59.12
CA VAL A 602 12.94 -35.84 59.09
C VAL A 602 14.31 -35.74 58.42
N TYR A 603 14.39 -35.01 57.30
CA TYR A 603 15.64 -34.86 56.58
C TYR A 603 16.71 -34.21 57.45
N ALA A 604 16.34 -33.13 58.14
CA ALA A 604 17.29 -32.42 59.00
C ALA A 604 17.74 -33.28 60.17
N SER A 605 16.82 -34.05 60.76
CA SER A 605 17.18 -34.91 61.88
C SER A 605 18.18 -35.98 61.46
N GLU A 606 17.96 -36.59 60.30
CA GLU A 606 18.91 -37.60 59.82
C GLU A 606 20.28 -36.99 59.54
N LEU A 607 20.30 -35.77 58.97
CA LEU A 607 21.57 -35.10 58.74
C LEU A 607 22.31 -34.84 60.04
N SER A 608 21.59 -34.40 61.08
CA SER A 608 22.22 -34.16 62.38
C SER A 608 22.78 -35.44 62.98
N VAL A 609 22.05 -36.55 62.84
CA VAL A 609 22.54 -37.83 63.36
C VAL A 609 23.84 -38.23 62.66
N MET A 610 23.89 -38.08 61.33
CA MET A 610 25.12 -38.39 60.60
C MET A 610 26.28 -37.50 61.05
N LYS A 611 26.00 -36.22 61.29
CA LYS A 611 27.05 -35.32 61.77
C LYS A 611 27.60 -35.75 63.12
N VAL A 612 26.71 -36.17 64.03
CA VAL A 612 27.16 -36.59 65.36
C VAL A 612 28.04 -37.84 65.26
N ASP A 613 27.62 -38.80 64.41
CA ASP A 613 28.44 -40.00 64.20
C ASP A 613 29.82 -39.66 63.66
N MET A 614 29.88 -38.76 62.66
CA MET A 614 31.18 -38.31 62.15
C MET A 614 32.03 -37.69 63.25
N ARG A 615 31.42 -36.82 64.06
CA ARG A 615 32.18 -36.12 65.10
C ARG A 615 32.81 -37.10 66.07
N HIS A 616 32.06 -38.13 66.48
CA HIS A 616 32.64 -39.04 67.45
C HIS A 616 33.61 -40.05 66.82
N LEU A 617 33.42 -40.41 65.55
CA LEU A 617 34.33 -41.35 64.94
C LEU A 617 35.62 -40.69 64.43
N SER A 618 35.66 -39.37 64.32
CA SER A 618 36.86 -38.72 63.81
C SER A 618 38.04 -38.75 64.78
N LEU A 619 37.84 -39.18 66.03
CA LEU A 619 38.88 -39.12 67.05
C LEU A 619 39.51 -40.48 67.36
N MET A 620 39.17 -41.52 66.61
CA MET A 620 39.56 -42.87 67.02
C MET A 620 41.02 -43.19 66.72
N GLN A 621 41.60 -42.60 65.66
CA GLN A 621 42.96 -42.94 65.28
C GLN A 621 43.97 -42.46 66.32
N ARG A 622 43.73 -41.29 66.90
CA ARG A 622 44.63 -40.78 67.93
C ARG A 622 44.51 -41.60 69.22
N ARG A 623 43.34 -42.17 69.50
CA ARG A 623 43.15 -42.95 70.72
C ARG A 623 43.75 -44.34 70.62
N PHE A 624 43.70 -44.97 69.44
CA PHE A 624 44.15 -46.35 69.25
C PHE A 624 45.08 -46.43 68.05
N PRO A 625 46.33 -45.97 68.19
CA PRO A 625 47.26 -46.04 67.06
C PRO A 625 47.60 -47.46 66.62
N ASP A 626 47.63 -48.42 67.56
CA ASP A 626 48.02 -49.77 67.22
C ASP A 626 46.94 -50.54 66.47
N VAL A 627 45.72 -50.01 66.40
CA VAL A 627 44.66 -50.68 65.67
C VAL A 627 44.46 -50.08 64.28
N LEU A 628 44.66 -48.78 64.13
CA LEU A 628 44.28 -48.07 62.91
C LEU A 628 45.47 -47.43 62.22
N ILE A 629 46.54 -48.18 62.02
CA ILE A 629 47.71 -47.65 61.32
C ILE A 629 47.35 -47.29 59.88
N GLN A 630 46.59 -48.16 59.21
CA GLN A 630 46.29 -47.98 57.79
C GLN A 630 45.06 -47.11 57.54
N ALA A 631 44.43 -46.58 58.59
CA ALA A 631 43.15 -45.90 58.43
C ALA A 631 43.32 -44.54 57.76
N ARG A 632 42.28 -44.15 57.01
CA ARG A 632 42.12 -42.85 56.38
C ARG A 632 40.71 -42.36 56.69
N PRO A 633 40.48 -41.03 56.62
CA PRO A 633 39.14 -40.51 56.91
C PRO A 633 38.03 -41.07 56.03
N SER A 634 38.35 -41.40 54.78
CA SER A 634 37.36 -41.98 53.89
C SER A 634 36.82 -43.31 54.41
N HIS A 635 37.60 -44.02 55.23
CA HIS A 635 37.14 -45.29 55.79
C HIS A 635 35.92 -45.08 56.68
N PHE A 636 36.01 -44.17 57.66
CA PHE A 636 34.85 -43.96 58.51
C PHE A 636 33.77 -43.13 57.83
N TRP A 637 34.12 -42.32 56.82
CA TRP A 637 33.10 -41.71 55.98
C TRP A 637 32.24 -42.77 55.31
N LYS A 638 32.88 -43.77 54.69
CA LYS A 638 32.15 -44.87 54.06
C LYS A 638 31.39 -45.70 55.10
N ALA A 639 31.99 -45.90 56.27
CA ALA A 639 31.33 -46.69 57.31
C ALA A 639 30.04 -46.02 57.78
N VAL A 640 30.05 -44.69 57.93
CA VAL A 640 28.83 -43.99 58.32
C VAL A 640 27.83 -43.99 57.17
N LEU A 641 28.31 -43.83 55.93
CA LEU A 641 27.40 -43.85 54.79
C LEU A 641 26.70 -45.20 54.65
N ASN A 642 27.38 -46.28 55.02
CA ASN A 642 26.78 -47.61 54.90
C ASN A 642 25.64 -47.82 55.88
N ASP A 643 25.60 -47.06 56.98
CA ASP A 643 24.60 -47.23 58.02
C ASP A 643 23.59 -46.09 58.05
N SER A 644 23.40 -45.39 56.93
CA SER A 644 22.46 -44.29 56.82
C SER A 644 21.31 -44.66 55.90
N PRO A 645 20.14 -44.04 56.06
CA PRO A 645 19.03 -44.31 55.14
C PRO A 645 19.34 -43.84 53.73
N GLU A 646 18.79 -44.57 52.76
CA GLU A 646 19.11 -44.30 51.36
C GLU A 646 18.46 -43.03 50.84
N ALA A 647 17.37 -42.58 51.47
CA ALA A 647 16.66 -41.41 50.97
C ALA A 647 17.47 -40.13 51.16
N VAL A 648 18.10 -39.97 52.31
CA VAL A 648 18.95 -38.81 52.56
C VAL A 648 20.15 -38.82 51.63
N LYS A 649 20.73 -39.99 51.40
CA LYS A 649 21.85 -40.11 50.48
C LYS A 649 21.43 -39.75 49.06
N ALA A 650 20.21 -40.12 48.67
CA ALA A 650 19.70 -39.75 47.35
C ALA A 650 19.51 -38.24 47.25
N VAL A 651 19.00 -37.61 48.30
CA VAL A 651 18.83 -36.15 48.28
C VAL A 651 20.18 -35.47 48.11
N MET A 652 21.20 -35.95 48.83
CA MET A 652 22.53 -35.36 48.65
C MET A 652 23.12 -35.66 47.28
N ASN A 653 22.87 -36.86 46.75
CA ASN A 653 23.39 -37.24 45.44
C ASN A 653 22.69 -36.53 44.29
N LEU A 654 21.54 -35.88 44.56
CA LEU A 654 20.97 -34.98 43.56
C LEU A 654 21.95 -33.88 43.18
N SER A 655 22.84 -33.49 44.09
CA SER A 655 23.87 -32.50 43.83
C SER A 655 25.27 -33.08 43.69
N HIS A 656 25.60 -34.10 44.48
CA HIS A 656 26.97 -34.58 44.55
C HIS A 656 27.39 -35.43 43.36
N SER A 657 26.44 -35.85 42.51
CA SER A 657 26.80 -36.53 41.26
C SER A 657 27.17 -35.56 40.17
N HIS A 658 27.02 -34.26 40.41
CA HIS A 658 27.29 -33.23 39.42
C HIS A 658 28.38 -32.26 39.84
N ASN A 659 28.61 -32.09 41.15
CA ASN A 659 29.67 -31.24 41.69
C ASN A 659 30.59 -32.09 42.56
N PHE A 660 31.90 -31.92 42.36
CA PHE A 660 32.89 -32.74 43.07
C PHE A 660 33.16 -32.18 44.46
N ILE A 661 33.16 -33.07 45.46
CA ILE A 661 33.54 -32.73 46.82
C ILE A 661 34.56 -33.75 47.30
N ASN A 662 35.37 -33.35 48.28
CA ASN A 662 36.34 -34.26 48.87
C ASN A 662 36.25 -34.24 50.39
N ILE A 663 37.22 -34.85 51.08
CA ILE A 663 37.12 -35.00 52.52
C ILE A 663 37.29 -33.67 53.27
N ARG A 664 37.93 -32.67 52.64
CA ARG A 664 37.97 -31.35 53.26
C ARG A 664 36.59 -30.75 53.39
N ASP A 665 35.77 -30.86 52.34
CA ASP A 665 34.39 -30.40 52.40
C ASP A 665 33.60 -31.14 53.49
N MET A 666 33.82 -32.45 53.58
CA MET A 666 33.10 -33.25 54.58
C MET A 666 33.49 -32.84 55.99
N MET A 667 34.79 -32.65 56.24
CA MET A 667 35.22 -32.23 57.57
C MET A 667 34.71 -30.83 57.92
N ARG A 668 34.69 -29.93 56.94
CA ARG A 668 34.12 -28.61 57.20
C ARG A 668 32.64 -28.71 57.52
N TRP A 669 31.92 -29.58 56.82
CA TRP A 669 30.49 -29.75 57.09
C TRP A 669 30.24 -30.32 58.48
N VAL A 670 31.08 -31.27 58.89
CA VAL A 670 30.85 -31.96 60.16
C VAL A 670 31.05 -31.00 61.34
N MET A 671 32.06 -30.15 61.26
CA MET A 671 32.42 -29.29 62.39
C MET A 671 31.54 -28.06 62.52
N LEU A 672 30.63 -27.82 61.59
CA LEU A 672 29.71 -26.70 61.71
C LEU A 672 28.74 -26.93 62.86
N PRO A 673 28.33 -25.86 63.56
CA PRO A 673 27.64 -26.05 64.85
C PRO A 673 26.15 -26.35 64.77
N SER A 674 25.50 -26.15 63.63
CA SER A 674 24.04 -26.23 63.58
C SER A 674 23.55 -27.67 63.65
N LEU A 675 22.58 -27.91 64.54
CA LEU A 675 21.94 -29.21 64.68
C LEU A 675 20.44 -29.04 64.77
N GLN A 676 19.71 -30.09 64.42
CA GLN A 676 18.25 -30.10 64.49
C GLN A 676 17.81 -31.06 65.59
N PRO A 677 17.33 -30.56 66.73
CA PRO A 677 17.02 -31.45 67.85
C PRO A 677 15.86 -32.38 67.56
N SER A 678 15.98 -33.62 68.04
CA SER A 678 14.92 -34.61 67.95
C SER A 678 15.18 -35.69 68.99
N LEU A 679 14.22 -36.60 69.13
CA LEU A 679 14.34 -37.66 70.13
C LEU A 679 15.53 -38.57 69.83
N LYS A 680 15.60 -39.06 68.59
CA LYS A 680 16.67 -39.98 68.21
C LYS A 680 18.02 -39.31 68.26
N LEU A 681 18.10 -38.03 67.91
CA LEU A 681 19.36 -37.31 67.98
C LEU A 681 19.88 -37.22 69.40
N ALA A 682 19.02 -36.80 70.33
CA ALA A 682 19.43 -36.67 71.73
C ALA A 682 19.84 -38.01 72.31
N LEU A 683 19.07 -39.07 71.99
CA LEU A 683 19.45 -40.40 72.44
C LEU A 683 20.77 -40.86 71.84
N GLU A 684 21.06 -40.50 70.58
CA GLU A 684 22.32 -40.88 69.96
C GLU A 684 23.50 -40.17 70.62
N GLU A 685 23.35 -38.87 70.95
CA GLU A 685 24.41 -38.19 71.68
C GLU A 685 24.64 -38.81 73.05
N GLU A 686 23.55 -39.16 73.75
CA GLU A 686 23.72 -39.81 75.05
C GLU A 686 24.38 -41.18 74.90
N ALA A 687 24.06 -41.92 73.84
CA ALA A 687 24.68 -43.22 73.62
C ALA A 687 26.17 -43.08 73.33
N TRP A 688 26.57 -42.05 72.57
CA TRP A 688 27.99 -41.81 72.34
C TRP A 688 28.68 -41.39 73.63
N ALA A 689 27.99 -40.62 74.48
CA ALA A 689 28.58 -40.20 75.75
C ALA A 689 28.79 -41.40 76.68
N ALA A 690 27.83 -42.33 76.68
CA ALA A 690 27.93 -43.48 77.58
C ALA A 690 29.03 -44.45 77.15
N ALA A 691 29.42 -44.41 75.88
CA ALA A 691 30.46 -45.28 75.35
C ALA A 691 31.83 -44.61 75.32
N ASN A 692 32.10 -43.70 76.26
CA ASN A 692 33.39 -43.00 76.29
C ASN A 692 34.53 -43.92 76.70
N ASP A 693 34.24 -44.99 77.43
CA ASP A 693 35.24 -45.97 77.86
C ASP A 693 34.94 -47.29 77.16
N PHE A 694 35.97 -47.89 76.55
CA PHE A 694 35.73 -49.11 75.80
C PHE A 694 35.73 -50.36 76.67
N GLU A 695 35.92 -50.25 77.98
CA GLU A 695 35.57 -51.38 78.83
C GLU A 695 34.06 -51.61 78.88
N ASP A 696 33.26 -50.57 78.62
CA ASP A 696 31.83 -50.74 78.45
C ASP A 696 31.48 -51.45 77.15
N LEU A 697 32.39 -51.50 76.18
CA LEU A 697 32.18 -52.23 74.94
C LEU A 697 32.86 -53.60 74.96
N MET A 698 33.47 -53.98 76.09
CA MET A 698 34.14 -55.27 76.26
C MET A 698 35.31 -55.44 75.29
N LEU A 699 36.12 -54.39 75.14
CA LEU A 699 37.33 -54.44 74.34
C LEU A 699 38.49 -53.91 75.18
N THR A 700 39.60 -54.63 75.16
CA THR A 700 40.78 -54.23 75.94
C THR A 700 42.02 -54.87 75.36
N ASP A 701 43.17 -54.35 75.78
CA ASP A 701 44.47 -54.90 75.41
C ASP A 701 45.29 -55.31 76.62
N GLN A 702 44.68 -55.43 77.79
CA GLN A 702 45.38 -55.83 79.01
C GLN A 702 45.31 -57.35 79.17
N VAL A 703 45.97 -58.04 78.24
CA VAL A 703 46.00 -59.49 78.20
C VAL A 703 47.44 -59.94 78.41
N TYR A 704 47.64 -60.90 79.32
CA TYR A 704 48.98 -61.31 79.73
C TYR A 704 49.10 -62.82 79.68
N MET A 705 50.35 -63.30 79.58
CA MET A 705 50.68 -64.70 79.67
C MET A 705 51.53 -64.94 80.91
N HIS A 706 51.16 -65.93 81.71
CA HIS A 706 51.81 -66.16 82.99
C HIS A 706 51.51 -67.59 83.41
N ARG A 707 52.48 -68.23 84.07
CA ARG A 707 52.33 -69.62 84.51
C ARG A 707 51.71 -69.65 85.90
N ASP A 708 50.47 -70.12 85.99
CA ASP A 708 49.75 -70.26 87.25
C ASP A 708 49.13 -71.65 87.32
N MET A 709 48.63 -71.99 88.51
CA MET A 709 48.07 -73.31 88.76
C MET A 709 46.70 -73.18 89.42
N LEU A 710 45.82 -74.12 89.10
CA LEU A 710 44.49 -74.13 89.70
C LEU A 710 44.59 -74.45 91.18
N PRO A 711 43.78 -73.81 92.02
CA PRO A 711 43.85 -74.07 93.46
C PRO A 711 43.38 -75.47 93.82
N GLU A 712 43.92 -75.98 94.91
CA GLU A 712 43.58 -77.31 95.42
C GLU A 712 43.27 -77.18 96.91
N PRO A 713 42.05 -76.75 97.26
CA PRO A 713 41.72 -76.57 98.67
C PRO A 713 41.57 -77.89 99.41
N ARG A 714 41.67 -77.81 100.72
CA ARG A 714 41.52 -78.97 101.58
C ARG A 714 40.05 -79.16 101.96
N LEU A 715 39.69 -80.42 102.24
CA LEU A 715 38.31 -80.75 102.54
C LEU A 715 38.18 -81.42 103.91
N ASP A 716 38.83 -80.84 104.92
CA ASP A 716 38.75 -81.39 106.27
C ASP A 716 37.36 -81.21 106.89
N ASP A 717 36.54 -80.33 106.32
CA ASP A 717 35.19 -80.09 106.84
C ASP A 717 34.31 -79.77 105.64
N ILE A 718 33.49 -80.73 105.22
CA ILE A 718 32.75 -80.59 103.97
C ILE A 718 31.66 -79.53 104.09
N GLU A 719 30.94 -79.53 105.21
CA GLU A 719 29.82 -78.60 105.37
C GLU A 719 30.30 -77.16 105.42
N ARG A 720 31.36 -76.90 106.21
CA ARG A 720 31.86 -75.54 106.34
C ARG A 720 32.50 -75.06 105.05
N PHE A 721 33.14 -75.98 104.30
CA PHE A 721 33.66 -75.60 102.99
C PHE A 721 32.52 -75.28 102.02
N ARG A 722 31.41 -76.03 102.12
CA ARG A 722 30.27 -75.76 101.25
C ARG A 722 29.63 -74.42 101.59
N GLN A 723 29.64 -74.03 102.86
CA GLN A 723 28.99 -72.78 103.26
C GLN A 723 29.67 -71.56 102.64
N GLU A 724 30.96 -71.66 102.33
CA GLU A 724 31.63 -70.58 101.62
C GLU A 724 31.57 -70.86 100.12
N GLY A 725 31.34 -69.81 99.33
CA GLY A 725 31.20 -69.95 97.90
C GLY A 725 32.52 -69.95 97.16
N PHE A 726 33.26 -71.05 97.23
CA PHE A 726 34.56 -71.13 96.58
C PHE A 726 34.41 -71.08 95.06
N TYR A 727 35.25 -70.27 94.42
CA TYR A 727 35.30 -70.22 92.97
C TYR A 727 36.66 -69.69 92.56
N TYR A 728 37.03 -69.95 91.31
CA TYR A 728 38.28 -69.49 90.74
C TYR A 728 38.00 -68.71 89.45
N THR A 729 38.79 -67.66 89.23
CA THR A 729 38.70 -66.89 88.00
C THR A 729 40.08 -66.43 87.60
N ASN A 730 40.23 -66.10 86.31
CA ASN A 730 41.45 -65.51 85.79
C ASN A 730 41.35 -64.01 85.62
N MET A 731 40.30 -63.39 86.16
CA MET A 731 40.23 -61.94 86.26
C MET A 731 41.31 -61.43 87.20
N LEU A 732 41.90 -60.29 86.84
CA LEU A 732 42.96 -59.66 87.63
C LEU A 732 42.39 -58.49 88.41
N GLU A 733 42.80 -58.38 89.68
CA GLU A 733 42.42 -57.21 90.47
C GLU A 733 43.07 -55.95 89.94
N ALA A 734 44.38 -56.01 89.70
CA ALA A 734 45.14 -54.92 89.13
C ALA A 734 46.16 -55.51 88.16
N PRO A 735 46.57 -54.75 87.15
CA PRO A 735 47.62 -55.23 86.25
C PRO A 735 48.94 -55.37 87.00
N PRO A 736 49.81 -56.28 86.57
CA PRO A 736 51.03 -56.55 87.34
C PRO A 736 52.01 -55.39 87.29
N GLU A 737 53.02 -55.48 88.14
CA GLU A 737 54.05 -54.45 88.21
C GLU A 737 54.83 -54.37 86.91
N ILE A 738 55.21 -53.16 86.52
CA ILE A 738 55.81 -52.93 85.21
C ILE A 738 57.19 -53.56 85.12
N ASP A 739 57.89 -53.70 86.25
CA ASP A 739 59.23 -54.29 86.24
C ASP A 739 59.19 -55.79 86.01
N ARG A 740 58.06 -56.44 86.24
CA ARG A 740 57.93 -57.88 86.07
C ARG A 740 57.38 -58.27 84.71
N VAL A 741 57.15 -57.30 83.83
CA VAL A 741 56.50 -57.51 82.54
C VAL A 741 57.54 -57.39 81.43
N VAL A 742 57.48 -58.29 80.46
CA VAL A 742 58.31 -58.24 79.26
C VAL A 742 57.39 -58.00 78.08
N GLN A 743 57.65 -56.93 77.33
CA GLN A 743 56.80 -56.53 76.21
C GLN A 743 57.34 -57.11 74.91
N TYR A 744 56.46 -57.75 74.14
CA TYR A 744 56.83 -58.34 72.87
C TYR A 744 56.14 -57.63 71.72
N THR A 745 56.89 -57.50 70.61
CA THR A 745 56.37 -57.01 69.35
C THR A 745 56.65 -58.06 68.28
N TYR A 746 56.15 -57.81 67.07
CA TYR A 746 56.40 -58.75 65.98
C TYR A 746 57.87 -58.75 65.58
N GLU A 747 58.53 -57.60 65.63
CA GLU A 747 59.92 -57.49 65.20
C GLU A 747 60.85 -58.31 66.08
N ILE A 748 60.67 -58.25 67.39
CA ILE A 748 61.54 -58.98 68.31
C ILE A 748 61.33 -60.49 68.15
N ALA A 749 60.07 -60.91 68.00
CA ALA A 749 59.78 -62.32 67.77
C ALA A 749 60.41 -62.80 66.47
N ARG A 750 60.34 -61.99 65.41
CA ARG A 750 60.95 -62.37 64.14
C ARG A 750 62.47 -62.44 64.25
N LEU A 751 63.09 -61.52 64.99
CA LEU A 751 64.54 -61.60 65.19
C LEU A 751 64.94 -62.86 65.94
N GLN A 752 64.20 -63.18 67.01
CA GLN A 752 64.51 -64.37 67.78
C GLN A 752 64.24 -65.66 67.00
N ALA A 753 63.26 -65.63 66.09
CA ALA A 753 63.06 -66.77 65.20
C ALA A 753 64.13 -66.87 64.15
N ASN A 754 64.68 -65.74 63.71
CA ASN A 754 65.83 -65.75 62.81
C ASN A 754 67.02 -66.40 63.49
N MET A 755 67.28 -66.06 64.75
CA MET A 755 68.36 -66.71 65.49
C MET A 755 67.93 -68.05 66.09
N GLY A 756 66.66 -68.43 65.96
CA GLY A 756 66.19 -69.69 66.51
C GLY A 756 66.20 -69.76 68.02
N GLN A 757 65.71 -68.71 68.68
CA GLN A 757 65.67 -68.69 70.14
C GLN A 757 64.36 -68.16 70.71
N PHE A 758 63.28 -68.19 69.91
CA PHE A 758 62.00 -67.69 70.40
C PHE A 758 61.44 -68.59 71.51
N ARG A 759 61.40 -69.90 71.26
CA ARG A 759 60.83 -70.84 72.22
C ARG A 759 61.65 -70.87 73.50
N ALA A 760 62.99 -70.86 73.38
CA ALA A 760 63.85 -70.88 74.55
C ALA A 760 63.68 -69.62 75.39
N ALA A 761 63.56 -68.46 74.73
CA ALA A 761 63.36 -67.21 75.45
C ALA A 761 62.02 -67.21 76.19
N LEU A 762 60.96 -67.68 75.54
CA LEU A 762 59.67 -67.75 76.20
C LEU A 762 59.68 -68.72 77.38
N ARG A 763 60.33 -69.87 77.21
CA ARG A 763 60.44 -70.82 78.31
C ARG A 763 61.22 -70.24 79.49
N ARG A 764 62.30 -69.52 79.20
CA ARG A 764 63.10 -68.91 80.26
C ARG A 764 62.30 -67.84 81.00
N ILE A 765 61.52 -67.03 80.26
CA ILE A 765 60.71 -66.01 80.91
C ILE A 765 59.64 -66.66 81.79
N MET A 766 59.00 -67.71 81.28
CA MET A 766 57.99 -68.41 82.07
C MET A 766 58.59 -69.04 83.33
N ASP A 767 59.82 -69.55 83.24
CA ASP A 767 60.46 -70.17 84.38
C ASP A 767 60.94 -69.15 85.41
N ASP A 768 61.08 -67.88 85.03
CA ASP A 768 61.49 -66.84 85.97
C ASP A 768 60.32 -66.18 86.67
N ASP A 769 59.10 -66.65 86.43
CA ASP A 769 57.88 -66.07 87.00
C ASP A 769 57.73 -64.60 86.60
N ASP A 770 57.69 -64.36 85.29
CA ASP A 770 57.45 -63.03 84.73
C ASP A 770 56.18 -63.06 83.89
N TRP A 771 55.87 -61.92 83.29
CA TRP A 771 54.66 -61.76 82.49
C TRP A 771 55.03 -61.29 81.10
N VAL A 772 54.28 -61.76 80.11
CA VAL A 772 54.52 -61.41 78.71
C VAL A 772 53.25 -60.80 78.14
N ARG A 773 53.41 -59.68 77.45
CA ARG A 773 52.32 -59.07 76.70
C ARG A 773 52.69 -59.07 75.22
N PHE A 774 51.81 -59.63 74.38
CA PHE A 774 52.06 -59.74 72.95
C PHE A 774 51.33 -58.59 72.24
N GLY A 775 52.09 -57.59 71.82
CA GLY A 775 51.50 -56.52 71.05
C GLY A 775 50.65 -55.57 71.88
N GLY A 776 49.85 -54.76 71.16
CA GLY A 776 49.03 -53.76 71.79
C GLY A 776 47.67 -53.56 71.13
N VAL A 777 47.22 -54.56 70.38
CA VAL A 777 45.96 -54.47 69.68
C VAL A 777 44.80 -54.84 70.60
N LEU A 778 43.66 -54.19 70.40
CA LEU A 778 42.46 -54.53 71.15
C LEU A 778 42.03 -55.96 70.89
N ARG A 779 41.49 -56.61 71.91
CA ARG A 779 41.11 -58.01 71.82
C ARG A 779 39.67 -58.19 72.27
N THR A 780 38.90 -58.96 71.51
CA THR A 780 37.52 -59.25 71.86
C THR A 780 37.48 -60.21 73.04
N VAL A 781 36.60 -59.93 74.00
CA VAL A 781 36.55 -60.66 75.26
C VAL A 781 35.27 -61.47 75.32
N ARG A 782 35.39 -62.73 75.74
CA ARG A 782 34.26 -63.61 75.96
C ARG A 782 34.22 -64.03 77.42
N VAL A 783 33.01 -64.34 77.91
CA VAL A 783 32.79 -64.73 79.30
C VAL A 783 32.14 -66.11 79.32
N LYS A 784 32.72 -67.02 80.10
CA LYS A 784 32.23 -68.38 80.20
C LYS A 784 32.10 -68.79 81.67
N PHE A 785 31.21 -69.76 81.92
CA PHE A 785 30.98 -70.28 83.25
C PHE A 785 31.12 -71.80 83.23
N TYR A 786 31.80 -72.34 84.24
CA TYR A 786 32.05 -73.77 84.32
C TYR A 786 31.77 -74.27 85.73
N ASP A 787 31.33 -75.52 85.82
CA ASP A 787 31.17 -76.20 87.08
C ASP A 787 32.04 -77.45 87.22
N ALA A 788 32.76 -77.82 86.17
CA ALA A 788 33.75 -78.88 86.21
C ALA A 788 35.01 -78.39 85.52
N ARG A 789 36.01 -79.25 85.45
CA ARG A 789 37.30 -78.88 84.88
C ARG A 789 37.12 -78.49 83.41
N PRO A 790 37.62 -77.34 82.99
CA PRO A 790 37.38 -76.86 81.62
C PRO A 790 38.18 -77.67 80.62
N PRO A 791 37.84 -77.59 79.34
CA PRO A 791 38.65 -78.24 78.32
C PRO A 791 40.02 -77.58 78.19
N ASP A 792 40.98 -78.35 77.67
CA ASP A 792 42.36 -77.89 77.61
C ASP A 792 42.56 -76.70 76.68
N ASP A 793 41.60 -76.45 75.78
CA ASP A 793 41.70 -75.27 74.91
C ASP A 793 41.69 -73.99 75.73
N VAL A 794 40.80 -73.92 76.73
CA VAL A 794 40.75 -72.75 77.59
C VAL A 794 41.94 -72.65 78.53
N LEU A 795 42.44 -73.77 79.06
CA LEU A 795 43.51 -73.73 80.06
C LEU A 795 44.89 -73.57 79.42
N GLN A 796 45.28 -74.50 78.56
CA GLN A 796 46.64 -74.54 78.02
C GLN A 796 46.79 -73.80 76.70
N GLY A 797 45.72 -73.18 76.19
CA GLY A 797 45.79 -72.48 74.92
C GLY A 797 46.73 -71.31 74.91
N LEU A 798 47.65 -71.28 73.94
CA LEU A 798 48.62 -70.20 73.86
C LEU A 798 48.08 -69.06 73.00
N PRO A 799 48.44 -67.82 73.33
CA PRO A 799 47.94 -66.66 72.58
C PRO A 799 48.64 -66.40 71.26
N PHE A 800 49.42 -67.35 70.75
CA PHE A 800 50.17 -67.13 69.52
C PHE A 800 50.37 -68.46 68.82
N SER A 801 50.76 -68.39 67.55
CA SER A 801 51.08 -69.56 66.75
C SER A 801 52.44 -69.36 66.10
N TYR A 802 53.20 -70.45 65.99
CA TYR A 802 54.55 -70.41 65.45
C TYR A 802 54.79 -71.66 64.62
N ASP A 803 54.97 -71.48 63.31
CA ASP A 803 55.16 -72.58 62.39
C ASP A 803 56.39 -72.32 61.52
N THR A 804 57.02 -73.41 61.07
CA THR A 804 58.18 -73.33 60.19
C THR A 804 57.99 -74.28 59.02
N ASN A 805 58.54 -73.88 57.87
CA ASN A 805 58.44 -74.65 56.64
C ASN A 805 59.76 -74.57 55.90
N GLU A 806 60.07 -75.62 55.13
CA GLU A 806 61.30 -75.70 54.37
C GLU A 806 60.94 -75.91 52.89
N ARG A 807 61.31 -74.93 52.07
CA ARG A 807 60.92 -74.94 50.65
C ARG A 807 62.11 -74.54 49.79
N GLY A 808 62.53 -75.44 48.92
CA GLY A 808 63.59 -75.15 47.97
C GLY A 808 64.94 -74.89 48.59
N GLY A 809 65.28 -75.60 49.67
CA GLY A 809 66.53 -75.38 50.36
C GLY A 809 66.54 -74.23 51.32
N LEU A 810 65.44 -73.50 51.46
CA LEU A 810 65.34 -72.34 52.32
C LEU A 810 64.26 -72.58 53.38
N ALA A 811 64.45 -72.00 54.55
CA ALA A 811 63.57 -72.19 55.69
C ALA A 811 62.77 -70.92 55.95
N TYR A 812 61.47 -71.08 56.19
CA TYR A 812 60.56 -69.96 56.39
C TYR A 812 59.85 -70.11 57.74
N ALA A 813 59.36 -68.98 58.26
CA ALA A 813 58.68 -68.96 59.55
C ALA A 813 57.46 -68.06 59.47
N THR A 814 56.44 -68.41 60.25
CA THR A 814 55.19 -67.65 60.30
C THR A 814 54.77 -67.49 61.75
N ILE A 815 54.43 -66.25 62.14
CA ILE A 815 54.04 -65.93 63.51
C ILE A 815 52.75 -65.12 63.47
N LYS A 816 51.79 -65.49 64.33
CA LYS A 816 50.53 -64.78 64.44
C LYS A 816 50.19 -64.56 65.91
N TYR A 817 49.40 -63.53 66.17
CA TYR A 817 48.85 -63.27 67.50
C TYR A 817 47.34 -63.45 67.47
N ALA A 818 46.80 -64.05 68.53
CA ALA A 818 45.36 -64.27 68.62
C ALA A 818 44.61 -62.96 68.84
N THR A 819 43.44 -62.87 68.22
CA THR A 819 42.60 -61.67 68.31
C THR A 819 41.45 -61.81 69.30
N GLU A 820 41.35 -62.94 70.00
CA GLU A 820 40.31 -63.14 70.99
C GLU A 820 40.90 -63.63 72.30
N THR A 821 40.16 -63.40 73.38
CA THR A 821 40.52 -63.89 74.69
C THR A 821 39.23 -64.21 75.44
N THR A 822 39.35 -65.02 76.49
CA THR A 822 38.18 -65.45 77.25
C THR A 822 38.44 -65.30 78.75
N ILE A 823 37.37 -65.01 79.48
CA ILE A 823 37.37 -64.96 80.94
C ILE A 823 36.40 -66.03 81.44
N PHE A 824 36.88 -66.88 82.34
CA PHE A 824 36.08 -68.01 82.81
C PHE A 824 35.99 -67.99 84.33
N TYR A 825 34.91 -68.57 84.84
CA TYR A 825 34.68 -68.69 86.27
C TYR A 825 34.43 -70.15 86.59
N LEU A 826 35.22 -70.69 87.51
CA LEU A 826 35.21 -72.11 87.84
C LEU A 826 34.53 -72.32 89.19
N ILE A 827 33.44 -73.06 89.20
CA ILE A 827 32.67 -73.34 90.42
C ILE A 827 33.06 -74.71 90.94
N TYR A 828 33.40 -74.78 92.22
CA TYR A 828 33.83 -76.03 92.84
C TYR A 828 32.63 -76.70 93.50
N ASN A 829 32.32 -77.93 93.08
CA ASN A 829 31.24 -78.71 93.63
C ASN A 829 31.82 -79.96 94.30
N VAL A 830 31.37 -80.23 95.52
CA VAL A 830 31.87 -81.37 96.29
C VAL A 830 30.69 -82.16 96.83
N GLU A 831 30.98 -83.40 97.24
CA GLU A 831 29.98 -84.29 97.81
C GLU A 831 30.46 -84.79 99.16
N PHE A 832 29.54 -85.38 99.92
CA PHE A 832 29.86 -85.83 101.27
C PHE A 832 30.79 -87.03 101.29
N SER A 833 30.98 -87.71 100.16
CA SER A 833 31.87 -88.85 100.11
C SER A 833 33.33 -88.46 99.85
N ASN A 834 33.60 -87.19 99.57
CA ASN A 834 34.96 -86.76 99.28
C ASN A 834 35.84 -86.85 100.51
N THR A 835 37.10 -87.17 100.31
CA THR A 835 38.12 -87.24 101.33
C THR A 835 38.82 -85.89 101.47
N PRO A 836 39.50 -85.64 102.60
CA PRO A 836 40.20 -84.35 102.75
C PRO A 836 41.30 -84.11 101.72
N ASP A 837 41.83 -85.16 101.11
CA ASP A 837 42.86 -85.02 100.07
C ASP A 837 42.33 -85.38 98.68
N SER A 838 41.02 -85.30 98.47
CA SER A 838 40.44 -85.76 97.21
C SER A 838 40.73 -84.82 96.05
N LEU A 839 41.18 -83.60 96.31
CA LEU A 839 41.44 -82.63 95.26
C LEU A 839 42.92 -82.34 95.07
N VAL A 840 43.78 -82.82 95.96
CA VAL A 840 45.21 -82.55 95.87
C VAL A 840 45.84 -83.52 94.88
N LEU A 841 46.64 -82.98 93.96
CA LEU A 841 47.33 -83.77 92.95
C LEU A 841 48.82 -83.79 93.22
N ILE A 842 49.51 -84.76 92.62
CA ILE A 842 50.95 -84.86 92.77
C ILE A 842 51.65 -83.74 92.02
N ASN A 843 51.16 -83.39 90.85
CA ASN A 843 51.69 -82.29 90.04
C ASN A 843 50.58 -81.31 89.72
N PRO A 844 50.88 -80.02 89.66
CA PRO A 844 49.84 -79.01 89.44
C PRO A 844 49.34 -78.99 88.00
N THR A 845 48.17 -78.38 87.83
CA THR A 845 47.56 -78.17 86.54
C THR A 845 47.72 -76.70 86.15
N TYR A 846 48.30 -76.44 84.99
CA TYR A 846 48.71 -75.10 84.62
C TYR A 846 47.65 -74.39 83.77
N THR A 847 47.51 -73.09 84.01
CA THR A 847 46.67 -72.21 83.21
C THR A 847 47.49 -70.97 82.85
N MET A 848 47.31 -70.46 81.64
CA MET A 848 48.25 -69.51 81.06
C MET A 848 47.65 -68.20 80.55
N THR A 849 46.49 -67.79 81.02
CA THR A 849 45.85 -66.57 80.54
C THR A 849 45.31 -65.74 81.70
N LYS A 850 45.58 -64.44 81.68
CA LYS A 850 45.04 -63.51 82.66
C LYS A 850 44.61 -62.23 81.96
N VAL A 851 43.44 -61.71 82.36
CA VAL A 851 42.86 -60.51 81.77
C VAL A 851 42.49 -59.55 82.90
N PHE A 852 42.73 -58.26 82.65
CA PHE A 852 42.38 -57.21 83.61
C PHE A 852 41.31 -56.31 83.00
N ILE A 853 40.13 -56.32 83.61
CA ILE A 853 39.06 -55.37 83.29
C ILE A 853 38.57 -54.77 84.59
N ASN A 854 38.50 -53.44 84.65
CA ASN A 854 38.14 -52.75 85.88
C ASN A 854 36.66 -52.88 86.23
N LYS A 855 35.80 -53.23 85.27
CA LYS A 855 34.38 -53.39 85.56
C LYS A 855 34.15 -54.58 86.48
N ARG A 856 33.06 -54.50 87.24
CA ARG A 856 32.69 -55.52 88.21
C ARG A 856 31.53 -56.34 87.61
N ILE A 857 31.88 -57.50 87.08
CA ILE A 857 30.93 -58.33 86.35
C ILE A 857 30.36 -59.44 87.25
N VAL A 858 31.24 -60.15 87.96
CA VAL A 858 30.83 -61.21 88.86
C VAL A 858 31.37 -60.89 90.24
N GLU A 859 30.50 -60.96 91.25
CA GLU A 859 30.89 -60.65 92.61
C GLU A 859 30.13 -61.56 93.56
N ARG A 860 30.83 -62.12 94.54
CA ARG A 860 30.22 -62.96 95.56
C ARG A 860 29.69 -62.09 96.68
N VAL A 861 28.39 -62.22 96.95
CA VAL A 861 27.70 -61.37 97.92
C VAL A 861 26.94 -62.23 98.90
N ARG A 862 26.64 -61.66 100.06
CA ARG A 862 25.80 -62.32 101.03
C ARG A 862 24.32 -62.09 100.71
N VAL A 863 23.46 -62.90 101.32
CA VAL A 863 22.03 -62.85 101.00
C VAL A 863 21.42 -61.54 101.49
N GLY A 864 21.96 -60.97 102.56
CA GLY A 864 21.51 -59.67 103.02
C GLY A 864 21.99 -58.51 102.17
N GLN A 865 22.89 -58.77 101.24
CA GLN A 865 23.45 -57.76 100.36
C GLN A 865 22.74 -57.70 99.00
N ILE A 866 21.83 -58.66 98.74
CA ILE A 866 21.24 -58.81 97.41
C ILE A 866 20.48 -57.56 96.99
N LEU A 867 19.68 -57.00 97.89
CA LEU A 867 18.84 -55.86 97.56
C LEU A 867 19.56 -54.52 97.68
N ALA A 868 20.89 -54.50 97.63
CA ALA A 868 21.65 -53.26 97.70
C ALA A 868 21.87 -52.61 96.35
N VAL A 869 21.29 -53.16 95.28
CA VAL A 869 21.46 -52.60 93.94
C VAL A 869 20.30 -51.67 93.61
N LEU A 870 19.42 -51.45 94.59
CA LEU A 870 18.25 -50.58 94.39
C LEU A 870 18.67 -49.15 94.68
N ASN A 871 19.15 -48.45 93.64
CA ASN A 871 19.57 -47.06 93.81
C ASN A 871 19.24 -46.18 92.61
N ARG A 872 18.23 -46.52 91.81
CA ARG A 872 17.88 -45.76 90.62
C ARG A 872 16.48 -45.19 90.76
N ARG A 873 16.28 -43.97 90.26
CA ARG A 873 15.00 -43.30 90.30
C ARG A 873 14.21 -43.61 89.03
N PHE A 874 13.06 -44.26 89.20
CA PHE A 874 12.21 -44.64 88.08
C PHE A 874 10.88 -43.89 88.18
N VAL A 875 10.38 -43.44 87.03
CA VAL A 875 9.11 -42.73 86.94
C VAL A 875 8.16 -43.56 86.08
N ALA A 876 6.98 -43.85 86.61
CA ALA A 876 5.97 -44.63 85.92
C ALA A 876 4.66 -43.85 85.84
N TYR A 877 4.01 -43.92 84.69
CA TYR A 877 2.75 -43.23 84.48
C TYR A 877 1.58 -44.11 84.91
N LYS A 878 0.52 -43.48 85.41
CA LYS A 878 -0.60 -44.20 85.99
C LYS A 878 -1.38 -44.95 84.92
N GLY A 879 -1.90 -46.12 85.28
CA GLY A 879 -2.61 -46.94 84.31
C GLY A 879 -3.92 -46.33 83.84
N LYS A 880 -4.49 -45.42 84.64
CA LYS A 880 -5.73 -44.77 84.24
C LYS A 880 -5.52 -43.62 83.26
N MET A 881 -4.28 -43.17 83.08
CA MET A 881 -3.96 -42.20 82.06
C MET A 881 -3.80 -42.90 80.71
N ARG A 882 -3.47 -42.12 79.68
CA ARG A 882 -3.17 -42.67 78.37
C ARG A 882 -1.97 -41.96 77.77
N ILE A 883 -1.15 -42.71 77.04
CA ILE A 883 0.00 -42.19 76.31
C ILE A 883 -0.25 -42.42 74.83
N MET A 884 -0.21 -41.34 74.05
CA MET A 884 -0.56 -41.41 72.64
C MET A 884 0.44 -40.61 71.82
N ASP A 885 0.84 -41.18 70.68
CA ASP A 885 1.87 -40.61 69.82
C ASP A 885 1.18 -39.87 68.67
N ILE A 886 1.34 -38.56 68.62
CA ILE A 886 0.63 -37.72 67.67
C ILE A 886 1.56 -37.09 66.65
N THR A 887 2.65 -37.79 66.29
CA THR A 887 3.58 -37.25 65.30
C THR A 887 2.92 -37.08 63.95
N GLN A 888 2.09 -38.05 63.54
CA GLN A 888 1.47 -38.00 62.22
C GLN A 888 0.39 -36.92 62.14
N SER A 889 0.01 -36.34 63.28
CA SER A 889 -1.00 -35.29 63.27
C SER A 889 -0.48 -33.97 62.75
N LEU A 890 0.85 -33.85 62.54
CA LEU A 890 1.41 -32.61 62.05
C LEU A 890 1.26 -32.44 60.54
N LYS A 891 0.72 -33.43 59.84
CA LYS A 891 0.50 -33.35 58.40
C LYS A 891 -0.98 -33.34 58.03
N MET A 892 -1.87 -33.19 59.01
CA MET A 892 -3.32 -33.17 58.78
C MET A 892 -3.75 -31.74 58.45
N GLY A 893 -4.00 -31.48 57.18
CA GLY A 893 -4.46 -30.16 56.76
C GLY A 893 -5.14 -30.24 55.42
N THR A 894 -5.74 -29.11 55.04
CA THR A 894 -6.43 -28.99 53.76
C THR A 894 -5.99 -27.70 53.06
N LYS A 895 -5.89 -27.77 51.73
CA LYS A 895 -5.48 -26.62 50.95
C LYS A 895 -6.69 -25.80 50.52
N LEU A 896 -6.56 -24.48 50.59
CA LEU A 896 -7.63 -23.57 50.24
C LEU A 896 -7.49 -23.15 48.77
N ALA A 897 -8.53 -23.40 47.99
CA ALA A 897 -8.51 -23.05 46.57
C ALA A 897 -8.85 -21.58 46.37
N ALA A 898 -8.19 -20.96 45.40
CA ALA A 898 -8.46 -19.57 45.06
C ALA A 898 -9.73 -19.46 44.23
N PRO A 899 -10.44 -18.33 44.32
CA PRO A 899 -11.60 -18.13 43.44
C PRO A 899 -11.18 -18.12 41.98
N THR A 900 -12.04 -18.68 41.12
CA THR A 900 -11.72 -18.88 39.72
C THR A 900 -12.74 -18.16 38.84
N VAL A 901 -12.24 -17.69 37.68
CA VAL A 901 -12.98 -16.92 36.66
C VAL A 901 -14.16 -16.11 37.17
N GLN B 7 -51.81 -20.29 72.99
CA GLN B 7 -52.55 -19.36 73.83
C GLN B 7 -51.62 -18.29 74.41
N ARG B 8 -50.32 -18.52 74.28
CA ARG B 8 -49.34 -17.58 74.80
C ARG B 8 -49.29 -16.32 73.93
N PRO B 9 -49.19 -15.14 74.54
CA PRO B 9 -49.19 -13.89 73.74
C PRO B 9 -47.98 -13.74 72.84
N GLU B 10 -46.87 -14.44 73.13
CA GLU B 10 -45.68 -14.29 72.31
C GLU B 10 -45.83 -14.89 70.92
N ARG B 11 -46.72 -15.87 70.75
CA ARG B 11 -46.86 -16.59 69.50
C ARG B 11 -47.94 -16.01 68.59
N ILE B 12 -48.57 -14.90 68.98
CA ILE B 12 -49.53 -14.23 68.10
C ILE B 12 -48.78 -13.45 67.04
N LYS B 13 -49.13 -13.68 65.77
CA LYS B 13 -48.52 -12.98 64.65
C LYS B 13 -49.58 -12.15 63.95
N THR B 14 -49.32 -10.85 63.80
CA THR B 14 -50.22 -9.94 63.13
C THR B 14 -49.72 -9.47 61.78
N THR B 15 -48.50 -9.81 61.40
CA THR B 15 -47.93 -9.51 60.11
C THR B 15 -47.33 -10.78 59.52
N PRO B 16 -47.26 -10.89 58.20
CA PRO B 16 -46.66 -12.07 57.58
C PRO B 16 -45.14 -12.07 57.50
N TYR B 17 -44.46 -11.17 58.23
CA TYR B 17 -43.00 -11.16 58.19
C TYR B 17 -42.40 -12.41 58.81
N LEU B 18 -42.94 -12.85 59.93
CA LEU B 18 -42.35 -13.94 60.71
C LEU B 18 -42.88 -15.32 60.29
N GLU B 19 -43.70 -15.39 59.25
CA GLU B 19 -44.27 -16.64 58.80
C GLU B 19 -43.37 -17.27 57.74
N GLY B 20 -43.00 -18.53 57.94
CA GLY B 20 -42.12 -19.23 57.02
C GLY B 20 -42.43 -20.70 56.99
N ASP B 21 -41.66 -21.43 56.18
CA ASP B 21 -41.88 -22.85 55.98
C ASP B 21 -41.24 -23.68 57.09
N VAL B 22 -41.86 -24.81 57.38
CA VAL B 22 -41.34 -25.75 58.38
C VAL B 22 -40.29 -26.63 57.73
N LEU B 23 -39.08 -26.62 58.28
CA LEU B 23 -37.99 -27.42 57.72
C LEU B 23 -37.92 -28.80 58.36
N SER B 24 -37.75 -28.87 59.68
CA SER B 24 -37.67 -30.13 60.40
C SER B 24 -38.03 -29.87 61.85
N SER B 25 -38.08 -30.95 62.63
CA SER B 25 -38.43 -30.89 64.05
C SER B 25 -37.31 -31.50 64.88
N ASP B 26 -37.36 -31.25 66.18
CA ASP B 26 -36.39 -31.80 67.12
C ASP B 26 -37.00 -31.79 68.50
N SER B 27 -36.46 -32.65 69.38
CA SER B 27 -37.00 -32.80 70.72
C SER B 27 -35.87 -33.00 71.71
N GLY B 28 -36.23 -33.32 72.94
CA GLY B 28 -35.30 -33.47 74.04
C GLY B 28 -34.53 -34.78 74.06
N PRO B 29 -35.24 -35.91 74.18
CA PRO B 29 -34.53 -37.21 74.20
C PRO B 29 -33.68 -37.48 72.98
N LEU B 30 -34.14 -37.08 71.80
CA LEU B 30 -33.35 -37.23 70.58
C LEU B 30 -32.04 -36.48 70.70
N LEU B 31 -32.10 -35.23 71.17
CA LEU B 31 -30.88 -34.44 71.27
C LEU B 31 -29.96 -34.93 72.35
N SER B 32 -30.51 -35.47 73.45
CA SER B 32 -29.65 -36.04 74.50
C SER B 32 -28.87 -37.25 73.98
N VAL B 33 -29.58 -38.17 73.31
CA VAL B 33 -28.92 -39.34 72.73
C VAL B 33 -27.91 -38.91 71.68
N PHE B 34 -28.26 -37.89 70.88
CA PHE B 34 -27.37 -37.39 69.84
C PHE B 34 -26.09 -36.82 70.44
N ALA B 35 -26.21 -36.05 71.52
CA ALA B 35 -25.04 -35.50 72.17
C ALA B 35 -24.13 -36.59 72.72
N LEU B 36 -24.72 -37.61 73.34
CA LEU B 36 -23.91 -38.72 73.86
C LEU B 36 -23.18 -39.43 72.73
N GLN B 37 -23.87 -39.68 71.61
CA GLN B 37 -23.25 -40.35 70.47
C GLN B 37 -22.11 -39.51 69.90
N GLU B 38 -22.32 -38.20 69.79
CA GLU B 38 -21.28 -37.32 69.25
C GLU B 38 -20.05 -37.30 70.14
N ILE B 39 -20.24 -37.33 71.46
CA ILE B 39 -19.09 -37.33 72.37
C ILE B 39 -18.33 -38.65 72.26
N MET B 40 -19.04 -39.79 72.26
CA MET B 40 -18.35 -41.07 72.22
C MET B 40 -17.64 -41.34 70.89
N GLN B 41 -18.27 -40.93 69.78
CA GLN B 41 -17.70 -41.21 68.45
C GLN B 41 -16.36 -40.52 68.27
N LYS B 42 -16.23 -39.30 68.80
CA LYS B 42 -15.00 -38.54 68.60
C LYS B 42 -13.81 -39.21 69.29
N VAL B 43 -13.99 -39.63 70.55
CA VAL B 43 -12.89 -40.26 71.26
C VAL B 43 -12.56 -41.62 70.67
N ARG B 44 -13.58 -42.37 70.23
CA ARG B 44 -13.31 -43.65 69.59
C ARG B 44 -12.52 -43.47 68.30
N GLN B 45 -12.89 -42.48 67.48
CA GLN B 45 -12.18 -42.22 66.23
C GLN B 45 -10.74 -41.77 66.50
N VAL B 46 -10.55 -40.89 67.48
CA VAL B 46 -9.21 -40.39 67.78
C VAL B 46 -8.31 -41.52 68.25
N GLN B 47 -8.82 -42.37 69.14
CA GLN B 47 -8.01 -43.51 69.58
C GLN B 47 -7.80 -44.53 68.48
N ALA B 48 -8.69 -44.58 67.49
CA ALA B 48 -8.45 -45.49 66.36
C ALA B 48 -7.37 -44.96 65.43
N ASP B 49 -7.29 -43.65 65.23
CA ASP B 49 -6.37 -43.09 64.24
C ASP B 49 -4.91 -43.05 64.71
N TYR B 50 -4.66 -43.09 66.02
CA TYR B 50 -3.30 -43.02 66.53
C TYR B 50 -3.09 -44.11 67.57
N MET B 51 -1.85 -44.56 67.72
CA MET B 51 -1.55 -45.63 68.66
C MET B 51 -1.63 -45.09 70.08
N THR B 52 -2.24 -45.88 70.97
CA THR B 52 -2.54 -45.45 72.33
C THR B 52 -2.17 -46.56 73.29
N ALA B 53 -1.65 -46.19 74.46
CA ALA B 53 -1.40 -47.13 75.54
C ALA B 53 -2.31 -46.76 76.72
N THR B 54 -3.37 -47.55 76.92
CA THR B 54 -4.34 -47.27 77.95
C THR B 54 -5.14 -48.54 78.24
N ARG B 55 -5.81 -48.54 79.39
CA ARG B 55 -6.71 -49.63 79.71
C ARG B 55 -7.93 -49.61 78.81
N GLU B 56 -8.41 -50.80 78.45
CA GLU B 56 -9.47 -50.93 77.46
C GLU B 56 -10.82 -50.59 78.06
N VAL B 57 -11.53 -49.65 77.42
CA VAL B 57 -12.88 -49.25 77.82
C VAL B 57 -13.74 -49.20 76.57
N ASP B 58 -14.90 -49.86 76.62
CA ASP B 58 -15.86 -49.84 75.51
C ASP B 58 -16.79 -48.66 75.71
N PHE B 59 -16.67 -47.66 74.83
CA PHE B 59 -17.47 -46.44 74.95
C PHE B 59 -18.83 -46.60 74.28
N THR B 60 -19.75 -47.30 74.94
CA THR B 60 -21.09 -47.48 74.42
C THR B 60 -21.99 -46.31 74.79
N VAL B 61 -23.22 -46.34 74.30
CA VAL B 61 -24.24 -45.33 74.59
C VAL B 61 -25.46 -46.04 75.15
N PRO B 62 -25.96 -45.65 76.31
CA PRO B 62 -27.12 -46.33 76.91
C PRO B 62 -28.42 -45.72 76.42
N ASP B 63 -29.52 -46.25 76.93
CA ASP B 63 -30.86 -45.74 76.63
C ASP B 63 -31.28 -44.86 77.81
N VAL B 64 -31.32 -43.56 77.58
CA VAL B 64 -31.58 -42.60 78.67
C VAL B 64 -33.02 -42.73 79.17
N GLN B 65 -33.95 -42.99 78.25
CA GLN B 65 -35.36 -43.04 78.62
C GLN B 65 -35.66 -44.16 79.59
N LYS B 66 -35.06 -45.33 79.38
CA LYS B 66 -35.27 -46.45 80.30
C LYS B 66 -34.71 -46.15 81.67
N ILE B 67 -33.56 -45.46 81.73
CA ILE B 67 -32.98 -45.07 83.01
C ILE B 67 -33.91 -44.10 83.75
N LEU B 68 -34.47 -43.14 83.01
CA LEU B 68 -35.42 -42.21 83.63
C LEU B 68 -36.66 -42.92 84.14
N ASP B 69 -37.16 -43.88 83.36
CA ASP B 69 -38.33 -44.65 83.80
C ASP B 69 -38.01 -45.47 85.05
N ASP B 70 -36.82 -46.06 85.11
CA ASP B 70 -36.42 -46.84 86.28
C ASP B 70 -36.31 -45.95 87.52
N ILE B 71 -35.73 -44.76 87.36
CA ILE B 71 -35.65 -43.82 88.48
C ILE B 71 -37.05 -43.41 88.94
N LYS B 72 -37.95 -43.16 87.98
CA LYS B 72 -39.32 -42.81 88.33
C LYS B 72 -40.02 -43.94 89.09
N ALA B 73 -39.81 -45.19 88.67
CA ALA B 73 -40.41 -46.31 89.36
C ALA B 73 -39.80 -46.52 90.75
N LEU B 74 -38.55 -46.11 90.93
CA LEU B 74 -37.89 -46.29 92.21
C LEU B 74 -38.55 -45.47 93.33
N ALA B 75 -39.29 -44.42 92.98
CA ALA B 75 -39.94 -43.57 93.97
C ALA B 75 -41.16 -44.22 94.61
N ALA B 76 -41.64 -45.35 94.09
CA ALA B 76 -42.83 -46.02 94.61
C ALA B 76 -42.51 -47.14 95.59
N GLU B 77 -41.25 -47.35 95.94
CA GLU B 77 -40.88 -48.38 96.88
C GLU B 77 -41.15 -47.94 98.31
N GLN B 78 -41.25 -48.91 99.21
CA GLN B 78 -41.54 -48.66 100.61
C GLN B 78 -40.43 -49.26 101.47
N VAL B 79 -39.96 -48.49 102.45
CA VAL B 79 -38.88 -48.92 103.32
C VAL B 79 -39.43 -49.39 104.66
N TYR B 80 -40.71 -49.76 104.67
CA TYR B 80 -41.38 -50.18 105.89
C TYR B 80 -42.44 -51.22 105.54
N LYS B 81 -42.90 -51.93 106.56
CA LYS B 81 -43.90 -52.97 106.39
C LYS B 81 -44.93 -52.89 107.51
N ILE B 82 -46.14 -53.35 107.22
CA ILE B 82 -47.27 -53.30 108.14
C ILE B 82 -47.62 -54.73 108.54
N VAL B 83 -47.56 -55.01 109.85
CA VAL B 83 -47.81 -56.34 110.38
C VAL B 83 -48.81 -56.23 111.52
N LYS B 84 -49.26 -57.39 111.99
CA LYS B 84 -50.20 -57.48 113.10
C LYS B 84 -49.55 -57.88 114.41
N VAL B 85 -48.50 -58.70 114.35
CA VAL B 85 -47.74 -59.07 115.56
C VAL B 85 -46.26 -58.90 115.28
N PRO B 86 -45.49 -58.57 116.32
CA PRO B 86 -44.04 -58.49 116.16
C PRO B 86 -43.40 -59.86 116.18
N SER B 87 -42.15 -59.91 115.70
CA SER B 87 -41.42 -61.16 115.64
C SER B 87 -40.99 -61.61 117.03
N ILE B 88 -40.75 -62.91 117.16
CA ILE B 88 -40.33 -63.48 118.43
C ILE B 88 -38.88 -63.11 118.70
N SER B 89 -38.62 -62.59 119.92
CA SER B 89 -37.27 -62.20 120.31
C SER B 89 -36.64 -63.13 121.33
N PHE B 90 -37.45 -63.83 122.13
CA PHE B 90 -36.92 -64.74 123.14
C PHE B 90 -37.65 -66.08 123.04
N ARG B 91 -36.88 -67.17 123.09
CA ARG B 91 -37.41 -68.52 123.15
C ARG B 91 -36.78 -69.22 124.34
N HIS B 92 -37.26 -70.43 124.63
CA HIS B 92 -36.83 -71.16 125.80
C HIS B 92 -36.46 -72.59 125.43
N ILE B 93 -35.50 -73.15 126.16
CA ILE B 93 -35.05 -74.52 126.01
C ILE B 93 -35.37 -75.27 127.30
N VAL B 94 -36.07 -76.38 127.18
CA VAL B 94 -36.50 -77.17 128.33
C VAL B 94 -35.52 -78.32 128.54
N MET B 95 -34.89 -78.34 129.71
CA MET B 95 -34.00 -79.41 130.11
C MET B 95 -34.80 -80.46 130.89
N GLN B 96 -34.09 -81.37 131.57
CA GLN B 96 -34.75 -82.35 132.41
C GLN B 96 -35.26 -81.78 133.72
N SER B 97 -34.94 -80.53 134.03
CA SER B 97 -35.43 -79.89 135.24
C SER B 97 -36.89 -79.47 135.07
N ARG B 98 -37.53 -79.18 136.21
CA ARG B 98 -38.92 -78.76 136.22
C ARG B 98 -39.11 -77.35 136.72
N ASP B 99 -38.06 -76.67 137.17
CA ASP B 99 -38.17 -75.31 137.68
C ASP B 99 -37.10 -74.38 137.11
N ARG B 100 -36.32 -74.84 136.13
CA ARG B 100 -35.29 -74.01 135.51
C ARG B 100 -35.24 -74.27 134.02
N VAL B 101 -35.11 -73.21 133.24
CA VAL B 101 -35.01 -73.28 131.79
C VAL B 101 -33.91 -72.33 131.32
N LEU B 102 -33.64 -72.38 130.02
CA LEU B 102 -32.63 -71.52 129.40
C LEU B 102 -33.35 -70.49 128.52
N ARG B 103 -33.03 -69.22 128.73
CA ARG B 103 -33.60 -68.14 127.92
C ARG B 103 -32.59 -67.69 126.88
N VAL B 104 -33.00 -67.71 125.62
CA VAL B 104 -32.12 -67.43 124.49
C VAL B 104 -32.68 -66.25 123.71
N ASP B 105 -31.81 -65.29 123.40
CA ASP B 105 -32.17 -64.15 122.55
C ASP B 105 -31.92 -64.54 121.09
N THR B 106 -32.96 -64.52 120.29
CA THR B 106 -32.87 -64.99 118.90
C THR B 106 -32.15 -64.01 117.98
N TYR B 107 -32.05 -62.74 118.37
CA TYR B 107 -31.40 -61.74 117.52
C TYR B 107 -29.94 -62.08 117.29
N TYR B 108 -29.23 -62.51 118.33
CA TYR B 108 -27.82 -62.84 118.18
C TYR B 108 -27.63 -64.10 117.35
N GLU B 109 -28.54 -65.07 117.50
CA GLU B 109 -28.50 -66.27 116.66
C GLU B 109 -28.73 -65.91 115.20
N GLU B 110 -29.65 -64.98 114.92
CA GLU B 110 -29.87 -64.55 113.56
C GLU B 110 -28.66 -63.80 113.00
N MET B 111 -28.05 -62.93 113.82
CA MET B 111 -26.95 -62.11 113.33
C MET B 111 -25.68 -62.91 113.12
N SER B 112 -25.44 -63.94 113.93
CA SER B 112 -24.24 -64.75 113.76
C SER B 112 -24.21 -65.49 112.43
N GLN B 113 -25.33 -65.61 111.73
CA GLN B 113 -25.42 -66.33 110.48
C GLN B 113 -25.53 -65.41 109.27
N VAL B 114 -25.32 -64.10 109.45
CA VAL B 114 -25.46 -63.13 108.38
C VAL B 114 -24.08 -62.69 107.91
N GLY B 115 -23.81 -62.82 106.62
CA GLY B 115 -22.55 -62.41 106.04
C GLY B 115 -21.52 -63.54 106.05
N ASP B 116 -20.41 -63.28 105.37
CA ASP B 116 -19.32 -64.22 105.28
C ASP B 116 -18.46 -64.17 106.53
N VAL B 117 -17.58 -65.17 106.68
CA VAL B 117 -16.66 -65.17 107.80
C VAL B 117 -15.59 -64.11 107.57
N ILE B 118 -15.00 -63.64 108.67
CA ILE B 118 -13.95 -62.64 108.60
C ILE B 118 -12.62 -63.31 108.30
N THR B 119 -11.91 -62.80 107.30
CA THR B 119 -10.60 -63.32 106.92
C THR B 119 -9.64 -62.15 106.78
N GLU B 120 -8.40 -62.37 107.21
CA GLU B 120 -7.36 -61.35 107.21
C GLU B 120 -6.78 -61.08 105.83
N ASP B 121 -7.36 -61.65 104.77
CA ASP B 121 -6.80 -61.54 103.44
C ASP B 121 -7.69 -60.79 102.45
N GLU B 122 -9.00 -60.76 102.67
CA GLU B 122 -9.92 -60.08 101.77
C GLU B 122 -10.58 -58.91 102.47
N PRO B 123 -10.12 -57.68 102.26
CA PRO B 123 -10.81 -56.53 102.89
C PRO B 123 -12.16 -56.23 102.28
N GLU B 124 -12.33 -56.50 100.99
CA GLU B 124 -13.60 -56.22 100.32
C GLU B 124 -14.72 -57.09 100.87
N LYS B 125 -14.42 -58.36 101.16
CA LYS B 125 -15.43 -59.24 101.75
C LYS B 125 -15.77 -58.80 103.17
N PHE B 126 -14.80 -58.27 103.91
CA PHE B 126 -15.07 -57.69 105.22
C PHE B 126 -16.03 -56.51 105.12
N TYR B 127 -15.78 -55.61 104.17
CA TYR B 127 -16.67 -54.47 103.99
C TYR B 127 -18.07 -54.92 103.58
N SER B 128 -18.15 -55.91 102.69
CA SER B 128 -19.46 -56.42 102.27
C SER B 128 -20.21 -57.05 103.43
N THR B 129 -19.50 -57.79 104.30
CA THR B 129 -20.14 -58.37 105.47
C THR B 129 -20.69 -57.30 106.39
N ILE B 130 -19.93 -56.22 106.61
CA ILE B 130 -20.40 -55.14 107.47
C ILE B 130 -21.66 -54.50 106.87
N ILE B 131 -21.64 -54.24 105.56
CA ILE B 131 -22.80 -53.62 104.92
C ILE B 131 -24.03 -54.52 105.03
N LYS B 132 -23.86 -55.83 104.80
CA LYS B 132 -24.99 -56.73 104.88
C LYS B 132 -25.56 -56.81 106.30
N LYS B 133 -24.69 -56.81 107.31
CA LYS B 133 -25.19 -56.83 108.69
C LYS B 133 -25.97 -55.56 109.02
N VAL B 134 -25.47 -54.39 108.60
CA VAL B 134 -26.17 -53.14 108.89
C VAL B 134 -27.52 -53.10 108.17
N ARG B 135 -27.54 -53.53 106.90
CA ARG B 135 -28.81 -53.57 106.16
C ARG B 135 -29.79 -54.56 106.78
N PHE B 136 -29.29 -55.68 107.32
CA PHE B 136 -30.15 -56.62 108.02
C PHE B 136 -30.77 -55.97 109.25
N ILE B 137 -30.00 -55.20 110.00
CA ILE B 137 -30.55 -54.49 111.16
C ILE B 137 -31.65 -53.55 110.71
N ARG B 138 -31.39 -52.75 109.67
CA ARG B 138 -32.38 -51.79 109.21
C ARG B 138 -33.66 -52.48 108.73
N GLY B 139 -33.50 -53.57 107.98
CA GLY B 139 -34.68 -54.28 107.49
C GLY B 139 -35.49 -54.92 108.61
N LYS B 140 -34.80 -55.46 109.62
CA LYS B 140 -35.51 -56.07 110.74
C LYS B 140 -36.24 -55.02 111.58
N GLY B 141 -35.68 -53.82 111.70
CA GLY B 141 -36.25 -52.83 112.61
C GLY B 141 -37.51 -52.15 112.15
N SER B 142 -37.65 -51.92 110.84
CA SER B 142 -38.69 -51.02 110.32
C SER B 142 -39.99 -51.79 110.12
N PHE B 143 -40.94 -51.60 111.04
CA PHE B 143 -42.28 -52.14 110.89
C PHE B 143 -43.27 -51.27 111.64
N ILE B 144 -44.54 -51.38 111.26
CA ILE B 144 -45.63 -50.64 111.90
C ILE B 144 -46.68 -51.65 112.36
N LEU B 145 -47.02 -51.60 113.64
CA LEU B 145 -48.08 -52.45 114.17
C LEU B 145 -49.44 -51.88 113.82
N HIS B 146 -50.37 -52.76 113.45
CA HIS B 146 -51.70 -52.34 113.02
C HIS B 146 -52.66 -53.49 113.21
N ASP B 147 -53.77 -53.24 113.92
CA ASP B 147 -54.83 -54.22 114.16
C ASP B 147 -54.31 -55.47 114.88
N ILE B 148 -53.86 -55.31 116.12
CA ILE B 148 -53.37 -56.42 116.94
C ILE B 148 -54.56 -57.16 117.54
N PRO B 149 -54.41 -58.43 117.92
CA PRO B 149 -55.52 -59.14 118.59
C PRO B 149 -55.58 -58.85 120.08
N THR B 150 -56.81 -58.71 120.58
CA THR B 150 -57.05 -58.38 121.97
C THR B 150 -58.11 -59.31 122.54
N ARG B 151 -58.35 -59.18 123.84
CA ARG B 151 -59.31 -60.02 124.56
C ARG B 151 -59.82 -59.23 125.76
N ASP B 152 -61.04 -59.56 126.19
CA ASP B 152 -61.67 -58.92 127.33
C ASP B 152 -61.59 -59.84 128.54
N HIS B 153 -61.14 -59.29 129.68
CA HIS B 153 -60.94 -60.07 130.89
C HIS B 153 -61.36 -59.25 132.10
N ARG B 154 -62.33 -59.77 132.85
CA ARG B 154 -62.88 -59.18 134.08
C ARG B 154 -63.06 -57.66 133.97
N GLY B 155 -63.68 -57.23 132.87
CA GLY B 155 -64.06 -55.85 132.70
C GLY B 155 -62.98 -54.93 132.17
N MET B 156 -61.94 -55.46 131.54
CA MET B 156 -60.90 -54.64 130.93
C MET B 156 -60.36 -55.36 129.71
N GLU B 157 -59.52 -54.66 128.95
CA GLU B 157 -58.93 -55.19 127.73
C GLU B 157 -57.50 -55.62 128.00
N VAL B 158 -57.14 -56.81 127.51
CA VAL B 158 -55.80 -57.35 127.69
C VAL B 158 -55.25 -57.77 126.34
N ALA B 159 -53.93 -57.80 126.24
CA ALA B 159 -53.27 -58.23 125.02
C ALA B 159 -53.08 -59.74 125.01
N GLU B 160 -53.27 -60.35 123.85
CA GLU B 160 -53.15 -61.79 123.71
C GLU B 160 -51.69 -62.22 123.72
N PRO B 161 -51.42 -63.49 124.07
CA PRO B 161 -50.03 -63.95 124.10
C PRO B 161 -49.33 -63.94 122.74
N GLU B 162 -50.08 -63.88 121.64
CA GLU B 162 -49.45 -63.93 120.33
C GLU B 162 -48.70 -62.65 120.00
N VAL B 163 -49.12 -61.51 120.55
CA VAL B 163 -48.52 -60.22 120.20
C VAL B 163 -47.38 -59.85 121.15
N LEU B 164 -47.19 -60.61 122.23
CA LEU B 164 -46.21 -60.25 123.25
C LEU B 164 -44.76 -60.42 122.80
N GLY B 165 -44.51 -61.11 121.69
CA GLY B 165 -43.15 -61.25 121.20
C GLY B 165 -42.28 -62.23 121.96
N VAL B 166 -42.87 -63.17 122.67
CA VAL B 166 -42.12 -64.18 123.42
C VAL B 166 -42.81 -65.52 123.25
N GLU B 167 -42.02 -66.58 123.10
CA GLU B 167 -42.51 -67.95 122.93
C GLU B 167 -42.18 -68.76 124.17
N PHE B 168 -43.22 -69.31 124.82
CA PHE B 168 -43.02 -70.09 126.03
C PHE B 168 -43.96 -71.29 126.11
N LYS B 169 -44.58 -71.71 125.00
CA LYS B 169 -45.62 -72.74 125.07
C LYS B 169 -45.06 -74.12 125.38
N ASN B 170 -43.79 -74.37 125.11
CA ASN B 170 -43.20 -75.68 125.37
C ASN B 170 -42.80 -75.88 126.83
N VAL B 171 -42.88 -74.84 127.64
CA VAL B 171 -42.51 -74.95 129.05
C VAL B 171 -43.70 -75.35 129.93
N LEU B 172 -44.91 -74.96 129.52
CA LEU B 172 -46.09 -75.17 130.35
C LEU B 172 -46.36 -76.63 130.73
N PRO B 173 -46.25 -77.63 129.84
CA PRO B 173 -46.65 -79.00 130.25
C PRO B 173 -45.83 -79.59 131.39
N VAL B 174 -44.60 -79.10 131.63
CA VAL B 174 -43.75 -79.68 132.67
C VAL B 174 -43.85 -78.95 134.00
N LEU B 175 -44.69 -77.93 134.10
CA LEU B 175 -44.83 -77.17 135.33
C LEU B 175 -45.78 -77.86 136.30
N THR B 176 -45.78 -77.38 137.54
CA THR B 176 -46.73 -77.80 138.54
C THR B 176 -47.98 -76.92 138.47
N ALA B 177 -49.00 -77.29 139.27
CA ALA B 177 -50.24 -76.52 139.29
C ALA B 177 -50.01 -75.12 139.84
N GLU B 178 -49.19 -75.01 140.90
CA GLU B 178 -48.90 -73.71 141.49
C GLU B 178 -48.19 -72.81 140.50
N HIS B 179 -47.15 -73.34 139.85
CA HIS B 179 -46.40 -72.55 138.88
C HIS B 179 -47.25 -72.19 137.67
N ARG B 180 -48.09 -73.13 137.20
CA ARG B 180 -48.96 -72.84 136.07
C ARG B 180 -49.96 -71.74 136.40
N ALA B 181 -50.54 -71.79 137.60
CA ALA B 181 -51.46 -70.73 138.02
C ALA B 181 -50.75 -69.39 138.13
N MET B 182 -49.52 -69.39 138.65
CA MET B 182 -48.77 -68.15 138.76
C MET B 182 -48.47 -67.56 137.38
N ILE B 183 -48.06 -68.40 136.43
CA ILE B 183 -47.80 -67.93 135.07
C ILE B 183 -49.08 -67.39 134.44
N GLN B 184 -50.21 -68.06 134.66
CA GLN B 184 -51.47 -67.57 134.10
C GLN B 184 -51.85 -66.21 134.68
N ASN B 185 -51.71 -66.06 135.99
CA ASN B 185 -52.09 -64.79 136.63
C ASN B 185 -51.13 -63.67 136.26
N ALA B 186 -49.87 -63.99 135.96
CA ALA B 186 -48.95 -62.97 135.46
C ALA B 186 -49.22 -62.63 134.00
N LEU B 187 -49.62 -63.63 133.21
CA LEU B 187 -49.91 -63.41 131.80
C LEU B 187 -51.19 -62.63 131.61
N ASP B 188 -52.12 -62.71 132.55
CA ASP B 188 -53.37 -61.96 132.46
C ASP B 188 -53.22 -60.50 132.83
N GLY B 189 -52.02 -60.08 133.25
CA GLY B 189 -51.76 -58.71 133.63
C GLY B 189 -51.19 -57.83 132.53
N SER B 190 -51.20 -58.29 131.28
CA SER B 190 -50.74 -57.47 130.15
C SER B 190 -51.95 -56.73 129.60
N ILE B 191 -52.12 -55.49 130.05
CA ILE B 191 -53.34 -54.74 129.80
C ILE B 191 -53.12 -53.72 128.69
N ILE B 192 -54.21 -53.35 128.04
CA ILE B 192 -54.23 -52.23 127.10
C ILE B 192 -54.50 -50.96 127.88
N GLU B 193 -53.69 -49.93 127.65
CA GLU B 193 -53.85 -48.67 128.36
C GLU B 193 -55.19 -48.04 128.03
N ASN B 194 -55.92 -47.64 129.08
CA ASN B 194 -57.26 -47.05 129.03
C ASN B 194 -58.13 -47.68 127.96
N GLY B 195 -58.31 -48.99 128.08
CA GLY B 195 -59.05 -49.76 127.10
C GLY B 195 -60.54 -49.51 127.09
N ASN B 196 -61.08 -48.95 128.17
CA ASN B 196 -62.52 -48.70 128.29
C ASN B 196 -62.94 -47.37 127.66
N VAL B 197 -62.01 -46.58 127.17
CA VAL B 197 -62.36 -45.33 126.49
C VAL B 197 -62.88 -45.68 125.10
N ALA B 198 -64.10 -45.21 124.80
CA ALA B 198 -64.78 -45.66 123.59
C ALA B 198 -64.14 -45.08 122.33
N THR B 199 -63.76 -43.81 122.35
CA THR B 199 -63.26 -43.11 121.18
C THR B 199 -61.73 -43.21 121.06
N ARG B 200 -61.13 -44.24 121.63
CA ARG B 200 -59.68 -44.38 121.61
C ARG B 200 -59.17 -44.62 120.18
N ASP B 201 -57.95 -44.13 119.92
CA ASP B 201 -57.38 -44.17 118.58
C ASP B 201 -56.28 -45.20 118.40
N VAL B 202 -55.59 -45.61 119.48
CA VAL B 202 -54.47 -46.53 119.39
C VAL B 202 -54.58 -47.57 120.50
N ASP B 203 -53.82 -48.65 120.36
CA ASP B 203 -53.63 -49.65 121.40
C ASP B 203 -52.19 -49.57 121.91
N VAL B 204 -52.03 -49.42 123.22
CA VAL B 204 -50.73 -49.32 123.85
C VAL B 204 -50.58 -50.48 124.83
N PHE B 205 -49.50 -51.24 124.69
CA PHE B 205 -49.22 -52.37 125.57
C PHE B 205 -47.71 -52.48 125.77
N ILE B 206 -47.31 -53.41 126.63
CA ILE B 206 -45.91 -53.64 126.94
C ILE B 206 -45.53 -55.02 126.41
N GLY B 207 -44.54 -55.06 125.51
CA GLY B 207 -44.09 -56.31 124.93
C GLY B 207 -42.60 -56.55 125.09
N ALA B 208 -42.04 -57.42 124.25
CA ALA B 208 -40.64 -57.77 124.31
C ALA B 208 -39.99 -57.53 122.96
N CYS B 209 -38.78 -56.98 122.98
CA CYS B 209 -38.04 -56.66 121.76
C CYS B 209 -36.56 -56.60 122.08
N SER B 210 -35.76 -56.61 121.02
CA SER B 210 -34.33 -56.40 121.13
C SER B 210 -34.01 -54.93 120.95
N GLU B 211 -32.96 -54.48 121.64
CA GLU B 211 -32.61 -53.06 121.63
C GLU B 211 -32.29 -52.50 120.25
N PRO B 212 -31.45 -53.14 119.41
CA PRO B 212 -31.23 -52.57 118.07
C PRO B 212 -32.48 -52.50 117.21
N VAL B 213 -33.38 -53.47 117.35
CA VAL B 213 -34.65 -53.40 116.64
C VAL B 213 -35.54 -52.32 117.23
N TYR B 214 -35.52 -52.20 118.57
CA TYR B 214 -36.41 -51.27 119.25
C TYR B 214 -36.09 -49.82 118.92
N ARG B 215 -34.80 -49.48 118.81
CA ARG B 215 -34.48 -48.09 118.51
C ARG B 215 -34.87 -47.72 117.08
N ILE B 216 -34.75 -48.65 116.13
CA ILE B 216 -35.24 -48.41 114.77
C ILE B 216 -36.76 -48.22 114.77
N TYR B 217 -37.47 -49.06 115.54
CA TYR B 217 -38.91 -48.94 115.62
C TYR B 217 -39.32 -47.57 116.18
N ASN B 218 -38.64 -47.14 117.24
CA ASN B 218 -38.94 -45.83 117.84
C ASN B 218 -38.65 -44.70 116.87
N ARG B 219 -37.54 -44.76 116.14
CA ARG B 219 -37.21 -43.72 115.18
C ARG B 219 -38.24 -43.63 114.08
N LEU B 220 -38.69 -44.78 113.56
CA LEU B 220 -39.70 -44.77 112.51
C LEU B 220 -41.02 -44.20 113.01
N GLN B 221 -41.44 -44.60 114.22
CA GLN B 221 -42.69 -44.08 114.78
C GLN B 221 -42.62 -42.57 114.99
N GLY B 222 -41.49 -42.09 115.52
CA GLY B 222 -41.33 -40.66 115.71
C GLY B 222 -41.35 -39.89 114.41
N TYR B 223 -40.70 -40.42 113.37
CA TYR B 223 -40.73 -39.76 112.07
C TYR B 223 -42.14 -39.69 111.52
N ILE B 224 -42.90 -40.77 111.66
CA ILE B 224 -44.28 -40.78 111.18
C ILE B 224 -45.11 -39.74 111.92
N GLU B 225 -44.94 -39.66 113.24
CA GLU B 225 -45.71 -38.68 114.02
C GLU B 225 -45.32 -37.25 113.68
N ALA B 226 -44.05 -36.99 113.39
CA ALA B 226 -43.58 -35.62 113.23
C ALA B 226 -43.91 -35.03 111.86
N VAL B 227 -43.68 -35.79 110.78
CA VAL B 227 -43.80 -35.26 109.42
C VAL B 227 -45.25 -35.36 108.99
N GLN B 228 -45.88 -34.20 108.75
CA GLN B 228 -47.31 -34.12 108.49
C GLN B 228 -47.56 -32.94 107.56
N LEU B 229 -48.81 -32.45 107.56
CA LEU B 229 -49.36 -31.44 106.66
C LEU B 229 -48.44 -30.27 106.34
N GLN B 230 -47.70 -29.77 107.34
CA GLN B 230 -46.88 -28.58 107.12
C GLN B 230 -45.77 -28.83 106.11
N GLU B 231 -45.12 -30.00 106.19
CA GLU B 231 -44.06 -30.33 105.25
C GLU B 231 -44.62 -30.47 103.83
N LEU B 232 -45.79 -31.08 103.69
CA LEU B 232 -46.45 -31.17 102.39
C LEU B 232 -46.76 -29.78 101.85
N ARG B 233 -47.25 -28.88 102.71
CA ARG B 233 -47.55 -27.53 102.27
C ARG B 233 -46.30 -26.80 101.80
N ASN B 234 -45.18 -26.97 102.51
CA ASN B 234 -43.92 -26.36 102.09
C ASN B 234 -43.47 -26.89 100.73
N SER B 235 -43.57 -28.20 100.53
CA SER B 235 -43.19 -28.79 99.25
C SER B 235 -44.05 -28.25 98.12
N ILE B 236 -45.37 -28.19 98.34
CA ILE B 236 -46.27 -27.68 97.30
C ILE B 236 -46.02 -26.21 97.04
N GLY B 237 -45.65 -25.44 98.07
CA GLY B 237 -45.33 -24.04 97.86
C GLY B 237 -44.09 -23.84 97.01
N TRP B 238 -43.05 -24.63 97.26
CA TRP B 238 -41.88 -24.56 96.39
C TRP B 238 -42.23 -24.98 94.96
N LEU B 239 -43.11 -25.97 94.82
CA LEU B 239 -43.58 -26.36 93.49
C LEU B 239 -44.29 -25.21 92.80
N GLU B 240 -45.11 -24.46 93.56
CA GLU B 240 -45.81 -23.31 92.99
C GLU B 240 -44.82 -22.24 92.52
N ARG B 241 -43.76 -22.01 93.30
CA ARG B 241 -42.75 -21.05 92.88
C ARG B 241 -42.04 -21.50 91.61
N LEU B 242 -41.71 -22.79 91.52
CA LEU B 242 -41.06 -23.28 90.31
C LEU B 242 -41.98 -23.18 89.10
N GLY B 243 -43.27 -23.50 89.28
CA GLY B 243 -44.22 -23.36 88.19
C GLY B 243 -44.45 -21.92 87.78
N HIS B 244 -44.35 -20.99 88.73
CA HIS B 244 -44.38 -19.58 88.39
C HIS B 244 -43.16 -19.20 87.55
N ARG B 245 -41.99 -19.74 87.89
CA ARG B 245 -40.80 -19.49 87.07
C ARG B 245 -40.95 -20.05 85.67
N LYS B 246 -41.51 -21.25 85.54
CA LYS B 246 -41.63 -21.90 84.24
C LYS B 246 -42.94 -21.59 83.53
N ARG B 247 -43.86 -20.88 84.17
CA ARG B 247 -45.10 -20.38 83.55
C ARG B 247 -45.96 -21.52 82.99
N ILE B 248 -46.34 -22.43 83.89
CA ILE B 248 -47.25 -23.52 83.53
C ILE B 248 -48.69 -23.06 83.70
N THR B 249 -49.63 -23.83 83.17
CA THR B 249 -51.05 -23.52 83.23
C THR B 249 -51.69 -24.36 84.33
N TYR B 250 -52.54 -23.72 85.14
CA TYR B 250 -53.23 -24.38 86.23
C TYR B 250 -54.73 -24.49 85.93
N SER B 251 -55.37 -25.45 86.56
CA SER B 251 -56.81 -25.65 86.41
C SER B 251 -57.55 -24.81 87.45
N GLN B 252 -58.86 -25.03 87.56
CA GLN B 252 -59.68 -24.35 88.54
C GLN B 252 -59.75 -25.11 89.86
N GLU B 253 -59.13 -26.28 89.93
CA GLU B 253 -59.17 -27.14 91.11
C GLU B 253 -58.01 -26.81 92.04
N VAL B 254 -58.32 -26.66 93.33
CA VAL B 254 -57.33 -26.33 94.35
C VAL B 254 -57.34 -27.40 95.42
N LEU B 255 -56.21 -27.51 96.13
CA LEU B 255 -56.02 -28.52 97.17
C LEU B 255 -56.22 -27.89 98.53
N THR B 256 -57.14 -28.45 99.31
CA THR B 256 -57.46 -27.92 100.63
C THR B 256 -56.67 -28.63 101.71
N ASP B 257 -56.89 -28.24 102.96
CA ASP B 257 -56.19 -28.80 104.11
C ASP B 257 -57.01 -29.82 104.87
N PHE B 258 -58.12 -30.27 104.31
CA PHE B 258 -58.97 -31.24 105.01
C PHE B 258 -58.27 -32.59 105.10
N ARG B 259 -58.28 -33.17 106.29
CA ARG B 259 -57.69 -34.49 106.53
C ARG B 259 -58.67 -35.30 107.36
N ARG B 260 -58.98 -36.50 106.90
CA ARG B 260 -59.93 -37.35 107.61
C ARG B 260 -59.34 -37.83 108.93
N GLN B 261 -60.24 -38.19 109.86
CA GLN B 261 -59.85 -38.63 111.18
C GLN B 261 -59.61 -40.14 111.26
N ASP B 262 -59.49 -40.82 110.13
CA ASP B 262 -59.18 -42.24 110.10
C ASP B 262 -58.04 -42.55 109.14
N THR B 263 -57.22 -41.56 108.80
CA THR B 263 -56.17 -41.71 107.81
C THR B 263 -54.86 -41.18 108.35
N ILE B 264 -53.78 -41.93 108.09
CA ILE B 264 -52.43 -41.54 108.44
C ILE B 264 -51.63 -41.37 107.15
N TRP B 265 -50.94 -40.24 107.02
CA TRP B 265 -50.10 -39.97 105.86
C TRP B 265 -48.66 -40.36 106.13
N VAL B 266 -47.99 -40.85 105.10
CA VAL B 266 -46.58 -41.22 105.16
C VAL B 266 -45.89 -40.52 103.99
N LEU B 267 -45.21 -39.41 104.27
CA LEU B 267 -44.44 -38.67 103.28
C LEU B 267 -42.97 -39.02 103.49
N ALA B 268 -42.32 -39.49 102.43
CA ALA B 268 -40.98 -40.04 102.55
C ALA B 268 -39.91 -39.21 101.86
N LEU B 269 -40.28 -38.09 101.22
CA LEU B 269 -39.30 -37.24 100.56
C LEU B 269 -39.65 -35.77 100.82
N GLN B 270 -38.61 -34.98 101.05
CA GLN B 270 -38.71 -33.52 101.13
C GLN B 270 -38.21 -32.94 99.82
N LEU B 271 -38.99 -32.04 99.23
CA LEU B 271 -38.77 -31.72 97.84
C LEU B 271 -37.62 -30.74 97.54
N PRO B 272 -37.46 -29.62 98.24
CA PRO B 272 -36.35 -28.71 97.88
C PRO B 272 -35.00 -29.38 98.09
N VAL B 273 -34.32 -29.63 96.97
CA VAL B 273 -33.08 -30.41 96.92
C VAL B 273 -31.89 -29.48 97.05
N ASN B 274 -30.87 -29.94 97.78
CA ASN B 274 -29.59 -29.25 97.84
C ASN B 274 -28.84 -29.55 96.55
N PRO B 275 -28.51 -28.54 95.73
CA PRO B 275 -27.77 -28.81 94.48
C PRO B 275 -26.33 -29.25 94.72
N GLN B 276 -25.77 -28.98 95.89
CA GLN B 276 -24.40 -29.41 96.19
C GLN B 276 -24.28 -30.92 96.18
N VAL B 277 -25.34 -31.62 96.59
CA VAL B 277 -25.33 -33.08 96.57
C VAL B 277 -25.16 -33.58 95.14
N VAL B 278 -25.88 -32.97 94.20
CA VAL B 278 -25.80 -33.39 92.81
C VAL B 278 -24.45 -33.03 92.21
N TRP B 279 -23.94 -31.83 92.51
CA TRP B 279 -22.73 -31.34 91.86
C TRP B 279 -21.45 -31.68 92.61
N ASP B 280 -21.52 -32.44 93.70
CA ASP B 280 -20.32 -32.93 94.37
C ASP B 280 -19.84 -34.28 93.83
N VAL B 281 -20.63 -34.94 92.99
CA VAL B 281 -20.23 -36.24 92.45
C VAL B 281 -19.05 -36.05 91.51
N PRO B 282 -17.96 -36.81 91.65
CA PRO B 282 -16.76 -36.55 90.84
C PRO B 282 -16.97 -36.90 89.37
N ARG B 283 -16.54 -35.98 88.49
CA ARG B 283 -16.55 -36.18 87.04
C ARG B 283 -17.96 -36.44 86.52
N SER B 284 -18.88 -35.51 86.81
CA SER B 284 -20.28 -35.67 86.46
C SER B 284 -20.86 -34.48 85.71
N SER B 285 -20.03 -33.68 85.05
CA SER B 285 -20.54 -32.54 84.30
C SER B 285 -21.30 -32.98 83.06
N ILE B 286 -20.73 -33.92 82.30
CA ILE B 286 -21.37 -34.40 81.08
C ILE B 286 -22.70 -35.08 81.41
N ALA B 287 -22.72 -35.89 82.47
CA ALA B 287 -23.94 -36.57 82.87
C ALA B 287 -25.02 -35.57 83.25
N ASN B 288 -24.66 -34.52 83.98
CA ASN B 288 -25.63 -33.51 84.38
C ASN B 288 -26.15 -32.75 83.16
N LEU B 289 -25.28 -32.48 82.19
CA LEU B 289 -25.73 -31.83 80.95
C LEU B 289 -26.72 -32.70 80.20
N ILE B 290 -26.44 -34.00 80.09
CA ILE B 290 -27.34 -34.91 79.40
C ILE B 290 -28.67 -35.02 80.12
N MET B 291 -28.62 -35.04 81.46
CA MET B 291 -29.84 -35.09 82.25
C MET B 291 -30.69 -33.84 82.06
N ASN B 292 -30.05 -32.67 82.03
CA ASN B 292 -30.77 -31.42 81.80
C ASN B 292 -31.43 -31.42 80.43
N ILE B 293 -30.70 -31.88 79.41
CA ILE B 293 -31.27 -31.94 78.06
C ILE B 293 -32.46 -32.88 78.02
N ALA B 294 -32.31 -34.07 78.62
CA ALA B 294 -33.35 -35.09 78.52
C ALA B 294 -34.61 -34.70 79.30
N THR B 295 -34.45 -33.98 80.41
CA THR B 295 -35.60 -33.70 81.26
C THR B 295 -36.27 -32.36 80.95
N CYS B 296 -35.55 -31.36 80.45
CA CYS B 296 -36.11 -30.01 80.39
C CYS B 296 -36.33 -29.46 78.98
N LEU B 297 -35.75 -30.07 77.96
CA LEU B 297 -35.75 -29.44 76.64
C LEU B 297 -37.10 -29.65 75.95
N PRO B 298 -37.71 -28.59 75.41
CA PRO B 298 -39.02 -28.73 74.77
C PRO B 298 -38.90 -29.24 73.34
N THR B 299 -40.07 -29.55 72.77
CA THR B 299 -40.15 -29.97 71.38
C THR B 299 -40.50 -28.77 70.51
N GLY B 300 -39.81 -28.63 69.39
CA GLY B 300 -40.06 -27.53 68.49
C GLY B 300 -39.76 -27.87 67.04
N GLU B 301 -39.77 -26.86 66.18
CA GLU B 301 -39.51 -27.05 64.77
C GLU B 301 -38.71 -25.88 64.23
N TYR B 302 -38.00 -26.14 63.13
CA TYR B 302 -37.18 -25.12 62.48
C TYR B 302 -37.97 -24.43 61.38
N ILE B 303 -37.87 -23.10 61.33
CA ILE B 303 -38.69 -22.27 60.47
C ILE B 303 -37.78 -21.44 59.57
N ALA B 304 -38.03 -21.49 58.26
CA ALA B 304 -37.31 -20.68 57.30
C ALA B 304 -37.84 -19.25 57.30
N PRO B 305 -37.01 -18.30 56.90
CA PRO B 305 -37.49 -16.92 56.76
C PRO B 305 -38.40 -16.74 55.54
N ASN B 306 -39.14 -15.65 55.57
CA ASN B 306 -40.09 -15.35 54.50
C ASN B 306 -39.34 -15.06 53.20
N PRO B 307 -39.77 -15.65 52.07
CA PRO B 307 -39.07 -15.39 50.80
C PRO B 307 -39.18 -13.97 50.29
N ARG B 308 -40.19 -13.21 50.73
CA ARG B 308 -40.34 -11.84 50.27
C ARG B 308 -39.30 -10.89 50.84
N ILE B 309 -38.54 -11.33 51.85
CA ILE B 309 -37.48 -10.49 52.39
C ILE B 309 -36.34 -10.30 51.40
N SER B 310 -36.04 -11.32 50.60
CA SER B 310 -34.88 -11.29 49.72
C SER B 310 -35.17 -10.71 48.34
N SER B 311 -36.37 -10.91 47.79
CA SER B 311 -36.67 -10.50 46.43
C SER B 311 -38.00 -9.76 46.38
N ILE B 312 -38.05 -8.71 45.54
CA ILE B 312 -39.24 -7.91 45.32
C ILE B 312 -39.63 -8.03 43.85
N THR B 313 -40.92 -8.23 43.59
CA THR B 313 -41.45 -8.31 42.24
C THR B 313 -42.22 -7.02 41.92
N LEU B 314 -41.75 -6.28 40.92
CA LEU B 314 -42.43 -5.08 40.47
C LEU B 314 -43.30 -5.32 39.25
N THR B 315 -42.91 -6.23 38.37
CA THR B 315 -43.64 -6.56 37.16
C THR B 315 -43.43 -8.06 36.94
N GLN B 316 -44.30 -8.66 36.12
CA GLN B 316 -44.22 -10.11 35.89
C GLN B 316 -42.86 -10.53 35.36
N ARG B 317 -42.22 -9.68 34.55
CA ARG B 317 -40.92 -10.01 33.97
C ARG B 317 -39.76 -9.32 34.66
N ILE B 318 -40.00 -8.53 35.71
CA ILE B 318 -38.96 -7.74 36.35
C ILE B 318 -38.95 -8.03 37.84
N THR B 319 -37.82 -8.51 38.35
CA THR B 319 -37.67 -8.91 39.74
C THR B 319 -36.27 -8.54 40.22
N THR B 320 -36.16 -8.27 41.52
CA THR B 320 -34.86 -8.04 42.14
C THR B 320 -34.22 -9.35 42.55
N THR B 321 -32.89 -9.40 42.52
CA THR B 321 -32.13 -10.59 42.82
C THR B 321 -31.26 -10.36 44.05
N GLY B 322 -31.18 -11.38 44.91
CA GLY B 322 -30.38 -11.32 46.11
C GLY B 322 -28.93 -11.69 45.86
N PRO B 323 -28.03 -11.24 46.75
CA PRO B 323 -26.60 -11.53 46.55
C PRO B 323 -26.23 -12.98 46.79
N PHE B 324 -27.01 -13.70 47.60
CA PHE B 324 -26.71 -15.09 47.97
C PHE B 324 -27.78 -16.03 47.44
N ALA B 325 -28.18 -15.85 46.19
CA ALA B 325 -29.27 -16.64 45.63
C ALA B 325 -28.92 -18.12 45.54
N ILE B 326 -27.68 -18.43 45.18
CA ILE B 326 -27.28 -19.83 45.02
C ILE B 326 -27.24 -20.54 46.37
N LEU B 327 -26.79 -19.84 47.42
CA LEU B 327 -26.74 -20.45 48.75
C LEU B 327 -28.14 -20.66 49.31
N THR B 328 -29.06 -19.75 49.01
CA THR B 328 -30.42 -19.86 49.53
C THR B 328 -31.13 -21.09 48.97
N GLY B 329 -30.95 -21.38 47.68
CA GLY B 329 -31.59 -22.51 47.06
C GLY B 329 -30.97 -23.86 47.33
N SER B 330 -29.81 -23.90 47.96
CA SER B 330 -29.14 -25.16 48.24
C SER B 330 -29.88 -25.92 49.35
N THR B 331 -29.59 -27.23 49.43
CA THR B 331 -30.19 -28.09 50.43
C THR B 331 -29.09 -28.85 51.17
N PRO B 332 -29.28 -29.13 52.46
CA PRO B 332 -28.23 -29.76 53.24
C PRO B 332 -28.30 -31.28 53.18
N THR B 333 -27.19 -31.90 53.55
CA THR B 333 -27.10 -33.34 53.71
C THR B 333 -27.23 -33.69 55.19
N ALA B 334 -27.29 -35.00 55.48
CA ALA B 334 -27.57 -35.45 56.84
C ALA B 334 -26.49 -34.98 57.82
N GLN B 335 -25.23 -35.04 57.40
CA GLN B 335 -24.15 -34.53 58.24
C GLN B 335 -24.29 -33.03 58.48
N GLN B 336 -24.79 -32.30 57.48
CA GLN B 336 -24.93 -30.86 57.64
C GLN B 336 -26.09 -30.50 58.58
N LEU B 337 -27.20 -31.26 58.52
CA LEU B 337 -28.24 -31.07 59.53
C LEU B 337 -27.74 -31.42 60.92
N ASN B 338 -26.92 -32.46 61.04
CA ASN B 338 -26.35 -32.79 62.34
C ASN B 338 -25.45 -31.67 62.85
N ASP B 339 -24.68 -31.05 61.96
CA ASP B 339 -23.85 -29.91 62.36
C ASP B 339 -24.71 -28.72 62.80
N VAL B 340 -25.83 -28.49 62.11
CA VAL B 340 -26.75 -27.42 62.52
C VAL B 340 -27.29 -27.71 63.93
N ARG B 341 -27.65 -28.96 64.20
CA ARG B 341 -28.11 -29.34 65.52
C ARG B 341 -27.03 -29.10 66.58
N LYS B 342 -25.78 -29.42 66.25
CA LYS B 342 -24.67 -29.18 67.17
C LYS B 342 -24.50 -27.69 67.43
N ILE B 343 -24.65 -26.85 66.41
CA ILE B 343 -24.53 -25.41 66.58
C ILE B 343 -25.60 -24.89 67.52
N TYR B 344 -26.84 -25.35 67.33
CA TYR B 344 -27.92 -24.89 68.21
C TYR B 344 -27.73 -25.40 69.63
N LEU B 345 -27.22 -26.62 69.79
CA LEU B 345 -26.91 -27.12 71.13
C LEU B 345 -25.86 -26.26 71.81
N ALA B 346 -24.83 -25.85 71.07
CA ALA B 346 -23.81 -24.97 71.63
C ALA B 346 -24.40 -23.62 72.02
N LEU B 347 -25.31 -23.09 71.21
CA LEU B 347 -25.95 -21.82 71.53
C LEU B 347 -26.80 -21.92 72.80
N MET B 348 -27.50 -23.03 72.98
CA MET B 348 -28.48 -23.16 74.05
C MET B 348 -27.86 -23.55 75.39
N PHE B 349 -26.56 -23.81 75.44
CA PHE B 349 -25.84 -24.06 76.70
C PHE B 349 -24.55 -23.25 76.68
N PRO B 350 -24.60 -22.00 77.13
CA PRO B 350 -23.42 -21.14 77.05
C PRO B 350 -22.29 -21.62 77.93
N GLY B 351 -21.10 -21.74 77.34
CA GLY B 351 -19.91 -22.13 78.08
C GLY B 351 -19.70 -23.62 78.18
N GLN B 352 -20.77 -24.38 78.41
CA GLN B 352 -20.66 -25.82 78.62
C GLN B 352 -20.32 -26.58 77.34
N ILE B 353 -20.68 -26.04 76.18
CA ILE B 353 -20.35 -26.64 74.89
C ILE B 353 -19.74 -25.56 74.00
N ILE B 354 -18.56 -25.84 73.45
CA ILE B 354 -17.88 -24.92 72.56
C ILE B 354 -17.59 -25.64 71.25
N LEU B 355 -17.40 -24.86 70.19
CA LEU B 355 -17.30 -25.37 68.84
C LEU B 355 -15.89 -25.22 68.28
N ASP B 356 -15.55 -26.12 67.35
CA ASP B 356 -14.30 -26.05 66.60
C ASP B 356 -14.60 -26.37 65.15
N LEU B 357 -13.58 -26.28 64.30
CA LEU B 357 -13.73 -26.48 62.87
C LEU B 357 -13.38 -27.92 62.49
N LYS B 358 -14.18 -28.51 61.61
CA LYS B 358 -13.97 -29.86 61.11
C LYS B 358 -13.27 -29.81 59.76
N ILE B 359 -12.26 -30.65 59.59
CA ILE B 359 -11.46 -30.69 58.36
C ILE B 359 -11.67 -32.06 57.71
N ASP B 360 -12.11 -32.04 56.45
CA ASP B 360 -12.38 -33.27 55.71
C ASP B 360 -11.76 -33.19 54.33
N PRO B 361 -10.79 -34.06 54.01
CA PRO B 361 -10.23 -34.07 52.65
C PRO B 361 -11.25 -34.40 51.57
N GLY B 362 -12.26 -35.20 51.89
CA GLY B 362 -13.27 -35.54 50.90
C GLY B 362 -14.22 -34.41 50.57
N GLU B 363 -14.35 -33.42 51.45
CA GLU B 363 -15.23 -32.30 51.20
C GLU B 363 -14.65 -31.39 50.13
N ARG B 364 -15.51 -30.96 49.20
CA ARG B 364 -15.12 -30.02 48.16
C ARG B 364 -16.21 -28.96 48.04
N MET B 365 -15.81 -27.69 48.12
CA MET B 365 -16.76 -26.59 48.24
C MET B 365 -16.22 -25.35 47.56
N ASP B 366 -17.13 -24.44 47.24
CA ASP B 366 -16.77 -23.14 46.70
C ASP B 366 -16.13 -22.28 47.79
N PRO B 367 -15.05 -21.55 47.49
CA PRO B 367 -14.45 -20.65 48.50
C PRO B 367 -15.39 -19.56 48.99
N ALA B 368 -16.39 -19.20 48.19
CA ALA B 368 -17.37 -18.20 48.61
C ALA B 368 -18.12 -18.65 49.86
N VAL B 369 -18.33 -19.96 50.02
CA VAL B 369 -19.00 -20.46 51.22
C VAL B 369 -18.18 -20.13 52.47
N ARG B 370 -16.87 -20.37 52.42
CA ARG B 370 -16.02 -20.06 53.55
C ARG B 370 -15.97 -18.56 53.82
N MET B 371 -15.86 -17.76 52.75
CA MET B 371 -15.79 -16.31 52.96
C MET B 371 -17.09 -15.76 53.54
N VAL B 372 -18.24 -16.30 53.13
CA VAL B 372 -19.52 -15.84 53.70
C VAL B 372 -19.66 -16.30 55.14
N ALA B 373 -19.23 -17.54 55.44
CA ALA B 373 -19.27 -18.02 56.81
C ALA B 373 -18.39 -17.18 57.72
N GLY B 374 -17.33 -16.59 57.17
CA GLY B 374 -16.54 -15.63 57.94
C GLY B 374 -17.36 -14.48 58.46
N VAL B 375 -18.25 -13.93 57.63
CA VAL B 375 -19.13 -12.85 58.08
C VAL B 375 -20.18 -13.38 59.04
N VAL B 376 -20.75 -14.56 58.75
CA VAL B 376 -21.87 -15.07 59.54
C VAL B 376 -21.43 -15.39 60.97
N GLY B 377 -20.20 -15.92 61.12
CA GLY B 377 -19.75 -16.34 62.44
C GLY B 377 -19.65 -15.21 63.44
N HIS B 378 -19.25 -14.02 62.98
CA HIS B 378 -19.14 -12.88 63.89
C HIS B 378 -20.50 -12.41 64.38
N LEU B 379 -21.54 -12.60 63.57
CA LEU B 379 -22.89 -12.21 63.98
C LEU B 379 -23.63 -13.31 64.73
N LEU B 380 -23.13 -14.55 64.68
CA LEU B 380 -23.85 -15.65 65.30
C LEU B 380 -23.31 -16.07 66.67
N PHE B 381 -22.09 -15.68 67.03
CA PHE B 381 -21.42 -16.26 68.19
C PHE B 381 -20.91 -15.19 69.14
N THR B 382 -20.60 -15.63 70.36
CA THR B 382 -20.03 -14.80 71.41
C THR B 382 -18.65 -15.33 71.77
N ALA B 383 -17.65 -14.44 71.81
CA ALA B 383 -16.27 -14.85 71.98
C ALA B 383 -15.55 -13.96 72.99
N GLY B 384 -16.15 -13.75 74.15
CA GLY B 384 -15.45 -13.04 75.19
C GLY B 384 -16.31 -12.24 76.14
N GLY B 385 -15.69 -11.66 77.15
CA GLY B 385 -16.42 -10.98 78.20
C GLY B 385 -16.68 -11.89 79.38
N ARG B 386 -17.87 -12.49 79.39
CA ARG B 386 -18.34 -13.34 80.48
C ARG B 386 -18.38 -14.82 80.12
N PHE B 387 -18.59 -15.16 78.85
CA PHE B 387 -18.55 -16.55 78.41
C PHE B 387 -18.21 -16.56 76.93
N THR B 388 -18.11 -17.77 76.37
CA THR B 388 -17.78 -17.92 74.96
C THR B 388 -18.46 -19.17 74.41
N ASN B 389 -18.73 -19.15 73.10
CA ASN B 389 -19.22 -20.33 72.39
C ASN B 389 -18.16 -20.99 71.52
N LEU B 390 -16.97 -20.41 71.43
CA LEU B 390 -15.97 -20.83 70.46
C LEU B 390 -14.64 -21.09 71.16
N THR B 391 -13.82 -21.93 70.55
CA THR B 391 -12.43 -22.04 70.94
C THR B 391 -11.62 -20.93 70.30
N GLN B 392 -10.38 -20.75 70.77
CA GLN B 392 -9.55 -19.68 70.26
C GLN B 392 -9.12 -19.95 68.82
N ASN B 393 -8.87 -21.22 68.48
CA ASN B 393 -8.53 -21.57 67.11
C ASN B 393 -9.70 -21.31 66.16
N MET B 394 -10.93 -21.61 66.60
CA MET B 394 -12.10 -21.35 65.78
C MET B 394 -12.26 -19.86 65.51
N ALA B 395 -12.06 -19.02 66.53
CA ALA B 395 -12.11 -17.58 66.35
C ALA B 395 -11.02 -17.10 65.38
N ARG B 396 -9.82 -17.68 65.50
CA ARG B 396 -8.74 -17.33 64.57
C ARG B 396 -9.12 -17.65 63.13
N GLN B 397 -9.70 -18.84 62.90
CA GLN B 397 -10.09 -19.22 61.55
C GLN B 397 -11.20 -18.31 61.02
N LEU B 398 -12.15 -17.95 61.87
CA LEU B 398 -13.21 -17.03 61.44
C LEU B 398 -12.65 -15.66 61.09
N ASP B 399 -11.66 -15.18 61.86
CA ASP B 399 -11.02 -13.91 61.55
C ASP B 399 -10.30 -13.97 60.20
N ILE B 400 -9.61 -15.07 59.93
CA ILE B 400 -8.93 -15.22 58.65
C ILE B 400 -9.93 -15.25 57.50
N ALA B 401 -11.06 -15.95 57.69
CA ALA B 401 -12.09 -16.00 56.66
C ALA B 401 -12.67 -14.61 56.38
N LEU B 402 -12.92 -13.84 57.44
CA LEU B 402 -13.41 -12.46 57.26
C LEU B 402 -12.38 -11.60 56.54
N ASN B 403 -11.10 -11.78 56.87
CA ASN B 403 -10.03 -11.05 56.20
C ASN B 403 -10.03 -11.34 54.71
N ASP B 404 -10.17 -12.62 54.35
CA ASP B 404 -10.21 -12.99 52.93
C ASP B 404 -11.46 -12.45 52.24
N TYR B 405 -12.59 -12.40 52.95
CA TYR B 405 -13.82 -11.88 52.36
C TYR B 405 -13.72 -10.39 52.08
N LEU B 406 -13.11 -9.63 53.00
CA LEU B 406 -13.09 -8.18 52.84
C LEU B 406 -12.15 -7.73 51.73
N LEU B 407 -11.06 -8.46 51.51
CA LEU B 407 -10.08 -8.08 50.50
C LEU B 407 -10.35 -8.71 49.13
N TYR B 408 -11.34 -9.57 49.01
CA TYR B 408 -11.73 -10.13 47.72
C TYR B 408 -12.71 -9.16 47.08
N MET B 409 -12.24 -8.42 46.07
CA MET B 409 -12.95 -7.27 45.54
C MET B 409 -13.38 -7.56 44.11
N TYR B 410 -14.54 -8.20 43.97
CA TYR B 410 -15.18 -8.18 42.67
C TYR B 410 -15.78 -6.80 42.44
N ASN B 411 -16.13 -6.52 41.18
CA ASN B 411 -16.48 -5.19 40.67
C ASN B 411 -15.35 -4.19 40.99
N THR B 412 -15.67 -2.96 41.34
CA THR B 412 -14.65 -1.93 41.49
C THR B 412 -13.94 -2.06 42.84
N ARG B 413 -12.63 -1.88 42.82
CA ARG B 413 -11.78 -1.90 44.01
C ARG B 413 -11.82 -0.56 44.73
N VAL B 414 -11.49 -0.60 46.03
CA VAL B 414 -11.40 0.58 46.86
C VAL B 414 -10.03 0.63 47.52
N GLN B 415 -9.79 1.68 48.30
CA GLN B 415 -8.49 1.92 48.90
C GLN B 415 -8.28 1.11 50.16
N VAL B 416 -7.10 0.51 50.30
CA VAL B 416 -6.71 -0.25 51.48
C VAL B 416 -5.33 0.23 51.93
N ASN B 417 -5.21 0.55 53.22
CA ASN B 417 -3.93 0.91 53.83
C ASN B 417 -3.61 -0.09 54.93
N TYR B 418 -2.56 -0.89 54.72
CA TYR B 418 -2.18 -1.92 55.66
C TYR B 418 -1.37 -1.35 56.81
N GLY B 419 -1.48 -2.00 57.97
CA GLY B 419 -0.73 -1.62 59.14
C GLY B 419 0.60 -2.33 59.25
N PRO B 420 1.37 -2.03 60.30
CA PRO B 420 2.72 -2.59 60.40
C PRO B 420 2.75 -4.08 60.73
N THR B 421 1.84 -4.57 61.56
CA THR B 421 1.82 -5.97 61.91
C THR B 421 1.27 -6.80 60.75
N GLY B 422 1.47 -8.11 60.83
CA GLY B 422 0.95 -9.04 59.86
C GLY B 422 -0.31 -9.77 60.29
N GLU B 423 -0.95 -9.33 61.37
CA GLU B 423 -2.14 -10.00 61.86
C GLU B 423 -3.30 -9.81 60.88
N PRO B 424 -4.26 -10.74 60.84
CA PRO B 424 -5.44 -10.54 60.00
C PRO B 424 -6.24 -9.32 60.46
N LEU B 425 -6.94 -8.71 59.49
CA LEU B 425 -7.82 -7.57 59.66
C LEU B 425 -7.10 -6.29 60.10
N ASP B 426 -5.78 -6.22 59.92
CA ASP B 426 -5.02 -5.03 60.30
C ASP B 426 -4.87 -4.12 59.08
N PHE B 427 -5.92 -3.36 58.80
CA PHE B 427 -5.91 -2.40 57.71
C PHE B 427 -7.09 -1.44 57.89
N GLN B 428 -7.06 -0.35 57.11
CA GLN B 428 -8.18 0.57 56.97
C GLN B 428 -8.70 0.52 55.54
N ILE B 429 -10.01 0.63 55.38
CA ILE B 429 -10.66 0.38 54.10
C ILE B 429 -11.69 1.48 53.84
N GLY B 430 -11.82 1.87 52.57
CA GLY B 430 -12.91 2.71 52.11
C GLY B 430 -12.53 4.16 51.94
N ARG B 431 -13.53 4.95 51.55
CA ARG B 431 -13.34 6.38 51.44
C ARG B 431 -13.12 7.02 52.81
N ASN B 432 -13.83 6.54 53.82
CA ASN B 432 -13.77 7.11 55.17
C ASN B 432 -12.80 6.39 56.09
N GLN B 433 -12.08 5.38 55.60
CA GLN B 433 -11.05 4.67 56.36
C GLN B 433 -11.60 4.03 57.63
N TYR B 434 -12.51 3.08 57.45
CA TYR B 434 -13.00 2.30 58.58
C TYR B 434 -11.88 1.38 59.07
N ASP B 435 -11.67 1.38 60.39
CA ASP B 435 -10.61 0.58 61.01
C ASP B 435 -11.14 -0.83 61.29
N CYS B 436 -10.54 -1.82 60.64
CA CYS B 436 -11.00 -3.20 60.76
C CYS B 436 -10.31 -3.98 61.87
N ASN B 437 -9.45 -3.33 62.66
CA ASN B 437 -8.73 -4.03 63.72
C ASN B 437 -9.64 -4.45 64.87
N VAL B 438 -10.83 -3.85 65.00
CA VAL B 438 -11.69 -4.13 66.13
C VAL B 438 -12.47 -5.43 65.99
N PHE B 439 -12.40 -6.08 64.82
CA PHE B 439 -13.12 -7.32 64.61
C PHE B 439 -12.29 -8.56 64.88
N ARG B 440 -11.02 -8.40 65.25
CA ARG B 440 -10.19 -9.53 65.64
C ARG B 440 -10.51 -9.92 67.07
N ALA B 441 -10.57 -11.23 67.33
CA ALA B 441 -11.07 -11.72 68.61
C ALA B 441 -10.13 -11.34 69.76
N ASP B 442 -10.74 -10.93 70.88
CA ASP B 442 -10.00 -10.58 72.09
C ASP B 442 -10.86 -11.05 73.26
N PHE B 443 -10.52 -12.21 73.82
CA PHE B 443 -11.40 -12.88 74.76
C PHE B 443 -11.55 -12.12 76.08
N ALA B 444 -10.61 -11.24 76.40
CA ALA B 444 -10.73 -10.47 77.63
C ALA B 444 -11.76 -9.35 77.54
N THR B 445 -12.03 -8.83 76.35
CA THR B 445 -12.99 -7.76 76.17
C THR B 445 -14.21 -8.15 75.36
N GLY B 446 -14.13 -9.19 74.53
CA GLY B 446 -15.26 -9.62 73.75
C GLY B 446 -15.51 -8.81 72.49
N THR B 447 -14.57 -7.99 72.06
CA THR B 447 -14.76 -7.17 70.87
C THR B 447 -14.88 -8.03 69.62
N GLY B 448 -15.70 -7.56 68.67
CA GLY B 448 -15.86 -8.22 67.39
C GLY B 448 -17.00 -9.22 67.31
N TYR B 449 -17.58 -9.61 68.44
CA TYR B 449 -18.61 -10.64 68.48
C TYR B 449 -19.84 -10.10 69.22
N ASN B 450 -20.79 -10.99 69.51
CA ASN B 450 -22.10 -10.57 69.98
C ASN B 450 -22.05 -9.91 71.35
N GLY B 451 -21.05 -10.23 72.16
CA GLY B 451 -20.93 -9.64 73.48
C GLY B 451 -20.21 -8.32 73.53
N TRP B 452 -19.90 -7.75 72.37
CA TRP B 452 -19.13 -6.51 72.27
C TRP B 452 -19.96 -5.34 72.80
N ALA B 453 -19.55 -4.78 73.94
CA ALA B 453 -20.19 -3.63 74.56
C ALA B 453 -21.67 -3.89 74.85
N THR B 454 -21.97 -5.08 75.36
CA THR B 454 -23.35 -5.48 75.65
C THR B 454 -23.38 -6.30 76.92
N ILE B 455 -24.44 -6.13 77.70
CA ILE B 455 -24.64 -6.86 78.95
C ILE B 455 -25.30 -8.19 78.61
N ASP B 456 -24.58 -9.29 78.82
CA ASP B 456 -25.06 -10.62 78.47
C ASP B 456 -25.67 -11.35 79.65
N VAL B 457 -25.13 -11.17 80.85
CA VAL B 457 -25.61 -11.84 82.05
C VAL B 457 -26.03 -10.78 83.06
N GLU B 458 -27.23 -10.93 83.61
CA GLU B 458 -27.75 -10.01 84.61
C GLU B 458 -28.42 -10.81 85.72
N TYR B 459 -28.82 -10.11 86.78
CA TYR B 459 -29.45 -10.73 87.93
C TYR B 459 -30.72 -9.99 88.31
N ARG B 460 -31.66 -10.73 88.88
CA ARG B 460 -33.00 -10.25 89.19
C ARG B 460 -33.39 -10.80 90.55
N GLU B 461 -34.70 -10.96 90.74
CA GLU B 461 -35.22 -11.49 92.01
C GLU B 461 -34.73 -12.92 92.21
N PRO B 462 -34.57 -13.37 93.48
CA PRO B 462 -34.08 -14.72 93.78
C PRO B 462 -34.71 -15.85 92.93
N ALA B 463 -33.92 -16.86 92.57
CA ALA B 463 -34.36 -17.98 91.69
C ALA B 463 -34.94 -19.16 92.48
N PRO B 464 -35.87 -19.97 91.90
CA PRO B 464 -36.36 -21.17 92.58
C PRO B 464 -35.22 -22.12 92.97
N TYR B 465 -34.22 -22.30 92.11
CA TYR B 465 -33.03 -23.09 92.41
C TYR B 465 -31.93 -22.16 92.88
N VAL B 466 -31.41 -22.41 94.07
CA VAL B 466 -30.59 -21.42 94.76
C VAL B 466 -29.20 -21.28 94.12
N HIS B 467 -28.72 -22.31 93.43
CA HIS B 467 -27.37 -22.28 92.90
C HIS B 467 -27.26 -21.58 91.54
N ALA B 468 -28.38 -21.33 90.86
CA ALA B 468 -28.38 -20.73 89.53
C ALA B 468 -29.26 -19.50 89.57
N GLN B 469 -28.65 -18.32 89.64
CA GLN B 469 -29.38 -17.07 89.81
C GLN B 469 -29.32 -16.15 88.59
N ARG B 470 -28.66 -16.57 87.52
CA ARG B 470 -28.34 -15.70 86.40
C ARG B 470 -29.43 -15.75 85.33
N TYR B 471 -29.51 -14.66 84.56
CA TYR B 471 -30.35 -14.59 83.37
C TYR B 471 -29.46 -14.27 82.18
N ILE B 472 -29.59 -15.05 81.11
CA ILE B 472 -28.81 -14.86 79.91
C ILE B 472 -29.63 -14.03 78.92
N ARG B 473 -29.01 -12.98 78.38
CA ARG B 473 -29.65 -12.14 77.36
C ARG B 473 -28.68 -11.97 76.19
N TYR B 474 -28.79 -12.86 75.21
CA TYR B 474 -28.04 -12.72 73.97
C TYR B 474 -28.43 -11.43 73.26
N CYS B 475 -27.43 -10.75 72.69
CA CYS B 475 -27.61 -9.55 71.89
C CYS B 475 -28.25 -8.40 72.65
N GLY B 476 -28.34 -8.49 73.98
CA GLY B 476 -28.99 -7.45 74.75
C GLY B 476 -30.49 -7.40 74.64
N ILE B 477 -31.10 -8.33 73.93
CA ILE B 477 -32.55 -8.35 73.73
C ILE B 477 -33.18 -9.11 74.88
N ASP B 478 -34.41 -8.73 75.21
CA ASP B 478 -35.16 -9.36 76.30
C ASP B 478 -36.35 -10.12 75.72
N SER B 479 -36.75 -11.17 76.43
CA SER B 479 -37.92 -11.94 76.01
C SER B 479 -39.20 -11.13 76.14
N ARG B 480 -39.18 -10.07 76.96
CA ARG B 480 -40.35 -9.21 77.12
C ARG B 480 -40.56 -8.32 75.91
N GLU B 481 -39.53 -8.17 75.06
CA GLU B 481 -39.62 -7.27 73.92
C GLU B 481 -40.59 -7.76 72.86
N LEU B 482 -40.88 -9.06 72.83
CA LEU B 482 -41.90 -9.57 71.91
C LEU B 482 -43.31 -9.19 72.33
N ILE B 483 -43.49 -8.66 73.54
CA ILE B 483 -44.79 -8.25 74.03
C ILE B 483 -44.93 -6.74 74.04
N ASN B 484 -43.97 -6.03 74.64
CA ASN B 484 -43.97 -4.57 74.73
C ASN B 484 -42.65 -3.98 74.25
N PRO B 485 -42.49 -3.83 72.94
CA PRO B 485 -41.22 -3.31 72.40
C PRO B 485 -40.98 -1.86 72.80
N THR B 486 -39.69 -1.51 72.86
CA THR B 486 -39.27 -0.17 73.24
C THR B 486 -38.82 0.67 72.06
N THR B 487 -38.80 0.12 70.85
CA THR B 487 -38.39 0.85 69.66
C THR B 487 -39.39 0.59 68.56
N TYR B 488 -39.21 1.30 67.45
CA TYR B 488 -39.95 1.00 66.24
C TYR B 488 -39.34 -0.22 65.54
N GLY B 489 -40.00 -0.65 64.46
CA GLY B 489 -39.50 -1.80 63.72
C GLY B 489 -38.15 -1.53 63.07
N ILE B 490 -37.96 -0.32 62.54
CA ILE B 490 -36.70 0.05 61.92
C ILE B 490 -35.61 0.33 62.93
N GLY B 491 -35.95 0.44 64.22
CA GLY B 491 -35.01 0.81 65.25
C GLY B 491 -34.36 -0.30 66.02
N MET B 492 -34.70 -1.56 65.75
CA MET B 492 -34.06 -2.68 66.44
C MET B 492 -32.63 -2.85 65.94
N THR B 493 -31.68 -2.89 66.87
CA THR B 493 -30.27 -3.01 66.52
C THR B 493 -29.48 -3.34 67.78
N TYR B 494 -28.21 -3.68 67.58
CA TYR B 494 -27.23 -3.78 68.66
C TYR B 494 -25.85 -3.52 68.06
N HIS B 495 -24.86 -3.37 68.95
CA HIS B 495 -23.61 -2.70 68.58
C HIS B 495 -22.85 -3.44 67.49
N CYS B 496 -22.60 -4.74 67.70
CA CYS B 496 -21.75 -5.48 66.77
C CYS B 496 -22.36 -5.56 65.38
N TYR B 497 -23.68 -5.74 65.31
CA TYR B 497 -24.32 -5.96 64.03
C TYR B 497 -24.30 -4.67 63.20
N ASN B 498 -24.55 -3.54 63.88
CA ASN B 498 -24.49 -2.23 63.24
C ASN B 498 -23.07 -1.90 62.77
N GLU B 499 -22.06 -2.23 63.59
CA GLU B 499 -20.68 -2.01 63.18
C GLU B 499 -20.33 -2.85 61.97
N MET B 500 -20.83 -4.09 61.91
CA MET B 500 -20.58 -4.93 60.74
C MET B 500 -21.25 -4.34 59.50
N LEU B 501 -22.46 -3.81 59.64
CA LEU B 501 -23.11 -3.16 58.50
C LEU B 501 -22.29 -1.96 58.01
N ARG B 502 -21.78 -1.15 58.94
CA ARG B 502 -20.97 0.01 58.56
C ARG B 502 -19.69 -0.42 57.85
N MET B 503 -19.04 -1.47 58.35
CA MET B 503 -17.81 -1.95 57.70
C MET B 503 -18.10 -2.52 56.32
N LEU B 504 -19.22 -3.24 56.17
CA LEU B 504 -19.60 -3.79 54.88
C LEU B 504 -19.88 -2.69 53.86
N VAL B 505 -20.53 -1.61 54.30
CA VAL B 505 -20.74 -0.47 53.40
C VAL B 505 -19.42 0.19 53.05
N ALA B 506 -18.51 0.32 54.02
CA ALA B 506 -17.23 0.97 53.75
C ALA B 506 -16.36 0.15 52.80
N ALA B 507 -16.59 -1.15 52.71
CA ALA B 507 -15.80 -2.03 51.85
C ALA B 507 -16.38 -2.14 50.44
N GLY B 508 -17.42 -1.39 50.13
CA GLY B 508 -18.01 -1.42 48.80
C GLY B 508 -18.97 -2.55 48.54
N LYS B 509 -19.42 -3.26 49.58
CA LYS B 509 -20.36 -4.36 49.42
C LYS B 509 -21.73 -3.93 49.94
N ASP B 510 -22.54 -3.40 49.01
CA ASP B 510 -23.77 -2.72 49.41
C ASP B 510 -24.99 -3.65 49.35
N SER B 511 -25.04 -4.55 48.37
CA SER B 511 -26.16 -5.49 48.28
C SER B 511 -26.20 -6.43 49.47
N GLU B 512 -25.04 -6.92 49.89
CA GLU B 512 -24.96 -7.78 51.07
C GLU B 512 -25.39 -7.03 52.32
N ALA B 513 -24.98 -5.77 52.44
CA ALA B 513 -25.40 -4.96 53.58
C ALA B 513 -26.90 -4.75 53.59
N ALA B 514 -27.50 -4.55 52.42
CA ALA B 514 -28.95 -4.42 52.33
C ALA B 514 -29.64 -5.72 52.75
N TYR B 515 -29.11 -6.86 52.31
CA TYR B 515 -29.66 -8.15 52.72
C TYR B 515 -29.64 -8.32 54.22
N PHE B 516 -28.51 -8.02 54.85
CA PHE B 516 -28.40 -8.17 56.30
C PHE B 516 -29.29 -7.16 57.03
N ARG B 517 -29.40 -5.95 56.51
CA ARG B 517 -30.28 -4.95 57.12
C ARG B 517 -31.73 -5.39 57.08
N SER B 518 -32.15 -6.05 55.99
CA SER B 518 -33.49 -6.60 55.95
C SER B 518 -33.64 -7.81 56.88
N MET B 519 -32.57 -8.60 57.05
CA MET B 519 -32.67 -9.83 57.82
C MET B 519 -32.58 -9.62 59.33
N LEU B 520 -32.14 -8.44 59.80
CA LEU B 520 -31.90 -8.21 61.23
C LEU B 520 -33.07 -8.52 62.17
N PRO B 521 -34.32 -8.10 61.91
CA PRO B 521 -35.39 -8.44 62.88
C PRO B 521 -35.60 -9.92 63.08
N PHE B 522 -35.47 -10.73 62.02
CA PHE B 522 -35.58 -12.17 62.14
C PHE B 522 -34.50 -12.73 63.08
N HIS B 523 -33.27 -12.23 62.91
CA HIS B 523 -32.15 -12.63 63.76
C HIS B 523 -32.40 -12.30 65.22
N MET B 524 -32.87 -11.08 65.49
CA MET B 524 -33.10 -10.68 66.87
C MET B 524 -34.28 -11.42 67.50
N VAL B 525 -35.32 -11.71 66.73
CA VAL B 525 -36.44 -12.50 67.27
C VAL B 525 -35.99 -13.92 67.59
N ARG B 526 -35.13 -14.50 66.74
CA ARG B 526 -34.60 -15.82 67.03
C ARG B 526 -33.83 -15.83 68.34
N PHE B 527 -32.97 -14.82 68.55
CA PHE B 527 -32.20 -14.81 69.79
C PHE B 527 -33.08 -14.51 71.00
N ALA B 528 -34.17 -13.76 70.82
CA ALA B 528 -35.12 -13.57 71.92
C ALA B 528 -35.77 -14.89 72.32
N ARG B 529 -36.15 -15.71 71.33
CA ARG B 529 -36.72 -17.01 71.65
C ARG B 529 -35.70 -17.92 72.34
N ILE B 530 -34.44 -17.87 71.91
CA ILE B 530 -33.39 -18.65 72.57
C ILE B 530 -33.22 -18.20 74.02
N ASN B 531 -33.25 -16.88 74.25
CA ASN B 531 -33.16 -16.35 75.61
C ASN B 531 -34.31 -16.87 76.47
N GLN B 532 -35.53 -16.85 75.92
CA GLN B 532 -36.68 -17.34 76.68
C GLN B 532 -36.54 -18.82 77.01
N ILE B 533 -36.08 -19.62 76.05
CA ILE B 533 -35.91 -21.05 76.29
C ILE B 533 -34.88 -21.29 77.39
N ILE B 534 -33.76 -20.56 77.33
CA ILE B 534 -32.71 -20.74 78.33
C ILE B 534 -33.21 -20.35 79.72
N ASN B 535 -33.91 -19.21 79.81
CA ASN B 535 -34.24 -18.68 81.13
C ASN B 535 -35.46 -19.36 81.75
N GLU B 536 -36.34 -19.96 80.95
CA GLU B 536 -37.56 -20.56 81.51
C GLU B 536 -37.52 -22.09 81.53
N ASP B 537 -37.30 -22.71 80.37
CA ASP B 537 -37.48 -24.16 80.25
C ASP B 537 -36.36 -24.92 80.95
N LEU B 538 -35.13 -24.43 80.86
CA LEU B 538 -33.95 -25.21 81.23
C LEU B 538 -33.54 -25.03 82.69
N HIS B 539 -34.33 -24.31 83.49
CA HIS B 539 -33.98 -24.11 84.89
C HIS B 539 -34.18 -25.41 85.67
N SER B 540 -33.09 -25.94 86.23
CA SER B 540 -33.13 -27.21 86.93
C SER B 540 -31.93 -27.33 87.86
N VAL B 541 -31.93 -28.39 88.66
CA VAL B 541 -30.80 -28.63 89.55
C VAL B 541 -29.58 -29.09 88.75
N PHE B 542 -29.80 -29.57 87.52
CA PHE B 542 -28.73 -30.00 86.64
C PHE B 542 -28.08 -28.84 85.90
N SER B 543 -28.51 -27.61 86.18
CA SER B 543 -27.85 -26.44 85.61
C SER B 543 -26.50 -26.21 86.27
N LEU B 544 -25.62 -25.55 85.54
CA LEU B 544 -24.28 -25.28 86.06
C LEU B 544 -24.36 -24.19 87.13
N PRO B 545 -23.70 -24.38 88.28
CA PRO B 545 -23.72 -23.34 89.32
C PRO B 545 -23.01 -22.07 88.86
N ASP B 546 -23.36 -20.97 89.52
CA ASP B 546 -22.92 -19.64 89.07
C ASP B 546 -21.40 -19.50 89.14
N ASP B 547 -20.79 -20.00 90.22
CA ASP B 547 -19.35 -19.82 90.39
C ASP B 547 -18.56 -20.59 89.34
N MET B 548 -19.00 -21.81 89.01
CA MET B 548 -18.34 -22.57 87.95
C MET B 548 -18.53 -21.88 86.60
N PHE B 549 -19.72 -21.34 86.36
CA PHE B 549 -19.98 -20.60 85.12
C PHE B 549 -19.06 -19.39 85.00
N ASN B 550 -18.82 -18.71 86.12
CA ASN B 550 -17.92 -17.55 86.10
C ASN B 550 -16.47 -17.97 85.93
N ALA B 551 -16.08 -19.11 86.49
CA ALA B 551 -14.70 -19.57 86.38
C ALA B 551 -14.39 -20.26 85.06
N LEU B 552 -15.40 -20.56 84.24
CA LEU B 552 -15.16 -21.29 83.00
C LEU B 552 -14.20 -20.55 82.06
N LEU B 553 -14.43 -19.25 81.85
CA LEU B 553 -13.69 -18.52 80.82
C LEU B 553 -12.27 -18.10 81.23
N PRO B 554 -12.03 -17.58 82.45
CA PRO B 554 -10.64 -17.31 82.83
C PRO B 554 -9.74 -18.53 82.81
N ASP B 555 -10.27 -19.71 83.19
CA ASP B 555 -9.50 -20.93 83.12
C ASP B 555 -9.18 -21.29 81.67
N LEU B 556 -10.13 -21.06 80.76
CA LEU B 556 -9.87 -21.32 79.34
C LEU B 556 -8.79 -20.39 78.80
N ILE B 557 -8.83 -19.12 79.18
CA ILE B 557 -7.81 -18.18 78.71
C ILE B 557 -6.44 -18.55 79.28
N ALA B 558 -6.38 -18.87 80.57
CA ALA B 558 -5.12 -19.15 81.23
C ALA B 558 -4.64 -20.58 81.03
N GLY B 559 -5.44 -21.44 80.40
CA GLY B 559 -5.04 -22.82 80.20
C GLY B 559 -4.87 -23.62 81.48
N ALA B 560 -5.70 -23.36 82.47
CA ALA B 560 -5.58 -24.02 83.77
C ALA B 560 -6.39 -25.32 83.79
N HIS B 561 -6.29 -26.04 84.90
CA HIS B 561 -7.07 -27.26 85.07
C HIS B 561 -8.52 -26.92 85.41
N GLN B 562 -9.44 -27.68 84.84
CA GLN B 562 -10.86 -27.44 85.01
C GLN B 562 -11.56 -28.70 85.49
N ASN B 563 -12.47 -28.54 86.45
CA ASN B 563 -13.31 -29.64 86.91
C ASN B 563 -14.58 -29.78 86.10
N ALA B 564 -14.87 -28.84 85.21
CA ALA B 564 -16.04 -28.84 84.34
C ALA B 564 -15.63 -28.51 82.91
N ASP B 565 -14.63 -29.24 82.41
CA ASP B 565 -14.04 -29.05 81.09
C ASP B 565 -15.10 -29.07 80.01
N PRO B 566 -15.22 -28.01 79.20
CA PRO B 566 -16.29 -27.95 78.19
C PRO B 566 -16.13 -29.02 77.12
N VAL B 567 -17.27 -29.44 76.57
CA VAL B 567 -17.28 -30.38 75.46
C VAL B 567 -17.01 -29.62 74.17
N VAL B 568 -16.20 -30.21 73.29
CA VAL B 568 -15.84 -29.60 72.02
C VAL B 568 -16.48 -30.42 70.90
N LEU B 569 -17.22 -29.75 70.02
CA LEU B 569 -17.84 -30.38 68.86
C LEU B 569 -17.41 -29.64 67.60
N ASP B 570 -17.30 -30.37 66.49
CA ASP B 570 -16.75 -29.85 65.25
C ASP B 570 -17.85 -29.70 64.21
N VAL B 571 -17.82 -28.58 63.46
CA VAL B 571 -18.81 -28.27 62.45
C VAL B 571 -18.11 -27.86 61.16
N SER B 572 -18.87 -27.90 60.07
CA SER B 572 -18.36 -27.53 58.76
C SER B 572 -18.67 -26.07 58.45
N TRP B 573 -18.17 -25.60 57.30
CA TRP B 573 -18.31 -24.21 56.92
C TRP B 573 -19.76 -23.86 56.55
N ILE B 574 -20.39 -24.69 55.71
CA ILE B 574 -21.71 -24.37 55.21
C ILE B 574 -22.79 -24.56 56.28
N SER B 575 -22.47 -25.28 57.36
CA SER B 575 -23.40 -25.41 58.47
C SER B 575 -23.68 -24.08 59.13
N LEU B 576 -22.69 -23.17 59.15
CA LEU B 576 -22.93 -21.84 59.69
C LEU B 576 -23.98 -21.09 58.88
N TRP B 577 -23.87 -21.13 57.55
CA TRP B 577 -24.86 -20.48 56.70
C TRP B 577 -26.23 -21.11 56.87
N PHE B 578 -26.29 -22.44 56.95
CA PHE B 578 -27.58 -23.11 57.13
C PHE B 578 -28.20 -22.77 58.47
N ALA B 579 -27.39 -22.64 59.53
CA ALA B 579 -27.91 -22.31 60.85
C ALA B 579 -28.32 -20.84 60.94
N PHE B 580 -27.68 -19.96 60.18
CA PHE B 580 -28.07 -18.55 60.20
C PHE B 580 -29.43 -18.34 59.55
N ASN B 581 -29.84 -19.21 58.63
CA ASN B 581 -31.05 -19.03 57.84
C ASN B 581 -32.22 -19.85 58.36
N ARG B 582 -32.31 -20.04 59.67
CA ARG B 582 -33.44 -20.75 60.26
C ARG B 582 -33.56 -20.34 61.72
N SER B 583 -34.71 -20.67 62.30
CA SER B 583 -35.01 -20.34 63.69
C SER B 583 -35.70 -21.53 64.35
N PHE B 584 -35.55 -21.64 65.66
CA PHE B 584 -36.15 -22.72 66.44
C PHE B 584 -37.37 -22.19 67.18
N GLU B 585 -38.53 -22.76 66.88
CA GLU B 585 -39.80 -22.34 67.47
C GLU B 585 -40.36 -23.47 68.32
N PRO B 586 -40.29 -23.40 69.65
CA PRO B 586 -40.90 -24.46 70.46
C PRO B 586 -42.40 -24.53 70.26
N THR B 587 -42.92 -25.76 70.23
CA THR B 587 -44.35 -26.01 70.08
C THR B 587 -44.97 -26.62 71.32
N HIS B 588 -44.42 -27.72 71.83
CA HIS B 588 -44.92 -28.38 73.02
C HIS B 588 -43.81 -28.44 74.06
N ARG B 589 -44.21 -28.70 75.30
CA ARG B 589 -43.28 -28.75 76.42
C ARG B 589 -42.84 -30.19 76.66
N ASN B 590 -41.68 -30.33 77.31
CA ASN B 590 -41.13 -31.66 77.59
C ASN B 590 -42.09 -32.47 78.45
N GLU B 591 -42.28 -33.74 78.07
CA GLU B 591 -43.26 -34.58 78.75
C GLU B 591 -42.84 -34.97 80.16
N MET B 592 -41.55 -34.86 80.49
CA MET B 592 -41.07 -35.12 81.84
C MET B 592 -40.94 -33.85 82.68
N LEU B 593 -41.43 -32.71 82.19
CA LEU B 593 -41.23 -31.45 82.90
C LEU B 593 -41.95 -31.44 84.23
N GLU B 594 -43.12 -32.08 84.31
CA GLU B 594 -43.91 -32.04 85.53
C GLU B 594 -43.28 -32.88 86.65
N VAL B 595 -42.68 -34.03 86.29
CA VAL B 595 -42.26 -35.02 87.26
C VAL B 595 -40.77 -34.94 87.56
N ALA B 596 -40.04 -34.03 86.92
CA ALA B 596 -38.60 -33.95 87.10
C ALA B 596 -38.13 -33.69 88.54
N PRO B 597 -38.73 -32.78 89.32
CA PRO B 597 -38.24 -32.60 90.70
C PRO B 597 -38.32 -33.84 91.57
N LEU B 598 -39.31 -34.71 91.36
CA LEU B 598 -39.37 -35.96 92.12
C LEU B 598 -38.19 -36.86 91.77
N ILE B 599 -37.84 -36.92 90.47
CA ILE B 599 -36.68 -37.68 90.03
C ILE B 599 -35.41 -37.14 90.66
N GLU B 600 -35.27 -35.80 90.69
CA GLU B 600 -34.10 -35.18 91.29
C GLU B 600 -34.00 -35.50 92.78
N SER B 601 -35.14 -35.45 93.48
CA SER B 601 -35.15 -35.77 94.91
C SER B 601 -34.74 -37.21 95.17
N VAL B 602 -35.25 -38.15 94.36
CA VAL B 602 -34.89 -39.55 94.54
C VAL B 602 -33.39 -39.76 94.33
N TYR B 603 -32.86 -39.16 93.26
CA TYR B 603 -31.45 -39.31 92.93
C TYR B 603 -30.55 -38.75 94.04
N ALA B 604 -30.90 -37.56 94.54
CA ALA B 604 -30.11 -36.93 95.59
C ALA B 604 -30.16 -37.74 96.88
N SER B 605 -31.34 -38.27 97.24
CA SER B 605 -31.45 -39.06 98.46
C SER B 605 -30.62 -40.34 98.37
N GLU B 606 -30.65 -41.01 97.22
CA GLU B 606 -29.84 -42.22 97.07
C GLU B 606 -28.36 -41.91 97.17
N LEU B 607 -27.93 -40.80 96.56
CA LEU B 607 -26.52 -40.41 96.66
C LEU B 607 -26.12 -40.13 98.11
N SER B 608 -27.00 -39.46 98.87
CA SER B 608 -26.69 -39.17 100.27
C SER B 608 -26.54 -40.44 101.08
N VAL B 609 -27.42 -41.42 100.85
CA VAL B 609 -27.33 -42.68 101.58
C VAL B 609 -26.01 -43.39 101.26
N MET B 610 -25.63 -43.42 99.98
CA MET B 610 -24.36 -44.04 99.61
C MET B 610 -23.18 -43.34 100.26
N LYS B 611 -23.20 -42.00 100.30
CA LYS B 611 -22.10 -41.26 100.90
C LYS B 611 -22.00 -41.54 102.40
N VAL B 612 -23.15 -41.65 103.07
CA VAL B 612 -23.13 -41.95 104.51
C VAL B 612 -22.52 -43.33 104.76
N ASP B 613 -22.92 -44.32 103.95
CA ASP B 613 -22.36 -45.66 104.13
C ASP B 613 -20.85 -45.67 103.92
N MET B 614 -20.37 -44.98 102.88
CA MET B 614 -18.94 -44.94 102.62
C MET B 614 -18.19 -44.22 103.74
N ARG B 615 -18.76 -43.12 104.25
CA ARG B 615 -18.11 -42.37 105.31
C ARG B 615 -17.99 -43.21 106.58
N HIS B 616 -19.02 -44.00 106.89
CA HIS B 616 -18.92 -44.87 108.07
C HIS B 616 -17.92 -45.99 107.85
N LEU B 617 -17.81 -46.51 106.63
CA LEU B 617 -16.87 -47.59 106.38
C LEU B 617 -15.43 -47.10 106.36
N SER B 618 -15.20 -45.82 106.08
CA SER B 618 -13.83 -45.33 105.90
C SER B 618 -12.99 -45.33 107.18
N LEU B 619 -13.58 -45.52 108.36
CA LEU B 619 -12.85 -45.46 109.62
C LEU B 619 -12.41 -46.82 110.15
N MET B 620 -12.77 -47.90 109.46
CA MET B 620 -12.51 -49.25 109.97
C MET B 620 -11.01 -49.53 110.09
N GLN B 621 -10.22 -49.09 109.11
CA GLN B 621 -8.79 -49.35 109.15
C GLN B 621 -8.12 -48.67 110.32
N ARG B 622 -8.53 -47.43 110.63
CA ARG B 622 -8.00 -46.77 111.81
C ARG B 622 -8.49 -47.42 113.09
N ARG B 623 -9.70 -47.99 113.08
CA ARG B 623 -10.21 -48.62 114.29
C ARG B 623 -9.53 -49.96 114.58
N PHE B 624 -9.34 -50.78 113.54
CA PHE B 624 -8.70 -52.09 113.67
C PHE B 624 -7.65 -52.25 112.58
N PRO B 625 -6.43 -51.74 112.81
CA PRO B 625 -5.40 -51.77 111.76
C PRO B 625 -4.95 -53.18 111.35
N ASP B 626 -4.97 -54.15 112.27
CA ASP B 626 -4.42 -55.47 111.96
C ASP B 626 -5.35 -56.29 111.08
N VAL B 627 -6.63 -55.94 110.98
CA VAL B 627 -7.56 -56.68 110.15
C VAL B 627 -7.58 -56.17 108.71
N LEU B 628 -7.19 -54.92 108.48
CA LEU B 628 -7.32 -54.29 107.18
C LEU B 628 -5.95 -53.89 106.63
N ILE B 629 -4.98 -54.80 106.70
CA ILE B 629 -3.61 -54.45 106.33
C ILE B 629 -3.47 -54.14 104.85
N GLN B 630 -4.31 -54.74 104.01
CA GLN B 630 -4.20 -54.62 102.56
C GLN B 630 -5.41 -53.89 101.95
N ALA B 631 -5.84 -52.80 102.56
CA ALA B 631 -7.06 -52.11 102.18
C ALA B 631 -6.78 -50.82 101.43
N ARG B 632 -7.68 -50.50 100.49
CA ARG B 632 -7.72 -49.25 99.75
C ARG B 632 -9.11 -48.64 99.85
N PRO B 633 -9.24 -47.34 99.58
CA PRO B 633 -10.59 -46.76 99.47
C PRO B 633 -11.45 -47.41 98.38
N SER B 634 -10.83 -47.89 97.30
CA SER B 634 -11.59 -48.52 96.23
C SER B 634 -12.29 -49.78 96.71
N HIS B 635 -11.75 -50.44 97.73
CA HIS B 635 -12.39 -51.65 98.26
C HIS B 635 -13.77 -51.34 98.83
N PHE B 636 -13.86 -50.37 99.75
CA PHE B 636 -15.17 -50.08 100.30
C PHE B 636 -16.03 -49.29 99.32
N TRP B 637 -15.42 -48.57 98.39
CA TRP B 637 -16.16 -47.94 97.31
C TRP B 637 -16.95 -48.98 96.51
N LYS B 638 -16.25 -50.02 96.04
CA LYS B 638 -16.91 -51.05 95.25
C LYS B 638 -17.84 -51.90 96.11
N ALA B 639 -17.51 -52.07 97.40
CA ALA B 639 -18.41 -52.80 98.29
C ALA B 639 -19.73 -52.06 98.45
N VAL B 640 -19.70 -50.73 98.56
CA VAL B 640 -20.94 -49.97 98.67
C VAL B 640 -21.69 -49.98 97.34
N LEU B 641 -20.98 -49.79 96.22
CA LEU B 641 -21.65 -49.80 94.92
C LEU B 641 -22.26 -51.15 94.57
N ASN B 642 -21.75 -52.25 95.13
CA ASN B 642 -22.41 -53.53 94.88
C ASN B 642 -23.71 -53.70 95.64
N ASP B 643 -24.15 -52.73 96.42
CA ASP B 643 -25.40 -52.84 97.19
C ASP B 643 -26.22 -51.57 97.03
N SER B 644 -26.27 -51.04 95.82
CA SER B 644 -26.95 -49.80 95.50
C SER B 644 -27.90 -50.02 94.33
N PRO B 645 -28.95 -49.21 94.21
CA PRO B 645 -29.85 -49.35 93.05
C PRO B 645 -29.13 -49.12 91.74
N GLU B 646 -29.54 -49.89 90.72
CA GLU B 646 -28.86 -49.89 89.44
C GLU B 646 -29.10 -48.62 88.65
N ALA B 647 -30.27 -48.00 88.80
CA ALA B 647 -30.58 -46.80 88.02
C ALA B 647 -29.69 -45.62 88.44
N VAL B 648 -29.41 -45.50 89.73
CA VAL B 648 -28.54 -44.43 90.20
C VAL B 648 -27.12 -44.60 89.66
N LYS B 649 -26.62 -45.83 89.68
CA LYS B 649 -25.31 -46.11 89.11
C LYS B 649 -25.29 -45.83 87.61
N ALA B 650 -26.38 -46.16 86.93
CA ALA B 650 -26.48 -45.87 85.50
C ALA B 650 -26.44 -44.36 85.24
N VAL B 651 -27.10 -43.58 86.08
CA VAL B 651 -27.04 -42.13 85.95
C VAL B 651 -25.62 -41.64 86.18
N MET B 652 -24.94 -42.17 87.20
CA MET B 652 -23.58 -41.72 87.47
C MET B 652 -22.60 -42.15 86.38
N ASN B 653 -22.91 -43.22 85.65
CA ASN B 653 -22.00 -43.77 84.66
C ASN B 653 -22.39 -43.45 83.23
N LEU B 654 -23.04 -42.31 82.98
CA LEU B 654 -23.40 -41.95 81.61
C LEU B 654 -22.16 -41.68 80.77
N SER B 655 -21.11 -41.14 81.39
CA SER B 655 -19.87 -40.80 80.69
C SER B 655 -18.75 -41.79 80.96
N HIS B 656 -19.06 -42.96 81.51
CA HIS B 656 -18.07 -43.97 81.88
C HIS B 656 -17.02 -43.42 82.84
N SER B 657 -17.46 -42.67 83.85
CA SER B 657 -16.51 -42.02 84.76
C SER B 657 -15.99 -42.98 85.81
N HIS B 658 -16.64 -44.13 86.03
CA HIS B 658 -16.17 -45.06 87.04
C HIS B 658 -14.86 -45.74 86.64
N ASN B 659 -14.48 -45.65 85.37
CA ASN B 659 -13.22 -46.25 84.93
C ASN B 659 -12.02 -45.33 85.17
N PHE B 660 -12.25 -44.06 85.50
CA PHE B 660 -11.16 -43.08 85.50
C PHE B 660 -10.94 -42.37 86.83
N ILE B 661 -11.81 -42.54 87.81
CA ILE B 661 -11.62 -41.85 89.09
C ILE B 661 -10.64 -42.61 89.96
N ASN B 662 -9.80 -41.88 90.68
CA ASN B 662 -8.77 -42.45 91.54
C ASN B 662 -9.13 -42.25 93.01
N ILE B 663 -8.23 -42.71 93.88
CA ILE B 663 -8.52 -42.76 95.32
C ILE B 663 -8.64 -41.37 95.91
N ARG B 664 -7.89 -40.40 95.36
CA ARG B 664 -7.98 -39.03 95.85
C ARG B 664 -9.37 -38.45 95.63
N ASP B 665 -9.97 -38.71 94.47
CA ASP B 665 -11.32 -38.23 94.20
C ASP B 665 -12.34 -38.84 95.16
N MET B 666 -12.22 -40.14 95.41
CA MET B 666 -13.16 -40.82 96.31
C MET B 666 -13.03 -40.30 97.73
N MET B 667 -11.80 -40.12 98.21
CA MET B 667 -11.63 -39.58 99.55
C MET B 667 -12.01 -38.12 99.64
N ARG B 668 -11.93 -37.38 98.53
CA ARG B 668 -12.44 -36.00 98.54
C ARG B 668 -13.96 -35.99 98.61
N TRP B 669 -14.62 -36.88 97.88
CA TRP B 669 -16.07 -36.94 97.90
C TRP B 669 -16.60 -37.36 99.27
N VAL B 670 -15.93 -38.31 99.92
CA VAL B 670 -16.39 -38.80 101.20
C VAL B 670 -16.38 -37.72 102.29
N MET B 671 -15.40 -36.82 102.26
CA MET B 671 -15.25 -35.82 103.30
C MET B 671 -16.18 -34.63 103.16
N LEU B 672 -16.84 -34.46 102.02
CA LEU B 672 -17.75 -33.33 101.84
C LEU B 672 -19.01 -33.52 102.69
N PRO B 673 -19.54 -32.43 103.26
CA PRO B 673 -20.57 -32.56 104.30
C PRO B 673 -22.01 -32.50 103.82
N SER B 674 -22.24 -32.20 102.54
CA SER B 674 -23.60 -31.97 102.05
C SER B 674 -24.39 -33.27 101.95
N LEU B 675 -25.61 -33.24 102.47
CA LEU B 675 -26.51 -34.40 102.45
C LEU B 675 -27.94 -33.94 102.20
N GLN B 676 -28.76 -34.86 101.69
CA GLN B 676 -30.18 -34.62 101.43
C GLN B 676 -31.02 -35.51 102.32
N PRO B 677 -31.85 -34.95 103.21
CA PRO B 677 -32.59 -35.78 104.16
C PRO B 677 -33.69 -36.59 103.50
N SER B 678 -33.99 -37.74 104.11
CA SER B 678 -35.07 -38.61 103.70
C SER B 678 -35.36 -39.58 104.84
N LEU B 679 -36.47 -40.32 104.70
CA LEU B 679 -36.80 -41.33 105.70
C LEU B 679 -35.79 -42.47 105.71
N LYS B 680 -35.41 -42.94 104.53
CA LYS B 680 -34.46 -44.05 104.46
C LYS B 680 -33.08 -43.63 104.95
N LEU B 681 -32.71 -42.36 104.74
CA LEU B 681 -31.46 -41.86 105.30
C LEU B 681 -31.50 -41.86 106.83
N ALA B 682 -32.61 -41.44 107.42
CA ALA B 682 -32.73 -41.45 108.88
C ALA B 682 -32.65 -42.88 109.42
N LEU B 683 -33.32 -43.82 108.77
CA LEU B 683 -33.26 -45.21 109.22
C LEU B 683 -31.86 -45.78 109.07
N GLU B 684 -31.17 -45.45 107.97
CA GLU B 684 -29.79 -45.90 107.78
C GLU B 684 -28.87 -45.34 108.85
N GLU B 685 -29.06 -44.06 109.20
CA GLU B 685 -28.23 -43.45 110.24
C GLU B 685 -28.49 -44.10 111.60
N GLU B 686 -29.75 -44.39 111.91
CA GLU B 686 -30.06 -45.06 113.17
C GLU B 686 -29.47 -46.47 113.21
N ALA B 687 -29.53 -47.19 112.09
CA ALA B 687 -28.95 -48.53 112.03
C ALA B 687 -27.43 -48.48 112.20
N TRP B 688 -26.78 -47.48 111.60
CA TRP B 688 -25.35 -47.31 111.79
C TRP B 688 -25.01 -46.98 113.23
N ALA B 689 -25.85 -46.17 113.89
CA ALA B 689 -25.64 -45.86 115.29
C ALA B 689 -25.76 -47.10 116.16
N ALA B 690 -26.71 -47.99 115.84
CA ALA B 690 -26.84 -49.23 116.57
C ALA B 690 -25.61 -50.12 116.38
N ALA B 691 -25.07 -50.16 115.16
CA ALA B 691 -23.93 -50.99 114.82
C ALA B 691 -22.59 -50.35 115.15
N ASN B 692 -22.58 -49.31 116.00
CA ASN B 692 -21.35 -48.61 116.32
C ASN B 692 -20.36 -49.53 117.03
N ASP B 693 -20.83 -50.33 117.99
CA ASP B 693 -20.00 -51.33 118.63
C ASP B 693 -20.17 -52.68 117.93
N PHE B 694 -19.07 -53.42 117.83
CA PHE B 694 -19.09 -54.69 117.12
C PHE B 694 -19.64 -55.85 117.93
N GLU B 695 -19.93 -55.63 119.21
CA GLU B 695 -20.54 -56.70 120.01
C GLU B 695 -21.94 -57.02 119.53
N ASP B 696 -22.65 -56.04 118.98
CA ASP B 696 -23.97 -56.28 118.42
C ASP B 696 -23.92 -56.87 117.01
N LEU B 697 -22.74 -56.96 116.40
CA LEU B 697 -22.56 -57.66 115.14
C LEU B 697 -22.01 -59.07 115.33
N MET B 698 -21.84 -59.51 116.57
CA MET B 698 -21.20 -60.78 116.92
C MET B 698 -19.79 -60.89 116.33
N LEU B 699 -19.05 -59.78 116.34
CA LEU B 699 -17.63 -59.76 116.06
C LEU B 699 -16.89 -59.35 117.33
N THR B 700 -15.83 -60.07 117.67
CA THR B 700 -15.15 -59.84 118.93
C THR B 700 -13.68 -60.18 118.79
N ASP B 701 -12.89 -59.70 119.76
CA ASP B 701 -11.46 -60.00 119.85
C ASP B 701 -11.08 -60.54 121.22
N GLN B 702 -12.06 -60.85 122.06
CA GLN B 702 -11.82 -61.31 123.43
C GLN B 702 -11.78 -62.84 123.48
N VAL B 703 -10.78 -63.41 122.81
CA VAL B 703 -10.63 -64.86 122.69
C VAL B 703 -9.43 -65.28 123.50
N TYR B 704 -9.62 -66.28 124.36
CA TYR B 704 -8.59 -66.73 125.28
C TYR B 704 -8.28 -68.22 125.08
N MET B 705 -7.11 -68.63 125.55
CA MET B 705 -6.77 -70.03 125.71
C MET B 705 -6.46 -70.31 127.17
N HIS B 706 -6.94 -71.46 127.65
CA HIS B 706 -6.76 -71.88 129.03
C HIS B 706 -7.11 -73.35 129.11
N ARG B 707 -6.28 -74.12 129.82
CA ARG B 707 -6.49 -75.56 129.91
C ARG B 707 -7.57 -75.85 130.95
N ASP B 708 -8.70 -76.35 130.48
CA ASP B 708 -9.81 -76.75 131.34
C ASP B 708 -10.30 -78.13 130.93
N MET B 709 -10.87 -78.85 131.89
CA MET B 709 -11.40 -80.18 131.63
C MET B 709 -12.90 -80.20 131.86
N LEU B 710 -13.58 -81.08 131.12
CA LEU B 710 -15.02 -81.20 131.22
C LEU B 710 -15.40 -81.75 132.59
N PRO B 711 -16.42 -81.20 133.24
CA PRO B 711 -16.85 -81.72 134.55
C PRO B 711 -17.43 -83.12 134.44
N GLU B 712 -17.19 -83.91 135.48
CA GLU B 712 -17.70 -85.27 135.59
C GLU B 712 -18.32 -85.45 136.97
N PRO B 713 -19.55 -84.98 137.16
CA PRO B 713 -20.15 -85.00 138.49
C PRO B 713 -20.52 -86.41 138.92
N ARG B 714 -20.84 -86.54 140.21
CA ARG B 714 -21.23 -87.80 140.81
C ARG B 714 -22.75 -87.90 140.86
N LEU B 715 -23.29 -88.98 140.33
CA LEU B 715 -24.74 -89.17 140.25
C LEU B 715 -25.24 -90.03 141.39
N ASP B 716 -25.08 -89.52 142.61
CA ASP B 716 -25.57 -90.23 143.79
C ASP B 716 -27.09 -90.25 143.82
N ASP B 717 -27.73 -89.13 143.47
CA ASP B 717 -29.17 -89.04 143.36
C ASP B 717 -29.53 -88.54 141.97
N ILE B 718 -30.58 -89.10 141.40
CA ILE B 718 -30.96 -88.72 140.03
C ILE B 718 -31.93 -87.55 140.05
N GLU B 719 -32.82 -87.50 141.02
CA GLU B 719 -33.87 -86.48 141.03
C GLU B 719 -33.29 -85.09 141.27
N ARG B 720 -32.43 -84.95 142.29
CA ARG B 720 -31.85 -83.64 142.57
C ARG B 720 -30.96 -83.17 141.43
N PHE B 721 -30.16 -84.08 140.85
CA PHE B 721 -29.30 -83.72 139.74
C PHE B 721 -30.12 -83.30 138.53
N ARG B 722 -31.24 -83.97 138.29
CA ARG B 722 -32.14 -83.54 137.22
C ARG B 722 -32.72 -82.17 137.50
N GLN B 723 -33.14 -81.92 138.74
CA GLN B 723 -33.80 -80.68 139.07
C GLN B 723 -32.85 -79.48 139.00
N GLU B 724 -31.58 -79.67 139.34
CA GLU B 724 -30.67 -78.53 139.35
C GLU B 724 -30.30 -78.03 137.95
N GLY B 725 -30.51 -78.83 136.91
CA GLY B 725 -30.27 -78.39 135.55
C GLY B 725 -28.81 -78.09 135.22
N PHE B 726 -27.97 -79.12 135.25
CA PHE B 726 -26.55 -78.95 134.99
C PHE B 726 -26.28 -78.65 133.52
N TYR B 727 -25.33 -77.76 133.28
CA TYR B 727 -24.87 -77.47 131.93
C TYR B 727 -23.46 -76.91 131.99
N TYR B 728 -22.78 -76.95 130.85
CA TYR B 728 -21.41 -76.47 130.74
C TYR B 728 -21.27 -75.62 129.49
N THR B 729 -20.47 -74.55 129.60
CA THR B 729 -20.26 -73.64 128.48
C THR B 729 -18.86 -73.07 128.53
N ASN B 730 -18.39 -72.59 127.39
CA ASN B 730 -17.10 -71.91 127.29
C ASN B 730 -17.25 -70.39 127.23
N MET B 731 -18.45 -69.87 127.50
CA MET B 731 -18.65 -68.44 127.64
C MET B 731 -18.14 -67.96 128.99
N LEU B 732 -17.49 -66.80 129.01
CA LEU B 732 -16.86 -66.29 130.21
C LEU B 732 -17.77 -65.29 130.91
N GLU B 733 -17.93 -65.47 132.22
CA GLU B 733 -18.68 -64.51 133.02
C GLU B 733 -17.98 -63.15 133.03
N ALA B 734 -16.70 -63.15 133.35
CA ALA B 734 -15.86 -61.96 133.37
C ALA B 734 -14.49 -62.32 132.84
N PRO B 735 -13.79 -61.36 132.23
CA PRO B 735 -12.42 -61.63 131.80
C PRO B 735 -11.54 -61.91 133.00
N PRO B 736 -10.51 -62.73 132.84
CA PRO B 736 -9.64 -63.07 133.97
C PRO B 736 -8.79 -61.89 134.41
N GLU B 737 -8.21 -62.03 135.60
CA GLU B 737 -7.38 -60.98 136.15
C GLU B 737 -6.15 -60.75 135.28
N ILE B 738 -5.73 -59.49 135.17
CA ILE B 738 -4.64 -59.12 134.27
C ILE B 738 -3.32 -59.66 134.78
N ASP B 739 -3.24 -60.02 136.06
CA ASP B 739 -2.01 -60.55 136.63
C ASP B 739 -1.65 -61.92 136.08
N ARG B 740 -2.58 -62.60 135.41
CA ARG B 740 -2.35 -63.94 134.89
C ARG B 740 -2.71 -64.05 133.41
N VAL B 741 -2.51 -62.97 132.65
CA VAL B 741 -2.81 -62.94 131.23
C VAL B 741 -1.57 -62.48 130.47
N VAL B 742 -1.25 -63.18 129.39
CA VAL B 742 -0.14 -62.85 128.52
C VAL B 742 -0.71 -62.35 127.19
N GLN B 743 -0.35 -61.12 126.82
CA GLN B 743 -0.89 -60.51 125.62
C GLN B 743 -0.07 -60.91 124.40
N TYR B 744 -0.77 -61.33 123.35
CA TYR B 744 -0.15 -61.63 122.06
C TYR B 744 -0.75 -60.72 120.99
N THR B 745 0.09 -60.25 120.09
CA THR B 745 -0.32 -59.48 118.92
C THR B 745 -0.11 -60.32 117.68
N TYR B 746 -0.60 -59.80 116.55
CA TYR B 746 -0.46 -60.51 115.28
C TYR B 746 1.00 -60.63 114.86
N GLU B 747 1.75 -59.53 114.97
CA GLU B 747 3.13 -59.51 114.49
C GLU B 747 4.02 -60.42 115.32
N ILE B 748 3.89 -60.35 116.65
CA ILE B 748 4.71 -61.18 117.53
C ILE B 748 4.43 -62.66 117.28
N ALA B 749 3.14 -63.01 117.17
CA ALA B 749 2.77 -64.40 116.94
C ALA B 749 3.30 -64.90 115.59
N ARG B 750 3.17 -64.08 114.55
CA ARG B 750 3.62 -64.54 113.23
C ARG B 750 5.14 -64.65 113.18
N LEU B 751 5.86 -63.78 113.88
CA LEU B 751 7.31 -63.88 113.90
C LEU B 751 7.76 -65.11 114.68
N GLN B 752 7.12 -65.36 115.83
CA GLN B 752 7.47 -66.54 116.62
C GLN B 752 7.12 -67.83 115.88
N ALA B 753 6.07 -67.80 115.06
CA ALA B 753 5.72 -68.97 114.26
C ALA B 753 6.68 -69.16 113.09
N ASN B 754 7.13 -68.06 112.48
CA ASN B 754 8.13 -68.17 111.41
C ASN B 754 9.44 -68.72 111.94
N MET B 755 9.85 -68.30 113.13
CA MET B 755 11.07 -68.86 113.71
C MET B 755 10.87 -70.25 114.31
N GLY B 756 9.68 -70.82 114.20
CA GLY B 756 9.44 -72.19 114.66
C GLY B 756 9.57 -72.38 116.16
N GLN B 757 9.04 -71.44 116.94
CA GLN B 757 9.12 -71.54 118.40
C GLN B 757 7.85 -71.08 119.10
N PHE B 758 6.73 -70.97 118.39
CA PHE B 758 5.47 -70.54 118.99
C PHE B 758 4.84 -71.64 119.83
N ARG B 759 4.92 -72.89 119.35
CA ARG B 759 4.29 -74.01 120.05
C ARG B 759 4.88 -74.23 121.43
N ALA B 760 6.21 -74.14 121.54
CA ALA B 760 6.85 -74.33 122.84
C ALA B 760 6.46 -73.24 123.81
N ALA B 761 6.35 -72.00 123.34
CA ALA B 761 5.94 -70.89 124.19
C ALA B 761 4.52 -71.10 124.70
N LEU B 762 3.61 -71.49 123.81
CA LEU B 762 2.23 -71.73 124.24
C LEU B 762 2.14 -72.88 125.22
N ARG B 763 2.88 -73.96 124.96
CA ARG B 763 2.88 -75.11 125.85
C ARG B 763 3.39 -74.73 127.24
N ARG B 764 4.47 -73.95 127.30
CA ARG B 764 5.01 -73.56 128.60
C ARG B 764 4.03 -72.65 129.33
N ILE B 765 3.43 -71.68 128.62
CA ILE B 765 2.52 -70.74 129.28
C ILE B 765 1.32 -71.47 129.84
N MET B 766 0.73 -72.39 129.06
CA MET B 766 -0.43 -73.11 129.58
C MET B 766 -0.05 -74.20 130.56
N ASP B 767 1.24 -74.55 130.66
CA ASP B 767 1.66 -75.46 131.72
C ASP B 767 1.64 -74.80 133.09
N ASP B 768 1.92 -73.49 133.15
CA ASP B 768 1.84 -72.75 134.41
C ASP B 768 0.42 -72.30 134.75
N ASP B 769 -0.58 -72.80 134.03
CA ASP B 769 -1.99 -72.49 134.29
C ASP B 769 -2.27 -70.99 134.14
N ASP B 770 -1.75 -70.39 133.06
CA ASP B 770 -1.94 -68.99 132.76
C ASP B 770 -2.83 -68.83 131.53
N TRP B 771 -3.28 -67.58 131.31
CA TRP B 771 -4.18 -67.26 130.22
C TRP B 771 -3.43 -66.51 129.12
N VAL B 772 -3.87 -66.74 127.89
CA VAL B 772 -3.34 -66.06 126.71
C VAL B 772 -4.48 -65.38 125.99
N ARG B 773 -4.30 -64.11 125.62
CA ARG B 773 -5.31 -63.35 124.91
C ARG B 773 -4.84 -63.09 123.49
N PHE B 774 -5.66 -63.48 122.51
CA PHE B 774 -5.38 -63.24 121.09
C PHE B 774 -6.17 -62.01 120.63
N GLY B 775 -5.70 -60.84 121.06
CA GLY B 775 -6.37 -59.61 120.74
C GLY B 775 -5.85 -58.93 119.48
N GLY B 776 -6.64 -57.97 118.99
CA GLY B 776 -6.26 -57.17 117.85
C GLY B 776 -6.94 -57.53 116.55
N VAL B 777 -7.63 -58.66 116.48
CA VAL B 777 -8.30 -59.11 115.26
C VAL B 777 -9.75 -59.47 115.57
N LEU B 778 -10.65 -59.16 114.65
CA LEU B 778 -12.06 -59.48 114.80
C LEU B 778 -12.35 -60.87 114.22
N ARG B 779 -13.28 -61.59 114.85
CA ARG B 779 -13.63 -62.94 114.46
C ARG B 779 -15.14 -63.08 114.39
N THR B 780 -15.60 -64.01 113.57
CA THR B 780 -17.01 -64.39 113.56
C THR B 780 -17.25 -65.45 114.63
N VAL B 781 -18.38 -65.33 115.32
CA VAL B 781 -18.70 -66.20 116.44
C VAL B 781 -20.02 -66.90 116.15
N ARG B 782 -20.02 -68.23 116.28
CA ARG B 782 -21.23 -69.04 116.16
C ARG B 782 -21.66 -69.54 117.53
N VAL B 783 -22.94 -69.90 117.65
CA VAL B 783 -23.52 -70.41 118.87
C VAL B 783 -24.23 -71.72 118.57
N LYS B 784 -23.89 -72.78 119.30
CA LYS B 784 -24.47 -74.10 119.11
C LYS B 784 -24.84 -74.71 120.45
N PHE B 785 -25.76 -75.67 120.41
CA PHE B 785 -26.21 -76.39 121.59
C PHE B 785 -26.06 -77.89 121.37
N TYR B 786 -25.82 -78.61 122.46
CA TYR B 786 -25.58 -80.05 122.38
C TYR B 786 -26.25 -80.77 123.54
N ASP B 787 -26.89 -81.90 123.23
CA ASP B 787 -27.42 -82.80 124.24
C ASP B 787 -26.48 -83.96 124.54
N ALA B 788 -25.43 -84.14 123.75
CA ALA B 788 -24.45 -85.18 123.95
C ALA B 788 -23.06 -84.59 123.76
N ARG B 789 -22.03 -85.43 123.88
CA ARG B 789 -20.66 -84.96 123.80
C ARG B 789 -20.38 -84.36 122.42
N PRO B 790 -19.87 -83.15 122.34
CA PRO B 790 -19.71 -82.49 121.04
C PRO B 790 -18.59 -83.14 120.23
N PRO B 791 -18.52 -82.86 118.93
CA PRO B 791 -17.40 -83.38 118.12
C PRO B 791 -16.08 -82.77 118.57
N ASP B 792 -15.00 -83.50 118.26
CA ASP B 792 -13.68 -83.12 118.75
C ASP B 792 -13.20 -81.82 118.14
N ASP B 793 -13.72 -81.44 116.97
CA ASP B 793 -13.35 -80.15 116.40
C ASP B 793 -13.91 -79.00 117.24
N VAL B 794 -15.10 -79.16 117.81
CA VAL B 794 -15.67 -78.11 118.66
C VAL B 794 -14.90 -78.02 119.97
N LEU B 795 -14.60 -79.16 120.60
CA LEU B 795 -13.93 -79.14 121.91
C LEU B 795 -12.45 -78.77 121.79
N GLN B 796 -11.75 -79.32 120.81
CA GLN B 796 -10.31 -79.13 120.70
C GLN B 796 -9.92 -78.02 119.74
N GLY B 797 -10.87 -77.21 119.28
CA GLY B 797 -10.54 -76.13 118.38
C GLY B 797 -9.67 -75.07 119.05
N LEU B 798 -8.87 -74.40 118.24
CA LEU B 798 -7.93 -73.40 118.69
C LEU B 798 -8.16 -72.08 117.94
N PRO B 799 -7.77 -70.95 118.54
CA PRO B 799 -7.96 -69.65 117.86
C PRO B 799 -7.08 -69.45 116.64
N PHE B 800 -6.16 -70.36 116.34
CA PHE B 800 -5.26 -70.22 115.21
C PHE B 800 -5.23 -71.54 114.44
N SER B 801 -4.64 -71.49 113.25
CA SER B 801 -4.48 -72.69 112.44
C SER B 801 -3.21 -72.55 111.61
N TYR B 802 -2.66 -73.70 111.22
CA TYR B 802 -1.43 -73.74 110.44
C TYR B 802 -1.77 -73.89 108.96
N ASP B 803 -1.19 -73.02 108.14
CA ASP B 803 -1.47 -73.00 106.71
C ASP B 803 -0.74 -74.13 105.99
N THR B 814 4.23 -70.52 108.98
CA THR B 814 3.20 -69.49 108.86
C THR B 814 1.88 -69.97 109.45
N ILE B 815 1.12 -69.03 110.02
CA ILE B 815 -0.14 -69.33 110.68
C ILE B 815 -1.21 -68.39 110.18
N LYS B 816 -2.47 -68.80 110.34
CA LYS B 816 -3.62 -67.95 110.13
C LYS B 816 -4.12 -67.49 111.49
N TYR B 817 -4.02 -66.19 111.75
CA TYR B 817 -4.35 -65.67 113.07
C TYR B 817 -5.85 -65.65 113.33
N ALA B 818 -6.64 -65.35 112.30
CA ALA B 818 -8.09 -65.31 112.45
C ALA B 818 -8.70 -66.65 112.08
N THR B 819 -9.66 -67.08 112.89
CA THR B 819 -10.38 -68.33 112.69
C THR B 819 -11.71 -68.23 113.43
N GLU B 820 -12.81 -68.68 112.81
CA GLU B 820 -14.10 -68.59 113.46
C GLU B 820 -14.12 -69.47 114.71
N THR B 821 -14.77 -68.96 115.76
CA THR B 821 -14.85 -69.64 117.05
C THR B 821 -16.30 -69.94 117.37
N THR B 822 -16.51 -71.06 118.05
CA THR B 822 -17.85 -71.54 118.37
C THR B 822 -18.06 -71.54 119.88
N ILE B 823 -19.12 -70.87 120.33
CA ILE B 823 -19.58 -70.96 121.70
C ILE B 823 -20.58 -72.10 121.77
N PHE B 824 -20.25 -73.14 122.53
CA PHE B 824 -21.11 -74.31 122.64
C PHE B 824 -21.71 -74.37 124.04
N TYR B 825 -22.97 -74.81 124.11
CA TYR B 825 -23.66 -75.04 125.37
C TYR B 825 -23.97 -76.52 125.47
N LEU B 826 -23.37 -77.20 126.43
CA LEU B 826 -23.53 -78.64 126.60
C LEU B 826 -24.47 -78.91 127.76
N ILE B 827 -25.51 -79.69 127.49
CA ILE B 827 -26.55 -80.00 128.46
C ILE B 827 -26.43 -81.47 128.84
N TYR B 828 -26.41 -81.73 130.15
CA TYR B 828 -26.17 -83.08 130.66
C TYR B 828 -27.51 -83.76 130.94
N ASN B 829 -27.75 -84.89 130.28
CA ASN B 829 -28.95 -85.69 130.47
C ASN B 829 -28.56 -87.04 131.07
N VAL B 830 -29.32 -87.48 132.07
CA VAL B 830 -29.06 -88.74 132.76
C VAL B 830 -30.35 -89.55 132.80
N GLU B 831 -30.21 -90.84 133.13
CA GLU B 831 -31.33 -91.76 133.22
C GLU B 831 -31.24 -92.52 134.54
N PHE B 832 -32.30 -93.24 134.87
CA PHE B 832 -32.36 -94.00 136.12
C PHE B 832 -31.42 -95.19 136.13
N SER B 833 -30.85 -95.57 134.99
CA SER B 833 -29.96 -96.72 134.91
C SER B 833 -28.49 -96.35 135.08
N ASN B 834 -28.19 -95.09 135.39
CA ASN B 834 -26.82 -94.61 135.41
C ASN B 834 -26.14 -94.98 136.73
N THR B 835 -24.99 -95.63 136.63
CA THR B 835 -24.14 -95.88 137.79
C THR B 835 -23.67 -94.54 138.37
N PRO B 836 -23.56 -94.43 139.70
CA PRO B 836 -23.12 -93.16 140.30
C PRO B 836 -21.78 -92.66 139.79
N ASP B 837 -20.84 -93.55 139.46
CA ASP B 837 -19.53 -93.16 138.96
C ASP B 837 -19.36 -93.53 137.48
N SER B 838 -20.47 -93.60 136.74
CA SER B 838 -20.40 -93.99 135.33
C SER B 838 -19.83 -92.90 134.43
N LEU B 839 -19.75 -91.66 134.91
CA LEU B 839 -19.27 -90.54 134.10
C LEU B 839 -17.78 -90.28 134.28
N VAL B 840 -17.09 -91.05 135.10
CA VAL B 840 -15.70 -90.78 135.43
C VAL B 840 -14.80 -91.56 134.48
N LEU B 841 -13.95 -90.85 133.75
CA LEU B 841 -12.96 -91.44 132.86
C LEU B 841 -11.60 -91.46 133.54
N ILE B 842 -10.74 -92.36 133.06
CA ILE B 842 -9.42 -92.53 133.68
C ILE B 842 -8.53 -91.33 133.40
N ASN B 843 -8.71 -90.66 132.26
CA ASN B 843 -7.91 -89.51 131.92
C ASN B 843 -8.80 -88.32 131.64
N PRO B 844 -8.36 -87.11 132.02
CA PRO B 844 -9.19 -85.91 131.79
C PRO B 844 -9.34 -85.59 130.31
N THR B 845 -10.49 -85.01 129.98
CA THR B 845 -10.78 -84.54 128.63
C THR B 845 -10.69 -83.02 128.61
N TYR B 846 -9.71 -82.50 127.87
CA TYR B 846 -9.41 -81.09 127.92
C TYR B 846 -10.21 -80.29 126.89
N THR B 847 -10.52 -79.04 127.26
CA THR B 847 -11.14 -78.08 126.37
C THR B 847 -10.29 -76.80 126.40
N MET B 848 -10.30 -76.07 125.30
CA MET B 848 -9.22 -75.13 125.01
C MET B 848 -9.65 -73.67 124.95
N THR B 849 -10.64 -73.33 124.14
CA THR B 849 -10.92 -71.93 123.81
C THR B 849 -12.06 -71.36 124.65
N LYS B 850 -11.85 -70.16 125.17
CA LYS B 850 -12.87 -69.41 125.88
C LYS B 850 -13.03 -68.04 125.23
N VAL B 851 -14.18 -67.41 125.46
CA VAL B 851 -14.52 -66.15 124.81
C VAL B 851 -15.47 -65.36 125.71
N PHE B 852 -15.31 -64.04 125.70
CA PHE B 852 -16.10 -63.14 126.53
C PHE B 852 -16.86 -62.17 125.62
N ILE B 853 -18.17 -62.07 125.81
CA ILE B 853 -19.05 -61.31 124.93
C ILE B 853 -19.61 -60.07 125.61
N ASN B 854 -19.91 -60.16 126.91
CA ASN B 854 -20.55 -59.09 127.69
C ASN B 854 -21.95 -58.77 127.14
N LYS B 855 -22.64 -59.80 126.66
CA LYS B 855 -24.04 -59.71 126.31
C LYS B 855 -24.76 -60.92 126.86
N ARG B 856 -25.99 -60.73 127.33
CA ARG B 856 -26.78 -61.82 127.90
C ARG B 856 -27.48 -62.55 126.76
N ILE B 857 -26.79 -63.52 126.18
CA ILE B 857 -27.32 -64.29 125.07
C ILE B 857 -28.06 -65.53 125.55
N VAL B 858 -27.43 -66.32 126.42
CA VAL B 858 -28.04 -67.51 127.00
C VAL B 858 -27.92 -67.41 128.51
N GLU B 859 -29.04 -67.56 129.21
CA GLU B 859 -29.07 -67.43 130.66
C GLU B 859 -30.03 -68.46 131.24
N ARG B 860 -29.62 -69.06 132.35
CA ARG B 860 -30.47 -70.01 133.07
C ARG B 860 -31.32 -69.24 134.08
N VAL B 861 -32.64 -69.29 133.91
CA VAL B 861 -33.56 -68.55 134.75
C VAL B 861 -34.58 -69.52 135.33
N ARG B 862 -35.15 -69.12 136.47
CA ARG B 862 -36.22 -69.91 137.08
C ARG B 862 -37.54 -69.64 136.37
N VAL B 863 -38.51 -70.53 136.61
CA VAL B 863 -39.78 -70.46 135.88
C VAL B 863 -40.56 -69.21 136.29
N GLY B 864 -40.30 -68.69 137.50
CA GLY B 864 -40.95 -67.46 137.91
C GLY B 864 -40.46 -66.23 137.19
N GLN B 865 -39.28 -66.31 136.58
CA GLN B 865 -38.68 -65.18 135.88
C GLN B 865 -38.85 -65.23 134.37
N ILE B 866 -39.74 -66.10 133.87
CA ILE B 866 -39.95 -66.22 132.44
C ILE B 866 -40.51 -64.94 131.84
N LEU B 867 -41.46 -64.31 132.51
CA LEU B 867 -42.11 -63.11 132.02
C LEU B 867 -41.44 -61.82 132.48
N ALA B 868 -40.14 -61.87 132.75
CA ALA B 868 -39.38 -60.68 133.12
C ALA B 868 -38.81 -59.94 131.92
N VAL B 869 -39.17 -60.35 130.70
CA VAL B 869 -38.61 -59.76 129.49
C VAL B 869 -39.57 -58.79 128.82
N LEU B 870 -40.73 -58.52 129.42
CA LEU B 870 -41.71 -57.60 128.87
C LEU B 870 -41.43 -56.21 129.42
N ASN B 871 -40.61 -55.43 128.71
CA ASN B 871 -40.25 -54.10 129.18
C ASN B 871 -40.19 -53.06 128.07
N ARG B 872 -40.82 -53.29 126.93
CA ARG B 872 -40.84 -52.34 125.83
C ARG B 872 -42.27 -51.92 125.53
N ARG B 873 -42.47 -50.62 125.34
CA ARG B 873 -43.80 -50.08 125.07
C ARG B 873 -44.04 -50.02 123.56
N PHE B 874 -45.14 -50.63 123.13
CA PHE B 874 -45.56 -50.61 121.73
C PHE B 874 -46.87 -49.85 121.60
N VAL B 875 -46.98 -49.07 120.53
CA VAL B 875 -48.20 -48.33 120.21
C VAL B 875 -48.71 -48.80 118.87
N ALA B 876 -49.91 -49.37 118.85
CA ALA B 876 -50.48 -49.99 117.67
C ALA B 876 -51.75 -49.27 117.24
N TYR B 877 -51.94 -49.14 115.94
CA TYR B 877 -53.11 -48.48 115.39
C TYR B 877 -54.32 -49.42 115.39
N LYS B 878 -55.51 -48.83 115.50
CA LYS B 878 -56.74 -49.59 115.46
C LYS B 878 -57.03 -50.06 114.04
N GLY B 879 -57.95 -51.01 113.94
CA GLY B 879 -58.30 -51.56 112.63
C GLY B 879 -59.04 -50.57 111.75
N LYS B 880 -59.69 -49.58 112.35
CA LYS B 880 -60.43 -48.58 111.58
C LYS B 880 -59.51 -47.63 110.83
N MET B 881 -58.25 -47.51 111.24
CA MET B 881 -57.34 -46.55 110.62
C MET B 881 -56.83 -47.05 109.28
N ARG B 882 -56.45 -46.10 108.42
CA ARG B 882 -55.87 -46.40 107.12
C ARG B 882 -54.55 -45.66 106.99
N ILE B 883 -53.54 -46.36 106.48
CA ILE B 883 -52.21 -45.80 106.27
C ILE B 883 -51.99 -45.67 104.78
N MET B 884 -51.67 -44.46 104.33
CA MET B 884 -51.57 -44.17 102.91
C MET B 884 -50.31 -43.38 102.63
N ASP B 885 -49.70 -43.64 101.47
CA ASP B 885 -48.48 -42.96 101.06
C ASP B 885 -48.83 -41.89 100.02
N ILE B 886 -48.38 -40.66 100.27
CA ILE B 886 -48.73 -39.52 99.44
C ILE B 886 -47.50 -38.93 98.74
N THR B 887 -46.41 -39.68 98.64
CA THR B 887 -45.21 -39.16 98.00
C THR B 887 -45.41 -38.91 96.52
N GLN B 888 -46.27 -39.70 95.85
CA GLN B 888 -46.50 -39.52 94.42
C GLN B 888 -47.22 -38.22 94.10
N SER B 889 -47.84 -37.58 95.08
CA SER B 889 -48.59 -36.35 94.85
C SER B 889 -47.70 -35.12 94.74
N LEU B 890 -46.37 -35.28 94.76
CA LEU B 890 -45.47 -34.13 94.65
C LEU B 890 -45.20 -33.78 93.19
N LYS B 891 -46.26 -33.56 92.42
CA LYS B 891 -46.16 -33.04 91.07
C LYS B 891 -46.44 -31.54 91.06
N MET B 892 -46.02 -30.89 89.98
CA MET B 892 -45.89 -29.44 89.96
C MET B 892 -47.20 -28.71 89.63
N GLY B 893 -48.15 -29.36 88.97
CA GLY B 893 -49.35 -28.67 88.54
C GLY B 893 -50.49 -28.62 89.53
N THR B 894 -50.19 -28.50 90.82
CA THR B 894 -51.19 -28.41 91.88
C THR B 894 -51.05 -27.09 92.63
N LYS B 895 -52.19 -26.45 92.91
CA LYS B 895 -52.22 -25.16 93.59
C LYS B 895 -53.01 -25.28 94.89
N LEU B 896 -52.50 -24.67 95.95
CA LEU B 896 -53.15 -24.70 97.24
C LEU B 896 -54.28 -23.67 97.31
N ALA B 897 -55.29 -23.99 98.12
CA ALA B 897 -56.36 -23.02 98.37
C ALA B 897 -55.85 -21.85 99.20
N ALA B 898 -54.99 -22.11 100.18
CA ALA B 898 -54.33 -21.06 100.96
C ALA B 898 -52.84 -21.09 100.67
N PRO B 899 -52.32 -20.10 99.93
CA PRO B 899 -50.90 -20.14 99.54
C PRO B 899 -49.97 -20.11 100.75
N THR B 900 -48.88 -20.85 100.63
CA THR B 900 -47.92 -20.97 101.73
C THR B 900 -47.15 -19.68 101.92
N VAL B 901 -46.96 -19.30 103.19
CA VAL B 901 -46.25 -18.11 103.66
C VAL B 901 -46.48 -16.87 102.79
N SER C 27 -31.54 -14.77 -13.69
CA SER C 27 -30.65 -13.86 -14.40
C SER C 27 -31.20 -12.43 -14.36
N GLY C 28 -30.38 -11.50 -13.87
CA GLY C 28 -30.78 -10.12 -13.81
C GLY C 28 -29.69 -9.23 -13.22
N PRO C 29 -29.89 -7.91 -13.28
CA PRO C 29 -28.91 -7.00 -12.69
C PRO C 29 -28.93 -7.06 -11.17
N LEU C 30 -27.77 -6.76 -10.58
CA LEU C 30 -27.66 -6.70 -9.13
C LEU C 30 -28.43 -5.50 -8.58
N LEU C 31 -29.03 -5.69 -7.41
CA LEU C 31 -29.70 -4.59 -6.74
C LEU C 31 -28.68 -3.58 -6.22
N SER C 32 -29.12 -2.33 -6.12
CA SER C 32 -28.31 -1.28 -5.53
C SER C 32 -28.55 -1.25 -4.02
N VAL C 33 -27.86 -0.34 -3.34
CA VAL C 33 -28.08 -0.16 -1.91
C VAL C 33 -29.48 0.38 -1.66
N PHE C 34 -29.91 1.35 -2.48
CA PHE C 34 -31.15 2.08 -2.22
C PHE C 34 -32.37 1.16 -2.26
N ALA C 35 -32.56 0.47 -3.39
CA ALA C 35 -33.75 -0.38 -3.56
C ALA C 35 -33.76 -1.52 -2.57
N LEU C 36 -32.60 -2.13 -2.33
CA LEU C 36 -32.51 -3.21 -1.36
C LEU C 36 -32.89 -2.73 0.03
N GLN C 37 -32.38 -1.56 0.44
CA GLN C 37 -32.73 -1.02 1.76
C GLN C 37 -34.21 -0.71 1.86
N GLU C 38 -34.82 -0.22 0.77
CA GLU C 38 -36.27 0.03 0.81
C GLU C 38 -37.06 -1.25 1.02
N ILE C 39 -36.71 -2.29 0.25
CA ILE C 39 -37.39 -3.58 0.39
C ILE C 39 -37.20 -4.13 1.81
N MET C 40 -35.98 -4.04 2.33
CA MET C 40 -35.69 -4.59 3.65
C MET C 40 -36.43 -3.82 4.73
N GLN C 41 -36.58 -2.50 4.57
CA GLN C 41 -37.33 -1.71 5.52
C GLN C 41 -38.80 -2.12 5.55
N LYS C 42 -39.39 -2.35 4.36
CA LYS C 42 -40.76 -2.83 4.32
C LYS C 42 -40.90 -4.19 4.99
N VAL C 43 -39.95 -5.10 4.72
CA VAL C 43 -40.00 -6.44 5.32
C VAL C 43 -39.91 -6.34 6.84
N ARG C 44 -39.01 -5.50 7.34
CA ARG C 44 -38.83 -5.38 8.78
C ARG C 44 -40.06 -4.77 9.45
N GLN C 45 -40.71 -3.80 8.79
CA GLN C 45 -41.93 -3.21 9.34
C GLN C 45 -43.03 -4.26 9.45
N VAL C 46 -43.20 -5.07 8.39
CA VAL C 46 -44.22 -6.12 8.43
C VAL C 46 -43.89 -7.16 9.50
N GLN C 47 -42.61 -7.50 9.63
CA GLN C 47 -42.19 -8.46 10.66
C GLN C 47 -42.48 -7.94 12.06
N ALA C 48 -42.19 -6.66 12.30
CA ALA C 48 -42.49 -6.06 13.60
C ALA C 48 -43.98 -6.05 13.88
N ASP C 49 -44.79 -5.76 12.85
CA ASP C 49 -46.24 -5.80 13.02
C ASP C 49 -46.73 -7.21 13.38
N TYR C 50 -46.19 -8.22 12.69
CA TYR C 50 -46.61 -9.60 12.98
C TYR C 50 -46.20 -10.02 14.38
N MET C 51 -45.00 -9.62 14.82
CA MET C 51 -44.59 -9.93 16.19
C MET C 51 -45.44 -9.16 17.20
N THR C 52 -45.92 -7.98 16.84
CA THR C 52 -46.86 -7.25 17.68
C THR C 52 -48.18 -8.01 17.81
N ALA C 53 -48.63 -8.61 16.70
CA ALA C 53 -49.92 -9.30 16.71
C ALA C 53 -49.94 -10.54 17.61
N THR C 54 -48.77 -11.05 18.01
CA THR C 54 -48.68 -12.23 18.85
C THR C 54 -48.25 -11.91 20.28
N ARG C 55 -48.57 -10.71 20.77
CA ARG C 55 -48.24 -10.33 22.14
C ARG C 55 -49.47 -10.52 23.03
N GLU C 56 -49.85 -11.78 23.21
CA GLU C 56 -51.02 -12.13 24.00
C GLU C 56 -50.61 -12.50 25.44
N VAL C 57 -49.99 -11.55 26.12
CA VAL C 57 -49.51 -11.75 27.48
C VAL C 57 -49.76 -10.49 28.29
N ASP C 58 -50.16 -10.67 29.54
CA ASP C 58 -50.39 -9.56 30.47
C ASP C 58 -49.25 -9.50 31.48
N PHE C 59 -48.68 -8.31 31.64
CA PHE C 59 -47.49 -8.12 32.46
C PHE C 59 -47.80 -7.74 33.90
N THR C 60 -49.08 -7.60 34.25
CA THR C 60 -49.45 -7.31 35.63
C THR C 60 -49.48 -8.60 36.44
N VAL C 61 -48.91 -8.55 37.64
CA VAL C 61 -48.89 -9.73 38.52
C VAL C 61 -50.31 -10.11 38.89
N PRO C 62 -50.71 -11.38 38.76
CA PRO C 62 -52.11 -11.75 39.00
C PRO C 62 -52.61 -11.47 40.40
N ASP C 63 -51.74 -11.50 41.41
CA ASP C 63 -52.17 -11.19 42.77
C ASP C 63 -52.64 -9.74 42.89
N VAL C 64 -51.86 -8.82 42.30
CA VAL C 64 -52.24 -7.40 42.34
C VAL C 64 -53.50 -7.16 41.52
N GLN C 65 -53.66 -7.89 40.41
CA GLN C 65 -54.89 -7.77 39.61
C GLN C 65 -56.10 -8.25 40.39
N LYS C 66 -55.94 -9.34 41.15
CA LYS C 66 -57.02 -9.81 42.01
C LYS C 66 -57.35 -8.79 43.09
N ILE C 67 -56.32 -8.15 43.64
CA ILE C 67 -56.53 -7.09 44.64
C ILE C 67 -57.35 -5.96 44.03
N LEU C 68 -56.98 -5.52 42.83
CA LEU C 68 -57.69 -4.44 42.16
C LEU C 68 -59.14 -4.82 41.87
N ASP C 69 -59.37 -6.07 41.42
CA ASP C 69 -60.73 -6.52 41.18
C ASP C 69 -61.55 -6.55 42.45
N ASP C 70 -60.95 -7.00 43.56
CA ASP C 70 -61.66 -7.03 44.84
C ASP C 70 -62.03 -5.62 45.31
N ILE C 71 -61.11 -4.66 45.15
CA ILE C 71 -61.42 -3.30 45.56
C ILE C 71 -62.51 -2.70 44.67
N LYS C 72 -62.45 -2.98 43.36
CA LYS C 72 -63.47 -2.50 42.45
C LYS C 72 -64.85 -3.06 42.80
N ALA C 73 -64.89 -4.36 43.16
CA ALA C 73 -66.15 -4.96 43.57
C ALA C 73 -66.63 -4.41 44.92
N LEU C 74 -65.68 -4.06 45.80
CA LEU C 74 -66.05 -3.46 47.08
C LEU C 74 -66.62 -2.07 46.89
N ALA C 75 -66.21 -1.37 45.84
CA ALA C 75 -66.67 -0.01 45.60
C ALA C 75 -68.15 0.09 45.27
N ALA C 76 -68.80 -1.05 45.01
CA ALA C 76 -70.18 -1.09 44.56
C ALA C 76 -71.16 -1.52 45.65
N GLU C 77 -70.73 -1.55 46.92
CA GLU C 77 -71.61 -1.96 47.99
C GLU C 77 -72.56 -0.83 48.39
N GLN C 78 -73.61 -1.20 49.12
CA GLN C 78 -74.62 -0.26 49.59
C GLN C 78 -74.87 -0.53 51.06
N VAL C 79 -74.72 0.51 51.90
CA VAL C 79 -74.76 0.35 53.35
C VAL C 79 -76.03 0.94 53.95
N TYR C 80 -77.01 1.29 53.11
CA TYR C 80 -78.26 1.85 53.58
C TYR C 80 -79.41 1.20 52.82
N LYS C 81 -80.63 1.54 53.22
CA LYS C 81 -81.82 0.99 52.58
C LYS C 81 -82.93 2.03 52.63
N ILE C 82 -83.84 1.95 51.65
CA ILE C 82 -84.94 2.88 51.52
C ILE C 82 -86.23 2.14 51.82
N VAL C 83 -87.02 2.69 52.75
CA VAL C 83 -88.26 2.07 53.21
C VAL C 83 -89.36 3.10 53.26
N LYS C 84 -90.60 2.62 53.35
CA LYS C 84 -91.76 3.49 53.44
C LYS C 84 -92.17 3.78 54.88
N VAL C 85 -91.94 2.83 55.79
CA VAL C 85 -92.27 3.02 57.20
C VAL C 85 -91.04 2.66 58.04
N PRO C 86 -90.83 3.28 59.20
CA PRO C 86 -89.74 2.88 60.07
C PRO C 86 -90.11 1.63 60.86
N SER C 87 -89.06 1.01 61.42
CA SER C 87 -89.25 -0.18 62.23
C SER C 87 -89.92 0.19 63.56
N ILE C 88 -90.52 -0.81 64.19
CA ILE C 88 -91.26 -0.60 65.43
C ILE C 88 -90.27 -0.51 66.58
N SER C 89 -90.35 0.58 67.34
CA SER C 89 -89.49 0.79 68.49
C SER C 89 -90.16 0.44 69.82
N PHE C 90 -91.46 0.65 69.94
CA PHE C 90 -92.20 0.34 71.16
C PHE C 90 -93.39 -0.54 70.82
N ARG C 91 -93.61 -1.57 71.64
CA ARG C 91 -94.78 -2.43 71.54
C ARG C 91 -95.43 -2.50 72.92
N HIS C 92 -96.60 -3.13 72.98
CA HIS C 92 -97.38 -3.15 74.21
C HIS C 92 -97.83 -4.56 74.53
N ILE C 93 -97.91 -4.86 75.82
CA ILE C 93 -98.40 -6.14 76.32
C ILE C 93 -99.74 -5.89 76.99
N VAL C 94 -100.75 -6.65 76.58
CA VAL C 94 -102.10 -6.52 77.13
C VAL C 94 -102.26 -7.49 78.29
N MET C 95 -102.93 -7.01 79.33
CA MET C 95 -103.18 -7.79 80.54
C MET C 95 -104.69 -7.82 80.75
N GLN C 96 -105.12 -8.31 81.90
CA GLN C 96 -106.55 -8.32 82.19
C GLN C 96 -107.12 -6.94 82.53
N SER C 97 -106.38 -5.85 82.35
CA SER C 97 -106.85 -4.52 82.63
C SER C 97 -107.30 -3.83 81.34
N ARG C 98 -108.31 -2.96 81.47
CA ARG C 98 -108.86 -2.25 80.32
C ARG C 98 -108.24 -0.87 80.12
N ASP C 99 -107.38 -0.40 81.02
CA ASP C 99 -106.82 0.94 80.89
C ASP C 99 -105.33 1.03 81.17
N ARG C 100 -104.66 -0.07 81.52
CA ARG C 100 -103.21 -0.06 81.73
C ARG C 100 -102.57 -1.20 80.95
N VAL C 101 -101.42 -0.89 80.34
CA VAL C 101 -100.65 -1.86 79.59
C VAL C 101 -99.18 -1.68 79.96
N LEU C 102 -98.35 -2.60 79.45
CA LEU C 102 -96.90 -2.54 79.63
C LEU C 102 -96.26 -2.08 78.34
N ARG C 103 -95.52 -0.96 78.39
CA ARG C 103 -94.78 -0.48 77.25
C ARG C 103 -93.39 -1.10 77.24
N VAL C 104 -93.01 -1.71 76.13
CA VAL C 104 -91.76 -2.44 75.99
C VAL C 104 -90.92 -1.80 74.90
N ASP C 105 -89.67 -1.49 75.20
CA ASP C 105 -88.72 -1.01 74.22
C ASP C 105 -88.00 -2.21 73.60
N THR C 106 -88.21 -2.43 72.31
CA THR C 106 -87.72 -3.62 71.63
C THR C 106 -86.23 -3.56 71.29
N TYR C 107 -85.62 -2.38 71.38
CA TYR C 107 -84.19 -2.28 71.09
C TYR C 107 -83.37 -3.09 72.08
N TYR C 108 -83.72 -3.03 73.36
CA TYR C 108 -82.99 -3.80 74.36
C TYR C 108 -83.25 -5.29 74.21
N GLU C 109 -84.45 -5.67 73.81
CA GLU C 109 -84.74 -7.06 73.50
C GLU C 109 -83.87 -7.57 72.38
N GLU C 110 -83.70 -6.78 71.32
CA GLU C 110 -82.85 -7.20 70.21
C GLU C 110 -81.37 -7.18 70.59
N MET C 111 -80.96 -6.24 71.44
CA MET C 111 -79.56 -6.12 71.80
C MET C 111 -79.12 -7.21 72.77
N SER C 112 -80.01 -7.69 73.63
CA SER C 112 -79.63 -8.72 74.60
C SER C 112 -79.28 -10.05 73.95
N GLN C 113 -79.65 -10.26 72.69
CA GLN C 113 -79.37 -11.51 72.00
C GLN C 113 -78.21 -11.43 71.00
N VAL C 114 -77.70 -10.23 70.73
CA VAL C 114 -76.62 -10.07 69.76
C VAL C 114 -75.28 -10.22 70.47
N GLY C 115 -74.45 -11.13 69.98
CA GLY C 115 -73.11 -11.31 70.48
C GLY C 115 -72.96 -12.61 71.26
N ASP C 116 -71.72 -12.90 71.62
CA ASP C 116 -71.38 -14.07 72.40
C ASP C 116 -71.33 -13.74 73.89
N VAL C 117 -71.14 -14.78 74.70
CA VAL C 117 -71.11 -14.64 76.15
C VAL C 117 -69.74 -14.15 76.59
N ILE C 118 -69.71 -13.17 77.47
CA ILE C 118 -68.47 -12.56 77.93
C ILE C 118 -67.82 -13.45 78.99
N THR C 119 -66.54 -13.75 78.79
CA THR C 119 -65.74 -14.42 79.80
C THR C 119 -64.32 -13.88 79.73
N GLU C 120 -63.60 -13.95 80.85
CA GLU C 120 -62.35 -13.25 81.02
C GLU C 120 -61.14 -14.03 80.53
N ASP C 121 -61.30 -15.24 80.01
CA ASP C 121 -60.17 -16.00 79.50
C ASP C 121 -59.78 -15.63 78.08
N GLU C 122 -60.65 -14.97 77.33
CA GLU C 122 -60.33 -14.61 75.95
C GLU C 122 -60.59 -13.13 75.71
N PRO C 123 -59.53 -12.31 75.63
CA PRO C 123 -59.75 -10.89 75.32
C PRO C 123 -60.16 -10.65 73.88
N GLU C 124 -59.60 -11.41 72.94
CA GLU C 124 -59.91 -11.19 71.53
C GLU C 124 -61.39 -11.45 71.24
N LYS C 125 -61.95 -12.47 71.89
CA LYS C 125 -63.37 -12.76 71.77
C LYS C 125 -64.22 -11.61 72.30
N PHE C 126 -63.79 -10.99 73.41
CA PHE C 126 -64.48 -9.83 73.95
C PHE C 126 -64.46 -8.65 72.98
N TYR C 127 -63.29 -8.38 72.39
CA TYR C 127 -63.20 -7.30 71.41
C TYR C 127 -64.07 -7.57 70.19
N SER C 128 -64.10 -8.82 69.73
CA SER C 128 -64.96 -9.18 68.61
C SER C 128 -66.43 -8.99 68.95
N THR C 129 -66.83 -9.34 70.17
CA THR C 129 -68.21 -9.15 70.59
C THR C 129 -68.58 -7.66 70.59
N ILE C 130 -67.69 -6.81 71.10
CA ILE C 130 -67.96 -5.38 71.10
C ILE C 130 -68.08 -4.85 69.67
N ILE C 131 -67.20 -5.30 68.77
CA ILE C 131 -67.27 -4.88 67.38
C ILE C 131 -68.59 -5.31 66.75
N LYS C 132 -69.02 -6.55 67.03
CA LYS C 132 -70.28 -7.03 66.46
C LYS C 132 -71.46 -6.20 66.95
N LYS C 133 -71.49 -5.86 68.24
CA LYS C 133 -72.59 -5.05 68.76
C LYS C 133 -72.61 -3.65 68.14
N VAL C 134 -71.45 -3.02 68.01
CA VAL C 134 -71.40 -1.67 67.43
C VAL C 134 -71.82 -1.71 65.96
N ARG C 135 -71.38 -2.72 65.22
CA ARG C 135 -71.80 -2.85 63.83
C ARG C 135 -73.29 -3.10 63.71
N PHE C 136 -73.86 -3.85 64.64
CA PHE C 136 -75.31 -4.05 64.64
C PHE C 136 -76.05 -2.73 64.85
N ILE C 137 -75.57 -1.91 65.78
CA ILE C 137 -76.18 -0.60 66.01
C ILE C 137 -76.11 0.24 64.74
N ARG C 138 -74.93 0.27 64.09
CA ARG C 138 -74.79 1.03 62.87
C ARG C 138 -75.71 0.52 61.76
N GLY C 139 -75.86 -0.80 61.68
CA GLY C 139 -76.69 -1.37 60.63
C GLY C 139 -78.16 -1.05 60.78
N LYS C 140 -78.67 -1.09 62.01
CA LYS C 140 -80.11 -0.90 62.20
C LYS C 140 -80.57 0.51 61.84
N GLY C 141 -79.78 1.53 62.13
CA GLY C 141 -80.26 2.89 62.00
C GLY C 141 -79.97 3.57 60.68
N SER C 142 -79.69 2.81 59.63
CA SER C 142 -79.34 3.37 58.32
C SER C 142 -80.53 3.17 57.37
N PHE C 143 -81.45 4.12 57.38
CA PHE C 143 -82.61 4.05 56.51
C PHE C 143 -83.06 5.44 56.10
N ILE C 144 -83.75 5.51 54.95
CA ILE C 144 -84.25 6.75 54.38
C ILE C 144 -85.73 6.58 54.11
N LEU C 145 -86.54 7.53 54.58
CA LEU C 145 -87.98 7.49 54.38
C LEU C 145 -88.36 8.06 53.03
N HIS C 146 -89.27 7.39 52.34
CA HIS C 146 -89.67 7.79 50.99
C HIS C 146 -91.06 7.24 50.73
N ASP C 147 -91.96 8.10 50.25
CA ASP C 147 -93.34 7.73 49.91
C ASP C 147 -94.09 7.15 51.10
N ILE C 148 -94.32 7.97 52.13
CA ILE C 148 -95.00 7.52 53.34
C ILE C 148 -96.51 7.54 53.12
N PRO C 149 -97.28 6.72 53.85
CA PRO C 149 -98.75 6.77 53.71
C PRO C 149 -99.35 7.88 54.54
N THR C 150 -100.21 8.68 53.90
CA THR C 150 -100.84 9.83 54.54
C THR C 150 -102.32 9.86 54.19
N ARG C 151 -103.08 10.64 54.96
CA ARG C 151 -104.49 10.90 54.70
C ARG C 151 -104.76 12.39 54.87
N ASP C 152 -106.00 12.79 54.64
CA ASP C 152 -106.40 14.19 54.68
C ASP C 152 -107.51 14.40 55.71
N HIS C 153 -107.48 15.55 56.36
CA HIS C 153 -108.45 15.87 57.41
C HIS C 153 -108.61 17.38 57.48
N ARG C 154 -109.74 17.88 56.99
CA ARG C 154 -110.13 19.29 57.10
C ARG C 154 -109.06 20.23 56.53
N GLY C 155 -108.55 19.87 55.36
CA GLY C 155 -107.57 20.71 54.69
C GLY C 155 -106.14 20.52 55.14
N MET C 156 -105.87 19.56 56.01
CA MET C 156 -104.53 19.29 56.50
C MET C 156 -104.15 17.85 56.19
N GLU C 157 -102.86 17.58 56.18
CA GLU C 157 -102.32 16.25 55.90
C GLU C 157 -101.88 15.61 57.21
N VAL C 158 -102.40 14.42 57.49
CA VAL C 158 -102.19 13.72 58.76
C VAL C 158 -101.49 12.40 58.46
N ALA C 159 -100.41 12.13 59.19
CA ALA C 159 -99.66 10.89 59.01
C ALA C 159 -100.48 9.70 59.49
N GLU C 160 -100.41 8.60 58.75
CA GLU C 160 -101.13 7.39 59.11
C GLU C 160 -100.49 6.74 60.33
N PRO C 161 -101.27 5.99 61.12
CA PRO C 161 -100.72 5.41 62.36
C PRO C 161 -99.61 4.40 62.13
N GLU C 162 -99.50 3.79 60.94
CA GLU C 162 -98.50 2.75 60.74
C GLU C 162 -97.14 3.29 60.30
N VAL C 163 -96.91 4.61 60.40
CA VAL C 163 -95.59 5.19 60.14
C VAL C 163 -95.01 5.82 61.39
N LEU C 164 -95.78 5.91 62.48
CA LEU C 164 -95.36 6.62 63.68
C LEU C 164 -94.29 5.89 64.49
N GLY C 165 -94.01 4.62 64.19
CA GLY C 165 -92.98 3.90 64.89
C GLY C 165 -93.39 3.28 66.21
N VAL C 166 -94.69 3.24 66.51
CA VAL C 166 -95.18 2.65 67.75
C VAL C 166 -96.34 1.72 67.41
N GLU C 167 -96.38 0.56 68.06
CA GLU C 167 -97.36 -0.49 67.76
C GLU C 167 -98.40 -0.52 68.88
N PHE C 168 -99.66 -0.20 68.54
CA PHE C 168 -100.74 -0.25 69.51
C PHE C 168 -102.02 -0.83 68.90
N LYS C 169 -101.89 -1.64 67.84
CA LYS C 169 -103.07 -2.18 67.15
C LYS C 169 -103.83 -3.17 68.03
N ASN C 170 -103.13 -3.82 68.96
CA ASN C 170 -103.74 -4.85 69.80
C ASN C 170 -104.32 -4.30 71.09
N VAL C 171 -104.31 -2.98 71.28
CA VAL C 171 -104.82 -2.37 72.50
C VAL C 171 -106.25 -1.90 72.25
N LEU C 172 -106.56 -1.57 71.00
CA LEU C 172 -107.86 -0.98 70.66
C LEU C 172 -109.08 -1.82 71.04
N PRO C 173 -109.10 -3.15 70.85
CA PRO C 173 -110.32 -3.90 71.19
C PRO C 173 -110.76 -3.80 72.65
N VAL C 174 -109.85 -3.59 73.59
CA VAL C 174 -110.23 -3.62 75.01
C VAL C 174 -110.65 -2.27 75.56
N LEU C 175 -110.52 -1.19 74.79
CA LEU C 175 -110.77 0.14 75.32
C LEU C 175 -112.26 0.42 75.47
N THR C 176 -112.57 1.46 76.23
CA THR C 176 -113.94 1.94 76.37
C THR C 176 -114.22 2.99 75.30
N ALA C 177 -115.43 3.53 75.31
CA ALA C 177 -115.85 4.46 74.26
C ALA C 177 -115.08 5.78 74.36
N GLU C 178 -114.98 6.34 75.56
CA GLU C 178 -114.26 7.60 75.74
C GLU C 178 -112.78 7.44 75.44
N HIS C 179 -112.19 6.29 75.76
CA HIS C 179 -110.79 6.06 75.45
C HIS C 179 -110.55 5.96 73.95
N ARG C 180 -111.46 5.29 73.22
CA ARG C 180 -111.35 5.25 71.78
C ARG C 180 -111.49 6.63 71.17
N ALA C 181 -112.43 7.44 71.68
CA ALA C 181 -112.56 8.80 71.18
C ALA C 181 -111.30 9.62 71.47
N MET C 182 -110.72 9.46 72.65
CA MET C 182 -109.50 10.17 72.99
C MET C 182 -108.36 9.78 72.06
N ILE C 183 -108.21 8.48 71.78
CA ILE C 183 -107.16 8.02 70.87
C ILE C 183 -107.40 8.56 69.47
N GLN C 184 -108.64 8.57 69.01
CA GLN C 184 -108.93 9.08 67.66
C GLN C 184 -108.60 10.56 67.55
N ASN C 185 -109.00 11.36 68.55
CA ASN C 185 -108.69 12.79 68.49
C ASN C 185 -107.20 13.05 68.64
N ALA C 186 -106.49 12.22 69.41
CA ALA C 186 -105.05 12.37 69.51
C ALA C 186 -104.37 12.03 68.19
N LEU C 187 -104.85 11.01 67.50
CA LEU C 187 -104.26 10.62 66.21
C LEU C 187 -104.58 11.64 65.12
N ASP C 188 -105.75 12.28 65.19
CA ASP C 188 -106.08 13.31 64.21
C ASP C 188 -105.20 14.56 64.34
N GLY C 189 -104.45 14.70 65.44
CA GLY C 189 -103.66 15.89 65.66
C GLY C 189 -102.18 15.76 65.33
N SER C 190 -101.82 14.77 64.52
CA SER C 190 -100.44 14.61 64.07
C SER C 190 -100.35 15.08 62.62
N ILE C 191 -100.16 16.38 62.45
CA ILE C 191 -100.17 16.98 61.12
C ILE C 191 -98.78 16.96 60.52
N ILE C 192 -98.72 17.09 59.21
CA ILE C 192 -97.46 17.09 58.46
C ILE C 192 -97.19 18.49 57.92
N GLU C 193 -96.01 19.00 58.20
CA GLU C 193 -95.60 20.32 57.72
C GLU C 193 -94.65 20.17 56.54
N ASN C 194 -94.60 21.21 55.72
CA ASN C 194 -93.74 21.23 54.55
C ASN C 194 -92.40 21.88 54.89
N GLY C 195 -91.33 21.31 54.37
CA GLY C 195 -90.00 21.82 54.61
C GLY C 195 -89.21 21.89 53.33
N ASN C 196 -87.96 22.34 53.45
CA ASN C 196 -87.06 22.51 52.33
C ASN C 196 -85.73 21.86 52.64
N VAL C 197 -85.23 21.05 51.72
CA VAL C 197 -83.90 20.44 51.80
C VAL C 197 -83.20 20.72 50.48
N ALA C 198 -82.39 21.79 50.45
CA ALA C 198 -81.61 22.19 49.28
C ALA C 198 -82.50 22.38 48.05
N THR C 199 -83.45 23.31 48.16
CA THR C 199 -84.38 23.66 47.09
C THR C 199 -85.20 22.45 46.64
N ARG C 200 -85.54 21.57 47.58
CA ARG C 200 -86.41 20.43 47.32
C ARG C 200 -87.42 20.31 48.45
N ASP C 201 -88.57 19.74 48.12
CA ASP C 201 -89.68 19.67 49.07
C ASP C 201 -89.71 18.32 49.78
N VAL C 202 -89.90 18.36 51.10
CA VAL C 202 -89.91 17.17 51.94
C VAL C 202 -91.10 17.24 52.90
N ASP C 203 -91.41 16.09 53.49
CA ASP C 203 -92.39 16.01 54.57
C ASP C 203 -91.67 15.94 55.91
N VAL C 204 -92.21 16.66 56.89
CA VAL C 204 -91.67 16.65 58.25
C VAL C 204 -92.81 16.31 59.22
N PHE C 205 -92.65 15.22 59.97
CA PHE C 205 -93.66 14.78 60.92
C PHE C 205 -92.96 14.34 62.21
N ILE C 206 -93.75 13.93 63.19
CA ILE C 206 -93.27 13.56 64.51
C ILE C 206 -93.54 12.08 64.75
N GLY C 207 -92.50 11.35 65.14
CA GLY C 207 -92.63 9.93 65.39
C GLY C 207 -91.86 9.45 66.60
N ALA C 208 -91.77 8.14 66.79
CA ALA C 208 -91.10 7.54 67.93
C ALA C 208 -89.94 6.66 67.48
N CYS C 209 -88.81 6.77 68.18
CA CYS C 209 -87.65 5.96 67.87
C CYS C 209 -86.76 5.85 69.11
N SER C 210 -86.01 4.77 69.18
CA SER C 210 -85.00 4.61 70.23
C SER C 210 -83.83 5.54 69.98
N GLU C 211 -83.20 5.98 71.06
CA GLU C 211 -82.15 6.99 70.97
C GLU C 211 -80.92 6.56 70.17
N PRO C 212 -80.30 5.40 70.40
CA PRO C 212 -79.12 5.04 69.59
C PRO C 212 -79.41 4.90 68.11
N VAL C 213 -80.60 4.41 67.75
CA VAL C 213 -80.98 4.32 66.35
C VAL C 213 -81.22 5.71 65.78
N TYR C 214 -81.86 6.58 66.57
CA TYR C 214 -82.17 7.92 66.10
C TYR C 214 -80.93 8.74 65.83
N ARG C 215 -79.87 8.54 66.61
CA ARG C 215 -78.62 9.28 66.37
C ARG C 215 -78.04 8.92 65.00
N ILE C 216 -78.01 7.63 64.66
CA ILE C 216 -77.53 7.20 63.35
C ILE C 216 -78.40 7.77 62.24
N TYR C 217 -79.72 7.73 62.44
CA TYR C 217 -80.63 8.25 61.43
C TYR C 217 -80.40 9.74 61.18
N ASN C 218 -80.25 10.51 62.26
CA ASN C 218 -80.05 11.94 62.13
C ASN C 218 -78.73 12.26 61.45
N ARG C 219 -77.67 11.52 61.78
CA ARG C 219 -76.39 11.73 61.12
C ARG C 219 -76.48 11.43 59.62
N LEU C 220 -77.20 10.36 59.26
CA LEU C 220 -77.37 10.03 57.84
C LEU C 220 -78.14 11.14 57.11
N GLN C 221 -79.19 11.67 57.74
CA GLN C 221 -79.95 12.75 57.11
C GLN C 221 -79.09 14.00 56.91
N GLY C 222 -78.28 14.35 57.91
CA GLY C 222 -77.36 15.46 57.76
C GLY C 222 -76.36 15.26 56.64
N TYR C 223 -75.83 14.03 56.53
CA TYR C 223 -74.89 13.72 55.45
C TYR C 223 -75.56 13.85 54.08
N ILE C 224 -76.81 13.39 53.96
CA ILE C 224 -77.51 13.49 52.68
C ILE C 224 -77.71 14.96 52.30
N GLU C 225 -78.10 15.79 53.28
CA GLU C 225 -78.26 17.22 52.99
C GLU C 225 -76.94 17.86 52.57
N ALA C 226 -75.85 17.51 53.25
CA ALA C 226 -74.54 18.05 52.89
C ALA C 226 -74.13 17.62 51.49
N VAL C 227 -74.46 16.38 51.11
CA VAL C 227 -74.19 15.91 49.74
C VAL C 227 -74.99 16.75 48.74
N GLN C 228 -76.26 17.04 49.07
CA GLN C 228 -77.07 17.88 48.19
C GLN C 228 -76.50 19.28 48.05
N LEU C 229 -75.83 19.80 49.09
CA LEU C 229 -75.35 21.18 49.04
C LEU C 229 -73.95 21.35 48.46
N GLN C 230 -72.97 20.53 48.85
CA GLN C 230 -71.58 20.84 48.54
C GLN C 230 -70.83 19.75 47.80
N GLU C 231 -71.04 18.48 48.15
CA GLU C 231 -70.05 17.45 47.81
C GLU C 231 -70.11 17.05 46.34
N LEU C 232 -71.30 16.99 45.76
CA LEU C 232 -71.42 16.55 44.37
C LEU C 232 -70.69 17.50 43.42
N ARG C 233 -70.87 18.80 43.63
CA ARG C 233 -70.19 19.78 42.78
C ARG C 233 -68.68 19.69 42.93
N ASN C 234 -68.19 19.50 44.16
CA ASN C 234 -66.75 19.37 44.38
C ASN C 234 -66.19 18.15 43.67
N SER C 235 -66.91 17.01 43.76
CA SER C 235 -66.44 15.80 43.10
C SER C 235 -66.40 15.97 41.58
N ILE C 236 -67.45 16.58 41.02
CA ILE C 236 -67.49 16.78 39.57
C ILE C 236 -66.38 17.72 39.11
N GLY C 237 -66.15 18.81 39.85
CA GLY C 237 -65.09 19.73 39.48
C GLY C 237 -63.71 19.11 39.58
N TRP C 238 -63.47 18.31 40.62
CA TRP C 238 -62.17 17.65 40.75
C TRP C 238 -61.96 16.64 39.62
N LEU C 239 -63.01 15.89 39.25
CA LEU C 239 -62.89 14.99 38.11
C LEU C 239 -62.59 15.75 36.83
N GLU C 240 -63.19 16.93 36.66
CA GLU C 240 -62.92 17.75 35.48
C GLU C 240 -61.45 18.15 35.43
N ARG C 241 -60.91 18.61 36.57
CA ARG C 241 -59.50 19.02 36.59
C ARG C 241 -58.57 17.82 36.34
N LEU C 242 -58.88 16.67 36.94
CA LEU C 242 -58.06 15.49 36.73
C LEU C 242 -58.07 15.05 35.27
N GLY C 243 -59.24 15.06 34.65
CA GLY C 243 -59.32 14.72 33.23
C GLY C 243 -58.61 15.72 32.36
N HIS C 244 -58.63 17.00 32.75
CA HIS C 244 -57.87 18.01 32.03
C HIS C 244 -56.38 17.72 32.05
N ARG C 245 -55.84 17.34 33.22
CA ARG C 245 -54.41 17.08 33.28
C ARG C 245 -54.03 15.76 32.60
N LYS C 246 -54.79 14.70 32.84
CA LYS C 246 -54.39 13.36 32.43
C LYS C 246 -54.95 12.95 31.07
N ARG C 247 -55.56 13.88 30.34
CA ARG C 247 -56.10 13.64 28.99
C ARG C 247 -57.16 12.54 29.00
N ILE C 248 -58.17 12.75 29.83
CA ILE C 248 -59.32 11.87 29.95
C ILE C 248 -60.58 12.72 29.87
N THR C 249 -61.60 12.20 29.21
CA THR C 249 -62.89 12.87 29.11
C THR C 249 -63.90 12.14 29.98
N TYR C 250 -64.39 12.82 31.02
CA TYR C 250 -65.35 12.24 31.94
C TYR C 250 -66.76 12.73 31.60
N SER C 251 -67.71 11.81 31.58
CA SER C 251 -69.07 12.12 31.15
C SER C 251 -69.91 12.64 32.31
N GLN C 252 -70.91 13.45 31.96
CA GLN C 252 -71.90 13.94 32.91
C GLN C 252 -73.31 13.61 32.47
N GLU C 253 -73.49 12.51 31.73
CA GLU C 253 -74.77 12.17 31.13
C GLU C 253 -75.82 11.83 32.18
N VAL C 254 -75.42 11.33 33.34
CA VAL C 254 -76.37 10.92 34.36
C VAL C 254 -77.11 12.11 34.97
N LEU C 255 -76.58 13.33 34.82
CA LEU C 255 -77.14 14.52 35.44
C LEU C 255 -77.93 15.39 34.47
N THR C 256 -78.22 14.90 33.26
CA THR C 256 -78.76 15.77 32.21
C THR C 256 -80.10 15.30 31.63
N ASP C 257 -80.76 14.31 32.22
CA ASP C 257 -82.07 13.95 31.72
C ASP C 257 -83.12 14.96 32.18
N PHE C 258 -84.32 14.84 31.62
CA PHE C 258 -85.34 15.87 31.82
C PHE C 258 -86.02 15.80 33.18
N ARG C 259 -85.65 14.83 34.03
CA ARG C 259 -86.16 14.75 35.39
C ARG C 259 -85.13 15.23 36.42
N ARG C 260 -84.13 16.00 35.98
CA ARG C 260 -83.01 16.36 36.84
C ARG C 260 -83.38 17.34 37.94
N GLN C 261 -84.51 18.03 37.84
CA GLN C 261 -84.91 19.00 38.85
C GLN C 261 -85.76 18.38 39.95
N ASP C 262 -86.09 17.09 39.86
CA ASP C 262 -86.86 16.39 40.87
C ASP C 262 -86.09 15.22 41.46
N THR C 263 -84.76 15.32 41.53
CA THR C 263 -83.91 14.20 41.89
C THR C 263 -83.09 14.53 43.13
N ILE C 264 -83.05 13.59 44.08
CA ILE C 264 -82.16 13.66 45.23
C ILE C 264 -81.02 12.70 44.98
N TRP C 265 -79.81 13.23 44.81
CA TRP C 265 -78.64 12.42 44.51
C TRP C 265 -78.03 11.87 45.80
N VAL C 266 -77.54 10.64 45.73
CA VAL C 266 -76.87 9.99 46.85
C VAL C 266 -75.48 9.57 46.40
N LEU C 267 -74.46 10.10 47.07
CA LEU C 267 -73.07 9.82 46.75
C LEU C 267 -72.39 9.29 48.00
N ALA C 268 -71.96 8.03 47.96
CA ALA C 268 -71.37 7.39 49.12
C ALA C 268 -69.87 7.62 49.26
N LEU C 269 -69.20 8.07 48.20
CA LEU C 269 -67.77 8.34 48.23
C LEU C 269 -67.50 9.75 47.72
N GLN C 270 -66.50 10.40 48.30
CA GLN C 270 -66.13 11.77 47.97
C GLN C 270 -64.83 11.81 47.19
N LEU C 271 -64.67 12.91 46.45
CA LEU C 271 -63.42 13.27 45.81
C LEU C 271 -63.20 14.76 46.01
N PRO C 272 -61.93 15.20 46.16
CA PRO C 272 -60.66 14.48 46.12
C PRO C 272 -60.34 13.69 47.39
N VAL C 273 -59.30 12.88 47.31
CA VAL C 273 -58.84 12.03 48.40
C VAL C 273 -57.65 12.69 49.07
N ASN C 274 -57.60 12.59 50.40
CA ASN C 274 -56.46 13.11 51.16
C ASN C 274 -55.26 12.18 50.97
N PRO C 275 -54.17 12.67 50.38
CA PRO C 275 -53.02 11.79 50.13
C PRO C 275 -52.30 11.36 51.41
N GLN C 276 -52.43 12.14 52.47
CA GLN C 276 -51.78 11.79 53.73
C GLN C 276 -52.34 10.51 54.32
N VAL C 277 -53.61 10.22 54.06
CA VAL C 277 -54.19 8.95 54.50
C VAL C 277 -53.49 7.78 53.84
N VAL C 278 -53.22 7.89 52.54
CA VAL C 278 -52.52 6.82 51.83
C VAL C 278 -51.08 6.72 52.30
N TRP C 279 -50.41 7.85 52.49
CA TRP C 279 -48.98 7.84 52.79
C TRP C 279 -48.67 7.79 54.28
N ASP C 280 -49.67 7.65 55.14
CA ASP C 280 -49.43 7.49 56.57
C ASP C 280 -49.29 6.04 57.00
N VAL C 281 -49.58 5.08 56.13
CA VAL C 281 -49.39 3.66 56.47
C VAL C 281 -47.92 3.39 56.68
N PRO C 282 -47.52 2.75 57.78
CA PRO C 282 -46.08 2.62 58.09
C PRO C 282 -45.33 1.79 57.06
N ARG C 283 -44.21 2.34 56.59
CA ARG C 283 -43.29 1.68 55.66
C ARG C 283 -44.02 1.22 54.40
N SER C 284 -44.73 2.14 53.75
CA SER C 284 -45.61 1.82 52.64
C SER C 284 -45.07 2.27 51.29
N SER C 285 -43.80 2.64 51.20
CA SER C 285 -43.26 3.16 49.95
C SER C 285 -43.29 2.13 48.84
N ILE C 286 -42.88 0.90 49.15
CA ILE C 286 -42.79 -0.14 48.12
C ILE C 286 -44.17 -0.56 47.65
N ALA C 287 -45.14 -0.65 48.57
CA ALA C 287 -46.50 -0.99 48.19
C ALA C 287 -47.11 0.10 47.31
N ASN C 288 -46.85 1.37 47.65
CA ASN C 288 -47.35 2.47 46.84
C ASN C 288 -46.74 2.46 45.45
N LEU C 289 -45.44 2.15 45.36
CA LEU C 289 -44.80 2.04 44.05
C LEU C 289 -45.41 0.92 43.22
N ILE C 290 -45.66 -0.23 43.85
CA ILE C 290 -46.26 -1.36 43.13
C ILE C 290 -47.65 -1.01 42.64
N MET C 291 -48.46 -0.35 43.48
CA MET C 291 -49.81 0.02 43.06
C MET C 291 -49.78 1.08 41.96
N ASN C 292 -48.84 2.03 42.03
CA ASN C 292 -48.70 3.02 40.98
C ASN C 292 -48.38 2.37 39.64
N ILE C 293 -47.46 1.39 39.66
CA ILE C 293 -47.14 0.66 38.43
C ILE C 293 -48.36 -0.10 37.93
N ALA C 294 -49.08 -0.76 38.83
CA ALA C 294 -50.19 -1.62 38.43
C ALA C 294 -51.36 -0.81 37.88
N THR C 295 -51.55 0.43 38.35
CA THR C 295 -52.70 1.21 37.93
C THR C 295 -52.42 2.20 36.81
N CYS C 296 -51.17 2.66 36.65
CA CYS C 296 -50.93 3.79 35.75
C CYS C 296 -50.00 3.50 34.59
N LEU C 297 -49.15 2.47 34.66
CA LEU C 297 -48.13 2.28 33.64
C LEU C 297 -48.75 1.79 32.33
N PRO C 298 -48.35 2.37 31.18
CA PRO C 298 -48.88 1.90 29.90
C PRO C 298 -48.04 0.80 29.26
N THR C 299 -48.52 0.24 28.16
CA THR C 299 -47.78 -0.74 27.38
C THR C 299 -47.47 -0.16 26.00
N GLY C 300 -46.44 -0.68 25.37
CA GLY C 300 -46.02 -0.11 24.11
C GLY C 300 -45.01 -0.97 23.39
N GLU C 301 -44.31 -0.33 22.45
CA GLU C 301 -43.38 -0.99 21.55
C GLU C 301 -42.02 -0.31 21.61
N TYR C 302 -40.99 -1.03 21.18
CA TYR C 302 -39.63 -0.50 21.07
C TYR C 302 -39.27 -0.43 19.59
N ILE C 303 -38.90 0.77 19.14
CA ILE C 303 -38.71 1.04 17.72
C ILE C 303 -37.25 1.43 17.46
N ALA C 304 -36.68 0.89 16.40
CA ALA C 304 -35.33 1.13 15.93
C ALA C 304 -35.28 2.33 15.01
N PRO C 305 -34.11 2.97 14.86
CA PRO C 305 -34.01 4.09 13.93
C PRO C 305 -33.71 3.66 12.50
N ASN C 306 -33.55 4.63 11.61
CA ASN C 306 -33.29 4.34 10.20
C ASN C 306 -31.88 3.81 10.03
N PRO C 307 -31.70 2.65 9.38
CA PRO C 307 -30.34 2.11 9.18
C PRO C 307 -29.44 2.97 8.31
N ARG C 308 -30.01 3.92 7.57
CA ARG C 308 -29.19 4.80 6.72
C ARG C 308 -28.21 5.63 7.53
N ILE C 309 -28.60 6.02 8.76
CA ILE C 309 -27.71 6.78 9.63
C ILE C 309 -26.43 5.98 9.89
N SER C 310 -26.59 4.72 10.31
CA SER C 310 -25.44 3.88 10.59
C SER C 310 -24.64 3.59 9.32
N SER C 311 -25.33 3.41 8.19
CA SER C 311 -24.62 3.11 6.95
C SER C 311 -23.75 4.28 6.50
N ILE C 312 -24.25 5.51 6.63
CA ILE C 312 -23.48 6.68 6.18
C ILE C 312 -22.56 7.25 7.24
N THR C 313 -22.64 6.79 8.49
CA THR C 313 -21.79 7.34 9.54
C THR C 313 -20.79 6.33 10.09
N LEU C 314 -21.25 5.18 10.57
CA LEU C 314 -20.35 4.28 11.29
C LEU C 314 -19.61 3.32 10.35
N THR C 315 -20.30 2.80 9.34
CA THR C 315 -19.67 1.95 8.33
C THR C 315 -19.46 2.71 7.03
N GLN C 316 -19.10 3.99 7.13
CA GLN C 316 -18.90 4.82 5.95
C GLN C 316 -17.69 4.38 5.12
N ARG C 317 -16.66 3.83 5.76
CA ARG C 317 -15.46 3.37 5.08
C ARG C 317 -15.32 1.87 5.29
N ILE C 318 -15.08 1.15 4.20
CA ILE C 318 -15.02 -0.32 4.26
C ILE C 318 -13.63 -0.86 4.54
N THR C 319 -12.61 -0.01 4.60
CA THR C 319 -11.24 -0.46 4.79
C THR C 319 -10.77 -0.35 6.23
N THR C 320 -11.62 0.13 7.15
CA THR C 320 -11.28 0.21 8.56
C THR C 320 -12.38 -0.44 9.38
N THR C 321 -12.11 -0.57 10.68
CA THR C 321 -13.07 -1.14 11.62
C THR C 321 -12.81 -0.58 13.01
N GLY C 322 -13.80 -0.71 13.87
CA GLY C 322 -13.71 -0.19 15.22
C GLY C 322 -14.74 -0.80 16.13
N PRO C 323 -14.89 -0.24 17.34
CA PRO C 323 -15.89 -0.79 18.27
C PRO C 323 -17.33 -0.61 17.79
N PHE C 324 -17.68 0.60 17.37
CA PHE C 324 -19.03 0.85 16.88
C PHE C 324 -19.33 0.04 15.63
N ALA C 325 -18.34 -0.08 14.74
CA ALA C 325 -18.54 -0.80 13.49
C ALA C 325 -18.86 -2.26 13.72
N ILE C 326 -18.16 -2.90 14.66
CA ILE C 326 -18.43 -4.32 14.93
C ILE C 326 -19.66 -4.47 15.80
N LEU C 327 -20.02 -3.43 16.57
CA LEU C 327 -21.19 -3.55 17.43
C LEU C 327 -22.49 -3.26 16.70
N THR C 328 -22.44 -2.62 15.52
CA THR C 328 -23.65 -2.42 14.74
C THR C 328 -24.24 -3.73 14.23
N GLY C 329 -23.45 -4.80 14.19
CA GLY C 329 -23.94 -6.07 13.68
C GLY C 329 -24.71 -6.92 14.65
N SER C 330 -24.84 -6.48 15.90
CA SER C 330 -25.48 -7.30 16.92
C SER C 330 -26.99 -7.08 16.95
N THR C 331 -27.70 -8.12 17.39
CA THR C 331 -29.12 -8.08 17.67
C THR C 331 -29.37 -8.63 19.07
N PRO C 332 -30.33 -8.06 19.80
CA PRO C 332 -30.52 -8.47 21.20
C PRO C 332 -31.23 -9.80 21.34
N THR C 333 -30.82 -10.56 22.36
CA THR C 333 -31.54 -11.75 22.77
C THR C 333 -32.65 -11.37 23.75
N ALA C 334 -33.32 -12.39 24.30
CA ALA C 334 -34.44 -12.12 25.20
C ALA C 334 -33.98 -11.45 26.50
N GLN C 335 -32.85 -11.90 27.06
CA GLN C 335 -32.38 -11.33 28.31
C GLN C 335 -31.95 -9.88 28.14
N GLN C 336 -31.30 -9.56 27.02
CA GLN C 336 -30.92 -8.17 26.76
C GLN C 336 -32.14 -7.29 26.58
N LEU C 337 -33.19 -7.81 25.96
CA LEU C 337 -34.42 -7.04 25.81
C LEU C 337 -35.11 -6.82 27.15
N ASN C 338 -35.06 -7.82 28.04
CA ASN C 338 -35.56 -7.63 29.39
C ASN C 338 -34.75 -6.58 30.14
N ASP C 339 -33.43 -6.55 29.91
CA ASP C 339 -32.60 -5.52 30.52
C ASP C 339 -32.98 -4.13 30.00
N VAL C 340 -33.31 -4.04 28.72
CA VAL C 340 -33.79 -2.76 28.16
C VAL C 340 -35.09 -2.33 28.83
N ARG C 341 -36.00 -3.29 29.07
CA ARG C 341 -37.22 -3.00 29.81
C ARG C 341 -36.91 -2.47 31.21
N LYS C 342 -35.92 -3.08 31.88
CA LYS C 342 -35.51 -2.61 33.20
C LYS C 342 -34.97 -1.18 33.14
N ILE C 343 -34.18 -0.87 32.11
CA ILE C 343 -33.62 0.46 31.96
C ILE C 343 -34.73 1.50 31.79
N TYR C 344 -35.72 1.17 30.95
CA TYR C 344 -36.80 2.13 30.74
C TYR C 344 -37.68 2.27 31.97
N LEU C 345 -37.88 1.19 32.72
CA LEU C 345 -38.60 1.29 33.98
C LEU C 345 -37.87 2.16 34.99
N ALA C 346 -36.54 2.08 35.02
CA ALA C 346 -35.76 2.98 35.87
C ALA C 346 -35.90 4.42 35.40
N LEU C 347 -35.93 4.65 34.09
CA LEU C 347 -36.09 6.01 33.58
C LEU C 347 -37.44 6.60 33.95
N MET C 348 -38.51 5.81 33.87
CA MET C 348 -39.85 6.33 34.12
C MET C 348 -40.11 6.67 35.58
N PHE C 349 -39.26 6.24 36.51
CA PHE C 349 -39.43 6.51 37.94
C PHE C 349 -38.14 7.11 38.48
N PRO C 350 -37.94 8.42 38.28
CA PRO C 350 -36.66 9.03 38.68
C PRO C 350 -36.46 8.98 40.19
N GLY C 351 -35.26 8.56 40.59
CA GLY C 351 -34.91 8.49 42.00
C GLY C 351 -35.36 7.23 42.70
N GLN C 352 -36.60 6.79 42.42
CA GLN C 352 -37.16 5.65 43.14
C GLN C 352 -36.53 4.33 42.71
N ILE C 353 -36.13 4.22 41.44
CA ILE C 353 -35.48 3.03 40.92
C ILE C 353 -34.16 3.44 40.29
N ILE C 354 -33.08 2.73 40.63
CA ILE C 354 -31.75 3.02 40.10
C ILE C 354 -31.12 1.73 39.60
N LEU C 355 -30.07 1.89 38.78
CA LEU C 355 -29.46 0.79 38.05
C LEU C 355 -28.05 0.50 38.54
N ASP C 356 -27.63 -0.74 38.31
CA ASP C 356 -26.26 -1.18 38.57
C ASP C 356 -25.85 -2.14 37.47
N LEU C 357 -24.54 -2.26 37.27
CA LEU C 357 -23.98 -3.12 36.23
C LEU C 357 -23.59 -4.47 36.82
N LYS C 358 -23.71 -5.52 36.00
CA LYS C 358 -23.44 -6.88 36.43
C LYS C 358 -22.60 -7.60 35.40
N ILE C 359 -22.10 -8.78 35.78
CA ILE C 359 -21.40 -9.68 34.88
C ILE C 359 -21.92 -11.09 35.12
N ASP C 360 -22.36 -11.75 34.06
CA ASP C 360 -22.82 -13.12 34.16
C ASP C 360 -21.66 -14.04 34.52
N PRO C 361 -21.89 -15.03 35.39
CA PRO C 361 -20.77 -15.91 35.81
C PRO C 361 -20.10 -16.65 34.66
N GLY C 362 -20.86 -17.04 33.64
CA GLY C 362 -20.26 -17.71 32.50
C GLY C 362 -19.70 -16.80 31.43
N GLU C 363 -19.84 -15.49 31.59
CA GLU C 363 -19.43 -14.55 30.56
C GLU C 363 -18.01 -14.04 30.81
N ARG C 364 -17.42 -13.45 29.78
CA ARG C 364 -16.12 -12.80 29.86
C ARG C 364 -16.21 -11.44 29.17
N MET C 365 -15.32 -10.54 29.57
CA MET C 365 -15.56 -9.12 29.34
C MET C 365 -15.04 -8.71 27.96
N ASP C 366 -15.83 -7.86 27.27
CA ASP C 366 -15.59 -7.43 25.90
C ASP C 366 -15.17 -5.96 25.87
N PRO C 367 -14.00 -5.63 25.30
CA PRO C 367 -13.54 -4.22 25.37
C PRO C 367 -14.32 -3.26 24.51
N ALA C 368 -14.75 -3.68 23.32
CA ALA C 368 -15.52 -2.81 22.45
C ALA C 368 -16.85 -2.43 23.08
N VAL C 369 -17.47 -3.37 23.80
CA VAL C 369 -18.72 -3.09 24.49
C VAL C 369 -18.50 -2.03 25.57
N ARG C 370 -17.40 -2.13 26.31
CA ARG C 370 -17.07 -1.11 27.30
C ARG C 370 -16.88 0.25 26.64
N MET C 371 -16.15 0.29 25.53
CA MET C 371 -15.88 1.56 24.87
C MET C 371 -17.16 2.22 24.40
N VAL C 372 -18.09 1.42 23.85
CA VAL C 372 -19.35 1.99 23.37
C VAL C 372 -20.23 2.43 24.54
N ALA C 373 -20.30 1.62 25.61
CA ALA C 373 -21.13 1.96 26.74
C ALA C 373 -20.62 3.21 27.45
N GLY C 374 -19.31 3.43 27.45
CA GLY C 374 -18.75 4.60 28.10
C GLY C 374 -19.24 5.90 27.49
N VAL C 375 -19.59 5.89 26.21
CA VAL C 375 -20.15 7.06 25.57
C VAL C 375 -21.67 7.08 25.67
N VAL C 376 -22.31 5.93 25.54
CA VAL C 376 -23.77 5.88 25.56
C VAL C 376 -24.32 6.27 26.93
N GLY C 377 -23.70 5.75 28.00
CA GLY C 377 -24.24 5.96 29.34
C GLY C 377 -24.23 7.42 29.79
N HIS C 378 -23.25 8.19 29.34
CA HIS C 378 -23.22 9.61 29.68
C HIS C 378 -24.34 10.40 29.03
N LEU C 379 -24.83 9.95 27.87
CA LEU C 379 -25.92 10.61 27.19
C LEU C 379 -27.30 10.04 27.54
N LEU C 380 -27.35 8.86 28.15
CA LEU C 380 -28.64 8.27 28.50
C LEU C 380 -29.13 8.61 29.89
N PHE C 381 -28.24 8.93 30.83
CA PHE C 381 -28.59 8.89 32.24
C PHE C 381 -28.25 10.22 32.94
N THR C 382 -28.93 10.44 34.06
CA THR C 382 -28.70 11.57 34.95
C THR C 382 -28.01 11.07 36.22
N ALA C 383 -26.96 11.77 36.63
CA ALA C 383 -26.14 11.33 37.75
C ALA C 383 -25.81 12.49 38.69
N GLY C 384 -26.82 13.25 39.07
CA GLY C 384 -26.60 14.28 40.06
C GLY C 384 -27.43 15.53 39.90
N GLY C 385 -27.27 16.48 40.82
CA GLY C 385 -28.09 17.67 40.82
C GLY C 385 -29.28 17.53 41.74
N ARG C 386 -30.41 17.15 41.15
CA ARG C 386 -31.68 17.04 41.86
C ARG C 386 -32.12 15.59 42.08
N PHE C 387 -31.79 14.69 41.16
CA PHE C 387 -32.05 13.27 41.33
C PHE C 387 -30.96 12.50 40.59
N THR C 388 -31.00 11.18 40.71
CA THR C 388 -30.04 10.33 40.02
C THR C 388 -30.75 9.09 39.51
N ASN C 389 -30.18 8.50 38.45
CA ASN C 389 -30.73 7.29 37.84
C ASN C 389 -29.90 6.06 38.15
N LEU C 390 -28.77 6.20 38.83
CA LEU C 390 -27.82 5.11 38.95
C LEU C 390 -26.91 5.31 40.15
N THR C 391 -26.27 4.21 40.57
CA THR C 391 -25.41 4.20 41.74
C THR C 391 -24.03 4.77 41.41
N GLN C 392 -23.29 5.15 42.45
CA GLN C 392 -21.98 5.76 42.27
C GLN C 392 -20.99 4.79 41.62
N ASN C 393 -21.11 3.50 41.92
CA ASN C 393 -20.24 2.50 41.32
C ASN C 393 -20.40 2.45 39.81
N MET C 394 -21.65 2.49 39.33
CA MET C 394 -21.91 2.45 37.89
C MET C 394 -21.35 3.69 37.20
N ALA C 395 -21.50 4.87 37.83
CA ALA C 395 -20.96 6.09 37.27
C ALA C 395 -19.43 6.02 37.18
N ARG C 396 -18.78 5.49 38.23
CA ARG C 396 -17.33 5.35 38.20
C ARG C 396 -16.89 4.43 37.07
N GLN C 397 -17.58 3.30 36.91
CA GLN C 397 -17.22 2.36 35.85
C GLN C 397 -17.41 2.97 34.46
N LEU C 398 -18.49 3.72 34.27
CA LEU C 398 -18.70 4.39 32.99
C LEU C 398 -17.64 5.45 32.73
N ASP C 399 -17.21 6.18 33.77
CA ASP C 399 -16.13 7.15 33.59
C ASP C 399 -14.83 6.47 33.16
N ILE C 400 -14.51 5.32 33.78
CA ILE C 400 -13.31 4.59 33.39
C ILE C 400 -13.42 4.10 31.95
N ALA C 401 -14.62 3.63 31.55
CA ALA C 401 -14.80 3.18 30.18
C ALA C 401 -14.64 4.32 29.17
N LEU C 402 -15.17 5.50 29.51
CA LEU C 402 -15.00 6.66 28.63
C LEU C 402 -13.53 7.05 28.51
N ASN C 403 -12.80 7.02 29.63
CA ASN C 403 -11.36 7.28 29.59
C ASN C 403 -10.65 6.29 28.68
N ASP C 404 -11.03 5.02 28.74
CA ASP C 404 -10.41 4.02 27.87
C ASP C 404 -10.75 4.26 26.41
N TYR C 405 -11.97 4.74 26.12
CA TYR C 405 -12.32 5.00 24.73
C TYR C 405 -11.58 6.21 24.16
N LEU C 406 -11.36 7.24 24.98
CA LEU C 406 -10.77 8.47 24.46
C LEU C 406 -9.31 8.30 24.09
N LEU C 407 -8.62 7.30 24.64
CA LEU C 407 -7.21 7.05 24.35
C LEU C 407 -7.01 5.86 23.43
N TYR C 408 -8.05 5.46 22.69
CA TYR C 408 -8.05 4.22 21.92
C TYR C 408 -7.01 4.25 20.80
N MET C 409 -7.16 5.13 19.82
CA MET C 409 -6.25 5.19 18.68
C MET C 409 -5.49 6.52 18.63
N TYR C 410 -4.99 6.95 19.79
CA TYR C 410 -4.35 8.26 19.91
C TYR C 410 -3.08 8.33 19.06
N ASN C 411 -2.83 9.52 18.50
CA ASN C 411 -1.67 9.75 17.65
C ASN C 411 -1.05 11.11 17.97
N THR C 412 0.11 11.37 17.37
CA THR C 412 0.91 12.53 17.73
C THR C 412 0.21 13.84 17.41
N ARG C 413 -0.48 13.91 16.26
CA ARG C 413 -1.12 15.15 15.83
C ARG C 413 -2.22 15.62 16.79
N VAL C 414 -2.72 14.73 17.64
CA VAL C 414 -3.58 15.13 18.75
C VAL C 414 -2.68 15.38 19.95
N GLN C 415 -2.90 16.51 20.63
CA GLN C 415 -2.08 16.84 21.79
C GLN C 415 -2.78 16.38 23.07
N VAL C 416 -2.07 15.59 23.88
CA VAL C 416 -2.55 15.15 25.18
C VAL C 416 -1.57 15.61 26.23
N ASN C 417 -2.06 16.40 27.20
CA ASN C 417 -1.28 16.82 28.35
C ASN C 417 -1.98 16.30 29.61
N TYR C 418 -1.37 15.32 30.25
CA TYR C 418 -1.98 14.68 31.40
C TYR C 418 -2.01 15.63 32.60
N GLY C 419 -2.98 15.40 33.48
CA GLY C 419 -3.16 16.23 34.66
C GLY C 419 -2.25 15.81 35.79
N PRO C 420 -2.28 16.58 36.89
CA PRO C 420 -1.44 16.23 38.04
C PRO C 420 -1.76 14.88 38.66
N THR C 421 -3.02 14.48 38.65
CA THR C 421 -3.45 13.25 39.31
C THR C 421 -3.55 12.10 38.32
N GLY C 422 -3.63 10.88 38.87
CA GLY C 422 -3.82 9.68 38.09
C GLY C 422 -5.26 9.27 37.90
N GLU C 423 -6.22 10.14 38.22
CA GLU C 423 -7.63 9.83 38.07
C GLU C 423 -7.98 9.69 36.59
N PRO C 424 -9.03 8.95 36.27
CA PRO C 424 -9.50 8.89 34.88
C PRO C 424 -9.98 10.24 34.40
N LEU C 425 -9.82 10.47 33.09
CA LEU C 425 -10.27 11.68 32.40
C LEU C 425 -9.58 12.93 32.89
N ASP C 426 -8.37 12.82 33.45
CA ASP C 426 -7.62 13.98 33.94
C ASP C 426 -6.57 14.36 32.91
N PHE C 427 -7.02 14.99 31.83
CA PHE C 427 -6.11 15.43 30.77
C PHE C 427 -6.83 16.44 29.89
N GLN C 428 -6.04 17.20 29.14
CA GLN C 428 -6.53 18.08 28.08
C GLN C 428 -6.17 17.47 26.73
N ILE C 429 -7.13 17.43 25.83
CA ILE C 429 -6.96 16.77 24.54
C ILE C 429 -7.27 17.75 23.42
N GLY C 430 -6.67 17.51 22.26
CA GLY C 430 -6.94 18.31 21.08
C GLY C 430 -6.00 19.50 20.94
N ARG C 431 -6.17 20.20 19.82
CA ARG C 431 -5.35 21.38 19.54
C ARG C 431 -5.75 22.55 20.43
N ASN C 432 -7.05 22.70 20.69
CA ASN C 432 -7.55 23.76 21.57
C ASN C 432 -7.54 23.36 23.03
N GLN C 433 -7.12 22.14 23.35
CA GLN C 433 -6.99 21.64 24.72
C GLN C 433 -8.32 21.69 25.47
N TYR C 434 -9.28 20.91 24.98
CA TYR C 434 -10.52 20.71 25.70
C TYR C 434 -10.25 19.98 27.00
N ASP C 435 -10.80 20.49 28.10
CA ASP C 435 -10.59 19.91 29.41
C ASP C 435 -11.61 18.79 29.63
N CYS C 436 -11.11 17.57 29.80
CA CYS C 436 -11.96 16.39 29.97
C CYS C 436 -12.28 16.10 31.43
N ASN C 437 -11.84 16.95 32.36
CA ASN C 437 -12.10 16.72 33.77
C ASN C 437 -13.58 16.86 34.11
N VAL C 438 -14.33 17.60 33.29
CA VAL C 438 -15.72 17.88 33.60
C VAL C 438 -16.62 16.66 33.40
N PHE C 439 -16.15 15.63 32.71
CA PHE C 439 -16.98 14.46 32.44
C PHE C 439 -16.86 13.39 33.52
N ARG C 440 -16.08 13.62 34.56
CA ARG C 440 -16.04 12.70 35.69
C ARG C 440 -17.23 12.95 36.61
N ALA C 441 -17.77 11.88 37.18
CA ALA C 441 -19.00 11.97 37.95
C ALA C 441 -18.82 12.75 39.24
N ASP C 442 -19.82 13.56 39.58
CA ASP C 442 -19.86 14.26 40.86
C ASP C 442 -21.34 14.51 41.19
N PHE C 443 -21.87 13.71 42.11
CA PHE C 443 -23.31 13.68 42.34
C PHE C 443 -23.86 14.98 42.92
N ALA C 444 -22.99 15.82 43.50
CA ALA C 444 -23.47 17.06 44.10
C ALA C 444 -23.88 18.08 43.04
N THR C 445 -23.14 18.15 41.93
CA THR C 445 -23.43 19.10 40.87
C THR C 445 -24.05 18.48 39.63
N GLY C 446 -23.79 17.20 39.37
CA GLY C 446 -24.36 16.54 38.22
C GLY C 446 -23.62 16.78 36.91
N THR C 447 -22.38 17.25 36.97
CA THR C 447 -21.61 17.49 35.76
C THR C 447 -21.32 16.19 35.01
N GLY C 448 -21.27 16.28 33.68
CA GLY C 448 -20.92 15.15 32.85
C GLY C 448 -22.07 14.29 32.40
N TYR C 449 -23.29 14.51 32.91
CA TYR C 449 -24.44 13.71 32.56
C TYR C 449 -25.59 14.62 32.15
N ASN C 450 -26.77 14.03 31.99
CA ASN C 450 -27.91 14.74 31.39
C ASN C 450 -28.38 15.92 32.25
N GLY C 451 -28.09 15.90 33.54
CA GLY C 451 -28.51 16.98 34.41
C GLY C 451 -27.56 18.15 34.49
N TRP C 452 -26.51 18.14 33.68
CA TRP C 452 -25.46 19.15 33.73
C TRP C 452 -25.99 20.48 33.18
N ALA C 453 -26.08 21.47 34.07
CA ALA C 453 -26.50 22.84 33.71
C ALA C 453 -27.87 22.86 33.03
N THR C 454 -28.83 22.16 33.65
CA THR C 454 -30.17 22.04 33.11
C THR C 454 -31.18 22.15 34.25
N ILE C 455 -32.37 22.65 33.94
CA ILE C 455 -33.48 22.71 34.88
C ILE C 455 -34.31 21.44 34.65
N ASP C 456 -34.24 20.51 35.59
CA ASP C 456 -34.93 19.23 35.45
C ASP C 456 -36.29 19.20 36.14
N VAL C 457 -36.46 19.95 37.24
CA VAL C 457 -37.68 19.91 38.03
C VAL C 457 -38.27 21.31 38.07
N GLU C 458 -39.57 21.41 37.78
CA GLU C 458 -40.25 22.68 37.69
C GLU C 458 -41.59 22.61 38.41
N TYR C 459 -42.01 23.74 38.98
CA TYR C 459 -43.32 23.89 39.61
C TYR C 459 -44.02 25.07 38.96
N ARG C 460 -45.20 24.83 38.36
CA ARG C 460 -45.89 25.92 37.68
C ARG C 460 -47.39 26.00 37.93
N GLU C 461 -48.08 24.94 38.34
CA GLU C 461 -49.53 24.99 38.44
C GLU C 461 -50.00 24.01 39.50
N PRO C 462 -51.01 24.38 40.29
CA PRO C 462 -51.54 23.45 41.32
C PRO C 462 -52.06 22.16 40.68
N ALA C 463 -51.42 21.05 41.02
CA ALA C 463 -51.77 19.75 40.48
C ALA C 463 -53.08 19.26 41.08
N PRO C 464 -53.76 18.32 40.40
CA PRO C 464 -54.93 17.68 41.02
C PRO C 464 -54.61 17.00 42.35
N TYR C 465 -53.44 16.40 42.47
CA TYR C 465 -53.00 15.79 43.72
C TYR C 465 -52.01 16.75 44.39
N VAL C 466 -52.37 17.25 45.56
CA VAL C 466 -51.63 18.35 46.18
C VAL C 466 -50.30 17.93 46.77
N HIS C 467 -50.03 16.63 46.91
CA HIS C 467 -48.77 16.22 47.50
C HIS C 467 -47.66 16.07 46.47
N ALA C 468 -47.96 16.16 45.17
CA ALA C 468 -46.96 16.03 44.10
C ALA C 468 -47.18 17.16 43.10
N GLN C 469 -46.47 18.27 43.29
CA GLN C 469 -46.61 19.46 42.46
C GLN C 469 -45.50 19.61 41.42
N ARG C 470 -44.60 18.63 41.30
CA ARG C 470 -43.43 18.78 40.46
C ARG C 470 -43.71 18.38 39.02
N TYR C 471 -42.90 18.92 38.11
CA TYR C 471 -42.87 18.54 36.71
C TYR C 471 -41.46 18.09 36.35
N ILE C 472 -41.36 16.97 35.64
CA ILE C 472 -40.07 16.42 35.22
C ILE C 472 -39.79 16.88 33.80
N ARG C 473 -38.59 17.42 33.57
CA ARG C 473 -38.18 17.89 32.25
C ARG C 473 -36.83 17.26 31.93
N TYR C 474 -36.85 16.07 31.34
CA TYR C 474 -35.64 15.47 30.81
C TYR C 474 -35.16 16.25 29.60
N CYS C 475 -33.90 16.67 29.62
CA CYS C 475 -33.24 17.43 28.57
C CYS C 475 -33.89 18.78 28.28
N GLY C 476 -34.76 19.27 29.16
CA GLY C 476 -35.42 20.54 28.97
C GLY C 476 -36.68 20.49 28.13
N ILE C 477 -37.11 19.31 27.68
CA ILE C 477 -38.29 19.22 26.83
C ILE C 477 -39.55 19.45 27.67
N ASP C 478 -40.52 20.13 27.06
CA ASP C 478 -41.80 20.44 27.70
C ASP C 478 -42.87 19.50 27.16
N SER C 479 -43.66 18.91 28.06
CA SER C 479 -44.60 17.86 27.72
C SER C 479 -45.98 18.38 27.35
N ARG C 480 -46.18 19.70 27.28
CA ARG C 480 -47.52 20.22 27.01
C ARG C 480 -47.94 19.98 25.56
N GLU C 481 -47.01 19.95 24.63
CA GLU C 481 -47.34 19.80 23.22
C GLU C 481 -47.45 18.33 22.85
N LEU C 482 -48.44 18.01 22.02
CA LEU C 482 -48.48 16.72 21.36
C LEU C 482 -47.48 16.72 20.21
N ILE C 483 -46.65 15.69 20.13
CA ILE C 483 -45.52 15.70 19.20
C ILE C 483 -45.88 14.87 17.97
N ASN C 484 -45.20 15.19 16.87
CA ASN C 484 -45.29 14.42 15.63
C ASN C 484 -44.00 13.62 15.46
N PRO C 485 -44.04 12.29 15.57
CA PRO C 485 -42.79 11.52 15.65
C PRO C 485 -41.89 11.65 14.42
N THR C 486 -42.47 11.88 13.25
CA THR C 486 -41.69 11.89 12.01
C THR C 486 -41.03 13.23 11.72
N THR C 487 -41.39 14.31 12.45
CA THR C 487 -40.80 15.61 12.19
C THR C 487 -40.32 16.33 13.45
N TYR C 488 -40.49 15.75 14.64
CA TYR C 488 -40.15 16.45 15.88
C TYR C 488 -38.67 16.29 16.21
N GLY C 489 -38.11 17.32 16.84
CA GLY C 489 -36.73 17.28 17.27
C GLY C 489 -35.70 17.70 16.25
N ILE C 490 -36.10 18.47 15.24
CA ILE C 490 -35.20 18.80 14.14
C ILE C 490 -34.10 19.77 14.58
N GLY C 491 -34.43 20.77 15.39
CA GLY C 491 -33.44 21.78 15.75
C GLY C 491 -33.17 21.94 17.23
N MET C 492 -33.39 20.90 18.02
CA MET C 492 -33.23 20.97 19.46
C MET C 492 -31.90 20.37 19.90
N THR C 493 -31.41 20.86 21.05
CA THR C 493 -30.18 20.37 21.66
C THR C 493 -30.16 20.84 23.10
N TYR C 494 -29.22 20.29 23.87
CA TYR C 494 -29.01 20.71 25.25
C TYR C 494 -27.53 20.65 25.56
N HIS C 495 -27.17 20.97 26.81
CA HIS C 495 -25.79 21.28 27.15
C HIS C 495 -24.89 20.04 27.07
N CYS C 496 -25.30 18.95 27.69
CA CYS C 496 -24.43 17.78 27.80
C CYS C 496 -24.15 17.16 26.43
N TYR C 497 -25.17 17.03 25.60
CA TYR C 497 -24.99 16.43 24.28
C TYR C 497 -24.06 17.28 23.42
N ASN C 498 -24.23 18.60 23.47
CA ASN C 498 -23.37 19.51 22.70
C ASN C 498 -21.93 19.45 23.19
N GLU C 499 -21.73 19.40 24.51
CA GLU C 499 -20.37 19.31 25.03
C GLU C 499 -19.72 17.98 24.66
N MET C 500 -20.51 16.90 24.66
CA MET C 500 -19.99 15.61 24.23
C MET C 500 -19.57 15.64 22.77
N LEU C 501 -20.37 16.27 21.91
CA LEU C 501 -20.00 16.41 20.50
C LEU C 501 -18.71 17.22 20.35
N ARG C 502 -18.59 18.30 21.11
CA ARG C 502 -17.38 19.13 21.06
C ARG C 502 -16.14 18.32 21.46
N MET C 503 -16.25 17.55 22.55
CA MET C 503 -15.12 16.73 22.98
C MET C 503 -14.79 15.65 21.96
N LEU C 504 -15.80 15.00 21.38
CA LEU C 504 -15.54 13.96 20.38
C LEU C 504 -14.85 14.54 19.15
N VAL C 505 -15.24 15.74 18.73
CA VAL C 505 -14.56 16.40 17.62
C VAL C 505 -13.12 16.72 18.01
N ALA C 506 -12.90 17.15 19.26
CA ALA C 506 -11.56 17.52 19.69
C ALA C 506 -10.60 16.34 19.71
N ALA C 507 -11.11 15.12 19.88
CA ALA C 507 -10.26 13.95 20.02
C ALA C 507 -10.06 13.17 18.72
N GLY C 508 -10.61 13.64 17.61
CA GLY C 508 -10.43 12.96 16.34
C GLY C 508 -11.45 11.91 16.00
N LYS C 509 -12.60 11.88 16.69
CA LYS C 509 -13.63 10.88 16.46
C LYS C 509 -14.68 11.46 15.52
N ASP C 510 -14.33 11.53 14.23
CA ASP C 510 -15.18 12.20 13.26
C ASP C 510 -16.46 11.41 12.98
N SER C 511 -16.32 10.11 12.70
CA SER C 511 -17.48 9.30 12.32
C SER C 511 -18.46 9.14 13.47
N GLU C 512 -17.96 8.97 14.70
CA GLU C 512 -18.84 8.83 15.84
C GLU C 512 -19.57 10.14 16.14
N ALA C 513 -18.89 11.27 16.01
CA ALA C 513 -19.55 12.56 16.17
C ALA C 513 -20.62 12.76 15.12
N ALA C 514 -20.35 12.34 13.87
CA ALA C 514 -21.36 12.41 12.83
C ALA C 514 -22.57 11.54 13.17
N TYR C 515 -22.32 10.34 13.67
CA TYR C 515 -23.41 9.42 14.03
C TYR C 515 -24.30 10.02 15.11
N PHE C 516 -23.69 10.60 16.15
CA PHE C 516 -24.49 11.17 17.23
C PHE C 516 -25.23 12.42 16.79
N ARG C 517 -24.59 13.23 15.93
CA ARG C 517 -25.25 14.41 15.39
C ARG C 517 -26.47 14.01 14.55
N SER C 518 -26.38 12.90 13.83
CA SER C 518 -27.54 12.44 13.07
C SER C 518 -28.59 11.77 13.95
N MET C 519 -28.18 11.18 15.08
CA MET C 519 -29.14 10.49 15.95
C MET C 519 -29.80 11.40 16.98
N LEU C 520 -29.37 12.66 17.09
CA LEU C 520 -29.98 13.57 18.06
C LEU C 520 -31.50 13.71 18.00
N PRO C 521 -32.16 13.84 16.85
CA PRO C 521 -33.64 13.94 16.87
C PRO C 521 -34.34 12.72 17.46
N PHE C 522 -33.79 11.51 17.21
CA PHE C 522 -34.30 10.30 17.84
C PHE C 522 -34.22 10.39 19.36
N HIS C 523 -33.08 10.90 19.86
CA HIS C 523 -32.88 11.08 21.29
C HIS C 523 -33.93 12.04 21.88
N MET C 524 -34.16 13.17 21.20
CA MET C 524 -35.10 14.15 21.71
C MET C 524 -36.52 13.62 21.70
N VAL C 525 -36.90 12.86 20.66
CA VAL C 525 -38.23 12.27 20.61
C VAL C 525 -38.42 11.27 21.75
N ARG C 526 -37.40 10.44 22.00
CA ARG C 526 -37.48 9.47 23.08
C ARG C 526 -37.69 10.15 24.43
N PHE C 527 -36.94 11.20 24.70
CA PHE C 527 -37.08 11.84 26.01
C PHE C 527 -38.37 12.64 26.12
N ALA C 528 -38.88 13.17 25.01
CA ALA C 528 -40.19 13.81 25.03
C ALA C 528 -41.27 12.80 25.38
N ARG C 529 -41.20 11.60 24.80
CA ARG C 529 -42.16 10.55 25.14
C ARG C 529 -42.08 10.18 26.62
N ILE C 530 -40.85 10.07 27.15
CA ILE C 530 -40.69 9.73 28.57
C ILE C 530 -41.28 10.82 29.45
N ASN C 531 -41.05 12.09 29.10
CA ASN C 531 -41.62 13.20 29.87
C ASN C 531 -43.15 13.15 29.86
N GLN C 532 -43.73 12.88 28.69
CA GLN C 532 -45.19 12.75 28.60
C GLN C 532 -45.70 11.65 29.52
N ILE C 533 -45.04 10.48 29.48
CA ILE C 533 -45.49 9.35 30.29
C ILE C 533 -45.39 9.67 31.77
N ILE C 534 -44.31 10.32 32.19
CA ILE C 534 -44.14 10.62 33.61
C ILE C 534 -45.16 11.65 34.07
N ASN C 535 -45.30 12.75 33.34
CA ASN C 535 -46.11 13.86 33.82
C ASN C 535 -47.61 13.63 33.66
N GLU C 536 -48.04 12.78 32.73
CA GLU C 536 -49.47 12.64 32.48
C GLU C 536 -50.03 11.30 32.95
N ASP C 537 -49.41 10.17 32.59
CA ASP C 537 -49.99 8.88 32.94
C ASP C 537 -49.76 8.52 34.41
N LEU C 538 -48.64 8.91 34.99
CA LEU C 538 -48.23 8.38 36.29
C LEU C 538 -48.68 9.24 37.47
N HIS C 539 -49.34 10.37 37.24
CA HIS C 539 -49.82 11.21 38.32
C HIS C 539 -50.92 10.49 39.11
N SER C 540 -50.71 10.32 40.42
CA SER C 540 -51.59 9.51 41.25
C SER C 540 -51.36 9.84 42.72
N VAL C 541 -52.21 9.27 43.58
CA VAL C 541 -51.97 9.37 45.02
C VAL C 541 -50.78 8.50 45.41
N PHE C 542 -50.46 7.49 44.62
CA PHE C 542 -49.39 6.56 44.93
C PHE C 542 -48.02 7.10 44.53
N SER C 543 -47.96 8.26 43.89
CA SER C 543 -46.69 8.87 43.57
C SER C 543 -46.06 9.48 44.81
N LEU C 544 -44.74 9.52 44.83
CA LEU C 544 -44.00 9.96 46.01
C LEU C 544 -44.20 11.45 46.24
N PRO C 545 -44.42 11.90 47.47
CA PRO C 545 -44.57 13.33 47.73
C PRO C 545 -43.28 14.08 47.46
N ASP C 546 -43.43 15.39 47.22
CA ASP C 546 -42.28 16.24 46.88
C ASP C 546 -41.28 16.29 48.02
N ASP C 547 -41.75 16.35 49.26
CA ASP C 547 -40.86 16.42 50.41
C ASP C 547 -39.96 15.19 50.48
N MET C 548 -40.53 14.00 50.27
CA MET C 548 -39.73 12.79 50.25
C MET C 548 -38.92 12.66 48.97
N PHE C 549 -39.38 13.25 47.87
CA PHE C 549 -38.65 13.21 46.61
C PHE C 549 -37.35 13.99 46.70
N ASN C 550 -37.38 15.15 47.36
CA ASN C 550 -36.22 16.03 47.40
C ASN C 550 -35.10 15.53 48.31
N ALA C 551 -35.33 14.48 49.09
CA ALA C 551 -34.33 13.97 50.01
C ALA C 551 -33.70 12.66 49.55
N LEU C 552 -34.05 12.17 48.36
CA LEU C 552 -33.51 10.90 47.90
C LEU C 552 -32.01 11.00 47.62
N LEU C 553 -31.60 12.01 46.84
CA LEU C 553 -30.19 12.14 46.49
C LEU C 553 -29.30 12.44 47.70
N PRO C 554 -29.63 13.39 48.59
CA PRO C 554 -28.77 13.57 49.78
C PRO C 554 -28.69 12.34 50.67
N ASP C 555 -29.78 11.57 50.78
CA ASP C 555 -29.74 10.35 51.59
C ASP C 555 -28.86 9.30 50.93
N LEU C 556 -28.87 9.21 49.60
CA LEU C 556 -27.98 8.29 48.91
C LEU C 556 -26.51 8.69 49.07
N ILE C 557 -26.23 9.99 48.99
CA ILE C 557 -24.85 10.45 49.10
C ILE C 557 -24.33 10.27 50.52
N ALA C 558 -25.13 10.66 51.51
CA ALA C 558 -24.69 10.64 52.90
C ALA C 558 -24.71 9.25 53.52
N GLY C 559 -25.26 8.25 52.83
CA GLY C 559 -25.36 6.92 53.41
C GLY C 559 -26.31 6.82 54.57
N ALA C 560 -27.40 7.57 54.55
CA ALA C 560 -28.42 7.51 55.60
C ALA C 560 -29.53 6.55 55.21
N HIS C 561 -30.02 5.81 56.20
CA HIS C 561 -31.03 4.78 55.95
C HIS C 561 -32.24 4.97 56.86
N GLN C 562 -32.55 6.21 57.22
CA GLN C 562 -33.74 6.47 58.04
C GLN C 562 -35.03 6.36 57.22
N ASN C 563 -34.94 6.46 55.90
CA ASN C 563 -36.08 6.32 55.01
C ASN C 563 -35.92 5.07 54.16
N ALA C 564 -36.88 4.85 53.26
CA ALA C 564 -36.84 3.68 52.39
C ALA C 564 -35.74 3.81 51.35
N ASP C 565 -34.99 2.73 51.16
CA ASP C 565 -33.92 2.71 50.17
C ASP C 565 -34.49 2.52 48.77
N PRO C 566 -33.84 3.07 47.76
CA PRO C 566 -34.30 2.86 46.38
C PRO C 566 -34.11 1.41 45.95
N VAL C 567 -34.96 0.98 45.02
CA VAL C 567 -34.85 -0.35 44.44
C VAL C 567 -33.73 -0.36 43.41
N VAL C 568 -32.90 -1.41 43.43
CA VAL C 568 -31.77 -1.55 42.53
C VAL C 568 -32.05 -2.65 41.53
N LEU C 569 -31.78 -2.38 40.26
CA LEU C 569 -31.90 -3.36 39.19
C LEU C 569 -30.56 -3.51 38.50
N ASP C 570 -30.20 -4.74 38.13
CA ASP C 570 -28.91 -5.05 37.53
C ASP C 570 -29.07 -5.34 36.05
N VAL C 571 -28.21 -4.72 35.23
CA VAL C 571 -28.25 -4.86 33.78
C VAL C 571 -26.84 -5.14 33.28
N SER C 572 -26.76 -5.60 32.03
CA SER C 572 -25.48 -5.92 31.40
C SER C 572 -24.95 -4.73 30.62
N TRP C 573 -23.71 -4.87 30.14
CA TRP C 573 -23.04 -3.77 29.45
C TRP C 573 -23.64 -3.50 28.08
N ILE C 574 -23.93 -4.56 27.32
CA ILE C 574 -24.43 -4.39 25.96
C ILE C 574 -25.86 -3.86 25.93
N SER C 575 -26.59 -4.01 27.04
CA SER C 575 -27.95 -3.50 27.11
C SER C 575 -28.00 -1.99 27.01
N LEU C 576 -26.92 -1.30 27.38
CA LEU C 576 -26.87 0.15 27.22
C LEU C 576 -26.86 0.55 25.74
N TRP C 577 -26.04 -0.13 24.94
CA TRP C 577 -26.02 0.12 23.50
C TRP C 577 -27.36 -0.26 22.86
N PHE C 578 -27.96 -1.37 23.32
CA PHE C 578 -29.27 -1.73 22.78
C PHE C 578 -30.34 -0.73 23.18
N ALA C 579 -30.26 -0.15 24.37
CA ALA C 579 -31.24 0.82 24.82
C ALA C 579 -31.09 2.15 24.09
N PHE C 580 -29.85 2.53 23.73
CA PHE C 580 -29.69 3.77 22.99
C PHE C 580 -30.30 3.70 21.60
N ASN C 581 -30.39 2.50 21.02
CA ASN C 581 -30.93 2.32 19.68
C ASN C 581 -32.39 1.88 19.68
N ARG C 582 -33.03 1.84 20.84
CA ARG C 582 -34.45 1.52 20.94
C ARG C 582 -35.17 2.65 21.66
N SER C 583 -36.37 2.97 21.18
CA SER C 583 -37.20 4.00 21.78
C SER C 583 -38.57 3.40 22.14
N PHE C 584 -39.06 3.74 23.32
CA PHE C 584 -40.32 3.21 23.80
C PHE C 584 -41.48 4.08 23.30
N GLU C 585 -42.43 3.45 22.62
CA GLU C 585 -43.58 4.15 22.06
C GLU C 585 -44.86 3.54 22.60
N PRO C 586 -45.59 4.24 23.48
CA PRO C 586 -46.81 3.66 24.04
C PRO C 586 -47.93 3.58 23.00
N THR C 587 -48.52 2.40 22.88
CA THR C 587 -49.64 2.17 21.96
C THR C 587 -50.97 2.02 22.66
N HIS C 588 -51.03 1.31 23.78
CA HIS C 588 -52.24 1.16 24.57
C HIS C 588 -52.00 1.70 25.97
N ARG C 589 -52.89 2.58 26.42
CA ARG C 589 -52.83 3.08 27.78
C ARG C 589 -53.41 2.04 28.74
N ASN C 590 -53.11 2.22 30.03
CA ASN C 590 -53.57 1.28 31.04
C ASN C 590 -55.08 1.26 31.12
N GLU C 591 -55.65 0.06 31.21
CA GLU C 591 -57.10 -0.11 31.25
C GLU C 591 -57.71 0.26 32.59
N MET C 592 -56.90 0.48 33.62
CA MET C 592 -57.37 0.88 34.93
C MET C 592 -57.21 2.38 35.17
N LEU C 593 -56.87 3.14 34.12
CA LEU C 593 -56.50 4.54 34.31
C LEU C 593 -57.70 5.40 34.70
N GLU C 594 -58.85 5.16 34.09
CA GLU C 594 -60.03 5.97 34.37
C GLU C 594 -60.78 5.52 35.62
N VAL C 595 -60.36 4.41 36.24
CA VAL C 595 -61.06 3.86 37.40
C VAL C 595 -60.27 4.08 38.69
N ALA C 596 -59.01 4.51 38.59
CA ALA C 596 -58.15 4.60 39.77
C ALA C 596 -58.67 5.51 40.89
N PRO C 597 -59.18 6.73 40.63
CA PRO C 597 -59.62 7.57 41.76
C PRO C 597 -60.66 6.94 42.67
N LEU C 598 -61.62 6.21 42.10
CA LEU C 598 -62.62 5.53 42.92
C LEU C 598 -61.98 4.48 43.81
N ILE C 599 -61.04 3.72 43.27
CA ILE C 599 -60.32 2.71 44.04
C ILE C 599 -59.55 3.34 45.18
N GLU C 600 -58.88 4.47 44.90
CA GLU C 600 -58.15 5.19 45.94
C GLU C 600 -59.08 5.67 47.04
N SER C 601 -60.25 6.18 46.67
CA SER C 601 -61.22 6.65 47.65
C SER C 601 -61.68 5.51 48.54
N VAL C 602 -61.97 4.34 47.95
CA VAL C 602 -62.41 3.18 48.74
C VAL C 602 -61.30 2.76 49.71
N TYR C 603 -60.06 2.71 49.21
CA TYR C 603 -58.93 2.30 50.05
C TYR C 603 -58.75 3.22 51.24
N ALA C 604 -58.82 4.54 50.99
CA ALA C 604 -58.67 5.51 52.08
C ALA C 604 -59.81 5.41 53.09
N SER C 605 -61.03 5.19 52.61
CA SER C 605 -62.16 5.06 53.52
C SER C 605 -62.02 3.84 54.43
N GLU C 606 -61.58 2.71 53.87
CA GLU C 606 -61.39 1.53 54.70
C GLU C 606 -60.29 1.74 55.74
N LEU C 607 -59.20 2.41 55.35
CA LEU C 607 -58.14 2.71 56.31
C LEU C 607 -58.67 3.59 57.44
N SER C 608 -59.49 4.60 57.12
CA SER C 608 -60.02 5.48 58.15
C SER C 608 -60.93 4.73 59.11
N VAL C 609 -61.76 3.82 58.59
CA VAL C 609 -62.63 3.03 59.46
C VAL C 609 -61.80 2.17 60.41
N MET C 610 -60.74 1.55 59.90
CA MET C 610 -59.84 0.77 60.76
C MET C 610 -59.23 1.64 61.85
N LYS C 611 -58.81 2.86 61.50
CA LYS C 611 -58.20 3.75 62.49
C LYS C 611 -59.18 4.12 63.59
N VAL C 612 -60.44 4.41 63.23
CA VAL C 612 -61.44 4.75 64.23
C VAL C 612 -61.68 3.58 65.17
N ASP C 613 -61.76 2.37 64.62
CA ASP C 613 -61.97 1.19 65.46
C ASP C 613 -60.82 1.00 66.44
N MET C 614 -59.58 1.14 65.97
CA MET C 614 -58.42 1.07 66.87
C MET C 614 -58.51 2.10 67.99
N ARG C 615 -58.82 3.36 67.62
CA ARG C 615 -58.87 4.44 68.61
C ARG C 615 -59.86 4.14 69.70
N HIS C 616 -61.05 3.65 69.34
CA HIS C 616 -62.04 3.41 70.37
C HIS C 616 -61.75 2.15 71.18
N LEU C 617 -61.15 1.12 70.56
CA LEU C 617 -60.89 -0.10 71.31
C LEU C 617 -59.66 -0.02 72.20
N SER C 618 -58.81 1.00 72.02
CA SER C 618 -57.59 1.06 72.83
C SER C 618 -57.83 1.44 74.29
N LEU C 619 -59.04 1.84 74.69
CA LEU C 619 -59.28 2.32 76.05
C LEU C 619 -60.01 1.32 76.95
N MET C 620 -60.38 0.15 76.41
CA MET C 620 -61.24 -0.77 77.14
C MET C 620 -60.52 -1.39 78.33
N GLN C 621 -59.21 -1.61 78.22
CA GLN C 621 -58.48 -2.23 79.32
C GLN C 621 -58.44 -1.31 80.53
N ARG C 622 -58.29 0.00 80.30
CA ARG C 622 -58.39 0.95 81.40
C ARG C 622 -59.82 1.06 81.91
N ARG C 623 -60.82 0.91 81.02
CA ARG C 623 -62.20 1.00 81.49
C ARG C 623 -62.62 -0.22 82.31
N PHE C 624 -62.16 -1.41 81.93
CA PHE C 624 -62.58 -2.67 82.57
C PHE C 624 -61.38 -3.52 82.94
N PRO C 625 -60.72 -3.20 84.06
CA PRO C 625 -59.54 -3.99 84.46
C PRO C 625 -59.89 -5.40 84.89
N ASP C 626 -61.12 -5.64 85.36
CA ASP C 626 -61.49 -6.96 85.84
C ASP C 626 -61.79 -7.96 84.72
N VAL C 627 -62.06 -7.47 83.51
CA VAL C 627 -62.32 -8.36 82.39
C VAL C 627 -61.07 -8.56 81.54
N LEU C 628 -60.32 -7.50 81.30
CA LEU C 628 -59.18 -7.50 80.39
C LEU C 628 -57.85 -7.53 81.14
N ILE C 629 -57.81 -8.30 82.24
CA ILE C 629 -56.58 -8.39 83.03
C ILE C 629 -55.47 -9.10 82.24
N GLN C 630 -55.84 -9.95 81.28
CA GLN C 630 -54.88 -10.72 80.50
C GLN C 630 -54.69 -10.16 79.09
N ALA C 631 -55.20 -8.97 78.81
CA ALA C 631 -55.21 -8.45 77.45
C ALA C 631 -53.89 -7.77 77.09
N ARG C 632 -53.61 -7.75 75.80
CA ARG C 632 -52.47 -7.06 75.22
C ARG C 632 -52.96 -6.29 74.00
N PRO C 633 -52.22 -5.27 73.56
CA PRO C 633 -52.65 -4.52 72.36
C PRO C 633 -52.74 -5.38 71.10
N SER C 634 -51.93 -6.42 71.01
CA SER C 634 -52.00 -7.31 69.85
C SER C 634 -53.35 -8.01 69.76
N HIS C 635 -54.03 -8.19 70.90
CA HIS C 635 -55.34 -8.82 70.89
C HIS C 635 -56.36 -7.98 70.14
N PHE C 636 -56.46 -6.69 70.46
CA PHE C 636 -57.45 -5.89 69.74
C PHE C 636 -56.97 -5.55 68.33
N TRP C 637 -55.66 -5.50 68.10
CA TRP C 637 -55.16 -5.41 66.73
C TRP C 637 -55.65 -6.58 65.89
N LYS C 638 -55.51 -7.80 66.42
CA LYS C 638 -55.97 -8.99 65.72
C LYS C 638 -57.49 -8.99 65.55
N ALA C 639 -58.21 -8.54 66.58
CA ALA C 639 -59.67 -8.50 66.50
C ALA C 639 -60.15 -7.54 65.42
N VAL C 640 -59.49 -6.39 65.29
CA VAL C 640 -59.87 -5.46 64.23
C VAL C 640 -59.49 -6.01 62.86
N LEU C 641 -58.32 -6.65 62.76
CA LEU C 641 -57.90 -7.23 61.49
C LEU C 641 -58.85 -8.33 61.03
N ASN C 642 -59.43 -9.06 61.97
CA ASN C 642 -60.34 -10.15 61.61
C ASN C 642 -61.65 -9.65 61.01
N ASP C 643 -61.97 -8.36 61.17
CA ASP C 643 -63.22 -7.80 60.69
C ASP C 643 -62.97 -6.67 59.70
N SER C 644 -62.04 -6.89 58.77
CA SER C 644 -61.70 -5.93 57.74
C SER C 644 -61.71 -6.60 56.38
N PRO C 645 -61.94 -5.85 55.31
CA PRO C 645 -61.89 -6.46 53.97
C PRO C 645 -60.50 -6.98 53.64
N GLU C 646 -60.46 -8.07 52.88
CA GLU C 646 -59.20 -8.75 52.61
C GLU C 646 -58.31 -7.96 51.67
N ALA C 647 -58.89 -7.15 50.79
CA ALA C 647 -58.10 -6.45 49.78
C ALA C 647 -57.21 -5.38 50.38
N VAL C 648 -57.73 -4.64 51.37
CA VAL C 648 -56.92 -3.62 52.04
C VAL C 648 -55.76 -4.26 52.78
N LYS C 649 -56.03 -5.38 53.46
CA LYS C 649 -54.96 -6.12 54.14
C LYS C 649 -53.94 -6.63 53.14
N ALA C 650 -54.37 -7.04 51.95
CA ALA C 650 -53.43 -7.47 50.92
C ALA C 650 -52.55 -6.32 50.44
N VAL C 651 -53.14 -5.13 50.28
CA VAL C 651 -52.37 -3.96 49.88
C VAL C 651 -51.31 -3.64 50.93
N MET C 652 -51.69 -3.68 52.21
CA MET C 652 -50.71 -3.45 53.26
C MET C 652 -49.65 -4.55 53.31
N ASN C 653 -50.04 -5.80 53.08
CA ASN C 653 -49.11 -6.93 53.11
C ASN C 653 -48.14 -6.91 51.95
N LEU C 654 -48.46 -6.18 50.88
CA LEU C 654 -47.48 -5.96 49.82
C LEU C 654 -46.18 -5.35 50.36
N SER C 655 -46.28 -4.54 51.42
CA SER C 655 -45.12 -3.92 52.04
C SER C 655 -44.73 -4.57 53.35
N HIS C 656 -45.68 -5.08 54.12
CA HIS C 656 -45.36 -5.60 55.44
C HIS C 656 -44.86 -7.04 55.42
N SER C 657 -44.76 -7.67 54.26
CA SER C 657 -44.08 -8.95 54.14
C SER C 657 -42.58 -8.80 53.98
N HIS C 658 -42.12 -7.64 53.51
CA HIS C 658 -40.71 -7.35 53.32
C HIS C 658 -40.11 -6.51 54.44
N ASN C 659 -40.92 -5.72 55.13
CA ASN C 659 -40.49 -4.87 56.23
C ASN C 659 -41.18 -5.28 57.51
N PHE C 660 -40.52 -5.04 58.63
CA PHE C 660 -41.01 -5.45 59.94
C PHE C 660 -41.59 -4.25 60.68
N ILE C 661 -42.78 -4.41 61.23
CA ILE C 661 -43.42 -3.41 62.07
C ILE C 661 -43.93 -4.08 63.34
N ASN C 662 -44.02 -3.29 64.42
CA ASN C 662 -44.58 -3.79 65.66
C ASN C 662 -45.69 -2.88 66.15
N ILE C 663 -46.13 -3.08 67.40
CA ILE C 663 -47.27 -2.33 67.90
C ILE C 663 -46.98 -0.85 68.08
N ARG C 664 -45.71 -0.46 68.21
CA ARG C 664 -45.37 0.96 68.28
C ARG C 664 -45.68 1.67 66.96
N ASP C 665 -45.33 1.05 65.83
CA ASP C 665 -45.68 1.59 64.53
C ASP C 665 -47.19 1.68 64.37
N MET C 666 -47.90 0.63 64.81
CA MET C 666 -49.36 0.62 64.70
C MET C 666 -49.98 1.74 65.52
N MET C 667 -49.51 1.93 66.76
CA MET C 667 -50.07 2.98 67.61
C MET C 667 -49.74 4.37 67.07
N ARG C 668 -48.55 4.54 66.49
CA ARG C 668 -48.24 5.82 65.87
C ARG C 668 -49.13 6.09 64.66
N TRP C 669 -49.41 5.05 63.87
CA TRP C 669 -50.29 5.21 62.73
C TRP C 669 -51.71 5.56 63.15
N VAL C 670 -52.18 4.95 64.24
CA VAL C 670 -53.55 5.16 64.69
C VAL C 670 -53.76 6.59 65.19
N MET C 671 -52.79 7.15 65.90
CA MET C 671 -52.93 8.47 66.51
C MET C 671 -52.77 9.61 65.52
N LEU C 672 -52.36 9.35 64.29
CA LEU C 672 -52.24 10.41 63.31
C LEU C 672 -53.61 10.95 62.94
N PRO C 673 -53.72 12.27 62.68
CA PRO C 673 -55.05 12.90 62.61
C PRO C 673 -55.81 12.70 61.31
N SER C 674 -55.11 12.47 60.20
CA SER C 674 -55.75 12.51 58.89
C SER C 674 -56.76 11.38 58.71
N LEU C 675 -57.92 11.73 58.19
CA LEU C 675 -58.98 10.76 57.88
C LEU C 675 -59.62 11.15 56.54
N GLN C 676 -60.26 10.16 55.91
CA GLN C 676 -60.96 10.37 54.65
C GLN C 676 -62.45 10.32 54.88
N PRO C 677 -63.18 11.44 54.80
CA PRO C 677 -64.61 11.42 55.11
C PRO C 677 -65.41 10.66 54.07
N SER C 678 -66.40 9.91 54.55
CA SER C 678 -67.31 9.16 53.70
C SER C 678 -68.54 8.82 54.55
N LEU C 679 -69.55 8.26 53.89
CA LEU C 679 -70.80 7.92 54.58
C LEU C 679 -70.56 6.86 55.65
N LYS C 680 -69.85 5.79 55.30
CA LYS C 680 -69.61 4.70 56.23
C LYS C 680 -68.78 5.16 57.42
N LEU C 681 -67.79 6.03 57.17
CA LEU C 681 -66.97 6.53 58.26
C LEU C 681 -67.78 7.38 59.25
N ALA C 682 -68.63 8.26 58.73
CA ALA C 682 -69.44 9.11 59.60
C ALA C 682 -70.42 8.26 60.41
N LEU C 683 -71.05 7.27 59.77
CA LEU C 683 -71.95 6.39 60.50
C LEU C 683 -71.21 5.56 61.54
N GLU C 684 -69.99 5.13 61.23
CA GLU C 684 -69.21 4.35 62.19
C GLU C 684 -68.82 5.19 63.41
N GLU C 685 -68.41 6.44 63.18
CA GLU C 685 -68.09 7.32 64.29
C GLU C 685 -69.30 7.59 65.16
N GLU C 686 -70.46 7.82 64.54
CA GLU C 686 -71.67 8.05 65.31
C GLU C 686 -72.08 6.80 66.09
N ALA C 687 -71.88 5.61 65.50
CA ALA C 687 -72.21 4.37 66.19
C ALA C 687 -71.29 4.14 67.39
N TRP C 688 -70.00 4.44 67.24
CA TRP C 688 -69.09 4.33 68.37
C TRP C 688 -69.43 5.32 69.46
N ALA C 689 -69.86 6.53 69.07
CA ALA C 689 -70.28 7.52 70.07
C ALA C 689 -71.53 7.06 70.81
N ALA C 690 -72.49 6.45 70.10
CA ALA C 690 -73.76 6.10 70.71
C ALA C 690 -73.62 4.95 71.71
N ALA C 691 -72.57 4.14 71.58
CA ALA C 691 -72.33 3.02 72.49
C ALA C 691 -71.37 3.38 73.61
N ASN C 692 -71.36 4.63 74.06
CA ASN C 692 -70.40 5.07 75.07
C ASN C 692 -70.70 4.45 76.44
N ASP C 693 -71.97 4.18 76.72
CA ASP C 693 -72.38 3.56 77.97
C ASP C 693 -72.78 2.14 77.63
N PHE C 694 -72.22 1.17 78.35
CA PHE C 694 -72.50 -0.23 78.02
C PHE C 694 -73.77 -0.75 78.67
N GLU C 695 -74.55 0.08 79.35
CA GLU C 695 -75.93 -0.30 79.61
C GLU C 695 -76.75 -0.33 78.32
N ASP C 696 -76.29 0.37 77.28
CA ASP C 696 -76.93 0.30 75.97
C ASP C 696 -76.60 -0.99 75.23
N LEU C 697 -75.48 -1.63 75.55
CA LEU C 697 -75.16 -2.93 74.99
C LEU C 697 -75.63 -4.08 75.88
N MET C 698 -76.35 -3.78 76.96
CA MET C 698 -76.92 -4.77 77.87
C MET C 698 -75.85 -5.61 78.55
N LEU C 699 -74.78 -4.94 79.00
CA LEU C 699 -73.73 -5.57 79.79
C LEU C 699 -73.57 -4.79 81.09
N THR C 700 -73.50 -5.51 82.21
CA THR C 700 -73.39 -4.85 83.51
C THR C 700 -72.73 -5.79 84.50
N ASP C 701 -72.23 -5.20 85.58
CA ASP C 701 -71.63 -5.94 86.69
C ASP C 701 -72.40 -5.75 87.99
N GLN C 702 -73.60 -5.18 87.93
CA GLN C 702 -74.39 -4.90 89.12
C GLN C 702 -75.40 -6.02 89.35
N VAL C 703 -74.88 -7.18 89.74
CA VAL C 703 -75.68 -8.38 89.98
C VAL C 703 -75.50 -8.79 91.42
N TYR C 704 -76.61 -9.01 92.12
CA TYR C 704 -76.59 -9.26 93.55
C TYR C 704 -77.38 -10.52 93.89
N MET C 705 -77.05 -11.11 95.04
CA MET C 705 -77.78 -12.24 95.60
C MET C 705 -78.42 -11.81 96.91
N HIS C 706 -79.72 -12.04 97.04
CA HIS C 706 -80.47 -11.59 98.20
C HIS C 706 -81.72 -12.45 98.32
N ARG C 707 -82.11 -12.74 99.55
CA ARG C 707 -83.25 -13.63 99.82
C ARG C 707 -84.53 -12.79 99.85
N ASP C 708 -85.38 -12.97 98.85
CA ASP C 708 -86.66 -12.30 98.74
C ASP C 708 -87.77 -13.32 98.49
N MET C 709 -89.01 -12.83 98.52
CA MET C 709 -90.18 -13.68 98.38
C MET C 709 -91.14 -13.12 97.34
N LEU C 710 -91.82 -14.02 96.64
CA LEU C 710 -92.82 -13.61 95.67
C LEU C 710 -94.04 -13.05 96.38
N PRO C 711 -94.62 -11.95 95.88
CA PRO C 711 -95.78 -11.36 96.54
C PRO C 711 -97.02 -12.23 96.42
N GLU C 712 -97.91 -12.08 97.40
CA GLU C 712 -99.17 -12.83 97.47
C GLU C 712 -100.31 -11.86 97.71
N PRO C 713 -100.77 -11.16 96.68
CA PRO C 713 -101.83 -10.17 96.87
C PRO C 713 -103.16 -10.81 97.21
N ARG C 714 -103.97 -10.06 97.96
CA ARG C 714 -105.30 -10.50 98.33
C ARG C 714 -106.29 -10.16 97.22
N LEU C 715 -107.31 -11.00 97.08
CA LEU C 715 -108.30 -10.91 96.00
C LEU C 715 -109.69 -10.59 96.52
N ASP C 716 -109.77 -9.63 97.45
CA ASP C 716 -111.06 -9.27 98.04
C ASP C 716 -112.02 -8.68 97.03
N ASP C 717 -111.52 -8.08 95.94
CA ASP C 717 -112.35 -7.60 94.85
C ASP C 717 -111.67 -7.94 93.54
N ILE C 718 -112.31 -8.79 92.74
CA ILE C 718 -111.69 -9.29 91.52
C ILE C 718 -111.56 -8.20 90.47
N GLU C 719 -112.61 -7.38 90.29
CA GLU C 719 -112.62 -6.39 89.22
C GLU C 719 -111.57 -5.31 89.45
N ARG C 720 -111.49 -4.78 90.67
CA ARG C 720 -110.52 -3.73 90.95
C ARG C 720 -109.09 -4.26 90.86
N PHE C 721 -108.86 -5.49 91.31
CA PHE C 721 -107.53 -6.07 91.18
C PHE C 721 -107.17 -6.33 89.72
N ARG C 722 -108.16 -6.70 88.91
CA ARG C 722 -107.93 -6.87 87.48
C ARG C 722 -107.62 -5.54 86.82
N GLN C 723 -108.21 -4.46 87.31
CA GLN C 723 -108.02 -3.15 86.68
C GLN C 723 -106.59 -2.63 86.86
N GLU C 724 -105.90 -3.05 87.92
CA GLU C 724 -104.50 -2.70 88.09
C GLU C 724 -103.61 -3.80 87.53
N GLY C 725 -102.64 -3.41 86.70
CA GLY C 725 -101.78 -4.38 86.07
C GLY C 725 -100.69 -4.90 86.98
N PHE C 726 -101.06 -5.74 87.94
CA PHE C 726 -100.09 -6.26 88.91
C PHE C 726 -99.06 -7.14 88.23
N TYR C 727 -97.80 -6.93 88.59
CA TYR C 727 -96.70 -7.73 88.08
C TYR C 727 -95.54 -7.64 89.06
N TYR C 728 -94.60 -8.57 88.92
CA TYR C 728 -93.39 -8.59 89.73
C TYR C 728 -92.17 -8.70 88.82
N THR C 729 -91.07 -8.10 89.26
CA THR C 729 -89.82 -8.16 88.53
C THR C 729 -88.66 -8.18 89.52
N ASN C 730 -87.53 -8.68 89.07
CA ASN C 730 -86.30 -8.69 89.85
C ASN C 730 -85.37 -7.55 89.47
N MET C 731 -85.85 -6.58 88.69
CA MET C 731 -85.09 -5.38 88.40
C MET C 731 -85.17 -4.41 89.58
N LEU C 732 -84.05 -3.79 89.90
CA LEU C 732 -83.95 -2.89 91.05
C LEU C 732 -84.13 -1.45 90.63
N GLU C 733 -84.80 -0.68 91.48
CA GLU C 733 -84.87 0.77 91.29
C GLU C 733 -83.50 1.41 91.41
N ALA C 734 -82.72 0.97 92.39
CA ALA C 734 -81.40 1.51 92.67
C ALA C 734 -80.58 0.43 93.36
N PRO C 735 -79.25 0.50 93.27
CA PRO C 735 -78.41 -0.47 93.98
C PRO C 735 -78.61 -0.36 95.48
N PRO C 736 -78.41 -1.46 96.21
CA PRO C 736 -78.70 -1.45 97.65
C PRO C 736 -77.71 -0.58 98.42
N GLU C 737 -78.12 -0.25 99.65
CA GLU C 737 -77.27 0.54 100.54
C GLU C 737 -75.94 -0.17 100.75
N ILE C 738 -74.84 0.59 100.62
CA ILE C 738 -73.51 0.00 100.57
C ILE C 738 -73.11 -0.63 101.90
N ASP C 739 -73.72 -0.21 103.00
CA ASP C 739 -73.39 -0.80 104.30
C ASP C 739 -73.98 -2.19 104.48
N ARG C 740 -74.86 -2.63 103.57
CA ARG C 740 -75.49 -3.93 103.66
C ARG C 740 -74.92 -4.93 102.64
N VAL C 741 -73.84 -4.58 101.95
CA VAL C 741 -73.28 -5.40 100.89
C VAL C 741 -71.99 -6.04 101.38
N VAL C 742 -71.82 -7.32 101.07
CA VAL C 742 -70.60 -8.06 101.37
C VAL C 742 -69.96 -8.46 100.04
N GLN C 743 -68.77 -7.95 99.78
CA GLN C 743 -68.08 -8.23 98.52
C GLN C 743 -67.28 -9.52 98.62
N TYR C 744 -67.37 -10.34 97.58
CA TYR C 744 -66.64 -11.60 97.51
C TYR C 744 -65.70 -11.60 96.30
N THR C 745 -64.56 -12.25 96.49
CA THR C 745 -63.63 -12.55 95.42
C THR C 745 -63.34 -14.04 95.45
N TYR C 746 -62.54 -14.52 94.49
CA TYR C 746 -62.16 -15.92 94.47
C TYR C 746 -61.30 -16.28 95.67
N GLU C 747 -60.43 -15.35 96.09
CA GLU C 747 -59.48 -15.63 97.16
C GLU C 747 -60.17 -15.87 98.49
N ILE C 748 -61.16 -15.03 98.82
CA ILE C 748 -61.87 -15.17 100.08
C ILE C 748 -62.68 -16.46 100.10
N ALA C 749 -63.33 -16.78 98.98
CA ALA C 749 -64.09 -18.03 98.89
C ALA C 749 -63.17 -19.24 99.03
N ARG C 750 -61.99 -19.19 98.41
CA ARG C 750 -61.07 -20.31 98.52
C ARG C 750 -60.52 -20.45 99.93
N LEU C 751 -60.27 -19.33 100.62
CA LEU C 751 -59.81 -19.41 102.00
C LEU C 751 -60.88 -20.01 102.90
N GLN C 752 -62.13 -19.58 102.72
CA GLN C 752 -63.22 -20.12 103.54
C GLN C 752 -63.48 -21.59 103.23
N ALA C 753 -63.29 -21.99 101.97
CA ALA C 753 -63.42 -23.40 101.61
C ALA C 753 -62.28 -24.23 102.20
N ASN C 754 -61.08 -23.65 102.27
CA ASN C 754 -59.98 -24.31 102.98
C ASN C 754 -60.31 -24.50 104.45
N MET C 755 -60.92 -23.49 105.07
CA MET C 755 -61.35 -23.61 106.46
C MET C 755 -62.63 -24.43 106.61
N GLY C 756 -63.31 -24.77 105.51
CA GLY C 756 -64.59 -25.44 105.58
C GLY C 756 -65.71 -24.58 106.13
N GLN C 757 -65.75 -23.29 105.75
CA GLN C 757 -66.76 -22.37 106.26
C GLN C 757 -67.32 -21.45 105.19
N PHE C 758 -67.46 -21.92 103.95
CA PHE C 758 -67.99 -21.08 102.89
C PHE C 758 -69.52 -21.08 102.92
N ARG C 759 -70.12 -22.28 102.93
CA ARG C 759 -71.57 -22.39 102.96
C ARG C 759 -72.16 -21.79 104.23
N ALA C 760 -71.50 -22.00 105.38
CA ALA C 760 -71.97 -21.44 106.63
C ALA C 760 -71.95 -19.92 106.61
N ALA C 761 -70.90 -19.33 106.05
CA ALA C 761 -70.82 -17.87 105.96
C ALA C 761 -71.91 -17.32 105.05
N LEU C 762 -72.13 -17.98 103.90
CA LEU C 762 -73.18 -17.52 103.00
C LEU C 762 -74.56 -17.64 103.66
N ARG C 763 -74.81 -18.73 104.38
CA ARG C 763 -76.07 -18.90 105.08
C ARG C 763 -76.28 -17.83 106.14
N ARG C 764 -75.21 -17.50 106.89
CA ARG C 764 -75.31 -16.46 107.90
C ARG C 764 -75.62 -15.10 107.28
N ILE C 765 -74.97 -14.80 106.15
CA ILE C 765 -75.23 -13.53 105.47
C ILE C 765 -76.67 -13.47 104.97
N MET C 766 -77.14 -14.57 104.38
CA MET C 766 -78.52 -14.60 103.88
C MET C 766 -79.53 -14.45 105.01
N ASP C 767 -79.25 -15.08 106.16
CA ASP C 767 -80.15 -14.93 107.31
C ASP C 767 -80.07 -13.54 107.92
N ASP C 768 -78.95 -12.83 107.73
CA ASP C 768 -78.85 -11.45 108.22
C ASP C 768 -79.58 -10.45 107.35
N ASP C 769 -80.15 -10.90 106.22
CA ASP C 769 -80.81 -10.03 105.24
C ASP C 769 -79.81 -9.00 104.75
N ASP C 770 -78.79 -9.48 104.03
CA ASP C 770 -77.78 -8.66 103.38
C ASP C 770 -77.65 -9.10 101.92
N TRP C 771 -76.78 -8.40 101.20
CA TRP C 771 -76.57 -8.65 99.78
C TRP C 771 -75.14 -9.11 99.55
N VAL C 772 -74.97 -9.99 98.56
CA VAL C 772 -73.66 -10.52 98.21
C VAL C 772 -73.40 -10.23 96.74
N ARG C 773 -72.22 -9.68 96.45
CA ARG C 773 -71.77 -9.43 95.09
C ARG C 773 -70.56 -10.32 94.81
N PHE C 774 -70.64 -11.11 93.74
CA PHE C 774 -69.61 -12.08 93.39
C PHE C 774 -68.71 -11.51 92.30
N GLY C 775 -67.55 -10.99 92.69
CA GLY C 775 -66.60 -10.49 91.73
C GLY C 775 -67.01 -9.16 91.11
N GLY C 776 -66.38 -8.85 89.98
CA GLY C 776 -66.64 -7.62 89.28
C GLY C 776 -66.60 -7.74 87.77
N VAL C 777 -66.74 -8.96 87.26
CA VAL C 777 -66.72 -9.20 85.83
C VAL C 777 -68.10 -8.90 85.25
N LEU C 778 -68.11 -8.37 84.03
CA LEU C 778 -69.36 -8.07 83.33
C LEU C 778 -70.16 -9.33 83.08
N ARG C 779 -71.48 -9.20 83.12
CA ARG C 779 -72.40 -10.30 82.89
C ARG C 779 -73.25 -10.03 81.65
N THR C 780 -73.64 -11.09 80.96
CA THR C 780 -74.58 -10.99 79.86
C THR C 780 -76.01 -11.13 80.38
N VAL C 781 -76.88 -10.23 79.96
CA VAL C 781 -78.22 -10.10 80.50
C VAL C 781 -79.23 -10.61 79.48
N ARG C 782 -80.21 -11.38 79.95
CA ARG C 782 -81.34 -11.86 79.16
C ARG C 782 -82.63 -11.33 79.75
N VAL C 783 -83.68 -11.32 78.93
CA VAL C 783 -85.00 -10.82 79.31
C VAL C 783 -86.03 -11.92 79.09
N LYS C 784 -86.95 -12.07 80.05
CA LYS C 784 -87.97 -13.11 79.96
C LYS C 784 -89.32 -12.56 80.42
N PHE C 785 -90.39 -13.16 79.90
CA PHE C 785 -91.75 -12.84 80.29
C PHE C 785 -92.49 -14.12 80.64
N TYR C 786 -93.31 -14.06 81.69
CA TYR C 786 -94.01 -15.24 82.19
C TYR C 786 -95.44 -14.90 82.55
N ASP C 787 -96.36 -15.77 82.17
CA ASP C 787 -97.76 -15.66 82.58
C ASP C 787 -98.10 -16.61 83.71
N ALA C 788 -97.14 -17.39 84.20
CA ALA C 788 -97.34 -18.31 85.31
C ALA C 788 -96.05 -18.39 86.10
N ARG C 789 -96.06 -19.24 87.13
CA ARG C 789 -94.90 -19.40 88.00
C ARG C 789 -93.68 -19.86 87.21
N PRO C 790 -92.56 -19.15 87.32
CA PRO C 790 -91.38 -19.48 86.52
C PRO C 790 -90.77 -20.80 86.95
N PRO C 791 -89.96 -21.43 86.10
CA PRO C 791 -89.29 -22.67 86.52
C PRO C 791 -88.26 -22.39 87.60
N ASP C 792 -87.98 -23.44 88.38
CA ASP C 792 -87.11 -23.29 89.56
C ASP C 792 -85.70 -22.90 89.21
N ASP C 793 -85.24 -23.15 87.98
CA ASP C 793 -83.90 -22.74 87.59
C ASP C 793 -83.75 -21.22 87.54
N VAL C 794 -84.85 -20.49 87.37
CA VAL C 794 -84.78 -19.03 87.34
C VAL C 794 -84.94 -18.43 88.74
N LEU C 795 -85.70 -19.08 89.61
CA LEU C 795 -85.96 -18.56 90.95
C LEU C 795 -84.88 -19.01 91.95
N GLN C 796 -84.70 -20.31 92.09
CA GLN C 796 -83.79 -20.87 93.09
C GLN C 796 -82.37 -21.06 92.59
N GLY C 797 -82.08 -20.68 91.35
CA GLY C 797 -80.74 -20.81 90.81
C GLY C 797 -79.73 -19.91 91.50
N LEU C 798 -78.53 -20.46 91.78
CA LEU C 798 -77.49 -19.69 92.46
C LEU C 798 -76.42 -19.23 91.49
N PRO C 799 -75.82 -18.06 91.71
CA PRO C 799 -74.82 -17.53 90.79
C PRO C 799 -73.43 -18.13 90.92
N PHE C 800 -73.28 -19.23 91.66
CA PHE C 800 -71.96 -19.82 91.88
C PHE C 800 -72.10 -21.34 91.90
N SER C 801 -70.98 -22.01 91.65
CA SER C 801 -70.90 -23.46 91.66
C SER C 801 -69.77 -23.88 92.60
N TYR C 802 -70.02 -24.92 93.38
CA TYR C 802 -69.08 -25.38 94.40
C TYR C 802 -69.10 -26.90 94.45
N ASP C 803 -67.95 -27.52 94.20
CA ASP C 803 -67.85 -28.97 94.16
C ASP C 803 -66.62 -29.43 94.92
N THR C 804 -66.69 -30.67 95.43
CA THR C 804 -65.62 -31.25 96.22
C THR C 804 -65.35 -32.67 95.74
N ASN C 805 -64.07 -33.03 95.71
CA ASN C 805 -63.64 -34.37 95.31
C ASN C 805 -62.51 -34.83 96.22
N GLU C 806 -62.35 -36.14 96.33
CA GLU C 806 -61.31 -36.73 97.16
C GLU C 806 -60.57 -37.82 96.38
N ARG C 807 -59.25 -37.80 96.46
CA ARG C 807 -58.44 -38.86 95.87
C ARG C 807 -57.11 -38.93 96.61
N GLY C 808 -56.58 -40.14 96.75
CA GLY C 808 -55.28 -40.35 97.35
C GLY C 808 -55.14 -39.89 98.78
N GLY C 809 -56.25 -39.72 99.49
CA GLY C 809 -56.23 -39.17 100.82
C GLY C 809 -56.22 -37.66 100.90
N LEU C 810 -56.39 -36.96 99.77
CA LEU C 810 -56.39 -35.52 99.73
C LEU C 810 -57.72 -35.02 99.17
N ALA C 811 -58.14 -33.84 99.61
CA ALA C 811 -59.42 -33.26 99.22
C ALA C 811 -59.19 -32.04 98.33
N TYR C 812 -60.08 -31.88 97.34
CA TYR C 812 -59.97 -30.80 96.37
C TYR C 812 -61.30 -30.06 96.27
N ALA C 813 -61.22 -28.77 95.94
CA ALA C 813 -62.39 -27.92 95.81
C ALA C 813 -62.32 -27.15 94.50
N THR C 814 -63.50 -26.87 93.94
CA THR C 814 -63.63 -26.12 92.69
C THR C 814 -64.78 -25.13 92.82
N ILE C 815 -64.46 -23.85 92.71
CA ILE C 815 -65.45 -22.77 92.84
C ILE C 815 -65.49 -22.00 91.54
N LYS C 816 -66.70 -21.79 91.02
CA LYS C 816 -66.90 -21.08 89.76
C LYS C 816 -68.02 -20.06 89.93
N TYR C 817 -67.96 -19.01 89.11
CA TYR C 817 -69.01 -17.99 89.05
C TYR C 817 -69.68 -18.02 87.69
N ALA C 818 -70.96 -17.67 87.67
CA ALA C 818 -71.75 -17.70 86.44
C ALA C 818 -71.49 -16.45 85.61
N THR C 819 -71.66 -16.59 84.29
CA THR C 819 -71.40 -15.51 83.36
C THR C 819 -72.66 -14.90 82.74
N GLU C 820 -73.83 -15.45 83.02
CA GLU C 820 -75.08 -14.92 82.49
C GLU C 820 -76.06 -14.68 83.62
N THR C 821 -76.94 -13.70 83.41
CA THR C 821 -78.01 -13.40 84.36
C THR C 821 -79.29 -13.15 83.57
N THR C 822 -80.42 -13.17 84.26
CA THR C 822 -81.72 -13.08 83.62
C THR C 822 -82.63 -12.15 84.40
N ILE C 823 -83.29 -11.24 83.68
CA ILE C 823 -84.33 -10.37 84.24
C ILE C 823 -85.67 -10.85 83.73
N PHE C 824 -86.61 -11.07 84.65
CA PHE C 824 -87.91 -11.61 84.30
C PHE C 824 -89.03 -10.72 84.83
N TYR C 825 -90.17 -10.76 84.14
CA TYR C 825 -91.38 -10.05 84.55
C TYR C 825 -92.50 -11.07 84.66
N LEU C 826 -93.17 -11.08 85.81
CA LEU C 826 -94.20 -12.08 86.11
C LEU C 826 -95.56 -11.40 86.15
N ILE C 827 -96.41 -11.70 85.18
CA ILE C 827 -97.76 -11.17 85.10
C ILE C 827 -98.69 -12.06 85.90
N TYR C 828 -99.57 -11.44 86.69
CA TYR C 828 -100.52 -12.16 87.53
C TYR C 828 -101.87 -12.20 86.84
N ASN C 829 -102.34 -13.41 86.52
CA ASN C 829 -103.64 -13.63 85.89
C ASN C 829 -104.54 -14.39 86.85
N VAL C 830 -105.74 -13.88 87.07
CA VAL C 830 -106.70 -14.48 87.99
C VAL C 830 -108.03 -14.68 87.26
N GLU C 831 -108.91 -15.44 87.90
CA GLU C 831 -110.25 -15.71 87.38
C GLU C 831 -111.29 -15.26 88.40
N PHE C 832 -112.57 -15.37 87.99
CA PHE C 832 -113.67 -14.96 88.84
C PHE C 832 -114.03 -16.01 89.89
N SER C 833 -113.52 -17.23 89.77
CA SER C 833 -113.75 -18.27 90.76
C SER C 833 -112.70 -18.26 91.87
N ASN C 834 -111.74 -17.35 91.82
CA ASN C 834 -110.66 -17.35 92.79
C ASN C 834 -111.15 -16.85 94.14
N THR C 835 -110.83 -17.60 95.18
CA THR C 835 -111.08 -17.29 96.59
C THR C 835 -110.19 -16.14 97.04
N PRO C 836 -110.68 -15.27 97.94
CA PRO C 836 -109.90 -14.09 98.33
C PRO C 836 -108.49 -14.37 98.85
N ASP C 837 -108.27 -15.49 99.55
CA ASP C 837 -106.93 -15.82 100.02
C ASP C 837 -106.30 -16.98 99.27
N SER C 838 -106.74 -17.22 98.02
CA SER C 838 -106.27 -18.38 97.26
C SER C 838 -104.82 -18.25 96.81
N LEU C 839 -104.22 -17.06 96.91
CA LEU C 839 -102.82 -16.88 96.55
C LEU C 839 -101.89 -16.89 97.75
N VAL C 840 -102.41 -17.09 98.96
CA VAL C 840 -101.59 -17.08 100.17
C VAL C 840 -101.16 -18.50 100.49
N LEU C 841 -99.86 -18.70 100.70
CA LEU C 841 -99.29 -19.99 101.05
C LEU C 841 -98.90 -20.01 102.53
N ILE C 842 -98.66 -21.23 103.03
CA ILE C 842 -98.22 -21.38 104.41
C ILE C 842 -96.79 -20.87 104.57
N ASN C 843 -95.93 -21.16 103.61
CA ASN C 843 -94.55 -20.70 103.60
C ASN C 843 -94.23 -20.05 102.26
N PRO C 844 -93.43 -19.00 102.27
CA PRO C 844 -93.20 -18.23 101.04
C PRO C 844 -92.31 -18.97 100.04
N THR C 845 -92.34 -18.48 98.81
CA THR C 845 -91.50 -18.98 97.73
C THR C 845 -90.37 -17.98 97.52
N TYR C 846 -89.13 -18.45 97.57
CA TYR C 846 -87.97 -17.57 97.61
C TYR C 846 -87.36 -17.37 96.22
N THR C 847 -86.95 -16.13 95.95
CA THR C 847 -86.20 -15.78 94.76
C THR C 847 -84.88 -15.15 95.19
N MET C 848 -83.86 -15.29 94.35
CA MET C 848 -82.49 -15.07 94.81
C MET C 848 -81.67 -14.06 94.02
N THR C 849 -82.15 -13.56 92.88
CA THR C 849 -81.34 -12.73 92.00
C THR C 849 -81.97 -11.37 91.79
N LYS C 850 -81.14 -10.32 91.88
CA LYS C 850 -81.55 -8.95 91.59
C LYS C 850 -80.51 -8.28 90.70
N VAL C 851 -81.00 -7.58 89.67
CA VAL C 851 -80.15 -6.90 88.69
C VAL C 851 -80.57 -5.43 88.61
N PHE C 852 -79.59 -4.54 88.53
CA PHE C 852 -79.85 -3.10 88.42
C PHE C 852 -79.40 -2.60 87.06
N ILE C 853 -80.35 -2.07 86.29
CA ILE C 853 -80.07 -1.39 85.03
C ILE C 853 -80.88 -0.10 85.01
N ASN C 854 -80.23 1.01 84.67
CA ASN C 854 -80.85 2.32 84.72
C ASN C 854 -81.59 2.68 83.42
N LYS C 855 -81.92 1.70 82.59
CA LYS C 855 -82.71 1.95 81.40
C LYS C 855 -84.17 1.63 81.64
N ARG C 856 -85.03 2.22 80.82
CA ARG C 856 -86.48 1.99 80.89
C ARG C 856 -86.83 0.96 79.83
N ILE C 857 -86.86 -0.31 80.25
CA ILE C 857 -87.16 -1.40 79.34
C ILE C 857 -88.65 -1.73 79.34
N VAL C 858 -89.24 -1.88 80.53
CA VAL C 858 -90.66 -2.16 80.68
C VAL C 858 -91.24 -1.15 81.64
N GLU C 859 -92.34 -0.51 81.24
CA GLU C 859 -93.00 0.48 82.07
C GLU C 859 -94.51 0.32 81.94
N ARG C 860 -95.20 0.41 83.07
CA ARG C 860 -96.66 0.40 83.07
C ARG C 860 -97.18 1.81 82.83
N VAL C 861 -97.99 1.97 81.78
CA VAL C 861 -98.49 3.27 81.36
C VAL C 861 -100.01 3.18 81.18
N ARG C 862 -100.69 4.29 81.40
CA ARG C 862 -102.11 4.37 81.11
C ARG C 862 -102.34 4.53 79.61
N VAL C 863 -103.60 4.38 79.21
CA VAL C 863 -103.93 4.37 77.78
C VAL C 863 -103.72 5.75 77.18
N GLY C 864 -104.00 6.81 77.93
CA GLY C 864 -103.73 8.15 77.45
C GLY C 864 -102.26 8.50 77.41
N GLN C 865 -101.40 7.67 77.99
CA GLN C 865 -99.97 7.86 78.01
C GLN C 865 -99.25 7.15 76.85
N ILE C 866 -100.00 6.44 76.00
CA ILE C 866 -99.37 5.62 74.97
C ILE C 866 -98.69 6.48 73.90
N LEU C 867 -99.36 7.54 73.47
CA LEU C 867 -98.84 8.38 72.40
C LEU C 867 -97.87 9.45 72.88
N ALA C 868 -97.30 9.29 74.08
CA ALA C 868 -96.36 10.27 74.61
C ALA C 868 -94.93 10.02 74.18
N VAL C 869 -94.68 9.03 73.33
CA VAL C 869 -93.32 8.70 72.90
C VAL C 869 -93.02 9.34 71.56
N LEU C 870 -93.94 10.18 71.07
CA LEU C 870 -93.76 10.88 69.79
C LEU C 870 -93.00 12.17 70.05
N ASN C 871 -91.67 12.10 69.96
CA ASN C 871 -90.86 13.29 70.18
C ASN C 871 -89.67 13.41 69.21
N ARG C 872 -89.69 12.68 68.10
CA ARG C 872 -88.59 12.68 67.14
C ARG C 872 -89.02 13.36 65.85
N ARG C 873 -88.09 14.06 65.21
CA ARG C 873 -88.36 14.79 63.98
C ARG C 873 -87.88 13.97 62.79
N PHE C 874 -88.82 13.54 61.95
CA PHE C 874 -88.54 12.66 60.83
C PHE C 874 -88.75 13.40 59.53
N VAL C 875 -87.84 13.23 58.59
CA VAL C 875 -87.91 13.85 57.26
C VAL C 875 -88.16 12.76 56.23
N ALA C 876 -89.25 12.92 55.48
CA ALA C 876 -89.60 11.98 54.42
C ALA C 876 -89.59 12.70 53.08
N TYR C 877 -89.25 11.96 52.03
CA TYR C 877 -89.16 12.51 50.68
C TYR C 877 -90.42 12.20 49.90
N LYS C 878 -90.74 13.09 48.96
CA LYS C 878 -91.98 12.97 48.19
C LYS C 878 -91.94 11.75 47.27
N GLY C 879 -93.10 11.12 47.11
CA GLY C 879 -93.20 9.94 46.26
C GLY C 879 -93.02 10.22 44.79
N LYS C 880 -93.29 11.46 44.35
CA LYS C 880 -93.13 11.81 42.94
C LYS C 880 -91.68 12.12 42.59
N MET C 881 -90.90 12.63 43.52
CA MET C 881 -89.47 12.82 43.28
C MET C 881 -88.76 11.47 43.32
N ARG C 882 -87.56 11.43 42.73
CA ARG C 882 -86.79 10.20 42.64
C ARG C 882 -85.48 10.35 43.40
N ILE C 883 -85.00 9.23 43.93
CA ILE C 883 -83.72 9.14 44.62
C ILE C 883 -82.83 8.20 43.82
N MET C 884 -81.59 8.61 43.58
CA MET C 884 -80.69 7.86 42.72
C MET C 884 -79.30 7.83 43.34
N ASP C 885 -78.67 6.65 43.32
CA ASP C 885 -77.30 6.46 43.80
C ASP C 885 -76.39 6.45 42.58
N ILE C 886 -75.56 7.49 42.45
CA ILE C 886 -74.75 7.69 41.25
C ILE C 886 -73.27 7.59 41.58
N THR C 887 -72.91 6.77 42.56
CA THR C 887 -71.51 6.58 42.91
C THR C 887 -70.73 5.96 41.77
N GLN C 888 -71.34 5.02 41.04
CA GLN C 888 -70.64 4.33 39.96
C GLN C 888 -70.38 5.25 38.78
N SER C 889 -71.09 6.37 38.69
CA SER C 889 -70.89 7.31 37.58
C SER C 889 -69.56 8.02 37.65
N LEU C 890 -68.84 7.92 38.78
CA LEU C 890 -67.57 8.60 38.93
C LEU C 890 -66.44 7.94 38.15
N LYS C 891 -66.67 6.76 37.56
CA LYS C 891 -65.64 6.06 36.80
C LYS C 891 -65.92 6.04 35.30
N MET C 892 -66.98 6.72 34.85
CA MET C 892 -67.41 6.67 33.46
C MET C 892 -66.62 7.71 32.66
N GLY C 893 -65.65 7.24 31.88
CA GLY C 893 -64.84 8.13 31.07
C GLY C 893 -64.18 7.36 29.94
N THR C 894 -63.50 8.11 29.07
CA THR C 894 -62.79 7.53 27.95
C THR C 894 -61.39 8.13 27.86
N LYS C 895 -60.43 7.33 27.40
CA LYS C 895 -59.05 7.74 27.30
C LYS C 895 -58.77 8.26 25.89
N LEU C 896 -58.10 9.41 25.81
CA LEU C 896 -57.75 10.00 24.52
C LEU C 896 -56.42 9.45 24.06
N ALA C 897 -56.40 8.85 22.87
CA ALA C 897 -55.18 8.31 22.31
C ALA C 897 -54.35 9.40 21.63
N ALA C 898 -53.05 9.26 21.71
CA ALA C 898 -52.13 10.21 21.10
C ALA C 898 -52.07 10.01 19.59
N PRO C 899 -51.76 11.05 18.82
CA PRO C 899 -51.56 10.88 17.39
C PRO C 899 -50.39 9.95 17.10
N THR C 900 -50.55 9.13 16.06
CA THR C 900 -49.57 8.13 15.70
C THR C 900 -48.67 8.65 14.58
N VAL C 901 -47.59 7.92 14.33
CA VAL C 901 -46.64 8.28 13.28
C VAL C 901 -47.12 7.78 11.93
N GLN D 7 -91.35 30.47 -7.90
CA GLN D 7 -91.54 31.90 -8.02
C GLN D 7 -90.96 32.65 -6.82
N ARG D 8 -89.95 32.05 -6.20
CA ARG D 8 -89.27 32.66 -5.06
C ARG D 8 -87.89 33.14 -5.50
N PRO D 9 -87.64 34.45 -5.49
CA PRO D 9 -86.32 34.94 -5.95
C PRO D 9 -85.15 34.50 -5.09
N GLU D 10 -85.40 34.04 -3.86
CA GLU D 10 -84.32 33.51 -3.02
C GLU D 10 -83.74 32.23 -3.58
N ARG D 11 -84.51 31.49 -4.38
CA ARG D 11 -84.07 30.20 -4.93
C ARG D 11 -83.48 30.33 -6.32
N ILE D 12 -83.43 31.53 -6.89
CA ILE D 12 -82.80 31.71 -8.19
C ILE D 12 -81.29 31.60 -8.04
N LYS D 13 -80.67 30.76 -8.86
CA LYS D 13 -79.23 30.54 -8.82
C LYS D 13 -78.65 30.91 -10.19
N THR D 14 -77.68 31.82 -10.19
CA THR D 14 -77.07 32.29 -11.41
C THR D 14 -75.63 31.81 -11.59
N THR D 15 -75.03 31.24 -10.56
CA THR D 15 -73.70 30.66 -10.61
C THR D 15 -73.75 29.26 -10.03
N PRO D 16 -72.87 28.36 -10.50
CA PRO D 16 -72.87 26.98 -9.99
C PRO D 16 -72.18 26.81 -8.64
N TYR D 17 -71.88 27.89 -7.92
CA TYR D 17 -71.23 27.76 -6.63
C TYR D 17 -72.14 27.09 -5.61
N LEU D 18 -73.41 27.49 -5.57
CA LEU D 18 -74.34 27.03 -4.56
C LEU D 18 -75.10 25.77 -4.98
N GLU D 19 -74.55 24.98 -5.89
CA GLU D 19 -75.20 23.77 -6.37
C GLU D 19 -74.44 22.54 -5.87
N GLY D 20 -75.21 21.55 -5.40
CA GLY D 20 -74.64 20.31 -4.91
C GLY D 20 -75.66 19.21 -5.00
N ASP D 21 -75.24 18.00 -4.64
CA ASP D 21 -76.12 16.84 -4.66
C ASP D 21 -76.88 16.69 -3.35
N VAL D 22 -77.97 15.93 -3.42
CA VAL D 22 -78.88 15.75 -2.30
C VAL D 22 -78.42 14.56 -1.48
N LEU D 23 -78.33 14.74 -0.16
CA LEU D 23 -77.89 13.69 0.76
C LEU D 23 -79.03 12.97 1.44
N SER D 24 -80.02 13.71 1.94
CA SER D 24 -81.17 13.15 2.62
C SER D 24 -82.25 14.21 2.69
N SER D 25 -83.31 13.92 3.44
CA SER D 25 -84.45 14.83 3.54
C SER D 25 -85.09 14.69 4.92
N ASP D 26 -85.85 15.71 5.31
CA ASP D 26 -86.54 15.73 6.58
C ASP D 26 -87.88 16.44 6.44
N SER D 27 -88.70 16.32 7.49
CA SER D 27 -89.98 16.99 7.56
C SER D 27 -90.37 17.12 9.03
N GLY D 28 -91.40 17.92 9.28
CA GLY D 28 -91.91 18.13 10.62
C GLY D 28 -92.45 16.90 11.32
N PRO D 29 -93.32 16.14 10.66
CA PRO D 29 -93.87 14.92 11.30
C PRO D 29 -92.82 13.88 11.66
N LEU D 30 -91.66 13.87 11.01
CA LEU D 30 -90.63 12.91 11.39
C LEU D 30 -89.83 13.40 12.58
N LEU D 31 -89.38 14.66 12.54
CA LEU D 31 -88.55 15.19 13.61
C LEU D 31 -89.33 15.36 14.91
N SER D 32 -90.64 15.62 14.83
CA SER D 32 -91.45 15.73 16.03
C SER D 32 -91.47 14.42 16.81
N VAL D 33 -91.60 13.29 16.10
CA VAL D 33 -91.55 11.99 16.75
C VAL D 33 -90.12 11.68 17.21
N PHE D 34 -89.13 12.05 16.40
CA PHE D 34 -87.73 11.73 16.71
C PHE D 34 -87.29 12.39 18.02
N ALA D 35 -87.67 13.64 18.23
CA ALA D 35 -87.26 14.35 19.45
C ALA D 35 -87.85 13.68 20.70
N LEU D 36 -89.13 13.31 20.64
CA LEU D 36 -89.75 12.62 21.77
C LEU D 36 -89.08 11.29 22.04
N GLN D 37 -88.75 10.55 20.97
CA GLN D 37 -88.07 9.27 21.15
C GLN D 37 -86.73 9.46 21.84
N GLU D 38 -85.96 10.47 21.43
CA GLU D 38 -84.67 10.72 22.07
C GLU D 38 -84.84 11.08 23.54
N ILE D 39 -85.81 11.95 23.84
CA ILE D 39 -86.02 12.39 25.22
C ILE D 39 -86.41 11.22 26.11
N MET D 40 -87.32 10.35 25.63
CA MET D 40 -87.73 9.22 26.45
C MET D 40 -86.63 8.17 26.57
N GLN D 41 -85.86 7.96 25.51
CA GLN D 41 -84.79 6.97 25.55
C GLN D 41 -83.72 7.36 26.54
N LYS D 42 -83.40 8.65 26.63
CA LYS D 42 -82.37 9.10 27.57
C LYS D 42 -82.76 8.75 29.01
N VAL D 43 -83.99 9.06 29.41
CA VAL D 43 -84.39 8.81 30.80
C VAL D 43 -84.54 7.32 31.06
N ARG D 44 -85.02 6.56 30.08
CA ARG D 44 -85.12 5.11 30.26
C ARG D 44 -83.73 4.51 30.50
N GLN D 45 -82.75 4.90 29.69
CA GLN D 45 -81.40 4.38 29.85
C GLN D 45 -80.80 4.79 31.19
N VAL D 46 -80.99 6.05 31.59
CA VAL D 46 -80.42 6.52 32.84
C VAL D 46 -81.01 5.76 34.02
N GLN D 47 -82.34 5.57 34.03
CA GLN D 47 -82.95 4.86 35.15
C GLN D 47 -82.59 3.37 35.14
N ALA D 48 -82.35 2.79 33.96
CA ALA D 48 -81.95 1.39 33.92
C ALA D 48 -80.51 1.18 34.35
N ASP D 49 -79.64 2.17 34.15
CA ASP D 49 -78.23 2.01 34.45
C ASP D 49 -77.90 2.12 35.94
N TYR D 50 -78.75 2.77 36.74
CA TYR D 50 -78.43 3.03 38.14
C TYR D 50 -79.61 2.67 39.03
N MET D 51 -79.31 2.46 40.31
CA MET D 51 -80.34 2.15 41.30
C MET D 51 -81.22 3.38 41.53
N THR D 52 -82.52 3.22 41.35
CA THR D 52 -83.47 4.32 41.42
C THR D 52 -84.65 3.92 42.29
N ALA D 53 -85.13 4.87 43.10
CA ALA D 53 -86.32 4.67 43.93
C ALA D 53 -87.34 5.72 43.57
N THR D 54 -88.38 5.32 42.85
CA THR D 54 -89.45 6.22 42.43
C THR D 54 -90.65 5.38 42.05
N ARG D 55 -91.80 6.03 41.90
CA ARG D 55 -93.01 5.34 41.48
C ARG D 55 -92.92 4.97 40.00
N GLU D 56 -93.54 3.83 39.66
CA GLU D 56 -93.42 3.28 38.32
C GLU D 56 -94.15 4.13 37.29
N VAL D 57 -93.44 4.48 36.22
CA VAL D 57 -94.00 5.24 35.10
C VAL D 57 -93.47 4.64 33.81
N ASP D 58 -94.35 4.44 32.84
CA ASP D 58 -93.99 3.90 31.53
C ASP D 58 -93.84 5.06 30.55
N PHE D 59 -92.64 5.21 29.98
CA PHE D 59 -92.32 6.32 29.09
C PHE D 59 -92.50 5.88 27.65
N THR D 60 -93.73 6.01 27.17
CA THR D 60 -94.08 5.64 25.81
C THR D 60 -94.09 6.86 24.89
N VAL D 61 -94.17 6.60 23.60
CA VAL D 61 -94.24 7.65 22.57
C VAL D 61 -95.59 7.56 21.89
N PRO D 62 -96.39 8.63 21.85
CA PRO D 62 -97.71 8.55 21.21
C PRO D 62 -97.66 8.83 19.72
N ASP D 63 -98.83 8.86 19.09
CA ASP D 63 -98.98 9.17 17.67
C ASP D 63 -99.41 10.63 17.56
N VAL D 64 -98.48 11.49 17.14
CA VAL D 64 -98.76 12.93 17.12
C VAL D 64 -99.76 13.29 16.04
N GLN D 65 -99.63 12.68 14.86
CA GLN D 65 -100.52 13.00 13.74
C GLN D 65 -101.97 12.65 14.06
N LYS D 66 -102.19 11.52 14.74
CA LYS D 66 -103.55 11.14 15.12
C LYS D 66 -104.13 12.13 16.12
N ILE D 67 -103.31 12.62 17.06
CA ILE D 67 -103.78 13.62 18.02
C ILE D 67 -104.15 14.91 17.30
N LEU D 68 -103.34 15.33 16.33
CA LEU D 68 -103.65 16.53 15.56
C LEU D 68 -104.95 16.36 14.77
N ASP D 69 -105.15 15.18 14.18
CA ASP D 69 -106.40 14.92 13.47
C ASP D 69 -107.60 14.94 14.42
N ASP D 70 -107.43 14.39 15.63
CA ASP D 70 -108.53 14.41 16.60
C ASP D 70 -108.88 15.83 17.02
N ILE D 71 -107.86 16.66 17.25
CA ILE D 71 -108.13 18.06 17.60
C ILE D 71 -108.83 18.77 16.46
N LYS D 72 -108.38 18.54 15.22
CA LYS D 72 -109.00 19.19 14.07
C LYS D 72 -110.45 18.74 13.90
N ALA D 73 -110.72 17.45 14.14
CA ALA D 73 -112.09 16.95 14.03
C ALA D 73 -112.97 17.46 15.16
N LEU D 74 -112.36 17.80 16.30
CA LEU D 74 -113.12 18.38 17.41
C LEU D 74 -113.70 19.74 17.10
N ALA D 75 -113.26 20.39 16.03
CA ALA D 75 -113.76 21.71 15.65
C ALA D 75 -115.08 21.64 14.89
N ALA D 76 -115.54 20.45 14.50
CA ALA D 76 -116.77 20.29 13.74
C ALA D 76 -117.96 19.90 14.61
N GLU D 77 -117.81 19.94 15.93
CA GLU D 77 -118.86 19.50 16.84
C GLU D 77 -119.70 20.69 17.29
N GLN D 78 -121.01 20.55 17.19
CA GLN D 78 -121.94 21.59 17.60
C GLN D 78 -122.37 21.41 19.04
N VAL D 79 -122.66 22.53 19.70
CA VAL D 79 -123.10 22.52 21.09
C VAL D 79 -124.55 22.98 21.21
N TYR D 80 -125.31 22.88 20.12
CA TYR D 80 -126.72 23.29 20.11
C TYR D 80 -127.49 22.32 19.21
N LYS D 81 -128.81 22.35 19.34
CA LYS D 81 -129.68 21.57 18.48
C LYS D 81 -130.83 22.44 18.00
N ILE D 82 -131.38 22.08 16.85
CA ILE D 82 -132.48 22.81 16.22
C ILE D 82 -133.71 21.93 16.27
N VAL D 83 -134.76 22.42 16.93
CA VAL D 83 -135.98 21.65 17.16
C VAL D 83 -137.18 22.47 16.73
N LYS D 84 -138.32 21.78 16.59
CA LYS D 84 -139.57 22.42 16.23
C LYS D 84 -140.45 22.73 17.42
N VAL D 85 -140.33 21.99 18.52
CA VAL D 85 -141.10 22.27 19.73
C VAL D 85 -140.18 22.19 20.94
N PRO D 86 -140.49 22.98 21.97
CA PRO D 86 -139.74 22.87 23.22
C PRO D 86 -140.18 21.65 24.02
N SER D 87 -139.34 21.30 25.00
CA SER D 87 -139.66 20.17 25.86
C SER D 87 -140.81 20.53 26.81
N ILE D 88 -141.43 19.48 27.35
CA ILE D 88 -142.54 19.65 28.27
C ILE D 88 -142.00 20.02 29.65
N SER D 89 -142.51 21.11 30.21
CA SER D 89 -142.07 21.60 31.51
C SER D 89 -143.05 21.32 32.64
N PHE D 90 -144.34 21.21 32.36
CA PHE D 90 -145.34 20.98 33.39
C PHE D 90 -146.29 19.87 32.97
N ARG D 91 -146.71 19.07 33.95
CA ARG D 91 -147.69 18.01 33.73
C ARG D 91 -148.61 17.95 34.93
N HIS D 92 -149.78 17.34 34.73
CA HIS D 92 -150.83 17.35 35.74
C HIS D 92 -151.20 15.93 36.14
N ILE D 93 -151.57 15.76 37.40
CA ILE D 93 -152.04 14.49 37.95
C ILE D 93 -153.51 14.64 38.28
N VAL D 94 -154.33 13.74 37.76
CA VAL D 94 -155.78 13.80 37.91
C VAL D 94 -156.18 12.97 39.12
N MET D 95 -156.77 13.62 40.11
CA MET D 95 -157.32 12.95 41.27
C MET D 95 -158.80 12.64 41.02
N GLN D 96 -159.52 12.26 42.08
CA GLN D 96 -160.94 11.98 41.94
C GLN D 96 -161.79 13.25 41.86
N SER D 97 -161.21 14.42 42.11
CA SER D 97 -161.95 15.67 42.02
C SER D 97 -162.10 16.09 40.56
N ARG D 98 -163.18 16.84 40.29
CA ARG D 98 -163.47 17.34 38.96
C ARG D 98 -163.01 18.78 38.74
N ASP D 99 -162.49 19.44 39.78
CA ASP D 99 -162.13 20.85 39.66
C ASP D 99 -160.76 21.20 40.23
N ARG D 100 -160.06 20.25 40.85
CA ARG D 100 -158.70 20.49 41.33
C ARG D 100 -157.78 19.36 40.91
N VAL D 101 -156.58 19.74 40.48
CA VAL D 101 -155.54 18.79 40.07
C VAL D 101 -154.23 19.21 40.72
N LEU D 102 -153.19 18.44 40.46
CA LEU D 102 -151.85 18.72 40.96
C LEU D 102 -150.95 19.12 39.80
N ARG D 103 -150.31 20.28 39.91
CA ARG D 103 -149.38 20.76 38.90
C ARG D 103 -147.97 20.36 39.29
N VAL D 104 -147.28 19.67 38.40
CA VAL D 104 -145.96 19.10 38.67
C VAL D 104 -144.94 19.75 37.75
N ASP D 105 -143.82 20.18 38.32
CA ASP D 105 -142.70 20.72 37.55
C ASP D 105 -141.76 19.59 37.21
N THR D 106 -141.74 19.18 35.93
CA THR D 106 -140.97 18.01 35.54
C THR D 106 -139.47 18.25 35.58
N TYR D 107 -139.03 19.51 35.58
CA TYR D 107 -137.60 19.79 35.64
C TYR D 107 -136.98 19.25 36.92
N TYR D 108 -137.66 19.43 38.05
CA TYR D 108 -137.09 19.02 39.32
C TYR D 108 -137.07 17.50 39.48
N GLU D 109 -138.11 16.81 39.00
CA GLU D 109 -138.11 15.36 39.10
C GLU D 109 -137.14 14.73 38.12
N GLU D 110 -136.89 15.37 36.98
CA GLU D 110 -135.82 14.87 36.12
C GLU D 110 -134.44 15.22 36.68
N MET D 111 -134.36 16.33 37.42
CA MET D 111 -133.10 16.79 37.98
C MET D 111 -132.65 15.90 39.13
N SER D 112 -133.60 15.42 39.93
CA SER D 112 -133.26 14.63 41.12
C SER D 112 -132.67 13.27 40.76
N GLN D 113 -132.90 12.78 39.55
CA GLN D 113 -132.38 11.48 39.12
C GLN D 113 -131.04 11.60 38.39
N VAL D 114 -130.43 12.77 38.40
CA VAL D 114 -129.16 12.99 37.71
C VAL D 114 -128.03 12.89 38.73
N GLY D 115 -127.01 12.11 38.40
CA GLY D 115 -125.88 11.94 39.29
C GLY D 115 -126.12 10.86 40.33
N ASP D 116 -125.10 10.63 41.13
CA ASP D 116 -125.14 9.58 42.15
C ASP D 116 -125.59 10.16 43.49
N VAL D 117 -125.79 9.25 44.45
CA VAL D 117 -126.18 9.65 45.80
C VAL D 117 -125.00 10.30 46.50
N ILE D 118 -125.24 11.43 47.13
CA ILE D 118 -124.19 12.16 47.84
C ILE D 118 -123.84 11.40 49.11
N THR D 119 -122.54 11.17 49.32
CA THR D 119 -122.04 10.51 50.52
C THR D 119 -120.87 11.33 51.05
N GLU D 120 -120.73 11.36 52.38
CA GLU D 120 -119.70 12.14 53.05
C GLU D 120 -118.36 11.41 53.10
N ASP D 121 -118.18 10.36 52.29
CA ASP D 121 -116.97 9.57 52.32
C ASP D 121 -116.16 9.61 51.04
N GLU D 122 -116.77 9.92 49.89
CA GLU D 122 -116.09 9.94 48.60
C GLU D 122 -116.14 11.36 48.04
N PRO D 123 -115.11 12.17 48.24
CA PRO D 123 -115.14 13.54 47.70
C PRO D 123 -115.11 13.61 46.18
N GLU D 124 -114.32 12.75 45.54
CA GLU D 124 -114.24 12.76 44.08
C GLU D 124 -115.59 12.42 43.46
N LYS D 125 -116.32 11.50 44.08
CA LYS D 125 -117.64 11.13 43.58
C LYS D 125 -118.61 12.29 43.70
N PHE D 126 -118.52 13.05 44.80
CA PHE D 126 -119.32 14.27 44.96
C PHE D 126 -119.01 15.29 43.88
N TYR D 127 -117.72 15.49 43.59
CA TYR D 127 -117.33 16.44 42.54
C TYR D 127 -117.86 15.99 41.18
N SER D 128 -117.75 14.70 40.88
CA SER D 128 -118.26 14.18 39.61
C SER D 128 -119.76 14.36 39.51
N THR D 129 -120.48 14.15 40.61
CA THR D 129 -121.93 14.37 40.62
C THR D 129 -122.26 15.82 40.29
N ILE D 130 -121.54 16.76 40.90
CA ILE D 130 -121.80 18.18 40.63
C ILE D 130 -121.55 18.50 39.16
N ILE D 131 -120.44 17.99 38.61
CA ILE D 131 -120.12 18.26 37.21
C ILE D 131 -121.19 17.69 36.28
N LYS D 132 -121.65 16.47 36.55
CA LYS D 132 -122.68 15.88 35.71
C LYS D 132 -123.98 16.67 35.77
N LYS D 133 -124.34 17.14 36.97
CA LYS D 133 -125.54 17.96 37.10
C LYS D 133 -125.43 19.25 36.30
N VAL D 134 -124.28 19.93 36.37
CA VAL D 134 -124.10 21.17 35.64
C VAL D 134 -124.15 20.92 34.13
N ARG D 135 -123.52 19.83 33.67
CA ARG D 135 -123.55 19.52 32.24
C ARG D 135 -124.96 19.19 31.78
N PHE D 136 -125.74 18.49 32.61
CA PHE D 136 -127.14 18.21 32.26
C PHE D 136 -127.92 19.51 32.12
N ILE D 137 -127.72 20.45 33.05
CA ILE D 137 -128.42 21.72 32.98
C ILE D 137 -128.06 22.46 31.69
N ARG D 138 -126.76 22.49 31.36
CA ARG D 138 -126.34 23.19 30.16
C ARG D 138 -126.92 22.54 28.90
N GLY D 139 -126.87 21.22 28.82
CA GLY D 139 -127.33 20.54 27.62
C GLY D 139 -128.83 20.57 27.44
N LYS D 140 -129.57 20.72 28.54
CA LYS D 140 -131.03 20.74 28.46
C LYS D 140 -131.55 21.96 27.70
N GLY D 141 -130.92 23.12 27.89
CA GLY D 141 -131.46 24.37 27.38
C GLY D 141 -130.74 25.02 26.22
N SER D 142 -129.90 24.31 25.48
CA SER D 142 -129.20 24.88 24.34
C SER D 142 -129.88 24.42 23.06
N PHE D 143 -130.94 25.15 22.69
CA PHE D 143 -131.71 24.79 21.51
C PHE D 143 -132.21 26.05 20.81
N ILE D 144 -132.49 25.92 19.52
CA ILE D 144 -133.05 26.98 18.69
C ILE D 144 -134.33 26.46 18.04
N LEU D 145 -135.40 27.23 18.17
CA LEU D 145 -136.66 26.86 17.55
C LEU D 145 -136.67 27.26 16.08
N HIS D 146 -137.38 26.48 15.26
CA HIS D 146 -137.41 26.70 13.82
C HIS D 146 -138.62 26.01 13.23
N ASP D 147 -139.44 26.75 12.48
CA ASP D 147 -140.59 26.22 11.74
C ASP D 147 -141.60 25.56 12.68
N ILE D 148 -142.15 26.38 13.58
CA ILE D 148 -143.13 25.91 14.56
C ILE D 148 -144.49 25.78 13.90
N PRO D 149 -145.37 24.89 14.39
CA PRO D 149 -146.71 24.78 13.81
C PRO D 149 -147.62 25.92 14.22
N THR D 150 -148.45 26.37 13.28
CA THR D 150 -149.36 27.48 13.50
C THR D 150 -150.75 27.09 13.00
N ARG D 151 -151.72 27.98 13.26
CA ARG D 151 -153.09 27.77 12.84
C ARG D 151 -153.79 29.12 12.72
N ASP D 152 -154.67 29.24 11.73
CA ASP D 152 -155.44 30.45 11.49
C ASP D 152 -156.75 30.39 12.27
N HIS D 153 -156.99 31.41 13.10
CA HIS D 153 -158.21 31.47 13.89
C HIS D 153 -158.79 32.88 13.84
N ARG D 154 -160.07 32.97 13.47
CA ARG D 154 -160.87 34.19 13.38
C ARG D 154 -160.14 35.39 12.77
N GLY D 155 -159.22 35.15 11.84
CA GLY D 155 -158.54 36.23 11.17
C GLY D 155 -157.18 36.59 11.74
N MET D 156 -156.52 35.66 12.42
CA MET D 156 -155.18 35.89 12.95
C MET D 156 -154.49 34.53 13.08
N GLU D 157 -153.28 34.56 13.62
CA GLU D 157 -152.49 33.36 13.83
C GLU D 157 -152.40 33.03 15.32
N VAL D 158 -152.54 31.74 15.64
CA VAL D 158 -152.39 31.26 17.00
C VAL D 158 -151.42 30.08 16.99
N ALA D 159 -150.85 29.81 18.15
CA ALA D 159 -149.92 28.69 18.31
C ALA D 159 -150.69 27.43 18.70
N GLU D 160 -150.26 26.30 18.15
CA GLU D 160 -150.90 25.03 18.45
C GLU D 160 -150.58 24.60 19.88
N PRO D 161 -151.45 23.81 20.51
CA PRO D 161 -151.23 23.44 21.91
C PRO D 161 -149.98 22.61 22.15
N GLU D 162 -149.40 21.98 21.14
CA GLU D 162 -148.25 21.11 21.33
C GLU D 162 -146.93 21.86 21.38
N VAL D 163 -146.92 23.18 21.22
CA VAL D 163 -145.69 23.96 21.29
C VAL D 163 -145.61 24.77 22.58
N LEU D 164 -146.66 24.79 23.39
CA LEU D 164 -146.71 25.63 24.58
C LEU D 164 -145.93 25.06 25.75
N GLY D 165 -145.50 23.80 25.69
CA GLY D 165 -144.69 23.24 26.76
C GLY D 165 -145.44 22.78 27.99
N VAL D 166 -146.71 22.41 27.85
CA VAL D 166 -147.50 21.90 28.96
C VAL D 166 -148.47 20.85 28.43
N GLU D 167 -148.64 19.78 29.19
CA GLU D 167 -149.56 18.70 28.85
C GLU D 167 -150.79 18.77 29.74
N PHE D 168 -151.97 18.85 29.12
CA PHE D 168 -153.21 18.94 29.87
C PHE D 168 -154.36 18.14 29.25
N LYS D 169 -154.10 17.27 28.28
CA LYS D 169 -155.17 16.56 27.60
C LYS D 169 -155.86 15.53 28.49
N ASN D 170 -155.24 15.13 29.60
CA ASN D 170 -155.83 14.14 30.49
C ASN D 170 -156.77 14.75 31.52
N VAL D 171 -157.01 16.06 31.46
CA VAL D 171 -157.90 16.73 32.40
C VAL D 171 -159.22 17.04 31.71
N LEU D 172 -159.17 17.19 30.39
CA LEU D 172 -160.36 17.54 29.62
C LEU D 172 -161.54 16.57 29.77
N PRO D 173 -161.36 15.24 29.82
CA PRO D 173 -162.54 14.37 29.93
C PRO D 173 -163.37 14.55 31.18
N VAL D 174 -162.81 15.08 32.28
CA VAL D 174 -163.56 15.16 33.53
C VAL D 174 -164.17 16.54 33.77
N LEU D 175 -163.85 17.53 32.95
CA LEU D 175 -164.39 18.86 33.17
C LEU D 175 -165.85 18.93 32.76
N THR D 176 -166.52 20.00 33.21
CA THR D 176 -167.87 20.28 32.76
C THR D 176 -167.83 21.11 31.48
N ALA D 177 -169.02 21.42 30.95
CA ALA D 177 -169.10 22.20 29.73
C ALA D 177 -168.54 23.61 29.93
N GLU D 178 -168.84 24.23 31.07
CA GLU D 178 -168.38 25.58 31.36
C GLU D 178 -166.85 25.64 31.41
N HIS D 179 -166.24 24.71 32.15
CA HIS D 179 -164.78 24.72 32.30
C HIS D 179 -164.09 24.38 30.98
N ARG D 180 -164.65 23.44 30.22
CA ARG D 180 -164.08 23.11 28.92
C ARG D 180 -164.14 24.30 27.97
N ALA D 181 -165.26 25.03 27.97
CA ALA D 181 -165.38 26.22 27.13
C ALA D 181 -164.38 27.28 27.54
N MET D 182 -164.21 27.50 28.85
CA MET D 182 -163.23 28.47 29.32
C MET D 182 -161.81 28.06 28.93
N ILE D 183 -161.49 26.78 29.05
CA ILE D 183 -160.15 26.31 28.70
C ILE D 183 -159.89 26.52 27.21
N GLN D 184 -160.88 26.21 26.37
CA GLN D 184 -160.71 26.43 24.93
C GLN D 184 -160.52 27.90 24.60
N ASN D 185 -161.34 28.77 25.22
CA ASN D 185 -161.26 30.20 24.92
C ASN D 185 -159.96 30.81 25.43
N ALA D 186 -159.42 30.29 26.52
CA ALA D 186 -158.10 30.75 26.98
C ALA D 186 -156.97 30.18 26.13
N LEU D 187 -157.15 28.98 25.59
CA LEU D 187 -156.18 28.42 24.65
C LEU D 187 -156.09 29.26 23.38
N ASP D 188 -157.24 29.71 22.88
CA ASP D 188 -157.25 30.49 21.65
C ASP D 188 -156.69 31.90 21.82
N GLY D 189 -156.27 32.29 23.02
CA GLY D 189 -155.64 33.56 23.25
C GLY D 189 -154.13 33.58 23.09
N SER D 190 -153.53 32.45 22.69
CA SER D 190 -152.09 32.37 22.48
C SER D 190 -151.72 32.87 21.08
N ILE D 191 -151.86 34.18 20.89
CA ILE D 191 -151.67 34.81 19.59
C ILE D 191 -150.19 34.83 19.23
N ILE D 192 -149.90 35.10 17.96
CA ILE D 192 -148.55 35.27 17.45
C ILE D 192 -148.37 36.71 17.04
N GLU D 193 -147.29 37.34 17.49
CA GLU D 193 -147.05 38.74 17.21
C GLU D 193 -146.91 38.99 15.71
N ASN D 194 -147.60 40.04 15.23
CA ASN D 194 -147.56 40.46 13.84
C ASN D 194 -147.93 39.31 12.89
N GLY D 195 -149.04 38.65 13.19
CA GLY D 195 -149.47 37.53 12.38
C GLY D 195 -149.95 37.90 10.99
N ASN D 196 -150.32 39.16 10.78
CA ASN D 196 -150.84 39.62 9.51
C ASN D 196 -149.84 40.48 8.73
N VAL D 197 -148.55 40.30 8.99
CA VAL D 197 -147.51 41.01 8.25
C VAL D 197 -146.87 40.01 7.30
N ALA D 198 -147.00 40.26 6.00
CA ALA D 198 -146.48 39.32 5.00
C ALA D 198 -144.95 39.28 5.02
N THR D 199 -144.32 40.44 5.11
CA THR D 199 -142.85 40.52 5.17
C THR D 199 -142.42 40.39 6.62
N ARG D 200 -142.41 39.15 7.11
CA ARG D 200 -142.06 38.86 8.48
C ARG D 200 -140.94 37.83 8.51
N ASP D 201 -140.14 37.88 9.58
CA ASP D 201 -138.93 37.08 9.67
C ASP D 201 -138.95 36.02 10.76
N VAL D 202 -139.60 36.27 11.91
CA VAL D 202 -139.60 35.34 13.03
C VAL D 202 -141.04 35.13 13.50
N ASP D 203 -141.20 34.16 14.40
CA ASP D 203 -142.46 33.93 15.10
C ASP D 203 -142.24 34.14 16.60
N VAL D 204 -143.13 34.92 17.21
CA VAL D 204 -143.03 35.27 18.62
C VAL D 204 -144.32 34.86 19.31
N PHE D 205 -144.19 34.11 20.41
CA PHE D 205 -145.34 33.65 21.19
C PHE D 205 -144.92 33.53 22.64
N ILE D 206 -145.90 33.21 23.49
CA ILE D 206 -145.68 33.06 24.92
C ILE D 206 -145.92 31.59 25.29
N GLY D 207 -144.96 30.99 25.99
CA GLY D 207 -145.06 29.60 26.38
C GLY D 207 -144.62 29.34 27.80
N ALA D 208 -144.31 28.08 28.12
CA ALA D 208 -143.91 27.67 29.46
C ALA D 208 -142.51 27.08 29.43
N CYS D 209 -141.71 27.43 30.44
CA CYS D 209 -140.35 26.92 30.55
C CYS D 209 -139.86 27.11 31.97
N SER D 210 -139.04 26.17 32.45
CA SER D 210 -138.41 26.33 33.74
C SER D 210 -137.26 27.35 33.64
N GLU D 211 -136.99 28.01 34.76
CA GLU D 211 -136.08 29.15 34.77
C GLU D 211 -134.64 28.81 34.38
N PRO D 212 -133.99 27.77 34.91
CA PRO D 212 -132.61 27.49 34.48
C PRO D 212 -132.47 27.17 33.00
N VAL D 213 -133.49 26.55 32.39
CA VAL D 213 -133.46 26.30 30.96
C VAL D 213 -133.63 27.60 30.18
N TYR D 214 -134.56 28.45 30.64
CA TYR D 214 -134.83 29.71 29.95
C TYR D 214 -133.63 30.65 29.99
N ARG D 215 -132.85 30.60 31.06
CA ARG D 215 -131.63 31.40 31.14
C ARG D 215 -130.65 31.03 30.02
N ILE D 216 -130.43 29.73 29.82
CA ILE D 216 -129.52 29.26 28.78
C ILE D 216 -130.07 29.59 27.40
N TYR D 217 -131.38 29.44 27.21
CA TYR D 217 -132.00 29.75 25.93
C TYR D 217 -131.83 31.23 25.58
N ASN D 218 -132.05 32.11 26.56
CA ASN D 218 -131.88 33.54 26.33
C ASN D 218 -130.43 33.89 26.01
N ARG D 219 -129.48 33.28 26.73
CA ARG D 219 -128.07 33.56 26.45
C ARG D 219 -127.69 33.11 25.03
N LEU D 220 -128.16 31.93 24.61
CA LEU D 220 -127.85 31.45 23.26
C LEU D 220 -128.45 32.36 22.20
N GLN D 221 -129.70 32.79 22.39
CA GLN D 221 -130.33 33.67 21.42
C GLN D 221 -129.59 35.01 21.33
N GLY D 222 -129.19 35.56 22.47
CA GLY D 222 -128.44 36.81 22.45
C GLY D 222 -127.10 36.68 21.77
N TYR D 223 -126.40 35.57 22.03
CA TYR D 223 -125.11 35.35 21.38
C TYR D 223 -125.26 35.23 19.87
N ILE D 224 -126.30 34.53 19.42
CA ILE D 224 -126.55 34.43 17.98
C ILE D 224 -126.84 35.80 17.39
N GLU D 225 -127.58 36.63 18.11
CA GLU D 225 -127.89 37.97 17.63
C GLU D 225 -126.63 38.83 17.54
N ALA D 226 -125.72 38.71 18.50
CA ALA D 226 -124.62 39.67 18.60
C ALA D 226 -123.45 39.37 17.67
N VAL D 227 -123.10 38.10 17.47
CA VAL D 227 -121.88 37.72 16.76
C VAL D 227 -122.21 37.54 15.28
N GLN D 228 -121.68 38.42 14.45
CA GLN D 228 -122.06 38.50 13.03
C GLN D 228 -120.85 38.97 12.23
N LEU D 229 -121.13 39.53 11.04
CA LEU D 229 -120.14 39.85 10.02
C LEU D 229 -118.87 40.52 10.53
N GLN D 230 -118.99 41.45 11.48
CA GLN D 230 -117.83 42.22 11.91
C GLN D 230 -116.80 41.34 12.62
N GLU D 231 -117.26 40.38 13.43
CA GLU D 231 -116.34 39.46 14.09
C GLU D 231 -115.60 38.59 13.08
N LEU D 232 -116.32 38.11 12.06
CA LEU D 232 -115.69 37.34 11.00
C LEU D 232 -114.66 38.18 10.25
N ARG D 233 -114.98 39.45 9.99
CA ARG D 233 -114.03 40.33 9.33
C ARG D 233 -112.77 40.52 10.17
N ASN D 234 -112.93 40.68 11.49
CA ASN D 234 -111.78 40.84 12.36
C ASN D 234 -110.89 39.60 12.34
N SER D 235 -111.51 38.42 12.41
CA SER D 235 -110.74 37.17 12.38
C SER D 235 -110.01 37.01 11.06
N ILE D 236 -110.68 37.29 9.94
CA ILE D 236 -110.04 37.16 8.63
C ILE D 236 -108.92 38.16 8.49
N GLY D 237 -109.08 39.37 9.06
CA GLY D 237 -108.00 40.35 9.01
C GLY D 237 -106.77 39.91 9.78
N TRP D 238 -106.97 39.31 10.97
CA TRP D 238 -105.82 38.78 11.69
C TRP D 238 -105.15 37.66 10.91
N LEU D 239 -105.95 36.81 10.26
CA LEU D 239 -105.38 35.76 9.43
C LEU D 239 -104.58 36.34 8.26
N GLU D 240 -105.05 37.44 7.69
CA GLU D 240 -104.31 38.12 6.62
C GLU D 240 -102.98 38.65 7.13
N ARG D 241 -102.97 39.21 8.35
CA ARG D 241 -101.72 39.70 8.92
C ARG D 241 -100.74 38.54 9.14
N LEU D 242 -101.22 37.41 9.66
CA LEU D 242 -100.35 36.26 9.85
C LEU D 242 -99.81 35.74 8.53
N GLY D 243 -100.67 35.66 7.51
CA GLY D 243 -100.23 35.21 6.20
C GLY D 243 -99.21 36.16 5.56
N HIS D 244 -99.36 37.46 5.81
CA HIS D 244 -98.34 38.41 5.37
C HIS D 244 -97.01 38.15 6.07
N ARG D 245 -97.07 37.84 7.37
CA ARG D 245 -95.84 37.52 8.09
C ARG D 245 -95.18 36.26 7.53
N LYS D 246 -95.97 35.25 7.19
CA LYS D 246 -95.44 33.98 6.71
C LYS D 246 -95.24 33.92 5.20
N ARG D 247 -95.66 34.95 4.46
CA ARG D 247 -95.42 35.08 3.02
C ARG D 247 -96.01 33.90 2.24
N ILE D 248 -97.32 33.70 2.40
CA ILE D 248 -98.03 32.66 1.67
C ILE D 248 -98.58 33.25 0.38
N THR D 249 -98.97 32.39 -0.55
CA THR D 249 -99.51 32.83 -1.83
C THR D 249 -101.04 32.91 -1.76
N TYR D 250 -101.60 33.81 -2.56
CA TYR D 250 -103.04 34.04 -2.61
C TYR D 250 -103.54 33.92 -4.04
N SER D 251 -104.81 33.56 -4.17
CA SER D 251 -105.46 33.51 -5.48
C SER D 251 -105.99 34.89 -5.82
N GLN D 252 -106.79 34.98 -6.87
CA GLN D 252 -107.46 36.21 -7.26
C GLN D 252 -108.91 36.25 -6.83
N GLU D 253 -109.32 35.33 -5.96
CA GLU D 253 -110.69 35.26 -5.45
C GLU D 253 -110.73 35.90 -4.07
N VAL D 254 -111.60 36.88 -3.89
CA VAL D 254 -111.68 37.66 -2.66
C VAL D 254 -113.05 37.48 -2.04
N LEU D 255 -113.12 37.60 -0.71
CA LEU D 255 -114.36 37.42 0.02
C LEU D 255 -115.13 38.73 0.12
N THR D 256 -116.44 38.64 -0.12
CA THR D 256 -117.33 39.79 -0.15
C THR D 256 -118.21 39.79 1.11
N ASP D 257 -118.77 40.96 1.41
CA ASP D 257 -119.62 41.14 2.58
C ASP D 257 -121.08 40.81 2.31
N PHE D 258 -121.41 40.31 1.12
CA PHE D 258 -122.80 40.01 0.79
C PHE D 258 -123.32 38.86 1.65
N ARG D 259 -124.52 39.05 2.19
CA ARG D 259 -125.16 38.06 3.04
C ARG D 259 -126.62 37.93 2.60
N ARG D 260 -127.04 36.70 2.32
CA ARG D 260 -128.40 36.47 1.84
C ARG D 260 -129.41 36.78 2.94
N GLN D 261 -130.60 37.23 2.52
CA GLN D 261 -131.65 37.59 3.46
C GLN D 261 -132.31 36.39 4.12
N ASP D 262 -132.02 35.17 3.64
CA ASP D 262 -132.58 33.95 4.22
C ASP D 262 -131.54 33.08 4.91
N THR D 263 -130.39 33.65 5.26
CA THR D 263 -129.29 32.91 5.84
C THR D 263 -128.91 33.50 7.19
N ILE D 264 -128.67 32.62 8.17
CA ILE D 264 -128.25 33.00 9.51
C ILE D 264 -126.92 32.32 9.79
N TRP D 265 -125.91 33.10 10.16
CA TRP D 265 -124.58 32.57 10.42
C TRP D 265 -124.40 32.23 11.90
N VAL D 266 -123.65 31.16 12.15
CA VAL D 266 -123.25 30.77 13.49
C VAL D 266 -121.74 30.62 13.53
N LEU D 267 -121.10 31.29 14.48
CA LEU D 267 -119.65 31.30 14.60
C LEU D 267 -119.28 31.07 16.05
N ALA D 268 -118.47 30.04 16.32
CA ALA D 268 -118.21 29.62 17.69
C ALA D 268 -116.79 29.85 18.16
N LEU D 269 -115.89 30.34 17.30
CA LEU D 269 -114.50 30.55 17.68
C LEU D 269 -114.01 31.89 17.13
N GLN D 270 -112.94 32.40 17.73
CA GLN D 270 -112.30 33.64 17.31
C GLN D 270 -110.81 33.43 17.17
N LEU D 271 -110.22 33.95 16.09
CA LEU D 271 -108.84 33.68 15.73
C LEU D 271 -107.78 34.21 16.70
N PRO D 272 -107.83 35.49 17.16
CA PRO D 272 -106.77 35.93 18.08
C PRO D 272 -106.80 35.18 19.40
N VAL D 273 -105.78 34.36 19.64
CA VAL D 273 -105.70 33.51 20.82
C VAL D 273 -104.75 34.15 21.82
N ASN D 274 -105.14 34.14 23.09
CA ASN D 274 -104.28 34.60 24.16
C ASN D 274 -103.18 33.57 24.39
N PRO D 275 -101.90 33.95 24.19
CA PRO D 275 -100.82 32.97 24.40
C PRO D 275 -100.64 32.57 25.85
N GLN D 276 -101.09 33.41 26.79
CA GLN D 276 -100.97 33.07 28.20
C GLN D 276 -101.80 31.86 28.56
N VAL D 277 -102.93 31.64 27.88
CA VAL D 277 -103.74 30.45 28.14
C VAL D 277 -102.96 29.20 27.81
N VAL D 278 -102.26 29.19 26.68
CA VAL D 278 -101.47 28.03 26.28
C VAL D 278 -100.27 27.86 27.20
N TRP D 279 -99.60 28.96 27.56
CA TRP D 279 -98.34 28.86 28.29
C TRP D 279 -98.51 28.85 29.81
N ASP D 280 -99.73 28.85 30.33
CA ASP D 280 -99.95 28.74 31.76
C ASP D 280 -100.12 27.30 32.22
N VAL D 281 -100.20 26.35 31.31
CA VAL D 281 -100.37 24.93 31.69
C VAL D 281 -99.09 24.45 32.39
N PRO D 282 -99.18 23.82 33.56
CA PRO D 282 -97.97 23.45 34.29
C PRO D 282 -97.21 22.34 33.59
N ARG D 283 -95.90 22.54 33.46
CA ARG D 283 -94.99 21.58 32.82
C ARG D 283 -95.43 21.26 31.39
N SER D 284 -95.44 22.30 30.56
CA SER D 284 -95.94 22.18 29.19
C SER D 284 -94.95 22.65 28.15
N SER D 285 -93.71 22.95 28.54
CA SER D 285 -92.74 23.48 27.58
C SER D 285 -92.36 22.45 26.53
N ILE D 286 -92.14 21.20 26.95
CA ILE D 286 -91.77 20.15 26.00
C ILE D 286 -92.92 19.87 25.03
N ALA D 287 -94.15 19.79 25.55
CA ALA D 287 -95.30 19.56 24.70
C ALA D 287 -95.50 20.70 23.71
N ASN D 288 -95.32 21.94 24.18
CA ASN D 288 -95.46 23.09 23.29
C ASN D 288 -94.40 23.07 22.18
N LEU D 289 -93.17 22.70 22.53
CA LEU D 289 -92.12 22.59 21.52
C LEU D 289 -92.44 21.49 20.50
N ILE D 290 -92.96 20.36 20.97
CA ILE D 290 -93.32 19.28 20.05
C ILE D 290 -94.43 19.72 19.10
N MET D 291 -95.45 20.41 19.61
CA MET D 291 -96.53 20.89 18.75
C MET D 291 -96.01 21.91 17.74
N ASN D 292 -95.08 22.78 18.17
CA ASN D 292 -94.48 23.74 17.25
C ASN D 292 -93.76 23.03 16.11
N ILE D 293 -92.97 22.01 16.43
CA ILE D 293 -92.25 21.26 15.41
C ILE D 293 -93.23 20.59 14.46
N ALA D 294 -94.27 19.96 15.02
CA ALA D 294 -95.20 19.20 14.19
C ALA D 294 -96.01 20.09 13.27
N THR D 295 -96.38 21.29 13.71
CA THR D 295 -97.27 22.12 12.91
C THR D 295 -96.55 23.11 12.00
N CYS D 296 -95.31 23.51 12.30
CA CYS D 296 -94.72 24.61 11.56
C CYS D 296 -93.47 24.26 10.75
N LEU D 297 -92.78 23.18 11.07
CA LEU D 297 -91.49 22.93 10.42
C LEU D 297 -91.69 22.45 8.99
N PRO D 298 -91.06 23.08 8.00
CA PRO D 298 -91.25 22.66 6.60
C PRO D 298 -90.44 21.42 6.28
N THR D 299 -90.69 20.89 5.09
CA THR D 299 -89.97 19.74 4.57
C THR D 299 -88.93 20.20 3.55
N GLY D 300 -87.72 19.64 3.66
CA GLY D 300 -86.62 20.06 2.80
C GLY D 300 -85.58 18.98 2.60
N GLU D 301 -84.43 19.36 2.03
CA GLU D 301 -83.37 18.43 1.72
C GLU D 301 -82.03 18.97 2.20
N TYR D 302 -81.12 18.05 2.52
CA TYR D 302 -79.75 18.40 2.87
C TYR D 302 -78.90 18.43 1.61
N ILE D 303 -78.12 19.49 1.45
CA ILE D 303 -77.34 19.73 0.25
C ILE D 303 -75.87 19.82 0.63
N ALA D 304 -75.03 19.08 -0.09
CA ALA D 304 -73.58 19.09 0.09
C ALA D 304 -72.94 20.23 -0.70
N PRO D 305 -71.78 20.71 -0.27
CA PRO D 305 -71.10 21.77 -1.02
C PRO D 305 -70.58 21.28 -2.36
N ASN D 306 -70.26 22.24 -3.23
CA ASN D 306 -69.77 21.92 -4.56
C ASN D 306 -68.39 21.28 -4.47
N PRO D 307 -68.15 20.20 -5.22
CA PRO D 307 -66.83 19.53 -5.16
C PRO D 307 -65.66 20.40 -5.55
N ARG D 308 -65.86 21.36 -6.45
CA ARG D 308 -64.75 22.18 -6.95
C ARG D 308 -64.29 23.23 -5.95
N ILE D 309 -65.01 23.40 -4.84
CA ILE D 309 -64.60 24.40 -3.85
C ILE D 309 -63.25 24.02 -3.22
N SER D 310 -63.04 22.74 -2.95
CA SER D 310 -61.85 22.29 -2.24
C SER D 310 -60.78 21.67 -3.14
N SER D 311 -60.95 21.71 -4.46
CA SER D 311 -59.96 21.12 -5.35
C SER D 311 -60.00 21.83 -6.70
N ILE D 312 -58.83 21.92 -7.33
CA ILE D 312 -58.65 22.55 -8.63
C ILE D 312 -57.91 21.59 -9.53
N THR D 313 -58.40 21.45 -10.77
CA THR D 313 -57.78 20.59 -11.76
C THR D 313 -57.16 21.45 -12.86
N LEU D 314 -55.83 21.40 -12.96
CA LEU D 314 -55.12 22.21 -13.96
C LEU D 314 -54.91 21.45 -15.26
N THR D 315 -54.40 20.22 -15.20
CA THR D 315 -54.21 19.39 -16.38
C THR D 315 -54.90 18.06 -16.12
N GLN D 316 -54.67 17.09 -17.00
CA GLN D 316 -55.29 15.77 -16.86
C GLN D 316 -54.82 15.02 -15.62
N ARG D 317 -53.60 15.28 -15.14
CA ARG D 317 -53.05 14.50 -14.06
C ARG D 317 -52.48 15.33 -12.91
N ILE D 318 -52.70 16.65 -12.90
CA ILE D 318 -52.20 17.52 -11.85
C ILE D 318 -53.39 18.21 -11.19
N THR D 319 -53.60 17.92 -9.90
CA THR D 319 -54.65 18.56 -9.13
C THR D 319 -54.08 18.99 -7.78
N THR D 320 -54.84 19.84 -7.09
CA THR D 320 -54.49 20.23 -5.73
C THR D 320 -55.19 19.30 -4.74
N THR D 321 -54.63 19.25 -3.52
CA THR D 321 -55.14 18.39 -2.46
C THR D 321 -55.67 19.24 -1.32
N GLY D 322 -56.81 18.82 -0.77
CA GLY D 322 -57.38 19.47 0.38
C GLY D 322 -56.82 18.92 1.68
N PRO D 323 -56.80 19.74 2.73
CA PRO D 323 -56.25 19.27 4.01
C PRO D 323 -57.10 18.20 4.68
N PHE D 324 -58.38 18.10 4.32
CA PHE D 324 -59.29 17.17 4.97
C PHE D 324 -59.86 16.18 3.96
N ALA D 325 -59.00 15.61 3.13
CA ALA D 325 -59.46 14.71 2.08
C ALA D 325 -60.10 13.45 2.67
N ILE D 326 -59.54 12.92 3.76
CA ILE D 326 -60.09 11.70 4.35
C ILE D 326 -61.46 11.98 4.98
N LEU D 327 -61.64 13.16 5.58
CA LEU D 327 -62.90 13.47 6.23
C LEU D 327 -63.98 13.77 5.19
N THR D 328 -63.60 14.35 4.06
CA THR D 328 -64.56 14.71 3.02
C THR D 328 -65.22 13.47 2.40
N GLY D 329 -64.45 12.40 2.19
CA GLY D 329 -64.99 11.21 1.56
C GLY D 329 -65.72 10.24 2.47
N SER D 330 -65.73 10.49 3.77
CA SER D 330 -66.39 9.59 4.70
C SER D 330 -67.91 9.68 4.56
N THR D 331 -68.58 8.58 4.89
CA THR D 331 -70.03 8.49 4.84
C THR D 331 -70.57 8.19 6.23
N PRO D 332 -71.54 8.97 6.71
CA PRO D 332 -72.07 8.75 8.07
C PRO D 332 -72.83 7.43 8.18
N THR D 333 -72.81 6.88 9.39
CA THR D 333 -73.68 5.76 9.75
C THR D 333 -75.05 6.30 10.15
N ALA D 334 -75.93 5.41 10.59
CA ALA D 334 -77.27 5.83 11.00
C ALA D 334 -77.23 6.67 12.26
N GLN D 335 -76.43 6.26 13.25
CA GLN D 335 -76.35 6.99 14.50
C GLN D 335 -75.76 8.39 14.29
N GLN D 336 -74.74 8.50 13.44
CA GLN D 336 -74.16 9.80 13.15
C GLN D 336 -75.13 10.70 12.41
N LEU D 337 -75.95 10.13 11.53
CA LEU D 337 -77.00 10.90 10.86
C LEU D 337 -78.02 11.41 11.85
N ASN D 338 -78.41 10.58 12.83
CA ASN D 338 -79.32 11.04 13.88
C ASN D 338 -78.69 12.15 14.70
N ASP D 339 -77.39 12.06 14.95
CA ASP D 339 -76.70 13.14 15.66
C ASP D 339 -76.72 14.44 14.87
N VAL D 340 -76.54 14.35 13.54
CA VAL D 340 -76.64 15.54 12.69
C VAL D 340 -78.03 16.15 12.76
N ARG D 341 -79.06 15.30 12.74
CA ARG D 341 -80.43 15.79 12.88
C ARG D 341 -80.63 16.49 14.21
N LYS D 342 -80.06 15.94 15.28
CA LYS D 342 -80.15 16.58 16.60
C LYS D 342 -79.45 17.94 16.61
N ILE D 343 -78.31 18.04 15.93
CA ILE D 343 -77.59 19.31 15.87
C ILE D 343 -78.43 20.37 15.17
N TYR D 344 -79.05 20.00 14.05
CA TYR D 344 -79.88 20.98 13.34
C TYR D 344 -81.13 21.33 14.13
N LEU D 345 -81.70 20.38 14.88
CA LEU D 345 -82.81 20.69 15.76
C LEU D 345 -82.40 21.69 16.84
N ALA D 346 -81.20 21.52 17.39
CA ALA D 346 -80.70 22.47 18.38
C ALA D 346 -80.50 23.86 17.77
N LEU D 347 -80.02 23.91 16.53
CA LEU D 347 -79.81 25.20 15.88
C LEU D 347 -81.12 25.90 15.59
N MET D 348 -82.16 25.15 15.20
CA MET D 348 -83.42 25.78 14.81
C MET D 348 -84.24 26.31 15.99
N PHE D 349 -83.92 25.95 17.23
CA PHE D 349 -84.66 26.39 18.41
C PHE D 349 -83.68 26.95 19.43
N PRO D 350 -83.31 28.23 19.30
CA PRO D 350 -82.28 28.79 20.17
C PRO D 350 -82.71 28.83 21.62
N GLY D 351 -81.88 28.26 22.50
CA GLY D 351 -82.10 28.27 23.92
C GLY D 351 -82.96 27.13 24.44
N GLN D 352 -83.94 26.68 23.67
CA GLN D 352 -84.86 25.65 24.14
C GLN D 352 -84.22 24.26 24.11
N ILE D 353 -83.34 24.00 23.14
CA ILE D 353 -82.63 22.74 23.03
C ILE D 353 -81.14 23.03 23.03
N ILE D 354 -80.41 22.40 23.95
CA ILE D 354 -78.97 22.57 24.04
C ILE D 354 -78.31 21.21 23.92
N LEU D 355 -77.00 21.22 23.67
CA LEU D 355 -76.25 20.03 23.33
C LEU D 355 -75.23 19.68 24.40
N ASP D 356 -74.83 18.40 24.40
CA ASP D 356 -73.79 17.89 25.27
C ASP D 356 -72.96 16.87 24.48
N LEU D 357 -71.96 16.30 25.14
CA LEU D 357 -71.05 15.35 24.50
C LEU D 357 -71.39 13.93 24.93
N LYS D 358 -71.31 13.01 23.99
CA LYS D 358 -71.58 11.60 24.23
C LYS D 358 -70.27 10.84 24.37
N ILE D 359 -70.19 9.97 25.37
CA ILE D 359 -69.01 9.15 25.63
C ILE D 359 -69.38 7.69 25.36
N ASP D 360 -68.69 7.08 24.41
CA ASP D 360 -68.92 5.68 24.04
C ASP D 360 -67.62 4.91 24.13
N PRO D 361 -67.47 4.01 25.10
CA PRO D 361 -66.23 3.22 25.20
C PRO D 361 -65.95 2.35 23.99
N GLY D 362 -67.00 1.83 23.33
CA GLY D 362 -66.81 0.98 22.18
C GLY D 362 -66.51 1.70 20.89
N GLU D 363 -66.35 3.02 20.94
CA GLU D 363 -66.08 3.83 19.76
C GLU D 363 -64.58 4.05 19.59
N ARG D 364 -64.11 3.83 18.36
CA ARG D 364 -62.70 4.06 18.04
C ARG D 364 -62.63 4.98 16.83
N MET D 365 -61.85 6.06 16.95
CA MET D 365 -61.78 7.06 15.92
C MET D 365 -60.36 7.60 15.82
N ASP D 366 -60.06 8.23 14.69
CA ASP D 366 -58.80 8.91 14.49
C ASP D 366 -58.73 10.10 15.46
N PRO D 367 -57.59 10.29 16.14
CA PRO D 367 -57.45 11.47 17.02
C PRO D 367 -57.60 12.81 16.32
N ALA D 368 -57.43 12.87 15.00
CA ALA D 368 -57.56 14.14 14.29
C ALA D 368 -59.01 14.63 14.23
N VAL D 369 -59.96 13.70 14.35
CA VAL D 369 -61.38 14.06 14.22
C VAL D 369 -61.78 15.02 15.33
N ARG D 370 -61.38 14.71 16.57
CA ARG D 370 -61.72 15.57 17.70
C ARG D 370 -61.08 16.95 17.56
N MET D 371 -59.83 16.99 17.10
CA MET D 371 -59.14 18.28 16.98
C MET D 371 -59.76 19.14 15.88
N VAL D 372 -60.23 18.53 14.79
CA VAL D 372 -60.92 19.31 13.76
C VAL D 372 -62.29 19.76 14.26
N ALA D 373 -62.98 18.90 15.01
CA ALA D 373 -64.26 19.28 15.61
C ALA D 373 -64.10 20.45 16.57
N GLY D 374 -62.94 20.56 17.23
CA GLY D 374 -62.70 21.71 18.08
C GLY D 374 -62.72 23.03 17.32
N VAL D 375 -62.18 23.04 16.11
CA VAL D 375 -62.24 24.23 15.27
C VAL D 375 -63.66 24.46 14.77
N VAL D 376 -64.33 23.39 14.35
CA VAL D 376 -65.67 23.54 13.77
C VAL D 376 -66.69 24.04 14.79
N GLY D 377 -66.60 23.58 16.04
CA GLY D 377 -67.59 23.94 17.04
C GLY D 377 -67.63 25.43 17.35
N HIS D 378 -66.47 26.08 17.32
CA HIS D 378 -66.42 27.51 17.58
C HIS D 378 -67.06 28.31 16.46
N LEU D 379 -67.07 27.80 15.23
CA LEU D 379 -67.70 28.48 14.11
C LEU D 379 -69.16 28.07 13.90
N LEU D 380 -69.61 26.99 14.55
CA LEU D 380 -70.95 26.48 14.31
C LEU D 380 -71.95 26.85 15.40
N PHE D 381 -71.51 27.31 16.57
CA PHE D 381 -72.40 27.47 17.71
C PHE D 381 -72.24 28.84 18.35
N THR D 382 -73.29 29.25 19.07
CA THR D 382 -73.30 30.47 19.86
C THR D 382 -73.29 30.08 21.35
N ALA D 383 -72.39 30.68 22.11
CA ALA D 383 -72.15 30.26 23.49
C ALA D 383 -72.08 31.45 24.43
N GLY D 384 -73.06 32.35 24.35
CA GLY D 384 -73.11 33.42 25.32
C GLY D 384 -73.63 34.74 24.79
N GLY D 385 -73.82 35.70 25.69
CA GLY D 385 -74.45 36.96 25.33
C GLY D 385 -75.92 36.96 25.68
N ARG D 386 -76.76 36.66 24.70
CA ARG D 386 -78.21 36.70 24.83
C ARG D 386 -78.83 35.31 24.91
N PHE D 387 -78.22 34.31 24.30
CA PHE D 387 -78.69 32.93 24.40
C PHE D 387 -77.51 32.00 24.13
N THR D 388 -77.74 30.71 24.36
CA THR D 388 -76.70 29.71 24.16
C THR D 388 -77.27 28.51 23.42
N ASN D 389 -76.37 27.78 22.76
CA ASN D 389 -76.71 26.56 22.04
C ASN D 389 -76.22 25.30 22.73
N LEU D 390 -75.49 25.43 23.84
CA LEU D 390 -74.74 24.31 24.38
C LEU D 390 -74.40 24.56 25.85
N THR D 391 -74.08 23.47 26.54
CA THR D 391 -73.80 23.50 27.97
C THR D 391 -72.37 23.97 28.24
N GLN D 392 -72.11 24.32 29.50
CA GLN D 392 -70.78 24.76 29.90
C GLN D 392 -69.76 23.63 29.78
N ASN D 393 -70.19 22.40 30.06
CA ASN D 393 -69.30 21.24 29.94
C ASN D 393 -68.85 21.05 28.50
N MET D 394 -69.77 21.16 27.55
CA MET D 394 -69.40 20.95 26.16
C MET D 394 -68.54 22.11 25.63
N ALA D 395 -68.78 23.32 26.13
CA ALA D 395 -67.90 24.44 25.80
C ALA D 395 -66.48 24.18 26.31
N ARG D 396 -66.36 23.66 27.53
CA ARG D 396 -65.04 23.35 28.07
C ARG D 396 -64.33 22.28 27.25
N GLN D 397 -65.08 21.23 26.86
CA GLN D 397 -64.49 20.17 26.05
C GLN D 397 -64.05 20.70 24.68
N LEU D 398 -64.86 21.56 24.07
CA LEU D 398 -64.49 22.14 22.77
C LEU D 398 -63.27 23.04 22.89
N ASP D 399 -63.17 23.80 23.98
CA ASP D 399 -61.98 24.63 24.20
C ASP D 399 -60.73 23.77 24.36
N ILE D 400 -60.84 22.67 25.11
CA ILE D 400 -59.69 21.77 25.27
C ILE D 400 -59.29 21.16 23.93
N ALA D 401 -60.29 20.78 23.11
CA ALA D 401 -59.99 20.23 21.80
C ALA D 401 -59.29 21.24 20.89
N LEU D 402 -59.75 22.50 20.92
CA LEU D 402 -59.09 23.54 20.14
C LEU D 402 -57.67 23.77 20.62
N ASN D 403 -57.46 23.76 21.94
CA ASN D 403 -56.13 23.91 22.51
C ASN D 403 -55.20 22.79 22.03
N ASP D 404 -55.72 21.56 22.00
CA ASP D 404 -54.91 20.45 21.51
C ASP D 404 -54.62 20.59 20.02
N TYR D 405 -55.60 21.07 19.24
CA TYR D 405 -55.39 21.24 17.80
C TYR D 405 -54.31 22.27 17.52
N LEU D 406 -54.31 23.39 18.25
CA LEU D 406 -53.40 24.48 17.90
C LEU D 406 -51.95 24.14 18.21
N LEU D 407 -51.69 23.33 19.23
CA LEU D 407 -50.32 23.03 19.64
C LEU D 407 -49.72 21.80 18.95
N TYR D 408 -50.50 21.06 18.18
CA TYR D 408 -49.99 19.91 17.44
C TYR D 408 -49.43 20.39 16.11
N MET D 409 -48.11 20.40 15.99
CA MET D 409 -47.43 21.03 14.86
C MET D 409 -46.71 19.96 14.04
N TYR D 410 -47.38 19.47 13.00
CA TYR D 410 -46.77 18.54 12.07
C TYR D 410 -45.90 19.21 11.03
N ASN D 411 -46.01 20.52 10.87
CA ASN D 411 -45.07 21.30 10.08
C ASN D 411 -43.98 21.85 10.99
N THR D 412 -43.20 22.82 10.52
CA THR D 412 -42.20 23.47 11.36
C THR D 412 -42.88 24.12 12.57
N ARG D 413 -42.26 23.94 13.74
CA ARG D 413 -42.80 24.44 14.99
C ARG D 413 -42.69 25.97 15.04
N VAL D 414 -43.75 26.62 15.52
CA VAL D 414 -43.76 28.06 15.69
C VAL D 414 -43.56 28.39 17.16
N GLN D 415 -43.23 29.65 17.44
CA GLN D 415 -42.94 30.08 18.80
C GLN D 415 -44.22 30.16 19.63
N VAL D 416 -44.17 29.59 20.84
CA VAL D 416 -45.29 29.60 21.77
C VAL D 416 -44.80 30.18 23.10
N ASN D 417 -45.51 31.19 23.59
CA ASN D 417 -45.21 31.81 24.88
C ASN D 417 -46.38 31.55 25.82
N TYR D 418 -46.14 30.74 26.85
CA TYR D 418 -47.22 30.28 27.72
C TYR D 418 -47.57 31.31 28.77
N GLY D 419 -48.72 31.12 29.41
CA GLY D 419 -49.20 32.00 30.45
C GLY D 419 -49.14 31.35 31.81
N PRO D 420 -49.41 32.14 32.86
CA PRO D 420 -49.24 31.64 34.23
C PRO D 420 -50.39 30.77 34.72
N THR D 421 -51.61 31.04 34.24
CA THR D 421 -52.80 30.46 34.86
C THR D 421 -52.91 28.96 34.61
N GLY D 422 -52.35 28.47 33.50
CA GLY D 422 -52.47 27.08 33.18
C GLY D 422 -53.78 26.66 32.56
N GLU D 423 -54.66 27.62 32.26
CA GLU D 423 -55.91 27.32 31.59
C GLU D 423 -55.64 26.94 30.13
N PRO D 424 -56.57 26.22 29.50
CA PRO D 424 -56.43 25.96 28.07
C PRO D 424 -56.51 27.26 27.26
N LEU D 425 -55.77 27.27 26.15
CA LEU D 425 -55.65 28.40 25.24
C LEU D 425 -55.04 29.64 25.90
N ASP D 426 -54.22 29.45 26.93
CA ASP D 426 -53.58 30.57 27.62
C ASP D 426 -52.12 30.70 27.15
N PHE D 427 -51.97 31.22 25.93
CA PHE D 427 -50.64 31.41 25.36
C PHE D 427 -50.72 32.40 24.21
N GLN D 428 -49.55 32.91 23.81
CA GLN D 428 -49.37 33.67 22.58
C GLN D 428 -48.61 32.80 21.59
N ILE D 429 -49.10 32.75 20.35
CA ILE D 429 -48.55 31.86 19.33
C ILE D 429 -48.17 32.67 18.10
N GLY D 430 -47.12 32.23 17.40
CA GLY D 430 -46.78 32.77 16.10
C GLY D 430 -45.73 33.88 16.18
N ARG D 431 -45.37 34.36 14.99
CA ARG D 431 -44.40 35.44 14.89
C ARG D 431 -44.96 36.75 15.41
N ASN D 432 -46.24 36.99 15.19
CA ASN D 432 -46.91 38.22 15.64
C ASN D 432 -47.56 38.08 17.01
N GLN D 433 -47.44 36.91 17.65
CA GLN D 433 -47.91 36.68 19.02
C GLN D 433 -49.42 36.94 19.15
N TYR D 434 -50.19 36.13 18.44
CA TYR D 434 -51.65 36.20 18.56
C TYR D 434 -52.08 35.64 19.92
N ASP D 435 -52.91 36.39 20.63
CA ASP D 435 -53.36 36.00 21.96
C ASP D 435 -54.59 35.11 21.82
N CYS D 436 -54.45 33.84 22.20
CA CYS D 436 -55.51 32.86 22.06
C CYS D 436 -56.45 32.83 23.26
N ASN D 437 -56.26 33.72 24.24
CA ASN D 437 -57.10 33.72 25.43
C ASN D 437 -58.53 34.13 25.11
N VAL D 438 -58.75 34.82 23.98
CA VAL D 438 -60.08 35.30 23.64
C VAL D 438 -61.01 34.21 23.13
N PHE D 439 -60.49 33.01 22.87
CA PHE D 439 -61.31 31.92 22.36
C PHE D 439 -61.82 30.99 23.45
N ARG D 440 -61.54 31.27 24.72
CA ARG D 440 -62.09 30.49 25.82
C ARG D 440 -63.46 31.05 26.20
N ALA D 441 -64.40 30.14 26.44
CA ALA D 441 -65.80 30.54 26.59
C ALA D 441 -66.01 31.39 27.84
N ASP D 442 -66.89 32.39 27.70
CA ASP D 442 -67.30 33.23 28.81
C ASP D 442 -68.75 33.63 28.53
N PHE D 443 -69.69 32.95 29.18
CA PHE D 443 -71.09 33.03 28.79
C PHE D 443 -71.71 34.40 29.03
N ALA D 444 -71.11 35.22 29.89
CA ALA D 444 -71.64 36.55 30.12
C ALA D 444 -71.24 37.55 29.04
N THR D 445 -70.34 37.18 28.15
CA THR D 445 -69.88 38.06 27.07
C THR D 445 -70.10 37.49 25.68
N GLY D 446 -69.88 36.20 25.48
CA GLY D 446 -70.04 35.59 24.19
C GLY D 446 -68.79 35.50 23.36
N THR D 447 -67.63 35.73 23.96
CA THR D 447 -66.37 35.72 23.21
C THR D 447 -66.04 34.30 22.73
N GLY D 448 -65.35 34.24 21.59
CA GLY D 448 -64.90 32.99 21.04
C GLY D 448 -65.91 32.25 20.19
N TYR D 449 -67.16 32.70 20.15
CA TYR D 449 -68.21 31.99 19.43
C TYR D 449 -68.98 32.93 18.53
N ASN D 450 -70.10 32.46 17.96
CA ASN D 450 -70.77 33.20 16.89
C ASN D 450 -71.36 34.52 17.36
N GLY D 451 -71.72 34.62 18.64
CA GLY D 451 -72.28 35.86 19.16
C GLY D 451 -71.28 36.92 19.54
N TRP D 452 -70.00 36.66 19.34
CA TRP D 452 -68.92 37.57 19.69
C TRP D 452 -69.00 38.87 18.88
N ALA D 453 -69.27 39.98 19.57
CA ALA D 453 -69.31 41.32 18.97
C ALA D 453 -70.31 41.41 17.82
N THR D 454 -71.45 40.74 17.97
CA THR D 454 -72.53 40.81 17.00
C THR D 454 -73.85 41.00 17.73
N ILE D 455 -74.87 41.40 16.98
CA ILE D 455 -76.22 41.57 17.51
C ILE D 455 -77.04 40.36 17.06
N ASP D 456 -77.45 39.53 18.03
CA ASP D 456 -78.12 38.28 17.74
C ASP D 456 -79.63 38.36 17.78
N VAL D 457 -80.19 39.28 18.56
CA VAL D 457 -81.63 39.44 18.70
C VAL D 457 -82.00 40.87 18.33
N GLU D 458 -83.01 41.02 17.49
CA GLU D 458 -83.40 42.31 16.95
C GLU D 458 -84.91 42.46 17.06
N TYR D 459 -85.37 43.70 17.25
CA TYR D 459 -86.79 44.01 17.32
C TYR D 459 -87.17 44.94 16.19
N ARG D 460 -88.41 44.79 15.73
CA ARG D 460 -88.91 45.46 14.53
C ARG D 460 -90.39 45.77 14.76
N GLU D 461 -91.13 45.97 13.68
CA GLU D 461 -92.57 46.25 13.73
C GLU D 461 -93.30 45.13 14.45
N PRO D 462 -94.42 45.43 15.12
CA PRO D 462 -95.07 44.43 15.98
C PRO D 462 -95.54 43.20 15.20
N ALA D 463 -95.31 42.05 15.85
CA ALA D 463 -95.61 40.75 15.19
C ALA D 463 -97.04 40.30 15.46
N PRO D 464 -97.58 39.39 14.63
CA PRO D 464 -98.95 38.90 14.74
C PRO D 464 -99.24 38.19 16.05
N TYR D 465 -98.26 37.44 16.57
CA TYR D 465 -98.36 36.80 17.88
C TYR D 465 -97.67 37.70 18.89
N VAL D 466 -98.45 38.27 19.81
CA VAL D 466 -97.98 39.39 20.62
C VAL D 466 -96.88 38.97 21.59
N HIS D 467 -96.81 37.68 21.94
CA HIS D 467 -95.87 37.24 22.96
C HIS D 467 -94.47 36.98 22.42
N ALA D 468 -94.28 36.97 21.10
CA ALA D 468 -92.99 36.66 20.48
C ALA D 468 -92.66 37.75 19.46
N GLN D 469 -92.01 38.82 19.92
CA GLN D 469 -91.68 39.96 19.07
C GLN D 469 -90.27 39.94 18.53
N ARG D 470 -89.46 38.94 18.90
CA ARG D 470 -88.04 38.95 18.61
C ARG D 470 -87.73 38.44 17.21
N TYR D 471 -86.57 38.85 16.70
CA TYR D 471 -86.03 38.35 15.44
C TYR D 471 -84.64 37.78 15.71
N ILE D 472 -84.44 36.53 15.35
CA ILE D 472 -83.14 35.88 15.53
C ILE D 472 -82.27 36.20 14.33
N ARG D 473 -81.00 36.51 14.58
CA ARG D 473 -80.08 36.89 13.51
C ARG D 473 -78.74 36.18 13.77
N TYR D 474 -78.62 34.98 13.22
CA TYR D 474 -77.37 34.22 13.35
C TYR D 474 -76.27 34.85 12.51
N CYS D 475 -75.07 34.94 13.08
CA CYS D 475 -73.87 35.43 12.42
C CYS D 475 -74.02 36.86 11.89
N GLY D 476 -75.00 37.60 12.40
CA GLY D 476 -75.18 38.98 12.01
C GLY D 476 -75.71 39.18 10.61
N ILE D 477 -76.02 38.09 9.92
CA ILE D 477 -76.47 38.16 8.53
C ILE D 477 -77.99 38.21 8.49
N ASP D 478 -78.52 38.99 7.55
CA ASP D 478 -79.96 39.15 7.37
C ASP D 478 -80.43 38.25 6.24
N SER D 479 -81.69 37.82 6.32
CA SER D 479 -82.24 36.94 5.29
C SER D 479 -82.42 37.69 3.96
N ARG D 480 -82.58 39.01 4.02
CA ARG D 480 -82.73 39.80 2.82
C ARG D 480 -81.43 39.93 2.04
N GLU D 481 -80.30 39.58 2.67
CA GLU D 481 -79.01 39.64 1.98
C GLU D 481 -78.93 38.66 0.82
N LEU D 482 -79.76 37.61 0.81
CA LEU D 482 -79.83 36.71 -0.32
C LEU D 482 -80.50 37.35 -1.53
N ILE D 483 -81.13 38.51 -1.37
CA ILE D 483 -81.79 39.21 -2.45
C ILE D 483 -81.09 40.52 -2.79
N ASN D 484 -80.69 41.28 -1.77
CA ASN D 484 -80.06 42.58 -1.95
C ASN D 484 -78.77 42.59 -1.15
N PRO D 485 -77.68 42.09 -1.73
CA PRO D 485 -76.41 42.04 -1.00
C PRO D 485 -75.85 43.42 -0.71
N THR D 486 -75.11 43.52 0.39
CA THR D 486 -74.49 44.78 0.81
C THR D 486 -73.03 44.90 0.40
N THR D 487 -72.28 43.80 0.39
CA THR D 487 -70.87 43.81 0.02
C THR D 487 -70.67 42.98 -1.24
N TYR D 488 -69.42 42.87 -1.67
CA TYR D 488 -69.05 41.97 -2.74
C TYR D 488 -68.97 40.53 -2.22
N GLY D 489 -68.82 39.60 -3.16
CA GLY D 489 -68.69 38.20 -2.78
C GLY D 489 -67.48 37.91 -1.92
N ILE D 490 -66.37 38.63 -2.16
CA ILE D 490 -65.17 38.45 -1.35
C ILE D 490 -65.26 39.14 0.00
N GLY D 491 -66.27 39.98 0.20
CA GLY D 491 -66.38 40.78 1.41
C GLY D 491 -67.35 40.29 2.47
N MET D 492 -67.94 39.11 2.31
CA MET D 492 -68.85 38.58 3.32
C MET D 492 -68.05 37.97 4.46
N THR D 493 -68.04 38.66 5.61
CA THR D 493 -67.34 38.19 6.79
C THR D 493 -68.18 38.51 8.02
N TYR D 494 -67.75 37.95 9.15
CA TYR D 494 -68.19 38.38 10.47
C TYR D 494 -67.07 38.10 11.46
N HIS D 495 -67.20 38.65 12.66
CA HIS D 495 -66.04 38.86 13.53
C HIS D 495 -65.36 37.55 13.92
N CYS D 496 -66.13 36.57 14.40
CA CYS D 496 -65.53 35.35 14.94
C CYS D 496 -64.82 34.55 13.85
N TYR D 497 -65.41 34.47 12.66
CA TYR D 497 -64.81 33.70 11.58
C TYR D 497 -63.49 34.31 11.14
N ASN D 498 -63.45 35.64 11.03
CA ASN D 498 -62.23 36.33 10.64
C ASN D 498 -61.15 36.19 11.71
N GLU D 499 -61.54 36.27 12.99
CA GLU D 499 -60.57 36.07 14.06
C GLU D 499 -60.00 34.66 14.04
N MET D 500 -60.85 33.67 13.76
CA MET D 500 -60.37 32.29 13.65
C MET D 500 -59.40 32.14 12.49
N LEU D 501 -59.69 32.79 11.36
CA LEU D 501 -58.78 32.73 10.21
C LEU D 501 -57.42 33.34 10.55
N ARG D 502 -57.44 34.50 11.22
CA ARG D 502 -56.18 35.14 11.60
C ARG D 502 -55.38 34.27 12.57
N MET D 503 -56.06 33.64 13.54
CA MET D 503 -55.37 32.78 14.48
C MET D 503 -54.81 31.53 13.80
N LEU D 504 -55.54 30.98 12.83
CA LEU D 504 -55.05 29.82 12.09
C LEU D 504 -53.82 30.17 11.27
N VAL D 505 -53.81 31.37 10.66
CA VAL D 505 -52.64 31.78 9.89
C VAL D 505 -51.45 32.01 10.82
N ALA D 506 -51.69 32.63 11.98
CA ALA D 506 -50.59 32.90 12.90
C ALA D 506 -49.95 31.62 13.44
N ALA D 507 -50.71 30.53 13.50
CA ALA D 507 -50.25 29.29 14.10
C ALA D 507 -49.51 28.37 13.12
N GLY D 508 -49.32 28.79 11.89
CA GLY D 508 -48.65 27.97 10.91
C GLY D 508 -49.53 26.99 10.16
N LYS D 509 -50.85 27.17 10.20
CA LYS D 509 -51.77 26.31 9.46
C LYS D 509 -52.45 27.13 8.35
N ASP D 510 -51.80 27.11 7.19
CA ASP D 510 -52.22 27.99 6.10
C ASP D 510 -53.20 27.31 5.14
N SER D 511 -53.01 26.01 4.88
CA SER D 511 -53.92 25.31 3.97
C SER D 511 -55.32 25.19 4.56
N GLU D 512 -55.41 24.94 5.87
CA GLU D 512 -56.71 24.89 6.53
C GLU D 512 -57.39 26.25 6.49
N ALA D 513 -56.62 27.33 6.68
CA ALA D 513 -57.18 28.67 6.58
C ALA D 513 -57.68 28.95 5.17
N ALA D 514 -56.96 28.48 4.16
CA ALA D 514 -57.44 28.63 2.78
C ALA D 514 -58.74 27.88 2.56
N TYR D 515 -58.86 26.67 3.11
CA TYR D 515 -60.10 25.91 3.00
C TYR D 515 -61.26 26.66 3.63
N PHE D 516 -61.07 27.19 4.84
CA PHE D 516 -62.16 27.88 5.51
C PHE D 516 -62.51 29.20 4.82
N ARG D 517 -61.50 29.90 4.28
CA ARG D 517 -61.76 31.11 3.52
C ARG D 517 -62.56 30.82 2.27
N SER D 518 -62.33 29.67 1.64
CA SER D 518 -63.15 29.30 0.48
C SER D 518 -64.54 28.84 0.90
N MET D 519 -64.70 28.28 2.10
CA MET D 519 -66.00 27.78 2.52
C MET D 519 -66.88 28.83 3.19
N LEU D 520 -66.36 30.01 3.50
CA LEU D 520 -67.13 31.03 4.23
C LEU D 520 -68.48 31.43 3.61
N PRO D 521 -68.58 31.73 2.30
CA PRO D 521 -69.91 32.11 1.76
C PRO D 521 -70.97 31.03 1.89
N PHE D 522 -70.59 29.77 1.73
CA PHE D 522 -71.54 28.66 1.91
C PHE D 522 -72.07 28.63 3.35
N HIS D 523 -71.17 28.84 4.31
CA HIS D 523 -71.53 28.89 5.73
C HIS D 523 -72.53 30.03 5.99
N MET D 524 -72.25 31.21 5.45
CA MET D 524 -73.14 32.35 5.71
C MET D 524 -74.50 32.18 5.02
N VAL D 525 -74.52 31.59 3.83
CA VAL D 525 -75.79 31.34 3.16
C VAL D 525 -76.62 30.32 3.95
N ARG D 526 -75.96 29.28 4.49
CA ARG D 526 -76.65 28.33 5.35
C ARG D 526 -77.31 29.02 6.54
N PHE D 527 -76.56 29.89 7.22
CA PHE D 527 -77.14 30.54 8.38
C PHE D 527 -78.22 31.55 8.00
N ALA D 528 -78.14 32.14 6.80
CA ALA D 528 -79.23 33.00 6.32
C ALA D 528 -80.51 32.19 6.12
N ARG D 529 -80.40 30.99 5.53
CA ARG D 529 -81.56 30.13 5.39
C ARG D 529 -82.14 29.73 6.75
N ILE D 530 -81.27 29.42 7.71
CA ILE D 530 -81.75 29.08 9.05
C ILE D 530 -82.49 30.25 9.68
N ASN D 531 -81.95 31.47 9.50
CA ASN D 531 -82.63 32.67 10.02
C ASN D 531 -84.01 32.82 9.40
N GLN D 532 -84.12 32.61 8.09
CA GLN D 532 -85.42 32.72 7.43
C GLN D 532 -86.40 31.70 7.98
N ILE D 533 -85.95 30.45 8.17
CA ILE D 533 -86.82 29.41 8.70
C ILE D 533 -87.31 29.77 10.10
N ILE D 534 -86.40 30.26 10.95
CA ILE D 534 -86.77 30.62 12.32
C ILE D 534 -87.78 31.75 12.32
N ASN D 535 -87.51 32.80 11.53
CA ASN D 535 -88.29 34.03 11.64
C ASN D 535 -89.63 33.96 10.91
N GLU D 536 -89.79 33.10 9.91
CA GLU D 536 -91.03 33.09 9.14
C GLU D 536 -91.89 31.86 9.39
N ASP D 537 -91.34 30.67 9.25
CA ASP D 537 -92.16 29.46 9.32
C ASP D 537 -92.57 29.11 10.74
N LEU D 538 -91.67 29.30 11.72
CA LEU D 538 -91.88 28.79 13.07
C LEU D 538 -92.65 29.75 13.97
N HIS D 539 -93.07 30.90 13.47
CA HIS D 539 -93.83 31.85 14.27
C HIS D 539 -95.21 31.28 14.58
N SER D 540 -95.47 31.00 15.86
CA SER D 540 -96.73 30.38 16.26
C SER D 540 -96.98 30.69 17.74
N VAL D 541 -98.15 30.26 18.23
CA VAL D 541 -98.49 30.50 19.62
C VAL D 541 -97.69 29.58 20.52
N PHE D 542 -97.18 28.47 19.98
CA PHE D 542 -96.33 27.54 20.73
C PHE D 542 -94.89 28.01 20.83
N SER D 543 -94.58 29.21 20.34
CA SER D 543 -93.25 29.77 20.48
C SER D 543 -93.03 30.24 21.91
N LEU D 544 -91.78 30.18 22.34
CA LEU D 544 -91.42 30.59 23.69
C LEU D 544 -91.62 32.10 23.84
N PRO D 545 -92.26 32.56 24.91
CA PRO D 545 -92.46 34.00 25.10
C PRO D 545 -91.15 34.72 25.34
N ASP D 546 -91.17 36.04 25.11
CA ASP D 546 -89.95 36.83 25.10
C ASP D 546 -89.26 36.86 26.46
N ASP D 547 -90.03 37.02 27.54
CA ASP D 547 -89.42 37.10 28.87
C ASP D 547 -88.85 35.75 29.30
N MET D 548 -89.55 34.66 29.00
CA MET D 548 -89.02 33.34 29.29
C MET D 548 -87.78 33.05 28.45
N PHE D 549 -87.74 33.55 27.22
CA PHE D 549 -86.54 33.43 26.39
C PHE D 549 -85.38 34.21 26.99
N ASN D 550 -85.65 35.42 27.49
CA ASN D 550 -84.58 36.26 28.02
C ASN D 550 -84.06 35.73 29.35
N ALA D 551 -84.89 35.02 30.11
CA ALA D 551 -84.47 34.52 31.42
C ALA D 551 -83.68 33.23 31.36
N LEU D 552 -83.52 32.62 30.18
CA LEU D 552 -82.92 31.29 30.09
C LEU D 552 -81.44 31.30 30.47
N LEU D 553 -80.66 32.19 29.85
CA LEU D 553 -79.21 32.20 30.03
C LEU D 553 -78.78 32.61 31.45
N PRO D 554 -79.33 33.68 32.06
CA PRO D 554 -78.96 33.97 33.45
C PRO D 554 -79.31 32.86 34.43
N ASP D 555 -80.43 32.16 34.22
CA ASP D 555 -80.78 31.05 35.09
C ASP D 555 -79.79 29.91 34.95
N LEU D 556 -79.37 29.61 33.72
CA LEU D 556 -78.37 28.56 33.50
C LEU D 556 -77.03 28.95 34.13
N ILE D 557 -76.65 30.22 34.02
CA ILE D 557 -75.39 30.67 34.61
C ILE D 557 -75.45 30.56 36.14
N ALA D 558 -76.55 31.00 36.74
CA ALA D 558 -76.67 30.99 38.19
C ALA D 558 -77.09 29.65 38.77
N GLY D 559 -77.45 28.68 37.92
CA GLY D 559 -77.91 27.40 38.43
C GLY D 559 -79.24 27.45 39.15
N ALA D 560 -80.06 28.45 38.90
CA ALA D 560 -81.33 28.60 39.58
C ALA D 560 -82.39 27.70 38.95
N HIS D 561 -83.48 27.50 39.68
CA HIS D 561 -84.62 26.75 39.17
C HIS D 561 -85.29 27.53 38.04
N GLN D 562 -85.77 26.81 37.04
CA GLN D 562 -86.43 27.42 35.89
C GLN D 562 -87.61 26.58 35.46
N ASN D 563 -88.71 27.26 35.13
CA ASN D 563 -89.93 26.57 34.70
C ASN D 563 -89.87 26.09 33.26
N ALA D 564 -88.89 26.55 32.49
CA ALA D 564 -88.74 26.16 31.09
C ALA D 564 -87.40 25.49 30.87
N ASP D 565 -87.11 24.49 31.71
CA ASP D 565 -85.81 23.83 31.71
C ASP D 565 -85.47 23.28 30.32
N PRO D 566 -84.33 23.63 29.75
CA PRO D 566 -84.02 23.21 28.38
C PRO D 566 -83.77 21.71 28.27
N VAL D 567 -83.96 21.19 27.07
CA VAL D 567 -83.72 19.79 26.75
C VAL D 567 -82.28 19.64 26.30
N VAL D 568 -81.60 18.63 26.83
CA VAL D 568 -80.19 18.38 26.55
C VAL D 568 -80.08 17.10 25.72
N LEU D 569 -79.33 17.18 24.61
CA LEU D 569 -79.10 16.04 23.73
C LEU D 569 -77.60 15.84 23.54
N ASP D 570 -77.18 14.58 23.47
CA ASP D 570 -75.77 14.22 23.35
C ASP D 570 -75.42 13.89 21.92
N VAL D 571 -74.25 14.37 21.46
CA VAL D 571 -73.76 14.12 20.11
C VAL D 571 -72.29 13.68 20.20
N SER D 572 -71.76 13.29 19.04
CA SER D 572 -70.39 12.77 18.93
C SER D 572 -69.49 13.79 18.24
N TRP D 573 -68.21 13.43 18.13
CA TRP D 573 -67.22 14.35 17.57
C TRP D 573 -67.36 14.50 16.06
N ILE D 574 -67.61 13.40 15.35
CA ILE D 574 -67.64 13.45 13.89
C ILE D 574 -68.94 14.03 13.36
N SER D 575 -69.99 14.03 14.19
CA SER D 575 -71.25 14.64 13.78
C SER D 575 -71.11 16.14 13.55
N LEU D 576 -70.21 16.79 14.28
CA LEU D 576 -69.98 18.22 14.07
C LEU D 576 -69.40 18.49 12.69
N TRP D 577 -68.43 17.69 12.27
CA TRP D 577 -67.87 17.84 10.93
C TRP D 577 -68.91 17.51 9.87
N PHE D 578 -69.71 16.47 10.09
CA PHE D 578 -70.74 16.12 9.12
C PHE D 578 -71.80 17.22 9.00
N ALA D 579 -72.10 17.90 10.11
CA ALA D 579 -73.06 18.99 10.08
C ALA D 579 -72.49 20.26 9.47
N PHE D 580 -71.19 20.49 9.61
CA PHE D 580 -70.58 21.67 8.99
C PHE D 580 -70.60 21.60 7.47
N ASN D 581 -70.56 20.39 6.91
CA ASN D 581 -70.47 20.20 5.47
C ASN D 581 -71.83 19.89 4.85
N ARG D 582 -72.91 20.47 5.38
CA ARG D 582 -74.24 20.29 4.85
C ARG D 582 -74.99 21.62 4.92
N SER D 583 -76.16 21.65 4.28
CA SER D 583 -77.05 22.79 4.36
C SER D 583 -78.47 22.29 4.16
N PHE D 584 -79.40 22.88 4.92
CA PHE D 584 -80.81 22.47 4.89
C PHE D 584 -81.59 23.48 4.05
N GLU D 585 -82.18 22.99 2.96
CA GLU D 585 -82.94 23.84 2.05
C GLU D 585 -84.40 23.39 2.03
N PRO D 586 -85.33 24.21 2.54
CA PRO D 586 -86.74 23.83 2.46
C PRO D 586 -87.23 23.77 1.02
N THR D 587 -88.14 22.83 0.77
CA THR D 587 -88.73 22.63 -0.55
C THR D 587 -90.23 22.88 -0.58
N HIS D 588 -90.96 22.39 0.41
CA HIS D 588 -92.40 22.59 0.51
C HIS D 588 -92.75 23.04 1.91
N ARG D 589 -93.89 23.70 2.04
CA ARG D 589 -94.37 24.12 3.34
C ARG D 589 -95.02 22.94 4.07
N ASN D 590 -95.18 23.11 5.38
CA ASN D 590 -95.87 22.11 6.18
C ASN D 590 -97.32 21.98 5.72
N GLU D 591 -97.80 20.74 5.64
CA GLU D 591 -99.15 20.50 5.15
C GLU D 591 -100.22 21.04 6.09
N MET D 592 -99.90 21.25 7.37
CA MET D 592 -100.84 21.78 8.34
C MET D 592 -100.58 23.24 8.66
N LEU D 593 -99.80 23.93 7.85
CA LEU D 593 -99.48 25.33 8.13
C LEU D 593 -100.71 26.21 8.06
N GLU D 594 -101.63 25.93 7.13
CA GLU D 594 -102.79 26.78 6.90
C GLU D 594 -103.85 26.63 7.99
N VAL D 595 -103.99 25.43 8.57
CA VAL D 595 -105.09 25.13 9.48
C VAL D 595 -104.66 25.19 10.94
N ALA D 596 -103.40 25.50 11.21
CA ALA D 596 -102.91 25.52 12.59
C ALA D 596 -103.63 26.49 13.53
N PRO D 597 -103.91 27.76 13.17
CA PRO D 597 -104.55 28.65 14.14
C PRO D 597 -105.91 28.17 14.63
N LEU D 598 -106.69 27.50 13.79
CA LEU D 598 -107.96 26.93 14.25
C LEU D 598 -107.72 25.87 15.32
N ILE D 599 -106.70 25.04 15.13
CA ILE D 599 -106.34 24.03 16.13
C ILE D 599 -105.94 24.69 17.44
N GLU D 600 -105.13 25.75 17.35
CA GLU D 600 -104.72 26.47 18.56
C GLU D 600 -105.92 27.06 19.28
N SER D 601 -106.86 27.64 18.53
CA SER D 601 -108.06 28.22 19.11
C SER D 601 -108.90 27.17 19.83
N VAL D 602 -109.06 25.99 19.20
CA VAL D 602 -109.83 24.92 19.81
C VAL D 602 -109.18 24.48 21.12
N TYR D 603 -107.86 24.29 21.09
CA TYR D 603 -107.14 23.84 22.27
C TYR D 603 -107.27 24.85 23.41
N ALA D 604 -107.10 26.14 23.11
CA ALA D 604 -107.19 27.17 24.15
C ALA D 604 -108.61 27.26 24.72
N SER D 605 -109.64 27.15 23.87
CA SER D 605 -111.01 27.22 24.38
C SER D 605 -111.31 26.06 25.31
N GLU D 606 -110.88 24.85 24.95
CA GLU D 606 -111.11 23.71 25.82
C GLU D 606 -110.38 23.88 27.16
N LEU D 607 -109.15 24.39 27.11
CA LEU D 607 -108.42 24.64 28.35
C LEU D 607 -109.14 25.65 29.23
N SER D 608 -109.70 26.70 28.64
CA SER D 608 -110.42 27.71 29.41
C SER D 608 -111.65 27.11 30.09
N VAL D 609 -112.40 26.27 29.36
CA VAL D 609 -113.58 25.64 29.96
C VAL D 609 -113.17 24.75 31.13
N MET D 610 -112.10 23.98 30.97
CA MET D 610 -111.62 23.12 32.06
C MET D 610 -111.24 23.95 33.28
N LYS D 611 -110.53 25.05 33.07
CA LYS D 611 -110.11 25.90 34.19
C LYS D 611 -111.31 26.50 34.90
N VAL D 612 -112.33 26.92 34.15
CA VAL D 612 -113.53 27.47 34.78
C VAL D 612 -114.22 26.43 35.65
N ASP D 613 -114.34 25.21 35.14
CA ASP D 613 -114.98 24.15 35.94
C ASP D 613 -114.20 23.89 37.22
N MET D 614 -112.87 23.81 37.12
CA MET D 614 -112.05 23.57 38.32
C MET D 614 -112.18 24.73 39.31
N ARG D 615 -112.19 25.96 38.82
CA ARG D 615 -112.29 27.11 39.71
C ARG D 615 -113.62 27.15 40.44
N HIS D 616 -114.71 26.79 39.75
CA HIS D 616 -115.99 26.75 40.44
C HIS D 616 -116.06 25.60 41.44
N LEU D 617 -115.36 24.49 41.16
CA LEU D 617 -115.37 23.40 42.13
C LEU D 617 -114.51 23.69 43.35
N SER D 618 -113.49 24.55 43.22
CA SER D 618 -112.51 24.70 44.29
C SER D 618 -113.04 25.37 45.55
N LEU D 619 -114.24 25.95 45.53
CA LEU D 619 -114.78 26.66 46.69
C LEU D 619 -115.75 25.81 47.51
N MET D 620 -115.99 24.56 47.11
CA MET D 620 -117.00 23.75 47.75
C MET D 620 -116.64 23.43 49.20
N GLN D 621 -115.37 23.12 49.46
CA GLN D 621 -114.95 22.76 50.81
C GLN D 621 -115.14 23.92 51.78
N ARG D 622 -114.83 25.14 51.35
CA ARG D 622 -115.08 26.29 52.20
C ARG D 622 -116.56 26.59 52.34
N ARG D 623 -117.36 26.30 51.32
CA ARG D 623 -118.80 26.55 51.45
C ARG D 623 -119.48 25.52 52.34
N PHE D 624 -119.14 24.24 52.20
CA PHE D 624 -119.78 23.15 52.97
C PHE D 624 -118.69 22.28 53.60
N PRO D 625 -118.12 22.72 54.73
CA PRO D 625 -117.00 21.98 55.32
C PRO D 625 -117.33 20.55 55.76
N ASP D 626 -118.56 20.29 56.21
CA ASP D 626 -118.86 18.99 56.79
C ASP D 626 -119.02 17.88 55.75
N VAL D 627 -119.13 18.22 54.46
CA VAL D 627 -119.28 17.20 53.42
C VAL D 627 -117.95 16.81 52.80
N LEU D 628 -116.94 17.69 52.85
CA LEU D 628 -115.69 17.51 52.14
C LEU D 628 -114.52 17.44 53.11
N ILE D 629 -114.67 16.63 54.18
CA ILE D 629 -113.64 16.56 55.22
C ILE D 629 -112.34 15.99 54.67
N GLN D 630 -112.44 14.93 53.87
CA GLN D 630 -111.27 14.24 53.35
C GLN D 630 -110.94 14.65 51.91
N ALA D 631 -111.14 15.91 51.57
CA ALA D 631 -111.02 16.37 50.19
C ALA D 631 -109.61 16.87 49.88
N ARG D 632 -109.22 16.71 48.62
CA ARG D 632 -107.96 17.19 48.08
C ARG D 632 -108.23 17.97 46.80
N PRO D 633 -107.33 18.90 46.43
CA PRO D 633 -107.44 19.52 45.11
C PRO D 633 -107.35 18.52 43.97
N SER D 634 -106.54 17.47 44.12
CA SER D 634 -106.42 16.46 43.09
C SER D 634 -107.73 15.71 42.86
N HIS D 635 -108.62 15.70 43.86
CA HIS D 635 -109.90 15.02 43.67
C HIS D 635 -110.75 15.73 42.62
N PHE D 636 -110.94 17.04 42.74
CA PHE D 636 -111.70 17.73 41.71
C PHE D 636 -110.90 17.90 40.42
N TRP D 637 -109.56 17.88 40.51
CA TRP D 637 -108.75 17.85 39.29
C TRP D 637 -109.06 16.61 38.47
N LYS D 638 -109.06 15.44 39.11
CA LYS D 638 -109.38 14.20 38.42
C LYS D 638 -110.83 14.16 37.98
N ALA D 639 -111.74 14.70 38.80
CA ALA D 639 -113.15 14.72 38.42
C ALA D 639 -113.37 15.54 37.16
N VAL D 640 -112.69 16.68 37.05
CA VAL D 640 -112.84 17.49 35.84
C VAL D 640 -112.17 16.81 34.65
N LEU D 641 -111.01 16.20 34.85
CA LEU D 641 -110.35 15.51 33.73
C LEU D 641 -111.18 14.35 33.20
N ASN D 642 -111.90 13.65 34.07
CA ASN D 642 -112.69 12.50 33.63
C ASN D 642 -113.83 12.87 32.69
N ASP D 643 -114.21 14.14 32.62
CA ASP D 643 -115.30 14.61 31.78
C ASP D 643 -114.79 15.65 30.79
N SER D 644 -113.64 15.40 30.19
CA SER D 644 -112.99 16.30 29.25
C SER D 644 -112.63 15.54 27.98
N PRO D 645 -112.52 16.23 26.85
CA PRO D 645 -112.16 15.54 25.59
C PRO D 645 -110.77 14.90 25.66
N GLU D 646 -110.64 13.75 25.01
CA GLU D 646 -109.43 12.95 25.14
C GLU D 646 -108.24 13.59 24.42
N ALA D 647 -108.49 14.26 23.29
CA ALA D 647 -107.40 14.82 22.50
C ALA D 647 -106.72 15.97 23.22
N VAL D 648 -107.48 16.78 23.94
CA VAL D 648 -106.90 17.89 24.70
C VAL D 648 -105.98 17.35 25.79
N LYS D 649 -106.42 16.30 26.49
CA LYS D 649 -105.59 15.67 27.51
C LYS D 649 -104.35 15.03 26.88
N ALA D 650 -104.49 14.47 25.69
CA ALA D 650 -103.35 13.90 24.99
C ALA D 650 -102.33 14.96 24.65
N VAL D 651 -102.78 16.13 24.21
CA VAL D 651 -101.87 17.25 23.97
C VAL D 651 -101.19 17.67 25.27
N MET D 652 -101.97 17.74 26.36
CA MET D 652 -101.41 18.11 27.65
C MET D 652 -100.36 17.12 28.14
N ASN D 653 -100.47 15.86 27.72
CA ASN D 653 -99.66 14.79 28.27
C ASN D 653 -98.67 14.20 27.26
N LEU D 654 -98.07 15.04 26.43
CA LEU D 654 -97.10 14.54 25.46
C LEU D 654 -95.82 14.05 26.14
N SER D 655 -95.53 14.55 27.34
CA SER D 655 -94.32 14.17 28.06
C SER D 655 -94.63 13.55 29.42
N HIS D 656 -95.80 12.93 29.57
CA HIS D 656 -96.21 12.24 30.79
C HIS D 656 -96.18 13.16 32.02
N SER D 657 -96.65 14.40 31.85
CA SER D 657 -96.58 15.36 32.94
C SER D 657 -97.58 15.07 34.05
N HIS D 658 -98.65 14.33 33.76
CA HIS D 658 -99.69 14.13 34.77
C HIS D 658 -99.22 13.29 35.94
N ASN D 659 -98.07 12.62 35.83
CA ASN D 659 -97.52 11.83 36.91
C ASN D 659 -96.69 12.65 37.88
N PHE D 660 -96.37 13.91 37.55
CA PHE D 660 -95.45 14.71 38.36
C PHE D 660 -96.04 16.04 38.79
N ILE D 661 -97.36 16.23 38.68
CA ILE D 661 -98.00 17.47 39.09
C ILE D 661 -98.45 17.33 40.54
N ASN D 662 -98.08 18.29 41.38
CA ASN D 662 -98.49 18.31 42.77
C ASN D 662 -99.58 19.36 42.97
N ILE D 663 -100.12 19.40 44.19
CA ILE D 663 -101.31 20.18 44.47
C ILE D 663 -101.04 21.68 44.39
N ARG D 664 -99.81 22.11 44.71
CA ARG D 664 -99.48 23.53 44.59
C ARG D 664 -99.56 24.00 43.15
N ASP D 665 -99.11 23.18 42.20
CA ASP D 665 -99.21 23.53 40.79
C ASP D 665 -100.67 23.64 40.36
N MET D 666 -101.52 22.71 40.81
CA MET D 666 -102.93 22.76 40.49
C MET D 666 -103.56 24.04 41.03
N MET D 667 -103.27 24.38 42.29
CA MET D 667 -103.87 25.56 42.89
C MET D 667 -103.38 26.85 42.23
N ARG D 668 -102.10 26.90 41.85
CA ARG D 668 -101.61 28.12 41.21
C ARG D 668 -102.17 28.24 39.80
N TRP D 669 -102.44 27.11 39.12
CA TRP D 669 -103.07 27.18 37.81
C TRP D 669 -104.51 27.65 37.91
N VAL D 670 -105.22 27.23 38.96
CA VAL D 670 -106.61 27.65 39.12
C VAL D 670 -106.70 29.16 39.35
N MET D 671 -105.74 29.74 40.07
CA MET D 671 -105.79 31.17 40.39
C MET D 671 -105.46 32.08 39.21
N LEU D 672 -104.85 31.56 38.16
CA LEU D 672 -104.46 32.39 37.03
C LEU D 672 -105.70 32.90 36.29
N PRO D 673 -105.72 34.16 35.87
CA PRO D 673 -106.96 34.77 35.35
C PRO D 673 -107.16 34.74 33.85
N SER D 674 -106.19 34.31 33.05
CA SER D 674 -106.33 34.37 31.61
C SER D 674 -107.32 33.34 31.10
N LEU D 675 -108.13 33.74 30.12
CA LEU D 675 -109.13 32.86 29.53
C LEU D 675 -109.26 33.17 28.04
N GLN D 676 -109.77 32.19 27.30
CA GLN D 676 -110.05 32.34 25.87
C GLN D 676 -111.55 32.24 25.64
N PRO D 677 -112.24 33.33 25.32
CA PRO D 677 -113.70 33.29 25.21
C PRO D 677 -114.17 32.49 24.00
N SER D 678 -115.37 31.92 24.14
CA SER D 678 -116.03 31.17 23.07
C SER D 678 -117.49 31.00 23.45
N LEU D 679 -118.28 30.47 22.51
CA LEU D 679 -119.70 30.22 22.77
C LEU D 679 -119.87 29.16 23.85
N LYS D 680 -119.06 28.10 23.79
CA LYS D 680 -119.14 27.05 24.80
C LYS D 680 -118.83 27.59 26.20
N LEU D 681 -117.82 28.46 26.29
CA LEU D 681 -117.50 29.07 27.57
C LEU D 681 -118.65 29.92 28.09
N ALA D 682 -119.31 30.67 27.22
CA ALA D 682 -120.44 31.49 27.64
C ALA D 682 -121.58 30.63 28.18
N LEU D 683 -121.91 29.55 27.48
CA LEU D 683 -122.97 28.66 27.94
C LEU D 683 -122.59 27.97 29.26
N GLU D 684 -121.32 27.58 29.39
CA GLU D 684 -120.87 26.97 30.64
C GLU D 684 -120.93 27.95 31.81
N GLU D 685 -120.57 29.22 31.57
CA GLU D 685 -120.70 30.24 32.61
C GLU D 685 -122.15 30.41 33.03
N GLU D 686 -123.06 30.46 32.06
CA GLU D 686 -124.47 30.62 32.40
C GLU D 686 -124.99 29.41 33.19
N ALA D 687 -124.56 28.20 32.81
CA ALA D 687 -124.95 27.02 33.54
C ALA D 687 -124.44 27.03 34.98
N TRP D 688 -123.19 27.45 35.17
CA TRP D 688 -122.64 27.54 36.53
C TRP D 688 -123.35 28.60 37.34
N ALA D 689 -123.72 29.73 36.72
CA ALA D 689 -124.48 30.75 37.42
C ALA D 689 -125.84 30.23 37.86
N ALA D 690 -126.50 29.46 36.99
CA ALA D 690 -127.77 28.84 37.38
C ALA D 690 -127.58 27.84 38.51
N ALA D 691 -126.50 27.06 38.47
CA ALA D 691 -126.24 26.04 39.47
C ALA D 691 -125.60 26.58 40.74
N ASN D 692 -125.32 27.89 40.79
CA ASN D 692 -124.77 28.49 42.00
C ASN D 692 -125.69 28.30 43.20
N ASP D 693 -127.00 28.30 42.98
CA ASP D 693 -127.97 27.96 44.02
C ASP D 693 -128.12 26.45 44.04
N PHE D 694 -127.71 25.83 45.15
CA PHE D 694 -127.76 24.38 45.27
C PHE D 694 -129.18 23.84 45.36
N GLU D 695 -130.15 24.72 45.55
CA GLU D 695 -131.56 24.36 45.57
C GLU D 695 -132.05 23.94 44.18
N ASP D 696 -131.38 24.38 43.12
CA ASP D 696 -131.71 23.96 41.76
C ASP D 696 -131.07 22.63 41.38
N LEU D 697 -130.11 22.15 42.16
CA LEU D 697 -129.52 20.84 41.94
C LEU D 697 -130.21 19.74 42.75
N MET D 698 -131.31 20.08 43.44
CA MET D 698 -132.03 19.15 44.31
C MET D 698 -131.15 18.60 45.42
N LEU D 699 -130.28 19.45 45.96
CA LEU D 699 -129.50 19.14 47.15
C LEU D 699 -129.88 20.14 48.24
N THR D 700 -129.93 19.66 49.48
CA THR D 700 -130.42 20.53 50.55
C THR D 700 -129.84 20.09 51.89
N ASP D 701 -129.91 21.01 52.85
CA ASP D 701 -129.56 20.74 54.24
C ASP D 701 -130.69 21.07 55.20
N GLN D 702 -131.87 21.37 54.68
CA GLN D 702 -133.02 21.75 55.51
C GLN D 702 -133.90 20.52 55.75
N VAL D 703 -133.39 19.61 56.58
CA VAL D 703 -134.07 18.37 56.90
C VAL D 703 -134.40 18.38 58.38
N TYR D 704 -135.68 18.20 58.70
CA TYR D 704 -136.17 18.23 60.06
C TYR D 704 -136.65 16.85 60.50
N MET D 705 -136.98 16.74 61.78
CA MET D 705 -137.54 15.53 62.35
C MET D 705 -138.59 15.91 63.38
N HIS D 706 -139.81 15.39 63.21
CA HIS D 706 -140.92 15.77 64.06
C HIS D 706 -141.97 14.66 64.00
N ARG D 707 -142.63 14.42 65.13
CA ARG D 707 -143.59 13.33 65.24
C ARG D 707 -144.97 13.81 64.80
N ASP D 708 -145.45 13.29 63.67
CA ASP D 708 -146.80 13.54 63.17
C ASP D 708 -147.45 12.22 62.81
N MET D 709 -148.77 12.25 62.65
CA MET D 709 -149.55 11.06 62.36
C MET D 709 -150.35 11.26 61.08
N LEU D 710 -150.57 10.14 60.38
CA LEU D 710 -151.34 10.19 59.15
C LEU D 710 -152.81 10.53 59.45
N PRO D 711 -153.43 11.42 58.69
CA PRO D 711 -154.83 11.78 58.95
C PRO D 711 -155.78 10.67 58.57
N GLU D 712 -156.91 10.63 59.30
CA GLU D 712 -157.98 9.66 59.06
C GLU D 712 -159.30 10.40 59.01
N PRO D 713 -159.63 11.00 57.86
CA PRO D 713 -160.85 11.80 57.77
C PRO D 713 -162.11 10.95 57.83
N ARG D 714 -163.21 11.59 58.18
CA ARG D 714 -164.50 10.93 58.31
C ARG D 714 -165.26 11.02 56.99
N LEU D 715 -165.77 9.88 56.53
CA LEU D 715 -166.41 9.79 55.21
C LEU D 715 -167.92 9.88 55.36
N ASP D 716 -168.37 11.05 55.85
CA ASP D 716 -169.81 11.28 55.96
C ASP D 716 -170.45 11.49 54.60
N ASP D 717 -169.76 12.15 53.66
CA ASP D 717 -170.28 12.44 52.33
C ASP D 717 -169.18 12.14 51.34
N ILE D 718 -169.41 11.16 50.45
CA ILE D 718 -168.37 10.71 49.55
C ILE D 718 -168.07 11.76 48.49
N GLU D 719 -169.12 12.35 47.90
CA GLU D 719 -168.93 13.26 46.78
C GLU D 719 -168.19 14.54 47.20
N ARG D 720 -168.57 15.10 48.35
CA ARG D 720 -167.90 16.31 48.81
C ARG D 720 -166.44 16.05 49.16
N PHE D 721 -166.17 14.91 49.81
CA PHE D 721 -164.79 14.56 50.13
C PHE D 721 -163.97 14.33 48.87
N ARG D 722 -164.58 13.73 47.84
CA ARG D 722 -163.89 13.56 46.56
C ARG D 722 -163.59 14.91 45.93
N GLN D 723 -164.55 15.83 45.97
CA GLN D 723 -164.35 17.16 45.40
C GLN D 723 -163.32 17.97 46.16
N GLU D 724 -163.08 17.64 47.44
CA GLU D 724 -162.07 18.35 48.21
C GLU D 724 -160.66 18.10 47.66
N GLY D 725 -160.41 16.93 47.09
CA GLY D 725 -159.08 16.62 46.59
C GLY D 725 -158.05 16.44 47.69
N PHE D 726 -158.40 15.66 48.71
CA PHE D 726 -157.54 15.48 49.87
C PHE D 726 -156.22 14.80 49.49
N TYR D 727 -155.14 15.26 50.11
CA TYR D 727 -153.83 14.65 49.94
C TYR D 727 -152.97 15.02 51.15
N TYR D 728 -151.87 14.28 51.31
CA TYR D 728 -150.94 14.48 52.41
C TYR D 728 -149.51 14.42 51.90
N THR D 729 -148.64 15.25 52.47
CA THR D 729 -147.24 15.25 52.08
C THR D 729 -146.38 15.69 53.27
N ASN D 730 -145.10 15.36 53.19
CA ASN D 730 -144.12 15.77 54.19
C ASN D 730 -143.33 17.00 53.77
N MET D 731 -143.76 17.67 52.71
CA MET D 731 -143.22 18.98 52.35
C MET D 731 -143.72 20.04 53.31
N LEU D 732 -142.87 21.01 53.61
CA LEU D 732 -143.19 22.09 54.53
C LEU D 732 -143.45 23.39 53.76
N GLU D 733 -144.56 24.04 54.09
CA GLU D 733 -144.85 25.36 53.51
C GLU D 733 -143.82 26.38 53.95
N ALA D 734 -143.47 26.38 55.23
CA ALA D 734 -142.51 27.31 55.81
C ALA D 734 -141.83 26.62 57.00
N PRO D 735 -140.56 26.90 57.22
CA PRO D 735 -139.83 26.25 58.32
C PRO D 735 -140.41 26.66 59.67
N PRO D 736 -140.31 25.79 60.67
CA PRO D 736 -140.86 26.12 61.99
C PRO D 736 -140.09 27.25 62.66
N GLU D 737 -140.75 27.88 63.62
CA GLU D 737 -140.17 29.01 64.32
C GLU D 737 -139.01 28.55 65.21
N ILE D 738 -138.12 29.51 65.50
CA ILE D 738 -136.89 29.23 66.24
C ILE D 738 -137.16 28.73 67.65
N ASP D 739 -138.29 29.13 68.24
CA ASP D 739 -138.58 28.83 69.64
C ASP D 739 -138.73 27.34 69.93
N ARG D 740 -138.91 26.51 68.92
CA ARG D 740 -139.18 25.08 69.13
C ARG D 740 -138.28 24.22 68.24
N VAL D 741 -137.05 24.65 67.99
CA VAL D 741 -136.12 23.92 67.15
C VAL D 741 -134.81 23.72 67.90
N VAL D 742 -134.34 22.47 67.96
CA VAL D 742 -133.02 22.14 68.50
C VAL D 742 -132.09 21.89 67.33
N GLN D 743 -130.95 22.59 67.32
CA GLN D 743 -130.01 22.51 66.21
C GLN D 743 -128.93 21.48 66.54
N TYR D 744 -128.80 20.46 65.70
CA TYR D 744 -127.75 19.47 65.84
C TYR D 744 -126.68 19.67 64.77
N THR D 745 -125.51 19.10 65.04
CA THR D 745 -124.35 19.26 64.19
C THR D 745 -123.72 17.88 64.00
N TYR D 746 -122.95 17.73 62.92
CA TYR D 746 -122.29 16.46 62.62
C TYR D 746 -121.40 16.01 63.77
N GLU D 747 -120.59 16.94 64.31
CA GLU D 747 -119.65 16.57 65.38
C GLU D 747 -120.38 16.22 66.66
N ILE D 748 -121.39 17.02 67.04
CA ILE D 748 -122.11 16.79 68.29
C ILE D 748 -122.86 15.47 68.22
N ALA D 749 -123.57 15.23 67.12
CA ALA D 749 -124.30 13.97 66.97
C ALA D 749 -123.36 12.77 66.92
N ARG D 750 -122.23 12.93 66.24
CA ARG D 750 -121.27 11.83 66.16
C ARG D 750 -120.71 11.49 67.54
N LEU D 751 -120.37 12.51 68.33
CA LEU D 751 -119.84 12.26 69.67
C LEU D 751 -120.90 11.64 70.58
N GLN D 752 -122.14 12.12 70.49
CA GLN D 752 -123.20 11.56 71.33
C GLN D 752 -123.52 10.13 70.94
N ALA D 753 -123.39 9.79 69.66
CA ALA D 753 -123.57 8.40 69.25
C ALA D 753 -122.39 7.53 69.68
N ASN D 754 -121.19 8.10 69.69
CA ASN D 754 -120.03 7.37 70.19
C ASN D 754 -120.17 7.05 71.67
N MET D 755 -120.72 7.98 72.44
CA MET D 755 -120.91 7.76 73.87
C MET D 755 -122.19 6.98 74.19
N GLY D 756 -122.96 6.60 73.18
CA GLY D 756 -124.16 5.79 73.40
C GLY D 756 -125.28 6.49 74.14
N GLN D 757 -125.57 7.75 73.81
CA GLN D 757 -126.65 8.47 74.45
C GLN D 757 -127.45 9.32 73.47
N PHE D 758 -127.32 9.06 72.16
CA PHE D 758 -128.02 9.83 71.15
C PHE D 758 -129.51 9.49 71.08
N ARG D 759 -129.83 8.18 71.19
CA ARG D 759 -131.21 7.74 71.07
C ARG D 759 -132.08 8.28 72.20
N ALA D 760 -131.55 8.26 73.43
CA ALA D 760 -132.33 8.74 74.57
C ALA D 760 -132.61 10.23 74.46
N ALA D 761 -131.61 11.01 74.03
CA ALA D 761 -131.82 12.44 73.83
C ALA D 761 -132.84 12.69 72.73
N LEU D 762 -132.76 11.94 71.63
CA LEU D 762 -133.72 12.11 70.55
C LEU D 762 -135.14 11.83 71.01
N ARG D 763 -135.34 10.74 71.75
CA ARG D 763 -136.66 10.42 72.25
C ARG D 763 -137.15 11.47 73.25
N ARG D 764 -136.24 11.97 74.08
CA ARG D 764 -136.62 12.98 75.06
C ARG D 764 -137.07 14.27 74.38
N ILE D 765 -136.43 14.60 73.25
CA ILE D 765 -136.86 15.78 72.49
C ILE D 765 -138.21 15.53 71.81
N MET D 766 -138.37 14.35 71.20
CA MET D 766 -139.62 14.06 70.48
C MET D 766 -140.81 14.00 71.44
N ASP D 767 -140.58 13.58 72.68
CA ASP D 767 -141.67 13.58 73.66
C ASP D 767 -142.17 14.99 73.93
N ASP D 768 -141.26 15.96 74.00
CA ASP D 768 -141.64 17.34 74.29
C ASP D 768 -142.35 18.03 73.13
N ASP D 769 -142.56 17.32 72.01
CA ASP D 769 -143.22 17.86 70.82
C ASP D 769 -142.46 19.05 70.27
N ASP D 770 -141.16 18.86 70.00
CA ASP D 770 -140.30 19.88 69.43
C ASP D 770 -139.73 19.37 68.11
N TRP D 771 -138.88 20.21 67.50
CA TRP D 771 -138.28 19.93 66.20
C TRP D 771 -136.77 19.80 66.34
N VAL D 772 -136.18 18.98 65.47
CA VAL D 772 -134.74 18.80 65.41
C VAL D 772 -134.31 19.00 63.96
N ARG D 773 -133.30 19.83 63.74
CA ARG D 773 -132.77 20.10 62.41
C ARG D 773 -131.39 19.50 62.28
N PHE D 774 -131.19 18.66 61.26
CA PHE D 774 -129.91 18.04 61.00
C PHE D 774 -129.17 18.81 59.90
N GLY D 775 -128.76 20.03 60.25
CA GLY D 775 -128.07 20.88 59.30
C GLY D 775 -126.59 20.58 59.19
N GLY D 776 -125.95 21.21 58.21
CA GLY D 776 -124.52 21.18 58.04
C GLY D 776 -124.03 20.34 56.87
N VAL D 777 -124.81 19.38 56.41
CA VAL D 777 -124.40 18.51 55.32
C VAL D 777 -125.45 18.55 54.21
N LEU D 778 -125.01 18.29 52.99
CA LEU D 778 -125.89 18.26 51.83
C LEU D 778 -126.47 16.86 51.66
N ARG D 779 -127.65 16.79 51.06
CA ARG D 779 -128.42 15.55 51.06
C ARG D 779 -129.16 15.38 49.75
N THR D 780 -129.13 14.17 49.21
CA THR D 780 -129.85 13.85 47.99
C THR D 780 -131.35 13.72 48.28
N VAL D 781 -132.17 14.27 47.39
CA VAL D 781 -133.61 14.36 47.58
C VAL D 781 -134.31 13.71 46.39
N ARG D 782 -135.29 12.86 46.66
CA ARG D 782 -136.14 12.25 45.65
C ARG D 782 -137.59 12.67 45.86
N VAL D 783 -138.41 12.46 44.83
CA VAL D 783 -139.83 12.76 44.86
C VAL D 783 -140.59 11.54 44.37
N LYS D 784 -141.63 11.13 45.12
CA LYS D 784 -142.44 9.97 44.77
C LYS D 784 -143.91 10.29 44.98
N PHE D 785 -144.76 9.56 44.27
CA PHE D 785 -146.22 9.72 44.36
C PHE D 785 -146.86 8.36 44.65
N TYR D 786 -147.91 8.38 45.46
CA TYR D 786 -148.60 7.16 45.85
C TYR D 786 -150.11 7.35 45.80
N ASP D 787 -150.83 6.30 45.38
CA ASP D 787 -152.27 6.27 45.44
C ASP D 787 -152.80 5.44 46.60
N ALA D 788 -151.97 4.56 47.17
CA ALA D 788 -152.32 3.80 48.37
C ALA D 788 -151.25 4.06 49.42
N ARG D 789 -151.32 3.32 50.52
CA ARG D 789 -150.38 3.53 51.61
C ARG D 789 -148.96 3.21 51.15
N PRO D 790 -147.99 4.07 51.45
CA PRO D 790 -146.61 3.80 51.06
C PRO D 790 -146.01 2.67 51.90
N PRO D 791 -144.96 2.02 51.40
CA PRO D 791 -144.28 1.02 52.23
C PRO D 791 -143.58 1.67 53.41
N ASP D 792 -143.34 0.86 54.44
CA ASP D 792 -142.84 1.38 55.71
C ASP D 792 -141.40 1.89 55.62
N ASP D 793 -140.69 1.60 54.53
CA ASP D 793 -139.32 2.06 54.41
C ASP D 793 -139.21 3.55 54.11
N VAL D 794 -140.32 4.23 53.84
CA VAL D 794 -140.30 5.67 53.59
C VAL D 794 -141.14 6.39 54.62
N LEU D 795 -142.11 5.69 55.21
CA LEU D 795 -142.91 6.31 56.27
C LEU D 795 -142.11 6.43 57.56
N GLN D 796 -141.29 5.44 57.88
CA GLN D 796 -140.49 5.44 59.08
C GLN D 796 -139.03 5.78 58.82
N GLY D 797 -138.74 6.45 57.70
CA GLY D 797 -137.36 6.81 57.42
C GLY D 797 -136.84 7.84 58.38
N LEU D 798 -135.53 7.81 58.60
CA LEU D 798 -134.85 8.75 59.49
C LEU D 798 -133.70 9.43 58.75
N PRO D 799 -133.34 10.65 59.15
CA PRO D 799 -132.25 11.36 58.46
C PRO D 799 -130.87 10.75 58.66
N PHE D 800 -130.74 9.75 59.53
CA PHE D 800 -129.45 9.11 59.79
C PHE D 800 -129.61 7.60 59.67
N SER D 801 -128.48 6.90 59.77
CA SER D 801 -128.48 5.45 59.70
C SER D 801 -127.32 4.91 60.52
N TYR D 802 -127.55 3.78 61.19
CA TYR D 802 -126.49 3.10 61.90
C TYR D 802 -125.69 2.22 60.94
N ASP D 803 -124.39 2.14 61.16
CA ASP D 803 -123.50 1.40 60.28
C ASP D 803 -123.74 -0.10 60.36
N THR D 814 -121.63 4.03 65.93
CA THR D 814 -121.34 5.00 64.88
C THR D 814 -122.52 5.14 63.92
N ILE D 815 -122.71 6.35 63.40
CA ILE D 815 -123.86 6.66 62.57
C ILE D 815 -123.41 7.25 61.24
N LYS D 816 -124.30 7.20 60.26
CA LYS D 816 -124.14 7.88 58.99
C LYS D 816 -125.03 9.11 59.00
N TYR D 817 -124.41 10.29 59.04
CA TYR D 817 -125.18 11.52 59.18
C TYR D 817 -125.98 11.82 57.92
N ALA D 818 -125.36 11.70 56.76
CA ALA D 818 -126.03 11.99 55.49
C ALA D 818 -126.67 10.73 54.93
N THR D 819 -127.98 10.82 54.68
CA THR D 819 -128.74 9.70 54.15
C THR D 819 -129.88 10.27 53.32
N GLU D 820 -130.06 9.74 52.11
CA GLU D 820 -131.01 10.32 51.16
C GLU D 820 -132.43 10.29 51.71
N THR D 821 -133.19 11.34 51.37
CA THR D 821 -134.53 11.54 51.88
C THR D 821 -135.52 11.56 50.72
N THR D 822 -136.66 10.92 50.92
CA THR D 822 -137.71 10.81 49.91
C THR D 822 -138.89 11.68 50.32
N ILE D 823 -139.17 12.72 49.54
CA ILE D 823 -140.42 13.47 49.70
C ILE D 823 -141.53 12.73 48.96
N PHE D 824 -142.61 12.44 49.67
CA PHE D 824 -143.70 11.65 49.12
C PHE D 824 -144.99 12.46 49.14
N TYR D 825 -145.84 12.22 48.14
CA TYR D 825 -147.17 12.79 48.07
C TYR D 825 -148.16 11.63 48.05
N LEU D 826 -149.08 11.63 49.00
CA LEU D 826 -150.05 10.55 49.17
C LEU D 826 -151.44 11.05 48.85
N ILE D 827 -152.10 10.42 47.88
CA ILE D 827 -153.41 10.83 47.41
C ILE D 827 -154.43 9.84 47.94
N TYR D 828 -155.52 10.36 48.52
CA TYR D 828 -156.53 9.53 49.16
C TYR D 828 -157.63 9.20 48.16
N ASN D 829 -157.85 7.90 47.93
CA ASN D 829 -158.92 7.43 47.07
C ASN D 829 -159.97 6.72 47.91
N VAL D 830 -161.24 7.03 47.65
CA VAL D 830 -162.34 6.44 48.40
C VAL D 830 -163.38 5.92 47.41
N GLU D 831 -164.21 5.00 47.89
CA GLU D 831 -165.24 4.37 47.08
C GLU D 831 -166.59 4.54 47.75
N PHE D 832 -167.65 4.22 47.00
CA PHE D 832 -169.01 4.31 47.52
C PHE D 832 -169.29 3.30 48.63
N SER D 833 -168.53 2.21 48.69
CA SER D 833 -168.78 1.16 49.67
C SER D 833 -168.11 1.44 51.00
N ASN D 834 -167.39 2.56 51.13
CA ASN D 834 -166.69 2.88 52.37
C ASN D 834 -167.67 3.38 53.42
N THR D 835 -167.61 2.80 54.61
CA THR D 835 -168.40 3.21 55.75
C THR D 835 -167.86 4.53 56.30
N PRO D 836 -168.66 5.26 57.08
CA PRO D 836 -168.21 6.57 57.58
C PRO D 836 -166.91 6.57 58.36
N ASP D 837 -166.59 5.51 59.09
CA ASP D 837 -165.36 5.42 59.86
C ASP D 837 -164.52 4.23 59.41
N SER D 838 -164.42 4.02 58.10
CA SER D 838 -163.62 2.92 57.58
C SER D 838 -162.12 3.14 57.73
N LEU D 839 -161.70 4.38 57.98
CA LEU D 839 -160.28 4.70 58.04
C LEU D 839 -159.73 4.83 59.44
N VAL D 840 -160.58 4.80 60.47
CA VAL D 840 -160.15 5.05 61.84
C VAL D 840 -159.51 3.79 62.41
N LEU D 841 -158.28 3.92 62.89
CA LEU D 841 -157.55 2.83 63.52
C LEU D 841 -157.50 3.01 65.03
N ILE D 842 -157.17 1.92 65.73
CA ILE D 842 -157.13 1.98 67.19
C ILE D 842 -155.85 2.67 67.67
N ASN D 843 -154.79 2.66 66.87
CA ASN D 843 -153.54 3.30 67.21
C ASN D 843 -153.04 4.12 66.04
N PRO D 844 -152.37 5.24 66.30
CA PRO D 844 -151.90 6.10 65.21
C PRO D 844 -150.69 5.51 64.49
N THR D 845 -150.50 5.99 63.25
CA THR D 845 -149.34 5.66 62.44
C THR D 845 -148.47 6.90 62.31
N TYR D 846 -147.21 6.79 62.72
CA TYR D 846 -146.34 7.94 62.86
C TYR D 846 -145.46 8.15 61.64
N THR D 847 -145.22 9.42 61.30
CA THR D 847 -144.28 9.82 60.27
C THR D 847 -143.32 10.85 60.86
N MET D 848 -142.04 10.76 60.50
CA MET D 848 -141.00 11.48 61.20
C MET D 848 -140.33 12.57 60.36
N THR D 849 -139.81 12.23 59.18
CA THR D 849 -138.95 13.15 58.44
C THR D 849 -139.77 14.21 57.71
N LYS D 850 -139.29 15.45 57.76
CA LYS D 850 -139.88 16.57 57.04
C LYS D 850 -138.79 17.33 56.31
N VAL D 851 -139.15 17.92 55.16
CA VAL D 851 -138.21 18.64 54.31
C VAL D 851 -138.82 19.98 53.89
N PHE D 852 -138.00 21.03 53.92
CA PHE D 852 -138.36 22.33 53.37
C PHE D 852 -137.37 22.71 52.28
N ILE D 853 -137.89 23.17 51.15
CA ILE D 853 -137.03 23.47 49.99
C ILE D 853 -137.12 24.95 49.60
N ASN D 854 -138.34 25.49 49.60
CA ASN D 854 -138.67 26.84 49.08
C ASN D 854 -138.67 26.87 47.55
N LYS D 855 -139.22 25.84 46.93
CA LYS D 855 -139.56 25.85 45.51
C LYS D 855 -140.97 25.28 45.36
N ARG D 856 -141.62 25.69 44.27
CA ARG D 856 -142.95 25.17 43.95
C ARG D 856 -142.77 23.99 43.00
N ILE D 857 -142.63 22.80 43.58
CA ILE D 857 -142.51 21.59 42.79
C ILE D 857 -143.88 20.99 42.49
N VAL D 858 -144.67 20.74 43.54
CA VAL D 858 -146.02 20.21 43.40
C VAL D 858 -146.96 21.20 44.07
N GLU D 859 -147.99 21.64 43.33
CA GLU D 859 -148.97 22.58 43.85
C GLU D 859 -150.36 22.16 43.40
N ARG D 860 -151.30 22.15 44.33
CA ARG D 860 -152.70 21.92 43.99
C ARG D 860 -153.31 23.22 43.47
N VAL D 861 -153.81 23.18 42.24
CA VAL D 861 -154.36 24.35 41.59
C VAL D 861 -155.76 24.02 41.08
N ARG D 862 -156.59 25.05 40.94
CA ARG D 862 -157.90 24.86 40.36
C ARG D 862 -157.81 24.80 38.84
N VAL D 863 -158.86 24.27 38.21
CA VAL D 863 -158.84 24.08 36.76
C VAL D 863 -158.85 25.43 36.04
N GLY D 864 -159.28 26.49 36.72
CA GLY D 864 -159.24 27.81 36.14
C GLY D 864 -157.86 28.44 36.10
N GLN D 865 -156.87 27.82 36.73
CA GLN D 865 -155.52 28.36 36.76
C GLN D 865 -154.49 27.43 36.09
N ILE D 866 -154.94 26.49 35.27
CA ILE D 866 -154.00 25.54 34.66
C ILE D 866 -153.06 26.26 33.71
N LEU D 867 -153.59 27.19 32.91
CA LEU D 867 -152.82 27.87 31.89
C LEU D 867 -152.10 29.12 32.41
N ALA D 868 -151.85 29.20 33.71
CA ALA D 868 -151.17 30.35 34.29
C ALA D 868 -149.66 30.25 34.22
N VAL D 869 -149.12 29.14 33.67
CA VAL D 869 -147.68 28.99 33.56
C VAL D 869 -147.11 29.55 32.27
N LEU D 870 -147.96 30.10 31.40
CA LEU D 870 -147.52 30.67 30.13
C LEU D 870 -147.04 32.09 30.36
N ASN D 871 -145.75 32.22 30.71
CA ASN D 871 -145.19 33.55 30.98
C ASN D 871 -143.77 33.71 30.44
N ARG D 872 -143.36 32.90 29.46
CA ARG D 872 -142.04 32.99 28.86
C ARG D 872 -142.19 33.35 27.38
N ARG D 873 -141.30 34.22 26.89
CA ARG D 873 -141.34 34.66 25.51
C ARG D 873 -140.35 33.85 24.67
N PHE D 874 -140.83 33.34 23.54
CA PHE D 874 -140.02 32.55 22.61
C PHE D 874 -139.99 33.22 21.26
N VAL D 875 -138.82 33.25 20.63
CA VAL D 875 -138.65 33.77 19.27
C VAL D 875 -138.19 32.62 18.39
N ALA D 876 -138.97 32.32 17.35
CA ALA D 876 -138.70 31.19 16.48
C ALA D 876 -138.57 31.66 15.03
N TYR D 877 -137.59 31.10 14.33
CA TYR D 877 -137.36 31.42 12.93
C TYR D 877 -138.39 30.71 12.05
N LYS D 878 -138.69 31.33 10.91
CA LYS D 878 -139.64 30.75 9.97
C LYS D 878 -138.95 29.69 9.11
N GLY D 879 -139.77 28.90 8.42
CA GLY D 879 -139.24 27.76 7.68
C GLY D 879 -138.37 28.14 6.50
N LYS D 880 -138.53 29.36 5.98
CA LYS D 880 -137.74 29.80 4.84
C LYS D 880 -136.29 30.10 5.21
N MET D 881 -135.98 30.22 6.49
CA MET D 881 -134.64 30.60 6.90
C MET D 881 -133.73 29.37 6.99
N ARG D 882 -132.43 29.61 6.83
CA ARG D 882 -131.42 28.57 6.82
C ARG D 882 -130.35 28.91 7.85
N ILE D 883 -129.97 27.94 8.67
CA ILE D 883 -128.95 28.10 9.70
C ILE D 883 -127.70 27.37 9.24
N MET D 884 -126.59 28.10 9.14
CA MET D 884 -125.32 27.53 8.72
C MET D 884 -124.22 27.88 9.72
N ASP D 885 -123.35 26.92 9.99
CA ASP D 885 -122.19 27.12 10.85
C ASP D 885 -120.97 27.37 9.96
N ILE D 886 -120.34 28.54 10.14
CA ILE D 886 -119.28 28.97 9.25
C ILE D 886 -117.94 28.97 9.98
N THR D 887 -117.81 28.09 10.98
CA THR D 887 -116.56 28.03 11.73
C THR D 887 -115.43 27.44 10.89
N GLN D 888 -115.75 26.54 9.96
CA GLN D 888 -114.72 25.86 9.17
C GLN D 888 -114.05 26.78 8.16
N SER D 889 -114.62 27.94 7.87
CA SER D 889 -114.03 28.86 6.91
C SER D 889 -112.94 29.74 7.51
N LEU D 890 -112.41 29.37 8.68
CA LEU D 890 -111.37 30.15 9.35
C LEU D 890 -110.00 29.57 8.98
N LYS D 891 -109.61 29.84 7.74
CA LYS D 891 -108.41 29.27 7.14
C LYS D 891 -107.54 30.41 6.63
N MET D 892 -106.21 30.19 6.66
CA MET D 892 -105.26 31.29 6.49
C MET D 892 -105.31 31.89 5.08
N GLY D 893 -105.47 31.06 4.06
CA GLY D 893 -105.27 31.53 2.69
C GLY D 893 -106.47 32.12 1.98
N THR D 894 -107.02 33.21 2.52
CA THR D 894 -108.11 33.92 1.87
C THR D 894 -107.91 35.42 2.08
N LYS D 895 -108.53 36.21 1.20
CA LYS D 895 -108.37 37.66 1.21
C LYS D 895 -109.72 38.35 1.11
N LEU D 896 -109.85 39.49 1.78
CA LEU D 896 -111.08 40.27 1.77
C LEU D 896 -111.10 41.24 0.60
N ALA D 897 -112.30 41.49 0.06
CA ALA D 897 -112.46 42.48 -1.00
C ALA D 897 -112.14 43.88 -0.49
N ALA D 898 -112.62 44.21 0.70
CA ALA D 898 -112.31 45.48 1.35
C ALA D 898 -111.50 45.20 2.61
N PRO D 899 -110.18 45.42 2.58
CA PRO D 899 -109.35 45.05 3.74
C PRO D 899 -109.70 45.87 4.97
N THR D 900 -109.57 45.23 6.13
CA THR D 900 -109.86 45.90 7.40
C THR D 900 -108.76 46.89 7.75
N VAL D 901 -109.15 47.92 8.50
CA VAL D 901 -108.21 48.93 8.95
C VAL D 901 -107.31 48.37 10.03
N GLY E 28 -11.94 -12.54 -27.49
CA GLY E 28 -10.96 -11.84 -28.29
C GLY E 28 -9.87 -11.19 -27.47
N PRO E 29 -9.60 -9.91 -27.72
CA PRO E 29 -8.58 -9.19 -26.94
C PRO E 29 -8.96 -9.09 -25.48
N LEU E 30 -7.93 -9.01 -24.63
CA LEU E 30 -8.14 -8.91 -23.19
C LEU E 30 -8.85 -7.61 -22.85
N LEU E 31 -9.90 -7.72 -22.05
CA LEU E 31 -10.71 -6.57 -21.69
C LEU E 31 -10.06 -5.76 -20.57
N SER E 32 -10.53 -4.53 -20.42
CA SER E 32 -10.14 -3.68 -19.31
C SER E 32 -11.25 -3.68 -18.26
N VAL E 33 -10.86 -3.56 -16.99
CA VAL E 33 -11.85 -3.54 -15.93
C VAL E 33 -12.68 -2.26 -15.97
N PHE E 34 -12.13 -1.19 -16.55
CA PHE E 34 -12.88 0.05 -16.68
C PHE E 34 -13.92 -0.04 -17.79
N ALA E 35 -13.63 -0.79 -18.85
CA ALA E 35 -14.61 -0.98 -19.92
C ALA E 35 -15.71 -1.94 -19.50
N LEU E 36 -15.42 -2.84 -18.56
CA LEU E 36 -16.41 -3.84 -18.13
C LEU E 36 -17.62 -3.17 -17.50
N GLN E 37 -17.39 -2.17 -16.64
CA GLN E 37 -18.51 -1.49 -15.99
C GLN E 37 -19.27 -0.62 -16.99
N GLU E 38 -18.57 -0.07 -17.99
CA GLU E 38 -19.25 0.67 -19.05
C GLU E 38 -20.18 -0.26 -19.83
N ILE E 39 -19.71 -1.47 -20.15
CA ILE E 39 -20.54 -2.40 -20.92
C ILE E 39 -21.73 -2.87 -20.10
N MET E 40 -21.49 -3.29 -18.86
CA MET E 40 -22.56 -3.88 -18.07
C MET E 40 -23.51 -2.82 -17.50
N GLN E 41 -23.09 -1.56 -17.47
CA GLN E 41 -23.98 -0.50 -17.04
C GLN E 41 -25.12 -0.29 -18.03
N LYS E 42 -24.88 -0.57 -19.30
CA LYS E 42 -25.89 -0.47 -20.35
C LYS E 42 -27.05 -1.43 -20.07
N PHE E 59 -51.92 16.04 -20.49
CA PHE E 59 -52.60 16.87 -21.48
C PHE E 59 -53.70 17.68 -20.81
N THR E 60 -54.40 18.48 -21.60
CA THR E 60 -55.52 19.24 -21.06
C THR E 60 -56.71 18.32 -20.82
N VAL E 61 -57.53 18.67 -19.84
CA VAL E 61 -58.74 17.91 -19.50
C VAL E 61 -59.71 17.99 -20.67
N PRO E 62 -60.48 16.93 -20.94
CA PRO E 62 -61.28 16.90 -22.17
C PRO E 62 -62.33 18.00 -22.29
N ASP E 63 -62.91 18.44 -21.17
CA ASP E 63 -63.99 19.42 -21.25
C ASP E 63 -63.49 20.79 -21.72
N VAL E 64 -62.27 21.18 -21.33
CA VAL E 64 -61.71 22.43 -21.83
C VAL E 64 -61.44 22.33 -23.33
N GLN E 65 -60.98 21.16 -23.78
CA GLN E 65 -60.85 20.94 -25.22
C GLN E 65 -62.19 21.08 -25.92
N LYS E 66 -63.24 20.51 -25.36
CA LYS E 66 -64.56 20.63 -25.96
C LYS E 66 -65.00 22.08 -26.04
N ILE E 67 -64.76 22.85 -24.98
CA ILE E 67 -65.05 24.27 -24.97
C ILE E 67 -64.32 24.98 -26.10
N LEU E 68 -63.05 24.62 -26.30
CA LEU E 68 -62.28 25.21 -27.40
C LEU E 68 -62.89 24.89 -28.75
N ASP E 69 -63.35 23.64 -28.95
CA ASP E 69 -64.00 23.32 -30.22
C ASP E 69 -65.31 24.10 -30.40
N ASP E 70 -66.09 24.28 -29.34
CA ASP E 70 -67.33 25.06 -29.53
C ASP E 70 -67.03 26.52 -29.85
N ILE E 71 -66.00 27.10 -29.23
CA ILE E 71 -65.62 28.48 -29.57
C ILE E 71 -65.15 28.57 -31.02
N LYS E 72 -64.33 27.60 -31.46
CA LYS E 72 -63.84 27.61 -32.82
C LYS E 72 -64.96 27.42 -33.83
N ALA E 73 -65.97 26.63 -33.48
CA ALA E 73 -67.13 26.47 -34.36
C ALA E 73 -67.98 27.73 -34.39
N LEU E 74 -68.11 28.41 -33.24
CA LEU E 74 -68.87 29.66 -33.19
C LEU E 74 -68.19 30.75 -33.98
N ALA E 75 -66.87 30.66 -34.13
CA ALA E 75 -66.13 31.67 -34.89
C ALA E 75 -66.50 31.70 -36.37
N ALA E 76 -67.17 30.67 -36.88
CA ALA E 76 -67.43 30.53 -38.31
C ALA E 76 -68.86 30.87 -38.70
N GLU E 77 -69.64 31.49 -37.82
CA GLU E 77 -71.01 31.86 -38.16
C GLU E 77 -71.03 33.14 -39.00
N GLN E 78 -72.16 33.38 -39.65
CA GLN E 78 -72.35 34.55 -40.50
C GLN E 78 -73.65 35.24 -40.11
N VAL E 79 -73.59 36.54 -39.85
CA VAL E 79 -74.74 37.27 -39.34
C VAL E 79 -75.36 38.21 -40.37
N TYR E 80 -74.75 38.39 -41.53
CA TYR E 80 -75.29 39.20 -42.61
C TYR E 80 -75.70 38.31 -43.77
N LYS E 81 -76.23 38.93 -44.82
CA LYS E 81 -76.55 38.21 -46.04
C LYS E 81 -76.48 39.17 -47.23
N ILE E 82 -76.11 38.64 -48.38
CA ILE E 82 -75.94 39.41 -49.60
C ILE E 82 -77.12 39.11 -50.51
N VAL E 83 -77.86 40.17 -50.90
CA VAL E 83 -79.07 40.03 -51.68
C VAL E 83 -79.02 40.99 -52.87
N LYS E 84 -79.85 40.69 -53.87
CA LYS E 84 -79.92 41.53 -55.06
C LYS E 84 -80.92 42.68 -54.88
N VAL E 85 -82.02 42.43 -54.18
CA VAL E 85 -83.04 43.46 -53.94
C VAL E 85 -83.33 43.53 -52.45
N PRO E 86 -83.75 44.68 -51.92
CA PRO E 86 -84.19 44.74 -50.53
C PRO E 86 -85.61 44.20 -50.38
N SER E 87 -85.96 43.90 -49.13
CA SER E 87 -87.30 43.40 -48.85
C SER E 87 -88.31 44.53 -48.91
N ILE E 88 -89.57 44.16 -49.12
CA ILE E 88 -90.64 45.14 -49.27
C ILE E 88 -90.99 45.72 -47.91
N SER E 89 -91.04 47.05 -47.84
CA SER E 89 -91.40 47.76 -46.62
C SER E 89 -92.79 48.37 -46.66
N PHE E 90 -93.31 48.67 -47.85
CA PHE E 90 -94.65 49.25 -48.00
C PHE E 90 -95.43 48.47 -49.05
N ARG E 91 -96.64 48.08 -48.72
CA ARG E 91 -97.56 47.44 -49.64
C ARG E 91 -98.85 48.24 -49.68
N HIS E 92 -99.66 47.99 -50.71
CA HIS E 92 -100.87 48.78 -50.96
C HIS E 92 -102.09 47.88 -51.04
N ILE E 93 -103.19 48.33 -50.45
CA ILE E 93 -104.47 47.64 -50.50
C ILE E 93 -105.39 48.36 -51.47
N VAL E 94 -106.00 47.61 -52.38
CA VAL E 94 -106.86 48.16 -53.43
C VAL E 94 -108.31 48.03 -52.98
N MET E 95 -108.97 49.16 -52.82
CA MET E 95 -110.40 49.23 -52.49
C MET E 95 -111.19 49.33 -53.80
N GLN E 96 -112.46 49.72 -53.72
CA GLN E 96 -113.26 49.95 -54.91
C GLN E 96 -113.02 51.31 -55.56
N SER E 97 -111.92 51.98 -55.22
CA SER E 97 -111.62 53.31 -55.74
C SER E 97 -110.58 53.21 -56.85
N ARG E 98 -110.59 54.22 -57.73
CA ARG E 98 -109.68 54.25 -58.87
C ARG E 98 -108.45 55.11 -58.63
N ASP E 99 -108.50 56.04 -57.68
CA ASP E 99 -107.39 56.97 -57.48
C ASP E 99 -106.91 57.03 -56.04
N ARG E 100 -107.45 56.20 -55.14
CA ARG E 100 -107.04 56.16 -53.75
C ARG E 100 -106.79 54.73 -53.33
N VAL E 101 -105.70 54.51 -52.59
CA VAL E 101 -105.35 53.21 -52.03
C VAL E 101 -104.94 53.41 -50.58
N LEU E 102 -104.71 52.30 -49.89
CA LEU E 102 -104.22 52.31 -48.52
C LEU E 102 -102.77 51.87 -48.50
N ARG E 103 -101.92 52.65 -47.85
CA ARG E 103 -100.50 52.32 -47.71
C ARG E 103 -100.25 51.69 -46.36
N VAL E 104 -99.66 50.49 -46.36
CA VAL E 104 -99.45 49.70 -45.16
C VAL E 104 -97.95 49.51 -44.95
N ASP E 105 -97.49 49.77 -43.74
CA ASP E 105 -96.10 49.57 -43.35
C ASP E 105 -95.97 48.17 -42.76
N THR E 106 -95.28 47.28 -43.48
CA THR E 106 -95.23 45.87 -43.11
C THR E 106 -94.41 45.62 -41.85
N TYR E 107 -93.52 46.55 -41.47
CA TYR E 107 -92.69 46.34 -40.29
C TYR E 107 -93.53 46.20 -39.03
N TYR E 108 -94.55 47.04 -38.89
CA TYR E 108 -95.36 47.01 -37.68
C TYR E 108 -96.19 45.74 -37.59
N GLU E 109 -96.76 45.30 -38.71
CA GLU E 109 -97.54 44.07 -38.68
C GLU E 109 -96.67 42.84 -38.49
N GLU E 110 -95.40 42.89 -38.91
CA GLU E 110 -94.51 41.78 -38.60
C GLU E 110 -94.04 41.81 -37.15
N MET E 111 -93.83 43.01 -36.59
CA MET E 111 -93.41 43.12 -35.20
C MET E 111 -94.54 42.81 -34.22
N SER E 112 -95.80 42.99 -34.63
CA SER E 112 -96.90 42.70 -33.72
C SER E 112 -97.04 41.23 -33.38
N GLN E 113 -96.34 40.33 -34.08
CA GLN E 113 -96.45 38.90 -33.86
C GLN E 113 -95.18 38.27 -33.30
N VAL E 114 -94.18 39.05 -32.92
CA VAL E 114 -92.91 38.54 -32.41
C VAL E 114 -92.94 38.61 -30.89
N GLY E 115 -92.70 37.47 -30.24
CA GLY E 115 -92.63 37.41 -28.79
C GLY E 115 -93.89 36.84 -28.17
N ASP E 116 -93.89 36.82 -26.85
CA ASP E 116 -95.00 36.30 -26.05
C ASP E 116 -95.85 37.44 -25.52
N VAL E 117 -96.93 37.06 -24.82
CA VAL E 117 -97.86 38.02 -24.26
C VAL E 117 -97.34 38.50 -22.91
N ILE E 118 -97.36 39.80 -22.69
CA ILE E 118 -96.83 40.41 -21.48
C ILE E 118 -97.82 40.27 -20.34
N THR E 119 -97.35 39.76 -19.21
CA THR E 119 -98.14 39.70 -17.99
C THR E 119 -97.34 40.37 -16.86
N GLU E 120 -98.03 40.62 -15.75
CA GLU E 120 -97.44 41.34 -14.62
C GLU E 120 -97.00 40.41 -13.50
N ASP E 121 -97.06 39.10 -13.69
CA ASP E 121 -96.70 38.14 -12.65
C ASP E 121 -95.37 37.45 -12.88
N GLU E 122 -94.65 37.79 -13.95
CA GLU E 122 -93.46 37.05 -14.30
C GLU E 122 -92.48 37.89 -15.14
N PRO E 123 -91.49 38.49 -14.46
CA PRO E 123 -90.60 39.44 -15.16
C PRO E 123 -89.63 38.80 -16.12
N GLU E 124 -89.23 37.54 -15.88
CA GLU E 124 -88.20 36.91 -16.70
C GLU E 124 -88.67 36.76 -18.14
N LYS E 125 -89.92 36.36 -18.34
CA LYS E 125 -90.44 36.24 -19.70
C LYS E 125 -90.57 37.61 -20.37
N PHE E 126 -90.86 38.66 -19.58
CA PHE E 126 -90.90 40.00 -20.14
C PHE E 126 -89.54 40.41 -20.67
N TYR E 127 -88.49 40.17 -19.88
CA TYR E 127 -87.12 40.48 -20.33
C TYR E 127 -86.76 39.66 -21.56
N SER E 128 -87.11 38.37 -21.56
CA SER E 128 -86.82 37.52 -22.72
C SER E 128 -87.55 37.99 -23.96
N THR E 129 -88.79 38.47 -23.81
CA THR E 129 -89.55 38.99 -24.93
C THR E 129 -88.89 40.24 -25.51
N ILE E 130 -88.44 41.14 -24.64
CA ILE E 130 -87.74 42.34 -25.12
C ILE E 130 -86.48 41.95 -25.87
N ILE E 131 -85.73 40.98 -25.34
CA ILE E 131 -84.51 40.52 -26.00
C ILE E 131 -84.83 39.93 -27.37
N LYS E 132 -85.89 39.13 -27.46
CA LYS E 132 -86.28 38.53 -28.73
C LYS E 132 -86.65 39.59 -29.76
N LYS E 133 -87.39 40.62 -29.34
CA LYS E 133 -87.76 41.69 -30.27
C LYS E 133 -86.54 42.46 -30.76
N VAL E 134 -85.61 42.77 -29.87
CA VAL E 134 -84.41 43.50 -30.29
C VAL E 134 -83.57 42.67 -31.24
N ARG E 135 -83.45 41.37 -30.96
CA ARG E 135 -82.71 40.49 -31.87
C ARG E 135 -83.39 40.39 -33.23
N PHE E 136 -84.73 40.41 -33.25
CA PHE E 136 -85.45 40.42 -34.52
C PHE E 136 -85.13 41.67 -35.32
N ILE E 137 -85.12 42.83 -34.65
CA ILE E 137 -84.75 44.08 -35.33
C ILE E 137 -83.35 43.99 -35.90
N ARG E 138 -82.40 43.48 -35.10
CA ARG E 138 -81.02 43.37 -35.56
C ARG E 138 -80.90 42.42 -36.75
N GLY E 139 -81.62 41.31 -36.71
CA GLY E 139 -81.53 40.34 -37.80
C GLY E 139 -82.12 40.86 -39.10
N LYS E 140 -83.24 41.58 -39.02
CA LYS E 140 -83.93 41.97 -40.25
C LYS E 140 -83.15 43.02 -41.05
N GLY E 141 -82.41 43.90 -40.40
CA GLY E 141 -81.77 45.00 -41.07
C GLY E 141 -80.37 44.76 -41.57
N SER E 142 -79.88 43.53 -41.56
CA SER E 142 -78.49 43.23 -41.91
C SER E 142 -78.44 42.60 -43.30
N PHE E 143 -78.17 43.43 -44.31
CA PHE E 143 -78.01 42.93 -45.67
C PHE E 143 -77.11 43.88 -46.45
N ILE E 144 -76.53 43.35 -47.53
CA ILE E 144 -75.68 44.10 -48.45
C ILE E 144 -76.20 43.88 -49.86
N LEU E 145 -76.37 44.98 -50.60
CA LEU E 145 -76.88 44.92 -51.96
C LEU E 145 -75.75 44.69 -52.95
N HIS E 146 -75.96 43.77 -53.90
CA HIS E 146 -74.95 43.39 -54.87
C HIS E 146 -75.63 43.01 -56.16
N ASP E 147 -75.19 43.61 -57.28
CA ASP E 147 -75.67 43.29 -58.63
C ASP E 147 -77.18 43.50 -58.74
N ILE E 148 -77.57 44.77 -58.60
CA ILE E 148 -78.98 45.16 -58.67
C ILE E 148 -79.45 45.22 -60.11
N PRO E 149 -80.72 44.97 -60.40
CA PRO E 149 -81.22 45.13 -61.76
C PRO E 149 -81.39 46.60 -62.14
N THR E 150 -81.28 46.88 -63.43
CA THR E 150 -81.38 48.25 -63.93
C THR E 150 -81.66 48.22 -65.43
N ARG E 151 -81.94 49.41 -65.97
CA ARG E 151 -82.16 49.58 -67.40
C ARG E 151 -81.51 50.88 -67.85
N ASP E 152 -81.80 51.26 -69.10
CA ASP E 152 -81.18 52.40 -69.74
C ASP E 152 -82.24 53.39 -70.22
N HIS E 153 -81.96 54.68 -70.07
CA HIS E 153 -82.88 55.71 -70.52
C HIS E 153 -82.10 56.93 -70.96
N ARG E 154 -81.94 57.08 -72.28
CA ARG E 154 -81.36 58.27 -72.90
C ARG E 154 -79.96 58.59 -72.36
N GLY E 155 -79.13 57.56 -72.25
CA GLY E 155 -77.75 57.73 -71.84
C GLY E 155 -77.49 57.71 -70.36
N MET E 156 -78.49 57.39 -69.55
CA MET E 156 -78.31 57.34 -68.10
C MET E 156 -79.18 56.23 -67.53
N GLU E 157 -78.64 55.57 -66.50
CA GLU E 157 -79.26 54.38 -65.92
C GLU E 157 -80.30 54.75 -64.88
N VAL E 158 -81.35 53.94 -64.79
CA VAL E 158 -82.37 54.09 -63.75
C VAL E 158 -82.60 52.73 -63.11
N ALA E 159 -83.08 52.75 -61.86
CA ALA E 159 -83.31 51.53 -61.12
C ALA E 159 -84.66 50.92 -61.49
N GLU E 160 -84.70 49.59 -61.58
CA GLU E 160 -85.94 48.89 -61.89
C GLU E 160 -86.92 49.00 -60.72
N PRO E 161 -88.22 48.92 -60.99
CA PRO E 161 -89.21 49.08 -59.90
C PRO E 161 -89.15 48.02 -58.82
N GLU E 162 -88.56 46.85 -59.09
CA GLU E 162 -88.59 45.78 -58.09
C GLU E 162 -87.43 45.87 -57.09
N VAL E 163 -86.58 46.89 -57.19
CA VAL E 163 -85.50 47.06 -56.22
C VAL E 163 -85.74 48.27 -55.32
N LEU E 164 -86.83 49.01 -55.53
CA LEU E 164 -87.06 50.27 -54.84
C LEU E 164 -87.65 50.13 -53.46
N GLY E 165 -87.93 48.90 -53.00
CA GLY E 165 -88.42 48.69 -51.65
C GLY E 165 -89.89 48.95 -51.44
N VAL E 166 -90.66 49.18 -52.51
CA VAL E 166 -92.09 49.42 -52.43
C VAL E 166 -92.78 48.60 -53.50
N GLU E 167 -93.94 48.04 -53.16
CA GLU E 167 -94.69 47.15 -54.04
C GLU E 167 -95.99 47.82 -54.47
N PHE E 168 -96.18 47.99 -55.78
CA PHE E 168 -97.40 48.62 -56.29
C PHE E 168 -97.90 47.99 -57.59
N LYS E 169 -97.55 46.74 -57.88
CA LYS E 169 -97.96 46.14 -59.15
C LYS E 169 -99.46 45.90 -59.20
N ASN E 170 -100.10 45.67 -58.06
CA ASN E 170 -101.53 45.41 -58.03
C ASN E 170 -102.37 46.67 -58.12
N VAL E 171 -101.77 47.83 -58.34
CA VAL E 171 -102.50 49.10 -58.41
C VAL E 171 -102.60 49.52 -59.87
N LEU E 172 -101.65 49.09 -60.69
CA LEU E 172 -101.60 49.47 -62.10
C LEU E 172 -102.86 49.14 -62.91
N PRO E 173 -103.49 47.95 -62.79
CA PRO E 173 -104.63 47.66 -63.67
C PRO E 173 -105.81 48.62 -63.53
N VAL E 174 -106.04 49.20 -62.35
CA VAL E 174 -107.21 50.07 -62.17
C VAL E 174 -106.91 51.54 -62.48
N LEU E 175 -105.69 51.88 -62.85
CA LEU E 175 -105.35 53.26 -63.13
C LEU E 175 -105.98 53.74 -64.43
N THR E 176 -106.02 55.05 -64.60
CA THR E 176 -106.44 55.66 -65.86
C THR E 176 -105.21 55.95 -66.72
N ALA E 177 -105.44 56.53 -67.90
CA ALA E 177 -104.34 56.77 -68.84
C ALA E 177 -103.39 57.85 -68.32
N GLU E 178 -103.93 58.97 -67.83
CA GLU E 178 -103.09 60.05 -67.34
C GLU E 178 -102.31 59.62 -66.11
N HIS E 179 -102.95 58.85 -65.21
CA HIS E 179 -102.25 58.38 -64.02
C HIS E 179 -101.16 57.37 -64.38
N ARG E 180 -101.43 56.50 -65.35
CA ARG E 180 -100.41 55.56 -65.81
C ARG E 180 -99.21 56.30 -66.39
N ALA E 181 -99.48 57.31 -67.21
CA ALA E 181 -98.39 58.10 -67.79
C ALA E 181 -97.61 58.83 -66.71
N MET E 182 -98.30 59.39 -65.73
CA MET E 182 -97.64 60.08 -64.63
C MET E 182 -96.73 59.14 -63.85
N ILE E 183 -97.22 57.93 -63.57
CA ILE E 183 -96.42 56.95 -62.83
C ILE E 183 -95.20 56.54 -63.64
N GLN E 184 -95.36 56.35 -64.95
CA GLN E 184 -94.23 55.95 -65.79
C GLN E 184 -93.17 57.05 -65.84
N ASN E 185 -93.59 58.30 -66.01
CA ASN E 185 -92.62 59.40 -66.05
C ASN E 185 -91.94 59.57 -64.69
N ALA E 186 -92.68 59.34 -63.59
CA ALA E 186 -92.05 59.39 -62.28
C ALA E 186 -91.02 58.28 -62.10
N LEU E 187 -91.32 57.08 -62.59
CA LEU E 187 -90.37 55.97 -62.49
C LEU E 187 -89.13 56.22 -63.34
N ASP E 188 -89.28 56.94 -64.46
CA ASP E 188 -88.11 57.24 -65.27
C ASP E 188 -87.13 58.20 -64.60
N GLY E 189 -87.51 58.83 -63.50
CA GLY E 189 -86.66 59.82 -62.84
C GLY E 189 -85.78 59.32 -61.73
N SER E 190 -85.80 58.02 -61.42
CA SER E 190 -84.96 57.48 -60.37
C SER E 190 -83.61 57.03 -60.92
N ILE E 191 -82.71 57.98 -61.15
CA ILE E 191 -81.45 57.67 -61.82
C ILE E 191 -80.41 57.20 -60.81
N ILE E 192 -79.34 56.59 -61.33
CA ILE E 192 -78.27 56.03 -60.52
C ILE E 192 -77.01 56.88 -60.68
N GLU E 193 -76.41 57.27 -59.57
CA GLU E 193 -75.18 58.03 -59.56
C GLU E 193 -74.03 57.13 -59.16
N ASN E 194 -72.87 57.31 -59.80
CA ASN E 194 -71.71 56.45 -59.59
C ASN E 194 -70.87 57.04 -58.46
N GLY E 195 -70.93 56.39 -57.29
CA GLY E 195 -70.19 56.84 -56.13
C GLY E 195 -68.81 56.19 -56.02
N ASN E 196 -68.20 56.39 -54.86
CA ASN E 196 -66.87 55.89 -54.58
C ASN E 196 -66.81 55.34 -53.16
N VAL E 197 -66.31 54.12 -53.02
CA VAL E 197 -66.13 53.47 -51.72
C VAL E 197 -64.69 52.97 -51.68
N ALA E 198 -63.81 53.78 -51.08
CA ALA E 198 -62.40 53.43 -50.89
C ALA E 198 -61.73 53.03 -52.21
N THR E 199 -61.80 53.96 -53.18
CA THR E 199 -61.19 53.85 -54.51
C THR E 199 -61.95 52.85 -55.38
N ARG E 200 -62.93 52.16 -54.82
CA ARG E 200 -63.79 51.28 -55.58
C ARG E 200 -65.07 52.01 -55.99
N ASP E 201 -65.62 51.61 -57.14
CA ASP E 201 -66.78 52.26 -57.72
C ASP E 201 -68.06 51.52 -57.34
N VAL E 202 -69.10 52.28 -57.00
CA VAL E 202 -70.37 51.73 -56.56
C VAL E 202 -71.51 52.47 -57.21
N ASP E 203 -72.72 51.95 -57.04
CA ASP E 203 -73.95 52.59 -57.45
C ASP E 203 -74.69 53.09 -56.21
N VAL E 204 -75.25 54.30 -56.28
CA VAL E 204 -76.11 54.83 -55.23
C VAL E 204 -77.44 55.21 -55.87
N PHE E 205 -78.53 54.92 -55.14
CA PHE E 205 -79.88 55.20 -55.62
C PHE E 205 -80.79 55.43 -54.43
N ILE E 206 -81.96 56.01 -54.70
CA ILE E 206 -82.92 56.38 -53.66
C ILE E 206 -84.00 55.33 -53.59
N GLY E 207 -84.27 54.83 -52.37
CA GLY E 207 -85.28 53.81 -52.18
C GLY E 207 -86.16 54.05 -50.97
N ALA E 208 -86.94 53.05 -50.58
CA ALA E 208 -87.86 53.16 -49.46
C ALA E 208 -87.56 52.07 -48.44
N CYS E 209 -87.53 52.45 -47.16
CA CYS E 209 -87.27 51.49 -46.09
C CYS E 209 -87.81 52.05 -44.78
N SER E 210 -88.12 51.15 -43.86
CA SER E 210 -88.54 51.56 -42.53
C SER E 210 -87.34 52.05 -41.72
N GLU E 211 -87.62 52.95 -40.77
CA GLU E 211 -86.56 53.58 -40.00
C GLU E 211 -85.74 52.62 -39.16
N PRO E 212 -86.32 51.72 -38.34
CA PRO E 212 -85.46 50.82 -37.56
C PRO E 212 -84.59 49.90 -38.40
N VAL E 213 -85.10 49.45 -39.55
CA VAL E 213 -84.29 48.63 -40.44
C VAL E 213 -83.20 49.48 -41.10
N TYR E 214 -83.53 50.71 -41.48
CA TYR E 214 -82.57 51.55 -42.17
C TYR E 214 -81.41 51.94 -41.26
N ARG E 215 -81.66 52.09 -39.97
CA ARG E 215 -80.57 52.39 -39.04
C ARG E 215 -79.55 51.25 -39.01
N ILE E 216 -80.03 50.01 -38.95
CA ILE E 216 -79.13 48.84 -38.96
C ILE E 216 -78.37 48.77 -40.27
N TYR E 217 -79.07 49.02 -41.39
CA TYR E 217 -78.41 48.98 -42.70
C TYR E 217 -77.31 50.03 -42.79
N ASN E 218 -77.59 51.25 -42.32
CA ASN E 218 -76.61 52.33 -42.38
C ASN E 218 -75.39 52.01 -41.52
N ARG E 219 -75.63 51.46 -40.32
CA ARG E 219 -74.51 51.09 -39.46
C ARG E 219 -73.65 50.01 -40.11
N LEU E 220 -74.28 49.02 -40.74
CA LEU E 220 -73.51 47.96 -41.40
C LEU E 220 -72.69 48.51 -42.56
N GLN E 221 -73.27 49.44 -43.34
CA GLN E 221 -72.52 50.05 -44.43
C GLN E 221 -71.33 50.84 -43.90
N GLY E 222 -71.51 51.57 -42.80
CA GLY E 222 -70.38 52.27 -42.19
C GLY E 222 -69.29 51.34 -41.72
N TYR E 223 -69.67 50.20 -41.14
CA TYR E 223 -68.68 49.21 -40.72
C TYR E 223 -67.91 48.65 -41.91
N ILE E 224 -68.61 48.39 -43.02
CA ILE E 224 -67.93 47.88 -44.21
C ILE E 224 -66.93 48.92 -44.74
N GLU E 225 -67.34 50.20 -44.73
CA GLU E 225 -66.42 51.28 -45.09
C GLU E 225 -65.17 51.27 -44.22
N ALA E 226 -65.36 51.14 -42.91
CA ALA E 226 -64.23 51.17 -41.99
C ALA E 226 -63.31 49.98 -42.20
N VAL E 227 -63.88 48.81 -42.52
CA VAL E 227 -63.05 47.64 -42.83
C VAL E 227 -62.24 47.89 -44.09
N GLN E 228 -62.86 48.48 -45.13
CA GLN E 228 -62.13 48.77 -46.35
C GLN E 228 -61.02 49.79 -46.12
N LEU E 229 -61.18 50.66 -45.12
CA LEU E 229 -60.18 51.70 -44.90
C LEU E 229 -59.08 51.33 -43.92
N GLN E 230 -59.42 50.78 -42.76
CA GLN E 230 -58.40 50.68 -41.72
C GLN E 230 -58.22 49.30 -41.09
N GLU E 231 -59.31 48.56 -40.89
CA GLU E 231 -59.26 47.43 -39.96
C GLU E 231 -58.46 46.26 -40.51
N LEU E 232 -58.58 45.98 -41.80
CA LEU E 232 -57.87 44.84 -42.39
C LEU E 232 -56.37 45.00 -42.28
N ARG E 233 -55.87 46.20 -42.60
CA ARG E 233 -54.44 46.47 -42.53
C ARG E 233 -53.93 46.38 -41.09
N ASN E 234 -54.71 46.88 -40.14
CA ASN E 234 -54.33 46.79 -38.72
C ASN E 234 -54.24 45.33 -38.29
N SER E 235 -55.22 44.52 -38.68
CA SER E 235 -55.22 43.10 -38.31
C SER E 235 -54.02 42.37 -38.90
N ILE E 236 -53.72 42.62 -40.18
CA ILE E 236 -52.59 41.95 -40.81
C ILE E 236 -51.28 42.37 -40.17
N GLY E 237 -51.10 43.66 -39.88
CA GLY E 237 -49.88 44.10 -39.24
C GLY E 237 -49.70 43.52 -37.85
N TRP E 238 -50.78 43.49 -37.06
CA TRP E 238 -50.69 42.90 -35.73
C TRP E 238 -50.36 41.41 -35.80
N LEU E 239 -50.95 40.71 -36.77
CA LEU E 239 -50.62 39.30 -36.96
C LEU E 239 -49.15 39.11 -37.31
N GLU E 240 -48.61 39.99 -38.15
CA GLU E 240 -47.19 39.91 -38.49
C GLU E 240 -46.31 40.09 -37.25
N ARG E 241 -46.63 41.07 -36.41
CA ARG E 241 -45.84 41.27 -35.19
C ARG E 241 -45.95 40.08 -34.24
N LEU E 242 -47.15 39.54 -34.08
CA LEU E 242 -47.32 38.38 -33.20
C LEU E 242 -46.56 37.18 -33.72
N GLY E 243 -46.62 36.93 -35.03
CA GLY E 243 -45.87 35.82 -35.59
C GLY E 243 -44.37 36.02 -35.46
N HIS E 244 -43.91 37.27 -35.56
CA HIS E 244 -42.50 37.56 -35.34
C HIS E 244 -42.08 37.20 -33.92
N ARG E 245 -42.89 37.59 -32.92
CA ARG E 245 -42.50 37.30 -31.54
C ARG E 245 -42.61 35.82 -31.22
N LYS E 246 -43.69 35.16 -31.61
CA LYS E 246 -43.98 33.80 -31.17
C LYS E 246 -43.45 32.74 -32.13
N ARG E 247 -42.64 33.11 -33.12
CA ARG E 247 -42.04 32.19 -34.09
C ARG E 247 -43.10 31.42 -34.87
N ILE E 248 -43.98 32.17 -35.53
CA ILE E 248 -45.03 31.62 -36.38
C ILE E 248 -45.02 32.39 -37.70
N THR E 249 -45.20 31.67 -38.80
CA THR E 249 -45.29 32.27 -40.12
C THR E 249 -46.74 32.23 -40.59
N TYR E 250 -47.35 33.40 -40.75
CA TYR E 250 -48.73 33.52 -41.19
C TYR E 250 -48.77 33.81 -42.69
N SER E 251 -49.70 33.16 -43.39
CA SER E 251 -49.78 33.28 -44.84
C SER E 251 -50.69 34.43 -45.25
N GLN E 252 -50.23 35.21 -46.22
CA GLN E 252 -51.02 36.28 -46.84
C GLN E 252 -51.46 35.88 -48.24
N GLU E 253 -51.75 34.60 -48.44
CA GLU E 253 -52.02 34.06 -49.77
C GLU E 253 -53.35 34.55 -50.32
N VAL E 254 -54.33 34.80 -49.45
CA VAL E 254 -55.67 35.19 -49.88
C VAL E 254 -55.72 36.58 -50.51
N LEU E 255 -54.71 37.40 -50.28
CA LEU E 255 -54.73 38.80 -50.72
C LEU E 255 -53.91 39.03 -51.99
N THR E 256 -53.40 37.98 -52.64
CA THR E 256 -52.41 38.15 -53.69
C THR E 256 -52.81 37.54 -55.04
N ASP E 257 -54.09 37.24 -55.26
CA ASP E 257 -54.47 36.75 -56.57
C ASP E 257 -54.61 37.92 -57.55
N PHE E 258 -54.84 37.59 -58.82
CA PHE E 258 -54.88 38.62 -59.85
C PHE E 258 -56.20 39.37 -59.92
N ARG E 259 -57.20 38.95 -59.15
CA ARG E 259 -58.47 39.67 -59.06
C ARG E 259 -58.57 40.54 -57.82
N ARG E 260 -57.44 40.83 -57.17
CA ARG E 260 -57.44 41.50 -55.88
C ARG E 260 -57.82 42.97 -55.95
N GLN E 261 -57.73 43.60 -57.12
CA GLN E 261 -58.08 45.00 -57.24
C GLN E 261 -59.57 45.22 -57.51
N ASP E 262 -60.36 44.15 -57.58
CA ASP E 262 -61.80 44.23 -57.74
C ASP E 262 -62.54 43.55 -56.59
N THR E 263 -61.99 43.60 -55.38
CA THR E 263 -62.50 42.83 -54.26
C THR E 263 -62.87 43.74 -53.10
N ILE E 264 -64.03 43.47 -52.51
CA ILE E 264 -64.46 44.09 -51.26
C ILE E 264 -64.29 43.04 -50.17
N TRP E 265 -63.45 43.34 -49.18
CA TRP E 265 -63.18 42.40 -48.09
C TRP E 265 -64.16 42.63 -46.94
N VAL E 266 -64.64 41.54 -46.37
CA VAL E 266 -65.51 41.58 -45.20
C VAL E 266 -64.79 40.84 -44.07
N LEU E 267 -64.60 41.53 -42.94
CA LEU E 267 -63.92 40.99 -41.78
C LEU E 267 -64.82 41.19 -40.57
N ALA E 268 -65.35 40.11 -40.04
CA ALA E 268 -66.31 40.18 -38.94
C ALA E 268 -65.67 40.19 -37.56
N LEU E 269 -64.34 40.08 -37.48
CA LEU E 269 -63.62 40.15 -36.22
C LEU E 269 -62.37 40.98 -36.41
N GLN E 270 -61.89 41.57 -35.32
CA GLN E 270 -60.77 42.51 -35.37
C GLN E 270 -59.61 42.02 -34.52
N LEU E 271 -58.42 42.51 -34.86
CA LEU E 271 -57.21 42.32 -34.10
C LEU E 271 -56.51 43.67 -34.00
N PRO E 272 -55.88 43.99 -32.86
CA PRO E 272 -55.75 43.19 -31.64
C PRO E 272 -56.99 43.21 -30.74
N VAL E 273 -56.97 42.34 -29.75
CA VAL E 273 -58.03 42.27 -28.75
C VAL E 273 -57.63 43.15 -27.56
N ASN E 274 -58.63 43.77 -26.93
CA ASN E 274 -58.40 44.58 -25.73
C ASN E 274 -58.27 43.64 -24.54
N PRO E 275 -57.12 43.57 -23.88
CA PRO E 275 -56.98 42.63 -22.74
C PRO E 275 -57.82 43.01 -21.53
N GLN E 276 -58.19 44.28 -21.39
CA GLN E 276 -59.00 44.69 -20.25
C GLN E 276 -60.38 44.05 -20.30
N VAL E 277 -60.91 43.79 -21.50
CA VAL E 277 -62.18 43.10 -21.61
C VAL E 277 -62.09 41.70 -21.02
N VAL E 278 -60.98 41.00 -21.27
CA VAL E 278 -60.78 39.67 -20.72
C VAL E 278 -60.58 39.74 -19.21
N TRP E 279 -59.75 40.65 -18.73
CA TRP E 279 -59.39 40.69 -17.32
C TRP E 279 -60.36 41.50 -16.47
N ASP E 280 -61.47 41.97 -17.03
CA ASP E 280 -62.51 42.65 -16.27
C ASP E 280 -63.54 41.68 -15.68
N VAL E 281 -63.51 40.42 -16.06
CA VAL E 281 -64.45 39.43 -15.52
C VAL E 281 -64.11 39.20 -14.04
N PRO E 282 -65.09 39.28 -13.13
CA PRO E 282 -64.77 39.24 -11.70
C PRO E 282 -64.23 37.89 -11.27
N ARG E 283 -63.08 37.93 -10.58
CA ARG E 283 -62.43 36.75 -10.00
C ARG E 283 -62.17 35.69 -11.06
N SER E 284 -61.50 36.08 -12.14
CA SER E 284 -61.28 35.21 -13.28
C SER E 284 -59.83 34.80 -13.46
N SER E 285 -58.99 34.93 -12.42
CA SER E 285 -57.58 34.61 -12.57
C SER E 285 -57.36 33.13 -12.84
N ILE E 286 -58.07 32.26 -12.12
CA ILE E 286 -57.84 30.82 -12.25
C ILE E 286 -58.33 30.32 -13.61
N ALA E 287 -59.47 30.85 -14.08
CA ALA E 287 -59.95 30.49 -15.41
C ALA E 287 -58.98 30.94 -16.49
N ASN E 288 -58.43 32.14 -16.35
CA ASN E 288 -57.45 32.63 -17.31
C ASN E 288 -56.19 31.77 -17.32
N LEU E 289 -55.74 31.34 -16.14
CA LEU E 289 -54.58 30.45 -16.06
C LEU E 289 -54.85 29.12 -16.74
N ILE E 290 -56.04 28.55 -16.51
CA ILE E 290 -56.39 27.28 -17.14
C ILE E 290 -56.45 27.42 -18.66
N MET E 291 -57.05 28.51 -19.14
CA MET E 291 -57.12 28.73 -20.58
C MET E 291 -55.74 28.92 -21.20
N ASN E 292 -54.85 29.63 -20.50
CA ASN E 292 -53.48 29.80 -20.98
C ASN E 292 -52.77 28.45 -21.09
N ILE E 293 -52.93 27.60 -20.07
CA ILE E 293 -52.31 26.28 -20.11
C ILE E 293 -52.88 25.45 -21.26
N ALA E 294 -54.20 25.51 -21.45
CA ALA E 294 -54.84 24.70 -22.48
C ALA E 294 -54.43 25.15 -23.89
N THR E 295 -54.24 26.46 -24.09
CA THR E 295 -54.00 26.97 -25.43
C THR E 295 -52.53 27.12 -25.79
N CYS E 296 -51.61 27.13 -24.83
CA CYS E 296 -50.23 27.46 -25.16
C CYS E 296 -49.19 26.43 -24.75
N LEU E 297 -49.46 25.58 -23.78
CA LEU E 297 -48.42 24.73 -23.20
C LEU E 297 -47.99 23.64 -24.18
N PRO E 298 -46.71 23.50 -24.47
CA PRO E 298 -46.26 22.45 -25.39
C PRO E 298 -46.13 21.10 -24.69
N THR E 299 -45.85 20.08 -25.49
CA THR E 299 -45.61 18.73 -25.01
C THR E 299 -44.19 18.32 -25.36
N GLY E 300 -43.64 17.40 -24.58
CA GLY E 300 -42.26 17.01 -24.77
C GLY E 300 -41.89 15.80 -23.95
N GLU E 301 -40.58 15.63 -23.74
CA GLU E 301 -40.04 14.47 -23.05
C GLU E 301 -38.94 14.93 -22.09
N TYR E 302 -38.36 13.98 -21.38
CA TYR E 302 -37.30 14.24 -20.40
C TYR E 302 -36.02 13.55 -20.85
N ILE E 303 -34.87 14.19 -20.57
CA ILE E 303 -33.57 13.65 -20.94
C ILE E 303 -32.67 13.62 -19.71
N ALA E 304 -31.68 12.74 -19.75
CA ALA E 304 -30.76 12.51 -18.66
C ALA E 304 -29.34 12.90 -19.06
N PRO E 305 -28.50 13.29 -18.11
CA PRO E 305 -27.12 13.63 -18.44
C PRO E 305 -26.29 12.39 -18.74
N ASN E 306 -25.05 12.64 -19.15
CA ASN E 306 -24.12 11.57 -19.47
C ASN E 306 -23.75 10.82 -18.19
N PRO E 307 -23.80 9.48 -18.19
CA PRO E 307 -23.42 8.73 -16.98
C PRO E 307 -21.97 8.91 -16.57
N ARG E 308 -21.09 9.33 -17.49
CA ARG E 308 -19.68 9.49 -17.16
C ARG E 308 -19.47 10.56 -16.09
N ILE E 309 -20.34 11.56 -16.04
CA ILE E 309 -20.20 12.63 -15.05
C ILE E 309 -20.30 12.07 -13.63
N SER E 310 -21.36 11.31 -13.37
CA SER E 310 -21.52 10.68 -12.06
C SER E 310 -20.49 9.59 -11.85
N SER E 311 -20.07 8.93 -12.94
CA SER E 311 -19.08 7.86 -12.82
C SER E 311 -17.74 8.39 -12.34
N ILE E 312 -17.33 9.58 -12.82
CA ILE E 312 -16.02 10.11 -12.47
C ILE E 312 -16.08 11.16 -11.36
N THR E 313 -17.27 11.54 -10.89
CA THR E 313 -17.36 12.53 -9.82
C THR E 313 -17.92 11.96 -8.52
N LEU E 314 -19.12 11.38 -8.54
CA LEU E 314 -19.77 10.99 -7.30
C LEU E 314 -19.38 9.58 -6.83
N THR E 315 -19.14 8.66 -7.76
CA THR E 315 -18.81 7.28 -7.42
C THR E 315 -17.43 6.91 -7.93
N GLN E 316 -16.46 7.80 -7.77
CA GLN E 316 -15.11 7.54 -8.24
C GLN E 316 -14.25 6.80 -7.21
N ARG E 317 -14.52 6.98 -5.92
CA ARG E 317 -13.82 6.28 -4.86
C ARG E 317 -14.68 5.12 -4.40
N ILE E 318 -14.17 3.89 -4.56
CA ILE E 318 -14.97 2.70 -4.29
C ILE E 318 -14.92 2.26 -2.84
N THR E 319 -14.01 2.79 -2.03
CA THR E 319 -13.87 2.38 -0.65
C THR E 319 -14.71 3.20 0.32
N THR E 320 -15.34 4.27 -0.15
CA THR E 320 -16.15 5.14 0.71
C THR E 320 -17.55 5.28 0.12
N THR E 321 -18.47 5.73 0.97
CA THR E 321 -19.86 5.96 0.55
C THR E 321 -20.34 7.27 1.18
N GLY E 322 -21.55 7.66 0.82
CA GLY E 322 -22.12 8.91 1.29
C GLY E 322 -23.53 9.13 0.79
N PRO E 323 -24.10 10.29 1.07
CA PRO E 323 -25.49 10.55 0.65
C PRO E 323 -25.68 10.58 -0.86
N PHE E 324 -24.87 11.37 -1.57
CA PHE E 324 -25.01 11.48 -3.02
C PHE E 324 -24.73 10.14 -3.70
N ALA E 325 -23.74 9.39 -3.20
CA ALA E 325 -23.42 8.09 -3.77
C ALA E 325 -24.58 7.11 -3.63
N ILE E 326 -25.29 7.16 -2.50
CA ILE E 326 -26.46 6.30 -2.32
C ILE E 326 -27.60 6.75 -3.22
N LEU E 327 -27.84 8.06 -3.33
CA LEU E 327 -28.93 8.53 -4.18
C LEU E 327 -28.65 8.32 -5.67
N THR E 328 -27.39 8.11 -6.07
CA THR E 328 -27.11 7.85 -7.47
C THR E 328 -27.77 6.55 -7.96
N GLY E 329 -27.95 5.59 -7.06
CA GLY E 329 -28.47 4.29 -7.47
C GLY E 329 -29.96 4.12 -7.30
N SER E 330 -30.71 5.22 -7.29
CA SER E 330 -32.15 5.18 -7.13
C SER E 330 -32.86 5.40 -8.47
N THR E 331 -34.09 4.92 -8.55
CA THR E 331 -34.95 5.06 -9.71
C THR E 331 -36.33 5.53 -9.27
N PRO E 332 -36.99 6.35 -10.08
CA PRO E 332 -38.30 6.89 -9.67
C PRO E 332 -39.47 5.99 -10.01
N THR E 333 -40.53 6.15 -9.23
CA THR E 333 -41.81 5.52 -9.51
C THR E 333 -42.68 6.48 -10.34
N ALA E 334 -43.95 6.10 -10.52
CA ALA E 334 -44.85 6.95 -11.29
C ALA E 334 -45.22 8.22 -10.53
N GLN E 335 -45.40 8.11 -9.21
CA GLN E 335 -45.76 9.26 -8.40
C GLN E 335 -44.65 10.31 -8.41
N GLN E 336 -43.40 9.88 -8.36
CA GLN E 336 -42.29 10.83 -8.36
C GLN E 336 -42.09 11.47 -9.72
N LEU E 337 -42.38 10.76 -10.81
CA LEU E 337 -42.40 11.40 -12.12
C LEU E 337 -43.51 12.43 -12.21
N ASN E 338 -44.67 12.14 -11.62
CA ASN E 338 -45.74 13.14 -11.54
C ASN E 338 -45.28 14.37 -10.76
N ASP E 339 -44.54 14.15 -9.67
CA ASP E 339 -44.01 15.27 -8.88
C ASP E 339 -43.02 16.10 -9.70
N VAL E 340 -42.21 15.44 -10.52
CA VAL E 340 -41.29 16.17 -11.40
C VAL E 340 -42.07 17.02 -12.40
N ARG E 341 -43.14 16.46 -12.95
CA ARG E 341 -44.01 17.25 -13.82
C ARG E 341 -44.58 18.47 -13.10
N LYS E 342 -44.99 18.29 -11.84
CA LYS E 342 -45.51 19.40 -11.05
C LYS E 342 -44.43 20.48 -10.85
N ILE E 343 -43.20 20.06 -10.57
CA ILE E 343 -42.11 21.02 -10.37
C ILE E 343 -41.87 21.83 -11.62
N TYR E 344 -41.87 21.17 -12.79
CA TYR E 344 -41.64 21.91 -14.03
C TYR E 344 -42.81 22.85 -14.35
N LEU E 345 -44.04 22.41 -14.08
CA LEU E 345 -45.19 23.28 -14.27
C LEU E 345 -45.10 24.52 -13.37
N ALA E 346 -44.62 24.34 -12.14
CA ALA E 346 -44.44 25.50 -11.26
C ALA E 346 -43.34 26.41 -11.76
N LEU E 347 -42.26 25.84 -12.31
CA LEU E 347 -41.17 26.67 -12.83
C LEU E 347 -41.61 27.47 -14.06
N MET E 348 -42.55 26.95 -14.84
CA MET E 348 -42.98 27.64 -16.05
C MET E 348 -43.98 28.76 -15.81
N PHE E 349 -44.49 28.91 -14.60
CA PHE E 349 -45.46 29.97 -14.26
C PHE E 349 -45.01 30.67 -12.99
N PRO E 350 -44.04 31.58 -13.09
CA PRO E 350 -43.52 32.24 -11.87
C PRO E 350 -44.60 33.01 -11.13
N GLY E 351 -44.58 32.89 -9.80
CA GLY E 351 -45.50 33.62 -8.96
C GLY E 351 -46.90 33.04 -8.88
N GLN E 352 -47.45 32.63 -10.02
CA GLN E 352 -48.82 32.14 -10.07
C GLN E 352 -48.97 30.75 -9.47
N ILE E 353 -47.96 29.90 -9.61
CA ILE E 353 -47.97 28.55 -9.05
C ILE E 353 -46.72 28.39 -8.19
N ILE E 354 -46.91 27.98 -6.93
CA ILE E 354 -45.81 27.80 -6.00
C ILE E 354 -45.85 26.38 -5.45
N LEU E 355 -44.74 25.97 -4.84
CA LEU E 355 -44.53 24.60 -4.41
C LEU E 355 -44.52 24.49 -2.88
N ASP E 356 -44.64 23.26 -2.41
CA ASP E 356 -44.55 22.95 -0.99
C ASP E 356 -44.09 21.51 -0.83
N LEU E 357 -43.64 21.18 0.38
CA LEU E 357 -43.18 19.83 0.69
C LEU E 357 -44.24 19.07 1.47
N LYS E 358 -44.31 17.75 1.21
CA LYS E 358 -45.35 16.91 1.79
C LYS E 358 -44.73 15.65 2.37
N ILE E 359 -45.54 14.89 3.11
CA ILE E 359 -45.18 13.55 3.58
C ILE E 359 -46.39 12.64 3.47
N ASP E 360 -46.15 11.39 3.08
CA ASP E 360 -47.18 10.37 3.11
C ASP E 360 -47.42 9.91 4.55
N PRO E 361 -48.59 9.37 4.85
CA PRO E 361 -48.84 8.87 6.22
C PRO E 361 -47.89 7.77 6.66
N GLY E 362 -47.33 7.00 5.73
CA GLY E 362 -46.46 5.91 6.08
C GLY E 362 -44.99 6.15 5.88
N GLU E 363 -44.64 7.17 5.10
CA GLU E 363 -43.24 7.43 4.79
C GLU E 363 -42.54 8.08 5.98
N ARG E 364 -41.23 7.80 6.10
CA ARG E 364 -40.41 8.32 7.18
C ARG E 364 -39.21 9.06 6.60
N MET E 365 -38.50 9.77 7.47
CA MET E 365 -37.37 10.60 7.08
C MET E 365 -36.14 9.77 6.78
N ASP E 366 -35.48 10.09 5.66
CA ASP E 366 -34.15 9.61 5.35
C ASP E 366 -33.20 10.79 5.37
N PRO E 367 -32.16 10.79 6.22
CA PRO E 367 -31.24 11.94 6.26
C PRO E 367 -30.52 12.21 4.95
N ALA E 368 -30.19 11.18 4.17
CA ALA E 368 -29.45 11.38 2.93
C ALA E 368 -30.29 12.11 1.90
N VAL E 369 -31.55 11.70 1.74
CA VAL E 369 -32.46 12.38 0.82
C VAL E 369 -32.65 13.83 1.25
N ARG E 370 -32.78 14.06 2.56
CA ARG E 370 -32.97 15.41 3.06
C ARG E 370 -31.77 16.30 2.77
N MET E 371 -30.55 15.79 2.98
CA MET E 371 -29.36 16.60 2.70
C MET E 371 -29.20 16.87 1.20
N VAL E 372 -29.45 15.86 0.37
CA VAL E 372 -29.33 16.05 -1.08
C VAL E 372 -30.34 17.08 -1.57
N ALA E 373 -31.59 16.99 -1.09
CA ALA E 373 -32.60 17.97 -1.45
C ALA E 373 -32.23 19.37 -0.95
N GLY E 374 -31.63 19.46 0.24
CA GLY E 374 -31.21 20.75 0.74
C GLY E 374 -30.15 21.40 -0.14
N VAL E 375 -29.24 20.59 -0.70
CA VAL E 375 -28.26 21.15 -1.62
C VAL E 375 -28.91 21.54 -2.94
N VAL E 376 -29.78 20.68 -3.48
CA VAL E 376 -30.33 20.90 -4.82
C VAL E 376 -31.31 22.08 -4.86
N GLY E 377 -32.10 22.26 -3.81
CA GLY E 377 -33.17 23.25 -3.85
C GLY E 377 -32.68 24.67 -4.03
N HIS E 378 -31.53 25.00 -3.45
CA HIS E 378 -30.99 26.35 -3.61
C HIS E 378 -30.57 26.64 -5.04
N LEU E 379 -30.24 25.61 -5.82
CA LEU E 379 -29.88 25.79 -7.22
C LEU E 379 -31.04 25.61 -8.18
N LEU E 380 -32.14 25.01 -7.73
CA LEU E 380 -33.27 24.81 -8.63
C LEU E 380 -34.29 25.94 -8.60
N PHE E 381 -34.38 26.71 -7.53
CA PHE E 381 -35.52 27.59 -7.31
C PHE E 381 -35.11 29.03 -7.07
N THR E 382 -36.06 29.93 -7.30
CA THR E 382 -35.96 31.34 -6.97
C THR E 382 -36.87 31.64 -5.80
N ALA E 383 -36.32 32.27 -4.76
CA ALA E 383 -37.03 32.45 -3.50
C ALA E 383 -36.90 33.89 -3.01
N GLY E 384 -37.15 34.85 -3.89
CA GLY E 384 -37.16 36.24 -3.46
C GLY E 384 -36.71 37.23 -4.51
N GLY E 385 -36.73 38.51 -4.15
CA GLY E 385 -36.42 39.56 -5.12
C GLY E 385 -37.68 40.07 -5.79
N ARG E 386 -37.98 39.54 -6.97
CA ARG E 386 -39.11 39.97 -7.77
C ARG E 386 -40.25 38.97 -7.83
N PHE E 387 -39.96 37.67 -7.67
CA PHE E 387 -40.99 36.65 -7.61
C PHE E 387 -40.44 35.45 -6.85
N THR E 388 -41.30 34.48 -6.59
CA THR E 388 -40.92 33.30 -5.83
C THR E 388 -41.49 32.05 -6.51
N ASN E 389 -40.83 30.92 -6.26
CA ASN E 389 -41.27 29.62 -6.75
C ASN E 389 -41.83 28.73 -5.65
N LEU E 390 -41.78 29.16 -4.40
CA LEU E 390 -42.05 28.28 -3.28
C LEU E 390 -42.43 29.09 -2.04
N THR E 391 -43.05 28.40 -1.08
CA THR E 391 -43.54 29.01 0.14
C THR E 391 -42.41 29.20 1.15
N GLN E 392 -42.66 30.07 2.14
CA GLN E 392 -41.66 30.33 3.17
C GLN E 392 -41.36 29.09 3.99
N ASN E 393 -42.36 28.23 4.21
CA ASN E 393 -42.15 26.99 4.95
C ASN E 393 -41.15 26.07 4.23
N MET E 394 -41.31 25.93 2.91
CA MET E 394 -40.40 25.10 2.13
C MET E 394 -38.98 25.67 2.14
N ALA E 395 -38.87 26.99 2.05
CA ALA E 395 -37.55 27.62 2.11
C ALA E 395 -36.88 27.38 3.46
N ARG E 396 -37.65 27.49 4.55
CA ARG E 396 -37.09 27.25 5.88
C ARG E 396 -36.61 25.82 6.03
N GLN E 397 -37.41 24.86 5.53
CA GLN E 397 -37.03 23.46 5.58
C GLN E 397 -35.77 23.19 4.77
N LEU E 398 -35.66 23.79 3.58
CA LEU E 398 -34.47 23.60 2.76
C LEU E 398 -33.24 24.21 3.40
N ASP E 399 -33.39 25.36 4.07
CA ASP E 399 -32.27 25.95 4.80
C ASP E 399 -31.79 25.04 5.92
N ILE E 400 -32.72 24.45 6.67
CA ILE E 400 -32.34 23.52 7.73
C ILE E 400 -31.64 22.29 7.16
N ALA E 401 -32.14 21.79 6.02
CA ALA E 401 -31.50 20.63 5.39
C ALA E 401 -30.08 20.94 4.94
N LEU E 402 -29.87 22.12 4.35
CA LEU E 402 -28.52 22.51 3.95
C LEU E 402 -27.60 22.65 5.16
N ASN E 403 -28.11 23.22 6.24
CA ASN E 403 -27.33 23.32 7.48
C ASN E 403 -26.91 21.93 7.97
N ASP E 404 -27.84 20.97 7.94
CA ASP E 404 -27.51 19.62 8.39
C ASP E 404 -26.49 18.97 7.48
N TYR E 405 -26.53 19.30 6.18
CA TYR E 405 -25.54 18.73 5.27
C TYR E 405 -24.14 19.29 5.50
N LEU E 406 -24.04 20.60 5.78
CA LEU E 406 -22.72 21.21 5.85
C LEU E 406 -21.94 20.82 7.09
N LEU E 407 -22.60 20.29 8.12
CA LEU E 407 -21.92 19.85 9.33
C LEU E 407 -21.84 18.32 9.43
N TYR E 408 -21.96 17.62 8.30
CA TYR E 408 -22.10 16.17 8.33
C TYR E 408 -20.82 15.48 8.81
N MET E 409 -19.69 15.75 8.16
CA MET E 409 -18.44 15.11 8.51
C MET E 409 -17.31 16.12 8.68
N TYR E 410 -17.53 17.19 9.44
CA TYR E 410 -16.41 18.10 9.60
C TYR E 410 -15.44 17.57 10.65
N ASN E 411 -14.25 18.15 10.66
CA ASN E 411 -13.22 17.75 11.60
C ASN E 411 -12.44 19.00 12.02
N THR E 412 -11.37 18.79 12.78
CA THR E 412 -10.63 19.92 13.35
C THR E 412 -9.97 20.76 12.27
N ARG E 413 -9.51 20.14 11.17
CA ARG E 413 -8.86 20.89 10.11
C ARG E 413 -9.81 21.89 9.44
N VAL E 414 -11.10 21.60 9.44
CA VAL E 414 -12.11 22.50 8.90
C VAL E 414 -12.69 23.27 10.09
N GLN E 415 -12.21 24.50 10.29
CA GLN E 415 -12.65 25.29 11.43
C GLN E 415 -14.09 25.75 11.25
N VAL E 416 -14.88 25.65 12.31
CA VAL E 416 -16.23 26.16 12.35
C VAL E 416 -16.34 27.14 13.51
N ASN E 417 -16.76 28.37 13.22
CA ASN E 417 -16.88 29.42 14.23
C ASN E 417 -18.34 29.87 14.26
N TYR E 418 -19.08 29.41 15.26
CA TYR E 418 -20.51 29.73 15.36
C TYR E 418 -20.72 31.19 15.73
N GLY E 419 -21.81 31.75 15.21
CA GLY E 419 -22.15 33.13 15.47
C GLY E 419 -22.99 33.29 16.73
N PRO E 420 -23.44 34.51 16.99
CA PRO E 420 -24.20 34.75 18.24
C PRO E 420 -25.59 34.14 18.23
N THR E 421 -26.32 34.26 17.13
CA THR E 421 -27.66 33.71 17.05
C THR E 421 -27.62 32.19 16.92
N GLY E 422 -28.72 31.56 17.31
CA GLY E 422 -28.89 30.14 17.18
C GLY E 422 -29.53 29.69 15.88
N GLU E 423 -29.63 30.59 14.90
CA GLU E 423 -30.24 30.27 13.62
C GLU E 423 -29.39 29.26 12.86
N PRO E 424 -30.00 28.47 11.97
CA PRO E 424 -29.21 27.60 11.09
C PRO E 424 -28.37 28.41 10.12
N LEU E 425 -27.25 27.82 9.72
CA LEU E 425 -26.28 28.37 8.77
C LEU E 425 -25.59 29.62 9.29
N ASP E 426 -25.61 29.87 10.60
CA ASP E 426 -24.97 31.05 11.18
C ASP E 426 -23.61 30.65 11.73
N PHE E 427 -22.63 30.56 10.82
CA PHE E 427 -21.26 30.22 11.19
C PHE E 427 -20.35 30.56 10.03
N GLN E 428 -19.05 30.56 10.31
CA GLN E 428 -18.01 30.62 9.29
C GLN E 428 -17.31 29.27 9.23
N ILE E 429 -16.91 28.87 8.02
CA ILE E 429 -16.35 27.56 7.79
C ILE E 429 -15.12 27.67 6.90
N GLY E 430 -14.17 26.77 7.10
CA GLY E 430 -12.98 26.69 6.28
C GLY E 430 -11.83 27.53 6.81
N ARG E 431 -10.69 27.39 6.14
CA ARG E 431 -9.50 28.16 6.50
C ARG E 431 -9.68 29.64 6.20
N ASN E 432 -10.37 29.97 5.10
CA ASN E 432 -10.64 31.35 4.71
C ASN E 432 -11.91 31.90 5.33
N GLN E 433 -12.64 31.09 6.11
CA GLN E 433 -13.81 31.52 6.86
C GLN E 433 -14.90 32.09 5.96
N TYR E 434 -15.42 31.23 5.09
CA TYR E 434 -16.58 31.59 4.29
C TYR E 434 -17.81 31.75 5.18
N ASP E 435 -18.57 32.80 4.95
CA ASP E 435 -19.74 33.11 5.76
C ASP E 435 -20.97 32.45 5.14
N CYS E 436 -21.54 31.48 5.85
CA CYS E 436 -22.70 30.74 5.35
C CYS E 436 -24.02 31.41 5.72
N ASN E 437 -23.99 32.61 6.31
CA ASN E 437 -25.23 33.30 6.66
C ASN E 437 -26.00 33.72 5.42
N VAL E 438 -25.31 33.97 4.31
CA VAL E 438 -25.96 34.50 3.11
C VAL E 438 -26.86 33.50 2.41
N PHE E 439 -26.80 32.22 2.78
CA PHE E 439 -27.62 31.20 2.15
C PHE E 439 -28.93 30.96 2.90
N ARG E 440 -29.15 31.63 4.01
CA ARG E 440 -30.45 31.60 4.67
C ARG E 440 -31.41 32.52 3.93
N ALA E 441 -32.64 32.05 3.72
CA ALA E 441 -33.56 32.72 2.81
C ALA E 441 -34.05 34.04 3.39
N ASP E 442 -34.23 35.01 2.49
CA ASP E 442 -34.84 36.30 2.82
C ASP E 442 -35.60 36.75 1.59
N PHE E 443 -36.94 36.77 1.67
CA PHE E 443 -37.76 36.95 0.49
C PHE E 443 -37.70 38.38 -0.06
N ALA E 444 -37.25 39.34 0.73
CA ALA E 444 -37.16 40.72 0.26
C ALA E 444 -35.98 40.94 -0.66
N THR E 445 -34.91 40.16 -0.52
CA THR E 445 -33.70 40.35 -1.30
C THR E 445 -33.40 39.20 -2.26
N GLY E 446 -33.85 37.98 -1.95
CA GLY E 446 -33.58 36.84 -2.80
C GLY E 446 -32.22 36.22 -2.63
N THR E 447 -31.53 36.49 -1.52
CA THR E 447 -30.20 35.95 -1.30
C THR E 447 -30.25 34.44 -1.12
N GLY E 448 -29.18 33.77 -1.55
CA GLY E 448 -29.04 32.34 -1.38
C GLY E 448 -29.76 31.48 -2.41
N TYR E 449 -30.45 32.08 -3.37
CA TYR E 449 -31.20 31.34 -4.38
C TYR E 449 -30.89 31.92 -5.76
N ASN E 450 -31.65 31.46 -6.76
CA ASN E 450 -31.34 31.78 -8.15
C ASN E 450 -31.47 33.26 -8.47
N GLY E 451 -32.28 33.99 -7.72
CA GLY E 451 -32.46 35.42 -7.95
C GLY E 451 -31.45 36.30 -7.25
N TRP E 452 -30.41 35.71 -6.67
CA TRP E 452 -29.43 36.46 -5.89
C TRP E 452 -28.51 37.25 -6.81
N ALA E 453 -28.56 38.58 -6.69
CA ALA E 453 -27.68 39.50 -7.42
C ALA E 453 -27.74 39.29 -8.93
N THR E 454 -28.95 39.08 -9.44
CA THR E 454 -29.16 38.92 -10.87
C THR E 454 -30.48 39.59 -11.25
N ILE E 455 -30.65 39.83 -12.55
CA ILE E 455 -31.84 40.47 -13.09
C ILE E 455 -32.68 39.40 -13.79
N ASP E 456 -33.85 39.12 -13.24
CA ASP E 456 -34.74 38.12 -13.82
C ASP E 456 -35.79 38.71 -14.75
N VAL E 457 -36.20 39.95 -14.50
CA VAL E 457 -37.29 40.58 -15.23
C VAL E 457 -36.74 41.78 -15.98
N GLU E 458 -37.02 41.84 -17.28
CA GLU E 458 -36.54 42.92 -18.13
C GLU E 458 -37.69 43.44 -19.00
N TYR E 459 -37.66 44.74 -19.28
CA TYR E 459 -38.60 45.40 -20.18
C TYR E 459 -37.82 46.02 -21.31
N ARG E 460 -38.11 45.61 -22.56
CA ARG E 460 -37.32 46.03 -23.71
C ARG E 460 -38.12 46.86 -24.70
N GLU E 461 -39.20 46.31 -25.25
CA GLU E 461 -39.92 46.94 -26.36
C GLU E 461 -41.40 46.65 -26.19
N PRO E 462 -42.26 47.36 -26.92
CA PRO E 462 -43.69 47.03 -26.89
C PRO E 462 -43.96 45.61 -27.35
N ALA E 463 -44.70 44.87 -26.54
CA ALA E 463 -45.10 43.50 -26.79
C ALA E 463 -46.35 43.47 -27.68
N PRO E 464 -46.58 42.35 -28.38
CA PRO E 464 -47.85 42.22 -29.13
C PRO E 464 -49.08 42.31 -28.24
N TYR E 465 -49.00 41.83 -27.00
CA TYR E 465 -50.05 42.01 -26.01
C TYR E 465 -49.61 43.12 -25.06
N VAL E 466 -50.35 44.24 -25.06
CA VAL E 466 -49.88 45.46 -24.43
C VAL E 466 -49.84 45.35 -22.91
N HIS E 467 -50.60 44.43 -22.32
CA HIS E 467 -50.69 44.36 -20.86
C HIS E 467 -49.56 43.55 -20.23
N ALA E 468 -48.78 42.81 -21.02
CA ALA E 468 -47.71 41.96 -20.49
C ALA E 468 -46.43 42.26 -21.27
N GLN E 469 -45.66 43.24 -20.80
CA GLN E 469 -44.44 43.67 -21.47
C GLN E 469 -43.19 42.97 -20.95
N ARG E 470 -43.30 42.20 -19.87
CA ARG E 470 -42.12 41.71 -19.18
C ARG E 470 -41.45 40.56 -19.93
N TYR E 471 -40.14 40.45 -19.75
CA TYR E 471 -39.36 39.29 -20.19
C TYR E 471 -38.79 38.61 -18.96
N ILE E 472 -38.75 37.28 -18.98
CA ILE E 472 -38.26 36.48 -17.86
C ILE E 472 -36.90 35.90 -18.23
N ARG E 473 -35.92 36.10 -17.36
CA ARG E 473 -34.54 35.63 -17.57
C ARG E 473 -34.09 34.84 -16.35
N TYR E 474 -34.40 33.54 -16.35
CA TYR E 474 -33.82 32.65 -15.34
C TYR E 474 -32.33 32.52 -15.57
N CYS E 475 -31.55 32.72 -14.50
CA CYS E 475 -30.09 32.61 -14.49
C CYS E 475 -29.43 33.61 -15.44
N GLY E 476 -30.12 34.67 -15.83
CA GLY E 476 -29.54 35.69 -16.69
C GLY E 476 -29.40 35.32 -18.14
N ILE E 477 -30.04 34.24 -18.58
CA ILE E 477 -29.92 33.78 -19.96
C ILE E 477 -30.91 34.52 -20.85
N ASP E 478 -30.47 34.89 -22.05
CA ASP E 478 -31.29 35.60 -23.02
C ASP E 478 -31.87 34.60 -24.02
N SER E 479 -33.14 34.77 -24.35
CA SER E 479 -33.88 33.82 -25.18
C SER E 479 -34.06 34.30 -26.61
N ARG E 480 -33.28 35.28 -27.05
CA ARG E 480 -33.37 35.77 -28.42
C ARG E 480 -32.63 34.90 -29.42
N GLU E 481 -31.83 33.95 -28.97
CA GLU E 481 -31.01 33.12 -29.86
C GLU E 481 -31.39 31.66 -29.71
N LEU E 482 -31.29 30.92 -30.82
CA LEU E 482 -31.51 29.49 -30.80
C LEU E 482 -30.23 28.78 -30.34
N ILE E 483 -30.39 27.72 -29.58
CA ILE E 483 -29.25 27.05 -28.95
C ILE E 483 -29.06 25.67 -29.56
N ASN E 484 -27.82 25.19 -29.49
CA ASN E 484 -27.47 23.82 -29.82
C ASN E 484 -27.24 23.08 -28.51
N PRO E 485 -28.08 22.12 -28.13
CA PRO E 485 -27.92 21.47 -26.82
C PRO E 485 -26.62 20.72 -26.65
N THR E 486 -25.97 20.31 -27.75
CA THR E 486 -24.74 19.54 -27.65
C THR E 486 -23.56 20.37 -27.15
N THR E 487 -23.50 21.65 -27.50
CA THR E 487 -22.36 22.49 -27.12
C THR E 487 -22.71 23.69 -26.26
N TYR E 488 -23.98 23.91 -25.94
CA TYR E 488 -24.38 25.10 -25.19
C TYR E 488 -23.95 24.99 -23.73
N GLY E 489 -23.59 26.14 -23.15
CA GLY E 489 -23.29 26.23 -21.74
C GLY E 489 -21.90 25.81 -21.32
N ILE E 490 -20.96 25.73 -22.26
CA ILE E 490 -19.62 25.23 -21.94
C ILE E 490 -18.85 26.19 -21.04
N GLY E 491 -18.93 27.49 -21.32
CA GLY E 491 -18.19 28.46 -20.52
C GLY E 491 -19.04 29.51 -19.85
N MET E 492 -20.22 29.12 -19.34
CA MET E 492 -21.15 30.05 -18.72
C MET E 492 -21.33 29.75 -17.24
N THR E 493 -21.77 30.76 -16.51
CA THR E 493 -21.97 30.66 -15.06
C THR E 493 -22.86 31.82 -14.61
N TYR E 494 -23.31 31.73 -13.36
CA TYR E 494 -24.02 32.84 -12.72
C TYR E 494 -23.70 32.82 -11.23
N HIS E 495 -24.18 33.85 -10.53
CA HIS E 495 -23.65 34.21 -9.22
C HIS E 495 -23.92 33.13 -8.16
N CYS E 496 -25.17 32.69 -8.05
CA CYS E 496 -25.54 31.74 -7.01
C CYS E 496 -24.80 30.42 -7.15
N TYR E 497 -24.66 29.94 -8.39
CA TYR E 497 -23.98 28.67 -8.63
C TYR E 497 -22.51 28.77 -8.24
N ASN E 498 -21.86 29.87 -8.59
CA ASN E 498 -20.45 30.09 -8.23
C ASN E 498 -20.26 30.18 -6.73
N GLU E 499 -21.16 30.90 -6.04
CA GLU E 499 -21.07 30.99 -4.58
C GLU E 499 -21.28 29.63 -3.93
N MET E 500 -22.21 28.83 -4.46
CA MET E 500 -22.41 27.48 -3.95
C MET E 500 -21.16 26.63 -4.13
N LEU E 501 -20.51 26.74 -5.29
CA LEU E 501 -19.28 25.97 -5.52
C LEU E 501 -18.19 26.39 -4.54
N ARG E 502 -18.03 27.69 -4.30
CA ARG E 502 -17.02 28.16 -3.36
C ARG E 502 -17.30 27.66 -1.94
N MET E 503 -18.57 27.71 -1.52
CA MET E 503 -18.92 27.23 -0.19
C MET E 503 -18.72 25.72 -0.07
N LEU E 504 -19.00 24.98 -1.13
CA LEU E 504 -18.78 23.54 -1.10
C LEU E 504 -17.29 23.21 -0.97
N VAL E 505 -16.43 23.98 -1.64
CA VAL E 505 -15.00 23.75 -1.51
C VAL E 505 -14.53 24.12 -0.10
N ALA E 506 -15.03 25.23 0.44
CA ALA E 506 -14.55 25.69 1.75
C ALA E 506 -14.91 24.71 2.87
N ALA E 507 -15.98 23.95 2.70
CA ALA E 507 -16.42 22.99 3.71
C ALA E 507 -15.79 21.61 3.54
N GLY E 508 -15.00 21.40 2.49
CA GLY E 508 -14.37 20.12 2.26
C GLY E 508 -15.12 19.17 1.35
N LYS E 509 -16.15 19.63 0.66
CA LYS E 509 -16.95 18.78 -0.22
C LYS E 509 -16.39 18.86 -1.65
N ASP E 510 -15.26 18.20 -1.85
CA ASP E 510 -14.54 18.30 -3.12
C ASP E 510 -15.27 17.54 -4.23
N SER E 511 -15.70 16.31 -3.96
CA SER E 511 -16.29 15.48 -5.01
C SER E 511 -17.64 16.02 -5.46
N GLU E 512 -18.44 16.53 -4.53
CA GLU E 512 -19.73 17.11 -4.89
C GLU E 512 -19.54 18.41 -5.66
N ALA E 513 -18.54 19.21 -5.29
CA ALA E 513 -18.23 20.41 -6.05
C ALA E 513 -17.82 20.06 -7.48
N ALA E 514 -17.02 19.00 -7.63
CA ALA E 514 -16.65 18.54 -8.98
C ALA E 514 -17.87 18.09 -9.77
N TYR E 515 -18.79 17.38 -9.11
CA TYR E 515 -20.00 16.92 -9.78
C TYR E 515 -20.85 18.09 -10.27
N PHE E 516 -21.03 19.11 -9.42
CA PHE E 516 -21.83 20.25 -9.84
C PHE E 516 -21.14 21.07 -10.92
N ARG E 517 -19.81 21.20 -10.83
CA ARG E 517 -19.07 21.92 -11.86
C ARG E 517 -19.19 21.21 -13.21
N SER E 518 -19.19 19.88 -13.21
CA SER E 518 -19.40 19.15 -14.45
C SER E 518 -20.85 19.19 -14.90
N MET E 519 -21.81 19.34 -13.97
CA MET E 519 -23.22 19.32 -14.31
C MET E 519 -23.75 20.68 -14.78
N LEU E 520 -22.98 21.76 -14.61
CA LEU E 520 -23.46 23.10 -14.94
C LEU E 520 -24.00 23.30 -16.36
N PRO E 521 -23.35 22.83 -17.44
CA PRO E 521 -23.93 23.09 -18.79
C PRO E 521 -25.30 22.46 -18.99
N PHE E 522 -25.54 21.29 -18.41
CA PHE E 522 -26.87 20.67 -18.44
C PHE E 522 -27.90 21.59 -17.78
N HIS E 523 -27.53 22.17 -16.64
CA HIS E 523 -28.39 23.11 -15.93
C HIS E 523 -28.72 24.32 -16.79
N MET E 524 -27.72 24.89 -17.46
CA MET E 524 -27.96 26.08 -18.27
C MET E 524 -28.82 25.76 -19.49
N VAL E 525 -28.63 24.58 -20.10
CA VAL E 525 -29.49 24.20 -21.21
C VAL E 525 -30.94 24.05 -20.75
N ARG E 526 -31.16 23.44 -19.58
CA ARG E 526 -32.50 23.31 -19.04
C ARG E 526 -33.16 24.67 -18.86
N PHE E 527 -32.45 25.61 -18.24
CA PHE E 527 -33.08 26.91 -17.99
C PHE E 527 -33.22 27.76 -19.25
N ALA E 528 -32.36 27.56 -20.26
CA ALA E 528 -32.58 28.20 -21.54
C ALA E 528 -33.86 27.71 -22.19
N ARG E 529 -34.11 26.40 -22.14
CA ARG E 529 -35.38 25.87 -22.66
C ARG E 529 -36.57 26.45 -21.91
N ILE E 530 -36.47 26.57 -20.59
CA ILE E 530 -37.57 27.11 -19.79
C ILE E 530 -37.84 28.57 -20.17
N ASN E 531 -36.78 29.37 -20.33
CA ASN E 531 -36.94 30.76 -20.71
C ASN E 531 -37.58 30.90 -22.09
N GLN E 532 -37.17 30.05 -23.04
CA GLN E 532 -37.77 30.05 -24.36
C GLN E 532 -39.27 29.76 -24.28
N ILE E 533 -39.64 28.75 -23.50
CA ILE E 533 -41.05 28.38 -23.38
C ILE E 533 -41.86 29.52 -22.75
N ILE E 534 -41.30 30.17 -21.73
CA ILE E 534 -42.04 31.24 -21.06
C ILE E 534 -42.22 32.43 -21.99
N ASN E 535 -41.15 32.87 -22.64
CA ASN E 535 -41.22 34.12 -23.38
C ASN E 535 -41.75 33.99 -24.80
N GLU E 536 -41.89 32.77 -25.33
CA GLU E 536 -42.33 32.62 -26.70
C GLU E 536 -43.66 31.90 -26.83
N ASP E 537 -43.84 30.77 -26.16
CA ASP E 537 -45.06 29.99 -26.33
C ASP E 537 -46.19 30.51 -25.44
N LEU E 538 -45.89 30.99 -24.25
CA LEU E 538 -46.93 31.32 -23.27
C LEU E 538 -47.41 32.77 -23.36
N HIS E 539 -46.85 33.57 -24.26
CA HIS E 539 -47.34 34.94 -24.44
C HIS E 539 -48.75 34.92 -25.00
N SER E 540 -49.69 35.47 -24.25
CA SER E 540 -51.11 35.36 -24.59
C SER E 540 -51.87 36.49 -23.90
N VAL E 541 -53.13 36.65 -24.30
CA VAL E 541 -53.97 37.64 -23.62
C VAL E 541 -54.42 37.11 -22.27
N PHE E 542 -54.38 35.78 -22.08
CA PHE E 542 -54.67 35.18 -20.80
C PHE E 542 -53.51 35.29 -19.83
N SER E 543 -52.36 35.78 -20.27
CA SER E 543 -51.23 35.97 -19.38
C SER E 543 -51.50 37.09 -18.39
N LEU E 544 -50.89 36.96 -17.21
CA LEU E 544 -51.17 37.89 -16.12
C LEU E 544 -50.57 39.26 -16.42
N PRO E 545 -51.30 40.33 -16.14
CA PRO E 545 -50.77 41.68 -16.37
C PRO E 545 -49.60 42.00 -15.45
N ASP E 546 -48.76 42.93 -15.91
CA ASP E 546 -47.59 43.33 -15.14
C ASP E 546 -47.99 43.95 -13.80
N ASP E 547 -49.07 44.72 -13.79
CA ASP E 547 -49.53 45.38 -12.57
C ASP E 547 -49.88 44.37 -11.49
N MET E 548 -50.57 43.29 -11.86
CA MET E 548 -50.88 42.23 -10.90
C MET E 548 -49.68 41.34 -10.63
N PHE E 549 -48.81 41.15 -11.62
CA PHE E 549 -47.63 40.30 -11.44
C PHE E 549 -46.67 40.89 -10.42
N ASN E 550 -46.48 42.21 -10.44
CA ASN E 550 -45.52 42.84 -9.55
C ASN E 550 -45.95 42.82 -8.09
N ALA E 551 -47.23 42.57 -7.81
CA ALA E 551 -47.75 42.59 -6.46
C ALA E 551 -47.93 41.20 -5.86
N LEU E 552 -47.48 40.14 -6.54
CA LEU E 552 -47.71 38.79 -6.04
C LEU E 552 -46.85 38.49 -4.81
N LEU E 553 -45.58 38.89 -4.85
CA LEU E 553 -44.64 38.59 -3.78
C LEU E 553 -44.82 39.50 -2.55
N PRO E 554 -45.01 40.82 -2.69
CA PRO E 554 -45.32 41.62 -1.50
C PRO E 554 -46.57 41.18 -0.76
N ASP E 555 -47.60 40.73 -1.49
CA ASP E 555 -48.80 40.24 -0.83
C ASP E 555 -48.54 38.93 -0.10
N LEU E 556 -47.69 38.07 -0.66
CA LEU E 556 -47.33 36.83 0.03
C LEU E 556 -46.54 37.14 1.30
N ILE E 557 -45.62 38.11 1.24
CA ILE E 557 -44.85 38.46 2.42
C ILE E 557 -45.73 39.08 3.49
N ALA E 558 -46.60 40.01 3.10
CA ALA E 558 -47.41 40.74 4.06
C ALA E 558 -48.65 39.99 4.52
N GLY E 559 -49.02 38.90 3.86
CA GLY E 559 -50.22 38.18 4.22
C GLY E 559 -51.51 38.82 3.75
N ALA E 560 -51.46 39.68 2.75
CA ALA E 560 -52.66 40.28 2.19
C ALA E 560 -53.44 39.26 1.38
N HIS E 561 -54.77 39.40 1.39
CA HIS E 561 -55.65 38.46 0.71
C HIS E 561 -56.72 39.19 -0.11
N GLN E 562 -56.42 40.38 -0.61
CA GLN E 562 -57.37 41.10 -1.45
C GLN E 562 -57.42 40.54 -2.86
N ASN E 563 -56.29 40.06 -3.38
CA ASN E 563 -56.23 39.49 -4.72
C ASN E 563 -56.35 37.97 -4.65
N ALA E 564 -56.23 37.33 -5.81
CA ALA E 564 -56.30 35.88 -5.88
C ALA E 564 -54.99 35.27 -5.38
N ASP E 565 -55.11 34.26 -4.52
CA ASP E 565 -53.94 33.57 -3.99
C ASP E 565 -53.34 32.65 -5.05
N PRO E 566 -52.03 32.41 -4.99
CA PRO E 566 -51.41 31.45 -5.90
C PRO E 566 -51.88 30.03 -5.63
N VAL E 567 -51.54 29.14 -6.56
CA VAL E 567 -51.91 27.73 -6.48
C VAL E 567 -50.73 26.95 -5.91
N VAL E 568 -50.97 26.19 -4.85
CA VAL E 568 -49.93 25.48 -4.12
C VAL E 568 -50.01 24.00 -4.46
N LEU E 569 -48.86 23.41 -4.81
CA LEU E 569 -48.75 22.00 -5.13
C LEU E 569 -47.75 21.34 -4.18
N ASP E 570 -48.06 20.13 -3.75
CA ASP E 570 -47.25 19.40 -2.78
C ASP E 570 -46.39 18.36 -3.49
N VAL E 571 -45.10 18.33 -3.16
CA VAL E 571 -44.15 17.40 -3.75
C VAL E 571 -43.36 16.71 -2.65
N SER E 572 -42.72 15.61 -3.02
CA SER E 572 -41.89 14.83 -2.10
C SER E 572 -40.43 15.30 -2.15
N TRP E 573 -39.64 14.79 -1.20
CA TRP E 573 -38.25 15.24 -1.09
C TRP E 573 -37.39 14.70 -2.23
N ILE E 574 -37.53 13.42 -2.57
CA ILE E 574 -36.66 12.80 -3.57
C ILE E 574 -36.97 13.29 -4.97
N SER E 575 -38.16 13.85 -5.19
CA SER E 575 -38.51 14.40 -6.49
C SER E 575 -37.64 15.58 -6.86
N LEU E 576 -37.07 16.29 -5.88
CA LEU E 576 -36.13 17.36 -6.19
C LEU E 576 -34.86 16.81 -6.83
N TRP E 577 -34.32 15.73 -6.26
CA TRP E 577 -33.16 15.07 -6.85
C TRP E 577 -33.49 14.52 -8.23
N PHE E 578 -34.68 13.95 -8.39
CA PHE E 578 -35.06 13.44 -9.71
C PHE E 578 -35.22 14.58 -10.72
N ALA E 579 -35.73 15.73 -10.28
CA ALA E 579 -35.92 16.85 -11.19
C ALA E 579 -34.60 17.48 -11.60
N PHE E 580 -33.62 17.51 -10.68
CA PHE E 580 -32.32 18.06 -11.03
C PHE E 580 -31.61 17.23 -12.10
N ASN E 581 -31.90 15.93 -12.19
CA ASN E 581 -31.26 15.05 -13.15
C ASN E 581 -32.11 14.82 -14.40
N ARG E 582 -33.19 15.57 -14.57
CA ARG E 582 -34.02 15.50 -15.76
C ARG E 582 -34.16 16.90 -16.36
N SER E 583 -34.30 16.94 -17.68
CA SER E 583 -34.45 18.20 -18.41
C SER E 583 -35.62 18.08 -19.36
N PHE E 584 -36.53 19.06 -19.33
CA PHE E 584 -37.70 19.04 -20.19
C PHE E 584 -37.31 19.54 -21.58
N GLU E 585 -37.52 18.70 -22.58
CA GLU E 585 -37.19 19.04 -23.97
C GLU E 585 -38.45 18.97 -24.82
N PRO E 586 -39.00 20.11 -25.23
CA PRO E 586 -40.21 20.08 -26.05
C PRO E 586 -39.98 19.40 -27.39
N THR E 587 -40.98 18.64 -27.85
CA THR E 587 -40.92 17.96 -29.13
C THR E 587 -42.02 18.41 -30.09
N HIS E 588 -43.24 18.59 -29.60
CA HIS E 588 -44.34 19.09 -30.40
C HIS E 588 -44.96 20.29 -29.71
N ARG E 589 -45.17 21.36 -30.45
CA ARG E 589 -45.82 22.54 -29.90
C ARG E 589 -47.34 22.37 -29.92
N ASN E 590 -48.03 23.22 -29.18
CA ASN E 590 -49.47 23.10 -29.01
C ASN E 590 -50.19 23.33 -30.34
N GLU E 591 -51.15 22.46 -30.64
CA GLU E 591 -51.89 22.55 -31.90
C GLU E 591 -52.84 23.74 -31.94
N MET E 592 -53.14 24.34 -30.80
CA MET E 592 -54.00 25.52 -30.74
C MET E 592 -53.21 26.82 -30.79
N LEU E 593 -51.91 26.76 -31.04
CA LEU E 593 -51.06 27.94 -30.91
C LEU E 593 -51.41 29.00 -31.95
N GLU E 594 -51.55 28.60 -33.21
CA GLU E 594 -51.80 29.58 -34.26
C GLU E 594 -53.28 29.97 -34.37
N VAL E 595 -54.18 29.21 -33.72
CA VAL E 595 -55.61 29.50 -33.78
C VAL E 595 -56.06 30.37 -32.60
N ALA E 596 -55.24 30.51 -31.56
CA ALA E 596 -55.66 31.17 -30.33
C ALA E 596 -56.14 32.61 -30.48
N PRO E 597 -55.50 33.51 -31.26
CA PRO E 597 -56.01 34.90 -31.31
C PRO E 597 -57.44 35.03 -31.78
N LEU E 598 -57.86 34.21 -32.74
CA LEU E 598 -59.26 34.24 -33.19
C LEU E 598 -60.21 33.81 -32.09
N ILE E 599 -59.81 32.79 -31.31
CA ILE E 599 -60.61 32.33 -30.18
C ILE E 599 -60.77 33.45 -29.16
N GLU E 600 -59.67 34.15 -28.85
CA GLU E 600 -59.73 35.24 -27.90
C GLU E 600 -60.61 36.37 -28.40
N SER E 601 -60.53 36.67 -29.70
CA SER E 601 -61.38 37.72 -30.27
C SER E 601 -62.86 37.37 -30.16
N VAL E 602 -63.21 36.12 -30.46
CA VAL E 602 -64.60 35.69 -30.35
C VAL E 602 -65.09 35.80 -28.90
N TYR E 603 -64.25 35.34 -27.96
CA TYR E 603 -64.63 35.37 -26.54
C TYR E 603 -64.86 36.79 -26.06
N ALA E 604 -63.98 37.72 -26.43
CA ALA E 604 -64.13 39.11 -26.04
C ALA E 604 -65.38 39.74 -26.66
N SER E 605 -65.64 39.43 -27.94
CA SER E 605 -66.83 39.98 -28.59
C SER E 605 -68.12 39.52 -27.91
N GLU E 606 -68.18 38.23 -27.55
CA GLU E 606 -69.37 37.73 -26.86
C GLU E 606 -69.54 38.38 -25.49
N LEU E 607 -68.42 38.58 -24.77
CA LEU E 607 -68.51 39.28 -23.49
C LEU E 607 -69.04 40.70 -23.66
N SER E 608 -68.59 41.39 -24.70
CA SER E 608 -69.05 42.77 -24.94
C SER E 608 -70.54 42.80 -25.29
N VAL E 609 -71.01 41.84 -26.08
CA VAL E 609 -72.45 41.79 -26.40
C VAL E 609 -73.27 41.57 -25.14
N MET E 610 -72.81 40.67 -24.27
CA MET E 610 -73.49 40.43 -23.01
C MET E 610 -73.56 41.71 -22.18
N LYS E 611 -72.44 42.43 -22.10
CA LYS E 611 -72.40 43.67 -21.33
C LYS E 611 -73.37 44.71 -21.87
N VAL E 612 -73.44 44.86 -23.19
CA VAL E 612 -74.32 45.86 -23.78
C VAL E 612 -75.78 45.52 -23.50
N ASP E 613 -76.16 44.25 -23.73
CA ASP E 613 -77.55 43.84 -23.49
C ASP E 613 -77.95 44.08 -22.04
N MET E 614 -77.07 43.74 -21.11
CA MET E 614 -77.44 43.85 -19.71
C MET E 614 -77.42 45.30 -19.22
N ARG E 615 -76.53 46.13 -19.79
CA ARG E 615 -76.59 47.57 -19.57
C ARG E 615 -77.95 48.13 -19.94
N HIS E 616 -78.45 47.76 -21.12
CA HIS E 616 -79.72 48.33 -21.54
C HIS E 616 -80.90 47.75 -20.77
N LEU E 617 -80.81 46.49 -20.33
CA LEU E 617 -81.90 45.91 -19.56
C LEU E 617 -81.93 46.36 -18.10
N SER E 618 -80.82 46.92 -17.58
CA SER E 618 -80.81 47.34 -16.19
C SER E 618 -81.69 48.55 -15.90
N LEU E 619 -82.20 49.25 -16.92
CA LEU E 619 -83.00 50.46 -16.71
C LEU E 619 -84.49 50.22 -16.85
N MET E 620 -84.94 48.96 -16.91
CA MET E 620 -86.31 48.68 -17.31
C MET E 620 -87.30 48.94 -16.18
N GLN E 621 -86.92 48.65 -14.94
CA GLN E 621 -87.87 48.73 -13.83
C GLN E 621 -88.28 50.17 -13.52
N ARG E 622 -87.36 51.13 -13.70
CA ARG E 622 -87.70 52.52 -13.48
C ARG E 622 -88.62 53.06 -14.57
N ARG E 623 -88.51 52.53 -15.79
CA ARG E 623 -89.34 53.00 -16.90
C ARG E 623 -90.76 52.47 -16.83
N PHE E 624 -90.95 51.24 -16.36
CA PHE E 624 -92.26 50.59 -16.36
C PHE E 624 -92.54 50.00 -14.97
N PRO E 625 -92.83 50.84 -13.98
CA PRO E 625 -93.09 50.32 -12.64
C PRO E 625 -94.31 49.42 -12.53
N ASP E 626 -95.35 49.67 -13.34
CA ASP E 626 -96.57 48.88 -13.24
C ASP E 626 -96.41 47.48 -13.81
N VAL E 627 -95.33 47.21 -14.51
CA VAL E 627 -95.10 45.88 -15.04
C VAL E 627 -94.15 45.08 -14.16
N LEU E 628 -93.20 45.75 -13.51
CA LEU E 628 -92.10 45.08 -12.83
C LEU E 628 -92.07 45.39 -11.33
N ILE E 629 -93.23 45.26 -10.66
CA ILE E 629 -93.27 45.52 -9.22
C ILE E 629 -92.38 44.53 -8.47
N GLN E 630 -92.44 43.26 -8.85
CA GLN E 630 -91.81 42.16 -8.13
C GLN E 630 -90.60 41.62 -8.87
N ALA E 631 -89.83 42.50 -9.50
CA ALA E 631 -88.65 42.13 -10.25
C ALA E 631 -87.38 42.44 -9.47
N ARG E 632 -86.38 41.59 -9.64
CA ARG E 632 -85.07 41.70 -9.03
C ARG E 632 -84.00 41.68 -10.12
N PRO E 633 -82.80 42.21 -9.85
CA PRO E 633 -81.74 42.19 -10.88
C PRO E 633 -81.36 40.80 -11.35
N SER E 634 -81.47 39.79 -10.48
CA SER E 634 -81.18 38.42 -10.89
C SER E 634 -82.12 37.93 -11.97
N HIS E 635 -83.32 38.52 -12.09
CA HIS E 635 -84.24 38.13 -13.14
C HIS E 635 -83.69 38.45 -14.52
N PHE E 636 -83.27 39.70 -14.75
CA PHE E 636 -82.71 40.00 -16.07
C PHE E 636 -81.29 39.47 -16.24
N TRP E 637 -80.57 39.22 -15.14
CA TRP E 637 -79.32 38.49 -15.23
C TRP E 637 -79.55 37.10 -15.82
N LYS E 638 -80.54 36.38 -15.29
CA LYS E 638 -80.86 35.05 -15.81
C LYS E 638 -81.42 35.13 -17.22
N ALA E 639 -82.20 36.16 -17.53
CA ALA E 639 -82.73 36.33 -18.88
C ALA E 639 -81.62 36.53 -19.90
N VAL E 640 -80.59 37.31 -19.53
CA VAL E 640 -79.45 37.48 -20.44
C VAL E 640 -78.65 36.19 -20.55
N LEU E 641 -78.45 35.48 -19.43
CA LEU E 641 -77.68 34.25 -19.45
C LEU E 641 -78.36 33.16 -20.27
N ASN E 642 -79.70 33.16 -20.34
CA ASN E 642 -80.40 32.15 -21.12
C ASN E 642 -80.12 32.27 -22.61
N ASP E 643 -79.96 33.49 -23.10
CA ASP E 643 -79.80 33.76 -24.53
C ASP E 643 -78.36 34.04 -24.92
N SER E 644 -77.41 33.33 -24.33
CA SER E 644 -76.00 33.49 -24.59
C SER E 644 -75.40 32.13 -24.95
N PRO E 645 -74.31 32.10 -25.70
CA PRO E 645 -73.66 30.82 -26.01
C PRO E 645 -73.12 30.13 -24.77
N GLU E 646 -73.11 28.80 -24.81
CA GLU E 646 -72.71 28.00 -23.66
C GLU E 646 -71.20 28.00 -23.43
N ALA E 647 -70.40 28.28 -24.46
CA ALA E 647 -68.96 28.22 -24.31
C ALA E 647 -68.42 29.34 -23.43
N VAL E 648 -68.93 30.56 -23.62
CA VAL E 648 -68.51 31.69 -22.79
C VAL E 648 -68.92 31.45 -21.34
N LYS E 649 -70.14 30.94 -21.15
CA LYS E 649 -70.60 30.62 -19.80
C LYS E 649 -69.74 29.55 -19.16
N ALA E 650 -69.30 28.55 -19.94
CA ALA E 650 -68.41 27.52 -19.42
C ALA E 650 -67.06 28.09 -19.01
N VAL E 651 -66.53 29.01 -19.82
CA VAL E 651 -65.25 29.63 -19.49
C VAL E 651 -65.37 30.41 -18.19
N MET E 652 -66.47 31.13 -17.99
CA MET E 652 -66.65 31.84 -16.72
C MET E 652 -66.88 30.88 -15.57
N ASN E 653 -67.59 29.77 -15.81
CA ASN E 653 -67.83 28.78 -14.77
C ASN E 653 -66.58 28.03 -14.38
N LEU E 654 -65.53 28.08 -15.21
CA LEU E 654 -64.24 27.55 -14.79
C LEU E 654 -63.72 28.23 -13.53
N SER E 655 -64.09 29.50 -13.32
CA SER E 655 -63.70 30.23 -12.13
C SER E 655 -64.82 30.39 -11.11
N HIS E 656 -66.05 30.61 -11.56
CA HIS E 656 -67.15 30.88 -10.65
C HIS E 656 -67.72 29.63 -10.00
N SER E 657 -67.13 28.46 -10.26
CA SER E 657 -67.57 27.24 -9.58
C SER E 657 -67.10 27.20 -8.13
N HIS E 658 -65.95 27.81 -7.82
CA HIS E 658 -65.46 27.83 -6.45
C HIS E 658 -65.20 29.23 -5.92
N ASN E 659 -65.52 30.28 -6.67
CA ASN E 659 -65.45 31.65 -6.18
C ASN E 659 -66.86 32.23 -6.21
N PHE E 660 -67.30 32.75 -5.06
CA PHE E 660 -68.66 33.26 -4.94
C PHE E 660 -68.72 34.71 -5.43
N ILE E 661 -69.66 34.97 -6.33
CA ILE E 661 -69.94 36.33 -6.82
C ILE E 661 -71.45 36.56 -6.73
N ASN E 662 -71.84 37.80 -6.44
CA ASN E 662 -73.24 38.18 -6.36
C ASN E 662 -73.54 39.26 -7.40
N ILE E 663 -74.75 39.83 -7.32
CA ILE E 663 -75.16 40.84 -8.29
C ILE E 663 -74.38 42.14 -8.13
N ARG E 664 -73.72 42.34 -6.99
CA ARG E 664 -72.91 43.54 -6.83
C ARG E 664 -71.67 43.49 -7.72
N ASP E 665 -71.00 42.33 -7.76
CA ASP E 665 -69.90 42.11 -8.70
C ASP E 665 -70.39 42.23 -10.14
N MET E 666 -71.58 41.69 -10.40
CA MET E 666 -72.17 41.76 -11.74
C MET E 666 -72.40 43.20 -12.18
N MET E 667 -72.98 44.03 -11.30
CA MET E 667 -73.15 45.45 -11.60
C MET E 667 -71.81 46.15 -11.81
N ARG E 668 -70.81 45.82 -11.00
CA ARG E 668 -69.50 46.44 -11.21
C ARG E 668 -68.90 46.07 -12.56
N TRP E 669 -69.04 44.80 -12.97
CA TRP E 669 -68.51 44.37 -14.26
C TRP E 669 -69.27 44.99 -15.42
N VAL E 670 -70.58 45.19 -15.27
CA VAL E 670 -71.39 45.73 -16.36
C VAL E 670 -71.02 47.19 -16.67
N MET E 671 -70.68 47.97 -15.66
CA MET E 671 -70.49 49.41 -15.83
C MET E 671 -69.06 49.79 -16.20
N LEU E 672 -68.15 48.83 -16.33
CA LEU E 672 -66.80 49.15 -16.75
C LEU E 672 -66.78 49.52 -18.23
N PRO E 673 -65.92 50.47 -18.62
CA PRO E 673 -66.04 51.07 -19.96
C PRO E 673 -65.55 50.22 -21.13
N SER E 674 -64.63 49.28 -20.90
CA SER E 674 -63.95 48.61 -21.99
C SER E 674 -64.87 47.71 -22.79
N LEU E 675 -64.76 47.79 -24.12
CA LEU E 675 -65.52 46.94 -25.04
C LEU E 675 -64.61 46.50 -26.17
N GLN E 676 -65.02 45.42 -26.85
CA GLN E 676 -64.27 44.88 -27.98
C GLN E 676 -65.08 45.07 -29.27
N PRO E 677 -64.68 45.98 -30.15
CA PRO E 677 -65.48 46.23 -31.36
C PRO E 677 -65.54 45.03 -32.28
N SER E 678 -66.70 44.86 -32.92
CA SER E 678 -66.94 43.83 -33.91
C SER E 678 -68.23 44.17 -34.64
N LEU E 679 -68.58 43.36 -35.63
CA LEU E 679 -69.81 43.59 -36.38
C LEU E 679 -71.04 43.39 -35.52
N LYS E 680 -71.08 42.26 -34.79
CA LYS E 680 -72.25 41.95 -33.97
C LYS E 680 -72.45 42.96 -32.86
N LEU E 681 -71.36 43.46 -32.27
CA LEU E 681 -71.48 44.42 -31.19
C LEU E 681 -72.06 45.75 -31.68
N ALA E 682 -71.53 46.27 -32.80
CA ALA E 682 -72.05 47.52 -33.35
C ALA E 682 -73.50 47.38 -33.78
N LEU E 683 -73.85 46.27 -34.41
CA LEU E 683 -75.24 46.06 -34.79
C LEU E 683 -76.16 45.92 -33.58
N GLU E 684 -75.69 45.27 -32.52
CA GLU E 684 -76.49 45.15 -31.30
C GLU E 684 -76.71 46.52 -30.66
N GLU E 685 -75.67 47.35 -30.62
CA GLU E 685 -75.81 48.70 -30.08
C GLU E 685 -76.81 49.51 -30.88
N GLU E 686 -76.71 49.44 -32.21
CA GLU E 686 -77.65 50.17 -33.05
C GLU E 686 -79.08 49.66 -32.88
N ALA E 687 -79.24 48.34 -32.72
CA ALA E 687 -80.57 47.78 -32.50
C ALA E 687 -81.17 48.23 -31.17
N TRP E 688 -80.34 48.27 -30.12
CA TRP E 688 -80.84 48.78 -28.83
C TRP E 688 -81.18 50.25 -28.91
N ALA E 689 -80.43 51.03 -29.69
CA ALA E 689 -80.77 52.43 -29.87
C ALA E 689 -82.07 52.60 -30.66
N ALA E 690 -82.31 51.73 -31.64
CA ALA E 690 -83.49 51.86 -32.48
C ALA E 690 -84.77 51.45 -31.75
N ALA E 691 -84.66 50.74 -30.63
CA ALA E 691 -85.82 50.31 -29.85
C ALA E 691 -85.98 51.10 -28.56
N ASN E 692 -85.58 52.37 -28.57
CA ASN E 692 -85.71 53.20 -27.37
C ASN E 692 -87.18 53.49 -27.05
N ASP E 693 -88.02 53.60 -28.09
CA ASP E 693 -89.45 53.83 -27.92
C ASP E 693 -90.17 52.48 -28.07
N PHE E 694 -91.05 52.18 -27.12
CA PHE E 694 -91.76 50.90 -27.18
C PHE E 694 -92.98 50.91 -28.08
N GLU E 695 -93.29 52.05 -28.74
CA GLU E 695 -94.26 51.99 -29.81
C GLU E 695 -93.69 51.31 -31.04
N ASP E 696 -92.36 51.29 -31.18
CA ASP E 696 -91.70 50.50 -32.21
C ASP E 696 -91.72 49.01 -31.92
N LEU E 697 -91.99 48.61 -30.68
CA LEU E 697 -92.15 47.22 -30.32
C LEU E 697 -93.62 46.78 -30.27
N MET E 698 -94.54 47.68 -30.62
CA MET E 698 -95.98 47.44 -30.58
C MET E 698 -96.45 47.02 -29.19
N LEU E 699 -96.02 47.78 -28.19
CA LEU E 699 -96.48 47.63 -26.82
C LEU E 699 -96.91 49.00 -26.30
N THR E 700 -98.12 49.07 -25.74
CA THR E 700 -98.64 50.33 -25.27
C THR E 700 -99.60 50.10 -24.11
N ASP E 701 -99.88 51.18 -23.37
CA ASP E 701 -100.83 51.17 -22.28
C ASP E 701 -102.01 52.10 -22.51
N GLN E 702 -102.11 52.70 -23.69
CA GLN E 702 -103.17 53.65 -23.99
C GLN E 702 -104.35 52.92 -24.64
N VAL E 703 -105.06 52.17 -23.80
CA VAL E 703 -106.26 51.43 -24.21
C VAL E 703 -107.42 51.93 -23.37
N TYR E 704 -108.52 52.29 -24.04
CA TYR E 704 -109.67 52.89 -23.38
C TYR E 704 -110.94 52.14 -23.75
N MET E 705 -111.90 52.16 -22.84
CA MET E 705 -113.24 51.65 -23.10
C MET E 705 -114.20 52.83 -23.24
N HIS E 706 -114.97 52.83 -24.32
CA HIS E 706 -115.83 53.97 -24.65
C HIS E 706 -116.89 53.55 -25.65
N ARG E 707 -118.13 53.99 -25.45
CA ARG E 707 -119.22 53.58 -26.32
C ARG E 707 -119.25 54.46 -27.57
N ASP E 708 -119.16 53.84 -28.74
CA ASP E 708 -119.15 54.55 -30.01
C ASP E 708 -120.00 53.75 -30.99
N MET E 709 -120.18 54.27 -32.20
CA MET E 709 -121.09 53.69 -33.18
C MET E 709 -120.38 53.44 -34.49
N LEU E 710 -120.76 52.36 -35.16
CA LEU E 710 -120.26 52.11 -36.51
C LEU E 710 -120.92 53.08 -37.49
N PRO E 711 -120.14 53.68 -38.40
CA PRO E 711 -120.71 54.66 -39.33
C PRO E 711 -121.72 54.03 -40.28
N GLU E 712 -122.68 54.84 -40.70
CA GLU E 712 -123.74 54.41 -41.63
C GLU E 712 -123.88 55.44 -42.73
N PRO E 713 -122.93 55.50 -43.66
CA PRO E 713 -122.95 56.54 -44.68
C PRO E 713 -124.08 56.36 -45.68
N ARG E 714 -124.50 57.48 -46.26
CA ARG E 714 -125.56 57.46 -47.27
C ARG E 714 -124.99 57.04 -48.62
N LEU E 715 -125.86 56.48 -49.46
CA LEU E 715 -125.45 55.99 -50.78
C LEU E 715 -126.24 56.69 -51.88
N ASP E 716 -126.34 58.02 -51.80
CA ASP E 716 -127.11 58.77 -52.78
C ASP E 716 -126.51 58.65 -54.17
N ASP E 717 -125.18 58.69 -54.28
CA ASP E 717 -124.49 58.52 -55.55
C ASP E 717 -123.46 57.41 -55.38
N ILE E 718 -123.64 56.30 -56.10
CA ILE E 718 -122.82 55.11 -55.86
C ILE E 718 -121.39 55.32 -56.34
N GLU E 719 -121.21 55.88 -57.54
CA GLU E 719 -119.87 55.96 -58.11
C GLU E 719 -119.00 56.95 -57.36
N ARG E 720 -119.56 58.08 -56.93
CA ARG E 720 -118.79 59.04 -56.14
C ARG E 720 -118.39 58.45 -54.80
N PHE E 721 -119.28 57.69 -54.18
CA PHE E 721 -118.94 57.01 -52.93
C PHE E 721 -117.85 55.97 -53.15
N ARG E 722 -117.90 55.25 -54.27
CA ARG E 722 -116.87 54.26 -54.58
C ARG E 722 -115.52 54.94 -54.82
N GLN E 723 -115.55 56.14 -55.41
CA GLN E 723 -114.29 56.81 -55.75
C GLN E 723 -113.50 57.22 -54.52
N GLU E 724 -114.19 57.53 -53.42
CA GLU E 724 -113.51 57.82 -52.17
C GLU E 724 -113.37 56.54 -51.35
N GLY E 725 -112.19 56.33 -50.78
CA GLY E 725 -111.92 55.11 -50.06
C GLY E 725 -112.41 55.12 -48.63
N PHE E 726 -113.73 54.98 -48.45
CA PHE E 726 -114.30 55.02 -47.11
C PHE E 726 -113.87 53.82 -46.30
N TYR E 727 -113.50 54.06 -45.05
CA TYR E 727 -113.12 53.00 -44.13
C TYR E 727 -113.27 53.52 -42.70
N TYR E 728 -113.30 52.59 -41.75
CA TYR E 728 -113.42 52.91 -40.34
C TYR E 728 -112.34 52.18 -39.56
N THR E 729 -111.84 52.84 -38.52
CA THR E 729 -110.85 52.25 -37.64
C THR E 729 -111.13 52.69 -36.21
N ASN E 730 -110.68 51.85 -35.26
CA ASN E 730 -110.79 52.18 -33.85
C ASN E 730 -109.50 52.80 -33.30
N MET E 731 -108.54 53.08 -34.18
CA MET E 731 -107.33 53.79 -33.78
C MET E 731 -107.63 55.27 -33.53
N LEU E 732 -107.02 55.81 -32.48
CA LEU E 732 -107.28 57.19 -32.07
C LEU E 732 -106.21 58.12 -32.64
N GLU E 733 -106.65 59.30 -33.08
CA GLU E 733 -105.71 60.31 -33.55
C GLU E 733 -104.96 60.95 -32.38
N ALA E 734 -105.59 61.02 -31.22
CA ALA E 734 -105.00 61.62 -30.02
C ALA E 734 -105.75 61.10 -28.81
N PRO E 735 -105.08 60.96 -27.66
CA PRO E 735 -105.79 60.49 -26.46
C PRO E 735 -106.83 61.50 -26.01
N PRO E 736 -107.91 61.04 -25.37
CA PRO E 736 -108.96 61.97 -24.95
C PRO E 736 -108.50 62.87 -23.81
N GLU E 737 -109.28 63.92 -23.59
CA GLU E 737 -108.96 64.89 -22.55
C GLU E 737 -108.98 64.23 -21.18
N ILE E 738 -108.03 64.64 -20.34
CA ILE E 738 -107.79 63.95 -19.07
C ILE E 738 -108.95 64.15 -18.10
N ASP E 739 -109.72 65.22 -18.28
CA ASP E 739 -110.83 65.50 -17.38
C ASP E 739 -112.09 64.67 -17.68
N ARG E 740 -112.10 63.91 -18.78
CA ARG E 740 -113.22 63.05 -19.10
C ARG E 740 -112.86 61.58 -18.99
N VAL E 741 -111.70 61.25 -18.43
CA VAL E 741 -111.27 59.88 -18.23
C VAL E 741 -111.43 59.51 -16.77
N VAL E 742 -111.99 58.33 -16.51
CA VAL E 742 -112.10 57.78 -15.17
C VAL E 742 -111.08 56.65 -15.05
N GLN E 743 -110.18 56.76 -14.07
CA GLN E 743 -109.09 55.80 -13.91
C GLN E 743 -109.50 54.72 -12.91
N TYR E 744 -109.45 53.47 -13.34
CA TYR E 744 -109.76 52.33 -12.51
C TYR E 744 -108.52 51.52 -12.17
N THR E 745 -108.51 50.98 -10.95
CA THR E 745 -107.49 50.04 -10.49
C THR E 745 -108.18 48.83 -9.89
N TYR E 746 -107.38 47.85 -9.48
CA TYR E 746 -107.95 46.64 -8.88
C TYR E 746 -108.60 46.94 -7.54
N GLU E 747 -108.00 47.83 -6.75
CA GLU E 747 -108.52 48.12 -5.41
C GLU E 747 -109.90 48.79 -5.48
N ILE E 748 -110.07 49.74 -6.39
CA ILE E 748 -111.35 50.44 -6.50
C ILE E 748 -112.43 49.50 -7.03
N ALA E 749 -112.07 48.67 -8.02
CA ALA E 749 -113.03 47.70 -8.54
C ALA E 749 -113.44 46.70 -7.46
N ARG E 750 -112.49 46.25 -6.65
CA ARG E 750 -112.80 45.34 -5.56
C ARG E 750 -113.68 46.00 -4.51
N LEU E 751 -113.43 47.28 -4.20
CA LEU E 751 -114.27 47.99 -3.24
C LEU E 751 -115.70 48.11 -3.75
N GLN E 752 -115.86 48.47 -5.02
CA GLN E 752 -117.20 48.62 -5.57
C GLN E 752 -117.91 47.27 -5.69
N ALA E 753 -117.15 46.22 -5.99
CA ALA E 753 -117.74 44.87 -6.01
C ALA E 753 -118.17 44.45 -4.61
N ASN E 754 -117.40 44.82 -3.59
CA ASN E 754 -117.80 44.56 -2.21
C ASN E 754 -119.09 45.29 -1.87
N MET E 755 -119.21 46.54 -2.29
CA MET E 755 -120.46 47.27 -2.11
C MET E 755 -121.53 46.84 -3.11
N GLY E 756 -121.17 46.11 -4.15
CA GLY E 756 -122.13 45.68 -5.14
C GLY E 756 -122.53 46.74 -6.15
N GLN E 757 -121.61 47.62 -6.54
CA GLN E 757 -121.93 48.72 -7.44
C GLN E 757 -120.92 48.86 -8.58
N PHE E 758 -120.20 47.79 -8.92
CA PHE E 758 -119.27 47.86 -10.04
C PHE E 758 -120.00 48.01 -11.37
N ARG E 759 -120.99 47.15 -11.61
CA ARG E 759 -121.72 47.17 -12.87
C ARG E 759 -122.50 48.47 -13.05
N ALA E 760 -123.15 48.94 -11.98
CA ALA E 760 -123.91 50.18 -12.07
C ALA E 760 -123.00 51.37 -12.35
N ALA E 761 -121.83 51.39 -11.72
CA ALA E 761 -120.87 52.47 -11.97
C ALA E 761 -120.40 52.47 -13.42
N LEU E 762 -120.08 51.28 -13.95
CA LEU E 762 -119.64 51.20 -15.34
C LEU E 762 -120.76 51.63 -16.29
N ARG E 763 -121.99 51.22 -16.02
CA ARG E 763 -123.12 51.62 -16.84
C ARG E 763 -123.33 53.13 -16.80
N ARG E 764 -123.20 53.73 -15.62
CA ARG E 764 -123.36 55.17 -15.50
C ARG E 764 -122.27 55.92 -16.28
N ILE E 765 -121.03 55.44 -16.19
CA ILE E 765 -119.93 56.08 -16.91
C ILE E 765 -120.15 55.98 -18.42
N MET E 766 -120.57 54.81 -18.90
CA MET E 766 -120.87 54.66 -20.33
C MET E 766 -122.02 55.55 -20.76
N ASP E 767 -123.05 55.68 -19.92
CA ASP E 767 -124.18 56.55 -20.26
C ASP E 767 -123.80 58.02 -20.24
N ASP E 768 -122.75 58.39 -19.49
CA ASP E 768 -122.32 59.78 -19.46
C ASP E 768 -121.34 60.14 -20.56
N ASP E 769 -121.05 59.21 -21.49
CA ASP E 769 -120.15 59.42 -22.62
C ASP E 769 -118.74 59.77 -22.17
N ASP E 770 -118.24 59.12 -21.12
CA ASP E 770 -116.88 59.30 -20.66
C ASP E 770 -116.03 58.08 -21.05
N TRP E 771 -114.78 58.08 -20.60
CA TRP E 771 -113.80 57.07 -20.97
C TRP E 771 -113.26 56.40 -19.71
N VAL E 772 -112.93 55.11 -19.85
CA VAL E 772 -112.42 54.31 -18.73
C VAL E 772 -111.07 53.72 -19.11
N ARG E 773 -110.13 53.78 -18.18
CA ARG E 773 -108.82 53.15 -18.34
C ARG E 773 -108.62 52.17 -17.21
N PHE E 774 -108.29 50.92 -17.55
CA PHE E 774 -108.16 49.84 -16.57
C PHE E 774 -106.69 49.56 -16.33
N GLY E 775 -106.13 50.20 -15.30
CA GLY E 775 -104.75 49.98 -14.96
C GLY E 775 -103.78 50.64 -15.91
N GLY E 776 -102.51 50.31 -15.74
CA GLY E 776 -101.46 50.89 -16.55
C GLY E 776 -100.40 49.90 -17.01
N VAL E 777 -100.78 48.64 -17.14
CA VAL E 777 -99.85 47.60 -17.58
C VAL E 777 -99.77 47.59 -19.09
N LEU E 778 -98.57 47.34 -19.62
CA LEU E 778 -98.37 47.25 -21.06
C LEU E 778 -99.18 46.10 -21.64
N ARG E 779 -99.68 46.31 -22.86
CA ARG E 779 -100.56 45.35 -23.51
C ARG E 779 -100.05 45.06 -24.92
N THR E 780 -100.31 43.84 -25.37
CA THR E 780 -99.89 43.38 -26.69
C THR E 780 -100.95 43.73 -27.72
N VAL E 781 -100.53 44.32 -28.84
CA VAL E 781 -101.45 44.83 -29.85
C VAL E 781 -101.41 43.93 -31.07
N ARG E 782 -102.58 43.74 -31.69
CA ARG E 782 -102.73 43.00 -32.93
C ARG E 782 -103.39 43.90 -33.97
N VAL E 783 -103.12 43.61 -35.24
CA VAL E 783 -103.65 44.37 -36.36
C VAL E 783 -104.47 43.44 -37.25
N LYS E 784 -105.68 43.89 -37.62
CA LYS E 784 -106.59 43.08 -38.43
C LYS E 784 -107.21 43.94 -39.52
N PHE E 785 -107.68 43.26 -40.57
CA PHE E 785 -108.40 43.89 -41.67
C PHE E 785 -109.65 43.09 -41.98
N TYR E 786 -110.72 43.80 -42.34
CA TYR E 786 -112.01 43.17 -42.60
C TYR E 786 -112.67 43.77 -43.83
N ASP E 787 -113.40 42.94 -44.56
CA ASP E 787 -114.17 43.38 -45.71
C ASP E 787 -115.68 43.40 -45.46
N ALA E 788 -116.14 42.82 -44.35
CA ALA E 788 -117.54 42.81 -43.98
C ALA E 788 -117.63 43.09 -42.50
N ARG E 789 -118.80 42.84 -41.92
CA ARG E 789 -119.02 43.14 -40.51
C ARG E 789 -118.15 42.25 -39.63
N PRO E 790 -117.36 42.81 -38.72
CA PRO E 790 -116.45 42.01 -37.90
C PRO E 790 -117.23 41.14 -36.92
N PRO E 791 -116.61 40.06 -36.43
CA PRO E 791 -117.29 39.20 -35.45
C PRO E 791 -117.56 39.95 -34.15
N ASP E 792 -118.61 39.51 -33.45
CA ASP E 792 -119.07 40.21 -32.25
C ASP E 792 -118.05 40.18 -31.13
N ASP E 793 -117.14 39.20 -31.13
CA ASP E 793 -116.11 39.16 -30.09
C ASP E 793 -115.18 40.36 -30.16
N VAL E 794 -114.98 40.90 -31.36
CA VAL E 794 -114.12 42.08 -31.51
C VAL E 794 -114.87 43.38 -31.21
N LEU E 795 -116.14 43.49 -31.62
CA LEU E 795 -116.92 44.70 -31.41
C LEU E 795 -117.39 44.84 -29.96
N GLN E 796 -118.10 43.83 -29.46
CA GLN E 796 -118.73 43.92 -28.15
C GLN E 796 -117.88 43.35 -27.02
N GLY E 797 -116.67 42.91 -27.30
CA GLY E 797 -115.82 42.36 -26.25
C GLY E 797 -115.42 43.42 -25.23
N LEU E 798 -115.20 42.96 -23.99
CA LEU E 798 -114.86 43.85 -22.90
C LEU E 798 -113.47 43.56 -22.37
N PRO E 799 -112.76 44.59 -21.88
CA PRO E 799 -111.39 44.39 -21.39
C PRO E 799 -111.30 43.79 -19.99
N PHE E 800 -112.38 43.24 -19.45
CA PHE E 800 -112.37 42.73 -18.10
C PHE E 800 -113.37 41.59 -17.98
N SER E 801 -113.21 40.80 -16.93
CA SER E 801 -114.14 39.72 -16.60
C SER E 801 -114.50 39.80 -15.12
N TYR E 802 -115.76 39.56 -14.81
CA TYR E 802 -116.27 39.67 -13.44
C TYR E 802 -117.14 38.45 -13.15
N ASP E 803 -116.76 37.68 -12.13
CA ASP E 803 -117.43 36.44 -11.80
C ASP E 803 -117.75 36.38 -10.32
N THR E 804 -118.84 35.69 -9.99
CA THR E 804 -119.29 35.52 -8.62
C THR E 804 -119.58 34.06 -8.35
N ASN E 805 -119.12 33.58 -7.19
CA ASN E 805 -119.34 32.20 -6.79
C ASN E 805 -119.72 32.16 -5.32
N GLU E 806 -120.58 31.21 -4.97
CA GLU E 806 -121.06 31.05 -3.60
C GLU E 806 -120.67 29.68 -3.09
N ARG E 807 -120.06 29.63 -1.91
CA ARG E 807 -119.73 28.36 -1.27
C ARG E 807 -119.82 28.51 0.24
N GLY E 808 -120.42 27.51 0.89
CA GLY E 808 -120.45 27.46 2.34
C GLY E 808 -121.17 28.61 3.00
N GLY E 809 -122.13 29.23 2.33
CA GLY E 809 -122.83 30.36 2.88
C GLY E 809 -122.15 31.70 2.71
N LEU E 810 -121.03 31.75 2.00
CA LEU E 810 -120.29 32.98 1.76
C LEU E 810 -120.18 33.24 0.27
N ALA E 811 -119.96 34.51 -0.08
CA ALA E 811 -119.93 34.95 -1.47
C ALA E 811 -118.53 35.43 -1.84
N TYR E 812 -118.10 35.09 -3.05
CA TYR E 812 -116.78 35.44 -3.54
C TYR E 812 -116.89 36.13 -4.90
N ALA E 813 -115.91 37.00 -5.19
CA ALA E 813 -115.86 37.73 -6.44
C ALA E 813 -114.49 37.58 -7.07
N THR E 814 -114.45 37.59 -8.39
CA THR E 814 -113.20 37.51 -9.16
C THR E 814 -113.21 38.54 -10.27
N ILE E 815 -112.18 39.37 -10.32
CA ILE E 815 -112.04 40.39 -11.34
C ILE E 815 -110.69 40.23 -12.02
N LYS E 816 -110.68 40.24 -13.35
CA LYS E 816 -109.47 40.11 -14.14
C LYS E 816 -109.46 41.17 -15.23
N TYR E 817 -108.25 41.57 -15.64
CA TYR E 817 -108.08 42.50 -16.75
C TYR E 817 -107.42 41.79 -17.92
N ALA E 818 -107.87 42.10 -19.13
CA ALA E 818 -107.32 41.50 -20.33
C ALA E 818 -105.89 41.99 -20.57
N THR E 819 -105.10 41.13 -21.21
CA THR E 819 -103.71 41.44 -21.52
C THR E 819 -103.46 41.66 -23.01
N GLU E 820 -104.51 41.67 -23.83
CA GLU E 820 -104.37 41.83 -25.27
C GLU E 820 -105.39 42.84 -25.77
N THR E 821 -105.06 43.47 -26.90
CA THR E 821 -105.97 44.38 -27.57
C THR E 821 -105.68 44.31 -29.06
N THR E 822 -106.67 44.70 -29.87
CA THR E 822 -106.55 44.59 -31.32
C THR E 822 -106.96 45.90 -31.99
N ILE E 823 -106.22 46.28 -33.02
CA ILE E 823 -106.61 47.35 -33.93
C ILE E 823 -107.16 46.71 -35.20
N PHE E 824 -108.32 47.17 -35.64
CA PHE E 824 -108.97 46.60 -36.82
C PHE E 824 -109.31 47.72 -37.80
N TYR E 825 -109.32 47.36 -39.08
CA TYR E 825 -109.71 48.27 -40.15
C TYR E 825 -110.86 47.65 -40.93
N LEU E 826 -111.87 48.46 -41.20
CA LEU E 826 -113.09 47.99 -41.85
C LEU E 826 -113.27 48.70 -43.18
N ILE E 827 -113.24 47.94 -44.27
CA ILE E 827 -113.41 48.47 -45.61
C ILE E 827 -114.85 48.29 -46.03
N TYR E 828 -115.46 49.37 -46.54
CA TYR E 828 -116.87 49.35 -46.93
C TYR E 828 -116.98 49.06 -48.42
N ASN E 829 -117.78 48.05 -48.76
CA ASN E 829 -118.00 47.64 -50.14
C ASN E 829 -119.49 47.71 -50.46
N VAL E 830 -119.82 48.34 -51.58
CA VAL E 830 -121.21 48.48 -52.01
C VAL E 830 -121.34 47.97 -53.44
N GLU E 831 -122.57 47.68 -53.82
CA GLU E 831 -122.90 47.23 -55.16
C GLU E 831 -123.82 48.25 -55.83
N PHE E 832 -123.96 48.13 -57.15
CA PHE E 832 -124.75 49.10 -57.90
C PHE E 832 -126.24 48.95 -57.69
N SER E 833 -126.69 47.87 -57.05
CA SER E 833 -128.10 47.67 -56.76
C SER E 833 -128.50 48.17 -55.38
N ASN E 834 -127.58 48.76 -54.63
CA ASN E 834 -127.89 49.23 -53.28
C ASN E 834 -128.74 50.49 -53.33
N THR E 835 -129.69 50.58 -52.40
CA THR E 835 -130.55 51.75 -52.24
C THR E 835 -129.79 52.85 -51.51
N PRO E 836 -130.25 54.10 -51.63
CA PRO E 836 -129.55 55.20 -50.93
C PRO E 836 -129.48 55.04 -49.42
N ASP E 837 -130.44 54.36 -48.79
CA ASP E 837 -130.43 54.16 -47.35
C ASP E 837 -130.34 52.68 -46.98
N SER E 838 -129.60 51.89 -47.75
CA SER E 838 -129.50 50.47 -47.46
C SER E 838 -128.71 50.19 -46.19
N LEU E 839 -127.73 51.04 -45.87
CA LEU E 839 -126.87 50.82 -44.72
C LEU E 839 -127.42 51.41 -43.42
N VAL E 840 -128.49 52.19 -43.49
CA VAL E 840 -129.04 52.83 -42.30
C VAL E 840 -129.89 51.81 -41.54
N LEU E 841 -129.64 51.69 -40.25
CA LEU E 841 -130.37 50.79 -39.37
C LEU E 841 -131.30 51.56 -38.44
N ILE E 842 -132.25 50.85 -37.86
CA ILE E 842 -133.13 51.46 -36.87
C ILE E 842 -132.36 51.77 -35.59
N ASN E 843 -131.51 50.84 -35.17
CA ASN E 843 -130.67 51.03 -33.98
C ASN E 843 -129.21 50.81 -34.36
N PRO E 844 -128.31 51.55 -33.73
CA PRO E 844 -126.90 51.46 -34.11
C PRO E 844 -126.21 50.23 -33.55
N THR E 845 -125.05 49.92 -34.14
CA THR E 845 -124.18 48.85 -33.67
C THR E 845 -123.02 49.49 -32.89
N TYR E 846 -122.88 49.09 -31.64
CA TYR E 846 -121.91 49.72 -30.75
C TYR E 846 -120.56 49.01 -30.79
N THR E 847 -119.51 49.79 -30.57
CA THR E 847 -118.14 49.29 -30.42
C THR E 847 -117.54 49.92 -29.18
N MET E 848 -116.62 49.19 -28.52
CA MET E 848 -116.25 49.51 -27.16
C MET E 848 -114.78 49.78 -26.91
N THR E 849 -113.89 49.57 -27.88
CA THR E 849 -112.45 49.66 -27.63
C THR E 849 -111.81 50.72 -28.51
N LYS E 850 -110.83 51.42 -27.94
CA LYS E 850 -110.05 52.44 -28.64
C LYS E 850 -108.58 52.33 -28.23
N VAL E 851 -107.68 52.44 -29.21
CA VAL E 851 -106.25 52.37 -28.98
C VAL E 851 -105.58 53.58 -29.61
N PHE E 852 -104.65 54.19 -28.89
CA PHE E 852 -103.86 55.33 -29.40
C PHE E 852 -102.41 54.90 -29.56
N ILE E 853 -101.93 54.92 -30.80
CA ILE E 853 -100.52 54.73 -31.12
C ILE E 853 -100.10 55.83 -32.08
N ASN E 854 -98.97 56.47 -31.81
CA ASN E 854 -98.52 57.60 -32.62
C ASN E 854 -97.73 57.18 -33.85
N LYS E 855 -97.51 55.87 -34.04
CA LYS E 855 -96.89 55.42 -35.27
C LYS E 855 -97.91 55.42 -36.39
N ARG E 856 -97.43 55.58 -37.62
CA ARG E 856 -98.28 55.76 -38.79
C ARG E 856 -98.28 54.46 -39.58
N ILE E 857 -99.31 53.65 -39.35
CA ILE E 857 -99.36 52.28 -39.86
C ILE E 857 -100.12 52.18 -41.18
N VAL E 858 -101.32 52.75 -41.24
CA VAL E 858 -102.15 52.69 -42.44
C VAL E 858 -102.57 54.11 -42.81
N GLU E 859 -102.42 54.45 -44.09
CA GLU E 859 -102.79 55.77 -44.59
C GLU E 859 -103.48 55.66 -45.94
N ARG E 860 -104.52 56.47 -46.14
CA ARG E 860 -105.16 56.59 -47.44
C ARG E 860 -104.46 57.68 -48.25
N VAL E 861 -103.88 57.29 -49.38
CA VAL E 861 -103.11 58.20 -50.21
C VAL E 861 -103.65 58.17 -51.63
N ARG E 862 -103.36 59.23 -52.37
CA ARG E 862 -103.69 59.26 -53.78
C ARG E 862 -102.62 58.53 -54.59
N VAL E 863 -102.93 58.27 -55.86
CA VAL E 863 -102.03 57.47 -56.69
C VAL E 863 -100.74 58.22 -56.98
N GLY E 864 -100.81 59.55 -57.06
CA GLY E 864 -99.59 60.33 -57.24
C GLY E 864 -98.73 60.40 -56.01
N GLN E 865 -99.24 59.98 -54.87
CA GLN E 865 -98.51 59.99 -53.60
C GLN E 865 -97.80 58.66 -53.32
N ILE E 866 -97.94 57.67 -54.21
CA ILE E 866 -97.40 56.34 -53.94
C ILE E 866 -95.87 56.37 -53.92
N LEU E 867 -95.26 57.07 -54.87
CA LEU E 867 -93.81 57.12 -54.94
C LEU E 867 -93.20 58.23 -54.07
N ALA E 868 -93.93 58.73 -53.08
CA ALA E 868 -93.41 59.74 -52.17
C ALA E 868 -92.64 59.16 -51.01
N VAL E 869 -92.55 57.82 -50.90
CA VAL E 869 -91.81 57.20 -49.80
C VAL E 869 -90.36 56.93 -50.14
N LEU E 870 -89.88 57.37 -51.29
CA LEU E 870 -88.50 57.15 -51.71
C LEU E 870 -87.63 58.31 -51.20
N ASN E 871 -87.06 58.11 -50.02
CA ASN E 871 -86.21 59.13 -49.42
C ASN E 871 -84.97 58.59 -48.72
N ARG E 872 -84.65 57.30 -48.89
CA ARG E 872 -83.47 56.71 -48.26
C ARG E 872 -82.37 56.53 -49.30
N ARG E 873 -81.12 56.56 -48.84
CA ARG E 873 -79.97 56.42 -49.71
C ARG E 873 -79.40 55.01 -49.58
N PHE E 874 -79.27 54.32 -50.71
CA PHE E 874 -78.83 52.93 -50.75
C PHE E 874 -77.55 52.83 -51.56
N VAL E 875 -76.63 51.98 -51.12
CA VAL E 875 -75.36 51.74 -51.80
C VAL E 875 -75.33 50.29 -52.27
N ALA E 876 -75.14 50.09 -53.57
CA ALA E 876 -75.05 48.76 -54.16
C ALA E 876 -73.69 48.58 -54.82
N TYR E 877 -73.16 47.37 -54.74
CA TYR E 877 -71.87 47.07 -55.33
C TYR E 877 -72.04 46.47 -56.73
N LYS E 878 -71.02 46.64 -57.56
CA LYS E 878 -71.11 46.27 -58.96
C LYS E 878 -71.12 44.75 -59.14
N GLY E 879 -71.82 44.30 -60.18
CA GLY E 879 -71.93 42.88 -60.41
C GLY E 879 -70.61 42.22 -60.79
N LYS E 880 -69.78 42.92 -61.58
CA LYS E 880 -68.53 42.35 -62.03
C LYS E 880 -67.48 42.30 -60.93
N MET E 881 -67.65 43.05 -59.84
CA MET E 881 -66.77 42.96 -58.70
C MET E 881 -67.21 41.83 -57.78
N ARG E 882 -66.32 41.44 -56.86
CA ARG E 882 -66.56 40.32 -55.98
C ARG E 882 -66.42 40.72 -54.52
N ILE E 883 -67.23 40.11 -53.67
CA ILE E 883 -67.20 40.30 -52.23
C ILE E 883 -66.78 38.97 -51.60
N MET E 884 -65.75 39.00 -50.76
CA MET E 884 -65.21 37.79 -50.16
C MET E 884 -65.06 37.99 -48.65
N ASP E 885 -65.50 36.99 -47.89
CA ASP E 885 -65.34 36.98 -46.43
C ASP E 885 -64.07 36.21 -46.09
N ILE E 886 -63.12 36.87 -45.43
CA ILE E 886 -61.80 36.29 -45.19
C ILE E 886 -61.54 36.18 -43.70
N THR E 887 -62.59 36.02 -42.90
CA THR E 887 -62.42 35.94 -41.45
C THR E 887 -61.62 34.69 -41.06
N GLN E 888 -61.87 33.57 -41.73
CA GLN E 888 -61.16 32.34 -41.42
C GLN E 888 -59.69 32.41 -41.80
N SER E 889 -59.32 33.34 -42.68
CA SER E 889 -57.93 33.48 -43.11
C SER E 889 -57.02 34.00 -42.01
N LEU E 890 -57.58 34.48 -40.90
CA LEU E 890 -56.78 34.99 -39.80
C LEU E 890 -56.11 33.90 -38.98
N LYS E 891 -56.41 32.63 -39.24
CA LYS E 891 -55.84 31.52 -38.49
C LYS E 891 -54.93 30.65 -39.34
N MET E 892 -54.68 31.01 -40.59
CA MET E 892 -53.82 30.24 -41.47
C MET E 892 -52.36 30.57 -41.20
N GLY E 893 -51.62 29.61 -40.68
CA GLY E 893 -50.21 29.81 -40.38
C GLY E 893 -49.56 28.49 -40.03
N THR E 894 -48.23 28.53 -39.95
CA THR E 894 -47.43 27.35 -39.64
C THR E 894 -46.51 27.65 -38.46
N LYS E 895 -46.31 26.64 -37.63
CA LYS E 895 -45.42 26.79 -36.48
C LYS E 895 -44.00 26.38 -36.86
N LEU E 896 -43.03 27.18 -36.43
CA LEU E 896 -41.63 26.91 -36.68
C LEU E 896 -41.05 26.03 -35.58
N ALA E 897 -40.26 25.03 -35.98
CA ALA E 897 -39.68 24.08 -35.07
C ALA E 897 -38.24 24.46 -34.73
N ALA E 898 -37.86 24.22 -33.47
CA ALA E 898 -36.51 24.49 -33.01
C ALA E 898 -35.56 23.38 -33.46
N PRO E 899 -34.28 23.70 -33.65
CA PRO E 899 -33.31 22.65 -34.00
C PRO E 899 -33.18 21.62 -32.89
N THR E 900 -32.97 20.37 -33.27
CA THR E 900 -32.84 19.27 -32.33
C THR E 900 -31.38 19.00 -32.02
N VAL E 901 -31.15 17.95 -31.23
CA VAL E 901 -29.80 17.56 -30.84
C VAL E 901 -29.02 17.08 -32.06
N GLN F 7 -20.70 28.55 -82.94
CA GLN F 7 -19.81 29.59 -83.47
C GLN F 7 -19.77 30.81 -82.55
N ARG F 8 -20.57 30.78 -81.50
CA ARG F 8 -20.62 31.87 -80.54
C ARG F 8 -19.42 31.80 -79.61
N PRO F 9 -18.58 32.84 -79.53
CA PRO F 9 -17.41 32.77 -78.64
C PRO F 9 -17.76 32.68 -77.17
N GLU F 10 -18.95 33.12 -76.76
CA GLU F 10 -19.30 33.09 -75.34
C GLU F 10 -19.57 31.67 -74.85
N ARG F 11 -19.81 30.73 -75.77
CA ARG F 11 -20.06 29.35 -75.39
C ARG F 11 -18.79 28.50 -75.35
N ILE F 12 -17.65 29.03 -75.75
CA ILE F 12 -16.40 28.27 -75.71
C ILE F 12 -15.90 28.16 -74.29
N LYS F 13 -15.50 26.95 -73.89
CA LYS F 13 -14.95 26.71 -72.56
C LYS F 13 -13.52 26.19 -72.70
N THR F 14 -12.59 26.84 -72.01
CA THR F 14 -11.19 26.45 -72.03
C THR F 14 -10.74 25.80 -70.73
N THR F 15 -11.54 25.85 -69.67
CA THR F 15 -11.26 25.24 -68.39
C THR F 15 -12.47 24.42 -67.97
N PRO F 16 -12.26 23.36 -67.18
CA PRO F 16 -13.38 22.53 -66.73
C PRO F 16 -14.18 23.07 -65.55
N TYR F 17 -13.97 24.34 -65.15
CA TYR F 17 -14.70 24.88 -64.00
C TYR F 17 -16.19 24.99 -64.30
N LEU F 18 -16.55 25.42 -65.51
CA LEU F 18 -17.94 25.67 -65.86
C LEU F 18 -18.62 24.47 -66.49
N GLU F 19 -18.04 23.28 -66.36
CA GLU F 19 -18.62 22.06 -66.92
C GLU F 19 -19.40 21.33 -65.84
N GLY F 20 -20.65 20.99 -66.14
CA GLY F 20 -21.49 20.24 -65.23
C GLY F 20 -22.46 19.38 -66.01
N ASP F 21 -23.21 18.56 -65.29
CA ASP F 21 -24.14 17.65 -65.91
C ASP F 21 -25.54 18.26 -66.04
N VAL F 22 -26.26 17.81 -67.08
CA VAL F 22 -27.58 18.34 -67.37
C VAL F 22 -28.59 17.81 -66.37
N LEU F 23 -29.40 18.71 -65.82
CA LEU F 23 -30.44 18.35 -64.86
C LEU F 23 -31.82 18.30 -65.50
N SER F 24 -32.18 19.29 -66.31
CA SER F 24 -33.48 19.33 -66.97
C SER F 24 -33.46 20.34 -68.11
N SER F 25 -34.62 20.62 -68.70
CA SER F 25 -34.70 21.53 -69.83
C SER F 25 -36.03 22.26 -69.81
N ASP F 26 -36.07 23.39 -70.50
CA ASP F 26 -37.28 24.19 -70.61
C ASP F 26 -37.36 24.84 -71.99
N SER F 27 -38.52 25.40 -72.30
CA SER F 27 -38.75 26.11 -73.54
C SER F 27 -39.89 27.10 -73.33
N GLY F 28 -40.05 28.01 -74.29
CA GLY F 28 -41.08 29.02 -74.25
C GLY F 28 -42.51 28.51 -74.28
N PRO F 29 -42.84 27.65 -75.27
CA PRO F 29 -44.21 27.11 -75.33
C PRO F 29 -44.64 26.35 -74.09
N LEU F 30 -43.74 25.65 -73.41
CA LEU F 30 -44.11 24.99 -72.17
C LEU F 30 -44.33 26.00 -71.05
N LEU F 31 -43.45 27.00 -70.94
CA LEU F 31 -43.50 27.90 -69.80
C LEU F 31 -44.68 28.88 -69.89
N SER F 32 -45.12 29.25 -71.09
CA SER F 32 -46.29 30.11 -71.19
C SER F 32 -47.55 29.40 -70.67
N VAL F 33 -47.74 28.15 -71.08
CA VAL F 33 -48.86 27.35 -70.59
C VAL F 33 -48.72 27.13 -69.09
N PHE F 34 -47.49 26.92 -68.61
CA PHE F 34 -47.27 26.75 -67.18
C PHE F 34 -47.69 27.99 -66.39
N ALA F 35 -47.34 29.18 -66.89
CA ALA F 35 -47.69 30.42 -66.21
C ALA F 35 -49.21 30.60 -66.17
N LEU F 36 -49.89 30.37 -67.29
CA LEU F 36 -51.36 30.46 -67.29
C LEU F 36 -51.98 29.47 -66.30
N GLN F 37 -51.48 28.23 -66.29
CA GLN F 37 -52.01 27.22 -65.38
C GLN F 37 -51.83 27.64 -63.93
N GLU F 38 -50.66 28.17 -63.58
CA GLU F 38 -50.43 28.56 -62.19
C GLU F 38 -51.33 29.71 -61.78
N ILE F 39 -51.50 30.72 -62.65
CA ILE F 39 -52.36 31.86 -62.30
C ILE F 39 -53.80 31.41 -62.10
N MET F 40 -54.31 30.58 -63.01
CA MET F 40 -55.70 30.15 -62.91
C MET F 40 -55.92 29.22 -61.74
N GLN F 41 -54.95 28.35 -61.44
CA GLN F 41 -55.04 27.51 -60.26
C GLN F 41 -55.10 28.34 -58.99
N LYS F 42 -54.27 29.38 -58.90
CA LYS F 42 -54.28 30.25 -57.72
C LYS F 42 -55.64 30.90 -57.53
N VAL F 43 -56.19 31.52 -58.58
CA VAL F 43 -57.45 32.23 -58.41
C VAL F 43 -58.58 31.26 -58.09
N ARG F 44 -58.58 30.08 -58.73
CA ARG F 44 -59.67 29.13 -58.49
C ARG F 44 -59.61 28.56 -57.09
N GLN F 45 -58.41 28.25 -56.59
CA GLN F 45 -58.29 27.74 -55.22
C GLN F 45 -58.71 28.80 -54.20
N VAL F 46 -58.31 30.05 -54.42
CA VAL F 46 -58.72 31.12 -53.50
C VAL F 46 -60.24 31.27 -53.49
N GLN F 47 -60.87 31.26 -54.67
CA GLN F 47 -62.32 31.43 -54.70
C GLN F 47 -63.05 30.23 -54.15
N ALA F 48 -62.45 29.04 -54.21
CA ALA F 48 -63.10 27.86 -53.66
C ALA F 48 -62.91 27.72 -52.15
N ASP F 49 -61.87 28.32 -51.58
CA ASP F 49 -61.62 28.14 -50.14
C ASP F 49 -62.40 29.09 -49.25
N TYR F 50 -63.07 30.11 -49.79
CA TYR F 50 -63.76 31.10 -48.99
C TYR F 50 -65.12 31.41 -49.60
N MET F 51 -65.93 32.13 -48.83
CA MET F 51 -67.26 32.53 -49.30
C MET F 51 -67.14 33.70 -50.25
N THR F 52 -67.68 33.54 -51.46
CA THR F 52 -67.52 34.54 -52.51
C THR F 52 -68.86 34.79 -53.18
N ALA F 53 -69.15 36.05 -53.47
CA ALA F 53 -70.33 36.45 -54.21
C ALA F 53 -69.87 37.19 -55.47
N THR F 54 -70.04 36.56 -56.62
CA THR F 54 -69.56 37.11 -57.88
C THR F 54 -70.27 36.40 -59.03
N ARG F 55 -70.16 36.99 -60.21
CA ARG F 55 -70.72 36.37 -61.41
C ARG F 55 -69.88 35.17 -61.81
N GLU F 56 -70.54 34.17 -62.39
CA GLU F 56 -69.86 32.91 -62.71
C GLU F 56 -68.91 33.10 -63.88
N VAL F 57 -67.64 32.77 -63.66
CA VAL F 57 -66.61 32.79 -64.68
C VAL F 57 -65.86 31.47 -64.62
N ASP F 58 -65.70 30.82 -65.78
CA ASP F 58 -65.00 29.55 -65.88
C ASP F 58 -63.56 29.84 -66.29
N PHE F 59 -62.62 29.57 -65.38
CA PHE F 59 -61.20 29.84 -65.61
C PHE F 59 -60.55 28.62 -66.24
N THR F 60 -60.37 28.66 -67.55
CA THR F 60 -59.69 27.60 -68.29
C THR F 60 -58.38 28.11 -68.88
N VAL F 61 -57.67 27.21 -69.56
CA VAL F 61 -56.41 27.54 -70.21
C VAL F 61 -56.51 27.12 -71.68
N PRO F 62 -56.26 28.03 -72.62
CA PRO F 62 -56.36 27.66 -74.04
C PRO F 62 -55.06 27.11 -74.62
N ASP F 63 -55.07 26.83 -75.92
CA ASP F 63 -53.88 26.37 -76.63
C ASP F 63 -53.24 27.57 -77.31
N VAL F 64 -52.12 28.02 -76.76
CA VAL F 64 -51.45 29.21 -77.28
C VAL F 64 -50.86 28.95 -78.66
N GLN F 65 -50.31 27.76 -78.87
CA GLN F 65 -49.68 27.43 -80.15
C GLN F 65 -50.71 27.44 -81.29
N LYS F 66 -51.90 26.91 -81.03
CA LYS F 66 -52.95 26.93 -82.05
C LYS F 66 -53.37 28.35 -82.38
N ILE F 67 -53.42 29.22 -81.36
CA ILE F 67 -53.77 30.62 -81.59
C ILE F 67 -52.70 31.30 -82.45
N LEU F 68 -51.43 31.03 -82.17
CA LEU F 68 -50.35 31.59 -82.98
C LEU F 68 -50.42 31.09 -84.42
N ASP F 69 -50.74 29.81 -84.60
CA ASP F 69 -50.90 29.26 -85.94
C ASP F 69 -52.05 29.93 -86.68
N ASP F 70 -53.17 30.19 -85.98
CA ASP F 70 -54.30 30.86 -86.61
C ASP F 70 -53.95 32.30 -86.99
N ILE F 71 -53.21 32.99 -86.12
CA ILE F 71 -52.78 34.36 -86.43
C ILE F 71 -51.88 34.36 -87.67
N LYS F 72 -50.95 33.40 -87.73
CA LYS F 72 -50.07 33.30 -88.88
C LYS F 72 -50.85 33.02 -90.16
N ALA F 73 -51.85 32.13 -90.09
CA ALA F 73 -52.66 31.83 -91.26
C ALA F 73 -53.54 33.00 -91.66
N LEU F 74 -53.84 33.90 -90.71
CA LEU F 74 -54.66 35.07 -91.03
C LEU F 74 -53.95 36.03 -91.97
N ALA F 75 -52.62 35.95 -92.06
CA ALA F 75 -51.88 36.88 -92.89
C ALA F 75 -51.96 36.54 -94.37
N ALA F 76 -52.33 35.31 -94.73
CA ALA F 76 -52.38 34.91 -96.11
C ALA F 76 -53.70 35.28 -96.80
N GLU F 77 -54.63 35.90 -96.07
CA GLU F 77 -55.90 36.28 -96.66
C GLU F 77 -55.74 37.54 -97.52
N GLN F 78 -56.52 37.60 -98.59
CA GLN F 78 -56.55 38.75 -99.48
C GLN F 78 -57.89 39.44 -99.38
N VAL F 79 -57.89 40.76 -99.48
CA VAL F 79 -59.10 41.56 -99.33
C VAL F 79 -59.64 42.06 -100.66
N TYR F 80 -59.07 41.62 -101.78
CA TYR F 80 -59.48 42.09 -103.09
C TYR F 80 -59.76 40.90 -104.00
N LYS F 81 -60.34 41.20 -105.16
CA LYS F 81 -60.65 40.21 -106.18
C LYS F 81 -60.02 40.62 -107.49
N ILE F 82 -59.81 39.63 -108.37
CA ILE F 82 -59.32 39.87 -109.72
C ILE F 82 -60.33 39.28 -110.68
N VAL F 83 -60.98 40.14 -111.47
CA VAL F 83 -62.06 39.75 -112.37
C VAL F 83 -61.79 40.31 -113.75
N LYS F 84 -62.56 39.82 -114.73
CA LYS F 84 -62.42 40.28 -116.10
C LYS F 84 -63.41 41.40 -116.43
N VAL F 85 -64.60 41.36 -115.86
CA VAL F 85 -65.61 42.39 -116.14
C VAL F 85 -66.21 42.87 -114.82
N PRO F 86 -66.61 44.14 -114.77
CA PRO F 86 -67.28 44.66 -113.59
C PRO F 86 -68.74 44.24 -113.55
N SER F 87 -69.29 44.29 -112.34
CA SER F 87 -70.69 43.91 -112.12
C SER F 87 -71.63 44.90 -112.80
N ILE F 88 -72.85 44.43 -113.07
CA ILE F 88 -73.86 45.27 -113.69
C ILE F 88 -74.39 46.26 -112.66
N SER F 89 -74.42 47.54 -113.02
CA SER F 89 -74.91 48.58 -112.14
C SER F 89 -76.23 49.20 -112.60
N PHE F 90 -76.65 48.95 -113.83
CA PHE F 90 -77.89 49.51 -114.35
C PHE F 90 -78.62 48.49 -115.20
N ARG F 91 -79.93 48.39 -115.00
CA ARG F 91 -80.79 47.53 -115.79
C ARG F 91 -82.03 48.31 -116.21
N HIS F 92 -82.76 47.79 -117.18
CA HIS F 92 -83.92 48.46 -117.74
C HIS F 92 -85.15 47.57 -117.65
N ILE F 93 -86.31 48.21 -117.55
CA ILE F 93 -87.60 47.54 -117.52
C ILE F 93 -88.42 48.06 -118.69
N VAL F 94 -88.95 47.14 -119.50
CA VAL F 94 -89.63 47.48 -120.74
C VAL F 94 -91.13 47.49 -120.50
N MET F 95 -91.76 48.64 -120.71
CA MET F 95 -93.20 48.77 -120.65
C MET F 95 -93.77 48.57 -122.06
N GLN F 96 -95.04 48.91 -122.27
CA GLN F 96 -95.64 48.75 -123.59
C GLN F 96 -95.19 49.80 -124.59
N SER F 97 -94.55 50.88 -124.14
CA SER F 97 -94.06 51.89 -125.06
C SER F 97 -92.83 51.38 -125.80
N ARG F 98 -92.66 51.87 -127.03
CA ARG F 98 -91.52 51.49 -127.87
C ARG F 98 -90.40 52.52 -127.85
N ASP F 99 -90.53 53.59 -127.07
CA ASP F 99 -89.49 54.61 -127.02
C ASP F 99 -89.15 55.09 -125.62
N ARG F 100 -89.85 54.63 -124.59
CA ARG F 100 -89.55 54.99 -123.21
C ARG F 100 -89.44 53.74 -122.37
N VAL F 101 -88.42 53.69 -121.51
CA VAL F 101 -88.19 52.58 -120.59
C VAL F 101 -87.85 53.17 -119.22
N LEU F 102 -87.73 52.28 -118.24
CA LEU F 102 -87.37 52.66 -116.88
C LEU F 102 -85.93 52.23 -116.61
N ARG F 103 -85.14 53.14 -116.04
CA ARG F 103 -83.75 52.87 -115.71
C ARG F 103 -83.62 52.67 -114.21
N VAL F 104 -83.05 51.54 -113.81
CA VAL F 104 -82.99 51.14 -112.40
C VAL F 104 -81.54 50.96 -111.99
N ASP F 105 -81.18 51.53 -110.84
CA ASP F 105 -79.85 51.37 -110.24
C ASP F 105 -79.90 50.18 -109.30
N THR F 106 -79.17 49.12 -109.64
CA THR F 106 -79.26 47.87 -108.88
C THR F 106 -78.55 47.94 -107.54
N TYR F 107 -77.69 48.95 -107.32
CA TYR F 107 -76.99 49.07 -106.04
C TYR F 107 -77.98 49.28 -104.90
N TYR F 108 -78.98 50.14 -105.10
CA TYR F 108 -79.95 50.40 -104.05
C TYR F 108 -80.87 49.19 -103.82
N GLU F 109 -81.18 48.46 -104.90
CA GLU F 109 -81.92 47.21 -104.74
C GLU F 109 -81.14 46.20 -103.90
N GLU F 110 -79.83 46.09 -104.14
CA GLU F 110 -79.00 45.19 -103.34
C GLU F 110 -78.93 45.66 -101.88
N MET F 111 -78.78 46.96 -101.66
CA MET F 111 -78.62 47.47 -100.30
C MET F 111 -79.91 47.36 -99.49
N SER F 112 -81.07 47.54 -100.13
CA SER F 112 -82.32 47.50 -99.39
C SER F 112 -82.62 46.13 -98.80
N GLN F 113 -81.93 45.08 -99.26
CA GLN F 113 -82.13 43.73 -98.78
C GLN F 113 -81.00 43.25 -97.87
N VAL F 114 -80.14 44.15 -97.41
CA VAL F 114 -78.99 43.79 -96.57
C VAL F 114 -79.28 44.20 -95.14
N GLY F 115 -79.11 43.27 -94.21
CA GLY F 115 -79.32 43.54 -92.80
C GLY F 115 -80.75 43.28 -92.36
N ASP F 116 -80.95 43.36 -91.05
CA ASP F 116 -82.26 43.13 -90.46
C ASP F 116 -83.12 44.40 -90.54
N VAL F 117 -84.32 44.30 -89.99
CA VAL F 117 -85.26 45.41 -89.98
C VAL F 117 -85.01 46.26 -88.74
N ILE F 118 -84.91 47.58 -88.93
CA ILE F 118 -84.59 48.48 -87.84
C ILE F 118 -85.80 48.71 -86.96
N THR F 119 -85.63 48.50 -85.65
CA THR F 119 -86.67 48.78 -84.67
C THR F 119 -86.09 49.64 -83.56
N GLU F 120 -86.96 50.36 -82.86
CA GLU F 120 -86.55 51.21 -81.76
C GLU F 120 -86.59 50.49 -80.42
N ASP F 121 -86.60 49.16 -80.42
CA ASP F 121 -86.67 48.36 -79.20
C ASP F 121 -85.30 47.83 -78.81
N GLU F 122 -84.57 47.22 -79.74
CA GLU F 122 -83.24 46.67 -79.46
C GLU F 122 -82.18 47.42 -80.26
N PRO F 123 -81.12 47.92 -79.62
CA PRO F 123 -80.11 48.72 -80.33
C PRO F 123 -78.98 47.91 -80.92
N GLU F 124 -78.72 46.72 -80.37
CA GLU F 124 -77.61 45.90 -80.85
C GLU F 124 -77.88 45.41 -82.27
N LYS F 125 -79.14 45.10 -82.58
CA LYS F 125 -79.50 44.74 -83.95
C LYS F 125 -79.26 45.90 -84.90
N PHE F 126 -79.54 47.14 -84.44
CA PHE F 126 -79.26 48.32 -85.25
C PHE F 126 -77.77 48.45 -85.55
N TYR F 127 -76.94 48.26 -84.52
CA TYR F 127 -75.49 48.35 -84.72
C TYR F 127 -75.00 47.27 -85.68
N SER F 128 -75.52 46.04 -85.53
CA SER F 128 -75.13 44.95 -86.41
C SER F 128 -75.56 45.22 -87.85
N THR F 129 -76.75 45.80 -88.03
CA THR F 129 -77.22 46.13 -89.37
C THR F 129 -76.32 47.16 -90.03
N ILE F 130 -75.93 48.20 -89.29
CA ILE F 130 -75.04 49.22 -89.85
C ILE F 130 -73.70 48.59 -90.22
N ILE F 131 -73.15 47.74 -89.35
CA ILE F 131 -71.87 47.11 -89.61
C ILE F 131 -71.95 46.24 -90.86
N LYS F 132 -73.03 45.47 -91.00
CA LYS F 132 -73.17 44.60 -92.17
C LYS F 132 -73.28 45.41 -93.46
N LYS F 133 -74.02 46.52 -93.43
CA LYS F 133 -74.11 47.36 -94.63
C LYS F 133 -72.74 47.94 -95.00
N VAL F 134 -71.98 48.40 -94.00
CA VAL F 134 -70.66 48.97 -94.28
C VAL F 134 -69.73 47.90 -94.87
N ARG F 135 -69.76 46.69 -94.31
CA ARG F 135 -68.93 45.61 -94.84
C ARG F 135 -69.36 45.21 -96.24
N PHE F 136 -70.66 45.27 -96.54
CA PHE F 136 -71.14 45.00 -97.88
C PHE F 136 -70.58 46.02 -98.87
N ILE F 137 -70.58 47.29 -98.49
CA ILE F 137 -69.98 48.33 -99.35
C ILE F 137 -68.49 48.05 -99.56
N ARG F 138 -67.79 47.72 -98.48
CA ARG F 138 -66.34 47.52 -98.57
C ARG F 138 -66.01 46.34 -99.48
N GLY F 139 -66.77 45.25 -99.36
CA GLY F 139 -66.50 44.07 -100.15
C GLY F 139 -66.96 44.18 -101.59
N LYS F 140 -67.98 45.00 -101.85
CA LYS F 140 -68.50 45.12 -103.21
C LYS F 140 -67.51 45.81 -104.15
N GLY F 141 -66.78 46.80 -103.65
CA GLY F 141 -65.96 47.66 -104.47
C GLY F 141 -64.50 47.31 -104.61
N SER F 142 -64.00 46.32 -103.89
CA SER F 142 -62.57 45.98 -103.94
C SER F 142 -62.35 44.93 -105.01
N PHE F 143 -61.97 45.38 -106.20
CA PHE F 143 -61.67 44.47 -107.30
C PHE F 143 -60.66 45.11 -108.23
N ILE F 144 -60.00 44.25 -109.02
CA ILE F 144 -59.02 44.67 -110.01
C ILE F 144 -59.42 44.05 -111.35
N LEU F 145 -59.50 44.88 -112.39
CA LEU F 145 -59.82 44.39 -113.72
C LEU F 145 -58.57 43.87 -114.40
N HIS F 146 -58.67 42.70 -115.03
CA HIS F 146 -57.53 42.06 -115.67
C HIS F 146 -58.01 41.28 -116.88
N ASP F 147 -57.36 41.50 -118.03
CA ASP F 147 -57.63 40.77 -119.26
C ASP F 147 -59.08 40.93 -119.73
N ILE F 148 -59.47 42.14 -120.09
CA ILE F 148 -60.83 42.44 -120.53
C ILE F 148 -60.98 42.08 -122.01
N PRO F 149 -62.18 41.77 -122.48
CA PRO F 149 -62.37 41.50 -123.91
C PRO F 149 -62.58 42.76 -124.74
N THR F 150 -61.90 42.81 -125.88
CA THR F 150 -61.96 43.96 -126.78
C THR F 150 -62.35 43.47 -128.17
N ARG F 151 -62.29 44.38 -129.15
CA ARG F 151 -62.63 44.08 -130.54
C ARG F 151 -61.98 45.12 -131.43
N ASP F 152 -61.86 44.78 -132.72
CA ASP F 152 -61.30 45.68 -133.72
C ASP F 152 -62.43 46.29 -134.54
N HIS F 153 -62.43 47.62 -134.64
CA HIS F 153 -63.47 48.34 -135.38
C HIS F 153 -62.83 49.45 -136.19
N ARG F 154 -62.99 49.38 -137.51
CA ARG F 154 -62.52 50.35 -138.50
C ARG F 154 -61.13 50.93 -138.24
N GLY F 155 -60.23 50.10 -137.71
CA GLY F 155 -58.86 50.54 -137.51
C GLY F 155 -58.51 50.99 -136.11
N MET F 156 -59.33 50.70 -135.11
CA MET F 156 -58.98 50.98 -133.73
C MET F 156 -59.50 49.84 -132.87
N GLU F 157 -59.28 49.96 -131.55
CA GLU F 157 -59.77 48.99 -130.59
C GLU F 157 -60.95 49.57 -129.83
N VAL F 158 -61.98 48.74 -129.63
CA VAL F 158 -63.19 49.14 -128.91
C VAL F 158 -63.44 48.14 -127.80
N ALA F 159 -64.20 48.57 -126.81
CA ALA F 159 -64.56 47.71 -125.68
C ALA F 159 -65.87 46.98 -125.97
N GLU F 160 -65.92 45.72 -125.54
CA GLU F 160 -67.10 44.90 -125.77
C GLU F 160 -68.24 45.30 -124.84
N PRO F 161 -69.49 45.04 -125.24
CA PRO F 161 -70.63 45.42 -124.38
C PRO F 161 -70.64 44.75 -123.01
N GLU F 162 -70.04 43.57 -122.87
CA GLU F 162 -70.12 42.84 -121.61
C GLU F 162 -69.27 43.44 -120.51
N VAL F 163 -68.43 44.43 -120.82
CA VAL F 163 -67.56 45.04 -119.80
C VAL F 163 -68.08 46.40 -119.34
N LEU F 164 -69.10 46.95 -120.01
CA LEU F 164 -69.52 48.32 -119.73
C LEU F 164 -70.25 48.46 -118.39
N GLY F 165 -70.97 47.43 -117.96
CA GLY F 165 -71.68 47.49 -116.70
C GLY F 165 -73.13 47.91 -116.79
N VAL F 166 -73.76 47.75 -117.96
CA VAL F 166 -75.17 48.06 -118.14
C VAL F 166 -75.79 46.96 -119.01
N GLU F 167 -77.02 46.58 -118.66
CA GLU F 167 -77.75 45.55 -119.39
C GLU F 167 -78.90 46.19 -120.16
N PHE F 168 -78.91 45.99 -121.48
CA PHE F 168 -79.95 46.57 -122.33
C PHE F 168 -80.39 45.65 -123.45
N LYS F 169 -80.05 44.36 -123.41
CA LYS F 169 -80.37 43.47 -124.53
C LYS F 169 -81.88 43.29 -124.69
N ASN F 170 -82.62 43.33 -123.58
CA ASN F 170 -84.07 43.16 -123.66
C ASN F 170 -84.77 44.34 -124.33
N VAL F 171 -84.07 45.45 -124.53
CA VAL F 171 -84.68 46.63 -125.13
C VAL F 171 -84.55 46.61 -126.66
N LEU F 172 -83.56 45.92 -127.20
CA LEU F 172 -83.32 45.92 -128.64
C LEU F 172 -84.48 45.40 -129.48
N PRO F 173 -85.15 44.27 -129.16
CA PRO F 173 -86.16 43.75 -130.09
C PRO F 173 -87.35 44.68 -130.33
N VAL F 174 -87.65 45.60 -129.42
CA VAL F 174 -88.84 46.43 -129.53
C VAL F 174 -88.56 47.75 -130.23
N LEU F 175 -87.29 48.08 -130.48
CA LEU F 175 -86.93 49.35 -131.10
C LEU F 175 -87.27 49.35 -132.59
N THR F 176 -87.17 50.54 -133.18
CA THR F 176 -87.31 50.71 -134.62
C THR F 176 -85.93 50.59 -135.29
N ALA F 177 -85.90 50.83 -136.60
CA ALA F 177 -84.65 50.68 -137.34
C ALA F 177 -83.65 51.78 -137.00
N GLU F 178 -84.10 53.03 -137.02
CA GLU F 178 -83.18 54.14 -136.81
C GLU F 178 -82.67 54.19 -135.37
N HIS F 179 -83.53 53.84 -134.41
CA HIS F 179 -83.09 53.80 -133.02
C HIS F 179 -82.07 52.70 -132.81
N ARG F 180 -82.27 51.53 -133.44
CA ARG F 180 -81.29 50.46 -133.35
C ARG F 180 -79.97 50.87 -133.96
N ALA F 181 -80.01 51.56 -135.11
CA ALA F 181 -78.78 52.05 -135.72
C ALA F 181 -78.07 53.06 -134.82
N MET F 182 -78.83 53.96 -134.19
CA MET F 182 -78.24 54.93 -133.28
C MET F 182 -77.58 54.26 -132.09
N ILE F 183 -78.25 53.27 -131.50
CA ILE F 183 -77.66 52.53 -130.37
C ILE F 183 -76.39 51.82 -130.81
N GLN F 184 -76.41 51.20 -131.99
CA GLN F 184 -75.22 50.50 -132.46
C GLN F 184 -74.05 51.45 -132.67
N ASN F 185 -74.31 52.62 -133.27
CA ASN F 185 -73.24 53.59 -133.50
C ASN F 185 -72.71 54.14 -132.18
N ALA F 186 -73.60 54.42 -131.23
CA ALA F 186 -73.15 54.91 -129.92
C ALA F 186 -72.33 53.86 -129.19
N LEU F 187 -72.73 52.59 -129.29
CA LEU F 187 -71.95 51.52 -128.71
C LEU F 187 -70.57 51.41 -129.35
N ASP F 188 -70.51 51.56 -130.67
CA ASP F 188 -69.22 51.54 -131.35
C ASP F 188 -68.39 52.79 -131.02
N GLY F 189 -69.02 53.84 -130.51
CA GLY F 189 -68.28 55.02 -130.09
C GLY F 189 -67.34 54.78 -128.93
N SER F 190 -67.65 53.83 -128.05
CA SER F 190 -66.77 53.54 -126.92
C SER F 190 -65.46 52.94 -127.42
N ILE F 191 -64.34 53.50 -126.96
CA ILE F 191 -63.02 53.16 -127.47
C ILE F 191 -62.07 52.88 -126.33
N ILE F 192 -60.96 52.21 -126.66
CA ILE F 192 -59.82 52.05 -125.77
C ILE F 192 -58.82 53.14 -126.07
N GLU F 193 -58.31 53.79 -125.03
CA GLU F 193 -57.35 54.88 -125.19
C GLU F 193 -56.09 54.34 -125.88
N ASN F 194 -55.64 55.07 -126.91
CA ASN F 194 -54.47 54.81 -127.75
C ASN F 194 -54.19 53.32 -127.97
N GLY F 195 -55.18 52.63 -128.53
CA GLY F 195 -55.09 51.20 -128.74
C GLY F 195 -54.18 50.76 -129.87
N ASN F 196 -53.66 51.70 -130.66
CA ASN F 196 -52.71 51.38 -131.72
C ASN F 196 -51.27 51.44 -131.24
N VAL F 197 -51.03 51.67 -129.95
CA VAL F 197 -49.68 51.63 -129.41
C VAL F 197 -49.33 50.18 -129.09
N ALA F 198 -48.21 49.72 -129.64
CA ALA F 198 -47.86 48.30 -129.56
C ALA F 198 -47.48 47.90 -128.14
N THR F 199 -46.81 48.77 -127.40
CA THR F 199 -46.15 48.41 -126.15
C THR F 199 -46.88 48.97 -124.93
N ARG F 200 -48.21 48.95 -124.95
CA ARG F 200 -48.98 49.37 -123.80
C ARG F 200 -48.89 48.35 -122.67
N ASP F 201 -49.27 48.79 -121.47
CA ASP F 201 -49.37 47.92 -120.31
C ASP F 201 -50.78 47.81 -119.75
N VAL F 202 -51.65 48.78 -120.04
CA VAL F 202 -52.99 48.83 -119.45
C VAL F 202 -54.00 49.15 -120.55
N ASP F 203 -55.27 48.89 -120.24
CA ASP F 203 -56.39 49.22 -121.10
C ASP F 203 -57.31 50.19 -120.36
N VAL F 204 -57.60 51.32 -120.99
CA VAL F 204 -58.38 52.39 -120.38
C VAL F 204 -59.64 52.61 -121.21
N PHE F 205 -60.79 52.63 -120.53
CA PHE F 205 -62.07 52.84 -121.19
C PHE F 205 -63.03 53.51 -120.21
N ILE F 206 -64.23 53.79 -120.68
CA ILE F 206 -65.27 54.46 -119.90
C ILE F 206 -66.47 53.54 -119.80
N GLY F 207 -66.93 53.30 -118.58
CA GLY F 207 -68.08 52.45 -118.35
C GLY F 207 -68.98 52.98 -117.25
N ALA F 208 -69.99 52.20 -116.87
CA ALA F 208 -70.97 52.61 -115.88
C ALA F 208 -70.70 51.95 -114.54
N CYS F 209 -70.80 52.73 -113.46
CA CYS F 209 -70.59 52.21 -112.12
C CYS F 209 -71.31 53.11 -111.12
N SER F 210 -71.58 52.55 -109.94
CA SER F 210 -72.19 53.31 -108.86
C SER F 210 -71.11 54.02 -108.06
N GLU F 211 -71.49 55.17 -107.49
CA GLU F 211 -70.51 56.03 -106.83
C GLU F 211 -69.85 55.39 -105.61
N PRO F 212 -70.56 54.76 -104.66
CA PRO F 212 -69.85 54.12 -103.54
C PRO F 212 -68.89 53.02 -103.96
N VAL F 213 -69.24 52.26 -105.00
CA VAL F 213 -68.33 51.23 -105.51
C VAL F 213 -67.12 51.88 -106.18
N TYR F 214 -67.36 52.93 -106.96
CA TYR F 214 -66.28 53.59 -107.69
C TYR F 214 -65.29 54.23 -106.73
N ARG F 215 -65.77 54.71 -105.58
CA ARG F 215 -64.88 55.30 -104.59
C ARG F 215 -63.88 54.28 -104.05
N ILE F 216 -64.37 53.08 -103.69
CA ILE F 216 -63.49 52.03 -103.20
C ILE F 216 -62.54 51.56 -104.30
N TYR F 217 -63.05 51.49 -105.54
CA TYR F 217 -62.19 51.10 -106.65
C TYR F 217 -61.03 52.07 -106.83
N ASN F 218 -61.32 53.37 -106.80
CA ASN F 218 -60.27 54.37 -106.96
C ASN F 218 -59.27 54.31 -105.80
N ARG F 219 -59.76 54.13 -104.58
CA ARG F 219 -58.86 54.05 -103.43
C ARG F 219 -57.92 52.85 -103.55
N LEU F 220 -58.46 51.69 -103.93
CA LEU F 220 -57.63 50.49 -104.05
C LEU F 220 -56.60 50.67 -105.16
N GLN F 221 -57.00 51.24 -106.29
CA GLN F 221 -56.06 51.42 -107.40
C GLN F 221 -54.94 52.39 -107.02
N GLY F 222 -55.30 53.48 -106.32
CA GLY F 222 -54.29 54.41 -105.86
C GLY F 222 -53.32 53.78 -104.87
N TYR F 223 -53.83 52.94 -103.97
CA TYR F 223 -52.96 52.25 -103.03
C TYR F 223 -52.00 51.31 -103.76
N ILE F 224 -52.50 50.59 -104.77
CA ILE F 224 -51.64 49.68 -105.51
C ILE F 224 -50.55 50.45 -106.23
N GLU F 225 -50.90 51.60 -106.82
CA GLU F 225 -49.90 52.42 -107.49
C GLU F 225 -48.85 52.96 -106.51
N ALA F 226 -49.29 53.39 -105.33
CA ALA F 226 -48.40 54.12 -104.43
C ALA F 226 -47.39 53.19 -103.75
N VAL F 227 -47.84 52.05 -103.25
CA VAL F 227 -47.01 51.19 -102.38
C VAL F 227 -46.21 50.25 -103.26
N GLN F 228 -44.89 50.43 -103.26
CA GLN F 228 -43.98 49.73 -104.17
C GLN F 228 -42.65 49.55 -103.46
N LEU F 229 -41.59 49.37 -104.25
CA LEU F 229 -40.26 48.98 -103.80
C LEU F 229 -39.76 49.69 -102.54
N GLN F 230 -40.00 51.00 -102.43
CA GLN F 230 -39.40 51.78 -101.36
C GLN F 230 -39.93 51.37 -99.98
N GLU F 231 -41.25 51.14 -99.87
CA GLU F 231 -41.81 50.68 -98.60
C GLU F 231 -41.29 49.30 -98.22
N LEU F 232 -41.14 48.42 -99.22
CA LEU F 232 -40.56 47.10 -98.97
C LEU F 232 -39.13 47.22 -98.46
N ARG F 233 -38.35 48.12 -99.06
CA ARG F 233 -36.96 48.33 -98.63
C ARG F 233 -36.91 48.87 -97.20
N ASN F 234 -37.83 49.78 -96.87
CA ASN F 234 -37.89 50.31 -95.50
C ASN F 234 -38.19 49.19 -94.50
N SER F 235 -39.16 48.33 -94.82
CA SER F 235 -39.49 47.22 -93.93
C SER F 235 -38.32 46.27 -93.75
N ILE F 236 -37.63 45.94 -94.85
CA ILE F 236 -36.49 45.03 -94.76
C ILE F 236 -35.35 45.67 -93.96
N GLY F 237 -35.16 46.98 -94.11
CA GLY F 237 -34.13 47.65 -93.32
C GLY F 237 -34.41 47.63 -91.83
N TRP F 238 -35.67 47.85 -91.45
CA TRP F 238 -36.03 47.72 -90.04
C TRP F 238 -35.79 46.30 -89.54
N LEU F 239 -36.12 45.30 -90.37
CA LEU F 239 -35.85 43.92 -89.99
C LEU F 239 -34.36 43.67 -89.82
N GLU F 240 -33.52 44.28 -90.65
CA GLU F 240 -32.08 44.14 -90.50
C GLU F 240 -31.60 44.76 -89.19
N ARG F 241 -32.16 45.91 -88.81
CA ARG F 241 -31.81 46.50 -87.52
C ARG F 241 -32.18 45.59 -86.37
N LEU F 242 -33.38 44.99 -86.41
CA LEU F 242 -33.78 44.06 -85.36
C LEU F 242 -32.87 42.84 -85.33
N GLY F 243 -32.48 42.34 -86.51
CA GLY F 243 -31.57 41.21 -86.56
C GLY F 243 -30.21 41.52 -85.99
N HIS F 244 -29.72 42.74 -86.23
CA HIS F 244 -28.49 43.19 -85.59
C HIS F 244 -28.62 43.22 -84.08
N ARG F 245 -29.78 43.66 -83.59
CA ARG F 245 -30.02 43.65 -82.15
C ARG F 245 -29.99 42.23 -81.59
N LYS F 246 -30.60 41.28 -82.29
CA LYS F 246 -30.70 39.92 -81.79
C LYS F 246 -29.54 39.02 -82.22
N ARG F 247 -28.67 39.49 -83.13
CA ARG F 247 -27.51 38.75 -83.62
C ARG F 247 -27.90 37.40 -84.22
N ILE F 248 -28.78 37.44 -85.23
CA ILE F 248 -29.17 36.23 -85.94
C ILE F 248 -28.10 35.90 -86.98
N THR F 249 -28.18 34.70 -87.56
CA THR F 249 -27.24 34.24 -88.56
C THR F 249 -27.78 34.53 -89.96
N TYR F 250 -26.94 35.10 -90.81
CA TYR F 250 -27.31 35.50 -92.15
C TYR F 250 -26.67 34.58 -93.19
N SER F 251 -27.35 34.41 -94.32
CA SER F 251 -26.84 33.60 -95.41
C SER F 251 -25.92 34.43 -96.29
N GLN F 252 -25.45 33.84 -97.39
CA GLN F 252 -24.64 34.53 -98.37
C GLN F 252 -25.47 35.14 -99.49
N GLU F 253 -26.77 34.87 -99.51
CA GLU F 253 -27.66 35.36 -100.56
C GLU F 253 -28.30 36.68 -100.13
N VAL F 254 -28.22 37.69 -100.99
CA VAL F 254 -28.72 39.02 -100.68
C VAL F 254 -29.83 39.37 -101.65
N LEU F 255 -30.77 40.20 -101.19
CA LEU F 255 -31.93 40.58 -102.00
C LEU F 255 -31.58 41.74 -102.92
N THR F 256 -31.91 41.58 -104.20
CA THR F 256 -31.70 42.61 -105.21
C THR F 256 -33.03 43.26 -105.56
N ASP F 257 -32.99 44.56 -105.86
CA ASP F 257 -34.20 45.33 -106.13
C ASP F 257 -34.58 45.35 -107.61
N PHE F 258 -34.21 44.31 -108.36
CA PHE F 258 -34.66 44.17 -109.74
C PHE F 258 -36.11 43.71 -109.77
N ARG F 259 -36.93 44.38 -110.57
CA ARG F 259 -38.34 44.04 -110.72
C ARG F 259 -38.62 43.82 -112.20
N ARG F 260 -39.31 42.72 -112.51
CA ARG F 260 -39.65 42.43 -113.90
C ARG F 260 -40.68 43.42 -114.41
N GLN F 261 -40.74 43.54 -115.73
CA GLN F 261 -41.62 44.49 -116.39
C GLN F 261 -43.01 43.92 -116.66
N ASP F 262 -43.29 42.71 -116.20
CA ASP F 262 -44.62 42.12 -116.34
C ASP F 262 -45.19 41.68 -114.99
N THR F 263 -44.68 42.24 -113.88
CA THR F 263 -45.07 41.83 -112.55
C THR F 263 -45.49 43.04 -111.73
N ILE F 264 -46.56 42.88 -110.96
CA ILE F 264 -47.07 43.90 -110.06
C ILE F 264 -47.01 43.36 -108.64
N TRP F 265 -46.46 44.16 -107.72
CA TRP F 265 -46.36 43.76 -106.33
C TRP F 265 -47.51 44.34 -105.52
N VAL F 266 -48.06 43.53 -104.61
CA VAL F 266 -49.10 43.96 -103.69
C VAL F 266 -48.58 43.71 -102.28
N LEU F 267 -48.28 44.79 -101.56
CA LEU F 267 -47.82 44.73 -100.18
C LEU F 267 -48.91 45.30 -99.29
N ALA F 268 -49.37 44.50 -98.32
CA ALA F 268 -50.53 44.86 -97.52
C ALA F 268 -50.22 45.16 -96.05
N LEU F 269 -48.97 44.97 -95.62
CA LEU F 269 -48.60 45.23 -94.24
C LEU F 269 -47.23 45.91 -94.21
N GLN F 270 -46.99 46.69 -93.16
CA GLN F 270 -45.71 47.35 -92.95
C GLN F 270 -45.25 47.13 -91.52
N LEU F 271 -43.96 46.88 -91.36
CA LEU F 271 -43.37 46.26 -90.18
C LEU F 271 -43.16 47.13 -88.94
N PRO F 272 -42.76 48.41 -89.04
CA PRO F 272 -42.56 49.18 -87.80
C PRO F 272 -43.88 49.44 -87.08
N VAL F 273 -44.32 48.45 -86.30
CA VAL F 273 -45.58 48.52 -85.58
C VAL F 273 -45.49 49.56 -84.46
N ASN F 274 -46.58 50.31 -84.26
CA ASN F 274 -46.70 51.25 -83.16
C ASN F 274 -47.05 50.48 -81.88
N PRO F 275 -46.17 50.51 -80.87
CA PRO F 275 -46.47 49.78 -79.63
C PRO F 275 -47.65 50.33 -78.84
N GLN F 276 -48.04 51.58 -79.08
CA GLN F 276 -49.18 52.16 -78.37
C GLN F 276 -50.46 51.42 -78.71
N VAL F 277 -50.57 50.92 -79.94
CA VAL F 277 -51.75 50.16 -80.34
C VAL F 277 -51.86 48.88 -79.51
N VAL F 278 -50.74 48.19 -79.32
CA VAL F 278 -50.75 46.94 -78.57
C VAL F 278 -51.02 47.22 -77.08
N TRP F 279 -50.39 48.25 -76.52
CA TRP F 279 -50.52 48.47 -75.09
C TRP F 279 -51.71 49.35 -74.70
N ASP F 280 -52.55 49.74 -75.65
CA ASP F 280 -53.75 50.50 -75.30
C ASP F 280 -54.92 49.61 -74.92
N VAL F 281 -54.85 48.31 -75.22
CA VAL F 281 -55.96 47.40 -74.94
C VAL F 281 -56.18 47.29 -73.44
N PRO F 282 -57.39 47.44 -72.93
CA PRO F 282 -57.61 47.40 -71.48
C PRO F 282 -57.38 46.02 -70.91
N ARG F 283 -56.71 45.97 -69.75
CA ARG F 283 -56.44 44.73 -69.02
C ARG F 283 -55.73 43.70 -69.89
N SER F 284 -54.62 44.12 -70.50
CA SER F 284 -53.89 43.27 -71.43
C SER F 284 -52.46 42.98 -71.00
N SER F 285 -52.09 43.27 -69.76
CA SER F 285 -50.70 43.06 -69.33
C SER F 285 -50.35 41.59 -69.27
N ILE F 286 -51.24 40.77 -68.69
CA ILE F 286 -50.97 39.34 -68.57
C ILE F 286 -50.92 38.68 -69.94
N ALA F 287 -51.85 39.07 -70.82
CA ALA F 287 -51.87 38.52 -72.18
C ALA F 287 -50.60 38.88 -72.92
N ASN F 288 -50.14 40.13 -72.79
CA ASN F 288 -48.91 40.56 -73.46
C ASN F 288 -47.71 39.80 -72.92
N LEU F 289 -47.68 39.56 -71.61
CA LEU F 289 -46.60 38.78 -71.03
C LEU F 289 -46.58 37.35 -71.57
N ILE F 290 -47.77 36.74 -71.71
CA ILE F 290 -47.85 35.37 -72.21
C ILE F 290 -47.39 35.30 -73.66
N MET F 291 -47.81 36.28 -74.48
CA MET F 291 -47.36 36.31 -75.87
C MET F 291 -45.86 36.49 -75.97
N ASN F 292 -45.30 37.36 -75.13
CA ASN F 292 -43.85 37.56 -75.12
C ASN F 292 -43.11 36.27 -74.78
N ILE F 293 -43.59 35.55 -73.76
CA ILE F 293 -42.97 34.28 -73.38
C ILE F 293 -43.08 33.28 -74.53
N ALA F 294 -44.26 33.18 -75.14
CA ALA F 294 -44.49 32.15 -76.15
C ALA F 294 -43.74 32.43 -77.44
N THR F 295 -43.41 33.69 -77.72
CA THR F 295 -42.79 34.01 -78.99
C THR F 295 -41.28 34.26 -78.89
N CYS F 296 -40.74 34.60 -77.73
CA CYS F 296 -39.35 35.03 -77.68
C CYS F 296 -38.42 34.18 -76.83
N LEU F 297 -38.94 33.39 -75.90
CA LEU F 297 -38.05 32.68 -74.98
C LEU F 297 -37.35 31.52 -75.69
N PRO F 298 -36.04 31.36 -75.51
CA PRO F 298 -35.33 30.25 -76.15
C PRO F 298 -35.39 28.98 -75.31
N THR F 299 -34.96 27.88 -75.93
CA THR F 299 -34.87 26.60 -75.25
C THR F 299 -33.45 26.37 -74.75
N GLY F 300 -33.34 25.71 -73.61
CA GLY F 300 -32.05 25.53 -72.98
C GLY F 300 -32.08 24.39 -71.98
N GLU F 301 -31.05 24.35 -71.15
CA GLU F 301 -30.87 23.29 -70.16
C GLU F 301 -30.48 23.89 -68.82
N TYR F 302 -30.71 23.11 -67.76
CA TYR F 302 -30.27 23.45 -66.42
C TYR F 302 -29.01 22.67 -66.10
N ILE F 303 -27.95 23.38 -65.73
CA ILE F 303 -26.63 22.79 -65.52
C ILE F 303 -26.25 22.93 -64.05
N ALA F 304 -25.82 21.84 -63.44
CA ALA F 304 -25.32 21.81 -62.08
C ALA F 304 -23.87 22.26 -62.04
N PRO F 305 -23.41 22.79 -60.90
CA PRO F 305 -22.00 23.18 -60.79
C PRO F 305 -21.08 21.95 -60.73
N ASN F 306 -19.79 22.22 -60.96
CA ASN F 306 -18.80 21.17 -60.94
C ASN F 306 -18.67 20.57 -59.55
N PRO F 307 -18.60 19.25 -59.42
CA PRO F 307 -18.48 18.63 -58.09
C PRO F 307 -17.21 19.02 -57.35
N ARG F 308 -16.11 19.28 -58.05
CA ARG F 308 -14.84 19.56 -57.38
C ARG F 308 -14.81 20.94 -56.74
N ILE F 309 -15.78 21.80 -57.02
CA ILE F 309 -15.83 23.10 -56.35
C ILE F 309 -16.10 22.93 -54.86
N SER F 310 -16.93 21.97 -54.49
CA SER F 310 -17.33 21.78 -53.10
C SER F 310 -16.27 21.07 -52.26
N SER F 311 -15.69 19.98 -52.77
CA SER F 311 -14.81 19.15 -51.96
C SER F 311 -13.55 18.79 -52.74
N ILE F 312 -12.44 18.73 -52.03
CA ILE F 312 -11.14 18.35 -52.58
C ILE F 312 -10.76 16.98 -52.03
N THR F 313 -10.06 16.21 -52.86
CA THR F 313 -9.55 14.90 -52.47
C THR F 313 -8.04 14.92 -52.50
N LEU F 314 -7.41 14.64 -51.36
CA LEU F 314 -5.96 14.60 -51.27
C LEU F 314 -5.42 13.18 -51.35
N THR F 315 -6.17 12.21 -50.82
CA THR F 315 -5.76 10.82 -50.77
C THR F 315 -7.05 9.99 -50.90
N GLN F 316 -6.91 8.69 -51.17
CA GLN F 316 -8.07 7.82 -51.29
C GLN F 316 -8.94 7.86 -50.03
N ARG F 317 -8.32 7.93 -48.86
CA ARG F 317 -9.07 7.93 -47.61
C ARG F 317 -9.33 9.33 -47.05
N ILE F 318 -8.62 10.35 -47.52
CA ILE F 318 -8.70 11.68 -46.93
C ILE F 318 -9.29 12.64 -47.96
N THR F 319 -10.32 13.38 -47.55
CA THR F 319 -10.95 14.37 -48.40
C THR F 319 -11.59 15.43 -47.53
N THR F 320 -11.79 16.61 -48.10
CA THR F 320 -12.50 17.67 -47.40
C THR F 320 -14.00 17.41 -47.44
N THR F 321 -14.70 18.05 -46.50
CA THR F 321 -16.15 17.94 -46.41
C THR F 321 -16.78 19.31 -46.55
N GLY F 322 -17.97 19.36 -47.15
CA GLY F 322 -18.68 20.60 -47.36
C GLY F 322 -19.59 20.95 -46.21
N PRO F 323 -19.91 22.25 -46.06
CA PRO F 323 -20.82 22.66 -44.99
C PRO F 323 -22.28 22.35 -45.26
N PHE F 324 -22.66 22.11 -46.51
CA PHE F 324 -24.04 21.82 -46.89
C PHE F 324 -24.13 20.47 -47.59
N ALA F 325 -23.47 19.46 -47.01
CA ALA F 325 -23.39 18.16 -47.65
C ALA F 325 -24.76 17.50 -47.75
N ILE F 326 -25.58 17.63 -46.71
CA ILE F 326 -26.90 17.00 -46.72
C ILE F 326 -27.80 17.62 -47.77
N LEU F 327 -27.66 18.93 -47.99
CA LEU F 327 -28.52 19.61 -48.96
C LEU F 327 -28.11 19.29 -50.39
N THR F 328 -26.82 19.05 -50.63
CA THR F 328 -26.35 18.78 -51.98
C THR F 328 -26.80 17.42 -52.48
N GLY F 329 -26.92 16.43 -51.58
CA GLY F 329 -27.31 15.10 -51.99
C GLY F 329 -28.79 14.89 -52.17
N SER F 330 -29.60 15.89 -51.91
CA SER F 330 -31.04 15.76 -52.08
C SER F 330 -31.43 15.94 -53.53
N THR F 331 -32.65 15.50 -53.85
CA THR F 331 -33.21 15.63 -55.18
C THR F 331 -34.55 16.34 -55.11
N PRO F 332 -34.89 17.12 -56.13
CA PRO F 332 -36.18 17.84 -56.10
C PRO F 332 -37.35 16.94 -56.46
N THR F 333 -38.50 17.24 -55.87
CA THR F 333 -39.75 16.62 -56.26
C THR F 333 -40.38 17.43 -57.40
N ALA F 334 -41.58 17.04 -57.81
CA ALA F 334 -42.25 17.74 -58.90
C ALA F 334 -42.62 19.18 -58.51
N GLN F 335 -43.16 19.35 -57.30
CA GLN F 335 -43.56 20.68 -56.86
C GLN F 335 -42.35 21.59 -56.66
N GLN F 336 -41.25 21.04 -56.15
CA GLN F 336 -40.04 21.84 -55.97
C GLN F 336 -39.45 22.25 -57.32
N LEU F 337 -39.51 21.36 -58.31
CA LEU F 337 -39.06 21.72 -59.66
C LEU F 337 -39.94 22.81 -60.25
N ASN F 338 -41.26 22.74 -60.03
CA ASN F 338 -42.15 23.79 -60.52
C ASN F 338 -41.85 25.12 -59.84
N ASP F 339 -41.50 25.09 -58.55
CA ASP F 339 -41.12 26.31 -57.85
C ASP F 339 -39.82 26.89 -58.39
N VAL F 340 -38.87 26.02 -58.75
CA VAL F 340 -37.63 26.48 -59.40
C VAL F 340 -37.96 27.18 -60.71
N ARG F 341 -38.87 26.59 -61.50
CA ARG F 341 -39.28 27.23 -62.76
C ARG F 341 -39.93 28.58 -62.50
N LYS F 342 -40.75 28.69 -61.46
CA LYS F 342 -41.36 29.98 -61.12
C LYS F 342 -40.30 31.01 -60.75
N ILE F 343 -39.28 30.60 -59.99
CA ILE F 343 -38.21 31.52 -59.60
C ILE F 343 -37.48 32.03 -60.83
N TYR F 344 -37.19 31.15 -61.78
CA TYR F 344 -36.47 31.60 -62.97
C TYR F 344 -37.35 32.49 -63.85
N LEU F 345 -38.66 32.20 -63.91
CA LEU F 345 -39.57 33.09 -64.63
C LEU F 345 -39.59 34.47 -64.00
N ALA F 346 -39.58 34.54 -62.67
CA ALA F 346 -39.54 35.84 -62.00
C ALA F 346 -38.24 36.58 -62.29
N LEU F 347 -37.13 35.85 -62.31
CA LEU F 347 -35.84 36.50 -62.59
C LEU F 347 -35.77 37.04 -64.01
N MET F 348 -36.32 36.31 -64.98
CA MET F 348 -36.21 36.74 -66.37
C MET F 348 -37.15 37.88 -66.75
N PHE F 349 -38.10 38.24 -65.89
CA PHE F 349 -39.03 39.34 -66.16
C PHE F 349 -39.07 40.28 -64.96
N PRO F 350 -38.14 41.24 -64.91
CA PRO F 350 -38.04 42.11 -63.72
C PRO F 350 -39.27 43.00 -63.57
N GLY F 351 -39.92 42.89 -62.41
CA GLY F 351 -41.03 43.73 -62.06
C GLY F 351 -42.40 43.21 -62.46
N GLN F 352 -42.49 42.46 -63.57
CA GLN F 352 -43.77 41.96 -64.02
C GLN F 352 -44.24 40.78 -63.18
N ILE F 353 -43.31 39.96 -62.70
CA ILE F 353 -43.63 38.83 -61.84
C ILE F 353 -42.84 38.98 -60.55
N ILE F 354 -43.54 38.85 -59.41
CA ILE F 354 -42.93 38.93 -58.09
C ILE F 354 -43.30 37.69 -57.30
N LEU F 355 -42.51 37.42 -56.25
CA LEU F 355 -42.59 36.17 -55.52
C LEU F 355 -43.11 36.38 -54.10
N ASP F 356 -43.89 35.41 -53.64
CA ASP F 356 -44.38 35.35 -52.27
C ASP F 356 -44.11 33.96 -51.72
N LEU F 357 -44.29 33.79 -50.41
CA LEU F 357 -44.01 32.54 -49.73
C LEU F 357 -45.26 31.68 -49.66
N LYS F 358 -45.09 30.37 -49.85
CA LYS F 358 -46.18 29.41 -49.82
C LYS F 358 -46.17 28.63 -48.51
N ILE F 359 -47.33 28.54 -47.87
CA ILE F 359 -47.47 27.94 -46.54
C ILE F 359 -48.39 26.73 -46.65
N ASP F 360 -47.89 25.57 -46.25
CA ASP F 360 -48.70 24.36 -46.20
C ASP F 360 -48.42 23.58 -44.91
N PRO F 361 -49.45 23.06 -44.26
CA PRO F 361 -49.24 22.33 -43.00
C PRO F 361 -48.57 20.98 -43.17
N GLY F 362 -48.79 20.35 -44.34
CA GLY F 362 -48.29 19.01 -44.55
C GLY F 362 -46.77 18.93 -44.62
N GLU F 363 -46.14 19.97 -45.18
CA GLU F 363 -44.70 19.94 -45.41
C GLU F 363 -43.93 19.92 -44.10
N ARG F 364 -42.98 18.99 -44.00
CA ARG F 364 -42.08 18.89 -42.85
C ARG F 364 -40.65 18.92 -43.37
N MET F 365 -39.87 19.87 -42.88
CA MET F 365 -38.49 20.05 -43.32
C MET F 365 -37.59 20.29 -42.12
N ASP F 366 -36.30 20.04 -42.32
CA ASP F 366 -35.31 20.37 -41.31
C ASP F 366 -35.27 21.89 -41.12
N PRO F 367 -35.24 22.38 -39.88
CA PRO F 367 -35.18 23.83 -39.64
C PRO F 367 -33.99 24.53 -40.28
N ALA F 368 -32.95 23.79 -40.66
CA ALA F 368 -31.78 24.42 -41.26
C ALA F 368 -32.05 24.88 -42.69
N VAL F 369 -33.05 24.28 -43.37
CA VAL F 369 -33.33 24.63 -44.75
C VAL F 369 -33.80 26.07 -44.86
N ARG F 370 -34.70 26.48 -43.98
CA ARG F 370 -35.18 27.85 -43.97
C ARG F 370 -34.06 28.83 -43.66
N MET F 371 -33.19 28.47 -42.71
CA MET F 371 -32.10 29.37 -42.33
C MET F 371 -31.10 29.54 -43.46
N VAL F 372 -30.81 28.47 -44.21
CA VAL F 372 -29.93 28.59 -45.37
C VAL F 372 -30.60 29.40 -46.48
N ALA F 373 -31.90 29.17 -46.70
CA ALA F 373 -32.62 29.93 -47.71
C ALA F 373 -32.64 31.41 -47.38
N GLY F 374 -32.61 31.76 -46.10
CA GLY F 374 -32.51 33.16 -45.72
C GLY F 374 -31.23 33.82 -46.23
N VAL F 375 -30.11 33.09 -46.17
CA VAL F 375 -28.87 33.62 -46.74
C VAL F 375 -28.95 33.66 -48.26
N VAL F 376 -29.52 32.61 -48.86
CA VAL F 376 -29.54 32.50 -50.31
C VAL F 376 -30.39 33.61 -50.95
N GLY F 377 -31.53 33.92 -50.33
CA GLY F 377 -32.44 34.90 -50.92
C GLY F 377 -31.87 36.29 -51.02
N HIS F 378 -30.96 36.66 -50.10
CA HIS F 378 -30.33 37.97 -50.19
C HIS F 378 -29.36 38.04 -51.35
N LEU F 379 -28.72 36.93 -51.70
CA LEU F 379 -27.80 36.89 -52.82
C LEU F 379 -28.49 36.61 -54.15
N LEU F 380 -29.76 36.19 -54.12
CA LEU F 380 -30.43 35.79 -55.35
C LEU F 380 -31.40 36.83 -55.90
N PHE F 381 -31.91 37.74 -55.07
CA PHE F 381 -33.02 38.60 -55.49
C PHE F 381 -32.68 40.06 -55.28
N THR F 382 -33.40 40.91 -56.02
CA THR F 382 -33.28 42.36 -55.95
C THR F 382 -34.53 42.93 -55.31
N ALA F 383 -34.35 43.79 -54.31
CA ALA F 383 -35.46 44.27 -53.49
C ALA F 383 -35.37 45.78 -53.28
N GLY F 384 -35.18 46.53 -54.36
CA GLY F 384 -35.22 47.97 -54.25
C GLY F 384 -34.39 48.74 -55.25
N GLY F 385 -34.49 50.06 -55.21
CA GLY F 385 -33.87 50.89 -56.21
C GLY F 385 -34.81 51.22 -57.34
N ARG F 386 -34.70 50.47 -58.43
CA ARG F 386 -35.49 50.68 -59.64
C ARG F 386 -36.54 49.60 -59.90
N PHE F 387 -36.33 48.38 -59.40
CA PHE F 387 -37.32 47.33 -59.53
C PHE F 387 -37.11 46.32 -58.41
N THR F 388 -38.08 45.43 -58.26
CA THR F 388 -38.00 44.39 -57.24
C THR F 388 -38.51 43.07 -57.79
N ASN F 389 -37.99 41.98 -57.24
CA ASN F 389 -38.47 40.64 -57.55
C ASN F 389 -39.34 40.06 -56.44
N LEU F 390 -39.59 40.81 -55.37
CA LEU F 390 -40.21 40.29 -54.17
C LEU F 390 -41.32 41.20 -53.69
N THR F 391 -42.31 40.60 -53.04
CA THR F 391 -43.23 41.37 -52.22
C THR F 391 -42.54 41.78 -50.93
N GLN F 392 -43.11 42.76 -50.24
CA GLN F 392 -42.53 43.25 -49.00
C GLN F 392 -42.57 42.19 -47.91
N ASN F 393 -43.65 41.40 -47.87
CA ASN F 393 -43.80 40.38 -46.84
C ASN F 393 -42.73 39.30 -46.98
N MET F 394 -42.44 38.87 -48.21
CA MET F 394 -41.41 37.85 -48.40
C MET F 394 -40.03 38.38 -48.04
N ALA F 395 -39.76 39.66 -48.31
CA ALA F 395 -38.51 40.27 -47.87
C ALA F 395 -38.41 40.28 -46.35
N ARG F 396 -39.51 40.59 -45.67
CA ARG F 396 -39.52 40.53 -44.21
C ARG F 396 -39.23 39.13 -43.70
N GLN F 397 -39.84 38.12 -44.33
CA GLN F 397 -39.60 36.74 -43.92
C GLN F 397 -38.14 36.34 -44.15
N LEU F 398 -37.55 36.77 -45.27
CA LEU F 398 -36.15 36.47 -45.52
C LEU F 398 -35.24 37.14 -44.49
N ASP F 399 -35.58 38.37 -44.10
CA ASP F 399 -34.81 39.05 -43.05
C ASP F 399 -34.89 38.29 -41.73
N ILE F 400 -36.09 37.81 -41.38
CA ILE F 400 -36.24 37.05 -40.13
C ILE F 400 -35.44 35.76 -40.19
N ALA F 401 -35.44 35.09 -41.35
CA ALA F 401 -34.67 33.86 -41.50
C ALA F 401 -33.18 34.11 -41.38
N LEU F 402 -32.68 35.21 -41.98
CA LEU F 402 -31.27 35.55 -41.84
C LEU F 402 -30.91 35.87 -40.40
N ASN F 403 -31.82 36.57 -39.69
CA ASN F 403 -31.64 36.83 -38.27
C ASN F 403 -31.49 35.53 -37.49
N ASP F 404 -32.36 34.56 -37.78
CA ASP F 404 -32.29 33.29 -37.07
C ASP F 404 -31.01 32.53 -37.41
N TYR F 405 -30.56 32.61 -38.66
CA TYR F 405 -29.34 31.90 -39.04
C TYR F 405 -28.11 32.49 -38.37
N LEU F 406 -28.03 33.83 -38.28
CA LEU F 406 -26.83 34.45 -37.73
C LEU F 406 -26.67 34.20 -36.24
N LEU F 407 -27.77 34.11 -35.50
CA LEU F 407 -27.69 33.95 -34.05
C LEU F 407 -27.61 32.50 -33.60
N TYR F 408 -27.79 31.54 -34.50
CA TYR F 408 -27.71 30.12 -34.14
C TYR F 408 -26.26 29.69 -34.27
N MET F 409 -25.54 29.74 -33.15
CA MET F 409 -24.11 29.48 -33.12
C MET F 409 -23.86 28.12 -32.50
N TYR F 410 -23.58 27.12 -33.35
CA TYR F 410 -23.30 25.77 -32.91
C TYR F 410 -21.80 25.51 -32.71
N ASN F 411 -20.93 26.42 -33.13
CA ASN F 411 -19.55 26.45 -32.72
C ASN F 411 -19.42 27.39 -31.51
N THR F 412 -18.19 27.79 -31.18
CA THR F 412 -17.97 28.72 -30.07
C THR F 412 -18.71 30.02 -30.32
N ARG F 413 -19.39 30.51 -29.29
CA ARG F 413 -20.22 31.70 -29.42
C ARG F 413 -19.37 32.95 -29.51
N VAL F 414 -19.85 33.92 -30.28
CA VAL F 414 -19.19 35.21 -30.41
C VAL F 414 -20.04 36.27 -29.72
N GLN F 415 -19.48 37.48 -29.60
CA GLN F 415 -20.15 38.54 -28.87
C GLN F 415 -21.23 39.20 -29.71
N VAL F 416 -22.38 39.45 -29.10
CA VAL F 416 -23.50 40.10 -29.75
C VAL F 416 -23.94 41.27 -28.89
N ASN F 417 -24.04 42.45 -29.49
CA ASN F 417 -24.54 43.65 -28.84
C ASN F 417 -25.85 44.05 -29.50
N TYR F 418 -26.96 43.89 -28.77
CA TYR F 418 -28.28 44.15 -29.31
C TYR F 418 -28.60 45.64 -29.31
N GLY F 419 -29.46 46.04 -30.23
CA GLY F 419 -29.87 47.42 -30.36
C GLY F 419 -31.15 47.72 -29.61
N PRO F 420 -31.44 49.02 -29.41
CA PRO F 420 -32.64 49.38 -28.65
C PRO F 420 -33.94 48.92 -29.29
N THR F 421 -34.04 48.91 -30.62
CA THR F 421 -35.25 48.44 -31.27
C THR F 421 -35.25 46.91 -31.34
N GLY F 422 -36.44 46.37 -31.57
CA GLY F 422 -36.59 44.93 -31.66
C GLY F 422 -36.72 44.44 -33.09
N GLU F 423 -36.24 45.23 -34.03
CA GLU F 423 -36.26 44.81 -35.43
C GLU F 423 -35.30 43.64 -35.64
N PRO F 424 -35.58 42.79 -36.63
CA PRO F 424 -34.61 41.76 -36.99
C PRO F 424 -33.31 42.37 -37.52
N LEU F 425 -32.21 41.67 -37.27
CA LEU F 425 -30.87 42.06 -37.70
C LEU F 425 -30.41 43.37 -37.06
N ASP F 426 -30.94 43.70 -35.88
CA ASP F 426 -30.56 44.91 -35.17
C ASP F 426 -29.57 44.56 -34.06
N PHE F 427 -28.33 44.29 -34.47
CA PHE F 427 -27.27 43.97 -33.51
C PHE F 427 -25.92 44.15 -34.20
N GLN F 428 -24.87 44.15 -33.39
CA GLN F 428 -23.49 44.08 -33.85
C GLN F 428 -22.89 42.74 -33.40
N ILE F 429 -22.07 42.14 -34.27
CA ILE F 429 -21.57 40.79 -34.05
C ILE F 429 -20.07 40.75 -34.32
N GLY F 430 -19.39 39.86 -33.59
CA GLY F 430 -17.99 39.57 -33.86
C GLY F 430 -17.03 40.44 -33.08
N ARG F 431 -15.74 40.20 -33.37
CA ARG F 431 -14.68 41.00 -32.76
C ARG F 431 -14.68 42.43 -33.30
N ASN F 432 -14.91 42.58 -34.60
CA ASN F 432 -14.87 43.89 -35.25
C ASN F 432 -16.21 44.61 -35.19
N GLN F 433 -17.23 44.01 -34.59
CA GLN F 433 -18.55 44.61 -34.38
C GLN F 433 -19.18 45.04 -35.71
N TYR F 434 -19.43 44.04 -36.55
CA TYR F 434 -20.11 44.29 -37.82
C TYR F 434 -21.58 44.59 -37.58
N ASP F 435 -22.06 45.67 -38.20
CA ASP F 435 -23.44 46.11 -38.00
C ASP F 435 -24.34 45.45 -39.04
N CYS F 436 -25.29 44.64 -38.57
CA CYS F 436 -26.16 43.87 -39.44
C CYS F 436 -27.44 44.62 -39.82
N ASN F 437 -27.57 45.89 -39.41
CA ASN F 437 -28.78 46.64 -39.71
C ASN F 437 -28.92 46.93 -41.20
N VAL F 438 -27.80 46.95 -41.94
CA VAL F 438 -27.83 47.30 -43.35
C VAL F 438 -28.42 46.20 -44.22
N PHE F 439 -28.63 45.00 -43.68
CA PHE F 439 -29.17 43.90 -44.46
C PHE F 439 -30.68 43.80 -44.39
N ARG F 440 -31.33 44.57 -43.51
CA ARG F 440 -32.78 44.63 -43.49
C ARG F 440 -33.28 45.43 -44.69
N ALA F 441 -34.38 44.97 -45.29
CA ALA F 441 -34.81 45.50 -46.57
C ALA F 441 -35.34 46.92 -46.46
N ASP F 442 -34.98 47.75 -47.43
CA ASP F 442 -35.50 49.11 -47.58
C ASP F 442 -35.69 49.35 -49.07
N PHE F 443 -36.94 49.38 -49.52
CA PHE F 443 -37.22 49.33 -50.95
C PHE F 443 -36.88 50.62 -51.68
N ALA F 444 -36.76 51.74 -50.97
CA ALA F 444 -36.39 52.98 -51.64
C ALA F 444 -34.91 53.03 -51.97
N THR F 445 -34.08 52.36 -51.17
CA THR F 445 -32.63 52.34 -51.36
C THR F 445 -32.13 51.05 -51.99
N GLY F 446 -32.70 49.91 -51.62
CA GLY F 446 -32.25 48.64 -52.13
C GLY F 446 -31.14 47.99 -51.34
N THR F 447 -30.86 48.47 -50.13
CA THR F 447 -29.78 47.91 -49.33
C THR F 447 -30.09 46.48 -48.92
N GLY F 448 -29.03 45.68 -48.80
CA GLY F 448 -29.14 44.30 -48.36
C GLY F 448 -29.47 43.29 -49.43
N TYR F 449 -29.56 43.70 -50.70
CA TYR F 449 -29.91 42.80 -51.79
C TYR F 449 -29.01 43.13 -52.98
N ASN F 450 -29.33 42.54 -54.13
CA ASN F 450 -28.44 42.65 -55.29
C ASN F 450 -28.39 44.06 -55.87
N GLY F 451 -29.39 44.89 -55.60
CA GLY F 451 -29.38 46.26 -56.07
C GLY F 451 -28.64 47.23 -55.19
N TRP F 452 -27.99 46.74 -54.15
CA TRP F 452 -27.31 47.58 -53.18
C TRP F 452 -26.04 48.18 -53.79
N ALA F 453 -26.05 49.51 -53.97
CA ALA F 453 -24.91 50.25 -54.49
C ALA F 453 -24.46 49.73 -55.85
N THR F 454 -25.44 49.44 -56.71
CA THR F 454 -25.19 48.88 -58.03
C THR F 454 -26.13 49.53 -59.03
N ILE F 455 -25.60 49.81 -60.22
CA ILE F 455 -26.40 50.34 -61.33
C ILE F 455 -26.94 49.15 -62.11
N ASP F 456 -28.26 48.91 -62.00
CA ASP F 456 -28.91 47.79 -62.68
C ASP F 456 -29.45 48.14 -64.05
N VAL F 457 -29.92 49.37 -64.24
CA VAL F 457 -30.53 49.80 -65.49
C VAL F 457 -29.68 50.90 -66.10
N GLU F 458 -29.51 50.86 -67.41
CA GLU F 458 -28.77 51.89 -68.13
C GLU F 458 -29.35 52.02 -69.52
N TYR F 459 -28.99 53.11 -70.20
CA TYR F 459 -29.48 53.41 -71.54
C TYR F 459 -28.31 53.57 -72.49
N ARG F 460 -28.53 53.19 -73.74
CA ARG F 460 -27.49 53.12 -74.76
C ARG F 460 -28.08 53.66 -76.06
N GLU F 461 -27.53 53.20 -77.18
CA GLU F 461 -27.97 53.68 -78.51
C GLU F 461 -29.43 53.31 -78.78
N PRO F 462 -30.16 54.06 -79.63
CA PRO F 462 -31.60 53.81 -79.84
C PRO F 462 -31.99 52.36 -80.12
N ALA F 463 -33.11 51.90 -79.53
CA ALA F 463 -33.55 50.49 -79.65
C ALA F 463 -34.44 50.29 -80.87
N PRO F 464 -34.48 49.07 -81.48
CA PRO F 464 -35.40 48.78 -82.59
C PRO F 464 -36.86 49.08 -82.23
N TYR F 465 -37.28 48.75 -81.01
CA TYR F 465 -38.61 49.07 -80.52
C TYR F 465 -38.52 50.33 -79.66
N VAL F 466 -39.27 51.37 -80.05
CA VAL F 466 -39.09 52.69 -79.46
C VAL F 466 -39.51 52.73 -78.00
N HIS F 467 -40.46 51.89 -77.60
CA HIS F 467 -41.01 51.97 -76.26
C HIS F 467 -40.13 51.29 -75.20
N ALA F 468 -39.16 50.48 -75.59
CA ALA F 468 -38.30 49.75 -74.65
C ALA F 468 -36.85 50.07 -74.98
N GLN F 469 -36.28 51.03 -74.26
CA GLN F 469 -34.91 51.48 -74.49
C GLN F 469 -33.94 51.04 -73.41
N ARG F 470 -34.39 50.30 -72.41
CA ARG F 470 -33.57 50.03 -71.24
C ARG F 470 -32.72 48.79 -71.43
N TYR F 471 -31.62 48.72 -70.68
CA TYR F 471 -30.79 47.54 -70.55
C TYR F 471 -30.74 47.14 -69.08
N ILE F 472 -30.80 45.84 -68.81
CA ILE F 472 -30.83 45.31 -67.46
C ILE F 472 -29.47 44.72 -67.14
N ARG F 473 -28.90 45.12 -65.99
CA ARG F 473 -27.63 44.60 -65.50
C ARG F 473 -27.84 44.03 -64.10
N TYR F 474 -28.20 42.76 -64.02
CA TYR F 474 -28.20 42.09 -62.73
C TYR F 474 -26.76 42.00 -62.20
N CYS F 475 -26.59 42.33 -60.92
CA CYS F 475 -25.30 42.32 -60.23
C CYS F 475 -24.26 43.24 -60.87
N GLY F 476 -24.68 44.15 -61.75
CA GLY F 476 -23.75 45.05 -62.39
C GLY F 476 -22.77 44.40 -63.35
N ILE F 477 -23.06 43.18 -63.81
CA ILE F 477 -22.17 42.45 -64.71
C ILE F 477 -22.68 42.63 -66.13
N ASP F 478 -21.77 42.94 -67.05
CA ASP F 478 -22.13 43.07 -68.45
C ASP F 478 -21.96 41.74 -69.18
N SER F 479 -22.72 41.56 -70.25
CA SER F 479 -22.65 40.31 -71.00
C SER F 479 -21.38 40.21 -71.82
N ARG F 480 -20.72 41.34 -72.11
CA ARG F 480 -19.47 41.30 -72.84
C ARG F 480 -18.29 40.86 -71.96
N GLU F 481 -18.50 40.77 -70.64
CA GLU F 481 -17.44 40.30 -69.75
C GLU F 481 -17.08 38.85 -70.02
N LEU F 482 -18.03 38.06 -70.54
CA LEU F 482 -17.73 36.68 -70.93
C LEU F 482 -16.77 36.62 -72.11
N ILE F 483 -16.65 37.68 -72.88
CA ILE F 483 -15.75 37.73 -74.04
C ILE F 483 -14.42 38.37 -73.66
N ASN F 484 -14.45 39.57 -73.09
CA ASN F 484 -13.25 40.28 -72.66
C ASN F 484 -13.36 40.76 -71.20
N PRO F 485 -12.99 39.92 -70.25
CA PRO F 485 -13.15 40.27 -68.84
C PRO F 485 -12.31 41.47 -68.43
N THR F 486 -12.77 42.12 -67.36
CA THR F 486 -12.11 43.30 -66.82
C THR F 486 -10.98 42.98 -65.85
N THR F 487 -11.15 41.95 -65.02
CA THR F 487 -10.19 41.65 -63.97
C THR F 487 -9.84 40.17 -64.01
N TYR F 488 -9.12 39.72 -62.98
CA TYR F 488 -8.72 38.33 -62.86
C TYR F 488 -9.85 37.50 -62.25
N GLY F 489 -9.58 36.21 -62.08
CA GLY F 489 -10.59 35.31 -61.55
C GLY F 489 -10.97 35.62 -60.11
N ILE F 490 -9.97 35.94 -59.28
CA ILE F 490 -10.25 36.32 -57.91
C ILE F 490 -10.89 37.70 -57.80
N GLY F 491 -10.82 38.50 -58.87
CA GLY F 491 -11.35 39.85 -58.84
C GLY F 491 -12.83 39.98 -59.09
N MET F 492 -13.50 38.92 -59.53
CA MET F 492 -14.92 38.99 -59.79
C MET F 492 -15.69 39.16 -58.49
N THR F 493 -16.39 40.28 -58.35
CA THR F 493 -17.11 40.57 -57.12
C THR F 493 -18.10 41.70 -57.37
N TYR F 494 -19.04 41.85 -56.43
CA TYR F 494 -19.91 43.01 -56.36
C TYR F 494 -20.27 43.22 -54.89
N HIS F 495 -20.95 44.34 -54.62
CA HIS F 495 -20.99 44.89 -53.27
C HIS F 495 -21.72 43.98 -52.28
N CYS F 496 -22.93 43.54 -52.63
CA CYS F 496 -23.75 42.79 -51.69
C CYS F 496 -23.11 41.46 -51.32
N TYR F 497 -22.54 40.76 -52.31
CA TYR F 497 -21.88 39.48 -52.06
C TYR F 497 -20.69 39.65 -51.14
N ASN F 498 -19.90 40.71 -51.37
CA ASN F 498 -18.73 40.98 -50.53
C ASN F 498 -19.13 41.31 -49.10
N GLU F 499 -20.18 42.12 -48.92
CA GLU F 499 -20.66 42.43 -47.57
C GLU F 499 -21.19 41.19 -46.87
N MET F 500 -21.86 40.31 -47.61
CA MET F 500 -22.34 39.06 -47.04
C MET F 500 -21.18 38.18 -46.59
N LEU F 501 -20.12 38.10 -47.39
CA LEU F 501 -18.96 37.32 -47.00
C LEU F 501 -18.30 37.88 -45.75
N ARG F 502 -18.18 39.22 -45.67
CA ARG F 502 -17.58 39.84 -44.50
C ARG F 502 -18.43 39.59 -43.25
N MET F 503 -19.75 39.70 -43.36
CA MET F 503 -20.61 39.43 -42.21
C MET F 503 -20.52 37.98 -41.77
N LEU F 504 -20.47 37.05 -42.75
CA LEU F 504 -20.38 35.63 -42.42
C LEU F 504 -19.06 35.33 -41.70
N VAL F 505 -17.97 35.95 -42.12
CA VAL F 505 -16.70 35.76 -41.42
C VAL F 505 -16.77 36.35 -40.02
N ALA F 506 -17.41 37.52 -39.87
CA ALA F 506 -17.50 38.16 -38.57
C ALA F 506 -18.32 37.35 -37.58
N ALA F 507 -19.26 36.55 -38.09
CA ALA F 507 -20.15 35.77 -37.24
C ALA F 507 -19.60 34.39 -36.90
N GLY F 508 -18.38 34.08 -37.34
CA GLY F 508 -17.76 32.80 -37.02
C GLY F 508 -18.13 31.65 -37.93
N LYS F 509 -18.78 31.90 -39.05
CA LYS F 509 -19.14 30.85 -39.99
C LYS F 509 -18.17 30.84 -41.18
N ASP F 510 -16.98 30.30 -40.92
CA ASP F 510 -15.89 30.37 -41.90
C ASP F 510 -16.06 29.37 -43.04
N SER F 511 -16.54 28.16 -42.75
CA SER F 511 -16.71 27.16 -43.79
C SER F 511 -17.74 27.59 -44.82
N GLU F 512 -18.86 28.16 -44.36
CA GLU F 512 -19.87 28.68 -45.28
C GLU F 512 -19.31 29.81 -46.13
N ALA F 513 -18.51 30.69 -45.53
CA ALA F 513 -17.90 31.77 -46.27
C ALA F 513 -16.97 31.24 -47.35
N ALA F 514 -16.19 30.20 -47.03
CA ALA F 514 -15.32 29.59 -48.03
C ALA F 514 -16.12 28.98 -49.17
N TYR F 515 -17.23 28.31 -48.84
CA TYR F 515 -18.09 27.72 -49.88
C TYR F 515 -18.63 28.79 -50.81
N PHE F 516 -19.16 29.89 -50.25
CA PHE F 516 -19.72 30.94 -51.09
C PHE F 516 -18.64 31.65 -51.90
N ARG F 517 -17.46 31.84 -51.30
CA ARG F 517 -16.35 32.46 -52.02
C ARG F 517 -15.91 31.62 -53.20
N SER F 518 -15.90 30.29 -53.04
CA SER F 518 -15.59 29.44 -54.18
C SER F 518 -16.72 29.38 -55.20
N MET F 519 -17.96 29.58 -54.78
CA MET F 519 -19.08 29.51 -55.72
C MET F 519 -19.37 30.83 -56.46
N LEU F 520 -18.75 31.94 -56.05
CA LEU F 520 -19.10 33.25 -56.61
C LEU F 520 -18.98 33.36 -58.14
N PRO F 521 -17.89 32.92 -58.80
CA PRO F 521 -17.82 33.07 -60.27
C PRO F 521 -18.94 32.36 -61.02
N PHE F 522 -19.37 31.19 -60.54
CA PHE F 522 -20.51 30.50 -61.12
C PHE F 522 -21.77 31.35 -61.06
N HIS F 523 -21.99 32.00 -59.90
CA HIS F 523 -23.13 32.88 -59.70
C HIS F 523 -23.10 34.06 -60.67
N MET F 524 -21.93 34.68 -60.82
CA MET F 524 -21.83 35.84 -61.71
C MET F 524 -21.99 35.45 -63.18
N VAL F 525 -21.50 34.28 -63.58
CA VAL F 525 -21.68 33.83 -64.96
C VAL F 525 -23.15 33.53 -65.23
N ARG F 526 -23.85 32.94 -64.25
CA ARG F 526 -25.29 32.71 -64.39
C ARG F 526 -26.03 34.03 -64.63
N PHE F 527 -25.69 35.05 -63.84
CA PHE F 527 -26.42 36.31 -64.02
C PHE F 527 -26.02 37.03 -65.30
N ALA F 528 -24.79 36.82 -65.79
CA ALA F 528 -24.43 37.34 -67.11
C ALA F 528 -25.27 36.69 -68.21
N ARG F 529 -25.47 35.38 -68.13
CA ARG F 529 -26.33 34.70 -69.10
C ARG F 529 -27.76 35.20 -69.02
N ILE F 530 -28.26 35.44 -67.80
CA ILE F 530 -29.60 35.99 -67.63
C ILE F 530 -29.71 37.37 -68.27
N ASN F 531 -28.69 38.21 -68.07
CA ASN F 531 -28.69 39.54 -68.68
C ASN F 531 -28.72 39.44 -70.20
N GLN F 532 -27.94 38.53 -70.78
CA GLN F 532 -27.94 38.38 -72.22
C GLN F 532 -29.30 37.95 -72.74
N ILE F 533 -29.94 36.99 -72.05
CA ILE F 533 -31.26 36.52 -72.48
C ILE F 533 -32.29 37.66 -72.40
N ILE F 534 -32.25 38.44 -71.32
CA ILE F 534 -33.21 39.53 -71.17
C ILE F 534 -33.01 40.59 -72.25
N ASN F 535 -31.75 40.97 -72.50
CA ASN F 535 -31.50 42.10 -73.39
C ASN F 535 -31.63 41.75 -74.86
N GLU F 536 -31.37 40.50 -75.26
CA GLU F 536 -31.31 40.17 -76.67
C GLU F 536 -32.52 39.37 -77.15
N ASP F 537 -32.83 38.25 -76.50
CA ASP F 537 -33.87 37.36 -77.01
C ASP F 537 -35.27 37.93 -76.76
N LEU F 538 -35.49 38.53 -75.60
CA LEU F 538 -36.84 38.90 -75.20
C LEU F 538 -37.26 40.30 -75.66
N HIS F 539 -36.44 40.97 -76.46
CA HIS F 539 -36.78 42.29 -77.00
C HIS F 539 -37.90 42.19 -78.02
N SER F 540 -39.08 42.70 -77.70
CA SER F 540 -40.23 42.60 -78.59
C SER F 540 -41.22 43.72 -78.27
N VAL F 541 -42.28 43.81 -79.07
CA VAL F 541 -43.29 44.83 -78.84
C VAL F 541 -44.15 44.47 -77.64
N PHE F 542 -44.16 43.21 -77.23
CA PHE F 542 -44.87 42.78 -76.03
C PHE F 542 -44.09 43.09 -74.76
N SER F 543 -42.94 43.75 -74.85
CA SER F 543 -42.22 44.18 -73.68
C SER F 543 -42.93 45.36 -73.01
N LEU F 544 -42.72 45.49 -71.70
CA LEU F 544 -43.33 46.59 -70.96
C LEU F 544 -42.71 47.92 -71.38
N PRO F 545 -43.51 48.97 -71.54
CA PRO F 545 -42.94 50.29 -71.86
C PRO F 545 -42.11 50.83 -70.71
N ASP F 546 -41.24 51.80 -71.04
CA ASP F 546 -40.29 52.32 -70.06
C ASP F 546 -40.99 53.06 -68.92
N ASP F 547 -41.97 53.90 -69.25
CA ASP F 547 -42.67 54.65 -68.22
C ASP F 547 -43.45 53.73 -67.28
N MET F 548 -44.11 52.73 -67.84
CA MET F 548 -44.81 51.75 -67.02
C MET F 548 -43.84 50.95 -66.17
N PHE F 549 -42.66 50.64 -66.71
CA PHE F 549 -41.64 49.93 -65.92
C PHE F 549 -41.17 50.78 -64.76
N ASN F 550 -40.94 52.07 -65.00
CA ASN F 550 -40.45 52.96 -63.94
C ASN F 550 -41.51 53.18 -62.87
N ALA F 551 -42.79 53.21 -63.27
CA ALA F 551 -43.85 53.51 -62.32
C ALA F 551 -44.22 52.32 -61.44
N LEU F 552 -43.63 51.14 -61.67
CA LEU F 552 -44.08 49.94 -60.97
C LEU F 552 -43.76 49.99 -59.48
N LEU F 553 -42.53 50.36 -59.14
CA LEU F 553 -42.07 50.29 -57.76
C LEU F 553 -42.62 51.40 -56.86
N PRO F 554 -42.66 52.67 -57.30
CA PRO F 554 -43.33 53.68 -56.46
C PRO F 554 -44.79 53.37 -56.18
N ASP F 555 -45.51 52.79 -57.15
CA ASP F 555 -46.89 52.40 -56.91
C ASP F 555 -46.98 51.29 -55.87
N LEU F 556 -46.05 50.34 -55.92
CA LEU F 556 -46.05 49.26 -54.93
C LEU F 556 -45.75 49.79 -53.54
N ILE F 557 -44.80 50.72 -53.42
CA ILE F 557 -44.49 51.29 -52.11
C ILE F 557 -45.66 52.12 -51.59
N ALA F 558 -46.26 52.94 -52.45
CA ALA F 558 -47.35 53.82 -52.04
C ALA F 558 -48.70 53.12 -51.97
N GLY F 559 -48.82 51.91 -52.51
CA GLY F 559 -50.08 51.20 -52.45
C GLY F 559 -51.16 51.73 -53.36
N ALA F 560 -50.80 52.43 -54.43
CA ALA F 560 -51.76 53.04 -55.33
C ALA F 560 -52.26 52.04 -56.37
N HIS F 561 -53.30 52.44 -57.09
CA HIS F 561 -53.86 51.60 -58.14
C HIS F 561 -52.88 51.49 -59.31
N GLN F 562 -52.74 50.28 -59.84
CA GLN F 562 -51.78 49.98 -60.90
C GLN F 562 -52.49 49.46 -62.14
N ASN F 563 -52.10 49.99 -63.30
CA ASN F 563 -52.62 49.49 -64.56
C ASN F 563 -51.91 48.23 -65.03
N ALA F 564 -50.77 47.92 -64.44
CA ALA F 564 -49.98 46.74 -64.78
C ALA F 564 -49.62 45.98 -63.52
N ASP F 565 -50.62 45.66 -62.70
CA ASP F 565 -50.50 44.95 -61.44
C ASP F 565 -49.68 43.68 -61.63
N PRO F 566 -48.57 43.53 -60.91
CA PRO F 566 -47.69 42.38 -61.12
C PRO F 566 -48.36 41.07 -60.73
N VAL F 567 -47.93 40.00 -61.37
CA VAL F 567 -48.38 38.65 -61.05
C VAL F 567 -47.58 38.13 -59.86
N VAL F 568 -48.28 37.58 -58.87
CA VAL F 568 -47.66 37.07 -57.66
C VAL F 568 -47.69 35.54 -57.70
N LEU F 569 -46.52 34.92 -57.53
CA LEU F 569 -46.37 33.49 -57.50
C LEU F 569 -45.75 33.05 -56.18
N ASP F 570 -46.15 31.88 -55.70
CA ASP F 570 -45.77 31.37 -54.39
C ASP F 570 -44.75 30.24 -54.53
N VAL F 571 -43.71 30.28 -53.69
CA VAL F 571 -42.63 29.30 -53.72
C VAL F 571 -42.35 28.81 -52.31
N SER F 572 -41.54 27.76 -52.22
CA SER F 572 -41.18 27.12 -50.95
C SER F 572 -39.73 27.46 -50.59
N TRP F 573 -39.32 27.00 -49.40
CA TRP F 573 -38.01 27.36 -48.87
C TRP F 573 -36.87 26.64 -49.60
N ILE F 574 -37.02 25.34 -49.84
CA ILE F 574 -35.92 24.55 -50.41
C ILE F 574 -35.74 24.84 -51.90
N SER F 575 -36.76 25.38 -52.55
CA SER F 575 -36.63 25.75 -53.95
C SER F 575 -35.64 26.89 -54.15
N LEU F 576 -35.43 27.72 -53.13
CA LEU F 576 -34.42 28.77 -53.22
C LEU F 576 -33.02 28.17 -53.31
N TRP F 577 -32.72 27.17 -52.47
CA TRP F 577 -31.44 26.48 -52.56
C TRP F 577 -31.29 25.75 -53.88
N PHE F 578 -32.36 25.08 -54.32
CA PHE F 578 -32.29 24.37 -55.60
C PHE F 578 -32.04 25.32 -56.76
N ALA F 579 -32.66 26.50 -56.73
CA ALA F 579 -32.43 27.50 -57.78
C ALA F 579 -31.03 28.09 -57.70
N PHE F 580 -30.49 28.23 -56.48
CA PHE F 580 -29.13 28.74 -56.35
C PHE F 580 -28.11 27.75 -56.89
N ASN F 581 -28.39 26.46 -56.82
CA ASN F 581 -27.43 25.45 -57.25
C ASN F 581 -27.67 24.95 -58.67
N ARG F 582 -28.15 25.82 -59.56
CA ARG F 582 -28.26 25.48 -60.97
C ARG F 582 -28.33 26.78 -61.78
N SER F 583 -28.07 26.65 -63.08
CA SER F 583 -28.10 27.79 -63.99
C SER F 583 -28.76 27.37 -65.30
N PHE F 584 -29.29 28.36 -66.02
CA PHE F 584 -29.98 28.14 -67.28
C PHE F 584 -29.09 28.58 -68.43
N GLU F 585 -28.89 27.69 -69.40
CA GLU F 585 -28.01 27.95 -70.53
C GLU F 585 -28.75 27.68 -71.82
N PRO F 586 -29.02 28.68 -72.65
CA PRO F 586 -29.79 28.45 -73.89
C PRO F 586 -28.98 27.67 -74.91
N THR F 587 -29.69 26.83 -75.67
CA THR F 587 -29.07 26.02 -76.71
C THR F 587 -29.57 26.40 -78.11
N HIS F 588 -30.88 26.37 -78.33
CA HIS F 588 -31.46 26.76 -79.61
C HIS F 588 -32.36 27.97 -79.41
N ARG F 589 -32.45 28.80 -80.43
CA ARG F 589 -33.35 29.94 -80.39
C ARG F 589 -34.79 29.48 -80.56
N ASN F 590 -35.71 30.38 -80.24
CA ASN F 590 -37.14 30.08 -80.36
C ASN F 590 -37.51 29.81 -81.83
N GLU F 591 -38.44 28.88 -82.02
CA GLU F 591 -38.86 28.52 -83.37
C GLU F 591 -39.64 29.64 -84.04
N MET F 592 -40.35 30.45 -83.26
CA MET F 592 -41.22 31.50 -83.80
C MET F 592 -40.50 32.83 -83.97
N LEU F 593 -39.19 32.89 -83.69
CA LEU F 593 -38.49 34.18 -83.54
C LEU F 593 -38.46 34.97 -84.84
N GLU F 594 -38.22 34.29 -85.97
CA GLU F 594 -38.03 35.00 -87.22
C GLU F 594 -39.36 35.46 -87.82
N VAL F 595 -40.48 34.93 -87.35
CA VAL F 595 -41.78 35.25 -87.92
C VAL F 595 -42.64 36.11 -86.98
N ALA F 596 -42.11 36.48 -85.81
CA ALA F 596 -42.90 37.22 -84.83
C ALA F 596 -43.35 38.61 -85.30
N PRO F 597 -42.50 39.45 -85.94
CA PRO F 597 -42.98 40.80 -86.33
C PRO F 597 -44.18 40.79 -87.25
N LEU F 598 -44.29 39.81 -88.15
CA LEU F 598 -45.47 39.71 -89.01
C LEU F 598 -46.72 39.42 -88.19
N ILE F 599 -46.61 38.55 -87.19
CA ILE F 599 -47.72 38.27 -86.29
C ILE F 599 -48.14 39.54 -85.55
N GLU F 600 -47.15 40.30 -85.08
CA GLU F 600 -47.44 41.54 -84.37
C GLU F 600 -48.15 42.54 -85.28
N SER F 601 -47.72 42.63 -86.53
CA SER F 601 -48.37 43.54 -87.49
C SER F 601 -49.81 43.13 -87.74
N VAL F 602 -50.07 41.83 -87.90
CA VAL F 602 -51.44 41.36 -88.12
C VAL F 602 -52.33 41.71 -86.94
N TYR F 603 -51.84 41.44 -85.72
CA TYR F 603 -52.60 41.72 -84.52
C TYR F 603 -52.92 43.20 -84.39
N ALA F 604 -51.92 44.05 -84.61
CA ALA F 604 -52.13 45.49 -84.49
C ALA F 604 -53.10 46.02 -85.54
N SER F 605 -53.00 45.51 -86.78
CA SER F 605 -53.90 45.98 -87.84
C SER F 605 -55.35 45.61 -87.53
N GLU F 606 -55.59 44.38 -87.05
CA GLU F 606 -56.95 44.00 -86.70
C GLU F 606 -57.48 44.84 -85.55
N LEU F 607 -56.63 45.13 -84.56
CA LEU F 607 -57.04 45.99 -83.46
C LEU F 607 -57.43 47.37 -83.94
N SER F 608 -56.66 47.94 -84.87
CA SER F 608 -56.96 49.28 -85.38
C SER F 608 -58.27 49.30 -86.14
N VAL F 609 -58.52 48.26 -86.95
CA VAL F 609 -59.79 48.18 -87.68
C VAL F 609 -60.97 48.12 -86.70
N MET F 610 -60.84 47.31 -85.65
CA MET F 610 -61.91 47.23 -84.65
C MET F 610 -62.13 48.58 -83.97
N LYS F 611 -61.05 49.29 -83.63
CA LYS F 611 -61.19 50.58 -82.96
C LYS F 611 -61.91 51.59 -83.84
N VAL F 612 -61.56 51.62 -85.13
CA VAL F 612 -62.24 52.53 -86.06
C VAL F 612 -63.73 52.21 -86.16
N ASP F 613 -64.04 50.91 -86.25
CA ASP F 613 -65.43 50.49 -86.35
C ASP F 613 -66.22 50.92 -85.13
N MET F 614 -65.63 50.78 -83.94
CA MET F 614 -66.32 51.20 -82.71
C MET F 614 -66.49 52.72 -82.66
N ARG F 615 -65.44 53.45 -83.05
CA ARG F 615 -65.47 54.90 -82.96
C ARG F 615 -66.53 55.50 -83.86
N HIS F 616 -66.71 54.94 -85.06
CA HIS F 616 -67.73 55.47 -85.96
C HIS F 616 -69.14 55.21 -85.42
N LEU F 617 -69.33 54.11 -84.69
CA LEU F 617 -70.64 53.80 -84.15
C LEU F 617 -70.94 54.60 -82.88
N SER F 618 -69.89 55.08 -82.20
CA SER F 618 -70.11 55.70 -80.90
C SER F 618 -70.90 57.01 -80.99
N LEU F 619 -71.04 57.61 -82.18
CA LEU F 619 -71.72 58.89 -82.30
C LEU F 619 -73.17 58.78 -82.75
N MET F 620 -73.67 57.56 -82.98
CA MET F 620 -75.00 57.39 -83.56
C MET F 620 -76.09 57.88 -82.62
N GLN F 621 -75.93 57.63 -81.31
CA GLN F 621 -76.93 58.08 -80.35
C GLN F 621 -77.04 59.60 -80.31
N ARG F 622 -75.90 60.30 -80.40
CA ARG F 622 -75.96 61.76 -80.47
C ARG F 622 -76.57 62.23 -81.78
N ARG F 623 -76.31 61.52 -82.89
CA ARG F 623 -76.90 61.94 -84.15
C ARG F 623 -78.39 61.63 -84.24
N PHE F 624 -78.83 60.49 -83.72
CA PHE F 624 -80.23 60.08 -83.76
C PHE F 624 -80.67 59.63 -82.37
N PRO F 625 -81.00 60.57 -81.49
CA PRO F 625 -81.38 60.20 -80.12
C PRO F 625 -82.65 59.36 -80.01
N ASP F 626 -83.63 59.59 -80.89
CA ASP F 626 -84.92 58.92 -80.75
C ASP F 626 -84.89 57.47 -81.19
N VAL F 627 -83.84 57.02 -81.86
CA VAL F 627 -83.74 55.62 -82.27
C VAL F 627 -82.98 54.80 -81.23
N LEU F 628 -82.10 55.43 -80.46
CA LEU F 628 -81.18 54.74 -79.56
C LEU F 628 -81.46 55.08 -78.11
N ILE F 629 -82.74 55.07 -77.71
CA ILE F 629 -83.12 55.45 -76.36
C ILE F 629 -82.55 54.50 -75.32
N GLN F 630 -82.53 53.20 -75.63
CA GLN F 630 -82.10 52.18 -74.67
C GLN F 630 -80.69 51.66 -74.96
N ALA F 631 -79.78 52.53 -75.38
CA ALA F 631 -78.48 52.09 -75.84
C ALA F 631 -77.42 52.19 -74.75
N ARG F 632 -76.37 51.38 -74.87
CA ARG F 632 -75.19 51.37 -74.03
C ARG F 632 -73.95 51.21 -74.90
N PRO F 633 -72.78 51.62 -74.39
CA PRO F 633 -71.54 51.33 -75.12
C PRO F 633 -71.28 49.84 -75.35
N SER F 634 -71.68 49.00 -74.39
CA SER F 634 -71.44 47.57 -74.53
C SER F 634 -72.20 46.98 -75.72
N HIS F 635 -73.29 47.62 -76.13
CA HIS F 635 -74.05 47.14 -77.28
C HIS F 635 -73.22 47.19 -78.55
N PHE F 636 -72.65 48.36 -78.86
CA PHE F 636 -71.83 48.44 -80.08
C PHE F 636 -70.49 47.75 -79.89
N TRP F 637 -70.01 47.65 -78.65
CA TRP F 637 -68.82 46.85 -78.38
C TRP F 637 -69.03 45.40 -78.79
N LYS F 638 -70.14 44.81 -78.35
CA LYS F 638 -70.44 43.42 -78.68
C LYS F 638 -70.76 43.27 -80.17
N ALA F 639 -71.42 44.27 -80.75
CA ALA F 639 -71.72 44.22 -82.18
C ALA F 639 -70.44 44.19 -83.02
N VAL F 640 -69.44 44.99 -82.62
CA VAL F 640 -68.18 44.99 -83.35
C VAL F 640 -67.42 43.68 -83.12
N LEU F 641 -67.43 43.18 -81.89
CA LEU F 641 -66.70 41.93 -81.62
C LEU F 641 -67.32 40.74 -82.36
N ASN F 642 -68.64 40.75 -82.55
CA ASN F 642 -69.30 39.62 -83.20
C ASN F 642 -68.87 39.44 -84.65
N ASP F 643 -68.32 40.48 -85.28
CA ASP F 643 -67.97 40.37 -86.69
C ASP F 643 -66.47 40.67 -86.84
N SER F 644 -65.66 40.05 -86.00
CA SER F 644 -64.21 40.21 -85.97
C SER F 644 -63.56 38.84 -86.00
N PRO F 645 -62.31 38.74 -86.46
CA PRO F 645 -61.66 37.43 -86.53
C PRO F 645 -61.49 36.80 -85.15
N GLU F 646 -61.54 35.46 -85.14
CA GLU F 646 -61.59 34.73 -83.87
C GLU F 646 -60.24 34.68 -83.18
N ALA F 647 -59.14 34.64 -83.94
CA ALA F 647 -57.82 34.55 -83.34
C ALA F 647 -57.46 35.81 -82.56
N VAL F 648 -57.86 36.98 -83.09
CA VAL F 648 -57.58 38.24 -82.41
C VAL F 648 -58.33 38.31 -81.09
N LYS F 649 -59.61 37.89 -81.10
CA LYS F 649 -60.38 37.86 -79.86
C LYS F 649 -59.81 36.83 -78.89
N ALA F 650 -59.27 35.73 -79.40
CA ALA F 650 -58.63 34.73 -78.55
C ALA F 650 -57.40 35.32 -77.86
N VAL F 651 -56.61 36.10 -78.59
CA VAL F 651 -55.47 36.77 -77.97
C VAL F 651 -55.94 37.79 -76.94
N MET F 652 -57.01 38.53 -77.27
CA MET F 652 -57.50 39.57 -76.37
C MET F 652 -58.03 38.98 -75.06
N ASN F 653 -58.67 37.82 -75.13
CA ASN F 653 -59.31 37.20 -73.98
C ASN F 653 -58.50 36.03 -73.41
N LEU F 654 -57.17 36.16 -73.41
CA LEU F 654 -56.34 35.11 -72.81
C LEU F 654 -56.56 35.01 -71.32
N SER F 655 -56.65 36.14 -70.63
CA SER F 655 -56.81 36.19 -69.19
C SER F 655 -58.26 36.38 -68.76
N HIS F 656 -59.22 36.14 -69.66
CA HIS F 656 -60.65 36.37 -69.41
C HIS F 656 -60.95 37.80 -69.00
N SER F 657 -60.26 38.76 -69.62
CA SER F 657 -60.46 40.17 -69.27
C SER F 657 -61.81 40.68 -69.73
N HIS F 658 -62.38 40.09 -70.78
CA HIS F 658 -63.66 40.55 -71.31
C HIS F 658 -64.81 40.32 -70.35
N ASN F 659 -64.61 39.51 -69.31
CA ASN F 659 -65.63 39.31 -68.31
C ASN F 659 -65.69 40.41 -67.26
N PHE F 660 -64.71 41.33 -67.26
CA PHE F 660 -64.56 42.27 -66.16
C PHE F 660 -64.42 43.73 -66.59
N ILE F 661 -64.45 44.03 -67.88
CA ILE F 661 -64.31 45.42 -68.33
C ILE F 661 -65.67 46.10 -68.31
N ASN F 662 -65.66 47.39 -67.97
CA ASN F 662 -66.88 48.19 -67.91
C ASN F 662 -66.87 49.25 -69.00
N ILE F 663 -67.97 50.01 -69.07
CA ILE F 663 -68.18 50.93 -70.18
C ILE F 663 -67.21 52.10 -70.14
N ARG F 664 -66.70 52.44 -68.96
CA ARG F 664 -65.71 53.52 -68.85
C ARG F 664 -64.43 53.15 -69.57
N ASP F 665 -63.98 51.91 -69.41
CA ASP F 665 -62.79 51.44 -70.12
C ASP F 665 -63.01 51.42 -71.62
N MET F 666 -64.20 51.00 -72.05
CA MET F 666 -64.51 50.97 -73.49
C MET F 666 -64.45 52.36 -74.08
N MET F 667 -65.09 53.34 -73.42
CA MET F 667 -65.08 54.70 -73.94
C MET F 667 -63.68 55.31 -73.88
N ARG F 668 -62.88 54.92 -72.88
CA ARG F 668 -61.51 55.39 -72.82
C ARG F 668 -60.69 54.86 -73.99
N TRP F 669 -60.88 53.58 -74.32
CA TRP F 669 -60.13 52.98 -75.42
C TRP F 669 -60.55 53.57 -76.76
N VAL F 670 -61.85 53.83 -76.93
CA VAL F 670 -62.33 54.35 -78.21
C VAL F 670 -61.76 55.73 -78.50
N MET F 671 -61.56 56.54 -77.46
CA MET F 671 -61.09 57.91 -77.63
C MET F 671 -59.59 58.03 -77.81
N LEU F 672 -58.83 56.95 -77.66
CA LEU F 672 -57.39 57.02 -77.84
C LEU F 672 -57.05 57.12 -79.33
N PRO F 673 -55.99 57.86 -79.70
CA PRO F 673 -55.78 58.20 -81.11
C PRO F 673 -54.83 57.30 -81.88
N SER F 674 -54.21 56.32 -81.23
CA SER F 674 -53.22 55.50 -81.90
C SER F 674 -53.85 54.56 -82.92
N LEU F 675 -53.19 54.42 -84.08
CA LEU F 675 -53.66 53.54 -85.15
C LEU F 675 -52.45 52.94 -85.87
N GLN F 676 -52.69 51.81 -86.54
CA GLN F 676 -51.66 51.11 -87.30
C GLN F 676 -52.10 51.01 -88.77
N PRO F 677 -51.36 51.61 -89.70
CA PRO F 677 -51.82 51.64 -91.09
C PRO F 677 -51.81 50.25 -91.74
N SER F 678 -52.74 50.05 -92.68
CA SER F 678 -52.83 48.85 -93.49
C SER F 678 -53.77 49.10 -94.65
N LEU F 679 -53.78 48.16 -95.60
CA LEU F 679 -54.69 48.27 -96.74
C LEU F 679 -56.15 48.09 -96.31
N LYS F 680 -56.40 47.12 -95.43
CA LYS F 680 -57.76 46.91 -94.93
C LYS F 680 -58.26 48.13 -94.18
N LEU F 681 -57.38 48.78 -93.42
CA LEU F 681 -57.76 50.00 -92.72
C LEU F 681 -58.15 51.11 -93.71
N ALA F 682 -57.38 51.27 -94.78
CA ALA F 682 -57.67 52.31 -95.76
C ALA F 682 -59.02 52.04 -96.43
N LEU F 683 -59.28 50.80 -96.83
CA LEU F 683 -60.54 50.49 -97.47
C LEU F 683 -61.71 50.65 -96.50
N GLU F 684 -61.52 50.27 -95.23
CA GLU F 684 -62.57 50.44 -94.24
C GLU F 684 -62.86 51.92 -93.98
N GLU F 685 -61.82 52.76 -93.94
CA GLU F 685 -62.03 54.19 -93.81
C GLU F 685 -62.83 54.74 -94.98
N GLU F 686 -62.50 54.30 -96.20
CA GLU F 686 -63.19 54.81 -97.37
C GLU F 686 -64.65 54.37 -97.36
N ALA F 687 -64.92 53.13 -96.95
CA ALA F 687 -66.29 52.64 -96.87
C ALA F 687 -67.09 53.38 -95.81
N TRP F 688 -66.47 53.66 -94.66
CA TRP F 688 -67.16 54.45 -93.63
C TRP F 688 -67.43 55.86 -94.12
N ALA F 689 -66.49 56.46 -94.84
CA ALA F 689 -66.69 57.81 -95.35
C ALA F 689 -67.81 57.86 -96.38
N ALA F 690 -67.91 56.83 -97.21
CA ALA F 690 -68.99 56.79 -98.20
C ALA F 690 -70.35 56.62 -97.55
N ALA F 691 -70.40 56.07 -96.34
CA ALA F 691 -71.66 55.77 -95.66
C ALA F 691 -72.03 56.79 -94.59
N ASN F 692 -71.38 57.96 -94.57
CA ASN F 692 -71.68 58.97 -93.57
C ASN F 692 -73.07 59.57 -93.71
N ASP F 693 -73.71 59.42 -94.87
CA ASP F 693 -75.11 59.78 -95.04
C ASP F 693 -75.94 58.50 -95.14
N PHE F 694 -77.00 58.43 -94.34
CA PHE F 694 -77.81 57.21 -94.28
C PHE F 694 -78.64 57.01 -95.54
N GLU F 695 -78.69 58.00 -96.43
CA GLU F 695 -79.36 57.80 -97.71
C GLU F 695 -78.70 56.71 -98.53
N ASP F 696 -77.38 56.56 -98.43
CA ASP F 696 -76.67 55.50 -99.14
C ASP F 696 -76.76 54.15 -98.43
N LEU F 697 -77.34 54.11 -97.23
CA LEU F 697 -77.65 52.87 -96.56
C LEU F 697 -79.12 52.50 -96.68
N MET F 698 -79.87 53.21 -97.53
CA MET F 698 -81.31 53.04 -97.71
C MET F 698 -82.05 53.19 -96.39
N LEU F 699 -81.61 54.13 -95.57
CA LEU F 699 -82.28 54.49 -94.33
C LEU F 699 -82.65 55.96 -94.37
N THR F 700 -83.93 56.25 -94.13
CA THR F 700 -84.43 57.62 -94.26
C THR F 700 -85.44 57.89 -93.16
N ASP F 701 -85.71 59.18 -92.93
CA ASP F 701 -86.75 59.62 -92.02
C ASP F 701 -87.72 60.60 -92.67
N GLN F 702 -87.67 60.75 -93.99
CA GLN F 702 -88.55 61.68 -94.71
C GLN F 702 -89.79 60.93 -95.20
N VAL F 703 -90.62 60.55 -94.24
CA VAL F 703 -91.82 59.76 -94.49
C VAL F 703 -93.05 60.60 -94.16
N TYR F 704 -93.95 60.72 -95.12
CA TYR F 704 -95.12 61.60 -95.02
C TYR F 704 -96.41 60.80 -95.12
N MET F 705 -97.50 61.44 -94.71
CA MET F 705 -98.85 60.97 -94.99
C MET F 705 -99.65 62.06 -95.67
N HIS F 706 -100.42 61.67 -96.68
CA HIS F 706 -101.28 62.57 -97.44
C HIS F 706 -102.27 61.72 -98.21
N ARG F 707 -103.53 62.17 -98.26
CA ARG F 707 -104.58 61.39 -98.90
C ARG F 707 -104.57 61.64 -100.39
N ASP F 708 -104.18 60.63 -101.17
CA ASP F 708 -104.18 60.70 -102.62
C ASP F 708 -104.78 59.42 -103.17
N MET F 709 -105.30 59.50 -104.39
CA MET F 709 -105.98 58.39 -105.03
C MET F 709 -105.25 57.96 -106.29
N LEU F 710 -105.38 56.68 -106.63
CA LEU F 710 -104.80 56.17 -107.86
C LEU F 710 -105.49 56.80 -109.07
N PRO F 711 -104.73 57.16 -110.10
CA PRO F 711 -105.37 57.71 -111.30
C PRO F 711 -106.12 56.65 -112.08
N GLU F 712 -107.13 57.10 -112.83
CA GLU F 712 -107.95 56.26 -113.69
C GLU F 712 -108.02 56.92 -115.05
N PRO F 713 -106.98 56.79 -115.86
CA PRO F 713 -106.91 57.56 -117.12
C PRO F 713 -107.92 57.09 -118.15
N ARG F 714 -108.28 58.02 -119.03
CA ARG F 714 -109.18 57.74 -120.13
C ARG F 714 -108.46 56.93 -121.20
N LEU F 715 -109.17 55.97 -121.80
CA LEU F 715 -108.57 55.09 -122.79
C LEU F 715 -109.19 55.28 -124.17
N ASP F 716 -109.36 56.54 -124.58
CA ASP F 716 -109.95 56.84 -125.88
C ASP F 716 -109.07 56.46 -127.06
N ASP F 717 -107.80 56.13 -126.84
CA ASP F 717 -106.92 55.66 -127.91
C ASP F 717 -105.84 54.80 -127.28
N ILE F 718 -105.83 53.51 -127.63
CA ILE F 718 -104.95 52.56 -126.95
C ILE F 718 -103.49 52.80 -127.33
N GLU F 719 -103.22 53.08 -128.60
CA GLU F 719 -101.85 53.22 -129.07
C GLU F 719 -101.16 54.42 -128.44
N ARG F 720 -101.83 55.57 -128.40
CA ARG F 720 -101.21 56.77 -127.84
C ARG F 720 -100.99 56.63 -126.34
N PHE F 721 -101.92 55.99 -125.64
CA PHE F 721 -101.72 55.75 -124.22
C PHE F 721 -100.58 54.77 -123.98
N ARG F 722 -100.45 53.76 -124.86
CA ARG F 722 -99.35 52.81 -124.74
C ARG F 722 -98.02 53.49 -124.93
N GLN F 723 -97.93 54.43 -125.89
CA GLN F 723 -96.65 55.08 -126.17
C GLN F 723 -96.22 56.05 -125.08
N GLU F 724 -97.07 56.35 -124.10
CA GLU F 724 -96.73 57.31 -123.07
C GLU F 724 -95.85 56.74 -121.96
N GLY F 725 -95.85 55.43 -121.77
CA GLY F 725 -95.13 54.83 -120.67
C GLY F 725 -95.69 55.24 -119.32
N PHE F 726 -97.00 55.19 -119.18
CA PHE F 726 -97.66 55.67 -117.98
C PHE F 726 -97.35 54.78 -116.78
N TYR F 727 -97.09 55.41 -115.63
CA TYR F 727 -96.82 54.68 -114.40
C TYR F 727 -97.15 55.60 -113.22
N TYR F 728 -97.28 55.00 -112.04
CA TYR F 728 -97.60 55.72 -110.82
C TYR F 728 -96.71 55.21 -109.69
N THR F 729 -96.36 56.11 -108.78
CA THR F 729 -95.53 55.74 -107.65
C THR F 729 -95.82 56.68 -106.49
N ASN F 730 -95.45 56.24 -105.28
CA ASN F 730 -95.51 57.07 -104.10
C ASN F 730 -94.18 57.76 -103.82
N MET F 731 -93.34 57.90 -104.84
CA MET F 731 -92.04 58.55 -104.71
C MET F 731 -92.20 60.05 -104.94
N LEU F 732 -91.63 60.85 -104.03
CA LEU F 732 -91.74 62.30 -104.12
C LEU F 732 -90.56 62.89 -104.87
N GLU F 733 -90.86 63.78 -105.82
CA GLU F 733 -89.80 64.49 -106.53
C GLU F 733 -89.18 65.58 -105.68
N ALA F 734 -89.98 66.25 -104.85
CA ALA F 734 -89.52 67.29 -103.94
C ALA F 734 -90.41 67.25 -102.70
N PRO F 735 -89.87 67.59 -101.53
CA PRO F 735 -90.70 67.67 -100.33
C PRO F 735 -91.70 68.81 -100.44
N PRO F 736 -92.84 68.70 -99.76
CA PRO F 736 -93.86 69.76 -99.85
C PRO F 736 -93.41 71.04 -99.17
N GLU F 737 -94.17 72.10 -99.42
CA GLU F 737 -93.88 73.39 -98.81
C GLU F 737 -94.12 73.34 -97.30
N ILE F 738 -93.44 74.22 -96.58
CA ILE F 738 -93.37 74.12 -95.12
C ILE F 738 -94.73 74.40 -94.49
N ASP F 739 -95.51 75.32 -95.06
CA ASP F 739 -96.76 75.73 -94.44
C ASP F 739 -97.89 74.72 -94.57
N ARG F 740 -97.72 73.69 -95.40
CA ARG F 740 -98.73 72.65 -95.55
C ARG F 740 -98.39 71.38 -94.78
N VAL F 741 -97.35 71.42 -93.95
CA VAL F 741 -96.82 70.23 -93.28
C VAL F 741 -96.87 70.43 -91.78
N VAL F 742 -97.39 69.44 -91.06
CA VAL F 742 -97.41 69.41 -89.60
C VAL F 742 -96.36 68.41 -89.14
N GLN F 743 -95.49 68.83 -88.22
CA GLN F 743 -94.37 68.02 -87.76
C GLN F 743 -94.75 67.30 -86.49
N TYR F 744 -94.79 65.97 -86.53
CA TYR F 744 -94.95 65.14 -85.36
C TYR F 744 -93.62 64.53 -84.95
N THR F 745 -93.38 64.45 -83.66
CA THR F 745 -92.20 63.79 -83.11
C THR F 745 -92.61 62.51 -82.38
N TYR F 746 -91.60 61.82 -81.83
CA TYR F 746 -91.85 60.57 -81.15
C TYR F 746 -92.66 60.76 -79.88
N GLU F 747 -92.24 61.71 -79.03
CA GLU F 747 -92.87 61.87 -77.73
C GLU F 747 -94.27 62.45 -77.83
N ILE F 748 -94.48 63.42 -78.73
CA ILE F 748 -95.81 64.01 -78.89
C ILE F 748 -96.80 62.97 -79.39
N ALA F 749 -96.40 62.20 -80.41
CA ALA F 749 -97.27 61.14 -80.93
C ALA F 749 -97.54 60.08 -79.88
N ARG F 750 -96.51 59.71 -79.11
CA ARG F 750 -96.69 58.72 -78.06
C ARG F 750 -97.67 59.20 -77.00
N LEU F 751 -97.56 60.46 -76.58
CA LEU F 751 -98.47 61.00 -75.59
C LEU F 751 -99.90 61.07 -76.11
N GLN F 752 -100.06 61.53 -77.35
CA GLN F 752 -101.40 61.63 -77.94
C GLN F 752 -102.04 60.24 -78.08
N ALA F 753 -101.23 59.24 -78.44
CA ALA F 753 -101.75 57.88 -78.55
C ALA F 753 -102.12 57.33 -77.18
N ASN F 754 -101.31 57.63 -76.15
CA ASN F 754 -101.63 57.17 -74.81
C ASN F 754 -102.93 57.80 -74.30
N MET F 755 -103.15 59.08 -74.60
CA MET F 755 -104.40 59.73 -74.23
C MET F 755 -105.57 59.32 -75.12
N GLY F 756 -105.34 58.52 -76.15
CA GLY F 756 -106.42 58.07 -77.01
C GLY F 756 -107.04 59.14 -77.87
N GLN F 757 -106.22 60.03 -78.44
CA GLN F 757 -106.74 61.09 -79.31
C GLN F 757 -105.82 61.34 -80.51
N PHE F 758 -105.00 60.36 -80.88
CA PHE F 758 -104.11 60.49 -82.03
C PHE F 758 -104.88 60.35 -83.35
N ARG F 759 -105.80 59.39 -83.40
CA ARG F 759 -106.52 59.11 -84.64
C ARG F 759 -107.39 60.28 -85.06
N ALA F 760 -108.04 60.94 -84.10
CA ALA F 760 -108.89 62.09 -84.42
C ALA F 760 -108.05 63.23 -84.98
N ALA F 761 -106.88 63.48 -84.41
CA ALA F 761 -106.00 64.53 -84.92
C ALA F 761 -105.53 64.22 -86.33
N LEU F 762 -105.15 62.95 -86.59
CA LEU F 762 -104.72 62.58 -87.93
C LEU F 762 -105.85 62.70 -88.94
N ARG F 763 -107.07 62.30 -88.55
CA ARG F 763 -108.22 62.43 -89.44
C ARG F 763 -108.51 63.90 -89.75
N ARG F 764 -108.41 64.77 -88.74
CA ARG F 764 -108.64 66.19 -88.96
C ARG F 764 -107.60 66.78 -89.90
N ILE F 765 -106.33 66.39 -89.73
CA ILE F 765 -105.28 66.90 -90.62
C ILE F 765 -105.51 66.41 -92.04
N MET F 766 -105.86 65.13 -92.19
CA MET F 766 -106.08 64.57 -93.53
C MET F 766 -107.26 65.25 -94.21
N ASP F 767 -108.32 65.56 -93.47
CA ASP F 767 -109.47 66.22 -94.07
C ASP F 767 -109.16 67.64 -94.54
N ASP F 768 -108.10 68.26 -94.02
CA ASP F 768 -107.69 69.59 -94.47
C ASP F 768 -106.77 69.54 -95.68
N ASP F 769 -106.46 68.35 -96.19
CA ASP F 769 -105.59 68.13 -97.34
C ASP F 769 -104.19 68.65 -97.02
N ASP F 770 -103.67 68.27 -95.86
CA ASP F 770 -102.34 68.67 -95.41
C ASP F 770 -101.44 67.44 -95.29
N TRP F 771 -100.21 67.69 -94.83
CA TRP F 771 -99.18 66.67 -94.73
C TRP F 771 -98.71 66.52 -93.30
N VAL F 772 -98.44 65.28 -92.90
CA VAL F 772 -97.85 64.96 -91.60
C VAL F 772 -96.52 64.27 -91.84
N ARG F 773 -95.46 64.80 -91.23
CA ARG F 773 -94.12 64.23 -91.34
C ARG F 773 -93.75 63.54 -90.05
N PHE F 774 -93.37 62.27 -90.16
CA PHE F 774 -92.93 61.47 -89.01
C PHE F 774 -91.40 61.46 -88.93
N GLY F 775 -90.83 62.61 -88.61
CA GLY F 775 -89.39 62.72 -88.51
C GLY F 775 -88.87 62.26 -87.17
N GLY F 776 -87.55 62.11 -87.11
CA GLY F 776 -86.86 61.79 -85.89
C GLY F 776 -86.32 60.38 -85.78
N VAL F 777 -86.88 59.42 -86.50
CA VAL F 777 -86.45 58.03 -86.43
C VAL F 777 -86.17 57.51 -87.84
N LEU F 778 -85.13 56.69 -87.97
CA LEU F 778 -84.82 56.05 -89.23
C LEU F 778 -85.62 54.77 -89.40
N ARG F 779 -85.80 54.36 -90.65
CA ARG F 779 -86.57 53.15 -90.93
C ARG F 779 -86.10 52.51 -92.23
N THR F 780 -86.35 51.20 -92.34
CA THR F 780 -85.99 50.43 -93.51
C THR F 780 -86.93 50.76 -94.67
N VAL F 781 -86.39 50.76 -95.89
CA VAL F 781 -87.14 51.08 -97.10
C VAL F 781 -86.90 49.99 -98.13
N ARG F 782 -87.98 49.47 -98.72
CA ARG F 782 -87.94 48.46 -99.76
C ARG F 782 -88.56 49.01 -101.04
N VAL F 783 -88.08 48.52 -102.18
CA VAL F 783 -88.55 48.94 -103.48
C VAL F 783 -89.15 47.74 -104.21
N LYS F 784 -90.37 47.89 -104.70
CA LYS F 784 -91.07 46.81 -105.39
C LYS F 784 -91.69 47.34 -106.68
N PHE F 785 -91.97 46.41 -107.60
CA PHE F 785 -92.58 46.74 -108.88
C PHE F 785 -93.78 45.85 -109.11
N TYR F 786 -94.83 46.40 -109.72
CA TYR F 786 -96.07 45.68 -109.95
C TYR F 786 -96.58 45.94 -111.36
N ASP F 787 -97.23 44.94 -111.95
CA ASP F 787 -97.91 45.09 -113.22
C ASP F 787 -99.43 45.09 -113.09
N ALA F 788 -99.94 44.95 -111.87
CA ALA F 788 -101.37 45.03 -111.61
C ALA F 788 -101.57 45.78 -110.30
N ARG F 789 -102.80 45.74 -109.79
CA ARG F 789 -103.09 46.40 -108.51
C ARG F 789 -102.40 45.66 -107.38
N PRO F 790 -101.65 46.36 -106.53
CA PRO F 790 -100.92 45.69 -105.45
C PRO F 790 -101.86 45.19 -104.37
N PRO F 791 -101.43 44.26 -103.52
CA PRO F 791 -102.28 43.83 -102.42
C PRO F 791 -102.53 44.96 -101.43
N ASP F 792 -103.69 44.89 -100.77
CA ASP F 792 -104.17 46.01 -99.96
C ASP F 792 -103.28 46.31 -98.76
N ASP F 793 -102.47 45.36 -98.30
CA ASP F 793 -101.57 45.65 -97.21
C ASP F 793 -100.50 46.66 -97.61
N VAL F 794 -99.94 46.52 -98.81
CA VAL F 794 -98.96 47.49 -99.30
C VAL F 794 -99.62 48.81 -99.64
N LEU F 795 -100.77 48.76 -100.31
CA LEU F 795 -101.44 49.98 -100.75
C LEU F 795 -101.92 50.83 -99.58
N GLN F 796 -102.45 50.20 -98.54
CA GLN F 796 -103.01 50.90 -97.39
C GLN F 796 -102.00 51.08 -96.26
N GLY F 797 -100.71 51.00 -96.55
CA GLY F 797 -99.73 50.98 -95.48
C GLY F 797 -99.66 52.31 -94.74
N LEU F 798 -99.46 52.22 -93.43
CA LEU F 798 -99.30 53.36 -92.56
C LEU F 798 -97.91 53.34 -91.92
N PRO F 799 -97.38 54.51 -91.53
CA PRO F 799 -96.04 54.53 -90.93
C PRO F 799 -96.01 54.15 -89.46
N PHE F 800 -97.10 53.56 -88.96
CA PHE F 800 -97.17 53.16 -87.57
C PHE F 800 -98.17 52.01 -87.43
N SER F 801 -98.08 51.31 -86.31
CA SER F 801 -99.01 50.22 -86.01
C SER F 801 -99.28 50.19 -84.52
N TYR F 802 -100.50 49.80 -84.17
CA TYR F 802 -100.91 49.70 -82.78
C TYR F 802 -100.49 48.35 -82.20
N ASP F 803 -100.05 48.36 -80.95
CA ASP F 803 -99.63 47.14 -80.27
C ASP F 803 -100.85 46.30 -79.90
N THR F 814 -100.86 52.02 -76.92
CA THR F 814 -99.53 52.44 -77.36
C THR F 814 -99.32 52.08 -78.83
N ILE F 815 -98.33 52.71 -79.47
CA ILE F 815 -98.06 52.54 -80.88
C ILE F 815 -96.59 52.24 -81.09
N LYS F 816 -96.28 51.73 -82.27
CA LYS F 816 -94.90 51.58 -82.74
C LYS F 816 -94.63 52.66 -83.77
N TYR F 817 -93.61 53.48 -83.53
CA TYR F 817 -93.42 54.68 -84.33
C TYR F 817 -92.61 54.44 -85.60
N ALA F 818 -91.74 53.43 -85.60
CA ALA F 818 -90.93 53.09 -86.76
C ALA F 818 -91.45 51.79 -87.36
N THR F 819 -91.66 51.80 -88.68
CA THR F 819 -92.26 50.66 -89.36
C THR F 819 -91.66 50.56 -90.75
N GLU F 820 -91.42 49.33 -91.19
CA GLU F 820 -90.94 49.06 -92.54
C GLU F 820 -91.89 49.63 -93.57
N THR F 821 -91.34 50.38 -94.53
CA THR F 821 -92.13 51.03 -95.57
C THR F 821 -91.70 50.55 -96.94
N THR F 822 -92.63 50.61 -97.89
CA THR F 822 -92.43 50.11 -99.24
C THR F 822 -92.66 51.22 -100.25
N ILE F 823 -91.73 51.40 -101.18
CA ILE F 823 -91.89 52.30 -102.32
C ILE F 823 -92.22 51.44 -103.53
N PHE F 824 -93.41 51.64 -104.09
CA PHE F 824 -93.91 50.80 -105.17
C PHE F 824 -94.02 51.59 -106.46
N TYR F 825 -93.74 50.90 -107.57
CA TYR F 825 -93.95 51.44 -108.91
C TYR F 825 -94.96 50.56 -109.61
N LEU F 826 -96.03 51.16 -110.12
CA LEU F 826 -97.11 50.42 -110.75
C LEU F 826 -97.14 50.79 -112.22
N ILE F 827 -97.10 49.77 -113.09
CA ILE F 827 -97.10 49.97 -114.53
C ILE F 827 -98.50 49.69 -115.06
N TYR F 828 -99.03 50.60 -115.86
CA TYR F 828 -100.36 50.45 -116.43
C TYR F 828 -100.28 49.69 -117.73
N ASN F 829 -100.97 48.56 -117.81
CA ASN F 829 -101.02 47.73 -119.01
C ASN F 829 -102.45 47.70 -119.54
N VAL F 830 -102.59 47.91 -120.84
CA VAL F 830 -103.90 47.95 -121.50
C VAL F 830 -103.89 47.05 -122.72
N GLU F 831 -105.08 46.67 -123.16
CA GLU F 831 -105.26 45.80 -124.32
C GLU F 831 -106.20 46.48 -125.30
N PHE F 832 -106.45 45.81 -126.43
CA PHE F 832 -107.33 46.37 -127.45
C PHE F 832 -108.81 46.15 -127.14
N SER F 833 -109.12 45.31 -126.16
CA SER F 833 -110.50 45.04 -125.78
C SER F 833 -111.01 45.97 -124.68
N ASN F 834 -110.20 46.94 -124.26
CA ASN F 834 -110.60 47.82 -123.18
C ASN F 834 -111.49 48.94 -123.71
N THR F 835 -112.59 49.20 -123.02
CA THR F 835 -113.48 50.30 -123.33
C THR F 835 -112.88 51.61 -122.81
N PRO F 836 -113.32 52.76 -123.33
CA PRO F 836 -112.71 54.03 -122.91
C PRO F 836 -112.86 54.35 -121.43
N ASP F 837 -113.85 53.79 -120.75
CA ASP F 837 -114.07 54.04 -119.33
C ASP F 837 -114.03 52.74 -118.54
N SER F 838 -113.06 51.88 -118.85
CA SER F 838 -112.99 50.57 -118.19
C SER F 838 -112.49 50.69 -116.76
N LEU F 839 -111.51 51.55 -116.52
CA LEU F 839 -110.86 51.64 -115.22
C LEU F 839 -111.58 52.55 -114.23
N VAL F 840 -112.68 53.19 -114.63
CA VAL F 840 -113.37 54.11 -113.75
C VAL F 840 -114.21 53.34 -112.74
N LEU F 841 -114.13 53.77 -111.47
CA LEU F 841 -114.89 53.15 -110.40
C LEU F 841 -115.77 54.20 -109.72
N ILE F 842 -116.78 53.73 -109.00
CA ILE F 842 -117.71 54.62 -108.33
C ILE F 842 -117.04 55.37 -107.20
N ASN F 843 -116.24 54.68 -106.39
CA ASN F 843 -115.56 55.30 -105.26
C ASN F 843 -114.05 55.15 -105.42
N PRO F 844 -113.30 56.18 -105.07
CA PRO F 844 -111.84 56.14 -105.28
C PRO F 844 -111.14 55.22 -104.28
N THR F 845 -109.91 54.86 -104.64
CA THR F 845 -109.02 54.06 -103.79
C THR F 845 -107.89 54.97 -103.33
N TYR F 846 -107.68 55.05 -102.03
CA TYR F 846 -106.75 56.01 -101.43
C TYR F 846 -105.42 55.36 -101.08
N THR F 847 -104.35 56.15 -101.14
CA THR F 847 -103.03 55.78 -100.65
C THR F 847 -102.52 56.87 -99.73
N MET F 848 -101.73 56.47 -98.73
CA MET F 848 -101.38 57.35 -97.63
C MET F 848 -99.92 57.76 -97.57
N THR F 849 -98.99 56.84 -97.80
CA THR F 849 -97.58 57.06 -97.44
C THR F 849 -96.75 57.50 -98.64
N LYS F 850 -95.95 58.54 -98.44
CA LYS F 850 -95.03 59.07 -99.44
C LYS F 850 -93.62 59.12 -98.85
N VAL F 851 -92.62 58.95 -99.72
CA VAL F 851 -91.22 58.93 -99.31
C VAL F 851 -90.41 59.83 -100.25
N PHE F 852 -89.45 60.55 -99.68
CA PHE F 852 -88.49 61.34 -100.44
C PHE F 852 -87.08 60.87 -100.08
N ILE F 853 -86.25 60.68 -101.11
CA ILE F 853 -84.91 60.10 -100.90
C ILE F 853 -83.79 60.97 -101.43
N ASN F 854 -84.02 61.81 -102.46
CA ASN F 854 -83.00 62.64 -103.11
C ASN F 854 -81.91 61.80 -103.79
N LYS F 855 -82.26 60.60 -104.25
CA LYS F 855 -81.39 59.80 -105.10
C LYS F 855 -82.22 59.30 -106.29
N ARG F 856 -81.58 59.22 -107.45
CA ARG F 856 -82.24 58.73 -108.65
C ARG F 856 -82.10 57.23 -108.71
N ILE F 857 -83.11 56.52 -108.20
CA ILE F 857 -83.12 55.07 -108.21
C ILE F 857 -83.85 54.52 -109.43
N VAL F 858 -85.06 55.02 -109.68
CA VAL F 858 -85.84 54.64 -110.85
C VAL F 858 -86.19 55.91 -111.61
N GLU F 859 -85.94 55.91 -112.92
CA GLU F 859 -86.17 57.08 -113.76
C GLU F 859 -86.68 56.63 -115.11
N ARG F 860 -87.63 57.37 -115.66
CA ARG F 860 -88.06 57.15 -117.04
C ARG F 860 -87.17 57.92 -117.99
N VAL F 861 -86.61 57.21 -118.98
CA VAL F 861 -85.69 57.81 -119.93
C VAL F 861 -86.12 57.42 -121.34
N ARG F 862 -85.66 58.20 -122.31
CA ARG F 862 -85.91 57.87 -123.71
C ARG F 862 -84.83 56.93 -124.23
N VAL F 863 -85.11 56.30 -125.36
CA VAL F 863 -84.19 55.32 -125.93
C VAL F 863 -82.93 56.00 -126.45
N GLY F 864 -83.02 57.30 -126.72
CA GLY F 864 -81.83 58.05 -127.11
C GLY F 864 -80.89 58.38 -125.97
N GLN F 865 -81.31 58.12 -124.73
CA GLN F 865 -80.49 58.39 -123.55
C GLN F 865 -80.13 57.13 -122.78
N ILE F 866 -80.13 55.97 -123.45
CA ILE F 866 -79.85 54.72 -122.75
C ILE F 866 -78.40 54.67 -122.28
N LEU F 867 -77.47 55.02 -123.16
CA LEU F 867 -76.04 54.90 -122.89
C LEU F 867 -75.45 56.15 -122.22
N ALA F 868 -76.29 56.95 -121.56
CA ALA F 868 -75.79 58.14 -120.88
C ALA F 868 -75.15 57.83 -119.53
N VAL F 869 -75.24 56.58 -119.06
CA VAL F 869 -74.69 56.21 -117.76
C VAL F 869 -73.22 55.86 -117.81
N LEU F 870 -72.60 55.89 -118.99
CA LEU F 870 -71.19 55.54 -119.13
C LEU F 870 -70.35 56.79 -118.89
N ASN F 871 -69.97 57.01 -117.61
CA ASN F 871 -69.13 58.15 -117.29
C ASN F 871 -68.08 57.87 -116.22
N ARG F 872 -67.63 56.63 -116.07
CA ARG F 872 -66.58 56.28 -115.12
C ARG F 872 -65.39 55.68 -115.86
N ARG F 873 -64.19 56.13 -115.51
CA ARG F 873 -62.98 55.67 -116.18
C ARG F 873 -62.42 54.46 -115.47
N PHE F 874 -62.12 53.41 -116.24
CA PHE F 874 -61.58 52.16 -115.73
C PHE F 874 -60.24 51.89 -116.38
N VAL F 875 -59.25 51.51 -115.57
CA VAL F 875 -57.93 51.13 -116.05
C VAL F 875 -57.74 49.64 -115.75
N ALA F 876 -57.57 48.85 -116.81
CA ALA F 876 -57.49 47.40 -116.70
C ALA F 876 -56.12 46.93 -117.18
N TYR F 877 -55.47 46.08 -116.38
CA TYR F 877 -54.19 45.53 -116.76
C TYR F 877 -54.34 44.57 -117.93
N LYS F 878 -53.34 44.55 -118.80
CA LYS F 878 -53.36 43.62 -119.93
C LYS F 878 -53.08 42.20 -119.44
N GLY F 879 -53.39 41.23 -120.31
CA GLY F 879 -53.28 39.83 -119.94
C GLY F 879 -51.86 39.36 -119.70
N LYS F 880 -50.86 40.04 -120.26
CA LYS F 880 -49.48 39.64 -120.08
C LYS F 880 -48.97 39.95 -118.67
N MET F 881 -49.65 40.84 -117.94
CA MET F 881 -49.27 41.14 -116.58
C MET F 881 -49.65 40.00 -115.63
N ARG F 882 -49.02 39.98 -114.46
CA ARG F 882 -49.33 39.00 -113.44
C ARG F 882 -49.24 39.66 -112.07
N ILE F 883 -50.28 39.48 -111.26
CA ILE F 883 -50.41 40.13 -109.96
C ILE F 883 -49.94 39.16 -108.89
N MET F 884 -48.99 39.58 -108.06
CA MET F 884 -48.42 38.72 -107.04
C MET F 884 -48.42 39.43 -105.71
N ASP F 885 -48.75 38.69 -104.64
CA ASP F 885 -48.73 39.21 -103.28
C ASP F 885 -47.42 38.80 -102.62
N ILE F 886 -46.70 39.79 -102.07
CA ILE F 886 -45.38 39.55 -101.50
C ILE F 886 -45.35 39.83 -100.01
N THR F 887 -46.51 39.81 -99.34
CA THR F 887 -46.55 40.11 -97.90
C THR F 887 -45.84 39.04 -97.08
N GLN F 888 -45.91 37.78 -97.51
CA GLN F 888 -45.33 36.68 -96.73
C GLN F 888 -43.82 36.71 -96.70
N SER F 889 -43.18 37.52 -97.56
CA SER F 889 -41.72 37.55 -97.63
C SER F 889 -41.08 38.34 -96.50
N LEU F 890 -41.86 38.97 -95.63
CA LEU F 890 -41.32 39.77 -94.55
C LEU F 890 -40.75 38.89 -93.44
N LYS F 891 -39.54 38.37 -93.64
CA LYS F 891 -38.88 37.53 -92.67
C LYS F 891 -37.56 38.16 -92.24
N MET F 892 -37.11 37.81 -91.03
CA MET F 892 -36.02 38.54 -90.39
C MET F 892 -34.68 38.26 -91.06
N GLY F 893 -34.50 37.09 -91.66
CA GLY F 893 -33.18 36.65 -92.09
C GLY F 893 -32.68 37.20 -93.41
N THR F 894 -33.45 38.03 -94.11
CA THR F 894 -33.08 38.53 -95.42
C THR F 894 -32.25 39.81 -95.30
N LYS F 895 -31.20 39.91 -96.11
CA LYS F 895 -30.33 41.07 -96.14
C LYS F 895 -30.35 41.69 -97.54
N LEU F 896 -30.26 43.02 -97.60
CA LEU F 896 -30.32 43.73 -98.87
C LEU F 896 -28.94 43.79 -99.53
N ALA F 897 -28.93 43.78 -100.86
CA ALA F 897 -27.69 43.99 -101.61
C ALA F 897 -27.17 45.41 -101.43
N ALA F 898 -28.05 46.39 -101.39
CA ALA F 898 -27.70 47.80 -101.14
C ALA F 898 -28.41 48.24 -99.87
N PRO F 899 -27.73 48.27 -98.74
CA PRO F 899 -28.38 48.64 -97.47
C PRO F 899 -28.93 50.06 -97.51
N THR F 900 -30.10 50.23 -96.90
CA THR F 900 -30.76 51.52 -96.83
C THR F 900 -30.33 52.25 -95.57
N VAL F 901 -30.39 53.58 -95.60
CA VAL F 901 -29.99 54.39 -94.47
C VAL F 901 -31.02 54.27 -93.34
N ASP G 26 17.18 -37.60 -10.05
CA ASP G 26 16.16 -36.58 -9.82
C ASP G 26 15.36 -36.31 -11.09
N SER G 27 14.13 -35.82 -10.92
CA SER G 27 13.27 -35.49 -12.04
C SER G 27 13.44 -34.03 -12.43
N GLY G 28 12.97 -33.70 -13.63
CA GLY G 28 13.07 -32.37 -14.16
C GLY G 28 11.91 -31.49 -13.76
N PRO G 29 11.77 -30.35 -14.43
CA PRO G 29 10.62 -29.49 -14.18
C PRO G 29 9.33 -30.12 -14.70
N LEU G 30 8.22 -29.74 -14.08
CA LEU G 30 6.89 -30.13 -14.53
C LEU G 30 6.32 -28.96 -15.33
N LEU G 31 6.23 -29.14 -16.64
CA LEU G 31 5.87 -28.04 -17.53
C LEU G 31 4.38 -27.72 -17.42
N SER G 32 4.05 -26.47 -17.74
CA SER G 32 2.67 -26.02 -17.74
C SER G 32 1.96 -26.46 -19.01
N VAL G 33 0.68 -26.09 -19.12
CA VAL G 33 -0.10 -26.45 -20.29
C VAL G 33 0.40 -25.71 -21.52
N PHE G 34 0.74 -24.42 -21.36
CA PHE G 34 1.11 -23.60 -22.52
C PHE G 34 2.42 -24.05 -23.15
N ALA G 35 3.40 -24.44 -22.35
CA ALA G 35 4.67 -24.93 -22.89
C ALA G 35 4.47 -26.21 -23.70
N LEU G 36 3.65 -27.12 -23.17
CA LEU G 36 3.33 -28.34 -23.92
C LEU G 36 2.58 -28.02 -25.20
N GLN G 37 1.67 -27.03 -25.14
CA GLN G 37 0.95 -26.61 -26.34
C GLN G 37 1.92 -26.07 -27.39
N GLU G 38 2.92 -25.31 -26.98
CA GLU G 38 3.92 -24.81 -27.92
C GLU G 38 4.72 -25.95 -28.52
N ILE G 39 5.11 -26.92 -27.69
CA ILE G 39 5.86 -28.08 -28.19
C ILE G 39 5.02 -28.90 -29.17
N MET G 40 3.71 -29.00 -28.95
CA MET G 40 2.79 -29.58 -29.92
C MET G 40 2.75 -28.78 -31.22
N GLN G 41 2.52 -27.48 -31.11
CA GLN G 41 2.23 -26.67 -32.30
C GLN G 41 3.47 -26.52 -33.18
N LYS G 42 4.67 -26.55 -32.59
CA LYS G 42 5.88 -26.47 -33.39
C LYS G 42 6.00 -27.63 -34.36
N VAL G 43 5.53 -28.81 -33.98
CA VAL G 43 5.48 -29.96 -34.89
C VAL G 43 4.03 -30.33 -35.17
N GLU G 56 -1.22 -1.59 -41.74
CA GLU G 56 -0.83 -0.96 -43.00
C GLU G 56 -1.37 0.46 -43.09
N VAL G 57 -0.46 1.43 -43.13
CA VAL G 57 -0.80 2.83 -43.33
C VAL G 57 -0.18 3.27 -44.65
N ASP G 58 -1.01 3.73 -45.57
CA ASP G 58 -0.54 4.12 -46.89
C ASP G 58 -1.31 5.34 -47.39
N PHE G 59 -0.67 6.07 -48.29
CA PHE G 59 -1.30 7.18 -48.99
C PHE G 59 -1.08 7.00 -50.48
N THR G 60 -2.17 6.96 -51.25
CA THR G 60 -2.10 6.69 -52.68
C THR G 60 -3.39 7.16 -53.33
N VAL G 61 -3.38 7.25 -54.66
CA VAL G 61 -4.53 7.67 -55.44
C VAL G 61 -4.36 7.28 -56.92
N PRO G 62 -5.38 6.70 -57.55
CA PRO G 62 -5.19 6.15 -58.90
C PRO G 62 -4.95 7.17 -60.01
N ASP G 63 -5.74 8.25 -60.06
CA ASP G 63 -5.70 9.14 -61.22
C ASP G 63 -4.37 9.87 -61.33
N VAL G 64 -3.82 10.33 -60.22
CA VAL G 64 -2.51 10.96 -60.25
C VAL G 64 -1.44 9.95 -60.63
N GLN G 65 -1.63 8.68 -60.25
CA GLN G 65 -0.72 7.63 -60.70
C GLN G 65 -0.75 7.47 -62.20
N LYS G 66 -1.95 7.52 -62.80
CA LYS G 66 -2.06 7.47 -64.25
C LYS G 66 -1.37 8.67 -64.90
N ILE G 67 -1.52 9.85 -64.30
CA ILE G 67 -0.86 11.05 -64.82
C ILE G 67 0.66 10.88 -64.78
N LEU G 68 1.17 10.35 -63.67
CA LEU G 68 2.61 10.14 -63.53
C LEU G 68 3.12 9.11 -64.54
N ASP G 69 2.34 8.06 -64.77
CA ASP G 69 2.72 7.07 -65.78
C ASP G 69 2.78 7.71 -67.16
N ASP G 70 1.82 8.57 -67.48
CA ASP G 70 1.84 9.27 -68.78
C ASP G 70 3.07 10.16 -68.91
N ILE G 71 3.41 10.89 -67.85
CA ILE G 71 4.60 11.74 -67.88
C ILE G 71 5.86 10.91 -68.07
N LYS G 72 5.95 9.78 -67.36
CA LYS G 72 7.11 8.91 -67.48
C LYS G 72 7.25 8.35 -68.89
N ALA G 73 6.12 7.97 -69.51
CA ALA G 73 6.16 7.52 -70.90
C ALA G 73 6.58 8.64 -71.83
N LEU G 74 6.10 9.86 -71.58
CA LEU G 74 6.46 11.00 -72.42
C LEU G 74 7.94 11.34 -72.31
N ALA G 75 8.55 11.03 -71.16
CA ALA G 75 9.97 11.34 -70.96
C ALA G 75 10.89 10.59 -71.90
N ALA G 76 10.43 9.49 -72.51
CA ALA G 76 11.27 8.64 -73.34
C ALA G 76 11.08 8.90 -74.83
N GLU G 77 10.59 10.09 -75.21
CA GLU G 77 10.37 10.40 -76.62
C GLU G 77 11.65 10.96 -77.25
N GLN G 78 11.92 10.51 -78.47
CA GLN G 78 13.03 11.00 -79.27
C GLN G 78 12.49 11.88 -80.39
N VAL G 79 13.08 13.06 -80.55
CA VAL G 79 12.59 14.05 -81.51
C VAL G 79 13.59 14.36 -82.62
N TYR G 80 14.80 13.85 -82.54
CA TYR G 80 15.80 13.98 -83.60
C TYR G 80 16.01 12.62 -84.25
N LYS G 81 16.89 12.60 -85.26
CA LYS G 81 17.27 11.32 -85.88
C LYS G 81 18.68 11.44 -86.43
N ILE G 82 19.31 10.29 -86.61
CA ILE G 82 20.70 10.19 -87.04
C ILE G 82 20.73 9.55 -88.42
N VAL G 83 21.29 10.26 -89.39
CA VAL G 83 21.29 9.82 -90.78
C VAL G 83 22.70 9.88 -91.34
N LYS G 84 22.91 9.18 -92.45
CA LYS G 84 24.20 9.18 -93.13
C LYS G 84 24.31 10.28 -94.17
N VAL G 85 23.21 10.63 -94.83
CA VAL G 85 23.20 11.70 -95.83
C VAL G 85 22.03 12.64 -95.50
N PRO G 86 22.12 13.92 -95.83
CA PRO G 86 20.96 14.80 -95.67
C PRO G 86 19.98 14.61 -96.83
N SER G 87 18.76 15.09 -96.61
CA SER G 87 17.73 14.96 -97.62
C SER G 87 18.02 15.89 -98.81
N ILE G 88 17.49 15.51 -99.97
CA ILE G 88 17.67 16.30 -101.17
C ILE G 88 16.89 17.60 -101.05
N SER G 89 17.57 18.72 -101.31
CA SER G 89 16.94 20.03 -101.26
C SER G 89 16.74 20.67 -102.63
N PHE G 90 17.47 20.22 -103.65
CA PHE G 90 17.36 20.77 -104.98
C PHE G 90 17.36 19.63 -105.99
N ARG G 91 16.35 19.61 -106.85
CA ARG G 91 16.28 18.66 -107.96
C ARG G 91 16.25 19.43 -109.27
N HIS G 92 16.37 18.71 -110.38
CA HIS G 92 16.48 19.33 -111.68
C HIS G 92 15.50 18.68 -112.66
N ILE G 93 15.01 19.48 -113.60
CA ILE G 93 14.10 19.03 -114.65
C ILE G 93 14.84 19.14 -115.98
N VAL G 94 14.83 18.05 -116.74
CA VAL G 94 15.55 17.97 -118.00
C VAL G 94 14.57 18.26 -119.14
N MET G 95 14.79 19.35 -119.85
CA MET G 95 14.03 19.71 -121.03
C MET G 95 14.74 19.18 -122.25
N GLN G 96 14.37 19.64 -123.44
CA GLN G 96 15.03 19.22 -124.67
C GLN G 96 16.37 19.93 -124.89
N SER G 97 16.84 20.70 -123.92
CA SER G 97 18.12 21.39 -124.03
C SER G 97 19.24 20.56 -123.42
N ARG G 98 20.45 20.73 -123.94
CA ARG G 98 21.61 20.00 -123.47
C ARG G 98 22.46 20.80 -122.48
N ASP G 99 22.34 22.12 -122.47
CA ASP G 99 23.16 22.96 -121.60
C ASP G 99 22.34 23.81 -120.65
N ARG G 100 21.03 23.59 -120.55
CA ARG G 100 20.17 24.36 -119.67
C ARG G 100 19.11 23.46 -119.06
N VAL G 101 18.91 23.59 -117.75
CA VAL G 101 17.92 22.82 -117.01
C VAL G 101 17.18 23.77 -116.07
N LEU G 102 16.19 23.23 -115.36
CA LEU G 102 15.44 23.98 -114.37
C LEU G 102 15.83 23.52 -112.98
N ARG G 103 16.16 24.46 -112.10
CA ARG G 103 16.44 24.16 -110.71
C ARG G 103 15.18 24.35 -109.88
N VAL G 104 14.82 23.32 -109.11
CA VAL G 104 13.59 23.32 -108.34
C VAL G 104 13.95 23.16 -106.86
N ASP G 105 13.42 24.04 -106.03
CA ASP G 105 13.59 23.95 -104.58
C ASP G 105 12.45 23.10 -104.03
N THR G 106 12.79 21.93 -103.50
CA THR G 106 11.78 20.98 -103.07
C THR G 106 11.06 21.41 -101.80
N TYR G 107 11.65 22.33 -101.02
CA TYR G 107 11.04 22.73 -99.76
C TYR G 107 9.69 23.39 -99.98
N TYR G 108 9.58 24.26 -100.98
CA TYR G 108 8.32 24.98 -101.19
C TYR G 108 7.23 24.05 -101.72
N GLU G 109 7.56 23.13 -102.62
CA GLU G 109 6.56 22.21 -103.12
C GLU G 109 6.18 21.15 -102.09
N GLU G 110 7.05 20.89 -101.11
CA GLU G 110 6.63 20.07 -99.98
C GLU G 110 5.76 20.86 -99.01
N MET G 111 6.08 22.13 -98.82
CA MET G 111 5.40 22.95 -97.81
C MET G 111 4.01 23.36 -98.27
N SER G 112 3.79 23.46 -99.58
CA SER G 112 2.50 23.88 -100.12
C SER G 112 1.42 22.82 -99.95
N GLN G 113 1.72 21.67 -99.38
CA GLN G 113 0.75 20.61 -99.16
C GLN G 113 0.44 20.37 -97.70
N VAL G 114 1.01 21.14 -96.79
CA VAL G 114 0.80 20.96 -95.35
C VAL G 114 -0.27 21.94 -94.88
N GLY G 115 -1.26 21.43 -94.16
CA GLY G 115 -2.32 22.25 -93.61
C GLY G 115 -3.60 22.16 -94.43
N ASP G 116 -4.59 22.94 -93.99
CA ASP G 116 -5.88 23.02 -94.64
C ASP G 116 -5.98 24.29 -95.46
N VAL G 117 -7.17 24.56 -95.99
CA VAL G 117 -7.44 25.79 -96.73
C VAL G 117 -7.90 26.86 -95.76
N ILE G 118 -7.47 28.10 -95.99
CA ILE G 118 -7.75 29.21 -95.10
C ILE G 118 -9.07 29.86 -95.49
N THR G 119 -9.96 30.03 -94.51
CA THR G 119 -11.20 30.77 -94.68
C THR G 119 -11.31 31.80 -93.55
N GLU G 120 -12.09 32.84 -93.81
CA GLU G 120 -12.27 33.93 -92.84
C GLU G 120 -13.35 33.65 -91.81
N ASP G 121 -14.04 32.51 -91.91
CA ASP G 121 -15.10 32.17 -90.98
C ASP G 121 -14.67 31.17 -89.92
N GLU G 122 -13.41 30.75 -89.91
CA GLU G 122 -12.94 29.65 -89.07
C GLU G 122 -11.57 29.99 -88.50
N PRO G 123 -11.50 30.87 -87.50
CA PRO G 123 -10.20 31.28 -86.95
C PRO G 123 -9.41 30.15 -86.32
N GLU G 124 -10.10 29.22 -85.62
CA GLU G 124 -9.41 28.16 -84.90
C GLU G 124 -8.66 27.24 -85.85
N LYS G 125 -9.27 26.92 -87.00
CA LYS G 125 -8.59 26.09 -87.97
C LYS G 125 -7.41 26.83 -88.60
N PHE G 126 -7.50 28.16 -88.72
CA PHE G 126 -6.35 28.92 -89.18
C PHE G 126 -5.18 28.80 -88.20
N TYR G 127 -5.47 28.93 -86.90
CA TYR G 127 -4.42 28.79 -85.89
C TYR G 127 -3.82 27.38 -85.91
N SER G 128 -4.68 26.37 -86.06
CA SER G 128 -4.19 25.00 -86.12
C SER G 128 -3.33 24.77 -87.36
N THR G 129 -3.70 25.37 -88.50
CA THR G 129 -2.89 25.26 -89.70
C THR G 129 -1.52 25.89 -89.51
N ILE G 130 -1.47 27.07 -88.89
CA ILE G 130 -0.18 27.71 -88.64
C ILE G 130 0.67 26.86 -87.71
N ILE G 131 0.07 26.29 -86.66
CA ILE G 131 0.82 25.45 -85.74
C ILE G 131 1.35 24.22 -86.46
N LYS G 132 0.53 23.59 -87.31
CA LYS G 132 0.96 22.41 -88.04
C LYS G 132 2.13 22.73 -88.97
N LYS G 133 2.06 23.88 -89.65
CA LYS G 133 3.14 24.28 -90.54
C LYS G 133 4.44 24.51 -89.78
N VAL G 134 4.37 25.17 -88.62
CA VAL G 134 5.56 25.40 -87.81
C VAL G 134 6.14 24.08 -87.31
N ARG G 135 5.27 23.15 -86.90
CA ARG G 135 5.75 21.84 -86.44
C ARG G 135 6.42 21.07 -87.57
N PHE G 136 5.87 21.17 -88.78
CA PHE G 136 6.50 20.53 -89.93
C PHE G 136 7.89 21.10 -90.20
N ILE G 137 8.02 22.43 -90.12
CA ILE G 137 9.33 23.06 -90.30
C ILE G 137 10.30 22.56 -89.24
N ARG G 138 9.86 22.50 -87.99
CA ARG G 138 10.74 22.04 -86.91
C ARG G 138 11.16 20.60 -87.11
N GLY G 139 10.22 19.73 -87.49
CA GLY G 139 10.54 18.32 -87.63
C GLY G 139 11.40 18.02 -88.83
N LYS G 140 11.33 18.84 -89.87
CA LYS G 140 12.13 18.60 -91.07
C LYS G 140 13.63 18.75 -90.80
N GLY G 141 14.01 19.77 -90.04
CA GLY G 141 15.40 20.14 -89.86
C GLY G 141 16.13 19.48 -88.71
N SER G 142 15.54 18.51 -88.03
CA SER G 142 16.14 17.91 -86.84
C SER G 142 16.83 16.59 -87.24
N PHE G 143 18.09 16.70 -87.66
CA PHE G 143 18.87 15.54 -88.01
C PHE G 143 20.33 15.77 -87.66
N ILE G 144 21.05 14.66 -87.45
CA ILE G 144 22.47 14.66 -87.13
C ILE G 144 23.18 13.75 -88.12
N LEU G 145 24.29 14.23 -88.69
CA LEU G 145 25.06 13.46 -89.66
C LEU G 145 26.10 12.62 -88.95
N HIS G 146 26.30 11.40 -89.47
CA HIS G 146 27.21 10.44 -88.83
C HIS G 146 27.62 9.41 -89.87
N ASP G 147 28.94 9.18 -90.00
CA ASP G 147 29.50 8.18 -90.89
C ASP G 147 29.13 8.41 -92.35
N ILE G 148 29.57 9.52 -92.92
CA ILE G 148 29.22 9.91 -94.29
C ILE G 148 30.10 9.17 -95.29
N PRO G 149 29.64 8.94 -96.52
CA PRO G 149 30.50 8.31 -97.53
C PRO G 149 31.47 9.29 -98.15
N THR G 150 32.75 8.91 -98.15
CA THR G 150 33.81 9.75 -98.68
C THR G 150 34.64 8.95 -99.67
N ARG G 151 35.71 9.57 -100.18
CA ARG G 151 36.70 8.89 -101.00
C ARG G 151 38.01 9.67 -100.90
N ASP G 152 39.06 9.12 -101.52
CA ASP G 152 40.38 9.72 -101.48
C ASP G 152 40.81 10.17 -102.87
N HIS G 153 41.58 11.24 -102.92
CA HIS G 153 42.03 11.80 -104.19
C HIS G 153 43.34 12.55 -103.96
N ARG G 154 44.45 11.93 -104.37
CA ARG G 154 45.79 12.54 -104.31
C ARG G 154 46.15 12.99 -102.89
N GLY G 155 45.84 12.14 -101.92
CA GLY G 155 46.23 12.39 -100.55
C GLY G 155 45.28 13.25 -99.73
N MET G 156 44.12 13.61 -100.28
CA MET G 156 43.13 14.38 -99.54
C MET G 156 41.76 13.75 -99.72
N GLU G 157 40.88 14.04 -98.78
CA GLU G 157 39.60 13.35 -98.66
C GLU G 157 38.49 14.18 -99.27
N VAL G 158 37.69 13.56 -100.13
CA VAL G 158 36.68 14.25 -100.93
C VAL G 158 35.32 13.61 -100.66
N ALA G 159 34.32 14.45 -100.41
CA ALA G 159 32.97 13.98 -100.14
C ALA G 159 32.30 13.46 -101.40
N GLU G 160 31.58 12.35 -101.27
CA GLU G 160 30.86 11.78 -102.40
C GLU G 160 29.64 12.64 -102.74
N PRO G 161 29.17 12.59 -103.99
CA PRO G 161 28.00 13.41 -104.37
C PRO G 161 26.70 13.00 -103.70
N GLU G 162 26.66 11.86 -103.01
CA GLU G 162 25.42 11.43 -102.36
C GLU G 162 25.12 12.20 -101.09
N VAL G 163 26.10 12.93 -100.55
CA VAL G 163 25.93 13.65 -99.29
C VAL G 163 25.79 15.16 -99.52
N LEU G 164 26.04 15.63 -100.73
CA LEU G 164 26.04 17.07 -101.02
C LEU G 164 24.65 17.69 -100.95
N GLY G 165 23.59 16.89 -100.99
CA GLY G 165 22.25 17.42 -100.88
C GLY G 165 21.63 17.97 -102.15
N VAL G 166 22.21 17.67 -103.31
CA VAL G 166 21.71 18.16 -104.59
C VAL G 166 21.66 16.98 -105.56
N GLU G 167 20.58 16.89 -106.32
CA GLU G 167 20.32 15.76 -107.21
C GLU G 167 20.56 16.17 -108.66
N PHE G 168 21.54 15.52 -109.30
CA PHE G 168 21.79 15.79 -110.72
C PHE G 168 22.12 14.53 -111.53
N LYS G 169 21.69 13.34 -111.09
CA LYS G 169 22.06 12.12 -111.78
C LYS G 169 21.42 12.05 -113.17
N ASN G 170 20.21 12.59 -113.33
CA ASN G 170 19.55 12.58 -114.63
C ASN G 170 20.11 13.62 -115.58
N VAL G 171 20.96 14.54 -115.11
CA VAL G 171 21.52 15.55 -115.99
C VAL G 171 22.76 15.03 -116.72
N LEU G 172 23.48 14.09 -116.11
CA LEU G 172 24.74 13.61 -116.69
C LEU G 172 24.61 12.99 -118.09
N PRO G 173 23.61 12.14 -118.40
CA PRO G 173 23.59 11.52 -119.73
C PRO G 173 23.53 12.49 -120.91
N VAL G 174 22.91 13.65 -120.74
CA VAL G 174 22.73 14.55 -121.88
C VAL G 174 23.91 15.50 -122.09
N LEU G 175 24.87 15.54 -121.17
CA LEU G 175 25.96 16.49 -121.27
C LEU G 175 26.95 16.11 -122.37
N THR G 176 27.64 17.11 -122.89
CA THR G 176 28.74 16.88 -123.82
C THR G 176 30.00 16.48 -123.05
N ALA G 177 31.09 16.28 -123.79
CA ALA G 177 32.33 15.82 -123.18
C ALA G 177 32.95 16.89 -122.29
N GLU G 178 33.02 18.13 -122.78
CA GLU G 178 33.66 19.20 -122.01
C GLU G 178 32.86 19.51 -120.76
N HIS G 179 31.53 19.46 -120.83
CA HIS G 179 30.72 19.69 -119.64
C HIS G 179 30.90 18.58 -118.61
N ARG G 180 31.01 17.33 -119.07
CA ARG G 180 31.27 16.22 -118.15
C ARG G 180 32.62 16.39 -117.46
N ALA G 181 33.64 16.78 -118.23
CA ALA G 181 34.95 17.01 -117.64
C ALA G 181 34.92 18.14 -116.62
N MET G 182 34.19 19.22 -116.94
CA MET G 182 34.07 20.34 -116.03
C MET G 182 33.37 19.93 -114.74
N ILE G 183 32.30 19.14 -114.86
CA ILE G 183 31.57 18.70 -113.67
C ILE G 183 32.44 17.80 -112.80
N GLN G 184 33.20 16.89 -113.42
CA GLN G 184 34.09 16.04 -112.65
C GLN G 184 35.18 16.84 -111.95
N ASN G 185 35.75 17.83 -112.64
CA ASN G 185 36.79 18.65 -112.03
C ASN G 185 36.22 19.47 -110.86
N ALA G 186 35.00 19.99 -111.02
CA ALA G 186 34.37 20.71 -109.92
C ALA G 186 34.09 19.81 -108.74
N LEU G 187 33.64 18.57 -109.00
CA LEU G 187 33.34 17.64 -107.92
C LEU G 187 34.60 17.21 -107.19
N ASP G 188 35.74 17.18 -107.88
CA ASP G 188 36.99 16.83 -107.22
C ASP G 188 37.45 17.87 -106.20
N GLY G 189 36.87 19.07 -106.20
CA GLY G 189 37.29 20.14 -105.32
C GLY G 189 36.52 20.30 -104.02
N SER G 190 35.65 19.36 -103.68
CA SER G 190 34.87 19.44 -102.44
C SER G 190 35.57 18.60 -101.37
N ILE G 191 36.60 19.20 -100.77
CA ILE G 191 37.44 18.48 -99.82
C ILE G 191 36.82 18.53 -98.44
N ILE G 192 37.31 17.68 -97.54
CA ILE G 192 36.82 17.57 -96.19
C ILE G 192 37.94 17.96 -95.22
N GLU G 193 37.61 18.82 -94.26
CA GLU G 193 38.57 19.34 -93.30
C GLU G 193 38.32 18.74 -91.93
N ASN G 194 39.39 18.55 -91.17
CA ASN G 194 39.31 17.99 -89.82
C ASN G 194 39.16 19.13 -88.81
N GLY G 195 38.02 19.17 -88.14
CA GLY G 195 37.79 20.07 -87.03
C GLY G 195 37.66 19.32 -85.72
N ASN G 196 37.17 20.04 -84.71
CA ASN G 196 36.92 19.41 -83.42
C ASN G 196 35.83 20.15 -82.66
N VAL G 197 35.06 19.39 -81.89
CA VAL G 197 34.12 19.92 -80.91
C VAL G 197 34.35 19.17 -79.60
N ALA G 198 34.58 19.92 -78.52
CA ALA G 198 34.87 19.36 -77.20
C ALA G 198 36.02 18.35 -77.26
N THR G 199 37.07 18.72 -78.01
CA THR G 199 38.26 17.92 -78.25
C THR G 199 37.96 16.57 -78.90
N ARG G 200 36.89 16.48 -79.68
CA ARG G 200 36.57 15.29 -80.46
C ARG G 200 36.56 15.66 -81.94
N ASP G 201 37.30 14.90 -82.73
CA ASP G 201 37.48 15.22 -84.14
C ASP G 201 36.20 14.99 -84.94
N VAL G 202 35.92 15.92 -85.86
CA VAL G 202 34.73 15.89 -86.70
C VAL G 202 35.12 16.20 -88.13
N ASP G 203 34.19 15.95 -89.04
CA ASP G 203 34.34 16.33 -90.45
C ASP G 203 33.51 17.58 -90.73
N VAL G 204 34.08 18.49 -91.51
CA VAL G 204 33.35 19.66 -91.98
C VAL G 204 33.48 19.73 -93.50
N PHE G 205 32.34 19.84 -94.18
CA PHE G 205 32.29 19.93 -95.63
C PHE G 205 31.19 20.91 -96.02
N ILE G 206 31.21 21.34 -97.27
CA ILE G 206 30.29 22.35 -97.78
C ILE G 206 29.22 21.66 -98.62
N GLY G 207 27.95 21.91 -98.26
CA GLY G 207 26.83 21.30 -98.96
C GLY G 207 25.71 22.26 -99.30
N ALA G 208 24.52 21.72 -99.60
CA ALA G 208 23.37 22.52 -99.97
C ALA G 208 22.20 22.22 -99.03
N CYS G 209 21.46 23.26 -98.68
CA CYS G 209 20.29 23.12 -97.82
C CYS G 209 19.42 24.35 -97.96
N SER G 210 18.12 24.17 -97.71
CA SER G 210 17.21 25.31 -97.66
C SER G 210 17.42 26.09 -96.38
N GLU G 211 17.09 27.39 -96.44
CA GLU G 211 17.32 28.28 -95.30
C GLU G 211 16.56 27.88 -94.03
N PRO G 212 15.23 27.66 -94.05
CA PRO G 212 14.55 27.30 -92.79
C PRO G 212 15.01 25.98 -92.20
N VAL G 213 15.37 25.01 -93.05
CA VAL G 213 15.90 23.75 -92.56
C VAL G 213 17.30 23.94 -91.98
N TYR G 214 18.11 24.77 -92.64
CA TYR G 214 19.47 24.99 -92.18
C TYR G 214 19.52 25.70 -90.84
N ARG G 215 18.55 26.60 -90.57
CA ARG G 215 18.52 27.24 -89.27
C ARG G 215 18.28 26.22 -88.15
N ILE G 216 17.35 25.29 -88.36
CA ILE G 216 17.09 24.25 -87.37
C ILE G 216 18.33 23.37 -87.19
N TYR G 217 18.98 23.00 -88.29
CA TYR G 217 20.16 22.15 -88.21
C TYR G 217 21.28 22.83 -87.44
N ASN G 218 21.50 24.13 -87.71
CA ASN G 218 22.56 24.86 -87.03
C ASN G 218 22.26 24.99 -85.53
N ARG G 219 21.00 25.25 -85.18
CA ARG G 219 20.65 25.33 -83.77
C ARG G 219 20.85 24.00 -83.06
N LEU G 220 20.50 22.89 -83.73
CA LEU G 220 20.72 21.58 -83.12
C LEU G 220 22.21 21.29 -82.92
N GLN G 221 23.04 21.65 -83.90
CA GLN G 221 24.48 21.44 -83.74
C GLN G 221 25.04 22.27 -82.59
N GLY G 222 24.58 23.53 -82.46
CA GLY G 222 25.00 24.34 -81.34
C GLY G 222 24.59 23.76 -80.00
N TYR G 223 23.36 23.24 -79.92
CA TYR G 223 22.90 22.61 -78.68
C TYR G 223 23.74 21.38 -78.34
N ILE G 224 24.07 20.56 -79.34
CA ILE G 224 24.87 19.36 -79.08
C ILE G 224 26.26 19.74 -78.60
N GLU G 225 26.87 20.76 -79.20
CA GLU G 225 28.17 21.23 -78.74
C GLU G 225 28.10 21.74 -77.30
N ALA G 226 27.04 22.49 -76.97
CA ALA G 226 26.88 22.98 -75.61
C ALA G 226 26.70 21.84 -74.61
N VAL G 227 25.99 20.78 -75.00
CA VAL G 227 25.85 19.62 -74.14
C VAL G 227 27.21 18.96 -73.90
N GLN G 228 27.99 18.81 -74.97
CA GLN G 228 29.33 18.24 -74.82
C GLN G 228 30.21 19.10 -73.92
N LEU G 229 29.96 20.41 -73.88
CA LEU G 229 30.88 21.30 -73.18
C LEU G 229 30.47 21.58 -71.73
N GLN G 230 29.18 21.80 -71.46
CA GLN G 230 28.84 22.24 -70.10
C GLN G 230 27.74 21.46 -69.42
N GLU G 231 26.70 21.04 -70.14
CA GLU G 231 25.42 20.71 -69.50
C GLU G 231 25.45 19.36 -68.79
N LEU G 232 26.15 18.37 -69.35
CA LEU G 232 26.19 17.04 -68.74
C LEU G 232 26.83 17.10 -67.35
N ARG G 233 27.92 17.85 -67.21
CA ARG G 233 28.58 18.00 -65.92
C ARG G 233 27.66 18.66 -64.90
N ASN G 234 26.92 19.70 -65.33
CA ASN G 234 25.99 20.37 -64.41
C ASN G 234 24.90 19.43 -63.95
N SER G 235 24.33 18.64 -64.87
CA SER G 235 23.28 17.70 -64.49
C SER G 235 23.80 16.65 -63.52
N ILE G 236 24.98 16.09 -63.78
CA ILE G 236 25.54 15.07 -62.90
C ILE G 236 25.85 15.64 -61.51
N GLY G 237 26.41 16.85 -61.47
CA GLY G 237 26.72 17.45 -60.18
C GLY G 237 25.49 17.76 -59.36
N TRP G 238 24.45 18.30 -60.01
CA TRP G 238 23.22 18.59 -59.27
C TRP G 238 22.54 17.30 -58.80
N LEU G 239 22.62 16.23 -59.60
CA LEU G 239 22.13 14.94 -59.12
C LEU G 239 22.90 14.45 -57.91
N GLU G 240 24.22 14.66 -57.90
CA GLU G 240 25.00 14.29 -56.72
C GLU G 240 24.54 15.05 -55.48
N ARG G 241 24.30 16.36 -55.62
CA ARG G 241 23.85 17.14 -54.47
C ARG G 241 22.47 16.72 -53.99
N LEU G 242 21.54 16.46 -54.92
CA LEU G 242 20.21 16.01 -54.52
C LEU G 242 20.26 14.64 -53.84
N GLY G 243 21.06 13.72 -54.38
CA GLY G 243 21.20 12.43 -53.74
C GLY G 243 21.82 12.53 -52.37
N HIS G 244 22.76 13.45 -52.19
CA HIS G 244 23.34 13.69 -50.87
C HIS G 244 22.27 14.17 -49.89
N ARG G 245 21.42 15.10 -50.31
CA ARG G 245 20.43 15.63 -49.38
C ARG G 245 19.33 14.60 -49.07
N LYS G 246 18.81 13.93 -50.10
CA LYS G 246 17.63 13.09 -49.96
C LYS G 246 17.97 11.63 -49.68
N ARG G 247 19.23 11.31 -49.40
CA ARG G 247 19.69 9.97 -49.05
C ARG G 247 19.41 8.96 -50.17
N ILE G 248 19.84 9.32 -51.38
CA ILE G 248 19.71 8.48 -52.55
C ILE G 248 21.09 8.34 -53.20
N THR G 249 21.39 7.14 -53.69
CA THR G 249 22.66 6.86 -54.36
C THR G 249 22.39 6.68 -55.84
N TYR G 250 22.91 7.58 -56.66
CA TYR G 250 22.76 7.53 -58.10
C TYR G 250 23.98 6.90 -58.75
N SER G 251 23.75 6.22 -59.88
CA SER G 251 24.80 5.47 -60.56
C SER G 251 25.43 6.29 -61.67
N GLN G 252 26.74 6.09 -61.86
CA GLN G 252 27.48 6.70 -62.95
C GLN G 252 28.10 5.64 -63.85
N GLU G 253 27.48 4.47 -63.92
CA GLU G 253 28.05 3.35 -64.68
C GLU G 253 28.00 3.61 -66.19
N VAL G 254 27.11 4.48 -66.65
CA VAL G 254 26.99 4.74 -68.07
C VAL G 254 28.18 5.53 -68.61
N LEU G 255 28.93 6.20 -67.75
CA LEU G 255 30.01 7.08 -68.17
C LEU G 255 31.40 6.47 -67.99
N THR G 256 31.50 5.19 -67.63
CA THR G 256 32.76 4.63 -67.19
C THR G 256 33.27 3.43 -67.98
N ASP G 257 32.61 3.02 -69.06
CA ASP G 257 33.15 1.91 -69.81
C ASP G 257 34.35 2.36 -70.65
N PHE G 258 35.07 1.40 -71.21
CA PHE G 258 36.38 1.68 -71.80
C PHE G 258 36.30 2.40 -73.15
N ARG G 259 35.11 2.60 -73.69
CA ARG G 259 34.94 3.38 -74.91
C ARG G 259 34.52 4.82 -74.64
N ARG G 260 34.72 5.32 -73.41
CA ARG G 260 34.16 6.59 -73.01
C ARG G 260 34.86 7.79 -73.62
N GLN G 261 36.08 7.64 -74.11
CA GLN G 261 36.81 8.76 -74.69
C GLN G 261 36.52 8.96 -76.16
N ASP G 262 35.69 8.10 -76.75
CA ASP G 262 35.28 8.22 -78.15
C ASP G 262 33.76 8.34 -78.30
N THR G 263 33.11 8.94 -77.31
CA THR G 263 31.65 8.99 -77.25
C THR G 263 31.16 10.42 -77.25
N ILE G 264 30.09 10.67 -78.01
CA ILE G 264 29.35 11.92 -77.99
C ILE G 264 28.06 11.69 -77.22
N TRP G 265 27.82 12.48 -76.19
CA TRP G 265 26.65 12.30 -75.32
C TRP G 265 25.53 13.23 -75.76
N VAL G 266 24.31 12.70 -75.74
CA VAL G 266 23.10 13.47 -76.06
C VAL G 266 22.20 13.48 -74.84
N LEU G 267 21.76 14.68 -74.45
CA LEU G 267 20.93 14.85 -73.25
C LEU G 267 19.78 15.78 -73.62
N ALA G 268 18.58 15.21 -73.75
CA ALA G 268 17.43 15.99 -74.18
C ALA G 268 16.90 16.91 -73.08
N LEU G 269 17.09 16.54 -71.82
CA LEU G 269 16.57 17.31 -70.69
C LEU G 269 17.73 17.72 -69.78
N GLN G 270 17.52 18.81 -69.05
CA GLN G 270 18.56 19.40 -68.21
C GLN G 270 18.11 19.50 -66.76
N LEU G 271 19.10 19.44 -65.87
CA LEU G 271 18.94 19.68 -64.45
C LEU G 271 19.98 20.70 -64.00
N PRO G 272 19.66 21.53 -62.99
CA PRO G 272 18.41 21.62 -62.23
C PRO G 272 17.28 22.34 -62.97
N VAL G 273 16.07 22.16 -62.50
CA VAL G 273 14.87 22.77 -63.06
C VAL G 273 14.63 24.10 -62.36
N ASN G 274 14.10 25.07 -63.10
CA ASN G 274 13.74 26.37 -62.55
C ASN G 274 12.39 26.25 -61.84
N PRO G 275 12.32 26.48 -60.54
CA PRO G 275 11.03 26.34 -59.84
C PRO G 275 10.02 27.43 -60.17
N GLN G 276 10.47 28.58 -60.67
CA GLN G 276 9.56 29.65 -61.02
C GLN G 276 8.66 29.26 -62.18
N VAL G 277 9.15 28.37 -63.07
CA VAL G 277 8.31 27.85 -64.14
C VAL G 277 7.13 27.09 -63.58
N VAL G 278 7.36 26.24 -62.58
CA VAL G 278 6.28 25.45 -61.99
C VAL G 278 5.34 26.33 -61.18
N TRP G 279 5.88 27.32 -60.45
CA TRP G 279 5.03 28.13 -59.60
C TRP G 279 4.46 29.36 -60.28
N ASP G 280 4.71 29.54 -61.58
CA ASP G 280 4.09 30.64 -62.32
C ASP G 280 2.71 30.29 -62.85
N VAL G 281 2.29 29.03 -62.76
CA VAL G 281 0.95 28.63 -63.22
C VAL G 281 -0.10 29.32 -62.36
N PRO G 282 -1.15 29.90 -62.93
CA PRO G 282 -2.11 30.66 -62.12
C PRO G 282 -2.92 29.75 -61.20
N ARG G 283 -2.88 30.08 -59.90
CA ARG G 283 -3.64 29.37 -58.87
C ARG G 283 -3.35 27.87 -58.86
N SER G 284 -2.06 27.54 -58.72
CA SER G 284 -1.61 26.17 -58.84
C SER G 284 -1.16 25.56 -57.50
N SER G 285 -1.46 26.20 -56.38
CA SER G 285 -0.96 25.72 -55.09
C SER G 285 -1.53 24.34 -54.74
N ILE G 286 -2.83 24.13 -54.97
CA ILE G 286 -3.44 22.86 -54.59
C ILE G 286 -2.93 21.72 -55.49
N ALA G 287 -2.73 22.00 -56.78
CA ALA G 287 -2.17 21.00 -57.68
C ALA G 287 -0.73 20.66 -57.29
N ASN G 288 0.05 21.67 -56.91
CA ASN G 288 1.42 21.44 -56.46
C ASN G 288 1.44 20.59 -55.20
N LEU G 289 0.53 20.86 -54.26
CA LEU G 289 0.45 20.06 -53.04
C LEU G 289 0.09 18.60 -53.35
N ILE G 290 -0.87 18.39 -54.26
CA ILE G 290 -1.27 17.04 -54.61
C ILE G 290 -0.12 16.29 -55.28
N MET G 291 0.61 16.96 -56.17
CA MET G 291 1.76 16.33 -56.82
C MET G 291 2.85 16.00 -55.80
N ASN G 292 3.10 16.89 -54.85
CA ASN G 292 4.10 16.63 -53.82
C ASN G 292 3.72 15.40 -53.00
N ILE G 293 2.45 15.30 -52.60
CA ILE G 293 1.98 14.15 -51.83
C ILE G 293 2.12 12.87 -52.65
N ALA G 294 1.72 12.92 -53.92
CA ALA G 294 1.73 11.73 -54.75
C ALA G 294 3.13 11.28 -55.13
N THR G 295 4.12 12.16 -55.11
CA THR G 295 5.46 11.78 -55.52
C THR G 295 6.45 11.62 -54.37
N CYS G 296 6.11 12.04 -53.15
CA CYS G 296 7.11 12.03 -52.08
C CYS G 296 6.68 11.38 -50.77
N LEU G 297 5.38 11.21 -50.52
CA LEU G 297 4.95 10.72 -49.22
C LEU G 297 5.20 9.22 -49.08
N PRO G 298 5.84 8.77 -48.00
CA PRO G 298 6.07 7.34 -47.81
C PRO G 298 4.92 6.66 -47.07
N THR G 299 4.98 5.33 -47.05
CA THR G 299 4.04 4.51 -46.32
C THR G 299 4.72 3.93 -45.08
N GLY G 300 3.94 3.69 -44.04
CA GLY G 300 4.50 3.22 -42.80
C GLY G 300 3.48 2.51 -41.94
N GLU G 301 3.73 2.53 -40.63
CA GLU G 301 2.92 1.82 -39.66
C GLU G 301 2.87 2.63 -38.36
N TYR G 302 1.96 2.23 -37.48
CA TYR G 302 1.82 2.82 -36.15
C TYR G 302 2.35 1.87 -35.10
N ILE G 303 3.16 2.39 -34.18
CA ILE G 303 3.70 1.62 -33.07
C ILE G 303 3.10 2.16 -31.78
N ALA G 304 3.04 1.29 -30.77
CA ALA G 304 2.43 1.61 -29.50
C ALA G 304 3.49 1.62 -28.40
N PRO G 305 3.31 2.43 -27.35
CA PRO G 305 4.28 2.45 -26.24
C PRO G 305 4.12 1.22 -25.35
N ASN G 306 5.06 1.10 -24.41
CA ASN G 306 5.06 -0.01 -23.47
C ASN G 306 3.86 0.10 -22.53
N PRO G 307 3.07 -0.96 -22.35
CA PRO G 307 1.92 -0.88 -21.45
C PRO G 307 2.27 -0.62 -19.99
N ARG G 308 3.50 -0.96 -19.58
CA ARG G 308 3.90 -0.72 -18.20
C ARG G 308 3.98 0.75 -17.85
N ILE G 309 4.17 1.62 -18.85
CA ILE G 309 4.18 3.06 -18.61
C ILE G 309 2.84 3.51 -18.04
N SER G 310 1.75 3.05 -18.65
CA SER G 310 0.42 3.35 -18.12
C SER G 310 0.11 2.51 -16.89
N SER G 311 0.73 1.33 -16.77
CA SER G 311 0.46 0.47 -15.62
C SER G 311 0.98 1.08 -14.32
N ILE G 312 2.16 1.71 -14.36
CA ILE G 312 2.75 2.24 -13.13
C ILE G 312 2.40 3.69 -12.86
N THR G 313 1.71 4.37 -13.79
CA THR G 313 1.39 5.78 -13.59
C THR G 313 -0.11 6.06 -13.58
N LEU G 314 -0.84 5.69 -14.63
CA LEU G 314 -2.24 6.09 -14.74
C LEU G 314 -3.15 5.25 -13.86
N THR G 315 -2.84 3.97 -13.70
CA THR G 315 -3.61 3.07 -12.85
C THR G 315 -2.81 2.62 -11.63
N GLN G 316 -2.03 3.53 -11.07
CA GLN G 316 -1.19 3.20 -9.92
C GLN G 316 -2.02 2.93 -8.68
N ARG G 317 -3.09 3.69 -8.45
CA ARG G 317 -4.08 3.40 -7.42
C ARG G 317 -5.36 2.91 -8.08
N ILE G 318 -5.82 1.72 -7.69
CA ILE G 318 -7.02 1.14 -8.29
C ILE G 318 -8.29 1.53 -7.57
N THR G 319 -8.21 2.07 -6.36
CA THR G 319 -9.40 2.41 -5.60
C THR G 319 -10.08 3.68 -6.11
N THR G 320 -9.45 4.43 -7.00
CA THR G 320 -10.04 5.64 -7.56
C THR G 320 -10.01 5.55 -9.08
N THR G 321 -10.91 6.30 -9.71
CA THR G 321 -10.97 6.36 -11.16
C THR G 321 -11.10 7.81 -11.60
N GLY G 322 -10.52 8.12 -12.77
CA GLY G 322 -10.55 9.45 -13.30
C GLY G 322 -10.61 9.45 -14.81
N PRO G 323 -10.47 10.62 -15.44
CA PRO G 323 -10.60 10.71 -16.91
C PRO G 323 -9.62 9.84 -17.67
N PHE G 324 -8.34 9.91 -17.31
CA PHE G 324 -7.32 9.13 -18.00
C PHE G 324 -7.52 7.64 -17.79
N ALA G 325 -7.89 7.23 -16.58
CA ALA G 325 -8.12 5.82 -16.30
C ALA G 325 -9.30 5.28 -17.10
N ILE G 326 -10.37 6.06 -17.21
CA ILE G 326 -11.51 5.67 -18.04
C ILE G 326 -11.10 5.58 -19.50
N LEU G 327 -10.29 6.54 -19.97
CA LEU G 327 -9.93 6.58 -21.38
C LEU G 327 -8.93 5.51 -21.79
N THR G 328 -8.15 4.98 -20.85
CA THR G 328 -7.20 3.91 -21.21
C THR G 328 -7.89 2.62 -21.64
N GLY G 329 -9.18 2.46 -21.38
CA GLY G 329 -9.92 1.30 -21.80
C GLY G 329 -10.59 1.40 -23.15
N SER G 330 -10.30 2.44 -23.92
CA SER G 330 -10.95 2.66 -25.20
C SER G 330 -10.17 2.01 -26.34
N THR G 331 -10.89 1.58 -27.36
CA THR G 331 -10.35 0.98 -28.57
C THR G 331 -10.91 1.73 -29.78
N PRO G 332 -10.05 2.19 -30.69
CA PRO G 332 -10.53 3.01 -31.81
C PRO G 332 -11.27 2.23 -32.88
N THR G 333 -12.23 2.91 -33.50
CA THR G 333 -12.92 2.40 -34.66
C THR G 333 -12.16 2.78 -35.93
N ALA G 334 -12.76 2.52 -37.09
CA ALA G 334 -12.09 2.78 -38.35
C ALA G 334 -12.00 4.28 -38.64
N GLN G 335 -13.10 5.02 -38.40
CA GLN G 335 -13.10 6.45 -38.65
C GLN G 335 -12.13 7.19 -37.73
N GLN G 336 -11.93 6.70 -36.52
CA GLN G 336 -10.99 7.35 -35.62
C GLN G 336 -9.55 7.12 -36.07
N LEU G 337 -9.24 5.94 -36.62
CA LEU G 337 -7.93 5.73 -37.22
C LEU G 337 -7.73 6.61 -38.45
N ASN G 338 -8.79 6.81 -39.23
CA ASN G 338 -8.72 7.75 -40.34
C ASN G 338 -8.45 9.17 -39.85
N ASP G 339 -9.05 9.55 -38.72
CA ASP G 339 -8.77 10.85 -38.13
C ASP G 339 -7.31 10.95 -37.68
N VAL G 340 -6.75 9.85 -37.18
CA VAL G 340 -5.33 9.84 -36.82
C VAL G 340 -4.45 10.08 -38.05
N ARG G 341 -4.79 9.43 -39.17
CA ARG G 341 -4.04 9.69 -40.40
C ARG G 341 -4.19 11.13 -40.85
N LYS G 342 -5.37 11.72 -40.69
CA LYS G 342 -5.54 13.14 -41.01
C LYS G 342 -4.65 14.02 -40.14
N ILE G 343 -4.55 13.70 -38.85
CA ILE G 343 -3.72 14.49 -37.94
C ILE G 343 -2.26 14.41 -38.36
N TYR G 344 -1.79 13.21 -38.70
CA TYR G 344 -0.39 13.09 -39.12
C TYR G 344 -0.13 13.81 -40.44
N LEU G 345 -1.08 13.72 -41.38
CA LEU G 345 -0.93 14.44 -42.64
C LEU G 345 -0.86 15.95 -42.41
N ALA G 346 -1.67 16.47 -41.48
CA ALA G 346 -1.57 17.89 -41.16
C ALA G 346 -0.25 18.22 -40.49
N LEU G 347 0.31 17.28 -39.72
CA LEU G 347 1.60 17.53 -39.07
C LEU G 347 2.74 17.59 -40.08
N MET G 348 2.72 16.75 -41.11
CA MET G 348 3.84 16.73 -42.06
C MET G 348 3.79 17.83 -43.10
N PHE G 349 2.74 18.65 -43.13
CA PHE G 349 2.65 19.78 -44.05
C PHE G 349 2.28 21.04 -43.26
N PRO G 350 3.27 21.65 -42.60
CA PRO G 350 2.97 22.79 -41.71
C PRO G 350 2.44 23.99 -42.48
N GLY G 351 1.37 24.59 -41.97
CA GLY G 351 0.81 25.78 -42.56
C GLY G 351 -0.11 25.54 -43.73
N GLN G 352 0.23 24.58 -44.59
CA GLN G 352 -0.57 24.29 -45.78
C GLN G 352 -1.83 23.51 -45.45
N ILE G 353 -1.81 22.68 -44.39
CA ILE G 353 -2.97 21.92 -43.95
C ILE G 353 -3.15 22.18 -42.45
N ILE G 354 -4.37 22.55 -42.05
CA ILE G 354 -4.68 22.83 -40.65
C ILE G 354 -5.91 22.03 -40.26
N LEU G 355 -6.13 21.95 -38.95
CA LEU G 355 -7.13 21.05 -38.37
C LEU G 355 -8.25 21.82 -37.70
N ASP G 356 -9.39 21.15 -37.56
CA ASP G 356 -10.56 21.67 -36.86
C ASP G 356 -11.28 20.50 -36.18
N LEU G 357 -12.13 20.84 -35.22
CA LEU G 357 -12.86 19.84 -34.46
C LEU G 357 -14.27 19.66 -34.99
N LYS G 358 -14.87 18.51 -34.69
CA LYS G 358 -16.22 18.21 -35.13
C LYS G 358 -16.91 17.34 -34.10
N ILE G 359 -18.24 17.38 -34.12
CA ILE G 359 -19.08 16.50 -33.33
C ILE G 359 -20.14 15.90 -34.25
N ASP G 360 -20.23 14.58 -34.27
CA ASP G 360 -21.15 13.89 -35.16
C ASP G 360 -22.60 14.13 -34.72
N PRO G 361 -23.55 14.05 -35.67
CA PRO G 361 -24.95 14.33 -35.32
C PRO G 361 -25.51 13.44 -34.22
N GLY G 362 -25.13 12.16 -34.19
CA GLY G 362 -25.61 11.24 -33.19
C GLY G 362 -24.77 11.12 -31.94
N GLU G 363 -23.75 11.94 -31.78
CA GLU G 363 -22.83 11.82 -30.65
C GLU G 363 -23.08 12.91 -29.61
N ARG G 364 -22.77 12.58 -28.36
CA ARG G 364 -22.84 13.49 -27.24
C ARG G 364 -21.42 13.88 -26.82
N MET G 365 -21.32 14.63 -25.73
CA MET G 365 -20.04 15.15 -25.26
C MET G 365 -19.62 14.45 -23.98
N ASP G 366 -18.44 13.83 -24.00
CA ASP G 366 -17.88 13.14 -22.85
C ASP G 366 -16.93 14.08 -22.14
N PRO G 367 -17.18 14.43 -20.86
CA PRO G 367 -16.24 15.33 -20.16
C PRO G 367 -14.83 14.80 -20.04
N ALA G 368 -14.68 13.50 -19.82
CA ALA G 368 -13.35 12.91 -19.68
C ALA G 368 -12.55 13.04 -20.97
N VAL G 369 -13.19 12.75 -22.10
CA VAL G 369 -12.54 12.88 -23.41
C VAL G 369 -12.12 14.33 -23.63
N ARG G 370 -12.99 15.27 -23.25
CA ARG G 370 -12.70 16.68 -23.43
C ARG G 370 -11.50 17.12 -22.60
N MET G 371 -11.43 16.69 -21.34
CA MET G 371 -10.29 17.05 -20.48
C MET G 371 -8.99 16.47 -21.01
N VAL G 372 -9.01 15.20 -21.43
CA VAL G 372 -7.79 14.57 -21.94
C VAL G 372 -7.34 15.23 -23.23
N ALA G 373 -8.28 15.57 -24.11
CA ALA G 373 -7.94 16.28 -25.34
C ALA G 373 -7.36 17.65 -25.05
N GLY G 374 -7.93 18.34 -24.06
CA GLY G 374 -7.39 19.65 -23.69
C GLY G 374 -5.95 19.56 -23.18
N VAL G 375 -5.62 18.50 -22.45
CA VAL G 375 -4.24 18.35 -22.01
C VAL G 375 -3.33 18.00 -23.18
N VAL G 376 -3.77 17.07 -24.04
CA VAL G 376 -2.89 16.51 -25.08
C VAL G 376 -2.64 17.49 -26.23
N GLY G 377 -3.66 18.27 -26.61
CA GLY G 377 -3.51 19.15 -27.77
C GLY G 377 -2.45 20.21 -27.60
N HIS G 378 -2.17 20.62 -26.35
CA HIS G 378 -1.12 21.60 -26.11
C HIS G 378 0.28 21.01 -26.34
N LEU G 379 0.40 19.69 -26.28
CA LEU G 379 1.68 19.03 -26.54
C LEU G 379 1.82 18.56 -27.97
N LEU G 380 0.72 18.24 -28.66
CA LEU G 380 0.86 17.75 -30.03
C LEU G 380 1.08 18.86 -31.05
N PHE G 381 0.55 20.06 -30.83
CA PHE G 381 0.38 21.01 -31.92
C PHE G 381 1.14 22.31 -31.69
N THR G 382 1.52 22.93 -32.79
CA THR G 382 2.06 24.29 -32.80
C THR G 382 0.96 25.26 -33.20
N ALA G 383 0.78 26.31 -32.41
CA ALA G 383 -0.32 27.24 -32.59
C ALA G 383 0.15 28.68 -32.51
N GLY G 384 1.21 29.00 -33.25
CA GLY G 384 1.66 30.37 -33.34
C GLY G 384 3.15 30.46 -33.54
N GLY G 385 3.63 31.70 -33.62
CA GLY G 385 5.03 31.95 -33.87
C GLY G 385 5.32 32.14 -35.34
N ARG G 386 5.78 31.05 -35.99
CA ARG G 386 6.13 31.07 -37.39
C ARG G 386 5.14 30.34 -38.28
N PHE G 387 4.35 29.41 -37.73
CA PHE G 387 3.30 28.72 -38.47
C PHE G 387 2.32 28.17 -37.45
N THR G 388 1.24 27.56 -37.95
CA THR G 388 0.25 26.93 -37.08
C THR G 388 -0.20 25.62 -37.71
N ASN G 389 -0.71 24.73 -36.85
CA ASN G 389 -1.27 23.45 -37.28
C ASN G 389 -2.78 23.42 -37.22
N LEU G 390 -3.43 24.48 -36.75
CA LEU G 390 -4.85 24.43 -36.42
C LEU G 390 -5.43 25.83 -36.38
N THR G 391 -6.77 25.89 -36.46
CA THR G 391 -7.50 27.15 -36.53
C THR G 391 -7.63 27.78 -35.14
N GLN G 392 -8.07 29.04 -35.13
CA GLN G 392 -8.20 29.76 -33.87
C GLN G 392 -9.31 29.18 -33.00
N ASN G 393 -10.39 28.73 -33.63
CA ASN G 393 -11.51 28.15 -32.89
C ASN G 393 -11.09 26.89 -32.15
N MET G 394 -10.30 26.03 -32.81
CA MET G 394 -9.83 24.80 -32.18
C MET G 394 -8.92 25.11 -30.98
N ALA G 395 -8.05 26.11 -31.13
CA ALA G 395 -7.18 26.50 -30.02
C ALA G 395 -8.00 27.03 -28.85
N ARG G 396 -9.03 27.83 -29.12
CA ARG G 396 -9.89 28.33 -28.04
C ARG G 396 -10.61 27.18 -27.32
N GLN G 397 -11.12 26.21 -28.08
CA GLN G 397 -11.80 25.08 -27.46
C GLN G 397 -10.85 24.24 -26.61
N LEU G 398 -9.61 24.05 -27.09
CA LEU G 398 -8.62 23.32 -26.30
C LEU G 398 -8.25 24.09 -25.02
N ASP G 399 -8.19 25.42 -25.11
CA ASP G 399 -7.92 26.22 -23.92
C ASP G 399 -9.02 26.07 -22.88
N ILE G 400 -10.29 26.09 -23.32
CA ILE G 400 -11.40 25.92 -22.40
C ILE G 400 -11.36 24.51 -21.78
N ALA G 401 -11.04 23.50 -22.58
CA ALA G 401 -10.96 22.14 -22.06
C ALA G 401 -9.85 22.00 -21.01
N LEU G 402 -8.70 22.63 -21.26
CA LEU G 402 -7.62 22.61 -20.27
C LEU G 402 -8.04 23.30 -18.99
N ASN G 403 -8.71 24.44 -19.11
CA ASN G 403 -9.20 25.16 -17.93
C ASN G 403 -10.15 24.30 -17.12
N ASP G 404 -11.04 23.56 -17.81
CA ASP G 404 -11.97 22.69 -17.09
C ASP G 404 -11.24 21.52 -16.45
N TYR G 405 -10.17 21.03 -17.06
CA TYR G 405 -9.44 19.92 -16.44
C TYR G 405 -8.68 20.36 -15.20
N LEU G 406 -8.09 21.56 -15.21
CA LEU G 406 -7.25 21.96 -14.09
C LEU G 406 -8.08 22.14 -12.81
N LEU G 407 -9.31 22.59 -12.93
CA LEU G 407 -10.19 22.82 -11.78
C LEU G 407 -11.07 21.62 -11.46
N TYR G 408 -10.65 20.41 -11.84
CA TYR G 408 -11.54 19.25 -11.76
C TYR G 408 -11.77 18.82 -10.31
N MET G 409 -10.70 18.42 -9.62
CA MET G 409 -10.85 17.97 -8.23
C MET G 409 -10.13 18.93 -7.29
N TYR G 410 -10.31 20.23 -7.52
CA TYR G 410 -9.66 21.25 -6.72
C TYR G 410 -10.13 21.18 -5.26
N ASN G 411 -9.19 21.30 -4.33
CA ASN G 411 -9.49 21.27 -2.92
C ASN G 411 -8.72 22.38 -2.22
N THR G 412 -8.97 22.55 -0.92
CA THR G 412 -8.49 23.72 -0.20
C THR G 412 -6.97 23.76 -0.10
N ARG G 413 -6.32 22.59 -0.04
CA ARG G 413 -4.86 22.57 0.05
C ARG G 413 -4.22 23.21 -1.17
N VAL G 414 -4.75 22.93 -2.35
CA VAL G 414 -4.38 23.71 -3.53
C VAL G 414 -4.98 25.10 -3.41
N GLN G 415 -4.18 26.11 -3.70
CA GLN G 415 -4.63 27.50 -3.61
C GLN G 415 -4.87 28.04 -5.01
N VAL G 416 -6.06 28.62 -5.22
CA VAL G 416 -6.45 29.19 -6.51
C VAL G 416 -6.80 30.65 -6.29
N ASN G 417 -6.18 31.53 -7.07
CA ASN G 417 -6.44 32.98 -7.02
C ASN G 417 -6.88 33.45 -8.39
N TYR G 418 -8.19 33.65 -8.56
CA TYR G 418 -8.74 34.06 -9.84
C TYR G 418 -8.32 35.50 -10.17
N GLY G 419 -8.07 35.74 -11.44
CA GLY G 419 -7.66 37.05 -11.90
C GLY G 419 -8.84 37.97 -12.14
N PRO G 420 -8.59 39.14 -12.72
CA PRO G 420 -9.66 40.11 -12.95
C PRO G 420 -10.67 39.65 -14.00
N THR G 421 -10.19 39.24 -15.16
CA THR G 421 -11.07 38.87 -16.26
C THR G 421 -11.71 37.51 -16.01
N GLY G 422 -12.73 37.21 -16.81
CA GLY G 422 -13.42 35.93 -16.73
C GLY G 422 -12.95 34.94 -17.78
N GLU G 423 -11.78 35.19 -18.36
CA GLU G 423 -11.23 34.31 -19.37
C GLU G 423 -10.82 32.98 -18.76
N PRO G 424 -10.76 31.92 -19.56
CA PRO G 424 -10.22 30.65 -19.06
C PRO G 424 -8.73 30.78 -18.74
N LEU G 425 -8.29 29.97 -17.79
CA LEU G 425 -6.88 29.88 -17.39
C LEU G 425 -6.35 31.18 -16.81
N ASP G 426 -7.24 32.02 -16.27
CA ASP G 426 -6.85 33.30 -15.68
C ASP G 426 -6.83 33.16 -14.16
N PHE G 427 -5.78 32.49 -13.65
CA PHE G 427 -5.61 32.31 -12.22
C PHE G 427 -4.20 31.81 -11.95
N GLN G 428 -3.77 31.98 -10.70
CA GLN G 428 -2.57 31.33 -10.18
C GLN G 428 -2.99 30.11 -9.36
N ILE G 429 -2.10 29.12 -9.31
CA ILE G 429 -2.40 27.86 -8.65
C ILE G 429 -1.20 27.37 -7.87
N GLY G 430 -1.46 26.65 -6.77
CA GLY G 430 -0.43 26.01 -6.00
C GLY G 430 0.14 26.90 -4.91
N ARG G 431 0.95 26.28 -4.04
CA ARG G 431 1.63 27.02 -2.99
C ARG G 431 2.68 27.96 -3.58
N ASN G 432 3.28 27.58 -4.70
CA ASN G 432 4.29 28.41 -5.36
C ASN G 432 3.68 29.43 -6.31
N GLN G 433 2.36 29.38 -6.52
CA GLN G 433 1.61 30.35 -7.32
C GLN G 433 2.13 30.41 -8.77
N TYR G 434 1.96 29.28 -9.45
CA TYR G 434 2.26 29.22 -10.88
C TYR G 434 1.18 29.93 -11.67
N ASP G 435 1.59 30.80 -12.59
CA ASP G 435 0.66 31.59 -13.39
C ASP G 435 0.23 30.78 -14.62
N CYS G 436 -1.07 30.53 -14.73
CA CYS G 436 -1.60 29.72 -15.81
C CYS G 436 -2.07 30.55 -17.00
N ASN G 437 -1.82 31.87 -17.00
CA ASN G 437 -2.24 32.71 -18.11
C ASN G 437 -1.39 32.48 -19.36
N VAL G 438 -0.20 31.90 -19.21
CA VAL G 438 0.70 31.70 -20.34
C VAL G 438 0.25 30.57 -21.26
N PHE G 439 -0.78 29.82 -20.89
CA PHE G 439 -1.24 28.69 -21.69
C PHE G 439 -2.44 29.02 -22.58
N ARG G 440 -2.94 30.26 -22.52
CA ARG G 440 -3.97 30.68 -23.45
C ARG G 440 -3.34 31.03 -24.79
N ALA G 441 -3.98 30.62 -25.88
CA ALA G 441 -3.37 30.74 -27.19
C ALA G 441 -3.28 32.20 -27.63
N ASP G 442 -2.14 32.54 -28.24
CA ASP G 442 -1.98 33.82 -28.94
C ASP G 442 -1.09 33.53 -30.13
N PHE G 443 -1.65 33.65 -31.34
CA PHE G 443 -0.95 33.17 -32.53
C PHE G 443 0.25 34.03 -32.90
N ALA G 444 0.34 35.25 -32.39
CA ALA G 444 1.48 36.11 -32.74
C ALA G 444 2.77 35.63 -32.09
N THR G 445 2.69 35.15 -30.85
CA THR G 445 3.87 34.69 -30.13
C THR G 445 3.95 33.17 -29.99
N GLY G 446 2.81 32.47 -30.02
CA GLY G 446 2.83 31.03 -29.91
C GLY G 446 3.00 30.50 -28.51
N THR G 447 2.65 31.28 -27.49
CA THR G 447 2.78 30.83 -26.12
C THR G 447 1.78 29.72 -25.81
N GLY G 448 2.17 28.81 -24.93
CA GLY G 448 1.30 27.72 -24.52
C GLY G 448 1.25 26.52 -25.43
N TYR G 449 2.05 26.50 -26.50
CA TYR G 449 2.04 25.39 -27.44
C TYR G 449 3.49 25.03 -27.79
N ASN G 450 3.65 24.19 -28.81
CA ASN G 450 4.97 23.63 -29.14
C ASN G 450 5.94 24.68 -29.65
N GLY G 451 5.46 25.80 -30.19
CA GLY G 451 6.32 26.86 -30.66
C GLY G 451 6.76 27.85 -29.60
N TRP G 452 6.47 27.56 -28.34
CA TRP G 452 6.75 28.48 -27.24
C TRP G 452 8.25 28.55 -26.98
N ALA G 453 8.85 29.70 -27.30
CA ALA G 453 10.25 30.00 -27.01
C ALA G 453 11.20 28.95 -27.58
N THR G 454 10.95 28.56 -28.83
CA THR G 454 11.78 27.59 -29.52
C THR G 454 12.00 28.04 -30.96
N ILE G 455 13.07 27.54 -31.56
CA ILE G 455 13.43 27.88 -32.93
C ILE G 455 12.99 26.73 -33.83
N ASP G 456 12.03 26.99 -34.70
CA ASP G 456 11.46 25.97 -35.57
C ASP G 456 11.97 26.03 -36.99
N VAL G 457 12.24 27.22 -37.53
CA VAL G 457 12.65 27.40 -38.91
C VAL G 457 14.10 27.88 -38.90
N GLU G 458 14.94 27.19 -39.67
CA GLU G 458 16.37 27.47 -39.68
C GLU G 458 16.86 27.48 -41.11
N TYR G 459 17.90 28.28 -41.37
CA TYR G 459 18.51 28.41 -42.68
C TYR G 459 20.00 28.14 -42.56
N ARG G 460 20.48 27.07 -43.22
CA ARG G 460 21.84 26.61 -43.04
C ARG G 460 22.67 26.73 -44.31
N GLU G 461 22.24 26.15 -45.42
CA GLU G 461 23.05 26.04 -46.62
C GLU G 461 22.13 26.19 -47.83
N PRO G 462 22.67 26.63 -48.96
CA PRO G 462 21.91 26.50 -50.21
C PRO G 462 21.50 25.06 -50.49
N ALA G 463 20.21 24.87 -50.74
CA ALA G 463 19.51 23.62 -50.94
C ALA G 463 19.57 23.19 -52.41
N PRO G 464 19.29 21.91 -52.70
CA PRO G 464 19.17 21.50 -54.11
C PRO G 464 18.10 22.26 -54.87
N TYR G 465 17.01 22.66 -54.22
CA TYR G 465 16.00 23.52 -54.82
C TYR G 465 16.12 24.90 -54.18
N VAL G 466 16.36 25.92 -55.01
CA VAL G 466 16.74 27.23 -54.49
C VAL G 466 15.57 27.98 -53.87
N HIS G 467 14.33 27.60 -54.17
CA HIS G 467 13.18 28.34 -53.67
C HIS G 467 12.73 27.91 -52.28
N ALA G 468 13.24 26.80 -51.76
CA ALA G 468 12.85 26.27 -50.45
C ALA G 468 14.12 26.01 -49.64
N GLN G 469 14.57 27.02 -48.92
CA GLN G 469 15.82 26.97 -48.18
C GLN G 469 15.65 26.70 -46.69
N ARG G 470 14.43 26.46 -46.22
CA ARG G 470 14.18 26.36 -44.79
C ARG G 470 14.38 24.93 -44.29
N TYR G 471 14.60 24.83 -42.98
CA TYR G 471 14.60 23.57 -42.26
C TYR G 471 13.57 23.65 -41.14
N ILE G 472 12.81 22.58 -40.94
CA ILE G 472 11.79 22.51 -39.90
C ILE G 472 12.37 21.77 -38.71
N ARG G 473 12.23 22.36 -37.51
CA ARG G 473 12.76 21.77 -36.28
C ARG G 473 11.64 21.71 -35.24
N TYR G 474 10.85 20.64 -35.28
CA TYR G 474 9.89 20.37 -34.23
C TYR G 474 10.63 20.00 -32.95
N CYS G 475 10.23 20.65 -31.84
CA CYS G 475 10.79 20.41 -30.51
C CYS G 475 12.30 20.64 -30.45
N GLY G 476 12.85 21.42 -31.38
CA GLY G 476 14.27 21.70 -31.39
C GLY G 476 15.15 20.53 -31.78
N ILE G 477 14.63 19.58 -32.54
CA ILE G 477 15.37 18.37 -32.90
C ILE G 477 16.06 18.57 -34.24
N ASP G 478 17.34 18.21 -34.30
CA ASP G 478 18.11 18.22 -35.53
C ASP G 478 17.92 16.90 -36.28
N SER G 479 17.74 16.98 -37.59
CA SER G 479 17.44 15.82 -38.41
C SER G 479 18.65 15.29 -39.17
N ARG G 480 19.86 15.74 -38.83
CA ARG G 480 21.04 15.30 -39.56
C ARG G 480 21.46 13.89 -39.17
N GLU G 481 21.11 13.44 -37.97
CA GLU G 481 21.54 12.14 -37.49
C GLU G 481 20.50 11.08 -37.80
N LEU G 482 20.95 9.82 -37.84
CA LEU G 482 20.06 8.68 -37.82
C LEU G 482 19.88 8.23 -36.38
N ILE G 483 18.64 7.94 -36.00
CA ILE G 483 18.28 7.66 -34.62
C ILE G 483 18.07 6.16 -34.44
N ASN G 484 18.36 5.67 -33.23
CA ASN G 484 18.03 4.31 -32.84
C ASN G 484 16.77 4.37 -31.99
N PRO G 485 15.63 3.83 -32.45
CA PRO G 485 14.37 4.05 -31.74
C PRO G 485 14.33 3.46 -30.34
N THR G 486 15.20 2.50 -30.03
CA THR G 486 15.14 1.85 -28.73
C THR G 486 15.60 2.78 -27.61
N THR G 487 16.70 3.49 -27.81
CA THR G 487 17.33 4.26 -26.75
C THR G 487 17.32 5.77 -26.99
N TYR G 488 16.72 6.24 -28.08
CA TYR G 488 16.71 7.66 -28.38
C TYR G 488 15.71 8.41 -27.51
N GLY G 489 16.10 9.61 -27.08
CA GLY G 489 15.21 10.46 -26.32
C GLY G 489 15.25 10.28 -24.82
N ILE G 490 16.28 9.62 -24.28
CA ILE G 490 16.31 9.29 -22.86
C ILE G 490 16.48 10.54 -22.00
N GLY G 491 17.31 11.49 -22.42
CA GLY G 491 17.56 12.66 -21.61
C GLY G 491 17.35 14.00 -22.30
N MET G 492 16.36 14.09 -23.16
CA MET G 492 16.06 15.31 -23.89
C MET G 492 14.72 15.89 -23.45
N THR G 493 14.58 17.20 -23.63
CA THR G 493 13.37 17.91 -23.25
C THR G 493 13.32 19.23 -24.02
N TYR G 494 12.15 19.85 -24.01
CA TYR G 494 11.97 21.17 -24.59
C TYR G 494 11.05 21.99 -23.68
N HIS G 495 10.89 23.27 -24.04
CA HIS G 495 10.37 24.26 -23.10
C HIS G 495 8.91 24.00 -22.72
N CYS G 496 8.05 23.77 -23.72
CA CYS G 496 6.62 23.64 -23.46
C CYS G 496 6.33 22.40 -22.62
N TYR G 497 7.01 21.29 -22.90
CA TYR G 497 6.79 20.06 -22.15
C TYR G 497 7.16 20.24 -20.68
N ASN G 498 8.30 20.90 -20.43
CA ASN G 498 8.76 21.12 -19.06
C ASN G 498 7.83 22.07 -18.31
N GLU G 499 7.36 23.13 -18.97
CA GLU G 499 6.43 24.04 -18.33
C GLU G 499 5.10 23.34 -18.03
N MET G 500 4.65 22.47 -18.94
CA MET G 500 3.42 21.72 -18.69
C MET G 500 3.58 20.78 -17.50
N LEU G 501 4.74 20.13 -17.38
CA LEU G 501 4.99 19.26 -16.24
C LEU G 501 4.98 20.04 -14.93
N ARG G 502 5.60 21.23 -14.93
CA ARG G 502 5.59 22.08 -13.74
C ARG G 502 4.17 22.48 -13.36
N MET G 503 3.36 22.86 -14.35
CA MET G 503 1.99 23.26 -14.06
C MET G 503 1.16 22.09 -13.54
N LEU G 504 1.37 20.89 -14.10
CA LEU G 504 0.64 19.72 -13.63
C LEU G 504 1.02 19.39 -12.18
N VAL G 505 2.30 19.49 -11.85
CA VAL G 505 2.73 19.23 -10.47
C VAL G 505 2.14 20.28 -9.52
N ALA G 506 2.16 21.55 -9.93
CA ALA G 506 1.67 22.62 -9.06
C ALA G 506 0.17 22.50 -8.80
N ALA G 507 -0.58 21.85 -9.69
CA ALA G 507 -2.01 21.70 -9.55
C ALA G 507 -2.41 20.42 -8.82
N GLY G 508 -1.44 19.62 -8.36
CA GLY G 508 -1.75 18.40 -7.65
C GLY G 508 -2.06 17.21 -8.51
N LYS G 509 -1.68 17.23 -9.80
CA LYS G 509 -1.92 16.11 -10.70
C LYS G 509 -0.62 15.31 -10.83
N ASP G 510 -0.41 14.41 -9.86
CA ASP G 510 0.88 13.72 -9.76
C ASP G 510 0.97 12.55 -10.74
N SER G 511 -0.09 11.73 -10.83
CA SER G 511 -0.05 10.56 -11.70
C SER G 511 0.04 10.96 -13.17
N GLU G 512 -0.67 12.01 -13.57
CA GLU G 512 -0.61 12.48 -14.96
C GLU G 512 0.77 13.05 -15.27
N ALA G 513 1.35 13.81 -14.34
CA ALA G 513 2.70 14.31 -14.54
C ALA G 513 3.69 13.17 -14.69
N ALA G 514 3.55 12.12 -13.88
CA ALA G 514 4.42 10.96 -13.99
C ALA G 514 4.23 10.27 -15.34
N TYR G 515 2.99 10.17 -15.81
CA TYR G 515 2.72 9.52 -17.08
C TYR G 515 3.36 10.28 -18.24
N PHE G 516 3.22 11.60 -18.26
CA PHE G 516 3.81 12.38 -19.35
C PHE G 516 5.34 12.37 -19.26
N ARG G 517 5.88 12.41 -18.04
CA ARG G 517 7.33 12.35 -17.86
C ARG G 517 7.89 11.02 -18.35
N SER G 518 7.16 9.93 -18.14
CA SER G 518 7.61 8.64 -18.67
C SER G 518 7.37 8.51 -20.17
N MET G 519 6.37 9.19 -20.72
CA MET G 519 6.07 9.10 -22.14
C MET G 519 6.90 10.03 -23.00
N LEU G 520 7.66 10.96 -22.40
CA LEU G 520 8.44 11.93 -23.17
C LEU G 520 9.38 11.34 -24.23
N PRO G 521 10.17 10.28 -23.98
CA PRO G 521 11.02 9.75 -25.06
C PRO G 521 10.27 9.25 -26.28
N PHE G 522 9.09 8.66 -26.07
CA PHE G 522 8.22 8.25 -27.18
C PHE G 522 7.83 9.46 -28.02
N HIS G 523 7.47 10.56 -27.35
CA HIS G 523 7.13 11.81 -28.01
C HIS G 523 8.29 12.35 -28.85
N MET G 524 9.49 12.31 -28.27
CA MET G 524 10.67 12.81 -28.98
C MET G 524 10.96 11.98 -30.21
N VAL G 525 10.83 10.65 -30.12
CA VAL G 525 11.06 9.80 -31.27
C VAL G 525 10.05 10.09 -32.38
N ARG G 526 8.77 10.27 -32.00
CA ARG G 526 7.74 10.62 -32.98
C ARG G 526 8.11 11.89 -33.73
N PHE G 527 8.49 12.93 -33.01
CA PHE G 527 8.78 14.18 -33.70
C PHE G 527 10.09 14.14 -34.47
N ALA G 528 11.05 13.31 -34.06
CA ALA G 528 12.26 13.12 -34.87
C ALA G 528 11.92 12.48 -36.21
N ARG G 529 11.05 11.46 -36.19
CA ARG G 529 10.60 10.85 -37.45
C ARG G 529 9.89 11.87 -38.34
N ILE G 530 9.03 12.70 -37.74
CA ILE G 530 8.31 13.71 -38.52
C ILE G 530 9.28 14.71 -39.15
N ASN G 531 10.26 15.16 -38.38
CA ASN G 531 11.24 16.11 -38.91
C ASN G 531 12.04 15.52 -40.06
N GLN G 532 12.45 14.26 -39.93
CA GLN G 532 13.20 13.63 -41.02
C GLN G 532 12.35 13.48 -42.27
N ILE G 533 11.07 13.11 -42.10
CA ILE G 533 10.19 12.98 -43.26
C ILE G 533 10.02 14.33 -43.96
N ILE G 534 9.85 15.41 -43.18
CA ILE G 534 9.65 16.72 -43.78
C ILE G 534 10.91 17.18 -44.51
N ASN G 535 12.07 17.04 -43.86
CA ASN G 535 13.29 17.65 -44.39
C ASN G 535 14.00 16.80 -45.44
N GLU G 536 13.69 15.51 -45.55
CA GLU G 536 14.39 14.67 -46.51
C GLU G 536 13.50 14.15 -47.62
N ASP G 537 12.36 13.54 -47.27
CA ASP G 537 11.52 12.94 -48.30
C ASP G 537 10.71 13.97 -49.08
N LEU G 538 10.26 15.04 -48.44
CA LEU G 538 9.32 15.96 -49.05
C LEU G 538 9.98 17.13 -49.76
N HIS G 539 11.31 17.22 -49.75
CA HIS G 539 11.99 18.30 -50.46
C HIS G 539 11.85 18.09 -51.96
N SER G 540 11.15 19.01 -52.62
CA SER G 540 10.78 18.85 -54.02
C SER G 540 10.62 20.23 -54.65
N VAL G 541 10.45 20.24 -55.97
CA VAL G 541 10.15 21.50 -56.65
C VAL G 541 8.70 21.90 -56.40
N PHE G 542 7.88 20.96 -55.94
CA PHE G 542 6.48 21.22 -55.62
C PHE G 542 6.30 21.77 -54.21
N SER G 543 7.39 21.89 -53.43
CA SER G 543 7.30 22.46 -52.10
C SER G 543 7.06 23.95 -52.17
N LEU G 544 6.39 24.48 -51.13
CA LEU G 544 5.99 25.88 -51.13
C LEU G 544 7.21 26.79 -51.02
N PRO G 545 7.27 27.87 -51.80
CA PRO G 545 8.40 28.80 -51.70
C PRO G 545 8.43 29.49 -50.34
N ASP G 546 9.63 29.90 -49.95
CA ASP G 546 9.82 30.55 -48.64
C ASP G 546 9.02 31.84 -48.53
N ASP G 547 8.96 32.60 -49.64
CA ASP G 547 8.23 33.86 -49.65
C ASP G 547 6.75 33.64 -49.33
N MET G 548 6.14 32.61 -49.94
CA MET G 548 4.75 32.30 -49.63
C MET G 548 4.60 31.69 -48.25
N PHE G 549 5.60 30.90 -47.82
CA PHE G 549 5.50 30.20 -46.54
C PHE G 549 5.54 31.18 -45.37
N ASN G 550 6.33 32.24 -45.48
CA ASN G 550 6.41 33.21 -44.38
C ASN G 550 5.14 34.03 -44.21
N ALA G 551 4.22 34.00 -45.18
CA ALA G 551 3.02 34.83 -45.13
C ALA G 551 1.75 34.05 -44.80
N LEU G 552 1.85 32.74 -44.56
CA LEU G 552 0.65 31.95 -44.31
C LEU G 552 -0.03 32.35 -43.00
N LEU G 553 0.75 32.58 -41.95
CA LEU G 553 0.19 32.88 -40.63
C LEU G 553 -0.26 34.33 -40.48
N PRO G 554 0.51 35.33 -40.92
CA PRO G 554 -0.04 36.71 -40.87
C PRO G 554 -1.33 36.88 -41.67
N ASP G 555 -1.46 36.20 -42.80
CA ASP G 555 -2.69 36.29 -43.58
C ASP G 555 -3.86 35.68 -42.81
N LEU G 556 -3.62 34.55 -42.16
CA LEU G 556 -4.68 33.91 -41.37
C LEU G 556 -5.09 34.78 -40.19
N ILE G 557 -4.13 35.42 -39.54
CA ILE G 557 -4.44 36.31 -38.42
C ILE G 557 -5.23 37.52 -38.92
N ALA G 558 -4.78 38.14 -40.01
CA ALA G 558 -5.41 39.36 -40.49
C ALA G 558 -6.74 39.08 -41.19
N GLY G 559 -6.90 37.92 -41.81
CA GLY G 559 -8.09 37.63 -42.57
C GLY G 559 -8.01 38.00 -44.03
N ALA G 560 -6.80 38.04 -44.61
CA ALA G 560 -6.62 38.38 -46.01
C ALA G 560 -6.81 37.15 -46.89
N HIS G 561 -7.33 37.38 -48.10
CA HIS G 561 -7.67 36.30 -49.01
C HIS G 561 -7.15 36.56 -50.41
N GLN G 562 -5.96 37.14 -50.53
CA GLN G 562 -5.36 37.33 -51.84
C GLN G 562 -4.53 36.12 -52.28
N ASN G 563 -4.17 35.23 -51.37
CA ASN G 563 -3.50 33.98 -51.70
C ASN G 563 -4.40 32.80 -51.40
N ALA G 564 -3.90 31.61 -51.72
CA ALA G 564 -4.68 30.39 -51.52
C ALA G 564 -4.82 30.08 -50.03
N ASP G 565 -6.02 29.66 -49.64
CA ASP G 565 -6.29 29.32 -48.26
C ASP G 565 -5.80 27.91 -47.95
N PRO G 566 -5.43 27.65 -46.70
CA PRO G 566 -5.03 26.29 -46.31
C PRO G 566 -6.21 25.32 -46.35
N VAL G 567 -5.88 24.05 -46.54
CA VAL G 567 -6.86 22.98 -46.50
C VAL G 567 -7.21 22.68 -45.05
N VAL G 568 -8.51 22.56 -44.76
CA VAL G 568 -9.00 22.34 -43.42
C VAL G 568 -9.56 20.93 -43.33
N LEU G 569 -9.13 20.18 -42.31
CA LEU G 569 -9.59 18.82 -42.06
C LEU G 569 -10.21 18.73 -40.68
N ASP G 570 -11.31 18.00 -40.57
CA ASP G 570 -12.07 17.88 -39.33
C ASP G 570 -11.83 16.54 -38.68
N VAL G 571 -11.50 16.56 -37.39
CA VAL G 571 -11.24 15.36 -36.61
C VAL G 571 -12.10 15.39 -35.35
N SER G 572 -12.17 14.26 -34.67
CA SER G 572 -12.94 14.12 -33.43
C SER G 572 -12.06 14.39 -32.21
N TRP G 573 -12.70 14.42 -31.05
CA TRP G 573 -11.98 14.72 -29.81
C TRP G 573 -11.10 13.58 -29.35
N ILE G 574 -11.60 12.34 -29.41
CA ILE G 574 -10.87 11.20 -28.89
C ILE G 574 -9.73 10.78 -29.81
N SER G 575 -9.80 11.17 -31.09
CA SER G 575 -8.70 10.90 -32.00
C SER G 575 -7.42 11.59 -31.57
N LEU G 576 -7.54 12.68 -30.81
CA LEU G 576 -6.34 13.34 -30.27
C LEU G 576 -5.60 12.42 -29.31
N TRP G 577 -6.33 11.81 -28.37
CA TRP G 577 -5.72 10.85 -27.46
C TRP G 577 -5.15 9.64 -28.20
N PHE G 578 -5.91 9.13 -29.18
CA PHE G 578 -5.44 7.98 -29.95
C PHE G 578 -4.16 8.31 -30.70
N ALA G 579 -4.08 9.50 -31.30
CA ALA G 579 -2.88 9.90 -32.02
C ALA G 579 -1.71 10.11 -31.08
N PHE G 580 -1.97 10.68 -29.89
CA PHE G 580 -0.89 10.84 -28.91
C PHE G 580 -0.35 9.49 -28.47
N ASN G 581 -1.16 8.45 -28.46
CA ASN G 581 -0.70 7.13 -28.07
C ASN G 581 -0.20 6.28 -29.24
N ARG G 582 0.02 6.89 -30.41
CA ARG G 582 0.54 6.18 -31.56
C ARG G 582 1.64 7.01 -32.21
N SER G 583 2.53 6.33 -32.93
CA SER G 583 3.66 6.98 -33.58
C SER G 583 3.84 6.38 -34.97
N PHE G 584 4.04 7.25 -35.97
CA PHE G 584 4.17 6.82 -37.35
C PHE G 584 5.61 6.42 -37.63
N GLU G 585 5.80 5.17 -38.08
CA GLU G 585 7.13 4.65 -38.42
C GLU G 585 7.15 4.26 -39.89
N PRO G 586 7.77 5.07 -40.76
CA PRO G 586 7.84 4.72 -42.18
C PRO G 586 8.64 3.44 -42.41
N THR G 587 8.12 2.60 -43.30
CA THR G 587 8.76 1.34 -43.65
C THR G 587 9.17 1.27 -45.12
N HIS G 588 8.30 1.70 -46.03
CA HIS G 588 8.60 1.73 -47.46
C HIS G 588 8.58 3.17 -47.94
N ARG G 589 9.69 3.61 -48.51
CA ARG G 589 9.75 4.93 -49.12
C ARG G 589 9.00 4.92 -50.46
N ASN G 590 8.62 6.11 -50.91
CA ASN G 590 7.85 6.24 -52.14
C ASN G 590 8.64 5.71 -53.33
N GLU G 591 7.94 5.01 -54.23
CA GLU G 591 8.58 4.42 -55.40
C GLU G 591 8.83 5.42 -56.51
N MET G 592 8.36 6.65 -56.39
CA MET G 592 8.62 7.70 -57.36
C MET G 592 9.71 8.66 -56.89
N LEU G 593 10.46 8.28 -55.85
CA LEU G 593 11.39 9.22 -55.23
C LEU G 593 12.59 9.53 -56.13
N GLU G 594 13.18 8.50 -56.72
CA GLU G 594 14.35 8.72 -57.57
C GLU G 594 13.99 9.10 -59.00
N VAL G 595 12.71 9.00 -59.37
CA VAL G 595 12.27 9.33 -60.72
C VAL G 595 11.71 10.75 -60.81
N ALA G 596 11.47 11.41 -59.67
CA ALA G 596 10.79 12.70 -59.66
C ALA G 596 11.49 13.81 -60.43
N PRO G 597 12.82 14.02 -60.30
CA PRO G 597 13.43 15.15 -61.04
C PRO G 597 13.23 15.10 -62.54
N LEU G 598 13.27 13.90 -63.14
CA LEU G 598 13.02 13.78 -64.57
C LEU G 598 11.59 14.17 -64.92
N ILE G 599 10.63 13.76 -64.09
CA ILE G 599 9.23 14.09 -64.29
C ILE G 599 9.03 15.61 -64.23
N GLU G 600 9.64 16.25 -63.23
CA GLU G 600 9.53 17.70 -63.09
C GLU G 600 10.15 18.41 -64.28
N SER G 601 11.28 17.91 -64.77
CA SER G 601 11.92 18.50 -65.96
C SER G 601 11.00 18.41 -67.18
N VAL G 602 10.37 17.25 -67.37
CA VAL G 602 9.44 17.08 -68.49
C VAL G 602 8.28 18.06 -68.39
N TYR G 603 7.72 18.17 -67.18
CA TYR G 603 6.56 19.05 -66.97
C TYR G 603 6.92 20.51 -67.27
N ALA G 604 8.06 20.97 -66.76
CA ALA G 604 8.47 22.34 -67.00
C ALA G 604 8.77 22.60 -68.47
N SER G 605 9.39 21.63 -69.15
CA SER G 605 9.68 21.82 -70.58
C SER G 605 8.41 21.94 -71.40
N GLU G 606 7.40 21.12 -71.11
CA GLU G 606 6.14 21.22 -71.86
C GLU G 606 5.44 22.55 -71.58
N LEU G 607 5.47 23.01 -70.32
CA LEU G 607 4.87 24.31 -70.02
C LEU G 607 5.55 25.43 -70.79
N SER G 608 6.88 25.38 -70.88
CA SER G 608 7.62 26.41 -71.60
C SER G 608 7.31 26.37 -73.10
N VAL G 609 7.12 25.17 -73.66
CA VAL G 609 6.74 25.06 -75.06
C VAL G 609 5.38 25.69 -75.31
N MET G 610 4.43 25.46 -74.40
CA MET G 610 3.11 26.09 -74.51
C MET G 610 3.22 27.61 -74.49
N LYS G 611 4.01 28.15 -73.56
CA LYS G 611 4.18 29.60 -73.49
C LYS G 611 4.79 30.16 -74.77
N VAL G 612 5.80 29.47 -75.32
CA VAL G 612 6.47 29.96 -76.52
C VAL G 612 5.50 29.99 -77.70
N ASP G 613 4.67 28.95 -77.85
CA ASP G 613 3.68 28.97 -78.92
C ASP G 613 2.68 30.12 -78.74
N MET G 614 2.21 30.33 -77.51
CA MET G 614 1.19 31.34 -77.26
C MET G 614 1.72 32.74 -77.54
N ARG G 615 2.98 33.00 -77.20
CA ARG G 615 3.57 34.31 -77.41
C ARG G 615 3.52 34.73 -78.87
N HIS G 616 3.86 33.81 -79.78
CA HIS G 616 3.83 34.14 -81.20
C HIS G 616 2.43 34.13 -81.77
N LEU G 617 1.54 33.28 -81.26
CA LEU G 617 0.17 33.28 -81.78
C LEU G 617 -0.61 34.52 -81.36
N SER G 618 -0.16 35.23 -80.32
CA SER G 618 -0.93 36.39 -79.87
C SER G 618 -0.82 37.62 -80.80
N LEU G 619 -0.01 37.59 -81.85
CA LEU G 619 0.17 38.74 -82.72
C LEU G 619 -0.46 38.58 -84.11
N MET G 620 -1.10 37.44 -84.37
CA MET G 620 -1.60 37.15 -85.70
C MET G 620 -2.76 38.07 -86.09
N GLN G 621 -3.61 38.44 -85.12
CA GLN G 621 -4.74 39.30 -85.45
C GLN G 621 -4.29 40.68 -85.90
N ARG G 622 -3.30 41.25 -85.22
CA ARG G 622 -2.75 42.53 -85.66
C ARG G 622 -2.00 42.39 -86.97
N ARG G 623 -1.33 41.26 -87.18
CA ARG G 623 -0.62 41.07 -88.44
C ARG G 623 -1.58 40.92 -89.61
N PHE G 624 -2.69 40.21 -89.42
CA PHE G 624 -3.61 39.85 -90.51
C PHE G 624 -5.04 40.19 -90.13
N PRO G 625 -5.43 41.46 -90.24
CA PRO G 625 -6.79 41.86 -89.83
C PRO G 625 -7.90 41.28 -90.70
N ASP G 626 -7.64 41.05 -91.99
CA ASP G 626 -8.69 40.58 -92.88
C ASP G 626 -9.11 39.15 -92.56
N VAL G 627 -8.14 38.27 -92.29
CA VAL G 627 -8.45 36.87 -92.02
C VAL G 627 -9.12 36.73 -90.66
N LEU G 628 -8.58 37.41 -89.64
CA LEU G 628 -8.95 37.17 -88.25
C LEU G 628 -9.87 38.25 -87.69
N ILE G 629 -10.82 38.73 -88.50
CA ILE G 629 -11.73 39.78 -88.04
C ILE G 629 -12.72 39.24 -87.01
N GLN G 630 -12.95 37.93 -86.99
CA GLN G 630 -13.86 37.30 -86.05
C GLN G 630 -13.14 36.60 -84.90
N ALA G 631 -11.85 36.85 -84.72
CA ALA G 631 -11.05 36.08 -83.78
C ALA G 631 -11.14 36.66 -82.37
N ARG G 632 -10.91 35.79 -81.40
CA ARG G 632 -10.80 36.11 -79.98
C ARG G 632 -9.58 35.42 -79.42
N PRO G 633 -9.04 35.89 -78.30
CA PRO G 633 -7.88 35.19 -77.69
C PRO G 633 -8.16 33.75 -77.30
N SER G 634 -9.39 33.45 -76.90
CA SER G 634 -9.75 32.08 -76.52
C SER G 634 -9.62 31.12 -77.69
N HIS G 635 -9.69 31.61 -78.93
CA HIS G 635 -9.54 30.73 -80.08
C HIS G 635 -8.14 30.13 -80.15
N PHE G 636 -7.10 30.97 -80.09
CA PHE G 636 -5.76 30.40 -80.11
C PHE G 636 -5.39 29.75 -78.79
N TRP G 637 -6.00 30.18 -77.67
CA TRP G 637 -5.85 29.43 -76.42
C TRP G 637 -6.31 27.99 -76.60
N LYS G 638 -7.51 27.80 -77.17
CA LYS G 638 -8.05 26.46 -77.37
C LYS G 638 -7.25 25.68 -78.40
N ALA G 639 -6.72 26.36 -79.42
CA ALA G 639 -5.89 25.69 -80.40
C ALA G 639 -4.60 25.15 -79.77
N VAL G 640 -3.92 25.98 -78.97
CA VAL G 640 -2.71 25.54 -78.29
C VAL G 640 -3.03 24.41 -77.32
N LEU G 641 -4.19 24.48 -76.65
CA LEU G 641 -4.58 23.39 -75.76
C LEU G 641 -4.83 22.10 -76.54
N ASN G 642 -5.42 22.20 -77.74
CA ASN G 642 -5.69 21.02 -78.54
C ASN G 642 -4.40 20.40 -79.08
N ASP G 643 -3.35 21.20 -79.26
CA ASP G 643 -2.08 20.67 -79.75
C ASP G 643 -1.07 20.45 -78.63
N SER G 644 -1.51 20.00 -77.45
CA SER G 644 -0.67 19.80 -76.30
C SER G 644 -0.92 18.43 -75.69
N PRO G 645 0.06 17.87 -74.98
CA PRO G 645 -0.14 16.56 -74.34
C PRO G 645 -1.18 16.59 -73.24
N GLU G 646 -1.79 15.42 -73.01
CA GLU G 646 -2.90 15.32 -72.06
C GLU G 646 -2.45 15.40 -70.61
N ALA G 647 -1.23 14.94 -70.30
CA ALA G 647 -0.81 14.84 -68.92
C ALA G 647 -0.57 16.20 -68.28
N VAL G 648 0.05 17.12 -69.02
CA VAL G 648 0.26 18.47 -68.53
C VAL G 648 -1.07 19.16 -68.28
N LYS G 649 -2.02 18.97 -69.22
CA LYS G 649 -3.36 19.53 -69.05
C LYS G 649 -4.05 18.95 -67.84
N ALA G 650 -3.85 17.66 -67.56
CA ALA G 650 -4.44 17.05 -66.37
C ALA G 650 -3.84 17.62 -65.10
N VAL G 651 -2.53 17.84 -65.09
CA VAL G 651 -1.88 18.46 -63.93
C VAL G 651 -2.45 19.85 -63.68
N MET G 652 -2.63 20.64 -64.74
CA MET G 652 -3.24 21.96 -64.58
C MET G 652 -4.70 21.87 -64.14
N ASN G 653 -5.44 20.90 -64.67
CA ASN G 653 -6.85 20.73 -64.33
C ASN G 653 -7.06 20.22 -62.92
N LEU G 654 -6.03 19.68 -62.27
CA LEU G 654 -6.13 19.36 -60.86
C LEU G 654 -6.49 20.59 -60.04
N SER G 655 -6.02 21.78 -60.44
CA SER G 655 -6.32 23.02 -59.75
C SER G 655 -7.39 23.84 -60.46
N HIS G 656 -7.39 23.88 -61.79
CA HIS G 656 -8.32 24.74 -62.50
C HIS G 656 -9.75 24.20 -62.54
N SER G 657 -9.98 22.97 -62.07
CA SER G 657 -11.33 22.44 -62.03
C SER G 657 -12.19 23.05 -60.94
N HIS G 658 -11.60 23.71 -59.95
CA HIS G 658 -12.39 24.41 -58.94
C HIS G 658 -11.91 25.82 -58.64
N ASN G 659 -10.83 26.28 -59.27
CA ASN G 659 -10.43 27.69 -59.23
C ASN G 659 -10.66 28.28 -60.61
N PHE G 660 -11.35 29.42 -60.65
CA PHE G 660 -11.70 30.04 -61.93
C PHE G 660 -10.55 30.92 -62.43
N ILE G 661 -10.25 30.80 -63.72
CA ILE G 661 -9.27 31.65 -64.39
C ILE G 661 -9.85 32.10 -65.72
N ASN G 662 -9.41 33.27 -66.19
CA ASN G 662 -9.84 33.79 -67.48
C ASN G 662 -8.64 34.18 -68.32
N ILE G 663 -8.87 34.90 -69.43
CA ILE G 663 -7.78 35.22 -70.35
C ILE G 663 -6.78 36.21 -69.77
N ARG G 664 -7.17 36.99 -68.76
CA ARG G 664 -6.21 37.88 -68.11
C ARG G 664 -5.12 37.07 -67.40
N ASP G 665 -5.53 36.04 -66.65
CA ASP G 665 -4.55 35.17 -65.99
C ASP G 665 -3.68 34.47 -67.02
N MET G 666 -4.28 34.01 -68.12
CA MET G 666 -3.52 33.32 -69.15
C MET G 666 -2.49 34.24 -69.79
N MET G 667 -2.88 35.48 -70.11
CA MET G 667 -1.94 36.42 -70.70
C MET G 667 -0.82 36.78 -69.72
N ARG G 668 -1.16 36.98 -68.45
CA ARG G 668 -0.14 37.29 -67.46
C ARG G 668 0.85 36.15 -67.31
N TRP G 669 0.36 34.90 -67.32
CA TRP G 669 1.24 33.75 -67.23
C TRP G 669 2.11 33.62 -68.47
N VAL G 670 1.57 33.96 -69.64
CA VAL G 670 2.35 33.88 -70.87
C VAL G 670 3.47 34.92 -70.88
N MET G 671 3.19 36.14 -70.43
CA MET G 671 4.18 37.21 -70.54
C MET G 671 5.30 37.12 -69.50
N LEU G 672 5.22 36.22 -68.53
CA LEU G 672 6.27 36.09 -67.54
C LEU G 672 7.55 35.52 -68.19
N PRO G 673 8.73 35.93 -67.71
CA PRO G 673 9.96 35.65 -68.46
C PRO G 673 10.54 34.25 -68.29
N SER G 674 10.19 33.56 -67.20
CA SER G 674 10.87 32.32 -66.86
C SER G 674 10.58 31.21 -67.88
N LEU G 675 11.63 30.50 -68.29
CA LEU G 675 11.54 29.38 -69.20
C LEU G 675 12.50 28.28 -68.77
N GLN G 676 12.24 27.07 -69.22
CA GLN G 676 13.07 25.91 -68.92
C GLN G 676 13.76 25.43 -70.19
N PRO G 677 15.06 25.64 -70.35
CA PRO G 677 15.74 25.24 -71.60
C PRO G 677 15.73 23.73 -71.80
N SER G 678 15.57 23.33 -73.06
CA SER G 678 15.60 21.93 -73.47
C SER G 678 15.80 21.92 -74.97
N LEU G 679 16.00 20.71 -75.51
CA LEU G 679 16.19 20.56 -76.95
C LEU G 679 14.93 20.97 -77.71
N LYS G 680 13.77 20.54 -77.22
CA LYS G 680 12.52 20.85 -77.90
C LYS G 680 12.23 22.35 -77.89
N LEU G 681 12.48 23.02 -76.75
CA LEU G 681 12.29 24.46 -76.69
C LEU G 681 13.24 25.19 -77.61
N ALA G 682 14.51 24.81 -77.60
CA ALA G 682 15.50 25.47 -78.43
C ALA G 682 15.16 25.33 -79.90
N LEU G 683 14.61 24.17 -80.30
CA LEU G 683 14.22 24.00 -81.69
C LEU G 683 12.91 24.72 -82.00
N GLU G 684 11.98 24.80 -81.05
CA GLU G 684 10.70 25.46 -81.31
C GLU G 684 10.87 26.96 -81.46
N GLU G 685 11.76 27.56 -80.68
CA GLU G 685 12.03 28.99 -80.84
C GLU G 685 12.60 29.29 -82.22
N GLU G 686 13.54 28.47 -82.68
CA GLU G 686 14.11 28.68 -84.01
C GLU G 686 13.11 28.40 -85.11
N ALA G 687 12.20 27.44 -84.90
CA ALA G 687 11.15 27.18 -85.88
C ALA G 687 10.19 28.35 -85.99
N TRP G 688 9.85 28.98 -84.86
CA TRP G 688 9.01 30.16 -84.91
C TRP G 688 9.76 31.34 -85.53
N ALA G 689 11.06 31.44 -85.30
CA ALA G 689 11.84 32.53 -85.89
C ALA G 689 12.00 32.35 -87.40
N ALA G 690 12.06 31.11 -87.88
CA ALA G 690 12.21 30.85 -89.31
C ALA G 690 10.91 30.97 -90.07
N ALA G 691 9.79 31.16 -89.39
CA ALA G 691 8.49 31.37 -90.03
C ALA G 691 8.00 32.80 -89.88
N ASN G 692 8.91 33.76 -89.70
CA ASN G 692 8.53 35.16 -89.55
C ASN G 692 7.89 35.72 -90.82
N ASP G 693 8.16 35.12 -91.96
CA ASP G 693 7.59 35.54 -93.24
C ASP G 693 6.63 34.46 -93.71
N PHE G 694 5.36 34.84 -93.93
CA PHE G 694 4.37 33.85 -94.37
C PHE G 694 4.50 33.48 -95.85
N GLU G 695 5.47 34.06 -96.57
CA GLU G 695 5.78 33.52 -97.89
C GLU G 695 6.51 32.19 -97.77
N ASP G 696 7.17 31.94 -96.64
CA ASP G 696 7.78 30.64 -96.38
C ASP G 696 6.75 29.59 -96.02
N LEU G 697 5.53 29.99 -95.67
CA LEU G 697 4.43 29.06 -95.43
C LEU G 697 3.57 28.87 -96.68
N MET G 698 3.98 29.46 -97.80
CA MET G 698 3.26 29.40 -99.08
C MET G 698 1.84 29.96 -98.93
N LEU G 699 1.73 31.12 -98.29
CA LEU G 699 0.49 31.85 -98.15
C LEU G 699 0.71 33.29 -98.58
N THR G 700 -0.19 33.81 -99.40
CA THR G 700 -0.06 35.17 -99.91
C THR G 700 -1.43 35.70 -100.29
N ASP G 701 -1.50 37.02 -100.44
CA ASP G 701 -2.70 37.69 -100.93
C ASP G 701 -2.44 38.53 -102.18
N GLN G 702 -1.28 38.36 -102.81
CA GLN G 702 -0.95 39.07 -104.05
C GLN G 702 -1.40 38.23 -105.24
N VAL G 703 -2.71 38.11 -105.40
CA VAL G 703 -3.32 37.39 -106.49
C VAL G 703 -4.13 38.38 -107.32
N TYR G 704 -3.94 38.36 -108.64
CA TYR G 704 -4.49 39.36 -109.53
C TYR G 704 -5.20 38.69 -110.69
N MET G 705 -6.16 39.41 -111.27
CA MET G 705 -6.82 39.02 -112.51
C MET G 705 -6.41 39.96 -113.63
N HIS G 706 -6.02 39.39 -114.76
CA HIS G 706 -5.53 40.16 -115.89
C HIS G 706 -5.68 39.32 -117.14
N ARG G 707 -5.80 39.97 -118.28
CA ARG G 707 -5.96 39.29 -119.56
C ARG G 707 -4.61 39.20 -120.25
N ASP G 708 -4.09 37.99 -120.38
CA ASP G 708 -2.82 37.73 -121.05
C ASP G 708 -3.02 36.65 -122.10
N MET G 709 -1.96 36.39 -122.86
CA MET G 709 -2.01 35.39 -123.92
C MET G 709 -0.78 34.50 -123.85
N LEU G 710 -0.97 33.23 -124.22
CA LEU G 710 0.14 32.29 -124.25
C LEU G 710 1.08 32.63 -125.41
N PRO G 711 2.38 32.60 -125.20
CA PRO G 711 3.31 32.93 -126.28
C PRO G 711 3.32 31.87 -127.37
N GLU G 712 3.60 32.33 -128.59
CA GLU G 712 3.68 31.45 -129.77
C GLU G 712 5.00 31.71 -130.47
N PRO G 713 6.09 31.12 -129.98
CA PRO G 713 7.39 31.35 -130.59
C PRO G 713 7.50 30.75 -131.98
N ARG G 714 8.32 31.37 -132.81
CA ARG G 714 8.60 30.86 -134.15
C ARG G 714 9.67 29.78 -134.10
N LEU G 715 9.59 28.85 -135.05
CA LEU G 715 10.48 27.69 -135.06
C LEU G 715 11.31 27.64 -136.34
N ASP G 716 11.92 28.77 -136.70
CA ASP G 716 12.74 28.82 -137.90
C ASP G 716 13.94 27.88 -137.82
N ASP G 717 14.61 27.81 -136.67
CA ASP G 717 15.68 26.86 -136.45
C ASP G 717 15.30 25.99 -135.25
N ILE G 718 15.16 24.68 -135.48
CA ILE G 718 14.77 23.78 -134.42
C ILE G 718 15.89 23.60 -133.40
N GLU G 719 17.13 23.53 -133.87
CA GLU G 719 18.26 23.28 -132.98
C GLU G 719 18.40 24.38 -131.93
N ARG G 720 18.34 25.64 -132.38
CA ARG G 720 18.56 26.75 -131.45
C ARG G 720 17.38 26.92 -130.50
N PHE G 721 16.16 26.66 -130.98
CA PHE G 721 15.01 26.73 -130.09
C PHE G 721 15.06 25.63 -129.04
N ARG G 722 15.49 24.43 -129.43
CA ARG G 722 15.62 23.33 -128.47
C ARG G 722 16.74 23.62 -127.47
N GLN G 723 17.84 24.22 -127.94
CA GLN G 723 18.99 24.45 -127.07
C GLN G 723 18.69 25.42 -125.94
N GLU G 724 17.69 26.29 -126.11
CA GLU G 724 17.25 27.17 -125.04
C GLU G 724 16.03 26.57 -124.34
N GLY G 725 15.97 26.72 -123.03
CA GLY G 725 14.89 26.14 -122.26
C GLY G 725 13.65 27.02 -122.22
N PHE G 726 12.92 27.08 -123.33
CA PHE G 726 11.73 27.92 -123.39
C PHE G 726 10.64 27.36 -122.50
N TYR G 727 10.05 28.22 -121.67
CA TYR G 727 8.96 27.83 -120.80
C TYR G 727 8.14 29.07 -120.47
N TYR G 728 6.93 28.84 -119.96
CA TYR G 728 6.02 29.90 -119.58
C TYR G 728 5.53 29.68 -118.16
N THR G 729 5.29 30.78 -117.45
CA THR G 729 4.78 30.72 -116.09
C THR G 729 3.91 31.94 -115.83
N ASN G 730 3.04 31.82 -114.84
CA ASN G 730 2.18 32.92 -114.42
C ASN G 730 2.69 33.59 -113.14
N MET G 731 3.96 33.36 -112.80
CA MET G 731 4.57 34.02 -111.65
C MET G 731 5.10 35.39 -112.06
N LEU G 732 4.79 36.41 -111.27
CA LEU G 732 5.21 37.77 -111.56
C LEU G 732 6.59 38.05 -110.99
N GLU G 733 7.39 38.80 -111.74
CA GLU G 733 8.65 39.31 -111.20
C GLU G 733 8.39 40.34 -110.11
N ALA G 734 7.46 41.26 -110.36
CA ALA G 734 7.08 42.29 -109.40
C ALA G 734 5.60 42.55 -109.55
N PRO G 735 4.92 42.98 -108.49
CA PRO G 735 3.51 43.36 -108.62
C PRO G 735 3.36 44.60 -109.48
N PRO G 736 2.23 44.77 -110.16
CA PRO G 736 2.07 45.90 -111.06
C PRO G 736 1.95 47.22 -110.31
N GLU G 737 2.12 48.31 -111.06
CA GLU G 737 2.01 49.63 -110.48
C GLU G 737 0.58 49.90 -110.02
N ILE G 738 0.47 50.60 -108.88
CA ILE G 738 -0.80 50.66 -108.16
C ILE G 738 -1.86 51.45 -108.93
N ASP G 739 -1.44 52.37 -109.80
CA ASP G 739 -2.42 53.16 -110.53
C ASP G 739 -3.14 52.37 -111.61
N ARG G 740 -2.63 51.20 -111.98
CA ARG G 740 -3.30 50.33 -112.94
C ARG G 740 -4.16 49.27 -112.28
N VAL G 741 -4.28 49.27 -110.96
CA VAL G 741 -4.98 48.23 -110.23
C VAL G 741 -6.30 48.79 -109.73
N VAL G 742 -7.36 48.00 -109.88
CA VAL G 742 -8.69 48.34 -109.37
C VAL G 742 -9.03 47.34 -108.27
N GLN G 743 -9.28 47.85 -107.07
CA GLN G 743 -9.46 47.02 -105.88
C GLN G 743 -10.94 46.79 -105.63
N TYR G 744 -11.32 45.53 -105.44
CA TYR G 744 -12.70 45.16 -105.15
C TYR G 744 -12.86 44.61 -103.76
N THR G 745 -14.03 44.88 -103.18
CA THR G 745 -14.49 44.27 -101.94
C THR G 745 -15.85 43.64 -102.20
N TYR G 746 -16.41 43.01 -101.17
CA TYR G 746 -17.74 42.43 -101.31
C TYR G 746 -18.80 43.51 -101.45
N GLU G 747 -18.62 44.65 -100.76
CA GLU G 747 -19.63 45.70 -100.77
C GLU G 747 -19.78 46.32 -102.16
N ILE G 748 -18.67 46.59 -102.84
CA ILE G 748 -18.73 47.19 -104.17
C ILE G 748 -19.37 46.23 -105.16
N ALA G 749 -19.00 44.94 -105.08
CA ALA G 749 -19.59 43.95 -105.96
C ALA G 749 -21.09 43.81 -105.71
N ARG G 750 -21.52 43.86 -104.45
CA ARG G 750 -22.93 43.77 -104.15
C ARG G 750 -23.70 44.97 -104.66
N LEU G 751 -23.14 46.18 -104.52
CA LEU G 751 -23.79 47.37 -105.08
C LEU G 751 -23.91 47.28 -106.60
N GLN G 752 -22.85 46.82 -107.27
CA GLN G 752 -22.89 46.74 -108.73
C GLN G 752 -23.85 45.64 -109.19
N ALA G 753 -23.94 44.54 -108.44
CA ALA G 753 -24.91 43.50 -108.77
C ALA G 753 -26.33 43.99 -108.55
N ASN G 754 -26.54 44.81 -107.52
CA ASN G 754 -27.85 45.42 -107.29
C ASN G 754 -28.24 46.31 -108.45
N MET G 755 -27.29 47.10 -108.97
CA MET G 755 -27.58 47.91 -110.15
C MET G 755 -27.54 47.11 -111.44
N GLY G 756 -27.14 45.84 -111.38
CA GLY G 756 -27.08 45.00 -112.57
C GLY G 756 -26.01 45.38 -113.58
N GLN G 757 -24.82 45.74 -113.11
CA GLN G 757 -23.74 46.14 -114.00
C GLN G 757 -22.38 45.65 -113.53
N PHE G 758 -22.35 44.51 -112.84
CA PHE G 758 -21.10 43.92 -112.35
C PHE G 758 -20.28 43.35 -113.51
N ARG G 759 -20.92 42.54 -114.36
CA ARG G 759 -20.23 41.90 -115.47
C ARG G 759 -19.73 42.92 -116.49
N ALA G 760 -20.53 43.96 -116.76
CA ALA G 760 -20.10 45.00 -117.68
C ALA G 760 -18.89 45.75 -117.15
N ALA G 761 -18.87 46.03 -115.84
CA ALA G 761 -17.72 46.69 -115.25
C ALA G 761 -16.47 45.83 -115.35
N LEU G 762 -16.59 44.53 -115.07
CA LEU G 762 -15.44 43.65 -115.20
C LEU G 762 -14.95 43.57 -116.64
N ARG G 763 -15.88 43.54 -117.60
CA ARG G 763 -15.51 43.52 -119.01
C ARG G 763 -14.78 44.78 -119.41
N ARG G 764 -15.25 45.95 -118.95
CA ARG G 764 -14.54 47.20 -119.25
C ARG G 764 -13.14 47.21 -118.65
N ILE G 765 -12.99 46.71 -117.42
CA ILE G 765 -11.68 46.69 -116.79
C ILE G 765 -10.73 45.78 -117.57
N MET G 766 -11.21 44.60 -117.98
CA MET G 766 -10.39 43.70 -118.77
C MET G 766 -10.03 44.30 -120.13
N ASP G 767 -10.96 45.03 -120.74
CA ASP G 767 -10.66 45.66 -122.02
C ASP G 767 -9.66 46.80 -121.88
N ASP G 768 -9.64 47.46 -120.72
CA ASP G 768 -8.70 48.55 -120.49
C ASP G 768 -7.30 48.08 -120.14
N ASP G 769 -7.02 46.78 -120.21
CA ASP G 769 -5.71 46.20 -119.90
C ASP G 769 -5.27 46.56 -118.48
N ASP G 770 -6.20 46.50 -117.53
CA ASP G 770 -5.92 46.79 -116.14
C ASP G 770 -5.89 45.49 -115.33
N TRP G 771 -5.67 45.64 -114.02
CA TRP G 771 -5.57 44.51 -113.11
C TRP G 771 -6.65 44.64 -112.04
N VAL G 772 -7.12 43.50 -111.55
CA VAL G 772 -8.17 43.45 -110.53
C VAL G 772 -7.69 42.60 -109.36
N ARG G 773 -7.93 43.10 -108.15
CA ARG G 773 -7.62 42.38 -106.93
C ARG G 773 -8.92 42.19 -106.15
N PHE G 774 -9.22 40.95 -105.80
CA PHE G 774 -10.49 40.60 -105.15
C PHE G 774 -10.25 40.37 -103.66
N GLY G 775 -10.49 41.38 -102.85
CA GLY G 775 -10.35 41.24 -101.42
C GLY G 775 -8.90 41.37 -100.95
N GLY G 776 -8.68 40.94 -99.71
CA GLY G 776 -7.37 41.01 -99.10
C GLY G 776 -7.05 39.82 -98.21
N VAL G 777 -7.74 38.72 -98.43
CA VAL G 777 -7.61 37.53 -97.60
C VAL G 777 -6.45 36.69 -98.11
N LEU G 778 -5.78 36.00 -97.18
CA LEU G 778 -4.70 35.08 -97.54
C LEU G 778 -5.25 33.91 -98.35
N ARG G 779 -4.43 33.42 -99.27
CA ARG G 779 -4.84 32.35 -100.17
C ARG G 779 -3.78 31.25 -100.20
N THR G 780 -4.24 30.01 -100.26
CA THR G 780 -3.35 28.86 -100.35
C THR G 780 -2.86 28.69 -101.78
N VAL G 781 -1.59 28.33 -101.93
CA VAL G 781 -0.92 28.30 -103.22
C VAL G 781 -0.50 26.87 -103.53
N ARG G 782 -0.75 26.44 -104.76
CA ARG G 782 -0.33 25.14 -105.26
C ARG G 782 0.60 25.32 -106.45
N VAL G 783 1.47 24.33 -106.66
CA VAL G 783 2.46 24.36 -107.74
C VAL G 783 2.24 23.14 -108.63
N LYS G 784 2.14 23.36 -109.93
CA LYS G 784 1.93 22.29 -110.90
C LYS G 784 2.88 22.47 -112.08
N PHE G 785 3.09 21.37 -112.81
CA PHE G 785 3.96 21.35 -113.97
C PHE G 785 3.22 20.72 -115.14
N TYR G 786 3.57 21.15 -116.35
CA TYR G 786 2.90 20.67 -117.56
C TYR G 786 3.89 20.55 -118.69
N ASP G 787 3.73 19.48 -119.48
CA ASP G 787 4.46 19.31 -120.74
C ASP G 787 3.64 19.66 -121.96
N ALA G 788 2.31 19.68 -121.83
CA ALA G 788 1.41 20.04 -122.91
C ALA G 788 0.46 21.11 -122.41
N ARG G 789 -0.57 21.40 -123.21
CA ARG G 789 -1.50 22.46 -122.87
C ARG G 789 -2.24 22.13 -121.57
N PRO G 790 -2.31 23.05 -120.62
CA PRO G 790 -3.02 22.81 -119.37
C PRO G 790 -4.52 22.69 -119.62
N PRO G 791 -5.26 22.09 -118.68
CA PRO G 791 -6.72 22.04 -118.84
C PRO G 791 -7.33 23.42 -118.73
N ASP G 792 -8.53 23.55 -119.30
CA ASP G 792 -9.19 24.86 -119.35
C ASP G 792 -9.55 25.38 -117.96
N ASP G 793 -9.67 24.49 -116.98
CA ASP G 793 -9.98 24.91 -115.61
C ASP G 793 -8.87 25.79 -115.05
N VAL G 794 -7.63 25.57 -115.46
CA VAL G 794 -6.51 26.36 -114.98
C VAL G 794 -6.36 27.66 -115.78
N LEU G 795 -6.48 27.58 -117.10
CA LEU G 795 -6.28 28.75 -117.94
C LEU G 795 -7.42 29.76 -117.78
N GLN G 796 -8.66 29.30 -117.86
CA GLN G 796 -9.82 30.19 -117.91
C GLN G 796 -10.56 30.31 -116.58
N GLY G 797 -10.12 29.60 -115.55
CA GLY G 797 -10.80 29.64 -114.26
C GLY G 797 -10.81 31.01 -113.61
N LEU G 798 -11.99 31.50 -113.25
CA LEU G 798 -12.12 32.81 -112.64
C LEU G 798 -12.09 32.70 -111.12
N PRO G 799 -11.57 33.73 -110.44
CA PRO G 799 -11.49 33.68 -108.97
C PRO G 799 -12.81 33.90 -108.26
N PHE G 800 -13.90 34.13 -108.98
CA PHE G 800 -15.17 34.46 -108.36
C PHE G 800 -16.28 33.65 -109.00
N SER G 801 -17.38 33.50 -108.26
CA SER G 801 -18.60 32.89 -108.77
C SER G 801 -19.76 33.84 -108.52
N TYR G 802 -20.65 33.97 -109.50
CA TYR G 802 -21.76 34.91 -109.44
C TYR G 802 -23.01 34.19 -109.91
N ASP G 803 -24.00 34.07 -109.03
CA ASP G 803 -25.22 33.32 -109.30
C ASP G 803 -26.44 34.16 -108.97
N THR G 804 -27.55 33.87 -109.66
CA THR G 804 -28.79 34.63 -109.52
C THR G 804 -29.96 33.66 -109.45
N ASN G 805 -30.88 33.93 -108.52
CA ASN G 805 -32.05 33.08 -108.32
C ASN G 805 -33.30 33.94 -108.23
N GLU G 806 -34.44 33.31 -108.53
CA GLU G 806 -35.74 33.96 -108.56
C GLU G 806 -36.75 33.13 -107.77
N ARG G 807 -37.48 33.79 -106.87
CA ARG G 807 -38.55 33.11 -106.15
C ARG G 807 -39.51 34.15 -105.58
N GLY G 808 -40.80 33.96 -105.85
CA GLY G 808 -41.81 34.83 -105.29
C GLY G 808 -41.84 36.23 -105.86
N GLY G 809 -41.36 36.41 -107.08
CA GLY G 809 -41.33 37.73 -107.69
C GLY G 809 -40.20 38.61 -107.25
N LEU G 810 -39.23 38.09 -106.49
CA LEU G 810 -38.08 38.86 -106.03
C LEU G 810 -36.80 38.19 -106.54
N ALA G 811 -35.76 38.99 -106.68
CA ALA G 811 -34.49 38.54 -107.25
C ALA G 811 -33.42 38.47 -106.18
N TYR G 812 -32.55 37.47 -106.28
CA TYR G 812 -31.49 37.24 -105.31
C TYR G 812 -30.18 36.99 -106.04
N ALA G 813 -29.06 37.33 -105.38
CA ALA G 813 -27.74 37.17 -105.96
C ALA G 813 -26.79 36.60 -104.92
N THR G 814 -25.74 35.94 -105.41
CA THR G 814 -24.71 35.35 -104.55
C THR G 814 -23.35 35.57 -105.18
N ILE G 815 -22.43 36.17 -104.43
CA ILE G 815 -21.08 36.45 -104.89
C ILE G 815 -20.10 35.82 -103.91
N LYS G 816 -19.16 35.04 -104.44
CA LYS G 816 -18.17 34.35 -103.61
C LYS G 816 -16.78 34.56 -104.20
N TYR G 817 -15.78 34.61 -103.33
CA TYR G 817 -14.38 34.68 -103.74
C TYR G 817 -13.70 33.36 -103.40
N ALA G 818 -12.85 32.88 -104.31
CA ALA G 818 -12.18 31.61 -104.13
C ALA G 818 -11.10 31.71 -103.06
N THR G 819 -10.75 30.55 -102.50
CA THR G 819 -9.76 30.47 -101.43
C THR G 819 -8.45 29.81 -101.86
N GLU G 820 -8.39 29.24 -103.06
CA GLU G 820 -7.20 28.57 -103.54
C GLU G 820 -6.75 29.19 -104.87
N THR G 821 -5.44 29.21 -105.07
CA THR G 821 -4.86 29.65 -106.33
C THR G 821 -3.65 28.76 -106.63
N THR G 822 -3.28 28.70 -107.90
CA THR G 822 -2.21 27.81 -108.34
C THR G 822 -1.22 28.54 -109.22
N ILE G 823 0.05 28.14 -109.11
CA ILE G 823 1.11 28.56 -110.01
C ILE G 823 1.47 27.38 -110.90
N PHE G 824 1.53 27.61 -112.21
CA PHE G 824 1.82 26.55 -113.16
C PHE G 824 3.01 26.92 -114.03
N TYR G 825 3.72 25.89 -114.50
CA TYR G 825 4.82 26.04 -115.42
C TYR G 825 4.53 25.20 -116.65
N LEU G 826 4.68 25.81 -117.84
CA LEU G 826 4.40 25.15 -119.09
C LEU G 826 5.70 25.04 -119.89
N ILE G 827 6.16 23.82 -120.11
CA ILE G 827 7.40 23.55 -120.83
C ILE G 827 7.03 23.18 -122.27
N TYR G 828 7.65 23.87 -123.23
CA TYR G 828 7.35 23.67 -124.63
C TYR G 828 8.22 22.55 -125.20
N ASN G 829 7.58 21.58 -125.84
CA ASN G 829 8.27 20.48 -126.51
C ASN G 829 7.89 20.48 -127.98
N VAL G 830 8.90 20.45 -128.85
CA VAL G 830 8.69 20.47 -130.29
C VAL G 830 9.41 19.28 -130.91
N GLU G 831 8.95 18.89 -132.09
CA GLU G 831 9.53 17.79 -132.84
C GLU G 831 10.15 18.30 -134.13
N PHE G 832 10.94 17.44 -134.78
CA PHE G 832 11.74 17.87 -135.93
C PHE G 832 10.89 18.16 -137.15
N SER G 833 9.69 17.60 -137.25
CA SER G 833 8.85 17.80 -138.42
C SER G 833 8.00 19.07 -138.34
N ASN G 834 8.11 19.84 -137.26
CA ASN G 834 7.29 21.03 -137.09
C ASN G 834 7.67 22.11 -138.08
N THR G 835 6.67 22.77 -138.63
CA THR G 835 6.86 23.91 -139.52
C THR G 835 7.25 25.14 -138.72
N PRO G 836 7.85 26.15 -139.38
CA PRO G 836 8.27 27.35 -138.63
C PRO G 836 7.15 28.08 -137.90
N ASP G 837 5.92 27.99 -138.38
CA ASP G 837 4.79 28.70 -137.78
C ASP G 837 3.69 27.75 -137.31
N SER G 838 4.07 26.53 -136.90
CA SER G 838 3.07 25.56 -136.47
C SER G 838 2.40 25.98 -135.17
N LEU G 839 3.09 26.73 -134.32
CA LEU G 839 2.55 27.12 -133.03
C LEU G 839 1.73 28.41 -133.09
N VAL G 840 1.61 29.02 -134.26
CA VAL G 840 0.89 30.29 -134.40
C VAL G 840 -0.58 29.99 -134.68
N LEU G 841 -1.45 30.65 -133.92
CA LEU G 841 -2.89 30.47 -134.03
C LEU G 841 -3.52 31.71 -134.66
N ILE G 842 -4.68 31.50 -135.29
CA ILE G 842 -5.40 32.64 -135.88
C ILE G 842 -5.95 33.55 -134.78
N ASN G 843 -6.24 33.01 -133.61
CA ASN G 843 -6.69 33.78 -132.47
C ASN G 843 -5.93 33.35 -131.22
N PRO G 844 -5.64 34.29 -130.32
CA PRO G 844 -4.86 33.96 -129.13
C PRO G 844 -5.66 33.15 -128.11
N THR G 845 -4.93 32.44 -127.28
CA THR G 845 -5.49 31.74 -126.13
C THR G 845 -5.18 32.53 -124.87
N TYR G 846 -6.17 32.71 -124.01
CA TYR G 846 -6.09 33.64 -122.90
C TYR G 846 -5.84 32.94 -121.57
N THR G 847 -5.09 33.62 -120.70
CA THR G 847 -4.90 33.23 -119.32
C THR G 847 -5.32 34.38 -118.42
N MET G 848 -5.82 34.06 -117.22
CA MET G 848 -6.49 35.04 -116.38
C MET G 848 -5.94 35.18 -114.97
N THR G 849 -4.91 34.45 -114.59
CA THR G 849 -4.45 34.45 -113.20
C THR G 849 -2.97 34.81 -113.12
N LYS G 850 -2.62 35.66 -112.16
CA LYS G 850 -1.24 36.05 -111.90
C LYS G 850 -0.99 36.05 -110.40
N VAL G 851 0.18 35.54 -110.00
CA VAL G 851 0.57 35.41 -108.61
C VAL G 851 1.97 35.96 -108.45
N PHE G 852 2.20 36.75 -107.40
CA PHE G 852 3.52 37.31 -107.09
C PHE G 852 4.07 36.68 -105.81
N ILE G 853 5.13 35.91 -105.94
CA ILE G 853 5.86 35.34 -104.82
C ILE G 853 7.33 35.71 -104.98
N ASN G 854 7.96 36.16 -103.90
CA ASN G 854 9.32 36.68 -103.95
C ASN G 854 10.38 35.60 -103.79
N LYS G 855 10.00 34.33 -103.77
CA LYS G 855 10.95 33.25 -103.60
C LYS G 855 11.39 32.71 -104.96
N ARG G 856 12.55 32.05 -104.96
CA ARG G 856 13.10 31.42 -106.16
C ARG G 856 12.74 29.93 -106.13
N ILE G 857 11.48 29.64 -106.42
CA ILE G 857 11.03 28.25 -106.44
C ILE G 857 11.61 27.52 -107.65
N VAL G 858 11.48 28.11 -108.83
CA VAL G 858 11.98 27.53 -110.07
C VAL G 858 12.83 28.56 -110.78
N GLU G 859 14.01 28.15 -111.22
CA GLU G 859 14.91 29.02 -111.96
C GLU G 859 15.66 28.21 -113.01
N ARG G 860 15.81 28.80 -114.20
CA ARG G 860 16.57 28.16 -115.27
C ARG G 860 18.04 28.53 -115.15
N VAL G 861 18.92 27.53 -115.08
CA VAL G 861 20.34 27.75 -114.91
C VAL G 861 21.09 26.92 -115.95
N ARG G 862 22.32 27.34 -116.23
CA ARG G 862 23.20 26.57 -117.10
C ARG G 862 23.80 25.39 -116.33
N VAL G 863 24.35 24.44 -117.09
CA VAL G 863 24.89 23.22 -116.47
C VAL G 863 26.12 23.52 -115.64
N GLY G 864 26.88 24.54 -116.02
CA GLY G 864 28.02 24.95 -115.21
C GLY G 864 27.65 25.69 -113.95
N GLN G 865 26.37 26.00 -113.77
CA GLN G 865 25.86 26.71 -112.60
C GLN G 865 25.20 25.77 -111.59
N ILE G 866 25.20 24.46 -111.86
CA ILE G 866 24.45 23.51 -111.04
C ILE G 866 25.02 23.46 -109.62
N LEU G 867 26.35 23.38 -109.51
CA LEU G 867 27.00 23.22 -108.22
C LEU G 867 27.22 24.54 -107.49
N ALA G 868 26.50 25.60 -107.86
CA ALA G 868 26.62 26.88 -107.18
C ALA G 868 25.81 26.96 -105.90
N VAL G 869 25.01 25.95 -105.59
CA VAL G 869 24.14 25.97 -104.41
C VAL G 869 24.87 25.39 -103.21
N LEU G 870 26.15 25.07 -103.37
CA LEU G 870 26.95 24.53 -102.27
C LEU G 870 27.53 25.69 -101.47
N ASN G 871 26.81 26.13 -100.44
CA ASN G 871 27.28 27.23 -99.61
C ASN G 871 26.99 27.04 -98.13
N ARG G 872 26.52 25.87 -97.71
CA ARG G 872 26.22 25.61 -96.30
C ARG G 872 27.35 24.81 -95.66
N ARG G 873 27.54 25.04 -94.36
CA ARG G 873 28.58 24.37 -93.59
C ARG G 873 27.96 23.26 -92.76
N PHE G 874 28.39 22.02 -92.99
CA PHE G 874 27.88 20.85 -92.31
C PHE G 874 28.95 20.25 -91.42
N VAL G 875 28.52 19.59 -90.35
CA VAL G 875 29.42 18.90 -89.43
C VAL G 875 29.00 17.45 -89.35
N ALA G 876 29.94 16.54 -89.56
CA ALA G 876 29.69 15.11 -89.56
C ALA G 876 30.62 14.42 -88.60
N TYR G 877 30.08 13.50 -87.80
CA TYR G 877 30.85 12.79 -86.80
C TYR G 877 31.48 11.53 -87.41
N LYS G 878 32.63 11.15 -86.87
CA LYS G 878 33.37 10.01 -87.40
C LYS G 878 32.60 8.71 -87.19
N GLY G 879 32.71 7.81 -88.17
CA GLY G 879 32.02 6.53 -88.07
C GLY G 879 32.57 5.66 -86.94
N LYS G 880 33.88 5.73 -86.71
CA LYS G 880 34.50 4.91 -85.69
C LYS G 880 34.19 5.36 -84.26
N MET G 881 33.57 6.53 -84.10
CA MET G 881 33.10 6.97 -82.79
C MET G 881 31.66 6.52 -82.59
N ARG G 882 31.08 6.86 -81.44
CA ARG G 882 29.72 6.45 -81.13
C ARG G 882 28.97 7.61 -80.48
N ILE G 883 27.66 7.61 -80.70
CA ILE G 883 26.75 8.59 -80.11
C ILE G 883 25.74 7.84 -79.26
N MET G 884 25.54 8.30 -78.02
CA MET G 884 24.61 7.66 -77.11
C MET G 884 23.65 8.69 -76.53
N ASP G 885 22.38 8.31 -76.45
CA ASP G 885 21.33 9.12 -75.83
C ASP G 885 21.13 8.59 -74.41
N ILE G 886 21.57 9.35 -73.41
CA ILE G 886 21.60 8.87 -72.03
C ILE G 886 20.64 9.66 -71.16
N THR G 887 19.54 10.12 -71.75
CA THR G 887 18.53 10.83 -70.99
C THR G 887 17.90 9.94 -69.91
N GLN G 888 17.69 8.66 -70.24
CA GLN G 888 17.08 7.72 -69.31
C GLN G 888 17.99 7.35 -68.15
N SER G 889 19.26 7.74 -68.18
CA SER G 889 20.20 7.41 -67.11
C SER G 889 20.12 8.35 -65.92
N LEU G 890 19.26 9.37 -65.99
CA LEU G 890 19.13 10.34 -64.91
C LEU G 890 18.16 9.88 -63.83
N LYS G 891 17.64 8.65 -63.91
CA LYS G 891 16.76 8.10 -62.89
C LYS G 891 17.29 6.81 -62.28
N MET G 892 18.48 6.35 -62.69
CA MET G 892 19.08 5.13 -62.15
C MET G 892 19.64 5.42 -60.76
N GLY G 893 18.95 4.95 -59.73
CA GLY G 893 19.39 5.16 -58.37
C GLY G 893 18.65 4.26 -57.41
N THR G 894 19.19 4.15 -56.20
CA THR G 894 18.60 3.32 -55.16
C THR G 894 18.40 4.16 -53.91
N LYS G 895 17.25 4.00 -53.28
CA LYS G 895 16.98 4.70 -52.02
C LYS G 895 17.69 3.99 -50.87
N LEU G 896 18.15 4.79 -49.91
CA LEU G 896 18.81 4.26 -48.72
C LEU G 896 17.80 4.14 -47.60
N ALA G 897 17.72 2.94 -47.02
CA ALA G 897 16.82 2.68 -45.91
C ALA G 897 17.45 3.15 -44.60
N ALA G 898 16.62 3.31 -43.60
CA ALA G 898 17.05 3.75 -42.28
C ALA G 898 17.20 2.57 -41.34
N PRO G 899 18.09 2.66 -40.34
CA PRO G 899 18.20 1.60 -39.34
C PRO G 899 16.91 1.49 -38.52
N THR G 900 16.63 0.26 -38.09
CA THR G 900 15.43 -0.02 -37.31
C THR G 900 15.73 -1.15 -36.34
N VAL G 901 14.75 -1.48 -35.50
CA VAL G 901 14.89 -2.54 -34.53
C VAL G 901 13.76 -3.57 -34.67
N GLN H 7 60.65 -22.88 -47.83
CA GLN H 7 62.08 -22.70 -47.64
C GLN H 7 62.43 -21.23 -47.48
N ARG H 8 61.55 -20.37 -48.00
CA ARG H 8 61.75 -18.93 -47.85
C ARG H 8 61.56 -18.54 -46.39
N PRO H 9 62.47 -17.75 -45.81
CA PRO H 9 62.35 -17.41 -44.39
C PRO H 9 61.12 -16.58 -44.04
N GLU H 10 60.52 -15.87 -45.01
CA GLU H 10 59.35 -15.06 -44.69
C GLU H 10 58.08 -15.90 -44.57
N ARG H 11 58.12 -17.17 -44.94
CA ARG H 11 56.97 -18.06 -44.80
C ARG H 11 56.99 -18.86 -43.50
N ILE H 12 57.97 -18.63 -42.64
CA ILE H 12 58.06 -19.36 -41.37
C ILE H 12 57.16 -18.68 -40.34
N LYS H 13 56.33 -19.48 -39.67
CA LYS H 13 55.43 -18.98 -38.64
C LYS H 13 55.78 -19.68 -37.32
N THR H 14 56.15 -18.89 -36.32
CA THR H 14 56.53 -19.40 -35.01
C THR H 14 55.43 -19.25 -33.97
N THR H 15 54.42 -18.45 -34.23
CA THR H 15 53.27 -18.26 -33.36
C THR H 15 52.01 -18.48 -34.17
N PRO H 16 50.92 -18.93 -33.54
CA PRO H 16 49.70 -19.25 -34.30
C PRO H 16 48.81 -18.06 -34.62
N TYR H 17 49.30 -16.83 -34.45
CA TYR H 17 48.48 -15.66 -34.78
C TYR H 17 48.12 -15.62 -36.26
N LEU H 18 49.09 -15.90 -37.13
CA LEU H 18 48.88 -15.82 -38.57
C LEU H 18 48.28 -17.09 -39.16
N GLU H 19 48.03 -18.11 -38.34
CA GLU H 19 47.43 -19.34 -38.84
C GLU H 19 45.94 -19.13 -39.12
N GLY H 20 45.48 -19.68 -40.24
CA GLY H 20 44.07 -19.58 -40.61
C GLY H 20 43.75 -20.64 -41.63
N ASP H 21 42.46 -20.79 -41.90
CA ASP H 21 41.99 -21.80 -42.84
C ASP H 21 41.83 -21.23 -44.24
N VAL H 22 41.89 -22.12 -45.23
CA VAL H 22 41.84 -21.74 -46.64
C VAL H 22 40.40 -21.50 -47.05
N LEU H 23 40.18 -20.40 -47.78
CA LEU H 23 38.86 -20.05 -48.30
C LEU H 23 38.69 -20.36 -49.78
N SER H 24 39.65 -19.96 -50.62
CA SER H 24 39.59 -20.18 -52.05
C SER H 24 40.99 -19.99 -52.62
N SER H 25 41.09 -19.99 -53.94
CA SER H 25 42.38 -19.84 -54.60
C SER H 25 42.20 -19.12 -55.93
N ASP H 26 43.27 -18.44 -56.36
CA ASP H 26 43.32 -17.80 -57.66
C ASP H 26 44.67 -18.08 -58.32
N SER H 27 44.74 -17.76 -59.61
CA SER H 27 45.97 -17.87 -60.38
C SER H 27 45.91 -16.87 -61.53
N GLY H 28 47.05 -16.70 -62.19
CA GLY H 28 47.16 -15.78 -63.30
C GLY H 28 46.30 -16.11 -64.52
N PRO H 29 46.37 -17.36 -65.00
CA PRO H 29 45.52 -17.75 -66.14
C PRO H 29 44.03 -17.58 -65.90
N LEU H 30 43.55 -17.77 -64.67
CA LEU H 30 42.14 -17.54 -64.39
C LEU H 30 41.82 -16.05 -64.37
N LEU H 31 42.67 -15.27 -63.72
CA LEU H 31 42.34 -13.86 -63.50
C LEU H 31 42.46 -13.03 -64.77
N SER H 32 43.35 -13.40 -65.70
CA SER H 32 43.44 -12.67 -66.95
C SER H 32 42.14 -12.79 -67.77
N VAL H 33 41.63 -14.01 -67.91
CA VAL H 33 40.38 -14.23 -68.61
C VAL H 33 39.23 -13.59 -67.86
N PHE H 34 39.27 -13.62 -66.53
CA PHE H 34 38.23 -12.98 -65.73
C PHE H 34 38.19 -11.48 -66.00
N ALA H 35 39.36 -10.84 -66.07
CA ALA H 35 39.42 -9.40 -66.35
C ALA H 35 38.89 -9.09 -67.74
N LEU H 36 39.27 -9.89 -68.74
CA LEU H 36 38.74 -9.68 -70.09
C LEU H 36 37.22 -9.80 -70.11
N GLN H 37 36.70 -10.82 -69.43
CA GLN H 37 35.25 -11.03 -69.41
C GLN H 37 34.52 -9.86 -68.76
N GLU H 38 35.06 -9.36 -67.64
CA GLU H 38 34.42 -8.23 -66.97
C GLU H 38 34.42 -6.99 -67.87
N ILE H 39 35.56 -6.70 -68.49
CA ILE H 39 35.68 -5.51 -69.32
C ILE H 39 34.73 -5.59 -70.51
N MET H 40 34.63 -6.75 -71.14
CA MET H 40 33.74 -6.88 -72.29
C MET H 40 32.27 -6.85 -71.89
N GLN H 41 31.93 -7.48 -70.76
CA GLN H 41 30.54 -7.53 -70.31
C GLN H 41 30.03 -6.16 -69.95
N LYS H 42 30.88 -5.31 -69.35
CA LYS H 42 30.45 -3.96 -69.00
C LYS H 42 30.00 -3.17 -70.23
N VAL H 43 30.85 -3.13 -71.27
CA VAL H 43 30.52 -2.33 -72.45
C VAL H 43 29.35 -2.94 -73.21
N ARG H 44 29.27 -4.28 -73.26
CA ARG H 44 28.13 -4.89 -73.94
C ARG H 44 26.82 -4.55 -73.25
N GLN H 45 26.78 -4.61 -71.91
CA GLN H 45 25.57 -4.26 -71.18
C GLN H 45 25.21 -2.79 -71.37
N VAL H 46 26.22 -1.91 -71.32
CA VAL H 46 25.96 -0.47 -71.47
C VAL H 46 25.38 -0.17 -72.84
N GLN H 47 25.95 -0.76 -73.89
CA GLN H 47 25.40 -0.53 -75.23
C GLN H 47 24.06 -1.22 -75.43
N ALA H 48 23.76 -2.28 -74.67
CA ALA H 48 22.46 -2.91 -74.76
C ALA H 48 21.37 -2.13 -74.04
N ASP H 49 21.72 -1.34 -73.03
CA ASP H 49 20.71 -0.63 -72.25
C ASP H 49 20.24 0.69 -72.88
N TYR H 50 21.01 1.28 -73.78
CA TYR H 50 20.68 2.59 -74.33
C TYR H 50 20.83 2.58 -75.85
N MET H 51 20.24 3.58 -76.48
CA MET H 51 20.28 3.70 -77.94
C MET H 51 21.65 4.18 -78.37
N THR H 52 22.33 3.40 -79.20
CA THR H 52 23.69 3.68 -79.63
C THR H 52 23.78 3.60 -81.15
N ALA H 53 24.49 4.54 -81.74
CA ALA H 53 24.74 4.56 -83.19
C ALA H 53 26.24 4.48 -83.42
N THR H 54 26.68 3.33 -83.92
CA THR H 54 28.11 3.10 -84.15
C THR H 54 28.26 1.89 -85.07
N ARG H 55 29.49 1.69 -85.53
CA ARG H 55 29.82 0.50 -86.32
C ARG H 55 29.65 -0.75 -85.48
N GLU H 56 29.21 -1.83 -86.12
CA GLU H 56 28.97 -3.07 -85.40
C GLU H 56 30.28 -3.78 -85.09
N VAL H 57 30.49 -4.09 -83.81
CA VAL H 57 31.67 -4.78 -83.33
C VAL H 57 31.24 -5.88 -82.37
N ASP H 58 31.85 -7.06 -82.52
CA ASP H 58 31.59 -8.20 -81.66
C ASP H 58 32.66 -8.24 -80.57
N PHE H 59 32.23 -8.17 -79.31
CA PHE H 59 33.14 -8.11 -78.18
C PHE H 59 33.28 -9.51 -77.56
N THR H 60 34.16 -10.31 -78.15
CA THR H 60 34.38 -11.68 -77.71
C THR H 60 35.61 -11.77 -76.82
N VAL H 61 35.86 -12.95 -76.28
CA VAL H 61 36.96 -13.21 -75.37
C VAL H 61 37.79 -14.36 -75.94
N PRO H 62 39.10 -14.19 -76.15
CA PRO H 62 39.89 -15.27 -76.74
C PRO H 62 40.49 -16.22 -75.71
N ASP H 63 41.30 -17.17 -76.18
CA ASP H 63 42.02 -18.11 -75.33
C ASP H 63 43.46 -17.61 -75.21
N VAL H 64 43.81 -17.10 -74.03
CA VAL H 64 45.13 -16.49 -73.84
C VAL H 64 46.22 -17.55 -73.84
N GLN H 65 45.95 -18.71 -73.22
CA GLN H 65 46.93 -19.79 -73.16
C GLN H 65 47.30 -20.27 -74.56
N LYS H 66 46.30 -20.40 -75.43
CA LYS H 66 46.55 -20.79 -76.81
C LYS H 66 47.45 -19.78 -77.52
N ILE H 67 47.21 -18.48 -77.28
CA ILE H 67 48.02 -17.43 -77.91
C ILE H 67 49.47 -17.52 -77.44
N LEU H 68 49.67 -17.70 -76.14
CA LEU H 68 51.04 -17.79 -75.63
C LEU H 68 51.75 -19.03 -76.15
N ASP H 69 51.04 -20.15 -76.25
CA ASP H 69 51.64 -21.35 -76.83
C ASP H 69 51.99 -21.15 -78.30
N ASP H 70 51.15 -20.42 -79.03
CA ASP H 70 51.46 -20.12 -80.43
C ASP H 70 52.70 -19.24 -80.53
N ILE H 71 52.87 -18.29 -79.62
CA ILE H 71 54.07 -17.45 -79.63
C ILE H 71 55.31 -18.29 -79.35
N LYS H 72 55.25 -19.18 -78.36
CA LYS H 72 56.40 -20.04 -78.09
C LYS H 72 56.71 -20.95 -79.27
N ALA H 73 55.68 -21.44 -79.97
CA ALA H 73 55.91 -22.25 -81.17
C ALA H 73 56.57 -21.42 -82.27
N LEU H 74 56.12 -20.17 -82.44
CA LEU H 74 56.73 -19.28 -83.41
C LEU H 74 58.18 -18.97 -83.07
N ALA H 75 58.54 -19.05 -81.79
CA ALA H 75 59.91 -18.78 -81.37
C ALA H 75 60.92 -19.78 -81.92
N ALA H 76 60.48 -20.91 -82.46
CA ALA H 76 61.37 -21.97 -82.91
C ALA H 76 61.43 -22.11 -84.43
N GLU H 77 61.07 -21.07 -85.18
CA GLU H 77 61.13 -21.13 -86.63
C GLU H 77 62.48 -20.67 -87.15
N GLN H 78 62.90 -21.25 -88.26
CA GLN H 78 64.18 -20.93 -88.89
C GLN H 78 63.92 -20.13 -90.17
N VAL H 79 64.69 -19.06 -90.35
CA VAL H 79 64.57 -18.22 -91.54
C VAL H 79 65.57 -18.59 -92.63
N TYR H 80 66.49 -19.51 -92.37
CA TYR H 80 67.51 -19.92 -93.31
C TYR H 80 67.35 -21.40 -93.65
N LYS H 81 68.02 -21.82 -94.71
CA LYS H 81 68.02 -23.22 -95.12
C LYS H 81 69.47 -23.63 -95.42
N ILE H 82 69.73 -24.92 -95.28
CA ILE H 82 71.05 -25.49 -95.52
C ILE H 82 70.97 -26.38 -96.75
N VAL H 83 71.81 -26.09 -97.75
CA VAL H 83 71.80 -26.80 -99.01
C VAL H 83 73.22 -27.24 -99.34
N LYS H 84 73.33 -28.11 -100.34
CA LYS H 84 74.61 -28.59 -100.80
C LYS H 84 75.07 -27.93 -102.10
N VAL H 85 74.14 -27.50 -102.94
CA VAL H 85 74.48 -26.74 -104.15
C VAL H 85 73.57 -25.54 -104.24
N PRO H 86 74.06 -24.45 -104.83
CA PRO H 86 73.21 -23.28 -105.05
C PRO H 86 72.34 -23.46 -106.29
N SER H 87 71.33 -22.60 -106.38
CA SER H 87 70.39 -22.65 -107.50
C SER H 87 71.04 -22.12 -108.78
N ILE H 88 70.49 -22.55 -109.90
CA ILE H 88 71.01 -22.11 -111.20
C ILE H 88 70.60 -20.67 -111.45
N SER H 89 71.57 -19.84 -111.84
CA SER H 89 71.32 -18.43 -112.08
C SER H 89 71.33 -18.07 -113.57
N PHE H 90 72.01 -18.85 -114.40
CA PHE H 90 72.09 -18.57 -115.82
C PHE H 90 71.81 -19.84 -116.62
N ARG H 91 71.11 -19.69 -117.73
CA ARG H 91 70.88 -20.77 -118.68
C ARG H 91 71.11 -20.25 -120.09
N HIS H 92 71.11 -21.16 -121.05
CA HIS H 92 71.43 -20.82 -122.43
C HIS H 92 70.38 -21.39 -123.37
N ILE H 93 70.11 -20.67 -124.47
CA ILE H 93 69.22 -21.11 -125.53
C ILE H 93 70.07 -21.33 -126.78
N VAL H 94 69.84 -22.45 -127.45
CA VAL H 94 70.64 -22.84 -128.61
C VAL H 94 69.84 -22.52 -129.87
N MET H 95 70.44 -21.76 -130.77
CA MET H 95 69.88 -21.49 -132.07
C MET H 95 70.50 -22.44 -133.09
N GLN H 96 70.28 -22.19 -134.38
CA GLN H 96 70.90 -23.00 -135.42
C GLN H 96 72.39 -22.73 -135.58
N SER H 97 72.91 -21.69 -134.94
CA SER H 97 74.34 -21.39 -135.02
C SER H 97 75.13 -22.31 -134.10
N ARG H 98 76.37 -22.60 -134.53
CA ARG H 98 77.27 -23.46 -133.77
C ARG H 98 78.28 -22.69 -132.94
N ASP H 99 78.21 -21.36 -132.92
CA ASP H 99 79.20 -20.59 -132.18
C ASP H 99 78.61 -19.43 -131.38
N ARG H 100 77.30 -19.19 -131.43
CA ARG H 100 76.67 -18.14 -130.64
C ARG H 100 75.40 -18.66 -130.00
N VAL H 101 75.21 -18.33 -128.71
CA VAL H 101 74.02 -18.71 -127.95
C VAL H 101 73.52 -17.49 -127.21
N LEU H 102 72.35 -17.65 -126.57
CA LEU H 102 71.73 -16.59 -125.79
C LEU H 102 71.86 -16.89 -124.31
N ARG H 103 72.60 -16.06 -123.58
CA ARG H 103 72.66 -16.18 -122.13
C ARG H 103 71.46 -15.52 -121.49
N VAL H 104 70.79 -16.24 -120.60
CA VAL H 104 69.56 -15.78 -119.95
C VAL H 104 69.77 -15.83 -118.44
N ASP H 105 69.41 -14.74 -117.77
CA ASP H 105 69.49 -14.64 -116.32
C ASP H 105 68.12 -15.04 -115.75
N THR H 106 68.06 -16.21 -115.11
CA THR H 106 66.78 -16.76 -114.68
C THR H 106 66.15 -16.00 -113.53
N TYR H 107 66.93 -15.18 -112.82
CA TYR H 107 66.38 -14.44 -111.70
C TYR H 107 65.26 -13.50 -112.15
N TYR H 108 65.47 -12.78 -113.25
CA TYR H 108 64.44 -11.86 -113.73
C TYR H 108 63.24 -12.61 -114.29
N GLU H 109 63.46 -13.77 -114.91
CA GLU H 109 62.35 -14.59 -115.37
C GLU H 109 61.45 -15.00 -114.20
N GLU H 110 62.05 -15.46 -113.10
CA GLU H 110 61.26 -15.82 -111.94
C GLU H 110 60.67 -14.58 -111.27
N MET H 111 61.37 -13.45 -111.35
CA MET H 111 60.91 -12.22 -110.71
C MET H 111 59.65 -11.70 -111.37
N SER H 112 59.57 -11.78 -112.70
CA SER H 112 58.45 -11.19 -113.42
C SER H 112 57.13 -11.92 -113.17
N GLN H 113 57.16 -13.10 -112.55
CA GLN H 113 55.96 -13.89 -112.33
C GLN H 113 55.45 -13.83 -110.90
N VAL H 114 55.94 -12.91 -110.08
CA VAL H 114 55.55 -12.83 -108.67
C VAL H 114 54.54 -11.71 -108.49
N GLY H 115 53.44 -12.02 -107.81
CA GLY H 115 52.42 -11.02 -107.51
C GLY H 115 51.43 -10.82 -108.65
N ASP H 116 50.45 -9.98 -108.37
CA ASP H 116 49.40 -9.66 -109.34
C ASP H 116 49.91 -8.64 -110.35
N VAL H 117 49.00 -8.20 -111.22
CA VAL H 117 49.33 -7.20 -112.22
C VAL H 117 49.02 -5.82 -111.66
N ILE H 118 49.98 -4.90 -111.77
CA ILE H 118 49.83 -3.55 -111.22
C ILE H 118 48.79 -2.78 -112.03
N THR H 119 47.80 -2.23 -111.33
CA THR H 119 46.78 -1.40 -111.95
C THR H 119 46.58 -0.17 -111.08
N GLU H 120 46.26 0.96 -111.72
CA GLU H 120 46.09 2.23 -111.01
C GLU H 120 44.71 2.38 -110.38
N ASP H 121 43.94 1.30 -110.28
CA ASP H 121 42.61 1.38 -109.70
C ASP H 121 42.55 0.90 -108.25
N GLU H 122 43.49 0.06 -107.82
CA GLU H 122 43.50 -0.47 -106.46
C GLU H 122 44.89 -0.35 -105.85
N PRO H 123 45.05 0.34 -104.72
CA PRO H 123 46.38 0.43 -104.07
C PRO H 123 46.69 -0.75 -103.17
N GLU H 124 45.65 -1.42 -102.68
CA GLU H 124 45.83 -2.58 -101.81
C GLU H 124 46.63 -3.67 -102.49
N LYS H 125 46.26 -4.01 -103.72
CA LYS H 125 46.97 -5.05 -104.46
C LYS H 125 48.37 -4.60 -104.85
N PHE H 126 48.57 -3.29 -105.08
CA PHE H 126 49.91 -2.79 -105.36
C PHE H 126 50.84 -3.01 -104.17
N TYR H 127 50.39 -2.62 -102.98
CA TYR H 127 51.21 -2.81 -101.79
C TYR H 127 51.44 -4.30 -101.53
N SER H 128 50.42 -5.13 -101.74
CA SER H 128 50.59 -6.58 -101.57
C SER H 128 51.62 -7.14 -102.53
N THR H 129 51.60 -6.68 -103.78
CA THR H 129 52.57 -7.14 -104.76
C THR H 129 53.99 -6.75 -104.36
N ILE H 130 54.18 -5.52 -103.89
CA ILE H 130 55.52 -5.09 -103.47
C ILE H 130 56.00 -5.94 -102.29
N ILE H 131 55.12 -6.18 -101.33
CA ILE H 131 55.49 -6.99 -100.16
C ILE H 131 55.87 -8.40 -100.60
N LYS H 132 55.09 -9.00 -101.50
CA LYS H 132 55.38 -10.36 -101.95
C LYS H 132 56.71 -10.44 -102.69
N LYS H 133 56.99 -9.43 -103.52
CA LYS H 133 58.26 -9.41 -104.24
C LYS H 133 59.45 -9.31 -103.28
N VAL H 134 59.34 -8.44 -102.26
CA VAL H 134 60.43 -8.28 -101.31
C VAL H 134 60.63 -9.57 -100.51
N ARG H 135 59.54 -10.23 -100.12
CA ARG H 135 59.65 -11.48 -99.39
C ARG H 135 60.26 -12.57 -100.25
N PHE H 136 59.93 -12.60 -101.54
CA PHE H 136 60.55 -13.56 -102.44
C PHE H 136 62.06 -13.33 -102.53
N ILE H 137 62.47 -12.06 -102.63
CA ILE H 137 63.90 -11.74 -102.69
C ILE H 137 64.59 -12.21 -101.41
N ARG H 138 63.99 -11.95 -100.25
CA ARG H 138 64.58 -12.37 -98.99
C ARG H 138 64.69 -13.90 -98.91
N GLY H 139 63.62 -14.61 -99.28
CA GLY H 139 63.62 -16.05 -99.16
C GLY H 139 64.60 -16.73 -100.09
N LYS H 140 64.78 -16.18 -101.29
CA LYS H 140 65.64 -16.84 -102.27
C LYS H 140 67.11 -16.85 -101.86
N GLY H 141 67.54 -15.85 -101.09
CA GLY H 141 68.97 -15.70 -100.82
C GLY H 141 69.46 -16.15 -99.47
N SER H 142 68.57 -16.58 -98.58
CA SER H 142 68.96 -16.94 -97.22
C SER H 142 69.27 -18.43 -97.16
N PHE H 143 70.46 -18.79 -97.63
CA PHE H 143 70.91 -20.17 -97.64
C PHE H 143 72.35 -20.27 -97.16
N ILE H 144 72.70 -21.45 -96.64
CA ILE H 144 74.05 -21.79 -96.20
C ILE H 144 74.47 -23.05 -96.92
N LEU H 145 75.68 -23.04 -97.47
CA LEU H 145 76.22 -24.21 -98.16
C LEU H 145 76.95 -25.13 -97.17
N HIS H 146 76.91 -26.43 -97.45
CA HIS H 146 77.46 -27.42 -96.53
C HIS H 146 77.72 -28.71 -97.30
N ASP H 147 78.98 -29.15 -97.31
CA ASP H 147 79.40 -30.43 -97.89
C ASP H 147 79.07 -30.49 -99.38
N ILE H 148 79.76 -29.62 -100.13
CA ILE H 148 79.63 -29.57 -101.59
C ILE H 148 80.39 -30.73 -102.22
N PRO H 149 80.05 -31.14 -103.44
CA PRO H 149 80.86 -32.15 -104.13
C PRO H 149 82.16 -31.56 -104.68
N THR H 150 83.20 -32.41 -104.69
CA THR H 150 84.53 -31.96 -105.09
C THR H 150 85.23 -33.15 -105.75
N ARG H 151 86.17 -32.84 -106.65
CA ARG H 151 86.86 -33.84 -107.44
C ARG H 151 88.35 -33.51 -107.46
N ASP H 152 89.18 -34.54 -107.71
CA ASP H 152 90.62 -34.40 -107.76
C ASP H 152 91.07 -34.21 -109.20
N HIS H 153 91.98 -33.26 -109.42
CA HIS H 153 92.52 -33.00 -110.76
C HIS H 153 94.00 -32.65 -110.64
N ARG H 154 94.85 -33.47 -111.27
CA ARG H 154 96.30 -33.28 -111.42
C ARG H 154 97.01 -32.82 -110.15
N GLY H 155 96.53 -33.27 -108.99
CA GLY H 155 97.19 -32.96 -107.74
C GLY H 155 96.61 -31.82 -106.95
N MET H 156 95.37 -31.41 -107.22
CA MET H 156 94.73 -30.35 -106.48
C MET H 156 93.23 -30.65 -106.42
N GLU H 157 92.48 -29.77 -105.77
CA GLU H 157 91.06 -29.94 -105.58
C GLU H 157 90.30 -29.00 -106.53
N VAL H 158 89.31 -29.55 -107.22
CA VAL H 158 88.47 -28.76 -108.14
C VAL H 158 87.01 -29.05 -107.84
N ALA H 159 86.19 -27.99 -107.89
CA ALA H 159 84.76 -28.15 -107.69
C ALA H 159 84.11 -28.78 -108.92
N GLU H 160 83.08 -29.58 -108.67
CA GLU H 160 82.33 -30.21 -109.75
C GLU H 160 81.44 -29.18 -110.45
N PRO H 161 81.12 -29.40 -111.72
CA PRO H 161 80.27 -28.42 -112.44
C PRO H 161 78.88 -28.27 -111.86
N GLU H 162 78.40 -29.24 -111.07
CA GLU H 162 77.04 -29.18 -110.55
C GLU H 162 76.87 -28.10 -109.48
N VAL H 163 77.94 -27.52 -108.97
CA VAL H 163 77.85 -26.54 -107.88
C VAL H 163 78.11 -25.13 -108.36
N LEU H 164 78.57 -24.95 -109.61
CA LEU H 164 78.96 -23.64 -110.09
C LEU H 164 77.77 -22.72 -110.36
N GLY H 165 76.55 -23.25 -110.38
CA GLY H 165 75.38 -22.41 -110.54
C GLY H 165 75.12 -21.93 -111.95
N VAL H 166 75.48 -22.71 -112.96
CA VAL H 166 75.24 -22.36 -114.36
C VAL H 166 74.98 -23.65 -115.14
N GLU H 167 74.01 -23.60 -116.05
CA GLU H 167 73.58 -24.77 -116.81
C GLU H 167 73.98 -24.60 -118.27
N PHE H 168 74.79 -25.53 -118.77
CA PHE H 168 75.29 -25.45 -120.13
C PHE H 168 75.41 -26.79 -120.85
N LYS H 169 74.78 -27.86 -120.35
CA LYS H 169 74.98 -29.18 -120.94
C LYS H 169 74.33 -29.30 -122.31
N ASN H 170 73.34 -28.46 -122.61
CA ASN H 170 72.68 -28.50 -123.90
C ASN H 170 73.48 -27.82 -125.01
N VAL H 171 74.65 -27.27 -124.69
CA VAL H 171 75.47 -26.56 -125.67
C VAL H 171 76.58 -27.46 -126.21
N LEU H 172 77.02 -28.43 -125.42
CA LEU H 172 78.18 -29.24 -125.79
C LEU H 172 78.06 -30.00 -127.11
N PRO H 173 76.94 -30.66 -127.45
CA PRO H 173 76.93 -31.48 -128.68
C PRO H 173 77.13 -30.71 -129.98
N VAL H 174 76.89 -29.39 -130.01
CA VAL H 174 76.99 -28.65 -131.26
C VAL H 174 78.35 -27.99 -131.45
N LEU H 175 79.26 -28.13 -130.49
CA LEU H 175 80.56 -27.50 -130.60
C LEU H 175 81.52 -28.35 -131.43
N THR H 176 82.62 -27.74 -131.84
CA THR H 176 83.70 -28.46 -132.50
C THR H 176 84.62 -29.07 -131.46
N ALA H 177 85.67 -29.75 -131.94
CA ALA H 177 86.63 -30.34 -131.02
C ALA H 177 87.40 -29.27 -130.25
N GLU H 178 87.82 -28.21 -130.95
CA GLU H 178 88.60 -27.15 -130.31
C GLU H 178 87.80 -26.44 -129.23
N HIS H 179 86.54 -26.12 -129.52
CA HIS H 179 85.72 -25.42 -128.54
C HIS H 179 85.42 -26.31 -127.34
N ARG H 180 85.16 -27.60 -127.58
CA ARG H 180 84.94 -28.53 -126.48
C ARG H 180 86.17 -28.63 -125.59
N ALA H 181 87.36 -28.70 -126.20
CA ALA H 181 88.60 -28.75 -125.42
C ALA H 181 88.79 -27.48 -124.61
N MET H 182 88.51 -26.31 -125.21
CA MET H 182 88.67 -25.06 -124.49
C MET H 182 87.71 -24.96 -123.31
N ILE H 183 86.45 -25.36 -123.51
CA ILE H 183 85.48 -25.34 -122.41
C ILE H 183 85.90 -26.29 -121.31
N GLN H 184 86.40 -27.48 -121.67
CA GLN H 184 86.85 -28.43 -120.66
C GLN H 184 88.03 -27.87 -119.86
N ASN H 185 88.98 -27.24 -120.55
CA ASN H 185 90.13 -26.67 -119.86
C ASN H 185 89.72 -25.52 -118.94
N ALA H 186 88.76 -24.71 -119.38
CA ALA H 186 88.25 -23.64 -118.51
C ALA H 186 87.53 -24.21 -117.29
N LEU H 187 86.78 -25.30 -117.49
CA LEU H 187 86.09 -25.94 -116.38
C LEU H 187 87.06 -26.56 -115.38
N ASP H 188 88.22 -27.03 -115.86
CA ASP H 188 89.21 -27.59 -114.96
C ASP H 188 89.90 -26.55 -114.10
N GLY H 189 89.68 -25.26 -114.37
CA GLY H 189 90.30 -24.18 -113.63
C GLY H 189 89.51 -23.67 -112.43
N SER H 190 88.41 -24.32 -112.08
CA SER H 190 87.60 -23.90 -110.92
C SER H 190 88.15 -24.61 -109.69
N ILE H 191 89.15 -23.99 -109.07
CA ILE H 191 89.92 -24.64 -108.01
C ILE H 191 89.29 -24.34 -106.65
N ILE H 192 89.68 -25.14 -105.66
CA ILE H 192 89.42 -24.87 -104.25
C ILE H 192 90.68 -24.26 -103.65
N GLU H 193 90.52 -23.17 -102.91
CA GLU H 193 91.66 -22.45 -102.36
C GLU H 193 92.40 -23.32 -101.34
N ASN H 194 93.72 -23.39 -101.51
CA ASN H 194 94.64 -24.24 -100.73
C ASN H 194 94.01 -25.59 -100.38
N GLY H 195 93.63 -26.31 -101.43
CA GLY H 195 92.95 -27.58 -101.27
C GLY H 195 93.81 -28.71 -100.78
N ASN H 196 95.13 -28.52 -100.73
CA ASN H 196 96.04 -29.55 -100.24
C ASN H 196 96.36 -29.40 -98.76
N VAL H 197 95.76 -28.44 -98.07
CA VAL H 197 95.93 -28.31 -96.63
C VAL H 197 94.99 -29.27 -95.92
N ALA H 198 95.54 -30.10 -95.06
CA ALA H 198 94.77 -31.19 -94.46
C ALA H 198 93.82 -30.70 -93.37
N THR H 199 94.20 -29.66 -92.63
CA THR H 199 93.46 -29.22 -91.46
C THR H 199 92.55 -28.03 -91.75
N ARG H 200 91.94 -27.99 -92.92
CA ARG H 200 91.05 -26.89 -93.26
C ARG H 200 89.72 -27.02 -92.54
N ASP H 201 88.94 -25.94 -92.62
CA ASP H 201 87.60 -25.87 -92.04
C ASP H 201 86.53 -25.64 -93.11
N VAL H 202 86.83 -24.83 -94.12
CA VAL H 202 85.85 -24.45 -95.13
C VAL H 202 86.43 -24.70 -96.52
N ASP H 203 85.53 -24.75 -97.51
CA ASP H 203 85.90 -24.79 -98.92
C ASP H 203 85.51 -23.47 -99.58
N VAL H 204 86.45 -22.88 -100.31
CA VAL H 204 86.23 -21.59 -100.96
C VAL H 204 86.44 -21.77 -102.45
N PHE H 205 85.48 -21.28 -103.25
CA PHE H 205 85.53 -21.41 -104.70
C PHE H 205 84.85 -20.20 -105.33
N ILE H 206 84.87 -20.15 -106.66
CA ILE H 206 84.27 -19.07 -107.43
C ILE H 206 83.08 -19.61 -108.19
N GLY H 207 81.92 -18.97 -108.03
CA GLY H 207 80.72 -19.41 -108.72
C GLY H 207 79.96 -18.28 -109.38
N ALA H 208 78.73 -18.55 -109.80
CA ALA H 208 77.88 -17.57 -110.47
C ALA H 208 76.61 -17.35 -109.65
N CYS H 209 76.22 -16.10 -109.47
CA CYS H 209 75.05 -15.77 -108.68
C CYS H 209 74.56 -14.38 -109.06
N SER H 210 73.28 -14.12 -108.81
CA SER H 210 72.70 -12.81 -109.04
C SER H 210 72.99 -11.90 -107.86
N GLU H 211 73.25 -10.62 -108.16
CA GLU H 211 73.67 -9.68 -107.11
C GLU H 211 72.64 -9.45 -106.01
N PRO H 212 71.31 -9.37 -106.26
CA PRO H 212 70.40 -9.24 -105.11
C PRO H 212 70.40 -10.46 -104.20
N VAL H 213 70.57 -11.66 -104.78
CA VAL H 213 70.68 -12.87 -103.97
C VAL H 213 72.02 -12.91 -103.24
N TYR H 214 73.08 -12.48 -103.94
CA TYR H 214 74.41 -12.48 -103.35
C TYR H 214 74.50 -11.53 -102.16
N ARG H 215 73.78 -10.41 -102.23
CA ARG H 215 73.74 -9.45 -101.13
C ARG H 215 73.20 -10.11 -99.85
N ILE H 216 72.07 -10.82 -99.97
CA ILE H 216 71.47 -11.48 -98.83
C ILE H 216 72.39 -12.58 -98.30
N TYR H 217 73.01 -13.33 -99.21
CA TYR H 217 73.92 -14.40 -98.80
C TYR H 217 75.10 -13.84 -98.01
N ASN H 218 75.69 -12.73 -98.48
CA ASN H 218 76.79 -12.10 -97.77
C ASN H 218 76.35 -11.60 -96.40
N ARG H 219 75.15 -11.00 -96.31
CA ARG H 219 74.68 -10.48 -95.03
C ARG H 219 74.48 -11.61 -94.02
N LEU H 220 73.89 -12.73 -94.46
CA LEU H 220 73.69 -13.86 -93.55
C LEU H 220 75.03 -14.45 -93.10
N GLN H 221 75.97 -14.58 -94.04
CA GLN H 221 77.28 -15.12 -93.69
C GLN H 221 77.99 -14.23 -92.67
N GLY H 222 77.92 -12.91 -92.87
CA GLY H 222 78.54 -12.01 -91.92
C GLY H 222 77.90 -12.04 -90.55
N TYR H 223 76.56 -12.14 -90.51
CA TYR H 223 75.88 -12.22 -89.22
C TYR H 223 76.28 -13.48 -88.47
N ILE H 224 76.36 -14.61 -89.18
CA ILE H 224 76.74 -15.85 -88.52
C ILE H 224 78.18 -15.78 -88.03
N GLU H 225 79.05 -15.13 -88.81
CA GLU H 225 80.45 -14.96 -88.37
C GLU H 225 80.54 -14.08 -87.12
N ALA H 226 79.71 -13.04 -87.05
CA ALA H 226 79.88 -12.04 -85.98
C ALA H 226 79.29 -12.49 -84.65
N VAL H 227 78.06 -13.00 -84.65
CA VAL H 227 77.34 -13.30 -83.42
C VAL H 227 77.78 -14.66 -82.90
N GLN H 228 78.41 -14.68 -81.73
CA GLN H 228 79.02 -15.88 -81.16
C GLN H 228 78.95 -15.78 -79.64
N LEU H 229 79.84 -16.53 -78.97
CA LEU H 229 79.84 -16.71 -77.51
C LEU H 229 79.57 -15.47 -76.68
N GLN H 230 80.13 -14.32 -77.09
CA GLN H 230 80.01 -13.11 -76.26
C GLN H 230 78.56 -12.65 -76.13
N GLU H 231 77.80 -12.72 -77.23
CA GLU H 231 76.39 -12.34 -77.19
C GLU H 231 75.60 -13.26 -76.26
N LEU H 232 75.88 -14.57 -76.33
CA LEU H 232 75.23 -15.51 -75.42
C LEU H 232 75.58 -15.20 -73.97
N ARG H 233 76.84 -14.87 -73.70
CA ARG H 233 77.22 -14.54 -72.32
C ARG H 233 76.51 -13.29 -71.84
N ASN H 234 76.36 -12.29 -72.71
CA ASN H 234 75.64 -11.07 -72.33
C ASN H 234 74.18 -11.36 -72.01
N SER H 235 73.53 -12.18 -72.84
CA SER H 235 72.13 -12.51 -72.61
C SER H 235 71.96 -13.30 -71.31
N ILE H 236 72.83 -14.27 -71.06
CA ILE H 236 72.74 -15.05 -69.84
C ILE H 236 73.04 -14.20 -68.61
N GLY H 237 73.93 -13.20 -68.74
CA GLY H 237 74.17 -12.30 -67.63
C GLY H 237 72.96 -11.43 -67.30
N TRP H 238 72.27 -10.95 -68.34
CA TRP H 238 71.03 -10.20 -68.08
C TRP H 238 69.99 -11.11 -67.43
N LEU H 239 69.93 -12.37 -67.86
CA LEU H 239 69.04 -13.34 -67.19
C LEU H 239 69.43 -13.52 -65.74
N GLU H 240 70.73 -13.53 -65.45
CA GLU H 240 71.19 -13.67 -64.07
C GLU H 240 70.72 -12.49 -63.22
N ARG H 241 70.83 -11.28 -63.77
CA ARG H 241 70.37 -10.11 -63.02
C ARG H 241 68.85 -10.16 -62.78
N LEU H 242 68.09 -10.57 -63.80
CA LEU H 242 66.64 -10.67 -63.63
C LEU H 242 66.27 -11.72 -62.59
N GLY H 243 66.95 -12.88 -62.63
CA GLY H 243 66.69 -13.92 -61.65
C GLY H 243 67.06 -13.49 -60.24
N HIS H 244 68.13 -12.71 -60.12
CA HIS H 244 68.48 -12.12 -58.83
C HIS H 244 67.39 -11.19 -58.34
N ARG H 245 66.81 -10.41 -59.25
CA ARG H 245 65.69 -9.54 -58.87
C ARG H 245 64.49 -10.34 -58.38
N LYS H 246 64.16 -11.44 -59.06
CA LYS H 246 62.98 -12.23 -58.72
C LYS H 246 63.26 -13.29 -57.67
N ARG H 247 64.51 -13.49 -57.27
CA ARG H 247 64.95 -14.51 -56.31
C ARG H 247 64.42 -15.89 -56.67
N ILE H 248 64.84 -16.38 -57.83
CA ILE H 248 64.55 -17.75 -58.21
C ILE H 248 65.61 -18.66 -57.59
N THR H 249 65.39 -19.97 -57.63
CA THR H 249 66.33 -20.95 -57.11
C THR H 249 67.16 -21.52 -58.25
N TYR H 250 68.47 -21.53 -58.07
CA TYR H 250 69.40 -22.01 -59.07
C TYR H 250 69.89 -23.41 -58.74
N SER H 251 70.28 -24.14 -59.78
CA SER H 251 70.86 -25.46 -59.61
C SER H 251 72.34 -25.37 -59.29
N GLN H 252 72.94 -26.51 -58.96
CA GLN H 252 74.37 -26.61 -58.71
C GLN H 252 75.20 -26.63 -59.98
N GLU H 253 74.57 -26.86 -61.13
CA GLU H 253 75.26 -26.96 -62.40
C GLU H 253 75.45 -25.58 -63.02
N VAL H 254 76.63 -25.35 -63.59
CA VAL H 254 76.97 -24.07 -64.20
C VAL H 254 77.40 -24.29 -65.65
N LEU H 255 77.29 -23.23 -66.44
CA LEU H 255 77.54 -23.28 -67.87
C LEU H 255 78.94 -22.76 -68.17
N THR H 256 79.77 -23.60 -68.79
CA THR H 256 81.14 -23.23 -69.13
C THR H 256 81.18 -22.58 -70.52
N ASP H 257 82.37 -22.16 -70.93
CA ASP H 257 82.57 -21.50 -72.21
C ASP H 257 83.15 -22.43 -73.27
N PHE H 258 83.25 -23.72 -72.99
CA PHE H 258 83.87 -24.66 -73.93
C PHE H 258 83.01 -24.82 -75.18
N ARG H 259 83.66 -24.78 -76.34
CA ARG H 259 83.00 -25.02 -77.62
C ARG H 259 83.82 -26.04 -78.41
N ARG H 260 83.13 -27.03 -78.97
CA ARG H 260 83.80 -28.06 -79.75
C ARG H 260 84.37 -27.48 -81.04
N GLN H 261 85.43 -28.12 -81.54
CA GLN H 261 86.11 -27.65 -82.73
C GLN H 261 85.25 -27.73 -83.98
N ASP H 262 84.24 -28.59 -83.99
CA ASP H 262 83.43 -28.84 -85.18
C ASP H 262 81.96 -28.45 -85.00
N THR H 263 81.71 -27.30 -84.38
CA THR H 263 80.35 -26.86 -84.12
C THR H 263 80.24 -25.36 -84.35
N ILE H 264 79.15 -24.95 -85.00
CA ILE H 264 78.84 -23.55 -85.23
C ILE H 264 77.52 -23.23 -84.54
N TRP H 265 77.51 -22.19 -83.72
CA TRP H 265 76.29 -21.73 -83.06
C TRP H 265 75.56 -20.73 -83.94
N VAL H 266 74.24 -20.66 -83.76
CA VAL H 266 73.39 -19.68 -84.41
C VAL H 266 72.47 -19.07 -83.35
N LEU H 267 72.54 -17.76 -83.17
CA LEU H 267 71.57 -17.01 -82.39
C LEU H 267 70.70 -16.17 -83.32
N ALA H 268 69.39 -16.25 -83.14
CA ALA H 268 68.46 -15.46 -83.93
C ALA H 268 67.85 -14.30 -83.17
N LEU H 269 67.95 -14.29 -81.84
CA LEU H 269 67.36 -13.25 -81.02
C LEU H 269 68.38 -12.72 -80.01
N GLN H 270 68.25 -11.45 -79.67
CA GLN H 270 68.98 -10.84 -78.57
C GLN H 270 68.00 -10.52 -77.45
N LEU H 271 68.37 -10.89 -76.23
CA LEU H 271 67.38 -10.96 -75.16
C LEU H 271 67.03 -9.62 -74.50
N PRO H 272 67.98 -8.72 -74.20
CA PRO H 272 67.56 -7.41 -73.65
C PRO H 272 66.70 -6.65 -74.66
N VAL H 273 65.44 -6.44 -74.27
CA VAL H 273 64.41 -5.89 -75.16
C VAL H 273 64.16 -4.45 -74.79
N ASN H 274 64.12 -3.58 -75.79
CA ASN H 274 63.72 -2.19 -75.59
C ASN H 274 62.24 -2.14 -75.27
N PRO H 275 61.84 -1.60 -74.12
CA PRO H 275 60.40 -1.56 -73.78
C PRO H 275 59.62 -0.54 -74.59
N GLN H 276 60.29 0.45 -75.19
CA GLN H 276 59.58 1.42 -76.02
C GLN H 276 58.92 0.76 -77.22
N VAL H 277 59.52 -0.30 -77.76
CA VAL H 277 58.92 -1.03 -78.87
C VAL H 277 57.58 -1.62 -78.46
N VAL H 278 57.52 -2.19 -77.25
CA VAL H 278 56.28 -2.79 -76.77
C VAL H 278 55.25 -1.71 -76.47
N TRP H 279 55.66 -0.62 -75.84
CA TRP H 279 54.71 0.39 -75.40
C TRP H 279 54.41 1.47 -76.44
N ASP H 280 54.94 1.35 -77.66
CA ASP H 280 54.62 2.31 -78.70
C ASP H 280 53.41 1.91 -79.53
N VAL H 281 52.87 0.72 -79.33
CA VAL H 281 51.71 0.27 -80.11
C VAL H 281 50.49 1.10 -79.72
N PRO H 282 49.73 1.63 -80.68
CA PRO H 282 48.58 2.47 -80.32
C PRO H 282 47.47 1.66 -79.67
N ARG H 283 46.97 2.19 -78.54
CA ARG H 283 45.86 1.59 -77.79
C ARG H 283 46.17 0.17 -77.36
N SER H 284 47.31 -0.02 -76.70
CA SER H 284 47.78 -1.33 -76.29
C SER H 284 47.88 -1.49 -74.78
N SER H 285 47.34 -0.55 -74.00
CA SER H 285 47.51 -0.62 -72.55
C SER H 285 46.78 -1.82 -71.95
N ILE H 286 45.55 -2.07 -72.40
CA ILE H 286 44.76 -3.18 -71.84
C ILE H 286 45.39 -4.52 -72.19
N ALA H 287 45.84 -4.68 -73.44
CA ALA H 287 46.48 -5.94 -73.84
C ALA H 287 47.75 -6.17 -73.05
N ASN H 288 48.54 -5.11 -72.82
CA ASN H 288 49.76 -5.24 -72.02
C ASN H 288 49.44 -5.64 -70.59
N LEU H 289 48.38 -5.06 -70.01
CA LEU H 289 47.98 -5.42 -68.65
C LEU H 289 47.56 -6.89 -68.57
N ILE H 290 46.78 -7.35 -69.56
CA ILE H 290 46.35 -8.74 -69.57
C ILE H 290 47.55 -9.68 -69.73
N MET H 291 48.51 -9.31 -70.58
CA MET H 291 49.69 -10.13 -70.75
C MET H 291 50.53 -10.19 -69.47
N ASN H 292 50.63 -9.06 -68.76
CA ASN H 292 51.33 -9.05 -67.48
C ASN H 292 50.68 -10.00 -66.49
N ILE H 293 49.35 -9.94 -66.39
CA ILE H 293 48.64 -10.83 -65.46
C ILE H 293 48.86 -12.29 -65.86
N ALA H 294 48.76 -12.60 -67.15
CA ALA H 294 48.83 -13.98 -67.60
C ALA H 294 50.24 -14.55 -67.48
N THR H 295 51.26 -13.71 -67.56
CA THR H 295 52.63 -14.22 -67.55
C THR H 295 53.33 -14.14 -66.21
N CYS H 296 52.89 -13.29 -65.28
CA CYS H 296 53.69 -13.07 -64.08
C CYS H 296 52.97 -13.29 -62.76
N LEU H 297 51.64 -13.42 -62.74
CA LEU H 297 50.95 -13.51 -61.46
C LEU H 297 51.05 -14.93 -60.90
N PRO H 298 51.47 -15.09 -59.64
CA PRO H 298 51.61 -16.43 -59.06
C PRO H 298 50.27 -17.00 -58.60
N THR H 299 50.29 -18.31 -58.36
CA THR H 299 49.13 -18.98 -57.78
C THR H 299 49.19 -18.95 -56.26
N GLY H 300 48.04 -18.79 -55.63
CA GLY H 300 47.99 -18.69 -54.18
C GLY H 300 46.59 -18.99 -53.68
N GLU H 301 46.40 -18.78 -52.38
CA GLU H 301 45.14 -19.07 -51.72
C GLU H 301 44.83 -17.99 -50.70
N TYR H 302 43.55 -17.85 -50.38
CA TYR H 302 43.07 -16.85 -49.44
C TYR H 302 42.95 -17.46 -48.05
N ILE H 303 43.40 -16.73 -47.04
CA ILE H 303 43.45 -17.20 -45.67
C ILE H 303 42.61 -16.27 -44.80
N ALA H 304 41.76 -16.87 -43.97
CA ALA H 304 40.95 -16.16 -42.99
C ALA H 304 41.75 -15.87 -41.73
N PRO H 305 41.38 -14.84 -40.97
CA PRO H 305 42.08 -14.55 -39.71
C PRO H 305 41.78 -15.59 -38.64
N ASN H 306 42.63 -15.60 -37.62
CA ASN H 306 42.50 -16.55 -36.53
C ASN H 306 41.23 -16.27 -35.73
N PRO H 307 40.39 -17.27 -35.48
CA PRO H 307 39.13 -17.01 -34.74
C PRO H 307 39.33 -16.50 -33.33
N ARG H 308 40.49 -16.73 -32.72
CA ARG H 308 40.72 -16.25 -31.36
C ARG H 308 41.03 -14.76 -31.29
N ILE H 309 41.21 -14.10 -32.44
CA ILE H 309 41.56 -12.68 -32.44
C ILE H 309 40.40 -11.85 -31.91
N SER H 310 39.16 -12.22 -32.25
CA SER H 310 37.99 -11.45 -31.86
C SER H 310 37.14 -12.13 -30.78
N SER H 311 37.66 -13.18 -30.13
CA SER H 311 36.87 -13.88 -29.13
C SER H 311 37.79 -14.53 -28.10
N ILE H 312 37.41 -14.42 -26.83
CA ILE H 312 38.17 -14.97 -25.72
C ILE H 312 37.24 -15.83 -24.86
N THR H 313 37.68 -17.04 -24.56
CA THR H 313 36.93 -17.96 -23.70
C THR H 313 37.55 -17.97 -22.31
N LEU H 314 36.73 -17.69 -21.29
CA LEU H 314 37.16 -17.69 -19.91
C LEU H 314 36.77 -18.98 -19.18
N THR H 315 35.48 -19.32 -19.17
CA THR H 315 35.02 -20.59 -18.62
C THR H 315 34.21 -21.32 -19.69
N GLN H 316 33.56 -22.42 -19.31
CA GLN H 316 32.77 -23.18 -20.28
C GLN H 316 31.52 -22.42 -20.71
N ARG H 317 31.09 -21.42 -19.93
CA ARG H 317 29.84 -20.72 -20.22
C ARG H 317 30.02 -19.22 -20.44
N ILE H 318 31.22 -18.68 -20.24
CA ILE H 318 31.45 -17.24 -20.34
C ILE H 318 32.45 -17.00 -21.47
N THR H 319 32.07 -16.13 -22.42
CA THR H 319 32.88 -15.88 -23.60
C THR H 319 32.57 -14.48 -24.12
N THR H 320 33.62 -13.75 -24.46
CA THR H 320 33.47 -12.41 -25.02
C THR H 320 32.94 -12.48 -26.46
N THR H 321 32.34 -11.38 -26.90
CA THR H 321 31.74 -11.29 -28.23
C THR H 321 32.26 -10.05 -28.95
N GLY H 322 32.28 -10.14 -30.28
CA GLY H 322 32.74 -9.05 -31.11
C GLY H 322 31.60 -8.20 -31.63
N PRO H 323 31.90 -6.96 -32.02
CA PRO H 323 30.85 -6.05 -32.48
C PRO H 323 30.28 -6.40 -33.85
N PHE H 324 30.98 -7.23 -34.63
CA PHE H 324 30.55 -7.58 -35.98
C PHE H 324 30.36 -9.09 -36.10
N ALA H 325 29.67 -9.68 -35.12
CA ALA H 325 29.45 -11.12 -35.12
C ALA H 325 28.59 -11.56 -36.31
N ILE H 326 27.56 -10.77 -36.63
CA ILE H 326 26.65 -11.17 -37.71
C ILE H 326 27.35 -11.11 -39.06
N LEU H 327 28.23 -10.14 -39.27
CA LEU H 327 28.97 -10.05 -40.52
C LEU H 327 30.00 -11.17 -40.64
N THR H 328 30.61 -11.55 -39.51
CA THR H 328 31.60 -12.61 -39.53
C THR H 328 30.97 -13.96 -39.90
N GLY H 329 29.75 -14.21 -39.43
CA GLY H 329 29.08 -15.46 -39.73
C GLY H 329 28.50 -15.55 -41.13
N SER H 330 28.55 -14.48 -41.90
CA SER H 330 28.04 -14.48 -43.27
C SER H 330 29.00 -15.20 -44.21
N THR H 331 28.47 -15.62 -45.36
CA THR H 331 29.25 -16.26 -46.39
C THR H 331 29.01 -15.58 -47.74
N PRO H 332 30.04 -15.48 -48.58
CA PRO H 332 29.87 -14.78 -49.85
C PRO H 332 29.17 -15.63 -50.89
N THR H 333 28.43 -14.96 -51.77
CA THR H 333 27.87 -15.61 -52.95
C THR H 333 28.90 -15.56 -54.07
N ALA H 334 28.47 -15.97 -55.27
CA ALA H 334 29.38 -15.99 -56.41
C ALA H 334 29.76 -14.57 -56.85
N GLN H 335 28.76 -13.69 -56.94
CA GLN H 335 29.03 -12.32 -57.37
C GLN H 335 29.88 -11.57 -56.37
N GLN H 336 29.64 -11.77 -55.07
CA GLN H 336 30.45 -11.12 -54.06
C GLN H 336 31.90 -11.61 -54.09
N LEU H 337 32.10 -12.90 -54.37
CA LEU H 337 33.44 -13.42 -54.54
C LEU H 337 34.13 -12.80 -55.76
N ASN H 338 33.38 -12.63 -56.85
CA ASN H 338 33.95 -11.96 -58.03
C ASN H 338 34.34 -10.52 -57.71
N ASP H 339 33.53 -9.84 -56.90
CA ASP H 339 33.88 -8.48 -56.49
C ASP H 339 35.14 -8.46 -55.62
N VAL H 340 35.29 -9.47 -54.76
CA VAL H 340 36.53 -9.58 -53.97
C VAL H 340 37.74 -9.75 -54.88
N ARG H 341 37.59 -10.58 -55.91
CA ARG H 341 38.67 -10.77 -56.89
C ARG H 341 38.99 -9.46 -57.61
N LYS H 342 37.95 -8.70 -57.97
CA LYS H 342 38.16 -7.40 -58.60
C LYS H 342 38.92 -6.44 -57.67
N ILE H 343 38.57 -6.45 -56.39
CA ILE H 343 39.24 -5.58 -55.42
C ILE H 343 40.73 -5.92 -55.35
N TYR H 344 41.05 -7.22 -55.28
CA TYR H 344 42.46 -7.60 -55.19
C TYR H 344 43.20 -7.30 -56.48
N LEU H 345 42.54 -7.46 -57.63
CA LEU H 345 43.16 -7.07 -58.90
C LEU H 345 43.48 -5.59 -58.92
N ALA H 346 42.56 -4.75 -58.43
CA ALA H 346 42.82 -3.31 -58.39
C ALA H 346 43.97 -2.99 -57.44
N LEU H 347 44.04 -3.68 -56.30
CA LEU H 347 45.12 -3.43 -55.35
C LEU H 347 46.48 -3.82 -55.94
N MET H 348 46.55 -4.92 -56.67
CA MET H 348 47.83 -5.41 -57.17
C MET H 348 48.33 -4.67 -58.40
N PHE H 349 47.53 -3.79 -58.99
CA PHE H 349 47.93 -2.98 -60.14
C PHE H 349 47.57 -1.53 -59.87
N PRO H 350 48.40 -0.81 -59.11
CA PRO H 350 48.06 0.57 -58.74
C PRO H 350 47.96 1.48 -59.95
N GLY H 351 46.86 2.24 -60.01
CA GLY H 351 46.67 3.21 -61.06
C GLY H 351 46.04 2.67 -62.33
N GLN H 352 46.44 1.47 -62.73
CA GLN H 352 45.94 0.89 -63.97
C GLN H 352 44.52 0.38 -63.84
N ILE H 353 44.08 0.03 -62.64
CA ILE H 353 42.72 -0.43 -62.39
C ILE H 353 42.16 0.35 -61.21
N ILE H 354 40.98 0.94 -61.38
CA ILE H 354 40.33 1.71 -60.32
C ILE H 354 38.90 1.20 -60.16
N LEU H 355 38.34 1.42 -58.98
CA LEU H 355 37.07 0.84 -58.59
C LEU H 355 35.97 1.90 -58.56
N ASP H 356 34.74 1.44 -58.77
CA ASP H 356 33.54 2.26 -58.63
C ASP H 356 32.47 1.44 -57.93
N LEU H 357 31.35 2.08 -57.63
CA LEU H 357 30.26 1.46 -56.88
C LEU H 357 29.17 0.96 -57.83
N LYS H 358 28.68 -0.25 -57.58
CA LYS H 358 27.62 -0.85 -58.38
C LYS H 358 26.27 -0.66 -57.69
N ILE H 359 25.28 -0.21 -58.45
CA ILE H 359 23.93 0.02 -57.98
C ILE H 359 22.98 -0.93 -58.70
N ASP H 360 22.23 -1.72 -57.91
CA ASP H 360 21.22 -2.63 -58.44
C ASP H 360 20.02 -2.77 -57.53
N PRO H 361 18.80 -2.75 -58.07
CA PRO H 361 17.61 -2.84 -57.21
C PRO H 361 17.38 -4.20 -56.59
N GLY H 362 18.00 -5.26 -57.11
CA GLY H 362 17.74 -6.60 -56.59
C GLY H 362 18.34 -6.84 -55.22
N GLU H 363 19.36 -6.07 -54.86
CA GLU H 363 20.04 -6.26 -53.59
C GLU H 363 19.17 -5.80 -52.42
N ARG H 364 19.26 -6.53 -51.31
CA ARG H 364 18.57 -6.17 -50.08
C ARG H 364 19.50 -6.50 -48.92
N MET H 365 20.01 -5.47 -48.24
CA MET H 365 21.00 -5.65 -47.18
C MET H 365 20.64 -4.79 -45.98
N ASP H 366 21.14 -5.22 -44.82
CA ASP H 366 21.02 -4.44 -43.60
C ASP H 366 21.79 -3.13 -43.78
N PRO H 367 21.20 -1.98 -43.42
CA PRO H 367 21.91 -0.70 -43.58
C PRO H 367 23.23 -0.60 -42.82
N ALA H 368 23.49 -1.48 -41.86
CA ALA H 368 24.76 -1.43 -41.14
C ALA H 368 25.93 -1.84 -42.02
N VAL H 369 25.67 -2.61 -43.08
CA VAL H 369 26.74 -3.09 -43.95
C VAL H 369 27.43 -1.91 -44.65
N ARG H 370 26.62 -0.97 -45.17
CA ARG H 370 27.19 0.20 -45.83
C ARG H 370 27.98 1.06 -44.87
N MET H 371 27.49 1.22 -43.63
CA MET H 371 28.20 2.04 -42.67
C MET H 371 29.50 1.41 -42.21
N VAL H 372 29.56 0.08 -42.13
CA VAL H 372 30.83 -0.58 -41.83
C VAL H 372 31.79 -0.47 -43.01
N ALA H 373 31.27 -0.62 -44.23
CA ALA H 373 32.10 -0.48 -45.42
C ALA H 373 32.68 0.92 -45.54
N GLY H 374 31.95 1.93 -45.03
CA GLY H 374 32.49 3.28 -45.00
C GLY H 374 33.78 3.37 -44.20
N VAL H 375 33.84 2.69 -43.06
CA VAL H 375 35.07 2.65 -42.27
C VAL H 375 36.14 1.84 -42.98
N VAL H 376 35.75 0.68 -43.54
CA VAL H 376 36.73 -0.22 -44.14
C VAL H 376 37.41 0.41 -45.36
N GLY H 377 36.67 1.18 -46.15
CA GLY H 377 37.24 1.75 -47.36
C GLY H 377 38.38 2.70 -47.10
N HIS H 378 38.30 3.48 -46.03
CA HIS H 378 39.37 4.40 -45.69
C HIS H 378 40.64 3.68 -45.25
N LEU H 379 40.52 2.49 -44.69
CA LEU H 379 41.68 1.71 -44.28
C LEU H 379 42.17 0.75 -45.36
N LEU H 380 41.43 0.58 -46.45
CA LEU H 380 41.81 -0.38 -47.48
C LEU H 380 42.42 0.25 -48.72
N PHE H 381 42.11 1.51 -49.03
CA PHE H 381 42.44 2.09 -50.33
C PHE H 381 43.28 3.35 -50.18
N THR H 382 43.95 3.70 -51.27
CA THR H 382 44.76 4.91 -51.39
C THR H 382 44.07 5.85 -52.38
N ALA H 383 43.92 7.11 -51.99
CA ALA H 383 43.12 8.07 -52.76
C ALA H 383 43.85 9.40 -52.93
N GLY H 384 45.11 9.35 -53.35
CA GLY H 384 45.75 10.58 -53.75
C GLY H 384 47.19 10.64 -53.34
N GLY H 385 47.81 11.79 -53.61
CA GLY H 385 49.22 11.99 -53.42
C GLY H 385 50.02 11.64 -54.66
N ARG H 386 50.16 10.34 -54.91
CA ARG H 386 50.91 9.83 -56.04
C ARG H 386 50.11 8.91 -56.96
N PHE H 387 49.20 8.12 -56.42
CA PHE H 387 48.29 7.32 -57.24
C PHE H 387 46.99 7.14 -56.48
N THR H 388 46.06 6.42 -57.09
CA THR H 388 44.77 6.17 -56.48
C THR H 388 44.25 4.81 -56.91
N ASN H 389 43.40 4.22 -56.08
CA ASN H 389 42.68 2.99 -56.41
C ASN H 389 41.21 3.24 -56.71
N LEU H 390 40.72 4.47 -56.53
CA LEU H 390 39.30 4.76 -56.61
C LEU H 390 39.06 5.94 -57.54
N THR H 391 37.85 5.99 -58.09
CA THR H 391 37.38 7.21 -58.73
C THR H 391 36.95 8.22 -57.67
N GLN H 392 36.75 9.46 -58.10
CA GLN H 392 36.31 10.50 -57.18
C GLN H 392 34.91 10.24 -56.65
N ASN H 393 34.03 9.71 -57.50
CA ASN H 393 32.67 9.43 -57.08
C ASN H 393 32.61 8.38 -55.99
N MET H 394 33.41 7.32 -56.10
CA MET H 394 33.40 6.28 -55.08
C MET H 394 33.99 6.79 -53.77
N ALA H 395 35.01 7.66 -53.85
CA ALA H 395 35.54 8.28 -52.64
C ALA H 395 34.49 9.16 -51.96
N ARG H 396 33.71 9.89 -52.76
CA ARG H 396 32.60 10.68 -52.21
C ARG H 396 31.57 9.79 -51.51
N GLN H 397 31.23 8.67 -52.13
CA GLN H 397 30.28 7.74 -51.54
C GLN H 397 30.81 7.17 -50.22
N LEU H 398 32.09 6.82 -50.20
CA LEU H 398 32.70 6.30 -48.97
C LEU H 398 32.69 7.35 -47.86
N ASP H 399 32.97 8.61 -48.21
CA ASP H 399 32.95 9.67 -47.21
C ASP H 399 31.56 9.89 -46.66
N ILE H 400 30.54 9.83 -47.51
CA ILE H 400 29.16 9.97 -47.05
C ILE H 400 28.78 8.80 -46.13
N ALA H 401 29.20 7.58 -46.49
CA ALA H 401 28.92 6.43 -45.65
C ALA H 401 29.59 6.54 -44.29
N LEU H 402 30.84 7.02 -44.25
CA LEU H 402 31.53 7.20 -42.98
C LEU H 402 30.84 8.28 -42.14
N ASN H 403 30.39 9.36 -42.77
CA ASN H 403 29.61 10.38 -42.08
C ASN H 403 28.37 9.77 -41.45
N ASP H 404 27.66 8.94 -42.20
CA ASP H 404 26.46 8.30 -41.67
C ASP H 404 26.78 7.36 -40.51
N TYR H 405 27.91 6.65 -40.60
CA TYR H 405 28.31 5.75 -39.53
C TYR H 405 28.62 6.51 -38.25
N LEU H 406 29.32 7.64 -38.35
CA LEU H 406 29.76 8.33 -37.14
C LEU H 406 28.60 8.98 -36.39
N LEU H 407 27.52 9.33 -37.08
CA LEU H 407 26.42 10.02 -36.44
C LEU H 407 25.32 9.09 -35.95
N TYR H 408 25.43 7.79 -36.21
CA TYR H 408 24.48 6.81 -35.71
C TYR H 408 24.95 6.31 -34.34
N MET H 409 24.15 6.57 -33.31
CA MET H 409 24.57 6.39 -31.92
C MET H 409 23.62 5.41 -31.23
N TYR H 410 23.93 4.12 -31.28
CA TYR H 410 23.10 3.15 -30.58
C TYR H 410 23.39 3.11 -29.09
N ASN H 411 24.52 3.66 -28.64
CA ASN H 411 24.78 3.88 -27.24
C ASN H 411 24.26 5.27 -26.86
N THR H 412 24.68 5.78 -25.70
CA THR H 412 24.33 7.15 -25.35
C THR H 412 25.04 8.12 -26.28
N ARG H 413 24.53 9.34 -26.33
CA ARG H 413 24.95 10.33 -27.30
C ARG H 413 26.06 11.21 -26.74
N VAL H 414 27.01 11.57 -27.59
CA VAL H 414 28.09 12.46 -27.23
C VAL H 414 27.92 13.78 -27.99
N GLN H 415 28.75 14.76 -27.63
CA GLN H 415 28.60 16.10 -28.18
C GLN H 415 29.02 16.16 -29.65
N VAL H 416 28.23 16.86 -30.46
CA VAL H 416 28.54 17.09 -31.86
C VAL H 416 28.38 18.58 -32.14
N ASN H 417 29.42 19.19 -32.72
CA ASN H 417 29.39 20.58 -33.14
C ASN H 417 29.56 20.63 -34.65
N TYR H 418 28.56 21.17 -35.35
CA TYR H 418 28.58 21.21 -36.81
C TYR H 418 29.26 22.48 -37.30
N GLY H 419 29.88 22.36 -38.48
CA GLY H 419 30.54 23.48 -39.11
C GLY H 419 29.60 24.28 -39.99
N PRO H 420 30.10 25.38 -40.55
CA PRO H 420 29.23 26.26 -41.34
C PRO H 420 28.85 25.68 -42.70
N THR H 421 29.73 24.87 -43.28
CA THR H 421 29.41 24.22 -44.54
C THR H 421 28.72 22.88 -44.30
N GLY H 422 28.10 22.36 -45.34
CA GLY H 422 27.39 21.10 -45.28
C GLY H 422 28.07 19.93 -45.91
N GLU H 423 29.40 19.98 -46.09
CA GLU H 423 30.11 18.84 -46.60
C GLU H 423 30.03 17.69 -45.60
N PRO H 424 30.14 16.44 -46.07
CA PRO H 424 30.22 15.32 -45.13
C PRO H 424 31.47 15.41 -44.27
N LEU H 425 31.35 14.90 -43.04
CA LEU H 425 32.41 14.87 -42.03
C LEU H 425 32.82 16.26 -41.55
N ASP H 426 32.01 17.28 -41.80
CA ASP H 426 32.34 18.65 -41.39
C ASP H 426 31.73 18.93 -40.02
N PHE H 427 32.32 18.29 -39.00
CA PHE H 427 31.89 18.49 -37.63
C PHE H 427 33.03 18.10 -36.70
N GLN H 428 32.83 18.39 -35.40
CA GLN H 428 33.74 17.98 -34.35
C GLN H 428 32.99 17.03 -33.41
N ILE H 429 33.70 16.03 -32.90
CA ILE H 429 33.08 14.90 -32.23
C ILE H 429 33.71 14.70 -30.85
N GLY H 430 32.89 14.34 -29.88
CA GLY H 430 33.37 13.83 -28.60
C GLY H 430 33.75 14.89 -27.59
N ARG H 431 34.24 14.38 -26.46
CA ARG H 431 34.68 15.22 -25.34
C ARG H 431 35.93 16.02 -25.70
N ASN H 432 36.88 15.40 -26.40
CA ASN H 432 38.11 16.07 -26.81
C ASN H 432 37.97 16.85 -28.11
N GLN H 433 36.79 16.84 -28.73
CA GLN H 433 36.49 17.63 -29.92
C GLN H 433 37.44 17.29 -31.07
N TYR H 434 37.37 16.04 -31.52
CA TYR H 434 38.18 15.60 -32.65
C TYR H 434 37.63 16.15 -33.96
N ASP H 435 38.50 16.75 -34.76
CA ASP H 435 38.11 17.38 -36.02
C ASP H 435 38.08 16.31 -37.12
N CYS H 436 36.89 16.02 -37.63
CA CYS H 436 36.70 14.96 -38.61
C CYS H 436 36.80 15.45 -40.05
N ASN H 437 37.14 16.73 -40.27
CA ASN H 437 37.25 17.24 -41.63
C ASN H 437 38.42 16.62 -42.38
N VAL H 438 39.43 16.10 -41.66
CA VAL H 438 40.62 15.56 -42.28
C VAL H 438 40.37 14.24 -43.01
N PHE H 439 39.20 13.65 -42.84
CA PHE H 439 38.90 12.37 -43.48
C PHE H 439 38.15 12.52 -44.80
N ARG H 440 37.81 13.74 -45.20
CA ARG H 440 37.21 13.97 -46.51
C ARG H 440 38.29 13.95 -47.58
N ALA H 441 37.96 13.32 -48.70
CA ALA H 441 38.97 13.01 -49.72
C ALA H 441 39.51 14.27 -50.39
N ASP H 442 40.83 14.28 -50.61
CA ASP H 442 41.49 15.36 -51.34
C ASP H 442 42.64 14.72 -52.10
N PHE H 443 42.49 14.61 -53.42
CA PHE H 443 43.42 13.81 -54.22
C PHE H 443 44.77 14.47 -54.38
N ALA H 444 44.88 15.79 -54.16
CA ALA H 444 46.17 16.45 -54.24
C ALA H 444 47.03 16.21 -53.01
N THR H 445 46.44 15.76 -51.91
CA THR H 445 47.15 15.54 -50.66
C THR H 445 47.15 14.10 -50.20
N GLY H 446 46.07 13.36 -50.46
CA GLY H 446 45.95 12.00 -49.98
C GLY H 446 45.45 11.86 -48.56
N THR H 447 44.95 12.93 -47.96
CA THR H 447 44.47 12.87 -46.58
C THR H 447 43.24 11.97 -46.49
N GLY H 448 43.11 11.30 -45.35
CA GLY H 448 41.99 10.43 -45.08
C GLY H 448 42.12 9.01 -45.58
N TYR H 449 43.16 8.70 -46.35
CA TYR H 449 43.33 7.35 -46.87
C TYR H 449 44.74 6.84 -46.59
N ASN H 450 45.12 5.72 -47.21
CA ASN H 450 46.37 5.05 -46.82
C ASN H 450 47.60 5.88 -47.15
N GLY H 451 47.52 6.75 -48.15
CA GLY H 451 48.64 7.59 -48.53
C GLY H 451 48.85 8.82 -47.69
N TRP H 452 48.03 9.00 -46.65
CA TRP H 452 48.08 10.18 -45.80
C TRP H 452 49.37 10.17 -44.97
N ALA H 453 50.22 11.18 -45.21
CA ALA H 453 51.47 11.37 -44.48
C ALA H 453 52.40 10.16 -44.55
N THR H 454 52.38 9.47 -45.69
CA THR H 454 53.17 8.25 -45.87
C THR H 454 53.81 8.27 -47.26
N ILE H 455 55.06 7.88 -47.32
CA ILE H 455 55.78 7.73 -48.59
C ILE H 455 55.58 6.31 -49.08
N ASP H 456 55.00 6.16 -50.27
CA ASP H 456 54.62 4.86 -50.78
C ASP H 456 55.22 4.53 -52.15
N VAL H 457 56.01 5.43 -52.72
CA VAL H 457 56.76 5.17 -53.94
C VAL H 457 58.22 5.53 -53.69
N GLU H 458 59.12 4.56 -53.91
CA GLU H 458 60.53 4.73 -53.63
C GLU H 458 61.35 4.37 -54.87
N TYR H 459 62.63 4.73 -54.81
CA TYR H 459 63.60 4.39 -55.84
C TYR H 459 64.85 3.84 -55.18
N ARG H 460 65.45 2.84 -55.81
CA ARG H 460 66.56 2.09 -55.24
C ARG H 460 67.56 1.84 -56.36
N GLU H 461 68.41 0.83 -56.17
CA GLU H 461 69.43 0.48 -57.17
C GLU H 461 68.75 0.14 -58.51
N PRO H 462 69.44 0.40 -59.62
CA PRO H 462 68.79 0.28 -60.94
C PRO H 462 68.22 -1.11 -61.21
N ALA H 463 67.04 -1.13 -61.82
CA ALA H 463 66.19 -2.28 -62.07
C ALA H 463 66.61 -3.01 -63.34
N PRO H 464 66.31 -4.31 -63.44
CA PRO H 464 66.62 -5.03 -64.68
C PRO H 464 65.93 -4.48 -65.92
N TYR H 465 64.66 -4.10 -65.81
CA TYR H 465 63.95 -3.45 -66.89
C TYR H 465 64.10 -1.94 -66.72
N VAL H 466 64.68 -1.28 -67.72
CA VAL H 466 65.10 0.10 -67.58
C VAL H 466 63.94 1.08 -67.53
N HIS H 467 62.74 0.67 -67.94
CA HIS H 467 61.61 1.59 -68.04
C HIS H 467 60.75 1.64 -66.78
N ALA H 468 61.04 0.82 -65.77
CA ALA H 468 60.23 0.77 -64.54
C ALA H 468 61.17 0.62 -63.35
N GLN H 469 61.47 1.74 -62.70
CA GLN H 469 62.44 1.80 -61.63
C GLN H 469 61.82 1.97 -60.25
N ARG H 470 60.49 2.07 -60.17
CA ARG H 470 59.83 2.40 -58.91
C ARG H 470 59.67 1.17 -58.03
N TYR H 471 59.49 1.43 -56.74
CA TYR H 471 59.10 0.43 -55.75
C TYR H 471 57.84 0.93 -55.05
N ILE H 472 56.92 0.03 -54.77
CA ILE H 472 55.65 0.36 -54.13
C ILE H 472 55.71 -0.07 -52.67
N ARG H 473 55.28 0.82 -51.78
CA ARG H 473 55.25 0.56 -50.34
C ARG H 473 53.87 0.93 -49.80
N TYR H 474 52.92 0.00 -49.88
CA TYR H 474 51.62 0.21 -49.25
C TYR H 474 51.78 0.33 -47.74
N CYS H 475 51.15 1.36 -47.16
CA CYS H 475 51.15 1.62 -45.72
C CYS H 475 52.55 1.88 -45.17
N GLY H 476 53.52 2.17 -46.04
CA GLY H 476 54.87 2.47 -45.59
C GLY H 476 55.61 1.29 -45.01
N ILE H 477 55.06 0.09 -45.16
CA ILE H 477 55.67 -1.12 -44.60
C ILE H 477 56.56 -1.75 -45.68
N ASP H 478 57.76 -2.15 -45.27
CA ASP H 478 58.69 -2.79 -46.19
C ASP H 478 58.56 -4.30 -46.10
N SER H 479 58.87 -4.97 -47.22
CA SER H 479 58.79 -6.42 -47.25
C SER H 479 59.85 -7.09 -46.39
N ARG H 480 60.91 -6.36 -46.02
CA ARG H 480 61.92 -6.91 -45.13
C ARG H 480 61.48 -6.95 -43.68
N GLU H 481 60.36 -6.28 -43.35
CA GLU H 481 59.85 -6.31 -41.99
C GLU H 481 59.42 -7.71 -41.57
N LEU H 482 58.91 -8.50 -42.52
CA LEU H 482 58.50 -9.86 -42.22
C LEU H 482 59.68 -10.72 -41.79
N ILE H 483 60.89 -10.36 -42.19
CA ILE H 483 62.09 -11.07 -41.80
C ILE H 483 62.86 -10.36 -40.70
N ASN H 484 63.05 -9.04 -40.83
CA ASN H 484 63.84 -8.25 -39.90
C ASN H 484 63.02 -7.05 -39.43
N PRO H 485 62.16 -7.23 -38.43
CA PRO H 485 61.34 -6.12 -37.96
C PRO H 485 62.16 -5.08 -37.20
N THR H 486 61.62 -3.86 -37.16
CA THR H 486 62.26 -2.74 -36.48
C THR H 486 61.46 -2.25 -35.29
N THR H 487 60.47 -3.00 -34.84
CA THR H 487 59.63 -2.59 -33.72
C THR H 487 59.05 -3.82 -33.05
N TYR H 488 58.50 -3.62 -31.85
CA TYR H 488 57.83 -4.70 -31.14
C TYR H 488 56.49 -5.03 -31.80
N GLY H 489 55.88 -6.12 -31.35
CA GLY H 489 54.59 -6.52 -31.90
C GLY H 489 53.51 -5.49 -31.67
N ILE H 490 53.48 -4.90 -30.47
CA ILE H 490 52.51 -3.87 -30.15
C ILE H 490 52.83 -2.54 -30.80
N GLY H 491 54.04 -2.37 -31.34
CA GLY H 491 54.48 -1.12 -31.91
C GLY H 491 54.20 -0.92 -33.38
N MET H 492 53.48 -1.84 -34.03
CA MET H 492 53.14 -1.66 -35.43
C MET H 492 52.03 -0.62 -35.58
N THR H 493 52.28 0.40 -36.37
CA THR H 493 51.30 1.46 -36.59
C THR H 493 51.65 2.22 -37.87
N TYR H 494 50.65 2.93 -38.39
CA TYR H 494 50.86 3.94 -39.43
C TYR H 494 49.75 4.97 -39.30
N HIS H 495 49.93 6.09 -40.01
CA HIS H 495 49.23 7.33 -39.66
C HIS H 495 47.72 7.20 -39.76
N CYS H 496 47.22 6.73 -40.91
CA CYS H 496 45.77 6.74 -41.15
C CYS H 496 45.05 5.80 -40.19
N TYR H 497 45.61 4.60 -39.97
CA TYR H 497 45.00 3.64 -39.05
C TYR H 497 44.95 4.18 -37.63
N ASN H 498 46.04 4.81 -37.18
CA ASN H 498 46.08 5.36 -35.83
C ASN H 498 45.09 6.49 -35.66
N GLU H 499 44.99 7.37 -36.65
CA GLU H 499 44.04 8.48 -36.57
C GLU H 499 42.60 7.97 -36.61
N MET H 500 42.34 6.92 -37.40
CA MET H 500 41.01 6.32 -37.40
C MET H 500 40.66 5.71 -36.05
N LEU H 501 41.64 5.07 -35.40
CA LEU H 501 41.39 4.53 -34.06
C LEU H 501 41.09 5.64 -33.07
N ARG H 502 41.83 6.75 -33.13
CA ARG H 502 41.56 7.87 -32.25
C ARG H 502 40.17 8.46 -32.49
N MET H 503 39.79 8.62 -33.76
CA MET H 503 38.46 9.16 -34.07
C MET H 503 37.36 8.22 -33.61
N LEU H 504 37.56 6.90 -33.76
CA LEU H 504 36.57 5.93 -33.31
C LEU H 504 36.42 5.97 -31.79
N VAL H 505 37.52 6.13 -31.06
CA VAL H 505 37.44 6.23 -29.62
C VAL H 505 36.72 7.51 -29.20
N ALA H 506 37.02 8.62 -29.89
CA ALA H 506 36.38 9.89 -29.55
C ALA H 506 34.90 9.93 -29.87
N ALA H 507 34.38 8.98 -30.64
CA ALA H 507 32.98 8.94 -31.01
C ALA H 507 32.16 7.99 -30.12
N GLY H 508 32.77 7.42 -29.10
CA GLY H 508 32.07 6.50 -28.22
C GLY H 508 32.01 5.07 -28.71
N LYS H 509 32.75 4.72 -29.75
CA LYS H 509 32.75 3.36 -30.30
C LYS H 509 34.02 2.64 -29.87
N ASP H 510 33.97 2.08 -28.66
CA ASP H 510 35.17 1.50 -28.04
C ASP H 510 35.43 0.06 -28.48
N SER H 511 34.38 -0.75 -28.59
CA SER H 511 34.57 -2.15 -28.93
C SER H 511 35.03 -2.33 -30.37
N GLU H 512 34.50 -1.50 -31.28
CA GLU H 512 34.96 -1.53 -32.67
C GLU H 512 36.42 -1.12 -32.77
N ALA H 513 36.82 -0.10 -32.01
CA ALA H 513 38.21 0.31 -31.96
C ALA H 513 39.09 -0.82 -31.44
N ALA H 514 38.62 -1.54 -30.42
CA ALA H 514 39.37 -2.69 -29.91
C ALA H 514 39.52 -3.77 -30.97
N TYR H 515 38.46 -4.03 -31.73
CA TYR H 515 38.53 -5.02 -32.81
C TYR H 515 39.58 -4.63 -33.85
N PHE H 516 39.57 -3.36 -34.27
CA PHE H 516 40.52 -2.93 -35.28
C PHE H 516 41.95 -2.93 -34.73
N ARG H 517 42.11 -2.58 -33.47
CA ARG H 517 43.43 -2.63 -32.83
C ARG H 517 43.95 -4.06 -32.78
N SER H 518 43.06 -5.03 -32.58
CA SER H 518 43.48 -6.43 -32.62
C SER H 518 43.82 -6.87 -34.04
N MET H 519 43.10 -6.36 -35.04
CA MET H 519 43.29 -6.81 -36.41
C MET H 519 44.47 -6.15 -37.12
N LEU H 520 45.02 -5.06 -36.59
CA LEU H 520 46.04 -4.28 -37.31
C LEU H 520 47.26 -5.07 -37.81
N PRO H 521 47.91 -5.94 -37.02
CA PRO H 521 49.07 -6.67 -37.58
C PRO H 521 48.72 -7.58 -38.75
N PHE H 522 47.54 -8.18 -38.75
CA PHE H 522 47.08 -8.98 -39.89
C PHE H 522 46.98 -8.11 -41.15
N HIS H 523 46.46 -6.90 -40.98
CA HIS H 523 46.35 -5.95 -42.08
C HIS H 523 47.72 -5.59 -42.65
N MET H 524 48.69 -5.29 -41.78
CA MET H 524 50.01 -4.95 -42.28
C MET H 524 50.71 -6.13 -42.93
N VAL H 525 50.52 -7.34 -42.41
CA VAL H 525 51.13 -8.51 -43.03
C VAL H 525 50.56 -8.73 -44.42
N ARG H 526 49.24 -8.54 -44.56
CA ARG H 526 48.62 -8.63 -45.89
C ARG H 526 49.26 -7.63 -46.85
N PHE H 527 49.44 -6.39 -46.42
CA PHE H 527 49.97 -5.39 -47.35
C PHE H 527 51.45 -5.59 -47.62
N ALA H 528 52.20 -6.17 -46.67
CA ALA H 528 53.59 -6.52 -46.95
C ALA H 528 53.68 -7.61 -48.01
N ARG H 529 52.81 -8.62 -47.92
CA ARG H 529 52.79 -9.66 -48.96
C ARG H 529 52.42 -9.08 -50.31
N ILE H 530 51.46 -8.15 -50.34
CA ILE H 530 51.08 -7.51 -51.60
C ILE H 530 52.24 -6.70 -52.17
N ASN H 531 52.96 -5.98 -51.31
CA ASN H 531 54.13 -5.22 -51.75
C ASN H 531 55.16 -6.14 -52.38
N GLN H 532 55.42 -7.29 -51.75
CA GLN H 532 56.39 -8.23 -52.29
C GLN H 532 55.96 -8.77 -53.65
N ILE H 533 54.67 -9.10 -53.78
CA ILE H 533 54.16 -9.61 -55.05
C ILE H 533 54.29 -8.56 -56.14
N ILE H 534 53.99 -7.29 -55.84
CA ILE H 534 54.12 -6.24 -56.83
C ILE H 534 55.59 -6.04 -57.22
N ASN H 535 56.49 -5.99 -56.23
CA ASN H 535 57.86 -5.60 -56.51
C ASN H 535 58.72 -6.72 -57.07
N GLU H 536 58.30 -7.98 -56.94
CA GLU H 536 59.14 -9.08 -57.39
C GLU H 536 58.53 -9.90 -58.51
N ASP H 537 57.29 -10.37 -58.34
CA ASP H 537 56.72 -11.30 -59.31
C ASP H 537 56.29 -10.59 -60.59
N LEU H 538 55.77 -9.37 -60.47
CA LEU H 538 55.11 -8.70 -61.58
C LEU H 538 56.06 -7.86 -62.43
N HIS H 539 57.35 -7.86 -62.13
CA HIS H 539 58.32 -7.06 -62.88
C HIS H 539 58.50 -7.63 -64.28
N SER H 540 58.12 -6.86 -65.30
CA SER H 540 58.17 -7.34 -66.68
C SER H 540 58.20 -6.14 -67.62
N VAL H 541 58.39 -6.43 -68.91
CA VAL H 541 58.36 -5.37 -69.92
C VAL H 541 56.93 -4.87 -70.12
N PHE H 542 55.93 -5.67 -69.72
CA PHE H 542 54.54 -5.27 -69.79
C PHE H 542 54.13 -4.36 -68.64
N SER H 543 55.05 -4.02 -67.75
CA SER H 543 54.78 -3.05 -66.69
C SER H 543 54.69 -1.65 -67.27
N LEU H 544 53.90 -0.82 -66.61
CA LEU H 544 53.71 0.55 -67.07
C LEU H 544 54.98 1.36 -66.83
N PRO H 545 55.43 2.17 -67.81
CA PRO H 545 56.63 2.99 -67.60
C PRO H 545 56.42 4.02 -66.50
N ASP H 546 57.55 4.59 -66.05
CA ASP H 546 57.53 5.48 -64.88
C ASP H 546 56.80 6.78 -65.18
N ASP H 547 57.07 7.40 -66.32
CA ASP H 547 56.45 8.68 -66.64
C ASP H 547 54.95 8.54 -66.87
N MET H 548 54.53 7.47 -67.54
CA MET H 548 53.11 7.20 -67.72
C MET H 548 52.44 6.96 -66.37
N PHE H 549 53.13 6.26 -65.47
CA PHE H 549 52.60 6.04 -64.13
C PHE H 549 52.44 7.35 -63.36
N ASN H 550 53.43 8.24 -63.48
CA ASN H 550 53.36 9.50 -62.76
C ASN H 550 52.29 10.43 -63.32
N ALA H 551 52.01 10.34 -64.61
CA ALA H 551 51.07 11.26 -65.24
C ALA H 551 49.61 10.85 -65.04
N LEU H 552 49.32 9.75 -64.37
CA LEU H 552 47.95 9.25 -64.30
C LEU H 552 47.07 10.11 -63.41
N LEU H 553 47.55 10.49 -62.22
CA LEU H 553 46.70 11.19 -61.27
C LEU H 553 46.42 12.63 -61.66
N PRO H 554 47.40 13.46 -62.07
CA PRO H 554 47.06 14.82 -62.52
C PRO H 554 46.12 14.85 -63.71
N ASP H 555 46.24 13.91 -64.65
CA ASP H 555 45.31 13.86 -65.77
C ASP H 555 43.90 13.54 -65.32
N LEU H 556 43.77 12.65 -64.33
CA LEU H 556 42.45 12.34 -63.78
C LEU H 556 41.85 13.55 -63.06
N ILE H 557 42.67 14.27 -62.31
CA ILE H 557 42.17 15.46 -61.62
C ILE H 557 41.75 16.54 -62.62
N ALA H 558 42.56 16.76 -63.65
CA ALA H 558 42.29 17.80 -64.63
C ALA H 558 41.33 17.36 -65.73
N GLY H 559 41.04 16.07 -65.85
CA GLY H 559 40.15 15.61 -66.90
C GLY H 559 40.74 15.66 -68.29
N ALA H 560 42.07 15.63 -68.40
CA ALA H 560 42.71 15.70 -69.71
C ALA H 560 42.67 14.33 -70.41
N HIS H 561 42.87 14.37 -71.72
CA HIS H 561 42.94 13.14 -72.50
C HIS H 561 44.21 12.37 -72.15
N GLN H 562 44.08 11.06 -72.00
CA GLN H 562 45.19 10.22 -71.61
C GLN H 562 45.22 8.96 -72.46
N ASN H 563 46.42 8.54 -72.84
CA ASN H 563 46.61 7.37 -73.67
C ASN H 563 46.55 6.06 -72.88
N ALA H 564 46.58 6.13 -71.55
CA ALA H 564 46.54 4.95 -70.71
C ALA H 564 45.34 5.00 -69.78
N ASP H 565 44.16 5.26 -70.34
CA ASP H 565 42.94 5.44 -69.57
C ASP H 565 42.70 4.23 -68.66
N PRO H 566 42.52 4.43 -67.36
CA PRO H 566 42.38 3.28 -66.45
C PRO H 566 41.09 2.51 -66.69
N VAL H 567 41.14 1.22 -66.34
CA VAL H 567 39.96 0.36 -66.39
C VAL H 567 39.16 0.55 -65.12
N VAL H 568 37.84 0.69 -65.26
CA VAL H 568 36.94 0.91 -64.14
C VAL H 568 36.12 -0.36 -63.93
N LEU H 569 36.06 -0.81 -62.68
CA LEU H 569 35.26 -1.97 -62.29
C LEU H 569 34.34 -1.58 -61.14
N ASP H 570 33.26 -2.33 -60.99
CA ASP H 570 32.21 -2.02 -60.02
C ASP H 570 32.11 -3.12 -58.98
N VAL H 571 32.00 -2.73 -57.71
CA VAL H 571 31.92 -3.66 -56.59
C VAL H 571 30.75 -3.26 -55.70
N SER H 572 30.32 -4.22 -54.87
CA SER H 572 29.25 -4.02 -53.91
C SER H 572 29.80 -3.67 -52.54
N TRP H 573 28.89 -3.32 -51.62
CA TRP H 573 29.28 -2.84 -50.31
C TRP H 573 29.89 -3.95 -49.45
N ILE H 574 29.23 -5.12 -49.41
CA ILE H 574 29.67 -6.19 -48.51
C ILE H 574 30.96 -6.83 -48.98
N SER H 575 31.29 -6.69 -50.27
CA SER H 575 32.56 -7.20 -50.76
C SER H 575 33.75 -6.48 -50.13
N LEU H 576 33.56 -5.23 -49.68
CA LEU H 576 34.63 -4.53 -48.98
C LEU H 576 34.96 -5.21 -47.66
N TRP H 577 33.94 -5.57 -46.89
CA TRP H 577 34.16 -6.31 -45.65
C TRP H 577 34.77 -7.68 -45.93
N PHE H 578 34.27 -8.37 -46.96
CA PHE H 578 34.82 -9.68 -47.29
C PHE H 578 36.29 -9.59 -47.69
N ALA H 579 36.67 -8.54 -48.41
CA ALA H 579 38.07 -8.36 -48.79
C ALA H 579 38.93 -7.98 -47.60
N PHE H 580 38.38 -7.17 -46.68
CA PHE H 580 39.12 -6.80 -45.49
C PHE H 580 39.38 -7.98 -44.58
N ASN H 581 38.50 -8.99 -44.61
CA ASN H 581 38.69 -10.19 -43.78
C ASN H 581 39.36 -11.31 -44.56
N ARG H 582 40.27 -10.97 -45.48
CA ARG H 582 40.97 -11.96 -46.29
C ARG H 582 42.42 -11.55 -46.42
N SER H 583 43.25 -12.51 -46.84
CA SER H 583 44.65 -12.27 -47.14
C SER H 583 45.09 -13.26 -48.21
N PHE H 584 45.80 -12.76 -49.22
CA PHE H 584 46.27 -13.58 -50.32
C PHE H 584 47.72 -14.00 -50.05
N GLU H 585 47.99 -15.30 -50.19
CA GLU H 585 49.31 -15.86 -49.89
C GLU H 585 49.73 -16.76 -51.04
N PRO H 586 50.78 -16.41 -51.79
CA PRO H 586 51.20 -17.27 -52.91
C PRO H 586 51.80 -18.58 -52.43
N THR H 587 51.46 -19.65 -53.14
CA THR H 587 51.99 -20.98 -52.87
C THR H 587 53.04 -21.42 -53.87
N HIS H 588 52.73 -21.32 -55.16
CA HIS H 588 53.68 -21.56 -56.23
C HIS H 588 53.70 -20.34 -57.13
N ARG H 589 54.81 -20.17 -57.84
CA ARG H 589 54.90 -19.07 -58.78
C ARG H 589 54.37 -19.49 -60.15
N ASN H 590 54.22 -18.51 -61.03
CA ASN H 590 53.65 -18.75 -62.35
C ASN H 590 54.50 -19.74 -63.13
N GLU H 591 53.82 -20.66 -63.83
CA GLU H 591 54.52 -21.68 -64.61
C GLU H 591 55.26 -21.12 -65.80
N MET H 592 55.00 -19.86 -66.17
CA MET H 592 55.64 -19.23 -67.33
C MET H 592 56.68 -18.20 -66.94
N LEU H 593 57.09 -18.17 -65.66
CA LEU H 593 58.00 -17.13 -65.19
C LEU H 593 59.41 -17.28 -65.76
N GLU H 594 59.74 -18.42 -66.36
CA GLU H 594 61.08 -18.65 -66.85
C GLU H 594 61.21 -18.43 -68.35
N VAL H 595 60.13 -18.64 -69.12
CA VAL H 595 60.18 -18.54 -70.58
C VAL H 595 59.60 -17.24 -71.09
N ALA H 596 59.10 -16.37 -70.20
CA ALA H 596 58.50 -15.12 -70.62
C ALA H 596 59.44 -14.17 -71.37
N PRO H 597 60.71 -13.95 -70.96
CA PRO H 597 61.56 -13.03 -71.73
C PRO H 597 61.74 -13.41 -73.19
N LEU H 598 61.79 -14.71 -73.50
CA LEU H 598 61.88 -15.13 -74.89
C LEU H 598 60.60 -14.77 -75.66
N ILE H 599 59.44 -14.92 -75.02
CA ILE H 599 58.18 -14.52 -75.63
C ILE H 599 58.19 -13.02 -75.93
N GLU H 600 58.66 -12.23 -74.97
CA GLU H 600 58.75 -10.78 -75.17
C GLU H 600 59.70 -10.43 -76.32
N SER H 601 60.83 -11.13 -76.41
CA SER H 601 61.79 -10.87 -77.49
C SER H 601 61.19 -11.20 -78.86
N VAL H 602 60.49 -12.33 -78.96
CA VAL H 602 59.85 -12.70 -80.23
C VAL H 602 58.82 -11.65 -80.62
N TYR H 603 57.99 -11.23 -79.65
CA TYR H 603 56.96 -10.24 -79.93
C TYR H 603 57.58 -8.93 -80.43
N ALA H 604 58.60 -8.43 -79.73
CA ALA H 604 59.21 -7.17 -80.11
C ALA H 604 59.89 -7.24 -81.47
N SER H 605 60.54 -8.38 -81.77
CA SER H 605 61.17 -8.53 -83.08
C SER H 605 60.13 -8.50 -84.21
N GLU H 606 59.00 -9.18 -84.00
CA GLU H 606 57.96 -9.18 -85.03
C GLU H 606 57.39 -7.78 -85.25
N LEU H 607 57.15 -7.04 -84.17
CA LEU H 607 56.72 -5.65 -84.31
C LEU H 607 57.73 -4.79 -85.06
N SER H 608 59.03 -4.98 -84.78
CA SER H 608 60.04 -4.19 -85.47
C SER H 608 60.04 -4.49 -86.98
N VAL H 609 59.91 -5.77 -87.35
CA VAL H 609 59.87 -6.13 -88.76
C VAL H 609 58.66 -5.49 -89.44
N MET H 610 57.49 -5.57 -88.79
CA MET H 610 56.28 -4.97 -89.36
C MET H 610 56.44 -3.46 -89.54
N LYS H 611 57.01 -2.79 -88.55
CA LYS H 611 57.18 -1.34 -88.63
C LYS H 611 58.12 -0.96 -89.76
N VAL H 612 59.20 -1.72 -89.94
CA VAL H 612 60.12 -1.43 -91.06
C VAL H 612 59.41 -1.59 -92.39
N ASP H 613 58.63 -2.66 -92.54
CA ASP H 613 57.90 -2.88 -93.79
C ASP H 613 56.94 -1.73 -94.08
N MET H 614 56.20 -1.29 -93.06
CA MET H 614 55.24 -0.21 -93.26
C MET H 614 55.93 1.11 -93.57
N ARG H 615 57.05 1.39 -92.89
CA ARG H 615 57.79 2.62 -93.15
C ARG H 615 58.32 2.65 -94.57
N HIS H 616 58.78 1.51 -95.08
CA HIS H 616 59.25 1.48 -96.46
C HIS H 616 58.10 1.61 -97.46
N LEU H 617 56.92 1.09 -97.11
CA LEU H 617 55.79 1.23 -98.02
C LEU H 617 55.21 2.63 -98.02
N SER H 618 55.41 3.40 -96.94
CA SER H 618 54.71 4.67 -96.79
C SER H 618 55.24 5.80 -97.66
N LEU H 619 56.31 5.60 -98.44
CA LEU H 619 56.87 6.65 -99.27
C LEU H 619 56.53 6.51 -100.75
N MET H 620 55.76 5.48 -101.11
CA MET H 620 55.51 5.20 -102.52
C MET H 620 54.68 6.30 -103.18
N GLN H 621 53.68 6.83 -102.46
CA GLN H 621 52.83 7.86 -103.03
C GLN H 621 53.61 9.12 -103.39
N ARG H 622 54.57 9.51 -102.54
CA ARG H 622 55.42 10.63 -102.89
C ARG H 622 56.42 10.26 -103.98
N ARG H 623 56.86 9.00 -104.03
CA ARG H 623 57.80 8.62 -105.09
C ARG H 623 57.10 8.51 -106.44
N PHE H 624 55.92 7.89 -106.48
CA PHE H 624 55.16 7.71 -107.72
C PHE H 624 53.72 8.16 -107.51
N PRO H 625 53.45 9.47 -107.64
CA PRO H 625 52.10 9.98 -107.35
C PRO H 625 51.04 9.54 -108.35
N ASP H 626 51.40 9.31 -109.61
CA ASP H 626 50.40 9.07 -110.65
C ASP H 626 49.85 7.64 -110.64
N VAL H 627 50.38 6.76 -109.80
CA VAL H 627 49.91 5.38 -109.74
C VAL H 627 49.29 5.05 -108.38
N LEU H 628 49.41 5.92 -107.39
CA LEU H 628 48.77 5.77 -106.09
C LEU H 628 47.80 6.92 -105.82
N ILE H 629 46.97 7.25 -106.81
CA ILE H 629 46.08 8.40 -106.71
C ILE H 629 45.08 8.21 -105.58
N GLN H 630 44.48 7.02 -105.46
CA GLN H 630 43.47 6.76 -104.46
C GLN H 630 44.04 6.06 -103.23
N ALA H 631 45.32 6.25 -102.94
CA ALA H 631 45.96 5.56 -101.83
C ALA H 631 45.54 6.17 -100.49
N ARG H 632 45.79 5.42 -99.43
CA ARG H 632 45.39 5.75 -98.08
C ARG H 632 46.30 4.99 -97.13
N PRO H 633 46.65 5.56 -95.96
CA PRO H 633 47.52 4.83 -95.03
C PRO H 633 46.97 3.48 -94.60
N SER H 634 45.66 3.38 -94.42
CA SER H 634 45.05 2.10 -94.05
C SER H 634 45.28 1.02 -95.10
N HIS H 635 45.49 1.42 -96.36
CA HIS H 635 45.74 0.44 -97.41
C HIS H 635 47.04 -0.32 -97.16
N PHE H 636 48.15 0.39 -96.94
CA PHE H 636 49.39 -0.33 -96.70
C PHE H 636 49.43 -0.91 -95.29
N TRP H 637 48.68 -0.32 -94.35
CA TRP H 637 48.52 -0.94 -93.05
C TRP H 637 47.94 -2.35 -93.18
N LYS H 638 46.82 -2.47 -93.90
CA LYS H 638 46.21 -3.78 -94.11
C LYS H 638 47.09 -4.70 -94.95
N ALA H 639 47.76 -4.14 -95.95
CA ALA H 639 48.61 -4.96 -96.82
C ALA H 639 49.74 -5.61 -96.05
N VAL H 640 50.38 -4.86 -95.16
CA VAL H 640 51.41 -5.45 -94.31
C VAL H 640 50.78 -6.40 -93.29
N LEU H 641 49.62 -6.03 -92.75
CA LEU H 641 49.03 -6.78 -91.65
C LEU H 641 48.50 -8.14 -92.08
N ASN H 642 48.10 -8.30 -93.35
CA ASN H 642 47.68 -9.61 -93.83
C ASN H 642 48.85 -10.55 -94.11
N ASP H 643 50.09 -10.08 -94.04
CA ASP H 643 51.26 -10.93 -94.29
C ASP H 643 52.14 -10.94 -93.04
N SER H 644 51.54 -11.13 -91.89
CA SER H 644 52.19 -11.15 -90.59
C SER H 644 51.74 -12.36 -89.81
N PRO H 645 52.53 -12.81 -88.83
CA PRO H 645 52.12 -13.97 -88.03
C PRO H 645 50.83 -13.70 -87.25
N GLU H 646 50.06 -14.77 -87.06
CA GLU H 646 48.71 -14.63 -86.49
C GLU H 646 48.75 -14.41 -85.00
N ALA H 647 49.72 -14.99 -84.29
CA ALA H 647 49.80 -14.85 -82.84
C ALA H 647 50.10 -13.42 -82.43
N VAL H 648 50.98 -12.75 -83.18
CA VAL H 648 51.30 -11.35 -82.90
C VAL H 648 50.06 -10.49 -83.10
N LYS H 649 49.30 -10.74 -84.16
CA LYS H 649 48.06 -10.02 -84.40
C LYS H 649 47.05 -10.28 -83.28
N ALA H 650 46.99 -11.51 -82.79
CA ALA H 650 46.08 -11.84 -81.70
C ALA H 650 46.46 -11.10 -80.42
N VAL H 651 47.76 -10.98 -80.15
CA VAL H 651 48.19 -10.21 -78.99
C VAL H 651 47.83 -8.73 -79.16
N MET H 652 48.02 -8.21 -80.38
CA MET H 652 47.71 -6.81 -80.63
C MET H 652 46.23 -6.51 -80.45
N ASN H 653 45.36 -7.45 -80.84
CA ASN H 653 43.91 -7.24 -80.87
C ASN H 653 43.20 -7.91 -79.70
N LEU H 654 43.80 -7.91 -78.51
CA LEU H 654 43.14 -8.52 -77.35
C LEU H 654 41.89 -7.75 -76.96
N SER H 655 41.94 -6.42 -76.99
CA SER H 655 40.81 -5.57 -76.64
C SER H 655 40.12 -4.99 -77.86
N HIS H 656 40.29 -5.62 -79.03
CA HIS H 656 39.66 -5.18 -80.29
C HIS H 656 40.07 -3.76 -80.66
N SER H 657 41.36 -3.43 -80.49
CA SER H 657 41.83 -2.10 -80.80
C SER H 657 41.91 -1.85 -82.30
N HIS H 658 41.98 -2.93 -83.10
CA HIS H 658 42.11 -2.78 -84.55
C HIS H 658 40.87 -2.17 -85.18
N ASN H 659 39.74 -2.20 -84.48
CA ASN H 659 38.49 -1.66 -85.02
C ASN H 659 38.36 -0.16 -84.83
N PHE H 660 39.23 0.46 -84.03
CA PHE H 660 39.07 1.86 -83.67
C PHE H 660 40.30 2.71 -83.97
N ILE H 661 41.28 2.17 -84.68
CA ILE H 661 42.49 2.92 -85.00
C ILE H 661 42.24 3.77 -86.25
N ASN H 662 42.54 5.06 -86.16
CA ASN H 662 42.45 5.97 -87.29
C ASN H 662 43.82 6.17 -87.91
N ILE H 663 43.84 6.81 -89.09
CA ILE H 663 45.07 6.91 -89.87
C ILE H 663 46.11 7.82 -89.20
N ARG H 664 45.67 8.75 -88.35
CA ARG H 664 46.63 9.57 -87.61
C ARG H 664 47.46 8.72 -86.66
N ASP H 665 46.82 7.75 -86.00
CA ASP H 665 47.56 6.81 -85.14
C ASP H 665 48.54 5.98 -85.95
N MET H 666 48.13 5.55 -87.16
CA MET H 666 49.00 4.77 -88.02
C MET H 666 50.25 5.55 -88.39
N MET H 667 50.07 6.78 -88.87
CA MET H 667 51.22 7.58 -89.26
C MET H 667 52.06 7.99 -88.05
N ARG H 668 51.44 8.10 -86.88
CA ARG H 668 52.20 8.38 -85.66
C ARG H 668 53.09 7.21 -85.30
N TRP H 669 52.56 5.99 -85.40
CA TRP H 669 53.35 4.81 -85.06
C TRP H 669 54.46 4.58 -86.06
N VAL H 670 54.22 4.87 -87.35
CA VAL H 670 55.22 4.62 -88.37
C VAL H 670 56.46 5.52 -88.17
N MET H 671 56.25 6.76 -87.72
CA MET H 671 57.35 7.70 -87.54
C MET H 671 58.19 7.45 -86.28
N LEU H 672 57.78 6.56 -85.40
CA LEU H 672 58.54 6.34 -84.17
C LEU H 672 59.82 5.57 -84.47
N PRO H 673 60.94 5.93 -83.82
CA PRO H 673 62.24 5.38 -84.23
C PRO H 673 62.69 4.11 -83.53
N SER H 674 62.03 3.72 -82.45
CA SER H 674 62.49 2.57 -81.65
C SER H 674 62.34 1.26 -82.42
N LEU H 675 63.37 0.42 -82.32
CA LEU H 675 63.40 -0.86 -83.01
C LEU H 675 64.10 -1.90 -82.15
N GLN H 676 63.87 -3.17 -82.46
CA GLN H 676 64.50 -4.30 -81.76
C GLN H 676 65.25 -5.16 -82.75
N PRO H 677 66.57 -5.23 -82.69
CA PRO H 677 67.33 -5.97 -83.70
C PRO H 677 67.13 -7.48 -83.58
N SER H 678 67.29 -8.15 -84.72
CA SER H 678 67.25 -9.60 -84.82
C SER H 678 67.81 -10.01 -86.17
N LEU H 679 67.99 -11.31 -86.36
CA LEU H 679 68.48 -11.83 -87.64
C LEU H 679 67.48 -11.58 -88.76
N LYS H 680 66.19 -11.82 -88.49
CA LYS H 680 65.16 -11.59 -89.49
C LYS H 680 65.07 -10.12 -89.86
N LEU H 681 65.24 -9.23 -88.88
CA LEU H 681 65.22 -7.80 -89.18
C LEU H 681 66.38 -7.40 -90.07
N ALA H 682 67.58 -7.93 -89.82
CA ALA H 682 68.73 -7.62 -90.66
C ALA H 682 68.52 -8.11 -92.09
N LEU H 683 68.01 -9.33 -92.24
CA LEU H 683 67.74 -9.85 -93.57
C LEU H 683 66.67 -9.03 -94.28
N GLU H 684 65.63 -8.61 -93.56
CA GLU H 684 64.58 -7.79 -94.17
C GLU H 684 65.12 -6.43 -94.58
N GLU H 685 65.99 -5.84 -93.77
CA GLU H 685 66.66 -4.59 -94.16
C GLU H 685 67.44 -4.77 -95.44
N GLU H 686 68.18 -5.87 -95.56
CA GLU H 686 68.99 -6.07 -96.76
C GLU H 686 68.11 -6.28 -97.99
N ALA H 687 67.00 -7.02 -97.82
CA ALA H 687 66.08 -7.25 -98.92
C ALA H 687 65.43 -5.95 -99.37
N TRP H 688 65.05 -5.09 -98.42
CA TRP H 688 64.47 -3.80 -98.78
C TRP H 688 65.51 -2.91 -99.47
N ALA H 689 66.77 -3.00 -99.04
CA ALA H 689 67.82 -2.22 -99.68
C ALA H 689 68.02 -2.65 -101.13
N ALA H 690 67.94 -3.96 -101.39
CA ALA H 690 68.10 -4.43 -102.77
C ALA H 690 66.96 -3.99 -103.67
N ALA H 691 65.82 -3.63 -103.09
CA ALA H 691 64.63 -3.30 -103.86
C ALA H 691 64.38 -1.79 -103.96
N ASN H 692 65.36 -0.95 -103.66
CA ASN H 692 65.15 0.49 -103.74
C ASN H 692 64.93 0.95 -105.17
N ASP H 693 65.49 0.19 -106.13
CA ASP H 693 65.23 0.47 -107.57
C ASP H 693 64.15 -0.51 -108.04
N PHE H 694 63.25 -0.07 -108.91
CA PHE H 694 62.16 -0.93 -109.35
C PHE H 694 62.55 -1.79 -110.54
N GLU H 695 63.73 -1.57 -111.11
CA GLU H 695 64.20 -2.45 -112.18
C GLU H 695 64.49 -3.85 -111.67
N ASP H 696 64.84 -3.97 -110.39
CA ASP H 696 65.04 -5.28 -109.79
C ASP H 696 63.72 -6.00 -109.52
N LEU H 697 62.64 -5.26 -109.31
CA LEU H 697 61.31 -5.85 -109.16
C LEU H 697 60.63 -6.08 -110.50
N MET H 698 61.31 -5.78 -111.61
CA MET H 698 60.78 -5.88 -112.96
C MET H 698 59.54 -5.01 -113.16
N LEU H 699 59.53 -3.84 -112.54
CA LEU H 699 58.54 -2.80 -112.80
C LEU H 699 59.25 -1.60 -113.38
N THR H 700 58.74 -1.07 -114.48
CA THR H 700 59.41 0.01 -115.19
C THR H 700 58.40 1.04 -115.68
N ASP H 701 58.92 2.22 -116.01
CA ASP H 701 58.14 3.26 -116.65
C ASP H 701 58.75 3.72 -117.97
N GLN H 702 59.82 3.07 -118.44
CA GLN H 702 60.48 3.44 -119.69
C GLN H 702 59.85 2.67 -120.86
N VAL H 703 58.64 3.07 -121.23
CA VAL H 703 57.87 2.42 -122.28
C VAL H 703 57.67 3.42 -123.41
N TYR H 704 58.00 3.00 -124.63
CA TYR H 704 57.96 3.88 -125.79
C TYR H 704 57.04 3.31 -126.86
N MET H 705 56.68 4.16 -127.80
CA MET H 705 55.88 3.79 -128.96
C MET H 705 56.56 4.33 -130.22
N HIS H 706 56.77 3.45 -131.19
CA HIS H 706 57.49 3.81 -132.41
C HIS H 706 57.20 2.77 -133.48
N ARG H 707 57.06 3.22 -134.71
CA ARG H 707 56.65 2.34 -135.81
C ARG H 707 57.88 1.72 -136.45
N ASP H 708 58.04 0.41 -136.25
CA ASP H 708 59.11 -0.38 -136.86
C ASP H 708 58.52 -1.60 -137.53
N MET H 709 59.27 -2.15 -138.48
CA MET H 709 58.83 -3.32 -139.25
C MET H 709 59.76 -4.50 -138.98
N LEU H 710 59.20 -5.70 -139.03
CA LEU H 710 60.00 -6.91 -138.84
C LEU H 710 60.92 -7.12 -140.03
N PRO H 711 62.20 -7.36 -139.80
CA PRO H 711 63.13 -7.54 -140.93
C PRO H 711 62.86 -8.84 -141.68
N GLU H 712 63.20 -8.83 -142.96
CA GLU H 712 63.07 -9.99 -143.85
C GLU H 712 64.40 -10.18 -144.58
N PRO H 713 65.32 -10.94 -144.00
CA PRO H 713 66.65 -11.10 -144.60
C PRO H 713 66.59 -11.90 -145.89
N ARG H 714 67.62 -11.70 -146.72
CA ARG H 714 67.76 -12.45 -147.96
C ARG H 714 68.58 -13.70 -147.69
N LEU H 715 68.00 -14.85 -148.01
CA LEU H 715 68.61 -16.15 -147.70
C LEU H 715 69.34 -16.70 -148.92
N ASP H 716 70.38 -15.98 -149.35
CA ASP H 716 71.21 -16.45 -150.45
C ASP H 716 72.14 -17.56 -150.03
N ASP H 717 72.68 -17.50 -148.80
CA ASP H 717 73.52 -18.55 -148.24
C ASP H 717 72.86 -19.01 -146.95
N ILE H 718 72.36 -20.25 -146.95
CA ILE H 718 71.64 -20.76 -145.79
C ILE H 718 72.60 -21.01 -144.63
N GLU H 719 73.77 -21.58 -144.92
CA GLU H 719 74.69 -21.96 -143.86
C GLU H 719 75.26 -20.74 -143.14
N ARG H 720 75.65 -19.72 -143.90
CA ARG H 720 76.20 -18.52 -143.28
C ARG H 720 75.15 -17.80 -142.45
N PHE H 721 73.93 -17.68 -142.97
CA PHE H 721 72.85 -17.05 -142.22
C PHE H 721 72.53 -17.83 -140.96
N ARG H 722 72.64 -19.17 -141.02
CA ARG H 722 72.48 -19.98 -139.82
C ARG H 722 73.56 -19.66 -138.81
N GLN H 723 74.81 -19.54 -139.27
CA GLN H 723 75.91 -19.24 -138.37
C GLN H 723 75.86 -17.82 -137.81
N GLU H 724 75.11 -16.91 -138.44
CA GLU H 724 75.00 -15.55 -137.90
C GLU H 724 74.33 -15.52 -136.53
N GLY H 725 73.28 -16.30 -136.34
CA GLY H 725 72.51 -16.24 -135.11
C GLY H 725 71.56 -15.06 -135.10
N PHE H 726 70.69 -14.98 -136.11
CA PHE H 726 69.82 -13.83 -136.28
C PHE H 726 68.65 -13.89 -135.31
N TYR H 727 68.32 -12.73 -134.72
CA TYR H 727 67.16 -12.63 -133.85
C TYR H 727 66.70 -11.18 -133.81
N TYR H 728 65.43 -11.00 -133.43
CA TYR H 728 64.82 -9.68 -133.33
C TYR H 728 64.12 -9.54 -131.98
N THR H 729 64.15 -8.32 -131.44
CA THR H 729 63.53 -8.05 -130.15
C THR H 729 63.15 -6.58 -130.07
N ASN H 730 62.27 -6.27 -129.12
CA ASN H 730 61.85 -4.90 -128.85
C ASN H 730 62.53 -4.32 -127.61
N MET H 731 63.59 -4.97 -127.11
CA MET H 731 64.45 -4.35 -126.11
C MET H 731 65.32 -3.28 -126.75
N LEU H 732 65.62 -2.24 -126.00
CA LEU H 732 66.45 -1.13 -126.46
C LEU H 732 67.78 -1.10 -125.70
N GLU H 733 68.87 -0.92 -126.44
CA GLU H 733 70.17 -0.77 -125.80
C GLU H 733 70.30 0.60 -125.12
N ALA H 734 69.77 1.65 -125.73
CA ALA H 734 69.78 2.99 -125.16
C ALA H 734 68.50 3.70 -125.57
N PRO H 735 67.97 4.59 -124.73
CA PRO H 735 66.79 5.36 -125.11
C PRO H 735 67.11 6.34 -126.23
N PRO H 736 66.13 6.72 -127.03
CA PRO H 736 66.40 7.62 -128.16
C PRO H 736 66.67 9.05 -127.68
N GLU H 737 67.21 9.84 -128.60
CA GLU H 737 67.56 11.23 -128.29
C GLU H 737 66.31 12.05 -128.03
N ILE H 738 66.42 12.99 -127.09
CA ILE H 738 65.24 13.70 -126.59
C ILE H 738 64.68 14.69 -127.60
N ASP H 739 65.42 15.03 -128.65
CA ASP H 739 64.90 15.95 -129.65
C ASP H 739 63.87 15.31 -130.58
N ARG H 740 63.70 13.98 -130.50
CA ARG H 740 62.70 13.29 -131.31
C ARG H 740 61.66 12.55 -130.46
N VAL H 741 61.53 12.90 -129.18
CA VAL H 741 60.61 12.23 -128.27
C VAL H 741 59.61 13.25 -127.75
N VAL H 742 58.32 12.87 -127.79
CA VAL H 742 57.24 13.66 -127.21
C VAL H 742 56.89 13.06 -125.86
N GLN H 743 56.82 13.91 -124.84
CA GLN H 743 56.59 13.46 -123.46
C GLN H 743 55.11 13.63 -123.12
N TYR H 744 54.41 12.51 -122.94
CA TYR H 744 53.07 12.54 -122.37
C TYR H 744 53.09 12.24 -120.87
N THR H 745 51.91 12.36 -120.27
CA THR H 745 51.70 12.02 -118.88
C THR H 745 50.27 11.52 -118.74
N TYR H 746 49.92 11.13 -117.51
CA TYR H 746 48.61 10.56 -117.26
C TYR H 746 47.49 11.55 -117.55
N GLU H 747 47.64 12.79 -117.08
CA GLU H 747 46.54 13.75 -117.14
C GLU H 747 46.33 14.29 -118.55
N ILE H 748 47.41 14.59 -119.27
CA ILE H 748 47.29 15.09 -120.64
C ILE H 748 46.65 14.04 -121.53
N ALA H 749 47.10 12.79 -121.41
CA ALA H 749 46.50 11.70 -122.19
C ALA H 749 45.04 11.51 -121.83
N ARG H 750 44.70 11.58 -120.54
CA ARG H 750 43.32 11.41 -120.12
C ARG H 750 42.43 12.50 -120.69
N LEU H 751 42.89 13.76 -120.65
CA LEU H 751 42.09 14.86 -121.19
C LEU H 751 41.93 14.75 -122.70
N GLN H 752 43.02 14.41 -123.41
CA GLN H 752 42.94 14.28 -124.86
C GLN H 752 42.06 13.12 -125.28
N ALA H 753 42.00 12.05 -124.46
CA ALA H 753 41.09 10.95 -124.74
C ALA H 753 39.65 11.33 -124.44
N ASN H 754 39.42 12.13 -123.40
CA ASN H 754 38.07 12.59 -123.11
C ASN H 754 37.55 13.49 -124.22
N MET H 755 38.42 14.34 -124.78
CA MET H 755 37.99 15.22 -125.85
C MET H 755 37.90 14.53 -127.21
N GLY H 756 38.26 13.25 -127.28
CA GLY H 756 38.22 12.53 -128.55
C GLY H 756 39.21 13.01 -129.59
N GLN H 757 40.44 13.29 -129.18
CA GLN H 757 41.46 13.76 -130.10
C GLN H 757 42.85 13.19 -129.80
N PHE H 758 42.92 12.13 -128.99
CA PHE H 758 44.19 11.49 -128.67
C PHE H 758 44.71 10.65 -129.84
N ARG H 759 43.81 9.93 -130.51
CA ARG H 759 44.20 9.04 -131.61
C ARG H 759 44.80 9.83 -132.77
N ALA H 760 44.23 10.98 -133.09
CA ALA H 760 44.76 11.79 -134.19
C ALA H 760 46.15 12.30 -133.88
N ALA H 761 46.39 12.72 -132.63
CA ALA H 761 47.72 13.18 -132.24
C ALA H 761 48.73 12.04 -132.34
N LEU H 762 48.36 10.85 -131.86
CA LEU H 762 49.25 9.70 -131.97
C LEU H 762 49.55 9.36 -133.42
N ARG H 763 48.52 9.40 -134.27
CA ARG H 763 48.72 9.11 -135.69
C ARG H 763 49.65 10.12 -136.35
N ARG H 764 49.50 11.40 -136.01
CA ARG H 764 50.37 12.43 -136.57
C ARG H 764 51.81 12.21 -136.13
N ILE H 765 52.03 11.89 -134.85
CA ILE H 765 53.39 11.67 -134.38
C ILE H 765 54.01 10.44 -135.05
N MET H 766 53.24 9.36 -135.18
CA MET H 766 53.77 8.16 -135.81
C MET H 766 54.11 8.41 -137.28
N ASP H 767 53.26 9.19 -137.97
CA ASP H 767 53.56 9.52 -139.36
C ASP H 767 54.82 10.37 -139.50
N ASP H 768 55.21 11.06 -138.44
CA ASP H 768 56.40 11.91 -138.48
C ASP H 768 57.67 11.17 -138.07
N ASP H 769 57.59 9.85 -137.84
CA ASP H 769 58.74 9.01 -137.48
C ASP H 769 59.39 9.48 -136.18
N ASP H 770 58.58 9.72 -135.15
CA ASP H 770 59.06 10.16 -133.87
C ASP H 770 58.73 9.14 -132.79
N TRP H 771 59.08 9.47 -131.55
CA TRP H 771 58.89 8.60 -130.40
C TRP H 771 57.97 9.25 -129.39
N VAL H 772 57.21 8.41 -128.68
CA VAL H 772 56.32 8.85 -127.60
C VAL H 772 56.65 8.02 -126.37
N ARG H 773 56.82 8.67 -125.23
CA ARG H 773 57.09 7.99 -123.97
C ARG H 773 55.90 8.16 -123.03
N PHE H 774 55.38 7.04 -122.54
CA PHE H 774 54.24 7.03 -121.62
C PHE H 774 54.73 6.94 -120.17
N GLY H 775 55.54 7.91 -119.76
CA GLY H 775 56.09 7.87 -118.42
C GLY H 775 55.10 8.32 -117.36
N GLY H 776 55.48 8.11 -116.10
CA GLY H 776 54.72 8.54 -114.96
C GLY H 776 54.08 7.42 -114.17
N VAL H 777 53.90 6.24 -114.76
CA VAL H 777 53.26 5.12 -114.09
C VAL H 777 54.12 3.88 -114.26
N LEU H 778 54.17 3.05 -113.22
CA LEU H 778 54.85 1.77 -113.30
C LEU H 778 53.93 0.71 -113.89
N ARG H 779 54.52 -0.29 -114.53
CA ARG H 779 53.75 -1.38 -115.11
C ARG H 779 54.57 -2.66 -115.11
N THR H 780 53.87 -3.80 -115.03
CA THR H 780 54.55 -5.09 -114.99
C THR H 780 55.13 -5.43 -116.36
N VAL H 781 56.19 -6.23 -116.35
CA VAL H 781 56.88 -6.64 -117.56
C VAL H 781 57.00 -8.15 -117.58
N ARG H 782 56.79 -8.76 -118.75
CA ARG H 782 56.97 -10.19 -118.95
C ARG H 782 57.96 -10.42 -120.08
N VAL H 783 58.64 -11.57 -120.03
CA VAL H 783 59.65 -11.93 -121.03
C VAL H 783 59.21 -13.22 -121.71
N LYS H 784 59.05 -13.16 -123.03
CA LYS H 784 58.61 -14.30 -123.84
C LYS H 784 59.67 -14.62 -124.88
N PHE H 785 59.74 -15.89 -125.26
CA PHE H 785 60.63 -16.36 -126.31
C PHE H 785 59.82 -17.10 -127.37
N TYR H 786 60.11 -16.84 -128.64
CA TYR H 786 59.37 -17.42 -129.74
C TYR H 786 60.32 -17.97 -130.79
N ASP H 787 59.93 -19.10 -131.39
CA ASP H 787 60.64 -19.65 -132.54
C ASP H 787 59.91 -19.41 -133.85
N ALA H 788 58.61 -19.19 -133.80
CA ALA H 788 57.80 -18.86 -134.97
C ALA H 788 57.21 -17.47 -134.77
N ARG H 789 56.42 -17.04 -135.75
CA ARG H 789 55.86 -15.70 -135.70
C ARG H 789 54.85 -15.58 -134.57
N PRO H 790 55.01 -14.61 -133.66
CA PRO H 790 54.13 -14.50 -132.50
C PRO H 790 52.74 -14.04 -132.91
N PRO H 791 51.73 -14.22 -132.05
CA PRO H 791 50.38 -13.78 -132.41
C PRO H 791 50.26 -12.27 -132.45
N ASP H 792 49.18 -11.82 -133.10
CA ASP H 792 48.99 -10.39 -133.35
C ASP H 792 48.64 -9.64 -132.07
N ASP H 793 48.23 -10.34 -131.01
CA ASP H 793 47.96 -9.67 -129.75
C ASP H 793 49.24 -9.24 -129.04
N VAL H 794 50.40 -9.67 -129.52
CA VAL H 794 51.69 -9.29 -128.97
C VAL H 794 52.39 -8.26 -129.83
N LEU H 795 52.42 -8.48 -131.15
CA LEU H 795 53.04 -7.51 -132.06
C LEU H 795 52.30 -6.18 -132.02
N GLN H 796 50.97 -6.22 -132.05
CA GLN H 796 50.16 -5.02 -132.11
C GLN H 796 49.73 -4.52 -130.73
N GLY H 797 50.42 -4.94 -129.67
CA GLY H 797 50.09 -4.44 -128.35
C GLY H 797 50.42 -2.97 -128.21
N LEU H 798 49.66 -2.31 -127.34
CA LEU H 798 49.83 -0.88 -127.08
C LEU H 798 49.91 -0.65 -125.58
N PRO H 799 50.61 0.41 -125.15
CA PRO H 799 50.71 0.68 -123.71
C PRO H 799 49.39 1.10 -123.07
N PHE H 800 48.38 1.46 -123.85
CA PHE H 800 47.11 1.92 -123.33
C PHE H 800 46.00 1.00 -123.83
N SER H 801 44.82 1.17 -123.25
CA SER H 801 43.67 0.36 -123.63
C SER H 801 42.39 1.15 -123.40
N TYR H 802 41.41 0.91 -124.26
CA TYR H 802 40.12 1.57 -124.14
C TYR H 802 39.20 0.79 -123.18
N ASP H 803 38.21 1.50 -122.65
CA ASP H 803 37.26 0.89 -121.72
C ASP H 803 35.83 1.03 -122.23
N THR H 814 36.90 6.88 -121.99
CA THR H 814 37.99 6.80 -121.04
C THR H 814 38.99 5.72 -121.46
N ILE H 815 40.21 5.79 -120.91
CA ILE H 815 41.27 4.86 -121.26
C ILE H 815 41.88 4.30 -119.99
N LYS H 816 42.54 3.15 -120.14
CA LYS H 816 43.43 2.60 -119.12
C LYS H 816 44.86 2.94 -119.52
N TYR H 817 45.57 3.64 -118.65
CA TYR H 817 46.88 4.18 -119.00
C TYR H 817 48.02 3.21 -118.74
N ALA H 818 47.79 2.16 -117.95
CA ALA H 818 48.83 1.20 -117.60
C ALA H 818 48.31 -0.21 -117.84
N THR H 819 48.83 -0.86 -118.88
CA THR H 819 48.56 -2.26 -119.16
C THR H 819 49.87 -3.01 -119.16
N GLU H 820 49.83 -4.30 -118.83
CA GLU H 820 51.04 -5.10 -118.77
C GLU H 820 51.68 -5.22 -120.15
N THR H 821 53.00 -5.16 -120.18
CA THR H 821 53.77 -5.15 -121.42
C THR H 821 54.72 -6.33 -121.45
N THR H 822 54.79 -6.98 -122.61
CA THR H 822 55.63 -8.16 -122.80
C THR H 822 56.80 -7.83 -123.72
N ILE H 823 57.95 -8.43 -123.44
CA ILE H 823 59.15 -8.29 -124.25
C ILE H 823 59.42 -9.62 -124.92
N PHE H 824 59.46 -9.63 -126.24
CA PHE H 824 59.60 -10.87 -127.00
C PHE H 824 60.95 -10.93 -127.69
N TYR H 825 61.52 -12.13 -127.74
CA TYR H 825 62.74 -12.41 -128.50
C TYR H 825 62.38 -13.42 -129.59
N LEU H 826 62.48 -13.00 -130.83
CA LEU H 826 62.10 -13.81 -131.98
C LEU H 826 63.35 -14.39 -132.61
N ILE H 827 63.39 -15.71 -132.76
CA ILE H 827 64.53 -16.41 -133.34
C ILE H 827 64.15 -16.91 -134.73
N TYR H 828 64.97 -16.61 -135.72
CA TYR H 828 64.70 -16.92 -137.12
C TYR H 828 65.32 -18.27 -137.46
N ASN H 829 64.48 -19.29 -137.63
CA ASN H 829 64.94 -20.61 -138.06
C ASN H 829 64.66 -20.79 -139.54
N VAL H 830 65.65 -21.32 -140.27
CA VAL H 830 65.54 -21.52 -141.71
C VAL H 830 65.94 -22.96 -142.04
N GLU H 831 65.50 -23.41 -143.22
CA GLU H 831 65.81 -24.73 -143.72
C GLU H 831 66.42 -24.62 -145.11
N PHE H 832 66.96 -25.73 -145.60
CA PHE H 832 67.60 -25.76 -146.91
C PHE H 832 66.62 -25.61 -148.06
N SER H 833 65.33 -25.73 -147.81
CA SER H 833 64.32 -25.63 -148.86
C SER H 833 63.86 -24.19 -149.10
N ASN H 834 64.46 -23.21 -148.45
CA ASN H 834 64.00 -21.82 -148.51
C ASN H 834 64.56 -21.13 -149.74
N THR H 835 63.67 -20.56 -150.55
CA THR H 835 64.06 -19.71 -151.65
C THR H 835 64.69 -18.42 -151.11
N PRO H 836 65.68 -17.86 -151.81
CA PRO H 836 66.33 -16.63 -151.30
C PRO H 836 65.36 -15.48 -151.03
N ASP H 837 64.27 -15.34 -151.78
CA ASP H 837 63.30 -14.29 -151.54
C ASP H 837 62.00 -14.82 -150.94
N SER H 838 62.06 -15.93 -150.21
CA SER H 838 60.86 -16.58 -149.69
C SER H 838 60.32 -15.93 -148.42
N LEU H 839 60.96 -14.86 -147.93
CA LEU H 839 60.47 -14.15 -146.75
C LEU H 839 59.85 -12.81 -147.09
N VAL H 840 60.04 -12.30 -148.31
CA VAL H 840 59.56 -10.97 -148.66
C VAL H 840 58.05 -11.01 -148.83
N LEU H 841 57.36 -10.05 -148.21
CA LEU H 841 55.93 -9.86 -148.35
C LEU H 841 55.65 -8.57 -149.10
N ILE H 842 54.49 -8.50 -149.74
CA ILE H 842 54.15 -7.32 -150.53
C ILE H 842 53.81 -6.13 -149.64
N ASN H 843 53.47 -6.37 -148.38
CA ASN H 843 53.20 -5.30 -147.43
C ASN H 843 53.99 -5.54 -146.15
N PRO H 844 54.45 -4.48 -145.49
CA PRO H 844 55.22 -4.65 -144.26
C PRO H 844 54.31 -4.95 -143.07
N THR H 845 54.91 -5.60 -142.07
CA THR H 845 54.25 -5.88 -140.80
C THR H 845 54.91 -5.01 -139.73
N TYR H 846 54.09 -4.41 -138.88
CA TYR H 846 54.53 -3.34 -137.98
C TYR H 846 54.49 -3.78 -136.51
N THR H 847 55.26 -3.06 -135.69
CA THR H 847 55.26 -3.24 -134.24
C THR H 847 55.52 -1.89 -133.58
N MET H 848 54.83 -1.63 -132.46
CA MET H 848 54.85 -0.32 -131.80
C MET H 848 55.70 -0.28 -130.55
N THR H 849 55.41 -1.14 -129.57
CA THR H 849 55.93 -0.94 -128.22
C THR H 849 57.39 -1.35 -128.11
N LYS H 850 58.19 -0.48 -127.50
CA LYS H 850 59.56 -0.77 -127.11
C LYS H 850 59.74 -0.47 -125.63
N VAL H 851 60.62 -1.23 -124.97
CA VAL H 851 60.88 -1.10 -123.54
C VAL H 851 62.37 -1.02 -123.31
N PHE H 852 62.80 -0.08 -122.46
CA PHE H 852 64.19 0.06 -122.07
C PHE H 852 64.35 -0.31 -120.61
N ILE H 853 65.21 -1.29 -120.34
CA ILE H 853 65.57 -1.70 -118.99
C ILE H 853 67.08 -1.69 -118.88
N ASN H 854 67.60 -1.08 -117.82
CA ASN H 854 69.04 -0.99 -117.62
C ASN H 854 69.61 -2.22 -116.92
N LYS H 855 69.29 -3.41 -117.42
CA LYS H 855 69.84 -4.66 -116.90
C LYS H 855 70.11 -5.59 -118.08
N ARG H 856 71.07 -6.50 -117.89
CA ARG H 856 71.40 -7.49 -118.91
C ARG H 856 70.60 -8.77 -118.62
N ILE H 857 69.37 -8.78 -119.13
CA ILE H 857 68.49 -9.94 -118.93
C ILE H 857 68.80 -11.03 -119.94
N VAL H 858 68.88 -10.68 -121.22
CA VAL H 858 69.20 -11.61 -122.28
C VAL H 858 70.32 -11.00 -123.12
N GLU H 859 71.33 -11.80 -123.44
CA GLU H 859 72.47 -11.32 -124.21
C GLU H 859 73.02 -12.44 -125.08
N ARG H 860 73.41 -12.09 -126.30
CA ARG H 860 74.06 -13.05 -127.19
C ARG H 860 75.56 -13.03 -126.95
N VAL H 861 76.13 -14.21 -126.70
CA VAL H 861 77.56 -14.34 -126.42
C VAL H 861 78.11 -15.46 -127.28
N ARG H 862 79.40 -15.36 -127.63
CA ARG H 862 80.07 -16.47 -128.29
C ARG H 862 80.35 -17.57 -127.29
N VAL H 863 80.69 -18.76 -127.82
CA VAL H 863 80.90 -19.92 -126.97
C VAL H 863 82.17 -19.76 -126.14
N GLY H 864 83.05 -18.84 -126.53
CA GLY H 864 84.23 -18.55 -125.75
C GLY H 864 83.92 -17.85 -124.44
N GLN H 865 82.76 -17.19 -124.38
CA GLN H 865 82.36 -16.42 -123.21
C GLN H 865 81.29 -17.09 -122.37
N ILE H 866 81.16 -18.42 -122.46
CA ILE H 866 80.14 -19.13 -121.68
C ILE H 866 80.42 -18.99 -120.19
N LEU H 867 81.67 -19.16 -119.78
CA LEU H 867 82.03 -19.24 -118.37
C LEU H 867 82.51 -17.90 -117.81
N ALA H 868 82.11 -16.79 -118.42
CA ALA H 868 82.51 -15.48 -117.89
C ALA H 868 81.70 -15.09 -116.67
N VAL H 869 80.60 -15.78 -116.41
CA VAL H 869 79.71 -15.39 -115.31
C VAL H 869 80.25 -15.82 -113.95
N LEU H 870 81.29 -16.65 -113.91
CA LEU H 870 81.84 -17.16 -112.65
C LEU H 870 82.72 -16.08 -112.02
N ASN H 871 82.09 -15.23 -111.20
CA ASN H 871 82.83 -14.15 -110.55
C ASN H 871 82.37 -13.88 -109.12
N ARG H 872 81.83 -14.87 -108.40
CA ARG H 872 81.35 -14.68 -107.04
C ARG H 872 82.02 -15.69 -106.11
N ARG H 873 82.45 -15.23 -104.94
CA ARG H 873 83.08 -16.10 -103.96
C ARG H 873 82.02 -16.74 -103.07
N PHE H 874 82.12 -18.05 -102.90
CA PHE H 874 81.26 -18.82 -102.00
C PHE H 874 82.14 -19.54 -100.99
N VAL H 875 81.71 -19.53 -99.73
CA VAL H 875 82.40 -20.22 -98.65
C VAL H 875 81.46 -21.26 -98.08
N ALA H 876 81.88 -22.52 -98.09
CA ALA H 876 81.06 -23.64 -97.65
C ALA H 876 81.77 -24.42 -96.57
N TYR H 877 80.99 -24.95 -95.64
CA TYR H 877 81.52 -25.75 -94.54
C TYR H 877 81.70 -27.20 -94.99
N LYS H 878 82.72 -27.84 -94.43
CA LYS H 878 82.98 -29.24 -94.74
C LYS H 878 81.93 -30.13 -94.07
N GLY H 879 81.88 -31.39 -94.52
CA GLY H 879 80.88 -32.31 -94.03
C GLY H 879 81.06 -32.72 -92.58
N LYS H 880 82.25 -32.49 -92.02
CA LYS H 880 82.48 -32.81 -90.62
C LYS H 880 81.84 -31.81 -89.68
N MET H 881 81.43 -30.64 -90.19
CA MET H 881 80.96 -29.58 -89.32
C MET H 881 79.48 -29.76 -88.99
N ARG H 882 79.08 -29.15 -87.89
CA ARG H 882 77.73 -29.28 -87.36
C ARG H 882 77.15 -27.90 -87.10
N ILE H 883 75.94 -27.66 -87.60
CA ILE H 883 75.25 -26.38 -87.45
C ILE H 883 74.05 -26.58 -86.54
N MET H 884 74.02 -25.84 -85.43
CA MET H 884 72.93 -25.95 -84.47
C MET H 884 72.40 -24.58 -84.08
N ASP H 885 71.10 -24.53 -83.80
CA ASP H 885 70.44 -23.35 -83.26
C ASP H 885 70.39 -23.46 -81.74
N ILE H 886 70.89 -22.43 -81.06
CA ILE H 886 70.93 -22.41 -79.60
C ILE H 886 70.00 -21.34 -79.04
N THR H 887 69.02 -20.90 -79.83
CA THR H 887 68.12 -19.82 -79.40
C THR H 887 67.24 -20.27 -78.24
N GLN H 888 66.86 -21.55 -78.19
CA GLN H 888 65.95 -22.04 -77.18
C GLN H 888 66.54 -21.99 -75.77
N SER H 889 67.86 -21.95 -75.65
CA SER H 889 68.51 -21.98 -74.35
C SER H 889 68.40 -20.68 -73.57
N LEU H 890 67.64 -19.67 -74.00
CA LEU H 890 67.50 -18.43 -73.25
C LEU H 890 66.42 -18.55 -72.17
N LYS H 891 66.66 -19.48 -71.25
CA LYS H 891 65.79 -19.67 -70.09
C LYS H 891 66.42 -19.05 -68.86
N MET H 892 65.58 -18.75 -67.88
CA MET H 892 65.95 -17.89 -66.75
C MET H 892 66.71 -18.64 -65.65
N GLY H 893 66.78 -19.96 -65.71
CA GLY H 893 67.37 -20.72 -64.62
C GLY H 893 68.82 -21.17 -64.81
N THR H 894 69.58 -20.45 -65.61
CA THR H 894 70.96 -20.83 -65.91
C THR H 894 71.93 -19.85 -65.26
N LYS H 895 73.01 -20.41 -64.70
CA LYS H 895 74.05 -19.62 -64.04
C LYS H 895 75.38 -19.87 -64.73
N LEU H 896 76.15 -18.81 -64.93
CA LEU H 896 77.42 -18.90 -65.62
C LEU H 896 78.54 -19.35 -64.68
N ALA H 897 79.50 -20.11 -65.22
CA ALA H 897 80.68 -20.50 -64.46
C ALA H 897 81.62 -19.34 -64.22
N ALA H 898 81.69 -18.38 -65.15
CA ALA H 898 82.47 -17.15 -64.97
C ALA H 898 81.52 -15.98 -65.20
N PRO H 899 81.09 -15.29 -64.14
CA PRO H 899 80.10 -14.23 -64.29
C PRO H 899 80.63 -13.05 -65.09
N THR H 900 79.68 -12.32 -65.69
CA THR H 900 80.00 -11.14 -66.48
C THR H 900 80.24 -9.93 -65.58
N VAL H 901 80.48 -8.79 -66.20
CA VAL H 901 80.71 -7.51 -65.52
C VAL H 901 81.87 -7.59 -64.54
N SER I 27 -13.85 -22.81 -23.86
CA SER I 27 -13.29 -21.57 -23.33
C SER I 27 -11.79 -21.71 -23.13
N GLY I 28 -11.40 -22.47 -22.11
CA GLY I 28 -9.99 -22.70 -21.83
C GLY I 28 -9.38 -23.70 -22.77
N PRO I 29 -8.06 -23.81 -22.72
CA PRO I 29 -7.37 -24.76 -23.60
C PRO I 29 -7.65 -26.20 -23.24
N LEU I 30 -7.68 -27.05 -24.27
CA LEU I 30 -7.89 -28.48 -24.11
C LEU I 30 -6.59 -29.21 -24.43
N LEU I 31 -6.12 -30.02 -23.49
CA LEU I 31 -4.89 -30.78 -23.66
C LEU I 31 -5.24 -32.23 -23.97
N SER I 32 -4.72 -32.73 -25.10
CA SER I 32 -5.00 -34.09 -25.53
C SER I 32 -3.91 -35.03 -25.02
N VAL I 33 -4.34 -36.15 -24.43
CA VAL I 33 -3.40 -37.11 -23.87
C VAL I 33 -2.62 -37.82 -24.98
N PHE I 34 -3.27 -38.12 -26.10
CA PHE I 34 -2.60 -38.82 -27.19
C PHE I 34 -1.42 -38.01 -27.74
N ALA I 35 -1.62 -36.72 -27.97
CA ALA I 35 -0.55 -35.89 -28.51
C ALA I 35 0.59 -35.73 -27.53
N LEU I 36 0.28 -35.58 -26.24
CA LEU I 36 1.32 -35.48 -25.22
C LEU I 36 2.13 -36.76 -25.16
N GLN I 37 1.45 -37.91 -25.27
CA GLN I 37 2.15 -39.19 -25.30
C GLN I 37 3.05 -39.29 -26.53
N GLU I 38 2.62 -38.71 -27.65
CA GLU I 38 3.47 -38.69 -28.84
C GLU I 38 4.70 -37.82 -28.63
N ILE I 39 4.55 -36.66 -28.00
CA ILE I 39 5.65 -35.69 -27.86
C ILE I 39 6.41 -35.88 -26.55
N MET I 40 6.17 -36.98 -25.84
CA MET I 40 6.87 -37.24 -24.59
C MET I 40 8.39 -37.20 -24.73
N GLN I 41 8.93 -37.66 -25.85
CA GLN I 41 10.38 -37.64 -26.04
C GLN I 41 10.91 -36.22 -26.06
N LYS I 42 10.24 -35.32 -26.77
CA LYS I 42 10.64 -33.92 -26.77
C LYS I 42 10.46 -33.28 -25.40
N VAL I 43 9.43 -33.69 -24.66
CA VAL I 43 9.27 -33.21 -23.29
C VAL I 43 10.46 -33.61 -22.42
N ARG I 44 10.88 -34.87 -22.55
CA ARG I 44 12.05 -35.33 -21.81
C ARG I 44 13.30 -34.55 -22.20
N GLN I 45 13.46 -34.30 -23.51
CA GLN I 45 14.63 -33.57 -23.97
C GLN I 45 14.67 -32.15 -23.42
N VAL I 46 13.53 -31.45 -23.43
CA VAL I 46 13.54 -30.07 -22.93
C VAL I 46 13.72 -30.05 -21.41
N GLN I 47 13.22 -31.07 -20.71
CA GLN I 47 13.51 -31.20 -19.28
C GLN I 47 15.00 -31.36 -19.04
N ALA I 48 15.66 -32.19 -19.84
CA ALA I 48 17.09 -32.39 -19.69
C ALA I 48 17.86 -31.11 -19.97
N ASP I 49 17.45 -30.37 -21.00
CA ASP I 49 18.10 -29.10 -21.32
C ASP I 49 17.94 -28.10 -20.18
N TYR I 50 16.75 -28.02 -19.58
CA TYR I 50 16.56 -27.11 -18.46
C TYR I 50 17.42 -27.51 -17.28
N MET I 51 17.48 -28.81 -16.97
CA MET I 51 18.29 -29.25 -15.85
C MET I 51 19.77 -28.95 -16.06
N THR I 52 20.29 -29.19 -17.27
CA THR I 52 21.70 -28.92 -17.50
C THR I 52 21.97 -27.42 -17.56
N ALA I 53 20.95 -26.61 -17.89
CA ALA I 53 21.12 -25.17 -17.86
C ALA I 53 21.21 -24.64 -16.44
N THR I 54 20.36 -25.16 -15.54
CA THR I 54 20.33 -24.63 -14.18
C THR I 54 21.38 -25.26 -13.29
N ARG I 55 22.06 -26.30 -13.76
CA ARG I 55 22.96 -27.08 -12.92
C ARG I 55 24.32 -26.38 -12.79
N GLU I 56 24.98 -26.60 -11.65
CA GLU I 56 26.24 -25.94 -11.32
C GLU I 56 27.32 -26.98 -11.07
N VAL I 57 28.30 -27.05 -11.98
CA VAL I 57 29.52 -27.84 -11.82
C VAL I 57 30.66 -26.96 -12.33
N ASP I 58 31.88 -27.34 -11.90
CA ASP I 58 33.09 -26.63 -12.38
C ASP I 58 32.96 -26.45 -13.88
N PHE I 59 33.30 -25.26 -14.36
CA PHE I 59 33.11 -24.93 -15.77
C PHE I 59 34.43 -24.64 -16.47
N THR I 60 35.49 -25.36 -16.11
CA THR I 60 36.78 -25.16 -16.75
C THR I 60 36.78 -25.73 -18.16
N VAL I 61 37.50 -25.05 -19.05
CA VAL I 61 37.60 -25.50 -20.45
C VAL I 61 38.41 -26.79 -20.49
N PRO I 62 37.97 -27.81 -21.24
CA PRO I 62 38.72 -29.08 -21.26
C PRO I 62 40.13 -28.97 -21.80
N ASP I 63 40.42 -27.98 -22.64
CA ASP I 63 41.79 -27.81 -23.15
C ASP I 63 42.75 -27.41 -22.04
N VAL I 64 42.32 -26.47 -21.18
CA VAL I 64 43.17 -26.08 -20.06
C VAL I 64 43.32 -27.23 -19.08
N GLN I 65 42.26 -28.02 -18.91
CA GLN I 65 42.33 -29.20 -18.04
C GLN I 65 43.35 -30.20 -18.58
N LYS I 66 43.36 -30.42 -19.89
CA LYS I 66 44.36 -31.31 -20.50
C LYS I 66 45.77 -30.74 -20.34
N ILE I 67 45.90 -29.42 -20.43
CA ILE I 67 47.20 -28.78 -20.20
C ILE I 67 47.68 -29.06 -18.78
N LEU I 68 46.78 -28.90 -17.80
CA LEU I 68 47.14 -29.13 -16.40
C LEU I 68 47.51 -30.59 -16.17
N ASP I 69 46.77 -31.51 -16.79
CA ASP I 69 47.10 -32.93 -16.68
C ASP I 69 48.48 -33.23 -17.26
N ASP I 70 48.79 -32.62 -18.41
CA ASP I 70 50.10 -32.84 -19.02
C ASP I 70 51.22 -32.31 -18.14
N ILE I 71 51.01 -31.14 -17.52
CA ILE I 71 52.04 -30.58 -16.63
C ILE I 71 52.21 -31.47 -15.40
N LYS I 72 51.10 -31.98 -14.86
CA LYS I 72 51.18 -32.90 -13.72
C LYS I 72 51.98 -34.14 -14.08
N ALA I 73 51.74 -34.70 -15.27
CA ALA I 73 52.49 -35.87 -15.71
C ALA I 73 53.97 -35.54 -15.91
N LEU I 74 54.26 -34.35 -16.45
CA LEU I 74 55.64 -33.94 -16.67
C LEU I 74 56.39 -33.74 -15.35
N ALA I 75 55.67 -33.38 -14.29
CA ALA I 75 56.31 -33.14 -12.99
C ALA I 75 56.97 -34.38 -12.40
N ALA I 76 56.62 -35.57 -12.88
CA ALA I 76 57.07 -36.81 -12.28
C ALA I 76 58.29 -37.42 -12.96
N GLU I 77 58.86 -36.78 -13.97
CA GLU I 77 59.99 -37.36 -14.67
C GLU I 77 61.24 -37.32 -13.81
N GLN I 78 62.12 -38.30 -14.03
CA GLN I 78 63.39 -38.40 -13.33
C GLN I 78 64.52 -38.29 -14.34
N VAL I 79 65.45 -37.36 -14.09
CA VAL I 79 66.51 -37.06 -15.04
C VAL I 79 67.88 -37.57 -14.58
N TYR I 80 67.95 -38.28 -13.47
CA TYR I 80 69.19 -38.85 -12.96
C TYR I 80 69.01 -40.35 -12.78
N LYS I 81 70.10 -41.04 -12.44
CA LYS I 81 70.04 -42.46 -12.16
C LYS I 81 71.03 -42.78 -11.05
N ILE I 82 70.75 -43.86 -10.32
CA ILE I 82 71.58 -44.31 -9.21
C ILE I 82 72.23 -45.63 -9.60
N VAL I 83 73.55 -45.71 -9.46
CA VAL I 83 74.32 -46.85 -9.93
C VAL I 83 75.34 -47.26 -8.86
N LYS I 84 75.79 -48.50 -8.97
CA LYS I 84 76.86 -49.00 -8.11
C LYS I 84 78.24 -48.69 -8.67
N VAL I 85 78.39 -48.67 -9.99
CA VAL I 85 79.67 -48.38 -10.62
C VAL I 85 79.47 -47.39 -11.75
N PRO I 86 80.47 -46.56 -12.01
CA PRO I 86 80.39 -45.64 -13.16
C PRO I 86 80.68 -46.37 -14.47
N SER I 87 80.37 -45.68 -15.56
CA SER I 87 80.61 -46.24 -16.88
C SER I 87 82.10 -46.18 -17.21
N ILE I 88 82.48 -46.92 -18.26
CA ILE I 88 83.87 -47.02 -18.66
C ILE I 88 84.23 -45.82 -19.51
N SER I 89 85.26 -45.08 -19.10
CA SER I 89 85.77 -43.95 -19.85
C SER I 89 86.96 -44.28 -20.73
N PHE I 90 87.77 -45.26 -20.33
CA PHE I 90 88.97 -45.65 -21.07
C PHE I 90 88.98 -47.16 -21.25
N ARG I 91 89.23 -47.60 -22.49
CA ARG I 91 89.44 -49.00 -22.81
C ARG I 91 90.79 -49.15 -23.49
N HIS I 92 91.24 -50.40 -23.64
CA HIS I 92 92.58 -50.67 -24.15
C HIS I 92 92.52 -51.69 -25.28
N ILE I 93 93.41 -51.53 -26.24
CA ILE I 93 93.50 -52.41 -27.40
C ILE I 93 94.85 -53.14 -27.33
N VAL I 94 94.79 -54.46 -27.32
CA VAL I 94 95.99 -55.29 -27.16
C VAL I 94 96.52 -55.65 -28.54
N MET I 95 97.73 -55.19 -28.83
CA MET I 95 98.46 -55.53 -30.04
C MET I 95 99.38 -56.72 -29.75
N GLN I 96 100.31 -56.98 -30.67
CA GLN I 96 101.26 -58.07 -30.51
C GLN I 96 102.37 -57.76 -29.50
N SER I 97 102.28 -56.66 -28.77
CA SER I 97 103.28 -56.29 -27.79
C SER I 97 102.87 -56.74 -26.40
N ARG I 98 103.87 -57.15 -25.61
CA ARG I 98 103.64 -57.57 -24.24
C ARG I 98 103.84 -56.46 -23.22
N ASP I 99 104.24 -55.26 -23.65
CA ASP I 99 104.46 -54.17 -22.72
C ASP I 99 103.93 -52.82 -23.20
N ARG I 100 103.27 -52.75 -24.35
CA ARG I 100 102.70 -51.51 -24.85
C ARG I 100 101.33 -51.77 -25.44
N VAL I 101 100.36 -50.93 -25.08
CA VAL I 101 98.99 -51.04 -25.55
C VAL I 101 98.54 -49.68 -26.05
N LEU I 102 97.29 -49.61 -26.50
CA LEU I 102 96.68 -48.37 -26.97
C LEU I 102 95.55 -47.99 -26.02
N ARG I 103 95.60 -46.76 -25.50
CA ARG I 103 94.55 -46.24 -24.64
C ARG I 103 93.56 -45.45 -25.48
N VAL I 104 92.29 -45.81 -25.37
CA VAL I 104 91.22 -45.23 -26.19
C VAL I 104 90.22 -44.55 -25.26
N ASP I 105 89.87 -43.30 -25.58
CA ASP I 105 88.85 -42.57 -24.85
C ASP I 105 87.51 -42.82 -25.54
N THR I 106 86.59 -43.49 -24.84
CA THR I 106 85.34 -43.91 -25.45
C THR I 106 84.38 -42.75 -25.70
N TYR I 107 84.57 -41.63 -25.01
CA TYR I 107 83.64 -40.52 -25.13
C TYR I 107 83.64 -39.95 -26.55
N TYR I 108 84.80 -39.86 -27.17
CA TYR I 108 84.88 -39.26 -28.51
C TYR I 108 84.30 -40.18 -29.57
N GLU I 109 84.60 -41.48 -29.50
CA GLU I 109 84.01 -42.42 -30.43
C GLU I 109 82.53 -42.67 -30.15
N GLU I 110 82.02 -42.23 -29.00
CA GLU I 110 80.59 -42.26 -28.75
C GLU I 110 79.90 -40.99 -29.23
N MET I 111 80.57 -39.84 -29.11
CA MET I 111 80.02 -38.56 -29.57
C MET I 111 80.05 -38.44 -31.09
N SER I 112 80.99 -39.11 -31.76
CA SER I 112 81.09 -39.01 -33.21
C SER I 112 79.90 -39.63 -33.95
N GLN I 113 79.04 -40.37 -33.26
CA GLN I 113 77.88 -41.01 -33.87
C GLN I 113 76.56 -40.43 -33.41
N VAL I 114 76.55 -39.21 -32.88
CA VAL I 114 75.34 -38.57 -32.38
C VAL I 114 75.01 -37.38 -33.28
N GLY I 115 73.83 -37.40 -33.87
CA GLY I 115 73.34 -36.29 -34.66
C GLY I 115 73.44 -36.56 -36.16
N ASP I 116 72.90 -35.62 -36.92
CA ASP I 116 72.91 -35.69 -38.37
C ASP I 116 74.20 -35.14 -38.94
N VAL I 117 74.36 -35.29 -40.26
CA VAL I 117 75.48 -34.72 -40.98
C VAL I 117 75.23 -33.24 -41.20
N ILE I 118 76.26 -32.42 -41.03
CA ILE I 118 76.14 -30.98 -41.08
C ILE I 118 76.27 -30.51 -42.53
N THR I 119 75.26 -29.80 -43.00
CA THR I 119 75.26 -29.20 -44.33
C THR I 119 74.94 -27.72 -44.22
N GLU I 120 75.35 -26.96 -45.22
CA GLU I 120 75.11 -25.52 -45.24
C GLU I 120 73.77 -25.15 -45.85
N ASP I 121 72.97 -26.13 -46.30
CA ASP I 121 71.66 -25.82 -46.84
C ASP I 121 70.63 -25.55 -45.75
N GLU I 122 70.69 -26.29 -44.64
CA GLU I 122 69.65 -26.25 -43.61
C GLU I 122 70.20 -25.76 -42.28
N PRO I 123 70.01 -24.48 -41.95
CA PRO I 123 70.40 -24.01 -40.60
C PRO I 123 69.65 -24.69 -39.48
N GLU I 124 68.37 -25.01 -39.71
CA GLU I 124 67.54 -25.60 -38.66
C GLU I 124 68.07 -26.96 -38.24
N LYS I 125 68.49 -27.79 -39.20
CA LYS I 125 69.06 -29.08 -38.86
C LYS I 125 70.37 -28.93 -38.09
N PHE I 126 71.17 -27.91 -38.41
CA PHE I 126 72.40 -27.66 -37.66
C PHE I 126 72.08 -27.32 -36.21
N TYR I 127 71.10 -26.44 -35.99
CA TYR I 127 70.72 -26.09 -34.63
C TYR I 127 70.18 -27.31 -33.88
N SER I 128 69.38 -28.13 -34.55
CA SER I 128 68.85 -29.34 -33.92
C SER I 128 69.96 -30.31 -33.56
N THR I 129 70.95 -30.46 -34.43
CA THR I 129 72.08 -31.34 -34.13
C THR I 129 72.86 -30.84 -32.92
N ILE I 130 73.09 -29.53 -32.84
CA ILE I 130 73.80 -28.97 -31.70
C ILE I 130 73.03 -29.23 -30.41
N ILE I 131 71.71 -29.03 -30.43
CA ILE I 131 70.90 -29.26 -29.23
C ILE I 131 70.95 -30.73 -28.84
N LYS I 132 70.86 -31.64 -29.82
CA LYS I 132 70.90 -33.07 -29.52
C LYS I 132 72.23 -33.46 -28.88
N LYS I 133 73.34 -32.93 -29.40
CA LYS I 133 74.64 -33.24 -28.83
C LYS I 133 74.74 -32.73 -27.39
N VAL I 134 74.26 -31.51 -27.14
CA VAL I 134 74.32 -30.96 -25.78
C VAL I 134 73.48 -31.78 -24.81
N ARG I 135 72.27 -32.17 -25.24
CA ARG I 135 71.41 -33.00 -24.40
C ARG I 135 72.02 -34.36 -24.14
N PHE I 136 72.73 -34.92 -25.13
CA PHE I 136 73.45 -36.18 -24.91
C PHE I 136 74.52 -36.02 -23.86
N ILE I 137 75.27 -34.91 -23.91
CA ILE I 137 76.29 -34.65 -22.89
C ILE I 137 75.65 -34.56 -21.52
N ARG I 138 74.52 -33.85 -21.41
CA ARG I 138 73.86 -33.69 -20.12
C ARG I 138 73.37 -35.04 -19.57
N GLY I 139 72.79 -35.88 -20.44
CA GLY I 139 72.27 -37.15 -19.97
C GLY I 139 73.35 -38.15 -19.64
N LYS I 140 74.52 -38.03 -20.28
CA LYS I 140 75.59 -38.99 -20.07
C LYS I 140 76.18 -38.90 -18.67
N GLY I 141 76.18 -37.70 -18.07
CA GLY I 141 76.87 -37.51 -16.81
C GLY I 141 76.01 -37.29 -15.58
N SER I 142 74.76 -37.73 -15.62
CA SER I 142 73.83 -37.55 -14.51
C SER I 142 73.67 -38.89 -13.79
N PHE I 143 74.57 -39.17 -12.85
CA PHE I 143 74.50 -40.41 -12.08
C PHE I 143 74.98 -40.17 -10.66
N ILE I 144 74.47 -40.99 -9.75
CA ILE I 144 74.82 -40.95 -8.33
C ILE I 144 75.30 -42.33 -7.91
N LEU I 145 76.43 -42.37 -7.20
CA LEU I 145 77.02 -43.64 -6.77
C LEU I 145 76.46 -44.07 -5.41
N HIS I 146 76.20 -45.36 -5.28
CA HIS I 146 75.59 -45.91 -4.07
C HIS I 146 76.03 -47.37 -3.91
N ASP I 147 76.57 -47.70 -2.74
CA ASP I 147 76.92 -49.07 -2.37
C ASP I 147 77.92 -49.69 -3.35
N ILE I 148 79.12 -49.12 -3.37
CA ILE I 148 80.20 -49.58 -4.25
C ILE I 148 80.85 -50.83 -3.66
N PRO I 149 81.42 -51.71 -4.48
CA PRO I 149 82.12 -52.88 -3.92
C PRO I 149 83.51 -52.53 -3.43
N THR I 150 83.85 -53.03 -2.24
CA THR I 150 85.12 -52.75 -1.60
C THR I 150 85.75 -54.06 -1.13
N ARG I 151 86.99 -53.95 -0.64
CA ARG I 151 87.67 -55.08 -0.02
C ARG I 151 88.63 -54.54 1.03
N ASP I 152 89.18 -55.45 1.83
CA ASP I 152 90.02 -55.10 2.97
C ASP I 152 91.47 -55.45 2.70
N HIS I 153 92.37 -54.64 3.24
CA HIS I 153 93.81 -54.89 3.11
C HIS I 153 94.52 -54.26 4.30
N ARG I 154 94.90 -55.09 5.27
CA ARG I 154 95.74 -54.69 6.40
C ARG I 154 95.16 -53.51 7.17
N GLY I 155 93.87 -53.61 7.49
CA GLY I 155 93.23 -52.63 8.34
C GLY I 155 92.69 -51.41 7.64
N MET I 156 92.84 -51.32 6.32
CA MET I 156 92.32 -50.19 5.55
C MET I 156 91.54 -50.72 4.37
N GLU I 157 90.64 -49.89 3.85
CA GLU I 157 89.67 -50.28 2.83
C GLU I 157 90.10 -49.75 1.47
N VAL I 158 90.11 -50.63 0.46
CA VAL I 158 90.52 -50.27 -0.88
C VAL I 158 89.41 -50.66 -1.85
N ALA I 159 89.32 -49.94 -2.97
CA ALA I 159 88.21 -50.10 -3.90
C ALA I 159 88.50 -51.17 -4.94
N GLU I 160 87.43 -51.83 -5.39
CA GLU I 160 87.53 -52.85 -6.42
C GLU I 160 87.90 -52.23 -7.77
N PRO I 161 88.57 -52.98 -8.64
CA PRO I 161 88.93 -52.42 -9.95
C PRO I 161 87.76 -52.12 -10.87
N GLU I 162 86.58 -52.70 -10.63
CA GLU I 162 85.46 -52.45 -11.53
C GLU I 162 84.68 -51.18 -11.19
N VAL I 163 85.08 -50.43 -10.18
CA VAL I 163 84.48 -49.13 -9.90
C VAL I 163 85.40 -47.98 -10.31
N LEU I 164 86.66 -48.26 -10.67
CA LEU I 164 87.64 -47.21 -10.92
C LEU I 164 87.35 -46.42 -12.20
N GLY I 165 86.50 -46.94 -13.09
CA GLY I 165 86.19 -46.26 -14.32
C GLY I 165 87.11 -46.54 -15.47
N VAL I 166 88.03 -47.50 -15.34
CA VAL I 166 88.94 -47.89 -16.41
C VAL I 166 88.93 -49.42 -16.49
N GLU I 167 88.93 -49.94 -17.71
CA GLU I 167 88.82 -51.37 -17.95
C GLU I 167 90.11 -51.88 -18.56
N PHE I 168 90.73 -52.85 -17.88
CA PHE I 168 91.99 -53.42 -18.37
C PHE I 168 92.08 -54.94 -18.16
N LYS I 169 90.93 -55.64 -18.12
CA LYS I 169 90.97 -57.08 -17.87
C LYS I 169 91.57 -57.84 -19.04
N ASN I 170 91.55 -57.27 -20.24
CA ASN I 170 92.08 -57.95 -21.41
C ASN I 170 93.58 -57.78 -21.59
N VAL I 171 94.25 -57.08 -20.67
CA VAL I 171 95.68 -56.82 -20.78
C VAL I 171 96.43 -57.77 -19.84
N LEU I 172 95.78 -58.16 -18.76
CA LEU I 172 96.41 -59.01 -17.74
C LEU I 172 96.98 -60.33 -18.25
N PRO I 173 96.33 -61.08 -19.16
CA PRO I 173 96.91 -62.38 -19.57
C PRO I 173 98.26 -62.28 -20.27
N VAL I 174 98.64 -61.13 -20.83
CA VAL I 174 99.88 -61.05 -21.61
C VAL I 174 101.01 -60.37 -20.83
N LEU I 175 100.81 -60.06 -19.55
CA LEU I 175 101.84 -59.41 -18.77
C LEU I 175 102.87 -60.42 -18.27
N THR I 176 104.06 -59.92 -17.96
CA THR I 176 105.08 -60.74 -17.33
C THR I 176 104.83 -60.82 -15.83
N ALA I 177 105.69 -61.55 -15.13
CA ALA I 177 105.54 -61.72 -13.68
C ALA I 177 105.77 -60.40 -12.95
N GLU I 178 106.84 -59.69 -13.30
CA GLU I 178 107.15 -58.43 -12.64
C GLU I 178 106.09 -57.38 -12.93
N HIS I 179 105.59 -57.33 -14.17
CA HIS I 179 104.54 -56.38 -14.51
C HIS I 179 103.25 -56.70 -13.76
N ARG I 180 102.92 -57.99 -13.62
CA ARG I 180 101.74 -58.38 -12.86
C ARG I 180 101.87 -57.97 -11.39
N ALA I 181 103.05 -58.20 -10.81
CA ALA I 181 103.27 -57.79 -9.42
C ALA I 181 103.17 -56.28 -9.26
N MET I 182 103.73 -55.52 -10.22
CA MET I 182 103.66 -54.07 -10.16
C MET I 182 102.21 -53.58 -10.26
N ILE I 183 101.43 -54.19 -11.15
CA ILE I 183 100.02 -53.80 -11.29
C ILE I 183 99.25 -54.12 -10.01
N GLN I 184 99.51 -55.29 -9.42
CA GLN I 184 98.81 -55.64 -8.18
C GLN I 184 99.17 -54.69 -7.05
N ASN I 185 100.45 -54.35 -6.92
CA ASN I 185 100.87 -53.40 -5.89
C ASN I 185 100.25 -52.03 -6.12
N ALA I 186 100.15 -51.60 -7.37
CA ALA I 186 99.49 -50.33 -7.67
C ALA I 186 98.02 -50.36 -7.33
N LEU I 187 97.36 -51.50 -7.59
CA LEU I 187 95.94 -51.63 -7.26
C LEU I 187 95.71 -51.63 -5.75
N ASP I 188 96.65 -52.16 -4.98
CA ASP I 188 96.49 -52.19 -3.53
C ASP I 188 96.54 -50.81 -2.88
N GLY I 189 96.95 -49.77 -3.60
CA GLY I 189 97.13 -48.45 -3.05
C GLY I 189 96.02 -47.45 -3.30
N SER I 190 94.83 -47.90 -3.66
CA SER I 190 93.69 -46.99 -3.91
C SER I 190 92.83 -46.97 -2.64
N ILE I 191 93.15 -46.05 -1.75
CA ILE I 191 92.58 -46.01 -0.41
C ILE I 191 91.27 -45.21 -0.44
N ILE I 192 90.28 -45.69 0.31
CA ILE I 192 89.02 -45.00 0.46
C ILE I 192 89.04 -44.21 1.77
N GLU I 193 88.78 -42.91 1.69
CA GLU I 193 88.72 -42.06 2.87
C GLU I 193 87.27 -41.94 3.34
N ASN I 194 87.12 -41.56 4.61
CA ASN I 194 85.81 -41.35 5.21
C ASN I 194 85.47 -39.86 5.15
N GLY I 195 84.49 -39.51 4.31
CA GLY I 195 84.08 -38.14 4.13
C GLY I 195 82.89 -37.77 5.00
N ASN I 196 82.31 -36.62 4.68
CA ASN I 196 81.16 -36.10 5.41
C ASN I 196 80.45 -35.04 4.58
N VAL I 197 79.18 -35.27 4.29
CA VAL I 197 78.30 -34.26 3.69
C VAL I 197 77.06 -34.11 4.55
N ALA I 198 76.77 -32.88 4.95
CA ALA I 198 75.59 -32.53 5.75
C ALA I 198 75.43 -33.45 6.97
N THR I 199 76.52 -33.62 7.70
CA THR I 199 76.63 -34.51 8.86
C THR I 199 76.28 -35.96 8.53
N ARG I 200 76.58 -36.41 7.32
CA ARG I 200 76.43 -37.81 6.92
C ARG I 200 77.76 -38.30 6.34
N ASP I 201 78.30 -39.38 6.90
CA ASP I 201 79.59 -39.89 6.46
C ASP I 201 79.43 -40.67 5.15
N VAL I 202 80.39 -40.47 4.25
CA VAL I 202 80.37 -41.08 2.91
C VAL I 202 81.77 -41.59 2.59
N ASP I 203 81.86 -42.33 1.49
CA ASP I 203 83.13 -42.83 0.98
C ASP I 203 83.60 -41.98 -0.19
N VAL I 204 84.86 -41.54 -0.15
CA VAL I 204 85.47 -40.80 -1.24
C VAL I 204 86.69 -41.57 -1.73
N PHE I 205 86.83 -41.67 -3.05
CA PHE I 205 87.94 -42.38 -3.67
C PHE I 205 88.31 -41.67 -4.97
N ILE I 206 89.32 -42.21 -5.66
CA ILE I 206 89.86 -41.59 -6.86
C ILE I 206 89.63 -42.54 -8.04
N GLY I 207 89.06 -42.01 -9.12
CA GLY I 207 88.78 -42.80 -10.29
C GLY I 207 89.04 -42.07 -11.59
N ALA I 208 88.58 -42.64 -12.71
CA ALA I 208 88.80 -42.08 -14.03
C ALA I 208 87.47 -41.68 -14.66
N CYS I 209 87.49 -40.54 -15.35
CA CYS I 209 86.31 -40.02 -16.04
C CYS I 209 86.74 -38.99 -17.06
N SER I 210 85.99 -38.91 -18.16
CA SER I 210 86.21 -37.85 -19.13
C SER I 210 85.74 -36.52 -18.58
N GLU I 211 86.40 -35.45 -19.03
CA GLU I 211 86.16 -34.12 -18.47
C GLU I 211 84.72 -33.61 -18.67
N PRO I 212 84.12 -33.66 -19.87
CA PRO I 212 82.74 -33.17 -20.00
C PRO I 212 81.73 -33.92 -19.14
N VAL I 213 81.90 -35.23 -18.97
CA VAL I 213 81.03 -35.99 -18.09
C VAL I 213 81.30 -35.65 -16.62
N TYR I 214 82.57 -35.47 -16.27
CA TYR I 214 82.93 -35.21 -14.88
C TYR I 214 82.40 -33.85 -14.42
N ARG I 215 82.35 -32.87 -15.31
CA ARG I 215 81.78 -31.58 -14.93
C ARG I 215 80.30 -31.72 -14.53
N ILE I 216 79.53 -32.49 -15.31
CA ILE I 216 78.13 -32.72 -14.99
C ILE I 216 78.00 -33.47 -13.67
N TYR I 217 78.84 -34.47 -13.46
CA TYR I 217 78.78 -35.24 -12.21
C TYR I 217 79.06 -34.36 -11.01
N ASN I 218 80.09 -33.51 -11.11
CA ASN I 218 80.45 -32.63 -10.00
C ASN I 218 79.35 -31.62 -9.70
N ARG I 219 78.74 -31.07 -10.75
CA ARG I 219 77.64 -30.13 -10.54
C ARG I 219 76.46 -30.82 -9.85
N LEU I 220 76.15 -32.06 -10.26
CA LEU I 220 75.06 -32.79 -9.62
C LEU I 220 75.35 -33.07 -8.15
N GLN I 221 76.59 -33.44 -7.83
CA GLN I 221 76.95 -33.67 -6.44
C GLN I 221 76.82 -32.39 -5.61
N GLY I 222 77.27 -31.26 -6.16
CA GLY I 222 77.10 -30.00 -5.46
C GLY I 222 75.64 -29.65 -5.23
N TYR I 223 74.78 -29.91 -6.22
CA TYR I 223 73.36 -29.65 -6.05
C TYR I 223 72.76 -30.54 -4.96
N ILE I 224 73.16 -31.81 -4.90
CA ILE I 224 72.65 -32.71 -3.87
C ILE I 224 73.05 -32.22 -2.49
N GLU I 225 74.31 -31.79 -2.34
CA GLU I 225 74.75 -31.26 -1.05
C GLU I 225 73.97 -30.00 -0.66
N ALA I 226 73.72 -29.11 -1.63
CA ALA I 226 72.93 -27.92 -1.35
C ALA I 226 71.51 -28.27 -0.93
N VAL I 227 70.90 -29.29 -1.54
CA VAL I 227 69.58 -29.73 -1.12
C VAL I 227 69.62 -30.23 0.31
N GLN I 228 70.67 -30.98 0.66
CA GLN I 228 70.80 -31.46 2.03
C GLN I 228 70.95 -30.31 3.02
N LEU I 229 71.54 -29.19 2.59
CA LEU I 229 71.82 -28.12 3.54
C LEU I 229 70.64 -27.17 3.72
N GLN I 230 70.10 -26.63 2.62
CA GLN I 230 69.16 -25.52 2.72
C GLN I 230 67.80 -25.79 2.09
N GLU I 231 67.76 -26.34 0.87
CA GLU I 231 66.58 -26.20 0.02
C GLU I 231 65.35 -26.89 0.59
N LEU I 232 65.52 -28.07 1.20
CA LEU I 232 64.38 -28.80 1.74
C LEU I 232 63.70 -27.99 2.85
N ARG I 233 64.48 -27.41 3.74
CA ARG I 233 63.94 -26.60 4.82
C ARG I 233 63.20 -25.37 4.29
N ASN I 234 63.79 -24.70 3.29
CA ASN I 234 63.14 -23.52 2.72
C ASN I 234 61.83 -23.89 2.05
N SER I 235 61.80 -24.98 1.30
CA SER I 235 60.58 -25.41 0.64
C SER I 235 59.49 -25.76 1.65
N ILE I 236 59.86 -26.48 2.72
CA ILE I 236 58.88 -26.86 3.73
C ILE I 236 58.33 -25.63 4.44
N GLY I 237 59.20 -24.68 4.80
CA GLY I 237 58.74 -23.48 5.47
C GLY I 237 57.83 -22.63 4.61
N TRP I 238 58.19 -22.44 3.34
CA TRP I 238 57.32 -21.67 2.45
C TRP I 238 55.99 -22.39 2.25
N LEU I 239 56.01 -23.71 2.14
CA LEU I 239 54.77 -24.46 1.97
C LEU I 239 53.86 -24.28 3.19
N GLU I 240 54.43 -24.29 4.39
CA GLU I 240 53.58 -24.12 5.56
C GLU I 240 53.06 -22.68 5.68
N ARG I 241 53.83 -21.68 5.25
CA ARG I 241 53.30 -20.32 5.22
C ARG I 241 52.15 -20.20 4.22
N LEU I 242 52.30 -20.81 3.04
CA LEU I 242 51.24 -20.76 2.04
C LEU I 242 49.98 -21.45 2.55
N GLY I 243 50.15 -22.61 3.19
CA GLY I 243 48.99 -23.30 3.75
C GLY I 243 48.33 -22.52 4.86
N HIS I 244 49.13 -21.80 5.65
CA HIS I 244 48.58 -20.95 6.70
C HIS I 244 47.72 -19.85 6.10
N ARG I 245 48.18 -19.23 5.02
CA ARG I 245 47.37 -18.17 4.41
C ARG I 245 46.13 -18.71 3.72
N LYS I 246 46.27 -19.79 2.95
CA LYS I 246 45.18 -20.28 2.12
C LYS I 246 44.36 -21.39 2.77
N ARG I 247 44.57 -21.65 4.07
CA ARG I 247 43.78 -22.62 4.84
C ARG I 247 43.92 -24.04 4.28
N ILE I 248 45.16 -24.47 4.12
CA ILE I 248 45.48 -25.82 3.67
C ILE I 248 46.44 -26.45 4.67
N THR I 249 46.17 -27.69 5.05
CA THR I 249 47.02 -28.43 5.98
C THR I 249 47.89 -29.38 5.17
N TYR I 250 49.19 -29.07 5.08
CA TYR I 250 50.12 -29.88 4.31
C TYR I 250 50.77 -30.93 5.19
N SER I 251 51.00 -32.11 4.63
CA SER I 251 51.52 -33.23 5.38
C SER I 251 53.05 -33.20 5.45
N GLN I 252 53.57 -33.77 6.54
CA GLN I 252 55.02 -33.94 6.72
C GLN I 252 55.34 -35.35 7.19
N GLU I 253 54.53 -36.33 6.75
CA GLU I 253 54.69 -37.70 7.22
C GLU I 253 55.98 -38.34 6.72
N VAL I 254 56.44 -37.95 5.53
CA VAL I 254 57.59 -38.60 4.90
C VAL I 254 58.89 -38.34 5.64
N LEU I 255 58.93 -37.35 6.54
CA LEU I 255 60.15 -36.98 7.23
C LEU I 255 60.21 -37.48 8.67
N THR I 256 59.28 -38.33 9.09
CA THR I 256 59.16 -38.67 10.50
C THR I 256 59.26 -40.15 10.84
N ASP I 257 59.60 -41.03 9.90
CA ASP I 257 59.78 -42.43 10.24
C ASP I 257 61.12 -42.62 10.94
N PHE I 258 61.31 -43.80 11.53
CA PHE I 258 62.46 -44.00 12.42
C PHE I 258 63.77 -44.21 11.67
N ARG I 259 63.73 -44.29 10.34
CA ARG I 259 64.95 -44.34 9.53
C ARG I 259 65.36 -42.97 9.00
N ARG I 260 64.84 -41.88 9.59
CA ARG I 260 65.02 -40.57 8.99
C ARG I 260 66.43 -40.02 9.16
N GLN I 261 67.15 -40.45 10.19
CA GLN I 261 68.51 -39.94 10.39
C GLN I 261 69.52 -40.60 9.48
N ASP I 262 69.13 -41.64 8.74
CA ASP I 262 70.00 -42.31 7.78
C ASP I 262 69.53 -42.10 6.34
N THR I 263 68.95 -40.94 6.05
CA THR I 263 68.31 -40.68 4.78
C THR I 263 68.97 -39.49 4.09
N ILE I 264 69.16 -39.62 2.77
CA ILE I 264 69.61 -38.53 1.91
C ILE I 264 68.44 -38.16 1.01
N TRP I 265 68.01 -36.90 1.08
CA TRP I 265 66.82 -36.46 0.37
C TRP I 265 67.19 -35.86 -0.99
N VAL I 266 66.42 -36.19 -2.01
CA VAL I 266 66.55 -35.60 -3.33
C VAL I 266 65.28 -34.81 -3.63
N LEU I 267 65.44 -33.55 -4.01
CA LEU I 267 64.32 -32.67 -4.31
C LEU I 267 64.58 -32.04 -5.66
N ALA I 268 63.83 -32.45 -6.68
CA ALA I 268 64.09 -31.99 -8.04
C ALA I 268 63.64 -30.55 -8.28
N LEU I 269 62.66 -30.07 -7.51
CA LEU I 269 62.10 -28.74 -7.71
C LEU I 269 62.09 -27.97 -6.40
N GLN I 270 62.31 -26.67 -6.49
CA GLN I 270 62.41 -25.81 -5.33
C GLN I 270 61.16 -24.96 -5.14
N LEU I 271 60.98 -24.47 -3.93
CA LEU I 271 59.98 -23.47 -3.59
C LEU I 271 60.64 -22.46 -2.65
N PRO I 272 60.22 -21.18 -2.71
CA PRO I 272 59.19 -20.56 -3.56
C PRO I 272 59.62 -20.31 -5.01
N VAL I 273 58.64 -20.02 -5.85
CA VAL I 273 58.89 -19.73 -7.26
C VAL I 273 59.00 -18.23 -7.46
N ASN I 274 59.91 -17.82 -8.36
CA ASN I 274 60.07 -16.42 -8.70
C ASN I 274 58.93 -16.01 -9.62
N PRO I 275 58.08 -15.05 -9.23
CA PRO I 275 56.95 -14.67 -10.09
C PRO I 275 57.36 -13.89 -11.32
N GLN I 276 58.51 -13.20 -11.28
CA GLN I 276 58.96 -12.43 -12.43
C GLN I 276 59.27 -13.33 -13.62
N VAL I 277 59.68 -14.58 -13.36
CA VAL I 277 59.89 -15.54 -14.43
C VAL I 277 58.60 -15.78 -15.18
N VAL I 278 57.49 -15.93 -14.45
CA VAL I 278 56.19 -16.15 -15.08
C VAL I 278 55.72 -14.89 -15.79
N TRP I 279 55.94 -13.72 -15.19
CA TRP I 279 55.40 -12.48 -15.72
C TRP I 279 56.33 -11.79 -16.71
N ASP I 280 57.45 -12.41 -17.08
CA ASP I 280 58.32 -11.87 -18.12
C ASP I 280 57.95 -12.35 -19.51
N VAL I 281 57.04 -13.32 -19.62
CA VAL I 281 56.60 -13.78 -20.94
C VAL I 281 55.85 -12.65 -21.64
N PRO I 282 56.17 -12.34 -22.89
CA PRO I 282 55.58 -11.15 -23.54
C PRO I 282 54.08 -11.28 -23.75
N ARG I 283 53.33 -10.27 -23.31
CA ARG I 283 51.89 -10.15 -23.54
C ARG I 283 51.13 -11.35 -22.99
N SER I 284 51.41 -11.70 -21.73
CA SER I 284 50.90 -12.92 -21.13
C SER I 284 49.84 -12.68 -20.08
N SER I 285 49.23 -11.49 -20.04
CA SER I 285 48.25 -11.20 -19.00
C SER I 285 47.01 -12.09 -19.10
N ILE I 286 46.50 -12.28 -20.32
CA ILE I 286 45.27 -13.05 -20.48
C ILE I 286 45.51 -14.53 -20.20
N ALA I 287 46.67 -15.05 -20.59
CA ALA I 287 47.00 -16.44 -20.28
C ALA I 287 47.14 -16.66 -18.78
N ASN I 288 47.77 -15.71 -18.08
CA ASN I 288 47.89 -15.80 -16.63
C ASN I 288 46.52 -15.75 -15.97
N LEU I 289 45.63 -14.88 -16.46
CA LEU I 289 44.28 -14.83 -15.92
C LEU I 289 43.53 -16.14 -16.12
N ILE I 290 43.66 -16.73 -17.30
CA ILE I 290 42.98 -18.00 -17.58
C ILE I 290 43.51 -19.11 -16.69
N MET I 291 44.83 -19.15 -16.49
CA MET I 291 45.41 -20.16 -15.61
C MET I 291 44.97 -19.95 -14.16
N ASN I 292 44.90 -18.69 -13.71
CA ASN I 292 44.43 -18.42 -12.36
C ASN I 292 43.00 -18.90 -12.17
N ILE I 293 42.13 -18.62 -13.14
CA ILE I 293 40.74 -19.07 -13.07
C ILE I 293 40.68 -20.60 -13.03
N ALA I 294 41.46 -21.25 -13.89
CA ALA I 294 41.41 -22.71 -13.98
C ALA I 294 42.01 -23.41 -12.76
N THR I 295 42.88 -22.73 -12.01
CA THR I 295 43.51 -23.38 -10.86
C THR I 295 42.86 -23.02 -9.53
N CYS I 296 42.23 -21.85 -9.39
CA CYS I 296 41.83 -21.39 -8.07
C CYS I 296 40.34 -21.14 -7.88
N LEU I 297 39.55 -20.97 -8.94
CA LEU I 297 38.16 -20.58 -8.77
C LEU I 297 37.32 -21.74 -8.23
N PRO I 298 36.52 -21.50 -7.19
CA PRO I 298 35.68 -22.57 -6.64
C PRO I 298 34.29 -22.66 -7.27
N THR I 299 33.50 -23.64 -6.84
CA THR I 299 32.12 -23.79 -7.27
C THR I 299 31.18 -23.52 -6.10
N GLY I 300 29.95 -23.14 -6.42
CA GLY I 300 28.99 -22.85 -5.39
C GLY I 300 27.58 -22.73 -5.93
N GLU I 301 26.71 -22.21 -5.07
CA GLU I 301 25.29 -22.02 -5.37
C GLU I 301 24.94 -20.54 -5.25
N TYR I 302 23.75 -20.20 -5.75
CA TYR I 302 23.16 -18.87 -5.62
C TYR I 302 21.89 -19.00 -4.81
N ILE I 303 21.78 -18.23 -3.73
CA ILE I 303 20.68 -18.36 -2.78
C ILE I 303 19.94 -17.03 -2.69
N ALA I 304 18.62 -17.11 -2.58
CA ALA I 304 17.71 -15.98 -2.45
C ALA I 304 17.45 -15.68 -0.98
N PRO I 305 17.13 -14.44 -0.65
CA PRO I 305 16.88 -14.08 0.76
C PRO I 305 15.51 -14.58 1.21
N ASN I 306 15.18 -14.22 2.45
CA ASN I 306 13.91 -14.62 3.04
C ASN I 306 12.75 -13.87 2.37
N PRO I 307 11.70 -14.57 1.92
CA PRO I 307 10.60 -13.87 1.25
C PRO I 307 9.82 -12.90 2.13
N ARG I 308 9.93 -13.04 3.45
CA ARG I 308 9.18 -12.17 4.35
C ARG I 308 9.61 -10.71 4.23
N ILE I 309 10.86 -10.47 3.86
CA ILE I 309 11.34 -9.10 3.69
C ILE I 309 10.55 -8.40 2.59
N SER I 310 10.44 -9.04 1.43
CA SER I 310 9.64 -8.48 0.34
C SER I 310 8.16 -8.47 0.70
N SER I 311 7.71 -9.46 1.48
CA SER I 311 6.30 -9.50 1.85
C SER I 311 5.90 -8.33 2.74
N ILE I 312 6.82 -7.83 3.57
CA ILE I 312 6.49 -6.76 4.50
C ILE I 312 7.03 -5.40 4.06
N THR I 313 7.82 -5.34 2.98
CA THR I 313 8.35 -4.05 2.54
C THR I 313 7.82 -3.62 1.18
N LEU I 314 7.99 -4.43 0.14
CA LEU I 314 7.67 -3.98 -1.21
C LEU I 314 6.23 -4.23 -1.60
N THR I 315 5.65 -5.36 -1.20
CA THR I 315 4.26 -5.69 -1.52
C THR I 315 3.39 -5.62 -0.26
N GLN I 316 3.68 -4.65 0.60
CA GLN I 316 2.94 -4.51 1.85
C GLN I 316 1.52 -4.02 1.61
N ARG I 317 1.35 -3.04 0.73
CA ARG I 317 0.04 -2.45 0.45
C ARG I 317 -0.52 -3.03 -0.84
N ILE I 318 -1.74 -3.58 -0.75
CA ILE I 318 -2.33 -4.27 -1.89
C ILE I 318 -2.97 -3.33 -2.89
N THR I 319 -3.22 -2.08 -2.52
CA THR I 319 -3.97 -1.15 -3.37
C THR I 319 -3.07 -0.28 -4.22
N THR I 320 -1.75 -0.49 -4.20
CA THR I 320 -0.81 0.29 -4.99
C THR I 320 0.19 -0.65 -5.65
N THR I 321 0.79 -0.17 -6.73
CA THR I 321 1.84 -0.90 -7.43
C THR I 321 2.92 0.06 -7.85
N GLY I 322 4.07 -0.49 -8.24
CA GLY I 322 5.21 0.30 -8.66
C GLY I 322 6.24 -0.56 -9.35
N PRO I 323 7.40 0.04 -9.67
CA PRO I 323 8.45 -0.74 -10.36
C PRO I 323 8.95 -1.93 -9.56
N PHE I 324 9.32 -1.72 -8.30
CA PHE I 324 9.82 -2.81 -7.47
C PHE I 324 8.76 -3.88 -7.28
N ALA I 325 7.51 -3.47 -7.05
CA ALA I 325 6.43 -4.42 -6.86
C ALA I 325 6.18 -5.25 -8.11
N ILE I 326 6.42 -4.68 -9.29
CA ILE I 326 6.35 -5.46 -10.52
C ILE I 326 7.50 -6.45 -10.60
N LEU I 327 8.71 -6.01 -10.22
CA LEU I 327 9.87 -6.88 -10.41
C LEU I 327 9.98 -7.98 -9.36
N THR I 328 9.29 -7.87 -8.22
CA THR I 328 9.40 -8.92 -7.20
C THR I 328 8.94 -10.28 -7.69
N GLY I 329 7.85 -10.33 -8.46
CA GLY I 329 7.32 -11.61 -8.89
C GLY I 329 7.88 -12.12 -10.20
N SER I 330 9.18 -12.42 -10.24
CA SER I 330 9.81 -12.91 -11.47
C SER I 330 10.93 -13.88 -11.12
N THR I 331 11.22 -14.77 -12.07
CA THR I 331 12.34 -15.70 -12.01
C THR I 331 13.20 -15.54 -13.26
N PRO I 332 14.51 -15.74 -13.15
CA PRO I 332 15.38 -15.54 -14.31
C PRO I 332 15.33 -16.71 -15.28
N THR I 333 15.60 -16.39 -16.55
CA THR I 333 15.82 -17.40 -17.56
C THR I 333 17.28 -17.86 -17.52
N ALA I 334 17.65 -18.73 -18.45
CA ALA I 334 19.02 -19.23 -18.49
C ALA I 334 20.02 -18.13 -18.82
N GLN I 335 19.68 -17.27 -19.79
CA GLN I 335 20.59 -16.20 -20.18
C GLN I 335 20.83 -15.22 -19.05
N GLN I 336 19.77 -14.88 -18.31
CA GLN I 336 19.94 -13.96 -17.19
C GLN I 336 20.76 -14.59 -16.06
N LEU I 337 20.62 -15.90 -15.86
CA LEU I 337 21.48 -16.61 -14.90
C LEU I 337 22.94 -16.55 -15.33
N ASN I 338 23.20 -16.73 -16.62
CA ASN I 338 24.57 -16.61 -17.13
C ASN I 338 25.10 -15.20 -16.92
N ASP I 339 24.24 -14.19 -17.10
CA ASP I 339 24.64 -12.81 -16.86
C ASP I 339 24.99 -12.58 -15.39
N VAL I 340 24.24 -13.20 -14.48
CA VAL I 340 24.56 -13.13 -13.05
C VAL I 340 25.93 -13.74 -12.78
N ARG I 341 26.20 -14.89 -13.43
CA ARG I 341 27.53 -15.50 -13.30
C ARG I 341 28.63 -14.57 -13.79
N LYS I 342 28.39 -13.87 -14.90
CA LYS I 342 29.35 -12.90 -15.41
C LYS I 342 29.57 -11.77 -14.42
N ILE I 343 28.49 -11.29 -13.79
CA ILE I 343 28.61 -10.20 -12.82
C ILE I 343 29.47 -10.62 -11.64
N TYR I 344 29.25 -11.83 -11.12
CA TYR I 344 30.05 -12.28 -9.99
C TYR I 344 31.50 -12.54 -10.39
N LEU I 345 31.73 -13.03 -11.60
CA LEU I 345 33.10 -13.21 -12.08
C LEU I 345 33.82 -11.87 -12.19
N ALA I 346 33.11 -10.83 -12.66
CA ALA I 346 33.70 -9.50 -12.70
C ALA I 346 33.99 -8.98 -11.30
N LEU I 347 33.12 -9.28 -10.34
CA LEU I 347 33.35 -8.84 -8.97
C LEU I 347 34.57 -9.52 -8.34
N MET I 348 34.80 -10.79 -8.66
CA MET I 348 35.91 -11.51 -8.03
C MET I 348 37.28 -11.18 -8.62
N PHE I 349 37.35 -10.46 -9.73
CA PHE I 349 38.63 -10.07 -10.34
C PHE I 349 38.62 -8.57 -10.60
N PRO I 350 38.85 -7.77 -9.56
CA PRO I 350 38.73 -6.31 -9.70
C PRO I 350 39.74 -5.75 -10.70
N GLY I 351 39.26 -4.84 -11.54
CA GLY I 351 40.13 -4.16 -12.50
C GLY I 351 40.40 -4.95 -13.76
N GLN I 352 40.63 -6.25 -13.63
CA GLN I 352 40.99 -7.08 -14.78
C GLN I 352 39.78 -7.37 -15.67
N ILE I 353 38.60 -7.47 -15.10
CA ILE I 353 37.36 -7.71 -15.84
C ILE I 353 36.36 -6.63 -15.46
N ILE I 354 35.76 -5.99 -16.46
CA ILE I 354 34.78 -4.93 -16.25
C ILE I 354 33.52 -5.26 -17.05
N LEU I 355 32.45 -4.53 -16.75
CA LEU I 355 31.14 -4.83 -17.28
C LEU I 355 30.64 -3.73 -18.21
N ASP I 356 29.66 -4.08 -19.04
CA ASP I 356 28.99 -3.15 -19.93
C ASP I 356 27.54 -3.58 -20.08
N LEU I 357 26.71 -2.66 -20.57
CA LEU I 357 25.30 -2.93 -20.78
C LEU I 357 25.02 -3.34 -22.21
N LYS I 358 23.91 -4.04 -22.41
CA LYS I 358 23.60 -4.65 -23.69
C LYS I 358 22.09 -4.67 -23.89
N ILE I 359 21.66 -4.48 -25.13
CA ILE I 359 20.25 -4.57 -25.51
C ILE I 359 20.13 -5.53 -26.68
N ASP I 360 19.23 -6.51 -26.55
CA ASP I 360 18.89 -7.47 -27.59
C ASP I 360 18.27 -6.73 -28.77
N PRO I 361 18.74 -6.98 -30.00
CA PRO I 361 18.17 -6.29 -31.16
C PRO I 361 16.67 -6.47 -31.34
N GLY I 362 16.12 -7.62 -30.94
CA GLY I 362 14.68 -7.79 -31.01
C GLY I 362 13.92 -7.18 -29.84
N GLU I 363 14.60 -6.99 -28.71
CA GLU I 363 13.93 -6.51 -27.50
C GLU I 363 13.79 -4.99 -27.52
N ARG I 364 12.97 -4.51 -26.60
CA ARG I 364 12.72 -3.09 -26.40
C ARG I 364 12.87 -2.76 -24.91
N MET I 365 13.00 -1.46 -24.62
CA MET I 365 13.39 -1.03 -23.29
C MET I 365 12.20 -1.07 -22.35
N ASP I 366 12.48 -1.13 -21.05
CA ASP I 366 11.47 -1.26 -20.01
C ASP I 366 11.74 -0.21 -18.93
N PRO I 367 10.79 0.65 -18.60
CA PRO I 367 11.11 1.74 -17.66
C PRO I 367 11.30 1.29 -16.22
N ALA I 368 10.45 0.39 -15.73
CA ALA I 368 10.56 -0.07 -14.34
C ALA I 368 11.89 -0.79 -14.11
N VAL I 369 12.27 -1.65 -15.04
CA VAL I 369 13.56 -2.34 -14.96
C VAL I 369 14.69 -1.33 -14.94
N ARG I 370 14.57 -0.27 -15.74
CA ARG I 370 15.61 0.75 -15.80
C ARG I 370 15.76 1.47 -14.46
N MET I 371 14.63 1.87 -13.85
CA MET I 371 14.70 2.54 -12.55
C MET I 371 15.29 1.65 -11.47
N VAL I 372 14.85 0.39 -11.43
CA VAL I 372 15.34 -0.53 -10.40
C VAL I 372 16.83 -0.77 -10.58
N ALA I 373 17.27 -0.96 -11.83
CA ALA I 373 18.69 -1.17 -12.09
C ALA I 373 19.51 0.07 -11.73
N GLY I 374 18.97 1.26 -12.00
CA GLY I 374 19.66 2.48 -11.63
C GLY I 374 19.84 2.63 -10.14
N VAL I 375 18.87 2.13 -9.35
CA VAL I 375 19.05 2.16 -7.90
C VAL I 375 20.06 1.10 -7.45
N VAL I 376 19.94 -0.12 -7.98
CA VAL I 376 20.74 -1.24 -7.48
C VAL I 376 22.21 -1.14 -7.88
N GLY I 377 22.50 -0.65 -9.09
CA GLY I 377 23.87 -0.64 -9.57
C GLY I 377 24.78 0.31 -8.81
N HIS I 378 24.20 1.28 -8.10
CA HIS I 378 25.00 2.13 -7.23
C HIS I 378 25.44 1.42 -5.97
N LEU I 379 24.74 0.36 -5.58
CA LEU I 379 25.08 -0.40 -4.38
C LEU I 379 25.86 -1.66 -4.69
N LEU I 380 25.76 -2.20 -5.91
CA LEU I 380 26.55 -3.40 -6.21
C LEU I 380 27.99 -3.10 -6.56
N PHE I 381 28.27 -2.00 -7.24
CA PHE I 381 29.55 -1.80 -7.90
C PHE I 381 30.31 -0.61 -7.33
N THR I 382 31.63 -0.69 -7.41
CA THR I 382 32.52 0.43 -7.11
C THR I 382 33.10 0.95 -8.43
N ALA I 383 33.12 2.27 -8.58
CA ALA I 383 33.40 2.90 -9.87
C ALA I 383 34.34 4.08 -9.70
N GLY I 384 35.44 3.89 -8.99
CA GLY I 384 36.44 4.94 -8.88
C GLY I 384 37.24 4.79 -7.60
N GLY I 385 38.20 5.72 -7.46
CA GLY I 385 39.13 5.65 -6.36
C GLY I 385 40.37 4.87 -6.71
N ARG I 386 40.36 3.57 -6.38
CA ARG I 386 41.51 2.70 -6.58
C ARG I 386 41.33 1.70 -7.71
N PHE I 387 40.09 1.30 -8.01
CA PHE I 387 39.81 0.45 -9.15
C PHE I 387 38.35 0.64 -9.54
N THR I 388 37.91 -0.05 -10.59
CA THR I 388 36.55 0.02 -11.05
C THR I 388 36.08 -1.36 -11.51
N ASN I 389 34.77 -1.58 -11.46
CA ASN I 389 34.15 -2.79 -11.96
C ASN I 389 33.42 -2.59 -13.28
N LEU I 390 33.37 -1.37 -13.81
CA LEU I 390 32.49 -1.09 -14.94
C LEU I 390 32.99 0.12 -15.70
N THR I 391 32.55 0.22 -16.95
CA THR I 391 32.98 1.27 -17.87
C THR I 391 32.29 2.59 -17.54
N GLN I 392 32.76 3.66 -18.18
CA GLN I 392 32.19 4.98 -17.96
C GLN I 392 30.80 5.12 -18.57
N ASN I 393 30.58 4.46 -19.71
CA ASN I 393 29.27 4.50 -20.37
C ASN I 393 28.20 3.87 -19.50
N MET I 394 28.50 2.72 -18.88
CA MET I 394 27.53 2.06 -18.02
C MET I 394 27.23 2.88 -16.77
N ALA I 395 28.26 3.51 -16.21
CA ALA I 395 28.05 4.39 -15.06
C ALA I 395 27.16 5.57 -15.42
N ARG I 396 27.38 6.17 -16.59
CA ARG I 396 26.55 7.28 -17.03
C ARG I 396 25.09 6.85 -17.20
N GLN I 397 24.89 5.67 -17.79
CA GLN I 397 23.53 5.16 -17.96
C GLN I 397 22.85 4.90 -16.62
N LEU I 398 23.59 4.35 -15.66
CA LEU I 398 23.03 4.11 -14.33
C LEU I 398 22.69 5.42 -13.64
N ASP I 399 23.52 6.45 -13.81
CA ASP I 399 23.21 7.77 -13.24
C ASP I 399 21.93 8.34 -13.83
N ILE I 400 21.75 8.21 -15.16
CA ILE I 400 20.52 8.70 -15.77
C ILE I 400 19.31 7.92 -15.27
N ALA I 401 19.46 6.61 -15.09
CA ALA I 401 18.36 5.80 -14.58
C ALA I 401 17.98 6.20 -13.15
N LEU I 402 18.98 6.47 -12.31
CA LEU I 402 18.69 6.91 -10.94
C LEU I 402 17.99 8.26 -10.95
N ASN I 403 18.43 9.17 -11.82
CA ASN I 403 17.73 10.44 -11.98
C ASN I 403 16.27 10.23 -12.35
N ASP I 404 16.01 9.34 -13.30
CA ASP I 404 14.63 9.10 -13.72
C ASP I 404 13.80 8.46 -12.62
N TYR I 405 14.42 7.67 -11.75
CA TYR I 405 13.66 7.09 -10.65
C TYR I 405 13.36 8.11 -9.55
N LEU I 406 14.29 9.02 -9.27
CA LEU I 406 14.08 9.95 -8.16
C LEU I 406 12.95 10.93 -8.44
N LEU I 407 12.68 11.23 -9.71
CA LEU I 407 11.63 12.17 -10.08
C LEU I 407 10.36 11.46 -10.55
N TYR I 408 10.19 10.19 -10.20
CA TYR I 408 9.12 9.36 -10.72
C TYR I 408 7.74 9.88 -10.33
N MET I 409 7.41 9.89 -9.05
CA MET I 409 6.06 10.19 -8.59
C MET I 409 6.10 11.29 -7.51
N TYR I 410 6.91 12.32 -7.74
CA TYR I 410 7.08 13.35 -6.73
C TYR I 410 5.94 14.36 -6.79
N ASN I 411 5.68 14.98 -5.65
CA ASN I 411 4.59 15.95 -5.50
C ASN I 411 5.12 17.23 -4.88
N THR I 412 4.19 18.11 -4.49
CA THR I 412 4.55 19.47 -4.09
C THR I 412 5.33 19.51 -2.78
N ARG I 413 4.94 18.72 -1.78
CA ARG I 413 5.58 18.82 -0.47
C ARG I 413 6.96 18.20 -0.43
N VAL I 414 7.41 17.57 -1.52
CA VAL I 414 8.80 17.17 -1.68
C VAL I 414 9.44 18.22 -2.57
N GLN I 415 10.11 19.19 -1.96
CA GLN I 415 10.65 20.31 -2.72
C GLN I 415 11.81 19.86 -3.61
N VAL I 416 11.84 20.38 -4.83
CA VAL I 416 12.91 20.11 -5.78
C VAL I 416 13.47 21.45 -6.25
N ASN I 417 14.79 21.60 -6.17
CA ASN I 417 15.48 22.81 -6.58
C ASN I 417 16.55 22.45 -7.60
N TYR I 418 16.24 22.62 -8.88
CA TYR I 418 17.17 22.27 -9.95
C TYR I 418 18.36 23.22 -9.96
N GLY I 419 19.53 22.68 -10.27
CA GLY I 419 20.73 23.48 -10.31
C GLY I 419 20.89 24.22 -11.63
N PRO I 420 22.00 24.96 -11.73
CA PRO I 420 22.25 25.72 -12.97
C PRO I 420 22.48 24.83 -14.18
N THR I 421 23.08 23.66 -13.99
CA THR I 421 23.49 22.81 -15.10
C THR I 421 22.42 21.75 -15.36
N GLY I 422 22.33 21.31 -16.61
CA GLY I 422 21.33 20.33 -16.99
C GLY I 422 21.80 18.89 -16.87
N GLU I 423 22.87 18.67 -16.10
CA GLU I 423 23.34 17.31 -15.87
C GLU I 423 22.35 16.52 -15.02
N PRO I 424 22.35 15.20 -15.14
CA PRO I 424 21.48 14.39 -14.30
C PRO I 424 21.86 14.46 -12.83
N LEU I 425 20.86 14.28 -11.97
CA LEU I 425 21.00 14.27 -10.51
C LEU I 425 21.51 15.61 -9.97
N ASP I 426 21.26 16.70 -10.70
CA ASP I 426 21.70 18.03 -10.28
C ASP I 426 20.52 18.79 -9.67
N PHE I 427 20.19 18.45 -8.44
CA PHE I 427 19.15 19.15 -7.70
C PHE I 427 19.27 18.83 -6.22
N GLN I 428 18.58 19.62 -5.41
CA GLN I 428 18.37 19.32 -4.00
C GLN I 428 16.91 18.93 -3.79
N ILE I 429 16.69 17.93 -2.94
CA ILE I 429 15.37 17.35 -2.77
C ILE I 429 15.08 17.19 -1.28
N GLY I 430 13.85 17.47 -0.89
CA GLY I 430 13.37 17.20 0.45
C GLY I 430 13.27 18.47 1.29
N ARG I 431 12.79 18.27 2.52
CA ARG I 431 12.65 19.37 3.46
C ARG I 431 14.01 19.86 3.95
N ASN I 432 14.96 18.95 4.15
CA ASN I 432 16.30 19.29 4.59
C ASN I 432 17.23 19.65 3.44
N GLN I 433 16.77 19.54 2.19
CA GLN I 433 17.53 19.90 0.99
C GLN I 433 18.80 19.06 0.87
N TYR I 434 18.60 17.75 0.78
CA TYR I 434 19.71 16.84 0.50
C TYR I 434 20.20 17.03 -0.93
N ASP I 435 21.50 17.14 -1.10
CA ASP I 435 22.09 17.41 -2.41
C ASP I 435 22.40 16.09 -3.11
N CYS I 436 21.79 15.87 -4.27
CA CYS I 436 21.94 14.64 -5.02
C CYS I 436 23.07 14.68 -6.03
N ASN I 437 23.83 15.77 -6.09
CA ASN I 437 24.93 15.88 -7.05
C ASN I 437 26.04 14.87 -6.76
N VAL I 438 26.14 14.40 -5.51
CA VAL I 438 27.23 13.52 -5.12
C VAL I 438 27.09 12.11 -5.70
N PHE I 439 25.94 11.76 -6.25
CA PHE I 439 25.74 10.43 -6.80
C PHE I 439 26.05 10.34 -8.28
N ARG I 440 26.44 11.45 -8.92
CA ARG I 440 26.93 11.40 -10.29
C ARG I 440 28.36 10.86 -10.29
N ALA I 441 28.63 9.92 -11.19
CA ALA I 441 29.88 9.17 -11.16
C ALA I 441 31.08 10.05 -11.49
N ASP I 442 32.17 9.81 -10.77
CA ASP I 442 33.44 10.48 -11.03
C ASP I 442 34.54 9.49 -10.69
N PHE I 443 35.26 9.01 -11.70
CA PHE I 443 36.21 7.92 -11.49
C PHE I 443 37.42 8.35 -10.68
N ALA I 444 37.75 9.64 -10.69
CA ALA I 444 38.93 10.10 -9.97
C ALA I 444 38.74 10.03 -8.47
N THR I 445 37.51 10.21 -7.98
CA THR I 445 37.22 10.19 -6.56
C THR I 445 36.46 8.95 -6.11
N GLY I 446 35.56 8.43 -6.93
CA GLY I 446 34.74 7.30 -6.56
C GLY I 446 33.45 7.63 -5.86
N THR I 447 33.02 8.89 -5.89
CA THR I 447 31.81 9.29 -5.17
C THR I 447 30.57 8.66 -5.81
N GLY I 448 29.61 8.30 -4.96
CA GLY I 448 28.37 7.73 -5.40
C GLY I 448 28.33 6.23 -5.52
N TYR I 449 29.47 5.55 -5.34
CA TYR I 449 29.51 4.10 -5.47
C TYR I 449 30.16 3.46 -4.25
N ASN I 450 30.47 2.16 -4.33
CA ASN I 450 30.88 1.41 -3.15
C ASN I 450 32.22 1.91 -2.58
N GLY I 451 33.09 2.46 -3.42
CA GLY I 451 34.37 2.95 -2.96
C GLY I 451 34.35 4.33 -2.35
N TRP I 452 33.17 4.94 -2.24
CA TRP I 452 33.00 6.28 -1.71
C TRP I 452 33.43 6.37 -0.25
N ALA I 453 34.52 7.11 -0.01
CA ALA I 453 35.01 7.42 1.34
C ALA I 453 35.26 6.17 2.17
N THR I 454 35.87 5.17 1.55
CA THR I 454 36.21 3.93 2.23
C THR I 454 37.55 3.41 1.71
N ILE I 455 38.17 2.54 2.49
CA ILE I 455 39.46 1.95 2.14
C ILE I 455 39.21 0.58 1.56
N ASP I 456 39.54 0.40 0.28
CA ASP I 456 39.33 -0.86 -0.41
C ASP I 456 40.57 -1.74 -0.42
N VAL I 457 41.75 -1.14 -0.56
CA VAL I 457 43.00 -1.86 -0.71
C VAL I 457 43.89 -1.55 0.49
N GLU I 458 44.56 -2.58 1.01
CA GLU I 458 45.30 -2.48 2.25
C GLU I 458 46.47 -3.45 2.22
N TYR I 459 47.56 -3.07 2.88
CA TYR I 459 48.76 -3.89 3.01
C TYR I 459 49.03 -4.13 4.49
N ARG I 460 49.07 -5.39 4.90
CA ARG I 460 49.18 -5.72 6.32
C ARG I 460 50.47 -6.45 6.67
N GLU I 461 50.71 -7.63 6.10
CA GLU I 461 51.88 -8.43 6.40
C GLU I 461 52.39 -9.05 5.11
N PRO I 462 53.67 -9.46 5.07
CA PRO I 462 54.20 -10.08 3.84
C PRO I 462 53.43 -11.32 3.44
N ALA I 463 53.23 -11.47 2.14
CA ALA I 463 52.46 -12.52 1.52
C ALA I 463 53.36 -13.64 1.03
N PRO I 464 52.82 -14.86 0.85
CA PRO I 464 53.62 -15.94 0.26
C PRO I 464 54.18 -15.61 -1.12
N TYR I 465 53.41 -14.91 -1.95
CA TYR I 465 53.88 -14.45 -3.25
C TYR I 465 54.20 -12.97 -3.13
N VAL I 466 55.47 -12.62 -3.33
CA VAL I 466 55.93 -11.28 -3.00
C VAL I 466 55.45 -10.22 -3.99
N HIS I 467 55.01 -10.62 -5.17
CA HIS I 467 54.60 -9.65 -6.18
C HIS I 467 53.17 -9.12 -5.97
N ALA I 468 52.39 -9.73 -5.07
CA ALA I 468 51.01 -9.28 -4.82
C ALA I 468 50.78 -9.24 -3.31
N GLN I 469 51.05 -8.08 -2.71
CA GLN I 469 50.92 -7.89 -1.27
C GLN I 469 49.61 -7.22 -0.87
N ARG I 470 48.69 -6.99 -1.81
CA ARG I 470 47.49 -6.23 -1.52
C ARG I 470 46.42 -7.11 -0.88
N TYR I 471 45.52 -6.45 -0.15
CA TYR I 471 44.31 -7.07 0.39
C TYR I 471 43.11 -6.27 -0.08
N ILE I 472 42.07 -6.96 -0.53
CA ILE I 472 40.86 -6.31 -1.01
C ILE I 472 39.83 -6.28 0.10
N ARG I 473 39.25 -5.11 0.35
CA ARG I 473 38.24 -4.91 1.39
C ARG I 473 37.01 -4.26 0.76
N TYR I 474 36.09 -5.08 0.25
CA TYR I 474 34.81 -4.55 -0.21
C TYR I 474 33.98 -4.13 0.99
N CYS I 475 33.47 -2.90 0.95
CA CYS I 475 32.62 -2.31 1.98
C CYS I 475 33.30 -2.24 3.35
N GLY I 476 34.62 -2.35 3.41
CA GLY I 476 35.33 -2.24 4.67
C GLY I 476 35.36 -3.48 5.53
N ILE I 477 34.96 -4.63 5.00
CA ILE I 477 34.92 -5.87 5.78
C ILE I 477 36.28 -6.54 5.74
N ASP I 478 36.70 -7.08 6.89
CA ASP I 478 37.95 -7.82 7.03
C ASP I 478 37.66 -9.32 6.95
N SER I 479 38.50 -10.04 6.21
CA SER I 479 38.26 -11.46 5.92
C SER I 479 39.16 -12.38 6.74
N ARG I 480 39.59 -11.96 7.92
CA ARG I 480 40.41 -12.82 8.76
C ARG I 480 39.59 -13.75 9.64
N GLU I 481 38.26 -13.63 9.61
CA GLU I 481 37.39 -14.37 10.50
C GLU I 481 36.41 -15.22 9.70
N LEU I 482 36.10 -16.41 10.22
CA LEU I 482 35.05 -17.23 9.65
C LEU I 482 33.69 -16.74 10.14
N ILE I 483 32.72 -16.68 9.24
CA ILE I 483 31.44 -16.04 9.54
C ILE I 483 30.34 -17.08 9.63
N ASN I 484 29.28 -16.73 10.35
CA ASN I 484 28.08 -17.54 10.44
C ASN I 484 26.98 -16.86 9.65
N PRO I 485 26.52 -17.44 8.53
CA PRO I 485 25.56 -16.71 7.67
C PRO I 485 24.24 -16.39 8.34
N THR I 486 23.84 -17.16 9.34
CA THR I 486 22.57 -16.90 10.02
C THR I 486 22.60 -15.58 10.79
N THR I 487 23.71 -15.27 11.46
CA THR I 487 23.76 -14.13 12.36
C THR I 487 24.80 -13.09 11.99
N TYR I 488 25.43 -13.18 10.82
CA TYR I 488 26.46 -12.21 10.46
C TYR I 488 25.85 -10.96 9.85
N GLY I 489 26.55 -9.84 10.02
CA GLY I 489 26.14 -8.60 9.40
C GLY I 489 24.90 -7.96 9.99
N ILE I 490 24.60 -8.25 11.26
CA ILE I 490 23.34 -7.78 11.84
C ILE I 490 23.39 -6.30 12.19
N GLY I 491 24.58 -5.72 12.37
CA GLY I 491 24.68 -4.32 12.75
C GLY I 491 25.73 -3.53 12.01
N MET I 492 26.13 -4.03 10.83
CA MET I 492 27.18 -3.40 10.05
C MET I 492 26.58 -2.48 8.99
N THR I 493 27.37 -1.49 8.58
CA THR I 493 26.97 -0.55 7.54
C THR I 493 28.23 0.12 6.99
N TYR I 494 28.06 0.86 5.90
CA TYR I 494 29.15 1.64 5.33
C TYR I 494 28.56 2.91 4.71
N HIS I 495 29.45 3.73 4.15
CA HIS I 495 29.11 5.13 3.84
C HIS I 495 28.08 5.23 2.72
N CYS I 496 28.32 4.52 1.60
CA CYS I 496 27.46 4.68 0.43
C CYS I 496 26.05 4.17 0.70
N TYR I 497 25.92 3.04 1.39
CA TYR I 497 24.60 2.50 1.70
C TYR I 497 23.82 3.44 2.62
N ASN I 498 24.49 3.99 3.63
CA ASN I 498 23.85 4.94 4.53
C ASN I 498 23.40 6.19 3.79
N GLU I 499 24.24 6.72 2.90
CA GLU I 499 23.86 7.89 2.13
C GLU I 499 22.68 7.60 1.20
N MET I 500 22.66 6.41 0.59
CA MET I 500 21.53 6.04 -0.25
C MET I 500 20.23 5.95 0.57
N LEU I 501 20.31 5.40 1.78
CA LEU I 501 19.13 5.34 2.64
C LEU I 501 18.64 6.74 2.99
N ARG I 502 19.57 7.64 3.31
CA ARG I 502 19.19 9.03 3.62
C ARG I 502 18.52 9.70 2.42
N MET I 503 19.09 9.52 1.23
CA MET I 503 18.51 10.14 0.04
C MET I 503 17.14 9.56 -0.29
N LEU I 504 16.97 8.24 -0.11
CA LEU I 504 15.68 7.63 -0.40
C LEU I 504 14.62 8.12 0.58
N VAL I 505 14.97 8.28 1.85
CA VAL I 505 14.02 8.84 2.81
C VAL I 505 13.68 10.27 2.46
N ALA I 506 14.69 11.07 2.07
CA ALA I 506 14.46 12.48 1.78
C ALA I 506 13.58 12.68 0.55
N ALA I 507 13.51 11.70 -0.33
CA ALA I 507 12.72 11.80 -1.56
C ALA I 507 11.34 11.15 -1.43
N GLY I 508 10.94 10.75 -0.23
CA GLY I 508 9.62 10.18 -0.04
C GLY I 508 9.44 8.75 -0.48
N LYS I 509 10.52 7.99 -0.61
CA LYS I 509 10.45 6.57 -0.95
C LYS I 509 10.60 5.71 0.30
N ASP I 510 9.53 5.64 1.08
CA ASP I 510 9.58 4.99 2.38
C ASP I 510 9.70 3.47 2.25
N SER I 511 8.87 2.86 1.41
CA SER I 511 8.85 1.41 1.30
C SER I 511 10.17 0.87 0.75
N GLU I 512 10.73 1.54 -0.25
CA GLU I 512 11.99 1.09 -0.84
C GLU I 512 13.14 1.22 0.15
N ALA I 513 13.17 2.34 0.90
CA ALA I 513 14.20 2.49 1.93
C ALA I 513 14.06 1.43 3.01
N ALA I 514 12.83 1.10 3.38
CA ALA I 514 12.62 0.01 4.35
C ALA I 514 13.12 -1.31 3.80
N TYR I 515 12.87 -1.58 2.51
CA TYR I 515 13.32 -2.83 1.90
C TYR I 515 14.84 -2.92 1.92
N PHE I 516 15.53 -1.84 1.57
CA PHE I 516 16.99 -1.88 1.55
C PHE I 516 17.57 -2.00 2.96
N ARG I 517 16.96 -1.30 3.92
CA ARG I 517 17.41 -1.42 5.31
C ARG I 517 17.24 -2.84 5.83
N SER I 518 16.14 -3.51 5.45
CA SER I 518 15.96 -4.89 5.86
C SER I 518 16.87 -5.86 5.11
N MET I 519 17.31 -5.49 3.90
CA MET I 519 18.17 -6.38 3.12
C MET I 519 19.66 -6.20 3.39
N LEU I 520 20.05 -5.17 4.14
CA LEU I 520 21.47 -4.89 4.38
C LEU I 520 22.30 -6.07 4.92
N PRO I 521 21.86 -6.86 5.92
CA PRO I 521 22.72 -7.98 6.37
C PRO I 521 23.04 -9.00 5.28
N PHE I 522 22.08 -9.27 4.39
CA PHE I 522 22.31 -10.14 3.25
C PHE I 522 23.43 -9.60 2.36
N HIS I 523 23.41 -8.28 2.12
CA HIS I 523 24.45 -7.62 1.35
C HIS I 523 25.81 -7.77 2.02
N MET I 524 25.87 -7.58 3.34
CA MET I 524 27.13 -7.71 4.06
C MET I 524 27.68 -9.13 3.98
N VAL I 525 26.80 -10.13 4.11
CA VAL I 525 27.25 -11.52 4.02
C VAL I 525 27.79 -11.83 2.63
N ARG I 526 27.11 -11.34 1.59
CA ARG I 526 27.58 -11.55 0.22
C ARG I 526 28.97 -10.98 0.02
N PHE I 527 29.19 -9.74 0.48
CA PHE I 527 30.49 -9.13 0.22
C PHE I 527 31.58 -9.72 1.10
N ALA I 528 31.24 -10.23 2.29
CA ALA I 528 32.22 -10.96 3.09
C ALA I 528 32.67 -12.23 2.39
N ARG I 529 31.72 -12.96 1.80
CA ARG I 529 32.08 -14.16 1.03
C ARG I 529 32.99 -13.80 -0.15
N ILE I 530 32.67 -12.72 -0.85
CA ILE I 530 33.49 -12.31 -1.99
C ILE I 530 34.91 -11.94 -1.54
N ASN I 531 35.03 -11.21 -0.43
CA ASN I 531 36.34 -10.84 0.09
C ASN I 531 37.16 -12.07 0.47
N GLN I 532 36.53 -13.06 1.09
CA GLN I 532 37.24 -14.29 1.42
C GLN I 532 37.72 -15.02 0.17
N ILE I 533 36.86 -15.10 -0.85
CA ILE I 533 37.25 -15.79 -2.08
C ILE I 533 38.44 -15.09 -2.72
N ILE I 534 38.42 -13.75 -2.74
CA ILE I 534 39.52 -13.01 -3.34
C ILE I 534 40.81 -13.21 -2.55
N ASN I 535 40.72 -13.12 -1.22
CA ASN I 535 41.94 -13.02 -0.42
C ASN I 535 42.62 -14.38 -0.18
N GLU I 536 41.86 -15.46 0.00
CA GLU I 536 42.47 -16.77 0.19
C GLU I 536 42.52 -17.62 -1.06
N ASP I 537 41.38 -17.84 -1.73
CA ASP I 537 41.34 -18.84 -2.80
C ASP I 537 42.20 -18.43 -4.01
N LEU I 538 42.18 -17.15 -4.38
CA LEU I 538 42.74 -16.72 -5.65
C LEU I 538 44.19 -16.26 -5.58
N HIS I 539 44.86 -16.41 -4.44
CA HIS I 539 46.25 -16.01 -4.31
C HIS I 539 47.15 -17.00 -5.04
N SER I 540 47.93 -16.51 -6.00
CA SER I 540 48.69 -17.37 -6.90
C SER I 540 49.79 -16.55 -7.57
N VAL I 541 50.71 -17.24 -8.26
CA VAL I 541 51.69 -16.54 -9.08
C VAL I 541 51.02 -15.88 -10.26
N PHE I 542 49.87 -16.39 -10.68
CA PHE I 542 49.16 -15.85 -11.83
C PHE I 542 48.39 -14.58 -11.49
N SER I 543 48.32 -14.19 -10.22
CA SER I 543 47.67 -12.96 -9.84
C SER I 543 48.49 -11.76 -10.29
N LEU I 544 47.79 -10.69 -10.64
CA LEU I 544 48.43 -9.51 -11.20
C LEU I 544 49.32 -8.84 -10.16
N PRO I 545 50.50 -8.36 -10.56
CA PRO I 545 51.34 -7.61 -9.62
C PRO I 545 50.72 -6.28 -9.24
N ASP I 546 51.11 -5.78 -8.06
CA ASP I 546 50.56 -4.53 -7.55
C ASP I 546 50.91 -3.35 -8.46
N ASP I 547 52.07 -3.43 -9.12
CA ASP I 547 52.52 -2.36 -10.00
C ASP I 547 51.55 -2.13 -11.15
N MET I 548 51.10 -3.22 -11.77
CA MET I 548 50.11 -3.11 -12.84
C MET I 548 48.70 -2.83 -12.31
N PHE I 549 48.39 -3.37 -11.14
CA PHE I 549 47.06 -3.16 -10.55
C PHE I 549 46.81 -1.70 -10.25
N ASN I 550 47.83 -1.00 -9.72
CA ASN I 550 47.66 0.41 -9.41
C ASN I 550 47.58 1.28 -10.65
N ALA I 551 48.08 0.80 -11.79
CA ALA I 551 48.04 1.57 -13.03
C ALA I 551 46.86 1.19 -13.92
N LEU I 552 46.09 0.15 -13.56
CA LEU I 552 44.93 -0.23 -14.37
C LEU I 552 43.93 0.91 -14.52
N LEU I 553 43.56 1.58 -13.43
CA LEU I 553 42.51 2.60 -13.47
C LEU I 553 42.98 3.93 -14.05
N PRO I 554 44.18 4.45 -13.71
CA PRO I 554 44.66 5.65 -14.42
C PRO I 554 44.78 5.45 -15.92
N ASP I 555 45.17 4.26 -16.37
CA ASP I 555 45.27 4.00 -17.81
C ASP I 555 43.90 4.02 -18.46
N LEU I 556 42.87 3.48 -17.78
CA LEU I 556 41.53 3.53 -18.32
C LEU I 556 41.01 4.96 -18.39
N ILE I 557 41.27 5.75 -17.35
CA ILE I 557 40.80 7.14 -17.34
C ILE I 557 41.50 7.94 -18.44
N ALA I 558 42.81 7.80 -18.56
CA ALA I 558 43.56 8.59 -19.53
C ALA I 558 43.32 8.11 -20.96
N GLY I 559 43.07 6.82 -21.15
CA GLY I 559 42.92 6.27 -22.48
C GLY I 559 44.17 5.65 -23.06
N ALA I 560 45.19 5.42 -22.25
CA ALA I 560 46.44 4.83 -22.72
C ALA I 560 46.26 3.34 -23.01
N HIS I 561 46.96 2.85 -24.03
CA HIS I 561 46.86 1.46 -24.45
C HIS I 561 48.21 0.75 -24.50
N GLN I 562 49.20 1.22 -23.73
CA GLN I 562 50.49 0.54 -23.71
C GLN I 562 50.38 -0.82 -23.02
N ASN I 563 49.60 -0.91 -21.95
CA ASN I 563 49.46 -2.16 -21.22
C ASN I 563 48.31 -2.98 -21.79
N ALA I 564 48.06 -4.13 -21.17
CA ALA I 564 46.96 -5.00 -21.60
C ALA I 564 45.62 -4.36 -21.27
N ASP I 565 44.66 -4.56 -22.16
CA ASP I 565 43.33 -4.00 -21.97
C ASP I 565 42.49 -4.92 -21.08
N PRO I 566 41.65 -4.35 -20.23
CA PRO I 566 40.75 -5.18 -19.41
C PRO I 566 39.71 -5.88 -20.26
N VAL I 567 39.30 -7.06 -19.80
CA VAL I 567 38.28 -7.85 -20.48
C VAL I 567 36.91 -7.26 -20.16
N VAL I 568 36.09 -7.10 -21.19
CA VAL I 568 34.78 -6.47 -21.08
C VAL I 568 33.70 -7.51 -21.33
N LEU I 569 32.75 -7.61 -20.40
CA LEU I 569 31.62 -8.51 -20.50
C LEU I 569 30.33 -7.70 -20.49
N ASP I 570 29.39 -8.06 -21.36
CA ASP I 570 28.14 -7.33 -21.52
C ASP I 570 26.98 -8.13 -20.95
N VAL I 571 26.11 -7.44 -20.20
CA VAL I 571 24.98 -8.05 -19.51
C VAL I 571 23.73 -7.22 -19.75
N SER I 572 22.59 -7.74 -19.31
CA SER I 572 21.31 -7.10 -19.50
C SER I 572 20.90 -6.30 -18.25
N TRP I 573 19.79 -5.56 -18.40
CA TRP I 573 19.36 -4.66 -17.34
C TRP I 573 18.75 -5.40 -16.16
N ILE I 574 17.93 -6.43 -16.43
CA ILE I 574 17.27 -7.15 -15.35
C ILE I 574 18.23 -8.04 -14.56
N SER I 575 19.38 -8.35 -15.16
CA SER I 575 20.37 -9.18 -14.46
C SER I 575 20.92 -8.47 -13.22
N LEU I 576 20.92 -7.14 -13.20
CA LEU I 576 21.34 -6.43 -12.00
C LEU I 576 20.37 -6.67 -10.84
N TRP I 577 19.06 -6.59 -11.12
CA TRP I 577 18.06 -6.88 -10.10
C TRP I 577 18.17 -8.33 -9.63
N PHE I 578 18.40 -9.26 -10.56
CA PHE I 578 18.54 -10.65 -10.15
C PHE I 578 19.83 -10.89 -9.38
N ALA I 579 20.88 -10.12 -9.65
CA ALA I 579 22.14 -10.29 -8.94
C ALA I 579 22.07 -9.71 -7.53
N PHE I 580 21.29 -8.65 -7.33
CA PHE I 580 21.15 -8.12 -5.99
C PHE I 580 20.41 -9.07 -5.06
N ASN I 581 19.56 -9.95 -5.60
CA ASN I 581 18.78 -10.88 -4.79
C ASN I 581 19.34 -12.30 -4.82
N ARG I 582 20.57 -12.48 -5.30
CA ARG I 582 21.26 -13.77 -5.26
C ARG I 582 22.66 -13.55 -4.73
N SER I 583 23.06 -14.32 -3.73
CA SER I 583 24.42 -14.29 -3.22
C SER I 583 25.09 -15.63 -3.51
N PHE I 584 26.38 -15.57 -3.83
CA PHE I 584 27.13 -16.75 -4.23
C PHE I 584 27.72 -17.41 -2.99
N GLU I 585 27.31 -18.65 -2.75
CA GLU I 585 27.77 -19.44 -1.60
C GLU I 585 28.63 -20.59 -2.08
N PRO I 586 29.95 -20.55 -1.90
CA PRO I 586 30.79 -21.67 -2.34
C PRO I 586 30.51 -22.93 -1.55
N THR I 587 30.56 -24.07 -2.25
CA THR I 587 30.37 -25.38 -1.64
C THR I 587 31.56 -26.29 -1.80
N HIS I 588 32.18 -26.33 -2.98
CA HIS I 588 33.35 -27.15 -3.24
C HIS I 588 34.50 -26.24 -3.67
N ARG I 589 35.63 -26.35 -2.97
CA ARG I 589 36.82 -25.65 -3.38
C ARG I 589 37.48 -26.40 -4.54
N ASN I 590 38.33 -25.67 -5.29
CA ASN I 590 38.93 -26.23 -6.50
C ASN I 590 39.80 -27.44 -6.17
N GLU I 591 39.64 -28.50 -6.95
CA GLU I 591 40.42 -29.72 -6.74
C GLU I 591 41.89 -29.55 -7.09
N MET I 592 42.26 -28.47 -7.76
CA MET I 592 43.65 -28.20 -8.12
C MET I 592 44.33 -27.24 -7.16
N LEU I 593 43.68 -26.87 -6.06
CA LEU I 593 44.19 -25.80 -5.21
C LEU I 593 45.49 -26.20 -4.50
N GLU I 594 45.55 -27.43 -3.99
CA GLU I 594 46.73 -27.84 -3.23
C GLU I 594 47.86 -28.32 -4.12
N VAL I 595 47.62 -28.54 -5.40
CA VAL I 595 48.63 -29.04 -6.33
C VAL I 595 49.31 -27.90 -7.09
N ALA I 596 48.70 -26.70 -7.09
CA ALA I 596 49.15 -25.62 -7.96
C ALA I 596 50.62 -25.21 -7.83
N PRO I 597 51.21 -25.06 -6.62
CA PRO I 597 52.61 -24.61 -6.57
C PRO I 597 53.59 -25.50 -7.31
N LEU I 598 53.39 -26.82 -7.29
CA LEU I 598 54.27 -27.72 -8.04
C LEU I 598 54.13 -27.48 -9.54
N ILE I 599 52.90 -27.27 -10.01
CA ILE I 599 52.67 -26.96 -11.43
C ILE I 599 53.38 -25.67 -11.82
N GLU I 600 53.29 -24.65 -10.97
CA GLU I 600 53.97 -23.39 -11.24
C GLU I 600 55.48 -23.56 -11.28
N SER I 601 56.03 -24.37 -10.36
CA SER I 601 57.46 -24.62 -10.35
C SER I 601 57.92 -25.32 -11.63
N VAL I 602 57.15 -26.31 -12.08
CA VAL I 602 57.49 -27.02 -13.32
C VAL I 602 57.47 -26.05 -14.50
N TYR I 603 56.44 -25.20 -14.57
CA TYR I 603 56.31 -24.25 -15.66
C TYR I 603 57.50 -23.29 -15.70
N ALA I 604 57.87 -22.75 -14.53
CA ALA I 604 59.00 -21.82 -14.47
C ALA I 604 60.31 -22.50 -14.84
N SER I 605 60.50 -23.75 -14.40
CA SER I 605 61.73 -24.47 -14.73
C SER I 605 61.86 -24.68 -16.24
N GLU I 606 60.77 -25.08 -16.89
CA GLU I 606 60.81 -25.28 -18.33
C GLU I 606 61.08 -23.97 -19.08
N LEU I 607 60.46 -22.87 -18.63
CA LEU I 607 60.71 -21.58 -19.26
C LEU I 607 62.18 -21.18 -19.13
N SER I 608 62.78 -21.42 -17.95
CA SER I 608 64.18 -21.08 -17.75
C SER I 608 65.09 -21.92 -18.66
N VAL I 609 64.75 -23.20 -18.84
CA VAL I 609 65.56 -24.06 -19.71
C VAL I 609 65.52 -23.54 -21.14
N MET I 610 64.33 -23.17 -21.63
CA MET I 610 64.22 -22.62 -22.98
C MET I 610 65.03 -21.33 -23.11
N LYS I 611 64.97 -20.46 -22.10
CA LYS I 611 65.72 -19.21 -22.16
C LYS I 611 67.22 -19.46 -22.25
N VAL I 612 67.73 -20.41 -21.44
CA VAL I 612 69.17 -20.70 -21.46
C VAL I 612 69.59 -21.25 -22.82
N ASP I 613 68.79 -22.17 -23.38
CA ASP I 613 69.11 -22.74 -24.68
C ASP I 613 69.19 -21.67 -25.75
N MET I 614 68.22 -20.75 -25.75
CA MET I 614 68.23 -19.72 -26.78
C MET I 614 69.35 -18.71 -26.57
N ARG I 615 69.68 -18.41 -25.31
CA ARG I 615 70.83 -17.55 -25.02
C ARG I 615 72.10 -18.11 -25.60
N HIS I 616 72.32 -19.41 -25.45
CA HIS I 616 73.55 -19.98 -25.99
C HIS I 616 73.50 -20.15 -27.51
N LEU I 617 72.32 -20.42 -28.08
CA LEU I 617 72.24 -20.59 -29.52
C LEU I 617 72.34 -19.27 -30.29
N SER I 618 72.06 -18.14 -29.65
CA SER I 618 72.08 -16.90 -30.42
C SER I 618 73.50 -16.42 -30.83
N LEU I 619 74.62 -17.16 -30.68
CA LEU I 619 75.94 -16.68 -31.07
C LEU I 619 76.59 -17.51 -32.16
N MET I 620 75.93 -18.56 -32.65
CA MET I 620 76.58 -19.50 -33.55
C MET I 620 76.85 -18.89 -34.92
N GLN I 621 76.00 -17.95 -35.36
CA GLN I 621 76.23 -17.33 -36.67
C GLN I 621 77.50 -16.48 -36.66
N ARG I 622 77.74 -15.75 -35.57
CA ARG I 622 79.00 -15.02 -35.45
C ARG I 622 80.17 -15.97 -35.25
N ARG I 623 79.94 -17.09 -34.55
CA ARG I 623 81.03 -18.05 -34.37
C ARG I 623 81.38 -18.77 -35.67
N PHE I 624 80.38 -19.13 -36.47
CA PHE I 624 80.58 -19.92 -37.68
C PHE I 624 79.84 -19.29 -38.85
N PRO I 625 80.40 -18.23 -39.44
CA PRO I 625 79.71 -17.58 -40.57
C PRO I 625 79.61 -18.45 -41.82
N ASP I 626 80.51 -19.41 -41.99
CA ASP I 626 80.50 -20.23 -43.20
C ASP I 626 79.41 -21.29 -43.21
N VAL I 627 78.90 -21.68 -42.04
CA VAL I 627 77.83 -22.66 -41.99
C VAL I 627 76.47 -21.96 -42.03
N LEU I 628 76.33 -20.88 -41.27
CA LEU I 628 75.05 -20.19 -41.09
C LEU I 628 74.98 -18.89 -41.88
N ILE I 629 75.50 -18.89 -43.11
CA ILE I 629 75.55 -17.67 -43.91
C ILE I 629 74.15 -17.18 -44.28
N GLN I 630 73.17 -18.08 -44.34
CA GLN I 630 71.81 -17.72 -44.72
C GLN I 630 70.81 -17.95 -43.57
N ALA I 631 71.28 -17.87 -42.34
CA ALA I 631 70.44 -18.16 -41.19
C ALA I 631 69.74 -16.90 -40.68
N ARG I 632 68.60 -17.10 -40.04
CA ARG I 632 67.79 -16.07 -39.41
C ARG I 632 67.48 -16.49 -37.98
N PRO I 633 67.17 -15.54 -37.10
CA PRO I 633 66.86 -15.91 -35.70
C PRO I 633 65.64 -16.82 -35.57
N SER I 634 64.68 -16.72 -36.47
CA SER I 634 63.50 -17.59 -36.41
C SER I 634 63.87 -19.06 -36.58
N HIS I 635 65.02 -19.35 -37.21
CA HIS I 635 65.43 -20.74 -37.38
C HIS I 635 65.73 -21.40 -36.04
N PHE I 636 66.57 -20.78 -35.21
CA PHE I 636 66.84 -21.38 -33.91
C PHE I 636 65.69 -21.17 -32.93
N TRP I 637 64.86 -20.13 -33.13
CA TRP I 637 63.62 -20.05 -32.38
C TRP I 637 62.76 -21.29 -32.61
N LYS I 638 62.57 -21.66 -33.89
CA LYS I 638 61.78 -22.83 -34.22
C LYS I 638 62.43 -24.11 -33.73
N ALA I 639 63.76 -24.19 -33.79
CA ALA I 639 64.46 -25.38 -33.30
C ALA I 639 64.23 -25.58 -31.81
N VAL I 640 64.38 -24.50 -31.02
CA VAL I 640 64.17 -24.60 -29.58
C VAL I 640 62.72 -24.92 -29.27
N LEU I 641 61.78 -24.34 -30.04
CA LEU I 641 60.38 -24.69 -29.86
C LEU I 641 60.12 -26.16 -30.14
N ASN I 642 60.77 -26.70 -31.17
CA ASN I 642 60.61 -28.12 -31.49
C ASN I 642 61.20 -29.02 -30.42
N ASP I 643 62.21 -28.54 -29.69
CA ASP I 643 62.82 -29.32 -28.61
C ASP I 643 62.27 -28.95 -27.24
N SER I 644 60.99 -28.62 -27.14
CA SER I 644 60.36 -28.20 -25.90
C SER I 644 59.08 -29.00 -25.66
N PRO I 645 58.66 -29.13 -24.40
CA PRO I 645 57.41 -29.84 -24.12
C PRO I 645 56.19 -29.10 -24.65
N GLU I 646 55.13 -29.87 -24.91
CA GLU I 646 53.94 -29.33 -25.54
C GLU I 646 53.15 -28.41 -24.61
N ALA I 647 53.10 -28.74 -23.31
CA ALA I 647 52.20 -28.05 -22.40
C ALA I 647 52.63 -26.61 -22.17
N VAL I 648 53.94 -26.36 -22.06
CA VAL I 648 54.44 -25.00 -21.90
C VAL I 648 54.08 -24.15 -23.11
N LYS I 649 54.29 -24.72 -24.31
CA LYS I 649 53.95 -24.02 -25.53
C LYS I 649 52.44 -23.74 -25.60
N ALA I 650 51.63 -24.66 -25.08
CA ALA I 650 50.18 -24.43 -25.05
C ALA I 650 49.83 -23.29 -24.10
N VAL I 651 50.52 -23.21 -22.95
CA VAL I 651 50.27 -22.12 -22.01
C VAL I 651 50.61 -20.78 -22.66
N MET I 652 51.73 -20.69 -23.37
CA MET I 652 52.05 -19.44 -24.05
C MET I 652 51.09 -19.16 -25.20
N ASN I 653 50.64 -20.20 -25.91
CA ASN I 653 49.70 -20.02 -27.01
C ASN I 653 48.32 -19.62 -26.54
N LEU I 654 48.02 -19.80 -25.25
CA LEU I 654 46.77 -19.26 -24.70
C LEU I 654 46.67 -17.75 -24.90
N SER I 655 47.80 -17.06 -24.94
CA SER I 655 47.84 -15.62 -25.16
C SER I 655 48.39 -15.23 -26.52
N HIS I 656 49.30 -16.02 -27.08
CA HIS I 656 49.92 -15.67 -28.35
C HIS I 656 49.05 -15.99 -29.55
N SER I 657 47.83 -16.50 -29.35
CA SER I 657 46.92 -16.77 -30.44
C SER I 657 46.08 -15.56 -30.84
N HIS I 658 46.11 -14.47 -30.06
CA HIS I 658 45.46 -13.24 -30.48
C HIS I 658 46.25 -11.99 -30.16
N ASN I 659 47.45 -12.10 -29.61
CA ASN I 659 48.36 -10.98 -29.45
C ASN I 659 49.62 -11.26 -30.24
N PHE I 660 49.87 -10.47 -31.27
CA PHE I 660 51.00 -10.70 -32.16
C PHE I 660 52.31 -10.32 -31.49
N ILE I 661 53.32 -11.18 -31.62
CA ILE I 661 54.67 -10.91 -31.16
C ILE I 661 55.65 -11.27 -32.26
N ASN I 662 56.82 -10.64 -32.22
CA ASN I 662 57.86 -10.94 -33.20
C ASN I 662 59.19 -11.24 -32.51
N ILE I 663 60.28 -11.28 -33.28
CA ILE I 663 61.57 -11.66 -32.73
C ILE I 663 62.15 -10.61 -31.78
N ARG I 664 61.71 -9.36 -31.86
CA ARG I 664 62.16 -8.36 -30.89
C ARG I 664 61.66 -8.68 -29.49
N ASP I 665 60.38 -9.05 -29.38
CA ASP I 665 59.84 -9.50 -28.10
C ASP I 665 60.55 -10.75 -27.62
N MET I 666 60.85 -11.67 -28.53
CA MET I 666 61.57 -12.89 -28.19
C MET I 666 62.94 -12.58 -27.59
N MET I 667 63.70 -11.70 -28.24
CA MET I 667 65.04 -11.38 -27.73
C MET I 667 64.97 -10.64 -26.41
N ARG I 668 64.02 -9.71 -26.27
CA ARG I 668 63.89 -8.99 -25.00
C ARG I 668 63.55 -9.95 -23.87
N TRP I 669 62.68 -10.94 -24.12
CA TRP I 669 62.40 -11.94 -23.11
C TRP I 669 63.61 -12.81 -22.82
N VAL I 670 64.43 -13.07 -23.85
CA VAL I 670 65.61 -13.91 -23.67
C VAL I 670 66.63 -13.24 -22.76
N MET I 671 66.93 -11.96 -23.00
CA MET I 671 67.98 -11.34 -22.18
C MET I 671 67.50 -10.83 -20.82
N LEU I 672 66.25 -11.03 -20.44
CA LEU I 672 65.83 -10.68 -19.09
C LEU I 672 66.49 -11.61 -18.08
N PRO I 673 66.87 -11.10 -16.90
CA PRO I 673 67.81 -11.84 -16.03
C PRO I 673 67.18 -12.91 -15.16
N SER I 674 65.86 -12.94 -14.98
CA SER I 674 65.26 -13.84 -14.00
C SER I 674 65.29 -15.29 -14.47
N LEU I 675 65.69 -16.19 -13.56
CA LEU I 675 65.68 -17.62 -13.81
C LEU I 675 65.20 -18.35 -12.56
N GLN I 676 64.61 -19.54 -12.77
CA GLN I 676 64.12 -20.36 -11.67
C GLN I 676 65.03 -21.57 -11.50
N PRO I 677 65.86 -21.62 -10.46
CA PRO I 677 66.83 -22.71 -10.33
C PRO I 677 66.16 -24.05 -10.09
N SER I 678 66.72 -25.08 -10.71
CA SER I 678 66.31 -26.46 -10.50
C SER I 678 67.45 -27.36 -10.94
N LEU I 679 67.28 -28.66 -10.71
CA LEU I 679 68.32 -29.62 -11.06
C LEU I 679 68.56 -29.64 -12.57
N LYS I 680 67.49 -29.70 -13.34
CA LYS I 680 67.62 -29.76 -14.79
C LYS I 680 68.20 -28.47 -15.35
N LEU I 681 67.83 -27.32 -14.79
CA LEU I 681 68.38 -26.05 -15.25
C LEU I 681 69.88 -25.97 -15.01
N ALA I 682 70.32 -26.36 -13.80
CA ALA I 682 71.75 -26.32 -13.49
C ALA I 682 72.53 -27.28 -14.37
N LEU I 683 71.99 -28.48 -14.61
CA LEU I 683 72.69 -29.43 -15.47
C LEU I 683 72.72 -28.95 -16.93
N GLU I 684 71.64 -28.35 -17.41
CA GLU I 684 71.62 -27.82 -18.77
C GLU I 684 72.64 -26.69 -18.93
N GLU I 685 72.72 -25.80 -17.95
CA GLU I 685 73.71 -24.73 -17.99
C GLU I 685 75.13 -25.28 -17.98
N GLU I 686 75.39 -26.29 -17.14
CA GLU I 686 76.72 -26.88 -17.11
C GLU I 686 77.05 -27.59 -18.42
N ALA I 687 76.07 -28.26 -19.02
CA ALA I 687 76.30 -28.93 -20.30
C ALA I 687 76.60 -27.92 -21.40
N TRP I 688 75.92 -26.78 -21.40
CA TRP I 688 76.25 -25.73 -22.35
C TRP I 688 77.66 -25.18 -22.11
N ALA I 689 78.05 -25.04 -20.84
CA ALA I 689 79.39 -24.59 -20.53
C ALA I 689 80.45 -25.59 -20.97
N ALA I 690 80.13 -26.89 -20.91
CA ALA I 690 81.09 -27.92 -21.27
C ALA I 690 81.28 -28.07 -22.78
N ALA I 691 80.35 -27.57 -23.58
CA ALA I 691 80.44 -27.63 -25.04
C ALA I 691 80.93 -26.32 -25.64
N ASN I 692 81.82 -25.62 -24.95
CA ASN I 692 82.32 -24.35 -25.47
C ASN I 692 83.24 -24.54 -26.66
N ASP I 693 83.93 -25.68 -26.73
CA ASP I 693 84.84 -26.00 -27.82
C ASP I 693 84.22 -27.11 -28.65
N PHE I 694 84.01 -26.86 -29.94
CA PHE I 694 83.36 -27.88 -30.76
C PHE I 694 84.29 -29.01 -31.19
N GLU I 695 85.54 -29.04 -30.73
CA GLU I 695 86.28 -30.29 -30.83
C GLU I 695 85.71 -31.35 -29.90
N ASP I 696 85.01 -30.94 -28.84
CA ASP I 696 84.31 -31.89 -27.97
C ASP I 696 83.03 -32.43 -28.61
N LEU I 697 82.52 -31.78 -29.64
CA LEU I 697 81.40 -32.28 -30.41
C LEU I 697 81.85 -33.03 -31.66
N MET I 698 83.16 -33.20 -31.84
CA MET I 698 83.75 -33.91 -32.98
C MET I 698 83.40 -33.24 -34.31
N LEU I 699 83.46 -31.91 -34.33
CA LEU I 699 83.24 -31.12 -35.53
C LEU I 699 84.42 -30.19 -35.74
N THR I 700 84.93 -30.14 -36.97
CA THR I 700 86.10 -29.33 -37.27
C THR I 700 86.11 -28.98 -38.75
N ASP I 701 86.95 -28.00 -39.09
CA ASP I 701 87.16 -27.64 -40.49
C ASP I 701 88.64 -27.70 -40.88
N GLN I 702 89.46 -28.41 -40.11
CA GLN I 702 90.89 -28.56 -40.41
C GLN I 702 91.13 -29.88 -41.13
N VAL I 703 90.65 -29.94 -42.38
CA VAL I 703 90.81 -31.11 -43.24
C VAL I 703 91.61 -30.68 -44.46
N TYR I 704 92.64 -31.46 -44.79
CA TYR I 704 93.56 -31.11 -45.86
C TYR I 704 93.74 -32.29 -46.80
N MET I 705 94.12 -31.99 -48.04
CA MET I 705 94.49 -32.99 -49.03
C MET I 705 95.98 -32.88 -49.31
N HIS I 706 96.68 -34.00 -49.26
CA HIS I 706 98.13 -34.03 -49.38
C HIS I 706 98.55 -35.46 -49.72
N ARG I 707 99.56 -35.60 -50.57
CA ARG I 707 100.02 -36.91 -51.01
C ARG I 707 100.99 -37.48 -50.00
N ASP I 708 100.63 -38.60 -49.39
CA ASP I 708 101.45 -39.29 -48.40
C ASP I 708 101.60 -40.75 -48.80
N MET I 709 102.37 -41.49 -48.00
CA MET I 709 102.68 -42.89 -48.30
C MET I 709 102.48 -43.73 -47.04
N LEU I 710 101.89 -44.91 -47.22
CA LEU I 710 101.83 -45.87 -46.14
C LEU I 710 103.23 -46.38 -45.82
N PRO I 711 103.62 -46.44 -44.55
CA PRO I 711 104.97 -46.87 -44.20
C PRO I 711 105.19 -48.34 -44.51
N GLU I 712 106.45 -48.68 -44.74
CA GLU I 712 106.89 -50.05 -44.99
C GLU I 712 108.06 -50.35 -44.06
N PRO I 713 107.77 -50.63 -42.78
CA PRO I 713 108.87 -50.89 -41.84
C PRO I 713 109.57 -52.20 -42.14
N ARG I 714 110.87 -52.25 -41.85
CA ARG I 714 111.65 -53.45 -42.08
C ARG I 714 111.56 -54.39 -40.89
N LEU I 715 111.71 -55.68 -41.17
CA LEU I 715 111.50 -56.72 -40.17
C LEU I 715 112.73 -57.60 -40.01
N ASP I 716 113.90 -56.97 -39.85
CA ASP I 716 115.13 -57.74 -39.66
C ASP I 716 115.08 -58.58 -38.39
N ASP I 717 114.43 -58.07 -37.35
CA ASP I 717 114.28 -58.80 -36.09
C ASP I 717 112.81 -58.77 -35.73
N ILE I 718 112.18 -59.95 -35.69
CA ILE I 718 110.72 -60.02 -35.58
C ILE I 718 110.26 -59.67 -34.17
N GLU I 719 110.92 -60.20 -33.14
CA GLU I 719 110.42 -60.04 -31.78
C GLU I 719 110.59 -58.61 -31.28
N ARG I 720 111.70 -57.94 -31.64
CA ARG I 720 111.86 -56.55 -31.26
C ARG I 720 110.87 -55.65 -31.99
N PHE I 721 110.54 -55.99 -33.25
CA PHE I 721 109.51 -55.23 -33.95
C PHE I 721 108.15 -55.42 -33.30
N ARG I 722 107.83 -56.65 -32.90
CA ARG I 722 106.55 -56.90 -32.26
C ARG I 722 106.47 -56.28 -30.88
N GLN I 723 107.60 -56.12 -30.20
CA GLN I 723 107.60 -55.56 -28.85
C GLN I 723 107.15 -54.11 -28.87
N GLU I 724 107.56 -53.35 -29.88
CA GLU I 724 107.04 -52.00 -30.05
C GLU I 724 105.70 -52.06 -30.78
N GLY I 725 104.78 -51.19 -30.38
CA GLY I 725 103.46 -51.20 -30.97
C GLY I 725 103.34 -50.32 -32.20
N PHE I 726 103.90 -50.78 -33.31
CA PHE I 726 103.88 -49.99 -34.53
C PHE I 726 102.45 -49.82 -35.05
N TYR I 727 102.12 -48.60 -35.42
CA TYR I 727 100.82 -48.29 -35.98
C TYR I 727 100.94 -47.02 -36.82
N TYR I 728 99.91 -46.74 -37.60
CA TYR I 728 99.89 -45.57 -38.48
C TYR I 728 98.53 -44.90 -38.40
N THR I 729 98.52 -43.57 -38.37
CA THR I 729 97.29 -42.80 -38.37
C THR I 729 97.43 -41.59 -39.28
N ASN I 730 96.29 -41.08 -39.73
CA ASN I 730 96.25 -39.87 -40.54
C ASN I 730 95.90 -38.63 -39.73
N MET I 731 95.94 -38.74 -38.41
CA MET I 731 95.78 -37.57 -37.55
C MET I 731 97.08 -36.78 -37.48
N LEU I 732 96.97 -35.46 -37.54
CA LEU I 732 98.13 -34.58 -37.54
C LEU I 732 98.48 -34.14 -36.12
N GLU I 733 99.78 -34.01 -35.88
CA GLU I 733 100.25 -33.42 -34.63
C GLU I 733 99.87 -31.95 -34.54
N ALA I 734 100.17 -31.19 -35.59
CA ALA I 734 99.86 -29.77 -35.68
C ALA I 734 99.47 -29.48 -37.11
N PRO I 735 98.68 -28.43 -37.35
CA PRO I 735 98.34 -28.05 -38.73
C PRO I 735 99.57 -27.61 -39.48
N PRO I 736 99.61 -27.79 -40.80
CA PRO I 736 100.81 -27.44 -41.57
C PRO I 736 101.05 -25.95 -41.60
N GLU I 737 102.23 -25.58 -42.08
CA GLU I 737 102.60 -24.18 -42.21
C GLU I 737 101.69 -23.47 -43.19
N ILE I 738 101.37 -22.21 -42.88
CA ILE I 738 100.38 -21.46 -43.66
C ILE I 738 100.87 -21.19 -45.07
N ASP I 739 102.19 -21.12 -45.27
CA ASP I 739 102.73 -20.82 -46.58
C ASP I 739 102.81 -22.05 -47.50
N ARG I 740 102.51 -23.25 -47.00
CA ARG I 740 102.45 -24.45 -47.82
C ARG I 740 101.02 -24.83 -48.18
N VAL I 741 100.05 -23.97 -47.89
CA VAL I 741 98.63 -24.29 -48.07
C VAL I 741 98.07 -23.42 -49.18
N VAL I 742 97.33 -24.04 -50.10
CA VAL I 742 96.55 -23.34 -51.11
C VAL I 742 95.09 -23.43 -50.70
N GLN I 743 94.44 -22.29 -50.54
CA GLN I 743 93.06 -22.23 -50.07
C GLN I 743 92.13 -22.18 -51.27
N TYR I 744 91.20 -23.13 -51.35
CA TYR I 744 90.28 -23.24 -52.46
C TYR I 744 88.86 -22.89 -52.04
N THR I 745 88.15 -22.19 -52.91
CA THR I 745 86.74 -21.89 -52.74
C THR I 745 86.00 -22.34 -53.99
N TYR I 746 84.66 -22.22 -53.94
CA TYR I 746 83.86 -22.63 -55.08
C TYR I 746 84.08 -21.75 -56.30
N GLU I 747 84.30 -20.45 -56.10
CA GLU I 747 84.47 -19.54 -57.22
C GLU I 747 85.76 -19.80 -57.98
N ILE I 748 86.85 -20.07 -57.26
CA ILE I 748 88.12 -20.36 -57.92
C ILE I 748 88.02 -21.66 -58.72
N ALA I 749 87.41 -22.68 -58.13
CA ALA I 749 87.23 -23.96 -58.82
C ALA I 749 86.36 -23.79 -60.06
N ARG I 750 85.29 -22.99 -59.95
CA ARG I 750 84.42 -22.76 -61.10
C ARG I 750 85.15 -22.00 -62.21
N LEU I 751 85.95 -21.00 -61.84
CA LEU I 751 86.70 -20.26 -62.85
C LEU I 751 87.71 -21.16 -63.56
N GLN I 752 88.42 -22.00 -62.80
CA GLN I 752 89.40 -22.88 -63.42
C GLN I 752 88.73 -23.95 -64.27
N ALA I 753 87.54 -24.41 -63.86
CA ALA I 753 86.78 -25.34 -64.68
C ALA I 753 86.30 -24.69 -65.97
N ASN I 754 85.94 -23.40 -65.89
CA ASN I 754 85.57 -22.67 -67.10
C ASN I 754 86.76 -22.54 -68.04
N MET I 755 87.95 -22.29 -67.51
CA MET I 755 89.15 -22.30 -68.33
C MET I 755 89.61 -23.70 -68.71
N GLY I 756 89.15 -24.73 -67.97
CA GLY I 756 89.61 -26.09 -68.22
C GLY I 756 90.94 -26.41 -67.58
N GLN I 757 91.15 -25.96 -66.33
CA GLN I 757 92.44 -26.16 -65.66
C GLN I 757 92.26 -26.51 -64.19
N PHE I 758 91.19 -27.24 -63.84
CA PHE I 758 91.02 -27.66 -62.46
C PHE I 758 91.91 -28.85 -62.14
N ARG I 759 91.81 -29.91 -62.95
CA ARG I 759 92.60 -31.12 -62.71
C ARG I 759 94.09 -30.83 -62.86
N ALA I 760 94.47 -30.03 -63.86
CA ALA I 760 95.88 -29.70 -64.04
C ALA I 760 96.44 -28.94 -62.85
N ALA I 761 95.68 -27.99 -62.32
CA ALA I 761 96.12 -27.23 -61.15
C ALA I 761 96.26 -28.13 -59.93
N LEU I 762 95.28 -29.03 -59.72
CA LEU I 762 95.36 -29.93 -58.57
C LEU I 762 96.56 -30.88 -58.70
N ARG I 763 96.81 -31.40 -59.90
CA ARG I 763 97.95 -32.27 -60.11
C ARG I 763 99.27 -31.52 -59.91
N ARG I 764 99.34 -30.27 -60.37
CA ARG I 764 100.55 -29.48 -60.19
C ARG I 764 100.81 -29.21 -58.71
N ILE I 765 99.75 -28.93 -57.93
CA ILE I 765 99.93 -28.70 -56.50
C ILE I 765 100.36 -29.99 -55.80
N MET I 766 99.73 -31.12 -56.15
CA MET I 766 100.07 -32.39 -55.52
C MET I 766 101.51 -32.78 -55.82
N ASP I 767 101.95 -32.59 -57.05
CA ASP I 767 103.32 -32.95 -57.42
C ASP I 767 104.35 -32.01 -56.83
N ASP I 768 103.93 -30.83 -56.38
CA ASP I 768 104.82 -29.84 -55.81
C ASP I 768 104.97 -29.98 -54.30
N ASP I 769 104.33 -30.99 -53.72
CA ASP I 769 104.43 -31.32 -52.29
C ASP I 769 103.85 -30.20 -51.41
N ASP I 770 102.61 -29.85 -51.67
CA ASP I 770 101.90 -28.84 -50.90
C ASP I 770 100.59 -29.42 -50.34
N TRP I 771 99.82 -28.56 -49.68
CA TRP I 771 98.58 -28.94 -49.03
C TRP I 771 97.43 -28.12 -49.59
N VAL I 772 96.25 -28.74 -49.66
CA VAL I 772 95.05 -28.10 -50.21
C VAL I 772 93.93 -28.19 -49.19
N ARG I 773 93.27 -27.05 -48.95
CA ARG I 773 92.12 -26.98 -48.06
C ARG I 773 90.91 -26.56 -48.90
N PHE I 774 89.83 -27.35 -48.82
CA PHE I 774 88.64 -27.12 -49.63
C PHE I 774 87.56 -26.48 -48.76
N GLY I 775 87.33 -25.18 -48.95
CA GLY I 775 86.29 -24.49 -48.22
C GLY I 775 86.62 -24.30 -46.75
N GLY I 776 85.60 -23.91 -46.00
CA GLY I 776 85.75 -23.66 -44.59
C GLY I 776 84.56 -24.10 -43.75
N VAL I 777 83.74 -24.98 -44.30
CA VAL I 777 82.54 -25.45 -43.61
C VAL I 777 82.92 -26.57 -42.64
N LEU I 778 82.18 -26.66 -41.54
CA LEU I 778 82.38 -27.73 -40.56
C LEU I 778 82.07 -29.09 -41.19
N ARG I 779 82.78 -30.10 -40.72
CA ARG I 779 82.64 -31.46 -41.25
C ARG I 779 82.47 -32.46 -40.13
N THR I 780 81.66 -33.49 -40.36
CA THR I 780 81.44 -34.54 -39.39
C THR I 780 82.57 -35.55 -39.45
N VAL I 781 83.08 -35.94 -38.28
CA VAL I 781 84.28 -36.77 -38.17
C VAL I 781 83.86 -38.16 -37.68
N ARG I 782 84.37 -39.19 -38.35
CA ARG I 782 84.17 -40.58 -37.97
C ARG I 782 85.51 -41.21 -37.60
N VAL I 783 85.46 -42.26 -36.79
CA VAL I 783 86.65 -42.96 -36.32
C VAL I 783 86.54 -44.43 -36.69
N LYS I 784 87.61 -44.99 -37.26
CA LYS I 784 87.64 -46.39 -37.66
C LYS I 784 88.97 -47.01 -37.22
N PHE I 785 88.95 -48.33 -37.03
CA PHE I 785 90.13 -49.10 -36.70
C PHE I 785 90.30 -50.22 -37.71
N TYR I 786 91.55 -50.56 -38.00
CA TYR I 786 91.85 -51.51 -39.06
C TYR I 786 93.02 -52.39 -38.66
N ASP I 787 93.03 -53.61 -39.20
CA ASP I 787 94.14 -54.55 -39.00
C ASP I 787 94.91 -54.84 -40.28
N ALA I 788 94.22 -54.91 -41.41
CA ALA I 788 94.84 -54.96 -42.73
C ALA I 788 94.63 -53.62 -43.40
N ARG I 789 95.15 -53.49 -44.62
CA ARG I 789 95.05 -52.21 -45.32
C ARG I 789 93.59 -51.91 -45.66
N PRO I 790 93.15 -50.68 -45.49
CA PRO I 790 91.73 -50.34 -45.69
C PRO I 790 91.38 -50.37 -47.16
N PRO I 791 90.09 -50.41 -47.50
CA PRO I 791 89.70 -50.34 -48.91
C PRO I 791 90.05 -49.00 -49.53
N ASP I 792 90.05 -48.99 -50.87
CA ASP I 792 90.48 -47.81 -51.61
C ASP I 792 89.61 -46.60 -51.34
N ASP I 793 88.33 -46.82 -50.99
CA ASP I 793 87.43 -45.71 -50.72
C ASP I 793 87.91 -44.85 -49.54
N VAL I 794 88.59 -45.47 -48.59
CA VAL I 794 89.10 -44.73 -47.43
C VAL I 794 90.46 -44.10 -47.73
N LEU I 795 91.35 -44.84 -48.39
CA LEU I 795 92.70 -44.35 -48.65
C LEU I 795 92.72 -43.30 -49.75
N GLN I 796 92.31 -43.67 -50.95
CA GLN I 796 92.50 -42.84 -52.13
C GLN I 796 91.23 -42.11 -52.55
N GLY I 797 90.24 -42.01 -51.67
CA GLY I 797 89.04 -41.25 -52.00
C GLY I 797 89.27 -39.75 -51.84
N LEU I 798 88.78 -38.99 -52.82
CA LEU I 798 88.98 -37.55 -52.88
C LEU I 798 87.87 -36.82 -52.12
N PRO I 799 88.16 -35.62 -51.62
CA PRO I 799 87.13 -34.84 -50.92
C PRO I 799 86.21 -34.05 -51.84
N PHE I 800 86.29 -34.24 -53.16
CA PHE I 800 85.49 -33.47 -54.09
C PHE I 800 85.03 -34.36 -55.23
N SER I 801 83.99 -33.91 -55.92
CA SER I 801 83.49 -34.57 -57.12
C SER I 801 83.36 -33.54 -58.23
N TYR I 802 83.72 -33.94 -59.44
CA TYR I 802 83.75 -33.04 -60.60
C TYR I 802 83.18 -33.78 -61.80
N ASP I 803 82.05 -33.31 -62.31
CA ASP I 803 81.37 -33.95 -63.42
C ASP I 803 81.14 -32.96 -64.55
N THR I 804 81.14 -33.47 -65.77
CA THR I 804 80.92 -32.67 -66.98
C THR I 804 79.84 -33.33 -67.82
N ASN I 805 78.90 -32.51 -68.29
CA ASN I 805 77.77 -33.00 -69.07
C ASN I 805 77.47 -32.01 -70.18
N GLU I 806 77.13 -32.54 -71.35
CA GLU I 806 76.89 -31.73 -72.55
C GLU I 806 75.48 -31.96 -73.07
N ARG I 807 74.79 -30.88 -73.40
CA ARG I 807 73.46 -30.98 -73.99
C ARG I 807 73.17 -29.72 -74.79
N GLY I 808 72.53 -29.90 -75.95
CA GLY I 808 72.16 -28.79 -76.80
C GLY I 808 73.34 -28.08 -77.43
N GLY I 809 74.50 -28.72 -77.45
CA GLY I 809 75.71 -28.09 -77.94
C GLY I 809 76.44 -27.23 -76.92
N LEU I 810 76.08 -27.31 -75.64
CA LEU I 810 76.70 -26.54 -74.59
C LEU I 810 77.24 -27.48 -73.52
N ALA I 811 78.33 -27.08 -72.88
CA ALA I 811 79.01 -27.89 -71.88
C ALA I 811 78.74 -27.33 -70.49
N TYR I 812 78.55 -28.23 -69.52
CA TYR I 812 78.23 -27.87 -68.16
C TYR I 812 79.18 -28.55 -67.19
N ALA I 813 79.31 -27.98 -65.99
CA ALA I 813 80.17 -28.51 -64.94
C ALA I 813 79.45 -28.47 -63.61
N THR I 814 79.70 -29.48 -62.78
CA THR I 814 79.16 -29.57 -61.43
C THR I 814 80.27 -29.94 -60.47
N ILE I 815 80.48 -29.12 -59.44
CA ILE I 815 81.53 -29.32 -58.46
C ILE I 815 80.91 -29.37 -57.07
N LYS I 816 81.26 -30.39 -56.30
CA LYS I 816 80.75 -30.56 -54.94
C LYS I 816 81.90 -30.88 -53.99
N TYR I 817 81.71 -30.50 -52.73
CA TYR I 817 82.65 -30.82 -51.67
C TYR I 817 82.01 -31.80 -50.69
N ALA I 818 82.82 -32.73 -50.19
CA ALA I 818 82.32 -33.75 -49.27
C ALA I 818 82.01 -33.16 -47.90
N THR I 819 81.03 -33.75 -47.23
CA THR I 819 80.57 -33.29 -45.93
C THR I 819 81.06 -34.16 -44.77
N GLU I 820 81.72 -35.28 -45.05
CA GLU I 820 82.21 -36.17 -44.01
C GLU I 820 83.69 -36.46 -44.22
N THR I 821 84.38 -36.74 -43.12
CA THR I 821 85.77 -37.16 -43.16
C THR I 821 85.95 -38.30 -42.17
N THR I 822 87.08 -38.99 -42.28
CA THR I 822 87.35 -40.17 -41.47
C THR I 822 88.78 -40.14 -40.95
N ILE I 823 88.93 -40.41 -39.65
CA ILE I 823 90.24 -40.64 -39.03
C ILE I 823 90.35 -42.13 -38.75
N PHE I 824 91.40 -42.75 -39.26
CA PHE I 824 91.59 -44.20 -39.12
C PHE I 824 92.91 -44.49 -38.44
N TYR I 825 92.91 -45.58 -37.66
CA TYR I 825 94.11 -46.09 -37.00
C TYR I 825 94.40 -47.48 -37.53
N LEU I 826 95.62 -47.68 -38.03
CA LEU I 826 96.01 -48.93 -38.67
C LEU I 826 97.05 -49.64 -37.81
N ILE I 827 96.78 -50.89 -37.47
CA ILE I 827 97.68 -51.70 -36.66
C ILE I 827 98.39 -52.70 -37.57
N TYR I 828 99.71 -52.78 -37.44
CA TYR I 828 100.51 -53.66 -38.28
C TYR I 828 100.69 -55.01 -37.59
N ASN I 829 100.32 -56.08 -38.28
CA ASN I 829 100.42 -57.44 -37.76
C ASN I 829 101.39 -58.24 -38.61
N VAL I 830 102.34 -58.91 -37.97
CA VAL I 830 103.36 -59.70 -38.66
C VAL I 830 103.44 -61.07 -38.02
N GLU I 831 104.05 -62.01 -38.74
CA GLU I 831 104.23 -63.37 -38.26
C GLU I 831 105.70 -63.74 -38.27
N PHE I 832 105.99 -64.90 -37.68
CA PHE I 832 107.38 -65.34 -37.53
C PHE I 832 108.00 -65.86 -38.82
N SER I 833 107.20 -66.07 -39.86
CA SER I 833 107.70 -66.55 -41.14
C SER I 833 107.94 -65.42 -42.13
N ASN I 834 107.96 -64.18 -41.69
CA ASN I 834 108.07 -63.04 -42.58
C ASN I 834 109.51 -62.76 -42.96
N THR I 835 109.72 -62.52 -44.25
CA THR I 835 111.03 -62.11 -44.75
C THR I 835 111.37 -60.71 -44.24
N PRO I 836 112.65 -60.43 -43.98
CA PRO I 836 113.02 -59.09 -43.46
C PRO I 836 112.53 -57.91 -44.30
N ASP I 837 112.43 -58.05 -45.61
CA ASP I 837 111.91 -56.99 -46.46
C ASP I 837 110.66 -57.45 -47.22
N SER I 838 109.75 -58.11 -46.52
CA SER I 838 108.52 -58.62 -47.11
C SER I 838 107.41 -57.59 -47.17
N LEU I 839 107.63 -56.39 -46.64
CA LEU I 839 106.64 -55.32 -46.72
C LEU I 839 107.04 -54.21 -47.69
N VAL I 840 108.27 -54.23 -48.19
CA VAL I 840 108.73 -53.20 -49.12
C VAL I 840 108.16 -53.49 -50.49
N LEU I 841 107.52 -52.49 -51.09
CA LEU I 841 106.93 -52.60 -52.41
C LEU I 841 107.75 -51.83 -53.43
N ILE I 842 107.60 -52.20 -54.70
CA ILE I 842 108.28 -51.49 -55.77
C ILE I 842 107.74 -50.08 -55.91
N ASN I 843 106.42 -49.94 -55.95
CA ASN I 843 105.78 -48.64 -55.97
C ASN I 843 104.94 -48.45 -54.71
N PRO I 844 105.04 -47.29 -54.06
CA PRO I 844 104.35 -47.10 -52.79
C PRO I 844 102.84 -46.92 -52.97
N THR I 845 102.13 -47.12 -51.87
CA THR I 845 100.70 -46.87 -51.79
C THR I 845 100.47 -45.47 -51.23
N TYR I 846 99.60 -44.71 -51.90
CA TYR I 846 99.40 -43.32 -51.56
C TYR I 846 98.16 -43.12 -50.69
N THR I 847 98.23 -42.11 -49.82
CA THR I 847 97.13 -41.69 -48.97
C THR I 847 96.94 -40.19 -49.12
N MET I 848 95.68 -39.74 -49.18
CA MET I 848 95.40 -38.37 -49.60
C MET I 848 94.59 -37.55 -48.60
N THR I 849 94.47 -37.97 -47.34
CA THR I 849 93.65 -37.24 -46.40
C THR I 849 94.37 -37.07 -45.06
N LYS I 850 94.15 -35.93 -44.41
CA LYS I 850 94.72 -35.61 -43.11
C LYS I 850 93.74 -34.76 -42.31
N VAL I 851 93.64 -35.04 -41.02
CA VAL I 851 92.75 -34.33 -40.10
C VAL I 851 93.55 -33.92 -38.87
N PHE I 852 93.28 -32.71 -38.36
CA PHE I 852 93.92 -32.21 -37.15
C PHE I 852 92.86 -31.96 -36.09
N ILE I 853 92.92 -32.73 -35.00
CA ILE I 853 92.09 -32.50 -33.82
C ILE I 853 93.00 -32.53 -32.61
N ASN I 854 92.89 -31.50 -31.77
CA ASN I 854 93.83 -31.33 -30.66
C ASN I 854 93.57 -32.30 -29.51
N LYS I 855 92.36 -32.85 -29.40
CA LYS I 855 92.08 -33.80 -28.33
C LYS I 855 92.87 -35.09 -28.53
N ARG I 856 93.31 -35.67 -27.41
CA ARG I 856 94.08 -36.91 -27.42
C ARG I 856 93.11 -38.08 -27.27
N ILE I 857 92.82 -38.74 -28.39
CA ILE I 857 91.81 -39.78 -28.43
C ILE I 857 92.44 -41.17 -28.34
N VAL I 858 93.50 -41.42 -29.10
CA VAL I 858 94.21 -42.69 -29.08
C VAL I 858 95.70 -42.40 -28.88
N GLU I 859 96.30 -43.08 -27.91
CA GLU I 859 97.73 -42.93 -27.66
C GLU I 859 98.31 -44.27 -27.24
N ARG I 860 99.61 -44.43 -27.48
CA ARG I 860 100.31 -45.64 -27.06
C ARG I 860 100.96 -45.39 -25.71
N VAL I 861 100.69 -46.27 -24.75
CA VAL I 861 101.18 -46.13 -23.39
C VAL I 861 101.87 -47.43 -22.98
N ARG I 862 102.77 -47.34 -22.01
CA ARG I 862 103.37 -48.52 -21.41
C ARG I 862 102.43 -49.12 -20.36
N VAL I 863 102.75 -50.33 -19.93
CA VAL I 863 101.88 -51.04 -18.99
C VAL I 863 101.84 -50.35 -17.64
N GLY I 864 102.96 -49.78 -17.21
CA GLY I 864 102.99 -49.04 -15.95
C GLY I 864 102.29 -47.70 -16.03
N GLN I 865 101.92 -47.26 -17.22
CA GLN I 865 101.24 -45.99 -17.45
C GLN I 865 99.73 -46.14 -17.51
N ILE I 866 99.21 -47.35 -17.36
CA ILE I 866 97.78 -47.60 -17.54
C ILE I 866 96.97 -46.92 -16.44
N LEU I 867 97.40 -47.05 -15.19
CA LEU I 867 96.67 -46.51 -14.05
C LEU I 867 96.98 -45.05 -13.77
N ALA I 868 97.54 -44.32 -14.75
CA ALA I 868 97.82 -42.91 -14.57
C ALA I 868 96.58 -42.03 -14.72
N VAL I 869 95.45 -42.60 -15.16
CA VAL I 869 94.23 -41.82 -15.39
C VAL I 869 93.37 -41.69 -14.16
N LEU I 870 93.84 -42.13 -12.99
CA LEU I 870 93.07 -42.01 -11.75
C LEU I 870 93.38 -40.66 -11.13
N ASN I 871 92.60 -39.65 -11.50
CA ASN I 871 92.82 -38.30 -10.98
C ASN I 871 91.53 -37.54 -10.68
N ARG I 872 90.40 -38.24 -10.53
CA ARG I 872 89.11 -37.59 -10.30
C ARG I 872 88.55 -38.04 -8.96
N ARG I 873 88.09 -37.09 -8.16
CA ARG I 873 87.51 -37.42 -6.86
C ARG I 873 86.04 -37.80 -7.01
N PHE I 874 85.69 -38.97 -6.47
CA PHE I 874 84.33 -39.48 -6.52
C PHE I 874 83.77 -39.63 -5.11
N VAL I 875 82.46 -39.45 -4.99
CA VAL I 875 81.76 -39.56 -3.71
C VAL I 875 80.71 -40.64 -3.83
N ALA I 876 80.72 -41.59 -2.90
CA ALA I 876 79.76 -42.69 -2.89
C ALA I 876 79.08 -42.77 -1.53
N TYR I 877 77.79 -43.06 -1.54
CA TYR I 877 77.01 -43.12 -0.32
C TYR I 877 76.99 -44.53 0.24
N LYS I 878 76.93 -44.63 1.57
CA LYS I 878 76.98 -45.92 2.24
C LYS I 878 75.80 -46.79 1.85
N GLY I 879 76.06 -48.10 1.70
CA GLY I 879 75.02 -49.03 1.31
C GLY I 879 73.97 -49.27 2.37
N LYS I 880 74.29 -49.02 3.63
CA LYS I 880 73.33 -49.16 4.72
C LYS I 880 72.44 -47.93 4.89
N MET I 881 72.73 -46.84 4.18
CA MET I 881 71.86 -45.67 4.18
C MET I 881 70.86 -45.79 3.03
N ARG I 882 69.93 -44.85 2.96
CA ARG I 882 68.93 -44.86 1.91
C ARG I 882 68.81 -43.47 1.28
N ILE I 883 68.43 -43.45 0.00
CA ILE I 883 68.19 -42.23 -0.76
C ILE I 883 66.74 -42.23 -1.19
N MET I 884 66.04 -41.12 -0.96
CA MET I 884 64.63 -41.01 -1.32
C MET I 884 64.39 -39.76 -2.16
N ASP I 885 63.55 -39.92 -3.18
CA ASP I 885 63.10 -38.80 -4.01
C ASP I 885 61.71 -38.40 -3.52
N ILE I 886 61.61 -37.22 -2.90
CA ILE I 886 60.38 -36.80 -2.25
C ILE I 886 59.82 -35.55 -2.93
N THR I 887 60.05 -35.43 -4.24
CA THR I 887 59.50 -34.29 -4.98
C THR I 887 57.97 -34.34 -4.99
N GLN I 888 57.39 -35.53 -5.16
CA GLN I 888 55.94 -35.67 -5.22
C GLN I 888 55.26 -35.42 -3.88
N SER I 889 56.02 -35.32 -2.78
CA SER I 889 55.44 -35.04 -1.48
C SER I 889 55.06 -33.58 -1.29
N LEU I 890 55.44 -32.70 -2.22
CA LEU I 890 55.14 -31.28 -2.09
C LEU I 890 53.69 -30.95 -2.38
N LYS I 891 52.90 -31.91 -2.85
CA LYS I 891 51.49 -31.68 -3.17
C LYS I 891 50.55 -32.45 -2.26
N MET I 892 51.03 -32.95 -1.12
CA MET I 892 50.23 -33.79 -0.23
C MET I 892 49.66 -32.91 0.88
N GLY I 893 48.41 -32.49 0.70
CA GLY I 893 47.74 -31.65 1.67
C GLY I 893 46.25 -31.84 1.61
N THR I 894 45.55 -31.19 2.54
CA THR I 894 44.10 -31.26 2.65
C THR I 894 43.53 -29.85 2.72
N LYS I 895 42.50 -29.59 1.91
CA LYS I 895 41.79 -28.33 1.96
C LYS I 895 40.79 -28.33 3.11
N LEU I 896 40.75 -27.23 3.85
CA LEU I 896 39.80 -27.08 4.95
C LEU I 896 38.52 -26.43 4.45
N ALA I 897 37.39 -26.91 4.96
CA ALA I 897 36.07 -26.43 4.53
C ALA I 897 35.52 -25.45 5.55
N ALA I 898 34.90 -24.38 5.05
CA ALA I 898 34.30 -23.36 5.88
C ALA I 898 33.02 -23.88 6.54
N PRO I 899 32.68 -23.38 7.72
CA PRO I 899 31.41 -23.78 8.34
C PRO I 899 30.22 -23.32 7.51
N THR I 900 29.19 -24.17 7.48
CA THR I 900 27.95 -23.88 6.77
C THR I 900 26.77 -24.09 7.70
N VAL I 901 25.88 -23.10 7.74
CA VAL I 901 24.67 -23.20 8.56
C VAL I 901 23.44 -22.87 7.71
N GLN J 7 41.08 -52.97 48.11
CA GLN J 7 41.56 -52.64 49.43
C GLN J 7 42.42 -51.39 49.41
N ARG J 8 42.82 -50.98 48.21
CA ARG J 8 43.66 -49.78 48.07
C ARG J 8 42.83 -48.54 48.36
N PRO J 9 43.28 -47.66 49.26
CA PRO J 9 42.49 -46.45 49.58
C PRO J 9 42.39 -45.46 48.43
N GLU J 10 43.24 -45.57 47.41
CA GLU J 10 43.15 -44.66 46.27
C GLU J 10 41.89 -44.91 45.45
N ARG J 11 41.41 -46.15 45.42
CA ARG J 11 40.26 -46.53 44.61
C ARG J 11 38.94 -46.45 45.36
N ILE J 12 38.96 -46.10 46.65
CA ILE J 12 37.72 -45.96 47.40
C ILE J 12 37.00 -44.70 46.94
N LYS J 13 35.72 -44.84 46.60
CA LYS J 13 34.92 -43.74 46.07
C LYS J 13 33.74 -43.52 46.99
N THR J 14 33.58 -42.28 47.46
CA THR J 14 32.54 -41.93 48.42
C THR J 14 31.41 -41.12 47.80
N THR J 15 31.60 -40.58 46.61
CA THR J 15 30.59 -39.80 45.90
C THR J 15 30.42 -40.39 44.50
N PRO J 16 29.24 -40.24 43.90
CA PRO J 16 29.01 -40.79 42.56
C PRO J 16 29.63 -39.98 41.43
N TYR J 17 30.44 -38.96 41.74
CA TYR J 17 31.03 -38.14 40.68
C TYR J 17 31.97 -38.94 39.80
N LEU J 18 32.77 -39.82 40.40
CA LEU J 18 33.78 -40.58 39.67
C LEU J 18 33.29 -41.96 39.25
N GLU J 19 31.98 -42.13 39.07
CA GLU J 19 31.41 -43.37 38.58
C GLU J 19 31.05 -43.22 37.11
N GLY J 20 31.57 -44.11 36.28
CA GLY J 20 31.31 -44.05 34.85
C GLY J 20 31.23 -45.44 34.25
N ASP J 21 30.70 -45.49 33.04
CA ASP J 21 30.59 -46.74 32.32
C ASP J 21 31.97 -47.18 31.82
N VAL J 22 32.13 -48.48 31.64
CA VAL J 22 33.37 -49.05 31.13
C VAL J 22 33.30 -49.08 29.61
N LEU J 23 34.16 -48.31 28.95
CA LEU J 23 34.16 -48.20 27.51
C LEU J 23 34.94 -49.33 26.85
N SER J 24 36.18 -49.55 27.28
CA SER J 24 37.01 -50.64 26.77
C SER J 24 38.09 -50.93 27.80
N SER J 25 38.95 -51.90 27.50
CA SER J 25 40.04 -52.29 28.37
C SER J 25 41.29 -52.51 27.54
N ASP J 26 42.44 -52.46 28.19
CA ASP J 26 43.70 -52.58 27.48
C ASP J 26 44.79 -52.99 28.47
N SER J 27 45.90 -53.49 27.94
CA SER J 27 46.95 -54.07 28.79
C SER J 27 48.31 -53.87 28.12
N GLY J 28 49.34 -54.39 28.78
CA GLY J 28 50.72 -54.24 28.35
C GLY J 28 51.15 -55.12 27.21
N PRO J 29 50.93 -56.44 27.33
CA PRO J 29 51.27 -57.34 26.20
C PRO J 29 50.56 -56.99 24.90
N LEU J 30 49.35 -56.44 24.96
CA LEU J 30 48.70 -55.96 23.75
C LEU J 30 49.39 -54.70 23.22
N LEU J 31 49.71 -53.75 24.11
CA LEU J 31 50.22 -52.47 23.68
C LEU J 31 51.63 -52.57 23.11
N SER J 32 52.45 -53.49 23.60
CA SER J 32 53.80 -53.63 23.05
C SER J 32 53.75 -54.06 21.59
N VAL J 33 52.94 -55.08 21.28
CA VAL J 33 52.77 -55.54 19.91
C VAL J 33 52.15 -54.44 19.06
N PHE J 34 51.17 -53.71 19.62
CA PHE J 34 50.53 -52.63 18.89
C PHE J 34 51.54 -51.54 18.51
N ALA J 35 52.41 -51.17 19.45
CA ALA J 35 53.41 -50.15 19.18
C ALA J 35 54.41 -50.62 18.13
N LEU J 36 54.86 -51.88 18.22
CA LEU J 36 55.78 -52.39 17.21
C LEU J 36 55.15 -52.39 15.82
N GLN J 37 53.88 -52.83 15.73
CA GLN J 37 53.21 -52.84 14.44
C GLN J 37 53.04 -51.43 13.88
N GLU J 38 52.70 -50.46 14.74
CA GLU J 38 52.54 -49.10 14.28
C GLU J 38 53.86 -48.49 13.83
N ILE J 39 54.97 -48.90 14.44
CA ILE J 39 56.27 -48.41 13.99
C ILE J 39 56.61 -48.99 12.63
N MET J 40 56.40 -50.30 12.43
CA MET J 40 56.85 -50.93 11.18
C MET J 40 55.96 -50.56 9.99
N GLN J 41 54.65 -50.42 10.23
CA GLN J 41 53.72 -50.10 9.14
C GLN J 41 54.04 -48.74 8.51
N LYS J 42 54.48 -47.78 9.32
CA LYS J 42 54.80 -46.45 8.81
C LYS J 42 55.96 -46.51 7.83
N VAL J 43 57.04 -47.21 8.19
CA VAL J 43 58.20 -47.32 7.30
C VAL J 43 57.83 -48.09 6.04
N ARG J 44 57.03 -49.15 6.20
CA ARG J 44 56.60 -49.92 5.02
C ARG J 44 55.83 -49.03 4.05
N GLN J 45 54.86 -48.27 4.55
CA GLN J 45 54.05 -47.43 3.67
C GLN J 45 54.88 -46.33 3.03
N VAL J 46 55.80 -45.72 3.81
CA VAL J 46 56.62 -44.64 3.29
C VAL J 46 57.53 -45.13 2.17
N GLN J 47 58.15 -46.30 2.36
CA GLN J 47 58.99 -46.85 1.30
C GLN J 47 58.17 -47.38 0.13
N ALA J 48 56.88 -47.66 0.34
CA ALA J 48 56.02 -48.04 -0.77
C ALA J 48 55.60 -46.84 -1.62
N ASP J 49 55.39 -45.67 -0.99
CA ASP J 49 54.87 -44.51 -1.73
C ASP J 49 55.90 -43.83 -2.62
N TYR J 50 57.18 -43.85 -2.24
CA TYR J 50 58.20 -43.08 -2.94
C TYR J 50 59.32 -44.00 -3.38
N MET J 51 60.08 -43.54 -4.37
CA MET J 51 61.19 -44.32 -4.89
C MET J 51 62.36 -44.30 -3.91
N THR J 52 62.88 -45.49 -3.61
CA THR J 52 63.88 -45.65 -2.57
C THR J 52 65.00 -46.54 -3.07
N ALA J 53 66.24 -46.14 -2.81
CA ALA J 53 67.42 -46.94 -3.14
C ALA J 53 68.07 -47.36 -1.83
N THR J 54 67.91 -48.63 -1.46
CA THR J 54 68.42 -49.15 -0.20
C THR J 54 68.49 -50.67 -0.30
N ARG J 55 69.17 -51.27 0.66
CA ARG J 55 69.23 -52.72 0.76
C ARG J 55 67.92 -53.29 1.26
N GLU J 56 67.67 -54.56 0.95
CA GLU J 56 66.41 -55.20 1.28
C GLU J 56 66.37 -55.58 2.76
N VAL J 57 65.35 -55.08 3.46
CA VAL J 57 65.09 -55.45 4.85
C VAL J 57 63.60 -55.75 4.96
N ASP J 58 63.27 -56.90 5.55
CA ASP J 58 61.88 -57.29 5.76
C ASP J 58 61.48 -56.85 7.17
N PHE J 59 60.57 -55.88 7.24
CA PHE J 59 60.17 -55.29 8.52
C PHE J 59 59.00 -56.06 9.12
N THR J 60 59.34 -57.19 9.74
CA THR J 60 58.37 -58.04 10.39
C THR J 60 58.27 -57.70 11.87
N VAL J 61 57.25 -58.26 12.53
CA VAL J 61 56.99 -58.04 13.94
C VAL J 61 57.10 -59.39 14.64
N PRO J 62 57.89 -59.52 15.70
CA PRO J 62 58.06 -60.80 16.37
C PRO J 62 57.06 -61.00 17.51
N ASP J 63 57.11 -62.19 18.09
CA ASP J 63 56.29 -62.53 19.26
C ASP J 63 57.07 -62.19 20.52
N VAL J 64 56.63 -61.16 21.24
CA VAL J 64 57.34 -60.72 22.44
C VAL J 64 57.18 -61.71 23.58
N GLN J 65 56.00 -62.31 23.70
CA GLN J 65 55.72 -63.21 24.81
C GLN J 65 56.62 -64.45 24.78
N LYS J 66 56.80 -65.03 23.58
CA LYS J 66 57.67 -66.19 23.46
C LYS J 66 59.13 -65.82 23.75
N ILE J 67 59.54 -64.62 23.35
CA ILE J 67 60.89 -64.15 23.63
C ILE J 67 61.12 -64.03 25.14
N LEU J 68 60.15 -63.46 25.85
CA LEU J 68 60.26 -63.34 27.30
C LEU J 68 60.27 -64.71 27.96
N ASP J 69 59.46 -65.64 27.45
CA ASP J 69 59.44 -67.00 27.99
C ASP J 69 60.79 -67.69 27.79
N ASP J 70 61.41 -67.49 26.62
CA ASP J 70 62.73 -68.08 26.38
C ASP J 70 63.78 -67.47 27.29
N ILE J 71 63.68 -66.15 27.55
CA ILE J 71 64.60 -65.51 28.49
C ILE J 71 64.43 -66.10 29.88
N LYS J 72 63.18 -66.33 30.30
CA LYS J 72 62.94 -66.96 31.60
C LYS J 72 63.53 -68.37 31.65
N ALA J 73 63.34 -69.14 30.58
CA ALA J 73 63.86 -70.50 30.55
C ALA J 73 65.39 -70.52 30.55
N LEU J 74 66.02 -69.45 30.05
CA LEU J 74 67.47 -69.37 30.02
C LEU J 74 68.08 -69.35 31.42
N ALA J 75 67.34 -68.93 32.43
CA ALA J 75 67.87 -68.83 33.79
C ALA J 75 67.89 -70.16 34.52
N ALA J 76 67.33 -71.22 33.95
CA ALA J 76 67.30 -72.52 34.58
C ALA J 76 68.44 -73.43 34.14
N GLU J 77 69.29 -72.99 33.23
CA GLU J 77 70.38 -73.82 32.72
C GLU J 77 71.64 -73.61 33.52
N GLN J 78 72.34 -74.71 33.80
CA GLN J 78 73.55 -74.71 34.61
C GLN J 78 74.79 -74.82 33.72
N VAL J 79 75.90 -74.31 34.23
CA VAL J 79 77.17 -74.33 33.51
C VAL J 79 78.18 -75.26 34.16
N TYR J 80 77.74 -76.07 35.12
CA TYR J 80 78.60 -77.01 35.82
C TYR J 80 77.93 -78.37 35.83
N LYS J 81 78.69 -79.40 36.20
CA LYS J 81 78.16 -80.74 36.31
C LYS J 81 78.82 -81.46 37.47
N ILE J 82 78.13 -82.47 37.98
CA ILE J 82 78.57 -83.22 39.15
C ILE J 82 78.95 -84.63 38.70
N VAL J 83 80.17 -85.05 39.04
CA VAL J 83 80.69 -86.35 38.63
C VAL J 83 81.32 -87.04 39.84
N LYS J 84 81.51 -88.35 39.70
CA LYS J 84 82.13 -89.14 40.76
C LYS J 84 83.64 -89.27 40.59
N VAL J 85 84.12 -89.29 39.35
CA VAL J 85 85.56 -89.34 39.06
C VAL J 85 85.89 -88.29 38.02
N PRO J 86 87.12 -87.79 38.03
CA PRO J 86 87.56 -86.89 36.96
C PRO J 86 87.97 -87.65 35.71
N SER J 87 88.03 -86.92 34.61
CA SER J 87 88.43 -87.49 33.34
C SER J 87 89.92 -87.85 33.35
N ILE J 88 90.29 -88.76 32.47
CA ILE J 88 91.67 -89.21 32.37
C ILE J 88 92.50 -88.15 31.64
N SER J 89 93.67 -87.84 32.18
CA SER J 89 94.55 -86.82 31.62
C SER J 89 95.82 -87.38 31.01
N PHE J 90 96.28 -88.56 31.45
CA PHE J 90 97.50 -89.16 30.93
C PHE J 90 97.24 -90.62 30.62
N ARG J 91 97.66 -91.05 29.43
CA ARG J 91 97.63 -92.45 29.03
C ARG J 91 99.04 -92.87 28.63
N HIS J 92 99.21 -94.17 28.38
CA HIS J 92 100.52 -94.74 28.11
C HIS J 92 100.48 -95.62 26.87
N ILE J 93 101.62 -95.71 26.20
CA ILE J 93 101.80 -96.58 25.04
C ILE J 93 102.91 -97.57 25.37
N VAL J 94 102.62 -98.85 25.22
CA VAL J 94 103.57 -99.91 25.52
C VAL J 94 104.32 -100.28 24.24
N MET J 95 105.64 -100.23 24.29
CA MET J 95 106.49 -100.65 23.21
C MET J 95 107.04 -102.05 23.50
N GLN J 96 108.00 -102.50 22.69
CA GLN J 96 108.61 -103.80 22.90
C GLN J 96 109.50 -103.85 24.14
N SER J 97 109.79 -102.71 24.77
CA SER J 97 110.61 -102.68 25.97
C SER J 97 109.78 -103.05 27.19
N ARG J 98 110.45 -103.70 28.15
CA ARG J 98 109.82 -104.10 29.40
C ARG J 98 110.00 -103.07 30.52
N ASP J 99 110.76 -102.01 30.28
CA ASP J 99 111.02 -101.03 31.33
C ASP J 99 110.86 -99.59 30.89
N ARG J 100 110.58 -99.32 29.61
CA ARG J 100 110.39 -97.96 29.12
C ARG J 100 109.07 -97.88 28.36
N VAL J 101 108.27 -96.86 28.68
CA VAL J 101 107.00 -96.61 28.01
C VAL J 101 106.97 -95.15 27.58
N LEU J 102 105.91 -94.80 26.86
CA LEU J 102 105.68 -93.43 26.42
C LEU J 102 104.49 -92.85 27.16
N ARG J 103 104.68 -91.69 27.77
CA ARG J 103 103.61 -90.99 28.47
C ARG J 103 103.06 -89.90 27.58
N VAL J 104 101.74 -89.91 27.37
CA VAL J 104 101.07 -89.00 26.45
C VAL J 104 100.05 -88.19 27.22
N ASP J 105 100.15 -86.86 27.12
CA ASP J 105 99.16 -85.98 27.74
C ASP J 105 97.97 -85.88 26.80
N THR J 106 96.83 -86.37 27.23
CA THR J 106 95.67 -86.46 26.35
C THR J 106 95.08 -85.10 26.00
N TYR J 107 95.21 -84.11 26.89
CA TYR J 107 94.54 -82.82 26.70
C TYR J 107 94.88 -82.22 25.35
N TYR J 108 96.16 -82.20 24.99
CA TYR J 108 96.56 -81.70 23.68
C TYR J 108 96.03 -82.59 22.56
N GLU J 109 95.84 -83.89 22.83
CA GLU J 109 95.37 -84.81 21.80
C GLU J 109 93.92 -84.54 21.43
N GLU J 110 93.04 -84.33 22.42
CA GLU J 110 91.71 -83.86 22.04
C GLU J 110 91.69 -82.37 21.68
N MET J 111 92.72 -81.62 22.05
CA MET J 111 92.73 -80.19 21.74
C MET J 111 93.01 -79.94 20.27
N SER J 112 93.90 -80.72 19.67
CA SER J 112 94.30 -80.53 18.28
C SER J 112 93.17 -80.88 17.30
N GLN J 113 92.11 -81.54 17.75
CA GLN J 113 91.02 -81.95 16.87
C GLN J 113 89.79 -81.06 16.98
N VAL J 114 89.87 -79.96 17.72
CA VAL J 114 88.73 -79.06 17.94
C VAL J 114 88.88 -77.87 17.01
N GLY J 115 87.84 -77.59 16.22
CA GLY J 115 87.85 -76.45 15.33
C GLY J 115 88.19 -76.83 13.90
N ASP J 116 88.27 -75.80 13.07
CA ASP J 116 88.58 -75.94 11.65
C ASP J 116 90.05 -75.65 11.38
N VAL J 117 90.48 -76.01 10.18
CA VAL J 117 91.86 -75.74 9.76
C VAL J 117 92.03 -74.26 9.45
N ILE J 118 93.15 -73.70 9.90
CA ILE J 118 93.42 -72.26 9.79
C ILE J 118 93.89 -71.94 8.38
N THR J 119 93.26 -70.93 7.77
CA THR J 119 93.64 -70.44 6.46
C THR J 119 93.62 -68.92 6.48
N GLU J 120 94.53 -68.30 5.71
CA GLU J 120 94.59 -66.84 5.67
C GLU J 120 93.35 -66.23 5.03
N ASP J 121 92.73 -66.94 4.09
CA ASP J 121 91.70 -66.34 3.24
C ASP J 121 90.36 -66.16 3.94
N GLU J 122 90.15 -66.79 5.09
CA GLU J 122 88.88 -66.70 5.80
C GLU J 122 89.12 -66.25 7.23
N PRO J 123 89.00 -64.95 7.52
CA PRO J 123 89.17 -64.51 8.92
C PRO J 123 88.02 -64.92 9.82
N GLU J 124 86.80 -64.98 9.29
CA GLU J 124 85.64 -65.33 10.11
C GLU J 124 85.75 -66.76 10.62
N LYS J 125 86.21 -67.69 9.79
CA LYS J 125 86.41 -69.05 10.24
C LYS J 125 87.52 -69.14 11.29
N PHE J 126 88.55 -68.30 11.16
CA PHE J 126 89.60 -68.25 12.18
C PHE J 126 89.03 -67.80 13.52
N TYR J 127 88.20 -66.75 13.51
CA TYR J 127 87.57 -66.29 14.75
C TYR J 127 86.66 -67.36 15.33
N SER J 128 85.91 -68.05 14.47
CA SER J 128 85.04 -69.13 14.95
C SER J 128 85.85 -70.26 15.57
N THR J 129 86.98 -70.61 14.97
CA THR J 129 87.83 -71.66 15.52
C THR J 129 88.36 -71.28 16.90
N ILE J 130 88.80 -70.03 17.05
CA ILE J 130 89.29 -69.57 18.35
C ILE J 130 88.16 -69.65 19.39
N ILE J 131 86.96 -69.22 19.00
CA ILE J 131 85.82 -69.25 19.92
C ILE J 131 85.50 -70.68 20.35
N LYS J 132 85.48 -71.61 19.39
CA LYS J 132 85.20 -73.01 19.73
C LYS J 132 86.25 -73.57 20.67
N LYS J 133 87.53 -73.26 20.44
CA LYS J 133 88.57 -73.76 21.32
C LYS J 133 88.41 -73.22 22.74
N VAL J 134 88.11 -71.93 22.87
CA VAL J 134 87.94 -71.34 24.20
C VAL J 134 86.73 -71.95 24.91
N ARG J 135 85.63 -72.14 24.19
CA ARG J 135 84.46 -72.76 24.80
C ARG J 135 84.72 -74.21 25.20
N PHE J 136 85.50 -74.94 24.41
CA PHE J 136 85.89 -76.29 24.80
C PHE J 136 86.70 -76.28 26.09
N ILE J 137 87.64 -75.32 26.21
CA ILE J 137 88.44 -75.22 27.43
C ILE J 137 87.55 -74.95 28.63
N ARG J 138 86.60 -74.01 28.48
CA ARG J 138 85.70 -73.71 29.60
C ARG J 138 84.84 -74.90 29.98
N GLY J 139 84.28 -75.60 28.99
CA GLY J 139 83.41 -76.72 29.28
C GLY J 139 84.15 -77.90 29.91
N LYS J 140 85.39 -78.12 29.50
CA LYS J 140 86.15 -79.27 29.97
C LYS J 140 86.44 -79.21 31.48
N GLY J 141 86.42 -78.03 32.08
CA GLY J 141 86.90 -77.89 33.45
C GLY J 141 85.87 -77.54 34.51
N SER J 142 84.62 -77.30 34.11
CA SER J 142 83.57 -76.90 35.06
C SER J 142 82.90 -78.15 35.60
N PHE J 143 83.46 -78.73 36.66
CA PHE J 143 82.89 -79.92 37.26
C PHE J 143 83.13 -79.89 38.77
N ILE J 144 82.31 -80.65 39.49
CA ILE J 144 82.39 -80.79 40.93
C ILE J 144 82.44 -82.28 41.27
N LEU J 145 83.39 -82.66 42.12
CA LEU J 145 83.50 -84.05 42.55
C LEU J 145 82.59 -84.32 43.74
N HIS J 146 81.97 -85.49 43.75
CA HIS J 146 81.01 -85.85 44.77
C HIS J 146 80.97 -87.35 44.91
N ASP J 147 81.18 -87.85 46.14
CA ASP J 147 81.11 -89.27 46.47
C ASP J 147 82.10 -90.11 45.67
N ILE J 148 83.41 -89.88 45.90
CA ILE J 148 84.46 -90.65 45.24
C ILE J 148 84.56 -92.03 45.88
N PRO J 149 85.04 -93.04 45.16
CA PRO J 149 85.24 -94.36 45.78
C PRO J 149 86.57 -94.46 46.50
N THR J 150 86.51 -94.99 47.73
CA THR J 150 87.69 -95.14 48.58
C THR J 150 87.83 -96.59 49.01
N ARG J 151 88.82 -96.85 49.85
CA ARG J 151 89.11 -98.20 50.34
C ARG J 151 89.92 -98.09 51.63
N ASP J 152 89.77 -99.10 52.49
CA ASP J 152 90.53 -99.19 53.72
C ASP J 152 91.83 -99.96 53.48
N HIS J 153 92.91 -99.48 54.09
CA HIS J 153 94.22 -100.10 53.92
C HIS J 153 95.03 -99.88 55.18
N ARG J 154 95.39 -101.00 55.85
CA ARG J 154 96.17 -101.05 57.08
C ARG J 154 95.83 -99.96 58.10
N GLY J 155 94.53 -99.67 58.26
CA GLY J 155 94.10 -98.72 59.26
C GLY J 155 93.94 -97.29 58.80
N MET J 156 93.82 -97.06 57.49
CA MET J 156 93.62 -95.71 56.98
C MET J 156 92.87 -95.80 55.65
N GLU J 157 92.42 -94.64 55.19
CA GLU J 157 91.63 -94.57 53.96
C GLU J 157 92.51 -94.17 52.78
N VAL J 158 92.37 -94.92 51.69
CA VAL J 158 93.06 -94.64 50.44
C VAL J 158 92.03 -94.52 49.33
N ALA J 159 92.44 -93.91 48.22
CA ALA J 159 91.57 -93.70 47.08
C ALA J 159 91.75 -94.82 46.06
N GLU J 160 90.66 -95.16 45.37
CA GLU J 160 90.71 -96.16 44.33
C GLU J 160 91.58 -95.68 43.16
N PRO J 161 92.24 -96.60 42.46
CA PRO J 161 93.08 -96.18 41.32
C PRO J 161 92.30 -95.56 40.17
N GLU J 162 90.99 -95.75 40.11
CA GLU J 162 90.21 -95.23 38.98
C GLU J 162 89.86 -93.75 39.13
N VAL J 163 90.09 -93.14 40.30
CA VAL J 163 89.78 -91.73 40.49
C VAL J 163 91.02 -90.86 40.33
N LEU J 164 92.20 -91.46 40.22
CA LEU J 164 93.45 -90.71 40.17
C LEU J 164 93.68 -89.97 38.86
N GLY J 165 92.92 -90.28 37.82
CA GLY J 165 93.01 -89.53 36.58
C GLY J 165 94.12 -89.93 35.64
N VAL J 166 94.72 -91.10 35.83
CA VAL J 166 95.75 -91.61 34.93
C VAL J 166 95.46 -93.08 34.64
N GLU J 167 95.59 -93.46 33.37
CA GLU J 167 95.32 -94.82 32.93
C GLU J 167 96.64 -95.53 32.66
N PHE J 168 96.88 -96.63 33.37
CA PHE J 168 98.13 -97.38 33.21
C PHE J 168 97.94 -98.89 33.29
N LYS J 169 96.71 -99.39 33.13
CA LYS J 169 96.45 -100.81 33.37
C LYS J 169 97.09 -101.70 32.31
N ASN J 170 97.31 -101.18 31.10
CA ASN J 170 97.91 -101.97 30.04
C ASN J 170 99.41 -102.19 30.25
N VAL J 171 100.02 -101.53 31.22
CA VAL J 171 101.44 -101.70 31.47
C VAL J 171 101.73 -102.85 32.43
N LEU J 172 100.79 -103.18 33.31
CA LEU J 172 101.05 -104.16 34.37
C LEU J 172 101.48 -105.56 33.89
N PRO J 173 100.87 -106.18 32.87
CA PRO J 173 101.27 -107.56 32.52
C PRO J 173 102.72 -107.72 32.10
N VAL J 174 103.36 -106.70 31.53
CA VAL J 174 104.72 -106.86 31.03
C VAL J 174 105.78 -106.62 32.10
N LEU J 175 105.43 -105.96 33.20
CA LEU J 175 106.39 -105.62 34.23
C LEU J 175 106.89 -106.87 34.96
N THR J 176 108.04 -106.72 35.62
CA THR J 176 108.58 -107.77 36.46
C THR J 176 107.96 -107.72 37.85
N ALA J 177 108.33 -108.70 38.68
CA ALA J 177 107.73 -108.81 40.01
C ALA J 177 108.13 -107.62 40.89
N GLU J 178 109.41 -107.23 40.86
CA GLU J 178 109.87 -106.12 41.67
C GLU J 178 109.20 -104.81 41.25
N HIS J 179 109.09 -104.59 39.94
CA HIS J 179 108.43 -103.37 39.45
C HIS J 179 106.95 -103.38 39.80
N ARG J 180 106.30 -104.55 39.71
CA ARG J 180 104.89 -104.64 40.09
C ARG J 180 104.70 -104.31 41.57
N ALA J 181 105.60 -104.82 42.42
CA ALA J 181 105.52 -104.50 43.85
C ALA J 181 105.73 -103.01 44.10
N MET J 182 106.68 -102.40 43.39
CA MET J 182 106.93 -100.97 43.57
C MET J 182 105.72 -100.14 43.14
N ILE J 183 105.11 -100.48 42.01
CA ILE J 183 103.93 -99.77 41.54
C ILE J 183 102.77 -99.95 42.53
N GLN J 184 102.61 -101.16 43.06
CA GLN J 184 101.54 -101.40 44.03
C GLN J 184 101.74 -100.58 45.29
N ASN J 185 102.98 -100.50 45.79
CA ASN J 185 103.25 -99.69 46.97
C ASN J 185 103.00 -98.21 46.70
N ALA J 186 103.44 -97.72 45.54
CA ALA J 186 103.20 -96.32 45.19
C ALA J 186 101.70 -96.03 45.08
N LEU J 187 100.93 -96.96 44.52
CA LEU J 187 99.49 -96.79 44.47
C LEU J 187 98.88 -96.75 45.87
N ASP J 188 99.33 -97.65 46.74
CA ASP J 188 98.82 -97.68 48.10
C ASP J 188 99.25 -96.46 48.92
N GLY J 189 100.24 -95.71 48.46
CA GLY J 189 100.61 -94.50 49.16
C GLY J 189 99.71 -93.31 48.97
N SER J 190 98.70 -93.41 48.11
CA SER J 190 97.78 -92.30 47.84
C SER J 190 96.70 -92.29 48.92
N ILE J 191 96.81 -91.38 49.87
CA ILE J 191 95.96 -91.40 51.05
C ILE J 191 94.86 -90.36 50.92
N ILE J 192 93.85 -90.51 51.76
CA ILE J 192 92.81 -89.50 51.96
C ILE J 192 93.19 -88.68 53.19
N GLU J 193 93.18 -87.36 53.05
CA GLU J 193 93.55 -86.49 54.16
C GLU J 193 92.63 -86.71 55.35
N ASN J 194 93.26 -86.83 56.53
CA ASN J 194 92.66 -87.04 57.86
C ASN J 194 91.40 -87.91 57.81
N GLY J 195 91.54 -89.11 57.25
CA GLY J 195 90.41 -89.97 56.97
C GLY J 195 89.83 -90.66 58.17
N ASN J 196 90.53 -90.66 59.31
CA ASN J 196 90.05 -91.32 60.51
C ASN J 196 89.16 -90.44 61.37
N VAL J 197 88.87 -89.21 60.93
CA VAL J 197 87.96 -88.34 61.65
C VAL J 197 86.53 -88.66 61.22
N ALA J 198 85.66 -88.92 62.20
CA ALA J 198 84.30 -89.37 61.90
C ALA J 198 83.42 -88.23 61.41
N THR J 199 83.62 -87.03 61.93
CA THR J 199 82.78 -85.89 61.59
C THR J 199 83.28 -85.12 60.37
N ARG J 200 84.01 -85.79 59.48
CA ARG J 200 84.57 -85.14 58.31
C ARG J 200 83.48 -84.71 57.34
N ASP J 201 83.79 -83.68 56.54
CA ASP J 201 82.84 -83.12 55.60
C ASP J 201 83.26 -83.25 54.15
N VAL J 202 84.57 -83.31 53.85
CA VAL J 202 85.07 -83.40 52.49
C VAL J 202 86.13 -84.48 52.40
N ASP J 203 86.45 -84.87 51.17
CA ASP J 203 87.52 -85.80 50.87
C ASP J 203 88.62 -85.07 50.10
N VAL J 204 89.85 -85.20 50.58
CA VAL J 204 91.01 -84.54 49.99
C VAL J 204 92.03 -85.58 49.59
N PHE J 205 92.55 -85.47 48.37
CA PHE J 205 93.53 -86.43 47.86
C PHE J 205 94.34 -85.74 46.76
N ILE J 206 95.34 -86.46 46.25
CA ILE J 206 96.25 -85.96 45.23
C ILE J 206 96.05 -86.76 43.97
N GLY J 207 95.81 -86.06 42.85
CA GLY J 207 95.56 -86.73 41.58
C GLY J 207 96.25 -86.05 40.40
N ALA J 208 95.87 -86.44 39.18
CA ALA J 208 96.48 -85.94 37.96
C ALA J 208 95.48 -85.10 37.17
N CYS J 209 95.93 -83.96 36.67
CA CYS J 209 95.09 -83.08 35.86
C CYS J 209 95.99 -82.20 35.00
N SER J 210 95.40 -81.66 33.93
CA SER J 210 96.08 -80.69 33.09
C SER J 210 95.90 -79.29 33.65
N GLU J 211 96.85 -78.42 33.34
CA GLU J 211 96.85 -77.07 33.92
C GLU J 211 95.64 -76.22 33.51
N PRO J 212 95.27 -76.11 32.22
CA PRO J 212 94.09 -75.29 31.90
C PRO J 212 92.79 -75.80 32.51
N VAL J 213 92.65 -77.12 32.68
CA VAL J 213 91.48 -77.67 33.35
C VAL J 213 91.53 -77.36 34.84
N TYR J 214 92.72 -77.46 35.43
CA TYR J 214 92.87 -77.22 36.86
C TYR J 214 92.59 -75.77 37.23
N ARG J 215 92.91 -74.83 36.34
CA ARG J 215 92.56 -73.43 36.58
C ARG J 215 91.06 -73.25 36.74
N ILE J 216 90.29 -73.82 35.82
CA ILE J 216 88.83 -73.70 35.88
C ILE J 216 88.28 -74.40 37.10
N TYR J 217 88.84 -75.57 37.44
CA TYR J 217 88.38 -76.30 38.62
C TYR J 217 88.59 -75.48 39.89
N ASN J 218 89.78 -74.87 40.03
CA ASN J 218 90.05 -74.04 41.19
C ASN J 218 89.14 -72.82 41.23
N ARG J 219 88.90 -72.18 40.08
CA ARG J 219 88.05 -71.00 40.05
C ARG J 219 86.62 -71.35 40.47
N LEU J 220 86.09 -72.47 39.97
CA LEU J 220 84.74 -72.88 40.36
C LEU J 220 84.66 -73.21 41.84
N GLN J 221 85.68 -73.90 42.37
CA GLN J 221 85.69 -74.24 43.79
C GLN J 221 85.71 -72.98 44.65
N GLY J 222 86.53 -72.00 44.27
CA GLY J 222 86.59 -70.76 45.02
C GLY J 222 85.29 -69.98 44.95
N TYR J 223 84.66 -69.93 43.77
CA TYR J 223 83.39 -69.23 43.65
C TYR J 223 82.32 -69.87 44.52
N ILE J 224 82.27 -71.20 44.54
CA ILE J 224 81.30 -71.89 45.40
C ILE J 224 81.58 -71.60 46.86
N GLU J 225 82.85 -71.57 47.24
CA GLU J 225 83.20 -71.30 48.64
C GLU J 225 82.81 -69.89 49.07
N ALA J 226 83.03 -68.90 48.19
CA ALA J 226 82.88 -67.51 48.61
C ALA J 226 81.45 -66.99 48.56
N VAL J 227 80.68 -67.35 47.54
CA VAL J 227 79.35 -66.80 47.34
C VAL J 227 78.36 -67.61 48.17
N GLN J 228 77.79 -66.98 49.20
CA GLN J 228 76.96 -67.65 50.19
C GLN J 228 75.89 -66.72 50.75
N LEU J 229 75.40 -67.06 51.95
CA LEU J 229 74.28 -66.40 52.62
C LEU J 229 74.23 -64.87 52.47
N GLN J 230 75.36 -64.20 52.62
CA GLN J 230 75.37 -62.74 52.65
C GLN J 230 74.96 -62.15 51.30
N GLU J 231 75.43 -62.74 50.19
CA GLU J 231 75.05 -62.25 48.87
C GLU J 231 73.55 -62.45 48.64
N LEU J 232 73.02 -63.58 49.08
CA LEU J 232 71.58 -63.83 48.98
C LEU J 232 70.81 -62.79 49.78
N ARG J 233 71.29 -62.46 50.97
CA ARG J 233 70.63 -61.44 51.79
C ARG J 233 70.66 -60.08 51.12
N ASN J 234 71.78 -59.73 50.48
CA ASN J 234 71.86 -58.45 49.78
C ASN J 234 70.87 -58.39 48.63
N SER J 235 70.78 -59.47 47.84
CA SER J 235 69.84 -59.49 46.73
C SER J 235 68.39 -59.38 47.22
N ILE J 236 68.05 -60.12 48.27
CA ILE J 236 66.69 -60.06 48.80
C ILE J 236 66.39 -58.68 49.36
N GLY J 237 67.38 -58.03 49.98
CA GLY J 237 67.17 -56.69 50.50
C GLY J 237 66.91 -55.67 49.41
N TRP J 238 67.67 -55.75 48.30
CA TRP J 238 67.39 -54.87 47.18
C TRP J 238 66.00 -55.14 46.60
N LEU J 239 65.60 -56.42 46.57
CA LEU J 239 64.25 -56.75 46.13
C LEU J 239 63.19 -56.14 47.03
N GLU J 240 63.44 -56.13 48.35
CA GLU J 240 62.51 -55.49 49.28
C GLU J 240 62.43 -54.00 49.03
N ARG J 241 63.55 -53.35 48.76
CA ARG J 241 63.53 -51.92 48.46
C ARG J 241 62.71 -51.63 47.20
N LEU J 242 62.91 -52.44 46.16
CA LEU J 242 62.12 -52.26 44.94
C LEU J 242 60.63 -52.50 45.19
N GLY J 243 60.30 -53.52 45.99
CA GLY J 243 58.92 -53.77 46.31
C GLY J 243 58.27 -52.66 47.11
N HIS J 244 59.04 -52.04 48.00
CA HIS J 244 58.52 -50.87 48.73
C HIS J 244 58.31 -49.70 47.79
N ARG J 245 59.18 -49.54 46.80
CA ARG J 245 58.96 -48.52 45.77
C ARG J 245 57.69 -48.79 44.97
N LYS J 246 57.42 -50.05 44.64
CA LYS J 246 56.29 -50.40 43.81
C LYS J 246 55.00 -50.70 44.58
N ARG J 247 55.06 -50.71 45.92
CA ARG J 247 53.88 -50.87 46.77
C ARG J 247 53.18 -52.22 46.55
N ILE J 248 53.95 -53.30 46.59
CA ILE J 248 53.38 -54.63 46.46
C ILE J 248 52.89 -55.11 47.82
N THR J 249 52.13 -56.20 47.82
CA THR J 249 51.65 -56.81 49.06
C THR J 249 52.49 -58.04 49.39
N TYR J 250 52.75 -58.24 50.67
CA TYR J 250 53.61 -59.32 51.15
C TYR J 250 52.80 -60.36 51.91
N SER J 251 53.19 -61.62 51.79
CA SER J 251 52.64 -62.67 52.62
C SER J 251 53.17 -62.53 54.05
N GLN J 252 52.65 -63.35 54.95
CA GLN J 252 53.01 -63.26 56.36
C GLN J 252 54.29 -64.03 56.69
N GLU J 253 54.63 -65.07 55.93
CA GLU J 253 55.84 -65.83 56.20
C GLU J 253 57.08 -65.03 55.81
N VAL J 254 58.17 -65.28 56.53
CA VAL J 254 59.42 -64.57 56.32
C VAL J 254 60.55 -65.57 56.15
N LEU J 255 61.67 -65.10 55.61
CA LEU J 255 62.82 -65.95 55.30
C LEU J 255 63.82 -65.91 56.45
N THR J 256 64.26 -67.09 56.89
CA THR J 256 65.14 -67.25 58.03
C THR J 256 66.53 -67.64 57.54
N ASP J 257 67.55 -67.20 58.27
CA ASP J 257 68.94 -67.46 57.94
C ASP J 257 69.42 -68.86 58.31
N PHE J 258 68.51 -69.80 58.59
CA PHE J 258 68.90 -71.15 58.99
C PHE J 258 69.45 -71.92 57.78
N ARG J 259 70.49 -72.70 58.03
CA ARG J 259 71.11 -73.53 56.99
C ARG J 259 71.33 -74.93 57.54
N ARG J 260 70.87 -75.93 56.80
CA ARG J 260 71.15 -77.31 57.17
C ARG J 260 72.62 -77.63 56.94
N GLN J 261 73.17 -78.51 57.78
CA GLN J 261 74.59 -78.83 57.72
C GLN J 261 74.93 -79.89 56.67
N ASP J 262 73.97 -80.24 55.79
CA ASP J 262 74.25 -81.15 54.69
C ASP J 262 73.84 -80.56 53.34
N THR J 263 73.76 -79.23 53.24
CA THR J 263 73.30 -78.56 52.05
C THR J 263 74.34 -77.56 51.57
N ILE J 264 74.60 -77.56 50.26
CA ILE J 264 75.51 -76.61 49.63
C ILE J 264 74.70 -75.80 48.62
N TRP J 265 74.74 -74.49 48.77
CA TRP J 265 74.00 -73.59 47.88
C TRP J 265 74.86 -73.20 46.69
N VAL J 266 74.19 -72.99 45.55
CA VAL J 266 74.83 -72.43 44.36
C VAL J 266 73.99 -71.26 43.91
N LEU J 267 74.60 -70.07 43.85
CA LEU J 267 73.92 -68.84 43.43
C LEU J 267 74.72 -68.24 42.29
N ALA J 268 74.15 -68.24 41.09
CA ALA J 268 74.88 -67.90 39.87
C ALA J 268 74.59 -66.50 39.35
N LEU J 269 73.74 -65.73 40.02
CA LEU J 269 73.42 -64.38 39.55
C LEU J 269 73.31 -63.43 40.72
N GLN J 270 73.84 -62.22 40.54
CA GLN J 270 73.71 -61.14 41.51
C GLN J 270 72.70 -60.15 40.99
N LEU J 271 71.68 -59.86 41.78
CA LEU J 271 70.46 -59.26 41.23
C LEU J 271 70.55 -57.76 40.95
N PRO J 272 71.21 -56.93 41.77
CA PRO J 272 71.35 -55.51 41.37
C PRO J 272 72.13 -55.35 40.07
N VAL J 273 71.45 -54.81 39.05
CA VAL J 273 71.97 -54.74 37.69
C VAL J 273 72.47 -53.34 37.39
N ASN J 274 73.65 -53.27 36.78
CA ASN J 274 74.17 -52.00 36.27
C ASN J 274 73.37 -51.60 35.03
N PRO J 275 72.72 -50.43 35.02
CA PRO J 275 71.94 -50.03 33.84
C PRO J 275 72.79 -49.62 32.65
N GLN J 276 74.07 -49.30 32.87
CA GLN J 276 74.94 -48.92 31.75
C GLN J 276 75.14 -50.08 30.79
N VAL J 277 75.15 -51.32 31.29
CA VAL J 277 75.28 -52.48 30.42
C VAL J 277 74.10 -52.56 29.47
N VAL J 278 72.90 -52.33 29.99
CA VAL J 278 71.69 -52.40 29.16
C VAL J 278 71.64 -51.24 28.18
N TRP J 279 71.99 -50.04 28.61
CA TRP J 279 71.82 -48.87 27.77
C TRP J 279 73.04 -48.54 26.91
N ASP J 280 74.07 -49.37 26.91
CA ASP J 280 75.20 -49.17 26.01
C ASP J 280 75.04 -49.90 24.69
N VAL J 281 74.03 -50.76 24.56
CA VAL J 281 73.84 -51.50 23.31
C VAL J 281 73.47 -50.52 22.20
N PRO J 282 74.14 -50.56 21.05
CA PRO J 282 73.88 -49.55 20.01
C PRO J 282 72.50 -49.69 19.39
N ARG J 283 71.85 -48.54 19.21
CA ARG J 283 70.54 -48.45 18.54
C ARG J 283 69.49 -49.31 19.24
N SER J 284 69.45 -49.22 20.57
CA SER J 284 68.61 -50.11 21.37
C SER J 284 67.53 -49.36 22.16
N SER J 285 67.23 -48.11 21.80
CA SER J 285 66.25 -47.36 22.56
C SER J 285 64.84 -47.90 22.34
N ILE J 286 64.49 -48.22 21.09
CA ILE J 286 63.16 -48.74 20.79
C ILE J 286 62.93 -50.09 21.44
N ALA J 287 63.94 -50.97 21.41
CA ALA J 287 63.81 -52.28 22.04
C ALA J 287 63.62 -52.15 23.55
N ASN J 288 64.36 -51.24 24.19
CA ASN J 288 64.20 -51.03 25.62
C ASN J 288 62.81 -50.49 25.94
N LEU J 289 62.29 -49.59 25.11
CA LEU J 289 60.94 -49.08 25.30
C LEU J 289 59.90 -50.20 25.20
N ILE J 290 60.06 -51.08 24.19
CA ILE J 290 59.12 -52.18 24.01
C ILE J 290 59.18 -53.13 25.20
N MET J 291 60.38 -53.43 25.69
CA MET J 291 60.51 -54.32 26.83
C MET J 291 59.91 -53.71 28.09
N ASN J 292 60.08 -52.40 28.29
CA ASN J 292 59.46 -51.72 29.42
C ASN J 292 57.95 -51.85 29.36
N ILE J 293 57.37 -51.60 28.18
CA ILE J 293 55.92 -51.75 28.01
C ILE J 293 55.48 -53.18 28.30
N ALA J 294 56.23 -54.16 27.79
CA ALA J 294 55.81 -55.55 27.91
C ALA J 294 55.92 -56.05 29.34
N THR J 295 56.89 -55.57 30.12
CA THR J 295 57.14 -56.14 31.42
C THR J 295 56.53 -55.35 32.58
N CYS J 296 56.26 -54.06 32.42
CA CYS J 296 55.88 -53.25 33.58
C CYS J 296 54.48 -52.65 33.53
N LEU J 297 53.88 -52.53 32.36
CA LEU J 297 52.61 -51.81 32.25
C LEU J 297 51.47 -52.66 32.81
N PRO J 298 50.62 -52.11 33.67
CA PRO J 298 49.50 -52.87 34.23
C PRO J 298 48.35 -52.96 33.23
N THR J 299 47.28 -53.63 33.66
CA THR J 299 46.06 -53.75 32.87
C THR J 299 44.93 -53.00 33.58
N GLY J 300 44.04 -52.43 32.78
CA GLY J 300 42.97 -51.63 33.34
C GLY J 300 41.89 -51.36 32.31
N GLU J 301 41.00 -50.45 32.65
CA GLU J 301 39.84 -50.12 31.83
C GLU J 301 39.83 -48.64 31.51
N TYR J 302 38.99 -48.27 30.54
CA TYR J 302 38.75 -46.88 30.18
C TYR J 302 37.37 -46.49 30.69
N ILE J 303 37.28 -45.37 31.39
CA ILE J 303 36.07 -44.95 32.08
C ILE J 303 35.61 -43.62 31.50
N ALA J 304 34.34 -43.54 31.15
CA ALA J 304 33.65 -42.36 30.67
C ALA J 304 33.20 -41.49 31.85
N PRO J 305 33.10 -40.17 31.65
CA PRO J 305 32.63 -39.31 32.74
C PRO J 305 31.15 -39.51 33.03
N ASN J 306 30.75 -39.06 34.22
CA ASN J 306 29.36 -39.19 34.65
C ASN J 306 28.45 -38.34 33.76
N PRO J 307 27.37 -38.91 33.23
CA PRO J 307 26.48 -38.12 32.36
C PRO J 307 25.85 -36.92 33.05
N ARG J 308 25.71 -36.95 34.38
CA ARG J 308 25.08 -35.84 35.08
C ARG J 308 25.93 -34.58 35.07
N ILE J 309 27.21 -34.69 34.74
CA ILE J 309 28.09 -33.52 34.72
C ILE J 309 27.69 -32.57 33.59
N SER J 310 27.26 -33.11 32.46
CA SER J 310 26.98 -32.29 31.28
C SER J 310 25.59 -31.64 31.30
N SER J 311 24.57 -32.34 31.79
CA SER J 311 23.21 -31.84 31.73
C SER J 311 22.50 -32.08 33.06
N ILE J 312 21.53 -31.22 33.35
CA ILE J 312 20.70 -31.30 34.54
C ILE J 312 19.24 -31.31 34.12
N THR J 313 18.43 -32.10 34.80
CA THR J 313 16.98 -32.11 34.62
C THR J 313 16.31 -31.53 35.86
N LEU J 314 15.46 -30.53 35.65
CA LEU J 314 14.73 -29.91 36.75
C LEU J 314 13.32 -30.47 36.92
N THR J 315 12.60 -30.63 35.81
CA THR J 315 11.28 -31.23 35.82
C THR J 315 11.35 -32.38 34.81
N GLN J 316 10.22 -33.05 34.59
CA GLN J 316 10.21 -34.19 33.66
C GLN J 316 10.54 -33.75 32.24
N ARG J 317 10.03 -32.60 31.82
CA ARG J 317 10.19 -32.14 30.45
C ARG J 317 11.15 -30.98 30.29
N ILE J 318 11.80 -30.53 31.36
CA ILE J 318 12.72 -29.40 31.33
C ILE J 318 14.12 -29.93 31.60
N THR J 319 15.04 -29.64 30.68
CA THR J 319 16.40 -30.16 30.77
C THR J 319 17.34 -29.16 30.10
N THR J 320 18.54 -29.03 30.67
CA THR J 320 19.54 -28.13 30.11
C THR J 320 20.30 -28.81 28.98
N THR J 321 20.65 -28.04 27.96
CA THR J 321 21.32 -28.55 26.77
C THR J 321 22.82 -28.31 26.85
N GLY J 322 23.60 -29.27 26.39
CA GLY J 322 25.04 -29.17 26.40
C GLY J 322 25.60 -28.62 25.12
N PRO J 323 26.76 -27.98 25.20
CA PRO J 323 27.35 -27.35 24.00
C PRO J 323 27.95 -28.36 23.02
N PHE J 324 28.28 -29.56 23.46
CA PHE J 324 28.93 -30.54 22.59
C PHE J 324 28.10 -31.81 22.49
N ALA J 325 26.79 -31.64 22.24
CA ALA J 325 25.88 -32.79 22.23
C ALA J 325 26.20 -33.75 21.09
N ILE J 326 26.54 -33.22 19.91
CA ILE J 326 26.82 -34.09 18.77
C ILE J 326 28.11 -34.88 18.99
N LEU J 327 29.11 -34.25 19.62
CA LEU J 327 30.37 -34.96 19.85
C LEU J 327 30.22 -36.00 20.97
N THR J 328 29.49 -35.66 22.03
CA THR J 328 29.31 -36.58 23.14
C THR J 328 28.45 -37.78 22.76
N GLY J 329 27.66 -37.68 21.68
CA GLY J 329 26.87 -38.81 21.24
C GLY J 329 27.57 -39.73 20.27
N SER J 330 28.66 -39.27 19.66
CA SER J 330 29.37 -40.07 18.68
C SER J 330 30.11 -41.23 19.34
N THR J 331 30.38 -42.25 18.54
CA THR J 331 31.16 -43.41 18.97
C THR J 331 32.38 -43.58 18.05
N PRO J 332 33.51 -43.99 18.60
CA PRO J 332 34.72 -44.12 17.78
C PRO J 332 34.66 -45.35 16.87
N THR J 333 35.45 -45.28 15.81
CA THR J 333 35.70 -46.44 14.95
C THR J 333 36.94 -47.17 15.46
N ALA J 334 37.36 -48.22 14.73
CA ALA J 334 38.55 -48.97 15.12
C ALA J 334 39.81 -48.12 15.00
N GLN J 335 39.94 -47.38 13.90
CA GLN J 335 41.10 -46.54 13.69
C GLN J 335 41.18 -45.42 14.74
N GLN J 336 40.03 -44.84 15.09
CA GLN J 336 40.01 -43.80 16.10
C GLN J 336 40.37 -44.35 17.48
N LEU J 337 39.93 -45.58 17.79
CA LEU J 337 40.34 -46.22 19.03
C LEU J 337 41.84 -46.46 19.06
N ASN J 338 42.42 -46.87 17.91
CA ASN J 338 43.86 -47.04 17.84
C ASN J 338 44.58 -45.72 18.06
N ASP J 339 44.04 -44.63 17.52
CA ASP J 339 44.62 -43.31 17.75
C ASP J 339 44.56 -42.92 19.22
N VAL J 340 43.46 -43.25 19.89
CA VAL J 340 43.34 -42.97 21.33
C VAL J 340 44.40 -43.74 22.11
N ARG J 341 44.61 -45.01 21.74
CA ARG J 341 45.67 -45.81 22.37
C ARG J 341 47.04 -45.18 22.13
N LYS J 342 47.28 -44.67 20.91
CA LYS J 342 48.54 -43.99 20.63
C LYS J 342 48.72 -42.76 21.51
N ILE J 343 47.64 -42.00 21.72
CA ILE J 343 47.70 -40.80 22.55
C ILE J 343 48.07 -41.16 23.98
N TYR J 344 47.45 -42.21 24.53
CA TYR J 344 47.77 -42.60 25.90
C TYR J 344 49.19 -43.18 26.01
N LEU J 345 49.66 -43.88 24.97
CA LEU J 345 51.04 -44.34 24.97
C LEU J 345 52.00 -43.18 24.99
N ALA J 346 51.71 -42.12 24.23
CA ALA J 346 52.56 -40.93 24.26
C ALA J 346 52.54 -40.28 25.63
N LEU J 347 51.37 -40.24 26.27
CA LEU J 347 51.28 -39.62 27.60
C LEU J 347 52.07 -40.39 28.64
N MET J 348 52.02 -41.73 28.60
CA MET J 348 52.67 -42.52 29.65
C MET J 348 54.18 -42.64 29.48
N PHE J 349 54.75 -42.17 28.38
CA PHE J 349 56.20 -42.18 28.18
C PHE J 349 56.65 -40.80 27.70
N PRO J 350 56.84 -39.86 28.61
CA PRO J 350 57.21 -38.49 28.21
C PRO J 350 58.57 -38.46 27.53
N GLY J 351 58.65 -37.72 26.43
CA GLY J 351 59.87 -37.53 25.69
C GLY J 351 60.20 -38.63 24.71
N GLN J 352 59.91 -39.89 25.05
CA GLN J 352 60.27 -41.01 24.18
C GLN J 352 59.30 -41.20 23.03
N ILE J 353 58.05 -40.79 23.19
CA ILE J 353 57.04 -40.89 22.13
C ILE J 353 56.39 -39.53 21.97
N ILE J 354 56.37 -39.03 20.74
CA ILE J 354 55.76 -37.73 20.43
C ILE J 354 54.81 -37.91 19.25
N LEU J 355 53.85 -37.00 19.15
CA LEU J 355 52.73 -37.13 18.24
C LEU J 355 52.84 -36.14 17.08
N ASP J 356 52.16 -36.48 15.99
CA ASP J 356 52.02 -35.60 14.83
C ASP J 356 50.61 -35.78 14.28
N LEU J 357 50.30 -35.02 13.23
CA LEU J 357 48.96 -34.99 12.66
C LEU J 357 48.88 -35.90 11.44
N LYS J 358 47.91 -36.80 11.44
CA LYS J 358 47.66 -37.67 10.30
C LYS J 358 46.69 -36.99 9.34
N ILE J 359 46.98 -37.08 8.06
CA ILE J 359 46.21 -36.41 7.02
C ILE J 359 45.62 -37.47 6.08
N ASP J 360 44.31 -37.46 5.94
CA ASP J 360 43.60 -38.39 5.06
C ASP J 360 42.64 -37.60 4.19
N PRO J 361 42.99 -37.35 2.92
CA PRO J 361 42.09 -36.59 2.04
C PRO J 361 40.74 -37.25 1.82
N GLY J 362 40.65 -38.57 1.95
CA GLY J 362 39.38 -39.25 1.81
C GLY J 362 38.45 -39.09 3.00
N GLU J 363 38.95 -38.56 4.10
CA GLU J 363 38.13 -38.33 5.28
C GLU J 363 37.26 -37.10 5.10
N ARG J 364 36.01 -37.19 5.54
CA ARG J 364 35.07 -36.07 5.51
C ARG J 364 34.49 -35.89 6.91
N MET J 365 34.80 -34.76 7.53
CA MET J 365 34.37 -34.49 8.89
C MET J 365 33.88 -33.05 9.01
N ASP J 366 33.08 -32.80 10.03
CA ASP J 366 32.57 -31.46 10.29
C ASP J 366 33.72 -30.53 10.64
N PRO J 367 33.67 -29.27 10.18
CA PRO J 367 34.75 -28.32 10.53
C PRO J 367 34.88 -28.05 12.03
N ALA J 368 33.81 -28.19 12.80
CA ALA J 368 33.86 -27.86 14.22
C ALA J 368 34.72 -28.84 15.01
N VAL J 369 34.95 -30.04 14.48
CA VAL J 369 35.76 -31.03 15.20
C VAL J 369 37.19 -30.53 15.38
N ARG J 370 37.78 -29.99 14.31
CA ARG J 370 39.14 -29.46 14.40
C ARG J 370 39.20 -28.26 15.34
N MET J 371 38.18 -27.40 15.31
CA MET J 371 38.18 -26.23 16.17
C MET J 371 38.05 -26.60 17.64
N VAL J 372 37.30 -27.66 17.96
CA VAL J 372 37.23 -28.14 19.34
C VAL J 372 38.53 -28.82 19.75
N ALA J 373 39.12 -29.60 18.85
CA ALA J 373 40.40 -30.24 19.15
C ALA J 373 41.49 -29.21 19.38
N GLY J 374 41.37 -28.04 18.77
CA GLY J 374 42.32 -26.96 19.04
C GLY J 374 42.35 -26.56 20.50
N VAL J 375 41.16 -26.47 21.11
CA VAL J 375 41.08 -26.16 22.54
C VAL J 375 41.55 -27.36 23.37
N VAL J 376 41.14 -28.57 22.98
CA VAL J 376 41.43 -29.76 23.79
C VAL J 376 42.93 -30.02 23.85
N GLY J 377 43.63 -29.87 22.73
CA GLY J 377 45.05 -30.20 22.69
C GLY J 377 45.90 -29.34 23.61
N HIS J 378 45.51 -28.08 23.79
CA HIS J 378 46.26 -27.20 24.69
C HIS J 378 46.16 -27.69 26.13
N LEU J 379 45.00 -28.17 26.54
CA LEU J 379 44.82 -28.68 27.89
C LEU J 379 45.33 -30.11 28.05
N LEU J 380 45.54 -30.84 26.97
CA LEU J 380 45.91 -32.25 27.08
C LEU J 380 47.42 -32.49 27.06
N PHE J 381 48.20 -31.61 26.44
CA PHE J 381 49.60 -31.90 26.16
C PHE J 381 50.55 -30.88 26.76
N THR J 382 51.78 -31.33 27.01
CA THR J 382 52.87 -30.47 27.45
C THR J 382 53.80 -30.23 26.26
N ALA J 383 54.18 -28.98 26.04
CA ALA J 383 54.94 -28.59 24.86
C ALA J 383 56.11 -27.69 25.22
N GLY J 384 56.91 -28.10 26.18
CA GLY J 384 58.18 -27.45 26.36
C GLY J 384 58.52 -27.21 27.82
N GLY J 385 59.65 -26.54 28.02
CA GLY J 385 60.24 -26.35 29.33
C GLY J 385 61.24 -27.43 29.68
N ARG J 386 60.77 -28.64 29.91
CA ARG J 386 61.61 -29.77 30.30
C ARG J 386 61.48 -30.96 29.38
N PHE J 387 60.27 -31.24 28.88
CA PHE J 387 60.05 -32.28 27.90
C PHE J 387 58.87 -31.87 27.02
N THR J 388 58.53 -32.72 26.07
CA THR J 388 57.43 -32.43 25.17
C THR J 388 56.73 -33.73 24.76
N ASN J 389 55.44 -33.63 24.52
CA ASN J 389 54.64 -34.76 24.05
C ASN J 389 54.39 -34.73 22.54
N LEU J 390 54.89 -33.71 21.84
CA LEU J 390 54.47 -33.49 20.47
C LEU J 390 55.50 -32.67 19.71
N THR J 391 55.42 -32.75 18.38
CA THR J 391 56.36 -32.08 17.50
C THR J 391 55.96 -30.61 17.30
N GLN J 392 56.90 -29.82 16.78
CA GLN J 392 56.64 -28.40 16.57
C GLN J 392 55.55 -28.17 15.52
N ASN J 393 55.49 -29.03 14.51
CA ASN J 393 54.46 -28.91 13.48
C ASN J 393 53.06 -29.11 14.06
N MET J 394 52.89 -30.09 14.94
CA MET J 394 51.58 -30.33 15.52
C MET J 394 51.19 -29.20 16.47
N ALA J 395 52.18 -28.63 17.17
CA ALA J 395 51.91 -27.45 17.98
C ALA J 395 51.44 -26.29 17.12
N ARG J 396 52.07 -26.09 15.96
CA ARG J 396 51.64 -25.03 15.05
C ARG J 396 50.21 -25.26 14.56
N GLN J 397 49.89 -26.50 14.21
CA GLN J 397 48.54 -26.81 13.74
C GLN J 397 47.51 -26.58 14.83
N LEU J 398 47.83 -26.97 16.08
CA LEU J 398 46.90 -26.75 17.19
C LEU J 398 46.71 -25.26 17.45
N ASP J 399 47.78 -24.47 17.34
CA ASP J 399 47.65 -23.03 17.51
C ASP J 399 46.76 -22.42 16.44
N ILE J 400 46.91 -22.87 15.19
CA ILE J 400 46.06 -22.36 14.12
C ILE J 400 44.60 -22.75 14.35
N ALA J 401 44.37 -23.98 14.81
CA ALA J 401 43.01 -24.42 15.11
C ALA J 401 42.38 -23.60 16.24
N LEU J 402 43.15 -23.31 17.28
CA LEU J 402 42.64 -22.47 18.36
C LEU J 402 42.32 -21.06 17.87
N ASN J 403 43.19 -20.51 17.00
CA ASN J 403 42.94 -19.21 16.40
C ASN J 403 41.62 -19.22 15.64
N ASP J 404 41.37 -20.28 14.85
CA ASP J 404 40.13 -20.36 14.09
C ASP J 404 38.92 -20.51 15.02
N TYR J 405 39.08 -21.24 16.12
CA TYR J 405 37.96 -21.42 17.05
C TYR J 405 37.59 -20.11 17.75
N LEU J 406 38.59 -19.32 18.14
CA LEU J 406 38.29 -18.11 18.90
C LEU J 406 37.65 -17.02 18.04
N LEU J 407 37.97 -16.97 16.76
CA LEU J 407 37.47 -15.91 15.88
C LEU J 407 36.16 -16.25 15.20
N TYR J 408 35.62 -17.45 15.42
CA TYR J 408 34.36 -17.86 14.82
C TYR J 408 33.24 -17.58 15.82
N MET J 409 32.48 -16.52 15.58
CA MET J 409 31.48 -16.03 16.51
C MET J 409 30.09 -16.32 15.96
N TYR J 410 29.51 -17.45 16.39
CA TYR J 410 28.15 -17.78 16.01
C TYR J 410 27.11 -17.07 16.87
N ASN J 411 27.54 -16.42 17.95
CA ASN J 411 26.71 -15.52 18.74
C ASN J 411 27.08 -14.08 18.41
N THR J 412 26.57 -13.14 19.22
CA THR J 412 26.88 -11.73 19.03
C THR J 412 28.39 -11.49 19.10
N ARG J 413 28.88 -10.65 18.21
CA ARG J 413 30.31 -10.44 18.04
C ARG J 413 30.88 -9.63 19.20
N VAL J 414 32.20 -9.72 19.36
CA VAL J 414 32.94 -8.97 20.36
C VAL J 414 34.09 -8.25 19.67
N GLN J 415 34.68 -7.30 20.39
CA GLN J 415 35.74 -6.47 19.82
C GLN J 415 37.04 -7.26 19.70
N VAL J 416 37.68 -7.13 18.54
CA VAL J 416 38.98 -7.76 18.28
C VAL J 416 39.95 -6.68 17.81
N ASN J 417 41.13 -6.63 18.44
CA ASN J 417 42.19 -5.69 18.07
C ASN J 417 43.41 -6.50 17.63
N TYR J 418 43.66 -6.54 16.33
CA TYR J 418 44.78 -7.31 15.81
C TYR J 418 46.09 -6.58 16.03
N GLY J 419 47.18 -7.35 16.05
CA GLY J 419 48.51 -6.81 16.15
C GLY J 419 49.16 -6.64 14.80
N PRO J 420 50.38 -6.11 14.78
CA PRO J 420 51.05 -5.88 13.49
C PRO J 420 51.55 -7.16 12.84
N THR J 421 51.96 -8.11 13.68
CA THR J 421 52.50 -9.38 13.20
C THR J 421 51.36 -10.27 12.70
N GLY J 422 51.64 -11.06 11.67
CA GLY J 422 50.67 -11.96 11.09
C GLY J 422 50.59 -13.34 11.69
N GLU J 423 51.26 -13.58 12.83
CA GLU J 423 51.23 -14.89 13.47
C GLU J 423 49.84 -15.17 14.03
N PRO J 424 49.48 -16.45 14.19
CA PRO J 424 48.21 -16.78 14.82
C PRO J 424 48.17 -16.33 16.28
N LEU J 425 46.95 -16.06 16.76
CA LEU J 425 46.68 -15.64 18.14
C LEU J 425 47.36 -14.32 18.50
N ASP J 426 47.57 -13.45 17.51
CA ASP J 426 48.14 -12.13 17.74
C ASP J 426 47.02 -11.10 17.74
N PHE J 427 46.25 -11.08 18.83
CA PHE J 427 45.17 -10.12 18.96
C PHE J 427 44.74 -10.03 20.42
N GLN J 428 43.99 -8.97 20.72
CA GLN J 428 43.28 -8.82 21.99
C GLN J 428 41.81 -9.10 21.76
N ILE J 429 41.15 -9.69 22.76
CA ILE J 429 39.79 -10.17 22.62
C ILE J 429 38.95 -9.69 23.80
N GLY J 430 37.69 -9.35 23.55
CA GLY J 430 36.75 -9.03 24.60
C GLY J 430 36.85 -7.59 25.08
N ARG J 431 35.95 -7.26 26.02
CA ARG J 431 35.90 -5.92 26.57
C ARG J 431 37.04 -5.67 27.56
N ASN J 432 37.56 -6.70 28.20
CA ASN J 432 38.72 -6.56 29.07
C ASN J 432 40.04 -6.72 28.32
N GLN J 433 39.97 -6.94 27.00
CA GLN J 433 41.15 -7.01 26.13
C GLN J 433 42.15 -8.06 26.60
N TYR J 434 41.68 -9.31 26.67
CA TYR J 434 42.58 -10.41 27.00
C TYR J 434 43.57 -10.63 25.86
N ASP J 435 44.83 -10.81 26.22
CA ASP J 435 45.92 -10.97 25.25
C ASP J 435 46.10 -12.45 24.96
N CYS J 436 45.84 -12.84 23.71
CA CYS J 436 45.92 -14.24 23.30
C CYS J 436 47.29 -14.64 22.78
N ASN J 437 48.29 -13.76 22.87
CA ASN J 437 49.61 -14.09 22.39
C ASN J 437 50.30 -15.14 23.27
N VAL J 438 49.84 -15.30 24.51
CA VAL J 438 50.47 -16.22 25.44
C VAL J 438 50.17 -17.68 25.13
N PHE J 439 49.20 -17.95 24.27
CA PHE J 439 48.82 -19.32 23.94
C PHE J 439 49.52 -19.84 22.70
N ARG J 440 50.38 -19.05 22.07
CA ARG J 440 51.20 -19.55 20.97
C ARG J 440 52.41 -20.27 21.55
N ALA J 441 52.77 -21.39 20.92
CA ALA J 441 53.76 -22.29 21.49
C ALA J 441 55.16 -21.66 21.50
N ASP J 442 55.92 -21.97 22.54
CA ASP J 442 57.32 -21.58 22.65
C ASP J 442 58.00 -22.65 23.49
N PHE J 443 58.75 -23.53 22.82
CA PHE J 443 59.27 -24.73 23.49
C PHE J 443 60.30 -24.41 24.56
N ALA J 444 60.86 -23.21 24.56
CA ALA J 444 61.85 -22.85 25.58
C ALA J 444 61.21 -22.58 26.93
N THR J 445 60.03 -21.96 26.94
CA THR J 445 59.37 -21.59 28.19
C THR J 445 58.18 -22.49 28.53
N GLY J 446 57.56 -23.11 27.54
CA GLY J 446 56.42 -23.96 27.79
C GLY J 446 55.08 -23.25 27.92
N THR J 447 55.00 -22.00 27.52
CA THR J 447 53.76 -21.24 27.66
C THR J 447 52.67 -21.79 26.75
N GLY J 448 51.43 -21.66 27.19
CA GLY J 448 50.27 -22.06 26.42
C GLY J 448 49.86 -23.51 26.56
N TYR J 449 50.66 -24.33 27.23
CA TYR J 449 50.39 -25.75 27.40
C TYR J 449 50.51 -26.12 28.87
N ASN J 450 50.45 -27.42 29.16
CA ASN J 450 50.34 -27.89 30.54
C ASN J 450 51.57 -27.58 31.38
N GLY J 451 52.73 -27.38 30.77
CA GLY J 451 53.93 -27.04 31.51
C GLY J 451 54.09 -25.58 31.86
N TRP J 452 53.10 -24.76 31.51
CA TRP J 452 53.15 -23.32 31.72
C TRP J 452 53.19 -22.96 33.20
N ALA J 453 54.32 -22.41 33.66
CA ALA J 453 54.49 -21.97 35.05
C ALA J 453 54.23 -23.09 36.04
N THR J 454 54.68 -24.30 35.70
CA THR J 454 54.47 -25.48 36.51
C THR J 454 55.77 -26.27 36.55
N ILE J 455 56.04 -26.90 37.70
CA ILE J 455 57.20 -27.76 37.86
C ILE J 455 56.78 -29.17 37.49
N ASP J 456 57.37 -29.71 36.42
CA ASP J 456 57.00 -31.02 35.90
C ASP J 456 57.86 -32.15 36.43
N VAL J 457 59.13 -31.88 36.78
CA VAL J 457 60.06 -32.92 37.19
C VAL J 457 60.57 -32.60 38.58
N GLU J 458 60.53 -33.59 39.48
CA GLU J 458 60.92 -33.42 40.87
C GLU J 458 61.90 -34.52 41.25
N TYR J 459 62.76 -34.20 42.22
CA TYR J 459 63.72 -35.15 42.74
C TYR J 459 63.49 -35.35 44.23
N ARG J 460 63.64 -36.59 44.68
CA ARG J 460 63.29 -37.00 46.05
C ARG J 460 64.38 -37.95 46.53
N GLU J 461 64.06 -38.75 47.55
CA GLU J 461 64.99 -39.73 48.09
C GLU J 461 65.41 -40.72 47.00
N PRO J 462 66.62 -41.27 47.11
CA PRO J 462 67.19 -42.06 45.99
C PRO J 462 66.33 -43.27 45.63
N ALA J 463 66.26 -43.55 44.32
CA ALA J 463 65.46 -44.56 43.68
C ALA J 463 66.14 -45.92 43.72
N PRO J 464 65.37 -47.01 43.65
CA PRO J 464 66.01 -48.34 43.59
C PRO J 464 66.89 -48.54 42.37
N TYR J 465 66.53 -47.95 41.23
CA TYR J 465 67.38 -47.97 40.04
C TYR J 465 68.15 -46.66 39.99
N VAL J 466 69.49 -46.75 40.00
CA VAL J 466 70.33 -45.58 40.22
C VAL J 466 70.33 -44.63 39.04
N HIS J 467 69.95 -45.10 37.84
CA HIS J 467 70.04 -44.27 36.65
C HIS J 467 68.78 -43.47 36.36
N ALA J 468 67.69 -43.68 37.10
CA ALA J 468 66.42 -43.02 36.86
C ALA J 468 65.89 -42.47 38.18
N GLN J 469 66.23 -41.23 38.49
CA GLN J 469 65.86 -40.62 39.77
C GLN J 469 64.67 -39.68 39.68
N ARG J 470 64.23 -39.33 38.48
CA ARG J 470 63.25 -38.27 38.30
C ARG J 470 61.86 -38.73 38.72
N TYR J 471 61.01 -37.74 39.03
CA TYR J 471 59.59 -37.93 39.29
C TYR J 471 58.80 -37.03 38.35
N ILE J 472 57.73 -37.57 37.77
CA ILE J 472 56.89 -36.83 36.83
C ILE J 472 55.63 -36.37 37.56
N ARG J 473 55.31 -35.09 37.42
CA ARG J 473 54.20 -34.49 38.17
C ARG J 473 53.35 -33.63 37.23
N TYR J 474 52.84 -34.27 36.15
CA TYR J 474 51.88 -33.68 35.23
C TYR J 474 50.86 -32.80 35.95
N CYS J 475 50.68 -31.58 35.44
CA CYS J 475 49.76 -30.57 35.96
C CYS J 475 50.10 -30.14 37.38
N GLY J 476 51.24 -30.54 37.92
CA GLY J 476 51.63 -30.15 39.26
C GLY J 476 50.90 -30.86 40.38
N ILE J 477 50.09 -31.86 40.07
CA ILE J 477 49.32 -32.58 41.09
C ILE J 477 50.08 -33.83 41.50
N ASP J 478 50.07 -34.12 42.80
CA ASP J 478 50.69 -35.31 43.34
C ASP J 478 49.66 -36.42 43.46
N SER J 479 50.14 -37.66 43.41
CA SER J 479 49.26 -38.81 43.59
C SER J 479 48.72 -38.88 45.02
N ARG J 480 49.39 -38.22 45.96
CA ARG J 480 48.93 -38.20 47.34
C ARG J 480 47.68 -37.33 47.51
N GLU J 481 47.34 -36.51 46.52
CA GLU J 481 46.17 -35.65 46.63
C GLU J 481 44.87 -36.45 46.62
N LEU J 482 44.90 -37.70 46.14
CA LEU J 482 43.72 -38.54 46.16
C LEU J 482 43.43 -39.12 47.53
N ILE J 483 44.37 -39.02 48.48
CA ILE J 483 44.20 -39.51 49.84
C ILE J 483 44.16 -38.38 50.85
N ASN J 484 45.06 -37.40 50.71
CA ASN J 484 45.14 -36.25 51.61
C ASN J 484 45.12 -34.99 50.75
N PRO J 485 43.93 -34.48 50.45
CA PRO J 485 43.84 -33.30 49.57
C PRO J 485 44.44 -32.06 50.22
N THR J 486 44.55 -31.01 49.41
CA THR J 486 45.09 -29.73 49.85
C THR J 486 44.06 -28.62 49.89
N THR J 487 43.17 -28.54 48.89
CA THR J 487 42.13 -27.53 48.83
C THR J 487 40.78 -28.21 48.88
N TYR J 488 39.72 -27.41 48.77
CA TYR J 488 38.37 -27.93 48.72
C TYR J 488 38.06 -28.45 47.32
N GLY J 489 36.80 -28.86 47.11
CA GLY J 489 36.42 -29.41 45.82
C GLY J 489 36.48 -28.39 44.70
N ILE J 490 36.16 -27.13 45.00
CA ILE J 490 36.23 -26.07 44.01
C ILE J 490 37.62 -25.48 43.84
N GLY J 491 38.55 -25.84 44.73
CA GLY J 491 39.89 -25.29 44.69
C GLY J 491 40.87 -26.00 43.79
N MET J 492 40.48 -27.12 43.19
CA MET J 492 41.38 -27.87 42.33
C MET J 492 41.52 -27.16 40.99
N THR J 493 42.73 -26.70 40.68
CA THR J 493 42.99 -25.99 39.43
C THR J 493 44.50 -25.89 39.23
N TYR J 494 44.88 -25.51 38.01
CA TYR J 494 46.26 -25.16 37.70
C TYR J 494 46.25 -24.05 36.67
N HIS J 495 47.45 -23.55 36.35
CA HIS J 495 47.57 -22.23 35.71
C HIS J 495 47.00 -22.22 34.30
N CYS J 496 47.39 -23.19 33.47
CA CYS J 496 46.98 -23.19 32.07
C CYS J 496 45.48 -23.34 31.93
N TYR J 497 44.88 -24.22 32.73
CA TYR J 497 43.43 -24.43 32.69
C TYR J 497 42.69 -23.15 33.09
N ASN J 498 43.18 -22.47 34.13
CA ASN J 498 42.56 -21.23 34.59
C ASN J 498 42.63 -20.13 33.53
N GLU J 499 43.80 -20.00 32.89
CA GLU J 499 43.94 -19.00 31.83
C GLU J 499 43.04 -19.33 30.64
N MET J 500 42.92 -20.61 30.31
CA MET J 500 42.04 -21.02 29.22
C MET J 500 40.58 -20.68 29.53
N LEU J 501 40.16 -20.91 30.78
CA LEU J 501 38.81 -20.52 31.19
C LEU J 501 38.59 -19.01 31.09
N ARG J 502 39.58 -18.24 31.54
CA ARG J 502 39.45 -16.78 31.47
C ARG J 502 39.35 -16.30 30.03
N MET J 503 40.16 -16.85 29.14
CA MET J 503 40.10 -16.45 27.73
C MET J 503 38.81 -16.90 27.06
N LEU J 504 38.29 -18.07 27.43
CA LEU J 504 37.00 -18.51 26.89
C LEU J 504 35.88 -17.58 27.34
N VAL J 505 35.91 -17.12 28.59
CA VAL J 505 34.91 -16.18 29.06
C VAL J 505 35.03 -14.85 28.33
N ALA J 506 36.26 -14.37 28.15
CA ALA J 506 36.47 -13.07 27.51
C ALA J 506 36.02 -13.07 26.05
N ALA J 507 36.01 -14.24 25.41
CA ALA J 507 35.67 -14.34 24.00
C ALA J 507 34.18 -14.55 23.76
N GLY J 508 33.36 -14.55 24.81
CA GLY J 508 31.93 -14.70 24.66
C GLY J 508 31.43 -16.13 24.58
N LYS J 509 32.21 -17.11 25.04
CA LYS J 509 31.82 -18.52 24.98
C LYS J 509 31.63 -19.03 26.41
N ASP J 510 30.41 -18.88 26.91
CA ASP J 510 30.13 -19.13 28.31
C ASP J 510 29.75 -20.58 28.58
N SER J 511 28.96 -21.19 27.70
CA SER J 511 28.56 -22.58 27.89
C SER J 511 29.76 -23.51 27.86
N GLU J 512 30.70 -23.27 26.94
CA GLU J 512 31.90 -24.09 26.86
C GLU J 512 32.76 -23.93 28.11
N ALA J 513 32.88 -22.70 28.61
CA ALA J 513 33.63 -22.47 29.83
C ALA J 513 32.99 -23.18 31.01
N ALA J 514 31.66 -23.16 31.09
CA ALA J 514 30.95 -23.88 32.14
C ALA J 514 31.19 -25.39 32.04
N TYR J 515 31.18 -25.92 30.82
CA TYR J 515 31.44 -27.35 30.62
C TYR J 515 32.84 -27.72 31.11
N PHE J 516 33.85 -26.94 30.73
CA PHE J 516 35.21 -27.25 31.15
C PHE J 516 35.40 -27.05 32.65
N ARG J 517 34.74 -26.05 33.24
CA ARG J 517 34.81 -25.86 34.68
C ARG J 517 34.17 -27.04 35.42
N SER J 518 33.11 -27.61 34.86
CA SER J 518 32.54 -28.82 35.44
C SER J 518 33.48 -30.02 35.30
N MET J 519 34.15 -30.13 34.16
CA MET J 519 34.97 -31.31 33.89
C MET J 519 36.38 -31.24 34.47
N LEU J 520 36.79 -30.11 35.06
CA LEU J 520 38.15 -29.98 35.55
C LEU J 520 38.58 -31.01 36.59
N PRO J 521 37.80 -31.33 37.65
CA PRO J 521 38.26 -32.34 38.60
C PRO J 521 38.49 -33.72 37.99
N PHE J 522 37.64 -34.12 37.04
CA PHE J 522 37.83 -35.39 36.34
C PHE J 522 39.17 -35.42 35.61
N HIS J 523 39.50 -34.32 34.94
CA HIS J 523 40.76 -34.19 34.21
C HIS J 523 41.96 -34.28 35.15
N MET J 524 41.89 -33.59 36.29
CA MET J 524 43.00 -33.61 37.22
C MET J 524 43.17 -34.97 37.88
N VAL J 525 42.06 -35.66 38.16
CA VAL J 525 42.14 -37.01 38.71
C VAL J 525 42.76 -37.97 37.70
N ARG J 526 42.40 -37.83 36.43
CA ARG J 526 43.02 -38.63 35.38
C ARG J 526 44.53 -38.44 35.35
N PHE J 527 44.98 -37.20 35.43
CA PHE J 527 46.43 -36.98 35.39
C PHE J 527 47.11 -37.45 36.67
N ALA J 528 46.42 -37.43 37.81
CA ALA J 528 46.97 -38.04 39.02
C ALA J 528 47.18 -39.54 38.85
N ARG J 529 46.20 -40.22 38.24
CA ARG J 529 46.35 -41.65 37.97
C ARG J 529 47.52 -41.92 37.03
N ILE J 530 47.68 -41.08 36.00
CA ILE J 530 48.79 -41.26 35.07
C ILE J 530 50.13 -41.05 35.78
N ASN J 531 50.21 -40.05 36.65
CA ASN J 531 51.42 -39.82 37.42
C ASN J 531 51.77 -41.03 38.28
N GLN J 532 50.76 -41.61 38.94
CA GLN J 532 51.02 -42.79 39.76
C GLN J 532 51.51 -43.96 38.93
N ILE J 533 50.91 -44.18 37.75
CA ILE J 533 51.33 -45.28 36.88
C ILE J 533 52.78 -45.08 36.45
N ILE J 534 53.14 -43.86 36.07
CA ILE J 534 54.51 -43.60 35.62
C ILE J 534 55.51 -43.80 36.76
N ASN J 535 55.20 -43.25 37.94
CA ASN J 535 56.17 -43.23 39.02
C ASN J 535 56.32 -44.58 39.72
N GLU J 536 55.29 -45.43 39.73
CA GLU J 536 55.36 -46.67 40.48
C GLU J 536 55.49 -47.91 39.60
N ASP J 537 54.61 -48.09 38.61
CA ASP J 537 54.58 -49.34 37.87
C ASP J 537 55.71 -49.44 36.86
N LEU J 538 56.09 -48.32 36.25
CA LEU J 538 56.99 -48.34 35.09
C LEU J 538 58.46 -48.22 35.44
N HIS J 539 58.81 -48.19 36.72
CA HIS J 539 60.20 -48.04 37.13
C HIS J 539 60.97 -49.34 36.87
N SER J 540 61.97 -49.28 35.99
CA SER J 540 62.74 -50.46 35.63
C SER J 540 64.07 -50.03 35.03
N VAL J 541 64.91 -51.02 34.69
CA VAL J 541 66.20 -50.70 34.10
C VAL J 541 66.01 -50.28 32.64
N PHE J 542 64.89 -50.65 32.03
CA PHE J 542 64.56 -50.22 30.68
C PHE J 542 64.00 -48.79 30.65
N SER J 543 63.93 -48.12 31.79
CA SER J 543 63.61 -46.70 31.81
C SER J 543 64.76 -45.89 31.24
N LEU J 544 64.43 -44.76 30.62
CA LEU J 544 65.44 -43.90 30.05
C LEU J 544 66.29 -43.26 31.15
N PRO J 545 67.61 -43.21 30.98
CA PRO J 545 68.45 -42.53 31.97
C PRO J 545 68.17 -41.04 32.04
N ASP J 546 68.54 -40.44 33.17
CA ASP J 546 68.18 -39.05 33.44
C ASP J 546 68.83 -38.08 32.47
N ASP J 547 70.12 -38.30 32.16
CA ASP J 547 70.83 -37.35 31.30
C ASP J 547 70.28 -37.35 29.87
N MET J 548 69.95 -38.52 29.34
CA MET J 548 69.33 -38.60 28.02
C MET J 548 67.96 -37.93 28.01
N PHE J 549 67.18 -38.14 29.08
CA PHE J 549 65.88 -37.48 29.19
C PHE J 549 66.02 -35.98 29.22
N ASN J 550 67.00 -35.46 29.96
CA ASN J 550 67.23 -34.02 30.01
C ASN J 550 67.69 -33.48 28.67
N ALA J 551 68.49 -34.25 27.92
CA ALA J 551 69.01 -33.79 26.65
C ALA J 551 68.04 -33.95 25.49
N LEU J 552 66.92 -34.66 25.68
CA LEU J 552 65.97 -34.86 24.58
C LEU J 552 65.46 -33.54 24.00
N LEU J 553 65.03 -32.62 24.85
CA LEU J 553 64.34 -31.43 24.34
C LEU J 553 65.28 -30.42 23.70
N PRO J 554 66.44 -30.05 24.28
CA PRO J 554 67.34 -29.15 23.55
C PRO J 554 67.82 -29.70 22.23
N ASP J 555 68.03 -31.01 22.14
CA ASP J 555 68.42 -31.62 20.86
C ASP J 555 67.31 -31.50 19.84
N LEU J 556 66.06 -31.61 20.27
CA LEU J 556 64.93 -31.44 19.36
C LEU J 556 64.83 -30.01 18.88
N ILE J 557 65.00 -29.04 19.79
CA ILE J 557 64.92 -27.63 19.42
C ILE J 557 66.04 -27.26 18.46
N ALA J 558 67.26 -27.69 18.75
CA ALA J 558 68.42 -27.34 17.93
C ALA J 558 68.53 -28.20 16.67
N GLY J 559 67.75 -29.27 16.55
CA GLY J 559 67.85 -30.14 15.40
C GLY J 559 69.17 -30.88 15.30
N ALA J 560 69.70 -31.33 16.44
CA ALA J 560 70.97 -32.03 16.46
C ALA J 560 70.76 -33.55 16.34
N HIS J 561 71.86 -34.26 16.15
CA HIS J 561 71.82 -35.71 16.12
C HIS J 561 71.45 -36.27 17.48
N GLN J 562 70.61 -37.29 17.49
CA GLN J 562 70.13 -37.90 18.73
C GLN J 562 70.40 -39.39 18.70
N ASN J 563 71.00 -39.90 19.77
CA ASN J 563 71.17 -41.34 19.94
C ASN J 563 69.90 -42.02 20.43
N ALA J 564 68.91 -41.26 20.87
CA ALA J 564 67.65 -41.75 21.40
C ALA J 564 66.48 -41.02 20.74
N ASP J 565 66.49 -41.00 19.40
CA ASP J 565 65.54 -40.26 18.60
C ASP J 565 64.11 -40.68 18.93
N PRO J 566 63.23 -39.75 19.28
CA PRO J 566 61.87 -40.13 19.70
C PRO J 566 61.07 -40.74 18.56
N VAL J 567 60.17 -41.64 18.93
CA VAL J 567 59.25 -42.27 17.98
C VAL J 567 58.08 -41.33 17.71
N VAL J 568 57.71 -41.19 16.45
CA VAL J 568 56.66 -40.25 16.04
C VAL J 568 55.46 -41.05 15.55
N LEU J 569 54.29 -40.76 16.11
CA LEU J 569 53.03 -41.40 15.73
C LEU J 569 52.02 -40.34 15.32
N ASP J 570 51.13 -40.70 14.40
CA ASP J 570 50.21 -39.76 13.80
C ASP J 570 48.78 -40.10 14.21
N VAL J 571 48.03 -39.07 14.64
CA VAL J 571 46.66 -39.22 15.10
C VAL J 571 45.76 -38.25 14.34
N SER J 572 44.45 -38.49 14.45
CA SER J 572 43.45 -37.66 13.78
C SER J 572 42.92 -36.59 14.74
N TRP J 573 42.03 -35.74 14.23
CA TRP J 573 41.51 -34.62 15.02
C TRP J 573 40.54 -35.10 16.10
N ILE J 574 39.59 -35.97 15.72
CA ILE J 574 38.52 -36.37 16.63
C ILE J 574 39.03 -37.31 17.73
N SER J 575 40.19 -37.93 17.52
CA SER J 575 40.78 -38.76 18.56
C SER J 575 41.15 -37.93 19.79
N LEU J 576 41.49 -36.65 19.60
CA LEU J 576 41.78 -35.80 20.74
C LEU J 576 40.55 -35.60 21.62
N TRP J 577 39.41 -35.35 20.99
CA TRP J 577 38.16 -35.23 21.74
C TRP J 577 37.81 -36.54 22.43
N PHE J 578 37.98 -37.66 21.72
CA PHE J 578 37.68 -38.95 22.33
C PHE J 578 38.60 -39.25 23.51
N ALA J 579 39.87 -38.84 23.44
CA ALA J 579 40.81 -39.07 24.53
C ALA J 579 40.58 -38.13 25.70
N PHE J 580 40.05 -36.92 25.45
CA PHE J 580 39.76 -36.01 26.55
C PHE J 580 38.62 -36.51 27.43
N ASN J 581 37.73 -37.32 26.88
CA ASN J 581 36.55 -37.81 27.60
C ASN J 581 36.72 -39.24 28.08
N ARG J 582 37.93 -39.61 28.49
CA ARG J 582 38.20 -40.94 29.02
C ARG J 582 39.20 -40.83 30.15
N SER J 583 39.30 -41.91 30.93
CA SER J 583 40.27 -42.01 31.99
C SER J 583 40.69 -43.48 32.12
N PHE J 584 41.99 -43.71 32.24
CA PHE J 584 42.52 -45.07 32.34
C PHE J 584 42.69 -45.43 33.81
N GLU J 585 41.98 -46.46 34.24
CA GLU J 585 41.99 -46.88 35.65
C GLU J 585 42.54 -48.30 35.75
N PRO J 586 43.76 -48.49 36.24
CA PRO J 586 44.31 -49.84 36.36
C PRO J 586 43.53 -50.71 37.34
N THR J 587 43.43 -51.99 37.00
CA THR J 587 42.68 -52.95 37.82
C THR J 587 43.56 -54.08 38.35
N HIS J 588 44.43 -54.64 37.53
CA HIS J 588 45.34 -55.69 37.95
C HIS J 588 46.77 -55.31 37.56
N ARG J 589 47.72 -55.81 38.34
CA ARG J 589 49.13 -55.58 38.05
C ARG J 589 49.60 -56.54 36.95
N ASN J 590 50.72 -56.19 36.33
CA ASN J 590 51.29 -57.03 35.28
C ASN J 590 51.67 -58.39 35.83
N GLU J 591 51.46 -59.43 35.02
CA GLU J 591 51.76 -60.79 35.45
C GLU J 591 53.25 -61.01 35.64
N MET J 592 54.09 -60.23 34.97
CA MET J 592 55.53 -60.43 34.96
C MET J 592 56.27 -59.48 35.88
N LEU J 593 55.56 -58.78 36.77
CA LEU J 593 56.20 -57.77 37.60
C LEU J 593 57.18 -58.40 38.60
N GLU J 594 56.80 -59.53 39.19
CA GLU J 594 57.63 -60.12 40.24
C GLU J 594 58.86 -60.82 39.69
N VAL J 595 58.84 -61.21 38.41
CA VAL J 595 59.94 -61.97 37.83
C VAL J 595 60.78 -61.14 36.86
N ALA J 596 60.51 -59.84 36.75
CA ALA J 596 61.27 -59.00 35.82
C ALA J 596 62.74 -58.88 36.17
N PRO J 597 63.16 -58.57 37.42
CA PRO J 597 64.60 -58.36 37.67
C PRO J 597 65.48 -59.56 37.33
N LEU J 598 64.98 -60.79 37.48
CA LEU J 598 65.74 -61.96 37.07
C LEU J 598 65.99 -61.96 35.57
N ILE J 599 64.96 -61.59 34.80
CA ILE J 599 65.09 -61.47 33.35
C ILE J 599 66.15 -60.43 32.99
N GLU J 600 66.09 -59.27 33.66
CA GLU J 600 67.04 -58.19 33.40
C GLU J 600 68.46 -58.64 33.70
N SER J 601 68.64 -59.36 34.82
CA SER J 601 69.96 -59.86 35.20
C SER J 601 70.51 -60.86 34.19
N VAL J 602 69.66 -61.79 33.72
CA VAL J 602 70.12 -62.77 32.74
C VAL J 602 70.55 -62.08 31.46
N TYR J 603 69.75 -61.11 30.99
CA TYR J 603 70.07 -60.39 29.77
C TYR J 603 71.39 -59.65 29.91
N ALA J 604 71.59 -58.97 31.04
CA ALA J 604 72.83 -58.22 31.25
C ALA J 604 74.04 -59.14 31.32
N SER J 605 73.92 -60.27 32.00
CA SER J 605 75.05 -61.20 32.10
C SER J 605 75.45 -61.76 30.74
N GLU J 606 74.45 -62.13 29.92
CA GLU J 606 74.76 -62.64 28.59
C GLU J 606 75.43 -61.57 27.73
N LEU J 607 74.95 -60.32 27.83
CA LEU J 607 75.57 -59.22 27.09
C LEU J 607 77.02 -59.03 27.51
N SER J 608 77.29 -59.12 28.81
CA SER J 608 78.66 -58.95 29.29
C SER J 608 79.57 -60.05 28.76
N VAL J 609 79.08 -61.29 28.75
CA VAL J 609 79.88 -62.40 28.22
C VAL J 609 80.22 -62.17 26.75
N MET J 610 79.22 -61.74 25.97
CA MET J 610 79.45 -61.45 24.56
C MET J 610 80.48 -60.35 24.36
N LYS J 611 80.39 -59.28 25.16
CA LYS J 611 81.31 -58.17 25.02
C LYS J 611 82.73 -58.59 25.37
N VAL J 612 82.89 -59.42 26.40
CA VAL J 612 84.21 -59.90 26.78
C VAL J 612 84.83 -60.72 25.66
N ASP J 613 84.03 -61.61 25.05
CA ASP J 613 84.53 -62.42 23.94
C ASP J 613 84.99 -61.54 22.77
N MET J 614 84.17 -60.55 22.41
CA MET J 614 84.54 -59.68 21.29
C MET J 614 85.77 -58.82 21.61
N ARG J 615 85.88 -58.35 22.84
CA ARG J 615 87.04 -57.55 23.23
C ARG J 615 88.31 -58.38 23.15
N HIS J 616 88.25 -59.65 23.56
CA HIS J 616 89.44 -60.49 23.44
C HIS J 616 89.77 -60.79 21.98
N LEU J 617 88.74 -60.94 21.13
CA LEU J 617 89.04 -61.20 19.72
C LEU J 617 89.55 -59.96 18.98
N SER J 618 89.29 -58.76 19.49
CA SER J 618 89.63 -57.54 18.76
C SER J 618 91.13 -57.27 18.67
N LEU J 619 91.97 -57.96 19.44
CA LEU J 619 93.41 -57.70 19.42
C LEU J 619 94.18 -58.65 18.50
N MET J 620 93.47 -59.57 17.84
CA MET J 620 94.14 -60.64 17.09
C MET J 620 94.94 -60.09 15.92
N GLN J 621 94.37 -59.12 15.20
CA GLN J 621 95.04 -58.58 14.02
C GLN J 621 96.33 -57.87 14.38
N ARG J 622 96.36 -57.15 15.51
CA ARG J 622 97.60 -56.55 15.96
C ARG J 622 98.58 -57.57 16.53
N ARG J 623 98.10 -58.71 17.03
CA ARG J 623 99.01 -59.74 17.49
C ARG J 623 99.55 -60.62 16.37
N PHE J 624 98.80 -60.80 15.28
CA PHE J 624 99.26 -61.58 14.13
C PHE J 624 98.74 -60.92 12.85
N PRO J 625 99.46 -59.92 12.33
CA PRO J 625 98.96 -59.23 11.13
C PRO J 625 98.95 -60.07 9.86
N ASP J 626 99.85 -61.06 9.75
CA ASP J 626 99.96 -61.83 8.52
C ASP J 626 98.89 -62.89 8.36
N VAL J 627 98.14 -63.21 9.42
CA VAL J 627 97.05 -64.16 9.31
C VAL J 627 95.75 -63.48 8.89
N LEU J 628 95.55 -62.23 9.29
CA LEU J 628 94.28 -61.54 9.18
C LEU J 628 94.38 -60.31 8.29
N ILE J 629 94.98 -60.47 7.11
CA ILE J 629 95.17 -59.36 6.19
C ILE J 629 93.82 -58.81 5.73
N GLN J 630 92.85 -59.69 5.48
CA GLN J 630 91.56 -59.30 4.93
C GLN J 630 90.46 -59.28 5.99
N ALA J 631 90.77 -58.81 7.19
CA ALA J 631 89.83 -58.88 8.30
C ALA J 631 89.06 -57.58 8.48
N ARG J 632 87.92 -57.68 9.14
CA ARG J 632 87.07 -56.58 9.53
C ARG J 632 86.54 -56.83 10.93
N PRO J 633 86.14 -55.78 11.66
CA PRO J 633 85.46 -56.00 12.95
C PRO J 633 84.17 -56.78 12.82
N SER J 634 83.44 -56.61 11.71
CA SER J 634 82.20 -57.36 11.51
C SER J 634 82.45 -58.86 11.46
N HIS J 635 83.66 -59.29 11.12
CA HIS J 635 83.96 -60.72 11.09
C HIS J 635 83.87 -61.32 12.49
N PHE J 636 84.58 -60.74 13.47
CA PHE J 636 84.48 -61.31 14.81
C PHE J 636 83.14 -60.99 15.45
N TRP J 637 82.48 -59.91 15.01
CA TRP J 637 81.11 -59.66 15.46
C TRP J 637 80.19 -60.82 15.08
N LYS J 638 80.18 -61.20 13.80
CA LYS J 638 79.32 -62.30 13.38
C LYS J 638 79.78 -63.63 13.97
N ALA J 639 81.09 -63.81 14.15
CA ALA J 639 81.58 -65.04 14.75
C ALA J 639 81.11 -65.18 16.20
N VAL J 640 81.03 -64.08 16.94
CA VAL J 640 80.58 -64.15 18.31
C VAL J 640 79.06 -64.33 18.39
N LEU J 641 78.31 -63.60 17.57
CA LEU J 641 76.86 -63.77 17.59
C LEU J 641 76.42 -65.13 17.04
N ASN J 642 77.28 -65.82 16.28
CA ASN J 642 76.93 -67.18 15.87
C ASN J 642 76.92 -68.16 17.04
N ASP J 643 77.59 -67.84 18.14
CA ASP J 643 77.66 -68.71 19.31
C ASP J 643 77.09 -68.04 20.54
N SER J 644 75.93 -67.42 20.41
CA SER J 644 75.24 -66.77 21.50
C SER J 644 73.81 -67.29 21.58
N PRO J 645 73.18 -67.23 22.76
CA PRO J 645 71.80 -67.70 22.88
C PRO J 645 70.85 -66.90 21.99
N GLU J 646 69.84 -67.61 21.47
CA GLU J 646 68.95 -67.03 20.48
C GLU J 646 68.06 -65.94 21.08
N ALA J 647 67.67 -66.10 22.34
CA ALA J 647 66.75 -65.14 22.96
C ALA J 647 67.40 -63.77 23.13
N VAL J 648 68.69 -63.74 23.48
CA VAL J 648 69.39 -62.46 23.64
C VAL J 648 69.48 -61.73 22.31
N LYS J 649 69.79 -62.46 21.23
CA LYS J 649 69.83 -61.85 19.91
C LYS J 649 68.45 -61.37 19.49
N ALA J 650 67.40 -62.13 19.83
CA ALA J 650 66.04 -61.70 19.52
C ALA J 650 65.68 -60.41 20.25
N VAL J 651 66.12 -60.28 21.50
CA VAL J 651 65.88 -59.05 22.25
C VAL J 651 66.64 -57.88 21.64
N MET J 652 67.90 -58.10 21.27
CA MET J 652 68.68 -57.01 20.68
C MET J 652 68.15 -56.60 19.32
N ASN J 653 67.53 -57.52 18.58
CA ASN J 653 67.12 -57.27 17.21
C ASN J 653 65.62 -57.01 17.07
N LEU J 654 65.00 -56.39 18.08
CA LEU J 654 63.56 -56.13 18.02
C LEU J 654 63.21 -55.16 16.90
N SER J 655 63.99 -54.09 16.76
CA SER J 655 63.75 -53.07 15.75
C SER J 655 64.64 -53.23 14.53
N HIS J 656 65.18 -54.43 14.31
CA HIS J 656 66.04 -54.75 13.17
C HIS J 656 67.24 -53.81 13.09
N SER J 657 67.85 -53.54 14.24
CA SER J 657 69.04 -52.69 14.27
C SER J 657 70.29 -53.41 13.76
N HIS J 658 70.26 -54.74 13.69
CA HIS J 658 71.42 -55.48 13.24
C HIS J 658 71.74 -55.24 11.77
N ASN J 659 70.78 -54.71 11.00
CA ASN J 659 70.96 -54.44 9.59
C ASN J 659 71.58 -53.08 9.31
N PHE J 660 71.76 -52.24 10.34
CA PHE J 660 72.11 -50.84 10.11
C PHE J 660 73.29 -50.33 10.93
N ILE J 661 73.89 -51.13 11.81
CA ILE J 661 75.03 -50.68 12.58
C ILE J 661 76.30 -50.84 11.76
N ASN J 662 77.22 -49.91 11.91
CA ASN J 662 78.49 -49.91 11.19
C ASN J 662 79.62 -50.30 12.14
N ILE J 663 80.82 -50.42 11.57
CA ILE J 663 81.97 -50.88 12.33
C ILE J 663 82.41 -49.88 13.38
N ARG J 664 82.11 -48.60 13.18
CA ARG J 664 82.39 -47.60 14.21
C ARG J 664 81.54 -47.86 15.45
N ASP J 665 80.26 -48.19 15.27
CA ASP J 665 79.41 -48.55 16.40
C ASP J 665 79.92 -49.79 17.11
N MET J 666 80.36 -50.79 16.33
CA MET J 666 80.90 -52.01 16.92
C MET J 666 82.12 -51.70 17.78
N MET J 667 83.04 -50.89 17.24
CA MET J 667 84.28 -50.61 17.96
C MET J 667 84.03 -49.73 19.18
N ARG J 668 83.08 -48.80 19.10
CA ARG J 668 82.80 -47.98 20.27
C ARG J 668 82.08 -48.79 21.34
N TRP J 669 81.32 -49.82 20.95
CA TRP J 669 80.73 -50.69 21.96
C TRP J 669 81.77 -51.57 22.63
N VAL J 670 82.74 -52.08 21.85
CA VAL J 670 83.73 -53.00 22.40
C VAL J 670 84.57 -52.33 23.48
N MET J 671 84.87 -51.05 23.33
CA MET J 671 85.76 -50.34 24.23
C MET J 671 85.06 -49.72 25.43
N LEU J 672 83.75 -49.90 25.57
CA LEU J 672 83.07 -49.44 26.78
C LEU J 672 83.40 -50.36 27.95
N PRO J 673 83.56 -49.82 29.16
CA PRO J 673 84.09 -50.64 30.26
C PRO J 673 83.06 -51.37 31.11
N SER J 674 81.79 -50.97 31.03
CA SER J 674 80.78 -51.49 31.96
C SER J 674 80.51 -52.98 31.71
N LEU J 675 80.40 -53.73 32.81
CA LEU J 675 80.18 -55.17 32.76
C LEU J 675 79.29 -55.59 33.92
N GLN J 676 78.69 -56.77 33.78
CA GLN J 676 77.80 -57.33 34.80
C GLN J 676 78.33 -58.67 35.28
N PRO J 677 78.75 -58.80 36.54
CA PRO J 677 79.38 -60.03 37.00
C PRO J 677 78.40 -61.20 37.08
N SER J 678 78.96 -62.40 36.93
CA SER J 678 78.23 -63.66 37.07
C SER J 678 79.25 -64.79 37.12
N LEU J 679 78.77 -65.99 37.44
CA LEU J 679 79.65 -67.15 37.46
C LEU J 679 80.13 -67.50 36.05
N LYS J 680 79.24 -67.41 35.07
CA LYS J 680 79.62 -67.70 33.69
C LYS J 680 80.68 -66.72 33.18
N LEU J 681 80.56 -65.45 33.56
CA LEU J 681 81.56 -64.46 33.18
C LEU J 681 82.92 -64.77 33.79
N ALA J 682 82.93 -65.18 35.06
CA ALA J 682 84.20 -65.52 35.72
C ALA J 682 84.85 -66.72 35.05
N LEU J 683 84.07 -67.75 34.75
CA LEU J 683 84.63 -68.92 34.09
C LEU J 683 85.14 -68.59 32.69
N GLU J 684 84.39 -67.77 31.94
CA GLU J 684 84.83 -67.37 30.60
C GLU J 684 86.12 -66.57 30.66
N GLU J 685 86.24 -65.66 31.63
CA GLU J 685 87.46 -64.87 31.74
C GLU J 685 88.65 -65.74 32.14
N GLU J 686 88.43 -66.72 33.01
CA GLU J 686 89.50 -67.66 33.34
C GLU J 686 89.93 -68.47 32.12
N ALA J 687 88.95 -68.89 31.31
CA ALA J 687 89.28 -69.62 30.08
C ALA J 687 90.08 -68.76 29.13
N TRP J 688 89.73 -67.48 29.00
CA TRP J 688 90.51 -66.59 28.14
C TRP J 688 91.92 -66.39 28.67
N ALA J 689 92.05 -66.27 30.00
CA ALA J 689 93.37 -66.14 30.60
C ALA J 689 94.23 -67.37 30.31
N ALA J 690 93.63 -68.55 30.36
CA ALA J 690 94.35 -69.75 29.96
C ALA J 690 94.70 -69.74 28.48
N ALA J 691 93.80 -69.21 27.65
CA ALA J 691 93.97 -69.21 26.20
C ALA J 691 94.91 -68.12 25.70
N ASN J 692 95.37 -67.22 26.57
CA ASN J 692 96.31 -66.18 26.14
C ASN J 692 97.60 -66.78 25.61
N ASP J 693 97.98 -67.96 26.07
CA ASP J 693 99.13 -68.69 25.53
C ASP J 693 98.63 -69.54 24.37
N PHE J 694 99.11 -69.25 23.16
CA PHE J 694 98.58 -69.90 21.97
C PHE J 694 99.12 -71.31 21.77
N GLU J 695 100.15 -71.70 22.53
CA GLU J 695 100.59 -73.09 22.49
C GLU J 695 99.59 -74.01 23.17
N ASP J 696 98.69 -73.46 23.99
CA ASP J 696 97.62 -74.25 24.60
C ASP J 696 96.44 -74.44 23.67
N LEU J 697 96.41 -73.77 22.52
CA LEU J 697 95.40 -73.98 21.50
C LEU J 697 95.90 -74.86 20.37
N MET J 698 97.09 -75.44 20.51
CA MET J 698 97.74 -76.24 19.47
C MET J 698 97.90 -75.45 18.17
N LEU J 699 98.35 -74.21 18.32
CA LEU J 699 98.70 -73.36 17.19
C LEU J 699 100.10 -72.80 17.42
N THR J 700 100.90 -72.75 16.35
CA THR J 700 102.29 -72.36 16.50
C THR J 700 102.81 -71.82 15.18
N ASP J 701 103.95 -71.13 15.25
CA ASP J 701 104.65 -70.65 14.07
C ASP J 701 106.13 -70.99 14.11
N GLN J 702 106.53 -71.93 14.97
CA GLN J 702 107.93 -72.38 15.05
C GLN J 702 108.12 -73.63 14.19
N VAL J 703 107.89 -73.44 12.88
CA VAL J 703 107.98 -74.52 11.91
C VAL J 703 109.27 -74.33 11.12
N TYR J 704 110.11 -75.35 11.12
CA TYR J 704 111.42 -75.31 10.50
C TYR J 704 111.52 -76.35 9.39
N MET J 705 112.46 -76.11 8.46
CA MET J 705 112.90 -77.11 7.51
C MET J 705 114.37 -77.43 7.72
N HIS J 706 114.71 -78.71 7.65
CA HIS J 706 116.08 -79.19 7.66
C HIS J 706 116.09 -80.57 7.05
N ARG J 707 117.15 -80.90 6.32
CA ARG J 707 117.25 -82.18 5.64
C ARG J 707 117.83 -83.22 6.61
N ASP J 708 117.01 -84.20 6.96
CA ASP J 708 117.42 -85.33 7.78
C ASP J 708 116.97 -86.62 7.10
N MET J 709 117.65 -87.70 7.45
CA MET J 709 117.33 -89.02 6.92
C MET J 709 116.90 -89.93 8.07
N LEU J 710 115.99 -90.84 7.77
CA LEU J 710 115.48 -91.75 8.78
C LEU J 710 116.60 -92.66 9.27
N PRO J 711 116.72 -92.87 10.57
CA PRO J 711 117.82 -93.71 11.10
C PRO J 711 117.67 -95.17 10.68
N GLU J 712 118.81 -95.83 10.54
CA GLU J 712 118.88 -97.24 10.16
C GLU J 712 119.80 -97.95 11.15
N PRO J 713 119.28 -98.37 12.29
CA PRO J 713 120.13 -98.98 13.32
C PRO J 713 120.54 -100.40 12.96
N ARG J 714 121.57 -100.86 13.64
CA ARG J 714 122.08 -102.21 13.44
C ARG J 714 121.44 -103.15 14.46
N LEU J 715 120.90 -104.26 13.97
CA LEU J 715 120.23 -105.24 14.84
C LEU J 715 121.22 -106.34 15.24
N ASP J 716 122.32 -105.91 15.85
CA ASP J 716 123.34 -106.86 16.31
C ASP J 716 122.78 -107.78 17.39
N ASP J 717 121.99 -107.23 18.32
CA ASP J 717 121.36 -108.00 19.38
C ASP J 717 119.90 -107.59 19.43
N ILE J 718 119.00 -108.56 19.23
CA ILE J 718 117.58 -108.24 19.11
C ILE J 718 117.01 -107.81 20.46
N GLU J 719 117.32 -108.54 21.52
CA GLU J 719 116.73 -108.26 22.83
C GLU J 719 117.27 -106.96 23.42
N ARG J 720 118.58 -106.74 23.28
CA ARG J 720 119.17 -105.50 23.80
C ARG J 720 118.63 -104.28 23.06
N PHE J 721 118.42 -104.41 21.74
CA PHE J 721 117.79 -103.33 21.00
C PHE J 721 116.34 -103.12 21.42
N ARG J 722 115.62 -104.22 21.67
CA ARG J 722 114.23 -104.13 22.09
C ARG J 722 114.10 -103.40 23.42
N GLN J 723 115.03 -103.66 24.35
CA GLN J 723 114.98 -103.00 25.66
C GLN J 723 115.17 -101.49 25.57
N GLU J 724 115.75 -101.00 24.47
CA GLU J 724 116.02 -99.57 24.36
C GLU J 724 114.74 -98.75 24.27
N GLY J 725 113.73 -99.26 23.58
CA GLY J 725 112.57 -98.45 23.27
C GLY J 725 112.83 -97.42 22.19
N PHE J 726 113.55 -97.80 21.14
CA PHE J 726 113.94 -96.85 20.09
C PHE J 726 112.72 -96.32 19.36
N TYR J 727 112.77 -95.03 19.05
CA TYR J 727 111.72 -94.38 18.27
C TYR J 727 112.31 -93.14 17.61
N TYR J 728 111.56 -92.61 16.64
CA TYR J 728 111.98 -91.42 15.92
C TYR J 728 110.81 -90.44 15.85
N THR J 729 111.13 -89.15 15.89
CA THR J 729 110.10 -88.11 15.86
C THR J 729 110.69 -86.86 15.24
N ASN J 730 109.79 -86.00 14.74
CA ASN J 730 110.17 -84.69 14.23
C ASN J 730 109.95 -83.58 15.25
N MET J 731 109.51 -83.91 16.47
CA MET J 731 109.51 -82.95 17.56
C MET J 731 110.93 -82.53 17.91
N LEU J 732 111.12 -81.24 18.14
CA LEU J 732 112.41 -80.71 18.51
C LEU J 732 112.50 -80.47 20.01
N GLU J 733 113.63 -80.86 20.60
CA GLU J 733 113.86 -80.62 22.01
C GLU J 733 114.23 -79.18 22.31
N ALA J 734 114.97 -78.53 21.40
CA ALA J 734 115.34 -77.13 21.54
C ALA J 734 115.32 -76.50 20.16
N PRO J 735 115.08 -75.20 20.07
CA PRO J 735 115.14 -74.52 18.78
C PRO J 735 116.54 -74.53 18.22
N PRO J 736 116.74 -74.50 16.87
CA PRO J 736 118.08 -74.59 16.29
C PRO J 736 118.89 -73.31 16.57
N GLU J 737 120.21 -73.34 16.38
CA GLU J 737 121.05 -72.17 16.72
C GLU J 737 120.78 -71.01 15.76
N ILE J 738 120.80 -69.77 16.25
CA ILE J 738 120.45 -68.60 15.40
C ILE J 738 121.49 -68.39 14.29
N ASP J 739 122.69 -68.95 14.43
CA ASP J 739 123.77 -68.70 13.44
C ASP J 739 123.63 -69.63 12.24
N ARG J 740 122.55 -70.41 12.19
CA ARG J 740 122.36 -71.39 11.13
C ARG J 740 120.90 -71.44 10.67
N VAL J 741 120.14 -70.38 10.93
CA VAL J 741 118.73 -70.30 10.58
C VAL J 741 118.53 -69.09 9.68
N VAL J 742 117.82 -69.30 8.58
CA VAL J 742 117.48 -68.23 7.64
C VAL J 742 115.99 -67.94 7.80
N GLN J 743 115.67 -66.69 8.12
CA GLN J 743 114.30 -66.30 8.45
C GLN J 743 113.56 -65.85 7.20
N TYR J 744 112.38 -66.42 6.97
CA TYR J 744 111.51 -66.02 5.88
C TYR J 744 110.21 -65.44 6.43
N THR J 745 109.63 -64.51 5.67
CA THR J 745 108.32 -63.96 5.97
C THR J 745 107.39 -64.26 4.80
N TYR J 746 106.11 -63.98 5.01
CA TYR J 746 105.09 -64.29 4.01
C TYR J 746 105.31 -63.46 2.74
N GLU J 747 105.59 -62.17 2.90
CA GLU J 747 105.71 -61.28 1.75
C GLU J 747 106.94 -61.62 0.91
N ILE J 748 108.08 -61.83 1.56
CA ILE J 748 109.32 -62.16 0.83
C ILE J 748 109.15 -63.49 0.08
N ALA J 749 108.58 -64.49 0.75
CA ALA J 749 108.38 -65.78 0.12
C ALA J 749 107.43 -65.69 -1.06
N ARG J 750 106.34 -64.93 -0.93
CA ARG J 750 105.41 -64.84 -2.04
C ARG J 750 105.99 -64.03 -3.20
N LEU J 751 106.81 -63.02 -2.92
CA LEU J 751 107.47 -62.29 -4.00
C LEU J 751 108.45 -63.17 -4.75
N GLN J 752 109.27 -63.93 -4.02
CA GLN J 752 110.20 -64.84 -4.67
C GLN J 752 109.47 -65.95 -5.41
N ALA J 753 108.26 -66.30 -4.96
CA ALA J 753 107.47 -67.31 -5.67
C ALA J 753 106.90 -66.76 -6.96
N ASN J 754 106.40 -65.52 -6.95
CA ASN J 754 105.91 -64.92 -8.19
C ASN J 754 107.04 -64.71 -9.19
N MET J 755 108.23 -64.33 -8.72
CA MET J 755 109.33 -64.16 -9.65
C MET J 755 109.96 -65.49 -10.07
N GLY J 756 109.44 -66.62 -9.60
CA GLY J 756 109.89 -67.93 -10.03
C GLY J 756 111.30 -68.30 -9.63
N GLN J 757 111.71 -67.96 -8.42
CA GLN J 757 113.06 -68.28 -7.96
C GLN J 757 113.11 -68.69 -6.49
N PHE J 758 111.98 -69.11 -5.91
CA PHE J 758 111.92 -69.52 -4.50
C PHE J 758 112.54 -70.91 -4.30
N ARG J 759 112.26 -71.84 -5.20
CA ARG J 759 112.73 -73.21 -5.06
C ARG J 759 114.25 -73.29 -5.15
N ALA J 760 114.86 -72.48 -6.02
CA ALA J 760 116.32 -72.47 -6.11
C ALA J 760 116.95 -71.98 -4.81
N ALA J 761 116.36 -70.95 -4.20
CA ALA J 761 116.85 -70.45 -2.93
C ALA J 761 116.75 -71.53 -1.84
N LEU J 762 115.61 -72.21 -1.78
CA LEU J 762 115.46 -73.28 -0.79
C LEU J 762 116.46 -74.40 -1.02
N ARG J 763 116.68 -74.78 -2.28
CA ARG J 763 117.63 -75.84 -2.59
C ARG J 763 119.04 -75.45 -2.18
N ARG J 764 119.44 -74.21 -2.50
CA ARG J 764 120.76 -73.73 -2.13
C ARG J 764 120.94 -73.74 -0.61
N ILE J 765 119.92 -73.32 0.13
CA ILE J 765 120.02 -73.35 1.59
C ILE J 765 120.13 -74.78 2.10
N MET J 766 119.38 -75.71 1.51
CA MET J 766 119.39 -77.07 1.99
C MET J 766 120.71 -77.78 1.75
N ASP J 767 121.39 -77.46 0.64
CA ASP J 767 122.69 -78.09 0.43
C ASP J 767 123.77 -77.56 1.37
N ASP J 768 123.49 -76.50 2.13
CA ASP J 768 124.44 -75.95 3.10
C ASP J 768 124.17 -76.42 4.52
N ASP J 769 123.24 -77.35 4.72
CA ASP J 769 122.88 -77.87 6.04
C ASP J 769 122.40 -76.78 6.99
N ASP J 770 121.63 -75.81 6.49
CA ASP J 770 121.09 -74.75 7.32
C ASP J 770 119.58 -74.92 7.47
N TRP J 771 119.01 -74.09 8.33
CA TRP J 771 117.59 -74.15 8.67
C TRP J 771 116.84 -72.95 8.08
N VAL J 772 115.55 -73.16 7.86
CA VAL J 772 114.64 -72.10 7.39
C VAL J 772 113.41 -72.10 8.29
N ARG J 773 113.04 -70.91 8.76
CA ARG J 773 111.86 -70.75 9.61
C ARG J 773 110.78 -70.00 8.85
N PHE J 774 109.59 -70.59 8.79
CA PHE J 774 108.43 -69.94 8.18
C PHE J 774 107.54 -69.33 9.27
N GLY J 775 108.09 -68.33 9.95
CA GLY J 775 107.36 -67.65 11.00
C GLY J 775 106.41 -66.58 10.48
N GLY J 776 105.55 -66.11 11.37
CA GLY J 776 104.65 -65.02 11.09
C GLY J 776 103.18 -65.39 11.06
N VAL J 777 102.85 -66.64 10.73
CA VAL J 777 101.46 -67.08 10.63
C VAL J 777 101.24 -68.27 11.54
N LEU J 778 100.07 -68.31 12.18
CA LEU J 778 99.72 -69.44 13.02
C LEU J 778 99.31 -70.63 12.16
N ARG J 779 99.56 -71.83 12.69
CA ARG J 779 99.40 -73.06 11.92
C ARG J 779 98.71 -74.12 12.77
N THR J 780 97.88 -74.93 12.12
CA THR J 780 97.21 -76.03 12.80
C THR J 780 98.13 -77.24 12.87
N VAL J 781 98.17 -77.89 14.03
CA VAL J 781 99.11 -78.98 14.30
C VAL J 781 98.32 -80.22 14.71
N ARG J 782 98.64 -81.35 14.09
CA ARG J 782 98.08 -82.65 14.44
C ARG J 782 99.20 -83.57 14.91
N VAL J 783 98.80 -84.60 15.68
CA VAL J 783 99.73 -85.58 16.23
C VAL J 783 99.30 -86.98 15.80
N LYS J 784 100.25 -87.77 15.31
CA LYS J 784 99.99 -89.14 14.88
C LYS J 784 101.06 -90.07 15.43
N PHE J 785 100.70 -91.34 15.58
CA PHE J 785 101.60 -92.39 16.03
C PHE J 785 101.62 -93.51 14.99
N TYR J 786 102.79 -94.10 14.79
CA TYR J 786 102.96 -95.14 13.78
C TYR J 786 103.82 -96.27 14.32
N ASP J 787 103.37 -97.50 14.10
CA ASP J 787 104.17 -98.70 14.37
C ASP J 787 104.86 -99.23 13.13
N ALA J 788 104.75 -98.53 12.00
CA ALA J 788 105.37 -98.95 10.76
C ALA J 788 105.69 -97.72 9.92
N ARG J 789 106.34 -97.96 8.79
CA ARG J 789 106.81 -96.91 7.90
C ARG J 789 105.64 -96.10 7.36
N PRO J 790 105.58 -94.79 7.62
CA PRO J 790 104.40 -94.00 7.26
C PRO J 790 104.39 -93.67 5.78
N PRO J 791 103.27 -93.20 5.25
CA PRO J 791 103.22 -92.84 3.82
C PRO J 791 104.08 -91.62 3.52
N ASP J 792 104.33 -91.43 2.22
CA ASP J 792 105.16 -90.33 1.77
C ASP J 792 104.47 -88.97 1.92
N ASP J 793 103.18 -88.96 2.23
CA ASP J 793 102.47 -87.70 2.43
C ASP J 793 103.02 -86.94 3.63
N VAL J 794 103.34 -87.64 4.71
CA VAL J 794 103.74 -87.02 5.97
C VAL J 794 105.25 -86.83 6.06
N LEU J 795 106.04 -87.81 5.58
CA LEU J 795 107.49 -87.66 5.65
C LEU J 795 107.99 -86.61 4.68
N GLN J 796 107.30 -86.40 3.56
CA GLN J 796 107.66 -85.39 2.58
C GLN J 796 106.68 -84.21 2.58
N GLY J 797 106.00 -83.98 3.69
CA GLY J 797 105.06 -82.87 3.78
C GLY J 797 105.74 -81.52 3.91
N LEU J 798 105.64 -80.70 2.86
CA LEU J 798 106.25 -79.38 2.91
C LEU J 798 105.37 -78.40 3.68
N PRO J 799 105.97 -77.40 4.32
CA PRO J 799 105.19 -76.37 5.01
C PRO J 799 104.42 -75.43 4.10
N PHE J 800 104.56 -75.53 2.78
CA PHE J 800 103.78 -74.71 1.87
C PHE J 800 103.18 -75.61 0.80
N SER J 801 102.40 -75.00 -0.09
CA SER J 801 101.84 -75.70 -1.22
C SER J 801 101.70 -74.73 -2.38
N TYR J 802 101.60 -75.28 -3.59
CA TYR J 802 101.46 -74.49 -4.81
C TYR J 802 100.01 -74.48 -5.25
N ASP J 803 99.46 -73.28 -5.42
CA ASP J 803 98.07 -73.11 -5.81
C ASP J 803 97.91 -73.28 -7.32
N THR J 814 102.25 -68.52 -7.42
CA THR J 814 101.34 -68.42 -6.29
C THR J 814 101.51 -69.61 -5.35
N ILE J 815 101.61 -69.32 -4.05
CA ILE J 815 101.80 -70.34 -3.03
C ILE J 815 100.81 -70.10 -1.90
N LYS J 816 100.59 -71.15 -1.11
CA LYS J 816 99.89 -71.05 0.16
C LYS J 816 100.91 -71.17 1.28
N TYR J 817 101.00 -70.14 2.12
CA TYR J 817 102.05 -70.10 3.13
C TYR J 817 101.78 -71.07 4.27
N ALA J 818 100.53 -71.17 4.72
CA ALA J 818 100.17 -72.05 5.81
C ALA J 818 99.56 -73.34 5.30
N THR J 819 99.85 -74.42 6.02
CA THR J 819 99.33 -75.75 5.73
C THR J 819 99.50 -76.58 7.00
N GLU J 820 98.47 -77.34 7.40
CA GLU J 820 98.55 -78.08 8.65
C GLU J 820 99.71 -79.06 8.63
N THR J 821 100.48 -79.07 9.71
CA THR J 821 101.64 -79.92 9.84
C THR J 821 101.35 -81.04 10.82
N THR J 822 101.96 -82.20 10.58
CA THR J 822 101.75 -83.38 11.40
C THR J 822 103.02 -83.70 12.16
N ILE J 823 102.90 -83.76 13.48
CA ILE J 823 103.98 -84.25 14.33
C ILE J 823 103.77 -85.75 14.53
N PHE J 824 104.73 -86.53 14.06
CA PHE J 824 104.59 -87.99 14.04
C PHE J 824 105.64 -88.62 14.94
N TYR J 825 105.25 -89.71 15.60
CA TYR J 825 106.16 -90.53 16.37
C TYR J 825 106.19 -91.92 15.76
N LEU J 826 107.38 -92.39 15.41
CA LEU J 826 107.56 -93.66 14.72
C LEU J 826 108.27 -94.64 15.63
N ILE J 827 107.59 -95.75 15.95
CA ILE J 827 108.09 -96.76 16.87
C ILE J 827 108.64 -97.92 16.05
N TYR J 828 109.86 -98.35 16.38
CA TYR J 828 110.55 -99.38 15.62
C TYR J 828 110.31 -100.74 16.27
N ASN J 829 109.78 -101.68 15.48
CA ASN J 829 109.49 -103.03 15.93
C ASN J 829 110.32 -104.02 15.13
N VAL J 830 111.01 -104.91 15.83
CA VAL J 830 111.86 -105.91 15.20
C VAL J 830 111.50 -107.28 15.73
N GLU J 831 111.77 -108.31 14.92
CA GLU J 831 111.47 -109.70 15.26
C GLU J 831 112.78 -110.49 15.35
N PHE J 832 112.66 -111.71 15.87
CA PHE J 832 113.83 -112.56 16.04
C PHE J 832 114.41 -113.04 14.72
N SER J 833 113.62 -113.03 13.65
CA SER J 833 114.08 -113.46 12.34
C SER J 833 114.68 -112.33 11.52
N ASN J 834 115.22 -111.30 12.17
CA ASN J 834 115.75 -110.15 11.46
C ASN J 834 117.26 -110.28 11.29
N THR J 835 117.71 -110.17 10.05
CA THR J 835 119.12 -110.16 9.73
C THR J 835 119.77 -108.89 10.29
N PRO J 836 121.00 -108.98 10.80
CA PRO J 836 121.62 -107.82 11.48
C PRO J 836 121.70 -106.55 10.65
N ASP J 837 121.62 -106.62 9.32
CA ASP J 837 121.61 -105.41 8.49
C ASP J 837 120.41 -105.38 7.57
N SER J 838 119.24 -105.80 8.06
CA SER J 838 118.06 -105.90 7.22
C SER J 838 117.45 -104.54 6.88
N LEU J 839 117.61 -103.54 7.74
CA LEU J 839 116.97 -102.25 7.51
C LEU J 839 117.83 -101.29 6.70
N VAL J 840 119.07 -101.65 6.39
CA VAL J 840 119.96 -100.77 5.63
C VAL J 840 119.56 -100.78 4.16
N LEU J 841 119.32 -99.58 3.62
CA LEU J 841 118.99 -99.41 2.22
C LEU J 841 120.18 -98.79 1.48
N ILE J 842 120.11 -98.82 0.15
CA ILE J 842 121.21 -98.30 -0.65
C ILE J 842 121.16 -96.78 -0.73
N ASN J 843 119.97 -96.18 -0.55
CA ASN J 843 119.81 -94.74 -0.60
C ASN J 843 118.97 -94.28 0.59
N PRO J 844 119.22 -93.08 1.10
CA PRO J 844 118.49 -92.60 2.27
C PRO J 844 117.06 -92.19 1.95
N THR J 845 116.24 -92.13 3.00
CA THR J 845 114.89 -91.59 2.95
C THR J 845 114.88 -90.27 3.72
N TYR J 846 114.51 -89.20 3.04
CA TYR J 846 114.62 -87.87 3.62
C TYR J 846 113.31 -87.41 4.26
N THR J 847 113.45 -86.61 5.31
CA THR J 847 112.34 -85.91 5.94
C THR J 847 112.77 -84.46 6.14
N MET J 848 111.80 -83.54 6.09
CA MET J 848 112.12 -82.12 5.98
C MET J 848 111.57 -81.24 7.09
N THR J 849 110.38 -81.50 7.61
CA THR J 849 109.69 -80.55 8.47
C THR J 849 109.86 -80.89 9.95
N LYS J 850 110.19 -79.88 10.75
CA LYS J 850 110.35 -80.01 12.20
C LYS J 850 109.58 -78.91 12.90
N VAL J 851 109.11 -79.22 14.12
CA VAL J 851 108.27 -78.31 14.90
C VAL J 851 108.79 -78.25 16.33
N PHE J 852 108.77 -77.05 16.91
CA PHE J 852 109.08 -76.84 18.32
C PHE J 852 107.82 -76.35 19.02
N ILE J 853 107.47 -76.99 20.14
CA ILE J 853 106.18 -76.76 20.79
C ILE J 853 106.37 -76.18 22.19
N ASN J 854 107.48 -76.55 22.85
CA ASN J 854 107.76 -76.16 24.23
C ASN J 854 106.71 -76.67 25.21
N LYS J 855 106.16 -77.85 24.93
CA LYS J 855 105.32 -78.57 25.88
C LYS J 855 105.71 -80.04 25.82
N ARG J 856 105.44 -80.75 26.91
CA ARG J 856 105.74 -82.18 26.99
C ARG J 856 104.47 -82.99 26.67
N ILE J 857 104.14 -83.00 25.38
CA ILE J 857 103.00 -83.78 24.92
C ILE J 857 103.29 -85.27 24.99
N VAL J 858 104.47 -85.67 24.52
CA VAL J 858 104.91 -87.06 24.56
C VAL J 858 106.28 -87.10 25.21
N GLU J 859 106.48 -88.10 26.07
CA GLU J 859 107.74 -88.23 26.81
C GLU J 859 107.99 -89.70 27.09
N ARG J 860 109.24 -90.12 26.92
CA ARG J 860 109.65 -91.49 27.24
C ARG J 860 110.16 -91.53 28.67
N VAL J 861 109.47 -92.28 29.52
CA VAL J 861 109.79 -92.35 30.94
C VAL J 861 110.01 -93.80 31.32
N ARG J 862 110.78 -94.01 32.39
CA ARG J 862 110.96 -95.34 32.93
C ARG J 862 109.73 -95.74 33.74
N VAL J 863 109.61 -97.04 34.00
CA VAL J 863 108.47 -97.55 34.74
C VAL J 863 108.49 -97.16 36.21
N GLY J 864 109.61 -96.64 36.70
CA GLY J 864 109.67 -96.09 38.04
C GLY J 864 109.12 -94.69 38.18
N GLN J 865 108.80 -94.04 37.06
CA GLN J 865 108.26 -92.68 37.05
C GLN J 865 106.83 -92.64 36.51
N ILE J 866 106.12 -93.76 36.58
CA ILE J 866 104.76 -93.82 36.03
C ILE J 866 103.83 -92.90 36.81
N LEU J 867 103.89 -92.95 38.14
CA LEU J 867 102.97 -92.22 38.99
C LEU J 867 103.51 -90.88 39.45
N ALA J 868 104.42 -90.29 38.67
CA ALA J 868 104.97 -88.98 39.00
C ALA J 868 104.09 -87.83 38.56
N VAL J 869 102.93 -88.11 37.95
CA VAL J 869 102.03 -87.05 37.52
C VAL J 869 101.00 -86.66 38.59
N LEU J 870 100.98 -87.35 39.73
CA LEU J 870 100.03 -87.08 40.80
C LEU J 870 100.51 -85.87 41.59
N ASN J 871 100.08 -84.67 41.17
CA ASN J 871 100.51 -83.45 41.85
C ASN J 871 99.40 -82.41 41.98
N ARG J 872 98.14 -82.81 41.85
CA ARG J 872 97.02 -81.88 41.96
C ARG J 872 96.13 -82.25 43.14
N ARG J 873 95.77 -81.25 43.95
CA ARG J 873 94.94 -81.46 45.12
C ARG J 873 93.47 -81.31 44.74
N PHE J 874 92.67 -82.34 45.03
CA PHE J 874 91.24 -82.35 44.75
C PHE J 874 90.46 -82.37 46.05
N VAL J 875 89.37 -81.62 46.10
CA VAL J 875 88.47 -81.58 47.25
C VAL J 875 87.10 -82.04 46.78
N ALA J 876 86.61 -83.13 47.37
CA ALA J 876 85.36 -83.74 46.96
C ALA J 876 84.39 -83.80 48.14
N TYR J 877 83.11 -83.61 47.84
CA TYR J 877 82.07 -83.66 48.85
C TYR J 877 81.64 -85.10 49.09
N LYS J 878 81.27 -85.39 50.33
CA LYS J 878 80.85 -86.74 50.68
C LYS J 878 79.40 -86.98 50.28
N GLY J 879 79.01 -88.26 50.27
CA GLY J 879 77.70 -88.65 49.78
C GLY J 879 76.54 -88.08 50.58
N LYS J 880 76.77 -87.73 51.84
CA LYS J 880 75.72 -87.14 52.65
C LYS J 880 75.37 -85.72 52.23
N MET J 881 76.24 -85.05 51.49
CA MET J 881 76.03 -83.66 51.11
C MET J 881 75.03 -83.54 49.97
N ARG J 882 74.31 -82.42 49.95
CA ARG J 882 73.39 -82.08 48.88
C ARG J 882 73.80 -80.77 48.26
N ILE J 883 73.69 -80.69 46.93
CA ILE J 883 74.00 -79.47 46.18
C ILE J 883 72.71 -78.99 45.54
N MET J 884 72.32 -77.76 45.86
CA MET J 884 71.09 -77.17 45.36
C MET J 884 71.39 -75.83 44.71
N ASP J 885 70.60 -75.49 43.70
CA ASP J 885 70.69 -74.20 43.02
C ASP J 885 69.52 -73.33 43.47
N ILE J 886 69.84 -72.14 43.97
CA ILE J 886 68.85 -71.26 44.57
C ILE J 886 68.63 -70.00 43.74
N THR J 887 69.02 -70.02 42.47
CA THR J 887 68.89 -68.82 41.64
C THR J 887 67.43 -68.49 41.34
N GLN J 888 66.56 -69.50 41.27
CA GLN J 888 65.15 -69.27 41.00
C GLN J 888 64.46 -68.53 42.15
N SER J 889 65.04 -68.54 43.35
CA SER J 889 64.41 -67.94 44.51
C SER J 889 64.38 -66.42 44.46
N LEU J 890 65.06 -65.79 43.50
CA LEU J 890 65.13 -64.33 43.41
C LEU J 890 63.83 -63.82 42.79
N LYS J 891 62.82 -63.68 43.64
CA LYS J 891 61.54 -63.10 43.25
C LYS J 891 61.20 -61.96 44.21
N MET J 892 60.33 -61.06 43.72
CA MET J 892 60.13 -59.79 44.40
C MET J 892 59.42 -59.92 45.74
N GLY J 893 58.38 -60.75 45.82
CA GLY J 893 57.50 -60.74 46.98
C GLY J 893 57.85 -61.67 48.12
N THR J 894 59.04 -61.53 48.69
CA THR J 894 59.42 -62.26 49.90
C THR J 894 60.05 -61.31 50.89
N LYS J 895 60.04 -61.72 52.15
CA LYS J 895 60.40 -60.84 53.26
C LYS J 895 61.44 -61.53 54.14
N LEU J 896 62.37 -60.74 54.67
CA LEU J 896 63.40 -61.27 55.56
C LEU J 896 62.97 -61.14 57.02
N ALA J 897 63.36 -62.13 57.83
CA ALA J 897 63.11 -62.05 59.26
C ALA J 897 63.91 -60.91 59.89
N ALA J 898 65.18 -60.80 59.53
CA ALA J 898 66.05 -59.70 59.98
C ALA J 898 66.46 -58.89 58.77
N PRO J 899 65.88 -57.71 58.56
CA PRO J 899 66.20 -56.93 57.35
C PRO J 899 67.63 -56.44 57.33
N THR J 900 68.19 -56.35 56.11
CA THR J 900 69.55 -55.87 55.94
C THR J 900 69.58 -54.35 55.82
N VAL J 901 70.56 -53.76 56.49
CA VAL J 901 70.74 -52.31 56.45
C VAL J 901 72.14 -51.97 55.95
N VAL K 2 8.24 -56.82 -10.93
CA VAL K 2 8.53 -55.96 -9.79
C VAL K 2 7.45 -54.87 -9.68
N ALA K 3 6.85 -54.53 -10.82
CA ALA K 3 5.76 -53.57 -10.83
C ALA K 3 4.47 -54.23 -10.34
N ILE K 4 3.74 -53.54 -9.47
CA ILE K 4 2.49 -54.09 -8.94
C ILE K 4 1.44 -54.20 -10.03
N THR K 5 1.47 -53.29 -11.01
CA THR K 5 0.42 -53.25 -12.02
C THR K 5 0.39 -54.52 -12.86
N VAL K 6 1.55 -54.93 -13.40
CA VAL K 6 1.58 -56.06 -14.31
C VAL K 6 1.31 -57.38 -13.59
N GLN K 7 1.89 -57.55 -12.39
CA GLN K 7 1.65 -58.78 -11.63
C GLN K 7 0.19 -58.88 -11.20
N GLY K 8 -0.39 -57.77 -10.73
CA GLY K 8 -1.80 -57.78 -10.36
C GLY K 8 -2.69 -58.07 -11.56
N ALA K 9 -2.37 -57.47 -12.71
CA ALA K 9 -3.16 -57.72 -13.91
C ALA K 9 -3.10 -59.19 -14.32
N GLN K 10 -1.91 -59.78 -14.29
CA GLN K 10 -1.79 -61.20 -14.62
C GLN K 10 -2.57 -62.07 -13.65
N LEU K 11 -2.48 -61.75 -12.35
CA LEU K 11 -3.18 -62.55 -11.35
C LEU K 11 -4.70 -62.48 -11.54
N ILE K 12 -5.23 -61.27 -11.73
CA ILE K 12 -6.67 -61.15 -11.91
C ILE K 12 -7.12 -61.76 -13.23
N LYS K 13 -6.27 -61.71 -14.26
CA LYS K 13 -6.59 -62.38 -15.52
C LYS K 13 -6.71 -63.88 -15.31
N ARG K 14 -5.78 -64.46 -14.54
CA ARG K 14 -5.86 -65.89 -14.24
C ARG K 14 -7.12 -66.21 -13.43
N VAL K 15 -7.47 -65.34 -12.49
CA VAL K 15 -8.68 -65.56 -11.68
C VAL K 15 -9.91 -65.55 -12.57
N VAL K 16 -9.98 -64.58 -13.49
CA VAL K 16 -11.12 -64.49 -14.41
C VAL K 16 -11.19 -65.71 -15.31
N GLU K 17 -10.03 -66.15 -15.82
CA GLU K 17 -10.01 -67.33 -16.69
C GLU K 17 -10.42 -68.59 -15.93
N ARG K 18 -10.11 -68.66 -14.64
CA ARG K 18 -10.56 -69.79 -13.84
C ARG K 18 -12.06 -69.75 -13.60
N PHE K 19 -12.59 -68.57 -13.28
CA PHE K 19 -14.01 -68.44 -12.97
C PHE K 19 -14.88 -68.75 -14.19
N TYR K 20 -14.51 -68.22 -15.35
CA TYR K 20 -15.21 -68.48 -16.60
C TYR K 20 -14.26 -69.22 -17.54
N PRO K 21 -14.38 -70.54 -17.64
CA PRO K 21 -13.48 -71.28 -18.54
C PRO K 21 -13.74 -70.95 -20.01
N GLY K 22 -12.66 -70.85 -20.78
CA GLY K 22 -12.75 -70.55 -22.19
C GLY K 22 -12.88 -69.08 -22.53
N ILE K 23 -12.95 -68.19 -21.53
CA ILE K 23 -13.11 -66.77 -21.81
C ILE K 23 -11.81 -66.22 -22.39
N ALA K 24 -11.94 -65.14 -23.16
CA ALA K 24 -10.81 -64.38 -23.68
C ALA K 24 -10.80 -63.02 -22.99
N PHE K 25 -10.00 -62.90 -21.93
CA PHE K 25 -9.91 -61.67 -21.14
C PHE K 25 -8.51 -61.09 -21.37
N ASN K 26 -8.42 -60.05 -22.18
CA ASN K 26 -7.15 -59.41 -22.50
C ASN K 26 -6.93 -58.19 -21.61
N ILE K 27 -5.66 -57.99 -21.21
CA ILE K 27 -5.33 -56.87 -20.35
C ILE K 27 -5.09 -55.58 -21.12
N ASN K 28 -5.28 -55.58 -22.44
CA ASN K 28 -5.11 -54.40 -23.25
C ASN K 28 -6.44 -53.77 -23.68
N GLU K 29 -7.56 -54.21 -23.12
CA GLU K 29 -8.87 -53.66 -23.43
C GLU K 29 -9.58 -53.26 -22.15
N GLY K 30 -10.48 -52.28 -22.28
CA GLY K 30 -11.16 -51.74 -21.10
C GLY K 30 -12.11 -52.73 -20.45
N ALA K 31 -12.83 -53.50 -21.25
CA ALA K 31 -13.82 -54.43 -20.71
C ALA K 31 -14.02 -55.57 -21.68
N CYS K 32 -14.65 -56.63 -21.19
CA CYS K 32 -14.99 -57.81 -21.98
C CYS K 32 -16.45 -58.16 -21.72
N TYR K 33 -17.18 -58.43 -22.81
CA TYR K 33 -18.62 -58.68 -22.74
C TYR K 33 -18.89 -60.15 -23.06
N ILE K 34 -19.61 -60.82 -22.16
CA ILE K 34 -19.95 -62.23 -22.29
C ILE K 34 -21.46 -62.38 -22.12
N TYR K 35 -22.02 -63.40 -22.76
CA TYR K 35 -23.44 -63.71 -22.66
C TYR K 35 -23.64 -64.90 -21.73
N LYS K 36 -24.75 -64.87 -20.98
CA LYS K 36 -25.14 -65.97 -20.11
C LYS K 36 -26.52 -66.48 -20.51
N PHE K 37 -26.69 -67.79 -20.48
CA PHE K 37 -27.95 -68.44 -20.85
C PHE K 37 -28.58 -69.11 -19.65
N SER K 38 -29.88 -68.88 -19.45
CA SER K 38 -30.66 -69.56 -18.43
C SER K 38 -32.01 -69.91 -19.03
N ASP K 39 -32.58 -71.03 -18.58
CA ASP K 39 -33.85 -71.52 -19.11
C ASP K 39 -35.03 -71.27 -18.17
N HIS K 40 -34.87 -70.34 -17.22
CA HIS K 40 -35.97 -70.06 -16.28
C HIS K 40 -37.11 -69.32 -16.97
N ILE K 41 -36.78 -68.27 -17.72
CA ILE K 41 -37.82 -67.41 -18.28
C ILE K 41 -38.56 -68.12 -19.41
N ARG K 42 -37.90 -69.02 -20.14
CA ARG K 42 -38.53 -69.65 -21.29
C ARG K 42 -39.62 -70.62 -20.87
N ARG K 43 -39.36 -71.41 -19.82
CA ARG K 43 -40.36 -72.41 -19.41
C ARG K 43 -41.59 -71.75 -18.81
N ILE K 44 -41.43 -70.56 -18.22
CA ILE K 44 -42.60 -69.86 -17.71
C ILE K 44 -43.28 -69.05 -18.82
N ARG K 45 -42.55 -68.70 -19.86
CA ARG K 45 -43.19 -68.12 -21.04
C ARG K 45 -44.00 -69.18 -21.79
N MET K 46 -43.62 -70.46 -21.65
CA MET K 46 -44.41 -71.54 -22.22
C MET K 46 -45.81 -71.60 -21.63
N LYS K 47 -46.01 -71.07 -20.43
CA LYS K 47 -47.35 -71.06 -19.84
C LYS K 47 -48.31 -70.17 -20.62
N HIS K 48 -47.79 -69.20 -21.36
CA HIS K 48 -48.59 -68.32 -22.19
C HIS K 48 -48.62 -68.75 -23.66
N GLY K 49 -48.15 -69.96 -23.96
CA GLY K 49 -48.19 -70.47 -25.32
C GLY K 49 -47.14 -69.90 -26.24
N THR K 50 -45.88 -70.21 -25.98
CA THR K 50 -44.78 -69.85 -26.87
C THR K 50 -43.95 -71.09 -27.19
N LYS K 51 -43.25 -71.03 -28.31
CA LYS K 51 -42.51 -72.19 -28.82
C LYS K 51 -41.15 -71.73 -29.32
N TYR K 52 -40.15 -72.59 -29.15
CA TYR K 52 -38.79 -72.30 -29.56
C TYR K 52 -38.22 -73.50 -30.31
N ARG K 53 -37.34 -73.21 -31.27
CA ARG K 53 -36.73 -74.26 -32.08
C ARG K 53 -35.54 -74.92 -31.40
N ARG K 54 -35.06 -74.38 -30.27
CA ARG K 54 -33.84 -74.83 -29.65
C ARG K 54 -34.04 -75.95 -28.64
N GLN K 55 -35.19 -75.98 -27.96
CA GLN K 55 -35.48 -76.96 -26.92
C GLN K 55 -34.41 -76.98 -25.83
N ALA K 56 -33.61 -78.04 -25.78
CA ALA K 56 -32.55 -78.16 -24.79
C ALA K 56 -31.18 -78.34 -25.42
N GLU K 57 -31.01 -77.95 -26.69
CA GLU K 57 -29.72 -78.09 -27.36
C GLU K 57 -28.75 -76.99 -26.94
N GLU K 58 -29.24 -75.91 -26.34
CA GLU K 58 -28.38 -74.80 -25.97
C GLU K 58 -27.36 -75.21 -24.92
N ILE K 59 -27.78 -75.99 -23.92
CA ILE K 59 -26.86 -76.38 -22.84
C ILE K 59 -25.80 -77.34 -23.37
N ILE K 60 -26.22 -78.37 -24.12
CA ILE K 60 -25.25 -79.34 -24.63
C ILE K 60 -24.35 -78.70 -25.67
N ARG K 61 -24.81 -77.60 -26.27
CA ARG K 61 -24.02 -76.89 -27.27
C ARG K 61 -22.81 -76.21 -26.64
N ASN K 62 -22.89 -75.82 -25.37
CA ASN K 62 -21.88 -74.95 -24.78
C ASN K 62 -21.21 -75.50 -23.53
N ILE K 63 -21.85 -76.44 -22.81
CA ILE K 63 -21.27 -76.87 -21.54
C ILE K 63 -19.96 -77.61 -21.74
N SER K 64 -19.85 -78.37 -22.83
CA SER K 64 -18.64 -79.11 -23.14
C SER K 64 -17.99 -78.66 -24.44
N LEU K 65 -18.77 -78.12 -25.37
CA LEU K 65 -18.26 -77.73 -26.68
C LEU K 65 -17.96 -76.24 -26.75
N ARG K 66 -18.68 -75.43 -25.97
CA ARG K 66 -18.47 -73.98 -25.89
C ARG K 66 -18.57 -73.32 -27.27
N LYS K 67 -19.70 -73.54 -27.94
CA LYS K 67 -19.92 -73.02 -29.28
C LYS K 67 -21.09 -72.04 -29.36
N GLU K 68 -21.83 -71.83 -28.28
CA GLU K 68 -22.96 -70.91 -28.30
C GLU K 68 -22.46 -69.47 -28.47
N ARG K 69 -22.70 -68.92 -29.65
CA ARG K 69 -22.34 -67.53 -29.94
C ARG K 69 -23.62 -66.78 -30.31
N LEU K 70 -23.87 -65.68 -29.61
CA LEU K 70 -25.02 -64.82 -29.87
C LEU K 70 -24.50 -63.54 -30.52
N TYR K 71 -24.74 -63.40 -31.83
CA TYR K 71 -24.30 -62.25 -32.61
C TYR K 71 -22.79 -62.03 -32.52
N GLY K 72 -22.03 -63.12 -32.49
CA GLY K 72 -20.60 -63.06 -32.43
C GLY K 72 -19.99 -63.02 -31.04
N ILE K 73 -20.82 -62.94 -30.00
CA ILE K 73 -20.35 -62.91 -28.62
C ILE K 73 -20.61 -64.28 -28.00
N PRO K 74 -19.59 -64.99 -27.52
CA PRO K 74 -19.81 -66.35 -27.03
C PRO K 74 -20.59 -66.38 -25.72
N VAL K 75 -21.26 -67.51 -25.50
CA VAL K 75 -21.99 -67.78 -24.27
C VAL K 75 -21.17 -68.74 -23.41
N LEU K 76 -21.04 -68.44 -22.12
CA LEU K 76 -20.26 -69.26 -21.21
C LEU K 76 -21.08 -69.51 -19.94
N ASP K 77 -20.46 -70.23 -19.00
CA ASP K 77 -21.07 -70.48 -17.71
C ASP K 77 -19.98 -70.58 -16.65
N GLU K 78 -20.38 -70.49 -15.39
CA GLU K 78 -19.44 -70.53 -14.27
C GLU K 78 -18.81 -71.91 -14.15
N VAL K 79 -17.75 -72.02 -13.36
CA VAL K 79 -17.09 -73.28 -13.10
C VAL K 79 -17.76 -73.93 -11.88
N GLU K 80 -18.05 -75.23 -12.00
CA GLU K 80 -18.69 -75.93 -10.92
C GLU K 80 -17.73 -76.10 -9.75
N TRP K 81 -18.29 -76.33 -8.56
CA TRP K 81 -17.51 -76.28 -7.32
C TRP K 81 -16.38 -77.30 -7.31
N LYS K 82 -16.63 -78.48 -7.88
CA LYS K 82 -15.66 -79.58 -7.80
C LYS K 82 -14.38 -79.32 -8.58
N TYR K 83 -14.35 -78.31 -9.45
CA TYR K 83 -13.14 -77.94 -10.17
C TYR K 83 -12.62 -76.56 -9.80
N VAL K 84 -13.07 -76.00 -8.68
CA VAL K 84 -12.55 -74.70 -8.25
C VAL K 84 -11.10 -74.81 -7.81
N PHE K 85 -10.76 -75.87 -7.09
CA PHE K 85 -9.42 -76.06 -6.54
C PHE K 85 -8.58 -77.03 -7.38
N ASP K 86 -8.86 -77.09 -8.68
CA ASP K 86 -8.12 -77.91 -9.64
C ASP K 86 -8.12 -79.39 -9.28
N GLY K 87 -9.14 -79.86 -8.57
CA GLY K 87 -9.23 -81.26 -8.21
C GLY K 87 -8.27 -81.72 -7.13
N GLN K 88 -7.63 -80.78 -6.43
CA GLN K 88 -6.68 -81.16 -5.39
C GLN K 88 -7.41 -81.74 -4.19
N THR K 89 -6.66 -82.48 -3.37
CA THR K 89 -7.21 -83.10 -2.17
C THR K 89 -6.11 -83.23 -1.13
N PHE K 90 -6.50 -83.18 0.14
CA PHE K 90 -5.55 -83.36 1.24
C PHE K 90 -6.12 -84.29 2.29
N GLN K 91 -5.40 -84.47 3.40
CA GLN K 91 -5.83 -85.31 4.51
C GLN K 91 -5.93 -84.48 5.78
N SER K 92 -6.55 -83.30 5.68
CA SER K 92 -6.58 -82.36 6.79
C SER K 92 -7.40 -82.90 7.94
N TYR K 93 -6.80 -82.87 9.15
CA TYR K 93 -7.50 -83.34 10.34
C TYR K 93 -8.62 -82.40 10.73
N ALA K 94 -8.53 -81.12 10.34
CA ALA K 94 -9.56 -80.15 10.66
C ALA K 94 -10.89 -80.51 10.01
N PHE K 95 -10.84 -81.05 8.79
CA PHE K 95 -12.07 -81.48 8.12
C PHE K 95 -12.72 -82.63 8.89
N GLU K 96 -11.91 -83.56 9.41
CA GLU K 96 -12.43 -84.63 10.23
C GLU K 96 -13.06 -84.09 11.52
N VAL K 97 -12.41 -83.10 12.13
CA VAL K 97 -12.94 -82.48 13.34
C VAL K 97 -14.29 -81.84 13.05
N TYR K 98 -14.41 -81.17 11.90
CA TYR K 98 -15.68 -80.54 11.53
C TYR K 98 -16.77 -81.58 11.30
N VAL K 99 -16.45 -82.67 10.59
CA VAL K 99 -17.50 -83.63 10.26
C VAL K 99 -17.90 -84.44 11.49
N ASN K 100 -17.00 -84.58 12.48
CA ASN K 100 -17.38 -85.26 13.71
C ASN K 100 -18.37 -84.42 14.51
N SER K 101 -18.23 -83.10 14.47
CA SER K 101 -19.07 -82.20 15.24
C SER K 101 -20.43 -81.96 14.63
N ILE K 102 -20.85 -82.77 13.65
CA ILE K 102 -22.17 -82.58 13.05
C ILE K 102 -23.21 -83.35 13.85
N LEU K 103 -24.27 -82.65 14.25
CA LEU K 103 -25.28 -83.21 15.14
C LEU K 103 -26.52 -83.64 14.36
N PRO K 104 -27.24 -84.66 14.86
CA PRO K 104 -28.55 -84.97 14.29
C PRO K 104 -29.61 -83.95 14.73
N TRP K 105 -30.85 -84.15 14.32
CA TRP K 105 -31.92 -83.21 14.66
C TRP K 105 -32.51 -83.45 16.04
N SER K 106 -32.24 -84.61 16.65
CA SER K 106 -32.83 -84.97 17.93
C SER K 106 -32.16 -84.29 19.12
N GLU K 107 -31.13 -83.48 18.88
CA GLU K 107 -30.44 -82.75 19.94
C GLU K 107 -30.66 -81.25 19.81
N LEU K 108 -31.77 -80.84 19.22
CA LEU K 108 -32.08 -79.44 18.99
C LEU K 108 -32.33 -78.70 20.30
N ASP K 109 -31.92 -77.44 20.34
CA ASP K 109 -32.32 -76.49 21.37
C ASP K 109 -33.00 -75.31 20.70
N PRO K 110 -34.30 -75.11 20.91
CA PRO K 110 -35.01 -74.07 20.13
C PRO K 110 -34.50 -72.66 20.35
N GLU K 111 -34.05 -72.33 21.55
CA GLU K 111 -33.58 -71.00 21.89
C GLU K 111 -32.06 -70.92 22.01
N GLU K 112 -31.35 -71.65 21.16
CA GLU K 112 -29.90 -71.64 21.18
C GLU K 112 -29.38 -70.29 20.72
N GLU K 113 -28.25 -69.89 21.31
CA GLU K 113 -27.64 -68.60 20.97
C GLU K 113 -27.07 -68.62 19.56
N PHE K 114 -26.11 -69.51 19.31
CA PHE K 114 -25.53 -69.70 17.99
C PHE K 114 -25.80 -71.14 17.55
N LEU K 115 -26.22 -71.29 16.29
CA LEU K 115 -26.57 -72.61 15.78
C LEU K 115 -25.34 -73.52 15.70
N ARG K 116 -25.50 -74.75 16.14
CA ARG K 116 -24.46 -75.76 15.96
C ARG K 116 -24.63 -76.45 14.61
N ASN K 117 -23.84 -77.49 14.37
CA ASN K 117 -23.81 -78.16 13.07
C ASN K 117 -24.86 -79.27 13.06
N TYR K 118 -26.00 -78.98 12.45
CA TYR K 118 -27.07 -79.96 12.30
C TYR K 118 -27.06 -80.52 10.88
N ARG K 119 -27.59 -81.73 10.74
CA ARG K 119 -27.53 -82.46 9.47
C ARG K 119 -28.58 -81.94 8.48
N VAL K 120 -28.41 -82.38 7.24
CA VAL K 120 -29.42 -82.21 6.19
C VAL K 120 -29.94 -83.59 5.81
N SER K 121 -31.25 -83.74 5.80
CA SER K 121 -31.89 -85.02 5.51
C SER K 121 -32.81 -84.87 4.32
N ARG K 122 -32.99 -85.97 3.57
CA ARG K 122 -33.93 -85.97 2.46
C ARG K 122 -35.36 -85.82 2.95
N GLU K 123 -35.65 -86.29 4.16
CA GLU K 123 -36.96 -86.10 4.77
C GLU K 123 -37.11 -84.65 5.23
N MET K 124 -38.35 -84.28 5.55
CA MET K 124 -38.63 -82.89 5.94
C MET K 124 -39.80 -82.89 6.91
N THR K 125 -39.48 -82.82 8.20
CA THR K 125 -40.48 -82.59 9.23
C THR K 125 -40.46 -81.12 9.63
N GLU K 126 -41.22 -80.79 10.68
CA GLU K 126 -41.24 -79.40 11.16
C GLU K 126 -39.94 -79.03 11.84
N VAL K 127 -39.22 -80.01 12.39
CA VAL K 127 -37.95 -79.75 13.05
C VAL K 127 -36.91 -79.23 12.06
N GLU K 128 -36.74 -79.94 10.94
CA GLU K 128 -35.81 -79.49 9.92
C GLU K 128 -36.28 -78.21 9.27
N LYS K 129 -37.60 -77.99 9.21
CA LYS K 129 -38.12 -76.72 8.69
C LYS K 129 -37.74 -75.56 9.59
N PHE K 130 -37.80 -75.76 10.92
CA PHE K 130 -37.35 -74.72 11.83
C PHE K 130 -35.85 -74.49 11.71
N ILE K 131 -35.07 -75.56 11.53
CA ILE K 131 -33.64 -75.40 11.28
C ILE K 131 -33.40 -74.57 10.03
N GLU K 132 -34.13 -74.86 8.95
CA GLU K 132 -33.99 -74.09 7.72
C GLU K 132 -34.34 -72.62 7.94
N PHE K 133 -35.45 -72.37 8.63
CA PHE K 133 -35.87 -70.99 8.88
C PHE K 133 -34.83 -70.24 9.71
N ARG K 134 -34.19 -70.94 10.65
CA ARG K 134 -33.09 -70.32 11.40
C ARG K 134 -31.89 -70.04 10.50
N ALA K 135 -31.57 -70.97 9.59
CA ALA K 135 -30.35 -70.86 8.80
C ALA K 135 -30.46 -69.78 7.74
N LYS K 136 -31.65 -69.59 7.16
CA LYS K 136 -31.79 -68.65 6.05
C LYS K 136 -31.52 -67.21 6.47
N ASN K 137 -31.77 -66.85 7.73
CA ASN K 137 -31.57 -65.48 8.20
C ASN K 137 -30.43 -65.38 9.21
N GLU K 138 -29.56 -66.39 9.28
CA GLU K 138 -28.41 -66.33 10.15
C GLU K 138 -27.11 -66.78 9.50
N MET K 139 -27.15 -67.46 8.36
CA MET K 139 -25.95 -67.88 7.65
C MET K 139 -25.64 -66.96 6.46
N GLN K 140 -26.32 -65.82 6.37
CA GLN K 140 -26.14 -64.94 5.22
C GLN K 140 -24.74 -64.35 5.19
N ILE K 141 -24.20 -64.20 3.98
CA ILE K 141 -22.88 -63.62 3.78
C ILE K 141 -22.96 -62.16 3.36
N TYR K 142 -23.93 -61.83 2.51
CA TYR K 142 -24.12 -60.48 1.94
C TYR K 142 -22.84 -60.11 1.21
N GLY K 143 -22.14 -59.04 1.61
CA GLY K 143 -20.91 -58.66 0.92
C GLY K 143 -21.19 -58.01 -0.43
N ASP K 144 -20.17 -58.03 -1.28
CA ASP K 144 -20.28 -57.47 -2.61
C ASP K 144 -19.74 -58.37 -3.71
N ILE K 145 -19.07 -59.47 -3.36
CA ILE K 145 -18.48 -60.40 -4.34
C ILE K 145 -18.93 -61.81 -3.97
N PRO K 146 -19.30 -62.65 -4.94
CA PRO K 146 -19.63 -64.04 -4.62
C PRO K 146 -18.45 -64.78 -4.03
N ILE K 147 -18.75 -65.74 -3.15
CA ILE K 147 -17.71 -66.42 -2.39
C ILE K 147 -16.89 -67.35 -3.28
N LYS K 148 -17.46 -67.82 -4.40
CA LYS K 148 -16.71 -68.65 -5.33
C LYS K 148 -15.58 -67.87 -5.98
N VAL K 149 -15.79 -66.58 -6.24
CA VAL K 149 -14.72 -65.73 -6.74
C VAL K 149 -13.62 -65.60 -5.69
N TRP K 150 -14.00 -65.49 -4.42
CA TRP K 150 -13.02 -65.46 -3.35
C TRP K 150 -12.19 -66.74 -3.31
N CYS K 151 -12.84 -67.89 -3.48
CA CYS K 151 -12.12 -69.15 -3.48
C CYS K 151 -11.16 -69.25 -4.67
N CYS K 152 -11.61 -68.81 -5.85
CA CYS K 152 -10.73 -68.83 -7.02
C CYS K 152 -9.53 -67.91 -6.84
N PHE K 153 -9.76 -66.71 -6.29
CA PHE K 153 -8.65 -65.80 -6.02
C PHE K 153 -7.69 -66.39 -5.00
N ILE K 154 -8.21 -67.05 -3.98
CA ILE K 154 -7.35 -67.70 -2.98
C ILE K 154 -6.52 -68.79 -3.63
N ASN K 155 -7.12 -69.59 -4.51
CA ASN K 155 -6.38 -70.63 -5.21
C ASN K 155 -5.25 -70.05 -6.05
N GLU K 156 -5.55 -68.99 -6.82
CA GLU K 156 -4.54 -68.38 -7.67
C GLU K 156 -3.41 -67.74 -6.85
N LEU K 157 -3.78 -67.07 -5.75
CA LEU K 157 -2.77 -66.44 -4.91
C LEU K 157 -1.90 -67.48 -4.20
N SER K 158 -2.51 -68.60 -3.80
CA SER K 158 -1.75 -69.69 -3.19
C SER K 158 -0.78 -70.31 -4.17
N ALA K 159 -1.22 -70.47 -5.42
CA ALA K 159 -0.31 -70.96 -6.46
C ALA K 159 0.83 -69.98 -6.70
N GLU K 160 0.53 -68.68 -6.71
CA GLU K 160 1.53 -67.68 -7.03
C GLU K 160 2.55 -67.47 -5.91
N LEU K 161 2.12 -67.55 -4.65
CA LEU K 161 3.02 -67.35 -3.52
C LEU K 161 3.78 -68.61 -3.12
N LYS K 162 3.45 -69.77 -3.71
CA LYS K 162 4.03 -71.06 -3.35
C LYS K 162 3.79 -71.36 -1.87
N HIS K 163 2.55 -71.15 -1.42
CA HIS K 163 2.15 -71.40 -0.04
C HIS K 163 0.68 -71.77 -0.02
N VAL K 164 0.33 -72.77 0.78
CA VAL K 164 -1.04 -73.27 0.82
C VAL K 164 -1.63 -73.07 2.21
N PRO K 165 -2.67 -72.25 2.36
CA PRO K 165 -3.29 -72.07 3.67
C PRO K 165 -4.14 -73.28 4.06
N LEU K 166 -4.47 -73.33 5.36
CA LEU K 166 -5.20 -74.47 5.91
C LEU K 166 -6.67 -74.44 5.53
N GLY K 167 -7.27 -73.25 5.50
CA GLY K 167 -8.67 -73.15 5.10
C GLY K 167 -8.90 -73.60 3.68
N MET K 168 -7.94 -73.34 2.80
CA MET K 168 -7.99 -73.85 1.44
C MET K 168 -7.98 -75.38 1.43
N GLN K 169 -7.16 -75.98 2.29
CA GLN K 169 -7.14 -77.44 2.42
C GLN K 169 -8.49 -77.96 2.88
N VAL K 170 -9.10 -77.29 3.86
CA VAL K 170 -10.40 -77.74 4.38
C VAL K 170 -11.47 -77.67 3.29
N MET K 171 -11.50 -76.55 2.55
CA MET K 171 -12.48 -76.41 1.48
C MET K 171 -12.26 -77.43 0.36
N ALA K 172 -11.00 -77.67 0.00
CA ALA K 172 -10.70 -78.66 -1.02
C ALA K 172 -11.13 -80.05 -0.59
N ASP K 173 -10.87 -80.41 0.67
CA ASP K 173 -11.28 -81.72 1.17
C ASP K 173 -12.80 -81.85 1.20
N PHE K 174 -13.50 -80.77 1.55
CA PHE K 174 -14.96 -80.81 1.54
C PHE K 174 -15.50 -81.01 0.13
N VAL K 175 -14.97 -80.25 -0.83
CA VAL K 175 -15.54 -80.27 -2.17
C VAL K 175 -15.14 -81.53 -2.92
N ASN K 176 -14.03 -82.16 -2.54
CA ASN K 176 -13.59 -83.38 -3.20
C ASN K 176 -14.49 -84.57 -2.90
N ARG K 177 -15.40 -84.46 -1.94
CA ARG K 177 -16.26 -85.57 -1.59
C ARG K 177 -17.74 -85.21 -1.52
N PHE K 178 -18.08 -83.94 -1.25
CA PHE K 178 -19.48 -83.54 -1.19
C PHE K 178 -19.94 -82.59 -2.29
N ASP K 179 -19.05 -82.14 -3.15
CA ASP K 179 -19.39 -81.32 -4.35
C ASP K 179 -20.04 -80.02 -3.87
N SER K 180 -21.10 -79.55 -4.55
CA SER K 180 -21.74 -78.26 -4.30
C SER K 180 -22.31 -78.15 -2.89
N PRO K 181 -21.75 -77.26 -2.06
CA PRO K 181 -22.32 -77.10 -0.70
C PRO K 181 -23.58 -76.25 -0.69
N PHE K 182 -23.65 -75.22 -1.52
CA PHE K 182 -24.78 -74.30 -1.55
C PHE K 182 -24.76 -73.57 -2.89
N HIS K 183 -25.88 -72.91 -3.19
CA HIS K 183 -26.00 -72.11 -4.39
C HIS K 183 -26.28 -70.66 -4.01
N GLN K 184 -25.57 -69.73 -4.65
CA GLN K 184 -25.69 -68.32 -4.37
C GLN K 184 -25.92 -67.56 -5.66
N GLY K 185 -26.81 -66.56 -5.61
CA GLY K 185 -27.09 -65.75 -6.78
C GLY K 185 -26.05 -64.66 -6.99
N ASN K 186 -25.50 -64.59 -8.20
CA ASN K 186 -24.51 -63.55 -8.50
C ASN K 186 -25.16 -62.18 -8.61
N ARG K 187 -26.37 -62.12 -9.17
CA ARG K 187 -27.08 -60.85 -9.27
C ARG K 187 -27.55 -60.36 -7.91
N ASP K 188 -27.95 -61.27 -7.03
CA ASP K 188 -28.37 -60.91 -5.68
C ASP K 188 -27.71 -61.89 -4.72
N LEU K 189 -26.73 -61.40 -3.94
CA LEU K 189 -25.93 -62.26 -3.10
C LEU K 189 -26.67 -62.78 -1.87
N SER K 190 -27.88 -62.30 -1.61
CA SER K 190 -28.66 -62.73 -0.46
C SER K 190 -29.52 -63.95 -0.75
N ASN K 191 -29.37 -64.56 -1.93
CA ASN K 191 -30.16 -65.72 -2.32
C ASN K 191 -29.32 -66.98 -2.11
N LEU K 192 -29.23 -67.39 -0.84
CA LEU K 192 -28.52 -68.60 -0.46
C LEU K 192 -29.53 -69.73 -0.24
N GLU K 193 -29.24 -70.90 -0.81
CA GLU K 193 -30.17 -72.01 -0.74
C GLU K 193 -29.42 -73.31 -1.02
N ASP K 194 -30.15 -74.42 -0.89
CA ASP K 194 -29.69 -75.75 -1.29
C ASP K 194 -28.45 -76.19 -0.51
N PHE K 195 -28.60 -76.21 0.81
CA PHE K 195 -27.56 -76.79 1.66
C PHE K 195 -27.50 -78.30 1.46
N GLN K 196 -26.28 -78.84 1.38
CA GLN K 196 -26.09 -80.24 1.05
C GLN K 196 -25.79 -81.10 2.27
N VAL K 197 -24.73 -80.79 2.99
CA VAL K 197 -24.27 -81.63 4.10
C VAL K 197 -24.74 -81.09 5.44
N ALA K 198 -24.64 -79.78 5.66
CA ALA K 198 -25.02 -79.18 6.92
C ALA K 198 -25.52 -77.77 6.65
N TYR K 199 -26.20 -77.20 7.64
CA TYR K 199 -26.76 -75.86 7.52
C TYR K 199 -25.75 -74.77 7.82
N THR K 200 -24.51 -75.12 8.16
CA THR K 200 -23.48 -74.16 8.51
C THR K 200 -22.33 -74.15 7.50
N THR K 201 -22.53 -74.70 6.31
CA THR K 201 -21.48 -74.69 5.29
C THR K 201 -21.08 -73.29 4.81
N PRO K 202 -21.99 -72.33 4.57
CA PRO K 202 -21.49 -70.99 4.19
C PRO K 202 -20.62 -70.35 5.27
N LEU K 203 -20.94 -70.58 6.54
CA LEU K 203 -20.08 -70.10 7.61
C LEU K 203 -18.71 -70.77 7.56
N LEU K 204 -18.69 -72.07 7.25
CA LEU K 204 -17.42 -72.78 7.13
C LEU K 204 -16.56 -72.19 6.01
N PHE K 205 -17.18 -71.94 4.86
CA PHE K 205 -16.43 -71.39 3.73
C PHE K 205 -15.95 -69.97 4.02
N GLU K 206 -16.80 -69.14 4.66
CA GLU K 206 -16.38 -67.80 5.04
C GLU K 206 -15.21 -67.84 6.02
N MET K 207 -15.28 -68.73 7.01
CA MET K 207 -14.21 -68.85 8.00
C MET K 207 -12.91 -69.30 7.35
N CYS K 208 -12.98 -70.27 6.44
CA CYS K 208 -11.79 -70.74 5.75
C CYS K 208 -11.18 -69.64 4.89
N CYS K 209 -12.02 -68.89 4.17
CA CYS K 209 -11.52 -67.80 3.33
C CYS K 209 -10.85 -66.72 4.17
N MET K 210 -11.47 -66.37 5.30
CA MET K 210 -10.88 -65.35 6.17
C MET K 210 -9.56 -65.82 6.77
N GLU K 211 -9.46 -67.10 7.14
CA GLU K 211 -8.21 -67.63 7.64
C GLU K 211 -7.12 -67.61 6.57
N SER K 212 -7.48 -67.96 5.33
CA SER K 212 -6.51 -67.91 4.24
C SER K 212 -6.02 -66.49 4.01
N ILE K 213 -6.94 -65.52 4.03
CA ILE K 213 -6.55 -64.12 3.87
C ILE K 213 -5.63 -63.68 4.99
N LEU K 214 -5.91 -64.10 6.22
CA LEU K 214 -5.06 -63.76 7.35
C LEU K 214 -3.66 -64.34 7.20
N GLU K 215 -3.55 -65.60 6.75
CA GLU K 215 -2.23 -66.18 6.54
C GLU K 215 -1.47 -65.46 5.44
N PHE K 216 -2.14 -65.12 4.34
CA PHE K 216 -1.48 -64.37 3.27
C PHE K 216 -0.98 -63.03 3.78
N ASN K 217 -1.82 -62.34 4.57
CA ASN K 217 -1.45 -61.02 5.09
C ASN K 217 -0.25 -61.12 6.00
N ILE K 218 -0.24 -62.09 6.92
CA ILE K 218 0.86 -62.18 7.87
C ILE K 218 2.14 -62.58 7.15
N LYS K 219 2.06 -63.46 6.15
CA LYS K 219 3.25 -63.86 5.42
C LYS K 219 3.84 -62.70 4.64
N MET K 220 2.99 -61.93 3.95
CA MET K 220 3.51 -60.80 3.18
C MET K 220 4.08 -59.71 4.08
N ARG K 221 3.38 -59.42 5.19
CA ARG K 221 3.85 -58.39 6.11
C ARG K 221 5.17 -58.78 6.76
N MET K 222 5.32 -60.05 7.09
CA MET K 222 6.60 -60.52 7.65
C MET K 222 7.68 -60.54 6.57
N ARG K 223 7.30 -60.74 5.31
CA ARG K 223 8.27 -60.70 4.22
C ARG K 223 8.81 -59.29 4.00
N GLU K 224 7.97 -58.27 4.20
CA GLU K 224 8.41 -56.90 3.93
C GLU K 224 9.56 -56.47 4.84
N GLU K 225 9.64 -57.03 6.05
CA GLU K 225 10.61 -56.57 7.03
C GLU K 225 11.85 -57.45 7.12
N GLU K 226 12.03 -58.40 6.18
CA GLU K 226 13.15 -59.33 6.18
C GLU K 226 13.34 -60.01 7.54
N ILE K 227 12.26 -60.57 8.06
CA ILE K 227 12.31 -61.43 9.24
C ILE K 227 11.61 -62.73 8.90
N SER K 228 12.00 -63.79 9.60
CA SER K 228 11.47 -65.13 9.33
C SER K 228 10.50 -65.63 10.40
N ALA K 229 10.56 -65.08 11.61
CA ALA K 229 9.66 -65.50 12.67
C ALA K 229 9.47 -64.34 13.65
N LEU K 230 8.35 -64.39 14.36
CA LEU K 230 8.07 -63.41 15.40
C LEU K 230 8.70 -63.84 16.71
N GLU K 231 8.89 -62.87 17.61
CA GLU K 231 9.53 -63.13 18.89
C GLU K 231 8.63 -62.74 20.04
N PHE K 232 8.61 -63.57 21.08
CA PHE K 232 8.02 -63.24 22.37
C PHE K 232 9.17 -62.95 23.32
N GLY K 233 9.56 -61.68 23.40
CA GLY K 233 10.82 -61.36 24.06
C GLY K 233 11.98 -61.74 23.17
N ASP K 234 12.68 -62.82 23.51
CA ASP K 234 13.72 -63.37 22.67
C ASP K 234 13.36 -64.73 22.10
N MET K 235 12.30 -65.38 22.59
CA MET K 235 11.93 -66.71 22.13
C MET K 235 11.14 -66.63 20.83
N LYS K 236 11.45 -67.55 19.91
CA LYS K 236 10.91 -67.50 18.55
C LYS K 236 9.56 -68.22 18.49
N VAL K 237 8.59 -67.56 17.85
CA VAL K 237 7.25 -68.12 17.70
C VAL K 237 6.85 -68.09 16.22
N ASP K 238 5.86 -68.92 15.89
CA ASP K 238 5.36 -69.05 14.53
C ASP K 238 3.94 -68.52 14.46
N PRO K 239 3.68 -67.40 13.78
CA PRO K 239 2.30 -66.89 13.72
C PRO K 239 1.33 -67.82 13.00
N VAL K 240 1.81 -68.55 11.98
CA VAL K 240 0.95 -69.49 11.27
C VAL K 240 0.49 -70.60 12.20
N GLY K 241 1.38 -71.07 13.09
CA GLY K 241 0.98 -72.08 14.05
C GLY K 241 -0.08 -71.58 15.02
N LEU K 242 0.07 -70.35 15.51
CA LEU K 242 -0.94 -69.76 16.38
C LEU K 242 -2.28 -69.66 15.68
N LEU K 243 -2.28 -69.15 14.44
CA LEU K 243 -3.53 -68.99 13.71
C LEU K 243 -4.19 -70.35 13.45
N ARG K 244 -3.40 -71.36 13.10
CA ARG K 244 -3.97 -72.67 12.82
C ARG K 244 -4.51 -73.34 14.08
N GLU K 245 -3.79 -73.23 15.20
CA GLU K 245 -4.29 -73.86 16.42
C GLU K 245 -5.53 -73.16 16.93
N PHE K 246 -5.64 -71.84 16.70
CA PHE K 246 -6.87 -71.15 17.06
C PHE K 246 -8.01 -71.48 16.10
N PHE K 247 -7.70 -71.73 14.83
CA PHE K 247 -8.73 -72.00 13.84
C PHE K 247 -9.30 -73.40 14.00
N ILE K 248 -8.45 -74.38 14.33
CA ILE K 248 -8.91 -75.76 14.47
C ILE K 248 -9.84 -75.91 15.66
N LEU K 249 -9.53 -75.23 16.78
CA LEU K 249 -10.30 -75.42 18.00
C LEU K 249 -11.72 -74.88 17.88
N CYS K 250 -11.94 -73.89 17.01
CA CYS K 250 -13.24 -73.25 16.91
C CYS K 250 -14.21 -73.97 15.99
N LEU K 251 -13.77 -75.01 15.28
CA LEU K 251 -14.61 -75.63 14.26
C LEU K 251 -15.93 -76.21 14.78
N PRO K 252 -16.01 -76.92 15.92
CA PRO K 252 -17.33 -77.43 16.35
C PRO K 252 -18.37 -76.36 16.58
N HIS K 253 -17.99 -75.20 17.11
CA HIS K 253 -18.92 -74.11 17.38
C HIS K 253 -18.17 -72.79 17.26
N PRO K 254 -18.11 -72.20 16.07
CA PRO K 254 -17.22 -71.05 15.85
C PRO K 254 -17.58 -69.81 16.65
N LYS K 255 -18.83 -69.36 16.54
CA LYS K 255 -19.20 -68.09 17.15
C LYS K 255 -19.10 -68.14 18.67
N LYS K 256 -19.60 -69.22 19.29
CA LYS K 256 -19.59 -69.32 20.74
C LYS K 256 -18.17 -69.37 21.28
N ILE K 257 -17.33 -70.25 20.73
CA ILE K 257 -15.96 -70.39 21.22
C ILE K 257 -15.16 -69.11 20.97
N ASN K 258 -15.34 -68.49 19.80
CA ASN K 258 -14.65 -67.25 19.52
C ASN K 258 -15.06 -66.14 20.48
N ASN K 259 -16.36 -66.02 20.76
CA ASN K 259 -16.82 -64.99 21.69
C ASN K 259 -16.35 -65.26 23.11
N VAL K 260 -16.19 -66.53 23.47
CA VAL K 260 -15.59 -66.86 24.77
C VAL K 260 -14.12 -66.43 24.80
N LEU K 261 -13.39 -66.71 23.72
CA LEU K 261 -11.94 -66.52 23.73
C LEU K 261 -11.50 -65.10 23.37
N ARG K 262 -12.44 -64.19 23.06
CA ARG K 262 -12.05 -62.80 22.83
C ARG K 262 -11.28 -62.22 24.02
N ALA K 263 -11.83 -62.37 25.23
CA ALA K 263 -11.28 -61.66 26.39
C ALA K 263 -9.87 -62.09 26.78
N PRO K 264 -9.54 -63.40 26.91
CA PRO K 264 -8.18 -63.73 27.37
C PRO K 264 -7.06 -63.23 26.46
N TYR K 265 -7.27 -63.24 25.14
CA TYR K 265 -6.23 -62.79 24.23
C TYR K 265 -5.96 -61.29 24.40
N SER K 266 -7.03 -60.49 24.50
CA SER K 266 -6.85 -59.07 24.71
C SER K 266 -6.24 -58.77 26.08
N TRP K 267 -6.61 -59.57 27.09
CA TRP K 267 -5.99 -59.41 28.41
C TRP K 267 -4.50 -59.70 28.35
N PHE K 268 -4.10 -60.74 27.62
CA PHE K 268 -2.69 -61.08 27.50
C PHE K 268 -1.93 -59.97 26.77
N VAL K 269 -2.52 -59.45 25.69
CA VAL K 269 -1.86 -58.39 24.92
C VAL K 269 -1.71 -57.13 25.78
N LYS K 270 -2.74 -56.81 26.56
CA LYS K 270 -2.67 -55.63 27.42
C LYS K 270 -1.61 -55.79 28.51
N MET K 271 -1.48 -56.99 29.07
CA MET K 271 -0.67 -57.20 30.27
C MET K 271 0.77 -57.57 29.97
N TRP K 272 1.14 -57.75 28.70
CA TRP K 272 2.47 -58.24 28.36
C TRP K 272 3.51 -57.15 28.57
N GLY K 273 4.47 -57.43 29.45
CA GLY K 273 5.66 -56.61 29.58
C GLY K 273 5.64 -55.57 30.67
N VAL K 274 4.58 -55.48 31.47
CA VAL K 274 4.47 -54.43 32.47
C VAL K 274 5.38 -54.64 33.68
N GLY K 275 5.99 -55.81 33.81
CA GLY K 275 6.83 -56.12 34.94
C GLY K 275 8.30 -56.36 34.68
N ALA K 276 8.77 -56.13 33.46
CA ALA K 276 10.19 -56.32 33.16
C ALA K 276 11.04 -55.28 33.86
N ASP K 277 12.16 -55.73 34.46
CA ASP K 277 12.96 -54.82 35.28
C ASP K 277 13.56 -53.68 34.46
N PRO K 278 14.23 -53.91 33.33
CA PRO K 278 14.47 -52.81 32.41
C PRO K 278 13.37 -52.74 31.35
N ILE K 279 12.86 -51.53 31.12
CA ILE K 279 11.72 -51.33 30.23
C ILE K 279 12.09 -50.26 29.20
N VAL K 280 11.52 -50.38 28.01
CA VAL K 280 11.79 -49.47 26.90
C VAL K 280 10.56 -48.64 26.62
N VAL K 281 10.72 -47.32 26.57
CA VAL K 281 9.62 -46.40 26.32
C VAL K 281 10.04 -45.35 25.31
N LEU K 282 9.06 -44.72 24.70
CA LEU K 282 9.25 -43.59 23.81
C LEU K 282 8.83 -42.32 24.55
N GLN K 283 9.77 -41.39 24.75
CA GLN K 283 9.46 -40.19 25.52
C GLN K 283 8.44 -39.32 24.82
N SER K 284 7.56 -38.72 25.61
CA SER K 284 6.54 -37.82 25.11
C SER K 284 6.44 -36.63 26.04
N THR K 285 5.84 -35.55 25.55
CA THR K 285 5.72 -34.33 26.31
C THR K 285 4.46 -33.59 25.88
N ALA K 286 3.70 -33.13 26.86
CA ALA K 286 2.47 -32.39 26.61
C ALA K 286 2.22 -31.46 27.80
N GLY K 287 1.01 -30.92 27.87
CA GLY K 287 0.67 -29.94 28.90
C GLY K 287 0.47 -30.57 30.26
N ASP K 288 0.14 -29.71 31.23
CA ASP K 288 -0.01 -30.15 32.61
C ASP K 288 -1.17 -31.11 32.77
N ASP K 289 -2.29 -30.84 32.11
CA ASP K 289 -3.44 -31.73 32.16
C ASP K 289 -3.12 -33.05 31.47
N ARG K 290 -3.57 -34.16 32.09
CA ARG K 290 -3.24 -35.48 31.57
C ARG K 290 -4.04 -35.85 30.34
N ASN K 291 -5.07 -35.08 29.99
CA ASN K 291 -5.86 -35.31 28.79
C ASN K 291 -5.46 -34.37 27.65
N SER K 292 -4.33 -33.68 27.78
CA SER K 292 -3.87 -32.75 26.74
C SER K 292 -3.48 -33.50 25.48
N LYS K 293 -3.71 -32.86 24.33
CA LYS K 293 -3.42 -33.45 23.03
C LYS K 293 -2.19 -32.83 22.36
N ASP K 294 -1.51 -31.89 23.01
CA ASP K 294 -0.36 -31.19 22.42
C ASP K 294 0.91 -31.99 22.70
N VAL K 295 1.02 -33.12 22.00
CA VAL K 295 2.08 -34.10 22.26
C VAL K 295 3.09 -34.10 21.12
N PHE K 296 4.37 -34.13 21.49
CA PHE K 296 5.44 -34.35 20.52
C PHE K 296 6.41 -35.38 21.09
N TYR K 297 7.02 -36.15 20.19
CA TYR K 297 7.84 -37.30 20.53
C TYR K 297 9.27 -37.09 20.06
N ASP K 298 10.24 -37.58 20.85
CA ASP K 298 11.63 -37.32 20.47
C ASP K 298 12.47 -38.57 20.24
N LYS K 299 12.48 -39.54 21.16
CA LYS K 299 13.39 -40.67 21.02
C LYS K 299 13.01 -41.78 22.00
N PHE K 300 13.63 -42.94 21.80
CA PHE K 300 13.50 -44.10 22.67
C PHE K 300 14.56 -44.09 23.76
N ARG K 301 14.25 -44.77 24.87
CA ARG K 301 15.22 -44.98 25.94
C ARG K 301 14.83 -46.21 26.73
N THR K 302 15.71 -46.64 27.63
CA THR K 302 15.45 -47.74 28.54
C THR K 302 15.75 -47.29 29.96
N GLU K 303 14.84 -47.61 30.88
CA GLU K 303 14.93 -47.19 32.26
C GLU K 303 14.54 -48.34 33.16
N PRO K 304 15.03 -48.34 34.41
CA PRO K 304 14.58 -49.37 35.37
C PRO K 304 13.11 -49.20 35.74
N ASN K 305 12.49 -50.32 36.10
CA ASN K 305 11.08 -50.35 36.45
C ASN K 305 10.91 -50.17 37.95
N ARG K 306 10.12 -49.16 38.34
CA ARG K 306 9.88 -48.91 39.75
C ARG K 306 8.89 -49.90 40.35
N TYR K 307 7.92 -50.35 39.55
CA TYR K 307 6.87 -51.24 40.02
C TYR K 307 7.20 -52.71 39.84
N LYS K 308 8.49 -53.06 39.87
CA LYS K 308 8.90 -54.43 39.58
C LYS K 308 8.35 -55.42 40.60
N ALA K 309 8.39 -55.07 41.88
CA ALA K 309 8.04 -56.01 42.94
C ALA K 309 6.55 -56.07 43.23
N LEU K 310 5.72 -55.29 42.53
CA LEU K 310 4.31 -55.17 42.85
C LEU K 310 3.45 -56.24 42.17
N PHE K 311 4.02 -57.08 41.32
CA PHE K 311 3.25 -58.01 40.52
C PHE K 311 3.18 -59.41 41.13
N ARG K 312 3.64 -59.59 42.37
CA ARG K 312 3.37 -60.80 43.12
C ARG K 312 2.16 -60.66 44.03
N SER K 313 1.39 -59.58 43.87
CA SER K 313 0.21 -59.36 44.68
C SER K 313 -0.88 -60.36 44.34
N SER K 314 -1.93 -60.38 45.17
CA SER K 314 -3.02 -61.32 44.98
C SER K 314 -3.90 -60.96 43.78
N PHE K 315 -4.04 -59.66 43.49
CA PHE K 315 -4.91 -59.24 42.40
C PHE K 315 -4.40 -59.74 41.05
N TYR K 316 -3.09 -59.62 40.81
CA TYR K 316 -2.52 -60.08 39.55
C TYR K 316 -2.58 -61.59 39.43
N ASN K 317 -2.36 -62.30 40.54
CA ASN K 317 -2.48 -63.76 40.54
C ASN K 317 -3.92 -64.18 40.20
N GLU K 318 -4.91 -63.51 40.78
CA GLU K 318 -6.30 -63.83 40.47
C GLU K 318 -6.62 -63.53 39.01
N SER K 319 -6.15 -62.40 38.49
CA SER K 319 -6.41 -62.06 37.10
C SER K 319 -5.85 -63.13 36.17
N ARG K 320 -4.58 -63.51 36.38
CA ARG K 320 -3.96 -64.54 35.54
C ARG K 320 -4.68 -65.87 35.69
N ARG K 321 -5.09 -66.21 36.91
CA ARG K 321 -5.73 -67.50 37.16
C ARG K 321 -7.08 -67.61 36.46
N MET K 322 -7.92 -66.59 36.57
CA MET K 322 -9.22 -66.65 35.88
C MET K 322 -9.05 -66.57 34.37
N ASN K 323 -8.07 -65.81 33.89
CA ASN K 323 -7.84 -65.75 32.44
C ASN K 323 -7.37 -67.10 31.91
N GLU K 324 -6.61 -67.85 32.72
CA GLU K 324 -6.26 -69.22 32.33
C GLU K 324 -7.48 -70.14 32.39
N GLU K 325 -8.33 -69.96 33.42
CA GLU K 325 -9.45 -70.87 33.60
C GLU K 325 -10.47 -70.76 32.48
N LYS K 326 -10.72 -69.54 31.99
CA LYS K 326 -11.65 -69.39 30.87
C LYS K 326 -11.16 -70.15 29.63
N ILE K 327 -9.86 -70.06 29.36
CA ILE K 327 -9.27 -70.83 28.26
C ILE K 327 -9.42 -72.32 28.50
N LEU K 328 -9.23 -72.75 29.76
CA LEU K 328 -9.38 -74.16 30.07
C LEU K 328 -10.79 -74.66 29.80
N GLU K 329 -11.81 -73.88 30.20
CA GLU K 329 -13.19 -74.28 29.92
C GLU K 329 -13.48 -74.30 28.43
N ALA K 330 -12.93 -73.33 27.68
CA ALA K 330 -13.12 -73.34 26.23
C ALA K 330 -12.51 -74.59 25.60
N VAL K 331 -11.30 -74.97 26.05
CA VAL K 331 -10.66 -76.18 25.53
C VAL K 331 -11.48 -77.42 25.88
N LYS K 332 -11.99 -77.48 27.11
CA LYS K 332 -12.79 -78.64 27.52
C LYS K 332 -14.05 -78.75 26.68
N TYR K 333 -14.73 -77.62 26.43
CA TYR K 333 -15.94 -77.63 25.62
C TYR K 333 -15.63 -78.06 24.19
N SER K 334 -14.53 -77.57 23.62
CA SER K 334 -14.15 -77.96 22.27
C SER K 334 -13.85 -79.45 22.19
N GLN K 335 -13.13 -79.98 23.18
CA GLN K 335 -12.79 -81.40 23.19
C GLN K 335 -14.01 -82.27 23.42
N LYS K 336 -15.04 -81.73 24.08
CA LYS K 336 -16.25 -82.51 24.31
C LYS K 336 -17.16 -82.52 23.08
N LEU K 337 -17.43 -81.35 22.50
CA LEU K 337 -18.34 -81.27 21.37
C LEU K 337 -17.76 -81.97 20.14
N GLY K 338 -16.48 -81.75 19.86
CA GLY K 338 -15.79 -82.42 18.76
C GLY K 338 -14.84 -83.47 19.31
N SER K 339 -14.86 -84.64 18.66
CA SER K 339 -14.08 -85.79 19.14
C SER K 339 -12.61 -85.55 18.82
N HIS K 340 -11.94 -84.84 19.72
CA HIS K 340 -10.52 -84.54 19.57
C HIS K 340 -9.93 -84.23 20.94
N ASP K 341 -8.60 -84.25 21.00
CA ASP K 341 -7.88 -83.93 22.23
C ASP K 341 -6.91 -82.77 22.05
N ARG K 342 -7.06 -82.00 20.99
CA ARG K 342 -6.14 -80.89 20.73
C ARG K 342 -6.47 -79.70 21.62
N ARG K 343 -5.48 -78.85 21.81
CA ARG K 343 -5.60 -77.68 22.69
C ARG K 343 -4.81 -76.54 22.07
N LEU K 344 -4.52 -75.51 22.88
CA LEU K 344 -3.72 -74.37 22.43
C LEU K 344 -2.39 -74.33 23.19
N PRO K 345 -1.43 -75.21 22.84
CA PRO K 345 -0.21 -75.29 23.66
C PRO K 345 0.65 -74.03 23.60
N LEU K 346 0.74 -73.38 22.44
CA LEU K 346 1.63 -72.24 22.30
C LEU K 346 1.16 -71.06 23.15
N PHE K 347 -0.13 -70.74 23.08
CA PHE K 347 -0.65 -69.62 23.85
C PHE K 347 -0.61 -69.91 25.35
N GLU K 348 -0.88 -71.16 25.73
CA GLU K 348 -0.80 -71.54 27.14
C GLU K 348 0.62 -71.41 27.66
N LYS K 349 1.61 -71.82 26.85
CA LYS K 349 3.01 -71.65 27.23
C LYS K 349 3.38 -70.18 27.33
N MET K 350 2.85 -69.36 26.42
CA MET K 350 3.15 -67.93 26.42
C MET K 350 2.56 -67.22 27.63
N LEU K 351 1.34 -67.60 28.02
CA LEU K 351 0.59 -66.84 29.01
C LEU K 351 1.19 -66.94 30.41
N LYS K 352 1.92 -68.02 30.69
CA LYS K 352 2.41 -68.28 32.04
C LYS K 352 3.43 -67.24 32.51
N THR K 353 4.08 -66.54 31.58
CA THR K 353 5.14 -65.59 31.90
C THR K 353 4.83 -64.20 31.35
N VAL K 354 3.57 -63.80 31.42
CA VAL K 354 3.11 -62.59 30.73
C VAL K 354 3.71 -61.33 31.38
N TYR K 355 3.79 -61.31 32.72
CA TYR K 355 4.20 -60.09 33.40
C TYR K 355 5.67 -59.78 33.17
N THR K 356 6.54 -60.78 33.33
CA THR K 356 7.98 -60.54 33.40
C THR K 356 8.68 -60.62 32.05
N THR K 357 7.99 -61.01 30.99
CA THR K 357 8.64 -61.07 29.68
C THR K 357 8.66 -59.68 29.05
N PRO K 358 9.83 -59.17 28.68
CA PRO K 358 9.89 -57.80 28.13
C PRO K 358 9.19 -57.68 26.79
N PHE K 359 8.70 -56.47 26.53
CA PHE K 359 8.09 -56.11 25.26
C PHE K 359 8.90 -54.97 24.63
N TYR K 360 9.13 -55.07 23.33
CA TYR K 360 9.98 -54.11 22.62
C TYR K 360 9.18 -53.34 21.59
N PRO K 361 8.76 -52.10 21.90
CA PRO K 361 8.03 -51.31 20.90
C PRO K 361 8.85 -50.99 19.66
N HIS K 362 10.17 -50.90 19.78
CA HIS K 362 11.04 -50.52 18.68
C HIS K 362 11.41 -51.68 17.77
N LYS K 363 10.97 -52.89 18.10
CA LYS K 363 11.25 -54.08 17.30
C LYS K 363 10.00 -54.50 16.56
N SER K 364 10.14 -54.73 15.25
CA SER K 364 8.99 -55.12 14.44
C SER K 364 8.47 -56.51 14.83
N SER K 365 9.39 -57.41 15.20
CA SER K 365 9.00 -58.78 15.49
C SER K 365 8.09 -58.91 16.70
N ASN K 366 8.06 -57.90 17.58
CA ASN K 366 7.17 -57.89 18.73
C ASN K 366 5.89 -57.11 18.49
N MET K 367 6.00 -55.94 17.86
CA MET K 367 4.82 -55.14 17.57
C MET K 367 3.90 -55.84 16.58
N ILE K 368 4.48 -56.52 15.58
CA ILE K 368 3.68 -57.27 14.61
C ILE K 368 2.93 -58.40 15.30
N LEU K 369 3.58 -59.11 16.22
CA LEU K 369 2.91 -60.18 16.96
C LEU K 369 1.79 -59.63 17.82
N ALA K 370 2.04 -58.50 18.49
CA ALA K 370 1.01 -57.89 19.34
C ALA K 370 -0.19 -57.46 18.52
N SER K 371 0.04 -56.89 17.33
CA SER K 371 -1.07 -56.50 16.47
C SER K 371 -1.79 -57.71 15.90
N PHE K 372 -1.05 -58.79 15.61
CA PHE K 372 -1.64 -59.99 15.05
C PHE K 372 -2.56 -60.68 16.05
N LEU K 373 -2.17 -60.70 17.32
CA LEU K 373 -3.00 -61.34 18.34
C LEU K 373 -4.33 -60.64 18.56
N LEU K 374 -4.48 -59.40 18.08
CA LEU K 374 -5.72 -58.66 18.23
C LEU K 374 -6.66 -58.79 17.04
N SER K 375 -6.22 -59.40 15.94
CA SER K 375 -6.99 -59.39 14.70
C SER K 375 -7.46 -60.76 14.24
N ILE K 376 -7.05 -61.84 14.90
CA ILE K 376 -7.43 -63.18 14.46
C ILE K 376 -8.88 -63.52 14.80
N GLN K 377 -9.62 -62.62 15.44
CA GLN K 377 -10.98 -62.89 15.87
C GLN K 377 -12.03 -62.57 14.81
N THR K 378 -11.62 -62.17 13.62
CA THR K 378 -12.55 -61.82 12.55
C THR K 378 -12.89 -63.00 11.64
N ILE K 379 -12.40 -64.20 11.95
CA ILE K 379 -12.62 -65.34 11.07
C ILE K 379 -14.09 -65.76 11.04
N THR K 380 -14.77 -65.68 12.19
CA THR K 380 -16.13 -66.17 12.29
C THR K 380 -17.16 -65.22 11.71
N GLY K 381 -16.77 -64.00 11.33
CA GLY K 381 -17.70 -63.08 10.72
C GLY K 381 -18.69 -62.51 11.73
N TYR K 382 -19.82 -62.04 11.20
CA TYR K 382 -20.81 -61.36 12.03
C TYR K 382 -21.46 -62.31 13.02
N GLY K 383 -21.73 -61.79 14.21
CA GLY K 383 -22.32 -62.58 15.27
C GLY K 383 -23.83 -62.62 15.23
N ARG K 384 -24.38 -63.09 14.12
CA ARG K 384 -25.83 -63.20 13.99
C ARG K 384 -26.34 -64.31 14.90
N ALA K 385 -27.35 -63.98 15.71
CA ALA K 385 -27.75 -64.88 16.78
C ALA K 385 -29.26 -64.82 16.99
N TRP K 386 -29.73 -65.61 17.95
CA TRP K 386 -31.13 -65.70 18.33
C TRP K 386 -31.26 -65.11 19.73
N VAL K 387 -31.82 -63.91 19.82
CA VAL K 387 -31.97 -63.19 21.08
C VAL K 387 -33.39 -63.39 21.57
N LYS K 388 -33.53 -63.90 22.79
CA LYS K 388 -34.84 -64.19 23.37
C LYS K 388 -35.23 -63.13 24.39
N ASN K 389 -36.54 -62.99 24.60
CA ASN K 389 -37.06 -62.00 25.52
C ASN K 389 -37.07 -62.52 26.95
N VAL K 390 -36.40 -61.79 27.84
CA VAL K 390 -36.40 -62.10 29.26
C VAL K 390 -36.90 -60.86 30.01
N SER K 391 -37.86 -61.07 30.90
CA SER K 391 -38.42 -59.96 31.67
C SER K 391 -37.46 -59.52 32.76
N THR K 392 -37.72 -58.33 33.30
CA THR K 392 -36.93 -57.81 34.41
C THR K 392 -37.28 -58.58 35.67
N GLU K 393 -36.27 -59.19 36.30
CA GLU K 393 -36.49 -60.03 37.47
C GLU K 393 -36.44 -59.12 38.69
N PHE K 394 -37.62 -58.74 39.18
CA PHE K 394 -37.71 -57.67 40.17
C PHE K 394 -37.12 -58.08 41.52
N ASP K 395 -37.34 -59.33 41.93
CA ASP K 395 -37.16 -59.71 43.32
C ASP K 395 -35.70 -59.97 43.73
N LYS K 396 -34.71 -59.56 42.94
CA LYS K 396 -33.34 -59.63 43.45
C LYS K 396 -32.56 -58.34 43.20
N GLN K 397 -33.21 -57.27 42.74
CA GLN K 397 -32.54 -55.99 42.64
C GLN K 397 -32.20 -55.46 44.03
N LEU K 398 -31.12 -54.69 44.12
CA LEU K 398 -30.62 -54.22 45.40
C LEU K 398 -31.39 -52.97 45.83
N LYS K 399 -31.93 -52.99 47.06
CA LYS K 399 -32.71 -51.96 47.71
C LYS K 399 -31.82 -51.14 48.65
N PRO K 400 -32.17 -49.87 48.91
CA PRO K 400 -31.37 -49.06 49.82
C PRO K 400 -31.36 -49.63 51.23
N ASN K 401 -30.23 -49.50 51.90
CA ASN K 401 -29.98 -50.14 53.18
C ASN K 401 -28.85 -49.40 53.87
N PRO K 402 -28.86 -49.33 55.21
CA PRO K 402 -27.72 -48.69 55.92
C PRO K 402 -26.38 -49.37 55.69
N SER K 403 -26.36 -50.59 55.14
CA SER K 403 -25.13 -51.27 54.78
C SER K 403 -24.80 -51.14 53.29
N ASN K 404 -25.53 -50.30 52.57
CA ASN K 404 -25.36 -50.14 51.13
C ASN K 404 -25.06 -48.68 50.79
N LEU K 405 -24.97 -48.39 49.49
CA LEU K 405 -24.72 -47.05 48.98
C LEU K 405 -25.68 -46.67 47.85
N VAL K 406 -26.86 -47.28 47.82
CA VAL K 406 -27.83 -47.00 46.76
C VAL K 406 -28.39 -45.59 46.91
N GLN K 407 -28.70 -45.19 48.15
CA GLN K 407 -29.19 -43.84 48.39
C GLN K 407 -28.14 -42.81 48.01
N ASP K 408 -26.86 -43.13 48.21
CA ASP K 408 -25.80 -42.19 47.90
C ASP K 408 -25.65 -41.97 46.40
N VAL K 409 -25.66 -43.05 45.60
CA VAL K 409 -25.60 -42.86 44.15
C VAL K 409 -26.83 -42.14 43.64
N SER K 410 -28.00 -42.42 44.24
CA SER K 410 -29.21 -41.70 43.83
C SER K 410 -29.08 -40.20 44.08
N ASP K 411 -28.63 -39.83 45.29
CA ASP K 411 -28.51 -38.42 45.64
C ASP K 411 -27.45 -37.73 44.78
N LEU K 412 -26.33 -38.41 44.51
CA LEU K 412 -25.30 -37.79 43.69
C LEU K 412 -25.74 -37.64 42.24
N THR K 413 -26.52 -38.60 41.72
CA THR K 413 -27.08 -38.45 40.39
C THR K 413 -28.01 -37.25 40.33
N ARG K 414 -28.84 -37.08 41.36
CA ARG K 414 -29.71 -35.91 41.44
C ARG K 414 -28.91 -34.62 41.45
N GLU K 415 -27.83 -34.58 42.24
CA GLU K 415 -27.00 -33.37 42.32
C GLU K 415 -26.33 -33.06 40.99
N PHE K 416 -25.79 -34.07 40.32
CA PHE K 416 -25.12 -33.84 39.04
C PHE K 416 -26.12 -33.38 37.98
N PHE K 417 -27.32 -33.96 37.95
CA PHE K 417 -28.34 -33.53 37.01
C PHE K 417 -28.76 -32.10 37.28
N LYS K 418 -28.87 -31.72 38.56
CA LYS K 418 -29.22 -30.34 38.89
C LYS K 418 -28.12 -29.37 38.47
N GLN K 419 -26.86 -29.75 38.66
CA GLN K 419 -25.73 -28.89 38.31
C GLN K 419 -25.58 -28.74 36.80
N ALA K 420 -25.92 -29.78 36.05
CA ALA K 420 -25.75 -29.75 34.60
C ALA K 420 -26.60 -28.66 33.94
N TYR K 421 -27.81 -28.44 34.46
CA TYR K 421 -28.67 -27.42 33.87
C TYR K 421 -28.10 -26.02 34.09
N VAL K 422 -27.55 -25.77 35.27
CA VAL K 422 -26.90 -24.48 35.54
C VAL K 422 -25.70 -24.29 34.61
N GLU K 423 -24.88 -25.33 34.46
CA GLU K 423 -23.72 -25.23 33.58
C GLU K 423 -24.12 -25.03 32.13
N ALA K 424 -25.24 -25.64 31.71
CA ALA K 424 -25.72 -25.44 30.34
C ALA K 424 -26.27 -24.02 30.16
N LYS K 425 -26.93 -23.48 31.17
CA LYS K 425 -27.47 -22.13 31.06
C LYS K 425 -26.34 -21.10 31.02
N GLU K 426 -25.22 -21.40 31.68
CA GLU K 426 -24.08 -20.49 31.63
C GLU K 426 -23.51 -20.36 30.22
N ARG K 427 -23.77 -21.34 29.35
CA ARG K 427 -23.38 -21.30 27.95
C ARG K 427 -24.53 -20.84 27.05
N ARG K 428 -25.58 -20.27 27.66
CA ARG K 428 -26.77 -19.78 26.95
C ARG K 428 -27.44 -20.91 26.16
N GLU K 429 -27.64 -22.03 26.83
CA GLU K 429 -28.36 -23.17 26.25
C GLU K 429 -29.44 -23.58 27.23
N GLU K 430 -30.70 -23.52 26.79
CA GLU K 430 -31.83 -23.71 27.68
C GLU K 430 -32.79 -24.71 27.05
N ILE K 431 -33.88 -24.99 27.78
CA ILE K 431 -34.93 -25.89 27.30
C ILE K 431 -35.73 -25.19 26.23
N VAL K 432 -36.55 -25.93 25.49
CA VAL K 432 -37.37 -25.35 24.43
C VAL K 432 -38.52 -24.58 25.05
N LYS K 433 -38.84 -23.44 24.45
CA LYS K 433 -39.96 -22.63 24.88
C LYS K 433 -41.21 -23.02 24.10
N PRO K 434 -42.40 -22.67 24.62
CA PRO K 434 -43.64 -23.03 23.90
C PRO K 434 -43.73 -22.45 22.50
N GLU K 435 -43.03 -21.36 22.22
CA GLU K 435 -43.01 -20.81 20.87
C GLU K 435 -42.22 -21.68 19.89
N ASP K 436 -41.31 -22.51 20.40
CA ASP K 436 -40.49 -23.37 19.57
C ASP K 436 -40.93 -24.83 19.59
N LEU K 437 -42.14 -25.12 20.10
CA LEU K 437 -42.54 -26.51 20.32
C LEU K 437 -42.63 -27.26 19.00
N TYR K 438 -43.31 -26.69 18.01
CA TYR K 438 -43.48 -27.37 16.73
C TYR K 438 -42.23 -27.32 15.88
N THR K 439 -41.43 -26.26 16.01
CA THR K 439 -40.18 -26.17 15.26
C THR K 439 -39.18 -27.22 15.74
N SER K 440 -39.13 -27.46 17.05
CA SER K 440 -38.13 -28.35 17.62
C SER K 440 -38.40 -29.82 17.32
N MET K 441 -39.59 -30.16 16.81
CA MET K 441 -39.88 -31.56 16.49
C MET K 441 -39.05 -32.05 15.32
N LEU K 442 -38.46 -31.15 14.53
CA LEU K 442 -37.63 -31.57 13.40
C LEU K 442 -36.28 -32.10 13.84
N ARG K 443 -35.91 -31.92 15.10
CA ARG K 443 -34.66 -32.44 15.63
C ARG K 443 -34.77 -33.91 16.03
N LEU K 444 -35.91 -34.55 15.79
CA LEU K 444 -36.09 -35.96 16.09
C LEU K 444 -36.04 -36.79 14.83
N THR K 448 -34.92 -44.16 8.93
CA THR K 448 -35.61 -43.72 10.13
C THR K 448 -37.09 -44.06 10.06
N SER K 449 -37.68 -44.41 11.20
CA SER K 449 -39.08 -44.80 11.27
C SER K 449 -39.68 -44.31 12.58
N SER K 450 -40.91 -44.72 12.84
CA SER K 450 -41.61 -44.38 14.08
C SER K 450 -42.77 -45.35 14.24
N GLY K 451 -43.53 -45.15 15.33
CA GLY K 451 -44.67 -45.99 15.61
C GLY K 451 -45.95 -45.61 14.88
N PHE K 452 -45.89 -44.56 14.06
CA PHE K 452 -47.04 -44.10 13.31
C PHE K 452 -46.91 -44.52 11.84
N SER K 453 -47.88 -44.12 11.02
CA SER K 453 -47.85 -44.42 9.60
C SER K 453 -48.71 -43.37 8.88
N THR K 454 -48.51 -43.28 7.56
CA THR K 454 -49.26 -42.33 6.75
C THR K 454 -49.35 -42.84 5.32
N GLU K 455 -50.31 -42.29 4.58
CA GLU K 455 -50.53 -42.62 3.18
C GLU K 455 -50.49 -41.34 2.36
N ILE K 456 -49.71 -41.35 1.27
CA ILE K 456 -49.50 -40.17 0.45
C ILE K 456 -49.65 -40.53 -1.01
N TYR K 457 -49.87 -39.50 -1.83
CA TYR K 457 -50.09 -39.64 -3.27
C TYR K 457 -48.94 -39.00 -4.03
N VAL K 458 -48.49 -39.66 -5.09
CA VAL K 458 -47.39 -39.19 -5.92
C VAL K 458 -47.82 -39.27 -7.38
N LYS K 459 -47.23 -38.40 -8.20
CA LYS K 459 -47.55 -38.32 -9.62
C LYS K 459 -46.29 -38.58 -10.45
N LYS K 460 -46.39 -39.53 -11.37
CA LYS K 460 -45.29 -39.83 -12.28
C LYS K 460 -45.23 -38.74 -13.36
N ARG K 461 -44.04 -38.21 -13.61
CA ARG K 461 -43.82 -37.21 -14.65
C ARG K 461 -42.42 -37.39 -15.21
N PHE K 462 -42.33 -37.60 -16.53
CA PHE K 462 -41.05 -37.79 -17.18
C PHE K 462 -40.26 -36.51 -17.36
N LEU K 471 -50.04 -41.02 -10.57
CA LEU K 471 -51.14 -40.95 -9.61
C LEU K 471 -51.18 -42.25 -8.80
N ILE K 472 -50.04 -42.60 -8.20
CA ILE K 472 -49.91 -43.84 -7.45
C ILE K 472 -49.81 -43.56 -5.95
N LYS K 473 -50.12 -44.60 -5.16
CA LYS K 473 -50.12 -44.53 -3.71
C LYS K 473 -48.97 -45.36 -3.16
N ILE K 474 -48.42 -44.92 -2.04
CA ILE K 474 -47.41 -45.68 -1.31
C ILE K 474 -47.59 -45.45 0.18
N ASN K 475 -47.12 -46.40 0.98
CA ASN K 475 -47.21 -46.34 2.43
C ASN K 475 -45.83 -46.08 3.01
N SER K 476 -45.75 -45.16 3.97
CA SER K 476 -44.48 -44.78 4.57
C SER K 476 -44.64 -44.59 6.07
N ARG K 477 -43.56 -44.85 6.80
CA ARG K 477 -43.51 -44.65 8.25
C ARG K 477 -42.30 -43.84 8.69
N ILE K 478 -41.63 -43.15 7.76
CA ILE K 478 -40.42 -42.40 8.08
C ILE K 478 -40.78 -41.23 8.97
N LYS K 479 -39.88 -40.90 9.90
CA LYS K 479 -40.14 -39.83 10.87
C LYS K 479 -40.38 -38.50 10.18
N ALA K 480 -39.60 -38.20 9.13
CA ALA K 480 -39.77 -36.93 8.43
C ALA K 480 -41.11 -36.84 7.74
N LEU K 481 -41.51 -37.89 7.02
CA LEU K 481 -42.78 -37.87 6.29
C LEU K 481 -43.97 -37.87 7.25
N VAL K 482 -43.90 -38.68 8.31
CA VAL K 482 -45.03 -38.75 9.24
C VAL K 482 -45.16 -37.44 10.01
N ILE K 483 -44.04 -36.80 10.34
CA ILE K 483 -44.09 -35.48 10.97
C ILE K 483 -44.71 -34.47 10.00
N PHE K 484 -44.19 -34.42 8.77
CA PHE K 484 -44.67 -33.46 7.78
C PHE K 484 -46.16 -33.63 7.51
N THR K 485 -46.67 -34.85 7.60
CA THR K 485 -48.09 -35.07 7.31
C THR K 485 -48.97 -34.82 8.52
N LYS K 486 -48.64 -35.38 9.68
CA LYS K 486 -49.54 -35.37 10.82
C LYS K 486 -48.80 -35.03 12.12
N GLY K 487 -48.00 -33.97 12.09
CA GLY K 487 -47.36 -33.51 13.31
C GLY K 487 -48.36 -33.01 14.34
N HIS K 488 -49.50 -32.50 13.88
CA HIS K 488 -50.50 -31.97 14.81
C HIS K 488 -51.17 -33.07 15.62
N THR K 489 -51.13 -34.31 15.14
CA THR K 489 -51.76 -35.43 15.84
C THR K 489 -50.88 -36.04 16.91
N VAL K 490 -49.66 -35.53 17.10
CA VAL K 490 -48.75 -36.12 18.08
C VAL K 490 -48.99 -35.52 19.46
N PHE K 491 -49.02 -34.19 19.55
CA PHE K 491 -49.12 -33.49 20.83
C PHE K 491 -50.57 -33.21 21.21
N THR K 492 -51.40 -34.24 21.21
CA THR K 492 -52.81 -34.11 21.53
C THR K 492 -53.12 -34.81 22.86
N ASP K 493 -54.29 -34.48 23.42
CA ASP K 493 -54.68 -35.02 24.72
C ASP K 493 -54.86 -36.53 24.65
N GLU K 494 -55.48 -37.02 23.59
CA GLU K 494 -55.79 -38.44 23.49
C GLU K 494 -54.53 -39.29 23.31
N GLU K 495 -53.55 -38.78 22.56
CA GLU K 495 -52.31 -39.50 22.31
C GLU K 495 -51.36 -39.48 23.50
N LEU K 496 -51.35 -38.39 24.28
CA LEU K 496 -50.38 -38.27 25.37
C LEU K 496 -50.73 -39.15 26.56
N HIS K 497 -52.01 -39.44 26.79
CA HIS K 497 -52.44 -40.18 27.98
C HIS K 497 -52.54 -41.68 27.74
N LYS K 498 -52.13 -42.17 26.58
CA LYS K 498 -52.18 -43.60 26.30
C LYS K 498 -51.10 -44.33 27.09
N LYS K 499 -51.43 -45.54 27.55
CA LYS K 499 -50.53 -46.36 28.35
C LYS K 499 -50.21 -47.64 27.60
N TYR K 500 -48.94 -47.88 27.32
CA TYR K 500 -48.50 -49.04 26.54
C TYR K 500 -48.03 -50.16 27.45
N ASN K 501 -48.95 -50.67 28.26
CA ASN K 501 -48.65 -51.76 29.20
C ASN K 501 -49.79 -52.77 29.20
N SER K 502 -50.28 -53.13 28.01
CA SER K 502 -51.41 -54.04 27.90
C SER K 502 -51.16 -55.00 26.74
N VAL K 503 -52.15 -55.85 26.47
CA VAL K 503 -52.06 -56.75 25.34
C VAL K 503 -52.40 -56.01 24.05
N GLU K 504 -53.27 -55.01 24.12
CA GLU K 504 -53.67 -54.25 22.93
C GLU K 504 -52.76 -53.06 22.65
N LEU K 505 -51.80 -52.76 23.52
CA LEU K 505 -50.86 -51.67 23.31
C LEU K 505 -49.48 -52.09 23.78
N TYR K 506 -48.49 -51.98 22.88
CA TYR K 506 -47.12 -52.36 23.19
C TYR K 506 -46.22 -51.81 22.08
N GLN K 507 -44.92 -52.08 22.22
CA GLN K 507 -43.93 -51.79 21.20
C GLN K 507 -43.22 -53.07 20.79
N THR K 508 -42.26 -52.95 19.89
CA THR K 508 -41.52 -54.09 19.36
C THR K 508 -40.02 -53.79 19.42
N LYS K 509 -39.23 -54.82 19.70
CA LYS K 509 -37.79 -54.70 19.80
C LYS K 509 -37.13 -55.09 18.49
N GLY K 510 -36.13 -54.31 18.09
CA GLY K 510 -35.38 -54.55 16.87
C GLY K 510 -34.02 -55.16 17.14
N SER K 511 -33.39 -55.60 16.07
CA SER K 511 -32.08 -56.25 16.13
C SER K 511 -31.16 -55.65 15.08
N ARG K 512 -29.88 -55.49 15.43
CA ARG K 512 -28.86 -55.00 14.52
C ARG K 512 -27.62 -55.86 14.65
N ASP K 513 -27.09 -56.31 13.52
CA ASP K 513 -25.89 -57.13 13.52
C ASP K 513 -24.65 -56.29 13.81
N VAL K 514 -23.72 -56.88 14.57
CA VAL K 514 -22.45 -56.23 14.89
C VAL K 514 -21.34 -57.18 14.44
N PRO K 515 -20.13 -56.64 14.21
CA PRO K 515 -19.09 -57.48 13.56
C PRO K 515 -18.74 -58.77 14.27
N ILE K 516 -18.55 -58.78 15.59
CA ILE K 516 -18.12 -59.96 16.30
C ILE K 516 -19.09 -60.36 17.41
N LYS K 517 -19.56 -59.40 18.19
CA LYS K 517 -20.34 -59.69 19.39
C LYS K 517 -21.75 -60.16 19.02
N ALA K 518 -22.55 -60.40 20.05
CA ALA K 518 -23.93 -60.81 19.86
C ALA K 518 -24.78 -59.66 19.35
N THR K 519 -25.96 -59.99 18.84
CA THR K 519 -26.83 -59.01 18.21
C THR K 519 -27.33 -57.98 19.23
N ARG K 520 -27.34 -56.72 18.81
CA ARG K 520 -27.74 -55.62 19.67
C ARG K 520 -29.25 -55.41 19.61
N THR K 521 -29.84 -55.08 20.75
CA THR K 521 -31.27 -54.84 20.86
C THR K 521 -31.58 -53.37 20.65
N ILE K 522 -32.57 -53.10 19.80
CA ILE K 522 -33.00 -51.74 19.47
C ILE K 522 -34.40 -51.52 20.02
N TYR K 523 -34.58 -50.43 20.76
CA TYR K 523 -35.85 -50.11 21.42
C TYR K 523 -36.52 -48.96 20.66
N SER K 524 -37.39 -49.29 19.72
CA SER K 524 -38.14 -48.28 19.00
C SER K 524 -39.23 -47.71 19.91
N ILE K 525 -39.29 -46.38 19.96
CA ILE K 525 -40.17 -45.67 20.88
C ILE K 525 -41.04 -44.71 20.09
N ASN K 526 -42.31 -44.60 20.47
CA ASN K 526 -43.25 -43.75 19.77
C ASN K 526 -42.83 -42.28 19.87
N LEU K 527 -43.25 -41.50 18.87
CA LEU K 527 -42.86 -40.09 18.80
C LEU K 527 -43.46 -39.28 19.94
N SER K 528 -44.67 -39.65 20.39
CA SER K 528 -45.32 -38.94 21.48
C SER K 528 -44.61 -39.15 22.82
N VAL K 529 -43.73 -40.13 22.91
CA VAL K 529 -42.88 -40.27 24.09
C VAL K 529 -41.56 -39.54 23.88
N LEU K 530 -41.08 -39.48 22.64
CA LEU K 530 -39.79 -38.86 22.35
C LEU K 530 -39.85 -37.34 22.46
N VAL K 531 -40.97 -36.73 22.07
CA VAL K 531 -41.07 -35.27 22.11
C VAL K 531 -40.93 -34.71 23.53
N PRO K 532 -41.66 -35.20 24.55
CA PRO K 532 -41.43 -34.64 25.90
C PRO K 532 -40.02 -34.85 26.43
N GLN K 533 -39.38 -35.96 26.07
CA GLN K 533 -37.99 -36.17 26.46
C GLN K 533 -37.07 -35.15 25.82
N LEU K 534 -37.29 -34.88 24.53
CA LEU K 534 -36.49 -33.87 23.83
C LEU K 534 -36.67 -32.50 24.46
N ILE K 535 -37.91 -32.17 24.84
CA ILE K 535 -38.23 -30.84 25.37
C ILE K 535 -37.36 -30.48 26.56
N VAL K 536 -37.07 -31.44 27.44
CA VAL K 536 -36.30 -31.19 28.65
C VAL K 536 -34.90 -31.77 28.61
N THR K 537 -34.49 -32.43 27.52
CA THR K 537 -33.13 -32.96 27.46
C THR K 537 -32.31 -32.44 26.28
N LEU K 538 -32.86 -31.57 25.44
CA LEU K 538 -32.05 -30.97 24.37
C LEU K 538 -30.88 -30.13 24.89
N PRO K 539 -31.05 -29.24 25.88
CA PRO K 539 -29.89 -28.45 26.33
C PRO K 539 -28.76 -29.29 26.89
N LEU K 540 -29.06 -30.42 27.55
CA LEU K 540 -27.99 -31.28 28.04
C LEU K 540 -27.18 -31.86 26.89
N ASN K 541 -27.85 -32.30 25.82
CA ASN K 541 -27.14 -32.80 24.65
C ASN K 541 -26.26 -31.72 24.04
N GLU K 542 -26.80 -30.50 23.91
CA GLU K 542 -26.02 -29.43 23.29
C GLU K 542 -24.85 -29.02 24.17
N TYR K 543 -25.04 -29.01 25.49
CA TYR K 543 -23.97 -28.63 26.41
C TYR K 543 -22.86 -29.68 26.42
N PHE K 544 -23.22 -30.96 26.40
CA PHE K 544 -22.19 -31.98 26.43
C PHE K 544 -21.62 -32.27 25.04
N SER K 545 -22.15 -31.62 24.00
CA SER K 545 -21.69 -31.90 22.64
C SER K 545 -20.23 -31.49 22.43
N ARG K 546 -19.83 -30.31 22.91
CA ARG K 546 -18.53 -29.75 22.51
C ARG K 546 -17.40 -30.50 23.21
N VAL K 547 -16.23 -30.49 22.59
CA VAL K 547 -15.07 -31.25 23.04
C VAL K 547 -14.19 -30.37 23.93
N GLY K 548 -13.33 -31.01 24.70
CA GLY K 548 -12.32 -30.32 25.47
C GLY K 548 -12.76 -29.96 26.88
N GLY K 549 -11.76 -29.65 27.70
CA GLY K 549 -12.00 -29.24 29.07
C GLY K 549 -10.94 -29.70 30.05
N ILE K 550 -11.12 -29.37 31.31
CA ILE K 550 -10.20 -29.76 32.38
C ILE K 550 -10.79 -30.95 33.12
N THR K 551 -9.99 -32.02 33.23
CA THR K 551 -10.44 -33.26 33.86
C THR K 551 -9.86 -33.46 35.25
N SER K 552 -9.29 -32.42 35.85
CA SER K 552 -8.76 -32.53 37.21
C SER K 552 -9.92 -32.69 38.21
N PRO K 553 -9.82 -33.61 39.17
CA PRO K 553 -10.90 -33.76 40.15
C PRO K 553 -11.13 -32.52 41.00
N ASP K 554 -10.12 -31.67 41.17
CA ASP K 554 -10.27 -30.45 41.93
C ASP K 554 -11.04 -29.37 41.18
N TYR K 555 -11.29 -29.54 39.88
CA TYR K 555 -12.01 -28.55 39.10
C TYR K 555 -13.51 -28.68 39.32
N LYS K 556 -14.17 -27.54 39.45
CA LYS K 556 -15.58 -27.54 39.84
C LYS K 556 -16.49 -28.03 38.72
N LYS K 557 -16.27 -27.55 37.50
CA LYS K 557 -17.17 -27.84 36.40
C LYS K 557 -17.02 -29.29 35.94
N ILE K 558 -18.14 -29.87 35.49
CA ILE K 558 -18.19 -31.26 35.09
C ILE K 558 -18.28 -31.44 33.59
N GLY K 559 -18.23 -30.34 32.81
CA GLY K 559 -18.32 -30.47 31.37
C GLY K 559 -17.10 -31.10 30.74
N GLY K 560 -15.94 -30.98 31.39
CA GLY K 560 -14.74 -31.61 30.89
C GLY K 560 -14.59 -33.07 31.25
N LYS K 561 -15.24 -33.52 32.32
CA LYS K 561 -15.16 -34.91 32.72
C LYS K 561 -15.88 -35.83 31.74
N VAL K 562 -17.01 -35.39 31.20
CA VAL K 562 -17.76 -36.18 30.22
C VAL K 562 -17.07 -36.01 28.88
N ILE K 563 -16.63 -37.13 28.29
CA ILE K 563 -15.78 -37.11 27.11
C ILE K 563 -16.49 -37.73 25.92
N VAL K 564 -17.82 -37.57 25.86
CA VAL K 564 -18.60 -38.18 24.80
C VAL K 564 -18.20 -37.66 23.43
N GLY K 565 -17.66 -36.43 23.36
CA GLY K 565 -17.23 -35.89 22.08
C GLY K 565 -15.74 -36.00 21.83
N ASP K 566 -14.97 -36.40 22.84
CA ASP K 566 -13.52 -36.41 22.71
C ASP K 566 -13.07 -37.35 21.59
N LEU K 567 -13.68 -38.52 21.51
CA LEU K 567 -13.37 -39.44 20.43
C LEU K 567 -14.13 -39.05 19.16
N GLU K 568 -13.51 -39.33 18.01
CA GLU K 568 -14.07 -39.09 16.68
C GLU K 568 -14.34 -37.61 16.40
N ALA K 569 -13.69 -36.70 17.13
CA ALA K 569 -13.83 -35.29 16.83
C ALA K 569 -13.05 -34.91 15.58
N THR K 570 -11.85 -35.45 15.42
CA THR K 570 -11.03 -35.28 14.24
C THR K 570 -10.98 -36.61 13.49
N GLY K 571 -10.92 -36.53 12.16
CA GLY K 571 -10.94 -37.74 11.35
C GLY K 571 -9.67 -38.55 11.38
N SER K 572 -9.15 -38.81 12.59
CA SER K 572 -7.97 -39.64 12.78
C SER K 572 -7.97 -40.18 14.20
N ARG K 573 -7.83 -41.50 14.34
CA ARG K 573 -7.82 -42.10 15.65
C ARG K 573 -6.52 -41.81 16.40
N VAL K 574 -5.40 -41.74 15.67
CA VAL K 574 -4.10 -41.52 16.29
C VAL K 574 -4.03 -40.13 16.93
N MET K 575 -4.52 -39.11 16.23
CA MET K 575 -4.49 -37.74 16.76
C MET K 575 -5.44 -37.56 17.93
N ASP K 576 -6.59 -38.23 17.91
CA ASP K 576 -7.56 -38.03 18.99
C ASP K 576 -7.25 -38.82 20.25
N ALA K 577 -6.23 -39.67 20.22
CA ALA K 577 -5.87 -40.50 21.37
C ALA K 577 -4.39 -40.37 21.70
N ALA K 578 -3.83 -39.17 21.57
CA ALA K 578 -2.43 -38.97 21.88
C ALA K 578 -2.16 -38.98 23.39
N ASP K 579 -3.16 -38.59 24.19
CA ASP K 579 -3.01 -38.63 25.63
C ASP K 579 -2.79 -40.05 26.14
N CYS K 580 -3.38 -41.04 25.46
CA CYS K 580 -3.15 -42.44 25.82
C CYS K 580 -1.68 -42.80 25.67
N PHE K 581 -1.08 -42.44 24.53
CA PHE K 581 0.33 -42.74 24.31
C PHE K 581 1.21 -42.00 25.31
N ARG K 582 0.90 -40.72 25.57
CA ARG K 582 1.71 -39.95 26.52
C ARG K 582 1.65 -40.56 27.91
N ASN K 583 0.45 -40.94 28.37
CA ASN K 583 0.33 -41.46 29.73
C ASN K 583 0.88 -42.88 29.84
N SER K 584 0.84 -43.66 28.75
CA SER K 584 1.48 -44.97 28.78
C SER K 584 2.99 -44.86 28.70
N ALA K 585 3.51 -43.73 28.21
CA ALA K 585 4.96 -43.51 28.18
C ALA K 585 5.53 -43.02 29.49
N ASP K 586 4.69 -42.54 30.42
CA ASP K 586 5.18 -41.94 31.65
C ASP K 586 5.29 -42.98 32.75
N ARG K 587 6.30 -42.84 33.60
CA ARG K 587 6.53 -43.76 34.69
C ARG K 587 5.88 -43.33 36.00
N ASP K 588 5.33 -42.13 36.06
CA ASP K 588 4.70 -41.63 37.28
C ASP K 588 3.20 -41.90 37.32
N ILE K 589 2.61 -42.46 36.27
CA ILE K 589 1.16 -42.58 36.15
C ILE K 589 0.77 -44.04 36.35
N PHE K 590 -0.19 -44.27 37.23
CA PHE K 590 -0.83 -45.57 37.43
C PHE K 590 -2.26 -45.46 36.91
N THR K 591 -2.62 -46.34 35.98
CA THR K 591 -3.90 -46.26 35.28
C THR K 591 -4.87 -47.30 35.83
N ILE K 592 -6.09 -46.86 36.12
CA ILE K 592 -7.16 -47.73 36.60
C ILE K 592 -8.31 -47.64 35.60
N ALA K 593 -8.62 -48.74 34.93
CA ALA K 593 -9.74 -48.83 34.01
C ALA K 593 -10.68 -49.92 34.48
N ILE K 594 -11.94 -49.57 34.72
CA ILE K 594 -12.91 -50.47 35.31
C ILE K 594 -14.11 -50.59 34.37
N ASP K 595 -14.50 -51.83 34.08
CA ASP K 595 -15.65 -52.12 33.22
C ASP K 595 -16.71 -52.83 34.03
N TYR K 596 -17.97 -52.51 33.77
CA TYR K 596 -19.10 -53.12 34.45
C TYR K 596 -19.72 -54.19 33.55
N SER K 597 -20.44 -55.12 34.19
CA SER K 597 -21.11 -56.21 33.50
C SER K 597 -22.62 -56.01 33.61
N GLU K 598 -23.30 -56.08 32.47
CA GLU K 598 -24.73 -55.74 32.35
C GLU K 598 -25.03 -54.39 33.01
N TYR K 599 -24.37 -53.36 32.48
CA TYR K 599 -24.47 -52.03 33.07
C TYR K 599 -25.89 -51.49 33.01
N ASP K 600 -26.57 -51.67 31.87
CA ASP K 600 -27.92 -51.15 31.72
C ASP K 600 -28.91 -51.87 32.63
N THR K 601 -28.74 -53.18 32.80
CA THR K 601 -29.66 -53.96 33.62
C THR K 601 -29.62 -53.55 35.09
N HIS K 602 -28.50 -53.03 35.57
CA HIS K 602 -28.33 -52.66 36.97
C HIS K 602 -28.84 -51.26 37.28
N LEU K 603 -29.33 -50.51 36.29
CA LEU K 603 -29.89 -49.18 36.52
C LEU K 603 -31.35 -49.33 36.90
N THR K 604 -31.59 -49.70 38.15
CA THR K 604 -32.94 -49.88 38.66
C THR K 604 -33.55 -48.54 39.07
N ARG K 605 -34.79 -48.58 39.53
CA ARG K 605 -35.43 -47.36 40.02
C ARG K 605 -34.90 -46.97 41.39
N HIS K 606 -34.31 -47.92 42.12
CA HIS K 606 -33.82 -47.63 43.46
C HIS K 606 -32.56 -46.78 43.43
N ASN K 607 -31.69 -47.00 42.43
CA ASN K 607 -30.39 -46.34 42.41
C ASN K 607 -30.23 -45.31 41.31
N PHE K 608 -31.01 -45.38 40.22
CA PHE K 608 -30.82 -44.47 39.10
C PHE K 608 -32.04 -43.61 38.80
N ARG K 609 -33.21 -44.20 38.61
CA ARG K 609 -34.30 -43.50 37.92
C ARG K 609 -34.92 -42.40 38.77
N THR K 610 -35.22 -42.69 40.04
CA THR K 610 -35.93 -41.70 40.86
C THR K 610 -35.08 -40.49 41.14
N GLY K 611 -33.76 -40.68 41.31
CA GLY K 611 -32.88 -39.54 41.49
C GLY K 611 -32.82 -38.66 40.26
N MET K 612 -32.77 -39.27 39.07
CA MET K 612 -32.77 -38.51 37.83
C MET K 612 -34.05 -37.70 37.68
N LEU K 613 -35.19 -38.33 37.91
CA LEU K 613 -36.47 -37.61 37.76
C LEU K 613 -36.59 -36.49 38.77
N GLN K 614 -36.17 -36.74 40.01
CA GLN K 614 -36.21 -35.70 41.04
C GLN K 614 -35.29 -34.54 40.68
N GLY K 615 -34.10 -34.84 40.16
CA GLY K 615 -33.19 -33.78 39.77
C GLY K 615 -33.72 -32.94 38.63
N ILE K 616 -34.33 -33.59 37.63
CA ILE K 616 -34.93 -32.84 36.52
C ILE K 616 -36.06 -31.96 37.02
N ARG K 617 -36.92 -32.49 37.89
CA ARG K 617 -38.03 -31.71 38.42
C ARG K 617 -37.54 -30.52 39.24
N GLU K 618 -36.51 -30.72 40.05
CA GLU K 618 -35.98 -29.62 40.85
C GLU K 618 -35.26 -28.59 39.99
N ALA K 619 -34.66 -29.01 38.88
CA ALA K 619 -34.06 -28.06 37.96
C ALA K 619 -35.10 -27.28 37.16
N MET K 620 -36.30 -27.85 36.97
CA MET K 620 -37.36 -27.15 36.26
C MET K 620 -38.14 -26.17 37.15
N ALA K 621 -37.62 -25.85 38.34
CA ALA K 621 -38.34 -24.96 39.26
C ALA K 621 -38.55 -23.54 38.72
N PRO K 622 -37.55 -22.84 38.18
CA PRO K 622 -37.81 -21.44 37.75
C PRO K 622 -38.79 -21.32 36.60
N TYR K 623 -38.99 -22.37 35.81
CA TYR K 623 -39.83 -22.32 34.63
C TYR K 623 -41.27 -22.75 34.89
N ARG K 624 -41.76 -22.54 36.12
CA ARG K 624 -43.10 -23.01 36.48
C ARG K 624 -44.21 -22.24 35.79
N ASP K 625 -43.94 -21.02 35.33
CA ASP K 625 -44.98 -20.19 34.73
C ASP K 625 -45.26 -20.55 33.27
N LEU K 626 -44.46 -21.42 32.67
CA LEU K 626 -44.70 -21.80 31.29
C LEU K 626 -45.89 -22.75 31.17
N ARG K 627 -46.54 -22.71 30.01
CA ARG K 627 -47.65 -23.61 29.72
C ARG K 627 -47.51 -24.08 28.29
N TYR K 628 -47.32 -25.38 28.11
CA TYR K 628 -47.14 -25.99 26.79
C TYR K 628 -48.47 -26.60 26.36
N GLU K 629 -49.24 -25.85 25.57
CA GLU K 629 -50.58 -26.24 25.16
C GLU K 629 -51.47 -26.56 26.37
N GLY K 630 -51.38 -25.71 27.40
CA GLY K 630 -52.14 -25.88 28.61
C GLY K 630 -51.54 -26.82 29.63
N TYR K 631 -50.41 -27.45 29.33
CA TYR K 631 -49.78 -28.40 30.21
C TYR K 631 -48.59 -27.77 30.94
N THR K 632 -48.40 -28.16 32.19
CA THR K 632 -47.23 -27.73 32.95
C THR K 632 -46.04 -28.62 32.60
N LEU K 633 -44.88 -28.25 33.14
CA LEU K 633 -43.67 -29.05 32.90
C LEU K 633 -43.75 -30.40 33.60
N GLU K 634 -44.30 -30.42 34.82
CA GLU K 634 -44.41 -31.68 35.56
C GLU K 634 -45.16 -32.72 34.75
N GLN K 635 -46.25 -32.32 34.12
CA GLN K 635 -46.96 -33.21 33.20
C GLN K 635 -46.08 -33.61 32.02
N ILE K 636 -45.13 -32.76 31.61
CA ILE K 636 -44.25 -33.12 30.51
C ILE K 636 -43.27 -34.22 30.93
N ILE K 637 -42.72 -34.13 32.14
CA ILE K 637 -41.92 -35.26 32.64
C ILE K 637 -42.77 -36.52 32.76
N ASP K 638 -44.02 -36.38 33.22
CA ASP K 638 -44.91 -37.54 33.30
C ASP K 638 -45.15 -38.16 31.93
N PHE K 639 -45.35 -37.33 30.90
CA PHE K 639 -45.56 -37.86 29.56
C PHE K 639 -44.30 -38.46 28.98
N GLY K 640 -43.13 -37.96 29.38
CA GLY K 640 -41.88 -38.42 28.82
C GLY K 640 -41.27 -39.63 29.49
N TYR K 641 -41.39 -39.71 30.82
CA TYR K 641 -40.79 -40.81 31.59
C TYR K 641 -41.78 -41.43 32.58
N GLY K 642 -43.04 -41.55 32.20
CA GLY K 642 -44.07 -41.96 33.15
C GLY K 642 -44.24 -43.46 33.32
N GLU K 643 -45.38 -43.85 33.89
CA GLU K 643 -45.62 -45.25 34.22
C GLU K 643 -45.77 -46.11 32.97
N GLY K 644 -46.76 -45.78 32.13
CA GLY K 644 -46.99 -46.51 30.92
C GLY K 644 -46.20 -46.05 29.72
N ARG K 645 -45.31 -45.08 29.90
CA ARG K 645 -44.51 -44.52 28.80
C ARG K 645 -43.10 -45.10 28.77
N VAL K 646 -42.41 -45.12 29.90
CA VAL K 646 -41.07 -45.70 30.00
C VAL K 646 -40.99 -46.75 31.10
N ALA K 647 -41.54 -46.45 32.28
CA ALA K 647 -41.23 -47.22 33.49
C ALA K 647 -41.68 -48.67 33.39
N ASN K 648 -42.94 -48.91 33.04
CA ASN K 648 -43.49 -50.26 33.08
C ASN K 648 -44.14 -50.61 31.75
N THR K 649 -43.43 -50.36 30.66
CA THR K 649 -43.92 -50.70 29.34
C THR K 649 -43.80 -52.20 29.09
N LEU K 650 -44.67 -52.71 28.22
CA LEU K 650 -44.66 -54.10 27.81
C LEU K 650 -44.16 -54.18 26.37
N TRP K 651 -43.18 -55.04 26.13
CA TRP K 651 -42.47 -55.06 24.86
C TRP K 651 -42.62 -56.41 24.17
N ASN K 652 -42.81 -56.36 22.85
CA ASN K 652 -42.94 -57.56 22.04
C ASN K 652 -41.63 -57.86 21.33
N GLY K 653 -41.35 -59.15 21.16
CA GLY K 653 -40.16 -59.57 20.44
C GLY K 653 -40.24 -61.01 19.99
N LYS K 654 -39.13 -61.73 20.14
CA LYS K 654 -39.06 -63.11 19.68
C LYS K 654 -39.89 -64.02 20.58
N ARG K 655 -40.52 -65.02 19.97
CA ARG K 655 -41.40 -65.93 20.70
C ARG K 655 -40.61 -66.92 21.54
N ARG K 656 -41.26 -67.42 22.59
CA ARG K 656 -40.70 -68.47 23.44
C ARG K 656 -41.20 -69.82 22.95
N LEU K 657 -40.29 -70.79 22.87
CA LEU K 657 -40.57 -72.09 22.29
C LEU K 657 -40.41 -73.20 23.31
N PHE K 658 -41.20 -74.26 23.15
CA PHE K 658 -41.13 -75.44 24.00
C PHE K 658 -41.11 -76.68 23.12
N LYS K 659 -40.53 -77.75 23.65
CA LYS K 659 -40.49 -79.04 22.95
C LYS K 659 -41.58 -79.94 23.50
N THR K 660 -42.33 -80.57 22.59
CA THR K 660 -43.45 -81.40 22.98
C THR K 660 -43.56 -82.58 22.01
N THR K 661 -44.60 -83.38 22.16
CA THR K 661 -44.85 -84.53 21.30
C THR K 661 -46.12 -84.34 20.50
N PHE K 662 -46.16 -84.94 19.31
CA PHE K 662 -47.30 -84.77 18.42
C PHE K 662 -48.54 -85.48 18.96
N ASP K 663 -48.37 -86.65 19.56
CA ASP K 663 -49.50 -87.41 20.05
C ASP K 663 -50.22 -86.66 21.17
N ALA K 664 -49.45 -86.07 22.08
CA ALA K 664 -50.05 -85.26 23.13
C ALA K 664 -50.68 -83.99 22.56
N TYR K 665 -50.11 -83.47 21.47
CA TYR K 665 -50.68 -82.30 20.82
C TYR K 665 -52.07 -82.59 20.25
N ILE K 666 -52.21 -83.74 19.57
CA ILE K 666 -53.51 -84.06 18.99
C ILE K 666 -54.48 -84.52 20.07
N ARG K 667 -53.95 -85.09 21.16
CA ARG K 667 -54.81 -85.42 22.30
C ARG K 667 -55.29 -84.17 23.04
N LEU K 668 -54.69 -83.01 22.78
CA LEU K 668 -55.12 -81.77 23.41
C LEU K 668 -56.46 -81.31 22.85
N ASP K 669 -57.17 -80.51 23.64
CA ASP K 669 -58.44 -79.95 23.22
C ASP K 669 -58.22 -78.90 22.14
N GLU K 670 -59.25 -78.69 21.31
CA GLU K 670 -59.13 -77.79 20.18
C GLU K 670 -59.02 -76.33 20.63
N SER K 671 -59.65 -75.99 21.75
CA SER K 671 -59.61 -74.61 22.24
C SER K 671 -58.20 -74.19 22.62
N GLU K 672 -57.44 -75.11 23.24
CA GLU K 672 -56.06 -74.81 23.60
C GLU K 672 -55.15 -74.69 22.39
N ARG K 673 -55.62 -75.11 21.20
CA ARG K 673 -54.86 -75.00 19.97
C ARG K 673 -55.32 -73.82 19.11
N ASP K 674 -55.91 -72.80 19.72
CA ASP K 674 -56.43 -71.68 18.95
C ASP K 674 -55.30 -70.80 18.43
N LYS K 675 -55.42 -70.39 17.17
CA LYS K 675 -54.44 -69.52 16.53
C LYS K 675 -54.73 -68.08 16.95
N GLY K 676 -53.90 -67.56 17.85
CA GLY K 676 -54.13 -66.23 18.40
C GLY K 676 -53.66 -65.11 17.49
N SER K 677 -53.50 -63.92 18.06
CA SER K 677 -53.18 -62.71 17.31
C SER K 677 -51.68 -62.53 17.09
N PHE K 678 -50.84 -63.42 17.63
CA PHE K 678 -49.40 -63.29 17.51
C PHE K 678 -48.86 -64.39 16.60
N LYS K 679 -48.09 -63.99 15.59
CA LYS K 679 -47.55 -64.94 14.63
C LYS K 679 -46.49 -65.82 15.28
N VAL K 680 -46.29 -67.00 14.69
CA VAL K 680 -45.35 -67.99 15.20
C VAL K 680 -44.46 -68.45 14.05
N PRO K 681 -43.25 -68.96 14.36
CA PRO K 681 -42.37 -69.48 13.31
C PRO K 681 -42.97 -70.59 12.45
N LYS K 682 -42.25 -70.95 11.38
CA LYS K 682 -42.77 -71.90 10.41
C LYS K 682 -42.92 -73.30 11.00
N GLY K 683 -41.88 -73.81 11.65
CA GLY K 683 -41.86 -75.17 12.13
C GLY K 683 -42.54 -75.41 13.46
N VAL K 684 -43.12 -74.39 14.06
CA VAL K 684 -43.78 -74.54 15.35
C VAL K 684 -45.28 -74.58 15.15
N LEU K 685 -45.98 -75.10 16.15
CA LEU K 685 -47.43 -75.25 16.09
C LEU K 685 -48.11 -74.31 17.07
N PRO K 686 -49.27 -73.77 16.74
CA PRO K 686 -49.89 -72.74 17.59
C PRO K 686 -50.52 -73.31 18.85
N VAL K 687 -50.27 -72.63 19.95
CA VAL K 687 -50.84 -72.97 21.26
C VAL K 687 -51.42 -71.70 21.87
N SER K 688 -52.58 -71.84 22.51
CA SER K 688 -53.33 -70.67 22.96
C SER K 688 -52.58 -69.88 24.03
N SER K 689 -52.03 -70.56 25.04
CA SER K 689 -51.47 -69.87 26.19
C SER K 689 -50.17 -70.51 26.63
N VAL K 690 -49.45 -69.80 27.49
CA VAL K 690 -48.14 -70.27 27.98
C VAL K 690 -48.31 -71.45 28.92
N ASP K 691 -49.28 -71.37 29.83
CA ASP K 691 -49.42 -72.40 30.86
C ASP K 691 -49.78 -73.75 30.26
N VAL K 692 -50.69 -73.76 29.28
CA VAL K 692 -51.05 -75.02 28.63
C VAL K 692 -49.88 -75.54 27.79
N ALA K 693 -49.04 -74.64 27.29
CA ALA K 693 -47.81 -75.09 26.64
C ALA K 693 -46.87 -75.76 27.66
N ASN K 694 -46.82 -75.21 28.88
CA ASN K 694 -45.94 -75.75 29.90
C ASN K 694 -46.43 -77.11 30.39
N ARG K 695 -47.76 -77.30 30.45
CA ARG K 695 -48.32 -78.51 31.02
C ARG K 695 -47.93 -79.76 30.22
N ILE K 696 -47.92 -79.65 28.89
CA ILE K 696 -47.65 -80.80 28.03
C ILE K 696 -46.18 -80.92 27.62
N ALA K 697 -45.44 -79.81 27.54
CA ALA K 697 -44.08 -79.84 27.03
C ALA K 697 -43.18 -80.76 27.85
N VAL K 698 -42.41 -81.59 27.14
CA VAL K 698 -41.48 -82.54 27.75
C VAL K 698 -40.15 -82.44 27.03
N ASP K 699 -39.10 -82.98 27.66
CA ASP K 699 -37.74 -82.87 27.13
C ASP K 699 -37.38 -84.05 26.22
N LYS K 700 -37.41 -85.27 26.74
CA LYS K 700 -36.95 -86.43 25.98
C LYS K 700 -38.02 -86.91 25.02
N GLY K 701 -37.58 -87.40 23.86
CA GLY K 701 -38.49 -87.89 22.84
C GLY K 701 -39.37 -86.80 22.24
N PHE K 702 -38.76 -85.67 21.90
CA PHE K 702 -39.49 -84.54 21.34
C PHE K 702 -39.54 -84.64 19.82
N ASP K 703 -40.69 -84.27 19.26
CA ASP K 703 -40.85 -84.23 17.81
C ASP K 703 -41.68 -83.05 17.35
N THR K 704 -42.00 -82.10 18.23
CA THR K 704 -42.85 -80.97 17.87
C THR K 704 -42.46 -79.77 18.74
N LEU K 705 -42.46 -78.60 18.12
CA LEU K 705 -42.21 -77.34 18.80
C LEU K 705 -43.49 -76.51 18.81
N ILE K 706 -43.75 -75.82 19.92
CA ILE K 706 -44.95 -75.03 20.08
C ILE K 706 -44.61 -73.67 20.69
N ALA K 707 -45.52 -72.72 20.54
CA ALA K 707 -45.37 -71.38 21.09
C ALA K 707 -46.74 -70.81 21.39
N ALA K 708 -46.80 -69.91 22.39
CA ALA K 708 -48.05 -69.27 22.76
C ALA K 708 -48.44 -68.24 21.71
N THR K 709 -49.74 -67.90 21.69
CA THR K 709 -50.27 -66.99 20.69
C THR K 709 -51.18 -65.90 21.25
N ASP K 710 -51.55 -65.95 22.52
CA ASP K 710 -52.52 -64.98 23.05
C ASP K 710 -51.87 -63.67 23.46
N GLY K 711 -50.62 -63.68 23.88
CA GLY K 711 -49.94 -62.50 24.35
C GLY K 711 -49.41 -62.55 25.75
N SER K 712 -49.36 -63.72 26.37
CA SER K 712 -48.75 -63.88 27.69
C SER K 712 -47.26 -64.16 27.60
N ASP K 713 -46.69 -64.18 26.41
CA ASP K 713 -45.25 -64.31 26.21
C ASP K 713 -44.53 -62.98 26.26
N LEU K 714 -45.26 -61.87 26.31
CA LEU K 714 -44.65 -60.56 26.31
C LEU K 714 -43.87 -60.32 27.61
N ALA K 715 -42.84 -59.49 27.51
CA ALA K 715 -41.92 -59.23 28.61
C ALA K 715 -42.14 -57.82 29.15
N LEU K 716 -42.12 -57.70 30.48
CA LEU K 716 -42.29 -56.42 31.16
C LEU K 716 -40.92 -55.91 31.58
N ILE K 717 -40.59 -54.69 31.18
CA ILE K 717 -39.25 -54.13 31.37
C ILE K 717 -39.35 -52.87 32.22
N ASP K 718 -38.54 -52.82 33.28
CA ASP K 718 -38.36 -51.62 34.10
C ASP K 718 -36.86 -51.45 34.30
N THR K 719 -36.23 -50.76 33.35
CA THR K 719 -34.78 -50.71 33.21
C THR K 719 -34.46 -49.68 32.14
N HIS K 720 -33.31 -49.02 32.29
CA HIS K 720 -32.85 -48.02 31.33
C HIS K 720 -32.81 -48.60 29.93
N LEU K 721 -33.39 -47.87 28.97
CA LEU K 721 -33.50 -48.33 27.60
C LEU K 721 -32.52 -47.57 26.71
N SER K 722 -31.93 -48.30 25.75
CA SER K 722 -30.94 -47.72 24.86
C SER K 722 -31.55 -46.80 23.81
N GLY K 723 -32.87 -46.80 23.65
CA GLY K 723 -33.55 -45.96 22.67
C GLY K 723 -34.04 -44.63 23.18
N GLU K 724 -33.73 -44.26 24.42
CA GLU K 724 -34.20 -43.00 24.97
C GLU K 724 -33.36 -41.84 24.45
N ASN K 725 -33.91 -40.63 24.57
CA ASN K 725 -33.25 -39.46 24.01
C ASN K 725 -32.00 -39.09 24.79
N SER K 726 -31.95 -39.39 26.08
CA SER K 726 -30.84 -39.00 26.95
C SER K 726 -30.20 -40.23 27.59
N THR K 727 -29.94 -41.27 26.79
CA THR K 727 -29.36 -42.50 27.32
C THR K 727 -27.90 -42.31 27.69
N LEU K 728 -27.10 -41.81 26.74
CA LEU K 728 -25.66 -41.70 26.94
C LEU K 728 -25.33 -40.72 28.06
N ILE K 729 -26.03 -39.58 28.09
CA ILE K 729 -25.73 -38.55 29.09
C ILE K 729 -26.05 -39.05 30.49
N ALA K 730 -27.22 -39.68 30.65
CA ALA K 730 -27.60 -40.20 31.96
C ALA K 730 -26.67 -41.33 32.40
N ASN K 731 -26.28 -42.19 31.47
CA ASN K 731 -25.33 -43.26 31.80
C ASN K 731 -24.00 -42.69 32.28
N SER K 732 -23.49 -41.68 31.57
CA SER K 732 -22.21 -41.09 31.95
C SER K 732 -22.30 -40.37 33.29
N MET K 733 -23.42 -39.70 33.58
CA MET K 733 -23.54 -39.02 34.87
C MET K 733 -23.68 -40.00 36.03
N HIS K 734 -24.38 -41.12 35.81
CA HIS K 734 -24.42 -42.17 36.83
C HIS K 734 -23.02 -42.75 37.06
N ASN K 735 -22.26 -42.94 35.99
CA ASN K 735 -20.87 -43.40 36.14
C ASN K 735 -20.04 -42.39 36.92
N MET K 736 -20.29 -41.09 36.68
CA MET K 736 -19.59 -40.06 37.44
C MET K 736 -19.93 -40.14 38.93
N ALA K 737 -21.19 -40.40 39.27
CA ALA K 737 -21.57 -40.57 40.66
C ALA K 737 -20.86 -41.76 41.30
N ILE K 738 -20.80 -42.87 40.56
CA ILE K 738 -20.11 -44.06 41.06
C ILE K 738 -18.64 -43.77 41.30
N GLY K 739 -17.99 -43.07 40.35
CA GLY K 739 -16.59 -42.73 40.52
C GLY K 739 -16.36 -41.78 41.68
N THR K 740 -17.29 -40.86 41.92
CA THR K 740 -17.19 -39.96 43.05
C THR K 740 -17.20 -40.73 44.37
N LEU K 741 -18.15 -41.66 44.51
CA LEU K 741 -18.17 -42.48 45.72
C LEU K 741 -16.92 -43.37 45.83
N MET K 742 -16.43 -43.86 44.70
CA MET K 742 -15.21 -44.65 44.70
C MET K 742 -14.04 -43.86 45.27
N GLN K 743 -13.86 -42.62 44.78
CA GLN K 743 -12.79 -41.76 45.27
C GLN K 743 -12.96 -41.46 46.76
N ARG K 744 -14.19 -41.15 47.18
CA ARG K 744 -14.42 -40.82 48.58
C ARG K 744 -14.11 -42.00 49.49
N GLU K 745 -14.53 -43.20 49.09
CA GLU K 745 -14.34 -44.37 49.93
C GLU K 745 -12.88 -44.78 49.99
N VAL K 746 -12.16 -44.70 48.86
CA VAL K 746 -10.74 -45.07 48.91
C VAL K 746 -9.95 -44.02 49.69
N GLY K 747 -10.38 -42.75 49.65
CA GLY K 747 -9.75 -41.75 50.49
C GLY K 747 -10.00 -41.99 51.97
N ARG K 748 -11.21 -42.42 52.31
CA ARG K 748 -11.53 -42.69 53.71
C ARG K 748 -10.76 -43.90 54.24
N GLU K 749 -10.79 -45.02 53.50
CA GLU K 749 -10.27 -46.27 54.02
C GLU K 749 -8.75 -46.34 54.02
N GLN K 750 -8.10 -45.78 53.00
CA GLN K 750 -6.64 -45.80 52.88
C GLN K 750 -6.15 -44.38 52.58
N PRO K 751 -6.04 -43.54 53.61
CA PRO K 751 -5.66 -42.15 53.37
C PRO K 751 -4.21 -42.03 52.91
N GLY K 752 -4.00 -41.19 51.89
CA GLY K 752 -2.68 -40.86 51.43
C GLY K 752 -2.02 -41.88 50.51
N VAL K 753 -2.76 -42.89 50.06
CA VAL K 753 -2.17 -43.94 49.22
C VAL K 753 -2.28 -43.60 47.74
N LEU K 754 -3.46 -43.20 47.29
CA LEU K 754 -3.71 -42.86 45.90
C LEU K 754 -4.15 -41.42 45.79
N THR K 755 -3.52 -40.67 44.88
CA THR K 755 -3.97 -39.34 44.52
C THR K 755 -4.49 -39.37 43.09
N PHE K 756 -5.62 -38.72 42.85
CA PHE K 756 -6.29 -38.76 41.56
C PHE K 756 -5.99 -37.50 40.78
N LEU K 757 -5.50 -37.67 39.55
CA LEU K 757 -5.15 -36.56 38.68
C LEU K 757 -6.15 -36.33 37.56
N SER K 758 -6.87 -37.36 37.15
CA SER K 758 -7.79 -37.25 36.03
C SER K 758 -8.91 -38.26 36.18
N GLU K 759 -10.12 -37.86 35.80
CA GLU K 759 -11.28 -38.74 35.77
C GLU K 759 -12.05 -38.52 34.48
N GLN K 760 -12.43 -39.62 33.83
CA GLN K 760 -13.13 -39.56 32.56
C GLN K 760 -14.25 -40.58 32.54
N TYR K 761 -15.42 -40.16 32.06
CA TYR K 761 -16.60 -41.02 31.98
C TYR K 761 -17.27 -40.81 30.63
N VAL K 762 -17.51 -41.91 29.91
CA VAL K 762 -18.05 -41.86 28.56
C VAL K 762 -19.24 -42.80 28.45
N GLY K 763 -19.79 -43.18 29.60
CA GLY K 763 -20.89 -44.14 29.62
C GLY K 763 -20.67 -45.19 30.68
N ASP K 764 -20.55 -46.45 30.27
CA ASP K 764 -20.18 -47.50 31.22
C ASP K 764 -18.67 -47.61 31.42
N ASP K 765 -17.88 -46.81 30.72
CA ASP K 765 -16.43 -46.89 30.79
C ASP K 765 -15.88 -45.80 31.70
N THR K 766 -14.97 -46.19 32.58
CA THR K 766 -14.34 -45.28 33.53
C THR K 766 -12.83 -45.39 33.39
N LEU K 767 -12.14 -44.24 33.41
CA LEU K 767 -10.69 -44.20 33.32
C LEU K 767 -10.15 -43.25 34.38
N PHE K 768 -9.06 -43.65 35.03
CA PHE K 768 -8.40 -42.82 36.04
C PHE K 768 -6.92 -42.73 35.74
N TYR K 769 -6.36 -41.54 35.89
CA TYR K 769 -4.91 -41.33 35.89
C TYR K 769 -4.50 -40.93 37.30
N THR K 770 -3.80 -41.84 37.99
CA THR K 770 -3.47 -41.66 39.39
C THR K 770 -1.98 -41.82 39.60
N LYS K 771 -1.51 -41.41 40.78
CA LYS K 771 -0.16 -41.69 41.25
C LYS K 771 -0.23 -42.59 42.47
N LEU K 772 0.60 -43.63 42.48
CA LEU K 772 0.61 -44.61 43.54
C LEU K 772 1.84 -44.39 44.41
N HIS K 773 1.63 -44.30 45.73
CA HIS K 773 2.68 -43.97 46.68
C HIS K 773 3.05 -45.16 47.57
N THR K 774 3.09 -46.36 47.00
CA THR K 774 3.41 -47.54 47.79
C THR K 774 4.01 -48.61 46.89
N THR K 775 4.67 -49.58 47.54
CA THR K 775 5.22 -50.73 46.84
C THR K 775 4.87 -52.02 47.58
N ASP K 776 4.48 -51.95 48.85
CA ASP K 776 4.08 -53.11 49.61
C ASP K 776 2.83 -53.73 48.99
N THR K 777 2.86 -55.05 48.81
CA THR K 777 1.75 -55.73 48.14
C THR K 777 0.48 -55.72 48.98
N LYS K 778 0.61 -55.74 50.31
CA LYS K 778 -0.56 -55.76 51.17
C LYS K 778 -1.39 -54.49 51.03
N VAL K 779 -0.72 -53.35 50.96
CA VAL K 779 -1.42 -52.06 50.81
C VAL K 779 -2.18 -52.01 49.49
N PHE K 780 -1.53 -52.46 48.41
CA PHE K 780 -2.18 -52.48 47.11
C PHE K 780 -3.37 -53.44 47.10
N ASP K 781 -3.23 -54.59 47.76
CA ASP K 781 -4.35 -55.51 47.87
C ASP K 781 -5.52 -54.89 48.61
N LYS K 782 -5.23 -54.16 49.70
CA LYS K 782 -6.29 -53.48 50.44
C LYS K 782 -6.98 -52.43 49.57
N VAL K 783 -6.21 -51.68 48.79
CA VAL K 783 -6.78 -50.64 47.94
C VAL K 783 -7.69 -51.26 46.87
N ALA K 784 -7.21 -52.34 46.23
CA ALA K 784 -8.02 -53.01 45.22
C ALA K 784 -9.30 -53.59 45.80
N ALA K 785 -9.19 -54.20 46.98
CA ALA K 785 -10.37 -54.75 47.65
C ALA K 785 -11.37 -53.65 48.00
N SER K 786 -10.87 -52.49 48.45
CA SER K 786 -11.76 -51.38 48.75
C SER K 786 -12.47 -50.89 47.51
N ILE K 787 -11.75 -50.80 46.38
CA ILE K 787 -12.37 -50.35 45.13
C ILE K 787 -13.48 -51.31 44.70
N PHE K 788 -13.18 -52.62 44.74
CA PHE K 788 -14.19 -53.60 44.33
C PHE K 788 -15.37 -53.62 45.28
N ASP K 789 -15.14 -53.48 46.59
CA ASP K 789 -16.24 -53.43 47.55
C ASP K 789 -17.11 -52.21 47.33
N THR K 790 -16.49 -51.06 47.06
CA THR K 790 -17.26 -49.84 46.79
C THR K 790 -18.11 -49.99 45.53
N VAL K 791 -17.56 -50.61 44.49
CA VAL K 791 -18.34 -50.85 43.28
C VAL K 791 -19.51 -51.78 43.58
N ALA K 792 -19.26 -52.84 44.36
CA ALA K 792 -20.31 -53.81 44.65
C ALA K 792 -21.44 -53.20 45.48
N LYS K 793 -21.09 -52.32 46.44
CA LYS K 793 -22.11 -51.76 47.32
C LYS K 793 -23.01 -50.74 46.64
N CYS K 794 -22.69 -50.31 45.42
CA CYS K 794 -23.51 -49.35 44.70
C CYS K 794 -24.61 -50.00 43.88
N GLY K 795 -24.72 -51.33 43.90
CA GLY K 795 -25.69 -52.05 43.12
C GLY K 795 -25.14 -52.66 41.85
N HIS K 796 -23.98 -52.21 41.39
CA HIS K 796 -23.33 -52.80 40.24
C HIS K 796 -22.33 -53.87 40.69
N GLU K 797 -21.67 -54.50 39.74
CA GLU K 797 -20.58 -55.42 40.04
C GLU K 797 -19.60 -55.40 38.88
N ALA K 798 -18.30 -55.41 39.22
CA ALA K 798 -17.23 -55.37 38.25
C ALA K 798 -16.44 -56.66 38.31
N SER K 799 -16.22 -57.29 37.16
CA SER K 799 -15.46 -58.52 37.11
C SER K 799 -13.98 -58.23 37.33
N PRO K 800 -13.33 -58.88 38.30
CA PRO K 800 -11.90 -58.63 38.52
C PRO K 800 -11.00 -59.11 37.40
N SER K 801 -11.47 -60.03 36.56
CA SER K 801 -10.67 -60.57 35.48
C SER K 801 -10.58 -59.65 34.26
N LYS K 802 -11.40 -58.60 34.21
CA LYS K 802 -11.33 -57.61 33.15
C LYS K 802 -10.90 -56.23 33.62
N THR K 803 -10.86 -56.00 34.92
CA THR K 803 -10.46 -54.70 35.45
C THR K 803 -8.96 -54.48 35.23
N MET K 804 -8.62 -53.30 34.73
CA MET K 804 -7.23 -52.95 34.44
C MET K 804 -6.68 -52.02 35.52
N MET K 805 -5.57 -52.42 36.12
CA MET K 805 -4.87 -51.60 37.12
C MET K 805 -3.37 -51.86 36.93
N THR K 806 -2.72 -51.01 36.14
CA THR K 806 -1.34 -51.26 35.75
C THR K 806 -0.72 -49.95 35.28
N PRO K 807 0.61 -49.83 35.33
CA PRO K 807 1.27 -48.76 34.59
C PRO K 807 1.69 -49.21 33.19
N TYR K 808 2.19 -48.29 32.37
CA TYR K 808 2.75 -48.55 31.06
C TYR K 808 1.73 -49.13 30.07
N SER K 809 0.43 -49.03 30.36
CA SER K 809 -0.60 -49.56 29.47
C SER K 809 -1.88 -48.78 29.66
N VAL K 810 -2.39 -48.20 28.57
CA VAL K 810 -3.64 -47.44 28.58
C VAL K 810 -4.51 -47.95 27.45
N GLU K 811 -5.80 -48.17 27.74
CA GLU K 811 -6.76 -48.57 26.73
C GLU K 811 -8.05 -47.78 26.94
N LYS K 812 -8.41 -46.98 25.95
CA LYS K 812 -9.61 -46.15 26.01
C LYS K 812 -10.34 -46.20 24.68
N THR K 813 -11.55 -46.78 24.68
CA THR K 813 -12.44 -46.85 23.52
C THR K 813 -11.75 -47.45 22.31
N GLN K 814 -11.36 -48.72 22.45
CA GLN K 814 -10.78 -49.52 21.38
C GLN K 814 -9.48 -48.93 20.84
N THR K 815 -8.73 -48.24 21.69
CA THR K 815 -7.41 -47.73 21.36
C THR K 815 -6.42 -48.23 22.39
N HIS K 816 -5.36 -48.88 21.93
CA HIS K 816 -4.37 -49.50 22.80
C HIS K 816 -3.06 -48.75 22.74
N ALA K 817 -2.42 -48.60 23.90
CA ALA K 817 -1.13 -47.93 24.01
C ALA K 817 -0.26 -48.69 24.99
N LYS K 818 0.91 -49.13 24.54
CA LYS K 818 1.87 -49.85 25.37
C LYS K 818 3.22 -49.13 25.32
N GLN K 819 3.66 -48.63 26.48
CA GLN K 819 4.98 -48.03 26.63
C GLN K 819 5.22 -46.87 25.67
N GLY K 820 4.18 -46.09 25.40
CA GLY K 820 4.30 -44.91 24.58
C GLY K 820 4.15 -45.11 23.10
N CYS K 821 3.69 -46.28 22.66
CA CYS K 821 3.53 -46.58 21.24
C CYS K 821 2.14 -47.11 20.98
N TYR K 822 1.75 -47.08 19.71
CA TYR K 822 0.40 -47.44 19.28
C TYR K 822 0.36 -48.91 18.89
N VAL K 823 -0.54 -49.65 19.52
CA VAL K 823 -0.76 -51.05 19.18
C VAL K 823 -2.14 -51.17 18.54
N PRO K 824 -2.22 -51.22 17.22
CA PRO K 824 -3.53 -51.21 16.55
C PRO K 824 -4.16 -52.59 16.50
N GLN K 825 -5.44 -52.61 16.20
CA GLN K 825 -6.19 -53.83 15.96
C GLN K 825 -7.00 -53.67 14.68
N ASP K 826 -7.10 -54.73 13.89
CA ASP K 826 -7.81 -54.70 12.62
C ASP K 826 -9.02 -55.61 12.72
N ARG K 827 -10.21 -55.01 12.80
CA ARG K 827 -11.47 -55.73 12.79
C ARG K 827 -12.33 -55.31 11.60
N MET K 828 -11.71 -54.70 10.60
CA MET K 828 -12.39 -54.27 9.38
C MET K 828 -12.57 -55.49 8.48
N MET K 829 -13.71 -56.16 8.59
CA MET K 829 -13.99 -57.31 7.74
C MET K 829 -14.41 -56.86 6.35
N ILE K 830 -13.88 -57.54 5.34
CA ILE K 830 -14.06 -57.15 3.94
C ILE K 830 -14.86 -58.17 3.15
N ILE K 831 -15.14 -59.34 3.71
CA ILE K 831 -15.87 -60.38 2.98
C ILE K 831 -17.37 -60.27 3.15
N SER K 832 -17.86 -59.97 4.36
CA SER K 832 -19.28 -59.94 4.64
C SER K 832 -19.70 -58.51 5.00
N SER K 833 -20.97 -58.37 5.37
CA SER K 833 -21.54 -57.11 5.82
C SER K 833 -22.77 -57.42 6.67
N GLU K 834 -23.23 -56.41 7.41
CA GLU K 834 -24.36 -56.64 8.32
C GLU K 834 -25.65 -56.86 7.56
N ARG K 835 -25.84 -56.18 6.43
CA ARG K 835 -27.08 -56.26 5.68
C ARG K 835 -26.79 -56.23 4.18
N ARG K 836 -27.82 -56.50 3.40
CA ARG K 836 -27.68 -56.57 1.95
C ARG K 836 -27.28 -55.23 1.37
N LYS K 837 -26.30 -55.24 0.47
CA LYS K 837 -25.80 -54.03 -0.16
C LYS K 837 -26.38 -53.90 -1.56
N ASP K 838 -27.00 -52.75 -1.83
CA ASP K 838 -27.46 -52.40 -3.17
C ASP K 838 -26.57 -51.29 -3.69
N ILE K 839 -25.97 -51.51 -4.86
CA ILE K 839 -24.95 -50.62 -5.39
C ILE K 839 -25.67 -49.70 -6.39
N GLU K 840 -26.16 -48.57 -5.90
CA GLU K 840 -26.80 -47.60 -6.80
C GLU K 840 -25.75 -46.86 -7.64
N ASP K 841 -24.66 -46.42 -7.03
CA ASP K 841 -23.55 -45.79 -7.73
C ASP K 841 -22.31 -46.63 -7.48
N VAL K 842 -21.75 -47.18 -8.56
CA VAL K 842 -20.57 -48.04 -8.43
C VAL K 842 -19.34 -47.23 -8.04
N GLN K 843 -19.18 -46.06 -8.64
CA GLN K 843 -17.96 -45.28 -8.45
C GLN K 843 -17.81 -44.83 -7.00
N GLY K 844 -18.88 -44.35 -6.38
CA GLY K 844 -18.82 -43.96 -4.98
C GLY K 844 -18.52 -45.14 -4.06
N TYR K 845 -19.11 -46.30 -4.35
CA TYR K 845 -18.86 -47.47 -3.52
C TYR K 845 -17.41 -47.92 -3.61
N VAL K 846 -16.84 -47.90 -4.82
CA VAL K 846 -15.42 -48.25 -4.96
C VAL K 846 -14.53 -47.23 -4.28
N ARG K 847 -14.93 -45.95 -4.33
CA ARG K 847 -14.19 -44.90 -3.63
C ARG K 847 -14.16 -45.17 -2.12
N SER K 848 -15.32 -45.53 -1.57
CA SER K 848 -15.42 -45.84 -0.14
C SER K 848 -14.64 -47.11 0.21
N GLN K 849 -14.61 -48.07 -0.71
CA GLN K 849 -13.82 -49.29 -0.46
C GLN K 849 -12.33 -48.96 -0.42
N VAL K 850 -11.88 -48.05 -1.29
CA VAL K 850 -10.48 -47.61 -1.23
C VAL K 850 -10.21 -46.89 0.08
N GLN K 851 -11.18 -46.10 0.55
CA GLN K 851 -11.06 -45.46 1.86
C GLN K 851 -10.89 -46.49 2.98
N THR K 852 -11.71 -47.54 2.94
CA THR K 852 -11.62 -48.61 3.94
C THR K 852 -10.27 -49.32 3.88
N MET K 853 -9.77 -49.57 2.66
CA MET K 853 -8.45 -50.19 2.53
C MET K 853 -7.36 -49.28 3.09
N ILE K 854 -7.47 -47.97 2.87
CA ILE K 854 -6.51 -47.03 3.46
C ILE K 854 -6.53 -47.14 4.97
N THR K 855 -7.72 -47.19 5.55
CA THR K 855 -7.83 -47.35 7.00
C THR K 855 -7.18 -48.64 7.47
N LYS K 856 -7.42 -49.74 6.74
CA LYS K 856 -6.85 -51.03 7.13
C LYS K 856 -5.34 -51.02 7.06
N VAL K 857 -4.77 -50.44 5.99
CA VAL K 857 -3.32 -50.36 5.87
C VAL K 857 -2.74 -49.49 6.98
N SER K 858 -3.46 -48.42 7.35
CA SER K 858 -3.04 -47.62 8.50
C SER K 858 -3.13 -48.42 9.81
N ARG K 859 -3.99 -49.43 9.87
CA ARG K 859 -4.09 -50.27 11.07
C ARG K 859 -3.06 -51.39 11.11
N GLY K 860 -2.22 -51.53 10.07
CA GLY K 860 -1.21 -52.57 10.04
C GLY K 860 -1.36 -53.58 8.91
N PHE K 861 -2.35 -53.44 8.03
CA PHE K 861 -2.53 -54.37 6.93
C PHE K 861 -1.44 -54.16 5.87
N CYS K 862 -1.30 -55.16 5.00
CA CYS K 862 -0.29 -55.11 3.95
C CYS K 862 -0.77 -54.26 2.78
N HIS K 863 0.11 -53.39 2.28
CA HIS K 863 -0.26 -52.47 1.22
C HIS K 863 -0.47 -53.18 -0.11
N ASP K 864 0.46 -54.09 -0.46
CA ASP K 864 0.36 -54.81 -1.72
C ASP K 864 -0.83 -55.75 -1.74
N LEU K 865 -1.10 -56.42 -0.62
CA LEU K 865 -2.28 -57.28 -0.55
C LEU K 865 -3.56 -56.48 -0.68
N ALA K 866 -3.60 -55.29 -0.08
CA ALA K 866 -4.76 -54.41 -0.23
C ALA K 866 -4.95 -54.00 -1.69
N GLN K 867 -3.85 -53.67 -2.38
CA GLN K 867 -3.95 -53.32 -3.79
C GLN K 867 -4.45 -54.50 -4.62
N LEU K 868 -3.99 -55.71 -4.32
CA LEU K 868 -4.46 -56.90 -5.02
C LEU K 868 -5.95 -57.12 -4.77
N ILE K 869 -6.40 -56.94 -3.53
CA ILE K 869 -7.81 -57.09 -3.19
C ILE K 869 -8.66 -56.08 -3.96
N LEU K 870 -8.19 -54.83 -4.03
CA LEU K 870 -8.93 -53.80 -4.75
C LEU K 870 -8.98 -54.10 -6.25
N MET K 871 -7.88 -54.60 -6.81
CA MET K 871 -7.87 -54.97 -8.23
C MET K 871 -8.83 -56.13 -8.49
N LEU K 872 -8.92 -57.07 -7.55
CA LEU K 872 -9.90 -58.15 -7.69
C LEU K 872 -11.32 -57.61 -7.65
N LYS K 873 -11.59 -56.69 -6.72
CA LYS K 873 -12.94 -56.17 -6.55
C LYS K 873 -13.39 -55.36 -7.75
N THR K 874 -12.49 -54.51 -8.28
CA THR K 874 -12.90 -53.52 -9.29
C THR K 874 -13.40 -54.18 -10.58
N THR K 875 -13.06 -55.43 -10.82
CA THR K 875 -13.52 -56.09 -12.03
C THR K 875 -14.91 -56.70 -11.88
N PHE K 876 -15.24 -57.24 -10.70
CA PHE K 876 -16.46 -58.01 -10.52
C PHE K 876 -17.57 -57.24 -9.80
N ILE K 877 -17.35 -55.98 -9.41
CA ILE K 877 -18.39 -55.24 -8.71
C ILE K 877 -19.58 -54.96 -9.63
N GLY K 878 -19.29 -54.45 -10.83
CA GLY K 878 -20.35 -54.05 -11.74
C GLY K 878 -20.96 -55.14 -12.58
N ALA K 879 -20.44 -56.36 -12.49
CA ALA K 879 -20.95 -57.44 -13.33
C ALA K 879 -22.34 -57.86 -12.88
N TRP K 880 -23.07 -58.51 -13.79
CA TRP K 880 -24.41 -59.05 -13.60
C TRP K 880 -25.44 -57.98 -13.29
N LYS K 881 -25.12 -56.69 -13.50
CA LYS K 881 -26.09 -55.63 -13.26
C LYS K 881 -26.97 -55.37 -14.48
N MET K 882 -26.65 -55.97 -15.62
CA MET K 882 -27.42 -55.79 -16.86
C MET K 882 -28.19 -57.07 -17.14
N LYS K 883 -29.52 -56.95 -17.23
CA LYS K 883 -30.39 -58.06 -17.55
C LYS K 883 -31.31 -57.79 -18.73
N ARG K 884 -31.49 -56.52 -19.11
CA ARG K 884 -32.42 -56.12 -20.16
C ARG K 884 -31.73 -55.70 -21.44
N THR K 885 -30.52 -55.14 -21.36
CA THR K 885 -29.80 -54.65 -22.53
C THR K 885 -29.18 -55.82 -23.28
N ILE K 886 -29.32 -55.82 -24.61
CA ILE K 886 -28.74 -56.82 -25.48
C ILE K 886 -27.81 -56.11 -26.45
N LYS K 887 -26.55 -56.57 -26.52
CA LYS K 887 -25.55 -55.97 -27.40
C LYS K 887 -25.57 -56.71 -28.73
N GLU K 888 -26.25 -56.12 -29.72
CA GLU K 888 -26.36 -56.67 -31.06
C GLU K 888 -25.72 -55.71 -32.05
N ASP K 889 -24.79 -56.23 -32.86
CA ASP K 889 -24.12 -55.45 -33.90
C ASP K 889 -23.43 -54.21 -33.32
N ALA K 890 -22.73 -54.41 -32.19
CA ALA K 890 -22.00 -53.35 -31.49
C ALA K 890 -22.91 -52.22 -31.01
N MET K 891 -24.22 -52.46 -31.02
CA MET K 891 -25.20 -51.49 -30.56
C MET K 891 -25.80 -51.99 -29.25
N TYR K 892 -26.02 -51.07 -28.31
CA TYR K 892 -26.68 -51.40 -27.06
C TYR K 892 -28.13 -50.94 -27.16
N ARG K 893 -29.06 -51.89 -27.12
CA ARG K 893 -30.47 -51.58 -27.30
C ARG K 893 -31.33 -52.53 -26.46
N ASP K 894 -32.58 -52.14 -26.27
CA ASP K 894 -33.52 -52.96 -25.52
C ASP K 894 -33.84 -54.24 -26.29
N ARG K 895 -34.04 -55.32 -25.54
CA ARG K 895 -34.38 -56.61 -26.15
C ARG K 895 -35.81 -56.59 -26.69
N LYS K 896 -36.06 -57.46 -27.66
CA LYS K 896 -37.42 -57.72 -28.09
C LYS K 896 -38.12 -58.65 -27.09
N PHE K 897 -39.44 -58.48 -26.95
CA PHE K 897 -40.15 -59.06 -25.83
C PHE K 897 -40.21 -60.59 -25.89
N ASP K 898 -40.24 -61.16 -27.09
CA ASP K 898 -40.32 -62.61 -27.22
C ASP K 898 -39.74 -63.01 -28.55
N SER K 899 -38.71 -63.86 -28.53
CA SER K 899 -38.04 -64.30 -29.74
C SER K 899 -37.30 -65.60 -29.44
N ASN K 900 -36.80 -66.23 -30.51
CA ASN K 900 -36.02 -67.45 -30.33
C ASN K 900 -34.55 -67.14 -30.04
N ASP K 901 -34.13 -65.90 -30.25
CA ASP K 901 -32.71 -65.54 -30.09
C ASP K 901 -32.45 -64.86 -28.75
N GLU K 902 -33.17 -63.77 -28.46
CA GLU K 902 -32.85 -62.91 -27.33
C GLU K 902 -33.65 -63.24 -26.07
N ASP K 903 -34.28 -64.40 -26.01
CA ASP K 903 -35.04 -64.80 -24.84
C ASP K 903 -34.21 -65.75 -23.99
N GLY K 904 -34.01 -65.39 -22.72
CA GLY K 904 -33.20 -66.20 -21.84
C GLY K 904 -31.72 -65.91 -21.88
N PHE K 905 -31.33 -64.70 -22.27
CA PHE K 905 -29.92 -64.33 -22.37
C PHE K 905 -29.68 -62.98 -21.71
N THR K 906 -28.59 -62.90 -20.94
CA THR K 906 -28.17 -61.67 -20.30
C THR K 906 -26.72 -61.37 -20.66
N LEU K 907 -26.36 -60.10 -20.59
CA LEU K 907 -25.03 -59.64 -20.96
C LEU K 907 -24.23 -59.37 -19.68
N ILE K 908 -22.99 -59.84 -19.66
CA ILE K 908 -22.10 -59.72 -18.50
C ILE K 908 -20.95 -58.79 -18.88
N GLN K 909 -20.69 -57.80 -18.03
CA GLN K 909 -19.63 -56.82 -18.26
C GLN K 909 -18.56 -56.98 -17.19
N ILE K 910 -17.34 -57.29 -17.61
CA ILE K 910 -16.21 -57.45 -16.71
C ILE K 910 -15.17 -56.38 -17.05
N ARG K 911 -14.83 -55.55 -16.08
CA ARG K 911 -13.93 -54.44 -16.30
C ARG K 911 -12.47 -54.85 -16.10
N ASN K 912 -11.58 -54.06 -16.67
CA ASN K 912 -10.15 -54.33 -16.56
C ASN K 912 -9.67 -53.99 -15.14
N PRO K 913 -8.77 -54.79 -14.58
CA PRO K 913 -8.26 -54.49 -13.22
C PRO K 913 -7.57 -53.14 -13.12
N LEU K 914 -6.96 -52.67 -14.20
CA LEU K 914 -6.23 -51.40 -14.16
C LEU K 914 -7.14 -50.19 -14.11
N ALA K 915 -8.47 -50.38 -14.20
CA ALA K 915 -9.40 -49.27 -14.04
C ALA K 915 -9.34 -48.65 -12.65
N LEU K 916 -8.75 -49.36 -11.68
CA LEU K 916 -8.51 -48.80 -10.36
C LEU K 916 -7.57 -47.60 -10.39
N TYR K 917 -6.78 -47.46 -11.45
CA TYR K 917 -5.78 -46.40 -11.53
C TYR K 917 -6.10 -45.39 -12.62
N VAL K 918 -7.37 -45.24 -12.97
CA VAL K 918 -7.82 -44.25 -13.95
C VAL K 918 -8.55 -43.15 -13.22
N PRO K 919 -8.18 -41.88 -13.42
CA PRO K 919 -8.78 -40.81 -12.60
C PRO K 919 -10.28 -40.69 -12.77
N ILE K 920 -10.95 -40.30 -11.68
CA ILE K 920 -12.39 -40.06 -11.73
C ILE K 920 -12.65 -38.86 -12.63
N GLY K 921 -13.57 -39.04 -13.57
CA GLY K 921 -13.74 -38.11 -14.67
C GLY K 921 -13.43 -38.74 -16.01
N TRP K 922 -12.61 -39.79 -16.02
CA TRP K 922 -12.39 -40.63 -17.20
C TRP K 922 -12.98 -42.03 -16.99
N ASN K 923 -14.04 -42.10 -16.18
CA ASN K 923 -14.82 -43.30 -15.87
C ASN K 923 -14.06 -44.31 -15.01
N GLY K 924 -12.91 -43.93 -14.46
CA GLY K 924 -12.16 -44.81 -13.57
C GLY K 924 -12.37 -44.49 -12.11
N TYR K 925 -11.46 -45.01 -11.29
CA TYR K 925 -11.44 -44.73 -9.86
C TYR K 925 -10.09 -44.14 -9.48
N GLY K 926 -10.12 -43.12 -8.63
CA GLY K 926 -8.93 -42.32 -8.37
C GLY K 926 -7.96 -42.90 -7.35
N ALA K 927 -7.21 -43.92 -7.74
CA ALA K 927 -6.17 -44.48 -6.89
C ALA K 927 -4.82 -44.41 -7.61
N HIS K 928 -3.76 -44.22 -6.83
CA HIS K 928 -2.42 -44.13 -7.36
C HIS K 928 -1.63 -45.37 -6.99
N PRO K 929 -0.95 -46.00 -7.95
CA PRO K 929 -0.18 -47.22 -7.64
C PRO K 929 0.99 -46.99 -6.69
N ALA K 930 1.49 -45.76 -6.57
CA ALA K 930 2.62 -45.51 -5.67
C ALA K 930 2.21 -45.63 -4.21
N ALA K 931 1.09 -45.01 -3.84
CA ALA K 931 0.57 -45.10 -2.49
C ALA K 931 -0.95 -44.97 -2.55
N LEU K 932 -1.64 -45.75 -1.71
CA LEU K 932 -3.10 -45.77 -1.74
C LEU K 932 -3.73 -44.49 -1.24
N ASN K 933 -3.00 -43.70 -0.46
CA ASN K 933 -3.55 -42.48 0.12
C ASN K 933 -3.36 -41.25 -0.77
N ILE K 934 -2.83 -41.44 -1.98
CA ILE K 934 -2.69 -40.37 -2.95
C ILE K 934 -3.77 -40.54 -4.02
N VAL K 935 -4.55 -39.49 -4.23
CA VAL K 935 -5.67 -39.53 -5.18
C VAL K 935 -5.16 -39.15 -6.56
N MET K 936 -5.48 -39.97 -7.56
CA MET K 936 -5.03 -39.69 -8.93
C MET K 936 -6.12 -38.90 -9.66
N THR K 937 -5.85 -37.62 -9.86
CA THR K 937 -6.66 -36.76 -10.72
C THR K 937 -6.04 -36.70 -12.11
N GLU K 938 -6.60 -35.85 -12.97
CA GLU K 938 -6.13 -35.77 -14.35
C GLU K 938 -4.74 -35.16 -14.43
N GLU K 939 -4.52 -34.01 -13.80
CA GLU K 939 -3.20 -33.41 -13.80
C GLU K 939 -2.22 -34.26 -13.00
N MET K 940 -2.73 -35.02 -12.03
CA MET K 940 -1.89 -35.99 -11.33
C MET K 940 -1.37 -37.06 -12.30
N TYR K 941 -2.25 -37.54 -13.18
CA TYR K 941 -1.83 -38.51 -14.20
C TYR K 941 -0.79 -37.90 -15.14
N VAL K 942 -1.01 -36.66 -15.56
CA VAL K 942 -0.07 -36.00 -16.47
C VAL K 942 1.29 -35.84 -15.79
N ASP K 943 1.30 -35.41 -14.53
CA ASP K 943 2.55 -35.28 -13.79
C ASP K 943 3.24 -36.62 -13.63
N SER K 944 2.47 -37.68 -13.33
CA SER K 944 3.05 -39.00 -13.16
C SER K 944 3.71 -39.49 -14.45
N ILE K 945 3.04 -39.28 -15.59
CA ILE K 945 3.62 -39.70 -16.87
C ILE K 945 4.69 -38.75 -17.36
N MET K 946 4.91 -37.62 -16.68
CA MET K 946 6.12 -36.83 -16.94
C MET K 946 7.28 -37.16 -16.01
N ILE K 947 7.14 -38.17 -15.15
CA ILE K 947 8.22 -38.55 -14.24
C ILE K 947 8.87 -39.83 -14.74
N SER K 948 10.20 -39.82 -14.87
CA SER K 948 10.89 -40.94 -15.49
C SER K 948 11.00 -42.13 -14.55
N LYS K 949 10.85 -41.90 -13.24
CA LYS K 949 10.98 -42.99 -12.29
C LYS K 949 9.76 -43.90 -12.28
N LEU K 950 8.65 -43.46 -12.85
CA LEU K 950 7.40 -44.21 -12.83
C LEU K 950 7.07 -44.88 -14.16
N ASP K 951 8.06 -44.99 -15.06
CA ASP K 951 7.77 -45.47 -16.41
C ASP K 951 7.28 -46.91 -16.41
N GLU K 952 8.00 -47.79 -15.70
CA GLU K 952 7.63 -49.20 -15.68
C GLU K 952 6.29 -49.41 -15.01
N ILE K 953 6.01 -48.68 -13.94
CA ILE K 953 4.74 -48.82 -13.24
C ILE K 953 3.59 -48.33 -14.11
N MET K 954 3.73 -47.18 -14.76
CA MET K 954 2.61 -46.61 -15.50
C MET K 954 2.46 -47.14 -16.92
N ALA K 955 3.44 -47.89 -17.44
CA ALA K 955 3.35 -48.40 -18.80
C ALA K 955 2.08 -49.19 -19.11
N PRO K 956 1.60 -50.12 -18.28
CA PRO K 956 0.35 -50.82 -18.62
C PRO K 956 -0.87 -49.90 -18.63
N ILE K 957 -0.88 -48.85 -17.82
CA ILE K 957 -2.06 -48.00 -17.70
C ILE K 957 -2.27 -47.18 -18.97
N ARG K 958 -1.18 -46.77 -19.61
CA ARG K 958 -1.28 -45.87 -20.76
C ARG K 958 -2.02 -46.50 -21.94
N ARG K 959 -2.12 -47.82 -22.00
CA ARG K 959 -2.80 -48.47 -23.13
C ARG K 959 -4.31 -48.32 -23.03
N ILE K 960 -4.87 -48.45 -21.83
CA ILE K 960 -6.32 -48.55 -21.66
C ILE K 960 -6.91 -47.35 -20.94
N VAL K 961 -6.15 -46.26 -20.82
CA VAL K 961 -6.62 -45.12 -20.02
C VAL K 961 -7.80 -44.42 -20.69
N HIS K 962 -7.96 -44.60 -22.01
CA HIS K 962 -9.02 -43.94 -22.75
C HIS K 962 -10.19 -44.86 -23.08
N ASP K 963 -10.17 -46.11 -22.63
CA ASP K 963 -11.10 -47.12 -23.13
C ASP K 963 -11.94 -47.70 -21.99
N ILE K 964 -12.26 -46.90 -20.98
CA ILE K 964 -13.04 -47.35 -19.84
C ILE K 964 -14.50 -46.94 -20.06
N PRO K 965 -15.43 -47.88 -20.12
CA PRO K 965 -16.84 -47.52 -20.33
C PRO K 965 -17.43 -46.86 -19.10
N PRO K 966 -18.51 -46.09 -19.26
CA PRO K 966 -19.13 -45.41 -18.11
C PRO K 966 -19.70 -46.41 -17.11
N CYS K 967 -19.80 -45.95 -15.86
CA CYS K 967 -20.22 -46.80 -14.74
C CYS K 967 -21.71 -46.68 -14.50
N TRP K 968 -22.26 -47.71 -13.85
CA TRP K 968 -23.67 -47.73 -13.50
C TRP K 968 -23.93 -46.76 -12.35
N ASN K 969 -24.85 -45.81 -12.57
CA ASN K 969 -25.22 -44.86 -11.52
C ASN K 969 -26.69 -44.48 -11.74
N GLU K 970 -27.59 -45.21 -11.08
CA GLU K 970 -29.01 -44.93 -11.18
C GLU K 970 -29.43 -43.77 -10.30
N THR K 971 -28.60 -43.38 -9.34
CA THR K 971 -28.81 -42.15 -8.57
C THR K 971 -27.96 -41.01 -9.15
N GLN K 972 -28.29 -40.65 -10.39
CA GLN K 972 -27.46 -39.72 -11.17
C GLN K 972 -27.41 -38.34 -10.53
N GLY K 973 -28.40 -37.97 -9.73
CA GLY K 973 -28.32 -36.76 -8.95
C GLY K 973 -29.35 -35.70 -9.29
N ASP K 974 -29.60 -35.48 -10.58
CA ASP K 974 -30.61 -34.50 -11.01
C ASP K 974 -31.96 -35.17 -11.16
N LYS K 975 -32.42 -35.76 -10.06
CA LYS K 975 -33.69 -36.47 -10.03
C LYS K 975 -34.83 -35.45 -9.96
N ARG K 976 -35.63 -35.39 -11.02
CA ARG K 976 -36.74 -34.44 -11.07
C ARG K 976 -37.86 -35.07 -11.89
N GLY K 977 -39.09 -34.79 -11.48
CA GLY K 977 -40.26 -35.37 -12.12
C GLY K 977 -41.11 -36.23 -11.24
N LEU K 978 -40.75 -36.43 -9.97
CA LEU K 978 -41.58 -37.18 -9.03
C LEU K 978 -42.36 -36.20 -8.16
N ILE K 979 -43.29 -35.49 -8.81
CA ILE K 979 -44.08 -34.47 -8.15
C ILE K 979 -45.19 -35.14 -7.34
N SER K 980 -45.30 -34.80 -6.07
CA SER K 980 -46.33 -35.36 -5.22
C SER K 980 -47.61 -34.54 -5.32
N ALA K 981 -48.74 -35.23 -5.20
CA ALA K 981 -50.04 -34.57 -5.21
C ALA K 981 -50.47 -34.13 -3.82
N THR K 982 -50.23 -34.97 -2.81
CA THR K 982 -50.53 -34.62 -1.43
C THR K 982 -49.63 -33.48 -0.97
N LYS K 983 -50.20 -32.59 -0.15
CA LYS K 983 -49.50 -31.38 0.27
C LYS K 983 -49.16 -31.44 1.75
N MET K 984 -48.03 -30.83 2.08
CA MET K 984 -47.54 -30.72 3.44
C MET K 984 -48.47 -29.83 4.26
N SER K 985 -49.12 -30.42 5.27
CA SER K 985 -50.09 -29.72 6.10
C SER K 985 -49.54 -29.24 7.43
N PHE K 986 -48.23 -29.35 7.64
CA PHE K 986 -47.61 -29.00 8.90
C PHE K 986 -46.82 -27.70 8.84
N PHE K 987 -46.64 -27.11 7.65
CA PHE K 987 -45.70 -26.02 7.49
C PHE K 987 -46.18 -24.74 8.17
N SER K 988 -47.49 -24.62 8.40
CA SER K 988 -48.04 -23.37 8.91
C SER K 988 -47.51 -23.05 10.31
N LYS K 989 -47.52 -24.03 11.21
CA LYS K 989 -47.17 -23.80 12.59
C LYS K 989 -45.76 -24.25 12.95
N MET K 990 -44.97 -24.72 11.98
CA MET K 990 -43.57 -25.05 12.24
C MET K 990 -42.63 -23.93 11.85
N ALA K 991 -43.03 -23.08 10.91
CA ALA K 991 -42.12 -22.13 10.29
C ALA K 991 -41.64 -21.09 11.29
N ARG K 992 -40.42 -20.61 11.08
CA ARG K 992 -39.84 -19.60 11.95
C ARG K 992 -40.56 -18.26 11.74
N PRO K 993 -40.47 -17.35 12.72
CA PRO K 993 -41.29 -16.13 12.66
C PRO K 993 -41.08 -15.27 11.42
N ALA K 994 -39.88 -15.28 10.84
CA ALA K 994 -39.66 -14.54 9.60
C ALA K 994 -40.52 -15.09 8.47
N VAL K 995 -40.56 -16.42 8.33
CA VAL K 995 -41.34 -17.04 7.26
C VAL K 995 -42.82 -16.82 7.49
N GLN K 996 -43.27 -16.93 8.74
CA GLN K 996 -44.68 -16.71 9.05
C GLN K 996 -45.08 -15.26 8.78
N ALA K 997 -44.23 -14.31 9.15
CA ALA K 997 -44.51 -12.90 8.88
C ALA K 997 -44.55 -12.62 7.38
N ALA K 998 -43.65 -13.26 6.63
CA ALA K 998 -43.67 -13.10 5.18
C ALA K 998 -44.94 -13.67 4.57
N LEU K 999 -45.39 -14.83 5.06
CA LEU K 999 -46.60 -15.46 4.54
C LEU K 999 -47.88 -14.77 5.02
N SER K 1000 -47.78 -13.92 6.03
CA SER K 1000 -48.96 -13.27 6.58
C SER K 1000 -49.65 -12.35 5.58
N ASP K 1001 -48.92 -11.80 4.61
CA ASP K 1001 -49.50 -10.89 3.63
C ASP K 1001 -48.91 -11.20 2.26
N PRO K 1002 -49.65 -10.95 1.18
CA PRO K 1002 -49.16 -11.32 -0.16
C PRO K 1002 -48.25 -10.27 -0.80
N GLN K 1003 -48.38 -9.01 -0.39
CA GLN K 1003 -47.50 -7.99 -0.95
C GLN K 1003 -46.05 -8.23 -0.56
N ILE K 1004 -45.82 -8.70 0.67
CA ILE K 1004 -44.47 -9.07 1.08
C ILE K 1004 -43.95 -10.21 0.22
N ILE K 1005 -44.83 -11.15 -0.14
CA ILE K 1005 -44.42 -12.23 -1.04
C ILE K 1005 -44.01 -11.66 -2.40
N ASN K 1006 -44.78 -10.70 -2.90
CA ASN K 1006 -44.45 -10.08 -4.18
C ASN K 1006 -43.11 -9.37 -4.14
N LEU K 1007 -42.83 -8.63 -3.06
CA LEU K 1007 -41.54 -7.96 -2.94
C LEU K 1007 -40.39 -8.95 -2.78
N VAL K 1008 -40.57 -10.01 -2.00
CA VAL K 1008 -39.46 -10.94 -1.78
C VAL K 1008 -39.25 -11.81 -3.01
N GLU K 1009 -40.22 -11.86 -3.92
CA GLU K 1009 -39.99 -12.52 -5.20
C GLU K 1009 -38.94 -11.78 -6.03
N GLU K 1010 -38.67 -10.50 -5.73
CA GLU K 1010 -37.56 -9.81 -6.36
C GLU K 1010 -36.22 -10.29 -5.82
N LEU K 1011 -36.20 -10.78 -4.59
CA LEU K 1011 -34.96 -11.22 -3.95
C LEU K 1011 -34.42 -12.46 -4.64
N PRO K 1012 -33.10 -12.67 -4.62
CA PRO K 1012 -32.52 -13.82 -5.33
C PRO K 1012 -32.57 -15.12 -4.54
N LEU K 1013 -33.45 -15.19 -3.54
CA LEU K 1013 -33.58 -16.41 -2.74
C LEU K 1013 -33.94 -17.61 -3.59
N GLY K 1014 -34.79 -17.41 -4.61
CA GLY K 1014 -35.08 -18.46 -5.57
C GLY K 1014 -35.83 -19.66 -5.00
N GLU K 1015 -35.15 -20.80 -4.92
CA GLU K 1015 -35.77 -22.06 -4.53
C GLU K 1015 -36.21 -22.09 -3.08
N PHE K 1016 -35.52 -21.36 -2.20
CA PHE K 1016 -35.81 -21.40 -0.77
C PHE K 1016 -36.59 -20.18 -0.29
N SER K 1017 -37.28 -19.49 -1.20
CA SER K 1017 -38.15 -18.41 -0.82
C SER K 1017 -39.38 -18.96 -0.07
N PRO K 1018 -40.00 -18.16 0.80
CA PRO K 1018 -41.13 -18.67 1.58
C PRO K 1018 -42.33 -19.08 0.75
N GLY K 1019 -42.44 -18.63 -0.49
CA GLY K 1019 -43.55 -19.05 -1.33
C GLY K 1019 -43.41 -20.44 -1.88
N ARG K 1020 -42.19 -20.99 -1.91
CA ARG K 1020 -41.98 -22.31 -2.48
C ARG K 1020 -41.02 -23.17 -1.66
N ILE K 1021 -40.77 -22.80 -0.41
CA ILE K 1021 -39.89 -23.59 0.46
C ILE K 1021 -40.55 -24.93 0.82
N SER K 1022 -41.87 -24.94 1.01
CA SER K 1022 -42.55 -26.14 1.47
C SER K 1022 -42.42 -27.28 0.47
N ARG K 1023 -42.56 -26.98 -0.82
CA ARG K 1023 -42.43 -28.01 -1.84
C ARG K 1023 -41.01 -28.55 -1.90
N THR K 1024 -40.01 -27.67 -1.72
CA THR K 1024 -38.62 -28.10 -1.71
C THR K 1024 -38.37 -29.08 -0.57
N MET K 1025 -38.83 -28.72 0.65
CA MET K 1025 -38.67 -29.62 1.78
C MET K 1025 -39.42 -30.93 1.54
N MET K 1026 -40.62 -30.86 0.98
CA MET K 1026 -41.41 -32.06 0.77
C MET K 1026 -40.72 -33.02 -0.20
N HIS K 1027 -40.22 -32.49 -1.32
CA HIS K 1027 -39.53 -33.33 -2.29
C HIS K 1027 -38.24 -33.89 -1.73
N SER K 1028 -37.48 -33.08 -0.99
CA SER K 1028 -36.24 -33.59 -0.39
C SER K 1028 -36.53 -34.68 0.62
N ALA K 1029 -37.69 -34.61 1.30
CA ALA K 1029 -38.06 -35.69 2.21
C ALA K 1029 -38.53 -36.93 1.47
N LEU K 1030 -39.24 -36.75 0.34
CA LEU K 1030 -39.74 -37.89 -0.42
C LEU K 1030 -38.60 -38.70 -1.02
N LEU K 1031 -37.65 -38.03 -1.69
CA LEU K 1031 -36.57 -38.76 -2.33
C LEU K 1031 -35.62 -39.40 -1.32
N LYS K 1032 -35.75 -39.05 -0.03
CA LYS K 1032 -34.94 -39.71 1.00
C LYS K 1032 -35.36 -41.16 1.19
N GLU K 1033 -36.63 -41.46 0.93
CA GLU K 1033 -37.15 -42.82 1.09
C GLU K 1033 -36.54 -43.75 0.05
N SER K 1034 -36.39 -45.03 0.42
CA SER K 1034 -35.71 -46.00 -0.43
C SER K 1034 -36.60 -46.52 -1.54
N SER K 1035 -37.78 -47.03 -1.18
CA SER K 1035 -38.67 -47.63 -2.18
C SER K 1035 -39.14 -46.61 -3.21
N ALA K 1036 -39.25 -45.33 -2.81
CA ALA K 1036 -39.55 -44.29 -3.77
C ALA K 1036 -38.42 -44.15 -4.79
N ARG K 1037 -37.16 -44.26 -4.34
CA ARG K 1037 -36.03 -44.27 -5.26
C ARG K 1037 -36.09 -45.47 -6.18
N THR K 1038 -36.43 -46.64 -5.65
CA THR K 1038 -36.53 -47.84 -6.50
C THR K 1038 -37.61 -47.68 -7.56
N LEU K 1039 -38.75 -47.11 -7.18
CA LEU K 1039 -39.82 -46.85 -8.15
C LEU K 1039 -39.38 -45.81 -9.18
N LEU K 1040 -38.64 -44.79 -8.73
CA LEU K 1040 -38.22 -43.73 -9.64
C LEU K 1040 -37.11 -44.20 -10.58
N SER K 1041 -36.22 -45.06 -10.10
CA SER K 1041 -35.10 -45.56 -10.90
C SER K 1041 -35.44 -46.84 -11.65
N SER K 1042 -36.72 -47.08 -11.92
CA SER K 1042 -37.11 -48.30 -12.63
C SER K 1042 -36.63 -48.29 -14.08
N GLY K 1043 -36.67 -47.13 -14.73
CA GLY K 1043 -36.32 -47.04 -16.14
C GLY K 1043 -34.95 -46.50 -16.43
N TYR K 1044 -34.01 -46.68 -15.51
CA TYR K 1044 -32.66 -46.12 -15.68
C TYR K 1044 -31.89 -46.82 -16.79
N GLU K 1045 -32.22 -48.08 -17.09
CA GLU K 1045 -31.42 -48.83 -18.05
C GLU K 1045 -31.46 -48.24 -19.45
N LEU K 1046 -32.56 -47.57 -19.81
CA LEU K 1046 -32.61 -46.86 -21.08
C LEU K 1046 -31.58 -45.72 -21.10
N GLU K 1047 -31.48 -44.97 -20.00
CA GLU K 1047 -30.49 -43.92 -19.91
C GLU K 1047 -29.07 -44.48 -19.96
N TYR K 1048 -28.86 -45.63 -19.33
CA TYR K 1048 -27.53 -46.25 -19.39
C TYR K 1048 -27.20 -46.70 -20.82
N GLN K 1049 -28.19 -47.22 -21.53
CA GLN K 1049 -27.97 -47.59 -22.93
C GLN K 1049 -27.62 -46.36 -23.76
N LYS K 1050 -28.31 -45.24 -23.52
CA LYS K 1050 -27.99 -44.01 -24.22
C LYS K 1050 -26.57 -43.54 -23.90
N ALA K 1051 -26.17 -43.65 -22.63
CA ALA K 1051 -24.83 -43.24 -22.23
C ALA K 1051 -23.76 -44.11 -22.90
N LEU K 1052 -24.01 -45.41 -23.00
CA LEU K 1052 -23.07 -46.29 -23.71
C LEU K 1052 -23.03 -45.97 -25.20
N ASN K 1053 -24.17 -45.65 -25.79
CA ASN K 1053 -24.20 -45.32 -27.21
C ASN K 1053 -23.43 -44.04 -27.50
N SER K 1054 -23.57 -43.03 -26.63
CA SER K 1054 -22.94 -41.74 -26.88
C SER K 1054 -21.46 -41.70 -26.50
N TRP K 1055 -20.92 -42.78 -25.95
CA TRP K 1055 -19.55 -42.76 -25.44
C TRP K 1055 -18.53 -42.66 -26.57
N ILE K 1056 -17.49 -41.86 -26.32
CA ILE K 1056 -16.37 -41.70 -27.25
C ILE K 1056 -15.08 -41.95 -26.49
N THR K 1057 -14.19 -42.74 -27.07
CA THR K 1057 -13.00 -43.21 -26.36
C THR K 1057 -11.86 -42.20 -26.49
N GLN K 1058 -12.13 -40.98 -26.00
CA GLN K 1058 -11.15 -39.91 -25.96
C GLN K 1058 -11.21 -39.22 -24.61
N VAL K 1059 -10.04 -38.86 -24.08
CA VAL K 1059 -9.94 -38.17 -22.80
C VAL K 1059 -9.07 -36.93 -22.97
N SER K 1060 -9.37 -35.90 -22.18
CA SER K 1060 -8.64 -34.64 -22.26
C SER K 1060 -8.72 -33.93 -20.92
N MET K 1061 -7.66 -33.19 -20.60
CA MET K 1061 -7.59 -32.45 -19.35
C MET K 1061 -7.91 -30.98 -19.59
N ARG K 1062 -8.69 -30.39 -18.68
CA ARG K 1062 -9.07 -28.99 -18.76
C ARG K 1062 -8.54 -28.24 -17.54
N LEU K 1063 -8.25 -26.96 -17.73
CA LEU K 1063 -7.83 -26.12 -16.61
C LEU K 1063 -9.00 -25.77 -15.71
N GLY K 1064 -10.00 -25.08 -16.24
CA GLY K 1064 -11.17 -24.71 -15.47
C GLY K 1064 -12.20 -25.83 -15.41
N GLU K 1065 -12.82 -25.99 -14.25
CA GLU K 1065 -13.82 -27.03 -14.06
C GLU K 1065 -15.18 -26.60 -14.60
N GLU K 1066 -15.75 -25.55 -14.01
CA GLU K 1066 -17.00 -24.97 -14.48
C GLU K 1066 -16.90 -23.46 -14.32
N SER K 1067 -18.04 -22.79 -14.49
CA SER K 1067 -18.10 -21.35 -14.26
C SER K 1067 -18.06 -21.06 -12.76
N GLY K 1068 -16.97 -20.44 -12.31
CA GLY K 1068 -16.81 -20.11 -10.91
C GLY K 1068 -16.27 -21.22 -10.03
N VAL K 1069 -15.91 -22.36 -10.61
CA VAL K 1069 -15.39 -23.50 -9.85
C VAL K 1069 -14.04 -23.90 -10.41
N ILE K 1070 -13.04 -24.01 -9.54
CA ILE K 1070 -11.69 -24.41 -9.93
C ILE K 1070 -11.26 -25.59 -9.07
N SER K 1071 -10.23 -26.29 -9.54
CA SER K 1071 -9.74 -27.50 -8.89
C SER K 1071 -8.21 -27.45 -8.87
N THR K 1072 -7.59 -28.58 -8.55
CA THR K 1072 -6.14 -28.65 -8.51
C THR K 1072 -5.51 -28.58 -9.90
N SER K 1073 -6.30 -28.72 -10.95
CA SER K 1073 -5.76 -28.56 -12.31
C SER K 1073 -5.38 -27.11 -12.59
N TYR K 1074 -5.85 -26.17 -11.77
CA TYR K 1074 -5.48 -24.77 -11.91
C TYR K 1074 -3.98 -24.57 -11.69
N ALA K 1075 -3.34 -25.46 -10.95
CA ALA K 1075 -1.90 -25.35 -10.70
C ALA K 1075 -1.08 -25.53 -11.97
N LYS K 1076 -1.64 -26.18 -12.99
CA LYS K 1076 -0.95 -26.37 -14.26
C LYS K 1076 -0.87 -25.10 -15.09
N LEU K 1077 -1.42 -23.98 -14.59
CA LEU K 1077 -1.28 -22.71 -15.27
C LEU K 1077 0.16 -22.19 -15.23
N PHE K 1078 0.97 -22.67 -14.29
CA PHE K 1078 2.34 -22.24 -14.13
C PHE K 1078 3.30 -23.42 -14.27
N ASP K 1079 4.58 -23.10 -14.38
CA ASP K 1079 5.63 -24.11 -14.36
C ASP K 1079 6.07 -24.37 -12.92
N VAL K 1080 6.46 -25.61 -12.66
CA VAL K 1080 6.82 -26.07 -11.32
C VAL K 1080 8.23 -26.63 -11.36
N TYR K 1081 9.07 -26.19 -10.42
CA TYR K 1081 10.43 -26.70 -10.29
C TYR K 1081 10.73 -26.90 -8.81
N PHE K 1082 11.45 -27.98 -8.50
CA PHE K 1082 11.90 -28.27 -7.14
C PHE K 1082 13.38 -27.96 -7.01
N GLU K 1083 13.73 -27.20 -5.98
CA GLU K 1083 15.13 -26.90 -5.69
C GLU K 1083 15.23 -26.44 -4.25
N GLY K 1084 16.45 -26.52 -3.71
CA GLY K 1084 16.70 -26.13 -2.34
C GLY K 1084 16.61 -27.27 -1.36
N GLU K 1085 17.72 -27.65 -0.76
CA GLU K 1085 17.74 -28.74 0.21
C GLU K 1085 17.14 -28.29 1.53
N LEU K 1086 16.54 -29.26 2.25
CA LEU K 1086 15.93 -29.02 3.55
C LEU K 1086 16.55 -29.97 4.56
N ASP K 1087 15.97 -29.98 5.76
CA ASP K 1087 16.47 -30.82 6.84
C ASP K 1087 16.30 -32.29 6.49
N GLY K 1088 17.35 -33.07 6.74
CA GLY K 1088 17.34 -34.51 6.50
C GLY K 1088 17.16 -35.36 7.73
N ALA K 1089 16.88 -34.77 8.89
CA ALA K 1089 16.72 -35.54 10.11
C ALA K 1089 15.36 -36.24 10.12
N PRO K 1090 15.30 -37.55 10.30
CA PRO K 1090 14.01 -38.24 10.33
C PRO K 1090 13.18 -37.88 11.56
N HIS K 1091 11.87 -37.97 11.40
CA HIS K 1091 10.92 -37.61 12.45
C HIS K 1091 10.47 -38.86 13.20
N MET K 1092 10.11 -38.66 14.46
CA MET K 1092 9.63 -39.73 15.33
C MET K 1092 8.12 -39.66 15.47
N PHE K 1093 7.48 -40.82 15.40
CA PHE K 1093 6.03 -40.94 15.47
C PHE K 1093 5.70 -42.17 16.31
N PRO K 1094 4.55 -42.16 17.01
CA PRO K 1094 4.24 -43.28 17.91
C PRO K 1094 3.67 -44.49 17.21
N ASP K 1095 3.21 -44.36 15.96
CA ASP K 1095 2.53 -45.45 15.28
C ASP K 1095 3.51 -46.20 14.39
N GLN K 1096 4.14 -47.22 14.98
CA GLN K 1096 4.97 -48.15 14.23
C GLN K 1096 4.05 -49.17 13.57
N ASN K 1097 4.63 -50.25 13.04
CA ASN K 1097 3.91 -51.31 12.33
C ASN K 1097 3.15 -50.75 11.14
N LEU K 1098 3.91 -50.22 10.19
CA LEU K 1098 3.38 -49.71 8.94
C LEU K 1098 4.13 -50.31 7.78
N SER K 1099 3.47 -50.39 6.63
CA SER K 1099 4.14 -50.78 5.41
C SER K 1099 5.19 -49.73 5.04
N PRO K 1100 6.24 -50.13 4.32
CA PRO K 1100 7.31 -49.17 3.99
C PRO K 1100 6.82 -47.95 3.24
N GLN K 1101 5.77 -48.09 2.43
CA GLN K 1101 5.25 -46.95 1.68
C GLN K 1101 4.70 -45.87 2.59
N PHE K 1102 4.00 -46.28 3.66
CA PHE K 1102 3.51 -45.31 4.64
C PHE K 1102 4.61 -44.89 5.60
N TYR K 1103 5.52 -45.81 5.92
CA TYR K 1103 6.60 -45.52 6.87
C TYR K 1103 7.54 -44.45 6.33
N ILE K 1104 7.86 -44.50 5.04
CA ILE K 1104 8.73 -43.48 4.46
C ILE K 1104 8.04 -42.13 4.45
N GLN K 1105 6.72 -42.12 4.23
CA GLN K 1105 5.98 -40.86 4.24
C GLN K 1105 5.95 -40.25 5.64
N LYS K 1106 5.81 -41.08 6.66
CA LYS K 1106 5.83 -40.55 8.02
C LYS K 1106 7.25 -40.26 8.51
N MET K 1107 8.26 -40.82 7.87
CA MET K 1107 9.63 -40.52 8.25
C MET K 1107 10.12 -39.22 7.62
N MET K 1108 9.82 -39.01 6.33
CA MET K 1108 10.23 -37.78 5.66
C MET K 1108 9.38 -36.59 6.07
N ILE K 1109 8.08 -36.81 6.30
CA ILE K 1109 7.15 -35.79 6.75
C ILE K 1109 6.70 -36.16 8.16
N GLY K 1110 6.85 -35.23 9.10
CA GLY K 1110 6.58 -35.52 10.47
C GLY K 1110 5.09 -35.63 10.76
N PRO K 1111 4.76 -36.06 11.97
CA PRO K 1111 3.36 -36.06 12.40
C PRO K 1111 2.84 -34.64 12.59
N ARG K 1112 1.52 -34.50 12.46
CA ARG K 1112 0.89 -33.19 12.57
C ARG K 1112 0.97 -32.71 14.01
N VAL K 1113 1.74 -31.64 14.24
CA VAL K 1113 1.90 -31.05 15.56
C VAL K 1113 1.18 -29.72 15.68
N SER K 1114 0.43 -29.32 14.65
CA SER K 1114 -0.38 -28.11 14.68
C SER K 1114 -1.84 -28.50 14.79
N SER K 1115 -2.56 -27.81 15.67
CA SER K 1115 -3.95 -28.19 15.97
C SER K 1115 -4.85 -28.02 14.74
N ARG K 1116 -4.68 -26.92 14.01
CA ARG K 1116 -5.60 -26.56 12.94
C ARG K 1116 -4.95 -26.71 11.57
N VAL K 1117 -5.78 -26.66 10.54
CA VAL K 1117 -5.36 -26.72 9.15
C VAL K 1117 -5.98 -25.53 8.42
N ARG K 1118 -5.56 -25.36 7.17
CA ARG K 1118 -6.14 -24.32 6.32
C ARG K 1118 -7.50 -24.76 5.79
N ASN K 1119 -8.42 -23.82 5.68
CA ASN K 1119 -9.80 -24.09 5.28
C ASN K 1119 -10.21 -23.18 4.13
N SER K 1120 -11.13 -23.70 3.31
CA SER K 1120 -11.71 -22.96 2.20
C SER K 1120 -12.99 -22.26 2.63
N TYR K 1121 -13.53 -21.44 1.72
CA TYR K 1121 -14.79 -20.75 1.98
C TYR K 1121 -15.94 -21.74 2.13
N VAL K 1122 -15.99 -22.73 1.23
CA VAL K 1122 -17.06 -23.71 1.25
C VAL K 1122 -17.04 -24.51 2.54
N ASP K 1123 -15.85 -24.92 2.98
CA ASP K 1123 -15.73 -25.69 4.22
C ASP K 1123 -16.17 -24.89 5.42
N ARG K 1124 -15.77 -23.61 5.51
CA ARG K 1124 -16.17 -22.77 6.64
C ARG K 1124 -17.68 -22.57 6.66
N ILE K 1125 -18.27 -22.29 5.49
CA ILE K 1125 -19.72 -22.08 5.44
C ILE K 1125 -20.46 -23.36 5.81
N ASP K 1126 -19.96 -24.52 5.35
CA ASP K 1126 -20.59 -25.78 5.71
C ASP K 1126 -20.50 -26.04 7.21
N VAL K 1127 -19.34 -25.77 7.81
CA VAL K 1127 -19.18 -25.98 9.25
C VAL K 1127 -20.13 -25.08 10.02
N ILE K 1128 -20.32 -23.84 9.57
CA ILE K 1128 -21.27 -22.95 10.24
C ILE K 1128 -22.69 -23.47 10.08
N LEU K 1129 -23.04 -23.94 8.89
CA LEU K 1129 -24.41 -24.43 8.66
C LEU K 1129 -24.69 -25.73 9.41
N ARG K 1130 -23.65 -26.47 9.80
CA ARG K 1130 -23.88 -27.70 10.56
C ARG K 1130 -24.55 -27.45 11.91
N LYS K 1131 -24.53 -26.20 12.41
CA LYS K 1131 -25.19 -25.90 13.67
C LYS K 1131 -26.71 -26.03 13.56
N ASP K 1132 -27.29 -25.55 12.45
CA ASP K 1132 -28.74 -25.59 12.26
C ASP K 1132 -29.15 -27.00 11.87
N VAL K 1133 -29.54 -27.79 12.88
CA VAL K 1133 -29.93 -29.18 12.64
C VAL K 1133 -31.21 -29.24 11.82
N VAL K 1134 -32.12 -28.29 12.06
CA VAL K 1134 -33.40 -28.29 11.35
C VAL K 1134 -33.19 -28.09 9.84
N MET K 1135 -32.31 -27.15 9.48
CA MET K 1135 -32.10 -26.80 8.08
C MET K 1135 -30.82 -27.42 7.51
N ARG K 1136 -30.27 -28.44 8.18
CA ARG K 1136 -28.98 -28.99 7.76
C ARG K 1136 -29.10 -29.82 6.48
N GLY K 1137 -30.17 -30.60 6.35
CA GLY K 1137 -30.31 -31.49 5.22
C GLY K 1137 -30.83 -30.87 3.95
N PHE K 1138 -31.08 -29.56 3.95
CA PHE K 1138 -31.69 -28.89 2.81
C PHE K 1138 -30.81 -27.82 2.19
N ILE K 1139 -30.21 -26.96 3.01
CA ILE K 1139 -29.35 -25.88 2.52
C ILE K 1139 -27.90 -26.31 2.63
N THR K 1140 -27.17 -26.24 1.52
CA THR K 1140 -25.75 -26.52 1.49
C THR K 1140 -24.98 -25.21 1.37
N ALA K 1141 -23.64 -25.33 1.42
CA ALA K 1141 -22.80 -24.15 1.25
C ALA K 1141 -22.90 -23.58 -0.16
N ASN K 1142 -23.23 -24.43 -1.13
CA ASN K 1142 -23.37 -23.97 -2.51
C ASN K 1142 -24.52 -22.96 -2.64
N THR K 1143 -25.65 -23.25 -2.00
CA THR K 1143 -26.80 -22.35 -2.08
C THR K 1143 -26.49 -21.01 -1.41
N ILE K 1144 -25.83 -21.05 -0.24
CA ILE K 1144 -25.46 -19.82 0.45
C ILE K 1144 -24.48 -18.99 -0.39
N LEU K 1145 -23.50 -19.66 -1.00
CA LEU K 1145 -22.55 -18.95 -1.84
C LEU K 1145 -23.24 -18.33 -3.06
N ASN K 1146 -24.17 -19.05 -3.67
CA ASN K 1146 -24.92 -18.50 -4.79
C ASN K 1146 -25.74 -17.29 -4.35
N VAL K 1147 -26.34 -17.35 -3.17
CA VAL K 1147 -27.13 -16.22 -2.66
C VAL K 1147 -26.24 -15.01 -2.45
N ILE K 1148 -25.08 -15.20 -1.80
CA ILE K 1148 -24.22 -14.06 -1.50
C ILE K 1148 -23.47 -13.55 -2.72
N GLU K 1149 -23.37 -14.34 -3.79
CA GLU K 1149 -22.82 -13.84 -5.04
C GLU K 1149 -23.88 -13.12 -5.88
N LYS K 1150 -25.15 -13.53 -5.78
CA LYS K 1150 -26.22 -12.79 -6.43
C LYS K 1150 -26.48 -11.45 -5.77
N LEU K 1151 -25.95 -11.24 -4.57
CA LEU K 1151 -25.91 -9.92 -3.96
C LEU K 1151 -24.59 -9.24 -4.29
N GLY K 1152 -24.60 -7.91 -4.30
CA GLY K 1152 -23.41 -7.17 -4.63
C GLY K 1152 -22.44 -7.10 -3.46
N THR K 1153 -21.34 -6.37 -3.70
CA THR K 1153 -20.36 -6.15 -2.65
C THR K 1153 -20.79 -5.03 -1.70
N ASN K 1154 -21.82 -4.27 -2.05
CA ASN K 1154 -22.32 -3.16 -1.24
C ASN K 1154 -23.54 -3.62 -0.47
N HIS K 1155 -23.30 -4.34 0.63
CA HIS K 1155 -24.37 -4.88 1.45
C HIS K 1155 -24.02 -4.69 2.92
N SER K 1156 -25.06 -4.62 3.74
CA SER K 1156 -24.91 -4.46 5.18
C SER K 1156 -25.11 -5.79 5.89
N VAL K 1157 -24.56 -5.88 7.11
CA VAL K 1157 -24.63 -7.13 7.87
C VAL K 1157 -26.08 -7.43 8.27
N GLY K 1158 -26.87 -6.40 8.57
CA GLY K 1158 -28.25 -6.62 8.96
C GLY K 1158 -29.10 -7.17 7.83
N ASP K 1159 -28.85 -6.70 6.60
CA ASP K 1159 -29.56 -7.25 5.45
C ASP K 1159 -29.24 -8.72 5.25
N LEU K 1160 -27.98 -9.10 5.43
CA LEU K 1160 -27.62 -10.51 5.33
C LEU K 1160 -28.30 -11.34 6.41
N VAL K 1161 -28.32 -10.82 7.65
CA VAL K 1161 -29.00 -11.52 8.72
C VAL K 1161 -30.47 -11.75 8.37
N THR K 1162 -31.13 -10.71 7.88
CA THR K 1162 -32.57 -10.81 7.66
C THR K 1162 -32.89 -11.71 6.46
N VAL K 1163 -32.07 -11.67 5.40
CA VAL K 1163 -32.34 -12.55 4.26
C VAL K 1163 -32.06 -14.00 4.65
N PHE K 1164 -31.02 -14.24 5.46
CA PHE K 1164 -30.76 -15.60 5.91
C PHE K 1164 -31.90 -16.12 6.79
N THR K 1165 -32.46 -15.26 7.64
CA THR K 1165 -33.63 -15.67 8.41
C THR K 1165 -34.86 -15.85 7.51
N LEU K 1166 -34.95 -15.09 6.42
CA LEU K 1166 -36.02 -15.30 5.46
C LEU K 1166 -35.90 -16.64 4.76
N MET K 1167 -34.68 -17.17 4.61
CA MET K 1167 -34.49 -18.50 4.06
C MET K 1167 -34.64 -19.59 5.12
N ASN K 1168 -35.22 -19.26 6.27
CA ASN K 1168 -35.71 -20.17 7.33
C ASN K 1168 -34.52 -20.70 8.12
N ILE K 1169 -33.35 -20.08 8.02
CA ILE K 1169 -32.23 -20.42 8.90
C ILE K 1169 -32.46 -19.80 10.27
N GLU K 1170 -32.05 -20.52 11.32
CA GLU K 1170 -32.12 -20.01 12.68
C GLU K 1170 -31.28 -18.74 12.82
N THR K 1171 -31.66 -17.89 13.78
CA THR K 1171 -31.11 -16.54 13.86
C THR K 1171 -29.62 -16.55 14.20
N ARG K 1172 -29.19 -17.43 15.11
CA ARG K 1172 -27.79 -17.45 15.52
C ARG K 1172 -26.88 -17.86 14.36
N VAL K 1173 -27.29 -18.87 13.59
CA VAL K 1173 -26.49 -19.29 12.44
C VAL K 1173 -26.46 -18.19 11.39
N ALA K 1174 -27.57 -17.47 11.22
CA ALA K 1174 -27.60 -16.34 10.31
C ALA K 1174 -26.62 -15.26 10.72
N GLU K 1175 -26.56 -14.97 12.03
CA GLU K 1175 -25.61 -13.98 12.53
C GLU K 1175 -24.17 -14.43 12.31
N GLU K 1176 -23.90 -15.71 12.54
CA GLU K 1176 -22.55 -16.25 12.29
C GLU K 1176 -22.16 -16.09 10.83
N LEU K 1177 -23.06 -16.47 9.91
CA LEU K 1177 -22.77 -16.34 8.49
C LEU K 1177 -22.55 -14.89 8.10
N ALA K 1178 -23.39 -13.99 8.62
CA ALA K 1178 -23.29 -12.58 8.26
C ALA K 1178 -21.98 -11.97 8.74
N GLU K 1179 -21.58 -12.28 9.98
CA GLU K 1179 -20.34 -11.72 10.49
C GLU K 1179 -19.13 -12.30 9.75
N TYR K 1180 -19.19 -13.60 9.40
CA TYR K 1180 -18.10 -14.19 8.63
C TYR K 1180 -17.97 -13.54 7.25
N MET K 1181 -19.11 -13.30 6.59
CA MET K 1181 -19.04 -12.71 5.25
C MET K 1181 -18.66 -11.23 5.31
N THR K 1182 -19.05 -10.52 6.38
CA THR K 1182 -18.63 -9.14 6.53
C THR K 1182 -17.13 -9.05 6.81
N SER K 1183 -16.59 -10.00 7.55
CA SER K 1183 -15.16 -9.98 7.84
C SER K 1183 -14.31 -10.21 6.59
N GLU K 1184 -14.82 -10.99 5.63
CA GLU K 1184 -14.05 -11.39 4.46
C GLU K 1184 -14.43 -10.61 3.21
N LYS K 1185 -15.06 -9.45 3.35
CA LYS K 1185 -15.60 -8.74 2.19
C LYS K 1185 -14.51 -8.32 1.21
N ILE K 1186 -13.39 -7.81 1.73
CA ILE K 1186 -12.31 -7.35 0.85
C ILE K 1186 -11.63 -8.54 0.16
N ARG K 1187 -11.45 -9.64 0.87
CA ARG K 1187 -10.68 -10.77 0.34
C ARG K 1187 -11.54 -11.78 -0.41
N PHE K 1188 -12.86 -11.61 -0.43
CA PHE K 1188 -13.73 -12.58 -1.07
C PHE K 1188 -13.60 -12.50 -2.59
N ASP K 1189 -13.24 -13.62 -3.22
CA ASP K 1189 -13.04 -13.68 -4.66
C ASP K 1189 -14.15 -14.40 -5.40
N ALA K 1190 -15.20 -14.82 -4.69
CA ALA K 1190 -16.40 -15.41 -5.29
C ALA K 1190 -16.11 -16.65 -6.13
N LEU K 1191 -15.20 -17.50 -5.67
CA LEU K 1191 -14.89 -18.76 -6.34
C LEU K 1191 -15.15 -19.94 -5.42
N LYS K 1192 -15.37 -21.09 -6.02
CA LYS K 1192 -15.65 -22.33 -5.30
C LYS K 1192 -14.55 -23.35 -5.61
N LEU K 1193 -14.01 -23.98 -4.57
CA LEU K 1193 -12.95 -24.96 -4.71
C LEU K 1193 -13.54 -26.35 -4.71
N LEU K 1194 -13.14 -27.16 -5.68
CA LEU K 1194 -13.62 -28.52 -5.84
C LEU K 1194 -12.50 -29.48 -5.46
N LYS K 1195 -12.64 -30.11 -4.30
CA LYS K 1195 -11.69 -31.11 -3.86
C LYS K 1195 -12.17 -32.50 -4.27
N LYS K 1196 -11.27 -33.28 -4.87
CA LYS K 1196 -11.59 -34.64 -5.30
C LYS K 1196 -11.38 -35.66 -4.19
N GLY K 1197 -11.36 -35.23 -2.93
CA GLY K 1197 -11.04 -36.11 -1.84
C GLY K 1197 -9.57 -36.12 -1.47
N ILE K 1198 -8.89 -34.99 -1.59
CA ILE K 1198 -7.45 -34.91 -1.36
C ILE K 1198 -7.22 -34.60 0.12
N ALA K 1199 -6.35 -35.39 0.75
CA ALA K 1199 -5.98 -35.27 2.15
C ALA K 1199 -7.16 -35.45 3.10
N GLY K 1200 -8.20 -36.15 2.67
CA GLY K 1200 -9.37 -36.37 3.49
C GLY K 1200 -9.47 -37.74 4.12
N ASP K 1201 -8.45 -38.57 3.99
CA ASP K 1201 -8.51 -39.93 4.50
C ASP K 1201 -7.91 -40.03 5.90
N GLU K 1202 -7.91 -41.25 6.44
CA GLU K 1202 -7.49 -41.48 7.82
C GLU K 1202 -6.00 -41.22 8.00
N PHE K 1203 -5.17 -41.78 7.13
CA PHE K 1203 -3.72 -41.72 7.34
C PHE K 1203 -3.17 -40.33 7.00
N THR K 1204 -3.69 -39.70 5.94
CA THR K 1204 -3.16 -38.41 5.52
C THR K 1204 -3.47 -37.32 6.53
N MET K 1205 -4.58 -37.45 7.27
CA MET K 1205 -4.91 -36.47 8.31
C MET K 1205 -3.94 -36.52 9.49
N SER K 1206 -3.10 -37.55 9.58
CA SER K 1206 -2.08 -37.65 10.61
C SER K 1206 -0.73 -37.08 10.19
N LEU K 1207 -0.63 -36.56 8.98
CA LEU K 1207 0.63 -36.02 8.48
C LEU K 1207 0.64 -34.49 8.58
N ASN K 1208 1.85 -33.94 8.62
CA ASN K 1208 2.05 -32.50 8.74
C ASN K 1208 1.92 -31.82 7.36
N VAL K 1209 0.74 -32.02 6.75
CA VAL K 1209 0.43 -31.47 5.45
C VAL K 1209 -0.85 -30.66 5.56
N ALA K 1210 -1.08 -29.80 4.57
CA ALA K 1210 -2.23 -28.89 4.50
C ALA K 1210 -2.30 -27.96 5.70
N THR K 1211 -1.14 -27.59 6.26
CA THR K 1211 -1.06 -26.65 7.37
C THR K 1211 -0.28 -25.42 6.92
N GLN K 1212 -0.37 -24.36 7.73
CA GLN K 1212 0.37 -23.14 7.44
C GLN K 1212 1.88 -23.37 7.53
N ASP K 1213 2.32 -24.22 8.46
CA ASP K 1213 3.74 -24.55 8.57
C ASP K 1213 4.24 -25.26 7.31
N PHE K 1214 3.45 -26.19 6.79
CA PHE K 1214 3.83 -26.91 5.57
C PHE K 1214 3.95 -25.94 4.40
N ILE K 1215 3.00 -25.03 4.27
CA ILE K 1215 3.02 -24.04 3.19
C ILE K 1215 4.24 -23.14 3.33
N ASP K 1216 4.55 -22.74 4.57
CA ASP K 1216 5.69 -21.85 4.80
C ASP K 1216 7.01 -22.54 4.46
N THR K 1217 7.14 -23.82 4.79
CA THR K 1217 8.43 -24.49 4.63
C THR K 1217 8.59 -25.25 3.32
N TYR K 1218 7.54 -25.41 2.52
CA TYR K 1218 7.64 -26.19 1.30
C TYR K 1218 7.27 -25.45 0.02
N LEU K 1219 6.62 -24.29 0.11
CA LEU K 1219 6.01 -23.68 -1.06
C LEU K 1219 6.39 -22.21 -1.18
N ALA K 1220 6.71 -21.80 -2.42
CA ALA K 1220 6.91 -20.40 -2.77
C ALA K 1220 6.06 -20.10 -4.00
N TYR K 1221 5.16 -19.13 -3.87
CA TYR K 1221 4.19 -18.82 -4.90
C TYR K 1221 4.10 -17.30 -5.07
N PRO K 1222 3.69 -16.84 -6.26
CA PRO K 1222 3.56 -15.39 -6.47
C PRO K 1222 2.52 -14.76 -5.57
N TYR K 1223 2.80 -13.54 -5.12
CA TYR K 1223 1.94 -12.84 -4.17
C TYR K 1223 0.63 -12.37 -4.77
N GLN K 1224 0.46 -12.44 -6.09
CA GLN K 1224 -0.73 -11.88 -6.74
C GLN K 1224 -1.95 -12.78 -6.66
N LEU K 1225 -1.81 -14.02 -6.20
CA LEU K 1225 -2.94 -14.95 -6.22
C LEU K 1225 -3.96 -14.61 -5.14
N THR K 1226 -5.20 -15.02 -5.38
CA THR K 1226 -6.26 -14.88 -4.40
C THR K 1226 -6.31 -16.12 -3.51
N LYS K 1227 -7.23 -16.12 -2.55
CA LYS K 1227 -7.24 -17.16 -1.51
C LYS K 1227 -7.54 -18.54 -2.09
N THR K 1228 -8.54 -18.63 -2.98
CA THR K 1228 -8.92 -19.93 -3.54
C THR K 1228 -7.82 -20.50 -4.43
N GLU K 1229 -7.14 -19.63 -5.18
CA GLU K 1229 -5.99 -20.07 -5.97
C GLU K 1229 -4.90 -20.62 -5.08
N VAL K 1230 -4.65 -19.96 -3.94
CA VAL K 1230 -3.65 -20.46 -3.00
C VAL K 1230 -4.08 -21.80 -2.42
N ASP K 1231 -5.38 -21.99 -2.19
CA ASP K 1231 -5.87 -23.27 -1.70
C ASP K 1231 -5.60 -24.38 -2.71
N ALA K 1232 -5.88 -24.11 -3.99
CA ALA K 1232 -5.62 -25.11 -5.02
C ALA K 1232 -4.13 -25.43 -5.14
N ILE K 1233 -3.30 -24.39 -5.12
CA ILE K 1233 -1.85 -24.58 -5.19
C ILE K 1233 -1.36 -25.39 -3.99
N SER K 1234 -1.90 -25.11 -2.81
CA SER K 1234 -1.49 -25.82 -1.60
C SER K 1234 -1.87 -27.29 -1.66
N LEU K 1235 -3.07 -27.60 -2.15
CA LEU K 1235 -3.46 -29.00 -2.30
C LEU K 1235 -2.53 -29.72 -3.27
N TYR K 1236 -2.24 -29.07 -4.41
CA TYR K 1236 -1.32 -29.65 -5.38
C TYR K 1236 0.05 -29.91 -4.77
N CYS K 1237 0.56 -28.94 -4.00
CA CYS K 1237 1.86 -29.08 -3.38
C CYS K 1237 1.87 -30.22 -2.37
N THR K 1238 0.82 -30.33 -1.54
CA THR K 1238 0.75 -31.42 -0.57
C THR K 1238 0.82 -32.77 -1.27
N GLN K 1239 0.02 -32.94 -2.32
CA GLN K 1239 -0.02 -34.23 -3.01
C GLN K 1239 1.32 -34.53 -3.70
N MET K 1240 1.95 -33.51 -4.28
CA MET K 1240 3.23 -33.74 -4.95
C MET K 1240 4.34 -34.08 -3.95
N ILE K 1241 4.37 -33.42 -2.80
CA ILE K 1241 5.37 -33.74 -1.78
C ILE K 1241 5.16 -35.15 -1.26
N MET K 1242 3.90 -35.56 -1.07
CA MET K 1242 3.63 -36.94 -0.67
C MET K 1242 4.12 -37.93 -1.70
N LEU K 1243 3.90 -37.64 -2.99
CA LEU K 1243 4.39 -38.53 -4.05
C LEU K 1243 5.91 -38.62 -4.05
N ARG K 1244 6.59 -37.47 -3.91
CA ARG K 1244 8.04 -37.46 -3.94
C ARG K 1244 8.62 -38.21 -2.74
N ALA K 1245 8.01 -38.08 -1.58
CA ALA K 1245 8.45 -38.85 -0.42
C ALA K 1245 8.23 -40.35 -0.63
N ALA K 1246 7.11 -40.70 -1.26
CA ALA K 1246 6.83 -42.12 -1.51
C ALA K 1246 7.83 -42.71 -2.50
N LEU K 1247 8.24 -41.95 -3.52
CA LEU K 1247 9.11 -42.48 -4.57
C LEU K 1247 10.58 -42.43 -4.22
N GLY K 1248 10.96 -41.90 -3.06
CA GLY K 1248 12.36 -41.82 -2.69
C GLY K 1248 13.12 -40.68 -3.32
N LEU K 1249 12.43 -39.68 -3.87
CA LEU K 1249 13.09 -38.50 -4.40
C LEU K 1249 13.63 -37.64 -3.26
N PRO K 1250 14.68 -36.86 -3.51
CA PRO K 1250 15.24 -36.01 -2.46
C PRO K 1250 14.27 -34.92 -2.04
N LYS K 1251 14.41 -34.49 -0.78
CA LYS K 1251 13.53 -33.47 -0.21
C LYS K 1251 13.93 -32.10 -0.75
N LYS K 1252 13.01 -31.46 -1.47
CA LYS K 1252 13.24 -30.16 -2.08
C LYS K 1252 12.07 -29.23 -1.76
N LYS K 1253 12.17 -28.00 -2.26
CA LYS K 1253 11.12 -27.01 -2.11
C LYS K 1253 10.47 -26.72 -3.46
N MET K 1254 9.14 -26.78 -3.50
CA MET K 1254 8.40 -26.42 -4.70
C MET K 1254 8.41 -24.91 -4.89
N LYS K 1255 8.71 -24.48 -6.11
CA LYS K 1255 8.70 -23.07 -6.46
C LYS K 1255 7.88 -22.85 -7.72
N ILE K 1256 6.94 -21.91 -7.65
CA ILE K 1256 6.15 -21.51 -8.80
C ILE K 1256 6.93 -20.43 -9.54
N VAL K 1257 7.26 -20.69 -10.81
CA VAL K 1257 8.20 -19.87 -11.56
C VAL K 1257 7.47 -19.19 -12.71
N VAL K 1258 7.60 -17.87 -12.80
CA VAL K 1258 7.09 -17.07 -13.91
C VAL K 1258 8.21 -16.13 -14.34
N THR K 1259 8.60 -16.21 -15.61
CA THR K 1259 9.70 -15.42 -16.12
C THR K 1259 9.20 -14.06 -16.60
N ASP K 1260 10.06 -13.31 -17.27
CA ASP K 1260 9.76 -11.95 -17.69
C ASP K 1260 9.21 -11.89 -19.12
N ASP K 1261 9.04 -13.04 -19.77
CA ASP K 1261 8.56 -13.06 -21.15
C ASP K 1261 7.13 -12.54 -21.21
N ALA K 1262 6.85 -11.74 -22.26
CA ALA K 1262 5.55 -11.09 -22.37
C ALA K 1262 4.46 -12.03 -22.83
N LYS K 1263 4.79 -13.02 -23.67
CA LYS K 1263 3.76 -13.89 -24.24
C LYS K 1263 3.14 -14.80 -23.17
N LYS K 1264 3.98 -15.42 -22.34
CA LYS K 1264 3.47 -16.28 -21.28
C LYS K 1264 2.66 -15.49 -20.27
N ARG K 1265 3.12 -14.28 -19.92
CA ARG K 1265 2.37 -13.44 -19.00
C ARG K 1265 1.04 -13.02 -19.60
N TYR K 1266 0.99 -12.75 -20.90
CA TYR K 1266 -0.27 -12.43 -21.55
C TYR K 1266 -1.22 -13.62 -21.50
N LYS K 1267 -0.71 -14.83 -21.73
CA LYS K 1267 -1.55 -16.03 -21.65
C LYS K 1267 -2.09 -16.23 -20.23
N ILE K 1268 -1.24 -16.03 -19.22
CA ILE K 1268 -1.66 -16.19 -17.83
C ILE K 1268 -2.73 -15.16 -17.49
N ARG K 1269 -2.53 -13.91 -17.92
CA ARG K 1269 -3.51 -12.86 -17.67
C ARG K 1269 -4.84 -13.19 -18.33
N LEU K 1270 -4.82 -13.69 -19.57
CA LEU K 1270 -6.06 -14.04 -20.26
C LEU K 1270 -6.79 -15.17 -19.56
N GLN K 1271 -6.07 -16.20 -19.13
CA GLN K 1271 -6.72 -17.31 -18.43
C GLN K 1271 -7.30 -16.85 -17.09
N ARG K 1272 -6.57 -16.01 -16.36
CA ARG K 1272 -7.07 -15.49 -15.09
C ARG K 1272 -8.32 -14.64 -15.29
N PHE K 1273 -8.33 -13.81 -16.35
CA PHE K 1273 -9.51 -13.01 -16.65
C PHE K 1273 -10.70 -13.91 -17.00
N ARG K 1274 -10.46 -14.97 -17.77
CA ARG K 1274 -11.53 -15.89 -18.10
C ARG K 1274 -12.10 -16.56 -16.87
N THR K 1275 -11.24 -16.99 -15.94
CA THR K 1275 -11.71 -17.68 -14.75
C THR K 1275 -12.44 -16.73 -13.80
N HIS K 1276 -11.94 -15.49 -13.66
CA HIS K 1276 -12.56 -14.55 -12.73
C HIS K 1276 -13.74 -13.80 -13.35
N VAL K 1277 -13.71 -13.54 -14.64
CA VAL K 1277 -14.82 -12.85 -15.32
C VAL K 1277 -15.28 -13.72 -16.48
N PRO K 1278 -16.03 -14.80 -16.23
CA PRO K 1278 -16.51 -15.62 -17.34
C PRO K 1278 -17.56 -14.90 -18.18
N LYS K 1279 -17.66 -15.31 -19.44
CA LYS K 1279 -18.58 -14.68 -20.38
C LYS K 1279 -20.03 -14.85 -19.96
N ILE K 1280 -20.37 -16.04 -19.44
CA ILE K 1280 -21.76 -16.34 -19.12
C ILE K 1280 -22.26 -15.46 -17.98
N LYS K 1281 -21.38 -15.14 -17.02
CA LYS K 1281 -21.77 -14.21 -15.96
C LYS K 1281 -21.88 -12.78 -16.48
N VAL K 1282 -21.13 -12.44 -17.52
CA VAL K 1282 -21.22 -11.09 -18.09
C VAL K 1282 -22.54 -10.92 -18.82
N LEU K 1283 -22.95 -11.92 -19.61
CA LEU K 1283 -24.20 -11.81 -20.35
C LEU K 1283 -25.41 -11.74 -19.41
N LYS K 1284 -25.38 -12.50 -18.32
CA LYS K 1284 -26.48 -12.50 -17.37
C LYS K 1284 -26.43 -11.34 -16.38
N LYS K 1285 -25.48 -10.42 -16.55
CA LYS K 1285 -25.33 -9.24 -15.68
C LYS K 1285 -25.16 -9.66 -14.22
N LEU K 1286 -24.19 -10.54 -13.98
CA LEU K 1286 -23.98 -11.14 -12.67
C LEU K 1286 -22.59 -10.81 -12.11
N ILE K 1287 -21.84 -9.96 -12.79
CA ILE K 1287 -20.49 -9.58 -12.37
C ILE K 1287 -20.53 -8.20 -11.75
N ASP K 1288 -19.90 -8.06 -10.57
CA ASP K 1288 -19.78 -6.77 -9.93
C ASP K 1288 -18.41 -6.17 -10.25
N PRO K 1289 -18.34 -5.07 -11.00
CA PRO K 1289 -17.02 -4.51 -11.35
C PRO K 1289 -16.32 -3.83 -10.20
N ASN K 1290 -17.02 -3.51 -9.11
CA ASN K 1290 -16.42 -2.81 -7.98
C ASN K 1290 -15.79 -3.74 -6.96
N ARG K 1291 -15.81 -5.05 -7.21
CA ARG K 1291 -15.17 -5.99 -6.30
C ARG K 1291 -13.66 -5.80 -6.34
N MET K 1292 -13.02 -5.93 -5.17
CA MET K 1292 -11.59 -5.67 -5.06
C MET K 1292 -10.77 -6.65 -5.90
N THR K 1293 -11.14 -7.93 -5.87
CA THR K 1293 -10.40 -8.94 -6.62
C THR K 1293 -10.57 -8.77 -8.13
N VAL K 1294 -11.57 -8.02 -8.57
CA VAL K 1294 -11.73 -7.71 -9.98
C VAL K 1294 -10.90 -6.50 -10.37
N ARG K 1295 -10.91 -5.46 -9.52
CA ARG K 1295 -10.10 -4.27 -9.79
C ARG K 1295 -8.61 -4.58 -9.74
N ASN K 1296 -8.20 -5.55 -8.91
CA ASN K 1296 -6.80 -5.94 -8.85
C ASN K 1296 -6.28 -6.52 -10.15
N LEU K 1297 -7.15 -7.10 -10.98
CA LEU K 1297 -6.71 -7.80 -12.19
C LEU K 1297 -6.11 -6.85 -13.24
N GLU K 1298 -6.26 -5.54 -13.06
CA GLU K 1298 -5.80 -4.59 -14.06
C GLU K 1298 -4.28 -4.64 -14.23
N ASN K 1299 -3.54 -4.79 -13.13
CA ASN K 1299 -2.09 -4.63 -13.17
C ASN K 1299 -1.32 -5.79 -12.54
N GLN K 1300 -1.88 -7.00 -12.51
CA GLN K 1300 -1.22 -8.10 -11.83
C GLN K 1300 0.08 -8.54 -12.48
N PHE K 1301 0.02 -9.06 -13.71
CA PHE K 1301 1.16 -9.65 -14.38
C PHE K 1301 1.54 -8.88 -15.65
N VAL K 1302 1.53 -7.56 -15.58
CA VAL K 1302 1.89 -6.74 -16.73
C VAL K 1302 3.39 -6.80 -16.98
N MET N 1 136.54 58.70 -18.70
CA MET N 1 135.31 58.20 -19.29
C MET N 1 134.41 57.62 -18.21
N ASP N 2 135.02 56.91 -17.27
CA ASP N 2 134.30 56.26 -16.18
C ASP N 2 134.90 56.60 -14.82
N GLU N 3 136.19 56.92 -14.76
CA GLU N 3 136.84 57.20 -13.49
C GLU N 3 137.70 58.44 -13.63
N LEU N 4 137.95 59.11 -12.50
CA LEU N 4 138.65 60.38 -12.48
C LEU N 4 139.77 60.35 -11.45
N GLY N 5 140.88 60.99 -11.76
CA GLY N 5 142.05 61.02 -10.89
C GLY N 5 142.36 62.43 -10.41
N ILE N 6 142.67 62.55 -9.13
CA ILE N 6 143.01 63.83 -8.51
C ILE N 6 144.33 63.71 -7.77
N PRO N 7 145.37 64.44 -8.18
CA PRO N 7 146.65 64.34 -7.48
C PRO N 7 146.74 65.28 -6.28
N VAL N 8 147.50 64.86 -5.28
CA VAL N 8 147.84 65.67 -4.10
C VAL N 8 149.34 65.59 -3.90
N TYR N 9 150.00 66.74 -3.84
CA TYR N 9 151.45 66.79 -3.81
C TYR N 9 151.92 67.84 -2.82
N LYS N 10 153.21 67.76 -2.49
CA LYS N 10 153.87 68.60 -1.50
C LYS N 10 154.87 69.53 -2.19
N ARG N 11 155.67 70.22 -1.36
CA ARG N 11 156.55 71.27 -1.84
C ARG N 11 157.53 70.78 -2.90
N GLY N 12 158.12 69.60 -2.72
CA GLY N 12 159.18 69.16 -3.61
C GLY N 12 158.76 68.78 -5.00
N PHE N 13 157.50 68.42 -5.20
CA PHE N 13 157.04 67.91 -6.48
C PHE N 13 156.97 69.02 -7.53
N PRO N 14 157.46 68.77 -8.74
CA PRO N 14 157.32 69.76 -9.82
C PRO N 14 155.91 69.79 -10.39
N GLU N 15 155.27 70.96 -10.35
CA GLU N 15 153.85 71.03 -10.69
C GLU N 15 153.60 70.81 -12.17
N HIS N 16 154.55 71.18 -13.03
CA HIS N 16 154.28 71.16 -14.46
C HIS N 16 154.16 69.75 -15.01
N LEU N 17 154.58 68.74 -14.26
CA LEU N 17 154.34 67.36 -14.68
C LEU N 17 152.86 66.99 -14.62
N LEU N 18 152.05 67.74 -13.89
CA LEU N 18 150.66 67.38 -13.64
C LEU N 18 149.68 68.09 -14.55
N ARG N 19 150.14 68.75 -15.61
CA ARG N 19 149.25 69.52 -16.47
C ARG N 19 148.20 68.65 -17.14
N GLY N 20 148.41 67.34 -17.22
CA GLY N 20 147.44 66.49 -17.89
C GLY N 20 146.15 66.29 -17.13
N TYR N 21 146.14 66.58 -15.84
CA TYR N 21 144.96 66.35 -15.01
C TYR N 21 144.07 67.59 -15.01
N GLU N 22 142.83 67.39 -14.56
CA GLU N 22 141.85 68.46 -14.54
C GLU N 22 141.75 69.16 -13.19
N PHE N 23 142.01 68.45 -12.10
CA PHE N 23 141.85 68.97 -10.75
C PHE N 23 143.14 68.70 -9.97
N ILE N 24 143.69 69.73 -9.34
CA ILE N 24 144.97 69.62 -8.66
C ILE N 24 144.87 70.29 -7.30
N ILE N 25 145.39 69.59 -6.27
CA ILE N 25 145.41 70.11 -4.90
C ILE N 25 146.87 70.19 -4.46
N ASP N 26 147.26 71.35 -3.94
CA ASP N 26 148.63 71.60 -3.50
C ASP N 26 148.58 71.92 -2.01
N VAL N 27 149.17 71.05 -1.19
CA VAL N 27 149.20 71.24 0.25
C VAL N 27 150.55 71.82 0.65
N GLY N 28 151.34 72.23 -0.33
CA GLY N 28 152.63 72.84 -0.04
C GLY N 28 152.56 74.29 0.34
N THR N 29 151.52 75.00 -0.09
CA THR N 29 151.33 76.41 0.23
C THR N 29 150.15 76.54 1.17
N LYS N 30 150.38 77.15 2.33
CA LYS N 30 149.34 77.24 3.35
C LYS N 30 149.61 78.45 4.23
N ILE N 31 148.57 78.85 4.96
CA ILE N 31 148.62 79.97 5.89
C ILE N 31 148.62 79.43 7.31
N GLU N 32 149.66 79.76 8.07
CA GLU N 32 149.79 79.24 9.43
C GLU N 32 148.71 79.84 10.32
N SER N 33 148.19 79.02 11.23
CA SER N 33 147.15 79.48 12.14
C SER N 33 147.75 80.15 13.36
N VAL N 34 146.95 80.97 14.02
CA VAL N 34 147.35 81.70 15.23
C VAL N 34 146.32 81.45 16.31
N GLY N 35 146.78 80.96 17.45
CA GLY N 35 145.88 80.73 18.58
C GLY N 35 144.79 79.72 18.31
N GLY N 36 145.04 78.74 17.45
CA GLY N 36 144.06 77.72 17.18
C GLY N 36 142.94 78.11 16.26
N ARG N 37 143.03 79.26 15.60
CA ARG N 37 142.01 79.71 14.67
C ARG N 37 142.68 80.24 13.41
N HIS N 38 141.95 80.14 12.30
CA HIS N 38 142.49 80.59 11.01
C HIS N 38 142.71 82.10 11.02
N ASP N 39 143.84 82.52 10.45
CA ASP N 39 144.21 83.93 10.41
C ASP N 39 143.55 84.59 9.19
N VAL N 40 142.33 85.07 9.41
CA VAL N 40 141.54 85.69 8.35
C VAL N 40 142.15 87.02 7.96
N THR N 41 142.96 87.60 8.85
CA THR N 41 143.50 88.94 8.62
C THR N 41 144.43 89.00 7.41
N LYS N 42 144.77 87.86 6.82
CA LYS N 42 145.62 87.83 5.64
C LYS N 42 144.82 87.58 4.36
N ILE N 43 143.51 87.66 4.40
CA ILE N 43 142.66 87.50 3.22
C ILE N 43 143.03 88.51 2.13
N PRO N 44 143.26 89.79 2.43
CA PRO N 44 143.60 90.73 1.36
C PRO N 44 144.94 90.46 0.68
N GLU N 45 145.66 89.39 1.05
CA GLU N 45 146.91 89.04 0.38
C GLU N 45 146.85 87.66 -0.24
N MET N 46 145.66 87.08 -0.37
CA MET N 46 145.49 85.76 -0.96
C MET N 46 144.59 85.85 -2.19
N ASN N 47 144.40 84.69 -2.83
CA ASN N 47 143.49 84.58 -3.96
C ASN N 47 142.15 84.06 -3.43
N ALA N 48 141.43 84.96 -2.76
CA ALA N 48 140.17 84.61 -2.11
C ALA N 48 139.20 85.76 -2.32
N TYR N 49 138.11 85.77 -1.56
CA TYR N 49 137.08 86.79 -1.72
C TYR N 49 137.59 88.15 -1.27
N ASP N 50 136.89 89.20 -1.71
CA ASP N 50 137.35 90.58 -1.55
C ASP N 50 136.74 91.18 -0.30
N ILE N 51 137.58 91.42 0.70
CA ILE N 51 137.20 92.17 1.89
C ILE N 51 138.37 93.06 2.27
N LYS N 52 138.10 94.34 2.49
CA LYS N 52 139.12 95.29 2.93
C LYS N 52 139.08 95.41 4.45
N GLN N 53 140.25 95.62 5.04
CA GLN N 53 140.35 95.74 6.49
C GLN N 53 139.97 97.15 6.92
N GLU N 54 138.84 97.28 7.58
CA GLU N 54 138.33 98.56 8.07
C GLU N 54 137.16 98.29 9.01
N SER N 55 136.52 99.35 9.47
CA SER N 55 135.36 99.21 10.34
C SER N 55 134.21 98.56 9.59
N ILE N 56 133.46 97.70 10.30
CA ILE N 56 132.35 96.99 9.66
C ILE N 56 131.27 97.97 9.22
N ARG N 57 131.06 99.04 9.98
CA ARG N 57 130.04 100.01 9.63
C ARG N 57 130.31 100.63 8.27
N THR N 58 131.57 100.95 7.99
CA THR N 58 131.94 101.41 6.66
C THR N 58 132.08 100.27 5.66
N ALA N 59 132.42 99.07 6.13
CA ALA N 59 132.59 97.94 5.22
C ALA N 59 131.25 97.49 4.65
N LEU N 60 130.14 97.85 5.29
CA LEU N 60 128.83 97.43 4.81
C LEU N 60 128.50 97.98 3.43
N TRP N 61 129.17 99.05 2.99
CA TRP N 61 128.96 99.55 1.63
C TRP N 61 130.27 99.77 0.90
N TYR N 62 131.26 98.92 1.14
CA TYR N 62 132.50 98.95 0.36
C TYR N 62 132.23 98.51 -1.07
N ASN N 63 132.90 99.16 -2.02
CA ASN N 63 132.77 98.81 -3.43
C ASN N 63 133.95 97.96 -3.85
N PRO N 64 133.75 96.68 -4.15
CA PRO N 64 134.88 95.79 -4.43
C PRO N 64 135.58 96.18 -5.73
N ILE N 65 136.90 96.37 -5.64
CA ILE N 65 137.68 96.81 -6.80
C ILE N 65 138.88 95.89 -6.99
N ARG N 66 139.04 94.90 -6.11
CA ARG N 66 140.12 93.93 -6.23
C ARG N 66 139.50 92.54 -6.42
N ASN N 67 139.17 92.22 -7.67
CA ASN N 67 138.58 90.94 -8.01
C ASN N 67 138.51 90.84 -9.53
N ASP N 68 138.30 89.62 -10.01
CA ASP N 68 138.17 89.36 -11.43
C ASP N 68 136.73 89.14 -11.86
N GLY N 69 135.77 89.23 -10.95
CA GLY N 69 134.38 89.07 -11.31
C GLY N 69 133.60 88.49 -10.15
N PHE N 70 132.35 88.15 -10.44
CA PHE N 70 131.40 87.64 -9.45
C PHE N 70 130.85 86.31 -9.89
N VAL N 71 130.42 85.52 -8.92
CA VAL N 71 129.88 84.19 -9.17
C VAL N 71 128.61 83.99 -8.34
N LEU N 72 127.62 83.33 -8.94
CA LEU N 72 126.36 83.04 -8.28
C LEU N 72 126.33 81.58 -7.84
N PRO N 73 126.26 81.29 -6.54
CA PRO N 73 126.30 79.89 -6.09
C PRO N 73 125.11 79.05 -6.53
N ARG N 74 123.99 79.66 -6.91
CA ARG N 74 122.77 78.92 -7.20
C ARG N 74 122.41 78.91 -8.67
N VAL N 75 123.34 79.20 -9.57
CA VAL N 75 123.01 79.30 -10.98
C VAL N 75 122.58 77.94 -11.54
N LEU N 76 123.26 76.88 -11.12
CA LEU N 76 122.95 75.56 -11.66
C LEU N 76 121.56 75.10 -11.25
N ASP N 77 121.14 75.41 -10.02
CA ASP N 77 119.79 75.08 -9.58
C ASP N 77 118.74 75.80 -10.43
N ILE N 78 118.95 77.08 -10.70
CA ILE N 78 118.01 77.84 -11.49
C ILE N 78 117.92 77.26 -12.90
N THR N 79 119.06 76.93 -13.49
CA THR N 79 119.05 76.35 -14.84
C THR N 79 118.34 75.01 -14.85
N LEU N 80 118.59 74.17 -13.83
CA LEU N 80 117.91 72.88 -13.78
C LEU N 80 116.40 73.05 -13.65
N ARG N 81 115.96 73.98 -12.81
CA ARG N 81 114.53 74.23 -12.69
C ARG N 81 113.93 74.73 -14.00
N GLY N 82 114.64 75.63 -14.69
CA GLY N 82 114.16 76.08 -15.97
C GLY N 82 114.02 74.96 -16.97
N TYR N 83 114.98 74.04 -16.97
CA TYR N 83 114.89 72.87 -17.83
C TYR N 83 113.69 72.01 -17.47
N ASP N 84 113.43 71.85 -16.16
CA ASP N 84 112.46 70.86 -15.73
C ASP N 84 111.02 71.32 -15.98
N GLU N 85 110.78 72.62 -16.09
CA GLU N 85 109.42 73.13 -16.22
C GLU N 85 109.10 73.64 -17.63
N ARG N 86 109.76 73.12 -18.66
CA ARG N 86 109.50 73.57 -20.01
C ARG N 86 108.07 73.22 -20.42
N ARG N 87 107.46 74.11 -21.20
CA ARG N 87 106.11 73.90 -21.69
C ARG N 87 106.12 73.23 -23.04
N ALA N 88 105.07 72.46 -23.33
CA ALA N 88 104.99 71.68 -24.55
C ALA N 88 103.92 72.24 -25.48
N VAL N 89 104.26 72.36 -26.77
CA VAL N 89 103.35 72.83 -27.80
C VAL N 89 103.40 71.87 -28.97
N VAL N 90 102.36 71.93 -29.81
CA VAL N 90 102.21 71.03 -30.95
C VAL N 90 102.62 71.76 -32.21
N GLU N 91 103.46 71.13 -33.02
CA GLU N 91 103.95 71.71 -34.26
C GLU N 91 103.09 71.25 -35.44
N SER N 92 103.40 71.81 -36.62
CA SER N 92 102.67 71.44 -37.82
C SER N 92 102.86 69.98 -38.19
N THR N 93 104.08 69.46 -37.99
CA THR N 93 104.38 68.06 -38.28
C THR N 93 103.83 67.11 -37.22
N ARG N 94 103.00 67.62 -36.31
CA ARG N 94 102.34 66.88 -35.24
C ARG N 94 103.30 66.39 -34.16
N HIS N 95 104.58 66.75 -34.23
CA HIS N 95 105.50 66.48 -33.15
C HIS N 95 105.44 67.61 -32.13
N LYS N 96 105.85 67.30 -30.90
CA LYS N 96 105.85 68.29 -29.83
C LYS N 96 107.17 69.04 -29.79
N SER N 97 107.11 70.27 -29.27
CA SER N 97 108.28 71.09 -29.04
C SER N 97 108.20 71.68 -27.65
N PHE N 98 109.36 71.97 -27.07
CA PHE N 98 109.46 72.44 -25.70
C PHE N 98 110.04 73.85 -25.66
N HIS N 99 109.44 74.71 -24.84
CA HIS N 99 109.84 76.10 -24.71
C HIS N 99 110.10 76.45 -23.25
N THR N 100 110.99 77.40 -23.04
CA THR N 100 111.47 77.76 -21.71
C THR N 100 110.92 79.12 -21.29
N ASN N 101 110.56 79.24 -20.02
CA ASN N 101 110.13 80.51 -19.42
C ASN N 101 111.37 81.36 -19.16
N ASP N 102 111.83 82.03 -20.22
CA ASP N 102 113.13 82.70 -20.19
C ASP N 102 113.16 83.84 -19.18
N GLN N 103 112.07 84.62 -19.09
CA GLN N 103 112.10 85.81 -18.25
C GLN N 103 112.13 85.46 -16.76
N TRP N 104 111.52 84.33 -16.38
CA TRP N 104 111.64 83.87 -14.99
C TRP N 104 113.08 83.56 -14.61
N VAL N 105 113.79 82.85 -15.49
CA VAL N 105 115.20 82.56 -15.25
C VAL N 105 116.00 83.85 -15.20
N GLN N 106 115.73 84.77 -16.12
CA GLN N 106 116.45 86.04 -16.16
C GLN N 106 116.25 86.81 -14.87
N TRP N 107 115.02 86.85 -14.36
CA TRP N 107 114.78 87.60 -13.13
C TRP N 107 115.44 86.92 -11.95
N MET N 108 115.33 85.59 -11.85
CA MET N 108 115.96 84.89 -10.74
C MET N 108 117.47 85.04 -10.73
N MET N 109 118.08 85.23 -11.91
CA MET N 109 119.52 85.43 -11.95
C MET N 109 119.92 86.73 -11.26
N LYS N 110 119.24 87.83 -11.59
CA LYS N 110 119.66 89.12 -11.06
C LYS N 110 119.05 89.44 -9.71
N ASP N 111 118.09 88.66 -9.25
CA ASP N 111 117.48 88.89 -7.94
C ASP N 111 118.27 88.26 -6.80
N SER N 112 119.28 87.46 -7.11
CA SER N 112 120.01 86.74 -6.08
C SER N 112 120.80 87.69 -5.20
N MET N 113 120.99 87.29 -3.94
CA MET N 113 121.77 88.05 -2.97
C MET N 113 122.99 87.30 -2.50
N ASP N 114 123.37 86.22 -3.17
CA ASP N 114 124.47 85.36 -2.75
C ASP N 114 125.73 85.56 -3.58
N ALA N 115 125.78 86.59 -4.41
CA ALA N 115 126.92 86.76 -5.31
C ALA N 115 128.23 86.89 -4.52
N GLN N 116 129.27 86.26 -5.04
CA GLN N 116 130.58 86.28 -4.40
C GLN N 116 131.59 86.91 -5.34
N PRO N 117 132.32 87.96 -4.92
CA PRO N 117 133.40 88.49 -5.75
C PRO N 117 134.70 87.73 -5.52
N LEU N 118 135.32 87.24 -6.58
CA LEU N 118 136.47 86.36 -6.45
C LEU N 118 137.70 86.93 -7.15
N LYS N 119 138.86 86.66 -6.56
CA LYS N 119 140.15 86.95 -7.17
C LYS N 119 140.86 85.64 -7.44
N VAL N 120 141.35 85.47 -8.66
CA VAL N 120 141.97 84.22 -9.08
C VAL N 120 143.36 84.49 -9.62
N GLY N 121 144.23 83.50 -9.48
CA GLY N 121 145.56 83.58 -10.04
C GLY N 121 145.63 82.95 -11.42
N LEU N 122 146.18 83.66 -12.39
CA LEU N 122 146.25 83.19 -13.76
C LEU N 122 147.71 83.02 -14.16
N ASP N 123 148.02 81.88 -14.77
CA ASP N 123 149.33 81.61 -15.34
C ASP N 123 149.26 81.85 -16.84
N ASP N 124 150.28 82.52 -17.38
CA ASP N 124 150.25 82.88 -18.79
C ASP N 124 150.31 81.67 -19.71
N GLN N 125 150.91 80.57 -19.24
CA GLN N 125 151.18 79.42 -20.09
C GLN N 125 150.37 78.19 -19.72
N SER N 126 149.28 78.33 -18.97
CA SER N 126 148.50 77.16 -18.58
C SER N 126 147.02 77.47 -18.69
N ARG N 127 146.22 76.41 -18.66
CA ARG N 127 144.77 76.51 -18.72
C ARG N 127 144.11 76.44 -17.35
N ASN N 128 144.88 76.51 -16.27
CA ASN N 128 144.36 76.28 -14.92
C ASN N 128 143.97 77.60 -14.26
N VAL N 129 142.92 77.53 -13.44
CA VAL N 129 142.46 78.65 -12.62
C VAL N 129 142.69 78.27 -11.17
N ALA N 130 143.30 79.17 -10.41
CA ALA N 130 143.77 78.87 -9.06
C ALA N 130 142.96 79.62 -8.01
N HIS N 131 142.50 78.90 -7.00
CA HIS N 131 141.90 79.47 -5.81
C HIS N 131 142.75 79.07 -4.60
N SER N 132 142.71 79.89 -3.56
CA SER N 132 143.54 79.68 -2.39
C SER N 132 142.66 79.49 -1.15
N LEU N 133 143.04 78.51 -0.34
CA LEU N 133 142.42 78.27 0.95
C LEU N 133 143.48 78.43 2.05
N HIS N 134 143.06 78.20 3.30
CA HIS N 134 143.98 78.35 4.40
C HIS N 134 144.96 77.17 4.48
N ASN N 135 144.51 75.99 4.09
CA ASN N 135 145.34 74.80 4.21
C ASN N 135 145.95 74.34 2.89
N CYS N 136 145.43 74.81 1.76
CA CYS N 136 145.90 74.31 0.47
C CYS N 136 145.51 75.29 -0.63
N VAL N 137 145.98 74.98 -1.84
CA VAL N 137 145.66 75.73 -3.04
C VAL N 137 145.05 74.76 -4.04
N VAL N 138 144.03 75.21 -4.77
CA VAL N 138 143.29 74.34 -5.68
C VAL N 138 143.35 74.91 -7.09
N LYS N 139 143.71 74.08 -8.05
CA LYS N 139 143.73 74.48 -9.46
C LYS N 139 142.76 73.62 -10.25
N ILE N 140 141.94 74.27 -11.07
CA ILE N 140 140.87 73.61 -11.79
C ILE N 140 140.97 73.97 -13.27
N ASP N 141 140.52 73.06 -14.12
CA ASP N 141 140.57 73.28 -15.57
C ASP N 141 139.56 74.35 -15.95
N SER N 142 139.86 75.08 -17.02
CA SER N 142 139.00 76.18 -17.44
C SER N 142 137.62 75.68 -17.88
N LYS N 143 137.57 74.50 -18.49
CA LYS N 143 136.29 73.98 -18.99
C LYS N 143 135.37 73.55 -17.86
N LYS N 144 135.89 73.40 -16.63
CA LYS N 144 135.06 73.02 -15.50
C LYS N 144 134.97 74.09 -14.43
N ALA N 145 135.58 75.26 -14.63
CA ALA N 145 135.67 76.26 -13.59
C ALA N 145 134.45 77.17 -13.53
N ASP N 146 133.47 76.97 -14.40
CA ASP N 146 132.37 77.93 -14.53
C ASP N 146 131.49 77.99 -13.29
N THR N 147 131.52 76.96 -12.43
CA THR N 147 130.63 76.91 -11.28
C THR N 147 131.35 76.85 -9.95
N MET N 148 132.64 77.20 -9.90
CA MET N 148 133.37 77.16 -8.66
C MET N 148 132.85 78.24 -7.71
N SER N 149 132.71 77.89 -6.43
CA SER N 149 132.22 78.84 -5.44
C SER N 149 132.71 78.43 -4.06
N TYR N 150 132.64 79.36 -3.12
CA TYR N 150 133.07 79.11 -1.75
C TYR N 150 131.92 78.62 -0.89
N HIS N 151 132.26 77.92 0.18
CA HIS N 151 131.27 77.36 1.11
C HIS N 151 131.70 77.62 2.55
N VAL N 152 132.10 78.86 2.81
CA VAL N 152 132.55 79.23 4.16
C VAL N 152 131.37 79.25 5.11
N GLU N 153 131.53 78.56 6.24
CA GLU N 153 130.51 78.55 7.29
C GLU N 153 131.17 78.71 8.64
N PRO N 154 130.50 79.38 9.58
CA PRO N 154 131.07 79.54 10.92
C PRO N 154 130.66 78.43 11.86
N ILE N 155 131.52 78.19 12.85
CA ILE N 155 131.29 77.11 13.81
C ILE N 155 130.27 77.56 14.84
N GLU N 156 129.29 76.70 15.14
CA GLU N 156 128.19 77.08 16.07
C GLU N 156 128.55 76.75 17.51
N ASP N 157 128.09 77.56 18.47
CA ASP N 157 128.29 77.25 19.92
C ASP N 157 126.90 77.04 20.54
N ALA N 158 126.68 75.89 21.17
CA ALA N 158 125.33 75.56 21.71
C ALA N 158 124.95 76.54 22.83
N SER N 159 125.93 76.98 23.62
CA SER N 159 125.60 77.83 24.79
C SER N 159 124.84 79.08 24.34
N LYS N 160 125.22 79.65 23.20
CA LYS N 160 124.58 80.91 22.74
C LYS N 160 123.35 80.62 21.89
N GLY N 161 123.00 79.34 21.73
CA GLY N 161 121.82 78.94 20.93
C GLY N 161 121.91 79.40 19.49
N CYS N 162 123.07 79.26 18.86
CA CYS N 162 123.28 79.76 17.48
C CYS N 162 122.61 78.88 16.43
N LEU N 163 121.93 79.48 15.44
CA LEU N 163 121.34 78.72 14.30
C LEU N 163 121.87 79.44 13.06
N HIS N 164 123.09 79.12 12.62
CA HIS N 164 123.73 79.88 11.52
C HIS N 164 122.92 79.83 10.22
N THR N 165 122.31 78.70 9.91
CA THR N 165 121.52 78.57 8.65
C THR N 165 120.81 79.88 8.32
N ARG N 166 120.33 80.63 9.33
CA ARG N 166 119.56 81.84 9.07
C ARG N 166 120.43 83.06 8.82
N THR N 167 121.72 82.88 8.49
CA THR N 167 122.62 84.02 8.33
C THR N 167 122.09 85.02 7.32
N MET N 168 121.61 84.54 6.17
CA MET N 168 121.03 85.44 5.16
C MET N 168 119.98 86.34 5.78
N MET N 169 119.11 85.78 6.62
CA MET N 169 118.06 86.58 7.23
C MET N 169 118.64 87.80 7.95
N TRP N 170 119.73 87.61 8.68
CA TRP N 170 120.38 88.73 9.34
C TRP N 170 120.68 89.85 8.35
N ASN N 171 121.32 89.51 7.23
CA ASN N 171 121.61 90.51 6.21
C ASN N 171 120.34 91.23 5.78
N HIS N 172 119.26 90.48 5.59
CA HIS N 172 118.00 91.08 5.19
C HIS N 172 117.58 92.15 6.19
N LEU N 173 117.65 91.83 7.48
CA LEU N 173 117.20 92.77 8.49
C LEU N 173 118.10 93.99 8.60
N VAL N 174 119.25 93.99 7.94
CA VAL N 174 120.06 95.19 7.91
C VAL N 174 119.70 96.07 6.71
N ARG N 175 119.26 95.45 5.61
CA ARG N 175 118.93 96.25 4.43
C ARG N 175 117.73 97.14 4.70
N ILE N 176 116.66 96.58 5.26
CA ILE N 176 115.62 97.41 5.85
C ILE N 176 116.03 97.80 7.26
N GLU N 177 115.62 99.01 7.67
CA GLU N 177 116.07 99.57 8.94
C GLU N 177 115.28 98.94 10.11
N THR N 178 115.74 97.77 10.53
CA THR N 178 115.07 97.02 11.59
C THR N 178 116.09 96.37 12.52
N PHE N 179 117.38 96.64 12.28
CA PHE N 179 118.44 96.08 13.11
C PHE N 179 119.44 97.17 13.49
N HIS N 180 118.94 98.32 13.94
CA HIS N 180 119.78 99.47 14.18
C HIS N 180 119.57 100.00 15.59
N ALA N 181 120.57 100.71 16.09
CA ALA N 181 120.47 101.49 17.31
C ALA N 181 120.41 102.97 16.94
N ALA N 182 119.66 103.73 17.73
CA ALA N 182 119.35 105.10 17.39
C ALA N 182 119.72 106.03 18.52
N GLN N 183 119.98 107.29 18.16
CA GLN N 183 120.36 108.31 19.12
C GLN N 183 119.81 109.65 18.65
N GLU N 184 119.42 110.50 19.61
CA GLU N 184 118.76 111.75 19.28
C GLU N 184 119.75 112.79 18.77
N VAL N 185 119.22 113.75 18.00
CA VAL N 185 120.05 114.81 17.44
C VAL N 185 120.39 115.82 18.53
N ALA N 186 121.60 116.37 18.47
CA ALA N 186 122.04 117.35 19.44
C ALA N 186 122.83 118.46 18.74
N TYR N 187 122.86 119.63 19.38
CA TYR N 187 123.61 120.77 18.91
C TYR N 187 124.54 121.25 20.00
N THR N 188 125.60 121.96 19.59
CA THR N 188 126.54 122.57 20.50
C THR N 188 126.97 123.93 19.96
N LEU N 189 127.73 124.65 20.78
CA LEU N 189 128.43 125.83 20.29
C LEU N 189 129.48 125.42 19.28
N LYS N 190 129.63 126.22 18.24
CA LYS N 190 130.47 125.81 17.12
C LYS N 190 131.92 125.75 17.56
N PRO N 191 132.60 124.61 17.40
CA PRO N 191 133.99 124.51 17.86
C PRO N 191 134.94 125.39 17.07
N THR N 192 134.54 125.90 15.92
CA THR N 192 135.38 126.75 15.11
C THR N 192 135.52 128.16 15.68
N TYR N 193 134.55 128.63 16.46
CA TYR N 193 134.46 130.02 16.85
C TYR N 193 135.12 130.30 18.18
N ASP N 194 136.04 131.26 18.18
CA ASP N 194 136.52 131.88 19.40
C ASP N 194 135.57 133.03 19.72
N ILE N 195 134.86 132.90 20.83
CA ILE N 195 133.73 133.76 21.17
C ILE N 195 134.08 134.49 22.46
N VAL N 196 133.97 135.81 22.44
CA VAL N 196 134.29 136.61 23.62
C VAL N 196 133.12 137.52 23.94
N VAL N 197 132.72 137.52 25.21
CA VAL N 197 131.75 138.50 25.69
C VAL N 197 132.40 139.88 25.65
N HIS N 198 131.70 140.84 25.06
CA HIS N 198 132.25 142.17 24.84
C HIS N 198 131.60 143.24 25.71
N ALA N 199 130.29 143.13 25.94
CA ALA N 199 129.58 144.06 26.80
C ALA N 199 128.41 143.34 27.45
N GLU N 200 127.96 143.87 28.58
CA GLU N 200 126.86 143.30 29.33
C GLU N 200 125.76 144.33 29.48
N ARG N 201 124.61 143.88 29.99
CA ARG N 201 123.48 144.76 30.21
C ARG N 201 122.57 144.15 31.28
N ARG N 202 122.09 145.00 32.19
CA ARG N 202 121.39 144.51 33.37
C ARG N 202 120.00 143.99 33.05
N ASP N 203 119.31 144.55 32.06
CA ASP N 203 117.94 144.15 31.78
C ASP N 203 117.69 144.21 30.27
N ARG N 204 116.64 143.49 29.85
CA ARG N 204 116.29 143.44 28.44
C ARG N 204 115.61 144.71 27.94
N SER N 205 115.47 145.73 28.79
CA SER N 205 114.75 146.93 28.39
C SER N 205 115.53 147.78 27.41
N GLN N 206 116.82 147.99 27.67
CA GLN N 206 117.61 148.97 26.93
C GLN N 206 118.24 148.35 25.69
N PRO N 207 118.05 148.93 24.51
CA PRO N 207 118.80 148.48 23.33
C PRO N 207 120.28 148.78 23.46
N PHE N 208 121.10 147.94 22.82
CA PHE N 208 122.54 148.07 22.88
C PHE N 208 123.01 149.28 22.06
N ARG N 209 124.18 149.80 22.44
CA ARG N 209 124.82 150.94 21.80
C ARG N 209 126.04 150.51 21.00
N PRO N 210 126.33 151.20 19.89
CA PRO N 210 127.47 150.79 19.05
C PRO N 210 128.83 150.92 19.71
N GLY N 211 128.94 151.67 20.81
CA GLY N 211 130.22 151.86 21.43
C GLY N 211 130.30 151.39 22.88
N ASP N 212 129.48 150.39 23.21
CA ASP N 212 129.44 149.89 24.59
C ASP N 212 130.68 149.04 24.88
N GLN N 213 131.24 149.25 26.07
CA GLN N 213 132.39 148.51 26.55
C GLN N 213 132.15 147.98 27.96
N THR N 214 131.00 148.33 28.54
CA THR N 214 130.74 148.09 29.94
C THR N 214 130.69 146.61 30.29
N LEU N 215 131.24 146.27 31.44
CA LEU N 215 131.24 144.91 31.97
C LEU N 215 131.28 144.96 33.49
N ILE N 216 130.60 144.00 34.13
CA ILE N 216 130.45 143.97 35.58
C ILE N 216 130.92 142.65 36.17
N ASN N 217 130.54 141.53 35.55
CA ASN N 217 130.64 140.24 36.22
C ASN N 217 131.85 139.42 35.80
N PHE N 218 132.51 139.76 34.71
CA PHE N 218 133.59 138.94 34.18
C PHE N 218 134.77 139.81 33.80
N GLY N 219 135.95 139.19 33.76
CA GLY N 219 137.15 139.91 33.40
C GLY N 219 137.22 140.21 31.92
N ARG N 220 138.31 140.87 31.54
CA ARG N 220 138.49 141.29 30.15
C ARG N 220 138.75 140.10 29.25
N GLY N 221 137.99 140.00 28.17
CA GLY N 221 138.23 138.97 27.17
C GLY N 221 138.02 137.55 27.64
N GLN N 222 137.05 137.30 28.51
CA GLN N 222 136.86 135.97 29.05
C GLN N 222 136.31 135.02 27.99
N LYS N 223 136.72 133.75 28.09
CA LYS N 223 136.28 132.72 27.17
C LYS N 223 134.95 132.13 27.63
N VAL N 224 134.13 131.74 26.66
CA VAL N 224 132.80 131.18 26.94
C VAL N 224 132.81 129.70 26.60
N THR N 225 132.34 128.88 27.54
CA THR N 225 132.15 127.46 27.34
C THR N 225 130.86 127.05 28.04
N MET N 226 130.21 126.01 27.53
CA MET N 226 128.91 125.64 28.06
C MET N 226 128.97 125.13 29.49
N ASN N 227 130.15 124.81 30.01
CA ASN N 227 130.33 124.43 31.39
C ASN N 227 130.86 125.58 32.23
N HIS N 228 130.45 126.80 31.91
CA HIS N 228 130.87 127.99 32.64
C HIS N 228 129.64 128.85 32.93
N ASN N 229 129.69 129.60 34.03
CA ASN N 229 128.60 130.50 34.36
C ASN N 229 128.42 131.59 33.31
N SER N 230 129.47 131.87 32.53
CA SER N 230 129.35 132.83 31.44
C SER N 230 128.31 132.39 30.43
N TYR N 231 128.28 131.11 30.08
CA TYR N 231 127.30 130.62 29.13
C TYR N 231 125.87 130.80 29.67
N ASP N 232 125.64 130.44 30.93
CA ASP N 232 124.31 130.57 31.50
C ASP N 232 123.90 132.03 31.55
N LYS N 233 124.83 132.92 31.93
CA LYS N 233 124.52 134.34 31.95
C LYS N 233 124.24 134.85 30.54
N MET N 234 124.91 134.26 29.54
CA MET N 234 124.74 134.69 28.15
C MET N 234 123.39 134.29 27.59
N VAL N 235 122.96 133.04 27.83
CA VAL N 235 121.74 132.55 27.18
C VAL N 235 120.52 133.34 27.60
N GLU N 236 120.61 134.13 28.67
CA GLU N 236 119.50 135.02 29.02
C GLU N 236 119.37 136.19 28.04
N GLY N 237 120.35 136.39 27.17
CA GLY N 237 120.23 137.39 26.12
C GLY N 237 120.71 138.78 26.49
N LEU N 238 121.44 138.93 27.58
CA LEU N 238 121.84 140.27 28.03
C LEU N 238 123.31 140.58 27.73
N ALA N 239 124.02 139.73 27.00
CA ALA N 239 125.44 139.91 26.74
C ALA N 239 125.69 140.08 25.25
N HIS N 240 126.57 141.02 24.90
CA HIS N 240 127.00 141.17 23.52
C HIS N 240 128.24 140.33 23.27
N LEU N 241 128.40 139.88 22.02
CA LEU N 241 129.42 138.90 21.66
C LEU N 241 130.29 139.41 20.52
N VAL N 242 131.53 138.94 20.48
CA VAL N 242 132.44 139.18 19.38
C VAL N 242 133.05 137.84 18.97
N ILE N 243 133.23 137.66 17.66
CA ILE N 243 133.46 136.35 17.07
C ILE N 243 134.72 136.40 16.22
N ARG N 244 135.58 135.38 16.35
CA ARG N 244 136.66 135.18 15.40
C ARG N 244 136.84 133.70 15.14
N GLY N 245 137.57 133.36 14.09
CA GLY N 245 137.80 131.96 13.76
C GLY N 245 139.14 131.46 14.29
N LYS N 246 139.20 130.17 14.58
CA LYS N 246 140.43 129.51 14.99
C LYS N 246 140.40 128.06 14.56
N ILE N 247 141.59 127.49 14.34
CA ILE N 247 141.70 126.13 13.84
C ILE N 247 141.47 125.13 14.97
N PRO N 248 140.55 124.19 14.83
CA PRO N 248 140.46 123.08 15.79
C PRO N 248 141.60 122.09 15.57
N GLU N 249 141.80 121.22 16.56
CA GLU N 249 142.98 120.36 16.54
C GLU N 249 142.89 119.28 15.46
N VAL N 250 141.86 118.44 15.51
CA VAL N 250 141.85 117.20 14.73
C VAL N 250 141.85 117.41 13.23
N ILE N 251 141.82 118.66 12.76
CA ILE N 251 141.77 118.93 11.33
C ILE N 251 142.98 119.75 10.87
N ARG N 252 143.84 120.18 11.79
CA ARG N 252 144.89 121.14 11.46
C ARG N 252 145.75 120.66 10.30
N ASP N 253 146.21 119.41 10.34
CA ASP N 253 147.08 118.89 9.29
C ASP N 253 146.45 119.03 7.92
N ASP N 254 145.14 118.82 7.83
CA ASP N 254 144.46 119.05 6.55
C ASP N 254 144.41 120.54 6.22
N ILE N 255 144.00 121.37 7.18
CA ILE N 255 143.74 122.78 6.88
C ILE N 255 145.01 123.46 6.40
N ALA N 256 146.11 123.28 7.15
CA ALA N 256 147.39 123.85 6.75
C ALA N 256 147.76 123.42 5.34
N SER N 257 147.43 122.17 4.98
CA SER N 257 147.70 121.70 3.62
C SER N 257 147.13 122.66 2.59
N LEU N 258 145.85 123.02 2.74
CA LEU N 258 145.24 123.95 1.80
C LEU N 258 146.02 125.26 1.75
N ASP N 259 146.45 125.75 2.92
CA ASP N 259 147.23 126.99 2.97
C ASP N 259 148.42 126.91 2.04
N GLU N 260 149.09 125.76 2.00
CA GLU N 260 150.24 125.60 1.11
C GLU N 260 149.88 125.94 -0.33
N ILE N 261 148.77 125.39 -0.84
CA ILE N 261 148.36 125.73 -2.20
C ILE N 261 148.19 127.23 -2.33
N CYS N 262 147.53 127.86 -1.35
CA CYS N 262 147.40 129.31 -1.36
C CYS N 262 148.75 129.97 -1.50
N ASN N 263 149.73 129.55 -0.69
CA ASN N 263 151.08 130.08 -0.84
C ASN N 263 151.62 129.80 -2.23
N ARG N 264 151.47 128.55 -2.69
CA ARG N 264 151.94 128.21 -4.02
C ARG N 264 151.20 129.02 -5.08
N TRP N 265 149.98 129.47 -4.76
CA TRP N 265 149.25 130.28 -5.72
C TRP N 265 149.68 131.74 -5.64
N ILE N 266 150.11 132.21 -4.46
CA ILE N 266 150.44 133.63 -4.34
C ILE N 266 151.82 133.90 -4.89
N GLN N 267 152.76 132.97 -4.71
CA GLN N 267 154.07 133.10 -5.33
C GLN N 267 153.98 133.05 -6.85
N SER N 268 152.93 132.45 -7.39
CA SER N 268 152.66 132.46 -8.82
C SER N 268 151.98 133.75 -9.26
N ARG N 269 151.94 134.77 -8.40
CA ARG N 269 151.32 136.07 -8.68
C ARG N 269 149.95 135.91 -9.35
N HIS N 270 149.08 135.15 -8.70
CA HIS N 270 147.67 135.02 -9.09
C HIS N 270 147.50 134.33 -10.43
N ASP N 271 148.24 133.24 -10.67
CA ASP N 271 148.09 132.50 -11.90
C ASP N 271 146.84 131.61 -11.83
N PRO N 272 145.85 131.81 -12.71
CA PRO N 272 144.70 130.90 -12.73
C PRO N 272 145.07 129.47 -13.09
N GLY N 273 146.19 129.26 -13.79
CA GLY N 273 146.58 127.91 -14.17
C GLY N 273 146.98 127.03 -13.01
N GLU N 274 147.40 127.63 -11.90
CA GLU N 274 147.82 126.87 -10.74
C GLU N 274 146.66 126.25 -9.97
N ILE N 275 145.43 126.62 -10.29
CA ILE N 275 144.26 126.16 -9.57
C ILE N 275 143.54 125.10 -10.40
N LYS N 276 143.39 123.90 -9.84
CA LYS N 276 142.60 122.84 -10.45
C LYS N 276 141.82 122.14 -9.35
N ALA N 277 140.49 122.22 -9.44
CA ALA N 277 139.64 121.84 -8.32
C ALA N 277 139.67 120.34 -8.04
N TYR N 278 140.19 119.55 -8.99
CA TYR N 278 140.21 118.11 -8.77
C TYR N 278 141.09 117.75 -7.57
N GLU N 279 142.24 118.40 -7.44
CA GLU N 279 143.11 118.13 -6.30
C GLU N 279 142.58 118.76 -5.02
N LEU N 280 141.63 119.68 -5.11
CA LEU N 280 141.13 120.36 -3.92
C LEU N 280 139.91 119.65 -3.34
N CYS N 281 139.09 119.05 -4.21
CA CYS N 281 137.86 118.42 -3.74
C CYS N 281 138.15 117.29 -2.77
N LYS N 282 139.22 116.53 -3.00
CA LYS N 282 139.58 115.46 -2.07
C LYS N 282 139.81 116.03 -0.66
N ILE N 283 140.63 117.07 -0.55
CA ILE N 283 140.87 117.68 0.75
C ILE N 283 139.57 118.18 1.36
N LEU N 284 138.81 118.97 0.61
CA LEU N 284 137.62 119.59 1.17
C LEU N 284 136.62 118.55 1.65
N SER N 285 136.43 117.48 0.88
CA SER N 285 135.58 116.39 1.32
C SER N 285 136.15 115.73 2.58
N THR N 286 137.48 115.65 2.68
CA THR N 286 138.07 115.06 3.88
C THR N 286 137.75 115.88 5.12
N ILE N 287 137.93 117.21 5.05
CA ILE N 287 137.54 118.06 6.17
C ILE N 287 136.05 117.89 6.47
N GLY N 288 135.22 117.93 5.43
CA GLY N 288 133.78 117.83 5.63
C GLY N 288 133.37 116.56 6.34
N ARG N 289 133.97 115.44 5.96
CA ARG N 289 133.61 114.16 6.59
C ARG N 289 134.20 114.04 7.99
N LYS N 290 135.42 114.55 8.19
CA LYS N 290 136.04 114.42 9.51
C LYS N 290 135.31 115.26 10.55
N VAL N 291 134.89 116.47 10.19
CA VAL N 291 134.27 117.34 11.20
C VAL N 291 132.96 116.77 11.71
N LEU N 292 132.05 116.43 10.80
CA LEU N 292 130.80 115.76 11.17
C LEU N 292 130.22 115.13 9.92
N ASP N 293 129.50 114.03 10.11
CA ASP N 293 128.99 113.24 9.01
C ASP N 293 127.54 112.85 9.25
N ARG N 294 126.69 113.12 8.26
CA ARG N 294 125.36 112.54 8.28
C ARG N 294 125.47 111.03 8.13
N GLU N 295 124.49 110.32 8.70
CA GLU N 295 124.61 108.88 8.83
C GLU N 295 124.55 108.15 7.49
N LYS N 296 124.02 108.77 6.45
CA LYS N 296 123.99 108.17 5.12
C LYS N 296 124.37 109.23 4.10
N GLU N 297 125.02 108.79 3.02
CA GLU N 297 125.57 109.71 2.03
C GLU N 297 124.65 109.81 0.83
N PRO N 298 124.52 110.98 0.21
CA PRO N 298 123.70 111.07 -1.00
C PRO N 298 124.42 110.48 -2.20
N GLU N 299 123.63 109.98 -3.15
CA GLU N 299 124.21 109.25 -4.28
C GLU N 299 124.64 110.18 -5.39
N ASP N 300 123.86 111.23 -5.67
CA ASP N 300 124.09 112.06 -6.84
C ASP N 300 125.26 113.02 -6.65
N GLU N 301 125.98 112.88 -5.53
CA GLU N 301 127.10 113.77 -5.26
C GLU N 301 128.12 113.74 -6.40
N ALA N 302 128.37 112.55 -6.96
CA ALA N 302 129.33 112.42 -8.05
C ALA N 302 128.99 113.36 -9.20
N SER N 303 127.69 113.57 -9.44
CA SER N 303 127.30 114.57 -10.42
C SER N 303 127.65 115.97 -9.93
N LEU N 304 127.12 116.36 -8.76
CA LEU N 304 127.23 117.75 -8.34
C LEU N 304 128.69 118.15 -8.16
N SER N 305 129.51 117.26 -7.61
CA SER N 305 130.92 117.54 -7.45
C SER N 305 131.54 117.99 -8.77
N ILE N 306 131.23 117.29 -9.86
CA ILE N 306 131.78 117.68 -11.15
C ILE N 306 131.36 119.09 -11.51
N ARG N 307 130.08 119.42 -11.30
CA ARG N 307 129.61 120.77 -11.57
C ARG N 307 130.45 121.80 -10.84
N PHE N 308 130.92 121.47 -9.63
CA PHE N 308 131.73 122.40 -8.86
C PHE N 308 132.98 122.80 -9.63
N GLN N 309 133.67 121.84 -10.25
CA GLN N 309 134.82 122.19 -11.08
C GLN N 309 134.43 123.20 -12.14
N GLU N 310 133.28 122.97 -12.81
CA GLU N 310 132.82 123.94 -13.80
C GLU N 310 132.68 125.31 -13.17
N ALA N 311 132.08 125.38 -11.97
CA ALA N 311 131.94 126.67 -11.29
C ALA N 311 133.28 127.33 -11.09
N ILE N 312 134.31 126.53 -10.77
CA ILE N 312 135.66 127.09 -10.63
C ILE N 312 136.06 127.78 -11.92
N ASP N 313 135.92 127.10 -13.05
CA ASP N 313 136.24 127.72 -14.33
C ASP N 313 135.33 128.91 -14.58
N ASN N 314 134.12 128.87 -14.03
CA ASN N 314 133.21 130.00 -14.15
C ASN N 314 133.60 131.12 -13.20
N LYS N 315 134.14 130.78 -12.02
CA LYS N 315 134.38 131.78 -11.00
C LYS N 315 135.84 132.09 -10.76
N PHE N 316 136.75 131.28 -11.31
CA PHE N 316 138.15 131.67 -11.33
C PHE N 316 138.56 132.31 -12.65
N ARG N 317 137.61 132.50 -13.57
CA ARG N 317 137.92 133.20 -14.80
C ARG N 317 138.40 134.61 -14.50
N GLN N 318 139.44 135.03 -15.22
CA GLN N 318 140.09 136.30 -14.94
C GLN N 318 139.25 137.49 -15.39
N HIS N 319 138.19 137.27 -16.16
CA HIS N 319 137.47 138.37 -16.79
C HIS N 319 136.05 138.60 -16.25
N ASP N 320 135.67 138.00 -15.13
CA ASP N 320 134.41 138.38 -14.50
C ASP N 320 134.62 139.59 -13.58
N PRO N 321 133.59 140.41 -13.34
CA PRO N 321 133.80 141.59 -12.48
C PRO N 321 133.93 141.26 -11.00
N GLU N 322 133.64 140.02 -10.62
CA GLU N 322 133.60 139.68 -9.20
C GLU N 322 134.96 139.82 -8.54
N ARG N 323 136.04 139.44 -9.22
CA ARG N 323 137.35 139.54 -8.59
C ARG N 323 137.87 140.98 -8.70
N LEU N 324 137.22 141.75 -9.57
CA LEU N 324 137.54 143.19 -9.62
C LEU N 324 137.01 143.78 -8.31
N LYS N 325 135.80 143.36 -7.90
CA LYS N 325 135.30 143.79 -6.61
C LYS N 325 136.14 143.22 -5.46
N ILE N 326 136.53 141.95 -5.58
CA ILE N 326 137.22 141.28 -4.49
C ILE N 326 138.67 141.76 -4.37
N PHE N 327 139.38 141.83 -5.49
CA PHE N 327 140.77 142.27 -5.44
C PHE N 327 140.92 143.79 -5.46
N GLU N 328 139.83 144.53 -5.53
CA GLU N 328 139.92 145.98 -5.33
C GLU N 328 140.44 146.27 -3.93
N HIS N 329 141.41 147.17 -3.84
CA HIS N 329 142.09 147.39 -2.58
C HIS N 329 141.20 148.11 -1.59
N ARG N 330 141.21 147.63 -0.35
CA ARG N 330 140.63 148.34 0.78
C ARG N 330 141.63 148.21 1.92
N ASN N 331 141.33 148.90 3.03
CA ASN N 331 142.35 149.14 4.05
C ASN N 331 142.84 147.84 4.70
N GLN N 332 141.93 146.93 5.08
CA GLN N 332 142.36 145.76 5.83
C GLN N 332 142.06 144.42 5.16
N ARG N 333 141.55 144.41 3.93
CA ARG N 333 141.25 143.16 3.26
C ARG N 333 142.52 142.40 2.91
N ARG N 334 142.42 141.06 2.92
CA ARG N 334 143.59 140.19 2.89
C ARG N 334 143.45 139.19 1.74
N ASP N 335 144.57 138.85 1.11
CA ASP N 335 144.54 138.09 -0.14
C ASP N 335 144.08 136.64 0.03
N GLU N 336 144.63 135.88 0.98
CA GLU N 336 144.14 134.52 1.15
C GLU N 336 142.67 134.52 1.55
N ASP N 337 142.26 135.51 2.33
CA ASP N 337 140.84 135.69 2.59
C ASP N 337 140.08 135.89 1.29
N ARG N 338 140.66 136.62 0.34
CA ARG N 338 140.03 136.78 -0.97
C ARG N 338 139.87 135.44 -1.67
N PHE N 339 140.90 134.59 -1.58
CA PHE N 339 140.82 133.25 -2.16
C PHE N 339 139.67 132.45 -1.55
N TYR N 340 139.59 132.47 -0.21
CA TYR N 340 138.52 131.75 0.46
C TYR N 340 137.15 132.29 0.07
N ILE N 341 137.02 133.60 -0.06
CA ILE N 341 135.75 134.20 -0.45
C ILE N 341 135.39 133.79 -1.86
N LEU N 342 136.38 133.74 -2.76
CA LEU N 342 136.14 133.24 -4.11
C LEU N 342 135.56 131.83 -4.06
N LEU N 343 136.18 130.96 -3.28
CA LEU N 343 135.63 129.62 -3.09
C LEU N 343 134.21 129.68 -2.56
N MET N 344 133.92 130.66 -1.70
CA MET N 344 132.60 130.75 -1.09
C MET N 344 131.52 131.10 -2.11
N ILE N 345 131.76 132.12 -2.94
CA ILE N 345 130.79 132.41 -4.00
C ILE N 345 130.67 131.22 -4.95
N ALA N 346 131.79 130.55 -5.24
CA ALA N 346 131.71 129.34 -6.08
C ALA N 346 130.73 128.34 -5.49
N ALA N 347 130.90 128.00 -4.20
CA ALA N 347 130.04 127.02 -3.58
C ALA N 347 128.59 127.49 -3.50
N SER N 348 128.39 128.76 -3.18
CA SER N 348 127.03 129.29 -3.05
C SER N 348 126.30 129.23 -4.38
N ASP N 349 127.01 129.55 -5.47
CA ASP N 349 126.40 129.44 -6.80
C ASP N 349 126.13 127.99 -7.16
N THR N 350 127.02 127.06 -6.78
CA THR N 350 126.75 125.65 -7.03
C THR N 350 125.47 125.21 -6.33
N PHE N 351 125.35 125.46 -5.04
CA PHE N 351 124.18 125.04 -4.28
C PHE N 351 123.02 126.01 -4.43
N ASN N 352 123.22 127.15 -5.08
CA ASN N 352 122.16 128.05 -5.51
C ASN N 352 121.39 128.61 -4.31
N THR N 353 122.05 128.70 -3.15
CA THR N 353 121.44 129.26 -1.95
C THR N 353 122.49 129.31 -0.84
N ARG N 354 122.06 129.82 0.31
CA ARG N 354 122.97 129.88 1.47
C ARG N 354 123.32 128.46 1.85
N VAL N 355 124.55 128.25 2.29
CA VAL N 355 125.03 126.93 2.69
C VAL N 355 125.08 126.83 4.21
N TRP N 356 124.66 125.66 4.71
CA TRP N 356 124.59 125.49 6.18
C TRP N 356 125.28 124.19 6.58
N TRP N 357 125.47 123.98 7.88
CA TRP N 357 126.15 122.81 8.44
C TRP N 357 125.41 121.53 8.12
N SER N 358 124.08 121.52 8.22
CA SER N 358 123.32 120.31 7.96
C SER N 358 123.28 119.95 6.48
N ASN N 359 123.91 120.74 5.62
CA ASN N 359 124.00 120.38 4.22
C ASN N 359 124.75 119.06 4.09
N PRO N 360 124.17 118.05 3.44
CA PRO N 360 124.78 116.72 3.49
C PRO N 360 125.92 116.51 2.52
N TYR N 361 126.03 117.32 1.48
CA TYR N 361 127.08 117.13 0.50
C TYR N 361 128.44 117.43 1.12
N PRO N 362 129.37 116.48 1.15
CA PRO N 362 130.62 116.68 1.89
C PRO N 362 131.45 117.87 1.41
N CYS N 363 131.47 118.15 0.11
CA CYS N 363 132.31 119.23 -0.39
C CYS N 363 131.84 120.59 0.09
N LEU N 364 130.52 120.83 0.05
CA LEU N 364 130.00 122.11 0.49
C LEU N 364 130.21 122.30 1.99
N ARG N 365 129.95 121.25 2.77
CA ARG N 365 130.20 121.32 4.20
C ARG N 365 131.67 121.59 4.49
N GLY N 366 132.56 120.91 3.77
CA GLY N 366 133.98 121.11 3.97
C GLY N 366 134.42 122.52 3.65
N THR N 367 133.93 123.07 2.54
CA THR N 367 134.33 124.44 2.19
C THR N 367 133.75 125.45 3.17
N LEU N 368 132.53 125.21 3.66
CA LEU N 368 131.98 126.08 4.71
C LEU N 368 132.88 126.06 5.93
N ILE N 369 133.29 124.88 6.37
CA ILE N 369 134.12 124.77 7.56
C ILE N 369 135.47 125.42 7.33
N ALA N 370 136.06 125.21 6.15
CA ALA N 370 137.37 125.78 5.85
C ALA N 370 137.32 127.31 5.87
N SER N 371 136.29 127.88 5.23
CA SER N 371 136.16 129.33 5.25
C SER N 371 135.89 129.85 6.65
N GLU N 372 135.03 129.16 7.39
CA GLU N 372 134.69 129.58 8.75
C GLU N 372 135.88 129.49 9.69
N THR N 373 136.87 128.65 9.37
CA THR N 373 138.03 128.54 10.23
C THR N 373 138.81 129.84 10.28
N LYS N 374 138.98 130.50 9.13
CA LYS N 374 139.77 131.72 9.08
C LYS N 374 138.96 132.96 9.45
N LEU N 375 137.79 133.12 8.83
CA LEU N 375 136.93 134.25 9.10
C LEU N 375 135.98 133.94 10.25
N GLY N 376 134.98 134.80 10.43
CA GLY N 376 133.90 134.52 11.35
C GLY N 376 132.73 133.90 10.61
N ASP N 377 131.55 134.49 10.73
CA ASP N 377 130.46 134.12 9.84
C ASP N 377 130.77 134.64 8.45
N VAL N 378 131.03 133.73 7.52
CA VAL N 378 131.56 134.12 6.21
C VAL N 378 130.56 135.01 5.48
N TYR N 379 129.28 134.68 5.57
CA TYR N 379 128.26 135.50 4.91
C TYR N 379 128.20 136.89 5.51
N SER N 380 128.24 136.99 6.83
CA SER N 380 128.23 138.29 7.48
C SER N 380 129.45 139.11 7.08
N MET N 381 130.61 138.45 6.96
CA MET N 381 131.81 139.15 6.50
C MET N 381 131.65 139.63 5.07
N MET N 382 131.17 138.77 4.18
CA MET N 382 131.05 139.13 2.77
C MET N 382 130.02 140.24 2.55
N ARG N 383 129.06 140.40 3.45
CA ARG N 383 128.19 141.57 3.36
C ARG N 383 128.74 142.77 4.12
N SER N 384 129.62 142.56 5.08
CA SER N 384 130.22 143.65 5.86
C SER N 384 131.40 144.25 5.11
N TRP N 385 132.34 143.40 4.70
CA TRP N 385 133.59 143.86 4.10
C TRP N 385 133.52 143.93 2.58
N TYR N 386 132.67 143.11 1.97
CA TYR N 386 132.37 143.19 0.56
C TYR N 386 130.93 143.63 0.37
N ASP N 387 130.52 143.79 -0.89
CA ASP N 387 129.15 144.17 -1.21
C ASP N 387 128.44 143.03 -1.95
N TRP N 388 128.85 141.79 -1.71
CA TRP N 388 128.14 140.67 -2.31
C TRP N 388 126.88 140.37 -1.53
N SER N 389 125.81 140.03 -2.24
CA SER N 389 124.54 139.69 -1.63
C SER N 389 123.95 138.49 -2.35
N VAL N 390 123.05 137.78 -1.67
CA VAL N 390 122.42 136.61 -2.26
C VAL N 390 121.58 137.06 -3.45
N ARG N 391 121.89 136.51 -4.62
CA ARG N 391 121.24 136.93 -5.84
C ARG N 391 119.77 136.47 -5.88
N PRO N 392 118.93 137.12 -6.66
CA PRO N 392 117.55 136.65 -6.81
C PRO N 392 117.45 135.27 -7.41
N THR N 393 118.51 134.79 -8.07
CA THR N 393 118.52 133.43 -8.60
C THR N 393 118.38 132.38 -7.52
N TYR N 394 118.87 132.65 -6.31
CA TYR N 394 118.74 131.70 -5.22
C TYR N 394 117.28 131.41 -4.93
N THR N 395 116.92 130.11 -4.91
CA THR N 395 115.52 129.75 -4.72
C THR N 395 114.99 130.23 -3.37
N PRO N 396 115.70 130.03 -2.25
CA PRO N 396 115.38 130.82 -1.06
C PRO N 396 115.95 132.22 -1.17
N TYR N 397 115.24 133.19 -0.61
CA TYR N 397 115.65 134.58 -0.75
C TYR N 397 115.48 135.32 0.57
N GLU N 398 115.98 134.71 1.65
CA GLU N 398 115.95 135.37 2.98
C GLU N 398 117.06 136.42 3.04
N LYS N 399 116.82 137.61 2.51
CA LYS N 399 117.87 138.66 2.43
C LYS N 399 118.24 139.17 3.82
N THR N 400 117.24 139.44 4.67
CA THR N 400 117.51 140.06 6.00
C THR N 400 118.51 139.20 6.77
N ARG N 401 118.61 137.92 6.46
CA ARG N 401 119.50 137.01 7.23
C ARG N 401 120.94 137.52 7.13
N GLU N 402 121.21 138.42 6.18
CA GLU N 402 122.61 138.87 5.96
C GLU N 402 123.14 139.63 7.17
N GLN N 403 122.28 140.02 8.11
CA GLN N 403 122.77 140.87 9.23
C GLN N 403 123.12 140.06 10.47
N GLU N 404 122.31 139.04 10.80
CA GLU N 404 122.53 138.30 12.08
C GLU N 404 123.70 137.32 12.00
N LYS N 405 124.17 136.85 13.15
CA LYS N 405 125.22 135.85 13.21
C LYS N 405 124.69 134.58 13.87
N TYR N 406 125.31 133.46 13.47
CA TYR N 406 124.87 132.14 13.99
C TYR N 406 126.03 131.54 14.79
N ILE N 407 125.72 130.88 15.90
CA ILE N 407 126.73 130.36 16.80
C ILE N 407 126.48 128.93 17.23
N TYR N 408 125.68 128.16 16.49
CA TYR N 408 125.39 126.79 16.87
C TYR N 408 125.59 125.84 15.70
N GLY N 409 125.91 124.59 16.03
CA GLY N 409 126.12 123.58 15.02
C GLY N 409 125.68 122.21 15.49
N ARG N 410 125.24 121.40 14.53
CA ARG N 410 124.84 120.03 14.82
C ARG N 410 126.04 119.18 15.20
N VAL N 411 125.81 118.18 16.03
CA VAL N 411 126.84 117.23 16.40
C VAL N 411 126.22 115.84 16.38
N ASN N 412 127.04 114.85 16.06
CA ASN N 412 126.61 113.45 15.97
C ASN N 412 127.08 112.74 17.22
N LEU N 413 126.14 112.23 18.02
CA LEU N 413 126.48 111.67 19.32
C LEU N 413 127.18 110.33 19.22
N PHE N 414 127.05 109.62 18.09
CA PHE N 414 127.72 108.33 17.96
C PHE N 414 129.23 108.46 18.02
N ASP N 415 129.77 109.57 17.54
CA ASP N 415 131.22 109.74 17.54
C ASP N 415 131.70 111.01 18.22
N PHE N 416 130.81 111.84 18.75
CA PHE N 416 131.23 113.03 19.46
C PHE N 416 131.95 112.64 20.75
N VAL N 417 133.07 113.32 21.02
CA VAL N 417 133.93 113.00 22.15
C VAL N 417 133.73 114.05 23.23
N ALA N 418 133.51 113.58 24.46
CA ALA N 418 133.28 114.45 25.61
C ALA N 418 133.27 113.64 26.90
N GLU N 419 133.84 114.20 27.96
CA GLU N 419 133.81 113.55 29.25
C GLU N 419 132.41 113.63 29.85
N PRO N 420 132.09 112.75 30.80
CA PRO N 420 130.79 112.84 31.47
C PRO N 420 130.64 114.17 32.20
N GLY N 421 129.41 114.67 32.23
CA GLY N 421 129.11 115.94 32.86
C GLY N 421 129.13 117.13 31.94
N ILE N 422 129.62 116.98 30.70
CA ILE N 422 129.62 118.10 29.78
C ILE N 422 128.18 118.41 29.36
N LYS N 423 127.91 119.69 29.11
CA LYS N 423 126.56 120.20 28.94
C LYS N 423 126.30 120.53 27.48
N ILE N 424 125.19 120.03 26.94
CA ILE N 424 124.80 120.23 25.55
C ILE N 424 123.30 120.48 25.50
N VAL N 425 122.78 120.64 24.28
CA VAL N 425 121.35 120.79 24.04
C VAL N 425 120.91 119.66 23.11
N HIS N 426 119.73 119.10 23.36
CA HIS N 426 119.25 117.97 22.60
C HIS N 426 117.74 117.94 22.56
N TRP N 427 117.23 117.16 21.61
CA TRP N 427 115.80 116.94 21.45
C TRP N 427 115.35 115.77 22.29
N GLU N 428 114.08 115.79 22.68
CA GLU N 428 113.42 114.68 23.35
C GLU N 428 112.14 114.37 22.60
N TYR N 429 111.96 113.11 22.21
CA TYR N 429 110.89 112.69 21.31
C TYR N 429 110.21 111.47 21.91
N ARG N 430 108.89 111.54 22.03
CA ARG N 430 108.12 110.44 22.58
C ARG N 430 106.82 110.27 21.79
N LEU N 431 106.19 109.11 21.97
CA LEU N 431 104.89 108.88 21.38
C LEU N 431 103.82 109.53 22.23
N ASN N 432 102.86 110.19 21.57
CA ASN N 432 101.83 110.92 22.29
C ASN N 432 100.96 109.97 23.09
N HIS N 433 100.54 108.86 22.48
CA HIS N 433 99.80 107.81 23.16
C HIS N 433 100.34 106.44 22.78
N SER N 434 100.28 105.52 23.74
CA SER N 434 100.64 104.12 23.52
C SER N 434 99.64 103.24 24.22
N THR N 435 99.03 102.33 23.47
CA THR N 435 98.10 101.33 24.00
C THR N 435 96.92 101.97 24.73
N ARG N 436 96.12 102.71 23.98
CA ARG N 436 94.89 103.27 24.52
C ARG N 436 93.83 102.18 24.67
N GLU N 437 92.96 102.34 25.67
CA GLU N 437 91.83 101.44 25.83
C GLU N 437 90.69 101.88 24.93
N ILE N 438 90.36 101.04 23.94
CA ILE N 438 89.45 101.38 22.85
C ILE N 438 88.37 100.31 22.76
N THR N 439 87.22 100.70 22.22
CA THR N 439 86.15 99.79 21.84
C THR N 439 85.93 99.91 20.34
N TYR N 440 85.39 98.83 19.75
CA TYR N 440 85.17 98.82 18.31
C TYR N 440 84.15 99.87 17.87
N ALA N 441 83.19 100.20 18.73
CA ALA N 441 82.16 101.17 18.34
C ALA N 441 82.73 102.56 18.16
N GLN N 442 83.68 102.96 19.02
CA GLN N 442 84.32 104.27 18.93
C GLN N 442 85.80 104.13 18.60
N GLY N 443 86.17 103.21 17.71
CA GLY N 443 87.55 102.82 17.53
C GLY N 443 88.52 103.90 17.13
N ASN N 444 89.33 104.34 18.11
CA ASN N 444 90.53 105.16 18.00
C ASN N 444 90.51 106.19 16.88
N PRO N 445 89.65 107.21 16.94
CA PRO N 445 89.80 108.32 16.01
C PRO N 445 91.07 109.11 16.31
N CYS N 446 91.58 109.78 15.29
CA CYS N 446 92.64 110.74 15.51
C CYS N 446 92.04 112.03 16.06
N ASP N 447 92.59 112.52 17.17
CA ASP N 447 92.05 113.69 17.87
C ASP N 447 92.98 114.87 17.60
N LEU N 448 92.45 115.88 16.91
CA LEU N 448 93.26 117.04 16.54
C LEU N 448 93.25 118.14 17.59
N TYR N 449 92.49 118.01 18.66
CA TYR N 449 92.32 119.07 19.66
C TYR N 449 92.63 118.52 21.05
N PRO N 450 93.91 118.41 21.40
CA PRO N 450 94.25 117.95 22.76
C PRO N 450 93.85 118.97 23.80
N GLU N 451 93.57 118.47 25.00
CA GLU N 451 93.17 119.31 26.13
C GLU N 451 94.34 119.64 27.05
N ASP N 452 95.57 119.37 26.63
CA ASP N 452 96.72 119.68 27.47
C ASP N 452 96.90 121.19 27.58
N ASP N 453 97.60 121.61 28.62
CA ASP N 453 97.80 123.01 28.92
C ASP N 453 99.27 123.41 28.75
N ASP N 454 99.48 124.67 28.40
CA ASP N 454 100.82 125.25 28.23
C ASP N 454 101.64 124.45 27.23
N VAL N 455 101.01 124.10 26.10
CA VAL N 455 101.66 123.37 25.03
C VAL N 455 101.28 124.00 23.70
N ILE N 456 102.09 123.73 22.68
CA ILE N 456 101.85 124.20 21.32
C ILE N 456 101.27 123.04 20.52
N VAL N 457 100.18 123.29 19.82
CA VAL N 457 99.47 122.27 19.06
C VAL N 457 99.58 122.62 17.58
N THR N 458 100.07 121.67 16.79
CA THR N 458 100.12 121.84 15.35
C THR N 458 98.72 121.72 14.76
N LYS N 459 98.37 122.62 13.85
CA LYS N 459 97.03 122.68 13.29
C LYS N 459 97.09 122.77 11.78
N PHE N 460 96.10 122.14 11.14
CA PHE N 460 96.03 122.15 9.68
C PHE N 460 95.58 123.52 9.17
N ASP N 461 96.00 123.84 7.95
CA ASP N 461 95.60 125.07 7.28
C ASP N 461 94.46 124.74 6.32
N ASP N 462 93.30 125.36 6.52
CA ASP N 462 92.12 125.00 5.72
C ASP N 462 92.24 125.48 4.28
N VAL N 463 92.78 126.69 4.08
CA VAL N 463 92.81 127.25 2.73
C VAL N 463 93.73 126.46 1.82
N ALA N 464 94.95 126.18 2.30
CA ALA N 464 95.90 125.41 1.50
C ALA N 464 95.38 123.99 1.24
N TYR N 465 94.78 123.37 2.25
CA TYR N 465 94.25 122.03 2.08
C TYR N 465 93.12 122.00 1.05
N GLY N 466 92.23 122.98 1.11
CA GLY N 466 91.17 123.06 0.11
C GLY N 466 91.72 123.29 -1.29
N GLN N 467 92.74 124.15 -1.41
CA GLN N 467 93.36 124.36 -2.71
C GLN N 467 93.98 123.08 -3.23
N MET N 468 94.63 122.32 -2.36
CA MET N 468 95.23 121.05 -2.77
C MET N 468 94.17 120.07 -3.24
N ILE N 469 93.04 120.01 -2.53
CA ILE N 469 91.96 119.13 -2.96
C ILE N 469 91.44 119.54 -4.32
N ASN N 470 91.26 120.86 -4.54
CA ASN N 470 90.78 121.32 -5.83
C ASN N 470 91.74 120.96 -6.95
N GLU N 471 93.03 121.16 -6.73
CA GLU N 471 94.03 120.81 -7.73
C GLU N 471 94.03 119.31 -8.00
N MET N 472 93.93 118.49 -6.95
CA MET N 472 93.95 117.05 -7.12
C MET N 472 92.73 116.57 -7.89
N ILE N 473 91.57 117.17 -7.62
CA ILE N 473 90.35 116.80 -8.34
C ILE N 473 90.47 117.19 -9.80
N ASN N 474 90.96 118.40 -10.07
CA ASN N 474 90.97 118.89 -11.45
C ASN N 474 92.06 118.24 -12.30
N GLY N 475 93.32 118.35 -11.88
CA GLY N 475 94.44 117.86 -12.65
C GLY N 475 95.05 116.56 -12.21
N GLY N 476 94.45 115.86 -11.25
CA GLY N 476 95.01 114.61 -10.78
C GLY N 476 96.11 114.80 -9.76
N TRP N 477 96.58 113.70 -9.17
CA TRP N 477 97.63 113.78 -8.16
C TRP N 477 98.93 114.29 -8.77
N ASN N 478 99.67 115.07 -7.98
CA ASN N 478 100.95 115.65 -8.39
C ASN N 478 101.97 115.31 -7.30
N GLN N 479 102.72 114.22 -7.51
CA GLN N 479 103.72 113.80 -6.55
C GLN N 479 104.90 114.76 -6.49
N GLU N 480 105.02 115.67 -7.46
CA GLU N 480 106.14 116.60 -7.52
C GLU N 480 105.96 117.82 -6.63
N GLN N 481 104.73 118.26 -6.39
CA GLN N 481 104.50 119.56 -5.77
C GLN N 481 103.78 119.48 -4.44
N PHE N 482 102.92 118.49 -4.26
CA PHE N 482 102.18 118.37 -3.01
C PHE N 482 103.14 118.02 -1.87
N LYS N 483 103.13 118.85 -0.83
CA LYS N 483 103.98 118.63 0.33
C LYS N 483 103.16 118.79 1.59
N MET N 484 103.50 118.03 2.62
CA MET N 484 102.78 118.14 3.89
C MET N 484 103.00 119.50 4.53
N HIS N 485 104.24 119.99 4.52
CA HIS N 485 104.54 121.26 5.19
C HIS N 485 103.77 122.42 4.60
N LYS N 486 103.25 122.28 3.39
CA LYS N 486 102.49 123.36 2.77
C LYS N 486 101.08 123.47 3.33
N ILE N 487 100.60 122.48 4.08
CA ILE N 487 99.24 122.52 4.62
C ILE N 487 99.24 122.53 6.13
N LEU N 488 100.32 123.03 6.75
CA LEU N 488 100.38 123.22 8.19
C LEU N 488 100.60 124.70 8.50
N LYS N 489 100.08 125.14 9.63
CA LYS N 489 100.28 126.52 10.06
C LYS N 489 101.73 126.77 10.44
N SER N 490 102.15 128.03 10.35
CA SER N 490 103.55 128.37 10.57
C SER N 490 103.96 128.14 12.02
N GLU N 491 103.05 128.31 12.97
CA GLU N 491 103.38 128.16 14.38
C GLU N 491 103.46 126.68 14.74
N GLY N 492 104.63 126.23 15.17
CA GLY N 492 104.80 124.86 15.58
C GLY N 492 104.97 123.86 14.46
N ASN N 493 105.25 124.31 13.24
CA ASN N 493 105.37 123.40 12.09
C ASN N 493 106.66 122.60 12.28
N VAL N 494 106.49 121.36 12.73
CA VAL N 494 107.63 120.50 13.05
C VAL N 494 108.47 120.18 11.82
N LEU N 495 107.89 120.25 10.63
CA LEU N 495 108.61 119.89 9.42
C LEU N 495 109.46 121.01 8.86
N THR N 496 109.39 122.18 9.49
CA THR N 496 110.18 123.35 9.00
C THR N 496 111.07 123.91 10.11
N ILE N 497 110.76 123.63 11.37
CA ILE N 497 111.54 124.21 12.51
C ILE N 497 112.98 123.71 12.43
N ASP N 498 113.97 124.59 12.62
CA ASP N 498 115.39 124.17 12.64
C ASP N 498 116.15 125.00 13.69
N PHE N 499 116.72 124.35 14.70
CA PHE N 499 117.38 125.11 15.80
C PHE N 499 118.55 125.93 15.25
N GLU N 500 119.35 125.33 14.36
CA GLU N 500 120.55 126.04 13.84
C GLU N 500 120.11 127.28 13.06
N LYS N 501 119.00 127.20 12.34
CA LYS N 501 118.58 128.34 11.49
C LYS N 501 117.69 129.28 12.30
N ASP N 502 117.44 128.95 13.58
CA ASP N 502 116.48 129.77 14.37
C ASP N 502 117.25 130.74 15.29
N ALA N 503 118.19 130.24 16.09
CA ALA N 503 118.90 131.12 17.06
C ALA N 503 119.81 132.09 16.29
N LYS N 504 119.90 133.35 16.75
CA LYS N 504 120.68 134.36 16.00
C LYS N 504 121.42 135.31 16.96
N LEU N 505 122.54 135.90 16.52
CA LEU N 505 123.24 136.92 17.34
C LEU N 505 123.03 138.27 16.65
N THR N 506 121.92 138.94 16.94
CA THR N 506 121.59 140.21 16.31
C THR N 506 122.42 141.32 16.93
N THR N 507 122.88 142.24 16.09
CA THR N 507 123.76 143.30 16.56
C THR N 507 123.07 144.20 17.58
N ASN N 508 121.75 144.34 17.46
CA ASN N 508 121.03 145.26 18.32
C ASN N 508 120.73 144.71 19.71
N GLU N 509 120.30 143.46 19.81
CA GLU N 509 119.83 142.92 21.09
C GLU N 509 120.60 141.72 21.61
N GLY N 510 121.54 141.16 20.84
CA GLY N 510 122.32 140.05 21.34
C GLY N 510 121.81 138.70 20.87
N VAL N 511 121.79 137.71 21.78
CA VAL N 511 121.40 136.31 21.38
C VAL N 511 119.91 136.09 21.63
N THR N 512 119.22 135.47 20.68
CA THR N 512 117.78 135.18 20.82
C THR N 512 117.53 133.68 20.70
N MET N 513 116.89 133.06 21.70
CA MET N 513 116.55 131.62 21.62
C MET N 513 115.24 131.48 20.82
N PRO N 514 114.94 130.31 20.22
CA PRO N 514 113.68 130.11 19.53
C PRO N 514 112.51 130.18 20.52
N GLU N 515 111.35 130.61 20.05
CA GLU N 515 110.18 130.78 20.97
C GLU N 515 109.83 129.44 21.61
N TYR N 516 109.93 128.34 20.87
CA TYR N 516 109.50 127.03 21.41
C TYR N 516 110.43 126.56 22.52
N PHE N 517 111.65 127.10 22.58
CA PHE N 517 112.65 126.60 23.54
C PHE N 517 112.06 126.16 24.89
N ASN N 518 112.14 124.87 25.21
CA ASN N 518 111.77 124.33 26.52
C ASN N 518 110.25 124.26 26.71
N LYS N 519 109.50 124.12 25.62
CA LYS N 519 108.05 123.95 25.70
C LYS N 519 107.65 122.75 24.85
N TRP N 520 106.70 121.97 25.37
CA TRP N 520 106.26 120.77 24.68
C TRP N 520 105.58 121.11 23.36
N ILE N 521 105.79 120.26 22.36
CA ILE N 521 105.15 120.38 21.06
C ILE N 521 104.37 119.10 20.82
N ILE N 522 103.11 119.23 20.44
CA ILE N 522 102.22 118.10 20.21
C ILE N 522 101.87 118.04 18.73
N ALA N 523 102.03 116.86 18.13
CA ALA N 523 101.70 116.64 16.72
C ALA N 523 100.73 115.48 16.67
N PRO N 524 99.43 115.75 16.83
CA PRO N 524 98.44 114.67 16.81
C PRO N 524 98.37 113.92 15.49
N MET N 525 98.61 114.59 14.37
CA MET N 525 98.57 113.90 13.08
C MET N 525 99.69 112.87 12.97
N PHE N 526 100.86 113.17 13.50
CA PHE N 526 101.97 112.23 13.51
C PHE N 526 102.04 111.43 14.80
N ASN N 527 101.17 111.72 15.77
CA ASN N 527 101.22 111.10 17.08
C ASN N 527 102.62 111.26 17.66
N ALA N 528 103.02 112.52 17.87
CA ALA N 528 104.38 112.83 18.31
C ALA N 528 104.35 113.86 19.43
N LYS N 529 105.33 113.74 20.33
CA LYS N 529 105.55 114.71 21.40
C LYS N 529 107.02 115.09 21.38
N LEU N 530 107.31 116.39 21.34
CA LEU N 530 108.67 116.88 21.14
C LEU N 530 109.02 117.93 22.18
N ARG N 531 110.31 118.02 22.47
CA ARG N 531 110.82 119.09 23.31
C ARG N 531 112.30 119.30 23.01
N ILE N 532 112.80 120.49 23.29
CA ILE N 532 114.22 120.81 23.17
C ILE N 532 114.71 121.27 24.54
N LYS N 533 115.88 120.77 24.96
CA LYS N 533 116.28 121.02 26.33
C LYS N 533 117.78 120.84 26.49
N HIS N 534 118.34 121.55 27.48
CA HIS N 534 119.72 121.37 27.88
C HIS N 534 119.85 120.09 28.72
N GLU N 535 121.03 119.47 28.66
CA GLU N 535 121.21 118.21 29.37
C GLU N 535 122.70 117.88 29.45
N GLU N 536 123.04 117.04 30.43
CA GLU N 536 124.40 116.57 30.66
C GLU N 536 124.63 115.25 29.96
N ILE N 537 125.91 114.94 29.71
CA ILE N 537 126.27 113.67 29.08
C ILE N 537 126.51 112.61 30.16
N ALA N 538 126.11 111.38 29.87
CA ALA N 538 126.16 110.30 30.86
C ALA N 538 127.36 109.40 30.72
N GLN N 539 127.76 109.05 29.50
CA GLN N 539 128.82 108.07 29.28
C GLN N 539 129.79 108.60 28.23
N ARG N 540 131.05 108.19 28.35
CA ARG N 540 132.05 108.63 27.37
C ARG N 540 131.92 107.83 26.08
N GLN N 541 132.60 108.31 25.05
CA GLN N 541 132.49 107.73 23.72
C GLN N 541 132.99 106.28 23.74
N SER N 542 132.22 105.40 23.11
CA SER N 542 132.56 103.98 23.02
C SER N 542 132.30 103.47 21.61
N ASP N 543 133.01 102.42 21.24
CA ASP N 543 132.79 101.82 19.92
C ASP N 543 131.45 101.12 19.84
N ASP N 544 130.86 100.75 20.96
CA ASP N 544 129.55 100.12 20.96
C ASP N 544 128.48 101.17 20.71
N PRO N 545 127.69 101.05 19.64
CA PRO N 545 126.63 102.04 19.40
C PRO N 545 125.42 101.88 20.31
N MET N 546 125.28 100.75 20.99
CA MET N 546 124.11 100.52 21.84
C MET N 546 124.14 101.34 23.13
N VAL N 547 125.28 101.89 23.51
CA VAL N 547 125.39 102.64 24.75
C VAL N 547 124.74 104.00 24.55
N LYS N 548 123.67 104.28 25.28
CA LYS N 548 123.01 105.58 25.21
C LYS N 548 123.93 106.64 25.82
N ARG N 549 123.99 107.80 25.17
CA ARG N 549 124.99 108.80 25.53
C ARG N 549 124.54 109.71 26.67
N THR N 550 123.27 110.08 26.72
CA THR N 550 122.78 111.04 27.71
C THR N 550 121.60 110.45 28.46
N LEU N 551 121.25 111.08 29.58
CA LEU N 551 120.10 110.64 30.35
C LEU N 551 118.82 110.95 29.59
N SER N 552 117.77 110.20 29.91
CA SER N 552 116.51 110.24 29.19
C SER N 552 116.71 110.06 27.68
N PRO N 553 117.31 108.95 27.25
CA PRO N 553 117.53 108.75 25.82
C PRO N 553 116.28 108.22 25.14
N ILE N 554 116.33 108.17 23.81
CA ILE N 554 115.21 107.64 23.05
C ILE N 554 115.12 106.14 23.26
N THR N 555 113.97 105.58 22.88
CA THR N 555 113.65 104.20 23.20
C THR N 555 114.60 103.22 22.52
N ALA N 556 114.68 102.02 23.08
CA ALA N 556 115.49 100.94 22.51
C ALA N 556 114.65 99.80 21.95
N ASP N 557 113.33 99.85 22.09
CA ASP N 557 112.47 98.80 21.58
C ASP N 557 112.48 98.85 20.05
N PRO N 558 112.93 97.79 19.38
CA PRO N 558 113.04 97.85 17.91
C PRO N 558 111.73 98.11 17.21
N ILE N 559 110.62 97.61 17.75
CA ILE N 559 109.32 97.86 17.12
C ILE N 559 108.94 99.32 17.28
N GLU N 560 109.22 99.93 18.43
CA GLU N 560 108.79 101.31 18.65
C GLU N 560 109.59 102.28 17.80
N LEU N 561 110.85 101.95 17.48
CA LEU N 561 111.59 102.76 16.51
C LEU N 561 110.87 102.85 15.17
N GLN N 562 110.09 101.83 14.83
CA GLN N 562 109.34 101.87 13.58
C GLN N 562 108.10 102.75 13.67
N ARG N 563 107.76 103.25 14.85
CA ARG N 563 106.61 104.13 15.03
C ARG N 563 106.98 105.60 15.03
N LEU N 564 108.24 105.94 15.24
CA LEU N 564 108.67 107.33 15.24
C LEU N 564 108.85 107.82 13.80
N THR N 565 107.76 108.26 13.17
CA THR N 565 107.80 108.59 11.76
C THR N 565 108.61 109.85 11.46
N LEU N 566 108.87 110.69 12.46
CA LEU N 566 109.64 111.92 12.24
C LEU N 566 111.13 111.61 12.36
N ALA N 567 111.69 111.14 11.24
CA ALA N 567 113.07 110.69 11.23
C ALA N 567 114.08 111.82 11.27
N ARG N 568 113.64 113.08 11.11
CA ARG N 568 114.58 114.18 11.07
C ARG N 568 115.14 114.52 12.44
N PHE N 569 114.60 113.94 13.51
CA PHE N 569 115.02 114.29 14.85
C PHE N 569 115.95 113.27 15.50
N TYR N 570 116.33 112.21 14.80
CA TYR N 570 117.24 111.21 15.37
C TYR N 570 117.97 110.51 14.25
N ASP N 571 119.08 109.86 14.62
CA ASP N 571 119.93 109.16 13.67
C ASP N 571 120.14 107.71 14.11
N ILE N 572 120.09 106.80 13.14
CA ILE N 572 120.20 105.38 13.41
C ILE N 572 121.39 104.81 12.65
N ARG N 573 122.03 103.81 13.24
CA ARG N 573 123.08 103.08 12.56
C ARG N 573 123.07 101.64 13.04
N PRO N 574 123.56 100.70 12.22
CA PRO N 574 123.44 99.28 12.56
C PRO N 574 124.17 98.94 13.86
N ALA N 575 123.62 97.98 14.59
CA ALA N 575 124.18 97.54 15.87
C ALA N 575 125.29 96.51 15.65
N LEU N 576 126.40 96.98 15.08
CA LEU N 576 127.55 96.15 14.79
C LEU N 576 128.78 96.75 15.47
N ARG N 577 129.70 95.88 15.89
CA ARG N 577 130.84 96.29 16.67
C ARG N 577 132.12 95.68 16.13
N GLY N 578 133.20 96.46 16.17
CA GLY N 578 134.53 95.94 15.92
C GLY N 578 134.97 95.99 14.47
N GLN N 579 136.12 95.37 14.24
CA GLN N 579 136.73 95.33 12.92
C GLN N 579 136.00 94.34 12.01
N ALA N 580 136.17 94.55 10.70
CA ALA N 580 135.57 93.63 9.73
C ALA N 580 136.30 92.28 9.75
N LEU N 581 137.63 92.31 9.76
CA LEU N 581 138.44 91.10 9.78
C LEU N 581 139.17 91.02 11.11
N SER N 582 138.84 90.00 11.90
CA SER N 582 139.50 89.78 13.18
C SER N 582 139.27 88.34 13.61
N ARG N 583 140.30 87.75 14.23
CA ARG N 583 140.18 86.38 14.71
C ARG N 583 139.14 86.25 15.81
N GLN N 584 139.14 87.19 16.75
CA GLN N 584 138.21 87.14 17.87
C GLN N 584 138.07 88.55 18.44
N GLN N 585 136.83 88.95 18.73
CA GLN N 585 136.57 90.26 19.28
C GLN N 585 135.26 90.24 20.04
N ALA N 586 135.07 91.26 20.89
CA ALA N 586 133.89 91.31 21.75
C ALA N 586 132.64 91.67 20.96
N GLN N 587 131.52 91.10 21.37
CA GLN N 587 130.23 91.37 20.75
C GLN N 587 129.63 92.67 21.29
N SER N 588 128.69 93.23 20.53
CA SER N 588 127.95 94.38 20.99
C SER N 588 126.89 93.96 22.01
N THR N 589 126.51 94.89 22.88
CA THR N 589 125.55 94.60 23.94
C THR N 589 124.11 94.62 23.45
N TYR N 590 123.87 95.02 22.19
CA TYR N 590 122.52 95.10 21.67
C TYR N 590 121.77 93.79 21.84
N ASP N 591 122.41 92.68 21.47
CA ASP N 591 121.77 91.37 21.56
C ASP N 591 121.32 91.06 22.98
N GLU N 592 121.99 91.61 23.98
CA GLU N 592 121.58 91.40 25.36
C GLU N 592 120.30 92.16 25.68
N GLU N 593 120.22 93.42 25.26
CA GLU N 593 119.10 94.27 25.65
C GLU N 593 117.78 93.70 25.16
N ILE N 594 117.76 93.22 23.92
CA ILE N 594 116.53 92.66 23.37
C ILE N 594 116.06 91.47 24.21
N SER N 595 117.00 90.77 24.84
CA SER N 595 116.62 89.64 25.67
C SER N 595 115.87 90.05 26.92
N LYS N 596 116.11 91.25 27.43
CA LYS N 596 115.44 91.69 28.65
C LYS N 596 114.08 92.32 28.38
N ARG N 597 113.70 92.48 27.12
CA ARG N 597 112.36 92.94 26.80
C ARG N 597 111.35 91.85 27.08
N GLN N 598 110.13 92.26 27.44
CA GLN N 598 109.07 91.30 27.69
C GLN N 598 108.66 90.64 26.38
N ASP N 599 107.92 89.55 26.50
CA ASP N 599 107.39 88.73 25.41
C ASP N 599 108.49 87.97 24.68
N TYR N 600 109.72 87.97 25.19
CA TYR N 600 110.82 87.31 24.51
C TYR N 600 110.61 85.80 24.45
N ALA N 601 110.30 85.20 25.60
CA ALA N 601 110.20 83.74 25.67
C ALA N 601 109.06 83.22 24.79
N GLU N 602 107.91 83.89 24.82
CA GLU N 602 106.77 83.41 24.05
C GLU N 602 107.04 83.51 22.55
N ILE N 603 107.60 84.63 22.10
CA ILE N 603 107.90 84.79 20.68
C ILE N 603 108.92 83.75 20.23
N LEU N 604 109.96 83.54 21.04
CA LEU N 604 110.92 82.49 20.68
C LEU N 604 110.28 81.12 20.70
N LYS N 605 109.26 80.92 21.53
CA LYS N 605 108.53 79.66 21.51
C LYS N 605 107.79 79.47 20.20
N ARG N 606 107.25 80.56 19.64
CA ARG N 606 106.63 80.46 18.32
C ARG N 606 107.62 79.97 17.27
N ARG N 607 108.90 80.33 17.39
CA ARG N 607 109.91 79.90 16.44
C ARG N 607 110.47 78.53 16.73
N GLY N 608 110.03 77.87 17.80
CA GLY N 608 110.50 76.53 18.11
C GLY N 608 111.73 76.46 18.98
N ILE N 609 112.12 77.56 19.62
CA ILE N 609 113.26 77.57 20.53
C ILE N 609 112.74 77.67 21.96
N VAL N 610 113.17 76.74 22.80
CA VAL N 610 112.72 76.72 24.20
C VAL N 610 113.84 76.95 25.20
N GLN N 611 115.10 76.91 24.81
CA GLN N 611 116.21 77.11 25.73
C GLN N 611 116.73 78.53 25.53
N ILE N 612 116.42 79.42 26.46
CA ILE N 612 116.79 80.83 26.34
C ILE N 612 118.25 81.00 26.73
N PRO N 613 119.09 81.53 25.85
CA PRO N 613 120.50 81.71 26.19
C PRO N 613 120.76 82.99 26.97
N LYS N 614 121.89 83.00 27.69
CA LYS N 614 122.29 84.20 28.41
C LYS N 614 122.91 85.24 27.47
N LYS N 615 123.67 84.80 26.47
CA LYS N 615 124.35 85.68 25.53
C LYS N 615 123.95 85.27 24.12
N PRO N 616 122.81 85.76 23.64
CA PRO N 616 122.26 85.24 22.39
C PRO N 616 123.11 85.56 21.17
N CYS N 617 123.05 84.67 20.19
CA CYS N 617 123.62 84.92 18.88
C CYS N 617 122.72 85.90 18.13
N PRO N 618 123.27 86.73 17.24
CA PRO N 618 122.44 87.67 16.49
C PRO N 618 121.30 87.02 15.71
N THR N 619 121.44 85.75 15.33
CA THR N 619 120.37 85.07 14.60
C THR N 619 119.10 84.96 15.43
N VAL N 620 119.22 84.66 16.73
CA VAL N 620 118.06 84.57 17.59
C VAL N 620 117.34 85.91 17.67
N THR N 621 118.10 86.99 17.84
CA THR N 621 117.50 88.31 17.87
C THR N 621 116.83 88.65 16.55
N ALA N 622 117.44 88.26 15.42
CA ALA N 622 116.80 88.50 14.14
C ALA N 622 115.47 87.76 14.03
N GLN N 623 115.44 86.51 14.47
CA GLN N 623 114.19 85.75 14.46
C GLN N 623 113.12 86.43 15.30
N TYR N 624 113.48 86.82 16.53
CA TYR N 624 112.52 87.48 17.41
C TYR N 624 112.01 88.77 16.79
N THR N 625 112.91 89.58 16.25
CA THR N 625 112.53 90.86 15.68
C THR N 625 111.57 90.69 14.53
N LEU N 626 111.89 89.78 13.60
CA LEU N 626 111.02 89.60 12.45
C LEU N 626 109.65 89.06 12.84
N GLU N 627 109.60 88.09 13.77
CA GLU N 627 108.31 87.55 14.17
C GLU N 627 107.45 88.62 14.84
N ARG N 628 108.06 89.40 15.75
CA ARG N 628 107.30 90.44 16.44
C ARG N 628 106.82 91.51 15.46
N TYR N 629 107.67 91.87 14.49
CA TYR N 629 107.29 92.86 13.50
C TYR N 629 106.11 92.38 12.66
N ALA N 630 106.14 91.11 12.24
CA ALA N 630 105.03 90.57 11.47
C ALA N 630 103.73 90.56 12.28
N LEU N 631 103.81 90.15 13.55
CA LEU N 631 102.61 90.16 14.37
C LEU N 631 102.07 91.56 14.55
N PHE N 632 102.96 92.54 14.76
CA PHE N 632 102.52 93.92 14.91
C PHE N 632 101.82 94.42 13.66
N ILE N 633 102.39 94.14 12.49
CA ILE N 633 101.79 94.61 11.24
C ILE N 633 100.41 93.99 11.05
N ILE N 634 100.29 92.68 11.31
CA ILE N 634 98.98 92.03 11.15
C ILE N 634 97.97 92.64 12.10
N SER N 635 98.34 92.85 13.36
CA SER N 635 97.40 93.38 14.34
C SER N 635 96.95 94.79 13.97
N ILE N 636 97.87 95.63 13.48
CA ILE N 636 97.51 96.98 13.07
C ILE N 636 96.56 96.93 11.88
N LEU N 637 96.87 96.09 10.89
CA LEU N 637 96.11 96.13 9.65
C LEU N 637 94.76 95.45 9.77
N GLN N 638 94.56 94.59 10.78
CA GLN N 638 93.29 93.87 10.89
C GLN N 638 92.10 94.79 11.15
N GLN N 639 92.32 96.00 11.63
CA GLN N 639 91.22 96.83 12.10
C GLN N 639 90.46 97.55 10.99
N HIS N 640 90.90 97.46 9.74
CA HIS N 640 90.31 98.25 8.67
C HIS N 640 89.30 97.49 7.83
N VAL N 641 88.77 96.35 8.31
CA VAL N 641 87.70 95.63 7.64
C VAL N 641 86.62 95.33 8.66
N VAL N 642 85.48 94.87 8.15
CA VAL N 642 84.36 94.52 9.02
C VAL N 642 84.72 93.29 9.84
N ARG N 643 84.54 93.37 11.15
CA ARG N 643 84.96 92.28 12.04
C ARG N 643 83.79 91.50 12.61
N ASP N 644 82.62 92.12 12.74
CA ASP N 644 81.40 91.47 13.24
C ASP N 644 81.64 90.85 14.63
N CYS N 645 82.18 91.63 15.56
CA CYS N 645 82.37 91.19 16.92
C CYS N 645 81.33 91.85 17.84
N ASP N 646 81.50 91.66 19.15
CA ASP N 646 80.75 92.45 20.11
C ASP N 646 81.29 93.88 20.11
N GLU N 647 80.40 94.85 19.91
CA GLU N 647 80.83 96.23 19.76
C GLU N 647 81.26 96.87 21.07
N GLU N 648 80.99 96.22 22.20
CA GLU N 648 81.17 96.88 23.49
C GLU N 648 82.43 96.46 24.23
N ALA N 649 83.12 95.42 23.77
CA ALA N 649 84.30 94.94 24.46
C ALA N 649 85.41 96.00 24.42
N VAL N 650 86.20 96.06 25.49
CA VAL N 650 87.31 96.99 25.57
C VAL N 650 88.62 96.23 25.39
N TYR N 651 89.57 96.85 24.70
CA TYR N 651 90.89 96.26 24.54
C TYR N 651 91.88 97.35 24.16
N GLU N 652 93.17 97.07 24.34
CA GLU N 652 94.21 98.00 23.97
C GLU N 652 94.73 97.67 22.57
N HIS N 653 94.66 98.67 21.69
CA HIS N 653 94.76 98.44 20.25
C HIS N 653 96.16 98.05 19.78
N PRO N 654 97.19 98.89 19.95
CA PRO N 654 98.48 98.51 19.33
C PRO N 654 99.24 97.44 20.12
N LYS N 655 98.75 96.22 20.03
CA LYS N 655 99.38 95.06 20.65
C LYS N 655 99.45 93.91 19.66
N ALA N 656 100.52 93.12 19.76
CA ALA N 656 100.69 91.94 18.92
C ALA N 656 100.12 90.72 19.62
N ASP N 657 99.30 89.96 18.90
CA ASP N 657 98.66 88.78 19.47
C ASP N 657 99.63 87.61 19.40
N HIS N 658 99.96 87.04 20.57
CA HIS N 658 100.91 85.95 20.62
C HIS N 658 100.32 84.62 20.21
N GLU N 659 99.00 84.47 20.31
CA GLU N 659 98.35 83.20 20.04
C GLU N 659 97.76 83.11 18.64
N LEU N 660 98.03 84.08 17.78
CA LEU N 660 97.49 84.05 16.42
C LEU N 660 98.00 82.81 15.69
N GLU N 661 97.10 82.12 15.01
CA GLU N 661 97.39 80.83 14.40
C GLU N 661 97.92 81.04 12.99
N ILE N 662 99.20 80.76 12.78
CA ILE N 662 99.85 80.87 11.49
C ILE N 662 100.53 79.55 11.18
N PHE N 663 100.35 79.07 9.96
CA PHE N 663 100.92 77.81 9.52
C PHE N 663 101.82 78.05 8.30
N GLY N 664 102.45 76.98 7.83
CA GLY N 664 103.29 77.05 6.66
C GLY N 664 104.76 77.15 6.98
N GLU N 665 105.51 77.67 6.01
CA GLU N 665 106.95 77.81 6.18
C GLU N 665 107.27 78.91 7.18
N SER N 666 108.52 78.90 7.64
CA SER N 666 108.98 79.94 8.56
C SER N 666 109.10 81.28 7.83
N ILE N 667 108.84 82.36 8.56
CA ILE N 667 108.92 83.69 7.97
C ILE N 667 110.37 84.16 8.02
N VAL N 668 110.94 84.46 6.86
CA VAL N 668 112.35 84.85 6.76
C VAL N 668 112.51 86.10 5.91
N ASP N 669 111.43 86.56 5.28
CA ASP N 669 111.52 87.69 4.38
C ASP N 669 110.26 88.53 4.52
N ILE N 670 110.40 89.84 4.30
CA ILE N 670 109.27 90.76 4.45
C ILE N 670 108.24 90.56 3.34
N SER N 671 108.66 90.05 2.19
CA SER N 671 107.72 89.77 1.10
C SER N 671 106.69 88.74 1.54
N GLN N 672 107.14 87.72 2.27
CA GLN N 672 106.21 86.75 2.84
C GLN N 672 105.24 87.43 3.79
N VAL N 673 105.71 88.43 4.55
CA VAL N 673 104.84 89.15 5.45
C VAL N 673 103.74 89.87 4.68
N ILE N 674 104.11 90.53 3.58
CA ILE N 674 103.12 91.28 2.80
C ILE N 674 102.10 90.32 2.20
N ILE N 675 102.58 89.23 1.61
CA ILE N 675 101.67 88.26 1.00
C ILE N 675 100.76 87.65 2.05
N LEU N 676 101.30 87.38 3.23
CA LEU N 676 100.48 86.83 4.32
C LEU N 676 99.42 87.83 4.75
N ALA N 677 99.77 89.11 4.84
CA ALA N 677 98.78 90.12 5.20
C ALA N 677 97.63 90.13 4.20
N PHE N 678 97.96 90.17 2.91
CA PHE N 678 96.90 90.22 1.90
C PHE N 678 96.07 88.95 1.88
N ASP N 679 96.71 87.78 2.04
CA ASP N 679 95.96 86.53 2.04
C ASP N 679 95.07 86.40 3.26
N LEU N 680 95.57 86.77 4.44
CA LEU N 680 94.84 86.54 5.68
C LEU N 680 93.70 87.54 5.86
N ILE N 681 93.91 88.79 5.45
CA ILE N 681 92.85 89.79 5.64
C ILE N 681 91.67 89.51 4.73
N PHE N 682 91.94 89.12 3.48
CA PHE N 682 90.89 89.01 2.47
C PHE N 682 90.62 87.57 2.04
N GLU N 683 91.64 86.84 1.62
CA GLU N 683 91.45 85.51 1.04
C GLU N 683 91.19 84.42 2.08
N ARG N 684 91.30 84.74 3.37
CA ARG N 684 91.05 83.81 4.47
C ARG N 684 92.03 82.64 4.50
N ARG N 685 93.08 82.66 3.69
CA ARG N 685 94.05 81.57 3.69
C ARG N 685 95.10 81.83 4.76
N ARG N 686 95.36 80.82 5.59
CA ARG N 686 96.20 80.99 6.77
C ARG N 686 97.60 80.42 6.60
N ARG N 687 98.00 80.02 5.41
CA ARG N 687 99.28 79.37 5.18
C ARG N 687 100.26 80.36 4.57
N VAL N 688 101.46 80.44 5.15
CA VAL N 688 102.51 81.29 4.62
C VAL N 688 103.13 80.64 3.38
N ARG N 689 103.35 81.44 2.35
CA ARG N 689 103.91 80.95 1.10
C ARG N 689 105.43 80.93 1.15
N ASP N 690 106.03 80.32 0.12
CA ASP N 690 107.47 80.22 0.03
C ASP N 690 108.09 81.59 -0.27
N VAL N 691 109.42 81.65 -0.20
CA VAL N 691 110.13 82.92 -0.37
C VAL N 691 110.09 83.36 -1.83
N TYR N 692 110.56 82.47 -2.72
CA TYR N 692 110.70 82.84 -4.12
C TYR N 692 109.36 83.13 -4.77
N GLU N 693 108.32 82.39 -4.37
CA GLU N 693 106.99 82.64 -4.91
C GLU N 693 106.52 84.04 -4.55
N SER N 694 106.70 84.43 -3.30
CA SER N 694 106.28 85.76 -2.86
C SER N 694 107.07 86.85 -3.58
N ARG N 695 108.39 86.66 -3.70
CA ARG N 695 109.20 87.66 -4.37
C ARG N 695 108.79 87.80 -5.83
N HIS N 696 108.50 86.69 -6.51
CA HIS N 696 108.04 86.78 -7.89
C HIS N 696 106.67 87.43 -7.98
N ILE N 697 105.81 87.20 -6.99
CA ILE N 697 104.50 87.86 -6.98
C ILE N 697 104.68 89.37 -6.94
N ILE N 698 105.51 89.84 -6.02
CA ILE N 698 105.73 91.29 -5.90
C ILE N 698 106.37 91.83 -7.18
N ALA N 699 107.31 91.08 -7.76
CA ALA N 699 107.96 91.53 -8.99
C ALA N 699 106.96 91.65 -10.13
N ARG N 700 106.08 90.67 -10.28
CA ARG N 700 105.09 90.71 -11.35
C ARG N 700 104.09 91.84 -11.13
N ILE N 701 103.73 92.11 -9.87
CA ILE N 701 102.85 93.24 -9.61
C ILE N 701 103.53 94.54 -10.01
N ARG N 702 104.81 94.70 -9.67
CA ARG N 702 105.51 95.93 -10.02
C ARG N 702 105.78 96.05 -11.51
N ARG N 703 105.85 94.94 -12.24
CA ARG N 703 106.28 95.00 -13.63
C ARG N 703 105.26 95.69 -14.53
N MET N 704 103.97 95.42 -14.33
CA MET N 704 102.95 95.87 -15.26
C MET N 704 102.52 97.29 -14.97
N ARG N 705 101.69 97.84 -15.87
CA ARG N 705 101.14 99.18 -15.75
C ARG N 705 99.66 99.14 -16.10
N GLY N 706 98.95 100.19 -15.69
CA GLY N 706 97.57 100.37 -16.07
C GLY N 706 96.67 99.26 -15.56
N LYS N 707 95.69 98.88 -16.39
CA LYS N 707 94.72 97.87 -16.00
C LYS N 707 95.38 96.49 -15.86
N GLU N 708 96.54 96.29 -16.48
CA GLU N 708 97.24 95.02 -16.36
C GLU N 708 97.67 94.76 -14.92
N ARG N 709 98.11 95.80 -14.22
CA ARG N 709 98.49 95.64 -12.82
C ARG N 709 97.30 95.20 -11.98
N LEU N 710 96.13 95.82 -12.22
CA LEU N 710 94.93 95.41 -11.51
C LEU N 710 94.55 93.97 -11.85
N ASN N 711 94.72 93.58 -13.11
CA ASN N 711 94.42 92.21 -13.50
C ASN N 711 95.33 91.22 -12.78
N VAL N 712 96.62 91.55 -12.66
CA VAL N 712 97.54 90.67 -11.93
C VAL N 712 97.13 90.57 -10.47
N ILE N 713 96.81 91.71 -9.86
CA ILE N 713 96.40 91.71 -8.46
C ILE N 713 95.16 90.84 -8.26
N ALA N 714 94.19 90.98 -9.16
CA ALA N 714 92.99 90.14 -9.09
C ALA N 714 93.33 88.68 -9.29
N GLU N 715 94.29 88.37 -10.16
CA GLU N 715 94.70 86.99 -10.38
C GLU N 715 95.26 86.37 -9.10
N PHE N 716 96.08 87.13 -8.37
CA PHE N 716 96.66 86.57 -7.15
C PHE N 716 95.73 86.68 -5.95
N PHE N 717 94.96 87.76 -5.84
CA PHE N 717 94.05 87.98 -4.71
C PHE N 717 92.67 88.32 -5.25
N PRO N 718 91.87 87.30 -5.56
CA PRO N 718 90.58 87.56 -6.25
C PRO N 718 89.64 88.47 -5.49
N THR N 719 89.55 88.33 -4.16
CA THR N 719 88.60 89.15 -3.41
C THR N 719 89.03 90.62 -3.40
N TYR N 720 90.31 90.87 -3.13
CA TYR N 720 90.81 92.24 -3.15
C TYR N 720 90.68 92.86 -4.54
N GLY N 721 90.95 92.07 -5.58
CA GLY N 721 90.78 92.56 -6.94
C GLY N 721 89.34 92.92 -7.24
N GLY N 722 88.41 92.08 -6.80
CA GLY N 722 87.00 92.40 -6.98
C GLY N 722 86.61 93.68 -6.27
N LEU N 723 87.09 93.86 -5.04
CA LEU N 723 86.81 95.09 -4.31
C LEU N 723 87.37 96.31 -5.03
N LEU N 724 88.60 96.21 -5.54
CA LEU N 724 89.19 97.33 -6.27
C LEU N 724 88.41 97.64 -7.55
N ASN N 725 88.01 96.60 -8.28
CA ASN N 725 87.28 96.83 -9.52
C ASN N 725 85.88 97.40 -9.25
N GLY N 726 85.30 97.08 -8.10
CA GLY N 726 84.00 97.61 -7.76
C GLY N 726 84.00 98.98 -7.13
N LEU N 727 85.10 99.74 -7.26
CA LEU N 727 85.18 101.04 -6.61
C LEU N 727 84.19 102.04 -7.19
N ASN N 728 83.76 101.82 -8.44
CA ASN N 728 82.86 102.76 -9.08
C ASN N 728 81.52 102.86 -8.35
N SER N 729 80.96 101.73 -7.94
CA SER N 729 79.66 101.69 -7.30
C SER N 729 79.71 101.90 -5.80
N ALA N 730 80.74 102.57 -5.29
CA ALA N 730 80.86 102.77 -3.85
C ALA N 730 79.75 103.69 -3.34
N THR N 731 79.25 103.37 -2.15
CA THR N 731 78.22 104.17 -1.50
C THR N 731 78.56 104.61 -0.08
N VAL N 732 79.44 103.91 0.63
CA VAL N 732 79.80 104.26 2.00
C VAL N 732 81.31 104.37 2.10
N VAL N 733 81.78 104.81 3.26
CA VAL N 733 83.22 104.97 3.50
C VAL N 733 83.91 103.63 3.48
N GLN N 734 83.25 102.61 4.02
CA GLN N 734 83.84 101.27 4.06
C GLN N 734 84.24 100.78 2.68
N ASN N 735 83.52 101.19 1.64
CA ASN N 735 83.86 100.76 0.29
C ASN N 735 85.19 101.34 -0.18
N ILE N 736 85.53 102.56 0.24
CA ILE N 736 86.79 103.16 -0.18
C ILE N 736 87.88 103.04 0.88
N MET N 737 87.59 102.41 2.02
CA MET N 737 88.64 102.21 3.02
C MET N 737 89.73 101.27 2.53
N TYR N 738 89.44 100.46 1.51
CA TYR N 738 90.40 99.45 1.06
C TYR N 738 91.58 100.02 0.30
N LEU N 739 91.53 101.28 -0.13
CA LEU N 739 92.61 101.83 -0.94
C LEU N 739 93.89 102.01 -0.13
N ASN N 740 93.81 101.94 1.20
CA ASN N 740 94.96 102.21 2.04
C ASN N 740 96.02 101.12 1.99
N PHE N 741 95.70 99.95 1.43
CA PHE N 741 96.62 98.82 1.43
C PHE N 741 97.61 98.85 0.29
N LEU N 742 97.40 99.70 -0.71
CA LEU N 742 98.26 99.71 -1.90
C LEU N 742 99.73 100.02 -1.62
N PRO N 743 100.10 100.96 -0.75
CA PRO N 743 101.53 101.29 -0.60
C PRO N 743 102.41 100.12 -0.18
N LEU N 744 101.82 99.03 0.33
CA LEU N 744 102.63 97.89 0.72
C LEU N 744 103.37 97.28 -0.46
N TYR N 745 102.74 97.24 -1.63
CA TYR N 745 103.37 96.67 -2.82
C TYR N 745 104.60 97.46 -3.26
N PHE N 746 104.75 98.71 -2.80
CA PHE N 746 105.74 99.60 -3.38
C PHE N 746 106.76 100.15 -2.38
N LEU N 747 106.48 100.11 -1.08
CA LEU N 747 107.32 100.88 -0.17
C LEU N 747 108.52 100.10 0.37
N VAL N 748 108.46 98.77 0.42
CA VAL N 748 109.45 98.00 1.14
C VAL N 748 110.09 96.94 0.24
N GLY N 749 111.39 96.79 0.38
CA GLY N 749 112.16 95.80 -0.35
C GLY N 749 113.62 95.88 -0.01
N ASP N 750 114.31 94.75 -0.17
CA ASP N 750 115.70 94.66 0.29
C ASP N 750 116.71 95.08 -0.77
N ASN N 751 116.32 95.17 -2.03
CA ASN N 751 117.25 95.56 -3.08
C ASN N 751 116.68 96.69 -3.91
N MET N 752 116.14 97.71 -3.25
CA MET N 752 115.46 98.80 -3.94
C MET N 752 115.83 100.12 -3.29
N ILE N 753 115.82 101.17 -4.11
CA ILE N 753 115.87 102.54 -3.63
C ILE N 753 114.81 103.33 -4.39
N TYR N 754 114.36 104.42 -3.79
CA TYR N 754 113.33 105.23 -4.41
C TYR N 754 113.91 106.02 -5.58
N SER N 755 113.11 106.18 -6.63
CA SER N 755 113.56 106.91 -7.82
C SER N 755 114.00 108.32 -7.46
N HIS N 756 113.28 108.96 -6.54
CA HIS N 756 113.70 110.24 -5.98
C HIS N 756 112.97 110.44 -4.67
N ARG N 757 113.73 110.73 -3.61
CA ARG N 757 113.10 111.07 -2.36
C ARG N 757 112.37 112.40 -2.49
N GLN N 758 111.68 112.79 -1.41
CA GLN N 758 110.90 114.01 -1.28
C GLN N 758 109.64 113.98 -2.13
N TRP N 759 109.40 112.93 -2.91
CA TRP N 759 108.10 112.76 -3.53
C TRP N 759 107.10 112.23 -2.50
N SER N 760 105.82 112.51 -2.73
CA SER N 760 104.79 112.17 -1.77
C SER N 760 103.72 111.31 -2.44
N ILE N 761 103.12 110.42 -1.65
CA ILE N 761 102.03 109.58 -2.14
C ILE N 761 100.80 109.86 -1.28
N PRO N 762 99.59 109.73 -1.83
CA PRO N 762 98.39 110.04 -1.05
C PRO N 762 98.04 108.95 -0.07
N LEU N 763 97.36 109.35 1.01
CA LEU N 763 96.87 108.40 2.00
C LEU N 763 95.61 109.00 2.62
N LEU N 764 94.77 108.12 3.16
CA LEU N 764 93.56 108.56 3.84
C LEU N 764 93.79 108.58 5.35
N LEU N 765 93.59 109.75 5.95
CA LEU N 765 93.73 109.93 7.39
C LEU N 765 92.36 110.05 8.03
N TYR N 766 92.18 109.34 9.14
CA TYR N 766 90.88 109.25 9.80
C TYR N 766 90.88 110.11 11.06
N THR N 767 90.53 111.38 10.88
CA THR N 767 90.19 112.27 11.99
C THR N 767 88.69 112.16 12.22
N HIS N 768 88.10 113.13 12.93
CA HIS N 768 86.65 113.18 13.03
C HIS N 768 85.96 113.16 11.67
N GLU N 769 86.68 113.53 10.60
CA GLU N 769 86.23 113.31 9.23
C GLU N 769 87.39 112.76 8.44
N VAL N 770 87.06 112.07 7.35
CA VAL N 770 88.09 111.46 6.51
C VAL N 770 88.77 112.53 5.65
N MET N 771 90.10 112.53 5.65
CA MET N 771 90.86 113.51 4.88
C MET N 771 91.90 112.80 4.04
N VAL N 772 92.46 113.53 3.09
CA VAL N 772 93.50 113.03 2.21
C VAL N 772 94.78 113.80 2.49
N VAL N 773 95.85 113.10 2.84
CA VAL N 773 97.11 113.75 3.17
C VAL N 773 98.25 113.12 2.36
N PRO N 774 99.25 113.90 1.96
CA PRO N 774 100.41 113.33 1.29
C PRO N 774 101.49 112.93 2.28
N LEU N 775 102.08 111.77 2.10
CA LEU N 775 103.18 111.32 2.94
C LEU N 775 104.43 111.20 2.08
N GLU N 776 105.55 111.68 2.62
CA GLU N 776 106.81 111.74 1.90
C GLU N 776 107.61 110.46 2.12
N VAL N 777 107.87 109.73 1.04
CA VAL N 777 108.76 108.58 1.12
C VAL N 777 110.14 109.05 1.55
N GLY N 778 110.80 108.24 2.36
CA GLY N 778 112.04 108.66 2.99
C GLY N 778 111.86 109.30 4.35
N SER N 779 110.62 109.62 4.73
CA SER N 779 110.30 110.12 6.07
C SER N 779 111.18 111.30 6.47
N TYR N 780 111.35 112.23 5.53
CA TYR N 780 112.06 113.50 5.73
C TYR N 780 113.54 113.30 6.03
N ASN N 781 114.01 112.06 6.15
CA ASN N 781 115.42 111.80 6.40
C ASN N 781 115.92 110.64 5.55
N ASP N 782 115.51 110.62 4.27
CA ASP N 782 115.97 109.65 3.27
C ASP N 782 116.03 108.22 3.82
N ARG N 783 114.94 107.80 4.46
CA ARG N 783 114.81 106.42 4.89
C ARG N 783 114.27 105.56 3.74
N CYS N 784 114.15 104.25 3.98
CA CYS N 784 113.74 103.35 2.92
C CYS N 784 112.66 102.34 3.29
N GLY N 785 112.48 102.01 4.56
CA GLY N 785 111.57 100.95 4.94
C GLY N 785 110.12 101.41 5.05
N LEU N 786 109.36 100.67 5.85
CA LEU N 786 107.97 100.99 6.13
C LEU N 786 107.80 102.07 7.18
N ILE N 787 108.87 102.81 7.51
CA ILE N 787 108.79 103.86 8.51
C ILE N 787 107.82 104.96 8.10
N ALA N 788 107.60 105.13 6.80
CA ALA N 788 106.77 106.22 6.32
C ALA N 788 105.30 105.87 6.23
N TYR N 789 104.90 104.66 6.62
CA TYR N 789 103.53 104.22 6.40
C TYR N 789 102.87 103.55 7.61
N LEU N 790 103.65 103.03 8.56
CA LEU N 790 103.06 102.19 9.61
C LEU N 790 102.25 103.02 10.60
N GLU N 791 102.80 104.15 11.06
CA GLU N 791 102.16 104.89 12.14
C GLU N 791 100.82 105.48 11.70
N TYR N 792 100.77 106.10 10.53
CA TYR N 792 99.52 106.68 10.05
C TYR N 792 98.42 105.63 9.95
N MET N 793 98.80 104.37 9.75
CA MET N 793 97.84 103.31 9.59
C MET N 793 97.24 102.86 10.92
N VAL N 794 97.79 103.31 12.04
CA VAL N 794 97.27 102.92 13.35
C VAL N 794 95.86 103.49 13.55
N PHE N 795 95.64 104.73 13.14
CA PHE N 795 94.32 105.35 13.26
C PHE N 795 93.32 104.65 12.35
N PHE N 796 92.10 104.50 12.83
CA PHE N 796 90.99 104.00 12.01
C PHE N 796 89.71 104.64 12.51
N PRO N 797 88.71 104.79 11.65
CA PRO N 797 87.52 105.56 12.03
C PRO N 797 86.60 104.80 12.97
N SER N 798 85.71 105.56 13.61
CA SER N 798 84.70 105.00 14.49
C SER N 798 83.61 104.32 13.68
N LYS N 799 82.78 103.52 14.37
CA LYS N 799 81.74 102.77 13.69
C LYS N 799 80.73 103.68 13.02
N ALA N 800 80.34 104.77 13.70
CA ALA N 800 79.33 105.67 13.15
C ALA N 800 79.79 106.28 11.83
N ILE N 801 81.06 106.70 11.77
CA ILE N 801 81.59 107.29 10.54
C ILE N 801 81.69 106.23 9.46
N ARG N 802 81.96 104.99 9.84
CA ARG N 802 82.27 103.94 8.86
C ARG N 802 81.08 103.68 7.92
N PHE N 803 79.87 103.67 8.45
CA PHE N 803 78.68 103.47 7.63
C PHE N 803 78.05 104.77 7.16
N SER N 804 78.68 105.91 7.40
CA SER N 804 78.14 107.17 6.93
C SER N 804 78.17 107.23 5.40
N LYS N 805 77.21 107.96 4.84
CA LYS N 805 77.15 108.12 3.40
C LYS N 805 78.31 108.97 2.90
N LEU N 806 78.68 108.74 1.64
CA LEU N 806 79.82 109.43 1.05
C LEU N 806 79.47 110.86 0.67
N ASN N 807 80.44 111.75 0.83
CA ASN N 807 80.29 113.13 0.38
C ASN N 807 80.36 113.18 -1.15
N GLU N 808 80.16 114.38 -1.70
CA GLU N 808 80.12 114.53 -3.15
C GLU N 808 81.49 114.48 -3.79
N ALA N 809 82.56 114.87 -3.07
CA ALA N 809 83.88 114.92 -3.68
C ALA N 809 84.69 113.66 -3.42
N GLN N 810 84.31 112.90 -2.39
CA GLN N 810 85.07 111.70 -2.05
C GLN N 810 85.13 110.66 -3.17
N PRO N 811 84.05 110.36 -3.92
CA PRO N 811 84.21 109.42 -5.03
C PRO N 811 85.25 109.84 -6.05
N LYS N 812 85.28 111.13 -6.39
CA LYS N 812 86.31 111.62 -7.31
C LYS N 812 87.70 111.51 -6.70
N ILE N 813 87.81 111.80 -5.40
CA ILE N 813 89.09 111.65 -4.71
C ILE N 813 89.58 110.21 -4.83
N ALA N 814 88.70 109.26 -4.55
CA ALA N 814 89.07 107.85 -4.61
C ALA N 814 89.45 107.44 -6.02
N ARG N 815 88.70 107.91 -7.01
CA ARG N 815 89.02 107.60 -8.40
C ARG N 815 90.42 108.10 -8.76
N GLU N 816 90.73 109.32 -8.36
CA GLU N 816 92.06 109.87 -8.66
C GLU N 816 93.15 109.08 -7.94
N MET N 817 92.91 108.69 -6.69
CA MET N 817 93.91 107.93 -5.95
C MET N 817 94.18 106.58 -6.61
N LEU N 818 93.11 105.88 -7.01
CA LEU N 818 93.28 104.60 -7.67
C LEU N 818 93.98 104.76 -9.01
N LYS N 819 93.65 105.81 -9.77
CA LYS N 819 94.32 106.04 -11.03
C LYS N 819 95.80 106.31 -10.82
N TYR N 820 96.16 107.03 -9.76
CA TYR N 820 97.58 107.24 -9.47
C TYR N 820 98.27 105.93 -9.14
N TYR N 821 97.69 105.14 -8.23
CA TYR N 821 98.37 103.93 -7.79
C TYR N 821 98.43 102.88 -8.89
N ALA N 822 97.56 103.00 -9.90
CA ALA N 822 97.59 102.03 -11.00
C ALA N 822 98.78 102.26 -11.91
N ASN N 823 99.47 103.39 -11.78
CA ASN N 823 100.56 103.74 -12.70
C ASN N 823 101.81 104.28 -12.02
N THR N 824 101.97 104.08 -10.71
CA THR N 824 103.14 104.62 -10.03
C THR N 824 104.41 103.89 -10.45
N THR N 825 105.54 104.59 -10.34
CA THR N 825 106.83 104.02 -10.69
C THR N 825 107.94 104.51 -9.76
N VAL N 826 107.60 104.87 -8.52
CA VAL N 826 108.56 105.51 -7.62
C VAL N 826 109.69 104.56 -7.24
N TYR N 827 109.49 103.26 -7.43
CA TYR N 827 110.44 102.26 -6.92
C TYR N 827 111.60 101.97 -7.86
N ASP N 828 111.68 102.62 -9.02
CA ASP N 828 112.74 102.35 -10.00
C ASP N 828 113.96 103.26 -9.82
N GLY N 829 114.73 103.10 -8.75
CA GLY N 829 115.95 103.85 -8.59
C GLY N 829 117.17 103.13 -9.15
N GLY N 830 118.33 103.74 -8.92
CA GLY N 830 119.59 103.14 -9.32
C GLY N 830 120.17 102.27 -8.22
N VAL N 831 119.99 100.96 -8.33
CA VAL N 831 120.26 100.07 -7.21
C VAL N 831 121.75 99.99 -6.87
N ASN N 832 122.63 100.05 -7.86
CA ASN N 832 124.05 99.78 -7.69
C ASN N 832 124.26 98.37 -7.15
N TYR N 833 123.89 97.40 -7.99
CA TYR N 833 123.83 96.00 -7.58
C TYR N 833 125.18 95.47 -7.10
N ASN N 834 126.28 96.10 -7.51
CA ASN N 834 127.59 95.60 -7.13
C ASN N 834 127.83 95.71 -5.63
N VAL N 835 127.10 96.58 -4.95
CA VAL N 835 127.33 96.78 -3.52
C VAL N 835 126.35 95.96 -2.69
N VAL N 836 125.07 96.03 -3.04
CA VAL N 836 124.03 95.44 -2.18
C VAL N 836 124.09 93.92 -2.21
N THR N 837 124.34 93.34 -3.38
CA THR N 837 124.17 91.90 -3.57
C THR N 837 125.41 91.07 -3.29
N THR N 838 126.51 91.67 -2.84
CA THR N 838 127.76 90.95 -2.68
C THR N 838 128.34 91.08 -1.27
N LYS N 839 127.54 90.90 -0.23
CA LYS N 839 128.03 91.08 1.13
C LYS N 839 127.84 89.85 2.03
N GLN N 840 127.45 88.71 1.47
CA GLN N 840 127.16 87.54 2.29
C GLN N 840 128.41 87.05 3.02
N LEU N 841 129.54 87.00 2.32
CA LEU N 841 130.75 86.48 2.94
C LEU N 841 131.28 87.38 4.04
N LEU N 842 131.05 88.68 3.97
CA LEU N 842 131.42 89.57 5.07
C LEU N 842 130.66 89.20 6.34
N TYR N 843 129.35 88.99 6.21
CA TYR N 843 128.55 88.55 7.35
C TYR N 843 129.03 87.19 7.86
N GLU N 844 129.36 86.28 6.94
CA GLU N 844 129.86 84.97 7.35
C GLU N 844 131.13 85.10 8.19
N THR N 845 132.10 85.87 7.71
CA THR N 845 133.36 86.04 8.44
C THR N 845 133.13 86.72 9.78
N TYR N 846 132.25 87.72 9.82
CA TYR N 846 131.98 88.42 11.07
C TYR N 846 131.36 87.46 12.10
N LEU N 847 130.30 86.77 11.70
CA LEU N 847 129.67 85.83 12.61
C LEU N 847 130.63 84.71 13.00
N ALA N 848 131.59 84.39 12.14
CA ALA N 848 132.63 83.44 12.52
C ALA N 848 133.50 84.01 13.64
N SER N 849 133.85 85.30 13.53
CA SER N 849 134.62 85.93 14.60
C SER N 849 133.83 86.06 15.89
N LEU N 850 132.49 85.99 15.82
CA LEU N 850 131.70 86.08 17.04
C LEU N 850 131.36 84.73 17.68
N CYS N 851 130.66 83.83 16.98
CA CYS N 851 130.25 82.57 17.61
C CYS N 851 131.44 81.67 17.95
N GLY N 852 132.60 81.90 17.33
CA GLY N 852 133.75 81.14 17.78
C GLY N 852 134.71 80.52 16.80
N GLY N 853 134.57 80.78 15.50
CA GLY N 853 135.55 80.32 14.55
C GLY N 853 135.00 80.16 13.14
N ILE N 854 135.93 79.96 12.21
CA ILE N 854 135.62 79.89 10.78
C ILE N 854 136.16 78.57 10.23
N SER N 855 135.42 78.01 9.27
CA SER N 855 135.86 76.84 8.51
C SER N 855 135.52 77.07 7.05
N ASP N 856 136.53 77.04 6.19
CA ASP N 856 136.36 77.40 4.79
C ASP N 856 136.31 76.15 3.91
N GLY N 857 136.01 76.36 2.65
CA GLY N 857 135.95 75.29 1.69
C GLY N 857 135.40 75.78 0.36
N ILE N 858 135.66 74.99 -0.67
CA ILE N 858 135.18 75.28 -2.02
C ILE N 858 134.56 74.03 -2.61
N VAL N 859 133.68 74.22 -3.60
CA VAL N 859 132.91 73.14 -4.19
C VAL N 859 132.71 73.42 -5.67
N TRP N 860 132.74 72.36 -6.48
CA TRP N 860 132.35 72.45 -7.88
C TRP N 860 131.53 71.22 -8.25
N TYR N 861 131.01 71.21 -9.46
CA TYR N 861 130.03 70.22 -9.90
C TYR N 861 130.51 69.52 -11.17
N LEU N 862 130.27 68.21 -11.23
CA LEU N 862 130.63 67.38 -12.37
C LEU N 862 129.38 66.76 -12.94
N PRO N 863 129.09 66.92 -14.23
CA PRO N 863 127.87 66.35 -14.81
C PRO N 863 128.10 64.91 -15.27
N ILE N 864 127.10 64.07 -15.04
CA ILE N 864 127.07 62.71 -15.55
C ILE N 864 125.97 62.63 -16.60
N THR N 865 126.32 62.11 -17.78
CA THR N 865 125.46 62.17 -18.95
C THR N 865 124.71 60.88 -19.26
N HIS N 866 125.24 59.73 -18.89
CA HIS N 866 124.58 58.46 -19.14
C HIS N 866 124.57 57.63 -17.87
N PRO N 867 123.52 56.83 -17.64
CA PRO N 867 122.34 56.67 -18.48
C PRO N 867 121.31 57.77 -18.29
N ASN N 868 121.53 58.63 -17.29
CA ASN N 868 120.66 59.75 -17.01
C ASN N 868 121.49 60.98 -16.68
N LYS N 869 120.88 62.14 -16.91
CA LYS N 869 121.53 63.41 -16.57
C LYS N 869 121.51 63.59 -15.06
N CYS N 870 122.68 63.84 -14.46
CA CYS N 870 122.72 64.10 -13.03
C CYS N 870 124.00 64.84 -12.69
N ILE N 871 124.13 65.22 -11.42
CA ILE N 871 125.21 66.08 -10.95
C ILE N 871 125.86 65.44 -9.73
N VAL N 872 127.19 65.51 -9.67
CA VAL N 872 127.96 65.07 -8.52
C VAL N 872 128.80 66.24 -8.02
N ALA N 873 128.73 66.52 -6.73
CA ALA N 873 129.42 67.64 -6.12
C ALA N 873 130.75 67.19 -5.54
N ILE N 874 131.81 67.94 -5.81
CA ILE N 874 133.14 67.68 -5.27
C ILE N 874 133.58 68.89 -4.46
N GLU N 875 133.95 68.66 -3.20
CA GLU N 875 134.24 69.71 -2.26
C GLU N 875 135.59 69.47 -1.59
N VAL N 876 136.35 70.55 -1.40
CA VAL N 876 137.61 70.52 -0.67
C VAL N 876 137.52 71.54 0.46
N SER N 877 137.79 71.09 1.69
CA SER N 877 137.62 71.94 2.86
C SER N 877 138.57 71.49 3.96
N ASP N 878 138.32 71.98 5.16
CA ASP N 878 139.12 71.62 6.33
C ASP N 878 138.42 70.54 7.14
N GLU N 879 138.98 70.23 8.30
CA GLU N 879 138.51 69.15 9.16
C GLU N 879 137.77 69.64 10.40
N ARG N 880 137.61 70.96 10.56
CA ARG N 880 136.99 71.48 11.77
C ARG N 880 135.50 71.19 11.84
N VAL N 881 134.88 70.80 10.73
CA VAL N 881 133.48 70.44 10.69
C VAL N 881 133.36 69.01 10.16
N PRO N 882 132.56 68.15 10.77
CA PRO N 882 132.45 66.77 10.27
C PRO N 882 131.95 66.72 8.84
N ALA N 883 132.46 65.74 8.09
CA ALA N 883 132.14 65.65 6.68
C ALA N 883 130.66 65.43 6.43
N SER N 884 129.99 64.70 7.32
CA SER N 884 128.56 64.48 7.15
C SER N 884 127.77 65.78 7.23
N ILE N 885 128.18 66.68 8.12
CA ILE N 885 127.49 67.97 8.25
C ILE N 885 127.63 68.77 6.95
N ARG N 886 128.85 68.83 6.41
CA ARG N 886 129.04 69.55 5.15
C ARG N 886 128.27 68.90 4.02
N ALA N 887 128.24 67.57 3.96
CA ALA N 887 127.48 66.89 2.92
C ALA N 887 126.00 67.22 3.02
N GLY N 888 125.46 67.26 4.23
CA GLY N 888 124.06 67.63 4.39
C GLY N 888 123.81 69.07 4.01
N ARG N 889 124.72 69.97 4.38
CA ARG N 889 124.51 71.39 4.12
C ARG N 889 124.76 71.77 2.67
N ILE N 890 125.43 70.91 1.90
CA ILE N 890 125.57 71.16 0.46
C ILE N 890 124.19 71.16 -0.20
N ARG N 891 123.32 70.25 0.23
CA ARG N 891 121.98 70.15 -0.35
C ARG N 891 121.15 71.41 -0.13
N LEU N 892 121.53 72.25 0.84
CA LEU N 892 120.80 73.50 1.04
C LEU N 892 121.04 74.50 -0.07
N ARG N 893 122.03 74.25 -0.93
CA ARG N 893 122.24 75.09 -2.11
C ARG N 893 121.41 74.64 -3.29
N PHE N 894 120.55 73.65 -3.10
CA PHE N 894 119.58 73.21 -4.10
C PHE N 894 118.19 73.19 -3.48
N PRO N 895 117.64 74.36 -3.14
CA PRO N 895 116.34 74.37 -2.44
C PRO N 895 115.20 73.79 -3.24
N LEU N 896 115.31 73.73 -4.56
CA LEU N 896 114.19 73.32 -5.39
C LEU N 896 114.54 72.39 -6.55
N SER N 897 115.76 71.85 -6.60
CA SER N 897 116.11 70.82 -7.57
C SER N 897 117.03 69.77 -6.95
N ALA N 898 116.86 69.50 -5.65
CA ALA N 898 117.81 68.65 -4.95
C ALA N 898 117.79 67.22 -5.47
N ARG N 899 116.74 66.82 -6.19
CA ARG N 899 116.67 65.45 -6.68
C ARG N 899 117.65 65.17 -7.81
N HIS N 900 118.27 66.21 -8.37
CA HIS N 900 119.23 66.01 -9.44
C HIS N 900 120.66 65.84 -8.93
N LEU N 901 120.88 65.94 -7.63
CA LEU N 901 122.21 65.74 -7.05
C LEU N 901 122.30 64.29 -6.58
N LYS N 902 123.17 63.51 -7.22
CA LYS N 902 123.20 62.08 -7.01
C LYS N 902 124.44 61.59 -6.26
N GLY N 903 125.36 62.48 -5.91
CA GLY N 903 126.55 62.06 -5.20
C GLY N 903 127.35 63.21 -4.61
N VAL N 904 128.05 62.95 -3.51
CA VAL N 904 128.84 63.97 -2.83
C VAL N 904 130.19 63.38 -2.45
N VAL N 905 131.25 64.13 -2.73
CA VAL N 905 132.62 63.78 -2.35
C VAL N 905 133.22 64.95 -1.60
N ILE N 906 133.78 64.68 -0.43
CA ILE N 906 134.39 65.71 0.41
C ILE N 906 135.81 65.27 0.77
N ILE N 907 136.76 66.16 0.53
CA ILE N 907 138.17 65.92 0.88
C ILE N 907 138.54 66.93 1.95
N GLN N 908 139.01 66.44 3.09
CA GLN N 908 139.38 67.28 4.22
C GLN N 908 140.89 67.24 4.39
N ILE N 909 141.50 68.41 4.58
CA ILE N 909 142.94 68.57 4.65
C ILE N 909 143.31 69.00 6.05
N ASP N 910 144.28 68.32 6.65
CA ASP N 910 144.74 68.65 7.99
C ASP N 910 145.82 69.73 7.89
N GLU N 911 146.05 70.42 9.00
CA GLU N 911 147.05 71.48 9.03
C GLU N 911 148.44 70.94 8.75
N GLU N 912 148.70 69.68 9.11
CA GLU N 912 150.02 69.10 8.92
C GLU N 912 150.21 68.52 7.52
N GLY N 913 149.14 68.37 6.75
CA GLY N 913 149.24 67.88 5.39
C GLY N 913 148.56 66.56 5.11
N GLU N 914 148.05 65.88 6.13
CA GLU N 914 147.28 64.66 5.89
C GLU N 914 145.93 65.03 5.30
N PHE N 915 145.19 64.01 4.86
CA PHE N 915 143.88 64.25 4.29
C PHE N 915 143.01 63.01 4.46
N THR N 916 141.70 63.25 4.43
CA THR N 916 140.70 62.20 4.51
C THR N 916 139.67 62.41 3.41
N VAL N 917 139.09 61.31 2.94
CA VAL N 917 138.13 61.33 1.83
C VAL N 917 136.84 60.68 2.29
N TYR N 918 135.72 61.37 2.04
CA TYR N 918 134.39 60.86 2.32
C TYR N 918 133.57 60.91 1.05
N SER N 919 132.81 59.85 0.79
CA SER N 919 132.00 59.79 -0.42
C SER N 919 130.66 59.16 -0.12
N GLU N 920 129.62 59.65 -0.79
CA GLU N 920 128.30 59.05 -0.67
C GLU N 920 127.56 59.22 -1.99
N GLY N 921 126.62 58.31 -2.22
CA GLY N 921 125.85 58.32 -3.44
C GLY N 921 126.31 57.27 -4.45
N ILE N 922 126.42 57.67 -5.71
CA ILE N 922 126.81 56.75 -6.78
C ILE N 922 128.30 56.79 -7.00
N VAL N 923 129.04 57.39 -6.08
CA VAL N 923 130.47 57.59 -6.20
C VAL N 923 131.21 56.71 -5.21
N SER N 924 132.33 56.15 -5.63
CA SER N 924 133.23 55.43 -4.74
C SER N 924 134.63 55.98 -4.91
N HIS N 925 135.47 55.80 -3.88
CA HIS N 925 136.78 56.41 -3.88
C HIS N 925 137.84 55.39 -3.47
N ARG N 926 139.06 55.65 -3.93
CA ARG N 926 140.21 54.81 -3.63
C ARG N 926 141.45 55.70 -3.62
N VAL N 927 142.46 55.30 -2.87
CA VAL N 927 143.68 56.08 -2.68
C VAL N 927 144.87 55.25 -3.13
N CYS N 928 145.73 55.85 -3.96
CA CYS N 928 146.91 55.17 -4.48
C CYS N 928 148.08 56.14 -4.51
N LYS N 929 149.24 55.62 -4.88
CA LYS N 929 150.48 56.39 -4.90
C LYS N 929 151.04 56.44 -6.30
N LYS N 930 151.67 57.57 -6.64
CA LYS N 930 152.33 57.75 -7.93
C LYS N 930 153.79 58.07 -7.67
N ASN N 931 154.68 57.29 -8.29
CA ASN N 931 156.12 57.45 -8.14
C ASN N 931 156.72 57.70 -9.51
N LEU N 932 157.64 58.66 -9.59
CA LEU N 932 158.38 58.94 -10.81
C LEU N 932 159.77 59.39 -10.38
N LEU N 933 160.73 58.48 -10.41
CA LEU N 933 162.10 58.71 -9.94
C LEU N 933 162.00 59.20 -8.49
N LYS N 934 162.62 60.32 -8.13
CA LYS N 934 162.57 60.80 -6.75
C LYS N 934 161.25 61.48 -6.41
N TYR N 935 160.37 61.71 -7.38
CA TYR N 935 159.16 62.48 -7.16
C TYR N 935 158.02 61.56 -6.76
N MET N 936 157.25 61.97 -5.76
CA MET N 936 156.18 61.16 -5.19
C MET N 936 154.91 61.99 -5.02
N CYS N 937 153.76 61.35 -5.21
CA CYS N 937 152.49 62.04 -5.14
C CYS N 937 151.41 61.05 -4.73
N ASP N 938 150.28 61.58 -4.26
CA ASP N 938 149.13 60.74 -3.97
C ASP N 938 148.06 60.97 -5.03
N ILE N 939 147.29 59.93 -5.31
CA ILE N 939 146.23 60.00 -6.30
C ILE N 939 144.94 59.50 -5.67
N ILE N 940 143.88 60.27 -5.81
CA ILE N 940 142.54 59.84 -5.42
C ILE N 940 141.80 59.45 -6.70
N LEU N 941 141.34 58.20 -6.74
CA LEU N 941 140.57 57.70 -7.87
C LEU N 941 139.10 57.65 -7.49
N LEU N 942 138.28 58.35 -8.26
CA LEU N 942 136.84 58.34 -8.09
C LEU N 942 136.21 57.50 -9.18
N LYS N 943 135.38 56.54 -8.79
CA LYS N 943 134.74 55.61 -9.69
C LYS N 943 133.23 55.79 -9.64
N PHE N 944 132.61 55.82 -10.82
CA PHE N 944 131.18 55.99 -10.99
C PHE N 944 130.58 54.77 -11.68
N SER N 945 130.93 53.58 -11.21
CA SER N 945 130.60 52.32 -11.88
C SER N 945 129.15 52.29 -12.33
N GLY N 946 128.95 52.12 -13.63
CA GLY N 946 127.64 52.15 -14.22
C GLY N 946 127.25 53.48 -14.86
N HIS N 947 128.19 54.41 -14.99
CA HIS N 947 127.90 55.73 -15.55
C HIS N 947 129.05 56.16 -16.45
N VAL N 948 128.74 57.07 -17.37
CA VAL N 948 129.72 57.64 -18.30
C VAL N 948 129.58 59.15 -18.26
N PHE N 949 130.72 59.85 -18.35
CA PHE N 949 130.72 61.31 -18.32
C PHE N 949 131.72 61.95 -19.27
N GLY N 950 132.02 61.32 -20.39
CA GLY N 950 133.22 61.69 -21.13
C GLY N 950 133.10 62.80 -22.15
N ASN N 951 133.36 62.48 -23.41
CA ASN N 951 133.62 63.48 -24.44
C ASN N 951 132.33 64.13 -24.93
N ASP N 952 131.93 65.19 -24.24
CA ASP N 952 130.84 66.04 -24.68
C ASP N 952 130.92 67.37 -23.94
N GLU N 953 130.22 68.37 -24.47
CA GLU N 953 130.09 69.66 -23.81
C GLU N 953 128.79 69.78 -23.03
N MET N 954 128.61 68.97 -21.99
CA MET N 954 127.34 68.95 -21.28
C MET N 954 127.17 70.16 -20.37
N LEU N 955 128.27 70.64 -19.78
CA LEU N 955 128.16 71.77 -18.86
C LEU N 955 127.66 73.02 -19.57
N THR N 956 128.16 73.27 -20.79
CA THR N 956 127.71 74.42 -21.55
C THR N 956 126.24 74.32 -21.87
N LYS N 957 125.77 73.13 -22.24
CA LYS N 957 124.35 72.94 -22.51
C LYS N 957 123.51 73.16 -21.27
N LEU N 958 123.98 72.69 -20.11
CA LEU N 958 123.21 72.86 -18.87
C LEU N 958 123.12 74.33 -18.48
N LEU N 959 124.24 75.05 -18.52
CA LEU N 959 124.23 76.44 -18.10
C LEU N 959 123.47 77.34 -19.08
N ASN N 960 123.49 77.01 -20.37
CA ASN N 960 122.75 77.79 -21.37
C ASN N 960 121.38 77.18 -21.64
N VAL N 961 120.54 77.14 -20.62
CA VAL N 961 119.21 76.56 -20.75
C VAL N 961 118.36 77.38 -21.71
#